data_8KEA
#
_entry.id   8KEA
#
loop_
_entity.id
_entity.type
_entity.pdbx_description
1 polymer hub
2 polymer 'central spike'
3 polymer tmp
4 polymer 'baseplate gp16'
5 polymer 'tube initiator'
6 polymer 'sheath initiator'
7 polymer 'wedge protein gp31'
8 polymer 'wedge protein gp32'
#
loop_
_entity_poly.entity_id
_entity_poly.type
_entity_poly.pdbx_seq_one_letter_code
_entity_poly.pdbx_strand_id
1 'polypeptide(L)'
;MQDPIIKILIGNDTFLLGQEIIDLDFQIGEGKKQNNINFTIFDKDGFFADKYISTSYAQGGIDLPIDFLENPDDAKDTNS
ASTATEVDSVGNGTVSRSGVFTPKIRAFLDTIASKETAPGTALNIEGYRSVSGSSTLFDESEMVAGGFPRSQGSKNIGRY
QFTVIDYNHARSKYPNINNYSPQNQDLLAYFKLQHRNVLPYLLRDDLDNAIDKASYEWASFPGIGKPQGQFNQVQSGTTI
ASLKSYYETRLAYYRSLEAGSDFQASAPKDTTNNQYAGKEYKTIRTLSNSTTASFYGYNDGFDSSDLTANGERFNPEGIT
AAHESLPFGTLVKVTWAVNNKSVVVRINDRGAFVRLGRQIDLSYGAAKALSSPGNDAIAAGLLTVKLEVVELRTPIGENL
KESAKNQIAENLEKIKKNQKELATPEISAKGTQITLEVSIDRSAIAVFSFLHTGTKHNAIISDTTTFTGQSVNWVLNRRV
KNTRYTGVTLKGLAATITRQYGLDLDMSEEGEMIENISQVSQTDWQFLEKMTAIQGFGMRTVGKVLQIYKITVNAKKLNY
TISVVDNVKSLIVTDQAQTDATGSSQKIEHYGGRMTTVVDADSGSLIKVDKDNKREAGSAARTFTTGVDVPQPQIQKQYS
NPRPEGASVKEFQLQLELHTSQSDLENLTPDTALYIENTLPFIVGKSWFIESVRHSFSEGIFTSQVSAYIPVAPKAIATD
SGEQNSVVFDNSQSASQGVGKLPVYEILSYRSGRTVKKITSLQQSYEHWRGTGGYTAYKQLSGFSSPVSYMKGRPNQLVY
DFILQQNGNQSCPVPSPASGRVVATGGSNGMVKIDTGGGEVRLLHMSNIRVKPGQNVIRGTILGTQASVGGTSTGTHLHI
EANQFILESYVQSLVTGNW
;
A,B,C
2 'polypeptide(L)'
;MIVDEFSSVYECLLYCYKMVKRSEQLNGRRVFPILSVVTNNNDPEGRRRVKIADPLFGNLIESNWIRPIRVSQNQDNPLP
QINQMVIVWFVDGDSEKGYYLPIINDANPSREKDDPVNDSAVRIEGNNTIRIDKNDSETVGGNQTVAIAGEQNINVDGNL
IENIGGDIDQNVTGKIEVRSESTILIDADGTIIIKNDSGAFISLGGNGEVLIQDSQGRKIRLGGAFNSTWDLNGLPMAFI
NATSVTIAGKQIATVGAVDTRGDTIVNKGW
;
D,E,F
3 'polypeptide(L)'
;MANRQHVISVDLRLLTGNFDSSLNYIQGRLNGVFGVVSDNATNSFFGNGGFLSSYLWNQAFNAIQMAGIAAFRAIGNEVK
RAISYQDNLISMATSYKGLLNLTTKEAFGLARESNIIFQQRNVGLPTFGNFGTQLRAQYGDDFLSAFYDQNNMKGSLERT
ADMIGRTTVLLGSISGVTNYQRTSFLSNFLSDDFKKLQRLEVFRNSPQLQRAFNSQVDSIGGEQGFNALTRKDRLLLLEN
IAAIAVDDDIIKAYKDSLGGVLSRLGQELFGDIGIFSFTRDLIFGLPNTSILNSITFFMKEVFAPDGVFGLIKPALQGIV
DTVLIGTKFILDRTSFIFMGLNALARVLQPIAPLIYATSSALTVLAAVGLANTIKSAVQGYLISSGAAMLGGRMGMAAMF
GMGGDLVGLKTLGTLGLGKLIAPLGFLTMGLDKLADVGWLAISGGFAKAALGIKTFGMSLWAIVANPAFLTIAGIVGAIA
LAGYTLWKYWEPIGDFLQGFWIGFKAGLPILDQIESVLQSIGQALSPITEGFKNMASAMQPVLDGFTKFFNLQQEKGGEN
YVKQGVNFGDAASGVTRTILSNPLINPFSGFFGLFGNPAQNKADGDPQSVMSAINDERRKMPSGASLVIANSSENVFTRS
QTQQLASAGRGSTVINNTFNISGADPQAIAKQIADIINSQWQGTLTDYA
;
G,H,I
4 'polypeptide(L)'
;MTTQEFLSKNKTIESELLDLLIKPNTDDSILTRNKQAIADRDLFDIEWEPGQSLNKLATEYLGDSFAWQIIADANGIDPT
KEIDIGAGLKVPDQKALENSIKKFIVNSPTGKQLISDAKQSILNLIGVGDSNTEFSKTLKDCIGKVVNFSFDNTQ
;
J,K,L,M,N,O
5 'polypeptide(L)'
;MSKFLKNRAVVNGLPVIKNPGKYQHCYLIEYEDSTNVKQTPTENKNKQQQGFPVYLFMMNPENITYNLPINYQEIAIPFT
AKNQLNYSNGGNIVMTMSNLILDTMDEKRSLQPLIDRLIALREPTVKKGLKSHPKILAFKWGSNTFAPCVLTNISFDVTR
WIDGYPTKARVNMSLKEIQKPSSDSKALEEAKKKVKVETVQNGNLKKTLSEKQLIDGVKRVTEYLKKNISFQPRTIQNIL
SDPKSVIKIDKDTGQVSLFNGNGEFAALVGTYNGDIFSPSRQ
;
P,Q,R,S,T,U
6 'polypeptide(L)'
;MYVYPPRIINGTLYKSTDLAEYTRGKILQTLSIVRGELVADPFFGVPLRLFSNINDYQSDVSKIQIILEEEITEAQFIVT
GDLKNNGIVSLTVYWAYLGTENIENFEIDTSNIF
;
V,W,X,Y,Z,a
7 'polypeptide(L)'
;MTTDLNAPQLVVDDYEQLIIDSLVHTNVVSNGEFTDLDASGFMRPFAGTMAYAGSELLYKANLASIAAAKSFFKNVLGVP
EDTGTKATTTLQFGLSASLSTDFIVPINFQVSDLSGTLRFYTIGNLVIPAGATFGTIEAIAEDIGEKYNVSANFIDQYST
PLTYLQYVTNIRPATNGRSGETIDNLIERCAQIIRIRNPVSALDFEQLAELTMGEGSRCKAIGLLGINKIVTDPQPGVVH
LFLLDVNGNPADPVTISTVGATLQPRIMLGTRLLISPMEVLNIELELIALSDSSKTFQQLADDILEALKVFFNPANLTPG
EPVLIEEVKFAIRSVGGLSISYLQMNDNAINIPMPNQWTIPRFSYIGFELTDSEGTVYRDNVVTVTNPEE
;
b,d,e,g,h,j,k,m,n,p,q,s
8 'polypeptide(L)'
;MSKDAFTAWNVDRRPIYSRMPKEQVGTSYHDYIATDWLTAYWDKIFIECYDKLEDLPRQFDPLQCDEEYLDFLAPLCGWT
APYWSGDYPPESKRVLLANSYSLIWRDKGSLTVLSFVLNALFINHRIFVPGSFILGQSQVSEDTLGAAGWEFEILLPRDY
AENGYEFRLTLKIASLFSPLWCKYRVRYDNL
;
c,f,i,l,o,r
#
# COMPACT_ATOMS: atom_id res chain seq x y z
N MET A 1 37.97 -25.01 -11.14
CA MET A 1 36.89 -25.59 -11.91
C MET A 1 35.82 -26.17 -10.99
N GLN A 2 34.57 -26.19 -11.47
CA GLN A 2 33.44 -26.60 -10.67
C GLN A 2 33.06 -28.05 -11.02
N ASP A 3 32.98 -28.90 -9.99
CA ASP A 3 32.50 -30.28 -10.12
C ASP A 3 31.36 -30.43 -9.11
N PRO A 4 30.15 -30.03 -9.46
CA PRO A 4 29.07 -29.97 -8.48
C PRO A 4 28.38 -31.31 -8.28
N ILE A 5 27.92 -31.51 -7.03
CA ILE A 5 26.98 -32.57 -6.73
C ILE A 5 25.77 -31.94 -6.04
N ILE A 6 24.58 -32.26 -6.53
CA ILE A 6 23.33 -31.75 -5.95
C ILE A 6 22.40 -32.92 -5.73
N LYS A 7 21.98 -33.13 -4.48
CA LYS A 7 21.06 -34.20 -4.13
C LYS A 7 19.93 -33.62 -3.29
N ILE A 8 18.69 -33.84 -3.75
CA ILE A 8 17.51 -33.29 -3.09
C ILE A 8 16.62 -34.43 -2.66
N LEU A 9 16.29 -34.48 -1.37
CA LEU A 9 15.42 -35.49 -0.80
C LEU A 9 14.09 -34.80 -0.49
N ILE A 10 13.01 -35.27 -1.10
CA ILE A 10 11.68 -34.74 -0.83
C ILE A 10 10.70 -35.90 -0.70
N GLY A 11 9.78 -35.79 0.23
CA GLY A 11 8.82 -36.86 0.44
C GLY A 11 9.68 -38.09 0.63
N ASN A 12 9.42 -39.11 -0.20
CA ASN A 12 10.21 -40.33 -0.21
C ASN A 12 11.02 -40.63 -1.46
N ASP A 13 11.43 -39.60 -2.20
CA ASP A 13 12.26 -39.80 -3.37
C ASP A 13 13.38 -38.77 -3.41
N THR A 14 14.34 -39.02 -4.30
CA THR A 14 15.56 -38.25 -4.43
C THR A 14 15.77 -37.81 -5.87
N PHE A 15 16.23 -36.58 -6.04
CA PHE A 15 16.63 -36.05 -7.34
C PHE A 15 18.12 -35.76 -7.28
N LEU A 16 18.88 -36.36 -8.20
CA LEU A 16 20.32 -36.18 -8.26
C LEU A 16 20.69 -35.28 -9.42
N LEU A 17 21.92 -34.77 -9.39
CA LEU A 17 22.43 -33.97 -10.49
C LEU A 17 22.63 -34.87 -11.71
N GLY A 18 22.13 -34.43 -12.86
CA GLY A 18 22.21 -35.19 -14.08
C GLY A 18 21.06 -36.14 -14.32
N GLN A 19 20.14 -36.30 -13.37
CA GLN A 19 19.01 -37.19 -13.55
C GLN A 19 17.78 -36.45 -14.07
N GLU A 20 17.23 -35.52 -13.28
CA GLU A 20 16.08 -34.75 -13.71
C GLU A 20 16.18 -33.28 -13.31
N ILE A 21 17.16 -32.96 -12.45
CA ILE A 21 17.27 -31.59 -11.93
C ILE A 21 17.63 -30.65 -13.07
N ILE A 22 16.82 -29.61 -13.26
CA ILE A 22 17.06 -28.62 -14.30
C ILE A 22 17.77 -27.41 -13.71
N ASP A 23 17.16 -26.79 -12.70
CA ASP A 23 17.74 -25.61 -12.07
C ASP A 23 17.49 -25.68 -10.56
N LEU A 24 18.23 -24.86 -9.83
CA LEU A 24 18.12 -24.82 -8.37
C LEU A 24 18.49 -23.44 -7.88
N ASP A 25 17.74 -22.96 -6.89
CA ASP A 25 17.96 -21.66 -6.28
C ASP A 25 18.29 -21.85 -4.81
N PHE A 26 18.53 -20.73 -4.12
CA PHE A 26 18.98 -20.78 -2.74
C PHE A 26 18.61 -19.46 -2.06
N GLN A 27 18.70 -19.47 -0.74
CA GLN A 27 18.66 -18.25 0.06
C GLN A 27 19.10 -18.57 1.47
N ILE A 28 20.04 -17.80 1.99
CA ILE A 28 20.47 -17.94 3.38
C ILE A 28 20.37 -16.56 4.01
N GLY A 29 19.23 -16.25 4.62
CA GLY A 29 18.96 -14.93 5.14
C GLY A 29 19.24 -14.81 6.63
N GLU A 30 19.40 -13.57 7.07
CA GLU A 30 19.71 -13.25 8.45
C GLU A 30 18.59 -12.47 9.14
N GLY A 31 18.19 -11.34 8.58
CA GLY A 31 17.21 -10.49 9.21
C GLY A 31 15.88 -10.46 8.48
N LYS A 32 15.67 -9.43 7.67
CA LYS A 32 14.49 -9.36 6.83
C LYS A 32 14.36 -10.57 5.91
N LYS A 33 15.49 -11.21 5.60
CA LYS A 33 15.54 -12.33 4.67
C LYS A 33 15.51 -13.64 5.44
N GLN A 34 14.68 -14.57 4.96
CA GLN A 34 14.63 -15.92 5.50
C GLN A 34 15.48 -16.84 4.62
N ASN A 35 15.36 -18.15 4.85
CA ASN A 35 15.98 -19.16 4.00
C ASN A 35 14.91 -19.83 3.16
N ASN A 36 15.14 -19.93 1.85
CA ASN A 36 14.18 -20.55 0.95
C ASN A 36 14.91 -21.28 -0.15
N ILE A 37 14.18 -22.17 -0.83
CA ILE A 37 14.70 -22.97 -1.93
C ILE A 37 13.65 -23.02 -3.02
N ASN A 38 14.08 -22.93 -4.28
CA ASN A 38 13.20 -23.07 -5.43
C ASN A 38 13.98 -23.87 -6.47
N PHE A 39 13.55 -25.11 -6.72
CA PHE A 39 14.27 -25.97 -7.66
C PHE A 39 13.32 -26.60 -8.67
N THR A 40 13.81 -26.73 -9.90
CA THR A 40 13.01 -27.18 -11.03
C THR A 40 13.53 -28.53 -11.51
N ILE A 41 12.61 -29.46 -11.76
CA ILE A 41 12.95 -30.80 -12.23
C ILE A 41 12.16 -31.10 -13.50
N PHE A 42 12.69 -32.03 -14.29
CA PHE A 42 12.02 -32.53 -15.48
C PHE A 42 11.06 -33.65 -15.09
N ASP A 43 9.77 -33.43 -15.31
CA ASP A 43 8.71 -34.32 -14.84
C ASP A 43 8.00 -34.93 -16.05
N LYS A 44 8.57 -36.01 -16.58
CA LYS A 44 7.96 -36.67 -17.72
C LYS A 44 6.57 -37.17 -17.35
N ASP A 45 5.57 -36.74 -18.12
CA ASP A 45 4.15 -37.00 -17.87
C ASP A 45 3.67 -36.37 -16.56
N GLY A 46 4.47 -35.51 -15.94
CA GLY A 46 4.08 -34.83 -14.72
C GLY A 46 3.90 -35.75 -13.52
N PHE A 47 4.55 -36.92 -13.54
CA PHE A 47 4.32 -37.92 -12.50
C PHE A 47 4.60 -37.36 -11.11
N PHE A 48 5.79 -36.79 -10.91
CA PHE A 48 6.09 -36.18 -9.61
C PHE A 48 5.17 -34.99 -9.35
N ALA A 49 4.80 -34.25 -10.40
CA ALA A 49 3.83 -33.18 -10.24
C ALA A 49 2.51 -33.73 -9.73
N ASP A 50 2.14 -34.94 -10.15
CA ASP A 50 0.94 -35.57 -9.62
C ASP A 50 1.14 -35.99 -8.16
N LYS A 51 2.37 -36.33 -7.79
CA LYS A 51 2.60 -36.86 -6.45
C LYS A 51 2.51 -35.77 -5.39
N TYR A 52 3.03 -34.58 -5.69
CA TYR A 52 3.16 -33.52 -4.70
C TYR A 52 2.15 -32.40 -4.86
N ILE A 53 1.14 -32.59 -5.72
CA ILE A 53 0.08 -31.58 -5.85
C ILE A 53 -1.26 -32.22 -5.53
N SER A 54 -1.39 -33.52 -5.78
CA SER A 54 -2.63 -34.21 -5.50
C SER A 54 -2.90 -34.27 -4.00
N THR A 55 -4.13 -33.93 -3.62
CA THR A 55 -4.56 -34.00 -2.23
C THR A 55 -5.95 -34.60 -2.16
N SER A 56 -6.23 -35.33 -1.08
CA SER A 56 -7.54 -35.89 -0.84
C SER A 56 -7.97 -35.54 0.58
N TYR A 57 -9.28 -35.49 0.81
CA TYR A 57 -9.82 -35.14 2.11
C TYR A 57 -10.75 -36.26 2.57
N ALA A 58 -10.50 -36.76 3.78
CA ALA A 58 -11.36 -37.77 4.38
C ALA A 58 -12.41 -37.07 5.24
N GLN A 59 -13.22 -37.86 5.95
CA GLN A 59 -14.32 -37.34 6.73
C GLN A 59 -14.14 -37.70 8.20
N GLY A 60 -14.75 -36.89 9.07
CA GLY A 60 -14.59 -37.03 10.50
C GLY A 60 -15.07 -38.36 11.06
N GLY A 61 -16.23 -38.82 10.61
CA GLY A 61 -16.75 -40.10 11.06
C GLY A 61 -16.92 -41.13 9.96
N ILE A 62 -17.20 -40.66 8.74
CA ILE A 62 -17.47 -41.58 7.64
C ILE A 62 -16.22 -42.36 7.25
N ASP A 63 -15.07 -41.69 7.14
CA ASP A 63 -13.85 -42.31 6.66
C ASP A 63 -12.91 -42.73 7.79
N LEU A 64 -12.83 -41.93 8.85
CA LEU A 64 -11.96 -42.28 9.98
C LEU A 64 -12.75 -42.19 11.28
N PRO A 65 -12.30 -42.87 12.32
CA PRO A 65 -12.81 -42.57 13.67
C PRO A 65 -12.44 -41.15 14.07
N ILE A 66 -13.31 -40.55 14.88
CA ILE A 66 -13.12 -39.15 15.24
C ILE A 66 -11.85 -38.96 16.08
N ASP A 67 -11.50 -39.96 16.91
CA ASP A 67 -10.32 -39.84 17.76
C ASP A 67 -9.03 -39.79 16.95
N PHE A 68 -9.07 -40.13 15.67
CA PHE A 68 -7.90 -39.98 14.82
C PHE A 68 -7.53 -38.51 14.62
N LEU A 69 -8.49 -37.61 14.78
CA LEU A 69 -8.27 -36.19 14.50
C LEU A 69 -8.15 -35.35 15.76
N GLU A 70 -7.97 -35.98 16.92
CA GLU A 70 -7.77 -35.25 18.17
C GLU A 70 -6.59 -35.83 18.92
N ASN A 71 -5.88 -34.97 19.65
CA ASN A 71 -4.71 -35.39 20.40
C ASN A 71 -5.02 -35.48 21.89
N PRO A 72 -4.44 -36.46 22.59
CA PRO A 72 -4.76 -36.63 24.01
C PRO A 72 -4.25 -35.51 24.91
N ASP A 73 -3.30 -34.69 24.44
CA ASP A 73 -2.74 -33.65 25.29
C ASP A 73 -3.81 -32.63 25.69
N ASP A 74 -4.67 -32.27 24.75
CA ASP A 74 -5.72 -31.30 25.03
C ASP A 74 -6.94 -32.00 25.58
N ALA A 75 -6.87 -32.42 26.84
CA ALA A 75 -8.00 -33.11 27.45
C ALA A 75 -9.22 -32.22 27.50
N LYS A 76 -10.36 -32.75 27.09
CA LYS A 76 -11.59 -31.97 27.09
C LYS A 76 -12.00 -31.53 28.50
N ASP A 77 -12.69 -30.41 28.59
CA ASP A 77 -13.12 -29.92 29.88
C ASP A 77 -14.26 -30.78 30.42
N THR A 78 -14.02 -31.47 31.52
CA THR A 78 -15.07 -32.26 32.14
C THR A 78 -15.74 -31.42 33.22
N ASN A 79 -16.66 -32.01 33.99
CA ASN A 79 -17.28 -31.29 35.08
C ASN A 79 -17.60 -32.30 36.18
N SER A 80 -18.04 -31.84 37.35
CA SER A 80 -18.30 -32.70 38.49
C SER A 80 -19.10 -31.92 39.51
N ALA A 81 -19.67 -32.64 40.48
CA ALA A 81 -20.43 -32.00 41.54
C ALA A 81 -19.51 -31.09 42.35
N SER A 82 -19.98 -29.86 42.61
CA SER A 82 -19.17 -28.89 43.32
C SER A 82 -19.00 -29.31 44.77
N THR A 83 -17.76 -29.28 45.25
CA THR A 83 -17.45 -29.59 46.64
C THR A 83 -17.52 -28.37 47.54
N ALA A 84 -17.91 -27.22 47.00
CA ALA A 84 -18.04 -25.98 47.77
C ALA A 84 -19.47 -25.48 47.60
N THR A 85 -20.37 -25.98 48.44
CA THR A 85 -21.76 -25.54 48.48
C THR A 85 -22.05 -24.97 49.86
N GLU A 86 -22.52 -23.74 49.92
CA GLU A 86 -22.74 -23.08 51.19
C GLU A 86 -23.91 -23.73 51.93
N VAL A 87 -23.80 -23.73 53.26
CA VAL A 87 -24.69 -24.50 54.14
C VAL A 87 -25.44 -23.56 55.07
N ASP A 88 -26.73 -23.81 55.24
CA ASP A 88 -27.57 -23.02 56.15
C ASP A 88 -27.60 -23.72 57.50
N SER A 89 -26.93 -23.14 58.48
CA SER A 89 -26.96 -23.65 59.85
C SER A 89 -28.13 -23.09 60.65
N VAL A 90 -29.07 -22.41 59.99
CA VAL A 90 -30.22 -21.86 60.71
C VAL A 90 -31.08 -22.98 61.28
N GLY A 91 -31.21 -24.07 60.54
CA GLY A 91 -32.06 -25.17 60.97
C GLY A 91 -33.48 -25.12 60.44
N ASN A 92 -33.69 -24.46 59.31
CA ASN A 92 -35.01 -24.35 58.70
C ASN A 92 -34.91 -24.78 57.24
N GLY A 93 -35.23 -26.05 56.97
CA GLY A 93 -35.19 -26.57 55.63
C GLY A 93 -33.86 -27.24 55.29
N THR A 94 -33.68 -27.50 54.01
CA THR A 94 -32.45 -28.12 53.53
C THR A 94 -31.27 -27.19 53.73
N VAL A 95 -30.08 -27.79 53.85
CA VAL A 95 -28.90 -27.01 54.22
C VAL A 95 -28.15 -26.46 53.01
N SER A 96 -28.15 -27.18 51.89
CA SER A 96 -27.41 -26.73 50.71
C SER A 96 -28.11 -25.52 50.08
N ARG A 97 -27.33 -24.49 49.74
CA ARG A 97 -27.90 -23.24 49.24
C ARG A 97 -27.42 -22.88 47.84
N SER A 98 -26.12 -22.98 47.59
CA SER A 98 -25.56 -22.56 46.30
C SER A 98 -25.58 -23.72 45.32
N GLY A 99 -24.91 -23.53 44.18
CA GLY A 99 -24.82 -24.58 43.18
C GLY A 99 -26.17 -24.88 42.57
N VAL A 100 -26.47 -26.18 42.44
CA VAL A 100 -27.71 -26.62 41.83
C VAL A 100 -28.91 -26.53 42.76
N PHE A 101 -28.69 -26.15 44.03
CA PHE A 101 -29.76 -26.15 45.02
C PHE A 101 -30.44 -24.77 45.02
N THR A 102 -31.19 -24.51 43.94
CA THR A 102 -32.00 -23.32 43.84
C THR A 102 -33.19 -23.43 44.79
N PRO A 103 -33.88 -22.33 45.07
CA PRO A 103 -35.04 -22.41 45.97
C PRO A 103 -36.08 -23.44 45.57
N LYS A 104 -36.25 -23.69 44.26
CA LYS A 104 -37.20 -24.71 43.83
C LYS A 104 -36.79 -26.10 44.31
N ILE A 105 -35.51 -26.47 44.10
CA ILE A 105 -35.03 -27.78 44.52
C ILE A 105 -35.02 -27.88 46.04
N ARG A 106 -34.66 -26.77 46.72
CA ARG A 106 -34.71 -26.77 48.18
C ARG A 106 -36.12 -27.02 48.69
N ALA A 107 -37.11 -26.37 48.08
CA ALA A 107 -38.50 -26.56 48.48
C ALA A 107 -38.97 -27.97 48.19
N PHE A 108 -38.56 -28.54 47.05
CA PHE A 108 -38.96 -29.91 46.74
C PHE A 108 -38.34 -30.91 47.71
N LEU A 109 -37.08 -30.68 48.10
CA LEU A 109 -36.45 -31.55 49.10
C LEU A 109 -37.14 -31.40 50.45
N ASP A 110 -37.55 -30.18 50.80
CA ASP A 110 -38.32 -30.00 52.03
C ASP A 110 -39.66 -30.73 51.95
N THR A 111 -40.30 -30.72 50.78
CA THR A 111 -41.54 -31.46 50.60
C THR A 111 -41.32 -32.96 50.78
N ILE A 112 -40.22 -33.48 50.24
CA ILE A 112 -39.91 -34.90 50.41
C ILE A 112 -39.68 -35.22 51.88
N ALA A 113 -38.90 -34.38 52.57
CA ALA A 113 -38.62 -34.58 53.98
C ALA A 113 -39.84 -34.42 54.87
N SER A 114 -40.86 -33.68 54.42
CA SER A 114 -42.07 -33.51 55.22
C SER A 114 -42.76 -34.84 55.51
N LYS A 115 -42.53 -35.86 54.70
CA LYS A 115 -43.12 -37.18 54.92
C LYS A 115 -42.09 -38.29 55.05
N GLU A 116 -40.88 -38.12 54.53
CA GLU A 116 -39.88 -39.18 54.59
C GLU A 116 -39.04 -39.14 55.87
N THR A 117 -39.27 -38.17 56.76
CA THR A 117 -38.47 -38.06 57.97
C THR A 117 -39.20 -38.62 59.18
N ALA A 118 -38.53 -38.58 60.33
CA ALA A 118 -39.16 -38.96 61.58
C ALA A 118 -40.17 -37.90 61.99
N PRO A 119 -41.18 -38.28 62.78
CA PRO A 119 -42.18 -37.29 63.20
C PRO A 119 -41.56 -36.16 63.99
N GLY A 120 -42.04 -34.94 63.72
CA GLY A 120 -41.60 -33.76 64.43
C GLY A 120 -40.37 -33.08 63.89
N THR A 121 -39.68 -33.69 62.93
CA THR A 121 -38.46 -33.12 62.33
C THR A 121 -38.61 -33.15 60.81
N ALA A 122 -39.23 -32.12 60.25
CA ALA A 122 -39.33 -31.97 58.81
C ALA A 122 -38.44 -30.87 58.26
N LEU A 123 -38.23 -29.80 59.02
CA LEU A 123 -37.29 -28.75 58.66
C LEU A 123 -36.10 -28.67 59.61
N ASN A 124 -36.11 -29.43 60.70
CA ASN A 124 -35.03 -29.42 61.66
C ASN A 124 -33.79 -30.11 61.09
N ILE A 125 -32.63 -29.74 61.63
CA ILE A 125 -31.38 -30.38 61.21
C ILE A 125 -31.35 -31.84 61.65
N GLU A 126 -31.85 -32.14 62.85
CA GLU A 126 -31.85 -33.50 63.36
C GLU A 126 -32.62 -34.47 62.46
N GLY A 127 -33.54 -33.97 61.65
CA GLY A 127 -34.24 -34.82 60.70
C GLY A 127 -33.33 -35.49 59.70
N TYR A 128 -32.10 -34.98 59.53
CA TYR A 128 -31.12 -35.64 58.68
C TYR A 128 -30.65 -36.96 59.25
N ARG A 129 -30.96 -37.26 60.51
CA ARG A 129 -30.57 -38.52 61.14
C ARG A 129 -31.77 -39.43 61.38
N SER A 130 -32.83 -39.28 60.60
CA SER A 130 -34.02 -40.10 60.78
C SER A 130 -33.76 -41.55 60.37
N VAL A 131 -34.51 -42.47 60.98
CA VAL A 131 -34.43 -43.89 60.69
C VAL A 131 -35.84 -44.38 60.35
N SER A 132 -35.95 -45.16 59.29
CA SER A 132 -37.26 -45.64 58.86
C SER A 132 -37.88 -46.55 59.92
N GLY A 133 -39.13 -46.25 60.28
CA GLY A 133 -39.84 -47.04 61.25
C GLY A 133 -39.42 -46.86 62.69
N SER A 134 -38.54 -45.89 62.97
CA SER A 134 -38.06 -45.65 64.32
C SER A 134 -37.96 -44.16 64.57
N SER A 135 -38.28 -43.75 65.79
CA SER A 135 -38.17 -42.35 66.19
C SER A 135 -36.81 -42.01 66.78
N THR A 136 -35.88 -42.96 66.80
CA THR A 136 -34.55 -42.75 67.37
C THR A 136 -33.57 -42.43 66.24
N LEU A 137 -32.83 -41.35 66.40
CA LEU A 137 -31.83 -40.95 65.42
C LEU A 137 -30.54 -41.72 65.62
N PHE A 138 -29.84 -41.97 64.52
CA PHE A 138 -28.59 -42.72 64.59
C PHE A 138 -27.45 -41.79 65.02
N ASP A 139 -26.27 -42.37 65.21
CA ASP A 139 -25.16 -41.65 65.83
C ASP A 139 -24.71 -40.47 64.97
N GLU A 140 -24.37 -39.37 65.64
CA GLU A 140 -23.91 -38.18 64.93
C GLU A 140 -22.53 -38.39 64.33
N SER A 141 -21.69 -39.22 64.97
CA SER A 141 -20.36 -39.48 64.43
C SER A 141 -20.41 -40.43 63.25
N GLU A 142 -21.42 -41.30 63.18
CA GLU A 142 -21.52 -42.26 62.09
C GLU A 142 -21.70 -41.56 60.75
N MET A 143 -22.47 -40.48 60.71
CA MET A 143 -22.72 -39.78 59.46
C MET A 143 -21.48 -39.09 58.92
N VAL A 144 -20.43 -38.97 59.73
CA VAL A 144 -19.18 -38.34 59.32
C VAL A 144 -18.06 -39.36 59.14
N ALA A 145 -18.14 -40.51 59.81
CA ALA A 145 -17.05 -41.48 59.79
C ALA A 145 -16.71 -41.91 58.37
N GLY A 146 -17.72 -42.01 57.50
CA GLY A 146 -17.45 -42.34 56.11
C GLY A 146 -18.30 -43.45 55.55
N GLY A 147 -18.44 -43.50 54.23
CA GLY A 147 -19.23 -44.55 53.61
C GLY A 147 -20.70 -44.39 53.93
N PHE A 148 -21.33 -45.49 54.35
CA PHE A 148 -22.74 -45.48 54.70
C PHE A 148 -22.93 -46.01 56.11
N PRO A 149 -23.88 -45.47 56.86
CA PRO A 149 -24.09 -45.91 58.25
C PRO A 149 -24.41 -47.40 58.33
N ARG A 150 -23.52 -48.13 59.02
CA ARG A 150 -23.71 -49.56 59.23
C ARG A 150 -24.59 -49.86 60.43
N SER A 151 -24.83 -48.88 61.30
CA SER A 151 -25.53 -49.13 62.56
C SER A 151 -26.92 -49.72 62.34
N GLN A 152 -27.56 -49.40 61.22
CA GLN A 152 -28.85 -49.97 60.84
C GLN A 152 -28.70 -50.50 59.42
N GLY A 153 -28.39 -51.81 59.31
CA GLY A 153 -28.07 -52.38 58.00
C GLY A 153 -29.25 -52.36 57.04
N SER A 154 -30.42 -52.77 57.51
CA SER A 154 -31.55 -52.94 56.61
C SER A 154 -32.44 -51.69 56.53
N LYS A 155 -32.49 -50.90 57.60
CA LYS A 155 -33.39 -49.77 57.63
C LYS A 155 -32.90 -48.64 56.73
N ASN A 156 -33.83 -47.78 56.32
CA ASN A 156 -33.50 -46.62 55.52
C ASN A 156 -32.96 -45.50 56.41
N ILE A 157 -31.85 -44.90 55.98
CA ILE A 157 -31.11 -43.94 56.79
C ILE A 157 -31.16 -42.58 56.10
N GLY A 158 -31.44 -41.54 56.87
CA GLY A 158 -31.25 -40.16 56.42
C GLY A 158 -32.55 -39.39 56.38
N ARG A 159 -32.42 -38.10 56.05
CA ARG A 159 -33.58 -37.24 55.87
C ARG A 159 -34.47 -37.75 54.74
N TYR A 160 -33.86 -38.15 53.63
CA TYR A 160 -34.55 -38.84 52.55
C TYR A 160 -34.20 -40.32 52.66
N GLN A 161 -35.22 -41.16 52.81
CA GLN A 161 -35.01 -42.56 53.20
C GLN A 161 -34.25 -43.28 52.10
N PHE A 162 -32.98 -43.59 52.37
CA PHE A 162 -32.10 -44.21 51.40
C PHE A 162 -31.35 -45.37 52.05
N THR A 163 -30.97 -46.34 51.24
CA THR A 163 -30.12 -47.45 51.64
C THR A 163 -28.77 -47.33 50.95
N VAL A 164 -27.91 -48.32 51.18
CA VAL A 164 -26.59 -48.31 50.56
C VAL A 164 -26.67 -48.49 49.05
N ILE A 165 -27.75 -49.10 48.55
CA ILE A 165 -27.91 -49.26 47.10
C ILE A 165 -28.04 -47.91 46.42
N ASP A 166 -28.87 -47.02 46.99
CA ASP A 166 -29.01 -45.68 46.43
C ASP A 166 -27.71 -44.90 46.57
N TYR A 167 -26.98 -45.11 47.67
CA TYR A 167 -25.69 -44.44 47.85
C TYR A 167 -24.70 -44.86 46.78
N ASN A 168 -24.63 -46.16 46.48
CA ASN A 168 -23.74 -46.64 45.43
C ASN A 168 -24.17 -46.13 44.06
N HIS A 169 -25.48 -46.13 43.80
CA HIS A 169 -25.98 -45.62 42.53
C HIS A 169 -25.63 -44.15 42.35
N ALA A 170 -25.74 -43.36 43.42
CA ALA A 170 -25.33 -41.96 43.36
C ALA A 170 -23.83 -41.83 43.12
N ARG A 171 -23.03 -42.64 43.82
CA ARG A 171 -21.59 -42.58 43.63
C ARG A 171 -21.17 -43.00 42.23
N SER A 172 -22.02 -43.76 41.53
CA SER A 172 -21.74 -44.06 40.13
C SER A 172 -21.69 -42.82 39.26
N LYS A 173 -22.35 -41.73 39.66
CA LYS A 173 -22.34 -40.47 38.94
C LYS A 173 -21.59 -39.36 39.67
N TYR A 174 -21.61 -39.36 41.00
CA TYR A 174 -20.93 -38.34 41.81
C TYR A 174 -19.94 -39.05 42.72
N PRO A 175 -18.72 -39.32 42.24
CA PRO A 175 -17.73 -40.01 43.09
C PRO A 175 -17.29 -39.21 44.30
N ASN A 176 -17.50 -37.90 44.32
CA ASN A 176 -17.07 -37.09 45.46
C ASN A 176 -17.85 -37.38 46.73
N ILE A 177 -18.97 -38.11 46.64
CA ILE A 177 -19.73 -38.48 47.82
C ILE A 177 -18.96 -39.56 48.56
N ASN A 178 -18.38 -39.21 49.71
CA ASN A 178 -17.58 -40.13 50.50
C ASN A 178 -18.20 -40.48 51.84
N ASN A 179 -19.04 -39.61 52.39
CA ASN A 179 -19.71 -39.88 53.66
C ASN A 179 -21.21 -39.66 53.51
N TYR A 180 -21.94 -39.73 54.62
CA TYR A 180 -23.36 -39.46 54.63
C TYR A 180 -23.63 -38.21 55.47
N SER A 181 -23.49 -37.06 54.84
CA SER A 181 -23.65 -35.78 55.50
C SER A 181 -24.86 -35.05 54.93
N PRO A 182 -25.38 -34.05 55.65
CA PRO A 182 -26.53 -33.31 55.12
C PRO A 182 -26.29 -32.74 53.74
N GLN A 183 -25.09 -32.21 53.47
CA GLN A 183 -24.76 -31.79 52.11
C GLN A 183 -24.71 -32.99 51.17
N ASN A 184 -24.10 -34.09 51.62
CA ASN A 184 -24.04 -35.29 50.79
C ASN A 184 -25.43 -35.92 50.62
N GLN A 185 -26.25 -35.88 51.67
CA GLN A 185 -27.62 -36.37 51.53
C GLN A 185 -28.41 -35.53 50.55
N ASP A 186 -28.23 -34.20 50.58
CA ASP A 186 -28.88 -33.34 49.60
C ASP A 186 -28.40 -33.65 48.18
N LEU A 187 -27.10 -33.89 48.02
CA LEU A 187 -26.57 -34.24 46.71
C LEU A 187 -27.15 -35.57 46.22
N LEU A 188 -27.27 -36.55 47.12
CA LEU A 188 -27.86 -37.84 46.75
C LEU A 188 -29.33 -37.68 46.36
N ALA A 189 -30.07 -36.87 47.10
CA ALA A 189 -31.46 -36.61 46.74
C ALA A 189 -31.57 -35.91 45.39
N TYR A 190 -30.66 -34.97 45.12
CA TYR A 190 -30.65 -34.30 43.83
C TYR A 190 -30.33 -35.28 42.70
N PHE A 191 -29.41 -36.20 42.94
CA PHE A 191 -29.11 -37.23 41.95
C PHE A 191 -30.34 -38.11 41.70
N LYS A 192 -31.05 -38.48 42.77
CA LYS A 192 -32.25 -39.28 42.60
C LYS A 192 -33.31 -38.53 41.81
N LEU A 193 -33.41 -37.22 42.01
CA LEU A 193 -34.35 -36.42 41.21
C LEU A 193 -33.95 -36.56 39.76
N GLN A 194 -32.65 -36.50 39.50
CA GLN A 194 -32.16 -36.64 38.15
C GLN A 194 -32.45 -38.02 37.58
N HIS A 195 -32.23 -39.06 38.38
CA HIS A 195 -32.41 -40.37 37.83
C HIS A 195 -33.88 -40.65 37.52
N ARG A 196 -34.77 -40.20 38.38
CA ARG A 196 -36.18 -40.46 38.17
C ARG A 196 -36.88 -39.42 37.31
N ASN A 197 -36.13 -38.61 36.54
CA ASN A 197 -36.73 -37.66 35.61
C ASN A 197 -37.70 -36.73 36.33
N VAL A 198 -37.32 -36.28 37.53
CA VAL A 198 -38.12 -35.31 38.26
C VAL A 198 -37.66 -33.88 37.98
N LEU A 199 -36.37 -33.69 37.67
CA LEU A 199 -35.85 -32.35 37.42
C LEU A 199 -36.53 -31.64 36.25
N PRO A 200 -36.70 -32.25 35.06
CA PRO A 200 -37.31 -31.48 33.96
C PRO A 200 -38.70 -30.95 34.28
N TYR A 201 -39.52 -31.72 34.99
CA TYR A 201 -40.86 -31.25 35.33
C TYR A 201 -40.85 -30.25 36.49
N LEU A 202 -39.90 -30.37 37.41
CA LEU A 202 -39.79 -29.41 38.49
C LEU A 202 -39.26 -28.07 38.03
N LEU A 203 -38.38 -28.05 37.02
CA LEU A 203 -37.80 -26.80 36.55
C LEU A 203 -38.80 -25.94 35.78
N ARG A 204 -39.88 -26.53 35.27
CA ARG A 204 -40.91 -25.77 34.57
C ARG A 204 -42.23 -25.75 35.33
N ASP A 205 -42.18 -25.89 36.66
CA ASP A 205 -43.32 -25.69 37.55
C ASP A 205 -44.47 -26.66 37.29
N ASP A 206 -44.17 -27.85 36.77
CA ASP A 206 -45.18 -28.90 36.62
C ASP A 206 -45.09 -29.82 37.82
N LEU A 207 -45.72 -29.41 38.91
CA LEU A 207 -45.57 -30.09 40.18
C LEU A 207 -46.31 -31.41 40.22
N ASP A 208 -47.43 -31.54 39.49
CA ASP A 208 -48.14 -32.80 39.47
C ASP A 208 -47.28 -33.90 38.85
N ASN A 209 -46.69 -33.63 37.69
CA ASN A 209 -45.83 -34.61 37.04
C ASN A 209 -44.57 -34.86 37.87
N ALA A 210 -44.02 -33.81 38.48
CA ALA A 210 -42.83 -33.98 39.32
C ALA A 210 -43.12 -34.92 40.49
N ILE A 211 -44.26 -34.72 41.15
CA ILE A 211 -44.64 -35.59 42.26
C ILE A 211 -44.91 -37.01 41.77
N ASP A 212 -45.55 -37.13 40.60
CA ASP A 212 -45.83 -38.46 40.06
C ASP A 212 -44.54 -39.22 39.79
N LYS A 213 -43.54 -38.55 39.21
CA LYS A 213 -42.27 -39.22 38.93
C LYS A 213 -41.47 -39.48 40.20
N ALA A 214 -41.55 -38.58 41.19
CA ALA A 214 -40.85 -38.80 42.45
C ALA A 214 -41.51 -39.85 43.31
N SER A 215 -42.75 -40.20 43.01
CA SER A 215 -43.48 -41.21 43.79
C SER A 215 -42.91 -42.60 43.57
N TYR A 216 -42.03 -42.74 42.58
CA TYR A 216 -41.45 -44.04 42.30
C TYR A 216 -40.30 -44.32 43.25
N GLU A 217 -39.58 -43.28 43.64
CA GLU A 217 -38.46 -43.45 44.56
C GLU A 217 -38.94 -43.37 46.01
N TRP A 218 -39.77 -42.39 46.33
CA TRP A 218 -40.23 -42.21 47.71
C TRP A 218 -41.64 -42.74 47.82
N ALA A 219 -41.86 -43.67 48.76
CA ALA A 219 -43.13 -44.36 48.86
C ALA A 219 -44.23 -43.50 49.46
N SER A 220 -43.88 -42.43 50.18
CA SER A 220 -44.89 -41.59 50.81
C SER A 220 -45.55 -40.63 49.83
N PHE A 221 -45.05 -40.52 48.61
CA PHE A 221 -45.62 -39.61 47.62
C PHE A 221 -46.68 -40.35 46.80
N PRO A 222 -47.90 -39.83 46.71
CA PRO A 222 -48.89 -40.44 45.83
C PRO A 222 -48.56 -40.17 44.36
N GLY A 223 -49.01 -41.08 43.51
CA GLY A 223 -48.84 -40.94 42.07
C GLY A 223 -50.08 -40.36 41.41
N ILE A 224 -49.92 -39.99 40.14
CA ILE A 224 -51.03 -39.45 39.37
C ILE A 224 -51.97 -40.60 39.01
N GLY A 225 -53.24 -40.46 39.39
CA GLY A 225 -54.22 -41.51 39.18
C GLY A 225 -54.21 -42.60 40.23
N LYS A 226 -53.27 -42.54 41.18
CA LYS A 226 -53.15 -43.58 42.21
C LYS A 226 -52.88 -43.02 43.60
N PRO A 227 -53.83 -43.21 44.52
CA PRO A 227 -53.66 -42.71 45.89
C PRO A 227 -52.43 -43.26 46.59
N GLN A 228 -52.18 -44.56 46.47
CA GLN A 228 -51.08 -45.18 47.21
C GLN A 228 -49.74 -45.07 46.54
N GLY A 229 -49.65 -44.26 45.49
CA GLY A 229 -48.41 -44.18 44.73
C GLY A 229 -48.23 -45.50 44.03
N GLN A 230 -47.01 -46.03 44.02
CA GLN A 230 -46.76 -47.32 43.40
C GLN A 230 -46.10 -48.17 44.45
N PHE A 231 -46.47 -47.97 45.70
CA PHE A 231 -45.84 -48.70 46.79
C PHE A 231 -46.80 -49.06 47.90
N ASN A 232 -48.03 -48.57 47.80
CA ASN A 232 -49.01 -48.79 48.87
C ASN A 232 -48.49 -48.38 50.24
N GLN A 233 -47.88 -47.19 50.29
CA GLN A 233 -47.32 -46.71 51.55
C GLN A 233 -47.58 -45.23 51.73
N VAL A 234 -48.69 -44.76 51.19
CA VAL A 234 -49.05 -43.36 51.37
C VAL A 234 -49.66 -43.17 52.76
N GLN A 235 -49.58 -41.96 53.29
CA GLN A 235 -50.15 -41.69 54.60
C GLN A 235 -51.54 -41.12 54.48
N SER A 236 -52.25 -41.03 55.60
CA SER A 236 -53.60 -40.48 55.57
C SER A 236 -53.53 -38.97 55.39
N GLY A 237 -54.47 -38.41 54.66
CA GLY A 237 -54.46 -36.98 54.40
C GLY A 237 -53.39 -36.52 53.44
N THR A 238 -52.53 -37.41 52.96
CA THR A 238 -51.46 -37.05 52.03
C THR A 238 -51.99 -37.12 50.61
N THR A 239 -52.08 -35.96 49.95
CA THR A 239 -52.56 -35.87 48.59
C THR A 239 -51.60 -35.00 47.79
N ILE A 240 -51.77 -35.04 46.46
CA ILE A 240 -50.93 -34.23 45.58
C ILE A 240 -51.16 -32.75 45.84
N ALA A 241 -52.41 -32.36 46.12
CA ALA A 241 -52.71 -30.96 46.38
C ALA A 241 -52.02 -30.48 47.66
N SER A 242 -52.03 -31.29 48.72
CA SER A 242 -51.38 -30.90 49.96
C SER A 242 -49.87 -30.76 49.77
N LEU A 243 -49.26 -31.70 49.03
CA LEU A 243 -47.83 -31.59 48.75
C LEU A 243 -47.52 -30.37 47.92
N LYS A 244 -48.38 -30.05 46.96
CA LYS A 244 -48.20 -28.84 46.15
C LYS A 244 -48.27 -27.59 47.02
N SER A 245 -49.22 -27.55 47.96
CA SER A 245 -49.33 -26.41 48.85
C SER A 245 -48.09 -26.29 49.74
N TYR A 246 -47.59 -27.41 50.27
CA TYR A 246 -46.39 -27.38 51.09
C TYR A 246 -45.19 -26.90 50.28
N TYR A 247 -45.06 -27.38 49.04
CA TYR A 247 -43.96 -26.95 48.18
C TYR A 247 -44.06 -25.46 47.88
N GLU A 248 -45.28 -24.97 47.63
CA GLU A 248 -45.46 -23.55 47.37
C GLU A 248 -45.08 -22.72 48.59
N THR A 249 -45.47 -23.16 49.78
CA THR A 249 -45.11 -22.44 51.00
C THR A 249 -43.59 -22.40 51.18
N ARG A 250 -42.93 -23.55 51.01
CA ARG A 250 -41.48 -23.60 51.17
C ARG A 250 -40.78 -22.74 50.12
N LEU A 251 -41.25 -22.78 48.87
CA LEU A 251 -40.65 -21.98 47.82
C LEU A 251 -40.82 -20.50 48.10
N ALA A 252 -42.00 -20.08 48.58
CA ALA A 252 -42.21 -18.69 48.92
C ALA A 252 -41.29 -18.27 50.06
N TYR A 253 -41.12 -19.13 51.07
CA TYR A 253 -40.22 -18.82 52.17
C TYR A 253 -38.79 -18.65 51.68
N TYR A 254 -38.33 -19.56 50.80
CA TYR A 254 -36.98 -19.45 50.28
C TYR A 254 -36.79 -18.21 49.42
N ARG A 255 -37.79 -17.88 48.60
CA ARG A 255 -37.68 -16.71 47.73
C ARG A 255 -37.70 -15.41 48.52
N SER A 256 -38.46 -15.36 49.63
CA SER A 256 -38.51 -14.14 50.43
C SER A 256 -37.18 -13.79 51.07
N LEU A 257 -36.28 -14.77 51.24
CA LEU A 257 -34.99 -14.49 51.87
C LEU A 257 -34.16 -13.53 51.03
N GLU A 258 -34.09 -13.76 49.72
CA GLU A 258 -33.30 -12.94 48.82
C GLU A 258 -34.17 -11.99 47.98
N ALA A 259 -35.31 -11.57 48.50
CA ALA A 259 -36.18 -10.65 47.79
C ALA A 259 -35.67 -9.23 47.96
N GLY A 260 -35.37 -8.57 46.83
CA GLY A 260 -34.88 -7.21 46.86
C GLY A 260 -36.01 -6.19 46.90
N SER A 261 -35.62 -4.93 46.80
CA SER A 261 -36.58 -3.82 46.81
C SER A 261 -36.37 -2.83 45.69
N ASP A 262 -35.40 -3.05 44.80
CA ASP A 262 -35.17 -2.16 43.68
C ASP A 262 -36.09 -2.53 42.52
N PHE A 263 -36.23 -1.60 41.58
CA PHE A 263 -37.12 -1.76 40.45
C PHE A 263 -36.36 -1.55 39.15
N GLN A 264 -36.82 -2.23 38.10
CA GLN A 264 -36.17 -2.24 36.80
C GLN A 264 -37.01 -1.44 35.81
N ALA A 265 -36.35 -0.59 35.03
CA ALA A 265 -37.03 0.21 34.02
C ALA A 265 -36.99 -0.41 32.64
N SER A 266 -36.14 -1.40 32.40
CA SER A 266 -36.00 -2.07 31.12
C SER A 266 -36.49 -3.51 31.22
N ALA A 267 -36.37 -4.24 30.11
CA ALA A 267 -36.76 -5.64 30.06
C ALA A 267 -35.67 -6.43 29.35
N PRO A 268 -35.42 -7.68 29.75
CA PRO A 268 -34.40 -8.48 29.08
C PRO A 268 -34.80 -8.86 27.67
N LYS A 269 -33.80 -8.97 26.79
CA LYS A 269 -33.98 -9.46 25.44
C LYS A 269 -32.80 -10.31 25.03
N ASP A 270 -33.03 -11.22 24.08
CA ASP A 270 -32.02 -12.22 23.74
C ASP A 270 -30.84 -11.61 23.00
N THR A 271 -31.11 -10.74 22.03
CA THR A 271 -30.07 -10.21 21.15
C THR A 271 -30.12 -8.69 21.13
N THR A 272 -28.96 -8.07 20.94
CA THR A 272 -28.89 -6.61 20.83
C THR A 272 -29.60 -6.11 19.58
N ASN A 273 -29.50 -6.82 18.46
CA ASN A 273 -30.19 -6.41 17.25
C ASN A 273 -31.70 -6.46 17.42
N ASN A 274 -32.20 -7.49 18.11
CA ASN A 274 -33.63 -7.61 18.34
C ASN A 274 -34.13 -6.48 19.22
N GLN A 275 -35.33 -5.99 18.92
CA GLN A 275 -35.95 -4.91 19.66
C GLN A 275 -37.38 -5.28 20.01
N TYR A 276 -37.87 -4.73 21.11
CA TYR A 276 -39.24 -4.95 21.55
C TYR A 276 -39.94 -3.61 21.74
N ALA A 277 -41.26 -3.63 21.59
CA ALA A 277 -42.08 -2.43 21.70
C ALA A 277 -42.61 -2.27 23.12
N GLY A 278 -43.23 -1.12 23.37
CA GLY A 278 -43.80 -0.87 24.67
C GLY A 278 -45.05 -1.70 24.92
N LYS A 279 -45.32 -1.93 26.20
CA LYS A 279 -46.47 -2.74 26.62
C LYS A 279 -47.44 -2.02 27.54
N GLU A 280 -47.07 -0.86 28.07
CA GLU A 280 -47.91 -0.16 29.04
C GLU A 280 -48.11 1.28 28.61
N TYR A 281 -49.28 1.81 28.95
CA TYR A 281 -49.64 3.21 28.66
C TYR A 281 -49.69 3.95 29.99
N LYS A 282 -48.59 4.63 30.32
CA LYS A 282 -48.42 5.27 31.61
C LYS A 282 -48.81 6.73 31.54
N THR A 283 -49.60 7.19 32.52
CA THR A 283 -49.95 8.60 32.61
C THR A 283 -48.70 9.42 32.88
N ILE A 284 -48.52 10.49 32.12
CA ILE A 284 -47.31 11.31 32.21
C ILE A 284 -47.56 12.50 33.12
N ARG A 285 -48.53 13.34 32.75
CA ARG A 285 -48.81 14.55 33.52
C ARG A 285 -50.31 14.83 33.44
N THR A 286 -50.77 15.69 34.34
CA THR A 286 -52.17 16.09 34.43
C THR A 286 -52.34 17.44 33.77
N LEU A 287 -52.97 17.47 32.59
CA LEU A 287 -53.19 18.72 31.89
C LEU A 287 -54.16 19.61 32.65
N SER A 288 -55.26 19.04 33.13
CA SER A 288 -56.28 19.82 33.83
C SER A 288 -57.08 18.88 34.72
N ASN A 289 -57.18 19.22 36.00
CA ASN A 289 -57.95 18.40 36.93
C ASN A 289 -59.43 18.39 36.56
N SER A 290 -59.96 19.54 36.16
CA SER A 290 -61.37 19.64 35.79
C SER A 290 -61.52 20.76 34.77
N THR A 291 -61.86 20.41 33.54
CA THR A 291 -62.10 21.39 32.48
C THR A 291 -63.34 20.99 31.70
N THR A 292 -64.00 21.98 31.12
CA THR A 292 -65.18 21.73 30.30
C THR A 292 -64.75 21.35 28.89
N ALA A 293 -65.53 20.47 28.26
CA ALA A 293 -65.24 19.97 26.92
C ALA A 293 -66.53 19.73 26.16
N SER A 294 -66.42 19.75 24.84
CA SER A 294 -67.54 19.50 23.95
C SER A 294 -67.10 18.55 22.85
N PHE A 295 -68.09 17.98 22.15
CA PHE A 295 -67.84 17.05 21.05
C PHE A 295 -68.30 17.67 19.74
N TYR A 296 -67.53 17.43 18.68
CA TYR A 296 -67.83 17.95 17.36
C TYR A 296 -67.88 16.81 16.36
N GLY A 297 -68.63 17.03 15.29
CA GLY A 297 -68.86 16.01 14.27
C GLY A 297 -70.21 15.34 14.31
N TYR A 298 -71.16 15.88 15.07
CA TYR A 298 -72.47 15.26 15.26
C TYR A 298 -73.53 16.34 15.08
N ASN A 299 -74.36 16.18 14.03
CA ASN A 299 -75.32 17.21 13.63
C ASN A 299 -74.64 18.56 13.42
N ASP A 300 -73.49 18.54 12.76
CA ASP A 300 -72.71 19.73 12.46
C ASP A 300 -72.19 19.63 11.04
N GLY A 301 -71.50 20.69 10.61
CA GLY A 301 -70.91 20.70 9.28
C GLY A 301 -69.61 19.94 9.14
N PHE A 302 -69.09 19.38 10.22
CA PHE A 302 -67.85 18.62 10.18
C PHE A 302 -68.16 17.19 9.74
N ASP A 303 -67.87 16.89 8.48
CA ASP A 303 -68.13 15.58 7.90
C ASP A 303 -66.80 14.96 7.44
N SER A 304 -66.90 13.85 6.71
CA SER A 304 -65.73 13.19 6.17
C SER A 304 -65.08 13.95 5.02
N SER A 305 -65.64 15.10 4.63
CA SER A 305 -65.05 15.93 3.60
C SER A 305 -64.05 16.95 4.17
N ASP A 306 -64.17 17.30 5.44
CA ASP A 306 -63.24 18.23 6.06
C ASP A 306 -61.90 17.55 6.29
N LEU A 307 -60.85 18.37 6.36
CA LEU A 307 -59.50 17.90 6.62
C LEU A 307 -59.04 18.43 7.97
N THR A 308 -58.57 17.53 8.83
CA THR A 308 -58.03 17.93 10.12
C THR A 308 -56.70 18.66 9.93
N ALA A 309 -56.24 19.34 10.97
CA ALA A 309 -54.96 20.01 10.89
C ALA A 309 -53.84 18.99 10.76
N ASN A 310 -54.12 17.73 11.07
CA ASN A 310 -53.12 16.68 10.90
C ASN A 310 -52.92 16.39 9.44
N GLY A 311 -54.00 16.43 8.67
CA GLY A 311 -53.90 16.15 7.25
C GLY A 311 -54.67 14.92 6.88
N GLU A 312 -55.51 14.42 7.79
CA GLU A 312 -56.34 13.27 7.46
C GLU A 312 -57.80 13.66 7.43
N ARG A 313 -58.61 12.91 6.68
CA ARG A 313 -60.03 13.19 6.61
C ARG A 313 -60.65 12.99 7.98
N PHE A 314 -61.44 13.95 8.43
CA PHE A 314 -62.05 13.86 9.75
C PHE A 314 -62.96 12.65 9.85
N ASN A 315 -62.66 11.76 10.80
CA ASN A 315 -63.55 10.63 11.02
C ASN A 315 -64.44 10.95 12.25
N PRO A 316 -65.78 11.22 12.05
CA PRO A 316 -66.53 11.55 13.28
C PRO A 316 -66.63 10.40 14.26
N GLU A 317 -66.57 9.15 13.79
CA GLU A 317 -66.68 8.01 14.70
C GLU A 317 -65.36 7.63 15.34
N GLY A 318 -64.27 8.31 15.00
CA GLY A 318 -62.98 7.97 15.57
C GLY A 318 -62.79 8.50 16.97
N ILE A 319 -61.89 7.85 17.70
CA ILE A 319 -61.54 8.27 19.07
C ILE A 319 -60.39 9.26 18.92
N THR A 320 -60.74 10.52 18.63
CA THR A 320 -59.78 11.58 18.42
C THR A 320 -60.30 12.87 19.07
N ALA A 321 -59.43 13.87 19.13
CA ALA A 321 -59.82 15.16 19.69
C ALA A 321 -58.91 16.23 19.13
N ALA A 322 -59.39 17.47 19.19
CA ALA A 322 -58.62 18.64 18.81
C ALA A 322 -58.20 19.38 20.07
N HIS A 323 -56.90 19.61 20.21
CA HIS A 323 -56.36 20.35 21.35
C HIS A 323 -55.73 21.64 20.86
N GLU A 324 -55.81 22.67 21.70
CA GLU A 324 -55.38 24.00 21.29
C GLU A 324 -53.86 24.13 21.20
N SER A 325 -53.11 23.35 21.99
CA SER A 325 -51.66 23.54 22.05
C SER A 325 -50.85 22.26 22.05
N LEU A 326 -51.47 21.08 22.04
CA LEU A 326 -50.68 19.87 22.10
C LEU A 326 -50.20 19.46 20.71
N PRO A 327 -49.02 18.84 20.63
CA PRO A 327 -48.56 18.31 19.34
C PRO A 327 -49.45 17.18 18.86
N PHE A 328 -49.54 17.04 17.54
CA PHE A 328 -50.35 15.98 16.96
C PHE A 328 -49.76 14.62 17.28
N GLY A 329 -50.62 13.65 17.51
CA GLY A 329 -50.22 12.32 17.94
C GLY A 329 -50.13 12.14 19.43
N THR A 330 -50.27 13.20 20.21
CA THR A 330 -50.26 13.09 21.66
C THR A 330 -51.50 12.34 22.13
N LEU A 331 -51.30 11.40 23.05
CA LEU A 331 -52.39 10.58 23.56
C LEU A 331 -52.87 11.17 24.89
N VAL A 332 -54.13 11.56 24.93
CA VAL A 332 -54.71 12.23 26.09
C VAL A 332 -55.81 11.33 26.66
N LYS A 333 -55.66 10.96 27.93
CA LYS A 333 -56.71 10.28 28.66
C LYS A 333 -57.72 11.32 29.15
N VAL A 334 -58.98 11.15 28.76
CA VAL A 334 -60.07 12.02 29.13
C VAL A 334 -60.98 11.21 30.05
N THR A 335 -61.15 11.67 31.28
CA THR A 335 -61.97 10.99 32.27
C THR A 335 -63.20 11.82 32.55
N TRP A 336 -64.39 11.23 32.37
CA TRP A 336 -65.65 11.92 32.61
C TRP A 336 -66.03 11.76 34.07
N ALA A 337 -66.21 12.88 34.77
CA ALA A 337 -66.46 12.85 36.21
C ALA A 337 -67.80 12.24 36.57
N VAL A 338 -68.74 12.17 35.62
CA VAL A 338 -70.06 11.65 35.94
C VAL A 338 -70.01 10.16 36.24
N ASN A 339 -69.31 9.41 35.40
CA ASN A 339 -69.22 7.96 35.55
C ASN A 339 -67.82 7.46 35.84
N ASN A 340 -66.84 8.35 35.96
CA ASN A 340 -65.45 7.97 36.21
C ASN A 340 -64.94 6.99 35.16
N LYS A 341 -65.33 7.21 33.91
CA LYS A 341 -64.86 6.42 32.79
C LYS A 341 -63.87 7.24 31.97
N SER A 342 -62.76 6.61 31.58
CA SER A 342 -61.68 7.29 30.88
C SER A 342 -61.44 6.64 29.53
N VAL A 343 -61.19 7.48 28.53
CA VAL A 343 -60.88 7.03 27.18
C VAL A 343 -59.68 7.81 26.67
N VAL A 344 -58.79 7.14 25.96
CA VAL A 344 -57.60 7.77 25.41
C VAL A 344 -57.89 8.20 23.97
N VAL A 345 -57.72 9.50 23.71
CA VAL A 345 -57.92 10.05 22.38
C VAL A 345 -56.58 10.49 21.83
N ARG A 346 -56.49 10.54 20.50
CA ARG A 346 -55.29 10.97 19.80
C ARG A 346 -55.54 12.38 19.24
N ILE A 347 -54.67 13.32 19.62
CA ILE A 347 -54.83 14.70 19.16
C ILE A 347 -54.37 14.79 17.72
N ASN A 348 -55.30 15.11 16.83
CA ASN A 348 -54.98 15.26 15.41
C ASN A 348 -55.41 16.61 14.85
N ASP A 349 -56.56 17.13 15.27
CA ASP A 349 -57.05 18.42 14.80
C ASP A 349 -56.63 19.54 15.76
N ARG A 350 -56.91 20.76 15.34
CA ARG A 350 -56.58 21.94 16.14
C ARG A 350 -57.81 22.66 16.68
N GLY A 351 -58.96 22.51 16.05
CA GLY A 351 -60.17 23.16 16.53
C GLY A 351 -60.37 24.52 15.89
N ALA A 352 -61.63 24.82 15.57
CA ALA A 352 -62.01 26.08 14.94
C ALA A 352 -62.52 27.10 15.94
N PHE A 353 -63.49 26.73 16.77
CA PHE A 353 -63.93 27.60 17.85
C PHE A 353 -62.85 27.69 18.92
N VAL A 354 -62.69 28.89 19.48
CA VAL A 354 -61.72 29.12 20.54
C VAL A 354 -62.42 29.22 21.90
N ARG A 355 -63.47 30.02 21.98
CA ARG A 355 -64.26 30.19 23.20
C ARG A 355 -63.38 30.59 24.38
N LEU A 356 -63.66 30.04 25.56
CA LEU A 356 -62.89 30.37 26.75
C LEU A 356 -62.72 29.11 27.58
N GLY A 357 -61.48 28.82 27.97
CA GLY A 357 -61.19 27.67 28.80
C GLY A 357 -61.47 26.34 28.13
N ARG A 358 -61.54 26.31 26.80
CA ARG A 358 -61.84 25.09 26.05
C ARG A 358 -60.52 24.52 25.53
N GLN A 359 -59.89 23.67 26.34
CA GLN A 359 -58.63 23.06 25.95
C GLN A 359 -58.78 21.99 24.89
N ILE A 360 -59.84 21.17 24.99
CA ILE A 360 -59.99 20.02 24.12
C ILE A 360 -61.40 20.01 23.53
N ASP A 361 -61.52 19.37 22.37
CA ASP A 361 -62.80 19.15 21.69
C ASP A 361 -62.79 17.72 21.16
N LEU A 362 -63.56 16.85 21.81
CA LEU A 362 -63.58 15.45 21.43
C LEU A 362 -64.37 15.25 20.13
N SER A 363 -64.12 14.13 19.48
CA SER A 363 -64.93 13.76 18.33
C SER A 363 -66.22 13.08 18.80
N TYR A 364 -67.12 12.84 17.84
CA TYR A 364 -68.38 12.19 18.18
C TYR A 364 -68.16 10.78 18.70
N GLY A 365 -67.28 10.02 18.03
CA GLY A 365 -66.98 8.68 18.48
C GLY A 365 -66.30 8.65 19.84
N ALA A 366 -65.38 9.59 20.07
CA ALA A 366 -64.72 9.67 21.36
C ALA A 366 -65.73 9.96 22.48
N ALA A 367 -66.67 10.87 22.22
CA ALA A 367 -67.70 11.16 23.22
C ALA A 367 -68.61 9.96 23.44
N LYS A 368 -68.96 9.25 22.38
CA LYS A 368 -69.77 8.04 22.53
C LYS A 368 -69.05 6.98 23.34
N ALA A 369 -67.73 6.87 23.19
CA ALA A 369 -66.95 5.91 23.96
C ALA A 369 -66.94 6.21 25.44
N LEU A 370 -67.33 7.42 25.86
CA LEU A 370 -67.39 7.77 27.27
C LEU A 370 -68.71 7.37 27.92
N SER A 371 -69.68 6.91 27.15
CA SER A 371 -70.98 6.55 27.69
C SER A 371 -70.90 5.24 28.46
N SER A 372 -71.73 5.14 29.50
CA SER A 372 -71.84 3.97 30.36
C SER A 372 -73.30 3.63 30.55
N PRO A 373 -73.62 2.38 30.94
CA PRO A 373 -75.03 2.03 31.22
C PRO A 373 -75.68 2.98 32.20
N GLY A 374 -76.71 3.70 31.74
CA GLY A 374 -77.37 4.70 32.54
C GLY A 374 -76.78 6.10 32.46
N ASN A 375 -75.74 6.30 31.66
CA ASN A 375 -75.10 7.61 31.54
C ASN A 375 -74.70 7.82 30.08
N ASP A 376 -75.40 8.72 29.39
CA ASP A 376 -75.13 9.04 28.00
C ASP A 376 -74.31 10.32 27.96
N ALA A 377 -73.10 10.23 27.39
CA ALA A 377 -72.25 11.41 27.28
C ALA A 377 -72.80 12.40 26.27
N ILE A 378 -73.39 11.90 25.18
CA ILE A 378 -73.95 12.77 24.16
C ILE A 378 -75.14 13.56 24.70
N ALA A 379 -75.81 13.04 25.73
CA ALA A 379 -76.96 13.73 26.30
C ALA A 379 -76.55 15.08 26.88
N ALA A 380 -75.43 15.13 27.58
CA ALA A 380 -74.90 16.38 28.13
C ALA A 380 -73.97 17.01 27.10
N GLY A 381 -74.32 18.20 26.61
CA GLY A 381 -73.49 18.85 25.62
C GLY A 381 -72.10 19.18 26.13
N LEU A 382 -72.01 19.64 27.38
CA LEU A 382 -70.74 20.00 27.99
C LEU A 382 -70.38 18.95 29.03
N LEU A 383 -69.16 18.44 28.94
CA LEU A 383 -68.67 17.42 29.85
C LEU A 383 -67.55 18.00 30.71
N THR A 384 -67.68 17.84 32.03
CA THR A 384 -66.62 18.22 32.96
C THR A 384 -65.67 17.04 33.08
N VAL A 385 -64.51 17.15 32.44
CA VAL A 385 -63.59 16.03 32.29
C VAL A 385 -62.24 16.37 32.90
N LYS A 386 -61.45 15.33 33.13
CA LYS A 386 -60.07 15.45 33.59
C LYS A 386 -59.16 14.98 32.47
N LEU A 387 -58.13 15.78 32.17
CA LEU A 387 -57.22 15.54 31.05
C LEU A 387 -55.87 15.11 31.59
N GLU A 388 -55.33 14.04 31.02
CA GLU A 388 -53.97 13.60 31.35
C GLU A 388 -53.27 13.17 30.08
N VAL A 389 -51.94 13.13 30.11
CA VAL A 389 -51.14 12.70 28.97
C VAL A 389 -50.60 11.30 29.27
N VAL A 390 -50.75 10.39 28.31
CA VAL A 390 -50.24 9.03 28.45
C VAL A 390 -49.25 8.77 27.31
N GLU A 391 -48.45 7.72 27.48
CA GLU A 391 -47.41 7.39 26.52
C GLU A 391 -47.09 5.90 26.64
N LEU A 392 -46.70 5.32 25.51
CA LEU A 392 -46.27 3.93 25.51
C LEU A 392 -45.01 3.76 26.33
N ARG A 393 -44.97 2.71 27.14
CA ARG A 393 -43.88 2.50 28.09
C ARG A 393 -43.63 1.01 28.27
N THR A 394 -42.44 0.71 28.78
CA THR A 394 -42.14 -0.64 29.25
C THR A 394 -42.50 -0.75 30.72
N PRO A 395 -43.30 -1.75 31.12
CA PRO A 395 -43.71 -1.85 32.52
C PRO A 395 -42.52 -1.98 33.45
N ILE A 396 -42.63 -1.36 34.62
CA ILE A 396 -41.55 -1.40 35.61
C ILE A 396 -41.66 -2.70 36.39
N GLY A 397 -40.57 -3.48 36.39
CA GLY A 397 -40.51 -4.75 37.07
C GLY A 397 -39.45 -4.77 38.16
N GLU A 398 -39.43 -5.89 38.88
CA GLU A 398 -38.44 -6.08 39.92
C GLU A 398 -37.03 -6.11 39.33
N ASN A 399 -36.09 -5.47 40.02
CA ASN A 399 -34.71 -5.43 39.56
C ASN A 399 -34.13 -6.84 39.49
N LEU A 400 -33.50 -7.15 38.34
CA LEU A 400 -32.94 -8.47 38.10
C LEU A 400 -31.44 -8.43 37.89
N LYS A 401 -30.76 -7.40 38.40
CA LYS A 401 -29.32 -7.29 38.20
C LYS A 401 -28.59 -8.41 38.92
N GLU A 402 -29.13 -8.90 40.04
CA GLU A 402 -28.49 -9.99 40.77
C GLU A 402 -28.55 -11.30 39.99
N SER A 403 -29.66 -11.56 39.31
CA SER A 403 -29.74 -12.77 38.48
C SER A 403 -28.92 -12.61 37.20
N ALA A 404 -28.92 -11.41 36.63
CA ALA A 404 -28.10 -11.16 35.45
C ALA A 404 -26.62 -11.31 35.74
N LYS A 405 -26.17 -10.90 36.93
CA LYS A 405 -24.77 -11.08 37.30
C LYS A 405 -24.41 -12.56 37.37
N ASN A 406 -25.29 -13.38 37.95
CA ASN A 406 -25.03 -14.81 38.01
C ASN A 406 -25.00 -15.41 36.61
N GLN A 407 -25.92 -14.98 35.74
CA GLN A 407 -25.93 -15.48 34.37
C GLN A 407 -24.64 -15.12 33.65
N ILE A 408 -24.18 -13.88 33.81
CA ILE A 408 -22.94 -13.44 33.19
C ILE A 408 -21.76 -14.25 33.72
N ALA A 409 -21.74 -14.49 35.03
CA ALA A 409 -20.63 -15.25 35.62
C ALA A 409 -20.59 -16.67 35.07
N GLU A 410 -21.75 -17.34 35.00
CA GLU A 410 -21.75 -18.70 34.48
C GLU A 410 -21.42 -18.74 33.00
N ASN A 411 -21.87 -17.74 32.22
CA ASN A 411 -21.49 -17.70 30.81
C ASN A 411 -19.99 -17.45 30.66
N LEU A 412 -19.41 -16.64 31.54
CA LEU A 412 -17.96 -16.42 31.51
C LEU A 412 -17.20 -17.70 31.83
N GLU A 413 -17.70 -18.47 32.79
CA GLU A 413 -17.08 -19.77 33.06
C GLU A 413 -17.23 -20.72 31.89
N LYS A 414 -18.39 -20.72 31.24
CA LYS A 414 -18.65 -21.68 30.16
C LYS A 414 -17.91 -21.34 28.88
N ILE A 415 -17.68 -20.06 28.59
CA ILE A 415 -17.02 -19.70 27.34
C ILE A 415 -15.58 -20.17 27.33
N LYS A 416 -14.90 -20.15 28.47
CA LYS A 416 -13.54 -20.68 28.58
C LYS A 416 -13.66 -22.19 28.65
N LYS A 417 -13.44 -22.85 27.50
CA LYS A 417 -13.61 -24.29 27.39
C LYS A 417 -13.02 -24.73 26.05
N ASN A 418 -12.70 -26.01 25.96
CA ASN A 418 -12.15 -26.58 24.74
C ASN A 418 -13.28 -26.72 23.72
N GLN A 419 -13.44 -25.71 22.87
CA GLN A 419 -14.46 -25.71 21.83
C GLN A 419 -13.87 -25.28 20.50
N LYS A 420 -12.73 -25.85 20.12
CA LYS A 420 -12.03 -25.50 18.90
C LYS A 420 -12.30 -26.54 17.80
N GLU A 421 -11.86 -26.21 16.60
CA GLU A 421 -12.01 -27.11 15.46
C GLU A 421 -11.03 -28.28 15.58
N LEU A 422 -11.46 -29.43 15.06
CA LEU A 422 -10.62 -30.61 15.02
C LEU A 422 -9.58 -30.47 13.91
N ALA A 423 -8.58 -31.36 13.94
CA ALA A 423 -7.54 -31.35 12.92
C ALA A 423 -8.12 -31.74 11.56
N THR A 424 -7.65 -31.08 10.52
CA THR A 424 -8.15 -31.33 9.18
C THR A 424 -7.51 -32.59 8.60
N PRO A 425 -8.30 -33.56 8.14
CA PRO A 425 -7.74 -34.76 7.51
C PRO A 425 -7.39 -34.49 6.05
N GLU A 426 -6.10 -34.41 5.76
CA GLU A 426 -5.60 -34.10 4.42
C GLU A 426 -4.56 -35.14 4.03
N ILE A 427 -4.95 -36.09 3.18
CA ILE A 427 -4.05 -37.11 2.68
C ILE A 427 -3.33 -36.54 1.47
N SER A 428 -2.04 -36.28 1.62
CA SER A 428 -1.23 -35.73 0.55
C SER A 428 0.24 -35.88 0.92
N ALA A 429 1.10 -35.76 -0.10
CA ALA A 429 2.54 -35.76 0.08
C ALA A 429 3.13 -34.36 -0.06
N LYS A 430 2.32 -33.32 0.13
CA LYS A 430 2.76 -31.96 -0.18
C LYS A 430 3.71 -31.43 0.89
N GLY A 431 3.20 -31.25 2.10
CA GLY A 431 4.01 -30.63 3.14
C GLY A 431 5.16 -31.40 3.74
N THR A 432 6.00 -31.97 2.90
CA THR A 432 7.12 -32.76 3.39
C THR A 432 8.38 -31.93 3.59
N GLN A 433 9.51 -32.60 3.73
CA GLN A 433 10.76 -31.89 3.98
C GLN A 433 11.47 -31.72 2.65
N ILE A 434 12.31 -30.70 2.53
CA ILE A 434 13.08 -30.50 1.30
C ILE A 434 14.51 -30.45 1.80
N THR A 435 15.23 -31.56 1.68
CA THR A 435 16.62 -31.57 2.10
C THR A 435 17.53 -31.35 0.89
N LEU A 436 18.65 -30.66 1.09
CA LEU A 436 19.55 -30.36 -0.02
C LEU A 436 20.99 -30.62 0.42
N GLU A 437 21.68 -31.49 -0.31
CA GLU A 437 23.11 -31.71 -0.12
C GLU A 437 23.82 -31.22 -1.37
N VAL A 438 24.69 -30.21 -1.20
CA VAL A 438 25.30 -29.52 -2.33
C VAL A 438 26.79 -29.36 -2.07
N SER A 439 27.60 -29.65 -3.08
CA SER A 439 29.04 -29.46 -3.05
C SER A 439 29.49 -28.86 -4.37
N ILE A 440 30.61 -28.14 -4.32
CA ILE A 440 31.17 -27.53 -5.52
C ILE A 440 32.40 -28.24 -6.04
N ASP A 441 33.22 -28.85 -5.18
CA ASP A 441 34.41 -29.56 -5.65
C ASP A 441 34.58 -30.92 -4.99
N ARG A 442 33.52 -31.48 -4.39
CA ARG A 442 33.51 -32.81 -3.80
C ARG A 442 34.48 -32.95 -2.62
N SER A 443 34.88 -31.85 -2.01
CA SER A 443 35.72 -31.90 -0.82
C SER A 443 34.89 -31.98 0.46
N ALA A 444 33.71 -31.36 0.45
CA ALA A 444 32.79 -31.41 1.58
C ALA A 444 31.40 -31.10 1.06
N ILE A 445 30.38 -31.60 1.73
CA ILE A 445 28.99 -31.44 1.32
C ILE A 445 28.28 -30.56 2.33
N ALA A 446 27.64 -29.50 1.85
CA ALA A 446 26.83 -28.64 2.70
C ALA A 446 25.39 -29.13 2.67
N VAL A 447 24.77 -29.22 3.84
CA VAL A 447 23.42 -29.77 3.98
C VAL A 447 22.49 -28.69 4.51
N PHE A 448 21.32 -28.58 3.90
CA PHE A 448 20.31 -27.60 4.29
C PHE A 448 18.95 -28.28 4.31
N SER A 449 18.05 -27.72 5.11
CA SER A 449 16.71 -28.29 5.30
C SER A 449 15.66 -27.21 5.12
N PHE A 450 14.57 -27.55 4.45
CA PHE A 450 13.47 -26.63 4.21
C PHE A 450 12.17 -27.41 4.34
N LEU A 451 11.05 -26.69 4.33
CA LEU A 451 9.72 -27.29 4.34
C LEU A 451 9.01 -26.92 3.05
N HIS A 452 8.49 -27.93 2.35
CA HIS A 452 7.79 -27.72 1.09
C HIS A 452 6.52 -26.90 1.32
N THR A 453 6.32 -25.86 0.51
CA THR A 453 5.18 -24.97 0.69
C THR A 453 4.41 -24.69 -0.58
N GLY A 454 4.97 -24.94 -1.76
CA GLY A 454 4.27 -24.68 -3.01
C GLY A 454 4.84 -25.51 -4.13
N THR A 455 4.06 -25.65 -5.20
CA THR A 455 4.46 -26.41 -6.37
C THR A 455 3.88 -25.77 -7.62
N LYS A 456 4.60 -25.93 -8.73
CA LYS A 456 4.16 -25.44 -10.02
C LYS A 456 4.49 -26.49 -11.07
N HIS A 457 3.68 -26.56 -12.12
CA HIS A 457 3.91 -27.52 -13.21
C HIS A 457 3.39 -27.07 -14.56
N ASN A 458 4.18 -27.24 -15.61
CA ASN A 458 3.71 -26.93 -16.95
C ASN A 458 3.42 -28.26 -17.63
N ALA A 459 2.16 -28.50 -17.96
CA ALA A 459 1.78 -29.79 -18.55
C ALA A 459 2.07 -29.87 -20.04
N ILE A 460 1.69 -28.84 -20.77
CA ILE A 460 1.89 -28.83 -22.23
C ILE A 460 3.35 -29.06 -22.60
N ILE A 461 3.62 -30.00 -23.52
CA ILE A 461 4.99 -30.37 -23.92
C ILE A 461 6.04 -30.28 -22.82
N SER A 462 6.77 -29.16 -22.77
CA SER A 462 7.80 -28.95 -21.75
C SER A 462 7.32 -29.52 -20.43
N ASP A 463 8.04 -30.51 -19.92
CA ASP A 463 7.64 -31.16 -18.69
C ASP A 463 8.45 -30.53 -17.57
N THR A 464 7.89 -29.57 -16.86
CA THR A 464 8.67 -28.86 -15.85
C THR A 464 7.90 -28.75 -14.54
N THR A 465 8.47 -29.26 -13.45
CA THR A 465 7.82 -29.10 -12.15
C THR A 465 8.75 -28.33 -11.23
N THR A 466 8.25 -27.25 -10.63
CA THR A 466 9.04 -26.38 -9.78
C THR A 466 8.55 -26.54 -8.34
N PHE A 467 9.45 -26.91 -7.44
CA PHE A 467 9.15 -27.02 -6.03
C PHE A 467 9.73 -25.83 -5.27
N THR A 468 9.00 -25.41 -4.24
CA THR A 468 9.38 -24.27 -3.41
C THR A 468 9.31 -24.68 -1.95
N GLY A 469 10.35 -24.35 -1.20
CA GLY A 469 10.39 -24.61 0.23
C GLY A 469 10.90 -23.43 1.00
N GLN A 470 10.54 -23.34 2.28
CA GLN A 470 10.88 -22.21 3.12
C GLN A 470 11.47 -22.69 4.43
N SER A 471 12.04 -21.76 5.20
CA SER A 471 12.63 -22.09 6.49
C SER A 471 11.52 -22.30 7.52
N VAL A 472 11.91 -22.79 8.70
CA VAL A 472 10.94 -23.10 9.75
C VAL A 472 10.28 -21.88 10.35
N ASN A 473 10.86 -20.68 10.15
CA ASN A 473 10.19 -19.47 10.58
C ASN A 473 8.84 -19.28 9.90
N TRP A 474 8.68 -19.83 8.70
CA TRP A 474 7.38 -19.83 8.03
C TRP A 474 6.31 -20.50 8.87
N VAL A 475 6.69 -21.48 9.70
CA VAL A 475 5.72 -22.11 10.59
C VAL A 475 5.27 -21.13 11.67
N LEU A 476 6.18 -20.28 12.15
CA LEU A 476 5.82 -19.33 13.19
C LEU A 476 4.98 -18.18 12.66
N ASN A 477 4.94 -17.99 11.35
CA ASN A 477 4.25 -16.87 10.72
C ASN A 477 2.95 -17.28 10.05
N ARG A 478 2.40 -18.44 10.41
CA ARG A 478 1.26 -18.98 9.69
C ARG A 478 -0.02 -18.38 10.26
N ARG A 479 -0.23 -18.49 11.57
CA ARG A 479 -1.48 -18.07 12.20
C ARG A 479 -1.37 -16.81 13.03
N VAL A 480 -2.38 -15.94 12.90
CA VAL A 480 -2.48 -14.74 13.72
C VAL A 480 -3.04 -15.11 15.08
N LYS A 481 -2.44 -14.60 16.15
CA LYS A 481 -2.78 -14.94 17.51
C LYS A 481 -3.11 -13.68 18.30
N ASN A 482 -3.83 -13.89 19.40
CA ASN A 482 -4.10 -12.88 20.41
C ASN A 482 -3.78 -13.49 21.77
N THR A 483 -2.78 -12.94 22.45
CA THR A 483 -2.36 -13.47 23.74
C THR A 483 -1.65 -12.38 24.53
N ARG A 484 -1.33 -12.70 25.78
CA ARG A 484 -0.72 -11.75 26.70
C ARG A 484 0.39 -12.44 27.48
N TYR A 485 1.48 -11.71 27.71
CA TYR A 485 2.61 -12.21 28.48
C TYR A 485 2.95 -11.22 29.59
N THR A 486 3.26 -11.75 30.77
CA THR A 486 3.61 -10.92 31.91
C THR A 486 4.73 -11.57 32.71
N GLY A 487 5.70 -10.77 33.10
CA GLY A 487 6.79 -11.23 33.95
C GLY A 487 7.65 -12.32 33.34
N VAL A 488 8.02 -12.16 32.07
CA VAL A 488 8.81 -13.15 31.36
C VAL A 488 9.94 -12.43 30.62
N THR A 489 11.14 -13.02 30.67
CA THR A 489 12.26 -12.47 29.93
C THR A 489 12.13 -12.79 28.44
N LEU A 490 13.00 -12.17 27.63
CA LEU A 490 12.99 -12.43 26.20
C LEU A 490 13.31 -13.89 25.91
N LYS A 491 14.29 -14.46 26.61
CA LYS A 491 14.64 -15.86 26.41
C LYS A 491 13.49 -16.77 26.81
N GLY A 492 12.81 -16.47 27.92
CA GLY A 492 11.69 -17.30 28.33
C GLY A 492 10.53 -17.24 27.34
N LEU A 493 10.23 -16.05 26.84
CA LEU A 493 9.16 -15.91 25.85
C LEU A 493 9.51 -16.67 24.57
N ALA A 494 10.74 -16.52 24.10
CA ALA A 494 11.17 -17.26 22.91
C ALA A 494 11.13 -18.76 23.15
N ALA A 495 11.50 -19.21 24.36
CA ALA A 495 11.48 -20.63 24.67
C ALA A 495 10.07 -21.18 24.64
N THR A 496 9.12 -20.47 25.25
CA THR A 496 7.73 -20.93 25.21
C THR A 496 7.20 -20.95 23.78
N ILE A 497 7.50 -19.92 22.99
CA ILE A 497 7.00 -19.87 21.62
C ILE A 497 7.58 -21.02 20.81
N THR A 498 8.88 -21.29 20.96
CA THR A 498 9.50 -22.40 20.24
C THR A 498 8.96 -23.75 20.70
N ARG A 499 8.73 -23.91 22.01
CA ARG A 499 8.15 -25.16 22.50
C ARG A 499 6.75 -25.38 21.97
N GLN A 500 6.02 -24.30 21.69
CA GLN A 500 4.70 -24.45 21.08
C GLN A 500 4.74 -25.09 19.71
N TYR A 501 5.89 -25.08 19.04
CA TYR A 501 6.02 -25.64 17.69
C TYR A 501 7.05 -26.75 17.58
N GLY A 502 7.70 -27.13 18.67
CA GLY A 502 8.71 -28.16 18.59
C GLY A 502 10.04 -27.72 18.01
N LEU A 503 10.40 -26.46 18.18
CA LEU A 503 11.67 -25.94 17.70
C LEU A 503 12.70 -25.89 18.82
N ASP A 504 13.96 -25.70 18.44
CA ASP A 504 15.05 -25.52 19.38
C ASP A 504 15.44 -24.05 19.46
N LEU A 505 15.92 -23.64 20.63
CA LEU A 505 16.30 -22.26 20.87
C LEU A 505 17.80 -22.17 21.12
N ASP A 506 18.43 -21.18 20.50
CA ASP A 506 19.86 -20.90 20.70
C ASP A 506 19.99 -19.43 21.07
N MET A 507 20.15 -19.15 22.36
CA MET A 507 20.20 -17.77 22.84
C MET A 507 21.09 -17.72 24.08
N SER A 508 22.31 -17.19 23.90
CA SER A 508 23.23 -17.09 25.01
C SER A 508 22.81 -16.01 25.99
N GLU A 509 22.41 -14.84 25.48
CA GLU A 509 21.97 -13.75 26.33
C GLU A 509 20.53 -13.94 26.75
N GLU A 510 20.26 -13.73 28.04
CA GLU A 510 18.90 -13.93 28.56
C GLU A 510 17.95 -12.86 28.03
N GLY A 511 18.42 -11.63 27.93
CA GLY A 511 17.55 -10.52 27.56
C GLY A 511 16.84 -9.94 28.76
N GLU A 512 16.14 -8.84 28.52
CA GLU A 512 15.47 -8.13 29.60
C GLU A 512 14.14 -8.80 29.95
N MET A 513 13.65 -8.48 31.14
CA MET A 513 12.45 -9.09 31.68
C MET A 513 11.25 -8.22 31.30
N ILE A 514 10.38 -8.76 30.45
CA ILE A 514 9.18 -8.04 30.02
C ILE A 514 8.10 -8.24 31.08
N GLU A 515 7.59 -7.14 31.62
CA GLU A 515 6.65 -7.21 32.74
C GLU A 515 5.20 -7.26 32.30
N ASN A 516 4.84 -6.60 31.21
CA ASN A 516 3.45 -6.58 30.76
C ASN A 516 3.41 -6.19 29.28
N ILE A 517 2.92 -7.10 28.44
CA ILE A 517 2.77 -6.81 27.02
C ILE A 517 1.74 -7.78 26.46
N SER A 518 1.07 -7.35 25.39
CA SER A 518 0.00 -8.12 24.76
C SER A 518 0.28 -8.30 23.28
N GLN A 519 0.04 -9.50 22.79
CA GLN A 519 0.12 -9.80 21.35
C GLN A 519 -1.29 -9.66 20.77
N VAL A 520 -1.50 -8.62 19.98
CA VAL A 520 -2.82 -8.29 19.46
C VAL A 520 -2.80 -8.53 17.95
N SER A 521 -3.47 -9.60 17.53
CA SER A 521 -3.64 -9.94 16.11
C SER A 521 -2.29 -10.01 15.39
N GLN A 522 -1.37 -10.78 15.95
CA GLN A 522 -0.03 -10.91 15.38
C GLN A 522 0.38 -12.36 15.33
N THR A 523 1.16 -12.72 14.31
CA THR A 523 1.70 -14.05 14.27
C THR A 523 2.82 -14.18 15.31
N ASP A 524 3.17 -15.43 15.63
CA ASP A 524 4.25 -15.66 16.58
C ASP A 524 5.57 -15.10 16.06
N TRP A 525 5.83 -15.27 14.76
CA TRP A 525 7.02 -14.69 14.17
C TRP A 525 7.02 -13.17 14.27
N GLN A 526 5.87 -12.53 14.01
CA GLN A 526 5.79 -11.08 14.09
C GLN A 526 6.00 -10.59 15.51
N PHE A 527 5.37 -11.26 16.49
CA PHE A 527 5.56 -10.86 17.89
C PHE A 527 7.01 -11.03 18.32
N LEU A 528 7.63 -12.15 17.92
CA LEU A 528 9.04 -12.36 18.24
C LEU A 528 9.91 -11.30 17.56
N GLU A 529 9.59 -10.93 16.33
CA GLU A 529 10.32 -9.88 15.65
C GLU A 529 10.24 -8.55 16.38
N LYS A 530 9.03 -8.18 16.82
CA LYS A 530 8.88 -6.94 17.60
C LYS A 530 9.66 -7.01 18.89
N MET A 531 9.56 -8.13 19.61
CA MET A 531 10.22 -8.23 20.91
C MET A 531 11.74 -8.21 20.77
N THR A 532 12.28 -8.86 19.74
CA THR A 532 13.72 -8.86 19.54
C THR A 532 14.22 -7.50 19.04
N ALA A 533 13.44 -6.84 18.17
CA ALA A 533 13.85 -5.54 17.68
C ALA A 533 13.83 -4.49 18.77
N ILE A 534 12.84 -4.54 19.66
CA ILE A 534 12.76 -3.53 20.72
C ILE A 534 13.88 -3.71 21.73
N GLN A 535 14.46 -4.90 21.85
CA GLN A 535 15.56 -5.16 22.76
C GLN A 535 16.91 -5.17 22.07
N GLY A 536 16.96 -4.89 20.77
CA GLY A 536 18.22 -4.91 20.05
C GLY A 536 18.71 -6.28 19.66
N PHE A 537 17.82 -7.26 19.55
CA PHE A 537 18.18 -8.61 19.16
C PHE A 537 17.71 -8.90 17.74
N GLY A 538 18.26 -9.97 17.19
CA GLY A 538 17.86 -10.44 15.87
C GLY A 538 17.79 -11.95 15.86
N MET A 539 16.98 -12.48 14.95
CA MET A 539 16.75 -13.91 14.85
C MET A 539 17.44 -14.48 13.61
N ARG A 540 17.56 -15.80 13.61
CA ARG A 540 18.11 -16.54 12.49
C ARG A 540 17.64 -17.98 12.63
N THR A 541 17.46 -18.66 11.50
CA THR A 541 16.96 -20.04 11.52
C THR A 541 17.95 -20.93 10.77
N VAL A 542 18.31 -22.06 11.38
CA VAL A 542 19.10 -23.08 10.71
C VAL A 542 18.47 -24.43 11.00
N GLY A 543 18.07 -25.14 9.94
CA GLY A 543 17.41 -26.41 10.11
C GLY A 543 16.18 -26.25 10.99
N LYS A 544 16.26 -26.82 12.21
CA LYS A 544 15.16 -26.76 13.17
C LYS A 544 15.38 -25.69 14.24
N VAL A 545 16.62 -25.28 14.49
CA VAL A 545 16.93 -24.41 15.62
C VAL A 545 16.88 -22.95 15.20
N LEU A 546 16.19 -22.15 15.99
CA LEU A 546 16.15 -20.70 15.85
C LEU A 546 17.09 -20.09 16.89
N GLN A 547 17.97 -19.19 16.43
CA GLN A 547 18.95 -18.53 17.28
C GLN A 547 18.67 -17.04 17.36
N ILE A 548 18.80 -16.48 18.55
CA ILE A 548 18.61 -15.06 18.79
C ILE A 548 19.93 -14.49 19.31
N TYR A 549 20.38 -13.40 18.70
CA TYR A 549 21.69 -12.84 18.96
C TYR A 549 21.59 -11.33 19.10
N LYS A 550 22.54 -10.75 19.82
CA LYS A 550 22.63 -9.30 19.93
C LYS A 550 23.05 -8.68 18.60
N ILE A 551 22.44 -7.55 18.27
CA ILE A 551 22.80 -6.80 17.07
C ILE A 551 23.90 -5.83 17.47
N THR A 552 25.14 -6.30 17.38
CA THR A 552 26.31 -5.49 17.73
C THR A 552 27.23 -5.39 16.54
N VAL A 553 28.01 -4.31 16.49
CA VAL A 553 28.91 -4.07 15.37
C VAL A 553 29.99 -5.13 15.29
N ASN A 554 30.26 -5.84 16.39
CA ASN A 554 31.19 -6.96 16.40
C ASN A 554 30.45 -8.17 16.97
N ALA A 555 29.75 -8.89 16.08
CA ALA A 555 29.07 -10.12 16.45
C ALA A 555 29.37 -11.27 15.50
N LYS A 556 29.98 -11.02 14.35
CA LYS A 556 30.36 -12.07 13.42
C LYS A 556 31.69 -12.66 13.89
N LYS A 557 31.64 -13.86 14.48
CA LYS A 557 32.81 -14.41 15.14
C LYS A 557 33.90 -14.78 14.13
N LEU A 558 33.54 -15.48 13.07
CA LEU A 558 34.49 -15.89 12.05
C LEU A 558 34.44 -14.92 10.88
N ASN A 559 35.60 -14.69 10.26
CA ASN A 559 35.72 -13.75 9.15
C ASN A 559 36.21 -14.46 7.91
N TYR A 560 35.64 -14.09 6.77
CA TYR A 560 35.99 -14.66 5.48
C TYR A 560 36.30 -13.52 4.52
N THR A 561 37.47 -13.58 3.89
CA THR A 561 37.94 -12.51 3.02
C THR A 561 38.03 -13.01 1.58
N ILE A 562 37.51 -12.22 0.65
CA ILE A 562 37.60 -12.51 -0.77
C ILE A 562 38.27 -11.34 -1.47
N SER A 563 38.78 -11.61 -2.67
CA SER A 563 39.42 -10.60 -3.49
C SER A 563 38.55 -10.30 -4.71
N VAL A 564 38.55 -9.04 -5.12
CA VAL A 564 37.80 -8.65 -6.32
C VAL A 564 38.30 -9.41 -7.53
N VAL A 565 39.62 -9.61 -7.63
CA VAL A 565 40.18 -10.35 -8.74
C VAL A 565 39.86 -11.84 -8.59
N ASP A 566 39.70 -12.51 -9.72
CA ASP A 566 39.70 -13.97 -9.89
C ASP A 566 38.48 -14.67 -9.31
N ASN A 567 37.63 -13.96 -8.58
CA ASN A 567 36.45 -14.60 -8.03
C ASN A 567 35.14 -13.95 -8.48
N VAL A 568 35.06 -12.62 -8.37
CA VAL A 568 33.78 -11.94 -8.54
C VAL A 568 33.58 -11.55 -10.00
N LYS A 569 32.31 -11.41 -10.38
CA LYS A 569 31.92 -11.02 -11.73
C LYS A 569 31.32 -9.62 -11.77
N SER A 570 30.58 -9.24 -10.73
CA SER A 570 29.98 -7.92 -10.63
C SER A 570 30.08 -7.43 -9.19
N LEU A 571 30.14 -6.10 -9.04
CA LEU A 571 30.23 -5.45 -7.73
C LEU A 571 29.68 -4.04 -7.86
N ILE A 572 28.57 -3.76 -7.17
CA ILE A 572 27.89 -2.48 -7.26
C ILE A 572 27.80 -1.92 -5.85
N VAL A 573 28.34 -0.73 -5.65
CA VAL A 573 28.24 -0.03 -4.37
C VAL A 573 27.33 1.18 -4.55
N THR A 574 26.37 1.34 -3.62
CA THR A 574 25.46 2.46 -3.66
C THR A 574 25.41 3.10 -2.28
N ASP A 575 25.06 4.39 -2.25
CA ASP A 575 24.97 5.15 -1.00
C ASP A 575 23.85 6.16 -1.13
N GLN A 576 23.06 6.31 -0.06
CA GLN A 576 21.92 7.19 -0.05
C GLN A 576 21.93 8.06 1.20
N ALA A 577 21.28 9.21 1.12
CA ALA A 577 21.17 10.09 2.28
C ALA A 577 19.91 9.77 3.08
N GLN A 578 20.04 9.79 4.40
CA GLN A 578 18.92 9.47 5.28
C GLN A 578 17.86 10.56 5.20
N THR A 579 16.59 10.14 5.16
CA THR A 579 15.47 11.07 5.15
C THR A 579 14.23 10.35 5.64
N ASP A 580 13.37 11.07 6.37
CA ASP A 580 12.12 10.50 6.86
C ASP A 580 11.04 10.47 5.80
N ALA A 581 11.25 11.10 4.65
CA ALA A 581 10.24 11.11 3.60
C ALA A 581 9.97 9.71 3.07
N THR A 582 11.03 8.93 2.86
CA THR A 582 10.90 7.57 2.36
C THR A 582 11.04 6.58 3.53
N GLY A 583 10.97 5.29 3.19
CA GLY A 583 11.09 4.25 4.19
C GLY A 583 9.81 4.02 4.96
N SER A 584 9.92 3.14 5.95
CA SER A 584 8.79 2.78 6.80
C SER A 584 8.83 3.57 8.11
N SER A 585 7.73 3.51 8.86
CA SER A 585 7.67 4.16 10.15
C SER A 585 8.65 3.52 11.14
N GLN A 586 8.92 2.22 10.99
CA GLN A 586 9.94 1.58 11.81
C GLN A 586 11.32 2.13 11.53
N LYS A 587 11.61 2.47 10.27
CA LYS A 587 12.89 3.11 9.95
C LYS A 587 13.00 4.48 10.61
N ILE A 588 11.90 5.23 10.63
CA ILE A 588 11.90 6.52 11.33
C ILE A 588 12.09 6.34 12.84
N GLU A 589 11.45 5.33 13.43
CA GLU A 589 11.63 5.06 14.85
C GLU A 589 13.08 4.68 15.16
N HIS A 590 13.68 3.86 14.28
CA HIS A 590 15.07 3.46 14.50
C HIS A 590 16.03 4.64 14.37
N TYR A 591 15.67 5.63 13.56
CA TYR A 591 16.43 6.87 13.48
C TYR A 591 16.05 7.77 14.66
N GLY A 592 16.47 9.03 14.60
CA GLY A 592 16.25 9.93 15.73
C GLY A 592 14.79 10.11 16.09
N GLY A 593 13.89 9.92 15.12
CA GLY A 593 12.48 10.15 15.35
C GLY A 593 12.03 9.16 16.40
N ARG A 594 11.40 9.66 17.45
CA ARG A 594 10.80 8.84 18.50
C ARG A 594 10.05 9.81 19.40
N MET A 595 9.10 9.27 20.16
CA MET A 595 8.39 10.06 21.15
C MET A 595 9.26 10.15 22.40
N THR A 596 10.06 11.22 22.49
CA THR A 596 10.89 11.42 23.67
C THR A 596 10.04 11.65 24.92
N THR A 597 8.95 12.39 24.77
CA THR A 597 8.10 12.75 25.90
C THR A 597 6.95 11.76 26.01
N VAL A 598 6.80 11.16 27.20
CA VAL A 598 5.71 10.26 27.51
C VAL A 598 5.12 10.68 28.85
N VAL A 599 3.89 10.24 29.13
CA VAL A 599 3.19 10.58 30.35
C VAL A 599 2.85 9.30 31.11
N ASP A 600 3.24 9.25 32.38
CA ASP A 600 2.85 8.14 33.25
C ASP A 600 1.58 8.52 34.01
N ALA A 601 0.57 7.66 33.93
CA ALA A 601 -0.77 8.02 34.40
C ALA A 601 -0.89 8.13 35.91
N ASP A 602 -0.08 7.41 36.68
CA ASP A 602 -0.24 7.44 38.14
C ASP A 602 0.21 8.76 38.72
N SER A 603 1.30 9.34 38.21
CA SER A 603 1.79 10.61 38.69
C SER A 603 1.55 11.77 37.73
N GLY A 604 1.46 11.52 36.43
CA GLY A 604 1.22 12.60 35.48
C GLY A 604 2.32 13.64 35.45
N SER A 605 3.58 13.20 35.51
CA SER A 605 4.72 14.11 35.56
C SER A 605 5.36 14.36 34.20
N LEU A 606 4.93 13.65 33.15
CA LEU A 606 5.39 13.88 31.78
C LEU A 606 6.91 13.70 31.68
N ILE A 607 7.33 12.46 31.94
CA ILE A 607 8.75 12.12 31.93
C ILE A 607 9.23 11.92 30.50
N LYS A 608 10.46 12.37 30.24
CA LYS A 608 11.11 12.21 28.95
C LYS A 608 12.01 10.97 28.98
N VAL A 609 12.01 10.21 27.89
CA VAL A 609 12.71 8.94 27.86
C VAL A 609 14.05 9.00 27.11
N ASP A 610 14.24 10.00 26.26
CA ASP A 610 15.45 10.04 25.42
C ASP A 610 15.88 11.44 25.04
N LYS A 611 17.15 11.58 24.67
CA LYS A 611 17.61 12.87 24.19
C LYS A 611 16.98 13.08 22.83
N ASP A 612 16.48 14.29 22.58
CA ASP A 612 15.83 14.57 21.30
C ASP A 612 16.81 14.54 20.15
N ASN A 613 16.32 14.34 18.93
CA ASN A 613 17.20 14.36 17.77
C ASN A 613 16.60 15.34 16.77
N LYS A 614 16.90 16.63 16.95
CA LYS A 614 16.47 17.67 16.03
C LYS A 614 17.65 18.00 15.11
N ARG A 615 18.01 17.02 14.28
CA ARG A 615 19.08 17.16 13.31
C ARG A 615 18.48 17.32 11.92
N GLU A 616 18.94 18.34 11.19
CA GLU A 616 18.47 18.68 9.85
C GLU A 616 16.97 18.99 9.83
N ALA A 617 16.37 19.29 10.96
CA ALA A 617 14.96 19.61 11.05
C ALA A 617 14.68 21.10 10.91
N GLY A 618 15.59 21.95 11.36
CA GLY A 618 15.38 23.38 11.26
C GLY A 618 16.23 24.10 12.28
N SER A 619 16.31 25.42 12.10
CA SER A 619 17.12 26.27 12.95
C SER A 619 16.43 26.65 14.26
N ALA A 620 15.12 26.44 14.37
CA ALA A 620 14.41 26.84 15.58
C ALA A 620 14.79 25.96 16.77
N ALA A 621 14.50 24.66 16.67
CA ALA A 621 14.85 23.65 17.66
C ALA A 621 14.21 23.91 19.03
N ARG A 622 13.34 24.92 19.14
CA ARG A 622 12.64 25.20 20.38
C ARG A 622 11.13 25.30 20.23
N THR A 623 10.59 25.04 19.04
CA THR A 623 9.16 25.10 18.80
C THR A 623 8.55 23.79 18.35
N PHE A 624 9.36 22.84 17.92
CA PHE A 624 8.93 21.53 17.46
C PHE A 624 9.62 20.44 18.27
N THR A 625 9.24 19.19 18.02
CA THR A 625 9.72 18.08 18.83
C THR A 625 10.40 16.99 18.00
N THR A 626 10.02 16.88 16.72
CA THR A 626 10.58 15.89 15.80
C THR A 626 10.38 14.46 16.33
N GLY A 627 9.11 14.08 16.42
CA GLY A 627 8.78 12.74 16.85
C GLY A 627 7.62 12.13 16.09
N VAL A 628 7.04 11.07 16.65
CA VAL A 628 5.87 10.42 16.09
C VAL A 628 4.70 10.62 17.03
N ASP A 629 3.55 10.05 16.65
CA ASP A 629 2.36 10.20 17.48
C ASP A 629 2.19 9.04 18.46
N VAL A 630 2.53 7.83 18.05
CA VAL A 630 2.33 6.62 18.87
C VAL A 630 3.59 6.35 19.66
N PRO A 631 3.51 6.26 20.98
CA PRO A 631 4.70 5.93 21.79
C PRO A 631 5.10 4.47 21.63
N GLN A 632 6.36 4.20 21.94
CA GLN A 632 6.84 2.83 21.96
C GLN A 632 6.30 2.09 23.17
N PRO A 633 6.02 0.79 23.04
CA PRO A 633 5.61 0.00 24.20
C PRO A 633 6.80 -0.21 25.14
N GLN A 634 6.63 0.19 26.40
CA GLN A 634 7.71 0.08 27.37
C GLN A 634 7.72 -1.32 27.99
N ILE A 635 8.91 -1.92 28.06
CA ILE A 635 9.06 -3.32 28.39
C ILE A 635 9.54 -3.53 29.82
N GLN A 636 10.49 -2.72 30.29
CA GLN A 636 11.06 -2.92 31.61
C GLN A 636 10.11 -2.42 32.69
N LYS A 637 10.38 -2.82 33.93
CA LYS A 637 9.57 -2.37 35.05
C LYS A 637 9.84 -0.90 35.36
N GLN A 638 11.12 -0.50 35.40
CA GLN A 638 11.48 0.85 35.80
C GLN A 638 12.42 1.50 34.79
N TYR A 639 13.26 0.70 34.14
CA TYR A 639 14.17 1.24 33.16
C TYR A 639 13.42 1.56 31.85
N SER A 640 14.03 2.43 31.06
CA SER A 640 13.45 2.86 29.79
C SER A 640 14.03 2.04 28.64
N ASN A 641 13.31 2.03 27.52
CA ASN A 641 13.73 1.25 26.36
C ASN A 641 15.09 1.66 25.82
N PRO A 642 15.92 0.66 25.47
CA PRO A 642 17.26 0.97 24.95
C PRO A 642 17.27 1.74 23.65
N ARG A 643 18.30 2.55 23.44
CA ARG A 643 18.41 3.32 22.20
C ARG A 643 18.69 2.37 21.04
N PRO A 644 18.05 2.62 19.89
CA PRO A 644 18.28 1.79 18.68
C PRO A 644 19.73 1.35 18.49
N GLU A 645 19.95 0.04 18.41
CA GLU A 645 21.31 -0.51 18.26
C GLU A 645 22.21 0.18 17.24
N GLY A 646 21.67 0.61 16.11
CA GLY A 646 22.47 1.24 15.09
C GLY A 646 23.18 0.28 14.16
N ALA A 647 23.52 -0.92 14.62
CA ALA A 647 24.07 -1.94 13.74
C ALA A 647 23.06 -2.48 12.76
N SER A 648 21.76 -2.24 12.99
CA SER A 648 20.73 -2.55 12.02
C SER A 648 20.57 -1.48 10.96
N VAL A 649 21.26 -0.34 11.10
CA VAL A 649 21.19 0.75 10.15
C VAL A 649 22.26 0.55 9.10
N LYS A 650 21.87 0.60 7.83
CA LYS A 650 22.79 0.46 6.72
C LYS A 650 23.33 1.82 6.31
N GLU A 651 24.65 1.96 6.29
CA GLU A 651 25.28 3.17 5.75
C GLU A 651 25.86 2.96 4.37
N PHE A 652 26.13 1.72 4.00
CA PHE A 652 26.62 1.42 2.66
C PHE A 652 25.86 0.19 2.25
N GLN A 653 25.64 0.02 0.96
CA GLN A 653 25.00 -1.21 0.51
C GLN A 653 25.78 -1.75 -0.67
N LEU A 654 26.08 -3.02 -0.64
CA LEU A 654 26.91 -3.59 -1.69
C LEU A 654 26.29 -4.82 -2.32
N GLN A 655 26.26 -4.85 -3.65
CA GLN A 655 25.76 -6.03 -4.34
C GLN A 655 26.96 -6.78 -4.86
N LEU A 656 27.07 -8.05 -4.52
CA LEU A 656 28.23 -8.85 -4.90
C LEU A 656 27.76 -10.11 -5.63
N GLU A 657 28.15 -10.24 -6.89
CA GLU A 657 27.94 -11.46 -7.65
C GLU A 657 29.29 -12.07 -7.98
N LEU A 658 29.41 -13.39 -7.79
CA LEU A 658 30.70 -14.05 -7.94
C LEU A 658 30.51 -15.48 -8.41
N HIS A 659 31.57 -16.03 -8.99
CA HIS A 659 31.60 -17.45 -9.34
C HIS A 659 31.77 -18.27 -8.08
N THR A 660 30.80 -19.14 -7.81
CA THR A 660 30.76 -19.89 -6.56
C THR A 660 31.90 -20.90 -6.51
N SER A 661 32.59 -20.93 -5.38
CA SER A 661 33.61 -21.93 -5.09
C SER A 661 33.23 -22.63 -3.78
N GLN A 662 34.01 -23.66 -3.43
CA GLN A 662 33.74 -24.38 -2.20
C GLN A 662 33.89 -23.48 -0.98
N SER A 663 34.94 -22.67 -0.95
CA SER A 663 35.13 -21.75 0.17
C SER A 663 34.02 -20.71 0.21
N ASP A 664 33.60 -20.21 -0.96
CA ASP A 664 32.46 -19.30 -1.04
C ASP A 664 31.14 -20.00 -0.77
N LEU A 665 31.13 -21.33 -0.65
CA LEU A 665 29.92 -22.04 -0.28
C LEU A 665 29.85 -22.31 1.22
N GLU A 666 30.98 -22.69 1.83
CA GLU A 666 30.94 -23.04 3.25
C GLU A 666 31.20 -21.85 4.16
N ASN A 667 32.06 -20.92 3.74
CA ASN A 667 32.42 -19.79 4.58
C ASN A 667 31.62 -18.54 4.31
N LEU A 668 30.69 -18.57 3.35
CA LEU A 668 29.88 -17.40 3.01
C LEU A 668 28.49 -17.58 3.59
N THR A 669 28.36 -17.23 4.86
CA THR A 669 27.11 -17.27 5.60
C THR A 669 26.94 -15.94 6.31
N PRO A 670 25.71 -15.55 6.65
CA PRO A 670 25.48 -14.25 7.30
C PRO A 670 26.13 -14.12 8.67
N ASP A 671 26.66 -15.19 9.24
CA ASP A 671 27.34 -15.12 10.52
C ASP A 671 28.81 -14.71 10.38
N THR A 672 29.31 -14.59 9.17
CA THR A 672 30.69 -14.18 8.93
C THR A 672 30.77 -12.70 8.58
N ALA A 673 31.98 -12.15 8.70
CA ALA A 673 32.26 -10.76 8.35
C ALA A 673 33.07 -10.75 7.06
N LEU A 674 32.54 -10.11 6.02
CA LEU A 674 33.19 -10.09 4.72
C LEU A 674 34.31 -9.06 4.70
N TYR A 675 35.39 -9.39 4.01
CA TYR A 675 36.51 -8.48 3.80
C TYR A 675 36.88 -8.56 2.32
N ILE A 676 36.46 -7.58 1.55
CA ILE A 676 36.76 -7.52 0.12
C ILE A 676 38.02 -6.70 -0.09
N GLU A 677 38.96 -7.26 -0.85
CA GLU A 677 40.26 -6.66 -1.08
C GLU A 677 40.43 -6.31 -2.56
N ASN A 678 41.52 -5.62 -2.86
CA ASN A 678 41.88 -5.26 -4.23
C ASN A 678 40.78 -4.43 -4.90
N THR A 679 40.18 -3.52 -4.14
CA THR A 679 39.09 -2.69 -4.63
C THR A 679 39.28 -1.29 -4.06
N LEU A 680 38.21 -0.49 -4.13
CA LEU A 680 38.28 0.91 -3.75
C LEU A 680 38.68 1.06 -2.28
N PRO A 681 39.40 2.15 -1.94
CA PRO A 681 39.92 2.28 -0.57
C PRO A 681 38.85 2.28 0.51
N PHE A 682 37.68 2.87 0.25
CA PHE A 682 36.64 2.89 1.27
C PHE A 682 35.98 1.53 1.46
N ILE A 683 36.26 0.57 0.59
CA ILE A 683 35.69 -0.77 0.70
C ILE A 683 36.70 -1.67 1.41
N VAL A 684 37.99 -1.47 1.13
CA VAL A 684 39.05 -2.33 1.65
C VAL A 684 39.21 -2.08 3.15
N GLY A 685 39.38 -3.16 3.90
CA GLY A 685 39.68 -3.07 5.31
C GLY A 685 38.50 -2.90 6.24
N LYS A 686 37.28 -3.01 5.73
CA LYS A 686 36.08 -2.85 6.54
C LYS A 686 35.30 -4.16 6.57
N SER A 687 34.69 -4.43 7.72
CA SER A 687 33.85 -5.61 7.87
C SER A 687 32.49 -5.36 7.24
N TRP A 688 32.10 -6.22 6.30
CA TRP A 688 30.82 -6.13 5.62
C TRP A 688 29.88 -7.18 6.19
N PHE A 689 28.71 -6.75 6.65
CA PHE A 689 27.73 -7.68 7.20
C PHE A 689 26.90 -8.25 6.06
N ILE A 690 26.90 -9.57 5.94
CA ILE A 690 26.19 -10.25 4.86
C ILE A 690 24.70 -10.23 5.18
N GLU A 691 23.93 -9.51 4.37
CA GLU A 691 22.48 -9.50 4.55
C GLU A 691 21.87 -10.80 4.04
N SER A 692 22.33 -11.29 2.89
CA SER A 692 21.78 -12.50 2.32
C SER A 692 22.74 -13.11 1.30
N VAL A 693 22.65 -14.44 1.14
CA VAL A 693 23.40 -15.17 0.13
C VAL A 693 22.43 -16.00 -0.69
N ARG A 694 22.64 -16.03 -2.00
CA ARG A 694 21.83 -16.81 -2.91
C ARG A 694 22.74 -17.60 -3.84
N HIS A 695 22.47 -18.89 -3.98
CA HIS A 695 23.27 -19.79 -4.82
C HIS A 695 22.36 -20.35 -5.91
N SER A 696 22.57 -19.89 -7.14
CA SER A 696 21.78 -20.36 -8.26
C SER A 696 22.58 -21.36 -9.11
N PHE A 697 21.85 -22.25 -9.78
CA PHE A 697 22.44 -23.29 -10.60
C PHE A 697 21.53 -23.51 -11.80
N SER A 698 21.84 -22.86 -12.92
CA SER A 698 21.07 -23.03 -14.15
C SER A 698 21.65 -24.07 -15.09
N GLU A 699 22.97 -24.24 -15.07
CA GLU A 699 23.67 -25.28 -15.80
C GLU A 699 24.88 -25.65 -14.95
N GLY A 700 25.87 -26.30 -15.55
CA GLY A 700 27.09 -26.66 -14.83
C GLY A 700 27.70 -25.53 -14.01
N ILE A 701 27.34 -24.29 -14.33
CA ILE A 701 27.84 -23.14 -13.59
C ILE A 701 27.06 -22.96 -12.30
N PHE A 702 27.77 -22.68 -11.21
CA PHE A 702 27.19 -22.21 -9.96
C PHE A 702 27.43 -20.72 -9.83
N THR A 703 26.38 -19.95 -9.58
CA THR A 703 26.48 -18.52 -9.43
C THR A 703 26.08 -18.11 -8.03
N SER A 704 26.77 -17.11 -7.48
CA SER A 704 26.49 -16.62 -6.14
C SER A 704 26.14 -15.14 -6.19
N GLN A 705 25.12 -14.76 -5.43
CA GLN A 705 24.69 -13.38 -5.27
C GLN A 705 24.74 -13.06 -3.78
N VAL A 706 25.54 -12.06 -3.41
CA VAL A 706 25.72 -11.68 -2.01
C VAL A 706 25.22 -10.26 -1.83
N SER A 707 24.26 -10.09 -0.94
CA SER A 707 23.82 -8.78 -0.50
C SER A 707 24.43 -8.51 0.86
N ALA A 708 25.28 -7.49 0.94
CA ALA A 708 26.01 -7.14 2.16
C ALA A 708 25.89 -5.65 2.40
N TYR A 709 26.29 -5.23 3.61
CA TYR A 709 26.15 -3.84 4.00
C TYR A 709 27.14 -3.53 5.13
N ILE A 710 27.29 -2.24 5.41
CA ILE A 710 28.16 -1.84 6.50
C ILE A 710 27.30 -1.19 7.57
N PRO A 711 27.32 -1.74 8.78
CA PRO A 711 26.57 -1.14 9.88
C PRO A 711 27.26 0.12 10.37
N VAL A 712 26.51 1.03 10.97
CA VAL A 712 27.18 2.19 11.53
C VAL A 712 28.03 1.78 12.74
N ALA A 713 29.18 2.39 12.90
CA ALA A 713 30.07 2.00 13.97
C ALA A 713 30.05 2.96 15.14
N PRO A 714 30.05 2.43 16.37
CA PRO A 714 30.08 3.28 17.56
C PRO A 714 31.20 4.31 17.50
N SER A 736 18.97 6.43 52.68
CA SER A 736 18.18 6.67 53.87
C SER A 736 18.32 5.51 54.85
N GLN A 737 18.05 5.78 56.13
CA GLN A 737 18.20 4.76 57.16
C GLN A 737 17.08 3.73 57.08
N GLY A 738 15.85 4.17 56.87
CA GLY A 738 14.73 3.25 56.84
C GLY A 738 13.48 3.90 56.29
N VAL A 739 12.44 3.09 56.16
CA VAL A 739 11.17 3.58 55.64
C VAL A 739 10.49 4.49 56.66
N GLY A 740 9.53 5.27 56.17
CA GLY A 740 8.85 6.24 57.01
C GLY A 740 7.84 5.66 57.98
N LYS A 741 6.75 5.09 57.45
CA LYS A 741 5.65 4.63 58.28
C LYS A 741 5.19 3.26 57.83
N LEU A 742 4.84 2.42 58.79
CA LEU A 742 4.33 1.08 58.55
C LEU A 742 3.16 0.84 59.49
N PRO A 743 2.26 -0.08 59.14
CA PRO A 743 1.16 -0.41 60.04
C PRO A 743 1.67 -1.04 61.33
N VAL A 744 0.92 -0.84 62.41
CA VAL A 744 1.34 -1.32 63.73
C VAL A 744 1.32 -2.84 63.76
N TYR A 745 2.40 -3.43 64.23
CA TYR A 745 2.52 -4.87 64.39
C TYR A 745 2.39 -5.26 65.85
N GLU A 746 2.01 -6.52 66.06
CA GLU A 746 2.00 -7.14 67.38
C GLU A 746 3.05 -8.23 67.39
N ILE A 747 3.86 -8.27 68.44
CA ILE A 747 4.97 -9.21 68.54
C ILE A 747 4.71 -10.14 69.71
N LEU A 748 4.82 -11.44 69.46
CA LEU A 748 4.50 -12.47 70.44
C LEU A 748 5.73 -13.35 70.66
N SER A 749 6.32 -13.26 71.84
CA SER A 749 7.44 -14.13 72.17
C SER A 749 6.94 -15.57 72.33
N TYR A 750 7.68 -16.50 71.73
CA TYR A 750 7.30 -17.90 71.67
C TYR A 750 8.44 -18.78 72.16
N ARG A 751 8.09 -19.82 72.92
CA ARG A 751 9.03 -20.84 73.35
C ARG A 751 8.38 -22.19 73.19
N SER A 752 9.20 -23.23 72.97
CA SER A 752 8.66 -24.56 72.70
C SER A 752 7.81 -25.06 73.85
N GLY A 753 8.26 -24.86 75.09
CA GLY A 753 7.52 -25.33 76.23
C GLY A 753 6.51 -24.34 76.77
N ARG A 754 6.92 -23.09 76.92
CA ARG A 754 6.05 -22.07 77.49
C ARG A 754 5.02 -21.60 76.46
N THR A 755 3.94 -21.02 76.97
CA THR A 755 2.92 -20.45 76.10
C THR A 755 3.40 -19.15 75.49
N VAL A 756 2.86 -18.84 74.31
CA VAL A 756 3.25 -17.64 73.56
C VAL A 756 2.60 -16.42 74.20
N LYS A 757 3.39 -15.39 74.45
CA LYS A 757 2.87 -14.21 75.14
C LYS A 757 3.23 -12.95 74.37
N LYS A 758 2.26 -12.02 74.31
CA LYS A 758 2.48 -10.74 73.64
C LYS A 758 3.49 -9.92 74.43
N ILE A 759 4.40 -9.27 73.72
CA ILE A 759 5.45 -8.48 74.35
C ILE A 759 5.47 -7.09 73.74
N THR A 760 6.07 -6.15 74.49
CA THR A 760 6.25 -4.78 74.03
C THR A 760 7.71 -4.40 73.87
N SER A 761 8.64 -5.18 74.41
CA SER A 761 10.07 -4.88 74.31
C SER A 761 10.84 -6.17 74.56
N LEU A 762 12.13 -6.12 74.24
CA LEU A 762 13.00 -7.26 74.51
C LEU A 762 13.13 -7.55 76.00
N GLN A 763 12.84 -6.57 76.86
CA GLN A 763 12.98 -6.79 78.30
C GLN A 763 12.04 -7.87 78.79
N GLN A 764 10.80 -7.88 78.30
CA GLN A 764 9.83 -8.91 78.63
C GLN A 764 9.85 -9.96 77.53
N SER A 765 10.42 -11.12 77.82
CA SER A 765 10.52 -12.23 76.88
C SER A 765 11.13 -13.41 77.63
N TYR A 766 11.15 -14.55 76.95
CA TYR A 766 11.91 -15.71 77.42
C TYR A 766 12.82 -16.19 76.31
N GLU A 767 14.01 -16.63 76.69
CA GLU A 767 14.98 -17.14 75.72
C GLU A 767 14.43 -18.36 75.00
N HIS A 768 14.89 -18.57 73.77
CA HIS A 768 14.45 -19.72 72.99
C HIS A 768 15.36 -20.92 73.27
N TRP A 769 14.95 -22.08 72.77
CA TRP A 769 15.60 -23.33 73.09
C TRP A 769 17.00 -23.40 72.50
N ARG A 770 17.72 -24.46 72.87
CA ARG A 770 19.04 -24.75 72.32
C ARG A 770 18.87 -25.52 71.02
N GLY A 771 19.07 -24.84 69.90
CA GLY A 771 18.68 -25.36 68.60
C GLY A 771 19.74 -26.24 67.97
N THR A 772 19.34 -27.48 67.65
CA THR A 772 20.08 -28.40 66.79
C THR A 772 21.58 -28.41 67.09
N GLY A 773 21.94 -28.81 68.31
CA GLY A 773 23.32 -28.84 68.72
C GLY A 773 23.69 -27.85 69.80
N GLY A 774 22.72 -27.14 70.37
CA GLY A 774 22.99 -26.23 71.45
C GLY A 774 23.90 -25.08 71.10
N TYR A 775 23.63 -24.40 69.98
CA TYR A 775 24.40 -23.21 69.64
C TYR A 775 24.05 -22.02 70.51
N THR A 776 23.05 -22.14 71.37
CA THR A 776 22.66 -21.06 72.28
C THR A 776 23.39 -21.18 73.60
N ALA A 777 23.67 -20.01 74.19
CA ALA A 777 24.18 -19.90 75.54
C ALA A 777 23.40 -18.78 76.22
N TYR A 778 23.27 -18.88 77.53
CA TYR A 778 22.40 -17.97 78.29
C TYR A 778 23.23 -17.15 79.26
N LYS A 779 23.10 -15.83 79.17
CA LYS A 779 23.73 -14.91 80.10
C LYS A 779 22.66 -14.13 80.84
N GLN A 780 23.10 -13.34 81.83
CA GLN A 780 22.21 -12.50 82.60
C GLN A 780 22.51 -11.04 82.33
N LEU A 781 21.47 -10.26 82.03
CA LEU A 781 21.59 -8.86 81.69
C LEU A 781 20.87 -8.02 82.76
N SER A 782 20.80 -6.71 82.51
CA SER A 782 20.33 -5.78 83.53
C SER A 782 18.81 -5.79 83.64
N GLY A 783 18.11 -5.56 82.53
CA GLY A 783 16.68 -5.34 82.58
C GLY A 783 15.82 -6.47 82.07
N PHE A 784 16.46 -7.55 81.60
CA PHE A 784 15.70 -8.67 81.06
C PHE A 784 15.10 -9.49 82.20
N SER A 785 13.81 -9.82 82.07
CA SER A 785 13.09 -10.61 83.05
C SER A 785 13.36 -12.11 82.91
N SER A 786 14.29 -12.50 82.03
CA SER A 786 14.62 -13.89 81.80
C SER A 786 16.03 -13.94 81.24
N PRO A 787 16.71 -15.10 81.32
CA PRO A 787 18.06 -15.19 80.77
C PRO A 787 18.08 -14.87 79.27
N VAL A 788 19.15 -14.22 78.84
CA VAL A 788 19.30 -13.77 77.46
C VAL A 788 20.05 -14.82 76.68
N SER A 789 19.49 -15.22 75.53
CA SER A 789 20.08 -16.24 74.69
C SER A 789 20.92 -15.60 73.59
N TYR A 790 22.11 -16.15 73.36
CA TYR A 790 23.02 -15.64 72.35
C TYR A 790 23.74 -16.81 71.69
N MET A 791 24.27 -16.59 70.50
CA MET A 791 25.02 -17.63 69.82
C MET A 791 26.31 -17.93 70.59
N LYS A 792 26.72 -19.19 70.57
CA LYS A 792 27.92 -19.60 71.31
C LYS A 792 29.15 -18.87 70.84
N GLY A 793 29.76 -18.10 71.73
CA GLY A 793 30.96 -17.38 71.37
C GLY A 793 30.71 -15.96 70.95
N ARG A 794 29.45 -15.62 70.70
CA ARG A 794 29.10 -14.25 70.34
C ARG A 794 28.07 -13.70 71.30
N PRO A 795 28.51 -13.13 72.43
CA PRO A 795 27.58 -12.54 73.40
C PRO A 795 26.75 -11.47 72.74
N ASN A 796 27.39 -10.61 71.95
CA ASN A 796 26.68 -9.56 71.25
C ASN A 796 25.51 -10.10 70.44
N GLN A 797 25.74 -11.16 69.68
CA GLN A 797 24.69 -11.68 68.82
C GLN A 797 23.60 -12.46 69.53
N LEU A 798 22.57 -11.77 70.00
CA LEU A 798 21.42 -12.43 70.59
C LEU A 798 20.63 -13.17 69.52
N VAL A 799 19.93 -14.21 69.94
CA VAL A 799 19.12 -15.05 69.07
C VAL A 799 17.77 -15.27 69.73
N TYR A 800 16.70 -15.14 68.95
CA TYR A 800 15.35 -15.24 69.50
C TYR A 800 14.41 -15.83 68.47
N ASP A 801 13.29 -16.36 68.96
CA ASP A 801 12.23 -16.91 68.14
C ASP A 801 10.91 -16.29 68.60
N PHE A 802 10.29 -15.48 67.74
CA PHE A 802 8.99 -14.91 68.05
C PHE A 802 8.16 -14.72 66.78
N ILE A 803 6.87 -14.48 67.00
CA ILE A 803 5.87 -14.44 65.93
C ILE A 803 5.43 -13.00 65.72
N LEU A 804 5.47 -12.57 64.47
CA LEU A 804 4.92 -11.28 64.08
C LEU A 804 3.43 -11.40 63.82
N GLN A 805 2.74 -10.27 63.89
CA GLN A 805 1.30 -10.26 63.66
C GLN A 805 0.89 -8.88 63.15
N GLN A 806 -0.11 -8.85 62.27
CA GLN A 806 -0.65 -7.62 61.75
C GLN A 806 -2.17 -7.75 61.71
N ASN A 807 -2.85 -7.04 62.61
CA ASN A 807 -4.30 -7.18 62.79
C ASN A 807 -4.69 -8.62 63.06
N GLY A 808 -3.89 -9.32 63.86
CA GLY A 808 -4.19 -10.69 64.20
C GLY A 808 -3.86 -11.71 63.14
N ASN A 809 -3.04 -11.35 62.14
CA ASN A 809 -2.69 -12.25 61.06
C ASN A 809 -1.22 -12.62 61.17
N GLN A 810 -0.94 -13.92 61.18
CA GLN A 810 0.43 -14.41 61.27
C GLN A 810 1.10 -14.58 59.91
N SER A 811 0.36 -14.36 58.81
CA SER A 811 0.94 -14.36 57.48
C SER A 811 1.30 -12.95 57.01
N CYS A 812 1.66 -12.07 57.94
CA CYS A 812 1.95 -10.69 57.60
C CYS A 812 3.35 -10.57 57.00
N PRO A 813 3.59 -9.53 56.20
CA PRO A 813 4.95 -9.29 55.70
C PRO A 813 5.91 -8.98 56.83
N VAL A 814 7.17 -9.34 56.64
CA VAL A 814 8.20 -9.20 57.66
C VAL A 814 9.08 -8.02 57.28
N PRO A 815 9.00 -6.89 57.97
CA PRO A 815 9.92 -5.78 57.69
C PRO A 815 11.34 -6.12 58.11
N SER A 816 12.29 -5.53 57.41
CA SER A 816 13.70 -5.79 57.70
C SER A 816 14.07 -5.18 59.05
N PRO A 817 14.76 -5.93 59.92
CA PRO A 817 15.16 -5.38 61.23
C PRO A 817 16.37 -4.46 61.16
N ALA A 818 17.12 -4.46 60.06
CA ALA A 818 18.32 -3.65 59.96
C ALA A 818 18.57 -3.30 58.51
N SER A 819 19.38 -2.25 58.30
CA SER A 819 19.75 -1.80 56.97
C SER A 819 21.12 -2.36 56.59
N GLY A 820 21.23 -2.80 55.35
CA GLY A 820 22.48 -3.38 54.88
C GLY A 820 22.33 -4.01 53.51
N ARG A 821 23.20 -4.98 53.24
CA ARG A 821 23.24 -5.68 51.97
C ARG A 821 22.84 -7.13 52.17
N VAL A 822 21.95 -7.62 51.32
CA VAL A 822 21.50 -9.01 51.39
C VAL A 822 22.56 -9.88 50.72
N VAL A 823 23.08 -10.86 51.47
CA VAL A 823 24.16 -11.70 50.98
C VAL A 823 23.70 -13.11 50.63
N ALA A 824 22.62 -13.60 51.23
CA ALA A 824 22.17 -14.96 50.97
C ALA A 824 20.69 -15.08 51.29
N THR A 825 19.93 -15.75 50.41
CA THR A 825 18.48 -15.92 50.63
C THR A 825 18.07 -17.38 50.52
N GLY A 826 16.92 -17.71 51.11
CA GLY A 826 16.42 -19.07 51.00
C GLY A 826 17.27 -20.14 51.65
N GLY A 827 17.21 -21.35 51.12
CA GLY A 827 17.97 -22.44 51.71
C GLY A 827 17.04 -23.43 52.37
N SER A 828 17.52 -24.13 53.39
CA SER A 828 16.71 -25.13 54.07
C SER A 828 15.47 -24.51 54.71
N ASN A 829 15.64 -23.42 55.44
CA ASN A 829 14.51 -22.78 56.12
C ASN A 829 14.44 -21.29 55.91
N GLY A 830 14.29 -20.84 54.67
CA GLY A 830 14.16 -19.42 54.37
C GLY A 830 15.12 -18.50 55.08
N MET A 831 16.41 -18.68 54.83
CA MET A 831 17.41 -17.88 55.50
C MET A 831 17.73 -16.57 54.81
N VAL A 832 17.24 -15.45 55.34
CA VAL A 832 17.65 -14.18 54.77
C VAL A 832 18.81 -13.65 55.60
N LYS A 833 19.94 -13.37 54.94
CA LYS A 833 21.14 -12.91 55.62
C LYS A 833 21.48 -11.50 55.14
N ILE A 834 21.74 -10.60 56.08
CA ILE A 834 22.01 -9.19 55.79
C ILE A 834 23.35 -8.82 56.39
N ASP A 835 24.22 -8.24 55.56
CA ASP A 835 25.52 -7.73 55.99
C ASP A 835 25.37 -6.25 56.27
N THR A 836 25.40 -5.86 57.55
CA THR A 836 25.21 -4.49 57.96
C THR A 836 26.50 -3.70 58.05
N GLY A 837 27.64 -4.30 57.72
CA GLY A 837 28.91 -3.63 57.75
C GLY A 837 29.69 -3.79 59.04
N GLY A 838 29.04 -4.17 60.13
CA GLY A 838 29.74 -4.43 61.38
C GLY A 838 29.29 -5.73 62.01
N GLY A 839 28.33 -6.38 61.36
CA GLY A 839 27.80 -7.63 61.85
C GLY A 839 26.80 -8.18 60.86
N GLU A 840 26.34 -9.40 61.13
CA GLU A 840 25.39 -10.09 60.28
C GLU A 840 24.05 -10.24 61.00
N VAL A 841 22.97 -10.01 60.26
CA VAL A 841 21.62 -10.21 60.77
C VAL A 841 21.01 -11.36 60.00
N ARG A 842 20.59 -12.40 60.72
CA ARG A 842 20.08 -13.62 60.09
C ARG A 842 18.63 -13.83 60.47
N LEU A 843 17.81 -14.20 59.49
CA LEU A 843 16.40 -14.50 59.73
C LEU A 843 16.07 -15.86 59.15
N LEU A 844 15.31 -16.65 59.90
CA LEU A 844 14.92 -18.00 59.54
C LEU A 844 13.41 -18.14 59.62
N HIS A 845 12.90 -19.05 58.79
CA HIS A 845 11.47 -19.34 58.65
C HIS A 845 10.72 -18.15 58.05
N MET A 846 11.23 -17.65 56.93
CA MET A 846 10.53 -16.70 56.08
C MET A 846 10.23 -17.34 54.74
N SER A 847 8.99 -17.19 54.28
CA SER A 847 8.56 -17.76 53.00
C SER A 847 8.18 -16.64 52.04
N ASN A 848 8.24 -16.96 50.74
CA ASN A 848 7.97 -16.01 49.68
C ASN A 848 8.90 -14.79 49.79
N ILE A 849 10.20 -15.07 49.70
CA ILE A 849 11.20 -14.02 49.84
C ILE A 849 11.09 -13.05 48.68
N ARG A 850 11.04 -11.76 48.99
CA ARG A 850 10.95 -10.72 47.97
C ARG A 850 12.29 -10.07 47.65
N VAL A 851 13.33 -10.35 48.43
CA VAL A 851 14.65 -9.75 48.24
C VAL A 851 15.59 -10.79 47.65
N LYS A 852 16.46 -10.34 46.74
CA LYS A 852 17.44 -11.17 46.07
C LYS A 852 18.83 -10.92 46.66
N PRO A 853 19.74 -11.90 46.55
CA PRO A 853 21.11 -11.67 47.02
C PRO A 853 21.77 -10.51 46.28
N GLY A 854 22.56 -9.73 47.01
CA GLY A 854 23.20 -8.56 46.46
C GLY A 854 22.35 -7.31 46.48
N GLN A 855 21.10 -7.40 46.91
CA GLN A 855 20.22 -6.24 46.96
C GLN A 855 20.50 -5.42 48.22
N ASN A 856 20.26 -4.12 48.12
CA ASN A 856 20.41 -3.20 49.24
C ASN A 856 19.04 -2.96 49.86
N VAL A 857 18.94 -3.22 51.16
CA VAL A 857 17.69 -3.03 51.89
C VAL A 857 17.92 -2.07 53.03
N ILE A 858 16.85 -1.41 53.47
CA ILE A 858 16.93 -0.47 54.58
C ILE A 858 16.05 -0.96 55.72
N ARG A 859 16.04 -0.22 56.82
CA ARG A 859 15.29 -0.63 58.00
C ARG A 859 13.79 -0.54 57.73
N GLY A 860 13.11 -1.68 57.82
CA GLY A 860 11.69 -1.74 57.54
C GLY A 860 11.33 -2.29 56.17
N THR A 861 12.31 -2.63 55.35
CA THR A 861 12.02 -3.21 54.04
C THR A 861 11.38 -4.59 54.20
N ILE A 862 10.38 -4.86 53.38
CA ILE A 862 9.66 -6.13 53.44
C ILE A 862 10.57 -7.21 52.85
N LEU A 863 11.09 -8.08 53.71
CA LEU A 863 11.98 -9.14 53.26
C LEU A 863 11.23 -10.35 52.73
N GLY A 864 10.00 -10.55 53.18
CA GLY A 864 9.23 -11.71 52.75
C GLY A 864 7.99 -11.85 53.61
N THR A 865 7.45 -13.08 53.62
CA THR A 865 6.26 -13.39 54.38
C THR A 865 6.57 -14.44 55.44
N GLN A 866 5.91 -14.33 56.59
CA GLN A 866 6.12 -15.29 57.66
C GLN A 866 5.67 -16.69 57.25
N ALA A 867 4.52 -16.79 56.59
CA ALA A 867 3.99 -18.07 56.11
C ALA A 867 3.38 -17.87 54.73
N SER A 868 3.68 -18.77 53.81
CA SER A 868 3.18 -18.65 52.45
C SER A 868 1.69 -18.93 52.40
N VAL A 869 1.04 -18.39 51.36
CA VAL A 869 -0.40 -18.55 51.19
C VAL A 869 -0.74 -19.98 50.77
N GLY A 870 0.13 -20.65 50.03
CA GLY A 870 -0.17 -21.95 49.48
C GLY A 870 0.01 -23.11 50.44
N GLY A 871 -0.23 -22.86 51.72
CA GLY A 871 -0.24 -23.91 52.72
C GLY A 871 1.03 -24.73 52.84
N THR A 872 2.19 -24.07 52.80
CA THR A 872 3.48 -24.74 52.99
C THR A 872 3.71 -24.90 54.50
N SER A 873 3.00 -25.88 55.06
CA SER A 873 2.91 -26.13 56.51
C SER A 873 2.14 -25.05 57.25
N THR A 874 1.80 -23.96 56.55
CA THR A 874 0.83 -22.93 56.91
C THR A 874 0.95 -22.47 58.37
N GLY A 875 2.12 -22.59 58.98
CA GLY A 875 2.31 -22.09 60.33
C GLY A 875 3.71 -22.26 60.87
N THR A 876 4.26 -21.18 61.43
CA THR A 876 5.60 -21.19 62.01
C THR A 876 5.85 -19.86 62.69
N HIS A 877 6.98 -19.77 63.38
CA HIS A 877 7.43 -18.54 64.01
C HIS A 877 8.53 -17.91 63.16
N LEU A 878 9.14 -16.85 63.67
CA LEU A 878 10.25 -16.17 63.00
C LEU A 878 11.49 -16.27 63.88
N HIS A 879 12.59 -16.70 63.30
CA HIS A 879 13.86 -16.85 64.00
C HIS A 879 14.78 -15.69 63.60
N ILE A 880 15.40 -15.04 64.58
CA ILE A 880 16.21 -13.86 64.28
C ILE A 880 17.48 -13.87 65.13
N GLU A 881 18.62 -13.70 64.48
CA GLU A 881 19.90 -13.50 65.14
C GLU A 881 20.41 -12.10 64.78
N ALA A 882 20.67 -11.29 65.81
CA ALA A 882 21.14 -9.92 65.63
C ALA A 882 21.64 -9.42 66.98
N ASN A 883 22.30 -8.27 66.96
CA ASN A 883 22.79 -7.72 68.22
C ASN A 883 21.66 -7.07 69.00
N GLN A 884 21.96 -6.68 70.24
CA GLN A 884 20.92 -6.22 71.16
C GLN A 884 20.24 -4.96 70.66
N PHE A 885 21.01 -3.99 70.18
CA PHE A 885 20.42 -2.72 69.77
C PHE A 885 19.47 -2.89 68.60
N ILE A 886 19.87 -3.71 67.61
CA ILE A 886 19.03 -3.93 66.44
C ILE A 886 17.72 -4.58 66.84
N LEU A 887 17.78 -5.60 67.71
CA LEU A 887 16.57 -6.27 68.14
C LEU A 887 15.66 -5.35 68.94
N GLU A 888 16.23 -4.56 69.85
CA GLU A 888 15.42 -3.65 70.65
C GLU A 888 14.73 -2.62 69.77
N SER A 889 15.48 -2.01 68.85
CA SER A 889 14.89 -1.04 67.93
C SER A 889 13.86 -1.71 67.01
N TYR A 890 14.10 -2.97 66.63
CA TYR A 890 13.15 -3.69 65.80
C TYR A 890 11.83 -3.89 66.51
N VAL A 891 11.87 -4.32 67.76
CA VAL A 891 10.64 -4.49 68.53
C VAL A 891 9.94 -3.15 68.73
N GLN A 892 10.71 -2.10 69.04
CA GLN A 892 10.10 -0.79 69.25
C GLN A 892 9.43 -0.28 67.99
N SER A 893 10.07 -0.47 66.83
CA SER A 893 9.46 -0.04 65.58
C SER A 893 8.25 -0.88 65.20
N LEU A 894 8.28 -2.18 65.49
CA LEU A 894 7.13 -3.02 65.22
C LEU A 894 5.93 -2.59 66.05
N VAL A 895 6.16 -2.25 67.32
CA VAL A 895 5.05 -1.85 68.18
C VAL A 895 4.56 -0.44 67.82
N THR A 896 5.49 0.52 67.74
CA THR A 896 5.08 1.91 67.52
C THR A 896 4.71 2.18 66.07
N GLY A 897 5.37 1.52 65.13
CA GLY A 897 5.15 1.78 63.71
C GLY A 897 6.07 2.83 63.11
N ASN A 898 6.94 3.44 63.91
CA ASN A 898 7.90 4.42 63.40
C ASN A 898 9.19 3.70 63.01
N TRP A 899 9.58 3.83 61.75
CA TRP A 899 10.76 3.15 61.26
C TRP A 899 11.83 4.14 60.80
N MET B 1 -9.94 -24.30 -37.94
CA MET B 1 -9.64 -23.17 -38.81
C MET B 1 -10.61 -22.03 -38.53
N GLN B 2 -10.06 -20.83 -38.34
CA GLN B 2 -10.82 -19.70 -37.83
C GLN B 2 -11.21 -18.80 -38.99
N ASP B 3 -12.48 -18.44 -39.04
CA ASP B 3 -13.02 -17.47 -40.01
C ASP B 3 -13.72 -16.38 -39.20
N PRO B 4 -12.96 -15.46 -38.62
CA PRO B 4 -13.54 -14.53 -37.65
C PRO B 4 -14.29 -13.38 -38.31
N ILE B 5 -15.38 -12.98 -37.65
CA ILE B 5 -16.05 -11.72 -37.97
C ILE B 5 -16.16 -10.90 -36.69
N ILE B 6 -15.69 -9.66 -36.73
CA ILE B 6 -15.74 -8.77 -35.58
C ILE B 6 -16.38 -7.46 -36.01
N LYS B 7 -17.45 -7.07 -35.32
CA LYS B 7 -18.14 -5.81 -35.60
C LYS B 7 -18.33 -5.06 -34.29
N ILE B 8 -17.88 -3.81 -34.25
CA ILE B 8 -17.96 -2.97 -33.07
C ILE B 8 -18.79 -1.74 -33.38
N LEU B 9 -19.83 -1.52 -32.60
CA LEU B 9 -20.73 -0.36 -32.73
C LEU B 9 -20.42 0.55 -31.55
N ILE B 10 -19.92 1.76 -31.84
CA ILE B 10 -19.63 2.74 -30.80
C ILE B 10 -20.19 4.08 -31.26
N GLY B 11 -20.77 4.82 -30.32
CA GLY B 11 -21.36 6.10 -30.67
C GLY B 11 -22.29 5.75 -31.80
N ASN B 12 -22.14 6.44 -32.93
CA ASN B 12 -22.92 6.17 -34.13
C ASN B 12 -22.17 5.60 -35.34
N ASP B 13 -21.05 4.92 -35.13
CA ASP B 13 -20.30 4.33 -36.23
C ASP B 13 -19.85 2.93 -35.86
N THR B 14 -19.56 2.15 -36.91
CA THR B 14 -19.20 0.75 -36.79
C THR B 14 -17.82 0.50 -37.38
N PHE B 15 -17.04 -0.32 -36.70
CA PHE B 15 -15.75 -0.80 -37.17
C PHE B 15 -15.88 -2.29 -37.46
N LEU B 16 -15.58 -2.68 -38.68
CA LEU B 16 -15.66 -4.07 -39.11
C LEU B 16 -14.27 -4.67 -39.21
N LEU B 17 -14.22 -6.00 -39.25
CA LEU B 17 -12.95 -6.69 -39.45
C LEU B 17 -12.46 -6.46 -40.87
N GLY B 18 -11.19 -6.08 -40.99
CA GLY B 18 -10.61 -5.78 -42.28
C GLY B 18 -10.72 -4.34 -42.71
N GLN B 19 -11.44 -3.50 -41.95
CA GLN B 19 -11.59 -2.09 -42.32
C GLN B 19 -10.56 -1.22 -41.59
N GLU B 20 -10.64 -1.14 -40.27
CA GLU B 20 -9.70 -0.36 -39.48
C GLU B 20 -9.27 -1.08 -38.21
N ILE B 21 -9.99 -2.13 -37.83
CA ILE B 21 -9.71 -2.82 -36.57
C ILE B 21 -8.32 -3.43 -36.64
N ILE B 22 -7.49 -3.11 -35.65
CA ILE B 22 -6.12 -3.62 -35.59
C ILE B 22 -6.06 -4.77 -34.59
N ASP B 23 -6.53 -4.54 -33.37
CA ASP B 23 -6.52 -5.55 -32.32
C ASP B 23 -7.75 -5.39 -31.43
N LEU B 24 -8.05 -6.44 -30.69
CA LEU B 24 -9.22 -6.45 -29.82
C LEU B 24 -8.95 -7.36 -28.64
N ASP B 25 -9.40 -6.93 -27.46
CA ASP B 25 -9.26 -7.70 -26.23
C ASP B 25 -10.65 -8.02 -25.67
N PHE B 26 -10.67 -8.75 -24.56
CA PHE B 26 -11.90 -9.25 -23.99
C PHE B 26 -11.74 -9.38 -22.48
N GLN B 27 -12.87 -9.56 -21.81
CA GLN B 27 -12.88 -10.05 -20.44
C GLN B 27 -14.31 -10.41 -20.07
N ILE B 28 -14.50 -11.61 -19.54
CA ILE B 28 -15.79 -12.02 -19.00
C ILE B 28 -15.55 -12.55 -17.59
N GLY B 29 -15.67 -11.67 -16.60
CA GLY B 29 -15.34 -12.03 -15.24
C GLY B 29 -16.56 -12.45 -14.43
N GLU B 30 -16.30 -13.03 -13.27
CA GLU B 30 -17.39 -13.43 -12.39
C GLU B 30 -17.56 -12.42 -11.26
N GLY B 31 -17.00 -12.73 -10.10
CA GLY B 31 -17.14 -11.84 -8.96
C GLY B 31 -16.00 -10.84 -8.84
N LYS B 32 -14.80 -11.33 -8.54
CA LYS B 32 -13.65 -10.45 -8.39
C LYS B 32 -13.34 -9.69 -9.67
N LYS B 33 -13.42 -10.39 -10.80
CA LYS B 33 -13.15 -9.75 -12.07
C LYS B 33 -14.41 -9.21 -12.71
N GLN B 34 -14.29 -8.16 -13.52
CA GLN B 34 -15.44 -7.62 -14.21
C GLN B 34 -15.34 -7.98 -15.70
N ASN B 35 -16.21 -7.38 -16.52
CA ASN B 35 -16.15 -7.51 -17.97
C ASN B 35 -15.63 -6.21 -18.55
N ASN B 36 -14.62 -6.31 -19.42
CA ASN B 36 -14.04 -5.13 -20.05
C ASN B 36 -13.63 -5.45 -21.48
N ILE B 37 -13.39 -4.39 -22.24
CA ILE B 37 -12.98 -4.49 -23.64
C ILE B 37 -11.92 -3.43 -23.90
N ASN B 38 -10.90 -3.79 -24.67
CA ASN B 38 -9.88 -2.84 -25.13
C ASN B 38 -9.61 -3.18 -26.59
N PHE B 39 -9.97 -2.27 -27.50
CA PHE B 39 -9.77 -2.52 -28.92
C PHE B 39 -9.10 -1.34 -29.60
N THR B 40 -8.24 -1.65 -30.57
CA THR B 40 -7.39 -0.69 -31.25
C THR B 40 -7.78 -0.60 -32.71
N ILE B 41 -7.91 0.62 -33.23
CA ILE B 41 -8.29 0.86 -34.61
C ILE B 41 -7.27 1.80 -35.24
N PHE B 42 -7.21 1.76 -36.58
CA PHE B 42 -6.38 2.66 -37.37
C PHE B 42 -7.16 3.94 -37.65
N ASP B 43 -6.65 5.06 -37.15
CA ASP B 43 -7.34 6.34 -37.19
C ASP B 43 -6.56 7.31 -38.06
N LYS B 44 -6.78 7.24 -39.36
CA LYS B 44 -6.07 8.12 -40.29
C LYS B 44 -6.36 9.57 -39.96
N ASP B 45 -5.30 10.32 -39.64
CA ASP B 45 -5.37 11.70 -39.16
C ASP B 45 -6.11 11.81 -37.83
N GLY B 46 -6.31 10.69 -37.12
CA GLY B 46 -6.93 10.71 -35.81
C GLY B 46 -8.37 11.17 -35.79
N PHE B 47 -9.08 11.03 -36.92
CA PHE B 47 -10.43 11.57 -37.03
C PHE B 47 -11.34 11.01 -35.94
N PHE B 48 -11.41 9.68 -35.81
CA PHE B 48 -12.21 9.09 -34.74
C PHE B 48 -11.64 9.45 -33.38
N ALA B 49 -10.32 9.58 -33.27
CA ALA B 49 -9.72 10.05 -32.03
C ALA B 49 -10.21 11.46 -31.70
N ASP B 50 -10.46 12.28 -32.71
CA ASP B 50 -11.03 13.59 -32.46
C ASP B 50 -12.50 13.48 -32.05
N LYS B 51 -13.21 12.45 -32.54
CA LYS B 51 -14.63 12.35 -32.28
C LYS B 51 -14.91 11.94 -30.84
N TYR B 52 -14.12 11.02 -30.30
CA TYR B 52 -14.42 10.42 -29.00
C TYR B 52 -13.51 10.92 -27.89
N ILE B 53 -12.72 11.96 -28.13
CA ILE B 53 -11.89 12.54 -27.07
C ILE B 53 -12.27 14.00 -26.88
N SER B 54 -12.73 14.65 -27.95
CA SER B 54 -13.11 16.04 -27.87
C SER B 54 -14.33 16.21 -26.98
N THR B 55 -14.31 17.22 -26.11
CA THR B 55 -15.42 17.55 -25.25
C THR B 55 -15.57 19.07 -25.19
N SER B 56 -16.82 19.52 -25.02
CA SER B 56 -17.11 20.93 -24.85
C SER B 56 -18.02 21.09 -23.64
N TYR B 57 -17.97 22.25 -23.01
CA TYR B 57 -18.78 22.53 -21.83
C TYR B 57 -19.62 23.78 -22.08
N ALA B 58 -20.92 23.65 -21.84
CA ALA B 58 -21.84 24.77 -21.97
C ALA B 58 -22.01 25.45 -20.62
N GLN B 59 -22.92 26.40 -20.54
CA GLN B 59 -23.13 27.18 -19.32
C GLN B 59 -24.58 27.07 -18.88
N GLY B 60 -24.79 27.30 -17.57
CA GLY B 60 -26.09 27.13 -16.96
C GLY B 60 -27.18 28.02 -17.51
N GLY B 61 -26.86 29.29 -17.74
CA GLY B 61 -27.83 30.22 -18.29
C GLY B 61 -27.41 30.85 -19.61
N ILE B 62 -26.10 30.98 -19.80
CA ILE B 62 -25.59 31.64 -21.00
C ILE B 62 -25.87 30.79 -22.24
N ASP B 63 -25.63 29.48 -22.16
CA ASP B 63 -25.75 28.60 -23.31
C ASP B 63 -27.07 27.83 -23.34
N LEU B 64 -27.56 27.41 -22.19
CA LEU B 64 -28.81 26.66 -22.12
C LEU B 64 -29.74 27.28 -21.10
N PRO B 65 -31.04 27.03 -21.18
CA PRO B 65 -31.92 27.30 -20.03
C PRO B 65 -31.54 26.42 -18.86
N ILE B 66 -31.77 26.95 -17.66
CA ILE B 66 -31.37 26.22 -16.46
C ILE B 66 -32.19 24.94 -16.32
N ASP B 67 -33.41 24.92 -16.87
CA ASP B 67 -34.28 23.74 -16.78
C ASP B 67 -33.71 22.55 -17.52
N PHE B 68 -32.75 22.80 -18.39
CA PHE B 68 -32.14 21.71 -19.14
C PHE B 68 -31.06 20.98 -18.36
N LEU B 69 -30.94 21.27 -17.08
CA LEU B 69 -29.89 20.67 -16.27
C LEU B 69 -30.58 20.01 -15.09
N GLU B 70 -31.86 20.31 -14.87
CA GLU B 70 -32.58 19.65 -13.79
C GLU B 70 -33.70 18.73 -14.25
N ASN B 71 -33.97 17.70 -13.45
CA ASN B 71 -35.00 16.73 -13.77
C ASN B 71 -36.25 16.97 -12.92
N PRO B 72 -37.44 16.77 -13.50
CA PRO B 72 -38.67 17.07 -12.75
C PRO B 72 -38.93 16.15 -11.57
N ASP B 73 -38.26 14.99 -11.51
CA ASP B 73 -38.52 14.05 -10.41
C ASP B 73 -38.13 14.64 -9.06
N ASP B 74 -37.03 15.38 -9.02
CA ASP B 74 -36.59 16.05 -7.79
C ASP B 74 -37.43 17.31 -7.61
N ALA B 75 -38.43 17.24 -6.73
CA ALA B 75 -39.31 18.37 -6.50
C ALA B 75 -38.59 19.48 -5.75
N LYS B 76 -38.97 20.72 -6.05
CA LYS B 76 -38.40 21.87 -5.38
C LYS B 76 -38.85 21.92 -3.92
N ASP B 77 -37.96 22.37 -3.05
CA ASP B 77 -38.29 22.54 -1.64
C ASP B 77 -39.32 23.65 -1.49
N THR B 78 -40.55 23.27 -1.14
CA THR B 78 -41.69 24.19 -1.10
C THR B 78 -42.15 24.36 0.34
N ASN B 79 -42.34 25.60 0.75
CA ASN B 79 -42.85 25.92 2.07
C ASN B 79 -44.28 26.45 1.95
N SER B 80 -44.97 26.45 3.08
CA SER B 80 -46.35 26.93 3.14
C SER B 80 -46.67 27.31 4.58
N ALA B 81 -47.77 28.04 4.75
CA ALA B 81 -48.20 28.43 6.08
C ALA B 81 -48.53 27.19 6.91
N SER B 82 -48.00 27.16 8.14
CA SER B 82 -48.20 25.99 8.99
C SER B 82 -49.65 25.89 9.43
N THR B 83 -50.20 24.68 9.32
CA THR B 83 -51.57 24.40 9.76
C THR B 83 -51.63 23.91 11.19
N ALA B 84 -50.50 23.84 11.88
CA ALA B 84 -50.43 23.41 13.28
C ALA B 84 -49.82 24.56 14.09
N THR B 85 -50.66 25.48 14.52
CA THR B 85 -50.26 26.61 15.36
C THR B 85 -51.05 26.56 16.66
N GLU B 86 -50.34 26.69 17.78
CA GLU B 86 -51.01 26.68 19.07
C GLU B 86 -51.93 27.88 19.22
N VAL B 87 -53.04 27.67 19.91
CA VAL B 87 -54.08 28.68 20.10
C VAL B 87 -54.20 28.96 21.59
N ASP B 88 -54.21 30.25 21.95
CA ASP B 88 -54.31 30.65 23.35
C ASP B 88 -55.79 30.91 23.67
N SER B 89 -56.44 29.92 24.26
CA SER B 89 -57.85 30.05 24.65
C SER B 89 -57.95 30.60 26.08
N VAL B 90 -57.27 31.73 26.29
CA VAL B 90 -57.27 32.40 27.58
C VAL B 90 -58.16 33.65 27.55
N GLY B 91 -58.25 34.32 26.41
CA GLY B 91 -59.03 35.53 26.32
C GLY B 91 -58.24 36.80 26.53
N ASN B 92 -56.91 36.75 26.34
CA ASN B 92 -56.04 37.90 26.53
C ASN B 92 -55.10 37.99 25.33
N GLY B 93 -55.45 38.84 24.37
CA GLY B 93 -54.61 39.05 23.21
C GLY B 93 -54.92 38.11 22.06
N THR B 94 -54.01 38.11 21.10
CA THR B 94 -54.16 37.24 19.94
C THR B 94 -54.05 35.78 20.34
N VAL B 95 -54.67 34.90 19.55
CA VAL B 95 -54.75 33.50 19.93
C VAL B 95 -53.57 32.69 19.39
N SER B 96 -53.01 33.05 18.24
CA SER B 96 -51.92 32.27 17.65
C SER B 96 -50.65 32.44 18.48
N ARG B 97 -50.05 31.33 18.88
CA ARG B 97 -48.87 31.35 19.74
C ARG B 97 -47.60 30.90 19.03
N SER B 98 -47.63 29.74 18.39
CA SER B 98 -46.43 29.15 17.81
C SER B 98 -46.21 29.67 16.39
N GLY B 99 -45.28 29.04 15.68
CA GLY B 99 -45.02 29.43 14.30
C GLY B 99 -44.38 30.80 14.22
N VAL B 100 -44.81 31.57 13.21
CA VAL B 100 -44.27 32.91 13.00
C VAL B 100 -44.82 33.92 13.99
N PHE B 101 -45.81 33.55 14.80
CA PHE B 101 -46.46 34.50 15.71
C PHE B 101 -45.62 34.63 16.98
N THR B 102 -44.50 35.32 16.83
CA THR B 102 -43.62 35.62 17.96
C THR B 102 -44.28 36.67 18.84
N PRO B 103 -43.79 36.85 20.07
CA PRO B 103 -44.38 37.87 20.95
C PRO B 103 -44.42 39.26 20.34
N LYS B 104 -43.45 39.61 19.50
CA LYS B 104 -43.48 40.91 18.83
C LYS B 104 -44.68 41.03 17.89
N ILE B 105 -44.90 40.01 17.06
CA ILE B 105 -46.02 40.03 16.14
C ILE B 105 -47.34 39.95 16.90
N ARG B 106 -47.39 39.17 17.97
CA ARG B 106 -48.59 39.11 18.80
C ARG B 106 -48.91 40.47 19.40
N ALA B 107 -47.89 41.17 19.90
CA ALA B 107 -48.10 42.49 20.48
C ALA B 107 -48.54 43.49 19.42
N PHE B 108 -47.95 43.41 18.22
CA PHE B 108 -48.36 44.33 17.16
C PHE B 108 -49.80 44.08 16.72
N LEU B 109 -50.21 42.80 16.65
CA LEU B 109 -51.59 42.50 16.31
C LEU B 109 -52.54 42.98 17.41
N ASP B 110 -52.12 42.87 18.67
CA ASP B 110 -52.92 43.43 19.76
C ASP B 110 -53.02 44.95 19.65
N THR B 111 -51.93 45.61 19.25
CA THR B 111 -51.96 47.05 19.03
C THR B 111 -52.95 47.41 17.93
N ILE B 112 -52.95 46.64 16.84
CA ILE B 112 -53.90 46.89 15.76
C ILE B 112 -55.33 46.72 16.26
N ALA B 113 -55.59 45.62 17.00
CA ALA B 113 -56.93 45.35 17.50
C ALA B 113 -57.38 46.34 18.57
N SER B 114 -56.44 47.03 19.23
CA SER B 114 -56.82 48.01 20.24
C SER B 114 -57.64 49.14 19.66
N LYS B 115 -57.54 49.39 18.35
CA LYS B 115 -58.32 50.43 17.69
C LYS B 115 -59.17 49.92 16.55
N GLU B 116 -58.88 48.75 16.00
CA GLU B 116 -59.66 48.24 14.88
C GLU B 116 -60.83 47.36 15.30
N THR B 117 -61.05 47.17 16.59
CA THR B 117 -62.12 46.29 17.05
C THR B 117 -63.31 47.09 17.57
N ALA B 118 -64.34 46.38 17.98
CA ALA B 118 -65.51 47.01 18.60
C ALA B 118 -65.14 47.51 20.00
N PRO B 119 -65.83 48.53 20.50
CA PRO B 119 -65.53 49.05 21.83
C PRO B 119 -65.68 47.98 22.91
N GLY B 120 -64.72 47.95 23.84
CA GLY B 120 -64.76 47.06 24.97
C GLY B 120 -64.17 45.68 24.73
N THR B 121 -63.87 45.32 23.48
CA THR B 121 -63.31 44.01 23.15
C THR B 121 -62.06 44.23 22.29
N ALA B 122 -60.91 44.43 22.95
CA ALA B 122 -59.64 44.54 22.26
C ALA B 122 -58.72 43.36 22.50
N LEU B 123 -58.70 42.81 23.71
CA LEU B 123 -57.98 41.59 24.02
C LEU B 123 -58.92 40.40 24.20
N ASN B 124 -60.22 40.63 24.23
CA ASN B 124 -61.20 39.55 24.37
C ASN B 124 -61.28 38.72 23.10
N ILE B 125 -61.74 37.47 23.26
CA ILE B 125 -61.92 36.60 22.11
C ILE B 125 -63.06 37.09 21.22
N GLU B 126 -64.14 37.60 21.83
CA GLU B 126 -65.27 38.11 21.07
C GLU B 126 -64.90 39.26 20.13
N GLY B 127 -63.80 39.95 20.39
CA GLY B 127 -63.33 40.97 19.48
C GLY B 127 -62.99 40.45 18.10
N TYR B 128 -62.78 39.13 17.97
CA TYR B 128 -62.56 38.53 16.66
C TYR B 128 -63.82 38.56 15.80
N ARG B 129 -64.98 38.88 16.36
CA ARG B 129 -66.22 38.98 15.60
C ARG B 129 -66.70 40.43 15.49
N SER B 130 -65.80 41.39 15.59
CA SER B 130 -66.18 42.79 15.51
C SER B 130 -66.64 43.14 14.10
N VAL B 131 -67.54 44.13 14.02
CA VAL B 131 -68.06 44.63 12.76
C VAL B 131 -67.84 46.14 12.72
N SER B 132 -67.31 46.64 11.61
CA SER B 132 -67.02 48.06 11.50
C SER B 132 -68.30 48.89 11.61
N GLY B 133 -68.26 49.90 12.47
CA GLY B 133 -69.39 50.79 12.63
C GLY B 133 -70.56 50.23 13.41
N SER B 134 -70.42 49.04 13.99
CA SER B 134 -71.50 48.41 14.73
C SER B 134 -70.94 47.69 15.95
N SER B 135 -71.67 47.77 17.07
CA SER B 135 -71.30 47.06 18.28
C SER B 135 -71.82 45.64 18.31
N THR B 136 -72.53 45.20 17.26
CA THR B 136 -73.08 43.86 17.20
C THR B 136 -72.12 42.94 16.45
N LEU B 137 -71.83 41.79 17.04
CA LEU B 137 -70.93 40.82 16.43
C LEU B 137 -71.70 39.91 15.48
N PHE B 138 -71.01 39.41 14.46
CA PHE B 138 -71.64 38.54 13.49
C PHE B 138 -71.75 37.12 14.04
N ASP B 139 -72.38 36.24 13.27
CA ASP B 139 -72.73 34.91 13.74
C ASP B 139 -71.47 34.08 14.04
N GLU B 140 -71.54 33.32 15.14
CA GLU B 140 -70.41 32.47 15.52
C GLU B 140 -70.21 31.33 14.51
N SER B 141 -71.30 30.80 13.97
CA SER B 141 -71.18 29.72 12.99
C SER B 141 -70.66 30.23 11.65
N GLU B 142 -70.87 31.51 11.35
CA GLU B 142 -70.45 32.06 10.06
C GLU B 142 -68.94 32.05 9.93
N MET B 143 -68.22 32.26 11.03
CA MET B 143 -66.76 32.36 10.95
C MET B 143 -66.12 31.01 10.66
N VAL B 144 -66.86 29.91 10.77
CA VAL B 144 -66.35 28.58 10.46
C VAL B 144 -67.06 27.95 9.27
N ALA B 145 -68.20 28.52 8.85
CA ALA B 145 -68.94 27.95 7.72
C ALA B 145 -68.07 27.86 6.47
N GLY B 146 -67.18 28.84 6.26
CA GLY B 146 -66.28 28.79 5.13
C GLY B 146 -66.23 30.06 4.31
N GLY B 147 -65.12 30.29 3.64
CA GLY B 147 -64.99 31.49 2.81
C GLY B 147 -64.96 32.73 3.68
N PHE B 148 -65.77 33.72 3.29
CA PHE B 148 -65.85 34.98 3.99
C PHE B 148 -67.29 35.24 4.45
N PRO B 149 -67.49 35.87 5.61
CA PRO B 149 -68.84 36.13 6.09
C PRO B 149 -69.65 36.98 5.11
N ARG B 150 -70.78 36.42 4.65
CA ARG B 150 -71.67 37.12 3.75
C ARG B 150 -72.66 38.02 4.50
N SER B 151 -72.81 37.83 5.81
CA SER B 151 -73.86 38.52 6.56
C SER B 151 -73.73 40.03 6.46
N GLN B 152 -72.53 40.55 6.25
CA GLN B 152 -72.28 41.99 6.07
C GLN B 152 -71.41 42.13 4.83
N GLY B 153 -72.05 42.39 3.69
CA GLY B 153 -71.33 42.40 2.43
C GLY B 153 -70.31 43.53 2.34
N SER B 154 -70.71 44.74 2.72
CA SER B 154 -69.83 45.89 2.53
C SER B 154 -69.01 46.20 3.77
N LYS B 155 -69.50 45.88 4.95
CA LYS B 155 -68.82 46.24 6.18
C LYS B 155 -67.55 45.41 6.37
N ASN B 156 -66.62 45.96 7.14
CA ASN B 156 -65.39 45.26 7.48
C ASN B 156 -65.64 44.29 8.62
N ILE B 157 -65.18 43.04 8.45
CA ILE B 157 -65.45 41.94 9.37
C ILE B 157 -64.14 41.49 10.01
N GLY B 158 -64.17 41.26 11.31
CA GLY B 158 -63.09 40.60 12.00
C GLY B 158 -62.43 41.49 13.05
N ARG B 159 -61.50 40.87 13.78
CA ARG B 159 -60.71 41.61 14.75
C ARG B 159 -59.88 42.69 14.07
N TYR B 160 -59.25 42.35 12.95
CA TYR B 160 -58.59 43.31 12.09
C TYR B 160 -59.51 43.55 10.89
N GLN B 161 -59.91 44.80 10.70
CA GLN B 161 -61.00 45.14 9.78
C GLN B 161 -60.61 44.77 8.35
N PHE B 162 -61.20 43.70 7.83
CA PHE B 162 -60.89 43.20 6.51
C PHE B 162 -62.17 42.90 5.75
N THR B 163 -62.09 43.02 4.43
CA THR B 163 -63.18 42.65 3.53
C THR B 163 -62.77 41.41 2.72
N VAL B 164 -63.64 41.01 1.80
CA VAL B 164 -63.36 39.84 0.98
C VAL B 164 -62.19 40.09 0.03
N ILE B 165 -61.91 41.35 -0.29
CA ILE B 165 -60.78 41.66 -1.18
C ILE B 165 -59.47 41.28 -0.49
N ASP B 166 -59.31 41.67 0.77
CA ASP B 166 -58.12 41.31 1.53
C ASP B 166 -58.04 39.79 1.72
N TYR B 167 -59.19 39.14 1.91
CA TYR B 167 -59.21 37.69 2.06
C TYR B 167 -58.71 37.00 0.79
N ASN B 168 -59.17 37.47 -0.38
CA ASN B 168 -58.70 36.89 -1.64
C ASN B 168 -57.22 37.18 -1.84
N HIS B 169 -56.77 38.39 -1.52
CA HIS B 169 -55.37 38.73 -1.67
C HIS B 169 -54.49 37.85 -0.79
N ALA B 170 -54.95 37.57 0.44
CA ALA B 170 -54.22 36.65 1.31
C ALA B 170 -54.21 35.24 0.74
N ARG B 171 -55.36 34.77 0.25
CA ARG B 171 -55.42 33.44 -0.33
C ARG B 171 -54.54 33.31 -1.57
N SER B 172 -54.21 34.42 -2.23
CA SER B 172 -53.26 34.37 -3.33
C SER B 172 -51.88 33.90 -2.89
N LYS B 173 -51.53 34.09 -1.62
CA LYS B 173 -50.26 33.65 -1.08
C LYS B 173 -50.38 32.49 -0.11
N TYR B 174 -51.46 32.43 0.69
CA TYR B 174 -51.70 31.34 1.64
C TYR B 174 -53.00 30.67 1.26
N PRO B 175 -52.97 29.68 0.36
CA PRO B 175 -54.20 29.00 -0.04
C PRO B 175 -54.86 28.21 1.07
N ASN B 176 -54.15 27.88 2.14
CA ASN B 176 -54.73 27.10 3.23
C ASN B 176 -55.81 27.86 3.98
N ILE B 177 -55.94 29.17 3.78
CA ILE B 177 -57.01 29.94 4.41
C ILE B 177 -58.32 29.57 3.71
N ASN B 178 -59.20 28.88 4.43
CA ASN B 178 -60.48 28.45 3.87
C ASN B 178 -61.69 29.06 4.57
N ASN B 179 -61.55 29.47 5.82
CA ASN B 179 -62.64 30.14 6.53
C ASN B 179 -62.12 31.42 7.18
N TYR B 180 -62.95 32.07 7.99
CA TYR B 180 -62.56 33.28 8.70
C TYR B 180 -62.56 32.96 10.19
N SER B 181 -61.45 32.39 10.65
CA SER B 181 -61.29 31.96 12.03
C SER B 181 -60.21 32.79 12.70
N PRO B 182 -60.19 32.85 14.04
CA PRO B 182 -59.16 33.63 14.73
C PRO B 182 -57.75 33.27 14.31
N GLN B 183 -57.46 31.98 14.11
CA GLN B 183 -56.17 31.60 13.55
C GLN B 183 -56.02 32.12 12.12
N ASN B 184 -57.07 31.98 11.32
CA ASN B 184 -57.02 32.46 9.94
C ASN B 184 -56.99 33.99 9.88
N GLN B 185 -57.72 34.65 10.79
CA GLN B 185 -57.65 36.11 10.84
C GLN B 185 -56.25 36.57 11.23
N ASP B 186 -55.61 35.88 12.19
CA ASP B 186 -54.24 36.21 12.54
C ASP B 186 -53.29 36.00 11.37
N LEU B 187 -53.47 34.90 10.64
CA LEU B 187 -52.62 34.65 9.48
C LEU B 187 -52.83 35.71 8.40
N LEU B 188 -54.08 36.13 8.19
CA LEU B 188 -54.36 37.18 7.22
C LEU B 188 -53.72 38.51 7.64
N ALA B 189 -53.79 38.82 8.94
CA ALA B 189 -53.12 40.03 9.43
C ALA B 189 -51.61 39.95 9.25
N TYR B 190 -51.04 38.77 9.48
CA TYR B 190 -49.60 38.58 9.27
C TYR B 190 -49.25 38.76 7.80
N PHE B 191 -50.08 38.24 6.90
CA PHE B 191 -49.86 38.44 5.47
C PHE B 191 -49.93 39.91 5.10
N LYS B 192 -50.90 40.64 5.67
CA LYS B 192 -51.01 42.06 5.39
C LYS B 192 -49.79 42.81 5.91
N LEU B 193 -49.22 42.38 7.02
CA LEU B 193 -47.99 43.00 7.51
C LEU B 193 -46.93 42.80 6.45
N GLN B 194 -46.95 41.63 5.83
CA GLN B 194 -45.97 41.35 4.78
C GLN B 194 -46.20 42.20 3.55
N HIS B 195 -47.42 42.22 3.02
CA HIS B 195 -47.60 42.97 1.80
C HIS B 195 -47.33 44.45 2.02
N ARG B 196 -47.47 44.94 3.25
CA ARG B 196 -47.31 46.37 3.46
C ARG B 196 -45.91 46.74 3.97
N ASN B 197 -44.97 45.80 3.93
CA ASN B 197 -43.59 46.03 4.36
C ASN B 197 -43.53 46.51 5.80
N VAL B 198 -44.35 45.93 6.66
CA VAL B 198 -44.32 46.24 8.08
C VAL B 198 -43.42 45.28 8.84
N LEU B 199 -43.27 44.05 8.35
CA LEU B 199 -42.45 43.06 9.03
C LEU B 199 -40.99 43.46 9.19
N PRO B 200 -40.29 43.94 8.14
CA PRO B 200 -38.85 44.26 8.33
C PRO B 200 -38.60 45.31 9.40
N TYR B 201 -39.45 46.34 9.49
CA TYR B 201 -39.27 47.38 10.49
C TYR B 201 -39.70 46.92 11.88
N LEU B 202 -40.66 46.00 11.97
CA LEU B 202 -41.09 45.48 13.25
C LEU B 202 -40.08 44.48 13.83
N LEU B 203 -39.39 43.73 12.97
CA LEU B 203 -38.45 42.73 13.46
C LEU B 203 -37.19 43.36 14.04
N ARG B 204 -36.86 44.60 13.68
CA ARG B 204 -35.71 45.30 14.24
C ARG B 204 -36.12 46.46 15.14
N ASP B 205 -37.33 46.39 15.73
CA ASP B 205 -37.79 47.29 16.77
C ASP B 205 -37.88 48.75 16.30
N ASP B 206 -38.10 48.97 15.01
CA ASP B 206 -38.35 50.31 14.49
C ASP B 206 -39.86 50.53 14.44
N LEU B 207 -40.41 50.86 15.61
CA LEU B 207 -41.86 50.92 15.76
C LEU B 207 -42.47 52.12 15.05
N ASP B 208 -41.75 53.24 14.96
CA ASP B 208 -42.28 54.40 14.25
C ASP B 208 -42.49 54.09 12.77
N ASN B 209 -41.48 53.52 12.12
CA ASN B 209 -41.61 53.16 10.72
C ASN B 209 -42.62 52.03 10.53
N ALA B 210 -42.67 51.08 11.46
CA ALA B 210 -43.66 50.01 11.35
C ALA B 210 -45.08 50.56 11.41
N ILE B 211 -45.34 51.49 12.33
CA ILE B 211 -46.65 52.11 12.41
C ILE B 211 -46.95 52.93 11.17
N ASP B 212 -45.94 53.65 10.66
CA ASP B 212 -46.14 54.44 9.45
C ASP B 212 -46.53 53.56 8.27
N LYS B 213 -45.87 52.41 8.11
CA LYS B 213 -46.20 51.53 7.01
C LYS B 213 -47.53 50.81 7.23
N ALA B 214 -47.86 50.48 8.49
CA ALA B 214 -49.13 49.83 8.77
C ALA B 214 -50.32 50.79 8.68
N SER B 215 -50.06 52.09 8.70
CA SER B 215 -51.12 53.09 8.66
C SER B 215 -51.82 53.12 7.32
N TYR B 216 -51.25 52.44 6.34
CA TYR B 216 -51.85 52.44 5.02
C TYR B 216 -53.00 51.44 4.95
N GLU B 217 -52.82 50.30 5.60
CA GLU B 217 -53.88 49.29 5.61
C GLU B 217 -54.93 49.62 6.66
N TRP B 218 -54.50 49.97 7.85
CA TRP B 218 -55.44 50.26 8.93
C TRP B 218 -55.64 51.76 9.08
N ALA B 219 -56.86 52.25 8.91
CA ALA B 219 -57.10 53.69 8.92
C ALA B 219 -56.93 54.31 10.29
N SER B 220 -57.11 53.55 11.37
CA SER B 220 -57.00 54.10 12.71
C SER B 220 -55.57 54.41 13.12
N PHE B 221 -54.58 53.97 12.34
CA PHE B 221 -53.19 54.23 12.69
C PHE B 221 -52.71 55.53 12.07
N PRO B 222 -52.18 56.46 12.87
CA PRO B 222 -51.59 57.67 12.29
C PRO B 222 -50.28 57.35 11.58
N GLY B 223 -49.98 58.17 10.56
CA GLY B 223 -48.75 58.05 9.83
C GLY B 223 -47.67 58.99 10.35
N ILE B 224 -46.45 58.79 9.85
CA ILE B 224 -45.34 59.65 10.24
C ILE B 224 -45.49 60.99 9.51
N GLY B 225 -45.50 62.07 10.29
CA GLY B 225 -45.71 63.39 9.74
C GLY B 225 -47.16 63.76 9.48
N LYS B 226 -48.10 62.85 9.76
CA LYS B 226 -49.51 63.13 9.57
C LYS B 226 -50.33 62.39 10.62
N PRO B 227 -50.96 63.09 11.55
CA PRO B 227 -51.75 62.40 12.59
C PRO B 227 -52.95 61.64 12.05
N GLN B 228 -53.37 61.91 10.81
CA GLN B 228 -54.53 61.23 10.26
C GLN B 228 -54.17 59.97 9.47
N GLY B 229 -52.98 59.90 8.91
CA GLY B 229 -52.51 58.69 8.25
C GLY B 229 -53.25 58.31 6.99
N GLN B 230 -53.12 59.13 5.94
CA GLN B 230 -53.74 58.91 4.63
C GLN B 230 -55.23 58.60 4.74
N PHE B 231 -55.87 59.03 5.82
CA PHE B 231 -57.30 58.83 6.05
C PHE B 231 -57.78 59.94 6.97
N ASN B 232 -58.97 59.76 7.53
CA ASN B 232 -59.51 60.67 8.55
C ASN B 232 -60.17 59.90 9.69
N GLN B 233 -59.78 58.66 9.91
CA GLN B 233 -60.41 57.79 10.89
C GLN B 233 -59.62 57.68 12.19
N VAL B 234 -58.57 58.49 12.37
CA VAL B 234 -57.78 58.42 13.59
C VAL B 234 -58.58 59.04 14.73
N GLN B 235 -58.80 58.26 15.78
CA GLN B 235 -59.62 58.71 16.90
C GLN B 235 -58.86 59.73 17.75
N SER B 236 -59.60 60.41 18.61
CA SER B 236 -58.99 61.39 19.51
C SER B 236 -58.07 60.69 20.50
N GLY B 237 -56.90 61.29 20.71
CA GLY B 237 -55.91 60.74 21.62
C GLY B 237 -55.05 59.64 21.04
N THR B 238 -55.25 59.28 19.78
CA THR B 238 -54.47 58.22 19.14
C THR B 238 -53.23 58.84 18.50
N THR B 239 -52.06 58.53 19.05
CA THR B 239 -50.79 59.01 18.53
C THR B 239 -49.83 57.84 18.40
N ILE B 240 -48.71 58.11 17.71
CA ILE B 240 -47.69 57.08 17.55
C ILE B 240 -47.09 56.69 18.90
N ALA B 241 -46.93 57.67 19.79
CA ALA B 241 -46.39 57.39 21.11
C ALA B 241 -47.30 56.49 21.92
N SER B 242 -48.61 56.74 21.88
CA SER B 242 -49.55 55.91 22.61
C SER B 242 -49.57 54.48 22.08
N LEU B 243 -49.54 54.33 20.74
CA LEU B 243 -49.50 53.00 20.15
C LEU B 243 -48.20 52.28 20.51
N LYS B 244 -47.09 53.02 20.54
CA LYS B 244 -45.82 52.43 20.95
C LYS B 244 -45.87 51.96 22.40
N SER B 245 -46.49 52.76 23.29
CA SER B 245 -46.62 52.35 24.68
C SER B 245 -47.49 51.10 24.81
N TYR B 246 -48.60 51.05 24.07
CA TYR B 246 -49.45 49.87 24.12
C TYR B 246 -48.72 48.64 23.60
N TYR B 247 -47.97 48.80 22.50
CA TYR B 247 -47.20 47.68 21.96
C TYR B 247 -46.14 47.21 22.95
N GLU B 248 -45.47 48.15 23.63
CA GLU B 248 -44.48 47.78 24.63
C GLU B 248 -45.12 47.02 25.78
N THR B 249 -46.28 47.47 26.24
CA THR B 249 -46.96 46.78 27.32
C THR B 249 -47.35 45.37 26.91
N ARG B 250 -47.92 45.22 25.71
CA ARG B 250 -48.30 43.89 25.23
C ARG B 250 -47.09 42.99 25.06
N LEU B 251 -45.99 43.53 24.53
CA LEU B 251 -44.78 42.73 24.34
C LEU B 251 -44.20 42.29 25.67
N ALA B 252 -44.20 43.19 26.67
CA ALA B 252 -43.73 42.81 27.99
C ALA B 252 -44.60 41.72 28.60
N TYR B 253 -45.92 41.84 28.44
CA TYR B 253 -46.82 40.81 28.95
C TYR B 253 -46.56 39.47 28.29
N TYR B 254 -46.37 39.46 26.97
CA TYR B 254 -46.11 38.20 26.27
C TYR B 254 -44.76 37.61 26.68
N ARG B 255 -43.74 38.46 26.83
CA ARG B 255 -42.42 37.95 27.19
C ARG B 255 -42.38 37.43 28.62
N SER B 256 -43.18 38.02 29.52
CA SER B 256 -43.20 37.54 30.90
C SER B 256 -43.78 36.14 31.03
N LEU B 257 -44.59 35.70 30.06
CA LEU B 257 -45.18 34.36 30.13
C LEU B 257 -44.12 33.27 30.05
N GLU B 258 -43.17 33.41 29.13
CA GLU B 258 -42.11 32.43 28.95
C GLU B 258 -40.76 32.91 29.49
N ALA B 259 -40.77 33.77 30.51
CA ALA B 259 -39.53 34.27 31.09
C ALA B 259 -38.98 33.25 32.07
N GLY B 260 -37.74 32.82 31.85
CA GLY B 260 -37.10 31.85 32.71
C GLY B 260 -36.47 32.47 33.92
N SER B 261 -35.79 31.62 34.71
CA SER B 261 -35.12 32.05 35.91
C SER B 261 -33.68 31.54 36.03
N ASP B 262 -33.16 30.90 34.98
CA ASP B 262 -31.80 30.41 35.00
C ASP B 262 -30.85 31.45 34.41
N PHE B 263 -29.56 31.25 34.65
CA PHE B 263 -28.53 32.19 34.22
C PHE B 263 -27.48 31.46 33.39
N GLN B 264 -26.88 32.21 32.46
CA GLN B 264 -25.91 31.68 31.52
C GLN B 264 -24.52 32.20 31.88
N ALA B 265 -23.54 31.30 31.93
CA ALA B 265 -22.17 31.67 32.23
C ALA B 265 -21.33 31.94 30.99
N SER B 266 -21.87 31.70 29.80
CA SER B 266 -21.15 31.89 28.54
C SER B 266 -21.91 32.87 27.67
N ALA B 267 -21.36 33.14 26.49
CA ALA B 267 -21.97 34.04 25.51
C ALA B 267 -21.93 33.39 24.14
N PRO B 268 -22.97 33.61 23.33
CA PRO B 268 -22.99 33.00 21.99
C PRO B 268 -21.95 33.62 21.07
N LYS B 269 -21.43 32.81 20.16
CA LYS B 269 -20.52 33.27 19.13
C LYS B 269 -20.85 32.56 17.81
N ASP B 270 -20.48 33.21 16.71
CA ASP B 270 -20.91 32.73 15.39
C ASP B 270 -20.22 31.42 15.03
N THR B 271 -18.92 31.32 15.27
CA THR B 271 -18.12 30.20 14.80
C THR B 271 -17.29 29.63 15.94
N THR B 272 -17.02 28.33 15.87
CA THR B 272 -16.13 27.68 16.83
C THR B 272 -14.72 28.24 16.78
N ASN B 273 -14.18 28.50 15.59
CA ASN B 273 -12.83 29.04 15.47
C ASN B 273 -12.74 30.44 16.06
N ASN B 274 -13.77 31.26 15.84
CA ASN B 274 -13.77 32.62 16.37
C ASN B 274 -13.83 32.59 17.89
N GLN B 275 -13.13 33.53 18.52
CA GLN B 275 -13.08 33.64 19.97
C GLN B 275 -13.36 35.07 20.38
N TYR B 276 -13.92 35.24 21.57
CA TYR B 276 -14.19 36.54 22.15
C TYR B 276 -13.52 36.66 23.51
N ALA B 277 -13.22 37.90 23.89
CA ALA B 277 -12.54 38.19 25.14
C ALA B 277 -13.53 38.54 26.23
N GLY B 278 -13.02 38.70 27.45
CA GLY B 278 -13.86 39.05 28.57
C GLY B 278 -14.33 40.49 28.50
N LYS B 279 -15.42 40.76 29.23
CA LYS B 279 -16.02 42.09 29.24
C LYS B 279 -16.22 42.66 30.64
N GLU B 280 -16.19 41.83 31.68
CA GLU B 280 -16.48 42.27 33.03
C GLU B 280 -15.34 41.90 33.96
N TYR B 281 -15.11 42.74 34.97
CA TYR B 281 -14.08 42.52 35.97
C TYR B 281 -14.77 42.17 37.28
N LYS B 282 -14.87 40.86 37.56
CA LYS B 282 -15.62 40.36 38.69
C LYS B 282 -14.70 40.19 39.90
N THR B 283 -15.16 40.68 41.05
CA THR B 283 -14.42 40.48 42.29
C THR B 283 -14.43 39.00 42.65
N ILE B 284 -13.25 38.45 42.94
CA ILE B 284 -13.10 37.02 43.19
C ILE B 284 -13.18 36.75 44.69
N ARG B 285 -12.27 37.34 45.46
CA ARG B 285 -12.18 37.06 46.88
C ARG B 285 -11.68 38.30 47.61
N THR B 286 -11.92 38.33 48.92
CA THR B 286 -11.54 39.45 49.77
C THR B 286 -10.24 39.10 50.49
N LEU B 287 -9.16 39.76 50.09
CA LEU B 287 -7.86 39.52 50.74
C LEU B 287 -7.85 40.05 52.17
N SER B 288 -8.37 41.25 52.38
CA SER B 288 -8.36 41.87 53.70
C SER B 288 -9.45 42.92 53.76
N ASN B 289 -10.33 42.82 54.76
CA ASN B 289 -11.37 43.81 54.94
C ASN B 289 -10.79 45.18 55.27
N SER B 290 -9.76 45.21 56.11
CA SER B 290 -9.13 46.48 56.49
C SER B 290 -7.65 46.21 56.77
N THR B 291 -6.78 46.86 56.00
CA THR B 291 -5.35 46.76 56.20
C THR B 291 -4.71 48.10 55.89
N THR B 292 -3.54 48.34 56.49
CA THR B 292 -2.81 49.57 56.27
C THR B 292 -1.95 49.45 55.01
N ALA B 293 -1.93 50.53 54.22
CA ALA B 293 -1.18 50.57 52.98
C ALA B 293 -0.43 51.89 52.88
N SER B 294 0.71 51.85 52.20
CA SER B 294 1.54 53.01 51.97
C SER B 294 1.91 53.07 50.49
N PHE B 295 2.28 54.26 50.03
CA PHE B 295 2.66 54.48 48.64
C PHE B 295 4.15 54.73 48.53
N TYR B 296 4.77 54.17 47.50
CA TYR B 296 6.19 54.31 47.28
C TYR B 296 6.45 54.85 45.87
N GLY B 297 7.58 55.53 45.72
CA GLY B 297 7.91 56.20 44.50
C GLY B 297 7.71 57.70 44.51
N TYR B 298 7.45 58.29 45.68
CA TYR B 298 7.16 59.72 45.81
C TYR B 298 8.13 60.29 46.84
N ASN B 299 8.89 61.31 46.44
CA ASN B 299 10.08 61.80 47.15
C ASN B 299 10.88 60.72 47.88
N ASP B 300 11.12 59.61 47.19
CA ASP B 300 11.93 58.51 47.70
C ASP B 300 13.00 58.12 46.68
N GLY B 301 13.78 57.10 47.02
CA GLY B 301 14.82 56.64 46.13
C GLY B 301 14.35 55.75 45.00
N PHE B 302 13.05 55.44 44.94
CA PHE B 302 12.51 54.59 43.88
C PHE B 302 12.19 55.44 42.67
N ASP B 303 13.01 55.34 41.64
CA ASP B 303 12.88 56.12 40.42
C ASP B 303 12.66 55.17 39.24
N SER B 304 12.70 55.73 38.03
CA SER B 304 12.55 54.95 36.82
C SER B 304 13.79 54.11 36.49
N SER B 305 14.84 54.21 37.30
CA SER B 305 16.04 53.40 37.12
C SER B 305 15.95 52.05 37.82
N ASP B 306 15.14 51.94 38.87
CA ASP B 306 15.00 50.67 39.57
C ASP B 306 14.23 49.66 38.74
N LEU B 307 14.47 48.39 39.01
CA LEU B 307 13.77 47.29 38.36
C LEU B 307 12.88 46.59 39.37
N THR B 308 11.60 46.45 39.03
CA THR B 308 10.69 45.73 39.89
C THR B 308 10.99 44.24 39.85
N ALA B 309 10.41 43.51 40.81
CA ALA B 309 10.55 42.06 40.82
C ALA B 309 9.90 41.41 39.61
N ASN B 310 8.97 42.12 38.95
CA ASN B 310 8.42 41.64 37.69
C ASN B 310 9.48 41.56 36.61
N GLY B 311 10.40 42.52 36.59
CA GLY B 311 11.40 42.56 35.54
C GLY B 311 11.02 43.73 34.67
N GLU B 312 10.35 44.70 35.26
CA GLU B 312 9.90 45.87 34.51
C GLU B 312 10.42 47.13 35.16
N ARG B 313 10.70 48.16 34.36
CA ARG B 313 11.15 49.43 34.91
C ARG B 313 10.04 50.02 35.77
N PHE B 314 10.38 50.47 36.97
CA PHE B 314 9.37 51.01 37.87
C PHE B 314 8.76 52.30 37.36
N ASN B 315 7.43 52.33 37.20
CA ASN B 315 6.76 53.57 36.82
C ASN B 315 6.12 54.19 38.08
N PRO B 316 6.69 55.31 38.65
CA PRO B 316 6.00 55.82 39.83
C PRO B 316 4.59 56.31 39.54
N GLU B 317 4.32 56.82 38.34
CA GLU B 317 3.00 57.31 38.01
C GLU B 317 2.05 56.20 37.56
N GLY B 318 2.53 54.96 37.48
CA GLY B 318 1.68 53.88 37.06
C GLY B 318 0.77 53.36 38.16
N ILE B 319 -0.33 52.74 37.74
CA ILE B 319 -1.30 52.17 38.68
C ILE B 319 -0.85 50.73 38.94
N THR B 320 0.08 50.58 39.87
CA THR B 320 0.65 49.29 40.23
C THR B 320 0.85 49.23 41.74
N ALA B 321 1.16 48.03 42.24
CA ALA B 321 1.43 47.85 43.65
C ALA B 321 2.34 46.64 43.83
N ALA B 322 3.01 46.61 44.98
CA ALA B 322 3.85 45.49 45.39
C ALA B 322 3.12 44.73 46.48
N HIS B 323 2.98 43.42 46.29
CA HIS B 323 2.32 42.56 47.26
C HIS B 323 3.31 41.55 47.82
N GLU B 324 3.08 41.14 49.06
CA GLU B 324 3.99 40.22 49.73
C GLU B 324 3.98 38.83 49.11
N SER B 325 2.82 38.32 48.71
CA SER B 325 2.72 36.93 48.30
C SER B 325 1.87 36.69 47.05
N LEU B 326 1.30 37.71 46.45
CA LEU B 326 0.47 37.47 45.29
C LEU B 326 1.32 37.26 44.03
N PRO B 327 0.86 36.44 43.10
CA PRO B 327 1.57 36.31 41.82
C PRO B 327 1.51 37.60 41.02
N PHE B 328 2.54 37.81 40.21
CA PHE B 328 2.60 39.01 39.37
C PHE B 328 1.49 38.97 38.32
N GLY B 329 0.93 40.13 38.02
CA GLY B 329 -0.18 40.25 37.12
C GLY B 329 -1.54 40.14 37.77
N THR B 330 -1.60 39.78 39.05
CA THR B 330 -2.85 39.72 39.77
C THR B 330 -3.44 41.12 39.91
N LEU B 331 -4.73 41.25 39.62
CA LEU B 331 -5.41 42.53 39.67
C LEU B 331 -6.14 42.64 41.02
N VAL B 332 -5.76 43.64 41.80
CA VAL B 332 -6.28 43.84 43.14
C VAL B 332 -7.02 45.18 43.19
N LYS B 333 -8.30 45.13 43.55
CA LYS B 333 -9.07 46.33 43.80
C LYS B 333 -8.77 46.79 45.23
N VAL B 334 -8.31 48.04 45.35
CA VAL B 334 -7.99 48.67 46.61
C VAL B 334 -9.04 49.75 46.82
N THR B 335 -9.80 49.64 47.91
CA THR B 335 -10.86 50.58 48.24
C THR B 335 -10.45 51.37 49.47
N TRP B 336 -10.44 52.69 49.37
CA TRP B 336 -10.08 53.55 50.47
C TRP B 336 -11.33 53.88 51.28
N ALA B 337 -11.32 53.55 52.57
CA ALA B 337 -12.50 53.69 53.41
C ALA B 337 -12.89 55.14 53.63
N VAL B 338 -11.96 56.09 53.44
CA VAL B 338 -12.26 57.49 53.71
C VAL B 338 -13.31 58.01 52.72
N ASN B 339 -13.12 57.71 51.43
CA ASN B 339 -14.01 58.21 50.39
C ASN B 339 -14.76 57.10 49.65
N ASN B 340 -14.55 55.84 50.03
CA ASN B 340 -15.21 54.70 49.37
C ASN B 340 -14.92 54.69 47.88
N LYS B 341 -13.71 55.06 47.50
CA LYS B 341 -13.26 55.00 46.12
C LYS B 341 -12.30 53.84 45.94
N SER B 342 -12.46 53.11 44.84
CA SER B 342 -11.68 51.90 44.59
C SER B 342 -10.93 52.03 43.27
N VAL B 343 -9.71 51.53 43.26
CA VAL B 343 -8.88 51.50 42.05
C VAL B 343 -8.25 50.11 41.93
N VAL B 344 -8.18 49.61 40.70
CA VAL B 344 -7.59 48.29 40.45
C VAL B 344 -6.12 48.49 40.08
N VAL B 345 -5.24 47.83 40.84
CA VAL B 345 -3.81 47.89 40.60
C VAL B 345 -3.34 46.51 40.16
N ARG B 346 -2.21 46.50 39.44
CA ARG B 346 -1.61 45.26 38.96
C ARG B 346 -0.35 44.99 39.78
N ILE B 347 -0.30 43.81 40.40
CA ILE B 347 0.83 43.44 41.23
C ILE B 347 2.01 43.11 40.34
N ASN B 348 3.07 43.90 40.45
CA ASN B 348 4.28 43.66 39.67
C ASN B 348 5.53 43.54 40.54
N ASP B 349 5.65 44.35 41.59
CA ASP B 349 6.79 44.33 42.48
C ASP B 349 6.51 43.45 43.69
N ARG B 350 7.56 43.20 44.46
CA ARG B 350 7.47 42.37 45.66
C ARG B 350 7.58 43.16 46.94
N GLY B 351 8.10 44.38 46.89
CA GLY B 351 8.24 45.19 48.09
C GLY B 351 9.56 44.95 48.81
N ALA B 352 10.17 46.05 49.25
CA ALA B 352 11.46 46.01 49.93
C ALA B 352 11.31 46.01 51.44
N PHE B 353 10.63 47.01 52.00
CA PHE B 353 10.31 47.01 53.42
C PHE B 353 9.27 45.93 53.72
N VAL B 354 9.45 45.27 54.85
CA VAL B 354 8.53 44.22 55.29
C VAL B 354 7.58 44.74 56.37
N ARG B 355 8.13 45.40 57.39
CA ARG B 355 7.35 45.98 58.48
C ARG B 355 6.46 44.92 59.14
N LEU B 356 5.25 45.31 59.51
CA LEU B 356 4.31 44.39 60.15
C LEU B 356 2.91 44.65 59.62
N GLY B 357 2.23 43.56 59.22
CA GLY B 357 0.88 43.68 58.73
C GLY B 357 0.74 44.47 57.45
N ARG B 358 1.81 44.59 56.67
CA ARG B 358 1.81 45.36 55.42
C ARG B 358 1.71 44.37 54.27
N GLN B 359 0.49 44.17 53.76
CA GLN B 359 0.29 43.25 52.66
C GLN B 359 0.59 43.88 51.31
N ILE B 360 0.22 45.15 51.11
CA ILE B 360 0.34 45.81 49.82
C ILE B 360 1.04 47.15 50.00
N ASP B 361 1.65 47.60 48.90
CA ASP B 361 2.32 48.91 48.84
C ASP B 361 2.01 49.50 47.47
N LEU B 362 1.16 50.52 47.44
CA LEU B 362 0.74 51.11 46.19
C LEU B 362 1.85 51.99 45.61
N SER B 363 1.78 52.23 44.31
CA SER B 363 2.67 53.19 43.68
C SER B 363 2.13 54.61 43.88
N TYR B 364 2.93 55.59 43.48
CA TYR B 364 2.50 56.98 43.60
C TYR B 364 1.27 57.26 42.75
N GLY B 365 1.27 56.77 41.51
CA GLY B 365 0.11 56.97 40.65
C GLY B 365 -1.12 56.26 41.16
N ALA B 366 -0.96 55.04 41.68
CA ALA B 366 -2.08 54.31 42.25
C ALA B 366 -2.68 55.07 43.43
N ALA B 367 -1.83 55.62 44.30
CA ALA B 367 -2.33 56.39 45.42
C ALA B 367 -3.02 57.67 44.96
N LYS B 368 -2.46 58.34 43.95
CA LYS B 368 -3.11 59.54 43.41
C LYS B 368 -4.47 59.22 42.81
N ALA B 369 -4.61 58.04 42.19
CA ALA B 369 -5.89 57.64 41.62
C ALA B 369 -6.98 57.43 42.67
N LEU B 370 -6.60 57.30 43.94
CA LEU B 370 -7.56 57.13 45.03
C LEU B 370 -8.09 58.46 45.56
N SER B 371 -7.54 59.58 45.11
CA SER B 371 -7.94 60.88 45.64
C SER B 371 -9.27 61.33 45.03
N SER B 372 -10.03 62.07 45.83
CA SER B 372 -11.32 62.62 45.45
C SER B 372 -11.37 64.07 45.90
N PRO B 373 -12.27 64.88 45.30
CA PRO B 373 -12.43 66.27 45.75
C PRO B 373 -12.67 66.37 47.24
N GLY B 374 -11.75 67.01 47.96
CA GLY B 374 -11.81 67.10 49.40
C GLY B 374 -11.13 65.97 50.14
N ASN B 375 -10.53 65.01 49.45
CA ASN B 375 -9.87 63.88 50.08
C ASN B 375 -8.62 63.54 49.30
N ASP B 376 -7.46 63.90 49.84
CA ASP B 376 -6.17 63.67 49.20
C ASP B 376 -5.55 62.42 49.83
N ALA B 377 -5.34 61.39 49.02
CA ALA B 377 -4.74 60.16 49.51
C ALA B 377 -3.26 60.37 49.85
N ILE B 378 -2.56 61.20 49.06
CA ILE B 378 -1.15 61.46 49.33
C ILE B 378 -0.98 62.21 50.64
N ALA B 379 -1.98 62.98 51.05
CA ALA B 379 -1.87 63.74 52.30
C ALA B 379 -1.72 62.82 53.50
N ALA B 380 -2.48 61.72 53.53
CA ALA B 380 -2.37 60.73 54.60
C ALA B 380 -1.38 59.66 54.17
N GLY B 381 -0.29 59.54 54.93
CA GLY B 381 0.75 58.57 54.57
C GLY B 381 0.23 57.14 54.59
N LEU B 382 -0.55 56.78 55.61
CA LEU B 382 -1.09 55.44 55.75
C LEU B 382 -2.57 55.45 55.43
N LEU B 383 -2.99 54.55 54.54
CA LEU B 383 -4.38 54.43 54.13
C LEU B 383 -4.96 53.12 54.65
N THR B 384 -6.10 53.22 55.32
CA THR B 384 -6.85 52.03 55.73
C THR B 384 -7.72 51.60 54.55
N VAL B 385 -7.34 50.50 53.91
CA VAL B 385 -7.93 50.09 52.64
C VAL B 385 -8.47 48.67 52.75
N LYS B 386 -9.37 48.34 51.83
CA LYS B 386 -9.90 47.00 51.66
C LYS B 386 -9.37 46.44 50.36
N LEU B 387 -8.85 45.21 50.42
CA LEU B 387 -8.22 44.55 49.29
C LEU B 387 -9.11 43.44 48.76
N GLU B 388 -9.31 43.41 47.45
CA GLU B 388 -10.05 42.33 46.81
C GLU B 388 -9.34 41.92 45.53
N VAL B 389 -9.61 40.71 45.06
CA VAL B 389 -9.03 40.23 43.82
C VAL B 389 -10.10 40.25 42.72
N VAL B 390 -9.76 40.83 41.58
CA VAL B 390 -10.67 40.89 40.45
C VAL B 390 -10.04 40.15 39.27
N GLU B 391 -10.87 39.80 38.30
CA GLU B 391 -10.43 39.02 37.16
C GLU B 391 -11.36 39.27 35.99
N LEU B 392 -10.78 39.26 34.79
CA LEU B 392 -11.57 39.40 33.57
C LEU B 392 -12.53 38.22 33.44
N ARG B 393 -13.78 38.53 33.08
CA ARG B 393 -14.83 37.52 33.06
C ARG B 393 -15.82 37.84 31.95
N THR B 394 -16.58 36.83 31.56
CA THR B 394 -17.74 37.03 30.71
C THR B 394 -18.97 37.32 31.57
N PRO B 395 -19.69 38.41 31.33
CA PRO B 395 -20.83 38.74 32.19
C PRO B 395 -21.89 37.65 32.18
N ILE B 396 -22.49 37.41 33.33
CA ILE B 396 -23.51 36.39 33.48
C ILE B 396 -24.82 36.93 32.93
N GLY B 397 -25.40 36.22 31.96
CA GLY B 397 -26.64 36.62 31.33
C GLY B 397 -27.74 35.59 31.55
N GLU B 398 -28.92 35.94 31.07
CA GLU B 398 -30.07 35.05 31.16
C GLU B 398 -29.82 33.80 30.31
N ASN B 399 -30.23 32.65 30.84
CA ASN B 399 -30.06 31.40 30.12
C ASN B 399 -30.84 31.42 28.82
N LEU B 400 -30.18 31.04 27.73
CA LEU B 400 -30.78 31.04 26.39
C LEU B 400 -30.80 29.64 25.77
N LYS B 401 -30.82 28.60 26.60
CA LYS B 401 -30.84 27.24 26.05
C LYS B 401 -32.14 26.95 25.32
N GLU B 402 -33.25 27.56 25.78
CA GLU B 402 -34.53 27.33 25.12
C GLU B 402 -34.58 27.96 23.73
N SER B 403 -33.96 29.12 23.55
CA SER B 403 -33.89 29.73 22.22
C SER B 403 -32.88 29.00 21.34
N ALA B 404 -31.76 28.56 21.93
CA ALA B 404 -30.77 27.80 21.17
C ALA B 404 -31.35 26.48 20.68
N LYS B 405 -32.19 25.83 21.49
CA LYS B 405 -32.83 24.59 21.05
C LYS B 405 -33.72 24.82 19.85
N ASN B 406 -34.51 25.91 19.86
CA ASN B 406 -35.35 26.23 18.72
C ASN B 406 -34.51 26.53 17.48
N GLN B 407 -33.42 27.29 17.66
CA GLN B 407 -32.55 27.60 16.53
C GLN B 407 -31.95 26.32 15.94
N ILE B 408 -31.50 25.41 16.81
CA ILE B 408 -30.93 24.15 16.33
C ILE B 408 -32.00 23.33 15.60
N ALA B 409 -33.22 23.29 16.13
CA ALA B 409 -34.28 22.53 15.49
C ALA B 409 -34.60 23.07 14.11
N GLU B 410 -34.73 24.40 13.98
CA GLU B 410 -35.02 24.98 12.67
C GLU B 410 -33.86 24.79 11.71
N ASN B 411 -32.61 24.88 12.18
CA ASN B 411 -31.48 24.61 11.31
C ASN B 411 -31.47 23.14 10.87
N LEU B 412 -31.92 22.24 11.75
CA LEU B 412 -32.01 20.83 11.38
C LEU B 412 -33.06 20.62 10.29
N GLU B 413 -34.16 21.35 10.34
CA GLU B 413 -35.16 21.24 9.29
C GLU B 413 -34.65 21.81 7.97
N LYS B 414 -33.79 22.82 8.04
CA LYS B 414 -33.26 23.45 6.84
C LYS B 414 -32.17 22.64 6.18
N ILE B 415 -31.29 22.06 6.99
CA ILE B 415 -30.17 21.31 6.45
C ILE B 415 -30.66 20.15 5.57
N LYS B 416 -31.88 19.67 5.84
CA LYS B 416 -32.44 18.60 5.01
C LYS B 416 -33.28 19.28 3.93
N LYS B 417 -32.70 19.44 2.75
CA LYS B 417 -33.35 20.13 1.64
C LYS B 417 -32.54 19.87 0.38
N ASN B 418 -33.17 20.12 -0.76
CA ASN B 418 -32.51 19.94 -2.05
C ASN B 418 -31.59 21.14 -2.29
N GLN B 419 -30.32 20.97 -1.96
CA GLN B 419 -29.30 22.01 -2.18
C GLN B 419 -28.08 21.41 -2.87
N LYS B 420 -28.32 20.50 -3.81
CA LYS B 420 -27.25 19.79 -4.51
C LYS B 420 -26.83 20.54 -5.77
N GLU B 421 -25.75 20.05 -6.38
CA GLU B 421 -25.27 20.63 -7.64
C GLU B 421 -26.10 20.15 -8.80
N LEU B 422 -26.22 21.00 -9.83
CA LEU B 422 -26.95 20.65 -11.04
C LEU B 422 -26.11 19.72 -11.90
N ALA B 423 -26.77 19.15 -12.91
CA ALA B 423 -26.09 18.24 -13.83
C ALA B 423 -25.06 19.00 -14.65
N THR B 424 -23.92 18.36 -14.90
CA THR B 424 -22.85 18.99 -15.66
C THR B 424 -23.16 18.97 -17.15
N PRO B 425 -23.12 20.10 -17.84
CA PRO B 425 -23.33 20.12 -19.29
C PRO B 425 -22.04 19.78 -20.02
N GLU B 426 -22.00 18.59 -20.62
CA GLU B 426 -20.82 18.09 -21.31
C GLU B 426 -21.25 17.58 -22.68
N ILE B 427 -20.96 18.37 -23.72
CA ILE B 427 -21.25 17.99 -25.10
C ILE B 427 -20.07 17.17 -25.58
N SER B 428 -20.30 15.87 -25.77
CA SER B 428 -19.25 14.97 -26.23
C SER B 428 -19.90 13.65 -26.66
N ALA B 429 -19.12 12.84 -27.38
CA ALA B 429 -19.53 11.52 -27.80
C ALA B 429 -18.78 10.42 -27.05
N LYS B 430 -18.25 10.72 -25.87
CA LYS B 430 -17.34 9.80 -25.19
C LYS B 430 -18.11 8.66 -24.52
N GLY B 431 -18.99 8.98 -23.58
CA GLY B 431 -19.67 7.97 -22.81
C GLY B 431 -20.82 7.31 -23.54
N THR B 432 -20.49 6.49 -24.53
CA THR B 432 -21.47 5.79 -25.34
C THR B 432 -21.40 4.29 -25.05
N GLN B 433 -22.21 3.52 -25.78
CA GLN B 433 -22.27 2.07 -25.64
C GLN B 433 -21.39 1.42 -26.69
N ILE B 434 -20.61 0.44 -26.25
CA ILE B 434 -19.74 -0.34 -27.13
C ILE B 434 -20.39 -1.70 -27.28
N THR B 435 -20.97 -1.97 -28.44
CA THR B 435 -21.57 -3.27 -28.74
C THR B 435 -20.61 -4.06 -29.61
N LEU B 436 -20.37 -5.32 -29.24
CA LEU B 436 -19.42 -6.16 -29.95
C LEU B 436 -20.13 -7.43 -30.40
N GLU B 437 -20.09 -7.70 -31.70
CA GLU B 437 -20.54 -8.96 -32.27
C GLU B 437 -19.33 -9.70 -32.80
N VAL B 438 -19.10 -10.90 -32.29
CA VAL B 438 -17.88 -11.66 -32.60
C VAL B 438 -18.25 -13.11 -32.87
N SER B 439 -17.68 -13.67 -33.94
CA SER B 439 -17.86 -15.06 -34.29
C SER B 439 -16.53 -15.64 -34.76
N ILE B 440 -16.37 -16.95 -34.57
CA ILE B 440 -15.14 -17.63 -34.97
C ILE B 440 -15.30 -18.43 -36.26
N ASP B 441 -16.45 -19.04 -36.51
CA ASP B 441 -16.63 -19.80 -37.74
C ASP B 441 -17.94 -19.47 -38.45
N ARG B 442 -18.56 -18.32 -38.16
CA ARG B 442 -19.77 -17.84 -38.82
C ARG B 442 -20.97 -18.74 -38.61
N SER B 443 -20.93 -19.62 -37.62
CA SER B 443 -22.09 -20.45 -37.30
C SER B 443 -23.05 -19.74 -36.36
N ALA B 444 -22.52 -18.90 -35.46
CA ALA B 444 -23.34 -18.13 -34.54
C ALA B 444 -22.52 -16.92 -34.10
N ILE B 445 -23.21 -15.84 -33.74
CA ILE B 445 -22.55 -14.59 -33.36
C ILE B 445 -22.80 -14.35 -31.88
N ALA B 446 -21.72 -14.13 -31.13
CA ALA B 446 -21.83 -13.78 -29.72
C ALA B 446 -21.82 -12.27 -29.57
N VAL B 447 -22.75 -11.74 -28.79
CA VAL B 447 -22.93 -10.29 -28.64
C VAL B 447 -22.64 -9.90 -27.19
N PHE B 448 -21.84 -8.85 -27.02
CA PHE B 448 -21.49 -8.33 -25.72
C PHE B 448 -21.66 -6.82 -25.72
N SER B 449 -21.86 -6.26 -24.53
CA SER B 449 -22.11 -4.84 -24.38
C SER B 449 -21.23 -4.27 -23.29
N PHE B 450 -20.68 -3.09 -23.53
CA PHE B 450 -19.82 -2.40 -22.58
C PHE B 450 -20.12 -0.91 -22.64
N LEU B 451 -19.55 -0.15 -21.72
CA LEU B 451 -19.68 1.30 -21.69
C LEU B 451 -18.30 1.91 -21.85
N HIS B 452 -18.17 2.85 -22.79
CA HIS B 452 -16.89 3.50 -23.06
C HIS B 452 -16.44 4.32 -21.86
N THR B 453 -15.20 4.15 -21.46
CA THR B 453 -14.67 4.83 -20.28
C THR B 453 -13.33 5.52 -20.49
N GLY B 454 -12.58 5.16 -21.53
CA GLY B 454 -11.28 5.77 -21.77
C GLY B 454 -10.92 5.69 -23.23
N THR B 455 -9.96 6.54 -23.63
CA THR B 455 -9.48 6.58 -25.00
C THR B 455 -7.99 6.93 -25.00
N LYS B 456 -7.31 6.50 -26.06
CA LYS B 456 -5.89 6.75 -26.23
C LYS B 456 -5.59 6.89 -27.72
N HIS B 457 -4.63 7.75 -28.08
CA HIS B 457 -4.26 7.92 -29.48
C HIS B 457 -2.83 8.36 -29.73
N ASN B 458 -2.13 7.70 -30.65
CA ASN B 458 -0.78 8.13 -31.02
C ASN B 458 -1.03 8.94 -32.27
N ALA B 459 -0.71 10.22 -32.25
CA ALA B 459 -1.07 11.09 -33.38
C ALA B 459 -0.21 11.27 -34.62
N ILE B 460 1.09 11.07 -34.54
CA ILE B 460 1.92 11.40 -35.71
C ILE B 460 2.30 10.31 -36.74
N ILE B 461 2.75 9.14 -36.31
CA ILE B 461 3.18 8.13 -37.28
C ILE B 461 2.26 6.93 -37.24
N SER B 462 2.19 6.26 -36.09
CA SER B 462 1.28 5.14 -35.96
C SER B 462 -0.03 5.74 -35.56
N ASP B 463 -0.84 6.12 -36.55
CA ASP B 463 -2.12 6.75 -36.27
C ASP B 463 -3.08 5.70 -35.73
N THR B 464 -3.00 5.41 -34.43
CA THR B 464 -3.82 4.35 -33.87
C THR B 464 -4.60 4.80 -32.64
N THR B 465 -5.89 4.48 -32.60
CA THR B 465 -6.72 4.87 -31.46
C THR B 465 -7.21 3.68 -30.67
N THR B 466 -6.99 3.69 -29.35
CA THR B 466 -7.39 2.57 -28.51
C THR B 466 -8.57 2.99 -27.65
N PHE B 467 -9.66 2.23 -27.74
CA PHE B 467 -10.83 2.46 -26.92
C PHE B 467 -10.94 1.40 -25.83
N THR B 468 -11.41 1.83 -24.66
CA THR B 468 -11.56 0.97 -23.50
C THR B 468 -12.98 1.11 -22.98
N GLY B 469 -13.62 -0.02 -22.72
CA GLY B 469 -14.96 -0.05 -22.13
C GLY B 469 -15.05 -1.03 -21.00
N GLN B 470 -16.01 -0.82 -20.09
CA GLN B 470 -16.16 -1.63 -18.90
C GLN B 470 -17.61 -2.07 -18.76
N SER B 471 -17.85 -3.00 -17.84
CA SER B 471 -19.20 -3.49 -17.59
C SER B 471 -20.00 -2.46 -16.81
N VAL B 472 -21.31 -2.69 -16.69
CA VAL B 472 -22.19 -1.74 -16.02
C VAL B 472 -21.96 -1.65 -14.52
N ASN B 473 -21.28 -2.64 -13.92
CA ASN B 473 -20.90 -2.52 -12.52
C ASN B 473 -20.01 -1.33 -12.27
N TRP B 474 -19.26 -0.89 -13.28
CA TRP B 474 -18.46 0.34 -13.17
C TRP B 474 -19.33 1.54 -12.85
N VAL B 475 -20.60 1.52 -13.26
CA VAL B 475 -21.51 2.60 -12.93
C VAL B 475 -21.79 2.61 -11.43
N LEU B 476 -21.92 1.43 -10.83
CA LEU B 476 -22.20 1.35 -9.39
C LEU B 476 -20.96 1.68 -8.58
N ASN B 477 -19.79 1.62 -9.22
CA ASN B 477 -18.53 1.91 -8.54
C ASN B 477 -18.13 3.35 -8.76
N ARG B 478 -19.04 4.14 -9.32
CA ARG B 478 -18.73 5.53 -9.64
C ARG B 478 -18.55 6.45 -8.46
N ARG B 479 -19.55 6.54 -7.60
CA ARG B 479 -19.48 7.51 -6.50
C ARG B 479 -19.56 6.94 -5.11
N VAL B 480 -18.83 7.55 -4.18
CA VAL B 480 -18.88 7.12 -2.79
C VAL B 480 -20.17 7.62 -2.15
N LYS B 481 -20.79 6.83 -1.27
CA LYS B 481 -22.05 7.18 -0.64
C LYS B 481 -21.97 6.94 0.86
N ASN B 482 -22.90 7.59 1.57
CA ASN B 482 -23.15 7.38 2.99
C ASN B 482 -24.67 7.25 3.17
N THR B 483 -25.11 6.08 3.60
CA THR B 483 -26.54 5.83 3.77
C THR B 483 -26.73 4.70 4.77
N ARG B 484 -27.99 4.46 5.13
CA ARG B 484 -28.35 3.45 6.12
C ARG B 484 -29.54 2.64 5.62
N TYR B 485 -29.51 1.33 5.90
CA TYR B 485 -30.60 0.43 5.55
C TYR B 485 -31.03 -0.35 6.78
N THR B 486 -32.34 -0.51 6.94
CA THR B 486 -32.89 -1.24 8.08
C THR B 486 -34.10 -2.06 7.63
N GLY B 487 -34.16 -3.30 8.11
CA GLY B 487 -35.28 -4.17 7.85
C GLY B 487 -35.51 -4.48 6.38
N VAL B 488 -34.44 -4.81 5.65
CA VAL B 488 -34.51 -5.12 4.24
C VAL B 488 -33.70 -6.37 3.97
N THR B 489 -34.23 -7.26 3.15
CA THR B 489 -33.50 -8.45 2.75
C THR B 489 -32.43 -8.09 1.72
N LEU B 490 -31.57 -9.08 1.41
CA LEU B 490 -30.53 -8.85 0.41
C LEU B 490 -31.13 -8.55 -0.95
N LYS B 491 -32.18 -9.28 -1.34
CA LYS B 491 -32.81 -9.03 -2.63
C LYS B 491 -33.43 -7.64 -2.69
N GLY B 492 -34.09 -7.21 -1.60
CA GLY B 492 -34.67 -5.88 -1.60
C GLY B 492 -33.63 -4.77 -1.70
N LEU B 493 -32.54 -4.91 -0.95
CA LEU B 493 -31.47 -3.92 -1.02
C LEU B 493 -30.86 -3.87 -2.41
N ALA B 494 -30.58 -5.04 -3.00
CA ALA B 494 -30.05 -5.07 -4.35
C ALA B 494 -31.04 -4.47 -5.35
N ALA B 495 -32.33 -4.72 -5.16
CA ALA B 495 -33.34 -4.17 -6.06
C ALA B 495 -33.37 -2.66 -5.99
N THR B 496 -33.34 -2.10 -4.79
CA THR B 496 -33.33 -0.64 -4.66
C THR B 496 -32.06 -0.04 -5.27
N ILE B 497 -30.91 -0.67 -5.02
CA ILE B 497 -29.67 -0.15 -5.58
C ILE B 497 -29.69 -0.19 -7.11
N THR B 498 -30.17 -1.29 -7.69
CA THR B 498 -30.26 -1.39 -9.14
C THR B 498 -31.27 -0.41 -9.71
N ARG B 499 -32.41 -0.22 -9.04
CA ARG B 499 -33.40 0.75 -9.50
C ARG B 499 -32.84 2.17 -9.47
N GLN B 500 -31.92 2.45 -8.54
CA GLN B 500 -31.32 3.78 -8.50
C GLN B 500 -30.49 4.09 -9.75
N TYR B 501 -30.11 3.06 -10.52
CA TYR B 501 -29.29 3.27 -11.71
C TYR B 501 -29.94 2.78 -13.00
N GLY B 502 -31.16 2.24 -12.94
CA GLY B 502 -31.80 1.73 -14.13
C GLY B 502 -31.31 0.38 -14.59
N LEU B 503 -30.79 -0.43 -13.67
CA LEU B 503 -30.33 -1.78 -14.00
C LEU B 503 -31.42 -2.81 -13.71
N ASP B 504 -31.23 -4.00 -14.23
CA ASP B 504 -32.10 -5.13 -13.98
C ASP B 504 -31.46 -6.09 -12.98
N LEU B 505 -32.29 -6.80 -12.23
CA LEU B 505 -31.82 -7.71 -11.20
C LEU B 505 -32.23 -9.13 -11.55
N ASP B 506 -31.31 -10.08 -11.33
CA ASP B 506 -31.58 -11.50 -11.54
C ASP B 506 -31.04 -12.25 -10.32
N MET B 507 -31.93 -12.62 -9.40
CA MET B 507 -31.51 -13.28 -8.17
C MET B 507 -32.69 -14.13 -7.68
N SER B 508 -32.51 -15.45 -7.71
CA SER B 508 -33.61 -16.35 -7.39
C SER B 508 -33.90 -16.38 -5.89
N GLU B 509 -32.86 -16.47 -5.07
CA GLU B 509 -33.05 -16.57 -3.63
C GLU B 509 -33.20 -15.19 -3.00
N GLU B 510 -34.14 -15.07 -2.07
CA GLU B 510 -34.39 -13.78 -1.43
C GLU B 510 -33.19 -13.34 -0.59
N GLY B 511 -32.56 -14.28 0.12
CA GLY B 511 -31.49 -13.92 1.02
C GLY B 511 -31.99 -13.57 2.40
N GLU B 512 -31.05 -13.40 3.32
CA GLU B 512 -31.41 -13.11 4.70
C GLU B 512 -31.84 -11.65 4.85
N MET B 513 -32.53 -11.38 5.96
CA MET B 513 -33.10 -10.07 6.24
C MET B 513 -32.11 -9.25 7.06
N ILE B 514 -31.60 -8.17 6.47
CA ILE B 514 -30.68 -7.28 7.18
C ILE B 514 -31.50 -6.29 7.99
N GLU B 515 -31.26 -6.27 9.31
CA GLU B 515 -32.06 -5.44 10.21
C GLU B 515 -31.48 -4.06 10.45
N ASN B 516 -30.15 -3.93 10.46
CA ASN B 516 -29.54 -2.63 10.73
C ASN B 516 -28.11 -2.64 10.23
N ILE B 517 -27.80 -1.79 9.25
CA ILE B 517 -26.44 -1.63 8.77
C ILE B 517 -26.34 -0.28 8.07
N SER B 518 -25.16 0.31 8.10
CA SER B 518 -24.91 1.62 7.52
C SER B 518 -23.80 1.52 6.48
N GLN B 519 -24.01 2.20 5.34
CA GLN B 519 -22.99 2.33 4.32
C GLN B 519 -22.20 3.60 4.61
N VAL B 520 -20.93 3.45 5.00
CA VAL B 520 -20.11 4.56 5.46
C VAL B 520 -18.97 4.73 4.45
N SER B 521 -19.05 5.80 3.65
CA SER B 521 -18.00 6.16 2.70
C SER B 521 -17.67 5.02 1.76
N GLN B 522 -18.71 4.43 1.18
CA GLN B 522 -18.52 3.29 0.30
C GLN B 522 -19.32 3.46 -0.99
N THR B 523 -18.78 2.97 -2.09
CA THR B 523 -19.55 3.00 -3.32
C THR B 523 -20.65 1.94 -3.26
N ASP B 524 -21.64 2.09 -4.13
CA ASP B 524 -22.74 1.13 -4.18
C ASP B 524 -22.23 -0.26 -4.53
N TRP B 525 -21.28 -0.34 -5.45
CA TRP B 525 -20.69 -1.64 -5.78
C TRP B 525 -19.94 -2.23 -4.59
N GLN B 526 -19.21 -1.40 -3.85
CA GLN B 526 -18.50 -1.91 -2.68
C GLN B 526 -19.46 -2.40 -1.60
N PHE B 527 -20.53 -1.65 -1.36
CA PHE B 527 -21.51 -2.07 -0.36
C PHE B 527 -22.20 -3.37 -0.79
N LEU B 528 -22.54 -3.47 -2.08
CA LEU B 528 -23.12 -4.71 -2.59
C LEU B 528 -22.15 -5.87 -2.45
N GLU B 529 -20.86 -5.62 -2.74
CA GLU B 529 -19.84 -6.64 -2.55
C GLU B 529 -19.79 -7.13 -1.11
N LYS B 530 -19.78 -6.22 -0.15
CA LYS B 530 -19.75 -6.60 1.25
C LYS B 530 -21.00 -7.39 1.64
N MET B 531 -22.18 -6.92 1.22
CA MET B 531 -23.42 -7.58 1.60
C MET B 531 -23.51 -8.98 1.01
N THR B 532 -23.11 -9.14 -0.26
CA THR B 532 -23.17 -10.45 -0.89
C THR B 532 -22.12 -11.39 -0.30
N ALA B 533 -20.92 -10.86 0.01
CA ALA B 533 -19.88 -11.70 0.58
C ALA B 533 -20.25 -12.18 1.97
N ILE B 534 -20.85 -11.32 2.80
CA ILE B 534 -21.19 -11.70 4.15
C ILE B 534 -22.31 -12.73 4.19
N GLN B 535 -23.13 -12.81 3.14
CA GLN B 535 -24.21 -13.78 3.06
C GLN B 535 -23.87 -14.97 2.19
N GLY B 536 -22.65 -15.06 1.68
CA GLY B 536 -22.28 -16.16 0.83
C GLY B 536 -22.75 -16.05 -0.60
N PHE B 537 -23.03 -14.84 -1.08
CA PHE B 537 -23.48 -14.62 -2.44
C PHE B 537 -22.37 -13.98 -3.27
N GLY B 538 -22.57 -14.02 -4.58
CA GLY B 538 -21.67 -13.35 -5.51
C GLY B 538 -22.46 -12.73 -6.64
N MET B 539 -21.95 -11.62 -7.14
CA MET B 539 -22.62 -10.88 -8.21
C MET B 539 -21.87 -11.04 -9.53
N ARG B 540 -22.60 -10.79 -10.61
CA ARG B 540 -22.08 -10.91 -11.96
C ARG B 540 -22.89 -9.97 -12.84
N THR B 541 -22.29 -9.46 -13.90
CA THR B 541 -22.95 -8.50 -14.79
C THR B 541 -22.93 -9.03 -16.21
N VAL B 542 -24.09 -9.01 -16.87
CA VAL B 542 -24.17 -9.30 -18.30
C VAL B 542 -25.05 -8.24 -18.95
N GLY B 543 -24.52 -7.56 -19.94
CA GLY B 543 -25.25 -6.48 -20.59
C GLY B 543 -25.67 -5.44 -19.56
N LYS B 544 -26.98 -5.33 -19.36
CA LYS B 544 -27.54 -4.39 -18.40
C LYS B 544 -27.89 -5.04 -17.07
N VAL B 545 -28.07 -6.36 -17.04
CA VAL B 545 -28.64 -7.03 -15.87
C VAL B 545 -27.52 -7.56 -14.97
N LEU B 546 -27.69 -7.34 -13.66
CA LEU B 546 -26.81 -7.86 -12.63
C LEU B 546 -27.49 -9.05 -11.96
N GLN B 547 -26.79 -10.17 -11.89
CA GLN B 547 -27.31 -11.40 -11.29
C GLN B 547 -26.53 -11.72 -10.03
N ILE B 548 -27.25 -12.11 -8.99
CA ILE B 548 -26.68 -12.50 -7.71
C ILE B 548 -27.02 -13.96 -7.46
N TYR B 549 -26.00 -14.75 -7.14
CA TYR B 549 -26.14 -16.20 -7.00
C TYR B 549 -25.45 -16.66 -5.73
N LYS B 550 -25.74 -17.90 -5.34
CA LYS B 550 -25.08 -18.50 -4.19
C LYS B 550 -23.71 -19.05 -4.57
N ILE B 551 -22.74 -18.88 -3.67
CA ILE B 551 -21.39 -19.42 -3.88
C ILE B 551 -21.41 -20.84 -3.32
N THR B 552 -21.78 -21.79 -4.17
CA THR B 552 -21.86 -23.19 -3.78
C THR B 552 -21.01 -24.03 -4.72
N VAL B 553 -20.53 -25.17 -4.20
CA VAL B 553 -19.66 -26.04 -4.98
C VAL B 553 -20.38 -26.62 -6.19
N ASN B 554 -21.70 -26.64 -6.18
CA ASN B 554 -22.50 -27.08 -7.33
C ASN B 554 -23.46 -25.94 -7.68
N ALA B 555 -22.98 -24.99 -8.48
CA ALA B 555 -23.79 -23.89 -8.96
C ALA B 555 -23.66 -23.65 -10.46
N LYS B 556 -22.66 -24.23 -11.11
CA LYS B 556 -22.51 -24.11 -12.56
C LYS B 556 -23.44 -25.12 -13.22
N LYS B 557 -24.55 -24.64 -13.77
CA LYS B 557 -25.59 -25.53 -14.27
C LYS B 557 -25.13 -26.32 -15.49
N LEU B 558 -24.54 -25.64 -16.46
CA LEU B 558 -24.07 -26.29 -17.68
C LEU B 558 -22.58 -26.56 -17.58
N ASN B 559 -22.15 -27.70 -18.11
CA ASN B 559 -20.76 -28.13 -18.04
C ASN B 559 -20.18 -28.22 -19.45
N TYR B 560 -18.93 -27.79 -19.59
CA TYR B 560 -18.22 -27.81 -20.85
C TYR B 560 -16.86 -28.46 -20.64
N THR B 561 -16.55 -29.46 -21.46
CA THR B 561 -15.35 -30.27 -21.29
C THR B 561 -14.43 -30.07 -22.49
N ILE B 562 -13.15 -29.80 -22.21
CA ILE B 562 -12.14 -29.68 -23.25
C ILE B 562 -11.10 -30.78 -23.06
N SER B 563 -10.16 -30.89 -24.00
CA SER B 563 -9.09 -31.86 -23.92
C SER B 563 -7.76 -31.16 -24.22
N VAL B 564 -6.70 -31.66 -23.58
CA VAL B 564 -5.38 -31.07 -23.77
C VAL B 564 -4.84 -31.32 -25.17
N VAL B 565 -5.12 -32.50 -25.75
CA VAL B 565 -4.51 -32.88 -27.02
C VAL B 565 -4.99 -31.95 -28.14
N ASP B 566 -6.16 -31.34 -27.98
CA ASP B 566 -6.72 -30.49 -29.00
C ASP B 566 -6.82 -29.04 -28.52
N ASN B 567 -6.53 -28.11 -29.43
CA ASN B 567 -6.68 -26.66 -29.27
C ASN B 567 -6.26 -26.12 -27.90
N VAL B 568 -5.19 -26.68 -27.33
CA VAL B 568 -4.63 -26.18 -26.08
C VAL B 568 -3.16 -25.88 -26.31
N LYS B 569 -2.74 -24.69 -25.87
CA LYS B 569 -1.39 -24.21 -26.18
C LYS B 569 -0.51 -24.13 -24.94
N SER B 570 -1.12 -24.00 -23.76
CA SER B 570 -0.37 -23.81 -22.53
C SER B 570 -1.28 -24.09 -21.34
N LEU B 571 -0.77 -24.89 -20.40
CA LEU B 571 -1.51 -25.24 -19.18
C LEU B 571 -0.51 -25.19 -18.02
N ILE B 572 -0.75 -24.29 -17.07
CA ILE B 572 0.11 -24.12 -15.91
C ILE B 572 -0.77 -24.32 -14.67
N VAL B 573 -0.47 -25.35 -13.89
CA VAL B 573 -1.22 -25.63 -12.68
C VAL B 573 -0.32 -25.39 -11.47
N THR B 574 -0.82 -24.64 -10.51
CA THR B 574 -0.04 -24.29 -9.32
C THR B 574 -0.85 -24.54 -8.06
N ASP B 575 -0.16 -24.82 -6.97
CA ASP B 575 -0.75 -25.05 -5.67
C ASP B 575 0.09 -24.33 -4.61
N GLN B 576 -0.56 -23.85 -3.56
CA GLN B 576 0.10 -23.07 -2.52
C GLN B 576 -0.42 -23.50 -1.16
N ALA B 577 0.39 -23.25 -0.13
CA ALA B 577 -0.01 -23.55 1.24
C ALA B 577 -0.64 -22.31 1.89
N GLN B 578 -1.74 -22.52 2.59
CA GLN B 578 -2.46 -21.42 3.23
C GLN B 578 -1.64 -20.86 4.38
N THR B 579 -1.63 -19.53 4.50
CA THR B 579 -0.94 -18.85 5.58
C THR B 579 -1.56 -17.48 5.78
N ASP B 580 -1.56 -17.01 7.04
CA ASP B 580 -2.09 -15.68 7.33
C ASP B 580 -1.06 -14.58 7.13
N ALA B 581 0.20 -14.93 6.90
CA ALA B 581 1.22 -13.92 6.67
C ALA B 581 0.95 -13.11 5.39
N THR B 582 0.54 -13.79 4.33
CA THR B 582 0.24 -13.14 3.06
C THR B 582 -1.27 -12.90 2.95
N GLY B 583 -1.66 -12.29 1.82
CA GLY B 583 -3.05 -12.06 1.55
C GLY B 583 -3.60 -10.83 2.28
N SER B 584 -4.90 -10.64 2.12
CA SER B 584 -5.59 -9.52 2.74
C SER B 584 -6.25 -9.95 4.05
N SER B 585 -6.78 -8.96 4.78
CA SER B 585 -7.51 -9.26 6.00
C SER B 585 -8.79 -10.06 5.71
N GLN B 586 -9.43 -9.79 4.57
CA GLN B 586 -10.60 -10.56 4.18
C GLN B 586 -10.25 -12.01 3.91
N LYS B 587 -9.06 -12.28 3.36
CA LYS B 587 -8.66 -13.65 3.11
C LYS B 587 -8.53 -14.44 4.41
N ILE B 588 -7.90 -13.85 5.43
CA ILE B 588 -7.79 -14.53 6.71
C ILE B 588 -9.10 -14.53 7.47
N GLU B 589 -10.01 -13.60 7.17
CA GLU B 589 -11.35 -13.67 7.72
C GLU B 589 -12.11 -14.86 7.15
N HIS B 590 -11.98 -15.09 5.85
CA HIS B 590 -12.62 -16.24 5.23
C HIS B 590 -12.04 -17.55 5.74
N TYR B 591 -10.80 -17.53 6.20
CA TYR B 591 -10.20 -18.70 6.83
C TYR B 591 -10.66 -18.77 8.29
N GLY B 592 -10.00 -19.61 9.08
CA GLY B 592 -10.44 -19.83 10.44
C GLY B 592 -10.41 -18.57 11.29
N GLY B 593 -9.57 -17.60 10.92
CA GLY B 593 -9.43 -16.40 11.71
C GLY B 593 -10.77 -15.69 11.66
N ARG B 594 -11.28 -15.31 12.82
CA ARG B 594 -12.50 -14.53 12.94
C ARG B 594 -12.66 -14.24 14.43
N MET B 595 -13.43 -13.20 14.73
CA MET B 595 -13.77 -12.88 16.12
C MET B 595 -14.88 -13.82 16.56
N THR B 596 -14.50 -14.99 17.08
CA THR B 596 -15.48 -15.93 17.58
C THR B 596 -16.18 -15.39 18.82
N THR B 597 -15.45 -14.68 19.67
CA THR B 597 -15.98 -14.15 20.92
C THR B 597 -16.40 -12.68 20.73
N VAL B 598 -17.68 -12.40 20.97
CA VAL B 598 -18.22 -11.05 20.90
C VAL B 598 -19.01 -10.78 22.16
N VAL B 599 -19.29 -9.51 22.43
CA VAL B 599 -20.04 -9.11 23.62
C VAL B 599 -21.30 -8.37 23.18
N ASP B 600 -22.45 -8.88 23.61
CA ASP B 600 -23.71 -8.26 23.27
C ASP B 600 -23.84 -7.00 24.08
N ALA B 601 -24.40 -5.96 23.49
CA ALA B 601 -24.47 -4.68 24.16
C ALA B 601 -25.63 -4.53 25.13
N ASP B 602 -26.30 -5.61 25.47
CA ASP B 602 -27.48 -5.47 26.32
C ASP B 602 -27.32 -6.19 27.61
N SER B 603 -26.93 -7.46 27.58
CA SER B 603 -26.68 -8.17 28.80
C SER B 603 -25.25 -8.21 29.25
N GLY B 604 -24.35 -8.34 28.28
CA GLY B 604 -22.96 -8.42 28.62
C GLY B 604 -22.56 -9.84 28.94
N SER B 605 -23.20 -10.79 28.28
CA SER B 605 -22.93 -12.20 28.55
C SER B 605 -21.69 -12.71 27.82
N LEU B 606 -21.11 -11.92 26.92
CA LEU B 606 -19.88 -12.27 26.22
C LEU B 606 -20.03 -13.60 25.47
N ILE B 607 -20.93 -13.59 24.50
CA ILE B 607 -21.33 -14.80 23.79
C ILE B 607 -20.30 -15.14 22.73
N LYS B 608 -20.35 -16.39 22.25
CA LYS B 608 -19.48 -16.87 21.19
C LYS B 608 -20.32 -17.22 19.97
N VAL B 609 -19.84 -16.82 18.79
CA VAL B 609 -20.63 -16.91 17.57
C VAL B 609 -20.18 -18.04 16.65
N ASP B 610 -18.98 -18.58 16.81
CA ASP B 610 -18.50 -19.58 15.87
C ASP B 610 -17.55 -20.55 16.56
N LYS B 611 -17.24 -21.69 15.95
CA LYS B 611 -16.22 -22.60 16.51
C LYS B 611 -14.83 -21.94 16.40
N ASP B 612 -13.99 -22.09 17.42
CA ASP B 612 -12.68 -21.42 17.45
C ASP B 612 -11.68 -21.57 16.30
N ASN B 613 -11.34 -22.80 15.91
CA ASN B 613 -10.32 -23.05 14.86
C ASN B 613 -8.90 -22.61 15.22
N LYS B 614 -8.19 -23.42 16.00
CA LYS B 614 -6.79 -23.11 16.31
C LYS B 614 -5.95 -24.16 15.60
N ARG B 615 -5.77 -24.00 14.29
CA ARG B 615 -5.07 -24.99 13.49
C ARG B 615 -3.73 -24.42 13.06
N GLU B 616 -2.67 -25.20 13.22
CA GLU B 616 -1.29 -24.82 12.90
C GLU B 616 -0.84 -23.57 13.65
N ALA B 617 -1.51 -23.22 14.75
CA ALA B 617 -1.16 -22.05 15.53
C ALA B 617 -0.22 -22.38 16.70
N GLY B 618 -0.31 -23.58 17.24
CA GLY B 618 0.55 -23.96 18.33
C GLY B 618 -0.06 -25.08 19.14
N SER B 619 0.75 -25.63 20.05
CA SER B 619 0.34 -26.74 20.88
C SER B 619 -0.44 -26.34 22.12
N ALA B 620 -0.46 -25.05 22.46
CA ALA B 620 -1.14 -24.63 23.68
C ALA B 620 -2.65 -24.71 23.52
N ALA B 621 -3.21 -23.93 22.60
CA ALA B 621 -4.63 -23.90 22.27
C ALA B 621 -5.50 -23.49 23.45
N ARG B 622 -4.91 -23.09 24.57
CA ARG B 622 -5.65 -22.64 25.74
C ARG B 622 -5.24 -21.27 26.24
N THR B 623 -4.27 -20.61 25.60
CA THR B 623 -3.79 -19.30 26.02
C THR B 623 -4.02 -18.22 24.98
N PHE B 624 -4.30 -18.59 23.73
CA PHE B 624 -4.55 -17.66 22.64
C PHE B 624 -5.90 -17.94 22.02
N THR B 625 -6.32 -17.07 21.09
CA THR B 625 -7.66 -17.16 20.52
C THR B 625 -7.64 -17.27 19.00
N THR B 626 -6.58 -16.77 18.36
CA THR B 626 -6.42 -16.80 16.91
C THR B 626 -7.60 -16.12 16.20
N GLY B 627 -7.70 -14.81 16.42
CA GLY B 627 -8.71 -14.02 15.76
C GLY B 627 -8.24 -12.66 15.31
N VAL B 628 -9.18 -11.81 14.91
CA VAL B 628 -8.89 -10.44 14.52
C VAL B 628 -9.38 -9.51 15.62
N ASP B 629 -9.06 -8.23 15.48
CA ASP B 629 -9.49 -7.25 16.47
C ASP B 629 -10.91 -6.75 16.20
N VAL B 630 -11.25 -6.52 14.94
CA VAL B 630 -12.54 -5.95 14.56
C VAL B 630 -13.53 -7.09 14.31
N PRO B 631 -14.66 -7.12 15.00
CA PRO B 631 -15.66 -8.16 14.77
C PRO B 631 -16.44 -7.92 13.48
N GLN B 632 -17.04 -8.99 12.98
CA GLN B 632 -17.90 -8.89 11.81
C GLN B 632 -19.19 -8.15 12.16
N PRO B 633 -19.73 -7.37 11.23
CA PRO B 633 -21.04 -6.73 11.46
C PRO B 633 -22.16 -7.76 11.36
N GLN B 634 -22.86 -7.97 12.46
CA GLN B 634 -23.97 -8.92 12.48
C GLN B 634 -25.16 -8.33 11.74
N ILE B 635 -25.77 -9.15 10.88
CA ILE B 635 -26.82 -8.69 9.98
C ILE B 635 -28.18 -9.24 10.37
N GLN B 636 -28.24 -10.47 10.87
CA GLN B 636 -29.52 -11.11 11.14
C GLN B 636 -30.08 -10.62 12.48
N LYS B 637 -31.40 -10.84 12.65
CA LYS B 637 -32.08 -10.40 13.86
C LYS B 637 -31.56 -11.15 15.09
N GLN B 638 -31.56 -12.48 15.04
CA GLN B 638 -31.14 -13.29 16.17
C GLN B 638 -30.05 -14.27 15.78
N TYR B 639 -30.11 -14.77 14.55
CA TYR B 639 -29.13 -15.73 14.09
C TYR B 639 -27.77 -15.07 13.88
N SER B 640 -26.71 -15.87 13.95
CA SER B 640 -25.36 -15.33 13.78
C SER B 640 -24.96 -15.23 12.31
N ASN B 641 -23.84 -14.55 12.04
CA ASN B 641 -23.36 -14.43 10.66
C ASN B 641 -22.97 -15.80 10.11
N PRO B 642 -23.39 -16.09 8.87
CA PRO B 642 -23.11 -17.41 8.27
C PRO B 642 -21.64 -17.77 8.13
N ARG B 643 -21.33 -19.07 8.19
CA ARG B 643 -19.96 -19.53 8.05
C ARG B 643 -19.44 -19.35 6.64
N PRO B 644 -18.15 -19.02 6.48
CA PRO B 644 -17.54 -18.88 5.16
C PRO B 644 -17.92 -19.98 4.17
N GLU B 645 -18.52 -19.60 3.05
CA GLU B 645 -18.97 -20.57 2.05
C GLU B 645 -17.92 -21.61 1.66
N GLY B 646 -16.67 -21.19 1.50
CA GLY B 646 -15.60 -22.09 1.14
C GLY B 646 -15.45 -22.34 -0.34
N ALA B 647 -16.51 -22.15 -1.12
CA ALA B 647 -16.40 -22.20 -2.57
C ALA B 647 -15.70 -20.98 -3.15
N SER B 648 -15.53 -19.92 -2.36
CA SER B 648 -14.71 -18.78 -2.73
C SER B 648 -13.23 -19.01 -2.43
N VAL B 649 -12.89 -20.13 -1.81
CA VAL B 649 -11.52 -20.45 -1.47
C VAL B 649 -10.90 -21.29 -2.58
N LYS B 650 -9.75 -20.86 -3.08
CA LYS B 650 -9.05 -21.58 -4.13
C LYS B 650 -8.07 -22.56 -3.51
N GLU B 651 -8.12 -23.82 -3.95
CA GLU B 651 -7.15 -24.81 -3.53
C GLU B 651 -6.17 -25.19 -4.64
N PHE B 652 -6.53 -24.94 -5.90
CA PHE B 652 -5.63 -25.10 -7.02
C PHE B 652 -5.86 -23.92 -7.95
N GLN B 653 -4.81 -23.52 -8.68
CA GLN B 653 -4.96 -22.45 -9.65
C GLN B 653 -4.50 -22.97 -11.00
N LEU B 654 -5.28 -22.67 -12.05
CA LEU B 654 -5.01 -23.17 -13.38
C LEU B 654 -5.01 -22.00 -14.37
N GLN B 655 -3.93 -21.89 -15.14
CA GLN B 655 -3.81 -20.92 -16.22
C GLN B 655 -3.86 -21.71 -17.52
N LEU B 656 -4.88 -21.43 -18.34
CA LEU B 656 -5.12 -22.14 -19.59
C LEU B 656 -5.10 -21.13 -20.73
N GLU B 657 -4.06 -21.19 -21.55
CA GLU B 657 -3.99 -20.42 -22.78
C GLU B 657 -4.17 -21.38 -23.95
N LEU B 658 -5.15 -21.10 -24.82
CA LEU B 658 -5.56 -22.09 -25.80
C LEU B 658 -6.14 -21.41 -27.02
N HIS B 659 -6.14 -22.14 -28.13
CA HIS B 659 -6.65 -21.63 -29.40
C HIS B 659 -8.17 -21.58 -29.38
N THR B 660 -8.71 -20.41 -29.66
CA THR B 660 -10.15 -20.17 -29.57
C THR B 660 -10.88 -20.87 -30.71
N SER B 661 -11.97 -21.55 -30.37
CA SER B 661 -12.91 -22.11 -31.34
C SER B 661 -14.30 -21.59 -31.02
N GLN B 662 -15.26 -21.89 -31.91
CA GLN B 662 -16.62 -21.41 -31.71
C GLN B 662 -17.22 -21.95 -30.43
N SER B 663 -17.15 -23.26 -30.22
CA SER B 663 -17.64 -23.84 -28.97
C SER B 663 -16.84 -23.34 -27.78
N ASP B 664 -15.55 -23.08 -27.98
CA ASP B 664 -14.73 -22.45 -26.96
C ASP B 664 -15.09 -20.99 -26.75
N LEU B 665 -15.93 -20.41 -27.60
CA LEU B 665 -16.38 -19.04 -27.42
C LEU B 665 -17.75 -18.98 -26.76
N GLU B 666 -18.69 -19.85 -27.15
CA GLU B 666 -20.02 -19.77 -26.57
C GLU B 666 -20.12 -20.51 -25.24
N ASN B 667 -19.45 -21.65 -25.10
CA ASN B 667 -19.59 -22.48 -23.91
C ASN B 667 -18.55 -22.15 -22.84
N LEU B 668 -17.63 -21.23 -23.10
CA LEU B 668 -16.59 -20.88 -22.14
C LEU B 668 -16.96 -19.56 -21.48
N THR B 669 -17.79 -19.67 -20.45
CA THR B 669 -18.22 -18.54 -19.64
C THR B 669 -18.08 -18.91 -18.18
N PRO B 670 -17.93 -17.93 -17.29
CA PRO B 670 -17.72 -18.24 -15.87
C PRO B 670 -18.91 -18.91 -15.18
N ASP B 671 -20.03 -19.12 -15.89
CA ASP B 671 -21.16 -19.84 -15.34
C ASP B 671 -21.08 -21.34 -15.59
N THR B 672 -20.11 -21.80 -16.38
CA THR B 672 -19.97 -23.21 -16.70
C THR B 672 -18.91 -23.87 -15.82
N ALA B 673 -18.95 -25.20 -15.79
CA ALA B 673 -17.97 -26.01 -15.08
C ALA B 673 -17.02 -26.64 -16.09
N LEU B 674 -15.73 -26.42 -15.89
CA LEU B 674 -14.73 -26.91 -16.82
C LEU B 674 -14.30 -28.33 -16.47
N TYR B 675 -14.09 -29.15 -17.50
CA TYR B 675 -13.61 -30.52 -17.34
C TYR B 675 -12.48 -30.73 -18.34
N ILE B 676 -11.25 -30.79 -17.83
CA ILE B 676 -10.09 -31.00 -18.68
C ILE B 676 -9.74 -32.48 -18.70
N GLU B 677 -9.58 -33.02 -19.91
CA GLU B 677 -9.28 -34.43 -20.12
C GLU B 677 -7.89 -34.58 -20.73
N ASN B 678 -7.43 -35.84 -20.76
CA ASN B 678 -6.15 -36.20 -21.35
C ASN B 678 -4.99 -35.42 -20.71
N THR B 679 -5.05 -35.29 -19.39
CA THR B 679 -4.06 -34.52 -18.64
C THR B 679 -3.78 -35.26 -17.34
N LEU B 680 -3.13 -34.58 -16.39
CA LEU B 680 -2.70 -35.20 -15.16
C LEU B 680 -3.90 -35.75 -14.37
N PRO B 681 -3.70 -36.84 -13.63
CA PRO B 681 -4.84 -37.50 -12.97
C PRO B 681 -5.60 -36.62 -11.99
N PHE B 682 -4.91 -35.71 -11.30
CA PHE B 682 -5.61 -34.88 -10.31
C PHE B 682 -6.38 -33.74 -10.97
N ILE B 683 -6.21 -33.52 -12.27
CA ILE B 683 -6.96 -32.50 -12.99
C ILE B 683 -8.16 -33.13 -13.68
N VAL B 684 -8.01 -34.38 -14.10
CA VAL B 684 -9.05 -35.08 -14.84
C VAL B 684 -10.20 -35.44 -13.91
N GLY B 685 -11.42 -35.19 -14.36
CA GLY B 685 -12.60 -35.59 -13.63
C GLY B 685 -13.08 -34.62 -12.57
N LYS B 686 -12.45 -33.45 -12.45
CA LYS B 686 -12.84 -32.46 -11.46
C LYS B 686 -13.41 -31.22 -12.15
N SER B 687 -14.43 -30.65 -11.52
CA SER B 687 -15.02 -29.42 -12.04
C SER B 687 -14.14 -28.23 -11.69
N TRP B 688 -13.74 -27.48 -12.72
CA TRP B 688 -12.91 -26.30 -12.54
C TRP B 688 -13.78 -25.07 -12.71
N PHE B 689 -13.79 -24.20 -11.70
CA PHE B 689 -14.58 -22.99 -11.76
C PHE B 689 -13.80 -21.91 -12.50
N ILE B 690 -14.39 -21.37 -13.56
CA ILE B 690 -13.71 -20.37 -14.38
C ILE B 690 -13.76 -19.03 -13.65
N GLU B 691 -12.59 -18.53 -13.26
CA GLU B 691 -12.52 -17.20 -12.67
C GLU B 691 -12.70 -16.12 -13.72
N SER B 692 -12.07 -16.28 -14.88
CA SER B 692 -12.15 -15.27 -15.93
C SER B 692 -11.76 -15.86 -17.28
N VAL B 693 -12.30 -15.25 -18.35
CA VAL B 693 -11.95 -15.61 -19.72
C VAL B 693 -11.57 -14.34 -20.47
N ARG B 694 -10.51 -14.45 -21.27
CA ARG B 694 -10.06 -13.35 -22.11
C ARG B 694 -9.89 -13.86 -23.54
N HIS B 695 -10.38 -13.08 -24.50
CA HIS B 695 -10.30 -13.41 -25.92
C HIS B 695 -9.55 -12.26 -26.61
N SER B 696 -8.33 -12.57 -27.05
CA SER B 696 -7.52 -11.58 -27.74
C SER B 696 -7.51 -11.86 -29.26
N PHE B 697 -7.34 -10.79 -30.02
CA PHE B 697 -7.28 -10.86 -31.47
C PHE B 697 -6.23 -9.86 -31.95
N SER B 698 -5.04 -10.35 -32.26
CA SER B 698 -3.96 -9.52 -32.75
C SER B 698 -3.81 -9.57 -34.27
N GLU B 699 -4.11 -10.72 -34.86
CA GLU B 699 -4.17 -10.90 -36.30
C GLU B 699 -5.25 -11.93 -36.56
N GLY B 700 -5.26 -12.54 -37.73
CA GLY B 700 -6.22 -13.59 -38.05
C GLY B 700 -6.43 -14.63 -36.96
N ILE B 701 -5.43 -14.79 -36.08
CA ILE B 701 -5.54 -15.74 -34.99
C ILE B 701 -6.40 -15.17 -33.87
N PHE B 702 -7.22 -16.04 -33.27
CA PHE B 702 -7.94 -15.75 -32.04
C PHE B 702 -7.28 -16.53 -30.91
N THR B 703 -6.95 -15.84 -29.82
CA THR B 703 -6.31 -16.47 -28.67
C THR B 703 -7.23 -16.37 -27.47
N SER B 704 -7.19 -17.40 -26.62
CA SER B 704 -8.01 -17.43 -25.42
C SER B 704 -7.15 -17.71 -24.20
N GLN B 705 -7.40 -16.96 -23.13
CA GLN B 705 -6.74 -17.16 -21.83
C GLN B 705 -7.82 -17.43 -20.80
N VAL B 706 -7.71 -18.56 -20.10
CA VAL B 706 -8.71 -18.97 -19.13
C VAL B 706 -8.05 -19.06 -17.76
N SER B 707 -8.56 -18.31 -16.80
CA SER B 707 -8.14 -18.42 -15.41
C SER B 707 -9.23 -19.16 -14.64
N ALA B 708 -8.89 -20.34 -14.14
CA ALA B 708 -9.82 -21.21 -13.45
C ALA B 708 -9.21 -21.71 -12.15
N TYR B 709 -10.03 -22.37 -11.34
CA TYR B 709 -9.61 -22.82 -10.02
C TYR B 709 -10.53 -23.93 -9.53
N ILE B 710 -10.15 -24.55 -8.42
CA ILE B 710 -10.91 -25.62 -7.79
C ILE B 710 -11.23 -25.19 -6.35
N PRO B 711 -12.54 -25.15 -5.97
CA PRO B 711 -12.73 -24.78 -4.56
C PRO B 711 -12.70 -25.93 -3.60
N VAL B 712 -12.00 -25.78 -2.47
CA VAL B 712 -12.07 -26.82 -1.47
C VAL B 712 -13.38 -26.55 -0.74
N ALA B 713 -14.43 -27.29 -1.10
CA ALA B 713 -15.75 -27.03 -0.52
C ALA B 713 -16.59 -28.29 -0.50
N PRO B 714 -17.40 -28.46 0.56
CA PRO B 714 -18.30 -29.62 0.60
C PRO B 714 -19.28 -29.59 -0.55
N SER B 736 -43.48 -23.46 27.17
CA SER B 736 -44.19 -22.82 28.26
C SER B 736 -45.66 -22.60 27.90
N GLN B 737 -46.52 -22.54 28.92
CA GLN B 737 -47.95 -22.37 28.66
C GLN B 737 -48.26 -20.94 28.22
N GLY B 738 -47.63 -19.96 28.84
CA GLY B 738 -47.92 -18.57 28.51
C GLY B 738 -46.92 -17.63 29.15
N VAL B 739 -47.06 -16.35 28.81
CA VAL B 739 -46.18 -15.33 29.36
C VAL B 739 -46.45 -15.13 30.85
N GLY B 740 -45.48 -14.53 31.53
CA GLY B 740 -45.57 -14.37 32.97
C GLY B 740 -46.52 -13.29 33.43
N LYS B 741 -46.21 -12.04 33.11
CA LYS B 741 -46.97 -10.90 33.61
C LYS B 741 -47.25 -9.93 32.48
N LEU B 742 -48.45 -9.36 32.49
CA LEU B 742 -48.87 -8.34 31.54
C LEU B 742 -49.60 -7.25 32.29
N PRO B 743 -49.62 -6.03 31.76
CA PRO B 743 -50.37 -4.96 32.42
C PRO B 743 -51.86 -5.25 32.47
N VAL B 744 -52.53 -4.72 33.49
CA VAL B 744 -53.94 -5.00 33.70
C VAL B 744 -54.75 -4.36 32.58
N TYR B 745 -55.67 -5.13 32.02
CA TYR B 745 -56.59 -4.67 30.99
C TYR B 745 -57.99 -4.47 31.54
N GLU B 746 -58.75 -3.65 30.84
CA GLU B 746 -60.19 -3.49 31.07
C GLU B 746 -60.93 -4.03 29.87
N ILE B 747 -61.95 -4.85 30.12
CA ILE B 747 -62.68 -5.52 29.06
C ILE B 747 -64.13 -5.02 29.09
N LEU B 748 -64.63 -4.59 27.93
CA LEU B 748 -65.95 -3.99 27.82
C LEU B 748 -66.78 -4.80 26.84
N SER B 749 -67.79 -5.50 27.34
CA SER B 749 -68.71 -6.22 26.46
C SER B 749 -69.54 -5.23 25.67
N TYR B 750 -69.63 -5.46 24.37
CA TYR B 750 -70.27 -4.55 23.42
C TYR B 750 -71.33 -5.28 22.61
N ARG B 751 -72.45 -4.61 22.39
CA ARG B 751 -73.50 -5.11 21.53
C ARG B 751 -73.99 -3.96 20.65
N SER B 752 -74.48 -4.30 19.45
CA SER B 752 -74.88 -3.27 18.50
C SER B 752 -75.99 -2.38 19.05
N GLY B 753 -76.97 -2.98 19.70
CA GLY B 753 -78.09 -2.21 20.24
C GLY B 753 -77.84 -1.67 21.63
N ARG B 754 -77.32 -2.50 22.53
CA ARG B 754 -77.09 -2.09 23.90
C ARG B 754 -75.82 -1.26 24.02
N THR B 755 -75.71 -0.53 25.12
CA THR B 755 -74.50 0.22 25.41
C THR B 755 -73.40 -0.70 25.91
N VAL B 756 -72.16 -0.31 25.65
CA VAL B 756 -71.00 -1.09 26.08
C VAL B 756 -70.88 -1.01 27.59
N LYS B 757 -70.48 -2.11 28.22
CA LYS B 757 -70.38 -2.15 29.67
C LYS B 757 -69.13 -2.91 30.10
N LYS B 758 -68.46 -2.38 31.12
CA LYS B 758 -67.27 -3.03 31.67
C LYS B 758 -67.66 -4.33 32.35
N ILE B 759 -66.89 -5.40 32.11
CA ILE B 759 -67.19 -6.70 32.67
C ILE B 759 -65.95 -7.25 33.36
N THR B 760 -66.18 -8.21 34.25
CA THR B 760 -65.11 -8.89 34.96
C THR B 760 -65.01 -10.37 34.62
N SER B 761 -66.02 -10.94 33.98
CA SER B 761 -66.02 -12.34 33.61
C SER B 761 -67.06 -12.56 32.52
N LEU B 762 -67.01 -13.74 31.89
CA LEU B 762 -68.00 -14.11 30.89
C LEU B 762 -69.40 -14.17 31.47
N GLN B 763 -69.53 -14.34 32.79
CA GLN B 763 -70.86 -14.46 33.40
C GLN B 763 -71.67 -13.19 33.18
N GLN B 764 -71.04 -12.03 33.35
CA GLN B 764 -71.69 -10.74 33.09
C GLN B 764 -71.33 -10.31 31.67
N SER B 765 -72.30 -10.43 30.77
CA SER B 765 -72.13 -10.05 29.36
C SER B 765 -73.47 -10.23 28.68
N TYR B 766 -73.53 -9.82 27.41
CA TYR B 766 -74.67 -10.13 26.56
C TYR B 766 -74.17 -10.71 25.25
N GLU B 767 -74.96 -11.62 24.69
CA GLU B 767 -74.61 -12.24 23.41
C GLU B 767 -74.55 -11.18 22.31
N HIS B 768 -73.76 -11.46 21.28
CA HIS B 768 -73.64 -10.54 20.16
C HIS B 768 -74.63 -10.92 19.07
N TRP B 769 -74.76 -10.05 18.07
CA TRP B 769 -75.81 -10.16 17.07
C TRP B 769 -75.62 -11.41 16.20
N ARG B 770 -76.61 -11.63 15.33
CA ARG B 770 -76.54 -12.68 14.32
C ARG B 770 -75.79 -12.13 13.11
N GLY B 771 -74.51 -12.49 12.99
CA GLY B 771 -73.61 -11.84 12.05
C GLY B 771 -73.70 -12.42 10.65
N THR B 772 -73.99 -11.55 9.69
CA THR B 772 -73.82 -11.81 8.26
C THR B 772 -74.29 -13.20 7.87
N GLY B 773 -75.57 -13.45 8.09
CA GLY B 773 -76.16 -14.75 7.81
C GLY B 773 -76.64 -15.52 9.02
N GLY B 774 -76.57 -14.94 10.22
CA GLY B 774 -77.09 -15.60 11.40
C GLY B 774 -76.40 -16.89 11.76
N TYR B 775 -75.06 -16.90 11.78
CA TYR B 775 -74.34 -18.09 12.19
C TYR B 775 -74.42 -18.32 13.70
N THR B 776 -75.03 -17.42 14.45
CA THR B 776 -75.10 -17.53 15.91
C THR B 776 -76.41 -18.16 16.35
N ALA B 777 -76.32 -19.11 17.26
CA ALA B 777 -77.44 -19.64 18.01
C ALA B 777 -77.23 -19.36 19.48
N TYR B 778 -78.33 -19.32 20.23
CA TYR B 778 -78.30 -18.91 21.63
C TYR B 778 -78.76 -20.05 22.52
N LYS B 779 -77.97 -20.35 23.54
CA LYS B 779 -78.30 -21.39 24.52
C LYS B 779 -78.14 -20.81 25.92
N GLN B 780 -78.95 -21.34 26.85
CA GLN B 780 -78.93 -20.90 28.23
C GLN B 780 -77.99 -21.79 29.04
N LEU B 781 -77.14 -21.16 29.84
CA LEU B 781 -76.14 -21.86 30.65
C LEU B 781 -76.43 -21.63 32.13
N SER B 782 -75.50 -22.06 32.98
CA SER B 782 -75.76 -22.09 34.41
C SER B 782 -75.68 -20.69 35.03
N GLY B 783 -74.56 -20.00 34.84
CA GLY B 783 -74.33 -18.76 35.55
C GLY B 783 -74.32 -17.50 34.72
N PHE B 784 -74.60 -17.63 33.42
CA PHE B 784 -74.60 -16.47 32.55
C PHE B 784 -75.88 -15.65 32.74
N SER B 785 -75.70 -14.34 32.93
CA SER B 785 -76.82 -13.43 33.12
C SER B 785 -77.54 -13.08 31.82
N SER B 786 -77.19 -13.75 30.72
CA SER B 786 -77.80 -13.50 29.42
C SER B 786 -77.60 -14.73 28.57
N PRO B 787 -78.37 -14.89 27.49
CA PRO B 787 -78.17 -16.04 26.60
C PRO B 787 -76.77 -16.08 26.04
N VAL B 788 -76.24 -17.28 25.89
CA VAL B 788 -74.87 -17.51 25.43
C VAL B 788 -74.90 -17.74 23.92
N SER B 789 -74.04 -17.03 23.20
CA SER B 789 -73.99 -17.10 21.74
C SER B 789 -72.89 -18.06 21.30
N TYR B 790 -73.22 -18.93 20.35
CA TYR B 790 -72.26 -19.89 19.81
C TYR B 790 -72.54 -20.04 18.32
N MET B 791 -71.59 -20.67 17.61
CA MET B 791 -71.71 -20.81 16.17
C MET B 791 -72.58 -21.96 15.70
N LYS B 792 -72.94 -21.94 14.42
CA LYS B 792 -73.84 -22.96 13.89
C LYS B 792 -73.23 -24.34 13.88
N GLY B 793 -73.78 -25.25 14.67
CA GLY B 793 -73.28 -26.62 14.71
C GLY B 793 -72.18 -26.83 15.71
N ARG B 794 -71.71 -25.75 16.33
CA ARG B 794 -70.64 -25.85 17.32
C ARG B 794 -71.03 -25.16 18.62
N PRO B 795 -71.69 -25.89 19.54
CA PRO B 795 -72.02 -25.30 20.84
C PRO B 795 -70.77 -24.98 21.60
N ASN B 796 -69.79 -25.88 21.59
CA ASN B 796 -68.52 -25.65 22.26
C ASN B 796 -67.95 -24.29 21.88
N GLN B 797 -67.79 -24.05 20.59
CA GLN B 797 -67.23 -22.78 20.15
C GLN B 797 -68.19 -21.64 20.36
N LEU B 798 -67.94 -20.83 21.39
CA LEU B 798 -68.77 -19.67 21.61
C LEU B 798 -68.23 -18.53 20.75
N VAL B 799 -68.96 -17.44 20.66
CA VAL B 799 -68.54 -16.31 19.86
C VAL B 799 -68.98 -15.02 20.56
N TYR B 800 -68.09 -14.05 20.61
CA TYR B 800 -68.38 -12.82 21.33
C TYR B 800 -67.68 -11.64 20.66
N ASP B 801 -68.19 -10.44 20.96
CA ASP B 801 -67.61 -9.19 20.47
C ASP B 801 -67.45 -8.27 21.67
N PHE B 802 -66.21 -7.95 22.03
CA PHE B 802 -65.96 -6.99 23.10
C PHE B 802 -64.69 -6.19 22.81
N ILE B 803 -64.56 -5.10 23.55
CA ILE B 803 -63.50 -4.10 23.33
C ILE B 803 -62.48 -4.24 24.44
N LEU B 804 -61.21 -4.38 24.07
CA LEU B 804 -60.11 -4.33 25.01
C LEU B 804 -59.72 -2.89 25.31
N GLN B 805 -59.13 -2.68 26.47
CA GLN B 805 -58.71 -1.35 26.89
C GLN B 805 -57.56 -1.49 27.87
N GLN B 806 -56.73 -0.45 27.94
CA GLN B 806 -55.65 -0.39 28.92
C GLN B 806 -55.34 1.08 29.18
N ASN B 807 -55.56 1.51 30.43
CA ASN B 807 -55.47 2.92 30.80
C ASN B 807 -56.36 3.78 29.90
N GLY B 808 -57.52 3.25 29.54
CA GLY B 808 -58.46 3.99 28.72
C GLY B 808 -58.13 4.05 27.24
N ASN B 809 -57.17 3.25 26.78
CA ASN B 809 -56.78 3.26 25.37
C ASN B 809 -57.33 2.03 24.67
N GLN B 810 -58.09 2.25 23.61
CA GLN B 810 -58.65 1.15 22.82
C GLN B 810 -57.72 0.66 21.73
N SER B 811 -56.58 1.32 21.53
CA SER B 811 -55.56 0.87 20.59
C SER B 811 -54.48 0.03 21.27
N CYS B 812 -54.83 -0.64 22.37
CA CYS B 812 -53.88 -1.45 23.10
C CYS B 812 -53.59 -2.75 22.36
N PRO B 813 -52.42 -3.34 22.59
CA PRO B 813 -52.12 -4.63 21.97
C PRO B 813 -53.06 -5.72 22.49
N VAL B 814 -53.31 -6.71 21.63
CA VAL B 814 -54.25 -7.78 21.93
C VAL B 814 -53.43 -9.03 22.29
N PRO B 815 -53.42 -9.45 23.54
CA PRO B 815 -52.72 -10.70 23.89
C PRO B 815 -53.47 -11.91 23.37
N SER B 816 -52.72 -12.98 23.11
CA SER B 816 -53.31 -14.20 22.58
C SER B 816 -54.16 -14.88 23.64
N PRO B 817 -55.40 -15.27 23.31
CA PRO B 817 -56.25 -15.94 24.29
C PRO B 817 -55.91 -17.40 24.50
N ALA B 818 -55.13 -18.02 23.60
CA ALA B 818 -54.82 -19.43 23.72
C ALA B 818 -53.45 -19.70 23.11
N SER B 819 -52.85 -20.80 23.52
CA SER B 819 -51.56 -21.23 23.01
C SER B 819 -51.75 -22.24 21.90
N GLY B 820 -50.97 -22.07 20.82
CA GLY B 820 -51.10 -22.98 19.69
C GLY B 820 -50.28 -22.50 18.51
N ARG B 821 -50.72 -22.90 17.32
CA ARG B 821 -50.03 -22.60 16.07
C ARG B 821 -50.90 -21.68 15.23
N VAL B 822 -50.30 -20.62 14.70
CA VAL B 822 -51.03 -19.67 13.85
C VAL B 822 -51.13 -20.26 12.45
N VAL B 823 -52.35 -20.40 11.94
CA VAL B 823 -52.58 -21.02 10.65
C VAL B 823 -53.01 -20.02 9.57
N ALA B 824 -53.57 -18.88 9.96
CA ALA B 824 -54.02 -17.91 8.97
C ALA B 824 -54.02 -16.51 9.57
N THR B 825 -53.58 -15.54 8.77
CA THR B 825 -53.56 -14.14 9.17
C THR B 825 -54.10 -13.30 8.01
N GLY B 826 -54.63 -12.13 8.35
CA GLY B 826 -55.13 -11.23 7.32
C GLY B 826 -56.59 -11.47 7.00
N GLY B 827 -56.91 -11.49 5.70
CA GLY B 827 -58.28 -11.62 5.26
C GLY B 827 -58.93 -10.27 4.99
N SER B 828 -60.20 -10.33 4.59
CA SER B 828 -60.96 -9.12 4.36
C SER B 828 -61.04 -8.28 5.63
N ASN B 829 -61.42 -8.91 6.74
CA ASN B 829 -61.29 -8.31 8.05
C ASN B 829 -59.91 -8.64 8.62
N GLY B 830 -59.60 -8.06 9.77
CA GLY B 830 -58.34 -8.38 10.41
C GLY B 830 -58.47 -9.67 11.19
N MET B 831 -57.98 -10.77 10.62
CA MET B 831 -58.24 -12.11 11.12
C MET B 831 -56.96 -12.79 11.55
N VAL B 832 -57.02 -13.47 12.69
CA VAL B 832 -55.94 -14.32 13.19
C VAL B 832 -56.54 -15.64 13.64
N LYS B 833 -56.02 -16.74 13.11
CA LYS B 833 -56.52 -18.07 13.42
C LYS B 833 -55.43 -18.88 14.10
N ILE B 834 -55.79 -19.56 15.19
CA ILE B 834 -54.86 -20.33 16.00
C ILE B 834 -55.38 -21.76 16.11
N ASP B 835 -54.53 -22.72 15.77
CA ASP B 835 -54.84 -24.14 15.92
C ASP B 835 -54.25 -24.61 17.25
N THR B 836 -55.13 -24.86 18.22
CA THR B 836 -54.70 -25.23 19.57
C THR B 836 -54.56 -26.74 19.76
N GLY B 837 -54.78 -27.53 18.71
CA GLY B 837 -54.64 -28.97 18.78
C GLY B 837 -55.92 -29.73 19.08
N GLY B 838 -56.94 -29.06 19.61
CA GLY B 838 -58.22 -29.70 19.86
C GLY B 838 -59.35 -28.82 19.38
N GLY B 839 -59.01 -27.66 18.86
CA GLY B 839 -60.00 -26.72 18.36
C GLY B 839 -59.29 -25.51 17.79
N GLU B 840 -60.09 -24.62 17.22
CA GLU B 840 -59.59 -23.40 16.59
C GLU B 840 -60.07 -22.18 17.34
N VAL B 841 -59.17 -21.20 17.49
CA VAL B 841 -59.50 -19.92 18.11
C VAL B 841 -59.34 -18.85 17.03
N ARG B 842 -60.41 -18.10 16.78
CA ARG B 842 -60.41 -17.11 15.71
C ARG B 842 -60.61 -15.73 16.30
N LEU B 843 -59.88 -14.75 15.77
CA LEU B 843 -60.02 -13.36 16.17
C LEU B 843 -60.20 -12.50 14.92
N LEU B 844 -61.13 -11.55 15.02
CA LEU B 844 -61.50 -10.67 13.93
C LEU B 844 -61.44 -9.22 14.38
N HIS B 845 -61.18 -8.35 13.41
CA HIS B 845 -60.97 -6.91 13.61
C HIS B 845 -59.72 -6.64 14.44
N MET B 846 -58.62 -7.27 14.02
CA MET B 846 -57.29 -7.01 14.57
C MET B 846 -56.42 -6.40 13.49
N SER B 847 -55.80 -5.27 13.79
CA SER B 847 -54.99 -4.54 12.83
C SER B 847 -53.53 -4.56 13.25
N ASN B 848 -52.65 -4.41 12.25
CA ASN B 848 -51.20 -4.46 12.44
C ASN B 848 -50.79 -5.79 13.07
N ILE B 849 -51.02 -6.87 12.32
CA ILE B 849 -50.72 -8.21 12.81
C ILE B 849 -49.22 -8.36 12.98
N ARG B 850 -48.81 -8.86 14.15
CA ARG B 850 -47.40 -9.09 14.44
C ARG B 850 -46.99 -10.55 14.28
N VAL B 851 -47.93 -11.46 14.09
CA VAL B 851 -47.64 -12.89 13.98
C VAL B 851 -47.83 -13.32 12.55
N LYS B 852 -47.03 -14.30 12.12
CA LYS B 852 -47.02 -14.89 10.79
C LYS B 852 -47.67 -16.27 10.82
N PRO B 853 -48.25 -16.72 9.70
CA PRO B 853 -48.76 -18.09 9.64
C PRO B 853 -47.64 -19.10 9.87
N GLY B 854 -47.98 -20.17 10.58
CA GLY B 854 -47.01 -21.18 10.95
C GLY B 854 -46.19 -20.86 12.17
N GLN B 855 -46.39 -19.69 12.78
CA GLN B 855 -45.66 -19.33 13.99
C GLN B 855 -46.31 -19.97 15.21
N ASN B 856 -45.49 -20.23 16.22
CA ASN B 856 -45.96 -20.80 17.49
C ASN B 856 -46.10 -19.67 18.50
N VAL B 857 -47.30 -19.54 19.08
CA VAL B 857 -47.58 -18.51 20.06
C VAL B 857 -48.09 -19.18 21.33
N ILE B 858 -47.89 -18.49 22.46
CA ILE B 858 -48.34 -19.00 23.75
C ILE B 858 -49.42 -18.09 24.29
N ARG B 859 -50.00 -18.46 25.42
CA ARG B 859 -51.10 -17.69 26.01
C ARG B 859 -50.58 -16.34 26.48
N GLY B 860 -51.13 -15.27 25.92
CA GLY B 860 -50.70 -13.93 26.23
C GLY B 860 -49.79 -13.28 25.21
N THR B 861 -49.46 -13.99 24.12
CA THR B 861 -48.63 -13.41 23.07
C THR B 861 -49.37 -12.28 22.37
N ILE B 862 -48.67 -11.20 22.08
CA ILE B 862 -49.26 -10.04 21.42
C ILE B 862 -49.47 -10.40 19.96
N LEU B 863 -50.74 -10.58 19.57
CA LEU B 863 -51.06 -10.98 18.20
C LEU B 863 -51.16 -9.77 17.27
N GLY B 864 -51.40 -8.59 17.82
CA GLY B 864 -51.56 -7.41 17.00
C GLY B 864 -52.19 -6.28 17.79
N THR B 865 -52.77 -5.33 17.07
CA THR B 865 -53.38 -4.15 17.66
C THR B 865 -54.87 -4.13 17.35
N GLN B 866 -55.66 -3.63 18.31
CA GLN B 866 -57.10 -3.53 18.09
C GLN B 866 -57.43 -2.54 16.97
N ALA B 867 -56.74 -1.39 16.95
CA ALA B 867 -56.95 -0.38 15.93
C ALA B 867 -55.60 0.19 15.52
N SER B 868 -55.37 0.30 14.21
CA SER B 868 -54.11 0.81 13.72
C SER B 868 -53.98 2.31 13.97
N VAL B 869 -52.74 2.78 13.98
CA VAL B 869 -52.48 4.20 14.21
C VAL B 869 -52.90 5.04 13.02
N GLY B 870 -52.75 4.53 11.80
CA GLY B 870 -52.98 5.32 10.61
C GLY B 870 -54.44 5.41 10.18
N GLY B 871 -55.36 5.39 11.15
CA GLY B 871 -56.76 5.63 10.87
C GLY B 871 -57.41 4.69 9.87
N THR B 872 -57.18 3.39 10.00
CA THR B 872 -57.87 2.40 9.17
C THR B 872 -59.26 2.17 9.76
N SER B 873 -60.15 3.10 9.43
CA SER B 873 -61.50 3.23 10.01
C SER B 873 -61.45 3.63 11.49
N THR B 874 -60.24 3.70 12.05
CA THR B 874 -59.89 4.35 13.32
C THR B 874 -60.80 3.96 14.48
N GLY B 875 -61.55 2.87 14.36
CA GLY B 875 -62.39 2.43 15.47
C GLY B 875 -63.12 1.12 15.20
N THR B 876 -63.05 0.21 16.16
CA THR B 876 -63.69 -1.10 16.03
C THR B 876 -63.62 -1.81 17.37
N HIS B 877 -64.25 -2.99 17.43
CA HIS B 877 -64.20 -3.86 18.58
C HIS B 877 -63.37 -5.10 18.24
N LEU B 878 -63.32 -6.06 19.15
CA LEU B 878 -62.60 -7.31 18.93
C LEU B 878 -63.60 -8.46 18.90
N HIS B 879 -63.53 -9.27 17.84
CA HIS B 879 -64.40 -10.42 17.67
C HIS B 879 -63.61 -11.68 17.97
N ILE B 880 -64.15 -12.55 18.81
CA ILE B 880 -63.41 -13.73 19.23
C ILE B 880 -64.32 -14.95 19.25
N GLU B 881 -63.85 -16.04 18.65
CA GLU B 881 -64.52 -17.33 18.65
C GLU B 881 -63.60 -18.36 19.31
N ALA B 882 -64.08 -18.97 20.39
CA ALA B 882 -63.30 -19.94 21.14
C ALA B 882 -64.25 -20.67 22.08
N ASN B 883 -63.74 -21.73 22.72
CA ASN B 883 -64.58 -22.47 23.64
C ASN B 883 -64.71 -21.73 24.97
N GLN B 884 -65.57 -22.25 25.85
CA GLN B 884 -65.92 -21.53 27.07
C GLN B 884 -64.71 -21.32 27.98
N PHE B 885 -63.91 -22.37 28.19
CA PHE B 885 -62.80 -22.27 29.12
C PHE B 885 -61.77 -21.26 28.65
N ILE B 886 -61.46 -21.25 27.34
CA ILE B 886 -60.46 -20.32 26.83
C ILE B 886 -60.93 -18.87 27.02
N LEU B 887 -62.20 -18.61 26.72
CA LEU B 887 -62.72 -17.25 26.86
C LEU B 887 -62.75 -16.82 28.33
N GLU B 888 -63.18 -17.72 29.23
CA GLU B 888 -63.22 -17.37 30.65
C GLU B 888 -61.82 -17.08 31.18
N SER B 889 -60.86 -17.95 30.87
CA SER B 889 -59.49 -17.72 31.31
C SER B 889 -58.89 -16.47 30.66
N TYR B 890 -59.29 -16.16 29.41
CA TYR B 890 -58.83 -14.95 28.76
C TYR B 890 -59.31 -13.71 29.49
N VAL B 891 -60.59 -13.67 29.84
CA VAL B 891 -61.11 -12.53 30.58
C VAL B 891 -60.45 -12.43 31.95
N GLN B 892 -60.27 -13.56 32.63
CA GLN B 892 -59.65 -13.54 33.94
C GLN B 892 -58.21 -13.03 33.88
N SER B 893 -57.46 -13.47 32.85
CA SER B 893 -56.09 -13.00 32.70
C SER B 893 -56.04 -11.53 32.32
N LEU B 894 -56.97 -11.06 31.48
CA LEU B 894 -57.00 -9.64 31.14
C LEU B 894 -57.26 -8.79 32.36
N VAL B 895 -58.20 -9.20 33.22
CA VAL B 895 -58.51 -8.40 34.39
C VAL B 895 -57.39 -8.49 35.44
N THR B 896 -56.95 -9.70 35.76
CA THR B 896 -55.96 -9.87 36.83
C THR B 896 -54.55 -9.53 36.37
N GLY B 897 -54.23 -9.80 35.11
CA GLY B 897 -52.88 -9.61 34.61
C GLY B 897 -51.97 -10.82 34.73
N ASN B 898 -52.47 -11.92 35.29
CA ASN B 898 -51.70 -13.15 35.41
C ASN B 898 -51.95 -14.02 34.19
N TRP B 899 -50.89 -14.36 33.47
CA TRP B 899 -51.01 -15.15 32.25
C TRP B 899 -50.27 -16.48 32.36
N MET C 1 21.48 22.80 -35.27
CA MET C 1 21.56 21.35 -35.05
C MET C 1 22.07 21.04 -33.64
N GLN C 2 22.20 19.75 -33.34
CA GLN C 2 22.58 19.29 -32.00
C GLN C 2 24.08 19.53 -31.82
N ASP C 3 24.40 20.66 -31.20
CA ASP C 3 25.78 21.06 -30.92
C ASP C 3 25.89 21.43 -29.46
N PRO C 4 25.79 20.45 -28.55
CA PRO C 4 25.59 20.78 -27.13
C PRO C 4 26.87 20.92 -26.34
N ILE C 5 26.79 21.62 -25.20
CA ILE C 5 27.86 21.67 -24.20
C ILE C 5 27.23 21.43 -22.83
N ILE C 6 27.86 20.56 -22.05
CA ILE C 6 27.40 20.21 -20.71
C ILE C 6 28.58 20.33 -19.75
N LYS C 7 28.38 21.06 -18.66
CA LYS C 7 29.40 21.20 -17.62
C LYS C 7 28.75 20.98 -16.26
N ILE C 8 29.37 20.14 -15.43
CA ILE C 8 28.84 19.80 -14.12
C ILE C 8 29.89 20.13 -13.07
N LEU C 9 29.51 20.93 -12.08
CA LEU C 9 30.39 21.31 -10.98
C LEU C 9 29.87 20.64 -9.72
N ILE C 10 30.68 19.76 -9.13
CA ILE C 10 30.32 19.06 -7.90
C ILE C 10 31.49 19.11 -6.94
N GLY C 11 31.20 19.31 -5.66
CA GLY C 11 32.28 19.38 -4.69
C GLY C 11 33.13 20.43 -5.38
N ASN C 12 34.46 20.21 -5.34
CA ASN C 12 35.41 21.07 -6.02
C ASN C 12 36.00 20.67 -7.37
N ASP C 13 35.29 19.85 -8.15
CA ASP C 13 35.78 19.47 -9.47
C ASP C 13 34.66 19.54 -10.49
N THR C 14 35.05 19.64 -11.75
CA THR C 14 34.15 19.82 -12.88
C THR C 14 34.30 18.69 -13.87
N PHE C 15 33.16 18.23 -14.39
CA PHE C 15 33.11 17.26 -15.47
C PHE C 15 32.57 17.96 -16.71
N LEU C 16 33.31 17.88 -17.80
CA LEU C 16 32.94 18.54 -19.04
C LEU C 16 32.46 17.52 -20.06
N LEU C 17 31.80 18.02 -21.10
CA LEU C 17 31.39 17.16 -22.20
C LEU C 17 32.61 16.67 -22.97
N GLY C 18 32.68 15.37 -23.19
CA GLY C 18 33.80 14.77 -23.88
C GLY C 18 34.95 14.33 -22.99
N GLN C 19 34.89 14.63 -21.69
CA GLN C 19 35.96 14.22 -20.78
C GLN C 19 35.64 12.90 -20.09
N GLU C 20 34.59 12.88 -19.27
CA GLU C 20 34.20 11.66 -18.58
C GLU C 20 32.68 11.48 -18.56
N ILE C 21 31.94 12.53 -18.90
CA ILE C 21 30.48 12.47 -18.83
C ILE C 21 29.97 11.44 -19.82
N ILE C 22 29.22 10.46 -19.33
CA ILE C 22 28.67 9.40 -20.17
C ILE C 22 27.22 9.71 -20.51
N ASP C 23 26.41 10.00 -19.49
CA ASP C 23 25.00 10.30 -19.69
C ASP C 23 24.56 11.32 -18.65
N LEU C 24 23.42 11.96 -18.91
CA LEU C 24 22.90 12.98 -18.02
C LEU C 24 21.39 13.03 -18.15
N ASP C 25 20.72 13.22 -17.01
CA ASP C 25 19.27 13.30 -16.94
C ASP C 25 18.87 14.68 -16.43
N PHE C 26 17.56 14.90 -16.34
CA PHE C 26 17.02 16.20 -15.98
C PHE C 26 15.63 16.01 -15.39
N GLN C 27 15.16 17.05 -14.70
CA GLN C 27 13.77 17.16 -14.29
C GLN C 27 13.51 18.57 -13.82
N ILE C 28 12.46 19.19 -14.34
CA ILE C 28 12.02 20.49 -13.86
C ILE C 28 10.52 20.38 -13.61
N GLY C 29 10.14 20.08 -12.36
CA GLY C 29 8.75 19.83 -12.03
C GLY C 29 8.07 21.03 -11.42
N GLU C 30 6.74 20.96 -11.37
CA GLU C 30 5.91 22.06 -10.89
C GLU C 30 5.16 21.69 -9.61
N GLY C 31 4.38 20.61 -9.65
CA GLY C 31 3.54 20.24 -8.52
C GLY C 31 4.02 18.96 -7.85
N LYS C 32 3.39 17.84 -8.21
CA LYS C 32 3.80 16.54 -7.68
C LYS C 32 5.26 16.25 -8.00
N LYS C 33 5.80 16.85 -9.06
CA LYS C 33 7.16 16.58 -9.51
C LYS C 33 8.11 17.65 -8.99
N GLN C 34 9.26 17.21 -8.48
CA GLN C 34 10.32 18.11 -8.06
C GLN C 34 11.34 18.24 -9.18
N ASN C 35 12.47 18.86 -8.89
CA ASN C 35 13.59 18.95 -9.81
C ASN C 35 14.69 18.00 -9.36
N ASN C 36 15.23 17.21 -10.27
CA ASN C 36 16.27 16.25 -9.95
C ASN C 36 17.22 16.09 -11.12
N ILE C 37 18.40 15.56 -10.82
CA ILE C 37 19.44 15.30 -11.81
C ILE C 37 20.05 13.94 -11.52
N ASN C 38 20.34 13.19 -12.58
CA ASN C 38 21.02 11.89 -12.47
C ASN C 38 22.01 11.84 -13.63
N PHE C 39 23.30 11.89 -13.32
CA PHE C 39 24.32 11.88 -14.37
C PHE C 39 25.40 10.83 -14.10
N THR C 40 25.84 10.17 -15.16
CA THR C 40 26.79 9.07 -15.09
C THR C 40 28.10 9.50 -15.72
N ILE C 41 29.22 9.23 -15.03
CA ILE C 41 30.54 9.59 -15.50
C ILE C 41 31.43 8.35 -15.47
N PHE C 42 32.48 8.39 -16.29
CA PHE C 42 33.47 7.34 -16.36
C PHE C 42 34.51 7.58 -15.26
N ASP C 43 34.62 6.62 -14.34
CA ASP C 43 35.45 6.77 -13.14
C ASP C 43 36.57 5.74 -13.21
N LYS C 44 37.66 6.10 -13.90
CA LYS C 44 38.80 5.20 -14.02
C LYS C 44 39.35 4.88 -12.64
N ASP C 45 39.34 3.59 -12.29
CA ASP C 45 39.69 3.08 -10.97
C ASP C 45 38.75 3.56 -9.88
N GLY C 46 37.61 4.15 -10.25
CA GLY C 46 36.62 4.60 -9.28
C GLY C 46 37.08 5.74 -8.39
N PHE C 47 38.05 6.52 -8.84
CA PHE C 47 38.62 7.56 -8.00
C PHE C 47 37.57 8.53 -7.49
N PHE C 48 36.78 9.10 -8.40
CA PHE C 48 35.69 9.99 -7.96
C PHE C 48 34.68 9.23 -7.13
N ALA C 49 34.42 7.96 -7.47
CA ALA C 49 33.54 7.14 -6.65
C ALA C 49 34.07 7.02 -5.24
N ASP C 50 35.39 7.02 -5.07
CA ASP C 50 35.97 7.01 -3.73
C ASP C 50 35.80 8.37 -3.06
N LYS C 51 35.84 9.44 -3.84
CA LYS C 51 35.82 10.78 -3.24
C LYS C 51 34.45 11.12 -2.67
N TYR C 52 33.38 10.74 -3.35
CA TYR C 52 32.03 11.14 -2.98
C TYR C 52 31.23 10.05 -2.30
N ILE C 53 31.86 8.94 -1.92
CA ILE C 53 31.16 7.90 -1.18
C ILE C 53 31.86 7.67 0.16
N SER C 54 33.16 7.92 0.21
CA SER C 54 33.91 7.73 1.44
C SER C 54 33.46 8.74 2.49
N THR C 55 33.20 8.25 3.70
CA THR C 55 32.84 9.08 4.84
C THR C 55 33.60 8.64 6.07
N SER C 56 33.90 9.59 6.94
CA SER C 56 34.53 9.30 8.22
C SER C 56 33.75 10.00 9.32
N TYR C 57 33.81 9.46 10.53
CA TYR C 57 33.11 10.03 11.67
C TYR C 57 34.09 10.31 12.79
N ALA C 58 34.09 11.54 13.27
CA ALA C 58 34.95 11.94 14.38
C ALA C 58 34.18 11.76 15.69
N GLN C 59 34.74 12.26 16.78
CA GLN C 59 34.15 12.10 18.10
C GLN C 59 33.97 13.46 18.76
N GLY C 60 33.00 13.51 19.68
CA GLY C 60 32.64 14.74 20.35
C GLY C 60 33.75 15.38 21.14
N GLY C 61 34.50 14.58 21.89
CA GLY C 61 35.61 15.10 22.68
C GLY C 61 36.95 14.52 22.29
N ILE C 62 36.96 13.27 21.82
CA ILE C 62 38.21 12.59 21.51
C ILE C 62 38.89 13.22 20.30
N ASP C 63 38.14 13.50 19.24
CA ASP C 63 38.69 14.01 17.99
C ASP C 63 38.56 15.52 17.87
N LEU C 64 37.45 16.09 18.32
CA LEU C 64 37.23 17.52 18.21
C LEU C 64 36.87 18.10 19.58
N PRO C 65 37.04 19.40 19.79
CA PRO C 65 36.39 20.06 20.93
C PRO C 65 34.88 19.98 20.79
N ILE C 66 34.21 19.93 21.94
CA ILE C 66 32.75 19.81 21.92
C ILE C 66 32.11 21.06 21.31
N ASP C 67 32.71 22.23 21.51
CA ASP C 67 32.15 23.47 20.97
C ASP C 67 32.12 23.48 19.45
N PHE C 68 32.88 22.61 18.80
CA PHE C 68 32.83 22.51 17.35
C PHE C 68 31.49 21.97 16.86
N LEU C 69 30.76 21.25 17.71
CA LEU C 69 29.52 20.61 17.31
C LEU C 69 28.27 21.29 17.87
N GLU C 70 28.41 22.50 18.39
CA GLU C 70 27.27 23.26 18.87
C GLU C 70 27.31 24.67 18.32
N ASN C 71 26.13 25.24 18.07
CA ASN C 71 26.03 26.58 17.53
C ASN C 71 25.64 27.59 18.60
N PRO C 72 26.17 28.81 18.54
CA PRO C 72 25.90 29.78 19.62
C PRO C 72 24.47 30.28 19.64
N ASP C 73 23.70 30.10 18.56
CA ASP C 73 22.33 30.60 18.54
C ASP C 73 21.48 29.91 19.60
N ASP C 74 21.65 28.61 19.79
CA ASP C 74 20.92 27.87 20.81
C ASP C 74 21.58 28.14 22.16
N ALA C 75 21.03 29.08 22.92
CA ALA C 75 21.61 29.45 24.21
C ALA C 75 21.45 28.32 25.22
N LYS C 76 22.44 28.20 26.08
CA LYS C 76 22.41 27.19 27.14
C LYS C 76 21.35 27.54 28.18
N ASP C 77 20.73 26.51 28.73
CA ASP C 77 19.72 26.72 29.77
C ASP C 77 20.38 27.26 31.03
N THR C 78 20.04 28.50 31.38
CA THR C 78 20.65 29.20 32.49
C THR C 78 19.61 29.45 33.58
N ASN C 79 19.96 29.13 34.81
CA ASN C 79 19.10 29.37 35.96
C ASN C 79 19.70 30.46 36.84
N SER C 80 18.90 30.96 37.77
CA SER C 80 19.33 32.01 38.68
C SER C 80 18.39 32.02 39.87
N ALA C 81 18.77 32.78 40.90
CA ALA C 81 17.93 32.92 42.08
C ALA C 81 16.65 33.65 41.71
N SER C 82 15.51 33.09 42.13
CA SER C 82 14.22 33.68 41.79
C SER C 82 14.04 35.02 42.48
N THR C 83 13.61 36.01 41.70
CA THR C 83 13.34 37.34 42.23
C THR C 83 11.90 37.52 42.69
N ALA C 84 11.09 36.46 42.60
CA ALA C 84 9.69 36.49 43.03
C ALA C 84 9.51 35.44 44.11
N THR C 85 9.81 35.81 45.35
CA THR C 85 9.61 34.94 46.51
C THR C 85 8.65 35.62 47.47
N GLU C 86 7.65 34.88 47.93
CA GLU C 86 6.67 35.45 48.84
C GLU C 86 7.32 35.82 50.17
N VAL C 87 6.81 36.89 50.77
CA VAL C 87 7.34 37.43 52.00
C VAL C 87 6.26 37.34 53.07
N ASP C 88 6.61 36.79 54.22
CA ASP C 88 5.68 36.65 55.35
C ASP C 88 5.82 37.86 56.25
N SER C 89 4.89 38.81 56.12
CA SER C 89 4.89 40.01 56.95
C SER C 89 4.22 39.77 58.30
N VAL C 90 3.98 38.51 58.68
CA VAL C 90 3.37 38.22 59.98
C VAL C 90 4.30 38.65 61.10
N GLY C 91 5.60 38.47 60.93
CA GLY C 91 6.55 38.79 61.97
C GLY C 91 6.96 37.62 62.84
N ASN C 92 6.81 36.39 62.34
CA ASN C 92 7.16 35.19 63.09
C ASN C 92 8.03 34.31 62.19
N GLY C 93 9.34 34.32 62.45
CA GLY C 93 10.26 33.53 61.67
C GLY C 93 10.79 34.28 60.46
N THR C 94 11.48 33.52 59.60
CA THR C 94 12.02 34.09 58.37
C THR C 94 10.91 34.51 57.44
N VAL C 95 11.19 35.50 56.61
CA VAL C 95 10.16 36.09 55.76
C VAL C 95 9.98 35.35 54.43
N SER C 96 11.04 34.73 53.91
CA SER C 96 10.95 34.05 52.62
C SER C 96 10.15 32.77 52.75
N ARG C 97 9.17 32.57 51.87
CA ARG C 97 8.25 31.44 51.94
C ARG C 97 8.42 30.48 50.77
N SER C 98 8.44 31.00 49.54
CA SER C 98 8.40 30.14 48.36
C SER C 98 9.82 29.78 47.93
N GLY C 99 9.93 29.19 46.74
CA GLY C 99 11.24 28.86 46.19
C GLY C 99 11.92 27.78 46.99
N VAL C 100 13.23 27.97 47.22
CA VAL C 100 14.02 27.02 47.98
C VAL C 100 13.80 27.11 49.48
N PHE C 101 13.02 28.09 49.95
CA PHE C 101 12.81 28.30 51.37
C PHE C 101 11.64 27.44 51.84
N THR C 102 11.86 26.13 51.83
CA THR C 102 10.90 25.19 52.35
C THR C 102 10.87 25.29 53.87
N PRO C 103 9.92 24.63 54.54
CA PRO C 103 9.90 24.68 56.01
C PRO C 103 11.20 24.27 56.67
N LYS C 104 11.96 23.35 56.07
CA LYS C 104 13.22 22.93 56.66
C LYS C 104 14.24 24.06 56.66
N ILE C 105 14.44 24.71 55.50
CA ILE C 105 15.36 25.84 55.42
C ILE C 105 14.89 26.98 56.31
N ARG C 106 13.57 27.23 56.33
CA ARG C 106 13.03 28.28 57.17
C ARG C 106 13.32 28.02 58.65
N ALA C 107 13.13 26.78 59.08
CA ALA C 107 13.38 26.43 60.48
C ALA C 107 14.87 26.51 60.80
N PHE C 108 15.73 26.10 59.87
CA PHE C 108 17.16 26.19 60.12
C PHE C 108 17.62 27.65 60.21
N LEU C 109 17.06 28.51 59.38
CA LEU C 109 17.42 29.92 59.41
C LEU C 109 16.94 30.54 60.72
N ASP C 110 15.96 29.92 61.35
CA ASP C 110 15.50 30.41 62.64
C ASP C 110 16.46 29.93 63.70
N THR C 111 16.87 28.67 63.59
CA THR C 111 17.82 28.13 64.54
C THR C 111 19.10 28.94 64.50
N ILE C 112 19.39 29.52 63.34
CA ILE C 112 20.58 30.37 63.26
C ILE C 112 20.33 31.72 63.91
N ALA C 113 19.19 32.34 63.58
CA ALA C 113 18.84 33.64 64.14
C ALA C 113 18.56 33.59 65.64
N SER C 114 18.21 32.42 66.19
CA SER C 114 17.96 32.31 67.62
C SER C 114 19.18 32.69 68.45
N LYS C 115 20.39 32.57 67.88
CA LYS C 115 21.61 32.92 68.56
C LYS C 115 22.42 34.00 67.87
N GLU C 116 22.22 34.21 66.57
CA GLU C 116 23.00 35.21 65.84
C GLU C 116 22.36 36.59 65.83
N THR C 117 21.21 36.77 66.49
CA THR C 117 20.53 38.06 66.47
C THR C 117 20.74 38.81 67.79
N ALA C 118 20.19 40.02 67.85
CA ALA C 118 20.19 40.78 69.08
C ALA C 118 19.24 40.16 70.10
N PRO C 119 19.47 40.39 71.40
CA PRO C 119 18.59 39.82 72.41
C PRO C 119 17.15 40.29 72.24
N GLY C 120 16.22 39.36 72.45
CA GLY C 120 14.80 39.67 72.40
C GLY C 120 14.16 39.64 71.04
N THR C 121 14.95 39.58 69.96
CA THR C 121 14.43 39.56 68.59
C THR C 121 15.06 38.38 67.86
N ALA C 122 14.46 37.20 67.99
CA ALA C 122 14.88 36.02 67.25
C ALA C 122 13.91 35.62 66.16
N LEU C 123 12.62 35.82 66.36
CA LEU C 123 11.61 35.62 65.33
C LEU C 123 10.99 36.93 64.87
N ASN C 124 11.32 38.05 65.52
CA ASN C 124 10.78 39.34 65.15
C ASN C 124 11.39 39.81 63.83
N ILE C 125 10.66 40.72 63.16
CA ILE C 125 11.17 41.30 61.93
C ILE C 125 12.36 42.21 62.21
N GLU C 126 12.31 42.97 63.30
CA GLU C 126 13.39 43.87 63.66
C GLU C 126 14.72 43.16 63.86
N GLY C 127 14.69 41.85 64.14
CA GLY C 127 15.93 41.08 64.23
C GLY C 127 16.74 41.08 62.96
N TYR C 128 16.12 41.40 61.82
CA TYR C 128 16.85 41.53 60.57
C TYR C 128 17.80 42.73 60.57
N ARG C 129 17.69 43.62 61.56
CA ARG C 129 18.57 44.77 61.66
C ARG C 129 19.51 44.67 62.86
N SER C 130 19.82 43.45 63.31
CA SER C 130 20.69 43.27 64.45
C SER C 130 22.13 43.67 64.13
N VAL C 131 22.87 44.07 65.16
CA VAL C 131 24.27 44.44 65.06
C VAL C 131 25.05 43.63 66.08
N SER C 132 26.18 43.06 65.64
CA SER C 132 26.98 42.23 66.54
C SER C 132 27.52 43.07 67.69
N GLY C 133 27.32 42.58 68.92
CA GLY C 133 27.81 43.27 70.10
C GLY C 133 27.04 44.50 70.50
N SER C 134 25.91 44.78 69.86
CA SER C 134 25.12 45.97 70.17
C SER C 134 23.64 45.62 70.10
N SER C 135 22.88 46.16 71.04
CA SER C 135 21.43 46.00 71.04
C SER C 135 20.71 47.04 70.20
N THR C 136 21.44 47.94 69.58
CA THR C 136 20.86 48.99 68.75
C THR C 136 20.86 48.56 67.29
N LEU C 137 19.69 48.65 66.65
CA LEU C 137 19.54 48.27 65.26
C LEU C 137 19.97 49.43 64.35
N PHE C 138 20.46 49.07 63.17
CA PHE C 138 20.92 50.08 62.22
C PHE C 138 19.71 50.66 61.47
N ASP C 139 19.98 51.65 60.62
CA ASP C 139 18.93 52.44 60.01
C ASP C 139 18.06 51.58 59.08
N GLU C 140 16.77 51.87 59.08
CA GLU C 140 15.83 51.13 58.23
C GLU C 140 16.04 51.48 56.76
N SER C 141 16.44 52.72 56.47
CA SER C 141 16.67 53.12 55.09
C SER C 141 17.97 52.53 54.54
N GLU C 142 18.93 52.22 55.42
CA GLU C 142 20.21 51.71 54.96
C GLU C 142 20.07 50.34 54.31
N MET C 143 19.19 49.49 54.84
CA MET C 143 19.06 48.14 54.30
C MET C 143 18.44 48.13 52.91
N VAL C 144 17.90 49.27 52.46
CA VAL C 144 17.28 49.37 51.14
C VAL C 144 18.06 50.29 50.21
N ALA C 145 18.87 51.19 50.75
CA ALA C 145 19.60 52.16 49.93
C ALA C 145 20.47 51.47 48.88
N GLY C 146 20.94 50.25 49.17
CA GLY C 146 21.69 49.51 48.19
C GLY C 146 23.07 49.06 48.66
N GLY C 147 23.60 48.02 48.03
CA GLY C 147 24.92 47.53 48.41
C GLY C 147 24.89 46.91 49.79
N PHE C 148 25.84 47.33 50.63
CA PHE C 148 25.96 46.83 51.98
C PHE C 148 25.94 47.98 52.97
N PRO C 149 25.37 47.80 54.17
CA PRO C 149 25.33 48.88 55.15
C PRO C 149 26.72 49.36 55.53
N ARG C 150 26.98 50.65 55.27
CA ARG C 150 28.25 51.26 55.61
C ARG C 150 28.26 51.84 57.02
N SER C 151 27.09 51.99 57.64
CA SER C 151 27.00 52.66 58.93
C SER C 151 27.85 52.00 60.00
N GLN C 152 28.06 50.69 59.89
CA GLN C 152 28.95 49.94 60.79
C GLN C 152 29.89 49.12 59.91
N GLY C 153 31.06 49.68 59.63
CA GLY C 153 31.98 49.04 58.69
C GLY C 153 32.50 47.71 59.17
N SER C 154 32.93 47.65 60.44
CA SER C 154 33.59 46.44 60.93
C SER C 154 32.61 45.44 61.52
N LYS C 155 31.53 45.91 62.13
CA LYS C 155 30.62 45.02 62.84
C LYS C 155 29.83 44.16 61.85
N ASN C 156 29.35 43.03 62.35
CA ASN C 156 28.50 42.14 61.56
C ASN C 156 27.07 42.68 61.54
N ILE C 157 26.46 42.67 60.35
CA ILE C 157 25.18 43.30 60.10
C ILE C 157 24.18 42.25 59.65
N GLY C 158 22.99 42.26 60.24
CA GLY C 158 21.86 41.50 59.76
C GLY C 158 21.36 40.49 60.76
N ARG C 159 20.28 39.81 60.38
CA ARG C 159 19.73 38.73 61.19
C ARG C 159 20.74 37.60 61.34
N TYR C 160 21.41 37.25 60.26
CA TYR C 160 22.55 36.33 60.28
C TYR C 160 23.80 37.18 60.15
N GLN C 161 24.70 37.07 61.12
CA GLN C 161 25.81 38.01 61.26
C GLN C 161 26.75 37.87 60.07
N PHE C 162 26.68 38.85 59.15
CA PHE C 162 27.46 38.83 57.92
C PHE C 162 28.16 40.16 57.74
N THR C 163 29.31 40.11 57.07
CA THR C 163 30.05 41.29 56.67
C THR C 163 29.97 41.46 55.15
N VAL C 164 30.66 42.48 54.65
CA VAL C 164 30.66 42.72 53.20
C VAL C 164 31.39 41.62 52.45
N ILE C 165 32.30 40.90 53.11
CA ILE C 165 33.00 39.80 52.45
C ILE C 165 32.02 38.69 52.08
N ASP C 166 31.16 38.30 53.02
CA ASP C 166 30.15 37.30 52.73
C ASP C 166 29.17 37.79 51.69
N TYR C 167 28.86 39.09 51.71
CA TYR C 167 27.96 39.66 50.71
C TYR C 167 28.56 39.55 49.31
N ASN C 168 29.84 39.88 49.16
CA ASN C 168 30.50 39.75 47.87
C ASN C 168 30.58 38.28 47.45
N HIS C 169 30.89 37.39 48.39
CA HIS C 169 30.96 35.97 48.06
C HIS C 169 29.61 35.45 47.57
N ALA C 170 28.52 35.88 48.20
CA ALA C 170 27.19 35.52 47.73
C ALA C 170 26.92 36.10 46.35
N ARG C 171 27.28 37.36 46.14
CA ARG C 171 27.07 37.99 44.84
C ARG C 171 27.88 37.31 43.74
N SER C 172 28.96 36.61 44.09
CA SER C 172 29.70 35.83 43.10
C SER C 172 28.85 34.72 42.49
N LYS C 173 27.86 34.22 43.22
CA LYS C 173 26.96 33.19 42.71
C LYS C 173 25.55 33.69 42.43
N TYR C 174 25.05 34.64 43.22
CA TYR C 174 23.72 35.23 43.02
C TYR C 174 23.91 36.72 42.77
N PRO C 175 24.17 37.13 41.53
CA PRO C 175 24.37 38.56 41.24
C PRO C 175 23.14 39.42 41.47
N ASN C 176 21.94 38.83 41.53
CA ASN C 176 20.73 39.62 41.72
C ASN C 176 20.67 40.28 43.09
N ILE C 177 21.51 39.87 44.04
CA ILE C 177 21.56 40.51 45.35
C ILE C 177 22.17 41.89 45.17
N ASN C 178 21.35 42.94 45.31
CA ASN C 178 21.79 44.31 45.14
C ASN C 178 21.76 45.13 46.42
N ASN C 179 20.90 44.79 47.37
CA ASN C 179 20.86 45.48 48.64
C ASN C 179 20.89 44.47 49.78
N TYR C 180 20.72 44.94 51.01
CA TYR C 180 20.69 44.09 52.19
C TYR C 180 19.26 44.07 52.73
N SER C 181 18.43 43.23 52.14
CA SER C 181 17.02 43.13 52.48
C SER C 181 16.74 41.81 53.18
N PRO C 182 15.66 41.73 53.96
CA PRO C 182 15.33 40.45 54.61
C PRO C 182 15.25 39.28 53.64
N GLN C 183 14.66 39.50 52.46
CA GLN C 183 14.72 38.49 51.41
C GLN C 183 16.15 38.26 50.95
N ASN C 184 16.91 39.34 50.77
CA ASN C 184 18.30 39.20 50.36
C ASN C 184 19.15 38.58 51.45
N GLN C 185 18.88 38.92 52.72
CA GLN C 185 19.60 38.27 53.82
C GLN C 185 19.28 36.79 53.88
N ASP C 186 18.02 36.42 53.66
CA ASP C 186 17.65 35.01 53.61
C ASP C 186 18.36 34.28 52.47
N LEU C 187 18.42 34.92 51.30
CA LEU C 187 19.10 34.31 50.17
C LEU C 187 20.61 34.17 50.43
N LEU C 188 21.21 35.16 51.08
CA LEU C 188 22.62 35.07 51.44
C LEU C 188 22.87 33.95 52.45
N ALA C 189 21.96 33.80 53.42
CA ALA C 189 22.08 32.69 54.37
C ALA C 189 21.94 31.35 53.66
N TYR C 190 21.03 31.26 52.70
CA TYR C 190 20.88 30.03 51.93
C TYR C 190 22.13 29.74 51.12
N PHE C 191 22.75 30.77 50.54
CA PHE C 191 24.00 30.59 49.82
C PHE C 191 25.10 30.10 50.76
N LYS C 192 25.18 30.67 51.95
CA LYS C 192 26.18 30.23 52.92
C LYS C 192 25.95 28.78 53.34
N LEU C 193 24.68 28.38 53.48
CA LEU C 193 24.38 26.98 53.73
C LEU C 193 24.84 26.10 52.59
N GLN C 194 24.65 26.58 51.35
CA GLN C 194 25.09 25.81 50.18
C GLN C 194 26.60 25.66 50.15
N HIS C 195 27.34 26.74 50.45
CA HIS C 195 28.79 26.73 50.31
C HIS C 195 29.45 25.97 51.44
N ARG C 196 28.93 26.07 52.66
CA ARG C 196 29.49 25.37 53.80
C ARG C 196 29.03 23.92 53.88
N ASN C 197 28.41 23.40 52.81
CA ASN C 197 27.96 22.01 52.74
C ASN C 197 26.99 21.67 53.87
N VAL C 198 26.07 22.59 54.16
CA VAL C 198 25.04 22.34 55.15
C VAL C 198 23.76 21.82 54.51
N LEU C 199 23.50 22.18 53.25
CA LEU C 199 22.27 21.75 52.58
C LEU C 199 22.14 20.24 52.45
N PRO C 200 23.16 19.50 51.98
CA PRO C 200 22.96 18.04 51.82
C PRO C 200 22.57 17.33 53.11
N TYR C 201 23.17 17.72 54.24
CA TYR C 201 22.84 17.09 55.50
C TYR C 201 21.52 17.57 56.08
N LEU C 202 21.12 18.80 55.77
CA LEU C 202 19.84 19.32 56.23
C LEU C 202 18.67 18.74 55.45
N LEU C 203 18.88 18.43 54.16
CA LEU C 203 17.79 17.90 53.34
C LEU C 203 17.45 16.47 53.68
N ARG C 204 18.35 15.73 54.32
CA ARG C 204 18.08 14.36 54.75
C ARG C 204 17.99 14.23 56.27
N ASP C 205 17.68 15.34 56.95
CA ASP C 205 17.38 15.35 58.39
C ASP C 205 18.53 14.89 59.26
N ASP C 206 19.77 15.08 58.80
CA ASP C 206 20.94 14.81 59.63
C ASP C 206 21.34 16.13 60.31
N LEU C 207 20.62 16.45 61.38
CA LEU C 207 20.78 17.75 62.01
C LEU C 207 22.09 17.89 62.77
N ASP C 208 22.63 16.79 63.29
CA ASP C 208 23.93 16.87 63.98
C ASP C 208 25.01 17.29 63.00
N ASN C 209 25.09 16.61 61.85
CA ASN C 209 26.11 16.97 60.85
C ASN C 209 25.84 18.35 60.26
N ALA C 210 24.55 18.69 60.07
CA ALA C 210 24.23 20.01 59.55
C ALA C 210 24.70 21.11 60.50
N ILE C 211 24.47 20.93 61.79
CA ILE C 211 24.93 21.91 62.77
C ILE C 211 26.44 21.95 62.83
N ASP C 212 27.09 20.77 62.72
CA ASP C 212 28.55 20.73 62.72
C ASP C 212 29.12 21.53 61.56
N LYS C 213 28.55 21.36 60.36
CA LYS C 213 29.05 22.10 59.20
C LYS C 213 28.70 23.57 59.28
N ALA C 214 27.56 23.91 59.85
CA ALA C 214 27.19 25.32 60.00
C ALA C 214 27.98 26.03 61.09
N SER C 215 28.59 25.27 62.01
CA SER C 215 29.40 25.89 63.06
C SER C 215 30.63 26.59 62.50
N TYR C 216 31.09 26.21 61.31
CA TYR C 216 32.24 26.86 60.70
C TYR C 216 31.90 28.25 60.17
N GLU C 217 30.63 28.54 59.92
CA GLU C 217 30.22 29.84 59.42
C GLU C 217 29.74 30.76 60.55
N TRP C 218 28.97 30.22 61.48
CA TRP C 218 28.43 31.00 62.60
C TRP C 218 29.11 30.54 63.88
N ALA C 219 29.66 31.51 64.64
CA ALA C 219 30.46 31.18 65.81
C ALA C 219 29.62 30.70 66.98
N SER C 220 28.31 30.99 67.00
CA SER C 220 27.47 30.59 68.12
C SER C 220 27.07 29.12 68.07
N PHE C 221 27.33 28.43 66.97
CA PHE C 221 26.94 27.03 66.85
C PHE C 221 28.06 26.13 67.33
N PRO C 222 27.80 25.23 68.27
CA PRO C 222 28.82 24.25 68.66
C PRO C 222 29.06 23.23 67.57
N GLY C 223 30.29 22.70 67.54
CA GLY C 223 30.66 21.67 66.60
C GLY C 223 30.58 20.28 67.22
N ILE C 224 30.71 19.27 66.36
CA ILE C 224 30.69 17.88 66.82
C ILE C 224 32.01 17.58 67.50
N GLY C 225 31.95 17.11 68.75
CA GLY C 225 33.13 16.85 69.54
C GLY C 225 33.74 18.07 70.20
N LYS C 226 33.16 19.25 70.01
CA LYS C 226 33.67 20.46 70.63
C LYS C 226 32.52 21.44 70.88
N PRO C 227 32.14 21.68 72.17
CA PRO C 227 31.01 22.61 72.29
C PRO C 227 31.45 24.06 72.16
N GLN C 228 32.51 24.31 71.43
CA GLN C 228 32.97 25.68 71.21
C GLN C 228 32.78 26.03 69.76
N GLY C 229 32.56 25.01 68.93
CA GLY C 229 32.32 25.25 67.52
C GLY C 229 33.47 25.86 66.79
N GLN C 230 34.69 25.35 67.00
CA GLN C 230 35.89 25.89 66.35
C GLN C 230 36.05 27.38 66.59
N PHE C 231 35.50 27.87 67.70
CA PHE C 231 35.56 29.29 68.03
C PHE C 231 35.23 29.17 69.49
N ASN C 232 35.05 30.31 70.15
CA ASN C 232 34.66 30.32 71.56
C ASN C 232 33.58 31.35 71.73
N GLN C 233 32.58 31.35 70.91
CA GLN C 233 31.51 32.32 71.04
C GLN C 233 30.25 31.54 71.28
N VAL C 234 30.37 30.36 71.89
CA VAL C 234 29.18 29.59 72.23
C VAL C 234 28.73 29.96 73.64
N GLN C 235 27.49 30.43 73.76
CA GLN C 235 26.98 30.90 75.04
C GLN C 235 26.67 29.72 75.96
N SER C 236 26.46 30.03 77.23
CA SER C 236 26.11 29.00 78.20
C SER C 236 24.74 28.42 77.89
N GLY C 237 24.62 27.10 78.02
CA GLY C 237 23.39 26.42 77.73
C GLY C 237 23.14 26.10 76.28
N THR C 238 24.05 26.50 75.38
CA THR C 238 23.89 26.26 73.95
C THR C 238 24.55 24.93 73.61
N THR C 239 23.75 23.93 73.25
CA THR C 239 24.22 22.61 72.87
C THR C 239 23.56 22.18 71.57
N ILE C 240 24.09 21.12 70.99
CA ILE C 240 23.52 20.58 69.76
C ILE C 240 22.10 20.08 69.99
N ALA C 241 21.85 19.48 71.16
CA ALA C 241 20.51 18.98 71.47
C ALA C 241 19.50 20.12 71.57
N SER C 242 19.87 21.22 72.22
CA SER C 242 18.96 22.36 72.33
C SER C 242 18.67 22.96 70.96
N LEU C 243 19.69 23.09 70.13
CA LEU C 243 19.47 23.61 68.77
C LEU C 243 18.59 22.67 67.97
N LYS C 244 18.77 21.36 68.13
CA LYS C 244 17.90 20.40 67.45
C LYS C 244 16.46 20.54 67.92
N SER C 245 16.25 20.72 69.22
CA SER C 245 14.90 20.91 69.73
C SER C 245 14.27 22.18 69.17
N TYR C 246 15.03 23.27 69.13
CA TYR C 246 14.52 24.52 68.58
C TYR C 246 14.17 24.37 67.10
N TYR C 247 15.04 23.69 66.35
CA TYR C 247 14.77 23.46 64.93
C TYR C 247 13.52 22.60 64.74
N GLU C 248 13.35 21.57 65.57
CA GLU C 248 12.16 20.74 65.49
C GLU C 248 10.90 21.54 65.78
N THR C 249 10.96 22.40 66.80
CA THR C 249 9.81 23.24 67.13
C THR C 249 9.46 24.17 65.97
N ARG C 250 10.47 24.82 65.40
CA ARG C 250 10.22 25.72 64.28
C ARG C 250 9.68 24.98 63.06
N LEU C 251 10.22 23.78 62.78
CA LEU C 251 9.75 23.00 61.66
C LEU C 251 8.31 22.56 61.86
N ALA C 252 7.96 22.15 63.08
CA ALA C 252 6.58 21.78 63.37
C ALA C 252 5.65 22.98 63.20
N TYR C 253 6.07 24.16 63.67
CA TYR C 253 5.26 25.35 63.50
C TYR C 253 5.04 25.67 62.02
N TYR C 254 6.10 25.57 61.21
CA TYR C 254 5.97 25.84 59.78
C TYR C 254 5.08 24.82 59.09
N ARG C 255 5.22 23.55 59.46
CA ARG C 255 4.41 22.50 58.84
C ARG C 255 2.95 22.61 59.21
N SER C 256 2.65 23.07 60.44
CA SER C 256 1.26 23.20 60.86
C SER C 256 0.51 24.25 60.07
N LEU C 257 1.21 25.19 59.44
CA LEU C 257 0.52 26.23 58.68
C LEU C 257 -0.17 25.66 57.45
N GLU C 258 0.51 24.78 56.71
CA GLU C 258 -0.05 24.17 55.50
C GLU C 258 -0.47 22.73 55.73
N ALA C 259 -0.86 22.38 56.96
CA ALA C 259 -1.30 21.02 57.26
C ALA C 259 -2.73 20.83 56.76
N GLY C 260 -2.93 19.83 55.90
CA GLY C 260 -4.24 19.55 55.36
C GLY C 260 -5.08 18.67 56.26
N SER C 261 -6.26 18.32 55.77
CA SER C 261 -7.18 17.46 56.49
C SER C 261 -7.76 16.34 55.65
N ASP C 262 -7.34 16.19 54.40
CA ASP C 262 -7.80 15.12 53.54
C ASP C 262 -6.90 13.89 53.69
N PHE C 263 -7.40 12.76 53.20
CA PHE C 263 -6.69 11.50 53.31
C PHE C 263 -6.55 10.86 51.94
N GLN C 264 -5.45 10.12 51.77
CA GLN C 264 -5.10 9.49 50.51
C GLN C 264 -5.32 7.99 50.61
N ALA C 265 -6.01 7.43 49.61
CA ALA C 265 -6.28 6.00 49.56
C ALA C 265 -5.24 5.22 48.77
N SER C 266 -4.32 5.91 48.09
CA SER C 266 -3.29 5.27 47.28
C SER C 266 -1.91 5.62 47.83
N ALA C 267 -0.88 5.10 47.17
CA ALA C 267 0.49 5.36 47.54
C ALA C 267 1.30 5.69 46.29
N PRO C 268 2.26 6.60 46.40
CA PRO C 268 3.06 6.96 45.21
C PRO C 268 3.99 5.83 44.81
N LYS C 269 4.17 5.68 43.50
CA LYS C 269 5.12 4.74 42.94
C LYS C 269 5.87 5.40 41.78
N ASP C 270 7.07 4.90 41.51
CA ASP C 270 7.96 5.56 40.55
C ASP C 270 7.44 5.43 39.12
N THR C 271 6.99 4.23 38.75
CA THR C 271 6.64 3.93 37.36
C THR C 271 5.27 3.28 37.28
N THR C 272 4.57 3.50 36.16
CA THR C 272 3.31 2.83 35.92
C THR C 272 3.46 1.31 35.82
N ASN C 273 4.52 0.83 35.17
CA ASN C 273 4.73 -0.60 35.06
C ASN C 273 4.97 -1.23 36.43
N ASN C 274 5.73 -0.56 37.28
CA ASN C 274 6.00 -1.09 38.61
C ASN C 274 4.72 -1.14 39.44
N GLN C 275 4.57 -2.23 40.21
CA GLN C 275 3.41 -2.43 41.05
C GLN C 275 3.86 -2.74 42.47
N TYR C 276 3.03 -2.39 43.44
CA TYR C 276 3.29 -2.68 44.84
C TYR C 276 2.09 -3.41 45.45
N ALA C 277 2.34 -4.17 46.50
CA ALA C 277 1.33 -4.96 47.16
C ALA C 277 0.80 -4.23 48.39
N GLY C 278 -0.25 -4.80 48.97
CA GLY C 278 -0.83 -4.22 50.16
C GLY C 278 0.06 -4.38 51.38
N LYS C 279 -0.15 -3.49 52.35
CA LYS C 279 0.65 -3.49 53.57
C LYS C 279 -0.15 -3.65 54.85
N GLU C 280 -1.47 -3.45 54.81
CA GLU C 280 -2.29 -3.49 56.02
C GLU C 280 -3.47 -4.43 55.80
N TYR C 281 -3.86 -5.12 56.88
CA TYR C 281 -5.00 -6.02 56.87
C TYR C 281 -6.16 -5.32 57.58
N LYS C 282 -7.08 -4.77 56.79
CA LYS C 282 -8.15 -3.92 57.31
C LYS C 282 -9.42 -4.73 57.50
N THR C 283 -10.04 -4.59 58.67
CA THR C 283 -11.30 -5.25 58.95
C THR C 283 -12.39 -4.69 58.03
N ILE C 284 -13.15 -5.58 57.39
CA ILE C 284 -14.14 -5.18 56.40
C ILE C 284 -15.51 -5.09 57.06
N ARG C 285 -15.99 -6.21 57.61
CA ARG C 285 -17.32 -6.26 58.18
C ARG C 285 -17.32 -7.24 59.35
N THR C 286 -18.36 -7.13 60.17
CA THR C 286 -18.51 -7.98 61.35
C THR C 286 -19.52 -9.09 61.03
N LEU C 287 -19.02 -10.32 60.90
CA LEU C 287 -19.90 -11.45 60.62
C LEU C 287 -20.83 -11.74 61.79
N SER C 288 -20.28 -11.76 63.00
CA SER C 288 -21.06 -12.10 64.18
C SER C 288 -20.37 -11.49 65.40
N ASN C 289 -21.11 -10.69 66.17
CA ASN C 289 -20.55 -10.12 67.39
C ASN C 289 -20.18 -11.20 68.40
N SER C 290 -21.03 -12.21 68.54
CA SER C 290 -20.79 -13.29 69.51
C SER C 290 -21.43 -14.57 68.98
N THR C 291 -20.61 -15.56 68.64
CA THR C 291 -21.09 -16.84 68.19
C THR C 291 -20.22 -17.95 68.78
N THR C 292 -20.80 -19.13 68.91
CA THR C 292 -20.08 -20.28 69.45
C THR C 292 -19.27 -20.96 68.34
N ALA C 293 -18.05 -21.37 68.69
CA ALA C 293 -17.16 -22.02 67.75
C ALA C 293 -16.47 -23.21 68.42
N SER C 294 -16.09 -24.17 67.60
CA SER C 294 -15.40 -25.37 68.06
C SER C 294 -14.19 -25.64 67.17
N PHE C 295 -13.25 -26.41 67.69
CA PHE C 295 -12.04 -26.76 66.96
C PHE C 295 -12.08 -28.23 66.57
N TYR C 296 -11.61 -28.51 65.35
CA TYR C 296 -11.59 -29.87 64.83
C TYR C 296 -10.18 -30.23 64.39
N GLY C 297 -9.91 -31.52 64.36
CA GLY C 297 -8.59 -32.03 64.08
C GLY C 297 -7.77 -32.40 65.30
N TYR C 298 -8.38 -32.44 66.48
CA TYR C 298 -7.68 -32.73 67.73
C TYR C 298 -8.38 -33.90 68.42
N ASN C 299 -7.67 -35.02 68.55
CA ASN C 299 -8.22 -36.25 69.11
C ASN C 299 -9.49 -36.68 68.37
N ASP C 300 -9.45 -36.58 67.05
CA ASP C 300 -10.57 -36.96 66.20
C ASP C 300 -10.03 -37.68 64.97
N GLY C 301 -10.94 -38.05 64.07
CA GLY C 301 -10.56 -38.72 62.85
C GLY C 301 -10.02 -37.83 61.75
N PHE C 302 -10.00 -36.52 61.97
CA PHE C 302 -9.50 -35.59 60.96
C PHE C 302 -7.98 -35.51 61.07
N ASP C 303 -7.29 -36.10 60.10
CA ASP C 303 -5.84 -36.14 60.06
C ASP C 303 -5.35 -35.57 58.73
N SER C 304 -4.04 -35.69 58.48
CA SER C 304 -3.43 -35.17 57.28
C SER C 304 -3.80 -35.97 56.03
N SER C 305 -4.55 -37.06 56.17
CA SER C 305 -5.01 -37.83 55.03
C SER C 305 -6.32 -37.30 54.44
N ASP C 306 -7.09 -36.54 55.21
CA ASP C 306 -8.34 -36.00 54.72
C ASP C 306 -8.08 -34.85 53.74
N LEU C 307 -9.07 -34.60 52.89
CA LEU C 307 -9.04 -33.51 51.92
C LEU C 307 -10.07 -32.46 52.31
N THR C 308 -9.62 -31.22 52.45
CA THR C 308 -10.55 -30.14 52.71
C THR C 308 -11.38 -29.83 51.47
N ALA C 309 -12.47 -29.09 51.62
CA ALA C 309 -13.30 -28.75 50.48
C ALA C 309 -12.52 -27.88 49.50
N ASN C 310 -11.37 -27.38 49.94
CA ASN C 310 -10.53 -26.57 49.06
C ASN C 310 -9.78 -27.46 48.07
N GLY C 311 -9.59 -28.72 48.41
CA GLY C 311 -8.84 -29.60 47.55
C GLY C 311 -7.44 -29.70 48.08
N GLU C 312 -7.25 -29.27 49.33
CA GLU C 312 -5.93 -29.32 49.94
C GLU C 312 -5.94 -30.33 51.06
N ARG C 313 -4.78 -30.89 51.38
CA ARG C 313 -4.70 -31.83 52.49
C ARG C 313 -4.88 -31.09 53.80
N PHE C 314 -5.59 -31.71 54.73
CA PHE C 314 -5.87 -31.04 55.99
C PHE C 314 -4.66 -30.96 56.91
N ASN C 315 -4.22 -29.76 57.26
CA ASN C 315 -3.14 -29.61 58.23
C ASN C 315 -3.74 -29.20 59.58
N PRO C 316 -3.84 -30.12 60.54
CA PRO C 316 -4.47 -29.77 61.83
C PRO C 316 -3.75 -28.66 62.58
N GLU C 317 -2.43 -28.49 62.38
CA GLU C 317 -1.69 -27.46 63.08
C GLU C 317 -1.75 -26.11 62.39
N GLY C 318 -2.46 -26.00 61.28
CA GLY C 318 -2.51 -24.75 60.55
C GLY C 318 -3.57 -23.80 61.08
N ILE C 319 -3.40 -22.54 60.73
CA ILE C 319 -4.36 -21.48 61.14
C ILE C 319 -5.40 -21.41 60.02
N THR C 320 -6.38 -22.30 60.11
CA THR C 320 -7.43 -22.40 59.11
C THR C 320 -8.76 -22.66 59.81
N ALA C 321 -9.85 -22.51 59.06
CA ALA C 321 -11.18 -22.77 59.60
C ALA C 321 -12.12 -23.14 58.47
N ALA C 322 -13.20 -23.83 58.84
CA ALA C 322 -14.26 -24.18 57.92
C ALA C 322 -15.47 -23.29 58.22
N HIS C 323 -15.97 -22.62 57.18
CA HIS C 323 -17.11 -21.73 57.32
C HIS C 323 -18.28 -22.25 56.49
N GLU C 324 -19.49 -21.98 56.97
CA GLU C 324 -20.69 -22.49 56.30
C GLU C 324 -20.90 -21.89 54.92
N SER C 325 -20.64 -20.60 54.73
CA SER C 325 -21.02 -19.93 53.50
C SER C 325 -19.98 -19.00 52.91
N LEU C 326 -18.83 -18.82 53.55
CA LEU C 326 -17.87 -17.88 53.00
C LEU C 326 -17.08 -18.53 51.87
N PRO C 327 -16.67 -17.74 50.87
CA PRO C 327 -15.81 -18.27 49.81
C PRO C 327 -14.44 -18.67 50.36
N PHE C 328 -13.84 -19.67 49.72
CA PHE C 328 -12.53 -20.13 50.15
C PHE C 328 -11.48 -19.04 49.93
N GLY C 329 -10.54 -18.95 50.86
CA GLY C 329 -9.53 -17.91 50.83
C GLY C 329 -9.91 -16.66 51.59
N THR C 330 -11.16 -16.55 52.05
CA THR C 330 -11.58 -15.42 52.86
C THR C 330 -10.84 -15.44 54.19
N LEU C 331 -10.33 -14.28 54.60
CA LEU C 331 -9.58 -14.15 55.85
C LEU C 331 -10.50 -13.63 56.94
N VAL C 332 -10.68 -14.42 57.99
CA VAL C 332 -11.60 -14.12 59.08
C VAL C 332 -10.81 -13.95 60.35
N LYS C 333 -10.92 -12.77 60.97
CA LYS C 333 -10.36 -12.52 62.29
C LYS C 333 -11.33 -13.07 63.33
N VAL C 334 -10.84 -14.00 64.15
CA VAL C 334 -11.61 -14.61 65.23
C VAL C 334 -11.04 -14.08 66.53
N THR C 335 -11.87 -13.41 67.32
CA THR C 335 -11.46 -12.82 68.58
C THR C 335 -12.15 -13.57 69.72
N TRP C 336 -11.35 -14.10 70.63
CA TRP C 336 -11.88 -14.84 71.77
C TRP C 336 -12.18 -13.87 72.91
N ALA C 337 -13.43 -13.86 73.36
CA ALA C 337 -13.87 -12.89 74.35
C ALA C 337 -13.21 -13.08 75.72
N VAL C 338 -12.69 -14.28 76.00
CA VAL C 338 -12.13 -14.55 77.31
C VAL C 338 -10.85 -13.73 77.53
N ASN C 339 -9.96 -13.72 76.54
CA ASN C 339 -8.69 -13.02 76.65
C ASN C 339 -8.55 -11.86 75.68
N ASN C 340 -9.56 -11.58 74.85
CA ASN C 340 -9.53 -10.50 73.87
C ASN C 340 -8.33 -10.65 72.93
N LYS C 341 -8.02 -11.89 72.57
CA LYS C 341 -6.97 -12.18 71.61
C LYS C 341 -7.60 -12.60 70.29
N SER C 342 -7.06 -12.08 69.19
CA SER C 342 -7.61 -12.30 67.86
C SER C 342 -6.57 -12.95 66.96
N VAL C 343 -7.02 -13.89 66.13
CA VAL C 343 -6.16 -14.56 65.16
C VAL C 343 -6.90 -14.61 63.83
N VAL C 344 -6.16 -14.40 62.75
CA VAL C 344 -6.74 -14.42 61.41
C VAL C 344 -6.59 -15.82 60.83
N VAL C 345 -7.71 -16.43 60.45
CA VAL C 345 -7.73 -17.75 59.85
C VAL C 345 -8.15 -17.60 58.39
N ARG C 346 -7.77 -18.60 57.60
CA ARG C 346 -8.10 -18.65 56.19
C ARG C 346 -9.14 -19.72 55.96
N ILE C 347 -10.29 -19.33 55.41
CA ILE C 347 -11.38 -20.28 55.18
C ILE C 347 -11.02 -21.17 54.01
N ASN C 348 -10.86 -22.46 54.27
CA ASN C 348 -10.55 -23.42 53.22
C ASN C 348 -11.52 -24.58 53.16
N ASP C 349 -11.97 -25.07 54.32
CA ASP C 349 -12.90 -26.20 54.37
C ASP C 349 -14.33 -25.68 54.48
N ARG C 350 -15.27 -26.62 54.36
CA ARG C 350 -16.69 -26.29 54.42
C ARG C 350 -17.37 -26.81 55.69
N GLY C 351 -16.76 -27.76 56.39
CA GLY C 351 -17.35 -28.27 57.61
C GLY C 351 -18.27 -29.45 57.34
N ALA C 352 -18.17 -30.45 58.21
CA ALA C 352 -18.98 -31.67 58.11
C ALA C 352 -20.20 -31.63 59.01
N PHE C 353 -20.02 -31.35 60.30
CA PHE C 353 -21.14 -31.18 61.19
C PHE C 353 -21.81 -29.83 60.95
N VAL C 354 -23.13 -29.81 61.00
CA VAL C 354 -23.91 -28.60 60.78
C VAL C 354 -24.36 -27.99 62.09
N ARG C 355 -24.95 -28.80 62.97
CA ARG C 355 -25.42 -28.36 64.28
C ARG C 355 -26.37 -27.18 64.17
N LEU C 356 -26.26 -26.21 65.08
CA LEU C 356 -27.12 -25.05 65.08
C LEU C 356 -26.30 -23.82 65.44
N GLY C 357 -26.42 -22.77 64.62
CA GLY C 357 -25.72 -21.53 64.89
C GLY C 357 -24.20 -21.63 64.82
N ARG C 358 -23.67 -22.66 64.18
CA ARG C 358 -22.23 -22.88 64.08
C ARG C 358 -21.76 -22.34 62.74
N GLN C 359 -21.36 -21.07 62.72
CA GLN C 359 -20.88 -20.46 61.49
C GLN C 359 -19.47 -20.92 61.13
N ILE C 360 -18.59 -21.09 62.11
CA ILE C 360 -17.18 -21.37 61.86
C ILE C 360 -16.74 -22.55 62.71
N ASP C 361 -15.71 -23.23 62.23
CA ASP C 361 -15.07 -24.34 62.95
C ASP C 361 -13.56 -24.20 62.75
N LEU C 362 -12.87 -23.79 63.81
CA LEU C 362 -11.44 -23.56 63.72
C LEU C 362 -10.68 -24.88 63.68
N SER C 363 -9.46 -24.83 63.16
CA SER C 363 -8.57 -25.98 63.22
C SER C 363 -7.89 -26.03 64.58
N TYR C 364 -7.16 -27.13 64.81
CA TYR C 364 -6.45 -27.29 66.08
C TYR C 364 -5.39 -26.22 66.26
N GLY C 365 -4.62 -25.95 65.20
CA GLY C 365 -3.60 -24.92 65.28
C GLY C 365 -4.19 -23.53 65.46
N ALA C 366 -5.29 -23.25 64.77
CA ALA C 366 -5.96 -21.95 64.94
C ALA C 366 -6.46 -21.77 66.36
N ALA C 367 -7.02 -22.82 66.95
CA ALA C 367 -7.46 -22.74 68.35
C ALA C 367 -6.29 -22.57 69.30
N LYS C 368 -5.18 -23.27 69.05
CA LYS C 368 -4.00 -23.10 69.89
C LYS C 368 -3.44 -21.69 69.79
N ALA C 369 -3.55 -21.06 68.62
CA ALA C 369 -3.07 -19.69 68.46
C ALA C 369 -3.87 -18.68 69.27
N LEU C 370 -5.05 -19.06 69.77
CA LEU C 370 -5.86 -18.18 70.60
C LEU C 370 -5.51 -18.26 72.08
N SER C 371 -4.65 -19.20 72.48
CA SER C 371 -4.31 -19.36 73.88
C SER C 371 -3.38 -18.26 74.35
N SER C 372 -3.54 -17.86 75.60
CA SER C 372 -2.76 -16.82 76.25
C SER C 372 -2.34 -17.31 77.63
N PRO C 373 -1.29 -16.70 78.21
CA PRO C 373 -0.89 -17.09 79.58
C PRO C 373 -2.05 -17.04 80.55
N GLY C 374 -2.42 -18.19 81.11
CA GLY C 374 -3.56 -18.28 81.99
C GLY C 374 -4.88 -18.57 81.33
N ASN C 375 -4.91 -18.66 80.00
CA ASN C 375 -6.16 -18.91 79.28
C ASN C 375 -5.86 -19.88 78.13
N ASP C 376 -6.29 -21.13 78.29
CA ASP C 376 -6.08 -22.16 77.28
C ASP C 376 -7.36 -22.32 76.47
N ALA C 377 -7.27 -22.06 75.17
CA ALA C 377 -8.44 -22.20 74.30
C ALA C 377 -8.85 -23.65 74.16
N ILE C 378 -7.89 -24.56 74.09
CA ILE C 378 -8.20 -25.98 73.97
C ILE C 378 -8.92 -26.49 75.21
N ALA C 379 -8.68 -25.86 76.35
CA ALA C 379 -9.32 -26.30 77.60
C ALA C 379 -10.83 -26.19 77.51
N ALA C 380 -11.33 -25.10 76.94
CA ALA C 380 -12.77 -24.92 76.73
C ALA C 380 -13.14 -25.43 75.35
N GLY C 381 -14.02 -26.43 75.31
CA GLY C 381 -14.42 -27.02 74.04
C GLY C 381 -15.09 -26.01 73.11
N LEU C 382 -15.98 -25.20 73.67
CA LEU C 382 -16.71 -24.20 72.91
C LEU C 382 -16.21 -22.82 73.27
N LEU C 383 -15.89 -22.03 72.24
CA LEU C 383 -15.38 -20.67 72.42
C LEU C 383 -16.42 -19.66 71.93
N THR C 384 -16.75 -18.70 72.78
CA THR C 384 -17.62 -17.59 72.38
C THR C 384 -16.74 -16.52 71.73
N VAL C 385 -16.80 -16.42 70.41
CA VAL C 385 -15.87 -15.61 69.64
C VAL C 385 -16.63 -14.58 68.82
N LYS C 386 -15.88 -13.59 68.34
CA LYS C 386 -16.37 -12.58 67.42
C LYS C 386 -15.68 -12.77 66.08
N LEU C 387 -16.47 -12.78 65.01
CA LEU C 387 -15.98 -13.04 63.66
C LEU C 387 -16.00 -11.74 62.86
N GLU C 388 -14.89 -11.44 62.21
CA GLU C 388 -14.81 -10.29 61.30
C GLU C 388 -14.10 -10.71 60.02
N VAL C 389 -14.31 -9.96 58.96
CA VAL C 389 -13.64 -10.21 57.69
C VAL C 389 -12.55 -9.17 57.49
N VAL C 390 -11.34 -9.62 57.16
CA VAL C 390 -10.21 -8.73 56.90
C VAL C 390 -9.75 -8.93 55.47
N GLU C 391 -9.00 -7.96 54.97
CA GLU C 391 -8.53 -7.97 53.60
C GLU C 391 -7.24 -7.17 53.49
N LEU C 392 -6.37 -7.60 52.58
CA LEU C 392 -5.15 -6.86 52.31
C LEU C 392 -5.49 -5.49 51.71
N ARG C 393 -4.82 -4.46 52.19
CA ARG C 393 -5.15 -3.10 51.81
C ARG C 393 -3.89 -2.24 51.80
N THR C 394 -3.99 -1.12 51.11
CA THR C 394 -2.98 -0.07 51.20
C THR C 394 -3.35 0.89 52.33
N PRO C 395 -2.44 1.16 53.27
CA PRO C 395 -2.80 2.04 54.39
C PRO C 395 -3.20 3.42 53.91
N ILE C 396 -4.19 3.99 54.60
CA ILE C 396 -4.69 5.32 54.26
C ILE C 396 -3.75 6.36 54.86
N GLY C 397 -3.20 7.22 54.01
CA GLY C 397 -2.27 8.25 54.42
C GLY C 397 -2.80 9.64 54.16
N GLU C 398 -2.02 10.63 54.59
CA GLU C 398 -2.38 12.01 54.38
C GLU C 398 -2.37 12.33 52.88
N ASN C 399 -3.34 13.13 52.45
CA ASN C 399 -3.45 13.49 51.04
C ASN C 399 -2.23 14.30 50.60
N LEU C 400 -1.62 13.89 49.50
CA LEU C 400 -0.41 14.52 48.98
C LEU C 400 -0.63 15.13 47.60
N LYS C 401 -1.87 15.48 47.26
CA LYS C 401 -2.13 16.06 45.94
C LYS C 401 -1.48 17.43 45.80
N GLU C 402 -1.37 18.17 46.91
CA GLU C 402 -0.73 19.49 46.85
C GLU C 402 0.76 19.39 46.55
N SER C 403 1.44 18.38 47.11
CA SER C 403 2.85 18.19 46.79
C SER C 403 3.02 17.61 45.39
N ALA C 404 2.12 16.71 44.98
CA ALA C 404 2.17 16.17 43.63
C ALA C 404 1.97 17.24 42.58
N LYS C 405 1.10 18.22 42.86
CA LYS C 405 0.91 19.32 41.91
C LYS C 405 2.20 20.13 41.73
N ASN C 406 2.89 20.41 42.83
CA ASN C 406 4.17 21.13 42.74
C ASN C 406 5.20 20.29 41.98
N GLN C 407 5.25 18.98 42.24
CA GLN C 407 6.19 18.13 41.53
C GLN C 407 5.90 18.14 40.04
N ILE C 408 4.63 18.04 39.66
CA ILE C 408 4.26 18.07 38.24
C ILE C 408 4.61 19.41 37.62
N ALA C 409 4.39 20.50 38.36
CA ALA C 409 4.69 21.83 37.82
C ALA C 409 6.18 21.99 37.56
N GLU C 410 7.02 21.58 38.52
CA GLU C 410 8.47 21.70 38.33
C GLU C 410 8.96 20.75 37.23
N ASN C 411 8.37 19.56 37.12
CA ASN C 411 8.75 18.68 36.02
C ASN C 411 8.35 19.27 34.67
N LEU C 412 7.21 19.97 34.63
CA LEU C 412 6.79 20.64 33.40
C LEU C 412 7.75 21.76 33.03
N GLU C 413 8.21 22.53 34.02
CA GLU C 413 9.21 23.55 33.72
C GLU C 413 10.54 22.93 33.28
N LYS C 414 10.94 21.82 33.90
CA LYS C 414 12.24 21.23 33.58
C LYS C 414 12.26 20.51 32.24
N ILE C 415 11.14 19.92 31.82
CA ILE C 415 11.14 19.19 30.55
C ILE C 415 11.33 20.14 29.38
N LYS C 416 10.79 21.35 29.47
CA LYS C 416 11.00 22.36 28.44
C LYS C 416 12.40 22.94 28.66
N LYS C 417 13.37 22.41 27.91
CA LYS C 417 14.77 22.78 28.05
C LYS C 417 15.53 22.20 26.86
N ASN C 418 16.72 22.72 26.64
CA ASN C 418 17.58 22.25 25.55
C ASN C 418 18.24 20.95 25.98
N GLN C 419 17.66 19.82 25.56
CA GLN C 419 18.22 18.51 25.81
C GLN C 419 18.29 17.69 24.53
N LYS C 420 18.66 18.34 23.43
CA LYS C 420 18.68 17.72 22.12
C LYS C 420 20.05 17.11 21.83
N GLU C 421 20.13 16.39 20.72
CA GLU C 421 21.38 15.78 20.29
C GLU C 421 22.24 16.80 19.54
N LEU C 422 23.55 16.70 19.73
CA LEU C 422 24.48 17.58 19.04
C LEU C 422 24.59 17.19 17.56
N ALA C 423 25.21 18.08 16.79
CA ALA C 423 25.39 17.81 15.36
C ALA C 423 26.36 16.65 15.16
N THR C 424 26.05 15.81 14.17
CA THR C 424 26.89 14.65 13.90
C THR C 424 28.14 15.07 13.12
N PRO C 425 29.34 14.72 13.59
CA PRO C 425 30.56 15.03 12.84
C PRO C 425 30.77 14.01 11.73
N GLU C 426 30.56 14.44 10.49
CA GLU C 426 30.67 13.57 9.32
C GLU C 426 31.61 14.24 8.32
N ILE C 427 32.86 13.77 8.27
CA ILE C 427 33.85 14.27 7.33
C ILE C 427 33.63 13.51 6.02
N SER C 428 33.09 14.21 5.02
CA SER C 428 32.83 13.62 3.72
C SER C 428 32.61 14.73 2.72
N ALA C 429 32.71 14.37 1.44
CA ALA C 429 32.42 15.27 0.33
C ALA C 429 31.09 14.94 -0.35
N LYS C 430 30.19 14.25 0.36
CA LYS C 430 28.98 13.72 -0.28
C LYS C 430 27.95 14.82 -0.53
N GLY C 431 27.49 15.47 0.53
CA GLY C 431 26.42 16.44 0.40
C GLY C 431 26.86 17.81 -0.05
N THR C 432 27.22 17.93 -1.32
CA THR C 432 27.65 19.19 -1.91
C THR C 432 26.62 19.67 -2.93
N GLN C 433 26.92 20.79 -3.57
CA GLN C 433 26.06 21.37 -4.60
C GLN C 433 26.45 20.81 -5.96
N ILE C 434 25.45 20.56 -6.79
CA ILE C 434 25.62 20.10 -8.16
C ILE C 434 25.13 21.23 -9.06
N THR C 435 26.05 21.90 -9.75
CA THR C 435 25.70 22.98 -10.66
C THR C 435 25.82 22.48 -12.10
N LEU C 436 24.77 22.64 -12.88
CA LEU C 436 24.72 22.14 -14.25
C LEU C 436 24.56 23.31 -15.21
N GLU C 437 25.49 23.43 -16.15
CA GLU C 437 25.38 24.39 -17.24
C GLU C 437 25.22 23.61 -18.53
N VAL C 438 24.11 23.86 -19.24
CA VAL C 438 23.75 23.07 -20.42
C VAL C 438 23.37 24.01 -21.55
N SER C 439 23.80 23.68 -22.76
CA SER C 439 23.42 24.41 -23.96
C SER C 439 23.33 23.45 -25.14
N ILE C 440 22.50 23.81 -26.11
CA ILE C 440 22.31 22.99 -27.30
C ILE C 440 22.86 23.62 -28.57
N ASP C 441 22.86 24.96 -28.69
CA ASP C 441 23.45 25.59 -29.86
C ASP C 441 24.47 26.67 -29.50
N ARG C 442 24.94 26.72 -28.26
CA ARG C 442 25.96 27.65 -27.79
C ARG C 442 25.53 29.11 -27.87
N SER C 443 24.24 29.37 -28.09
CA SER C 443 23.74 30.73 -28.08
C SER C 443 23.57 31.27 -26.66
N ALA C 444 23.17 30.42 -25.73
CA ALA C 444 23.01 30.79 -24.34
C ALA C 444 23.14 29.54 -23.48
N ILE C 445 23.58 29.72 -22.23
CA ILE C 445 23.80 28.60 -21.33
C ILE C 445 22.73 28.65 -20.24
N ALA C 446 22.04 27.54 -20.04
CA ALA C 446 21.05 27.43 -18.97
C ALA C 446 21.70 26.79 -17.75
N VAL C 447 21.48 27.38 -16.57
CA VAL C 447 22.14 26.96 -15.34
C VAL C 447 21.09 26.45 -14.37
N PHE C 448 21.38 25.32 -13.75
CA PHE C 448 20.50 24.70 -12.75
C PHE C 448 21.33 24.27 -11.55
N SER C 449 20.67 24.18 -10.40
CA SER C 449 21.35 23.84 -9.15
C SER C 449 20.59 22.73 -8.45
N PHE C 450 21.33 21.78 -7.89
CA PHE C 450 20.76 20.64 -7.17
C PHE C 450 21.64 20.36 -5.96
N LEU C 451 21.17 19.47 -5.09
CA LEU C 451 21.93 19.03 -3.92
C LEU C 451 22.17 17.54 -4.06
N HIS C 452 23.43 17.14 -3.94
CA HIS C 452 23.81 15.73 -4.06
C HIS C 452 23.19 14.91 -2.93
N THR C 453 22.55 13.80 -3.27
CA THR C 453 21.86 12.98 -2.29
C THR C 453 22.18 11.50 -2.39
N GLY C 454 22.74 11.02 -3.49
CA GLY C 454 23.04 9.62 -3.64
C GLY C 454 24.15 9.40 -4.63
N THR C 455 24.77 8.21 -4.57
CA THR C 455 25.85 7.84 -5.45
C THR C 455 25.84 6.33 -5.69
N LYS C 456 26.19 5.93 -6.90
CA LYS C 456 26.29 4.54 -7.27
C LYS C 456 27.57 4.32 -8.06
N HIS C 457 28.11 3.10 -7.97
CA HIS C 457 29.36 2.78 -8.67
C HIS C 457 29.39 1.32 -9.04
N ASN C 458 29.84 1.03 -10.25
CA ASN C 458 30.02 -0.35 -10.67
C ASN C 458 31.53 -0.42 -10.70
N ALA C 459 32.12 -1.36 -9.98
CA ALA C 459 33.57 -1.37 -9.87
C ALA C 459 34.31 -2.23 -10.88
N ILE C 460 33.78 -3.40 -11.19
CA ILE C 460 34.52 -4.31 -12.07
C ILE C 460 34.45 -3.99 -13.55
N ILE C 461 35.54 -3.46 -14.10
CA ILE C 461 35.62 -3.14 -15.55
C ILE C 461 34.74 -2.00 -16.08
N SER C 462 33.44 -2.04 -15.84
CA SER C 462 32.59 -0.94 -16.25
C SER C 462 32.78 0.13 -15.21
N ASP C 463 33.77 0.99 -15.41
CA ASP C 463 34.06 2.05 -14.45
C ASP C 463 32.98 3.10 -14.59
N THR C 464 31.91 2.96 -13.81
CA THR C 464 30.79 3.87 -13.97
C THR C 464 30.36 4.41 -12.62
N THR C 465 30.28 5.73 -12.50
CA THR C 465 29.81 6.32 -11.25
C THR C 465 28.61 7.22 -11.56
N THR C 466 27.50 6.98 -10.88
CA THR C 466 26.26 7.71 -11.13
C THR C 466 25.97 8.60 -9.92
N PHE C 467 25.82 9.89 -10.17
CA PHE C 467 25.46 10.85 -9.13
C PHE C 467 24.00 11.27 -9.28
N THR C 468 23.35 11.43 -8.14
CA THR C 468 21.95 11.84 -8.09
C THR C 468 21.83 13.07 -7.20
N GLY C 469 21.12 14.07 -7.69
CA GLY C 469 20.85 15.28 -6.92
C GLY C 469 19.39 15.67 -7.00
N GLN C 470 18.91 16.40 -5.99
CA GLN C 470 17.51 16.76 -5.90
C GLN C 470 17.38 18.26 -5.61
N SER C 471 16.16 18.76 -5.75
CA SER C 471 15.89 20.17 -5.50
C SER C 471 15.92 20.45 -3.99
N VAL C 472 15.95 21.74 -3.63
CA VAL C 472 16.06 22.12 -2.23
C VAL C 472 14.83 21.77 -1.41
N ASN C 473 13.69 21.52 -2.06
CA ASN C 473 12.52 21.04 -1.32
C ASN C 473 12.79 19.73 -0.61
N TRP C 474 13.72 18.92 -1.12
CA TRP C 474 14.13 17.71 -0.42
C TRP C 474 14.65 18.01 0.99
N VAL C 475 15.21 19.21 1.19
CA VAL C 475 15.64 19.59 2.54
C VAL C 475 14.45 19.76 3.46
N LEU C 476 13.35 20.29 2.94
CA LEU C 476 12.16 20.52 3.76
C LEU C 476 11.45 19.22 4.10
N ASN C 477 11.71 18.15 3.38
CA ASN C 477 11.01 16.88 3.54
C ASN C 477 11.82 15.84 4.30
N ARG C 478 12.87 16.27 4.99
CA ARG C 478 13.82 15.33 5.59
C ARG C 478 13.41 14.86 6.98
N ARG C 479 12.84 15.75 7.79
CA ARG C 479 12.54 15.44 9.18
C ARG C 479 11.05 15.64 9.46
N VAL C 480 10.47 14.71 10.20
CA VAL C 480 9.08 14.80 10.62
C VAL C 480 8.99 15.64 11.89
N LYS C 481 8.12 16.64 11.88
CA LYS C 481 7.97 17.60 12.95
C LYS C 481 6.58 17.49 13.58
N ASN C 482 6.49 18.02 14.80
CA ASN C 482 5.24 18.26 15.50
C ASN C 482 5.26 19.69 16.03
N THR C 483 4.35 20.52 15.55
CA THR C 483 4.31 21.92 15.96
C THR C 483 2.91 22.47 15.72
N ARG C 484 2.70 23.70 16.17
CA ARG C 484 1.40 24.35 16.08
C ARG C 484 1.59 25.81 15.66
N TYR C 485 0.64 26.31 14.87
CA TYR C 485 0.64 27.70 14.41
C TYR C 485 -0.72 28.32 14.69
N THR C 486 -0.70 29.59 15.07
CA THR C 486 -1.93 30.33 15.35
C THR C 486 -1.81 31.76 14.87
N GLY C 487 -2.87 32.25 14.23
CA GLY C 487 -2.94 33.63 13.78
C GLY C 487 -1.84 34.04 12.81
N VAL C 488 -1.56 33.17 11.84
CA VAL C 488 -0.52 33.41 10.85
C VAL C 488 -1.09 33.19 9.47
N THR C 489 -0.76 34.08 8.54
CA THR C 489 -1.19 33.93 7.15
C THR C 489 -0.36 32.85 6.46
N LEU C 490 -0.78 32.49 5.25
CA LEU C 490 -0.03 31.52 4.46
C LEU C 490 1.38 32.03 4.14
N LYS C 491 1.48 33.31 3.76
CA LYS C 491 2.79 33.88 3.47
C LYS C 491 3.68 33.91 4.70
N GLY C 492 3.13 34.27 5.86
CA GLY C 492 3.92 34.28 7.07
C GLY C 492 4.41 32.90 7.47
N LEU C 493 3.53 31.90 7.38
CA LEU C 493 3.92 30.54 7.69
C LEU C 493 5.01 30.04 6.74
N ALA C 494 4.85 30.29 5.45
CA ALA C 494 5.88 29.92 4.49
C ALA C 494 7.18 30.65 4.77
N ALA C 495 7.11 31.92 5.14
CA ALA C 495 8.31 32.69 5.44
C ALA C 495 9.06 32.12 6.62
N THR C 496 8.34 31.79 7.70
CA THR C 496 9.01 31.19 8.86
C THR C 496 9.61 29.84 8.51
N ILE C 497 8.88 29.02 7.75
CA ILE C 497 9.41 27.70 7.39
C ILE C 497 10.67 27.84 6.53
N THR C 498 10.66 28.76 5.57
CA THR C 498 11.84 28.97 4.75
C THR C 498 13.00 29.55 5.55
N ARG C 499 12.72 30.46 6.48
CA ARG C 499 13.78 31.01 7.31
C ARG C 499 14.41 29.95 8.20
N GLN C 500 13.65 28.94 8.59
CA GLN C 500 14.22 27.85 9.36
C GLN C 500 15.31 27.09 8.60
N TYR C 501 15.32 27.17 7.27
CA TYR C 501 16.29 26.43 6.47
C TYR C 501 17.18 27.33 5.61
N GLY C 502 17.04 28.65 5.70
CA GLY C 502 17.86 29.52 4.89
C GLY C 502 17.45 29.62 3.44
N LEU C 503 16.18 29.42 3.14
CA LEU C 503 15.67 29.54 1.78
C LEU C 503 15.08 30.93 1.55
N ASP C 504 14.79 31.22 0.29
CA ASP C 504 14.12 32.46 -0.10
C ASP C 504 12.68 32.17 -0.50
N LEU C 505 11.83 33.17 -0.30
CA LEU C 505 10.40 33.04 -0.57
C LEU C 505 9.99 33.98 -1.70
N ASP C 506 9.23 33.47 -2.65
CA ASP C 506 8.69 34.27 -3.75
C ASP C 506 7.18 34.00 -3.83
N MET C 507 6.38 34.90 -3.26
CA MET C 507 4.94 34.70 -3.23
C MET C 507 4.28 36.08 -3.17
N SER C 508 3.63 36.46 -4.27
CA SER C 508 3.05 37.80 -4.35
C SER C 508 1.82 37.93 -3.47
N GLU C 509 0.92 36.95 -3.50
CA GLU C 509 -0.31 37.04 -2.72
C GLU C 509 -0.06 36.59 -1.28
N GLU C 510 -0.64 37.33 -0.34
CA GLU C 510 -0.45 37.01 1.07
C GLU C 510 -1.09 35.70 1.46
N GLY C 511 -2.28 35.42 0.92
CA GLY C 511 -3.04 34.27 1.32
C GLY C 511 -3.92 34.55 2.53
N GLU C 512 -4.70 33.55 2.91
CA GLU C 512 -5.63 33.71 4.01
C GLU C 512 -4.93 33.55 5.35
N MET C 513 -5.56 34.08 6.40
CA MET C 513 -5.01 34.07 7.74
C MET C 513 -5.44 32.78 8.44
N ILE C 514 -4.48 31.92 8.74
CA ILE C 514 -4.76 30.66 9.42
C ILE C 514 -4.83 30.94 10.92
N GLU C 515 -5.95 30.60 11.54
CA GLU C 515 -6.17 30.95 12.94
C GLU C 515 -5.72 29.86 13.91
N ASN C 516 -5.86 28.60 13.55
CA ASN C 516 -5.49 27.50 14.45
C ASN C 516 -5.30 26.24 13.64
N ILE C 517 -4.07 25.71 13.64
CA ILE C 517 -3.78 24.43 12.98
C ILE C 517 -2.54 23.84 13.63
N SER C 518 -2.46 22.51 13.62
CA SER C 518 -1.35 21.79 14.23
C SER C 518 -0.71 20.88 13.20
N GLN C 519 0.62 20.91 13.14
CA GLN C 519 1.39 20.00 12.30
C GLN C 519 1.69 18.75 13.14
N VAL C 520 1.04 17.64 12.82
CA VAL C 520 1.11 16.43 13.61
C VAL C 520 1.86 15.38 12.80
N SER C 521 3.11 15.12 13.20
CA SER C 521 3.94 14.07 12.60
C SER C 521 4.06 14.26 11.09
N GLN C 522 4.44 15.46 10.68
CA GLN C 522 4.54 15.78 9.26
C GLN C 522 5.84 16.51 8.97
N THR C 523 6.42 16.26 7.81
CA THR C 523 7.58 17.04 7.42
C THR C 523 7.14 18.46 7.05
N ASP C 524 8.11 19.38 7.04
CA ASP C 524 7.80 20.76 6.69
C ASP C 524 7.27 20.86 5.27
N TRP C 525 7.83 20.08 4.35
CA TRP C 525 7.33 20.06 2.98
C TRP C 525 5.90 19.52 2.92
N GLN C 526 5.60 18.47 3.69
CA GLN C 526 4.24 17.92 3.70
C GLN C 526 3.25 18.92 4.28
N PHE C 527 3.61 19.60 5.36
CA PHE C 527 2.72 20.60 5.94
C PHE C 527 2.50 21.76 4.98
N LEU C 528 3.57 22.20 4.30
CA LEU C 528 3.43 23.24 3.29
C LEU C 528 2.52 22.78 2.16
N GLU C 529 2.68 21.52 1.72
CA GLU C 529 1.83 21.00 0.67
C GLU C 529 0.36 21.01 1.08
N LYS C 530 0.05 20.54 2.29
CA LYS C 530 -1.32 20.55 2.76
C LYS C 530 -1.88 21.97 2.86
N MET C 531 -1.10 22.89 3.42
CA MET C 531 -1.59 24.25 3.62
C MET C 531 -1.80 24.96 2.29
N THR C 532 -0.89 24.77 1.33
CA THR C 532 -1.05 25.40 0.03
C THR C 532 -2.20 24.78 -0.76
N ALA C 533 -2.36 23.45 -0.67
CA ALA C 533 -3.45 22.81 -1.38
C ALA C 533 -4.81 23.22 -0.83
N ILE C 534 -4.93 23.36 0.49
CA ILE C 534 -6.22 23.72 1.06
C ILE C 534 -6.61 25.16 0.70
N GLN C 535 -5.65 26.01 0.36
CA GLN C 535 -5.91 27.38 -0.03
C GLN C 535 -5.87 27.59 -1.54
N GLY C 536 -5.71 26.53 -2.32
CA GLY C 536 -5.64 26.67 -3.76
C GLY C 536 -4.31 27.17 -4.29
N PHE C 537 -3.24 27.01 -3.53
CA PHE C 537 -1.91 27.43 -3.96
C PHE C 537 -1.06 26.21 -4.33
N GLY C 538 0.03 26.49 -5.02
CA GLY C 538 1.01 25.47 -5.32
C GLY C 538 2.41 26.05 -5.25
N MET C 539 3.36 25.21 -4.90
CA MET C 539 4.74 25.64 -4.75
C MET C 539 5.59 25.14 -5.91
N ARG C 540 6.79 25.70 -5.99
CA ARG C 540 7.79 25.37 -7.00
C ARG C 540 9.14 25.81 -6.46
N THR C 541 10.20 25.14 -6.87
CA THR C 541 11.55 25.44 -6.39
C THR C 541 12.46 25.71 -7.56
N VAL C 542 13.22 26.80 -7.48
CA VAL C 542 14.28 27.07 -8.44
C VAL C 542 15.51 27.53 -7.67
N GLY C 543 16.65 26.90 -7.95
CA GLY C 543 17.86 27.21 -7.22
C GLY C 543 17.64 27.08 -5.73
N LYS C 544 17.68 28.22 -5.03
CA LYS C 544 17.47 28.28 -3.60
C LYS C 544 16.08 28.80 -3.23
N VAL C 545 15.41 29.49 -4.13
CA VAL C 545 14.16 30.19 -3.81
C VAL C 545 12.97 29.28 -4.10
N LEU C 546 12.05 29.20 -3.14
CA LEU C 546 10.77 28.53 -3.29
C LEU C 546 9.71 29.59 -3.57
N GLN C 547 8.91 29.37 -4.60
CA GLN C 547 7.86 30.28 -5.01
C GLN C 547 6.49 29.61 -4.84
N ILE C 548 5.52 30.39 -4.38
CA ILE C 548 4.16 29.93 -4.18
C ILE C 548 3.23 30.77 -5.04
N TYR C 549 2.37 30.11 -5.80
CA TYR C 549 1.51 30.77 -6.76
C TYR C 549 0.09 30.23 -6.66
N LYS C 550 -0.84 30.96 -7.26
CA LYS C 550 -2.23 30.51 -7.31
C LYS C 550 -2.43 29.50 -8.43
N ILE C 551 -3.25 28.49 -8.16
CA ILE C 551 -3.60 27.48 -9.16
C ILE C 551 -4.82 28.03 -9.91
N THR C 552 -4.56 28.76 -10.98
CA THR C 552 -5.61 29.35 -11.80
C THR C 552 -5.39 28.96 -13.26
N VAL C 553 -6.49 28.90 -14.01
CA VAL C 553 -6.42 28.49 -15.41
C VAL C 553 -5.62 29.47 -16.25
N ASN C 554 -5.47 30.71 -15.80
CA ASN C 554 -4.64 31.71 -16.47
C ASN C 554 -3.60 32.19 -15.46
N ALA C 555 -2.51 31.45 -15.36
CA ALA C 555 -1.39 31.81 -14.49
C ALA C 555 -0.03 31.72 -15.16
N LYS C 556 0.07 31.03 -16.29
CA LYS C 556 1.33 30.95 -17.03
C LYS C 556 1.48 32.22 -17.85
N LYS C 557 2.38 33.10 -17.41
CA LYS C 557 2.51 34.42 -18.02
C LYS C 557 3.07 34.32 -19.44
N LEU C 558 4.12 33.54 -19.63
CA LEU C 558 4.74 33.38 -20.94
C LEU C 558 4.16 32.16 -21.63
N ASN C 559 4.09 32.22 -22.95
CA ASN C 559 3.56 31.13 -23.76
C ASN C 559 4.58 30.71 -24.81
N TYR C 560 4.73 29.40 -24.98
CA TYR C 560 5.65 28.84 -25.95
C TYR C 560 4.89 27.85 -26.82
N THR C 561 5.00 28.03 -28.13
CA THR C 561 4.22 27.25 -29.10
C THR C 561 5.17 26.41 -29.94
N ILE C 562 4.83 25.13 -30.09
CA ILE C 562 5.58 24.21 -30.94
C ILE C 562 4.66 23.61 -31.98
N SER C 563 5.25 23.14 -33.07
CA SER C 563 4.53 22.43 -34.11
C SER C 563 4.93 20.96 -34.09
N VAL C 564 3.96 20.10 -34.35
CA VAL C 564 4.23 18.66 -34.35
C VAL C 564 5.22 18.30 -35.46
N VAL C 565 5.14 18.99 -36.58
CA VAL C 565 6.07 18.74 -37.67
C VAL C 565 7.47 19.18 -37.26
N ASP C 566 8.47 18.44 -37.72
CA ASP C 566 9.90 18.80 -37.74
C ASP C 566 10.55 18.86 -36.36
N ASN C 567 9.77 18.73 -35.28
CA ASN C 567 10.37 18.81 -33.95
C ASN C 567 10.14 17.57 -33.10
N VAL C 568 8.89 17.10 -33.03
CA VAL C 568 8.54 16.08 -32.06
C VAL C 568 8.71 14.68 -32.67
N LYS C 569 8.85 13.69 -31.79
CA LYS C 569 9.04 12.30 -32.16
C LYS C 569 7.88 11.43 -31.71
N SER C 570 7.26 11.75 -30.59
CA SER C 570 6.13 10.99 -30.06
C SER C 570 5.05 11.94 -29.56
N LEU C 571 3.80 11.47 -29.62
CA LEU C 571 2.64 12.24 -29.16
C LEU C 571 1.57 11.24 -28.78
N ILE C 572 1.28 11.14 -27.49
CA ILE C 572 0.26 10.24 -26.98
C ILE C 572 -0.70 11.08 -26.14
N VAL C 573 -1.96 11.14 -26.56
CA VAL C 573 -2.98 11.87 -25.83
C VAL C 573 -3.94 10.84 -25.21
N THR C 574 -4.25 11.04 -23.93
CA THR C 574 -5.06 10.09 -23.19
C THR C 574 -6.21 10.82 -22.52
N ASP C 575 -7.35 10.14 -22.40
CA ASP C 575 -8.51 10.68 -21.71
C ASP C 575 -9.16 9.56 -20.89
N GLN C 576 -9.59 9.90 -19.68
CA GLN C 576 -10.16 8.93 -18.75
C GLN C 576 -11.43 9.49 -18.14
N ALA C 577 -12.32 8.59 -17.71
CA ALA C 577 -13.54 9.00 -17.03
C ALA C 577 -13.32 9.05 -15.53
N GLN C 578 -13.81 10.11 -14.91
CA GLN C 578 -13.64 10.31 -13.48
C GLN C 578 -14.44 9.27 -12.69
N THR C 579 -13.84 8.73 -11.63
CA THR C 579 -14.49 7.77 -10.76
C THR C 579 -13.85 7.79 -9.39
N ASP C 580 -14.65 7.56 -8.36
CA ASP C 580 -14.12 7.50 -7.00
C ASP C 580 -13.47 6.17 -6.68
N ALA C 581 -13.63 5.16 -7.54
CA ALA C 581 -13.02 3.86 -7.29
C ALA C 581 -11.50 3.93 -7.30
N THR C 582 -10.93 4.66 -8.25
CA THR C 582 -9.48 4.80 -8.37
C THR C 582 -9.01 6.07 -7.65
N GLY C 583 -7.71 6.30 -7.71
CA GLY C 583 -7.14 7.51 -7.14
C GLY C 583 -7.00 7.43 -5.63
N SER C 584 -6.57 8.55 -5.07
CA SER C 584 -6.39 8.67 -3.62
C SER C 584 -7.60 9.35 -3.00
N SER C 585 -7.60 9.42 -1.66
CA SER C 585 -8.67 10.12 -0.96
C SER C 585 -8.66 11.62 -1.28
N GLN C 586 -7.47 12.19 -1.47
CA GLN C 586 -7.38 13.60 -1.84
C GLN C 586 -7.96 13.85 -3.22
N LYS C 587 -7.85 12.88 -4.12
CA LYS C 587 -8.44 13.03 -5.45
C LYS C 587 -9.96 13.15 -5.37
N ILE C 588 -10.58 12.33 -4.53
CA ILE C 588 -12.03 12.43 -4.36
C ILE C 588 -12.40 13.63 -3.51
N GLU C 589 -11.48 14.13 -2.67
CA GLU C 589 -11.72 15.39 -1.99
C GLU C 589 -11.78 16.55 -2.98
N HIS C 590 -10.85 16.57 -3.93
CA HIS C 590 -10.85 17.64 -4.93
C HIS C 590 -12.08 17.56 -5.83
N TYR C 591 -12.64 16.37 -6.01
CA TYR C 591 -13.89 16.22 -6.74
C TYR C 591 -15.05 16.56 -5.79
N GLY C 592 -16.27 16.23 -6.21
CA GLY C 592 -17.44 16.63 -5.45
C GLY C 592 -17.47 16.06 -4.04
N GLY C 593 -16.76 14.96 -3.81
CA GLY C 593 -16.78 14.32 -2.52
C GLY C 593 -16.14 15.25 -1.52
N ARG C 594 -16.87 15.57 -0.45
CA ARG C 594 -16.37 16.38 0.66
C ARG C 594 -17.44 16.28 1.75
N MET C 595 -17.02 16.53 2.98
CA MET C 595 -17.97 16.60 4.09
C MET C 595 -18.65 17.96 4.05
N THR C 596 -19.76 18.03 3.32
CA THR C 596 -20.51 19.27 3.24
C THR C 596 -21.13 19.63 4.59
N THR C 597 -21.62 18.63 5.32
CA THR C 597 -22.29 18.84 6.59
C THR C 597 -21.28 18.70 7.72
N VAL C 598 -21.13 19.75 8.53
CA VAL C 598 -20.25 19.76 9.69
C VAL C 598 -21.04 20.29 10.88
N VAL C 599 -20.52 20.02 12.07
CA VAL C 599 -21.17 20.43 13.29
C VAL C 599 -20.39 21.59 13.89
N ASP C 600 -21.08 22.61 14.39
CA ASP C 600 -20.39 23.67 15.08
C ASP C 600 -20.34 23.16 16.51
N ALA C 601 -19.15 23.06 17.09
CA ALA C 601 -19.01 22.51 18.45
C ALA C 601 -19.90 23.28 19.40
N ASP C 602 -19.71 24.59 19.49
CA ASP C 602 -20.61 25.39 20.29
C ASP C 602 -21.77 25.69 19.39
N SER C 603 -22.94 25.98 19.94
CA SER C 603 -24.16 26.24 19.15
C SER C 603 -24.80 25.04 18.50
N GLY C 604 -24.08 23.93 18.40
CA GLY C 604 -24.62 22.71 17.83
C GLY C 604 -25.68 22.82 16.77
N SER C 605 -25.45 23.61 15.74
CA SER C 605 -26.47 23.89 14.76
C SER C 605 -26.31 23.10 13.46
N LEU C 606 -25.21 22.37 13.30
CA LEU C 606 -25.00 21.45 12.18
C LEU C 606 -25.05 22.19 10.84
N ILE C 607 -24.07 23.08 10.67
CA ILE C 607 -24.00 23.95 9.51
C ILE C 607 -23.38 23.21 8.33
N LYS C 608 -23.93 23.46 7.14
CA LYS C 608 -23.42 22.92 5.88
C LYS C 608 -22.45 23.92 5.26
N VAL C 609 -21.33 23.42 4.73
CA VAL C 609 -20.28 24.29 4.22
C VAL C 609 -20.30 24.42 2.70
N ASP C 610 -20.87 23.47 1.97
CA ASP C 610 -20.85 23.53 0.52
C ASP C 610 -22.05 22.78 -0.04
N LYS C 611 -22.36 23.09 -1.30
CA LYS C 611 -23.43 22.39 -2.00
C LYS C 611 -23.01 20.94 -2.27
N ASP C 612 -23.94 20.02 -2.02
CA ASP C 612 -23.64 18.61 -2.25
C ASP C 612 -23.49 18.33 -3.74
N ASN C 613 -22.60 17.40 -4.07
CA ASN C 613 -22.36 16.99 -5.45
C ASN C 613 -22.78 15.53 -5.56
N LYS C 614 -24.07 15.31 -5.80
CA LYS C 614 -24.60 13.98 -6.03
C LYS C 614 -24.79 13.80 -7.53
N ARG C 615 -23.66 13.69 -8.22
CA ARG C 615 -23.63 13.48 -9.66
C ARG C 615 -23.16 12.06 -9.94
N GLU C 616 -23.90 11.35 -10.80
CA GLU C 616 -23.65 9.96 -11.15
C GLU C 616 -23.68 9.03 -9.95
N ALA C 617 -24.29 9.45 -8.84
CA ALA C 617 -24.39 8.64 -7.63
C ALA C 617 -25.67 7.83 -7.58
N GLY C 618 -26.77 8.35 -8.10
CA GLY C 618 -28.02 7.64 -8.09
C GLY C 618 -29.18 8.57 -8.31
N SER C 619 -30.34 7.97 -8.52
CA SER C 619 -31.57 8.72 -8.79
C SER C 619 -32.27 9.19 -7.52
N ALA C 620 -31.90 8.67 -6.36
CA ALA C 620 -32.59 9.06 -5.13
C ALA C 620 -32.24 10.49 -4.73
N ALA C 621 -30.96 10.75 -4.45
CA ALA C 621 -30.42 12.06 -4.09
C ALA C 621 -31.05 12.65 -2.84
N ARG C 622 -31.89 11.88 -2.13
CA ARG C 622 -32.48 12.34 -0.88
C ARG C 622 -32.26 11.38 0.27
N THR C 623 -31.56 10.27 0.06
CA THR C 623 -31.30 9.29 1.10
C THR C 623 -29.83 9.14 1.45
N PHE C 624 -28.93 9.63 0.59
CA PHE C 624 -27.50 9.55 0.80
C PHE C 624 -26.90 10.95 0.74
N THR C 625 -25.60 11.04 1.01
CA THR C 625 -24.93 12.33 1.13
C THR C 625 -23.73 12.46 0.19
N THR C 626 -23.09 11.34 -0.15
CA THR C 626 -21.93 11.30 -1.04
C THR C 626 -20.80 12.18 -0.49
N GLY C 627 -20.28 11.77 0.66
CA GLY C 627 -19.15 12.45 1.25
C GLY C 627 -18.11 11.51 1.84
N VAL C 628 -17.19 12.07 2.62
CA VAL C 628 -16.17 11.28 3.31
C VAL C 628 -16.52 11.25 4.80
N ASP C 629 -15.75 10.47 5.55
CA ASP C 629 -15.97 10.37 6.99
C ASP C 629 -15.30 11.50 7.76
N VAL C 630 -14.13 11.95 7.30
CA VAL C 630 -13.32 12.93 8.03
C VAL C 630 -13.54 14.30 7.40
N PRO C 631 -13.94 15.31 8.18
CA PRO C 631 -14.09 16.66 7.63
C PRO C 631 -12.73 17.32 7.38
N GLN C 632 -12.75 18.33 6.51
CA GLN C 632 -11.56 19.11 6.25
C GLN C 632 -11.23 20.00 7.44
N PRO C 633 -9.95 20.26 7.70
CA PRO C 633 -9.58 21.22 8.74
C PRO C 633 -9.87 22.65 8.28
N GLN C 634 -10.71 23.35 9.04
CA GLN C 634 -11.07 24.72 8.69
C GLN C 634 -9.96 25.67 9.11
N ILE C 635 -9.66 26.63 8.23
CA ILE C 635 -8.51 27.51 8.41
C ILE C 635 -8.94 28.93 8.76
N GLN C 636 -10.00 29.44 8.16
CA GLN C 636 -10.42 30.80 8.43
C GLN C 636 -11.16 30.90 9.75
N LYS C 637 -11.22 32.12 10.28
CA LYS C 637 -11.94 32.35 11.54
C LYS C 637 -13.44 32.14 11.38
N GLN C 638 -14.02 32.71 10.33
CA GLN C 638 -15.47 32.63 10.14
C GLN C 638 -15.83 32.12 8.75
N TYR C 639 -15.00 32.43 7.76
CA TYR C 639 -15.25 31.97 6.41
C TYR C 639 -14.96 30.48 6.28
N SER C 640 -15.57 29.84 5.28
CA SER C 640 -15.38 28.40 5.09
C SER C 640 -14.18 28.07 4.22
N ASN C 641 -13.75 26.81 4.25
CA ASN C 641 -12.62 26.38 3.43
C ASN C 641 -12.85 26.61 1.95
N PRO C 642 -11.82 27.11 1.25
CA PRO C 642 -11.92 27.33 -0.19
C PRO C 642 -12.28 26.07 -0.96
N ARG C 643 -13.28 26.14 -1.83
CA ARG C 643 -13.67 24.98 -2.63
C ARG C 643 -12.57 24.58 -3.60
N PRO C 644 -12.21 23.29 -3.64
CA PRO C 644 -11.19 22.80 -4.58
C PRO C 644 -11.42 23.28 -6.00
N GLU C 645 -10.37 23.79 -6.64
CA GLU C 645 -10.50 24.32 -8.00
C GLU C 645 -10.41 23.27 -9.09
N GLY C 646 -10.12 23.71 -10.32
CA GLY C 646 -10.05 22.78 -11.43
C GLY C 646 -8.80 22.93 -12.26
N ALA C 647 -7.96 23.90 -11.92
CA ALA C 647 -6.71 24.04 -12.62
C ALA C 647 -5.74 22.95 -12.20
N SER C 648 -6.00 22.33 -11.05
CA SER C 648 -5.17 21.21 -10.62
C SER C 648 -5.67 19.98 -11.35
N VAL C 649 -6.98 19.85 -11.46
CA VAL C 649 -7.57 18.68 -12.10
C VAL C 649 -7.15 18.55 -13.57
N LYS C 650 -6.47 17.45 -13.88
CA LYS C 650 -6.08 17.20 -15.26
C LYS C 650 -7.27 16.55 -15.93
N GLU C 651 -7.84 17.22 -16.95
CA GLU C 651 -8.93 16.62 -17.68
C GLU C 651 -8.38 15.83 -18.85
N PHE C 652 -7.18 16.18 -19.31
CA PHE C 652 -6.55 15.47 -20.41
C PHE C 652 -5.15 15.06 -20.02
N GLN C 653 -4.44 14.40 -20.91
CA GLN C 653 -3.06 14.02 -20.64
C GLN C 653 -2.30 14.01 -21.95
N LEU C 654 -1.03 14.38 -21.92
CA LEU C 654 -0.23 14.43 -23.13
C LEU C 654 1.23 14.14 -22.89
N GLN C 655 1.78 13.18 -23.61
CA GLN C 655 3.20 12.92 -23.50
C GLN C 655 3.88 13.44 -24.74
N LEU C 656 5.00 14.12 -24.59
CA LEU C 656 5.65 14.72 -25.74
C LEU C 656 7.14 14.48 -25.83
N GLU C 657 7.54 13.41 -26.51
CA GLU C 657 8.95 13.17 -26.71
C GLU C 657 9.38 13.97 -27.93
N LEU C 658 10.44 14.75 -27.81
CA LEU C 658 10.93 15.55 -28.93
C LEU C 658 12.43 15.72 -28.88
N HIS C 659 12.99 16.46 -29.84
CA HIS C 659 14.42 16.71 -29.85
C HIS C 659 14.70 18.03 -29.16
N THR C 660 15.43 17.99 -28.04
CA THR C 660 15.69 19.21 -27.28
C THR C 660 16.47 20.23 -28.07
N SER C 661 15.88 21.39 -28.31
CA SER C 661 16.60 22.47 -28.97
C SER C 661 16.86 23.51 -27.90
N GLN C 662 17.54 24.59 -28.25
CA GLN C 662 17.75 25.66 -27.27
C GLN C 662 16.41 26.23 -26.83
N SER C 663 15.55 26.54 -27.78
CA SER C 663 14.22 27.06 -27.44
C SER C 663 13.36 26.02 -26.74
N ASP C 664 13.61 24.74 -27.00
CA ASP C 664 12.87 23.68 -26.32
C ASP C 664 13.51 23.31 -25.01
N LEU C 665 14.17 24.26 -24.35
CA LEU C 665 14.79 24.01 -23.07
C LEU C 665 14.66 25.33 -22.33
N GLU C 666 14.88 26.43 -23.05
CA GLU C 666 14.82 27.73 -22.43
C GLU C 666 13.41 28.30 -22.35
N ASN C 667 12.52 27.81 -23.19
CA ASN C 667 11.14 28.26 -23.13
C ASN C 667 10.23 27.11 -22.74
N LEU C 668 10.78 25.90 -22.71
CA LEU C 668 10.00 24.75 -22.27
C LEU C 668 10.08 24.67 -20.75
N THR C 669 9.30 25.50 -20.07
CA THR C 669 9.35 25.54 -18.61
C THR C 669 7.99 25.10 -18.07
N PRO C 670 7.91 24.71 -16.79
CA PRO C 670 6.59 24.38 -16.24
C PRO C 670 5.71 25.61 -16.04
N ASP C 671 6.24 26.81 -16.24
CA ASP C 671 5.44 28.02 -16.16
C ASP C 671 5.12 28.56 -17.55
N THR C 672 5.10 27.68 -18.54
CA THR C 672 4.73 28.13 -19.89
C THR C 672 3.45 27.47 -20.35
N ALA C 673 2.75 28.11 -21.28
CA ALA C 673 1.53 27.52 -21.82
C ALA C 673 1.91 26.89 -23.15
N LEU C 674 1.66 25.59 -23.30
CA LEU C 674 2.07 24.89 -24.51
C LEU C 674 0.99 24.88 -25.58
N TYR C 675 1.32 25.33 -26.78
CA TYR C 675 0.35 25.29 -27.88
C TYR C 675 0.89 24.40 -28.97
N ILE C 676 0.52 23.14 -28.92
CA ILE C 676 0.97 22.21 -29.94
C ILE C 676 0.05 22.32 -31.14
N GLU C 677 0.51 22.98 -32.19
CA GLU C 677 -0.33 23.21 -33.36
C GLU C 677 -0.10 22.16 -34.43
N ASN C 678 -0.93 22.14 -35.48
CA ASN C 678 -0.82 21.17 -36.58
C ASN C 678 -1.05 19.71 -36.16
N THR C 679 -2.10 19.46 -35.37
CA THR C 679 -2.41 18.10 -34.93
C THR C 679 -3.92 18.00 -34.71
N LEU C 680 -4.37 17.09 -33.85
CA LEU C 680 -5.78 16.95 -33.54
C LEU C 680 -6.41 18.26 -33.12
N PRO C 681 -7.62 18.55 -33.63
CA PRO C 681 -8.29 19.83 -33.33
C PRO C 681 -8.44 20.17 -31.84
N PHE C 682 -8.63 19.17 -30.99
CA PHE C 682 -8.79 19.41 -29.56
C PHE C 682 -7.48 19.69 -28.84
N ILE C 683 -6.35 19.65 -29.56
CA ILE C 683 -5.06 19.96 -28.97
C ILE C 683 -4.66 21.35 -29.45
N VAL C 684 -4.90 21.62 -30.72
CA VAL C 684 -4.56 22.93 -31.27
C VAL C 684 -5.44 24.02 -30.68
N GLY C 685 -4.81 25.09 -30.19
CA GLY C 685 -5.59 26.21 -29.67
C GLY C 685 -5.65 26.26 -28.16
N LYS C 686 -5.28 25.16 -27.51
CA LYS C 686 -5.39 25.10 -26.06
C LYS C 686 -4.06 25.30 -25.37
N SER C 687 -4.09 25.85 -24.17
CA SER C 687 -2.87 26.04 -23.41
C SER C 687 -2.63 24.82 -22.54
N TRP C 688 -1.65 24.02 -22.91
CA TRP C 688 -1.39 22.80 -22.16
C TRP C 688 -0.45 23.08 -21.00
N PHE C 689 -0.95 22.94 -19.79
CA PHE C 689 -0.15 23.22 -18.60
C PHE C 689 0.97 22.19 -18.48
N ILE C 690 2.21 22.66 -18.45
CA ILE C 690 3.34 21.76 -18.32
C ILE C 690 3.57 21.37 -16.87
N GLU C 691 3.55 20.07 -16.59
CA GLU C 691 3.83 19.63 -15.23
C GLU C 691 5.33 19.41 -15.06
N SER C 692 5.92 18.59 -15.92
CA SER C 692 7.35 18.29 -15.79
C SER C 692 8.09 18.28 -17.11
N VAL C 693 9.35 18.71 -17.10
CA VAL C 693 10.16 18.68 -18.32
C VAL C 693 11.48 17.96 -18.09
N ARG C 694 11.69 16.86 -18.79
CA ARG C 694 12.93 16.10 -18.66
C ARG C 694 13.75 16.23 -19.93
N HIS C 695 15.03 16.56 -19.80
CA HIS C 695 15.91 16.65 -20.96
C HIS C 695 17.01 15.61 -20.82
N SER C 696 16.84 14.46 -21.44
CA SER C 696 17.82 13.39 -21.29
C SER C 696 18.92 13.42 -22.33
N PHE C 697 20.16 13.49 -21.88
CA PHE C 697 21.29 13.45 -22.81
C PHE C 697 21.84 12.03 -22.89
N SER C 698 22.07 11.56 -24.11
CA SER C 698 22.62 10.23 -24.30
C SER C 698 23.98 10.29 -24.97
N GLU C 699 24.02 9.90 -26.24
CA GLU C 699 25.27 9.94 -26.99
C GLU C 699 25.52 11.35 -27.46
N GLY C 700 24.87 11.75 -28.53
CA GLY C 700 24.97 13.13 -28.97
C GLY C 700 23.53 13.57 -29.02
N ILE C 701 22.65 12.71 -28.51
CA ILE C 701 21.22 12.99 -28.59
C ILE C 701 20.65 13.66 -27.36
N PHE C 702 19.97 14.78 -27.55
CA PHE C 702 19.30 15.41 -26.43
C PHE C 702 17.81 15.22 -26.64
N THR C 703 17.15 14.51 -25.74
CA THR C 703 15.74 14.21 -25.92
C THR C 703 14.87 14.83 -24.84
N SER C 704 13.95 15.70 -25.24
CA SER C 704 13.06 16.34 -24.26
C SER C 704 11.74 15.61 -24.12
N GLN C 705 11.39 15.21 -22.91
CA GLN C 705 10.13 14.55 -22.67
C GLN C 705 9.24 15.47 -21.86
N VAL C 706 8.09 15.86 -22.42
CA VAL C 706 7.23 16.81 -21.74
C VAL C 706 5.92 16.23 -21.24
N SER C 707 5.66 16.37 -19.94
CA SER C 707 4.39 15.92 -19.40
C SER C 707 3.45 17.11 -19.38
N ALA C 708 2.36 17.04 -20.14
CA ALA C 708 1.43 18.17 -20.21
C ALA C 708 -0.01 17.73 -19.96
N TYR C 709 -0.85 18.67 -19.55
CA TYR C 709 -2.25 18.36 -19.27
C TYR C 709 -3.15 19.55 -19.54
N ILE C 710 -4.46 19.32 -19.55
CA ILE C 710 -5.38 20.45 -19.69
C ILE C 710 -6.14 20.65 -18.40
N PRO C 711 -6.00 21.84 -17.80
CA PRO C 711 -6.81 22.13 -16.61
C PRO C 711 -8.27 22.35 -16.99
N VAL C 712 -9.19 21.71 -16.29
CA VAL C 712 -10.60 21.98 -16.59
C VAL C 712 -10.95 23.43 -16.25
N ALA C 713 -11.25 24.22 -17.27
CA ALA C 713 -11.60 25.62 -17.06
C ALA C 713 -13.02 25.72 -16.52
N PRO C 714 -13.20 26.45 -15.41
CA PRO C 714 -14.54 26.63 -14.85
C PRO C 714 -15.44 27.40 -15.81
N SER C 736 -27.65 47.29 12.77
CA SER C 736 -28.28 47.65 14.03
C SER C 736 -27.67 48.93 14.59
N GLN C 737 -28.38 49.57 15.52
CA GLN C 737 -27.90 50.83 16.08
C GLN C 737 -26.71 50.60 17.02
N GLY C 738 -26.80 49.60 17.88
CA GLY C 738 -25.73 49.37 18.84
C GLY C 738 -25.90 48.04 19.54
N VAL C 739 -24.90 47.73 20.38
CA VAL C 739 -24.93 46.47 21.12
C VAL C 739 -26.02 46.52 22.19
N GLY C 740 -26.39 45.34 22.67
CA GLY C 740 -27.48 45.22 23.62
C GLY C 740 -27.14 45.64 25.04
N LYS C 741 -26.26 44.91 25.70
CA LYS C 741 -25.96 45.13 27.10
C LYS C 741 -24.45 45.09 27.33
N LEU C 742 -23.99 45.97 28.21
CA LEU C 742 -22.59 46.03 28.60
C LEU C 742 -22.52 46.22 30.11
N PRO C 743 -21.41 45.81 30.73
CA PRO C 743 -21.26 46.05 32.18
C PRO C 743 -21.24 47.54 32.50
N VAL C 744 -21.72 47.86 33.70
CA VAL C 744 -21.84 49.26 34.11
C VAL C 744 -20.45 49.86 34.26
N TYR C 745 -20.26 51.04 33.68
CA TYR C 745 -19.00 51.77 33.77
C TYR C 745 -19.13 52.95 34.73
N GLU C 746 -17.98 53.39 35.22
CA GLU C 746 -17.85 54.62 35.98
C GLU C 746 -17.01 55.61 35.18
N ILE C 747 -17.47 56.86 35.10
CA ILE C 747 -16.80 57.86 34.28
C ILE C 747 -16.33 58.99 35.20
N LEU C 748 -15.06 59.36 35.06
CA LEU C 748 -14.43 60.36 35.91
C LEU C 748 -13.93 61.50 35.03
N SER C 749 -14.57 62.67 35.16
CA SER C 749 -14.07 63.85 34.46
C SER C 749 -12.76 64.30 35.05
N TYR C 750 -11.77 64.55 34.19
CA TYR C 750 -10.41 64.83 34.58
C TYR C 750 -9.95 66.16 33.99
N ARG C 751 -9.22 66.94 34.79
CA ARG C 751 -8.59 68.17 34.33
C ARG C 751 -7.19 68.21 34.93
N SER C 752 -6.28 68.89 34.22
CA SER C 752 -4.87 68.89 34.63
C SER C 752 -4.69 69.50 36.01
N GLY C 753 -5.40 70.59 36.30
CA GLY C 753 -5.27 71.26 37.58
C GLY C 753 -6.19 70.71 38.65
N ARG C 754 -7.46 70.48 38.30
CA ARG C 754 -8.45 70.05 39.27
C ARG C 754 -8.30 68.56 39.56
N THR C 755 -8.88 68.14 40.69
CA THR C 755 -8.94 66.73 41.02
C THR C 755 -10.00 66.04 40.19
N VAL C 756 -9.68 64.83 39.71
CA VAL C 756 -10.61 64.03 38.92
C VAL C 756 -11.85 63.74 39.77
N LYS C 757 -13.03 63.80 39.15
CA LYS C 757 -14.27 63.61 39.90
C LYS C 757 -15.23 62.74 39.11
N LYS C 758 -15.90 61.84 39.83
CA LYS C 758 -16.89 60.97 39.22
C LYS C 758 -18.09 61.78 38.76
N ILE C 759 -18.59 61.49 37.56
CA ILE C 759 -19.71 62.23 37.00
C ILE C 759 -20.78 61.25 36.55
N THR C 760 -22.00 61.76 36.42
CA THR C 760 -23.13 60.97 35.94
C THR C 760 -23.66 61.46 34.59
N SER C 761 -23.26 62.65 34.15
CA SER C 761 -23.71 63.20 32.88
C SER C 761 -22.76 64.30 32.47
N LEU C 762 -22.90 64.74 31.22
CA LEU C 762 -22.09 65.85 30.73
C LEU C 762 -22.38 67.15 31.48
N GLN C 763 -23.53 67.25 32.13
CA GLN C 763 -23.88 68.49 32.83
C GLN C 763 -22.90 68.79 33.94
N GLN C 764 -22.51 67.77 34.71
CA GLN C 764 -21.50 67.91 35.76
C GLN C 764 -20.14 67.53 35.18
N SER C 765 -19.29 68.53 34.98
CA SER C 765 -17.94 68.33 34.46
C SER C 765 -17.24 69.68 34.45
N TYR C 766 -15.96 69.66 34.11
CA TYR C 766 -15.22 70.88 33.82
C TYR C 766 -14.52 70.72 32.47
N GLU C 767 -14.43 71.81 31.72
CA GLU C 767 -13.79 71.78 30.42
C GLU C 767 -12.32 71.41 30.57
N HIS C 768 -11.78 70.78 29.52
CA HIS C 768 -10.38 70.38 29.54
C HIS C 768 -9.51 71.52 29.01
N TRP C 769 -8.20 71.34 29.16
CA TRP C 769 -7.24 72.42 28.88
C TRP C 769 -7.22 72.76 27.39
N ARG C 770 -6.45 73.81 27.09
CA ARG C 770 -6.17 74.20 25.71
C ARG C 770 -4.91 73.47 25.25
N GLY C 771 -5.09 72.45 24.41
CA GLY C 771 -4.04 71.51 24.11
C GLY C 771 -3.25 71.88 22.87
N THR C 772 -1.93 71.90 23.04
CA THR C 772 -0.95 71.96 21.93
C THR C 772 -1.37 72.96 20.86
N GLY C 773 -1.46 74.22 21.27
CA GLY C 773 -1.85 75.29 20.37
C GLY C 773 -3.18 75.92 20.68
N GLY C 774 -3.88 75.52 21.74
CA GLY C 774 -5.12 76.15 22.12
C GLY C 774 -6.24 75.99 21.11
N TYR C 775 -6.45 74.77 20.62
CA TYR C 775 -7.55 74.53 19.69
C TYR C 775 -8.91 74.54 20.36
N THR C 776 -8.98 74.79 21.66
CA THR C 776 -10.25 74.78 22.38
C THR C 776 -10.76 76.19 22.62
N ALA C 777 -12.06 76.38 22.39
CA ALA C 777 -12.77 77.58 22.76
C ALA C 777 -13.90 77.22 23.71
N TYR C 778 -14.28 78.17 24.56
CA TYR C 778 -15.23 77.92 25.63
C TYR C 778 -16.50 78.72 25.42
N LYS C 779 -17.64 78.04 25.46
CA LYS C 779 -18.94 78.66 25.34
C LYS C 779 -19.84 78.21 26.48
N GLN C 780 -20.72 79.10 26.92
CA GLN C 780 -21.63 78.81 28.03
C GLN C 780 -22.93 78.24 27.48
N LEU C 781 -23.38 77.14 28.07
CA LEU C 781 -24.58 76.43 27.66
C LEU C 781 -25.63 76.52 28.76
N SER C 782 -26.74 75.81 28.57
CA SER C 782 -27.89 75.97 29.45
C SER C 782 -27.68 75.27 30.79
N GLY C 783 -27.39 73.97 30.77
CA GLY C 783 -27.38 73.19 31.99
C GLY C 783 -26.02 72.75 32.48
N PHE C 784 -24.95 73.18 31.81
CA PHE C 784 -23.61 72.79 32.21
C PHE C 784 -23.14 73.63 33.39
N SER C 785 -22.57 72.97 34.40
CA SER C 785 -22.07 73.62 35.60
C SER C 785 -20.70 74.27 35.39
N SER C 786 -20.19 74.26 34.16
CA SER C 786 -18.90 74.84 33.85
C SER C 786 -18.88 75.20 32.36
N PRO C 787 -17.97 76.06 31.93
CA PRO C 787 -17.89 76.39 30.50
C PRO C 787 -17.64 75.15 29.67
N VAL C 788 -18.26 75.12 28.49
CA VAL C 788 -18.20 73.98 27.59
C VAL C 788 -17.07 74.19 26.60
N SER C 789 -16.21 73.19 26.46
CA SER C 789 -15.05 73.26 25.57
C SER C 789 -15.37 72.61 24.23
N TYR C 790 -15.02 73.30 23.14
CA TYR C 790 -15.24 72.78 21.80
C TYR C 790 -14.03 73.13 20.94
N MET C 791 -13.91 72.46 19.80
CA MET C 791 -12.82 72.77 18.88
C MET C 791 -13.03 74.21 18.42
N LYS C 792 -11.97 74.83 17.91
CA LYS C 792 -12.01 76.26 17.53
C LYS C 792 -13.01 76.93 16.59
N GLY C 793 -13.53 76.19 15.62
CA GLY C 793 -14.44 76.77 14.67
C GLY C 793 -15.57 75.77 14.60
N ARG C 794 -15.55 74.79 15.50
CA ARG C 794 -16.59 73.78 15.52
C ARG C 794 -17.32 73.79 16.85
N PRO C 795 -18.34 74.65 16.98
CA PRO C 795 -19.10 74.72 18.24
C PRO C 795 -19.73 73.38 18.52
N ASN C 796 -20.41 72.81 17.53
CA ASN C 796 -21.01 71.50 17.67
C ASN C 796 -20.03 70.49 18.25
N GLN C 797 -18.82 70.43 17.69
CA GLN C 797 -17.85 69.45 18.14
C GLN C 797 -17.22 69.73 19.49
N LEU C 798 -17.87 69.31 20.57
CA LEU C 798 -17.28 69.42 21.89
C LEU C 798 -16.10 68.47 22.01
N VAL C 799 -15.18 68.82 22.91
CA VAL C 799 -13.98 68.04 23.17
C VAL C 799 -13.81 67.91 24.68
N TYR C 800 -13.46 66.70 25.13
CA TYR C 800 -13.35 66.44 26.55
C TYR C 800 -12.29 65.39 26.82
N ASP C 801 -11.83 65.34 28.06
CA ASP C 801 -10.84 64.38 28.53
C ASP C 801 -11.37 63.77 29.82
N PHE C 802 -11.72 62.49 29.81
CA PHE C 802 -12.14 61.81 31.02
C PHE C 802 -11.70 60.35 31.01
N ILE C 803 -11.77 59.74 32.18
CA ILE C 803 -11.25 58.41 32.44
C ILE C 803 -12.41 57.44 32.60
N LEU C 804 -12.36 56.33 31.85
CA LEU C 804 -13.31 55.26 32.01
C LEU C 804 -12.85 54.32 33.14
N GLN C 805 -13.81 53.57 33.68
CA GLN C 805 -13.50 52.64 34.75
C GLN C 805 -14.53 51.53 34.75
N GLN C 806 -14.09 50.31 35.04
CA GLN C 806 -14.98 49.16 35.16
C GLN C 806 -14.59 48.39 36.41
N ASN C 807 -15.44 48.45 37.43
CA ASN C 807 -15.15 47.87 38.74
C ASN C 807 -13.83 48.39 39.30
N GLY C 808 -13.57 49.68 39.10
CA GLY C 808 -12.36 50.28 39.63
C GLY C 808 -11.11 50.07 38.80
N ASN C 809 -11.25 49.57 37.58
CA ASN C 809 -10.10 49.30 36.72
C ASN C 809 -10.06 50.32 35.59
N GLN C 810 -8.93 51.01 35.47
CA GLN C 810 -8.74 51.99 34.41
C GLN C 810 -8.20 51.38 33.12
N SER C 811 -7.86 50.09 33.13
CA SER C 811 -7.46 49.38 31.93
C SER C 811 -8.64 48.67 31.26
N CYS C 812 -9.85 49.18 31.46
CA CYS C 812 -11.05 48.55 30.94
C CYS C 812 -11.19 48.83 29.44
N PRO C 813 -11.88 47.96 28.71
CA PRO C 813 -12.15 48.23 27.29
C PRO C 813 -12.99 49.48 27.11
N VAL C 814 -12.79 50.15 25.98
CA VAL C 814 -13.46 51.40 25.66
C VAL C 814 -14.55 51.11 24.63
N PRO C 815 -15.83 51.18 24.99
CA PRO C 815 -16.89 51.01 23.98
C PRO C 815 -16.95 52.20 23.04
N SER C 816 -17.42 51.93 21.83
CA SER C 816 -17.53 52.99 20.84
C SER C 816 -18.62 53.98 21.22
N PRO C 817 -18.35 55.29 21.14
CA PRO C 817 -19.39 56.27 21.48
C PRO C 817 -20.40 56.52 20.38
N ALA C 818 -20.12 56.08 19.14
CA ALA C 818 -21.03 56.35 18.03
C ALA C 818 -20.89 55.23 17.01
N SER C 819 -21.92 55.11 16.16
CA SER C 819 -21.93 54.12 15.10
C SER C 819 -21.51 54.77 13.79
N GLY C 820 -20.65 54.06 13.05
CA GLY C 820 -20.17 54.60 11.78
C GLY C 820 -19.06 53.74 11.19
N ARG C 821 -18.23 54.38 10.38
CA ARG C 821 -17.15 53.71 9.69
C ARG C 821 -15.82 54.22 10.22
N VAL C 822 -14.92 53.29 10.54
CA VAL C 822 -13.60 53.65 11.04
C VAL C 822 -12.73 54.06 9.86
N VAL C 823 -12.17 55.27 9.91
CA VAL C 823 -11.39 55.80 8.80
C VAL C 823 -9.90 55.83 9.10
N ALA C 824 -9.50 55.90 10.37
CA ALA C 824 -8.09 55.97 10.70
C ALA C 824 -7.86 55.43 12.10
N THR C 825 -6.76 54.71 12.28
CA THR C 825 -6.35 54.16 13.57
C THR C 825 -4.85 54.39 13.75
N GLY C 826 -4.43 54.40 15.01
CA GLY C 826 -3.01 54.57 15.31
C GLY C 826 -2.62 56.02 15.49
N GLY C 827 -1.50 56.40 14.89
CA GLY C 827 -0.96 57.74 15.04
C GLY C 827 0.09 57.82 16.12
N SER C 828 0.60 59.04 16.31
CA SER C 828 1.58 59.28 17.37
C SER C 828 0.98 58.97 18.74
N ASN C 829 -0.24 59.44 18.96
CA ASN C 829 -1.04 58.99 20.10
C ASN C 829 -1.90 57.80 19.67
N GLY C 830 -2.62 57.24 20.63
CA GLY C 830 -3.54 56.17 20.29
C GLY C 830 -4.85 56.74 19.82
N MET C 831 -5.06 56.79 18.51
CA MET C 831 -6.18 57.52 17.92
C MET C 831 -7.08 56.56 17.13
N VAL C 832 -8.39 56.77 17.28
CA VAL C 832 -9.40 56.08 16.50
C VAL C 832 -10.37 57.12 15.97
N LYS C 833 -10.59 57.12 14.66
CA LYS C 833 -11.46 58.09 14.00
C LYS C 833 -12.63 57.37 13.37
N ILE C 834 -13.84 57.88 13.59
CA ILE C 834 -15.07 57.27 13.11
C ILE C 834 -15.83 58.30 12.28
N ASP C 835 -16.20 57.92 11.07
CA ASP C 835 -17.02 58.75 10.18
C ASP C 835 -18.47 58.27 10.32
N THR C 836 -19.29 59.09 10.95
CA THR C 836 -20.68 58.74 11.22
C THR C 836 -21.65 59.18 10.13
N GLY C 837 -21.14 59.78 9.05
CA GLY C 837 -21.98 60.23 7.95
C GLY C 837 -22.42 61.68 8.02
N GLY C 838 -22.37 62.29 9.21
CA GLY C 838 -22.70 63.69 9.35
C GLY C 838 -21.68 64.43 10.17
N GLY C 839 -20.68 63.69 10.65
CA GLY C 839 -19.62 64.27 11.46
C GLY C 839 -18.61 63.20 11.79
N GLU C 840 -17.53 63.65 12.43
CA GLU C 840 -16.44 62.77 12.81
C GLU C 840 -16.34 62.68 14.33
N VAL C 841 -16.09 61.47 14.83
CA VAL C 841 -15.87 61.22 16.24
C VAL C 841 -14.44 60.75 16.40
N ARG C 842 -13.67 61.46 17.22
CA ARG C 842 -12.25 61.17 17.39
C ARG C 842 -11.98 60.76 18.83
N LEU C 843 -11.16 59.72 19.00
CA LEU C 843 -10.73 59.27 20.31
C LEU C 843 -9.21 59.20 20.34
N LEU C 844 -8.63 59.66 21.44
CA LEU C 844 -7.20 59.74 21.63
C LEU C 844 -6.80 59.11 22.96
N HIS C 845 -5.57 58.59 22.99
CA HIS C 845 -5.02 57.85 24.12
C HIS C 845 -5.76 56.54 24.34
N MET C 846 -5.88 55.77 23.26
CA MET C 846 -6.43 54.43 23.30
C MET C 846 -5.36 53.44 22.82
N SER C 847 -5.12 52.40 23.60
CA SER C 847 -4.10 51.41 23.31
C SER C 847 -4.72 50.06 22.98
N ASN C 848 -3.96 49.24 22.26
CA ASN C 848 -4.41 47.92 21.81
C ASN C 848 -5.70 48.04 20.99
N ILE C 849 -5.57 48.74 19.85
CA ILE C 849 -6.72 48.95 18.99
C ILE C 849 -7.20 47.62 18.42
N ARG C 850 -8.50 47.37 18.53
CA ARG C 850 -9.09 46.15 18.01
C ARG C 850 -9.81 46.35 16.68
N VAL C 851 -9.96 47.59 16.23
CA VAL C 851 -10.69 47.89 15.00
C VAL C 851 -9.70 48.33 13.94
N LYS C 852 -9.98 47.96 12.69
CA LYS C 852 -9.20 48.27 11.50
C LYS C 852 -9.83 49.42 10.72
N PRO C 853 -9.02 50.18 9.97
CA PRO C 853 -9.61 51.20 9.09
C PRO C 853 -10.53 50.56 8.07
N GLY C 854 -11.64 51.25 7.77
CA GLY C 854 -12.63 50.73 6.87
C GLY C 854 -13.63 49.78 7.49
N GLN C 855 -13.48 49.46 8.78
CA GLN C 855 -14.40 48.57 9.45
C GLN C 855 -15.65 49.33 9.88
N ASN C 856 -16.76 48.60 9.96
CA ASN C 856 -18.04 49.15 10.40
C ASN C 856 -18.25 48.79 11.86
N VAL C 857 -18.44 49.82 12.70
CA VAL C 857 -18.66 49.62 14.13
C VAL C 857 -19.98 50.26 14.50
N ILE C 858 -20.61 49.73 15.56
CA ILE C 858 -21.88 50.27 16.04
C ILE C 858 -21.67 50.85 17.42
N ARG C 859 -22.72 51.47 17.97
CA ARG C 859 -22.65 52.12 19.26
C ARG C 859 -22.43 51.08 20.36
N GLY C 860 -21.31 51.19 21.07
CA GLY C 860 -20.96 50.23 22.09
C GLY C 860 -19.92 49.20 21.69
N THR C 861 -19.45 49.24 20.44
CA THR C 861 -18.40 48.32 20.00
C THR C 861 -17.10 48.64 20.74
N ILE C 862 -16.40 47.58 21.15
CA ILE C 862 -15.13 47.73 21.87
C ILE C 862 -14.07 48.16 20.86
N LEU C 863 -13.58 49.39 21.01
CA LEU C 863 -12.59 49.92 20.07
C LEU C 863 -11.17 49.60 20.49
N GLY C 864 -10.94 49.39 21.78
CA GLY C 864 -9.60 49.12 22.26
C GLY C 864 -9.56 49.22 23.77
N THR C 865 -8.36 49.45 24.29
CA THR C 865 -8.11 49.54 25.72
C THR C 865 -7.59 50.92 26.08
N GLN C 866 -7.97 51.40 27.26
CA GLN C 866 -7.49 52.69 27.73
C GLN C 866 -5.98 52.67 27.97
N ALA C 867 -5.48 51.60 28.57
CA ALA C 867 -4.06 51.44 28.83
C ALA C 867 -3.65 50.00 28.56
N SER C 868 -2.54 49.82 27.84
CA SER C 868 -2.09 48.48 27.51
C SER C 868 -1.52 47.77 28.74
N VAL C 869 -1.56 46.43 28.69
CA VAL C 869 -1.08 45.63 29.81
C VAL C 869 0.44 45.58 29.84
N GLY C 870 1.09 45.77 28.70
CA GLY C 870 2.54 45.60 28.62
C GLY C 870 3.35 46.78 29.13
N GLY C 871 2.88 47.41 30.20
CA GLY C 871 3.62 48.46 30.86
C GLY C 871 4.00 49.65 30.00
N THR C 872 3.09 50.08 29.13
CA THR C 872 3.31 51.27 28.31
C THR C 872 2.81 52.49 29.10
N SER C 873 3.50 52.73 30.22
CA SER C 873 3.19 53.78 31.20
C SER C 873 1.90 53.50 31.97
N THR C 874 1.16 52.47 31.55
CA THR C 874 0.04 51.84 32.26
C THR C 874 -0.92 52.83 32.90
N GLY C 875 -1.02 54.05 32.37
CA GLY C 875 -1.95 55.01 32.93
C GLY C 875 -2.11 56.27 32.10
N THR C 876 -3.37 56.64 31.83
CA THR C 876 -3.70 57.84 31.09
C THR C 876 -5.20 58.04 31.13
N HIS C 877 -5.66 59.12 30.49
CA HIS C 877 -7.08 59.39 30.36
C HIS C 877 -7.52 59.11 28.93
N LEU C 878 -8.78 59.38 28.64
CA LEU C 878 -9.34 59.21 27.29
C LEU C 878 -9.77 60.55 26.76
N HIS C 879 -9.31 60.89 25.55
CA HIS C 879 -9.64 62.15 24.90
C HIS C 879 -10.69 61.87 23.83
N ILE C 880 -11.73 62.69 23.79
CA ILE C 880 -12.82 62.43 22.85
C ILE C 880 -13.35 63.74 22.29
N GLU C 881 -13.48 63.81 20.96
CA GLU C 881 -14.13 64.90 20.26
C GLU C 881 -15.36 64.36 19.55
N ALA C 882 -16.52 64.95 19.85
CA ALA C 882 -17.79 64.55 19.26
C ALA C 882 -18.81 65.63 19.55
N ASN C 883 -19.98 65.53 18.92
CA ASN C 883 -21.01 66.52 19.16
C ASN C 883 -21.69 66.25 20.50
N GLN C 884 -22.57 67.19 20.90
CA GLN C 884 -23.14 67.14 22.24
C GLN C 884 -23.99 65.89 22.46
N PHE C 885 -24.84 65.55 21.49
CA PHE C 885 -25.75 64.42 21.67
C PHE C 885 -24.99 63.12 21.82
N ILE C 886 -23.95 62.91 21.00
CA ILE C 886 -23.19 61.67 21.07
C ILE C 886 -22.52 61.52 22.43
N LEU C 887 -21.91 62.61 22.92
CA LEU C 887 -21.23 62.54 24.21
C LEU C 887 -22.21 62.33 25.36
N GLU C 888 -23.37 63.01 25.32
CA GLU C 888 -24.36 62.83 26.37
C GLU C 888 -24.87 61.40 26.39
N SER C 889 -25.23 60.86 25.22
CA SER C 889 -25.70 59.48 25.17
C SER C 889 -24.59 58.50 25.54
N TYR C 890 -23.34 58.84 25.22
CA TYR C 890 -22.21 57.99 25.61
C TYR C 890 -22.10 57.89 27.12
N VAL C 891 -22.14 59.04 27.81
CA VAL C 891 -22.07 59.03 29.26
C VAL C 891 -23.27 58.28 29.86
N GLN C 892 -24.46 58.53 29.31
CA GLN C 892 -25.65 57.86 29.83
C GLN C 892 -25.57 56.35 29.65
N SER C 893 -25.07 55.88 28.51
CA SER C 893 -24.93 54.45 28.28
C SER C 893 -23.84 53.85 29.17
N LEU C 894 -22.75 54.59 29.40
CA LEU C 894 -21.71 54.09 30.28
C LEU C 894 -22.23 53.92 31.71
N VAL C 895 -23.01 54.89 32.19
CA VAL C 895 -23.50 54.81 33.56
C VAL C 895 -24.61 53.76 33.68
N THR C 896 -25.60 53.82 32.79
CA THR C 896 -26.74 52.91 32.91
C THR C 896 -26.42 51.51 32.43
N GLY C 897 -25.57 51.38 31.41
CA GLY C 897 -25.27 50.09 30.83
C GLY C 897 -26.16 49.70 29.65
N ASN C 898 -27.13 50.54 29.30
CA ASN C 898 -28.01 50.26 28.17
C ASN C 898 -27.41 50.91 26.91
N TRP C 899 -27.16 50.10 25.89
CA TRP C 899 -26.55 50.60 24.66
C TRP C 899 -27.49 50.40 23.47
N MET D 1 -11.79 -7.49 -0.65
CA MET D 1 -11.33 -8.35 -1.72
C MET D 1 -10.48 -9.48 -1.17
N ILE D 2 -10.78 -10.71 -1.58
CA ILE D 2 -10.05 -11.88 -1.11
C ILE D 2 -8.80 -12.04 -1.96
N VAL D 3 -7.71 -11.42 -1.53
CA VAL D 3 -6.42 -11.53 -2.21
C VAL D 3 -5.71 -12.73 -1.59
N ASP D 4 -5.95 -13.91 -2.16
CA ASP D 4 -5.47 -15.15 -1.58
C ASP D 4 -4.02 -15.42 -2.03
N GLU D 5 -3.56 -16.64 -1.76
CA GLU D 5 -2.18 -17.02 -2.03
C GLU D 5 -1.83 -16.97 -3.51
N PHE D 6 -2.71 -17.47 -4.38
CA PHE D 6 -2.51 -17.37 -5.81
C PHE D 6 -2.93 -15.97 -6.27
N SER D 7 -2.03 -15.01 -6.14
CA SER D 7 -2.31 -13.64 -6.53
C SER D 7 -1.12 -13.12 -7.30
N SER D 8 -1.40 -12.33 -8.34
CA SER D 8 -0.37 -11.75 -9.17
C SER D 8 0.16 -10.49 -8.51
N VAL D 9 1.32 -10.04 -8.98
CA VAL D 9 1.91 -8.80 -8.47
C VAL D 9 0.98 -7.62 -8.72
N TYR D 10 0.33 -7.58 -9.88
CA TYR D 10 -0.60 -6.51 -10.19
C TYR D 10 -1.86 -6.57 -9.32
N GLU D 11 -2.37 -7.76 -9.03
CA GLU D 11 -3.51 -7.86 -8.14
C GLU D 11 -3.16 -7.37 -6.74
N CYS D 12 -1.97 -7.71 -6.25
CA CYS D 12 -1.53 -7.23 -4.95
C CYS D 12 -1.37 -5.72 -4.94
N LEU D 13 -0.77 -5.17 -5.99
CA LEU D 13 -0.61 -3.71 -6.08
C LEU D 13 -1.97 -3.02 -6.13
N LEU D 14 -2.90 -3.57 -6.89
CA LEU D 14 -4.25 -3.01 -6.95
C LEU D 14 -4.92 -3.05 -5.59
N TYR D 15 -4.77 -4.17 -4.88
CA TYR D 15 -5.35 -4.27 -3.55
C TYR D 15 -4.77 -3.22 -2.61
N CYS D 16 -3.46 -3.00 -2.67
CA CYS D 16 -2.83 -2.00 -1.82
C CYS D 16 -3.25 -0.59 -2.22
N TYR D 17 -3.55 -0.39 -3.50
CA TYR D 17 -3.83 0.95 -4.04
C TYR D 17 -5.27 1.36 -3.72
N LYS D 18 -6.05 0.39 -3.22
CA LYS D 18 -7.45 0.66 -2.95
C LYS D 18 -7.74 0.70 -1.46
N MET D 19 -7.00 -0.09 -0.67
CA MET D 19 -7.26 -0.16 0.76
C MET D 19 -6.43 0.83 1.56
N VAL D 20 -5.62 1.65 0.90
CA VAL D 20 -4.72 2.57 1.61
C VAL D 20 -5.41 3.92 1.78
N LYS D 21 -6.66 4.03 1.33
CA LYS D 21 -7.38 5.29 1.45
C LYS D 21 -7.60 5.66 2.91
N ARG D 22 -7.93 4.68 3.75
CA ARG D 22 -8.11 4.94 5.17
C ARG D 22 -6.82 5.45 5.81
N SER D 23 -5.70 4.83 5.47
CA SER D 23 -4.42 5.30 5.97
C SER D 23 -4.10 6.71 5.49
N GLU D 24 -4.40 7.02 4.23
CA GLU D 24 -4.19 8.39 3.75
C GLU D 24 -5.04 9.38 4.52
N GLN D 25 -6.29 9.03 4.80
CA GLN D 25 -7.15 9.90 5.58
C GLN D 25 -6.63 10.08 6.99
N LEU D 26 -6.07 9.02 7.58
CA LEU D 26 -5.54 9.11 8.94
C LEU D 26 -4.29 9.97 9.04
N ASN D 27 -3.65 10.29 7.92
CA ASN D 27 -2.42 11.06 7.96
C ASN D 27 -2.68 12.48 8.46
N GLY D 28 -1.85 12.93 9.39
CA GLY D 28 -2.03 14.25 9.98
C GLY D 28 -3.22 14.34 10.90
N ARG D 29 -3.68 13.21 11.43
CA ARG D 29 -4.83 13.15 12.33
C ARG D 29 -4.35 12.68 13.70
N ARG D 30 -5.30 12.55 14.62
CA ARG D 30 -5.02 12.09 15.98
C ARG D 30 -5.91 10.89 16.25
N VAL D 31 -5.34 9.69 16.15
CA VAL D 31 -6.10 8.45 16.13
C VAL D 31 -6.54 8.03 17.54
N PHE D 32 -5.63 8.05 18.48
CA PHE D 32 -5.98 7.53 19.78
C PHE D 32 -6.23 8.66 20.78
N PRO D 33 -6.98 8.40 21.84
CA PRO D 33 -7.05 9.35 22.94
C PRO D 33 -5.69 9.47 23.63
N ILE D 34 -5.47 10.62 24.25
CA ILE D 34 -4.18 10.93 24.85
C ILE D 34 -4.37 11.30 26.31
N LEU D 35 -3.28 11.23 27.06
CA LEU D 35 -3.23 11.67 28.45
C LEU D 35 -2.43 12.96 28.49
N SER D 36 -2.98 13.98 29.15
CA SER D 36 -2.35 15.29 29.14
C SER D 36 -2.47 15.92 30.52
N VAL D 37 -1.64 16.94 30.75
CA VAL D 37 -1.62 17.68 32.01
C VAL D 37 -2.25 19.04 31.79
N VAL D 38 -3.17 19.41 32.67
CA VAL D 38 -3.86 20.69 32.55
C VAL D 38 -2.93 21.81 33.01
N THR D 39 -2.72 22.79 32.14
CA THR D 39 -1.86 23.93 32.45
C THR D 39 -2.63 25.23 32.63
N ASN D 40 -3.79 25.37 31.98
CA ASN D 40 -4.61 26.56 32.10
C ASN D 40 -6.07 26.14 32.18
N ASN D 41 -6.79 26.64 33.17
CA ASN D 41 -8.22 26.39 33.29
C ASN D 41 -9.05 27.66 33.40
N ASN D 42 -8.45 28.83 33.29
CA ASN D 42 -9.20 30.08 33.28
C ASN D 42 -9.66 30.38 31.85
N ASP D 43 -10.91 30.05 31.55
CA ASP D 43 -11.48 30.25 30.23
C ASP D 43 -12.12 31.62 30.19
N PRO D 44 -11.60 32.56 29.40
CA PRO D 44 -12.22 33.90 29.32
C PRO D 44 -13.64 33.87 28.79
N GLU D 45 -13.99 32.89 27.96
CA GLU D 45 -15.32 32.80 27.40
C GLU D 45 -16.33 32.16 28.32
N GLY D 46 -15.90 31.70 29.50
CA GLY D 46 -16.82 31.08 30.43
C GLY D 46 -17.37 29.75 29.99
N ARG D 47 -16.67 29.04 29.10
CA ARG D 47 -17.14 27.79 28.55
C ARG D 47 -16.51 26.58 29.22
N ARG D 48 -15.85 26.77 30.36
CA ARG D 48 -15.29 25.67 31.16
C ARG D 48 -14.28 24.86 30.37
N ARG D 49 -13.56 25.52 29.47
CA ARG D 49 -12.52 24.87 28.68
C ARG D 49 -11.17 25.01 29.38
N VAL D 50 -10.27 24.07 29.09
CA VAL D 50 -8.95 24.05 29.69
C VAL D 50 -7.90 23.89 28.60
N LYS D 51 -6.68 24.28 28.94
CA LYS D 51 -5.52 24.09 28.09
C LYS D 51 -4.64 22.99 28.65
N ILE D 52 -3.99 22.24 27.77
CA ILE D 52 -3.25 21.04 28.14
C ILE D 52 -1.82 21.16 27.61
N ALA D 53 -0.94 20.32 28.16
CA ALA D 53 0.42 20.14 27.69
C ALA D 53 0.53 18.70 27.21
N ASP D 54 0.15 18.47 25.96
CA ASP D 54 0.16 17.11 25.43
C ASP D 54 1.59 16.67 25.14
N PRO D 55 1.89 15.38 25.31
CA PRO D 55 3.28 14.91 25.10
C PRO D 55 3.76 15.06 23.68
N LEU D 56 2.87 15.22 22.70
CA LEU D 56 3.31 15.34 21.32
C LEU D 56 4.20 16.57 21.13
N PHE D 57 3.81 17.69 21.73
CA PHE D 57 4.56 18.93 21.57
C PHE D 57 5.55 19.18 22.70
N GLY D 58 5.68 18.24 23.64
CA GLY D 58 6.73 18.31 24.64
C GLY D 58 6.72 19.57 25.49
N ASN D 59 5.54 20.13 25.74
CA ASN D 59 5.38 21.34 26.54
C ASN D 59 6.14 22.54 25.96
N LEU D 60 6.44 22.50 24.66
CA LEU D 60 7.09 23.64 24.04
C LEU D 60 6.07 24.68 23.57
N ILE D 61 5.04 24.14 22.94
CA ILE D 61 3.99 24.99 22.45
C ILE D 61 2.71 24.76 23.22
N GLU D 62 1.95 25.82 23.45
CA GLU D 62 0.68 25.66 24.13
C GLU D 62 -0.33 25.13 23.14
N SER D 63 -1.35 24.45 23.63
CA SER D 63 -2.33 23.85 22.74
C SER D 63 -3.55 24.71 22.52
N ASN D 64 -4.61 24.13 21.97
CA ASN D 64 -5.85 24.84 21.79
C ASN D 64 -6.79 24.53 22.96
N TRP D 65 -7.83 25.35 23.09
CA TRP D 65 -8.79 25.15 24.16
C TRP D 65 -9.49 23.80 23.99
N ILE D 66 -9.65 23.09 25.11
CA ILE D 66 -10.26 21.77 25.12
C ILE D 66 -11.54 21.83 25.93
N ARG D 67 -12.63 21.40 25.33
CA ARG D 67 -14.00 21.47 25.81
C ARG D 67 -14.32 20.29 26.72
N PRO D 68 -15.18 20.49 27.72
CA PRO D 68 -15.46 19.45 28.69
C PRO D 68 -16.56 18.48 28.25
N ILE D 69 -16.61 17.35 28.92
CA ILE D 69 -17.64 16.34 28.74
C ILE D 69 -18.33 16.11 30.08
N ARG D 70 -19.65 16.02 30.05
CA ARG D 70 -20.46 15.83 31.25
C ARG D 70 -21.35 14.61 31.08
N VAL D 71 -21.76 14.01 32.19
CA VAL D 71 -22.61 12.82 32.11
C VAL D 71 -24.05 13.20 31.84
N SER D 72 -24.54 14.27 32.46
CA SER D 72 -25.88 14.77 32.20
C SER D 72 -25.81 16.24 31.82
N GLN D 73 -26.90 16.75 31.26
CA GLN D 73 -26.83 18.03 30.57
C GLN D 73 -26.64 19.20 31.52
N ASN D 74 -27.39 19.25 32.62
CA ASN D 74 -27.46 20.45 33.43
C ASN D 74 -26.61 20.39 34.70
N GLN D 75 -25.52 19.63 34.69
CA GLN D 75 -24.53 19.68 35.76
C GLN D 75 -23.27 20.37 35.26
N ASP D 76 -22.72 21.25 36.08
CA ASP D 76 -21.46 21.93 35.82
C ASP D 76 -20.54 21.54 36.97
N ASN D 77 -19.90 20.38 36.82
CA ASN D 77 -19.03 19.84 37.85
C ASN D 77 -17.73 20.63 37.94
N PRO D 78 -17.02 20.53 39.07
CA PRO D 78 -15.76 21.26 39.21
C PRO D 78 -14.76 20.88 38.12
N LEU D 79 -14.04 21.88 37.64
CA LEU D 79 -13.04 21.68 36.61
C LEU D 79 -11.78 21.05 37.18
N PRO D 80 -10.97 20.40 36.34
CA PRO D 80 -9.66 19.95 36.81
C PRO D 80 -8.79 21.12 37.22
N GLN D 81 -8.00 20.91 38.26
CA GLN D 81 -7.08 21.95 38.70
C GLN D 81 -5.83 21.94 37.83
N ILE D 82 -5.01 22.98 38.00
CA ILE D 82 -3.74 23.05 37.29
C ILE D 82 -2.86 21.88 37.72
N ASN D 83 -2.14 21.30 36.77
CA ASN D 83 -1.24 20.17 36.92
C ASN D 83 -1.98 18.85 37.11
N GLN D 84 -3.29 18.82 36.97
CA GLN D 84 -4.02 17.55 37.01
C GLN D 84 -4.10 16.93 35.62
N MET D 85 -4.13 15.61 35.59
CA MET D 85 -4.11 14.87 34.34
C MET D 85 -5.54 14.58 33.87
N VAL D 86 -5.74 14.68 32.55
CA VAL D 86 -7.01 14.39 31.91
C VAL D 86 -6.75 13.50 30.70
N ILE D 87 -7.82 12.87 30.23
CA ILE D 87 -7.82 12.09 29.01
C ILE D 87 -8.58 12.88 27.95
N VAL D 88 -8.00 12.98 26.76
CA VAL D 88 -8.50 13.85 25.70
C VAL D 88 -8.78 13.00 24.46
N TRP D 89 -9.98 13.16 23.91
CA TRP D 89 -10.35 12.62 22.63
C TRP D 89 -10.38 13.75 21.60
N PHE D 90 -10.21 13.39 20.33
CA PHE D 90 -10.19 14.37 19.25
C PHE D 90 -11.27 14.01 18.25
N VAL D 91 -12.31 14.85 18.16
CA VAL D 91 -13.44 14.57 17.29
C VAL D 91 -13.00 14.70 15.84
N ASP D 92 -13.30 13.68 15.05
CA ASP D 92 -12.82 13.52 13.67
C ASP D 92 -11.29 13.49 13.59
N GLY D 93 -10.62 13.23 14.71
CA GLY D 93 -9.17 13.19 14.73
C GLY D 93 -8.50 14.54 14.63
N ASP D 94 -9.27 15.63 14.68
CA ASP D 94 -8.70 16.95 14.54
C ASP D 94 -8.06 17.38 15.85
N SER D 95 -6.82 17.85 15.77
CA SER D 95 -6.12 18.30 16.96
C SER D 95 -6.74 19.56 17.55
N GLU D 96 -7.52 20.30 16.77
CA GLU D 96 -8.15 21.53 17.23
C GLU D 96 -9.53 21.29 17.82
N LYS D 97 -10.02 20.06 17.81
CA LYS D 97 -11.32 19.71 18.40
C LYS D 97 -11.09 18.64 19.44
N GLY D 98 -10.75 19.05 20.67
CA GLY D 98 -10.45 18.12 21.72
C GLY D 98 -11.47 18.23 22.85
N TYR D 99 -11.80 17.07 23.42
CA TYR D 99 -12.75 17.00 24.52
C TYR D 99 -12.14 16.14 25.62
N TYR D 100 -12.20 16.63 26.86
CA TYR D 100 -11.53 15.94 27.97
C TYR D 100 -12.38 15.38 29.09
N LEU D 101 -11.75 14.58 29.96
CA LEU D 101 -12.43 14.02 31.13
C LEU D 101 -11.32 13.75 32.15
N PRO D 102 -11.49 14.19 33.40
CA PRO D 102 -10.49 13.92 34.44
C PRO D 102 -10.24 12.44 34.73
N ILE D 103 -9.02 12.07 35.10
CA ILE D 103 -8.75 10.69 35.48
C ILE D 103 -8.22 10.63 36.90
N ILE D 104 -8.05 9.44 37.45
CA ILE D 104 -7.49 9.30 38.80
C ILE D 104 -5.99 9.11 38.77
N ASN D 105 -5.25 10.13 39.23
CA ASN D 105 -3.80 10.00 39.29
C ASN D 105 -3.34 10.15 40.73
N ASP D 106 -2.37 11.02 40.98
CA ASP D 106 -1.94 11.27 42.35
C ASP D 106 -2.14 12.74 42.63
N ALA D 107 -2.13 13.57 41.57
CA ALA D 107 -2.43 14.97 41.76
C ALA D 107 -3.92 14.93 41.91
N ASN D 108 -4.52 13.81 41.50
CA ASN D 108 -5.95 13.64 41.65
C ASN D 108 -6.09 12.26 42.24
N PRO D 109 -5.79 12.12 43.55
CA PRO D 109 -5.80 10.77 44.11
C PRO D 109 -7.16 10.21 44.47
N SER D 110 -7.17 9.00 45.01
CA SER D 110 -8.42 8.38 45.39
C SER D 110 -8.83 8.83 46.79
N ARG D 111 -10.13 9.02 46.99
CA ARG D 111 -10.64 9.41 48.30
C ARG D 111 -10.73 8.18 49.21
N GLU D 112 -10.68 8.44 50.51
CA GLU D 112 -10.76 7.35 51.48
C GLU D 112 -12.18 6.80 51.55
N LYS D 113 -12.30 5.48 51.49
CA LYS D 113 -13.59 4.80 51.56
C LYS D 113 -13.47 3.57 52.45
N ASP D 114 -14.57 3.22 53.10
CA ASP D 114 -14.61 1.95 53.83
C ASP D 114 -14.64 0.77 52.87
N ASP D 115 -15.52 0.83 51.87
CA ASP D 115 -15.56 -0.14 50.78
C ASP D 115 -15.35 0.64 49.48
N PRO D 116 -14.21 0.46 48.81
CA PRO D 116 -13.95 1.26 47.59
C PRO D 116 -14.93 0.99 46.46
N VAL D 117 -15.65 -0.13 46.48
CA VAL D 117 -16.50 -0.50 45.36
C VAL D 117 -17.87 0.16 45.43
N ASN D 118 -18.53 0.07 46.59
CA ASN D 118 -19.90 0.52 46.71
C ASN D 118 -20.05 1.94 47.25
N ASP D 119 -19.14 2.37 48.12
CA ASP D 119 -19.26 3.68 48.75
C ASP D 119 -18.93 4.80 47.77
N SER D 120 -19.49 5.97 48.03
CA SER D 120 -19.24 7.16 47.24
C SER D 120 -18.63 8.22 48.15
N ALA D 121 -17.46 8.74 47.75
CA ALA D 121 -16.80 9.82 48.46
C ALA D 121 -16.56 10.95 47.49
N VAL D 122 -17.08 12.13 47.81
CA VAL D 122 -17.01 13.29 46.95
C VAL D 122 -16.63 14.50 47.80
N ARG D 123 -15.70 15.31 47.29
CA ARG D 123 -15.30 16.54 47.95
C ARG D 123 -15.39 17.70 46.97
N ILE D 124 -15.93 18.82 47.42
CA ILE D 124 -16.03 20.04 46.62
C ILE D 124 -15.28 21.13 47.36
N GLU D 125 -14.34 21.76 46.66
CA GLU D 125 -13.53 22.83 47.27
C GLU D 125 -14.17 24.20 47.14
N GLY D 126 -15.30 24.31 46.44
CA GLY D 126 -16.04 25.54 46.35
C GLY D 126 -17.44 25.40 46.89
N ASN D 127 -18.32 26.29 46.45
CA ASN D 127 -19.73 26.18 46.80
C ASN D 127 -20.34 24.99 46.07
N ASN D 128 -21.38 24.42 46.67
CA ASN D 128 -22.18 23.40 46.03
C ASN D 128 -23.60 23.93 45.88
N THR D 129 -24.10 23.93 44.65
CA THR D 129 -25.43 24.47 44.37
C THR D 129 -26.23 23.42 43.60
N ILE D 130 -27.26 22.90 44.23
CA ILE D 130 -28.17 21.92 43.63
C ILE D 130 -29.57 22.50 43.67
N ARG D 131 -30.18 22.64 42.49
CA ARG D 131 -31.53 23.17 42.36
C ARG D 131 -32.39 22.16 41.64
N ILE D 132 -33.53 21.82 42.24
CA ILE D 132 -34.43 20.78 41.76
C ILE D 132 -35.79 21.41 41.52
N ASP D 133 -36.28 21.34 40.29
CA ASP D 133 -37.56 21.97 39.97
C ASP D 133 -38.74 21.15 40.49
N LYS D 134 -38.63 19.84 40.48
CA LYS D 134 -39.68 18.95 40.94
C LYS D 134 -39.35 18.43 42.33
N ASN D 135 -40.10 17.43 42.78
CA ASN D 135 -39.92 16.86 44.11
C ASN D 135 -38.52 16.28 44.28
N ASP D 136 -38.10 16.20 45.54
CA ASP D 136 -36.80 15.65 45.91
C ASP D 136 -37.04 14.58 46.96
N SER D 137 -36.26 13.51 46.88
CA SER D 137 -36.38 12.38 47.80
C SER D 137 -35.02 11.95 48.32
N GLU D 138 -35.00 11.49 49.57
CA GLU D 138 -33.80 10.95 50.20
C GLU D 138 -34.19 9.69 50.96
N THR D 139 -33.45 8.62 50.77
CA THR D 139 -33.63 7.38 51.51
C THR D 139 -32.29 6.92 52.03
N VAL D 140 -32.13 6.90 53.34
CA VAL D 140 -30.88 6.50 53.99
C VAL D 140 -31.17 5.27 54.83
N GLY D 141 -30.58 4.13 54.46
CA GLY D 141 -30.75 2.91 55.21
C GLY D 141 -29.94 2.83 56.48
N GLY D 142 -29.03 3.77 56.70
CA GLY D 142 -28.25 3.79 57.92
C GLY D 142 -28.44 5.09 58.68
N ASN D 143 -27.35 5.77 58.98
CA ASN D 143 -27.39 7.02 59.72
C ASN D 143 -27.04 8.20 58.82
N GLN D 144 -27.62 9.35 59.13
CA GLN D 144 -27.29 10.59 58.45
C GLN D 144 -26.58 11.52 59.43
N THR D 145 -25.36 11.94 59.05
CA THR D 145 -24.55 12.84 59.86
C THR D 145 -24.39 14.15 59.12
N VAL D 146 -24.74 15.25 59.78
CA VAL D 146 -24.60 16.59 59.22
C VAL D 146 -23.68 17.40 60.12
N ALA D 147 -22.65 17.99 59.53
CA ALA D 147 -21.71 18.84 60.25
C ALA D 147 -21.55 20.13 59.46
N ILE D 148 -22.10 21.22 59.98
CA ILE D 148 -22.07 22.51 59.32
C ILE D 148 -21.27 23.46 60.21
N ALA D 149 -20.19 24.01 59.68
CA ALA D 149 -19.38 24.95 60.43
C ALA D 149 -20.00 26.34 60.52
N GLY D 150 -20.82 26.71 59.55
CA GLY D 150 -21.44 28.02 59.52
C GLY D 150 -22.86 27.99 60.05
N GLU D 151 -23.75 28.71 59.37
CA GLU D 151 -25.13 28.85 59.77
C GLU D 151 -26.04 28.12 58.79
N GLN D 152 -27.03 27.40 59.33
CA GLN D 152 -27.98 26.65 58.51
C GLN D 152 -29.25 27.46 58.33
N ASN D 153 -29.69 27.59 57.08
CA ASN D 153 -30.89 28.33 56.74
C ASN D 153 -31.88 27.38 56.08
N ILE D 154 -33.09 27.29 56.63
CA ILE D 154 -34.14 26.44 56.11
C ILE D 154 -35.34 27.31 55.78
N ASN D 155 -35.78 27.27 54.53
CA ASN D 155 -36.93 28.04 54.07
C ASN D 155 -37.92 27.09 53.40
N VAL D 156 -39.02 26.80 54.09
CA VAL D 156 -40.06 25.92 53.58
C VAL D 156 -41.34 26.74 53.46
N ASP D 157 -41.86 26.83 52.24
CA ASP D 157 -43.10 27.56 52.01
C ASP D 157 -44.32 26.78 52.46
N GLY D 158 -44.24 25.45 52.44
CA GLY D 158 -45.35 24.62 52.85
C GLY D 158 -45.26 24.20 54.31
N ASN D 159 -45.75 23.00 54.62
CA ASN D 159 -45.74 22.49 55.98
C ASN D 159 -44.46 21.72 56.24
N LEU D 160 -44.10 21.59 57.51
CA LEU D 160 -42.98 20.76 57.93
C LEU D 160 -43.50 19.60 58.77
N ILE D 161 -43.29 18.39 58.30
CA ILE D 161 -43.75 17.18 58.97
C ILE D 161 -42.55 16.36 59.38
N GLU D 162 -42.36 16.19 60.69
CA GLU D 162 -41.28 15.38 61.23
C GLU D 162 -41.88 14.24 62.05
N ASN D 163 -41.51 13.01 61.69
CA ASN D 163 -41.93 11.82 62.43
C ASN D 163 -40.67 11.11 62.88
N ILE D 164 -40.41 11.13 64.19
CA ILE D 164 -39.20 10.56 64.76
C ILE D 164 -39.58 9.29 65.50
N GLY D 165 -38.97 8.17 65.11
CA GLY D 165 -39.23 6.90 65.76
C GLY D 165 -38.50 6.68 67.05
N GLY D 166 -37.65 7.62 67.46
CA GLY D 166 -36.94 7.49 68.71
C GLY D 166 -37.03 8.76 69.55
N ASP D 167 -35.90 9.23 70.02
CA ASP D 167 -35.85 10.38 70.92
C ASP D 167 -35.38 11.63 70.18
N ILE D 168 -35.51 12.77 70.85
CA ILE D 168 -34.97 14.04 70.38
C ILE D 168 -34.09 14.59 71.49
N ASP D 169 -32.81 14.76 71.20
CA ASP D 169 -31.87 15.39 72.13
C ASP D 169 -31.35 16.65 71.47
N GLN D 170 -31.93 17.79 71.85
CA GLN D 170 -31.59 19.08 71.25
C GLN D 170 -30.76 19.86 72.26
N ASN D 171 -29.49 20.10 71.93
CA ASN D 171 -28.57 20.84 72.78
C ASN D 171 -28.15 22.10 72.03
N VAL D 172 -28.51 23.26 72.59
CA VAL D 172 -28.22 24.55 71.97
C VAL D 172 -27.40 25.38 72.96
N THR D 173 -26.27 25.91 72.49
CA THR D 173 -25.47 26.77 73.34
C THR D 173 -26.07 28.16 73.49
N GLY D 174 -26.72 28.66 72.44
CA GLY D 174 -27.32 29.98 72.44
C GLY D 174 -28.80 29.95 72.73
N LYS D 175 -29.50 30.99 72.27
CA LYS D 175 -30.92 31.12 72.54
C LYS D 175 -31.72 30.15 71.69
N ILE D 176 -32.99 30.00 72.04
CA ILE D 176 -33.97 29.29 71.22
C ILE D 176 -35.18 30.19 71.09
N GLU D 177 -35.36 30.76 69.90
CA GLU D 177 -36.48 31.66 69.62
C GLU D 177 -37.48 30.93 68.75
N VAL D 178 -38.69 30.75 69.26
CA VAL D 178 -39.76 30.08 68.52
C VAL D 178 -40.88 31.08 68.29
N ARG D 179 -41.20 31.31 67.02
CA ARG D 179 -42.19 32.30 66.62
C ARG D 179 -43.27 31.62 65.79
N SER D 180 -44.52 31.76 66.23
CA SER D 180 -45.69 31.33 65.48
C SER D 180 -46.75 32.40 65.66
N GLU D 181 -47.77 32.39 64.80
CA GLU D 181 -48.83 33.37 64.95
C GLU D 181 -50.23 32.80 64.74
N SER D 182 -50.40 31.48 64.83
CA SER D 182 -51.74 30.90 64.89
C SER D 182 -51.96 30.15 66.20
N THR D 183 -51.11 29.17 66.51
CA THR D 183 -51.31 28.34 67.68
C THR D 183 -50.00 27.64 68.04
N ILE D 184 -49.82 27.27 69.31
CA ILE D 184 -48.65 26.49 69.71
C ILE D 184 -49.18 25.30 70.53
N LEU D 185 -48.88 24.08 70.12
CA LEU D 185 -49.39 22.90 70.80
C LEU D 185 -48.27 22.01 71.31
N ILE D 186 -48.30 21.65 72.59
CA ILE D 186 -47.32 20.73 73.14
C ILE D 186 -48.06 19.55 73.73
N ASP D 187 -47.62 18.33 73.45
CA ASP D 187 -48.31 17.15 73.95
C ASP D 187 -47.36 16.05 74.40
N ALA D 188 -47.66 15.44 75.54
CA ALA D 188 -46.86 14.31 76.02
C ALA D 188 -47.77 13.42 76.80
N ASP D 189 -47.93 12.17 76.39
CA ASP D 189 -48.73 11.24 77.17
C ASP D 189 -48.24 11.26 78.60
N GLY D 190 -46.92 11.39 78.79
CA GLY D 190 -46.37 11.34 80.12
C GLY D 190 -46.26 12.70 80.76
N THR D 191 -45.16 12.93 81.48
CA THR D 191 -44.96 14.17 82.22
C THR D 191 -44.17 15.18 81.40
N ILE D 192 -44.31 16.45 81.77
CA ILE D 192 -43.61 17.55 81.12
C ILE D 192 -42.94 18.39 82.20
N ILE D 193 -41.68 18.77 81.96
CA ILE D 193 -40.94 19.61 82.89
C ILE D 193 -40.36 20.79 82.12
N ILE D 194 -40.59 21.99 82.62
CA ILE D 194 -39.94 23.20 82.13
C ILE D 194 -39.13 23.77 83.28
N LYS D 195 -37.81 23.65 83.21
CA LYS D 195 -36.97 23.92 84.36
C LYS D 195 -35.74 24.72 83.95
N ASN D 196 -35.13 25.39 84.94
CA ASN D 196 -33.88 26.11 84.76
C ASN D 196 -32.86 25.56 85.74
N ASP D 197 -31.62 26.05 85.62
CA ASP D 197 -30.58 25.68 86.57
C ASP D 197 -30.82 26.28 87.95
N SER D 198 -31.71 27.27 88.04
CA SER D 198 -32.05 27.90 89.31
C SER D 198 -32.88 27.01 90.21
N GLY D 199 -33.35 25.87 89.71
CA GLY D 199 -34.20 25.00 90.51
C GLY D 199 -35.66 25.38 90.48
N ALA D 200 -36.03 26.34 89.65
CA ALA D 200 -37.43 26.74 89.47
C ALA D 200 -37.98 26.05 88.24
N PHE D 201 -39.17 25.45 88.37
CA PHE D 201 -39.69 24.66 87.28
C PHE D 201 -41.22 24.60 87.35
N ILE D 202 -41.81 24.32 86.18
CA ILE D 202 -43.22 23.97 86.05
C ILE D 202 -43.28 22.52 85.61
N SER D 203 -43.87 21.67 86.44
CA SER D 203 -43.97 20.25 86.17
C SER D 203 -45.44 19.87 86.00
N LEU D 204 -45.80 19.41 84.81
CA LEU D 204 -47.15 18.95 84.55
C LEU D 204 -47.07 17.43 84.52
N GLY D 205 -47.36 16.79 85.64
CA GLY D 205 -47.27 15.34 85.75
C GLY D 205 -48.16 14.49 84.90
N GLY D 206 -47.75 13.25 84.66
CA GLY D 206 -48.57 12.33 83.90
C GLY D 206 -49.64 11.70 84.77
N ASN D 207 -49.80 12.19 85.99
CA ASN D 207 -50.84 11.72 86.88
C ASN D 207 -51.72 12.94 87.10
N GLY D 208 -51.44 14.01 86.37
CA GLY D 208 -52.21 15.23 86.53
C GLY D 208 -51.66 16.20 87.54
N GLU D 209 -50.58 15.86 88.24
CA GLU D 209 -49.99 16.75 89.21
C GLU D 209 -49.41 17.98 88.53
N VAL D 210 -49.72 19.16 89.06
CA VAL D 210 -49.19 20.43 88.55
C VAL D 210 -48.36 21.05 89.66
N LEU D 211 -47.08 21.31 89.39
CA LEU D 211 -46.17 21.86 90.38
C LEU D 211 -45.49 23.09 89.82
N ILE D 212 -45.58 24.20 90.56
CA ILE D 212 -44.92 25.45 90.20
C ILE D 212 -43.95 25.77 91.33
N GLN D 213 -42.65 25.62 91.08
CA GLN D 213 -41.65 25.79 92.13
C GLN D 213 -40.67 26.88 91.74
N ASP D 214 -40.29 27.70 92.71
CA ASP D 214 -39.30 28.74 92.50
C ASP D 214 -37.92 28.26 92.92
N SER D 215 -36.92 29.14 92.80
CA SER D 215 -35.57 28.76 93.17
C SER D 215 -35.42 28.54 94.68
N GLN D 216 -36.04 29.40 95.48
CA GLN D 216 -35.82 29.39 96.92
C GLN D 216 -36.70 28.39 97.66
N GLY D 217 -37.55 27.64 96.96
CA GLY D 217 -38.24 26.54 97.59
C GLY D 217 -39.71 26.75 97.86
N ARG D 218 -40.31 27.78 97.27
CA ARG D 218 -41.74 28.03 97.37
C ARG D 218 -42.43 27.35 96.19
N LYS D 219 -43.43 26.53 96.48
CA LYS D 219 -44.08 25.77 95.43
C LYS D 219 -45.59 25.71 95.64
N ILE D 220 -46.30 25.72 94.51
CA ILE D 220 -47.75 25.60 94.46
C ILE D 220 -48.07 24.27 93.78
N ARG D 221 -48.86 23.44 94.44
CA ARG D 221 -49.13 22.09 93.97
C ARG D 221 -50.64 21.91 93.77
N LEU D 222 -51.04 21.36 92.62
CA LEU D 222 -52.46 21.26 92.30
C LEU D 222 -52.93 19.83 92.10
N GLY D 223 -53.58 19.26 93.13
CA GLY D 223 -54.09 17.92 93.02
C GLY D 223 -53.13 16.85 92.55
N GLY D 224 -53.56 16.04 91.60
CA GLY D 224 -52.72 14.98 91.08
C GLY D 224 -52.71 13.74 91.95
N ALA D 225 -51.98 13.81 93.07
CA ALA D 225 -51.95 12.72 94.03
C ALA D 225 -52.38 13.17 95.41
N PHE D 226 -52.47 14.48 95.62
CA PHE D 226 -52.83 15.01 96.93
C PHE D 226 -53.87 16.10 96.80
N ASN D 227 -53.93 17.02 97.77
CA ASN D 227 -54.85 18.14 97.65
C ASN D 227 -54.12 19.38 97.14
N SER D 228 -54.89 20.33 96.63
CA SER D 228 -54.34 21.60 96.16
C SER D 228 -53.71 22.34 97.33
N THR D 229 -52.39 22.51 97.29
CA THR D 229 -51.67 23.14 98.38
C THR D 229 -50.73 24.23 97.86
N TRP D 230 -50.37 25.14 98.78
CA TRP D 230 -49.49 26.27 98.50
C TRP D 230 -48.39 26.29 99.57
N ASP D 231 -47.29 25.60 99.29
CA ASP D 231 -46.19 25.56 100.25
C ASP D 231 -45.42 26.88 100.24
N LEU D 232 -45.39 27.53 101.39
CA LEU D 232 -44.72 28.82 101.47
C LEU D 232 -43.34 28.69 102.08
N ASN D 233 -42.92 27.49 102.44
CA ASN D 233 -41.61 27.26 103.08
C ASN D 233 -41.18 28.22 104.21
N GLY D 234 -42.14 28.78 104.94
CA GLY D 234 -41.82 29.68 106.04
C GLY D 234 -41.70 31.11 105.59
N LEU D 235 -42.16 31.41 104.38
CA LEU D 235 -42.10 32.77 103.85
C LEU D 235 -43.50 33.33 103.92
N PRO D 236 -43.63 34.64 104.18
CA PRO D 236 -44.98 35.20 104.15
C PRO D 236 -45.47 35.47 102.74
N MET D 237 -46.78 35.70 102.60
CA MET D 237 -47.37 35.96 101.27
C MET D 237 -48.26 37.18 101.26
N ALA D 238 -48.70 37.59 100.07
CA ALA D 238 -49.55 38.77 99.96
C ALA D 238 -50.53 38.69 98.79
N PHE D 239 -51.51 39.59 98.76
CA PHE D 239 -52.48 39.63 97.68
C PHE D 239 -52.60 41.10 97.34
N ILE D 240 -51.77 41.58 96.42
CA ILE D 240 -51.77 43.01 96.12
C ILE D 240 -53.06 43.51 95.49
N ASN D 241 -53.36 44.80 95.66
CA ASN D 241 -54.59 45.42 95.12
C ASN D 241 -55.82 44.53 95.01
N ALA D 242 -56.27 43.99 96.13
CA ALA D 242 -57.45 43.14 96.12
C ALA D 242 -58.71 43.97 96.29
N THR D 243 -59.48 44.15 95.22
CA THR D 243 -60.75 44.87 95.36
C THR D 243 -61.65 43.95 96.16
N SER D 244 -61.71 42.69 95.79
CA SER D 244 -62.50 41.72 96.53
C SER D 244 -61.77 40.41 96.41
N VAL D 245 -61.97 39.52 97.37
CA VAL D 245 -61.32 38.22 97.33
C VAL D 245 -62.36 37.17 97.59
N MET E 1 8.83 -4.67 8.56
CA MET E 1 10.21 -4.56 9.03
C MET E 1 10.80 -3.19 8.69
N ILE E 2 12.11 -3.08 8.81
CA ILE E 2 12.80 -1.82 8.52
C ILE E 2 13.03 -1.72 7.02
N VAL E 3 12.31 -0.83 6.36
CA VAL E 3 12.49 -0.65 4.93
C VAL E 3 13.28 0.63 4.79
N ASP E 4 14.51 0.54 4.29
CA ASP E 4 15.37 1.71 4.22
C ASP E 4 15.35 2.42 2.89
N GLU E 5 16.40 3.17 2.61
CA GLU E 5 16.50 3.88 1.34
C GLU E 5 17.30 3.04 0.37
N PHE E 6 17.66 1.82 0.77
CA PHE E 6 18.42 0.93 -0.08
C PHE E 6 17.56 -0.26 -0.48
N SER E 7 16.25 -0.06 -0.54
CA SER E 7 15.36 -1.18 -0.83
C SER E 7 14.88 -1.23 -2.28
N SER E 8 14.50 -2.41 -2.75
CA SER E 8 14.04 -2.58 -4.13
C SER E 8 12.54 -2.36 -4.25
N VAL E 9 12.04 -2.22 -5.47
CA VAL E 9 10.62 -2.02 -5.68
C VAL E 9 9.81 -3.18 -5.12
N TYR E 10 10.30 -4.41 -5.29
CA TYR E 10 9.52 -5.57 -4.89
C TYR E 10 9.33 -5.61 -3.40
N GLU E 11 10.35 -5.18 -2.68
CA GLU E 11 10.25 -5.16 -1.24
C GLU E 11 9.42 -3.98 -0.78
N CYS E 12 9.51 -2.85 -1.48
CA CYS E 12 8.67 -1.72 -1.14
C CYS E 12 7.22 -2.17 -1.25
N LEU E 13 6.90 -2.87 -2.33
CA LEU E 13 5.54 -3.38 -2.51
C LEU E 13 5.17 -4.39 -1.44
N LEU E 14 6.06 -5.34 -1.15
CA LEU E 14 5.76 -6.36 -0.15
C LEU E 14 5.48 -5.70 1.19
N TYR E 15 6.32 -4.76 1.62
CA TYR E 15 6.04 -4.00 2.85
C TYR E 15 4.66 -3.39 2.85
N CYS E 16 4.26 -2.73 1.76
CA CYS E 16 2.90 -2.22 1.68
C CYS E 16 1.88 -3.34 1.77
N TYR E 17 2.15 -4.47 1.11
CA TYR E 17 1.24 -5.60 1.10
C TYR E 17 0.91 -6.07 2.51
N LYS E 18 1.93 -6.23 3.35
CA LYS E 18 1.67 -6.73 4.70
C LYS E 18 1.16 -5.63 5.62
N MET E 19 1.54 -4.37 5.38
CA MET E 19 1.21 -3.35 6.36
C MET E 19 -0.09 -2.62 6.02
N VAL E 20 -0.74 -2.98 4.91
CA VAL E 20 -1.98 -2.31 4.55
C VAL E 20 -3.19 -3.03 5.16
N LYS E 21 -2.94 -4.10 5.92
CA LYS E 21 -4.04 -4.89 6.48
C LYS E 21 -4.90 -4.07 7.43
N ARG E 22 -4.25 -3.31 8.32
CA ARG E 22 -5.01 -2.50 9.28
C ARG E 22 -5.86 -1.46 8.57
N SER E 23 -5.29 -0.81 7.55
CA SER E 23 -6.08 0.12 6.74
C SER E 23 -7.24 -0.56 6.06
N GLU E 24 -7.07 -1.79 5.59
CA GLU E 24 -8.18 -2.53 5.01
C GLU E 24 -9.27 -2.78 6.04
N GLN E 25 -8.89 -3.15 7.26
CA GLN E 25 -9.90 -3.39 8.30
C GLN E 25 -10.65 -2.12 8.65
N LEU E 26 -10.00 -0.97 8.50
CA LEU E 26 -10.62 0.32 8.80
C LEU E 26 -11.69 0.73 7.80
N ASN E 27 -11.75 0.08 6.64
CA ASN E 27 -12.72 0.45 5.62
C ASN E 27 -14.13 0.11 6.07
N GLY E 28 -15.04 1.06 5.87
CA GLY E 28 -16.41 0.90 6.34
C GLY E 28 -16.54 0.90 7.85
N ARG E 29 -15.71 1.66 8.54
CA ARG E 29 -15.73 1.77 9.99
C ARG E 29 -15.83 3.24 10.36
N ARG E 30 -15.92 3.52 11.66
CA ARG E 30 -15.88 4.88 12.17
C ARG E 30 -14.71 4.98 13.15
N VAL E 31 -13.63 5.61 12.71
CA VAL E 31 -12.38 5.65 13.45
C VAL E 31 -12.44 6.62 14.62
N PHE E 32 -12.94 7.80 14.38
CA PHE E 32 -12.90 8.84 15.40
C PHE E 32 -14.26 9.03 16.04
N PRO E 33 -14.30 9.52 17.28
CA PRO E 33 -15.58 9.92 17.87
C PRO E 33 -16.17 11.11 17.13
N ILE E 34 -17.49 11.22 17.20
CA ILE E 34 -18.21 12.25 16.45
C ILE E 34 -19.00 13.12 17.41
N LEU E 35 -19.37 14.30 16.92
CA LEU E 35 -20.29 15.20 17.60
C LEU E 35 -21.61 15.18 16.86
N SER E 36 -22.71 15.05 17.60
CA SER E 36 -24.01 14.91 16.96
C SER E 36 -25.08 15.58 17.79
N VAL E 37 -26.23 15.79 17.17
CA VAL E 37 -27.38 16.44 17.80
C VAL E 37 -28.41 15.38 18.14
N VAL E 38 -28.89 15.40 19.38
CA VAL E 38 -29.92 14.45 19.80
C VAL E 38 -31.26 14.88 19.22
N THR E 39 -31.90 13.98 18.49
CA THR E 39 -33.20 14.26 17.88
C THR E 39 -34.35 13.49 18.52
N ASN E 40 -34.06 12.34 19.14
CA ASN E 40 -35.07 11.53 19.80
C ASN E 40 -34.48 11.00 21.09
N ASN E 41 -35.20 11.19 22.20
CA ASN E 41 -34.78 10.64 23.48
C ASN E 41 -35.83 9.75 24.12
N ASN E 42 -36.98 9.57 23.48
CA ASN E 42 -38.00 8.66 23.99
C ASN E 42 -37.68 7.24 23.56
N ASP E 43 -37.12 6.45 24.48
CA ASP E 43 -36.73 5.08 24.21
C ASP E 43 -37.87 4.17 24.60
N PRO E 44 -38.50 3.47 23.65
CA PRO E 44 -39.61 2.57 24.01
C PRO E 44 -39.19 1.43 24.92
N GLU E 45 -37.92 1.02 24.89
CA GLU E 45 -37.43 -0.10 25.68
C GLU E 45 -36.99 0.32 27.07
N GLY E 46 -37.05 1.61 27.41
CA GLY E 46 -36.65 2.06 28.72
C GLY E 46 -35.18 1.90 29.01
N ARG E 47 -34.34 1.84 27.99
CA ARG E 47 -32.90 1.64 28.16
C ARG E 47 -32.12 2.94 28.07
N ARG E 48 -32.80 4.09 28.15
CA ARG E 48 -32.15 5.40 28.19
C ARG E 48 -31.27 5.64 26.97
N ARG E 49 -31.72 5.17 25.82
CA ARG E 49 -31.03 5.38 24.56
C ARG E 49 -31.61 6.58 23.83
N VAL E 50 -30.80 7.18 22.97
CA VAL E 50 -31.21 8.35 22.20
C VAL E 50 -30.85 8.14 20.74
N LYS E 51 -31.58 8.84 19.87
CA LYS E 51 -31.29 8.90 18.45
C LYS E 51 -30.62 10.21 18.11
N ILE E 52 -29.69 10.17 17.17
CA ILE E 52 -28.86 11.32 16.83
C ILE E 52 -29.01 11.63 15.36
N ALA E 53 -28.54 12.82 14.99
CA ALA E 53 -28.44 13.25 13.58
C ALA E 53 -26.97 13.53 13.31
N ASP E 54 -26.24 12.50 12.95
CA ASP E 54 -24.80 12.66 12.72
C ASP E 54 -24.56 13.36 11.39
N PRO E 55 -23.51 14.18 11.29
CA PRO E 55 -23.26 14.92 10.06
C PRO E 55 -22.96 14.04 8.85
N LEU E 56 -22.57 12.78 9.07
CA LEU E 56 -22.24 11.91 7.94
C LEU E 56 -23.44 11.71 7.02
N PHE E 57 -24.62 11.53 7.60
CA PHE E 57 -25.83 11.32 6.81
C PHE E 57 -26.62 12.61 6.58
N GLY E 58 -26.11 13.75 7.03
CA GLY E 58 -26.70 15.03 6.70
C GLY E 58 -28.15 15.18 7.11
N ASN E 59 -28.56 14.51 8.18
CA ASN E 59 -29.93 14.58 8.70
C ASN E 59 -30.96 14.06 7.69
N LEU E 60 -30.49 13.40 6.64
CA LEU E 60 -31.41 12.93 5.61
C LEU E 60 -32.04 11.66 6.10
N ILE E 61 -31.24 10.84 6.77
CA ILE E 61 -31.79 9.64 7.35
C ILE E 61 -31.61 9.64 8.86
N GLU E 62 -32.38 8.81 9.55
CA GLU E 62 -32.25 8.70 11.00
C GLU E 62 -31.21 7.64 11.30
N SER E 63 -30.68 7.65 12.51
CA SER E 63 -29.64 6.70 12.87
C SER E 63 -30.17 5.56 13.72
N ASN E 64 -29.26 4.81 14.35
CA ASN E 64 -29.66 3.76 15.26
C ASN E 64 -29.76 4.29 16.67
N TRP E 65 -30.34 3.48 17.55
CA TRP E 65 -30.38 3.83 18.96
C TRP E 65 -28.97 3.79 19.54
N ILE E 66 -28.65 4.82 20.32
CA ILE E 66 -27.31 4.98 20.88
C ILE E 66 -27.42 5.01 22.40
N ARG E 67 -26.66 4.15 23.06
CA ARG E 67 -26.67 3.78 24.47
C ARG E 67 -25.84 4.74 25.30
N PRO E 68 -26.21 4.95 26.57
CA PRO E 68 -25.52 5.92 27.41
C PRO E 68 -24.30 5.35 28.12
N ILE E 69 -23.49 6.26 28.65
CA ILE E 69 -22.33 5.94 29.47
C ILE E 69 -22.45 6.68 30.79
N ARG E 70 -22.16 5.99 31.89
CA ARG E 70 -22.26 6.56 33.22
C ARG E 70 -20.92 6.37 33.94
N VAL E 71 -20.72 7.12 35.03
CA VAL E 71 -19.50 6.95 35.81
C VAL E 71 -19.68 5.87 36.88
N SER E 72 -20.88 5.76 37.44
CA SER E 72 -21.16 4.77 38.46
C SER E 72 -22.21 3.81 37.93
N GLN E 73 -22.29 2.63 38.56
CA GLN E 73 -23.20 1.62 38.05
C GLN E 73 -24.66 2.00 38.32
N ASN E 74 -24.99 2.41 39.54
CA ASN E 74 -26.38 2.60 39.91
C ASN E 74 -26.82 4.06 39.83
N GLN E 75 -26.14 4.87 39.04
CA GLN E 75 -26.56 6.24 38.75
C GLN E 75 -27.28 6.29 37.42
N ASP E 76 -28.44 6.93 37.40
CA ASP E 76 -29.21 7.16 36.19
C ASP E 76 -29.43 8.67 36.10
N ASN E 77 -28.47 9.35 35.48
CA ASN E 77 -28.50 10.79 35.35
C ASN E 77 -29.52 11.22 34.30
N PRO E 78 -29.96 12.48 34.34
CA PRO E 78 -30.92 12.94 33.32
C PRO E 78 -30.35 12.82 31.91
N LEU E 79 -31.22 12.45 30.98
CA LEU E 79 -30.83 12.26 29.60
C LEU E 79 -30.64 13.60 28.89
N PRO E 80 -29.87 13.62 27.81
CA PRO E 80 -29.80 14.83 26.98
C PRO E 80 -31.16 15.16 26.41
N GLN E 81 -31.45 16.46 26.33
CA GLN E 81 -32.71 16.91 25.78
C GLN E 81 -32.66 16.91 24.25
N ILE E 82 -33.82 17.10 23.63
CA ILE E 82 -33.87 17.23 22.19
C ILE E 82 -33.09 18.47 21.77
N ASN E 83 -32.37 18.35 20.66
CA ASN E 83 -31.53 19.38 20.05
C ASN E 83 -30.24 19.63 20.82
N GLN E 84 -29.91 18.80 21.81
CA GLN E 84 -28.65 18.96 22.52
C GLN E 84 -27.55 18.15 21.85
N MET E 85 -26.32 18.59 22.03
CA MET E 85 -25.16 17.95 21.42
C MET E 85 -24.58 16.89 22.34
N VAL E 86 -24.17 15.77 21.75
CA VAL E 86 -23.47 14.70 22.44
C VAL E 86 -22.25 14.29 21.63
N ILE E 87 -21.30 13.68 22.32
CA ILE E 87 -20.13 13.05 21.69
C ILE E 87 -20.36 11.55 21.71
N VAL E 88 -20.16 10.91 20.56
CA VAL E 88 -20.50 9.52 20.35
C VAL E 88 -19.25 8.76 19.95
N TRP E 89 -18.99 7.66 20.64
CA TRP E 89 -17.97 6.68 20.26
C TRP E 89 -18.66 5.46 19.66
N PHE E 90 -17.92 4.72 18.84
CA PHE E 90 -18.44 3.54 18.18
C PHE E 90 -17.55 2.35 18.54
N VAL E 91 -18.12 1.39 19.27
CA VAL E 91 -17.36 0.23 19.70
C VAL E 91 -17.06 -0.65 18.49
N ASP E 92 -15.79 -1.01 18.33
CA ASP E 92 -15.28 -1.75 17.18
C ASP E 92 -15.51 -1.00 15.87
N GLY E 93 -15.74 0.31 15.93
CA GLY E 93 -15.97 1.09 14.73
C GLY E 93 -17.30 0.87 14.07
N ASP E 94 -18.20 0.11 14.69
CA ASP E 94 -19.49 -0.21 14.08
C ASP E 94 -20.45 0.96 14.28
N SER E 95 -21.10 1.37 13.19
CA SER E 95 -22.08 2.45 13.27
C SER E 95 -23.28 2.07 14.11
N GLU E 96 -23.58 0.78 14.24
CA GLU E 96 -24.75 0.32 14.95
C GLU E 96 -24.50 0.11 16.43
N LYS E 97 -23.26 0.28 16.90
CA LYS E 97 -22.91 0.17 18.30
C LYS E 97 -22.33 1.51 18.75
N GLY E 98 -23.21 2.43 19.15
CA GLY E 98 -22.79 3.75 19.54
C GLY E 98 -23.07 4.06 20.99
N TYR E 99 -22.14 4.76 21.64
CA TYR E 99 -22.27 5.14 23.05
C TYR E 99 -21.95 6.61 23.20
N TYR E 100 -22.80 7.34 23.92
CA TYR E 100 -22.77 8.79 23.91
C TYR E 100 -22.47 9.36 25.30
N LEU E 101 -22.14 10.65 25.30
CA LEU E 101 -21.99 11.46 26.49
C LEU E 101 -22.26 12.91 26.13
N PRO E 102 -23.11 13.61 26.87
CA PRO E 102 -23.40 15.00 26.55
C PRO E 102 -22.20 15.91 26.78
N ILE E 103 -22.21 17.04 26.09
CA ILE E 103 -21.17 18.05 26.19
C ILE E 103 -21.78 19.37 26.60
N ILE E 104 -20.93 20.40 26.71
CA ILE E 104 -21.36 21.76 27.04
C ILE E 104 -21.17 22.63 25.81
N ASN E 105 -22.23 23.35 25.44
CA ASN E 105 -22.21 24.27 24.31
C ASN E 105 -23.31 25.30 24.54
N ASP E 106 -23.69 26.00 23.46
CA ASP E 106 -24.79 26.95 23.55
C ASP E 106 -26.10 26.24 23.86
N ALA E 107 -26.29 25.05 23.28
CA ALA E 107 -27.50 24.28 23.55
C ALA E 107 -27.56 23.85 25.01
N ASN E 108 -26.42 23.50 25.57
CA ASN E 108 -26.35 23.17 26.99
C ASN E 108 -25.35 24.09 27.67
N PRO E 109 -25.76 25.27 28.11
CA PRO E 109 -24.80 26.28 28.54
C PRO E 109 -24.19 26.01 29.90
N SER E 110 -23.10 26.71 30.21
CA SER E 110 -22.44 26.59 31.50
C SER E 110 -23.29 27.25 32.58
N ARG E 111 -23.38 26.57 33.72
CA ARG E 111 -24.09 27.13 34.86
C ARG E 111 -23.25 28.20 35.53
N GLU E 112 -23.92 29.13 36.20
CA GLU E 112 -23.23 30.21 36.88
C GLU E 112 -22.52 29.68 38.12
N LYS E 113 -21.27 30.09 38.31
CA LYS E 113 -20.46 29.64 39.43
C LYS E 113 -19.55 30.78 39.86
N ASP E 114 -19.33 30.87 41.18
CA ASP E 114 -18.42 31.88 41.70
C ASP E 114 -16.98 31.59 41.26
N ASP E 115 -16.53 30.35 41.45
CA ASP E 115 -15.25 29.88 40.93
C ASP E 115 -15.54 28.72 39.99
N PRO E 116 -15.42 28.91 38.68
CA PRO E 116 -15.75 27.81 37.75
C PRO E 116 -14.91 26.57 37.94
N VAL E 117 -13.79 26.65 38.65
CA VAL E 117 -12.90 25.51 38.79
C VAL E 117 -13.31 24.60 39.93
N ASN E 118 -13.62 25.16 41.10
CA ASN E 118 -13.84 24.35 42.29
C ASN E 118 -15.31 24.13 42.63
N ASP E 119 -16.20 25.05 42.25
CA ASP E 119 -17.60 24.93 42.62
C ASP E 119 -18.31 23.90 41.76
N SER E 120 -19.44 23.42 42.27
CA SER E 120 -20.30 22.49 41.57
C SER E 120 -21.70 23.09 41.48
N ALA E 121 -22.20 23.24 40.25
CA ALA E 121 -23.53 23.75 40.01
C ALA E 121 -24.33 22.69 39.26
N VAL E 122 -25.42 22.25 39.86
CA VAL E 122 -26.24 21.17 39.32
C VAL E 122 -27.70 21.62 39.32
N ARG E 123 -28.39 21.40 38.21
CA ARG E 123 -29.82 21.64 38.12
C ARG E 123 -30.51 20.41 37.55
N ILE E 124 -31.63 20.03 38.16
CA ILE E 124 -32.44 18.91 37.69
C ILE E 124 -33.82 19.47 37.38
N GLU E 125 -34.27 19.26 36.14
CA GLU E 125 -35.58 19.75 35.72
C GLU E 125 -36.72 18.82 36.11
N GLY E 126 -36.41 17.64 36.63
CA GLY E 126 -37.41 16.72 37.10
C GLY E 126 -37.23 16.36 38.57
N ASN E 127 -37.72 15.18 38.93
CA ASN E 127 -37.54 14.68 40.28
C ASN E 127 -36.08 14.32 40.53
N ASN E 128 -35.68 14.42 41.79
CA ASN E 128 -34.38 13.94 42.23
C ASN E 128 -34.61 12.86 43.29
N THR E 129 -33.98 11.71 43.11
CA THR E 129 -34.16 10.59 44.02
C THR E 129 -32.80 9.97 44.31
N ILE E 130 -32.40 10.03 45.57
CA ILE E 130 -31.15 9.43 46.04
C ILE E 130 -31.49 8.48 47.18
N ARG E 131 -31.07 7.22 47.04
CA ARG E 131 -31.29 6.20 48.05
C ARG E 131 -29.95 5.59 48.44
N ILE E 132 -29.69 5.53 49.74
CA ILE E 132 -28.41 5.08 50.27
C ILE E 132 -28.69 3.93 51.23
N ASP E 133 -28.08 2.78 50.97
CA ASP E 133 -28.32 1.62 51.82
C ASP E 133 -27.58 1.72 53.15
N LYS E 134 -26.37 2.27 53.15
CA LYS E 134 -25.56 2.40 54.35
C LYS E 134 -25.62 3.84 54.86
N ASN E 135 -24.74 4.15 55.81
CA ASN E 135 -24.74 5.46 56.45
C ASN E 135 -24.43 6.57 55.43
N ASP E 136 -24.89 7.78 55.77
CA ASP E 136 -24.68 8.95 54.94
C ASP E 136 -24.04 10.02 55.82
N SER E 137 -23.07 10.74 55.25
CA SER E 137 -22.37 11.79 55.96
C SER E 137 -22.32 13.06 55.12
N GLU E 138 -22.36 14.20 55.79
CA GLU E 138 -22.37 15.49 55.11
C GLU E 138 -21.55 16.48 55.94
N THR E 139 -20.53 17.07 55.32
CA THR E 139 -19.68 18.07 55.96
C THR E 139 -19.70 19.33 55.13
N VAL E 140 -20.12 20.44 55.73
CA VAL E 140 -20.17 21.73 55.07
C VAL E 140 -19.26 22.68 55.83
N GLY E 141 -18.20 23.14 55.17
CA GLY E 141 -17.28 24.08 55.79
C GLY E 141 -17.77 25.50 55.85
N GLY E 142 -18.87 25.81 55.18
CA GLY E 142 -19.45 27.13 55.24
C GLY E 142 -20.89 27.09 55.71
N ASN E 143 -21.78 27.73 54.96
CA ASN E 143 -23.19 27.79 55.30
C ASN E 143 -23.99 26.84 54.44
N GLN E 144 -25.06 26.30 55.00
CA GLN E 144 -26.01 25.48 54.26
C GLN E 144 -27.34 26.21 54.17
N THR E 145 -27.79 26.44 52.94
CA THR E 145 -29.04 27.12 52.68
C THR E 145 -30.01 26.16 51.99
N VAL E 146 -31.19 26.00 52.57
CA VAL E 146 -32.23 25.13 52.03
C VAL E 146 -33.46 25.97 51.76
N ALA E 147 -33.94 25.93 50.51
CA ALA E 147 -35.14 26.64 50.12
C ALA E 147 -36.07 25.63 49.45
N ILE E 148 -37.20 25.35 50.09
CA ILE E 148 -38.16 24.37 49.59
C ILE E 148 -39.48 25.10 49.34
N ALA E 149 -39.90 25.12 48.08
CA ALA E 149 -41.15 25.77 47.72
C ALA E 149 -42.37 24.96 48.13
N GLY E 150 -42.25 23.65 48.22
CA GLY E 150 -43.35 22.78 48.58
C GLY E 150 -43.35 22.46 50.06
N GLU E 151 -43.56 21.18 50.38
CA GLU E 151 -43.70 20.70 51.74
C GLU E 151 -42.60 19.71 52.08
N GLN E 152 -42.04 19.83 53.28
CA GLN E 152 -40.90 19.01 53.71
C GLN E 152 -41.41 17.90 54.62
N ASN E 153 -41.04 16.67 54.29
CA ASN E 153 -41.39 15.49 55.09
C ASN E 153 -40.11 14.84 55.57
N ILE E 154 -39.98 14.67 56.89
CA ILE E 154 -38.83 14.02 57.51
C ILE E 154 -39.33 12.84 58.32
N ASN E 155 -38.84 11.65 58.00
CA ASN E 155 -39.23 10.42 58.69
C ASN E 155 -37.97 9.72 59.16
N VAL E 156 -37.72 9.77 60.47
CA VAL E 156 -36.55 9.16 61.08
C VAL E 156 -37.03 8.06 62.02
N ASP E 157 -36.55 6.83 61.79
CA ASP E 157 -36.93 5.72 62.64
C ASP E 157 -36.12 5.67 63.93
N GLY E 158 -34.91 6.25 63.92
CA GLY E 158 -34.06 6.23 65.09
C GLY E 158 -34.19 7.49 65.94
N ASN E 159 -33.09 7.92 66.54
CA ASN E 159 -33.07 9.10 67.39
C ASN E 159 -32.55 10.30 66.61
N LEU E 160 -33.16 11.46 66.85
CA LEU E 160 -32.72 12.71 66.25
C LEU E 160 -31.91 13.50 67.25
N ILE E 161 -30.63 13.72 66.95
CA ILE E 161 -29.72 14.45 67.82
C ILE E 161 -29.32 15.74 67.11
N GLU E 162 -29.65 16.88 67.72
CA GLU E 162 -29.30 18.19 67.20
C GLU E 162 -28.43 18.91 68.21
N ASN E 163 -27.21 19.24 67.81
CA ASN E 163 -26.29 20.02 68.63
C ASN E 163 -25.96 21.30 67.86
N ILE E 164 -26.49 22.42 68.33
CA ILE E 164 -26.36 23.70 67.65
C ILE E 164 -25.40 24.57 68.47
N GLY E 165 -24.32 25.01 67.84
CA GLY E 165 -23.36 25.86 68.49
C GLY E 165 -23.73 27.33 68.55
N GLY E 166 -24.86 27.70 67.96
CA GLY E 166 -25.30 29.08 67.99
C GLY E 166 -26.71 29.22 68.51
N ASP E 167 -27.53 29.99 67.81
CA ASP E 167 -28.90 30.27 68.23
C ASP E 167 -29.89 29.52 67.34
N ILE E 168 -31.14 29.49 67.79
CA ILE E 168 -32.24 28.95 67.01
C ILE E 168 -33.30 30.04 66.89
N ASP E 169 -33.53 30.50 65.67
CA ASP E 169 -34.61 31.45 65.37
C ASP E 169 -35.62 30.73 64.49
N GLN E 170 -36.73 30.30 65.09
CA GLN E 170 -37.77 29.57 64.38
C GLN E 170 -38.96 30.51 64.18
N ASN E 171 -39.22 30.85 62.93
CA ASN E 171 -40.35 31.71 62.57
C ASN E 171 -41.32 30.89 61.72
N VAL E 172 -42.50 30.63 62.25
CA VAL E 172 -43.50 29.81 61.58
C VAL E 172 -44.76 30.65 61.38
N THR E 173 -45.24 30.70 60.14
CA THR E 173 -46.47 31.44 59.88
C THR E 173 -47.71 30.68 60.33
N GLY E 174 -47.69 29.36 60.21
CA GLY E 174 -48.80 28.51 60.62
C GLY E 174 -48.64 27.99 62.02
N LYS E 175 -49.37 26.92 62.33
CA LYS E 175 -49.36 26.35 63.67
C LYS E 175 -48.06 25.62 63.93
N ILE E 176 -47.84 25.27 65.20
CA ILE E 176 -46.67 24.45 65.58
C ILE E 176 -47.24 23.40 66.52
N GLU E 177 -47.49 22.20 66.02
CA GLU E 177 -48.08 21.15 66.84
C GLU E 177 -47.11 20.04 67.17
N VAL E 178 -46.53 20.09 68.38
CA VAL E 178 -45.58 19.08 68.80
C VAL E 178 -46.29 18.00 69.62
N ARG E 179 -45.97 16.74 69.37
CA ARG E 179 -46.59 15.63 70.07
C ARG E 179 -45.58 14.55 70.40
N SER E 180 -45.53 14.16 71.67
CA SER E 180 -44.65 13.06 72.07
C SER E 180 -45.57 12.20 72.91
N GLU E 181 -45.19 10.97 73.20
CA GLU E 181 -46.00 10.13 74.07
C GLU E 181 -45.21 9.49 75.22
N SER E 182 -43.99 9.95 75.49
CA SER E 182 -43.26 9.50 76.67
C SER E 182 -43.01 10.66 77.62
N THR E 183 -42.32 11.70 77.18
CA THR E 183 -41.94 12.80 78.07
C THR E 183 -41.59 14.03 77.23
N ILE E 184 -41.69 15.20 77.86
CA ILE E 184 -41.20 16.45 77.32
C ILE E 184 -40.30 17.10 78.36
N LEU E 185 -39.11 17.51 77.93
CA LEU E 185 -38.16 18.19 78.80
C LEU E 185 -37.74 19.50 78.15
N ILE E 186 -37.98 20.60 78.87
CA ILE E 186 -37.57 21.92 78.45
C ILE E 186 -36.60 22.46 79.49
N ASP E 187 -35.37 22.74 79.09
CA ASP E 187 -34.38 23.18 80.06
C ASP E 187 -33.63 24.37 79.50
N ALA E 188 -33.43 25.37 80.35
CA ALA E 188 -32.64 26.54 80.00
C ALA E 188 -31.95 27.05 81.25
N ASP E 189 -30.62 27.20 81.17
CA ASP E 189 -29.88 27.73 82.31
C ASP E 189 -30.33 29.16 82.61
N GLY E 190 -30.80 29.88 81.60
CA GLY E 190 -31.27 31.24 81.81
C GLY E 190 -32.76 31.32 82.05
N THR E 191 -33.39 32.34 81.49
CA THR E 191 -34.81 32.60 81.72
C THR E 191 -35.64 31.98 80.60
N ILE E 192 -36.85 31.55 80.94
CA ILE E 192 -37.80 30.99 79.98
C ILE E 192 -39.03 31.86 79.96
N ILE E 193 -39.50 32.23 78.77
CA ILE E 193 -40.68 33.06 78.60
C ILE E 193 -41.60 32.41 77.58
N ILE E 194 -42.85 32.22 77.95
CA ILE E 194 -43.88 31.71 77.04
C ILE E 194 -44.98 32.75 76.98
N LYS E 195 -45.05 33.47 75.85
CA LYS E 195 -45.91 34.64 75.75
C LYS E 195 -46.70 34.59 74.45
N ASN E 196 -47.71 35.46 74.36
CA ASN E 196 -48.43 35.68 73.12
C ASN E 196 -48.54 37.19 72.87
N ASP E 197 -49.15 37.55 71.74
CA ASP E 197 -49.35 38.96 71.42
C ASP E 197 -50.34 39.62 72.35
N SER E 198 -51.13 38.85 73.11
CA SER E 198 -52.11 39.40 74.02
C SER E 198 -51.49 39.98 75.29
N GLY E 199 -50.18 39.82 75.48
CA GLY E 199 -49.55 40.34 76.69
C GLY E 199 -49.65 39.42 77.88
N ALA E 200 -50.15 38.20 77.69
CA ALA E 200 -50.22 37.21 78.74
C ALA E 200 -49.06 36.23 78.57
N PHE E 201 -48.37 35.94 79.67
CA PHE E 201 -47.19 35.09 79.57
C PHE E 201 -46.93 34.35 80.87
N ILE E 202 -46.15 33.28 80.74
CA ILE E 202 -45.58 32.55 81.86
C ILE E 202 -44.07 32.73 81.80
N SER E 203 -43.50 33.31 82.84
CA SER E 203 -42.08 33.61 82.90
C SER E 203 -41.45 32.81 84.02
N LEU E 204 -40.57 31.89 83.66
CA LEU E 204 -39.71 31.17 84.59
C LEU E 204 -38.37 31.89 84.65
N GLY E 205 -38.20 32.71 85.68
CA GLY E 205 -37.05 33.60 85.77
C GLY E 205 -35.73 32.86 85.92
N GLY E 206 -34.67 33.46 85.39
CA GLY E 206 -33.34 32.92 85.58
C GLY E 206 -32.88 32.94 87.02
N ASN E 207 -33.43 33.84 87.83
CA ASN E 207 -33.16 33.89 89.25
C ASN E 207 -34.14 33.05 90.06
N GLY E 208 -35.05 32.35 89.39
CA GLY E 208 -36.02 31.50 90.04
C GLY E 208 -37.39 32.09 90.24
N GLU E 209 -37.61 33.34 89.84
CA GLU E 209 -38.94 33.93 89.93
C GLU E 209 -39.89 33.23 88.97
N VAL E 210 -41.15 33.11 89.37
CA VAL E 210 -42.21 32.58 88.50
C VAL E 210 -43.29 33.64 88.40
N LEU E 211 -43.68 33.98 87.18
CA LEU E 211 -44.66 35.04 86.96
C LEU E 211 -45.70 34.55 85.95
N ILE E 212 -46.97 34.54 86.38
CA ILE E 212 -48.08 34.19 85.52
C ILE E 212 -48.90 35.46 85.32
N GLN E 213 -48.89 36.01 84.11
CA GLN E 213 -49.57 37.26 83.82
C GLN E 213 -50.60 37.04 82.72
N ASP E 214 -51.77 37.65 82.90
CA ASP E 214 -52.81 37.61 81.89
C ASP E 214 -52.78 38.89 81.05
N SER E 215 -53.69 38.98 80.08
CA SER E 215 -53.69 40.15 79.20
C SER E 215 -54.03 41.43 79.94
N GLN E 216 -54.92 41.36 80.91
CA GLN E 216 -55.38 42.54 81.63
C GLN E 216 -54.47 42.94 82.78
N GLY E 217 -53.39 42.20 83.01
CA GLY E 217 -52.38 42.62 83.96
C GLY E 217 -52.51 42.08 85.36
N ARG E 218 -53.21 40.95 85.52
CA ARG E 218 -53.29 40.26 86.79
C ARG E 218 -52.12 39.28 86.87
N LYS E 219 -51.37 39.34 87.97
CA LYS E 219 -50.14 38.56 88.07
C LYS E 219 -50.17 37.67 89.30
N ILE E 220 -49.70 36.44 89.12
CA ILE E 220 -49.38 35.53 90.22
C ILE E 220 -47.87 35.37 90.23
N ARG E 221 -47.25 35.74 91.34
CA ARG E 221 -45.80 35.66 91.46
C ARG E 221 -45.38 34.73 92.59
N LEU E 222 -44.21 34.13 92.46
CA LEU E 222 -43.72 33.24 93.49
C LEU E 222 -42.53 33.83 94.23
N GLY E 223 -41.32 33.42 93.87
CA GLY E 223 -40.17 33.90 94.61
C GLY E 223 -38.83 34.07 93.96
N GLY E 224 -38.52 35.28 93.53
CA GLY E 224 -37.21 35.57 92.99
C GLY E 224 -36.73 36.59 93.98
N ALA E 225 -36.32 36.14 95.17
CA ALA E 225 -35.87 37.04 96.25
C ALA E 225 -36.91 38.08 96.69
N PHE E 226 -38.19 37.70 96.71
CA PHE E 226 -39.25 38.60 97.19
C PHE E 226 -40.38 37.84 97.90
N ASN E 227 -41.63 38.31 97.78
CA ASN E 227 -42.75 37.64 98.44
C ASN E 227 -43.70 37.00 97.45
N SER E 228 -44.45 35.99 97.91
CA SER E 228 -45.44 35.36 97.05
C SER E 228 -46.57 36.33 96.93
N THR E 229 -46.75 36.90 95.75
CA THR E 229 -47.75 37.95 95.62
C THR E 229 -48.77 37.68 94.53
N TRP E 230 -50.04 37.91 94.85
CA TRP E 230 -51.09 37.72 93.85
C TRP E 230 -51.59 39.12 93.51
N ASP E 231 -50.90 39.76 92.56
CA ASP E 231 -51.31 41.07 92.09
C ASP E 231 -52.62 40.99 91.31
N LEU E 232 -53.57 41.84 91.66
CA LEU E 232 -54.94 41.73 91.16
C LEU E 232 -55.38 42.92 90.32
N ASN E 233 -54.58 43.99 90.27
CA ASN E 233 -54.92 45.19 89.49
C ASN E 233 -56.28 45.77 89.91
N GLY E 234 -56.57 45.72 91.20
CA GLY E 234 -57.83 46.28 91.68
C GLY E 234 -59.05 45.61 91.09
N LEU E 235 -59.05 44.29 91.02
CA LEU E 235 -60.16 43.54 90.45
C LEU E 235 -60.51 42.38 91.37
N PRO E 236 -61.75 41.90 91.38
CA PRO E 236 -62.14 40.86 92.33
C PRO E 236 -61.55 39.50 91.99
N MET E 237 -61.39 38.69 93.04
CA MET E 237 -60.95 37.31 92.88
C MET E 237 -62.02 36.36 93.42
N ALA E 238 -62.31 35.31 92.65
CA ALA E 238 -63.45 34.45 92.92
C ALA E 238 -62.97 33.05 93.33
N PHE E 239 -63.53 32.54 94.42
CA PHE E 239 -63.41 31.14 94.77
C PHE E 239 -64.72 30.41 94.52
N ILE E 240 -64.65 29.28 93.81
CA ILE E 240 -65.84 28.53 93.44
C ILE E 240 -65.67 27.09 93.89
N ASN E 241 -66.75 26.44 94.35
CA ASN E 241 -66.65 25.07 94.89
C ASN E 241 -65.61 25.01 96.00
N ALA E 242 -65.37 26.15 96.64
CA ALA E 242 -64.41 26.20 97.74
C ALA E 242 -64.88 25.29 98.85
N THR E 243 -64.02 24.37 99.29
CA THR E 243 -64.46 23.39 100.28
C THR E 243 -63.93 23.65 101.68
N SER E 244 -62.66 23.29 101.91
CA SER E 244 -62.05 23.55 103.20
C SER E 244 -60.77 24.30 102.94
N VAL E 245 -60.90 25.54 102.47
CA VAL E 245 -59.72 26.36 102.25
C VAL E 245 -58.96 26.44 103.55
N MET F 1 -0.66 14.60 -2.52
CA MET F 1 -0.53 13.96 -3.83
C MET F 1 -1.88 13.60 -4.42
N ILE F 2 -2.28 14.31 -5.46
CA ILE F 2 -3.54 13.98 -6.12
C ILE F 2 -3.26 12.88 -7.13
N VAL F 3 -3.50 11.64 -6.73
CA VAL F 3 -3.29 10.51 -7.63
C VAL F 3 -4.55 10.36 -8.48
N ASP F 4 -4.55 11.01 -9.64
CA ASP F 4 -5.71 11.03 -10.51
C ASP F 4 -5.78 9.77 -11.35
N GLU F 5 -6.66 9.80 -12.35
CA GLU F 5 -6.87 8.66 -13.23
C GLU F 5 -5.66 8.38 -14.11
N PHE F 6 -5.02 9.42 -14.64
CA PHE F 6 -3.81 9.26 -15.45
C PHE F 6 -2.62 9.08 -14.51
N SER F 7 -2.29 7.84 -14.21
CA SER F 7 -1.18 7.57 -13.30
C SER F 7 -0.47 6.31 -13.75
N SER F 8 0.83 6.28 -13.52
CA SER F 8 1.65 5.13 -13.86
C SER F 8 1.64 4.15 -12.70
N VAL F 9 2.13 2.93 -12.96
CA VAL F 9 2.28 1.97 -11.89
C VAL F 9 3.24 2.48 -10.83
N TYR F 10 4.29 3.20 -11.24
CA TYR F 10 5.23 3.74 -10.28
C TYR F 10 4.65 4.86 -9.45
N GLU F 11 3.81 5.73 -10.04
CA GLU F 11 3.19 6.77 -9.23
C GLU F 11 2.22 6.18 -8.21
N CYS F 12 1.46 5.16 -8.60
CA CYS F 12 0.57 4.50 -7.66
C CYS F 12 1.36 3.78 -6.56
N LEU F 13 2.46 3.12 -6.94
CA LEU F 13 3.30 2.47 -5.94
C LEU F 13 3.91 3.48 -4.99
N LEU F 14 4.34 4.64 -5.51
CA LEU F 14 4.86 5.69 -4.65
C LEU F 14 3.79 6.22 -3.70
N TYR F 15 2.57 6.38 -4.21
CA TYR F 15 1.47 6.82 -3.35
C TYR F 15 1.22 5.82 -2.22
N CYS F 16 1.23 4.53 -2.55
CA CYS F 16 1.08 3.52 -1.50
C CYS F 16 2.25 3.55 -0.52
N TYR F 17 3.47 3.73 -1.03
CA TYR F 17 4.64 3.73 -0.17
C TYR F 17 4.63 4.90 0.80
N LYS F 18 4.29 6.09 0.31
CA LYS F 18 4.25 7.26 1.18
C LYS F 18 3.06 7.26 2.12
N MET F 19 2.02 6.49 1.81
CA MET F 19 0.82 6.54 2.64
C MET F 19 0.70 5.48 3.73
N VAL F 20 1.16 4.26 3.45
CA VAL F 20 1.11 3.25 4.51
C VAL F 20 2.20 3.47 5.55
N LYS F 21 1.85 4.19 6.60
CA LYS F 21 2.79 4.44 7.67
C LYS F 21 1.90 4.56 8.86
N ARG F 22 0.74 5.18 8.66
CA ARG F 22 -0.23 5.29 9.73
C ARG F 22 -0.80 3.91 9.98
N SER F 23 -1.04 3.16 8.91
CA SER F 23 -1.54 1.79 9.05
C SER F 23 -0.46 0.88 9.62
N GLU F 24 0.79 1.14 9.28
CA GLU F 24 1.84 0.36 9.89
C GLU F 24 1.88 0.70 11.38
N GLN F 25 1.74 1.98 11.73
CA GLN F 25 1.73 2.28 13.15
C GLN F 25 0.56 1.61 13.86
N LEU F 26 -0.57 1.46 13.17
CA LEU F 26 -1.75 0.84 13.75
C LEU F 26 -1.57 -0.65 14.04
N ASN F 27 -0.56 -1.28 13.44
CA ASN F 27 -0.35 -2.71 13.66
C ASN F 27 0.03 -2.98 15.11
N GLY F 28 -0.60 -3.99 15.69
CA GLY F 28 -0.41 -4.30 17.09
C GLY F 28 -0.91 -3.23 18.04
N ARG F 29 -2.01 -2.56 17.69
CA ARG F 29 -2.61 -1.51 18.49
C ARG F 29 -4.09 -1.83 18.67
N ARG F 30 -4.78 -1.00 19.46
CA ARG F 30 -6.22 -1.08 19.62
C ARG F 30 -6.82 0.23 19.16
N VAL F 31 -7.48 0.20 18.00
CA VAL F 31 -7.99 1.40 17.35
C VAL F 31 -9.31 1.86 17.98
N PHE F 32 -10.20 0.95 18.21
CA PHE F 32 -11.52 1.32 18.68
C PHE F 32 -11.67 1.05 20.18
N PRO F 33 -12.61 1.73 20.83
CA PRO F 33 -12.98 1.34 22.20
C PRO F 33 -13.66 -0.02 22.18
N ILE F 34 -13.63 -0.69 23.34
CA ILE F 34 -14.16 -2.04 23.45
C ILE F 34 -15.16 -2.09 24.58
N LEU F 35 -15.99 -3.13 24.55
CA LEU F 35 -16.90 -3.46 25.63
C LEU F 35 -16.36 -4.67 26.36
N SER F 36 -16.36 -4.62 27.70
CA SER F 36 -15.74 -5.69 28.46
C SER F 36 -16.53 -5.92 29.74
N VAL F 37 -16.35 -7.11 30.32
CA VAL F 37 -17.00 -7.50 31.56
C VAL F 37 -15.99 -7.40 32.68
N VAL F 38 -16.35 -6.71 33.76
CA VAL F 38 -15.47 -6.55 34.91
C VAL F 38 -15.43 -7.85 35.69
N THR F 39 -14.23 -8.39 35.89
CA THR F 39 -14.04 -9.64 36.62
C THR F 39 -13.36 -9.46 37.96
N ASN F 40 -12.53 -8.43 38.12
CA ASN F 40 -11.87 -8.14 39.38
C ASN F 40 -11.92 -6.64 39.62
N ASN F 41 -12.30 -6.25 40.83
CA ASN F 41 -12.30 -4.84 41.22
C ASN F 41 -11.57 -4.58 42.52
N ASN F 42 -10.99 -5.59 43.15
CA ASN F 42 -10.17 -5.38 44.33
C ASN F 42 -8.77 -4.96 43.91
N ASP F 43 -8.48 -3.67 43.98
CA ASP F 43 -7.19 -3.12 43.59
C ASP F 43 -6.32 -3.01 44.83
N PRO F 44 -5.25 -3.81 44.94
CA PRO F 44 -4.40 -3.73 46.14
C PRO F 44 -3.72 -2.39 46.31
N GLU F 45 -3.50 -1.64 45.23
CA GLU F 45 -2.84 -0.34 45.30
C GLU F 45 -3.78 0.78 45.68
N GLY F 46 -5.07 0.50 45.83
CA GLY F 46 -6.02 1.52 46.20
C GLY F 46 -6.28 2.56 45.12
N ARG F 47 -6.00 2.22 43.87
CA ARG F 47 -6.13 3.17 42.77
C ARG F 47 -7.42 3.00 42.00
N ARG F 48 -8.37 2.23 42.54
CA ARG F 48 -9.72 2.10 41.97
C ARG F 48 -9.68 1.54 40.55
N ARG F 49 -8.75 0.63 40.30
CA ARG F 49 -8.63 -0.02 39.01
C ARG F 49 -9.35 -1.36 39.03
N VAL F 50 -9.76 -1.81 37.84
CA VAL F 50 -10.49 -3.06 37.68
C VAL F 50 -9.83 -3.89 36.58
N LYS F 51 -10.04 -5.20 36.66
CA LYS F 51 -9.63 -6.13 35.64
C LYS F 51 -10.84 -6.57 34.83
N ILE F 52 -10.63 -6.82 33.54
CA ILE F 52 -11.71 -7.08 32.60
C ILE F 52 -11.46 -8.40 31.89
N ALA F 53 -12.50 -8.88 31.22
CA ALA F 53 -12.43 -10.04 30.34
C ALA F 53 -12.83 -9.57 28.94
N ASP F 54 -11.85 -9.06 28.20
CA ASP F 54 -12.15 -8.52 26.88
C ASP F 54 -12.32 -9.65 25.87
N PRO F 55 -13.21 -9.47 24.89
CA PRO F 55 -13.47 -10.57 23.94
C PRO F 55 -12.27 -10.95 23.08
N LEU F 56 -11.27 -10.09 22.96
CA LEU F 56 -10.11 -10.43 22.15
C LEU F 56 -9.41 -11.68 22.66
N PHE F 57 -9.27 -11.80 23.97
CA PHE F 57 -8.61 -12.94 24.57
C PHE F 57 -9.58 -14.02 25.04
N GLY F 58 -10.88 -13.83 24.81
CA GLY F 58 -11.85 -14.88 25.05
C GLY F 58 -11.90 -15.41 26.46
N ASN F 59 -11.61 -14.57 27.44
CA ASN F 59 -11.60 -14.94 28.86
C ASN F 59 -10.60 -16.06 29.15
N LEU F 60 -9.61 -16.24 28.29
CA LEU F 60 -8.58 -17.25 28.54
C LEU F 60 -7.46 -16.72 29.43
N ILE F 61 -7.08 -15.49 29.09
CA ILE F 61 -6.04 -14.84 29.84
C ILE F 61 -6.54 -13.62 30.58
N GLU F 62 -5.98 -13.37 31.74
CA GLU F 62 -6.35 -12.20 32.52
C GLU F 62 -5.71 -10.99 31.88
N SER F 63 -6.35 -9.83 32.02
CA SER F 63 -5.82 -8.62 31.39
C SER F 63 -5.00 -7.79 32.35
N ASN F 64 -4.67 -6.56 31.96
CA ASN F 64 -3.97 -5.66 32.87
C ASN F 64 -4.97 -4.84 33.67
N TRP F 65 -4.45 -4.14 34.68
CA TRP F 65 -5.29 -3.23 35.45
C TRP F 65 -5.71 -2.06 34.59
N ILE F 66 -6.98 -1.68 34.70
CA ILE F 66 -7.56 -0.61 33.92
C ILE F 66 -8.07 0.47 34.86
N ARG F 67 -7.65 1.69 34.64
CA ARG F 67 -7.82 2.87 35.45
C ARG F 67 -9.15 3.56 35.17
N PRO F 68 -9.73 4.20 36.17
CA PRO F 68 -11.05 4.82 35.98
C PRO F 68 -10.99 6.23 35.42
N ILE F 69 -12.13 6.66 34.90
CA ILE F 69 -12.33 8.02 34.43
C ILE F 69 -13.45 8.65 35.24
N ARG F 70 -13.28 9.92 35.61
CA ARG F 70 -14.26 10.64 36.41
C ARG F 70 -14.65 11.92 35.67
N VAL F 71 -15.82 12.47 36.01
CA VAL F 71 -16.22 13.74 35.41
C VAL F 71 -15.59 14.90 36.16
N SER F 72 -15.35 14.74 37.46
CA SER F 72 -14.79 15.78 38.29
C SER F 72 -13.47 15.31 38.88
N GLN F 73 -12.73 16.26 39.45
CA GLN F 73 -11.44 15.91 40.04
C GLN F 73 -11.61 15.13 41.35
N ASN F 74 -12.20 15.74 42.37
CA ASN F 74 -12.26 15.13 43.69
C ASN F 74 -13.48 14.24 43.89
N GLN F 75 -14.05 13.71 42.81
CA GLN F 75 -15.14 12.76 42.91
C GLN F 75 -14.60 11.34 42.82
N ASP F 76 -15.00 10.51 43.79
CA ASP F 76 -14.66 9.09 43.81
C ASP F 76 -15.98 8.33 43.83
N ASN F 77 -16.51 8.07 42.65
CA ASN F 77 -17.79 7.41 42.49
C ASN F 77 -17.66 5.90 42.72
N PRO F 78 -18.77 5.22 43.01
CA PRO F 78 -18.70 3.77 43.23
C PRO F 78 -18.18 3.04 42.00
N LEU F 79 -17.39 2.00 42.24
CA LEU F 79 -16.77 1.23 41.18
C LEU F 79 -17.78 0.29 40.54
N PRO F 80 -17.51 -0.15 39.31
CA PRO F 80 -18.33 -1.22 38.73
C PRO F 80 -18.22 -2.49 39.55
N GLN F 81 -19.34 -3.23 39.60
CA GLN F 81 -19.35 -4.48 40.35
C GLN F 81 -18.85 -5.61 39.47
N ILE F 82 -18.59 -6.76 40.10
CA ILE F 82 -18.17 -7.95 39.37
C ILE F 82 -19.28 -8.35 38.41
N ASN F 83 -18.89 -8.75 37.21
CA ASN F 83 -19.73 -9.18 36.09
C ASN F 83 -20.47 -8.02 35.44
N GLN F 84 -20.10 -6.77 35.73
CA GLN F 84 -20.72 -5.63 35.06
C GLN F 84 -19.91 -5.25 33.83
N MET F 85 -20.59 -4.59 32.89
CA MET F 85 -19.99 -4.24 31.61
C MET F 85 -19.53 -2.79 31.61
N VAL F 86 -18.36 -2.56 31.04
CA VAL F 86 -17.76 -1.23 30.92
C VAL F 86 -17.27 -1.04 29.48
N ILE F 87 -17.07 0.22 29.13
CA ILE F 87 -16.44 0.60 27.86
C ILE F 87 -15.03 1.06 28.16
N VAL F 88 -14.07 0.57 27.39
CA VAL F 88 -12.65 0.77 27.64
C VAL F 88 -12.02 1.44 26.43
N TRP F 89 -11.28 2.51 26.68
CA TRP F 89 -10.43 3.16 25.69
C TRP F 89 -8.98 2.84 25.99
N PHE F 90 -8.15 2.85 24.96
CA PHE F 90 -6.73 2.55 25.10
C PHE F 90 -5.92 3.75 24.66
N VAL F 91 -5.22 4.38 25.61
CA VAL F 91 -4.43 5.57 25.31
C VAL F 91 -3.24 5.18 24.45
N ASP F 92 -3.04 5.91 23.35
CA ASP F 92 -2.02 5.61 22.35
C ASP F 92 -2.20 4.23 21.74
N GLY F 93 -3.38 3.64 21.87
CA GLY F 93 -3.64 2.32 21.33
C GLY F 93 -2.97 1.20 22.08
N ASP F 94 -2.33 1.48 23.21
CA ASP F 94 -1.62 0.45 23.96
C ASP F 94 -2.60 -0.38 24.77
N SER F 95 -2.47 -1.70 24.70
CA SER F 95 -3.33 -2.58 25.48
C SER F 95 -3.10 -2.43 26.97
N GLU F 96 -1.91 -1.99 27.38
CA GLU F 96 -1.56 -1.89 28.79
C GLU F 96 -1.95 -0.56 29.41
N LYS F 97 -2.47 0.38 28.62
CA LYS F 97 -2.95 1.66 29.13
C LYS F 97 -4.44 1.76 28.81
N GLY F 98 -5.27 1.21 29.69
CA GLY F 98 -6.70 1.21 29.47
C GLY F 98 -7.45 2.05 30.48
N TYR F 99 -8.51 2.72 30.03
CA TYR F 99 -9.31 3.59 30.87
C TYR F 99 -10.79 3.29 30.62
N TYR F 100 -11.55 3.09 31.69
CA TYR F 100 -12.89 2.53 31.58
C TYR F 100 -13.95 3.49 32.06
N LEU F 101 -15.19 3.18 31.69
CA LEU F 101 -16.40 3.86 32.16
C LEU F 101 -17.57 2.87 32.06
N PRO F 102 -18.35 2.71 33.12
CA PRO F 102 -19.48 1.76 33.06
C PRO F 102 -20.59 2.24 32.14
N ILE F 103 -21.38 1.30 31.64
CA ILE F 103 -22.50 1.67 30.75
C ILE F 103 -23.78 1.06 31.28
N ILE F 104 -24.91 1.43 30.69
CA ILE F 104 -26.18 0.83 31.08
C ILE F 104 -26.37 -0.48 30.37
N ASN F 105 -26.45 -1.58 31.11
CA ASN F 105 -26.64 -2.90 30.53
C ASN F 105 -27.80 -3.59 31.18
N ASP F 106 -27.60 -4.84 31.60
CA ASP F 106 -28.65 -5.55 32.32
C ASP F 106 -28.12 -5.86 33.70
N ALA F 107 -26.83 -6.14 33.82
CA ALA F 107 -26.24 -6.32 35.14
C ALA F 107 -26.22 -4.91 35.66
N ASN F 108 -26.35 -3.95 34.75
CA ASN F 108 -26.41 -2.56 35.15
C ASN F 108 -27.71 -2.01 34.59
N PRO F 109 -28.90 -2.34 35.20
CA PRO F 109 -30.07 -1.83 34.50
C PRO F 109 -30.43 -0.38 34.77
N SER F 110 -31.48 0.10 34.13
CA SER F 110 -31.93 1.47 34.32
C SER F 110 -32.77 1.57 35.59
N ARG F 111 -32.60 2.68 36.31
CA ARG F 111 -33.39 2.93 37.50
C ARG F 111 -34.77 3.44 37.11
N GLU F 112 -35.75 3.20 37.99
CA GLU F 112 -37.11 3.64 37.73
C GLU F 112 -37.22 5.15 37.89
N LYS F 113 -37.89 5.79 36.92
CA LYS F 113 -38.10 7.23 36.94
C LYS F 113 -39.51 7.53 36.49
N ASP F 114 -40.06 8.65 36.98
CA ASP F 114 -41.31 9.16 36.43
C ASP F 114 -41.07 9.76 35.05
N ASP F 115 -40.02 10.57 34.92
CA ASP F 115 -39.62 11.14 33.63
C ASP F 115 -38.23 10.62 33.32
N PRO F 116 -38.09 9.69 32.37
CA PRO F 116 -36.75 9.13 32.08
C PRO F 116 -35.75 10.16 31.59
N VAL F 117 -36.20 11.30 31.10
CA VAL F 117 -35.28 12.28 30.52
C VAL F 117 -34.80 13.29 31.55
N ASN F 118 -35.70 13.83 32.36
CA ASN F 118 -35.36 14.91 33.28
C ASN F 118 -35.06 14.44 34.69
N ASP F 119 -35.62 13.32 35.12
CA ASP F 119 -35.45 12.87 36.50
C ASP F 119 -34.06 12.30 36.71
N SER F 120 -33.62 12.33 37.97
CA SER F 120 -32.34 11.76 38.36
C SER F 120 -32.58 10.73 39.45
N ALA F 121 -32.20 9.48 39.17
CA ALA F 121 -32.32 8.39 40.13
C ALA F 121 -30.94 7.83 40.42
N VAL F 122 -30.53 7.86 41.67
CA VAL F 122 -29.20 7.44 42.10
C VAL F 122 -29.34 6.52 43.30
N ARG F 123 -28.65 5.38 43.25
CA ARG F 123 -28.58 4.48 44.38
C ARG F 123 -27.13 4.20 44.73
N ILE F 124 -26.80 4.26 46.01
CA ILE F 124 -25.47 3.94 46.50
C ILE F 124 -25.60 2.76 47.46
N GLU F 125 -24.89 1.67 47.16
CA GLU F 125 -24.98 0.48 47.98
C GLU F 125 -24.06 0.52 49.20
N GLY F 126 -23.21 1.53 49.32
CA GLY F 126 -22.37 1.73 50.47
C GLY F 126 -22.66 3.02 51.18
N ASN F 127 -21.64 3.55 51.85
CA ASN F 127 -21.77 4.85 52.49
C ASN F 127 -21.71 5.95 51.43
N ASN F 128 -22.32 7.08 51.75
CA ASN F 128 -22.25 8.28 50.94
C ASN F 128 -21.61 9.38 51.75
N THR F 129 -20.56 10.00 51.21
CA THR F 129 -19.83 11.02 51.93
C THR F 129 -19.59 12.21 51.01
N ILE F 130 -20.12 13.36 51.41
CA ILE F 130 -19.95 14.62 50.69
C ILE F 130 -19.35 15.63 51.65
N ARG F 131 -18.28 16.30 51.22
CA ARG F 131 -17.66 17.36 51.99
C ARG F 131 -17.58 18.61 51.12
N ILE F 132 -18.05 19.73 51.66
CA ILE F 132 -18.09 21.01 50.96
C ILE F 132 -17.33 22.01 51.81
N ASP F 133 -16.24 22.55 51.27
CA ASP F 133 -15.45 23.51 52.04
C ASP F 133 -16.11 24.87 52.13
N LYS F 134 -16.84 25.27 51.09
CA LYS F 134 -17.52 26.54 51.03
C LYS F 134 -19.00 26.34 51.32
N ASN F 135 -19.80 27.39 51.08
CA ASN F 135 -21.23 27.34 51.33
C ASN F 135 -21.90 26.24 50.50
N ASP F 136 -23.11 25.89 50.91
CA ASP F 136 -23.93 24.91 50.20
C ASP F 136 -25.32 25.51 50.06
N SER F 137 -25.94 25.26 48.90
CA SER F 137 -27.28 25.75 48.62
C SER F 137 -28.12 24.62 48.03
N GLU F 138 -29.41 24.64 48.34
CA GLU F 138 -30.33 23.60 47.87
C GLU F 138 -31.68 24.24 47.61
N THR F 139 -32.17 24.13 46.38
CA THR F 139 -33.46 24.66 45.99
C THR F 139 -34.33 23.53 45.48
N VAL F 140 -35.50 23.35 46.09
CA VAL F 140 -36.44 22.31 45.69
C VAL F 140 -37.75 22.99 45.33
N GLY F 141 -38.13 22.87 44.05
CA GLY F 141 -39.38 23.45 43.60
C GLY F 141 -40.62 22.67 43.97
N GLY F 142 -40.45 21.45 44.46
CA GLY F 142 -41.56 20.65 44.93
C GLY F 142 -41.40 20.25 46.37
N ASN F 143 -41.61 18.96 46.66
CA ASN F 143 -41.54 18.44 48.02
C ASN F 143 -40.21 17.75 48.26
N GLN F 144 -39.70 17.88 49.47
CA GLN F 144 -38.51 17.15 49.90
C GLN F 144 -38.93 16.10 50.92
N THR F 145 -38.65 14.84 50.60
CA THR F 145 -38.97 13.72 51.48
C THR F 145 -37.67 13.06 51.94
N VAL F 146 -37.51 12.94 53.25
CA VAL F 146 -36.33 12.33 53.85
C VAL F 146 -36.78 11.15 54.68
N ALA F 147 -36.19 9.98 54.43
CA ALA F 147 -36.48 8.77 55.18
C ALA F 147 -35.17 8.18 55.66
N ILE F 148 -34.99 8.13 56.98
CA ILE F 148 -33.77 7.62 57.60
C ILE F 148 -34.14 6.47 58.51
N ALA F 149 -33.52 5.31 58.28
CA ALA F 149 -33.76 4.15 59.12
C ALA F 149 -33.06 4.25 60.47
N GLY F 150 -31.89 4.87 60.53
CA GLY F 150 -31.13 5.01 61.75
C GLY F 150 -31.31 6.35 62.40
N GLU F 151 -30.22 6.89 62.95
CA GLU F 151 -30.24 8.16 63.65
C GLU F 151 -29.88 9.30 62.72
N GLN F 152 -30.36 10.49 63.03
CA GLN F 152 -29.99 11.71 62.33
C GLN F 152 -29.20 12.60 63.29
N ASN F 153 -27.97 12.95 62.90
CA ASN F 153 -27.09 13.77 63.71
C ASN F 153 -26.84 15.08 62.99
N ILE F 154 -27.27 16.18 63.59
CA ILE F 154 -27.13 17.51 63.01
C ILE F 154 -26.24 18.33 63.92
N ASN F 155 -25.11 18.79 63.40
CA ASN F 155 -24.17 19.60 64.15
C ASN F 155 -23.95 20.90 63.41
N VAL F 156 -24.47 21.99 63.95
CA VAL F 156 -24.33 23.32 63.38
C VAL F 156 -23.56 24.17 64.39
N ASP F 157 -22.40 24.66 63.98
CA ASP F 157 -21.62 25.53 64.85
C ASP F 157 -22.19 26.92 64.94
N GLY F 158 -22.86 27.39 63.90
CA GLY F 158 -23.46 28.72 63.90
C GLY F 158 -24.91 28.70 64.32
N ASN F 159 -25.68 29.67 63.86
CA ASN F 159 -27.09 29.79 64.21
C ASN F 159 -27.92 28.96 63.25
N LEU F 160 -29.07 28.50 63.73
CA LEU F 160 -30.02 27.75 62.91
C LEU F 160 -31.27 28.60 62.69
N ILE F 161 -31.54 28.93 61.44
CA ILE F 161 -32.68 29.77 61.07
C ILE F 161 -33.59 28.97 60.15
N GLU F 162 -34.81 28.71 60.61
CA GLU F 162 -35.83 28.06 59.79
C GLU F 162 -37.06 28.96 59.73
N ASN F 163 -37.52 29.23 58.51
CA ASN F 163 -38.75 29.99 58.27
C ASN F 163 -39.70 29.06 57.54
N ILE F 164 -40.80 28.68 58.22
CA ILE F 164 -41.76 27.74 57.68
C ILE F 164 -43.00 28.52 57.27
N GLY F 165 -43.38 28.41 56.00
CA GLY F 165 -44.56 29.07 55.50
C GLY F 165 -45.86 28.37 55.78
N GLY F 166 -45.80 27.20 56.41
CA GLY F 166 -47.01 26.47 56.75
C GLY F 166 -47.02 26.02 58.20
N ASP F 167 -47.39 24.78 58.43
CA ASP F 167 -47.53 24.23 59.77
C ASP F 167 -46.34 23.37 60.13
N ILE F 168 -46.23 23.05 61.41
CA ILE F 168 -45.25 22.09 61.91
C ILE F 168 -46.03 21.01 62.64
N ASP F 169 -45.98 19.79 62.11
CA ASP F 169 -46.58 18.62 62.75
C ASP F 169 -45.45 17.69 63.16
N GLN F 170 -45.10 17.71 64.44
CA GLN F 170 -43.99 16.93 64.96
C GLN F 170 -44.56 15.79 65.80
N ASN F 171 -44.37 14.56 65.33
CA ASN F 171 -44.83 13.37 66.02
C ASN F 171 -43.62 12.54 66.41
N VAL F 172 -43.37 12.43 67.72
CA VAL F 172 -42.22 11.73 68.26
C VAL F 172 -42.72 10.59 69.14
N THR F 173 -42.22 9.38 68.90
CA THR F 173 -42.60 8.26 69.74
C THR F 173 -41.88 8.28 71.08
N GLY F 174 -40.63 8.71 71.10
CA GLY F 174 -39.83 8.76 72.31
C GLY F 174 -39.84 10.13 72.96
N LYS F 175 -38.84 10.38 73.79
CA LYS F 175 -38.75 11.63 74.53
C LYS F 175 -38.38 12.79 73.61
N ILE F 176 -38.57 14.00 74.12
CA ILE F 176 -38.08 15.21 73.49
C ILE F 176 -37.27 15.98 74.53
N GLU F 177 -35.97 16.07 74.31
CA GLU F 177 -35.06 16.78 75.20
C GLU F 177 -34.61 18.06 74.52
N VAL F 178 -34.96 19.19 75.12
CA VAL F 178 -34.56 20.50 74.61
C VAL F 178 -33.68 21.17 75.64
N ARG F 179 -32.43 21.46 75.27
CA ARG F 179 -31.45 22.01 76.18
C ARG F 179 -30.88 23.29 75.59
N SER F 180 -30.99 24.39 76.34
CA SER F 180 -30.34 25.64 76.03
C SER F 180 -29.79 26.18 77.35
N GLU F 181 -28.88 27.15 77.27
CA GLU F 181 -28.35 27.70 78.50
C GLU F 181 -28.38 29.23 78.56
N SER F 182 -29.07 29.88 77.62
CA SER F 182 -29.20 31.34 77.67
C SER F 182 -30.66 31.75 77.85
N THR F 183 -31.55 31.35 76.96
CA THR F 183 -32.94 31.79 77.02
C THR F 183 -33.81 30.86 76.18
N ILE F 184 -35.07 30.75 76.57
CA ILE F 184 -36.09 30.08 75.78
C ILE F 184 -37.23 31.07 75.56
N LEU F 185 -37.64 31.19 74.29
CA LEU F 185 -38.75 32.04 73.93
C LEU F 185 -39.77 31.24 73.14
N ILE F 186 -41.00 31.20 73.66
CA ILE F 186 -42.12 30.56 72.99
C ILE F 186 -43.19 31.62 72.79
N ASP F 187 -43.50 31.94 71.55
CA ASP F 187 -44.44 33.02 71.30
C ASP F 187 -45.41 32.61 70.20
N ALA F 188 -46.66 33.01 70.39
CA ALA F 188 -47.72 32.78 69.41
C ALA F 188 -48.57 34.04 69.35
N ASP F 189 -49.49 34.08 68.39
CA ASP F 189 -50.53 35.10 68.38
C ASP F 189 -51.82 34.62 69.02
N GLY F 190 -52.15 33.34 68.86
CA GLY F 190 -53.37 32.81 69.43
C GLY F 190 -53.14 32.09 70.75
N THR F 191 -53.77 30.93 70.89
CA THR F 191 -53.71 30.19 72.15
C THR F 191 -52.50 29.26 72.16
N ILE F 192 -51.93 29.06 73.34
CA ILE F 192 -50.87 28.09 73.58
C ILE F 192 -51.41 27.04 74.54
N ILE F 193 -51.26 25.77 74.18
CA ILE F 193 -51.77 24.68 75.00
C ILE F 193 -50.64 23.71 75.27
N ILE F 194 -50.41 23.40 76.55
CA ILE F 194 -49.47 22.36 76.96
C ILE F 194 -50.27 21.34 77.74
N LYS F 195 -50.51 20.17 77.14
CA LYS F 195 -51.45 19.21 77.69
C LYS F 195 -50.84 17.81 77.67
N ASN F 196 -51.39 16.95 78.52
CA ASN F 196 -51.03 15.54 78.54
C ASN F 196 -52.26 14.70 78.25
N ASP F 197 -52.07 13.39 78.11
CA ASP F 197 -53.20 12.49 77.95
C ASP F 197 -54.01 12.36 79.23
N SER F 198 -53.46 12.81 80.36
CA SER F 198 -54.16 12.74 81.64
C SER F 198 -55.24 13.79 81.78
N GLY F 199 -55.40 14.68 80.80
CA GLY F 199 -56.39 15.73 80.90
C GLY F 199 -55.94 16.94 81.69
N ALA F 200 -54.67 16.97 82.10
CA ALA F 200 -54.09 18.11 82.80
C ALA F 200 -53.35 18.97 81.80
N PHE F 201 -53.55 20.29 81.87
CA PHE F 201 -52.95 21.17 80.89
C PHE F 201 -52.82 22.60 81.42
N ILE F 202 -52.01 23.36 80.71
CA ILE F 202 -51.91 24.81 80.85
C ILE F 202 -52.31 25.43 79.52
N SER F 203 -53.37 26.24 79.54
CA SER F 203 -53.86 26.93 78.36
C SER F 203 -53.70 28.42 78.56
N LEU F 204 -52.76 29.00 77.82
CA LEU F 204 -52.57 30.45 77.74
C LEU F 204 -53.35 30.96 76.55
N GLY F 205 -54.54 31.49 76.82
CA GLY F 205 -55.50 31.83 75.79
C GLY F 205 -55.04 32.97 74.90
N GLY F 206 -55.53 32.97 73.65
CA GLY F 206 -55.27 34.07 72.74
C GLY F 206 -55.93 35.36 73.15
N ASN F 207 -57.00 35.28 73.95
CA ASN F 207 -57.67 36.45 74.48
C ASN F 207 -57.15 36.86 75.85
N GLY F 208 -56.05 36.26 76.30
CA GLY F 208 -55.46 36.55 77.58
C GLY F 208 -55.94 35.67 78.72
N GLU F 209 -56.89 34.77 78.48
CA GLU F 209 -57.32 33.84 79.51
C GLU F 209 -56.20 32.88 79.86
N VAL F 210 -56.04 32.60 81.15
CA VAL F 210 -55.06 31.63 81.64
C VAL F 210 -55.82 30.52 82.36
N LEU F 211 -55.48 29.27 82.05
CA LEU F 211 -56.12 28.12 82.68
C LEU F 211 -55.06 27.10 83.07
N ILE F 212 -55.05 26.73 84.34
CA ILE F 212 -54.19 25.67 84.87
C ILE F 212 -55.11 24.58 85.40
N GLN F 213 -55.27 23.50 84.65
CA GLN F 213 -56.16 22.41 85.04
C GLN F 213 -55.36 21.14 85.27
N ASP F 214 -55.79 20.36 86.25
CA ASP F 214 -55.18 19.06 86.53
C ASP F 214 -56.08 17.94 86.02
N SER F 215 -55.66 16.70 86.27
CA SER F 215 -56.39 15.55 85.75
C SER F 215 -57.79 15.43 86.36
N GLN F 216 -57.93 15.66 87.66
CA GLN F 216 -59.19 15.42 88.36
C GLN F 216 -60.16 16.59 88.29
N GLY F 217 -59.77 17.69 87.66
CA GLY F 217 -60.72 18.76 87.40
C GLY F 217 -60.63 19.95 88.34
N ARG F 218 -59.47 20.16 88.95
CA ARG F 218 -59.21 21.37 89.73
C ARG F 218 -58.49 22.36 88.84
N LYS F 219 -59.02 23.57 88.73
CA LYS F 219 -58.49 24.54 87.78
C LYS F 219 -58.31 25.89 88.43
N ILE F 220 -57.25 26.58 88.01
CA ILE F 220 -57.01 27.98 88.35
C ILE F 220 -57.23 28.78 87.08
N ARG F 221 -58.12 29.77 87.15
CA ARG F 221 -58.57 30.52 85.98
C ARG F 221 -58.23 31.99 86.17
N LEU F 222 -57.71 32.63 85.13
CA LEU F 222 -57.37 34.04 85.17
C LEU F 222 -57.73 34.47 83.79
N GLY F 223 -57.67 35.75 83.47
CA GLY F 223 -57.91 36.14 82.10
C GLY F 223 -58.86 37.22 81.64
N GLY F 224 -60.16 36.95 81.64
CA GLY F 224 -61.10 37.94 81.12
C GLY F 224 -62.56 37.54 81.06
N ALA F 225 -62.85 36.37 80.50
CA ALA F 225 -64.20 35.80 80.55
C ALA F 225 -64.70 35.85 81.97
N PHE F 226 -63.90 35.33 82.91
CA PHE F 226 -64.25 35.39 84.31
C PHE F 226 -63.27 36.34 85.00
N ASN F 227 -63.37 36.38 86.32
CA ASN F 227 -62.39 37.08 87.15
C ASN F 227 -61.31 36.10 87.60
N SER F 228 -60.46 36.55 88.50
CA SER F 228 -59.48 35.67 89.11
C SER F 228 -60.19 34.53 89.82
N THR F 229 -60.06 33.32 89.28
CA THR F 229 -60.87 32.19 89.71
C THR F 229 -59.99 31.01 90.10
N TRP F 230 -60.44 30.30 91.15
CA TRP F 230 -59.82 29.06 91.62
C TRP F 230 -60.95 28.05 91.87
N ASP F 231 -61.25 27.24 90.85
CA ASP F 231 -62.23 26.19 91.02
C ASP F 231 -61.59 24.99 91.72
N LEU F 232 -62.19 24.57 92.83
CA LEU F 232 -61.62 23.52 93.67
C LEU F 232 -62.33 22.19 93.49
N ASN F 233 -63.38 22.16 92.68
CA ASN F 233 -64.11 20.92 92.40
C ASN F 233 -64.56 20.14 93.63
N GLY F 234 -64.84 20.84 94.72
CA GLY F 234 -65.31 20.18 95.91
C GLY F 234 -64.23 19.39 96.61
N LEU F 235 -63.00 19.90 96.58
CA LEU F 235 -61.89 19.23 97.25
C LEU F 235 -61.19 20.26 98.14
N PRO F 236 -60.70 19.83 99.30
CA PRO F 236 -60.11 20.82 100.21
C PRO F 236 -58.78 21.36 99.73
N MET F 237 -58.46 22.61 100.07
CA MET F 237 -57.15 23.15 99.70
C MET F 237 -56.31 23.41 100.95
N ALA F 238 -55.05 23.82 100.79
CA ALA F 238 -54.16 24.01 101.95
C ALA F 238 -53.10 25.10 101.79
N PHE F 239 -52.48 25.49 102.90
CA PHE F 239 -51.41 26.50 102.87
C PHE F 239 -50.33 26.08 103.84
N ILE F 240 -49.56 25.06 103.50
CA ILE F 240 -48.55 24.55 104.44
C ILE F 240 -47.39 25.53 104.65
N ASN F 241 -46.83 25.59 105.87
CA ASN F 241 -45.72 26.49 106.20
C ASN F 241 -46.08 27.95 106.02
N ALA F 242 -47.19 28.39 106.62
CA ALA F 242 -47.65 29.76 106.38
C ALA F 242 -47.31 30.68 107.54
N THR F 243 -46.62 31.77 107.24
CA THR F 243 -46.25 32.71 108.28
C THR F 243 -47.26 33.85 108.34
N SER F 244 -47.48 34.51 107.22
CA SER F 244 -48.43 35.62 107.18
C SER F 244 -49.20 35.74 105.87
N VAL F 245 -50.44 36.21 105.95
CA VAL F 245 -51.25 36.43 104.75
C VAL F 245 -51.65 37.89 104.73
N PRO G 666 18.36 -1.08 -24.70
CA PRO G 666 19.00 -0.67 -23.45
C PRO G 666 18.18 0.42 -22.75
N GLN G 667 18.25 1.70 -23.13
CA GLN G 667 17.35 2.72 -22.57
C GLN G 667 16.09 2.64 -23.39
N ALA G 668 16.22 2.44 -24.69
CA ALA G 668 15.04 2.26 -25.54
C ALA G 668 14.19 1.16 -24.94
N ILE G 669 14.80 0.00 -24.62
CA ILE G 669 14.04 -1.13 -24.12
C ILE G 669 13.62 -0.90 -22.67
N ALA G 670 14.42 -0.20 -21.88
CA ALA G 670 14.01 0.12 -20.51
C ALA G 670 12.71 0.89 -20.58
N LYS G 671 12.63 1.85 -21.47
CA LYS G 671 11.42 2.63 -21.64
C LYS G 671 10.29 1.76 -22.14
N GLN G 672 10.56 0.91 -23.13
CA GLN G 672 9.53 0.02 -23.64
C GLN G 672 8.98 -0.83 -22.52
N ILE G 673 9.86 -1.39 -21.72
CA ILE G 673 9.44 -2.27 -20.62
C ILE G 673 8.61 -1.47 -19.63
N ALA G 674 9.04 -0.26 -19.31
CA ALA G 674 8.27 0.59 -18.40
C ALA G 674 6.88 0.81 -18.94
N ASP G 675 6.77 1.11 -20.24
CA ASP G 675 5.47 1.37 -20.86
C ASP G 675 4.63 0.10 -20.89
N ILE G 676 5.27 -1.04 -21.10
CA ILE G 676 4.57 -2.32 -21.08
C ILE G 676 3.96 -2.44 -19.70
N ILE G 677 4.78 -2.25 -18.66
CA ILE G 677 4.31 -2.40 -17.28
C ILE G 677 3.15 -1.46 -17.01
N ASN G 678 3.25 -0.22 -17.48
CA ASN G 678 2.18 0.76 -17.27
C ASN G 678 0.88 0.26 -17.88
N SER G 679 0.93 -0.19 -19.12
CA SER G 679 -0.28 -0.67 -19.81
C SER G 679 -0.79 -1.96 -19.22
N GLN G 680 0.11 -2.79 -18.69
CA GLN G 680 -0.29 -4.05 -18.05
C GLN G 680 -1.06 -3.70 -16.80
N TRP G 681 -0.59 -2.68 -16.08
CA TRP G 681 -1.27 -2.24 -14.86
C TRP G 681 -2.62 -1.64 -15.20
N GLN G 682 -2.71 -0.90 -16.30
CA GLN G 682 -4.00 -0.36 -16.73
C GLN G 682 -4.93 -1.52 -17.04
N GLY G 683 -4.39 -2.61 -17.58
CA GLY G 683 -5.21 -3.78 -17.82
C GLY G 683 -5.81 -4.17 -16.49
N THR G 684 -4.98 -4.42 -15.48
CA THR G 684 -5.45 -4.82 -14.16
C THR G 684 -6.41 -3.86 -13.50
N LEU G 685 -6.16 -2.56 -13.64
CA LEU G 685 -7.04 -1.55 -13.07
C LEU G 685 -8.43 -1.74 -13.61
N THR G 686 -8.52 -2.01 -14.91
CA THR G 686 -9.82 -2.18 -15.55
C THR G 686 -10.22 -3.64 -15.65
N ASP G 687 -9.55 -4.53 -14.94
CA ASP G 687 -9.91 -5.94 -14.96
C ASP G 687 -10.69 -6.28 -13.74
N TYR G 688 -10.52 -5.49 -12.70
CA TYR G 688 -11.17 -5.86 -11.45
C TYR G 688 -12.38 -5.03 -11.12
N ALA G 689 -13.44 -5.70 -10.69
CA ALA G 689 -14.68 -5.01 -10.36
C ALA G 689 -14.54 -4.14 -9.12
N PRO H 666 16.40 -15.02 -21.18
CA PRO H 666 15.43 -15.83 -20.43
C PRO H 666 15.55 -15.55 -18.94
N GLN H 667 16.49 -16.13 -18.19
CA GLN H 667 16.70 -15.76 -16.77
C GLN H 667 17.59 -14.54 -16.81
N ALA H 668 18.57 -14.52 -17.70
CA ALA H 668 19.39 -13.33 -17.86
C ALA H 668 18.50 -12.13 -18.06
N ILE H 669 17.55 -12.23 -19.00
CA ILE H 669 16.68 -11.10 -19.30
C ILE H 669 15.66 -10.88 -18.21
N ALA H 670 15.20 -11.92 -17.54
CA ALA H 670 14.28 -11.74 -16.42
C ALA H 670 14.95 -10.87 -15.39
N LYS H 671 16.22 -11.17 -15.11
CA LYS H 671 16.98 -10.36 -14.15
C LYS H 671 17.17 -8.95 -14.66
N GLN H 672 17.59 -8.82 -15.92
CA GLN H 672 17.83 -7.50 -16.49
C GLN H 672 16.58 -6.70 -16.29
N ILE H 673 15.44 -7.37 -16.32
CA ILE H 673 14.17 -6.69 -16.17
C ILE H 673 13.98 -6.21 -14.74
N ALA H 674 14.42 -6.98 -13.74
CA ALA H 674 14.35 -6.51 -12.36
C ALA H 674 15.17 -5.26 -12.30
N ASP H 675 16.44 -5.34 -12.72
CA ASP H 675 17.32 -4.20 -12.69
C ASP H 675 16.68 -2.98 -13.32
N ILE H 676 16.03 -3.17 -14.46
CA ILE H 676 15.32 -2.07 -15.09
C ILE H 676 14.19 -1.58 -14.18
N ILE H 677 13.24 -2.45 -13.81
CA ILE H 677 12.08 -2.01 -13.02
C ILE H 677 12.55 -1.36 -11.73
N ASN H 678 13.55 -1.94 -11.08
CA ASN H 678 14.06 -1.38 -9.83
C ASN H 678 14.57 0.03 -10.05
N SER H 679 15.38 0.23 -11.08
CA SER H 679 15.94 1.55 -11.36
C SER H 679 14.89 2.53 -11.83
N GLN H 680 13.87 2.03 -12.52
CA GLN H 680 12.77 2.88 -12.98
C GLN H 680 12.03 3.38 -11.77
N TRP H 681 11.84 2.51 -10.78
CA TRP H 681 11.16 2.89 -9.54
C TRP H 681 12.06 3.63 -8.57
N GLN H 682 13.30 3.89 -8.96
CA GLN H 682 14.20 4.69 -8.10
C GLN H 682 14.04 6.02 -8.80
N GLY H 683 13.90 6.00 -10.12
CA GLY H 683 13.66 7.22 -10.86
C GLY H 683 12.43 7.91 -10.35
N THR H 684 11.33 7.17 -10.18
CA THR H 684 10.10 7.77 -9.63
C THR H 684 10.27 8.31 -8.22
N LEU H 685 11.04 7.61 -7.40
CA LEU H 685 11.28 8.11 -6.05
C LEU H 685 12.00 9.44 -6.12
N THR H 686 12.97 9.55 -7.03
CA THR H 686 13.71 10.80 -7.20
C THR H 686 12.91 11.84 -7.98
N ASP H 687 11.90 11.41 -8.71
CA ASP H 687 11.14 12.35 -9.54
C ASP H 687 10.07 13.06 -8.76
N TYR H 688 9.90 12.71 -7.49
CA TYR H 688 8.79 13.26 -6.75
C TYR H 688 9.04 14.10 -5.52
N ALA H 689 8.25 15.16 -5.37
CA ALA H 689 8.40 16.04 -4.22
C ALA H 689 7.75 15.43 -2.99
N PRO I 666 7.64 -8.06 -28.61
CA PRO I 666 6.74 -6.92 -28.49
C PRO I 666 5.60 -7.23 -27.52
N GLN I 667 4.52 -7.94 -27.90
CA GLN I 667 3.50 -8.35 -26.93
C GLN I 667 4.02 -9.64 -26.33
N ALA I 668 4.64 -10.49 -27.14
CA ALA I 668 5.26 -11.70 -26.61
C ALA I 668 6.19 -11.32 -25.49
N ILE I 669 7.07 -10.33 -25.71
CA ILE I 669 8.04 -9.96 -24.70
C ILE I 669 7.39 -9.17 -23.57
N ALA I 670 6.35 -8.38 -23.87
CA ALA I 670 5.64 -7.68 -22.80
C ALA I 670 5.13 -8.71 -21.83
N LYS I 671 4.54 -9.78 -22.34
CA LYS I 671 4.03 -10.84 -21.50
C LYS I 671 5.17 -11.53 -20.75
N GLN I 672 6.26 -11.83 -21.44
CA GLN I 672 7.41 -12.46 -20.80
C GLN I 672 7.88 -11.61 -19.66
N ILE I 673 8.01 -10.31 -19.89
CA ILE I 673 8.50 -9.39 -18.86
C ILE I 673 7.52 -9.38 -17.69
N ALA I 674 6.23 -9.33 -17.98
CA ALA I 674 5.22 -9.36 -16.92
C ALA I 674 5.39 -10.62 -16.09
N ASP I 675 5.56 -11.76 -16.73
CA ASP I 675 5.72 -13.04 -16.03
C ASP I 675 7.01 -13.06 -15.23
N ILE I 676 8.06 -12.46 -15.77
CA ILE I 676 9.33 -12.37 -15.06
C ILE I 676 9.04 -11.60 -13.79
N ILE I 677 8.41 -10.45 -13.91
CA ILE I 677 8.14 -9.61 -12.74
C ILE I 677 7.32 -10.37 -11.72
N ASN I 678 6.32 -11.10 -12.18
CA ASN I 678 5.48 -11.88 -11.25
C ASN I 678 6.31 -12.86 -10.47
N SER I 679 7.15 -13.63 -11.15
CA SER I 679 7.99 -14.64 -10.49
C SER I 679 9.05 -14.00 -9.62
N GLN I 680 9.42 -12.75 -9.93
CA GLN I 680 10.38 -12.03 -9.08
C GLN I 680 9.67 -11.49 -7.86
N TRP I 681 8.36 -11.25 -7.97
CA TRP I 681 7.58 -10.76 -6.83
C TRP I 681 7.25 -11.94 -5.95
N GLN I 682 6.96 -13.08 -6.56
CA GLN I 682 6.68 -14.29 -5.78
C GLN I 682 7.99 -14.69 -5.13
N GLY I 683 9.09 -14.45 -5.82
CA GLY I 683 10.39 -14.71 -5.25
C GLY I 683 10.52 -13.87 -4.01
N THR I 684 10.27 -12.57 -4.12
CA THR I 684 10.37 -11.65 -2.97
C THR I 684 9.44 -12.04 -1.81
N LEU I 685 8.27 -12.61 -2.12
CA LEU I 685 7.36 -13.05 -1.08
C LEU I 685 8.04 -14.12 -0.26
N THR I 686 8.69 -15.07 -0.95
CA THR I 686 9.38 -16.14 -0.25
C THR I 686 10.81 -15.76 0.15
N ASP I 687 11.29 -14.60 -0.25
CA ASP I 687 12.65 -14.20 0.07
C ASP I 687 12.66 -13.54 1.42
N TYR I 688 11.57 -12.88 1.76
CA TYR I 688 11.52 -12.15 3.01
C TYR I 688 10.73 -12.92 4.06
N ALA I 689 11.08 -12.73 5.33
CA ALA I 689 10.41 -13.47 6.39
C ALA I 689 9.10 -12.81 6.80
N THR J 2 46.27 9.65 63.05
CA THR J 2 46.99 8.80 63.99
C THR J 2 47.91 7.85 63.23
N THR J 3 49.00 7.46 63.86
CA THR J 3 49.96 6.64 63.16
C THR J 3 49.72 5.14 63.18
N GLN J 4 49.74 4.52 62.00
CA GLN J 4 49.58 3.08 61.90
C GLN J 4 50.93 2.45 61.65
N GLU J 5 51.24 1.38 62.38
CA GLU J 5 52.54 0.73 62.24
C GLU J 5 52.54 -0.38 61.20
N PHE J 6 53.57 -0.42 60.36
CA PHE J 6 53.65 -1.45 59.34
C PHE J 6 55.05 -2.04 59.31
N LEU J 7 55.15 -3.36 59.23
CA LEU J 7 56.45 -4.02 59.24
C LEU J 7 56.69 -4.79 57.97
N SER J 8 57.95 -4.95 57.59
CA SER J 8 58.29 -5.66 56.35
C SER J 8 57.58 -7.00 56.18
N LYS J 9 56.79 -7.11 55.13
CA LYS J 9 56.11 -8.36 54.82
C LYS J 9 56.90 -9.05 53.72
N ASN J 10 56.52 -10.27 53.39
CA ASN J 10 57.20 -10.99 52.34
C ASN J 10 56.55 -10.70 51.01
N LYS J 11 55.24 -10.96 50.90
CA LYS J 11 54.52 -10.70 49.66
C LYS J 11 53.05 -10.45 49.94
N THR J 12 52.55 -9.28 49.56
CA THR J 12 51.14 -8.99 49.73
C THR J 12 50.40 -9.16 48.42
N ILE J 13 49.22 -8.58 48.32
CA ILE J 13 48.45 -8.64 47.08
C ILE J 13 48.36 -7.20 46.62
N GLU J 14 48.91 -6.30 47.42
CA GLU J 14 48.92 -4.90 47.09
C GLU J 14 50.24 -4.63 46.43
N SER J 15 51.06 -5.67 46.32
CA SER J 15 52.32 -5.54 45.60
C SER J 15 51.96 -5.88 44.18
N GLU J 16 50.77 -6.44 43.99
CA GLU J 16 50.30 -6.74 42.65
C GLU J 16 49.47 -5.56 42.19
N LEU J 17 49.09 -4.68 43.12
CA LEU J 17 48.36 -3.47 42.75
C LEU J 17 49.29 -2.60 41.95
N LEU J 18 50.25 -1.98 42.62
CA LEU J 18 51.25 -1.24 41.88
C LEU J 18 52.25 -2.32 41.55
N ASP J 19 52.33 -2.70 40.28
CA ASP J 19 53.22 -3.77 39.88
C ASP J 19 54.21 -3.29 38.84
N LEU J 20 54.04 -3.75 37.61
CA LEU J 20 54.95 -3.37 36.53
C LEU J 20 54.88 -1.88 36.26
N LEU J 21 56.04 -1.24 36.12
CA LEU J 21 56.08 0.17 35.80
C LEU J 21 56.69 0.30 34.43
N ILE J 22 57.55 -0.66 34.09
CA ILE J 22 58.22 -0.62 32.79
C ILE J 22 57.66 -1.73 31.90
N LYS J 23 57.15 -1.36 30.74
CA LYS J 23 56.57 -2.35 29.84
C LYS J 23 57.34 -2.39 28.50
N PRO J 24 58.15 -3.47 28.23
CA PRO J 24 58.82 -3.36 26.92
C PRO J 24 57.83 -3.55 25.78
N ASN J 25 57.60 -2.49 25.03
CA ASN J 25 56.65 -2.52 23.93
C ASN J 25 57.37 -2.12 22.64
N THR J 26 57.16 -2.93 21.60
CA THR J 26 57.73 -2.68 20.28
C THR J 26 56.68 -2.04 19.37
N ASP J 27 56.09 -0.94 19.81
CA ASP J 27 55.16 -0.19 18.96
C ASP J 27 55.93 0.69 18.00
N ASP J 28 55.19 1.47 17.23
CA ASP J 28 55.74 2.20 16.10
C ASP J 28 56.69 3.30 16.56
N SER J 29 57.98 3.07 16.37
CA SER J 29 59.01 4.04 16.68
C SER J 29 60.17 3.84 15.70
N ILE J 30 61.13 4.76 15.74
CA ILE J 30 62.18 4.81 14.73
C ILE J 30 62.97 3.50 14.67
N LEU J 31 63.08 2.81 15.80
CA LEU J 31 63.81 1.55 15.86
C LEU J 31 62.89 0.35 15.59
N THR J 32 61.67 0.59 15.14
CA THR J 32 60.73 -0.48 14.79
C THR J 32 60.13 -0.28 13.40
N ARG J 33 60.60 0.70 12.65
CA ARG J 33 60.14 0.88 11.27
C ARG J 33 60.44 -0.36 10.44
N ASN J 34 61.57 -1.01 10.70
CA ASN J 34 62.07 -2.11 9.88
C ASN J 34 61.90 -3.46 10.55
N LYS J 35 60.86 -3.62 11.39
CA LYS J 35 60.62 -4.92 12.02
C LYS J 35 60.31 -5.98 10.98
N GLN J 36 59.35 -5.70 10.09
CA GLN J 36 58.99 -6.64 9.05
C GLN J 36 60.11 -6.77 8.03
N ALA J 37 60.28 -7.97 7.49
CA ALA J 37 61.32 -8.24 6.52
C ALA J 37 60.72 -8.91 5.29
N ILE J 38 61.31 -8.60 4.13
CA ILE J 38 60.91 -9.21 2.87
C ILE J 38 61.44 -10.64 2.82
N ALA J 39 60.62 -11.55 2.34
CA ALA J 39 61.03 -12.95 2.25
C ALA J 39 62.18 -13.11 1.26
N ASP J 40 63.07 -14.07 1.58
CA ASP J 40 64.23 -14.30 0.72
C ASP J 40 63.85 -14.86 -0.64
N ARG J 41 62.70 -15.54 -0.75
CA ARG J 41 62.29 -16.09 -2.04
C ARG J 41 61.88 -15.01 -3.03
N ASP J 42 61.50 -13.83 -2.54
CA ASP J 42 61.02 -12.75 -3.40
C ASP J 42 62.12 -11.77 -3.80
N LEU J 43 63.38 -12.08 -3.50
CA LEU J 43 64.49 -11.19 -3.77
C LEU J 43 65.32 -11.72 -4.93
N PHE J 44 66.17 -10.85 -5.47
CA PHE J 44 67.11 -11.20 -6.53
C PHE J 44 68.51 -10.96 -5.99
N ASP J 45 69.38 -11.96 -6.09
CA ASP J 45 70.76 -11.81 -5.62
C ASP J 45 71.89 -11.30 -6.51
N ILE J 46 71.76 -10.06 -6.96
CA ILE J 46 72.77 -9.46 -7.83
C ILE J 46 74.16 -9.14 -7.29
N GLU J 47 75.10 -8.86 -8.20
CA GLU J 47 76.47 -8.54 -7.85
C GLU J 47 76.76 -7.09 -8.20
N TRP J 48 77.55 -6.43 -7.36
CA TRP J 48 77.91 -5.03 -7.57
C TRP J 48 79.02 -4.94 -8.61
N GLU J 49 78.80 -4.13 -9.63
CA GLU J 49 79.74 -3.96 -10.72
C GLU J 49 80.10 -2.47 -10.87
N PRO J 50 81.22 -2.16 -11.52
CA PRO J 50 81.58 -0.76 -11.73
C PRO J 50 80.49 -0.01 -12.49
N GLY J 51 80.24 1.23 -12.09
CA GLY J 51 79.20 2.03 -12.67
C GLY J 51 77.82 1.81 -12.08
N GLN J 52 77.69 0.94 -11.08
CA GLN J 52 76.41 0.66 -10.47
C GLN J 52 76.11 1.65 -9.35
N SER J 53 74.82 1.89 -9.15
CA SER J 53 74.34 2.73 -8.05
C SER J 53 72.98 2.20 -7.62
N LEU J 54 72.54 2.61 -6.44
CA LEU J 54 71.21 2.26 -5.98
C LEU J 54 70.11 2.90 -6.82
N ASN J 55 70.37 4.08 -7.38
CA ASN J 55 69.42 4.69 -8.30
C ASN J 55 69.18 3.80 -9.51
N LYS J 56 70.26 3.28 -10.11
CA LYS J 56 70.12 2.42 -11.28
C LYS J 56 69.37 1.14 -10.93
N LEU J 57 69.69 0.53 -9.79
CA LEU J 57 69.02 -0.69 -9.38
C LEU J 57 67.53 -0.45 -9.12
N ALA J 58 67.19 0.67 -8.48
CA ALA J 58 65.79 0.98 -8.24
C ALA J 58 65.07 1.30 -9.54
N THR J 59 65.77 1.86 -10.54
CA THR J 59 65.14 2.19 -11.80
C THR J 59 64.88 0.93 -12.65
N GLU J 60 65.91 0.12 -12.85
CA GLU J 60 65.78 -1.05 -13.71
C GLU J 60 64.66 -1.89 -13.10
N TYR J 61 64.71 -2.23 -11.86
CA TYR J 61 64.10 -3.40 -11.24
C TYR J 61 62.75 -2.94 -10.69
N LEU J 62 62.70 -1.79 -10.04
CA LEU J 62 61.48 -1.31 -9.42
C LEU J 62 60.80 -0.21 -10.20
N GLY J 63 61.40 0.27 -11.28
CA GLY J 63 60.77 1.26 -12.14
C GLY J 63 60.65 2.65 -11.56
N ASP J 64 61.22 2.90 -10.39
CA ASP J 64 61.12 4.20 -9.73
C ASP J 64 62.46 4.53 -9.07
N SER J 65 62.91 5.76 -9.25
CA SER J 65 64.22 6.16 -8.76
C SER J 65 64.24 6.34 -7.24
N PHE J 66 63.11 6.70 -6.64
CA PHE J 66 63.02 6.90 -5.20
C PHE J 66 62.76 5.61 -4.43
N ALA J 67 62.70 4.47 -5.14
CA ALA J 67 62.49 3.18 -4.51
C ALA J 67 63.77 2.63 -3.88
N TRP J 68 64.90 3.30 -4.08
CA TRP J 68 66.18 2.83 -3.55
C TRP J 68 66.15 2.66 -2.04
N GLN J 69 65.39 3.48 -1.32
CA GLN J 69 65.26 3.30 0.12
C GLN J 69 64.85 1.89 0.47
N ILE J 70 63.98 1.28 -0.32
CA ILE J 70 63.61 -0.11 -0.08
C ILE J 70 64.82 -1.01 -0.22
N ILE J 71 65.56 -0.87 -1.32
CA ILE J 71 66.68 -1.77 -1.58
C ILE J 71 67.69 -1.70 -0.44
N ALA J 72 68.10 -0.49 -0.05
CA ALA J 72 68.98 -0.35 1.09
C ALA J 72 68.36 -0.93 2.34
N ASP J 73 67.06 -0.69 2.57
CA ASP J 73 66.41 -1.27 3.74
C ASP J 73 66.36 -2.78 3.65
N ALA J 74 66.37 -3.34 2.44
CA ALA J 74 66.41 -4.78 2.29
C ALA J 74 67.81 -5.35 2.49
N ASN J 75 68.84 -4.50 2.51
CA ASN J 75 70.21 -4.97 2.63
C ASN J 75 70.94 -4.47 3.87
N GLY J 76 70.32 -3.58 4.66
CA GLY J 76 70.94 -3.08 5.85
C GLY J 76 72.17 -2.23 5.62
N ILE J 77 72.31 -1.63 4.45
CA ILE J 77 73.53 -0.89 4.12
C ILE J 77 73.27 0.60 4.24
N ASP J 78 74.32 1.35 4.58
CA ASP J 78 74.21 2.79 4.57
C ASP J 78 74.56 3.09 3.13
N PRO J 79 73.72 3.83 2.42
CA PRO J 79 73.96 4.06 0.99
C PRO J 79 75.26 4.80 0.72
N THR J 80 75.63 5.75 1.57
CA THR J 80 76.81 6.54 1.35
C THR J 80 78.09 5.80 1.73
N LYS J 81 77.96 4.56 2.17
CA LYS J 81 79.17 3.78 2.43
C LYS J 81 79.55 3.03 1.18
N GLU J 82 80.84 2.81 0.97
CA GLU J 82 81.29 2.17 -0.26
C GLU J 82 80.91 0.72 -0.39
N ILE J 83 80.07 0.40 -1.38
CA ILE J 83 79.75 -0.99 -1.63
C ILE J 83 80.86 -1.47 -2.54
N ASP J 84 81.71 -2.38 -2.06
CA ASP J 84 82.86 -2.84 -2.84
C ASP J 84 82.49 -3.61 -4.10
N ILE J 85 83.44 -3.74 -5.04
CA ILE J 85 83.11 -4.39 -6.30
C ILE J 85 83.03 -5.89 -6.07
N GLY J 86 81.95 -6.51 -6.54
CA GLY J 86 81.73 -7.93 -6.34
C GLY J 86 80.86 -8.26 -5.14
N ALA J 87 80.54 -7.28 -4.30
CA ALA J 87 79.67 -7.52 -3.16
C ALA J 87 78.25 -7.82 -3.62
N GLY J 88 77.60 -8.77 -2.95
CA GLY J 88 76.26 -9.17 -3.30
C GLY J 88 75.21 -8.27 -2.66
N LEU J 89 74.12 -8.06 -3.39
CA LEU J 89 72.98 -7.30 -2.91
C LEU J 89 71.70 -8.06 -3.22
N LYS J 90 70.65 -7.74 -2.47
CA LYS J 90 69.33 -8.33 -2.66
C LYS J 90 68.38 -7.23 -3.14
N VAL J 91 67.94 -7.33 -4.38
CA VAL J 91 67.04 -6.37 -4.99
C VAL J 91 65.62 -6.94 -4.91
N PRO J 92 64.66 -6.22 -4.33
CA PRO J 92 63.29 -6.71 -4.30
C PRO J 92 62.67 -6.71 -5.69
N ASP J 93 61.79 -7.68 -5.92
CA ASP J 93 61.00 -7.69 -7.13
C ASP J 93 59.90 -6.64 -7.06
N GLN J 94 59.39 -6.27 -8.23
CA GLN J 94 58.24 -5.39 -8.28
C GLN J 94 56.96 -6.16 -7.92
N LYS J 95 56.64 -7.18 -8.72
CA LYS J 95 55.42 -7.96 -8.50
C LYS J 95 55.46 -8.76 -7.21
N ALA J 96 56.65 -9.09 -6.69
CA ALA J 96 56.75 -9.88 -5.48
C ALA J 96 56.95 -9.03 -4.23
N LEU J 97 56.80 -7.71 -4.34
CA LEU J 97 56.85 -6.85 -3.16
C LEU J 97 55.50 -6.74 -2.46
N GLU J 98 54.42 -7.12 -3.13
CA GLU J 98 53.09 -6.99 -2.53
C GLU J 98 52.82 -8.09 -1.53
N ASN J 99 53.43 -9.27 -1.69
CA ASN J 99 53.23 -10.38 -0.77
C ASN J 99 54.10 -10.28 0.47
N SER J 100 54.96 -9.26 0.54
CA SER J 100 55.68 -8.94 1.76
C SER J 100 54.87 -8.07 2.70
N ILE J 101 53.67 -7.66 2.30
CA ILE J 101 52.78 -6.86 3.14
C ILE J 101 51.87 -7.82 3.90
N LYS J 102 51.84 -7.73 5.23
CA LYS J 102 51.05 -8.67 6.02
C LYS J 102 49.66 -8.16 6.41
N LYS J 103 48.66 -9.03 6.41
CA LYS J 103 47.28 -8.61 6.70
C LYS J 103 46.72 -9.10 8.03
N PHE J 104 46.35 -8.18 8.91
CA PHE J 104 45.87 -8.57 10.24
C PHE J 104 44.50 -8.02 10.54
N ILE J 105 43.61 -8.81 11.12
CA ILE J 105 42.32 -8.26 11.53
C ILE J 105 42.52 -7.81 12.98
N VAL J 106 42.34 -6.53 13.24
CA VAL J 106 42.51 -5.95 14.57
C VAL J 106 41.15 -5.57 15.11
N ASN J 107 40.99 -5.72 16.41
CA ASN J 107 39.71 -5.43 17.05
C ASN J 107 39.68 -3.99 17.55
N SER J 108 38.47 -3.48 17.72
CA SER J 108 38.25 -2.11 18.14
C SER J 108 36.84 -2.01 18.71
N PRO J 109 36.60 -1.03 19.60
CA PRO J 109 35.21 -0.81 20.04
C PRO J 109 34.25 -0.51 18.91
N THR J 110 34.70 0.12 17.84
CA THR J 110 33.86 0.33 16.66
C THR J 110 33.63 -0.99 15.94
N GLY J 111 34.72 -1.64 15.51
CA GLY J 111 34.61 -2.90 14.81
C GLY J 111 35.95 -3.42 14.31
N LYS J 112 35.98 -4.67 13.88
CA LYS J 112 37.20 -5.28 13.38
C LYS J 112 37.62 -4.62 12.06
N GLN J 113 38.91 -4.39 11.90
CA GLN J 113 39.46 -3.78 10.70
C GLN J 113 40.63 -4.59 10.14
N LEU J 114 40.63 -4.78 8.83
CA LEU J 114 41.80 -5.32 8.15
C LEU J 114 42.88 -4.25 8.09
N ILE J 115 44.09 -4.60 8.49
CA ILE J 115 45.21 -3.68 8.54
C ILE J 115 46.41 -4.30 7.84
N SER J 116 47.09 -3.48 7.03
CA SER J 116 48.34 -3.86 6.37
C SER J 116 49.51 -3.35 7.20
N ASP J 117 50.44 -4.25 7.51
CA ASP J 117 51.68 -3.89 8.19
C ASP J 117 52.86 -4.44 7.40
N ALA J 118 53.89 -3.61 7.24
CA ALA J 118 55.13 -3.99 6.57
C ALA J 118 56.18 -2.96 6.98
N LYS J 119 57.39 -3.12 6.45
CA LYS J 119 58.42 -2.11 6.68
C LYS J 119 57.99 -0.79 6.05
N GLN J 120 58.31 0.31 6.73
CA GLN J 120 57.75 1.60 6.37
C GLN J 120 58.12 2.05 4.96
N SER J 121 59.26 1.62 4.44
CA SER J 121 59.64 1.99 3.08
C SER J 121 58.63 1.47 2.06
N ILE J 122 58.24 0.21 2.19
CA ILE J 122 57.25 -0.37 1.28
C ILE J 122 55.89 0.30 1.48
N LEU J 123 55.55 0.64 2.73
CA LEU J 123 54.29 1.32 2.98
C LEU J 123 54.25 2.67 2.29
N ASN J 124 55.35 3.43 2.34
CA ASN J 124 55.41 4.70 1.63
C ASN J 124 55.37 4.50 0.12
N LEU J 125 56.10 3.51 -0.40
CA LEU J 125 56.11 3.29 -1.84
C LEU J 125 54.74 2.89 -2.36
N ILE J 126 54.02 2.02 -1.64
CA ILE J 126 52.70 1.58 -2.10
C ILE J 126 51.70 2.73 -1.99
N GLY J 127 51.79 3.51 -0.92
CA GLY J 127 50.85 4.60 -0.70
C GLY J 127 51.26 5.91 -1.36
N VAL J 128 52.22 5.85 -2.28
CA VAL J 128 52.67 7.06 -2.96
C VAL J 128 51.51 7.64 -3.76
N GLY J 129 51.37 8.97 -3.71
CA GLY J 129 50.24 9.62 -4.33
C GLY J 129 48.95 9.54 -3.56
N ASP J 130 48.97 8.93 -2.37
CA ASP J 130 47.79 8.78 -1.52
C ASP J 130 46.66 8.04 -2.23
N SER J 131 47.03 7.10 -3.10
CA SER J 131 46.03 6.34 -3.85
C SER J 131 45.33 5.32 -2.95
N ASN J 132 46.07 4.68 -2.05
CA ASN J 132 45.47 3.65 -1.21
C ASN J 132 44.50 4.24 -0.19
N THR J 133 44.85 5.37 0.41
CA THR J 133 44.00 5.99 1.41
C THR J 133 42.75 6.58 0.76
N GLU J 134 41.65 6.58 1.50
CA GLU J 134 40.41 7.11 1.00
C GLU J 134 40.34 8.62 1.23
N PHE J 135 39.48 9.28 0.46
CA PHE J 135 39.39 10.74 0.52
C PHE J 135 38.91 11.19 1.90
N SER J 136 38.21 10.32 2.62
CA SER J 136 37.70 10.70 3.94
C SER J 136 38.84 10.99 4.90
N LYS J 137 39.92 10.20 4.83
CA LYS J 137 41.06 10.43 5.72
C LYS J 137 41.74 11.77 5.41
N THR J 138 41.94 12.07 4.12
CA THR J 138 42.56 13.33 3.75
C THR J 138 41.68 14.52 4.13
N LEU J 139 40.36 14.37 4.00
CA LEU J 139 39.46 15.42 4.44
C LEU J 139 39.51 15.58 5.96
N LYS J 140 39.59 14.47 6.69
CA LYS J 140 39.68 14.53 8.15
C LYS J 140 40.96 15.24 8.60
N ASP J 141 42.07 15.00 7.92
CA ASP J 141 43.31 15.66 8.34
C ASP J 141 43.22 17.17 8.23
N CYS J 142 42.30 17.70 7.43
CA CYS J 142 42.09 19.13 7.30
C CYS J 142 40.90 19.63 8.10
N ILE J 143 40.24 18.76 8.87
CA ILE J 143 39.17 19.22 9.76
C ILE J 143 39.75 20.17 10.80
N GLY J 144 40.92 19.81 11.36
CA GLY J 144 41.67 20.78 12.13
C GLY J 144 42.55 21.56 11.18
N LYS J 145 42.08 22.74 10.77
CA LYS J 145 42.85 23.58 9.85
C LYS J 145 43.47 24.80 10.53
N VAL J 146 42.66 25.57 11.25
CA VAL J 146 43.17 26.75 11.94
C VAL J 146 43.98 26.32 13.15
N VAL J 147 45.31 26.35 13.02
CA VAL J 147 46.16 25.88 14.11
C VAL J 147 46.51 26.94 15.14
N ASN J 148 46.20 26.65 16.40
CA ASN J 148 46.51 27.59 17.47
C ASN J 148 48.01 27.61 17.74
N PHE J 149 48.56 28.81 17.96
CA PHE J 149 49.99 28.94 18.22
C PHE J 149 50.07 29.87 19.42
N SER J 150 51.22 29.90 20.11
CA SER J 150 51.34 30.72 21.31
C SER J 150 52.06 31.97 20.84
N PHE J 151 51.59 33.14 21.28
CA PHE J 151 52.27 34.38 20.93
C PHE J 151 53.43 34.60 21.87
N ASP J 152 54.60 34.94 21.33
CA ASP J 152 55.76 35.20 22.16
C ASP J 152 56.45 36.51 21.78
N THR K 2 5.53 -49.77 60.37
CA THR K 2 5.41 -51.19 60.63
C THR K 2 5.89 -51.98 59.43
N THR K 3 6.48 -53.14 59.68
CA THR K 3 7.04 -53.86 58.56
C THR K 3 6.14 -54.84 57.84
N GLN K 4 5.96 -54.63 56.55
CA GLN K 4 5.07 -55.49 55.77
C GLN K 4 5.70 -56.81 55.40
N GLU K 5 4.88 -57.87 55.41
CA GLU K 5 5.38 -59.19 55.10
C GLU K 5 5.08 -59.57 53.66
N PHE K 6 6.04 -60.16 52.97
CA PHE K 6 5.87 -60.53 51.57
C PHE K 6 6.31 -61.95 51.30
N LEU K 7 5.48 -62.73 50.62
CA LEU K 7 5.80 -64.13 50.37
C LEU K 7 6.04 -64.36 48.88
N SER K 8 6.73 -65.43 48.54
CA SER K 8 7.08 -65.68 47.13
C SER K 8 5.92 -65.70 46.16
N LYS K 9 6.01 -64.90 45.10
CA LYS K 9 4.98 -64.91 44.09
C LYS K 9 5.52 -65.57 42.83
N ASN K 10 4.80 -65.43 41.73
CA ASN K 10 5.20 -66.09 40.49
C ASN K 10 5.41 -65.10 39.37
N LYS K 11 4.44 -64.21 39.16
CA LYS K 11 4.53 -63.23 38.08
C LYS K 11 3.75 -61.97 38.42
N THR K 12 4.45 -60.89 38.73
CA THR K 12 3.76 -59.62 39.01
C THR K 12 4.00 -58.59 37.93
N ILE K 13 3.14 -57.57 37.90
CA ILE K 13 3.29 -56.51 36.92
C ILE K 13 4.49 -55.67 37.29
N GLU K 14 4.72 -55.47 38.59
CA GLU K 14 5.83 -54.64 39.03
C GLU K 14 7.21 -55.23 38.73
N SER K 15 7.30 -56.55 38.63
CA SER K 15 8.56 -57.15 38.25
C SER K 15 8.75 -57.03 36.76
N GLU K 16 7.65 -56.98 36.02
CA GLU K 16 7.72 -56.83 34.58
C GLU K 16 7.98 -55.40 34.16
N LEU K 17 8.15 -54.52 35.13
CA LEU K 17 8.50 -53.14 34.81
C LEU K 17 10.01 -53.08 34.67
N LEU K 18 10.70 -54.00 35.35
CA LEU K 18 12.16 -54.02 35.28
C LEU K 18 12.70 -55.38 34.83
N ASP K 19 11.83 -56.22 34.28
CA ASP K 19 12.30 -57.51 33.76
C ASP K 19 13.32 -57.26 32.65
N LEU K 20 13.24 -56.08 32.03
CA LEU K 20 14.18 -55.73 30.98
C LEU K 20 15.46 -55.22 31.62
N LEU K 21 16.59 -55.85 31.29
CA LEU K 21 17.86 -55.46 31.90
C LEU K 21 19.04 -55.62 30.93
N ILE K 22 19.00 -56.64 30.09
CA ILE K 22 20.09 -56.89 29.14
C ILE K 22 19.62 -56.67 27.72
N LYS K 23 20.34 -55.84 26.97
CA LYS K 23 19.95 -55.54 25.60
C LYS K 23 21.03 -55.93 24.62
N PRO K 24 20.74 -56.84 23.69
CA PRO K 24 21.72 -57.29 22.71
C PRO K 24 21.65 -56.49 21.42
N ASN K 25 21.88 -55.20 21.48
CA ASN K 25 21.77 -54.36 20.29
C ASN K 25 23.07 -54.29 19.51
N THR K 26 22.99 -53.79 18.29
CA THR K 26 24.19 -53.61 17.48
C THR K 26 24.26 -52.15 17.05
N ASP K 27 24.69 -51.30 17.96
CA ASP K 27 24.78 -49.87 17.64
C ASP K 27 26.22 -49.53 17.37
N ASP K 28 26.48 -48.34 16.80
CA ASP K 28 27.84 -47.90 16.49
C ASP K 28 28.81 -48.29 17.59
N SER K 29 29.80 -49.09 17.22
CA SER K 29 30.88 -49.52 18.11
C SER K 29 32.01 -50.05 17.23
N ILE K 30 33.14 -50.36 17.86
CA ILE K 30 34.30 -50.83 17.11
C ILE K 30 34.00 -52.15 16.43
N LEU K 31 33.12 -52.96 17.00
CA LEU K 31 32.80 -54.26 16.43
C LEU K 31 31.63 -54.21 15.46
N THR K 32 30.99 -53.05 15.34
CA THR K 32 29.87 -52.87 14.41
C THR K 32 30.12 -51.78 13.38
N ARG K 33 31.38 -51.43 13.12
CA ARG K 33 31.67 -50.39 12.13
C ARG K 33 31.30 -50.86 10.72
N ASN K 34 31.75 -52.04 10.34
CA ASN K 34 31.54 -52.57 8.99
C ASN K 34 30.29 -53.43 8.98
N LYS K 35 29.12 -52.79 9.08
CA LYS K 35 27.85 -53.47 8.99
C LYS K 35 27.48 -53.88 7.57
N GLN K 36 27.84 -53.06 6.58
CA GLN K 36 27.39 -53.26 5.21
C GLN K 36 28.54 -53.82 4.38
N ALA K 37 28.29 -54.95 3.71
CA ALA K 37 29.23 -55.54 2.78
C ALA K 37 28.67 -55.42 1.36
N ILE K 38 29.56 -55.21 0.40
CA ILE K 38 29.17 -55.03 -0.99
C ILE K 38 29.31 -56.35 -1.72
N ALA K 39 28.32 -56.65 -2.55
CA ALA K 39 28.27 -57.91 -3.28
C ALA K 39 29.25 -57.91 -4.45
N ASP K 40 29.17 -58.95 -5.28
CA ASP K 40 30.05 -59.07 -6.42
C ASP K 40 29.65 -58.17 -7.58
N ARG K 41 28.52 -57.47 -7.49
CA ARG K 41 28.12 -56.55 -8.53
C ARG K 41 29.06 -55.36 -8.66
N ASP K 42 29.87 -55.09 -7.64
CA ASP K 42 30.84 -54.00 -7.68
C ASP K 42 32.25 -54.42 -7.27
N LEU K 43 32.54 -55.71 -7.25
CA LEU K 43 33.88 -56.18 -6.92
C LEU K 43 34.55 -56.80 -8.13
N PHE K 44 35.85 -56.62 -8.23
CA PHE K 44 36.68 -57.28 -9.23
C PHE K 44 37.51 -58.36 -8.54
N ASP K 45 37.46 -59.58 -9.08
CA ASP K 45 38.27 -60.68 -8.57
C ASP K 45 39.61 -60.66 -9.31
N ILE K 46 40.69 -60.41 -8.58
CA ILE K 46 42.02 -60.31 -9.15
C ILE K 46 42.93 -61.32 -8.47
N GLU K 47 43.95 -61.76 -9.20
CA GLU K 47 44.92 -62.70 -8.64
C GLU K 47 46.08 -61.93 -8.03
N TRP K 48 46.73 -62.58 -7.06
CA TRP K 48 47.86 -61.98 -6.36
C TRP K 48 49.15 -62.41 -7.07
N GLU K 49 49.83 -61.46 -7.69
CA GLU K 49 51.05 -61.71 -8.43
C GLU K 49 52.26 -61.26 -7.63
N PRO K 50 53.46 -61.73 -7.95
CA PRO K 50 54.66 -61.17 -7.32
C PRO K 50 54.78 -59.69 -7.60
N GLY K 51 55.25 -58.96 -6.59
CA GLY K 51 55.31 -57.52 -6.68
C GLY K 51 54.00 -56.80 -6.50
N GLN K 52 52.97 -57.48 -5.98
CA GLN K 52 51.68 -56.86 -5.73
C GLN K 52 51.60 -56.38 -4.30
N SER K 53 50.84 -55.29 -4.10
CA SER K 53 50.62 -54.74 -2.77
C SER K 53 49.27 -54.03 -2.79
N LEU K 54 48.70 -53.87 -1.59
CA LEU K 54 47.46 -53.13 -1.47
C LEU K 54 47.62 -51.67 -1.88
N ASN K 55 48.81 -51.10 -1.69
CA ASN K 55 49.07 -49.75 -2.15
C ASN K 55 48.94 -49.65 -3.67
N LYS K 56 49.52 -50.60 -4.40
CA LYS K 56 49.41 -50.58 -5.86
C LYS K 56 47.98 -50.81 -6.32
N LEU K 57 47.26 -51.72 -5.67
CA LEU K 57 45.87 -51.97 -6.05
C LEU K 57 45.01 -50.72 -5.81
N ALA K 58 45.21 -50.05 -4.69
CA ALA K 58 44.50 -48.81 -4.43
C ALA K 58 44.87 -47.72 -5.42
N THR K 59 46.15 -47.62 -5.78
CA THR K 59 46.60 -46.60 -6.73
C THR K 59 46.06 -46.91 -8.12
N GLU K 60 46.13 -48.17 -8.51
CA GLU K 60 45.72 -48.53 -9.86
C GLU K 60 44.23 -48.46 -10.03
N TYR K 61 43.47 -49.19 -9.23
CA TYR K 61 42.03 -49.25 -9.42
C TYR K 61 41.28 -48.05 -8.86
N LEU K 62 41.56 -47.69 -7.60
CA LEU K 62 40.81 -46.61 -6.96
C LEU K 62 41.43 -45.23 -7.19
N GLY K 63 42.73 -45.17 -7.40
CA GLY K 63 43.37 -43.89 -7.66
C GLY K 63 43.86 -43.14 -6.44
N ASP K 64 43.62 -43.67 -5.23
CA ASP K 64 44.05 -43.02 -4.00
C ASP K 64 44.89 -44.00 -3.19
N SER K 65 46.06 -43.55 -2.77
CA SER K 65 46.98 -44.42 -2.05
C SER K 65 46.42 -44.88 -0.72
N PHE K 66 45.72 -44.01 0.00
CA PHE K 66 45.17 -44.34 1.31
C PHE K 66 43.83 -45.05 1.23
N ALA K 67 43.35 -45.36 0.04
CA ALA K 67 42.11 -46.09 -0.14
C ALA K 67 42.29 -47.59 0.07
N TRP K 68 43.51 -48.04 0.38
CA TRP K 68 43.77 -49.47 0.53
C TRP K 68 42.90 -50.11 1.61
N GLN K 69 42.55 -49.36 2.66
CA GLN K 69 41.66 -49.91 3.68
C GLN K 69 40.35 -50.39 3.06
N ILE K 70 39.82 -49.64 2.09
CA ILE K 70 38.60 -50.06 1.41
C ILE K 70 38.77 -51.44 0.81
N ILE K 71 39.94 -51.72 0.23
CA ILE K 71 40.21 -53.06 -0.28
C ILE K 71 40.26 -54.06 0.87
N ALA K 72 40.94 -53.70 1.96
CA ALA K 72 41.10 -54.63 3.07
C ALA K 72 39.76 -55.01 3.69
N ASP K 73 38.88 -54.04 3.94
CA ASP K 73 37.55 -54.36 4.44
C ASP K 73 36.77 -55.20 3.43
N ALA K 74 37.10 -55.09 2.14
CA ALA K 74 36.44 -55.92 1.15
C ALA K 74 36.83 -57.38 1.27
N ASN K 75 37.96 -57.68 1.92
CA ASN K 75 38.43 -59.05 2.03
C ASN K 75 38.56 -59.55 3.46
N GLY K 76 38.51 -58.66 4.44
CA GLY K 76 38.63 -59.07 5.84
C GLY K 76 39.95 -59.75 6.15
N ILE K 77 41.04 -59.25 5.59
CA ILE K 77 42.37 -59.83 5.77
C ILE K 77 43.22 -58.84 6.53
N ASP K 78 44.23 -59.34 7.23
CA ASP K 78 45.21 -58.48 7.86
C ASP K 78 46.25 -58.08 6.82
N PRO K 79 46.41 -56.79 6.52
CA PRO K 79 47.44 -56.40 5.54
C PRO K 79 48.85 -56.77 5.96
N THR K 80 49.13 -56.85 7.26
CA THR K 80 50.45 -57.21 7.74
C THR K 80 50.74 -58.70 7.63
N LYS K 81 49.76 -59.51 7.28
CA LYS K 81 49.96 -60.94 7.09
C LYS K 81 50.13 -61.24 5.60
N GLU K 82 51.01 -62.19 5.31
CA GLU K 82 51.45 -62.46 3.94
C GLU K 82 50.33 -63.08 3.13
N ILE K 83 50.09 -62.53 1.95
CA ILE K 83 49.11 -63.07 1.01
C ILE K 83 49.83 -63.98 0.03
N ASP K 84 49.29 -65.18 -0.15
CA ASP K 84 49.90 -66.14 -1.05
C ASP K 84 49.78 -65.69 -2.50
N ILE K 85 50.74 -66.09 -3.33
CA ILE K 85 50.71 -65.75 -4.74
C ILE K 85 49.60 -66.54 -5.44
N GLY K 86 48.92 -65.86 -6.35
CA GLY K 86 47.78 -66.47 -7.01
C GLY K 86 46.59 -66.69 -6.10
N ALA K 87 46.34 -65.74 -5.21
CA ALA K 87 45.19 -65.77 -4.31
C ALA K 87 44.19 -64.70 -4.71
N GLY K 88 42.91 -65.06 -4.69
CA GLY K 88 41.86 -64.19 -5.17
C GLY K 88 41.50 -63.10 -4.19
N LEU K 89 41.73 -61.86 -4.60
CA LEU K 89 41.32 -60.69 -3.83
C LEU K 89 40.18 -59.99 -4.54
N LYS K 90 39.36 -59.30 -3.74
CA LYS K 90 38.21 -58.55 -4.26
C LYS K 90 38.52 -57.08 -4.11
N VAL K 91 38.68 -56.39 -5.24
CA VAL K 91 38.94 -54.96 -5.27
C VAL K 91 37.62 -54.25 -5.59
N PRO K 92 37.14 -53.37 -4.72
CA PRO K 92 35.94 -52.59 -5.06
C PRO K 92 36.22 -51.69 -6.25
N ASP K 93 35.18 -51.46 -7.05
CA ASP K 93 35.28 -50.54 -8.17
C ASP K 93 34.88 -49.14 -7.74
N GLN K 94 35.50 -48.13 -8.36
CA GLN K 94 35.26 -46.76 -7.97
C GLN K 94 33.88 -46.28 -8.41
N LYS K 95 33.38 -46.82 -9.53
CA LYS K 95 32.12 -46.33 -10.08
C LYS K 95 30.96 -46.61 -9.15
N ALA K 96 30.93 -47.78 -8.52
CA ALA K 96 29.85 -48.16 -7.61
C ALA K 96 30.41 -48.20 -6.19
N LEU K 97 30.41 -47.04 -5.53
CA LEU K 97 30.91 -46.95 -4.17
C LEU K 97 30.17 -45.85 -3.43
N GLU K 98 30.14 -45.99 -2.11
CA GLU K 98 29.62 -44.95 -1.24
C GLU K 98 30.63 -43.82 -1.14
N ASN K 99 30.22 -42.62 -1.54
CA ASN K 99 31.13 -41.46 -1.50
C ASN K 99 31.51 -41.18 -0.05
N SER K 100 32.79 -40.99 0.21
CA SER K 100 33.30 -40.64 1.53
C SER K 100 33.49 -39.14 1.59
N ILE K 101 32.41 -38.39 1.34
CA ILE K 101 32.46 -36.93 1.39
C ILE K 101 31.83 -36.50 2.71
N LYS K 102 32.56 -35.68 3.45
CA LYS K 102 32.15 -35.26 4.79
C LYS K 102 30.99 -34.28 4.65
N LYS K 103 29.94 -34.48 5.45
CA LYS K 103 28.77 -33.61 5.42
C LYS K 103 28.83 -32.61 6.56
N PHE K 104 28.53 -31.35 6.23
CA PHE K 104 28.57 -30.26 7.19
C PHE K 104 27.30 -29.42 7.07
N ILE K 105 26.98 -28.74 8.16
CA ILE K 105 26.03 -27.63 8.13
C ILE K 105 26.85 -26.35 8.25
N VAL K 106 26.95 -25.60 7.16
CA VAL K 106 27.82 -24.43 7.14
C VAL K 106 27.28 -23.29 7.99
N ASN K 107 25.98 -23.28 8.27
CA ASN K 107 25.38 -22.26 9.13
C ASN K 107 24.79 -22.93 10.37
N SER K 108 25.59 -23.02 11.41
CA SER K 108 25.18 -23.68 12.65
C SER K 108 25.48 -22.74 13.79
N PRO K 109 24.86 -22.96 14.96
CA PRO K 109 25.23 -22.20 16.15
C PRO K 109 26.69 -22.37 16.55
N THR K 110 27.34 -23.47 16.14
CA THR K 110 28.77 -23.65 16.35
C THR K 110 29.58 -23.32 15.11
N GLY K 111 28.95 -22.84 14.04
CA GLY K 111 29.63 -22.48 12.82
C GLY K 111 29.73 -23.59 11.80
N LYS K 112 30.35 -24.72 12.14
CA LYS K 112 30.49 -25.85 11.24
C LYS K 112 30.60 -27.11 12.08
N GLN K 113 29.93 -28.17 11.63
CA GLN K 113 29.93 -29.41 12.38
C GLN K 113 29.60 -30.56 11.45
N LEU K 114 30.14 -31.73 11.79
CA LEU K 114 29.94 -32.92 10.97
C LEU K 114 28.61 -33.59 11.28
N ILE K 115 28.03 -34.21 10.27
CA ILE K 115 26.83 -35.02 10.43
C ILE K 115 26.98 -36.27 9.58
N SER K 116 26.52 -37.40 10.11
CA SER K 116 26.64 -38.67 9.40
C SER K 116 25.40 -39.01 8.57
N ASP K 117 24.22 -38.61 9.01
CA ASP K 117 22.98 -38.98 8.34
C ASP K 117 22.11 -37.80 7.98
N ALA K 118 22.31 -36.66 8.63
CA ALA K 118 21.45 -35.48 8.48
C ALA K 118 20.01 -35.75 8.92
N LYS K 119 19.77 -36.89 9.56
CA LYS K 119 18.47 -37.24 10.10
C LYS K 119 18.42 -37.24 11.62
N GLN K 120 19.54 -37.52 12.29
CA GLN K 120 19.65 -37.32 13.72
C GLN K 120 20.38 -36.03 14.06
N SER K 121 20.19 -34.99 13.25
CA SER K 121 20.79 -33.68 13.45
C SER K 121 19.70 -32.64 13.66
N ILE K 122 20.11 -31.36 13.68
CA ILE K 122 19.18 -30.27 13.85
C ILE K 122 18.41 -29.94 12.57
N LEU K 123 18.66 -30.70 11.49
CA LEU K 123 17.95 -30.50 10.24
C LEU K 123 16.78 -31.46 10.05
N ASN K 124 16.42 -32.24 11.08
CA ASN K 124 15.43 -33.30 10.90
C ASN K 124 14.07 -32.73 10.52
N LEU K 125 13.58 -31.75 11.28
CA LEU K 125 12.35 -31.03 10.98
C LEU K 125 11.12 -31.95 10.99
N ILE K 126 11.21 -33.13 11.59
CA ILE K 126 10.09 -34.07 11.56
C ILE K 126 9.06 -33.75 12.63
N GLY K 127 9.49 -33.20 13.77
CA GLY K 127 8.59 -32.83 14.84
C GLY K 127 8.15 -31.38 14.84
N VAL K 128 8.51 -30.61 13.82
CA VAL K 128 8.23 -29.18 13.80
C VAL K 128 6.77 -28.95 13.45
N GLY K 129 6.07 -28.20 14.31
CA GLY K 129 4.69 -27.85 14.07
C GLY K 129 3.73 -29.01 14.06
N ASP K 130 4.13 -30.14 14.66
CA ASP K 130 3.30 -31.34 14.58
C ASP K 130 2.14 -31.37 15.54
N SER K 131 0.93 -31.45 15.00
CA SER K 131 -0.23 -31.59 15.86
C SER K 131 -0.33 -33.10 16.02
N ASN K 132 -0.01 -33.61 17.20
CA ASN K 132 0.00 -35.06 17.45
C ASN K 132 -1.11 -35.83 16.76
N THR K 133 -2.35 -35.71 17.22
CA THR K 133 -3.52 -36.37 16.62
C THR K 133 -3.57 -37.88 16.37
N GLU K 134 -2.43 -38.55 16.10
CA GLU K 134 -2.35 -39.98 15.80
C GLU K 134 -2.84 -40.29 14.39
N PHE K 135 -3.43 -39.31 13.71
CA PHE K 135 -3.66 -39.40 12.28
C PHE K 135 -2.56 -38.74 11.47
N SER K 136 -1.96 -37.67 11.99
CA SER K 136 -0.78 -37.11 11.35
C SER K 136 0.40 -38.06 11.47
N LYS K 137 0.42 -38.89 12.52
CA LYS K 137 1.52 -39.84 12.70
C LYS K 137 1.54 -40.89 11.60
N THR K 138 0.38 -41.39 11.20
CA THR K 138 0.32 -42.37 10.11
C THR K 138 0.82 -41.78 8.80
N LEU K 139 0.53 -40.50 8.55
CA LEU K 139 1.03 -39.83 7.36
C LEU K 139 2.50 -39.47 7.46
N LYS K 140 3.02 -39.24 8.68
CA LYS K 140 4.46 -39.17 8.90
C LYS K 140 5.16 -40.47 8.53
N ASP K 141 4.58 -41.59 8.94
CA ASP K 141 5.18 -42.90 8.66
C ASP K 141 5.25 -43.24 7.19
N CYS K 142 4.20 -42.95 6.42
CA CYS K 142 4.19 -43.34 5.01
C CYS K 142 5.00 -42.38 4.14
N ILE K 143 4.74 -41.08 4.25
CA ILE K 143 5.35 -40.09 3.37
C ILE K 143 6.16 -39.04 4.12
N GLY K 144 6.04 -38.96 5.43
CA GLY K 144 6.75 -37.93 6.18
C GLY K 144 6.20 -36.53 6.01
N LYS K 145 4.89 -36.38 5.95
CA LYS K 145 4.26 -35.07 5.83
C LYS K 145 4.42 -34.33 7.15
N VAL K 146 5.12 -33.20 7.13
CA VAL K 146 5.36 -32.47 8.37
C VAL K 146 4.25 -31.49 8.61
N VAL K 147 4.15 -30.48 7.76
CA VAL K 147 3.11 -29.49 7.91
C VAL K 147 1.95 -29.81 6.99
N ASN K 148 0.79 -29.23 7.26
CA ASN K 148 -0.34 -29.42 6.38
C ASN K 148 -0.24 -28.31 5.35
N PHE K 149 -1.16 -28.30 4.40
CA PHE K 149 -1.15 -27.19 3.46
C PHE K 149 -2.35 -26.30 3.72
N SER K 150 -3.39 -26.84 4.34
CA SER K 150 -4.58 -26.01 4.53
C SER K 150 -5.06 -26.13 5.97
N PHE K 151 -5.67 -25.08 6.52
CA PHE K 151 -6.16 -25.08 7.90
C PHE K 151 -7.54 -24.46 8.01
N ASP K 152 -8.14 -24.06 6.90
CA ASP K 152 -9.44 -23.38 6.96
C ASP K 152 -10.64 -24.29 7.18
N ASN K 153 -11.65 -23.81 7.88
CA ASN K 153 -12.87 -24.61 8.06
C ASN K 153 -13.66 -24.52 6.78
N THR K 154 -14.05 -23.30 6.38
CA THR K 154 -14.77 -23.08 5.13
C THR K 154 -15.74 -24.15 4.65
N GLN K 155 -16.87 -24.28 5.33
CA GLN K 155 -17.87 -25.26 4.94
C GLN K 155 -19.08 -24.58 4.34
N THR L 2 -56.75 -49.28 25.01
CA THR L 2 -55.53 -50.03 24.76
C THR L 2 -55.61 -50.77 23.43
N THR L 3 -56.63 -51.60 23.29
CA THR L 3 -56.79 -52.36 22.06
C THR L 3 -57.50 -51.54 21.00
N GLN L 4 -57.18 -51.77 19.72
CA GLN L 4 -57.75 -50.91 18.69
C GLN L 4 -58.24 -51.83 17.57
N GLU L 5 -59.56 -51.97 17.46
CA GLU L 5 -60.15 -52.91 16.52
C GLU L 5 -60.00 -52.38 15.09
N PHE L 6 -59.34 -53.16 14.25
CA PHE L 6 -59.12 -52.82 12.85
C PHE L 6 -59.71 -53.88 11.93
N LEU L 7 -60.42 -53.43 10.90
CA LEU L 7 -61.06 -54.30 9.93
C LEU L 7 -60.26 -54.25 8.63
N SER L 8 -60.60 -55.10 7.66
CA SER L 8 -59.81 -55.14 6.42
C SER L 8 -60.04 -53.95 5.50
N LYS L 9 -58.98 -53.42 4.90
CA LYS L 9 -59.12 -52.30 3.96
C LYS L 9 -58.57 -52.63 2.59
N ASN L 10 -58.43 -51.63 1.72
CA ASN L 10 -57.99 -51.88 0.36
C ASN L 10 -56.74 -51.12 -0.10
N LYS L 11 -56.70 -49.79 0.09
CA LYS L 11 -55.57 -49.00 -0.39
C LYS L 11 -55.26 -47.87 0.60
N THR L 12 -54.13 -47.95 1.30
CA THR L 12 -53.76 -46.92 2.28
C THR L 12 -52.36 -46.35 2.01
N ILE L 13 -52.10 -45.10 2.40
CA ILE L 13 -50.82 -44.48 2.10
C ILE L 13 -49.74 -44.75 3.13
N GLU L 14 -50.13 -45.20 4.32
CA GLU L 14 -49.16 -45.53 5.35
C GLU L 14 -48.49 -46.82 4.92
N SER L 15 -49.17 -47.55 4.04
CA SER L 15 -48.64 -48.80 3.55
C SER L 15 -47.80 -48.50 2.33
N GLU L 16 -48.10 -47.44 1.58
CA GLU L 16 -47.28 -47.04 0.44
C GLU L 16 -45.99 -46.48 0.96
N LEU L 17 -46.05 -45.82 2.12
CA LEU L 17 -44.85 -45.27 2.73
C LEU L 17 -43.86 -46.38 2.92
N LEU L 18 -44.27 -47.43 3.60
CA LEU L 18 -43.40 -48.58 3.74
C LEU L 18 -43.95 -49.72 2.89
N ASP L 19 -43.77 -49.64 1.56
CA ASP L 19 -44.35 -50.64 0.65
C ASP L 19 -43.38 -51.49 -0.12
N LEU L 20 -42.93 -51.02 -1.27
CA LEU L 20 -42.04 -51.81 -2.13
C LEU L 20 -40.66 -52.06 -1.53
N LEU L 21 -40.22 -53.31 -1.56
CA LEU L 21 -38.93 -53.65 -0.98
C LEU L 21 -37.97 -54.24 -2.01
N ILE L 22 -38.46 -55.17 -2.82
CA ILE L 22 -37.64 -55.82 -3.84
C ILE L 22 -37.21 -54.84 -4.92
N LYS L 23 -35.92 -54.52 -4.98
CA LYS L 23 -35.43 -53.55 -5.94
C LYS L 23 -34.44 -54.16 -6.92
N PRO L 24 -34.79 -54.18 -8.21
CA PRO L 24 -33.93 -54.81 -9.22
C PRO L 24 -32.88 -53.87 -9.80
N ASN L 25 -32.08 -53.24 -8.96
CA ASN L 25 -31.06 -52.33 -9.43
C ASN L 25 -29.79 -53.06 -9.82
N THR L 26 -29.23 -52.73 -10.97
CA THR L 26 -27.97 -53.36 -11.35
C THR L 26 -26.81 -52.55 -10.77
N ASP L 27 -26.18 -53.07 -9.72
CA ASP L 27 -25.07 -52.37 -9.09
C ASP L 27 -23.81 -53.18 -9.28
N ASP L 28 -22.65 -52.61 -8.94
CA ASP L 28 -21.39 -53.30 -9.15
C ASP L 28 -21.33 -54.67 -8.48
N SER L 29 -21.27 -55.72 -9.29
CA SER L 29 -21.25 -57.08 -8.76
C SER L 29 -20.64 -57.97 -9.82
N ILE L 30 -20.51 -59.26 -9.55
CA ILE L 30 -19.83 -60.16 -10.49
C ILE L 30 -20.60 -60.26 -11.79
N LEU L 31 -21.92 -60.09 -11.76
CA LEU L 31 -22.76 -60.27 -12.93
C LEU L 31 -23.06 -58.96 -13.64
N THR L 32 -22.36 -57.87 -13.30
CA THR L 32 -22.53 -56.58 -13.97
C THR L 32 -21.20 -56.01 -14.43
N ARG L 33 -20.11 -56.76 -14.31
CA ARG L 33 -18.81 -56.27 -14.72
C ARG L 33 -18.72 -56.14 -16.24
N ASN L 34 -19.48 -56.97 -16.95
CA ASN L 34 -19.39 -57.05 -18.41
C ASN L 34 -20.62 -56.46 -19.11
N LYS L 35 -21.32 -55.53 -18.45
CA LYS L 35 -22.47 -54.88 -19.08
C LYS L 35 -22.06 -54.12 -20.34
N GLN L 36 -21.03 -53.28 -20.21
CA GLN L 36 -20.57 -52.47 -21.31
C GLN L 36 -19.96 -53.34 -22.40
N ALA L 37 -20.24 -52.99 -23.65
CA ALA L 37 -19.74 -53.72 -24.80
C ALA L 37 -19.04 -52.78 -25.77
N ILE L 38 -17.90 -53.24 -26.30
CA ILE L 38 -17.20 -52.49 -27.33
C ILE L 38 -18.05 -52.51 -28.60
N ALA L 39 -18.07 -51.38 -29.31
CA ALA L 39 -18.84 -51.29 -30.54
C ALA L 39 -18.28 -52.24 -31.58
N ASP L 40 -19.18 -52.74 -32.43
CA ASP L 40 -18.79 -53.68 -33.48
C ASP L 40 -17.87 -53.04 -34.52
N ARG L 41 -18.02 -51.74 -34.76
CA ARG L 41 -17.16 -51.03 -35.71
C ARG L 41 -15.74 -50.89 -35.22
N ASP L 42 -15.48 -51.12 -33.94
CA ASP L 42 -14.15 -50.97 -33.35
C ASP L 42 -13.37 -52.28 -33.27
N LEU L 43 -13.93 -53.38 -33.76
CA LEU L 43 -13.30 -54.68 -33.64
C LEU L 43 -12.78 -55.17 -34.99
N PHE L 44 -11.95 -56.21 -34.94
CA PHE L 44 -11.49 -56.92 -36.12
C PHE L 44 -12.04 -58.33 -36.09
N ASP L 45 -12.56 -58.80 -37.22
CA ASP L 45 -13.11 -60.15 -37.33
C ASP L 45 -12.28 -61.33 -37.79
N ILE L 46 -11.20 -61.63 -37.07
CA ILE L 46 -10.32 -62.74 -37.42
C ILE L 46 -10.84 -64.17 -37.41
N GLU L 47 -10.09 -65.07 -38.02
CA GLU L 47 -10.48 -66.48 -38.11
C GLU L 47 -9.46 -67.32 -37.35
N TRP L 48 -9.96 -68.32 -36.64
CA TRP L 48 -9.12 -69.20 -35.84
C TRP L 48 -8.40 -70.17 -36.76
N GLU L 49 -7.08 -70.22 -36.65
CA GLU L 49 -6.24 -71.09 -37.47
C GLU L 49 -5.33 -71.93 -36.59
N PRO L 50 -4.79 -73.03 -37.11
CA PRO L 50 -3.93 -73.89 -36.28
C PRO L 50 -2.75 -73.13 -35.71
N GLY L 51 -2.40 -73.42 -34.47
CA GLY L 51 -1.33 -72.73 -33.78
C GLY L 51 -1.73 -71.45 -33.11
N GLN L 52 -2.99 -71.04 -33.20
CA GLN L 52 -3.45 -69.81 -32.59
C GLN L 52 -3.81 -70.02 -31.12
N SER L 53 -3.64 -68.95 -30.35
CA SER L 53 -4.05 -68.92 -28.95
C SER L 53 -4.44 -67.49 -28.61
N LEU L 54 -5.12 -67.31 -27.49
CA LEU L 54 -5.47 -65.97 -27.04
C LEU L 54 -4.25 -65.16 -26.63
N ASN L 55 -3.19 -65.81 -26.15
CA ASN L 55 -1.95 -65.10 -25.85
C ASN L 55 -1.37 -64.46 -27.10
N LYS L 56 -1.33 -65.21 -28.21
CA LYS L 56 -0.82 -64.65 -29.45
C LYS L 56 -1.68 -63.48 -29.94
N LEU L 57 -3.01 -63.64 -29.91
CA LEU L 57 -3.87 -62.57 -30.35
C LEU L 57 -3.73 -61.32 -29.49
N ALA L 58 -3.57 -61.51 -28.17
CA ALA L 58 -3.32 -60.36 -27.30
C ALA L 58 -1.98 -59.70 -27.60
N THR L 59 -0.96 -60.49 -27.92
CA THR L 59 0.36 -59.92 -28.17
C THR L 59 0.40 -59.15 -29.48
N GLU L 60 -0.09 -59.75 -30.57
CA GLU L 60 0.02 -59.11 -31.88
C GLU L 60 -0.87 -57.88 -31.98
N TYR L 61 -2.10 -57.95 -31.46
CA TYR L 61 -3.05 -56.87 -31.68
C TYR L 61 -3.08 -55.86 -30.54
N LEU L 62 -2.86 -56.30 -29.30
CA LEU L 62 -2.95 -55.42 -28.14
C LEU L 62 -1.60 -55.17 -27.50
N GLY L 63 -0.54 -55.84 -27.93
CA GLY L 63 0.80 -55.56 -27.45
C GLY L 63 1.09 -56.03 -26.04
N ASP L 64 0.16 -56.72 -25.40
CA ASP L 64 0.33 -57.17 -24.02
C ASP L 64 -0.24 -58.57 -23.86
N SER L 65 0.52 -59.44 -23.18
CA SER L 65 0.12 -60.84 -23.07
C SER L 65 -1.08 -61.03 -22.16
N PHE L 66 -1.25 -60.17 -21.15
CA PHE L 66 -2.35 -60.28 -20.20
C PHE L 66 -3.61 -59.59 -20.68
N ALA L 67 -3.60 -59.04 -21.89
CA ALA L 67 -4.78 -58.38 -22.46
C ALA L 67 -5.80 -59.36 -22.99
N TRP L 68 -5.48 -60.67 -23.01
CA TRP L 68 -6.40 -61.67 -23.52
C TRP L 68 -7.74 -61.67 -22.81
N GLN L 69 -7.77 -61.32 -21.52
CA GLN L 69 -9.04 -61.23 -20.81
C GLN L 69 -10.02 -60.32 -21.54
N ILE L 70 -9.54 -59.23 -22.12
CA ILE L 70 -10.40 -58.37 -22.90
C ILE L 70 -10.97 -59.12 -24.10
N ILE L 71 -10.10 -59.79 -24.86
CA ILE L 71 -10.55 -60.48 -26.07
C ILE L 71 -11.62 -61.50 -25.74
N ALA L 72 -11.37 -62.34 -24.74
CA ALA L 72 -12.40 -63.29 -24.31
C ALA L 72 -13.66 -62.56 -23.85
N ASP L 73 -13.50 -61.49 -23.08
CA ASP L 73 -14.67 -60.72 -22.66
C ASP L 73 -15.37 -60.07 -23.84
N ALA L 74 -14.64 -59.82 -24.93
CA ALA L 74 -15.27 -59.28 -26.13
C ALA L 74 -15.97 -60.34 -26.96
N ASN L 75 -15.78 -61.63 -26.62
CA ASN L 75 -16.34 -62.71 -27.41
C ASN L 75 -17.22 -63.66 -26.62
N GLY L 76 -17.34 -63.47 -25.30
CA GLY L 76 -18.05 -64.43 -24.48
C GLY L 76 -17.43 -65.80 -24.43
N ILE L 77 -16.11 -65.90 -24.56
CA ILE L 77 -15.46 -67.19 -24.72
C ILE L 77 -14.89 -67.64 -23.39
N ASP L 78 -15.19 -68.87 -23.01
CA ASP L 78 -14.46 -69.52 -21.92
C ASP L 78 -13.11 -69.94 -22.48
N PRO L 79 -12.00 -69.37 -22.00
CA PRO L 79 -10.69 -69.69 -22.60
C PRO L 79 -10.31 -71.16 -22.49
N THR L 80 -10.69 -71.81 -21.42
CA THR L 80 -10.26 -73.17 -21.24
C THR L 80 -11.07 -74.08 -22.15
N LYS L 81 -12.06 -73.52 -22.84
CA LYS L 81 -12.82 -74.33 -23.79
C LYS L 81 -12.18 -74.26 -25.17
N GLU L 82 -12.52 -75.21 -26.03
CA GLU L 82 -11.90 -75.27 -27.35
C GLU L 82 -12.50 -74.32 -28.37
N ILE L 83 -11.64 -73.66 -29.14
CA ILE L 83 -12.15 -72.81 -30.20
C ILE L 83 -11.99 -73.62 -31.47
N ASP L 84 -13.09 -73.91 -32.15
CA ASP L 84 -13.05 -74.73 -33.35
C ASP L 84 -12.20 -74.13 -34.46
N ILE L 85 -11.66 -74.98 -35.33
CA ILE L 85 -10.77 -74.46 -36.36
C ILE L 85 -11.63 -73.78 -37.42
N GLY L 86 -11.30 -72.52 -37.74
CA GLY L 86 -12.08 -71.72 -38.64
C GLY L 86 -13.16 -70.90 -37.98
N ALA L 87 -13.36 -71.04 -36.68
CA ALA L 87 -14.35 -70.23 -35.98
C ALA L 87 -13.90 -68.77 -35.94
N GLY L 88 -14.88 -67.87 -36.04
CA GLY L 88 -14.59 -66.44 -36.06
C GLY L 88 -14.47 -65.87 -34.66
N LEU L 89 -13.52 -64.95 -34.49
CA LEU L 89 -13.33 -64.24 -33.24
C LEU L 89 -13.27 -62.75 -33.53
N LYS L 90 -13.55 -61.95 -32.50
CA LYS L 90 -13.48 -60.50 -32.59
C LYS L 90 -12.38 -60.00 -31.67
N VAL L 91 -11.40 -59.33 -32.23
CA VAL L 91 -10.24 -58.82 -31.50
C VAL L 91 -10.36 -57.30 -31.41
N PRO L 92 -10.28 -56.72 -30.21
CA PRO L 92 -10.34 -55.26 -30.10
C PRO L 92 -9.09 -54.60 -30.64
N ASP L 93 -9.28 -53.43 -31.25
CA ASP L 93 -8.15 -52.61 -31.63
C ASP L 93 -7.50 -51.99 -30.40
N GLN L 94 -6.24 -51.62 -30.54
CA GLN L 94 -5.57 -50.89 -29.46
C GLN L 94 -6.11 -49.47 -29.38
N LYS L 95 -5.97 -48.71 -30.47
CA LYS L 95 -6.42 -47.32 -30.50
C LYS L 95 -7.93 -47.17 -30.41
N ALA L 96 -8.69 -48.20 -30.75
CA ALA L 96 -10.15 -48.11 -30.65
C ALA L 96 -10.68 -48.65 -29.33
N LEU L 97 -9.81 -49.06 -28.42
CA LEU L 97 -10.24 -49.47 -27.09
C LEU L 97 -10.55 -48.28 -26.19
N GLU L 98 -10.00 -47.10 -26.50
CA GLU L 98 -10.20 -45.95 -25.63
C GLU L 98 -11.57 -45.33 -25.81
N ASN L 99 -12.22 -45.56 -26.95
CA ASN L 99 -13.54 -44.99 -27.20
C ASN L 99 -14.66 -45.84 -26.61
N SER L 100 -14.33 -46.99 -26.04
CA SER L 100 -15.29 -47.74 -25.23
C SER L 100 -15.38 -47.21 -23.81
N ILE L 101 -14.52 -46.27 -23.44
CA ILE L 101 -14.55 -45.66 -22.11
C ILE L 101 -15.62 -44.58 -22.13
N LYS L 102 -16.75 -44.85 -21.49
CA LYS L 102 -17.84 -43.88 -21.43
C LYS L 102 -17.66 -42.96 -20.23
N LYS L 103 -17.62 -41.66 -20.51
CA LYS L 103 -17.47 -40.62 -19.51
C LYS L 103 -18.83 -40.01 -19.21
N PHE L 104 -19.23 -40.00 -17.95
CA PHE L 104 -20.43 -39.24 -17.61
C PHE L 104 -20.23 -38.50 -16.30
N ILE L 105 -21.11 -37.53 -16.07
CA ILE L 105 -21.06 -36.68 -14.89
C ILE L 105 -21.92 -37.30 -13.80
N VAL L 106 -21.31 -37.51 -12.63
CA VAL L 106 -22.03 -37.97 -11.45
C VAL L 106 -22.17 -36.79 -10.50
N ASN L 107 -23.32 -36.71 -9.84
CA ASN L 107 -23.56 -35.65 -8.88
C ASN L 107 -23.32 -36.15 -7.46
N SER L 108 -22.70 -35.30 -6.66
CA SER L 108 -22.32 -35.62 -5.28
C SER L 108 -22.58 -34.39 -4.42
N PRO L 109 -22.79 -34.59 -3.11
CA PRO L 109 -22.84 -33.43 -2.21
C PRO L 109 -21.57 -32.60 -2.24
N THR L 110 -20.43 -33.20 -2.58
CA THR L 110 -19.20 -32.45 -2.77
C THR L 110 -19.25 -31.66 -4.08
N GLY L 111 -19.43 -32.36 -5.20
CA GLY L 111 -19.52 -31.70 -6.48
C GLY L 111 -19.59 -32.65 -7.67
N LYS L 112 -19.68 -32.09 -8.87
CA LYS L 112 -19.73 -32.88 -10.10
C LYS L 112 -18.43 -33.65 -10.26
N GLN L 113 -18.52 -34.90 -10.73
CA GLN L 113 -17.33 -35.69 -11.00
C GLN L 113 -17.48 -36.42 -12.33
N LEU L 114 -16.50 -36.26 -13.21
CA LEU L 114 -16.41 -37.08 -14.41
C LEU L 114 -16.00 -38.49 -14.02
N ILE L 115 -16.71 -39.48 -14.54
CA ILE L 115 -16.49 -40.88 -14.19
C ILE L 115 -16.38 -41.69 -15.48
N SER L 116 -15.38 -42.57 -15.52
CA SER L 116 -15.15 -43.49 -16.63
C SER L 116 -15.98 -44.75 -16.40
N ASP L 117 -16.59 -45.26 -17.47
CA ASP L 117 -17.33 -46.51 -17.41
C ASP L 117 -16.96 -47.39 -18.59
N ALA L 118 -16.71 -48.67 -18.32
CA ALA L 118 -16.43 -49.66 -19.34
C ALA L 118 -16.52 -51.03 -18.68
N LYS L 119 -16.34 -52.07 -19.48
CA LYS L 119 -16.20 -53.41 -18.91
C LYS L 119 -14.93 -53.46 -18.07
N GLN L 120 -15.00 -54.23 -16.98
CA GLN L 120 -13.94 -54.18 -15.97
C GLN L 120 -12.58 -54.58 -16.51
N SER L 121 -12.53 -55.43 -17.54
CA SER L 121 -11.26 -55.82 -18.11
C SER L 121 -10.52 -54.62 -18.69
N ILE L 122 -11.23 -53.77 -19.44
CA ILE L 122 -10.61 -52.56 -20.00
C ILE L 122 -10.22 -51.60 -18.88
N LEU L 123 -11.03 -51.53 -17.82
CA LEU L 123 -10.68 -50.67 -16.69
C LEU L 123 -9.38 -51.10 -16.04
N ASN L 124 -9.20 -52.42 -15.85
CA ASN L 124 -7.96 -52.92 -15.31
C ASN L 124 -6.79 -52.69 -16.25
N LEU L 125 -6.99 -52.90 -17.55
CA LEU L 125 -5.90 -52.70 -18.50
C LEU L 125 -5.46 -51.25 -18.58
N ILE L 126 -6.41 -50.31 -18.55
CA ILE L 126 -6.08 -48.90 -18.64
C ILE L 126 -5.35 -48.44 -17.39
N GLY L 127 -5.80 -48.90 -16.22
CA GLY L 127 -5.20 -48.50 -14.97
C GLY L 127 -4.01 -49.35 -14.57
N VAL L 128 -3.49 -50.13 -15.51
CA VAL L 128 -2.34 -50.98 -15.21
C VAL L 128 -1.15 -50.11 -14.83
N GLY L 129 -0.45 -50.51 -13.78
CA GLY L 129 0.61 -49.70 -13.24
C GLY L 129 0.14 -48.55 -12.37
N ASP L 130 -1.18 -48.40 -12.19
CA ASP L 130 -1.77 -47.32 -11.39
C ASP L 130 -1.34 -45.95 -11.90
N SER L 131 -1.15 -45.83 -13.22
CA SER L 131 -0.72 -44.57 -13.79
C SER L 131 -1.83 -43.53 -13.81
N ASN L 132 -3.07 -43.96 -14.06
CA ASN L 132 -4.16 -43.01 -14.20
C ASN L 132 -4.59 -42.44 -12.86
N THR L 133 -4.61 -43.28 -11.82
CA THR L 133 -5.04 -42.83 -10.51
C THR L 133 -4.04 -41.84 -9.92
N GLU L 134 -4.55 -40.89 -9.14
CA GLU L 134 -3.70 -39.88 -8.53
C GLU L 134 -3.09 -40.43 -7.25
N PHE L 135 -1.90 -39.91 -6.90
CA PHE L 135 -1.17 -40.44 -5.77
C PHE L 135 -1.94 -40.28 -4.47
N SER L 136 -2.84 -39.29 -4.41
CA SER L 136 -3.64 -39.07 -3.20
C SER L 136 -4.53 -40.28 -2.92
N LYS L 137 -5.09 -40.90 -3.96
CA LYS L 137 -5.92 -42.08 -3.76
C LYS L 137 -5.11 -43.23 -3.18
N THR L 138 -3.91 -43.44 -3.70
CA THR L 138 -3.05 -44.53 -3.20
C THR L 138 -2.69 -44.31 -1.74
N LEU L 139 -2.39 -43.07 -1.39
CA LEU L 139 -2.03 -42.76 -0.02
C LEU L 139 -3.24 -42.93 0.89
N LYS L 140 -4.43 -42.63 0.37
CA LYS L 140 -5.65 -42.76 1.15
C LYS L 140 -5.90 -44.21 1.58
N ASP L 141 -5.70 -45.16 0.67
CA ASP L 141 -6.00 -46.55 1.01
C ASP L 141 -4.94 -47.18 1.94
N CYS L 142 -3.79 -46.55 2.04
CA CYS L 142 -2.75 -47.07 2.93
C CYS L 142 -2.67 -46.29 4.22
N ILE L 143 -3.53 -45.30 4.39
CA ILE L 143 -3.56 -44.53 5.63
C ILE L 143 -3.86 -45.45 6.81
N GLY L 144 -4.80 -46.37 6.65
CA GLY L 144 -5.11 -47.31 7.71
C GLY L 144 -4.25 -48.56 7.59
N LYS L 145 -2.99 -48.44 7.96
CA LYS L 145 -2.09 -49.59 7.88
C LYS L 145 -2.39 -50.56 9.02
N VAL L 146 -2.33 -50.07 10.26
CA VAL L 146 -2.64 -50.92 11.40
C VAL L 146 -4.06 -51.45 11.29
N VAL L 147 -4.20 -52.75 11.08
CA VAL L 147 -5.53 -53.33 10.89
C VAL L 147 -6.00 -54.13 12.10
N ASN L 148 -7.18 -53.79 12.60
CA ASN L 148 -7.72 -54.51 13.75
C ASN L 148 -8.00 -55.95 13.40
N PHE L 149 -7.49 -56.86 14.22
CA PHE L 149 -7.67 -58.28 13.97
C PHE L 149 -8.30 -58.78 15.26
N SER L 150 -8.88 -59.97 15.24
CA SER L 150 -9.56 -60.48 16.43
C SER L 150 -8.66 -61.60 16.91
N PHE L 151 -8.66 -61.85 18.21
CA PHE L 151 -7.86 -62.96 18.75
C PHE L 151 -8.78 -64.01 19.36
N ASP L 152 -8.47 -65.29 19.15
CA ASP L 152 -9.25 -66.36 19.76
C ASP L 152 -8.48 -67.01 20.90
N THR M 2 -77.01 11.04 -5.77
CA THR M 2 -78.12 10.81 -6.68
C THR M 2 -77.65 10.68 -8.13
N THR M 3 -78.56 10.75 -9.08
CA THR M 3 -78.12 10.70 -10.45
C THR M 3 -78.23 12.00 -11.24
N GLN M 4 -77.27 12.23 -12.12
CA GLN M 4 -77.25 13.46 -12.88
C GLN M 4 -77.57 13.27 -14.36
N GLU M 5 -78.09 14.32 -14.99
CA GLU M 5 -78.40 14.24 -16.42
C GLU M 5 -77.25 14.79 -17.23
N PHE M 6 -77.04 14.25 -18.42
CA PHE M 6 -75.94 14.69 -19.26
C PHE M 6 -76.47 14.93 -20.66
N LEU M 7 -76.25 16.12 -21.21
CA LEU M 7 -76.77 16.44 -22.52
C LEU M 7 -75.68 16.43 -23.57
N SER M 8 -76.02 16.14 -24.82
CA SER M 8 -75.01 16.02 -25.88
C SER M 8 -74.04 17.16 -25.98
N LYS M 9 -72.75 16.86 -25.90
CA LYS M 9 -71.75 17.90 -26.07
C LYS M 9 -71.15 17.78 -27.45
N ASN M 10 -70.24 18.68 -27.78
CA ASN M 10 -69.59 18.60 -29.08
C ASN M 10 -68.15 18.18 -28.88
N LYS M 11 -67.39 18.95 -28.08
CA LYS M 11 -66.01 18.60 -27.80
C LYS M 11 -65.79 18.58 -26.29
N THR M 12 -65.33 17.46 -25.77
CA THR M 12 -64.98 17.33 -24.36
C THR M 12 -63.73 16.47 -24.25
N ILE M 13 -62.75 16.96 -23.48
CA ILE M 13 -61.45 16.31 -23.41
C ILE M 13 -61.39 14.89 -22.87
N GLU M 14 -62.42 14.48 -22.15
CA GLU M 14 -62.41 13.16 -21.59
C GLU M 14 -62.88 12.11 -22.59
N SER M 15 -63.22 12.55 -23.79
CA SER M 15 -63.58 11.60 -24.83
C SER M 15 -62.36 11.71 -25.69
N GLU M 16 -61.75 12.90 -25.72
CA GLU M 16 -60.56 13.11 -26.52
C GLU M 16 -59.45 12.13 -26.18
N LEU M 17 -59.43 11.63 -24.95
CA LEU M 17 -58.44 10.62 -24.56
C LEU M 17 -58.78 9.27 -25.19
N LEU M 18 -60.06 8.91 -25.18
CA LEU M 18 -60.47 7.60 -25.69
C LEU M 18 -60.68 7.58 -27.20
N ASP M 19 -60.66 8.75 -27.83
CA ASP M 19 -60.90 8.83 -29.27
C ASP M 19 -59.98 7.91 -30.06
N LEU M 20 -58.69 7.96 -29.78
CA LEU M 20 -57.75 7.09 -30.45
C LEU M 20 -57.89 5.65 -29.96
N LEU M 21 -58.31 4.75 -30.84
CA LEU M 21 -58.47 3.35 -30.46
C LEU M 21 -57.88 2.41 -31.50
N ILE M 22 -58.09 2.70 -32.78
CA ILE M 22 -57.57 1.85 -33.84
C ILE M 22 -56.25 2.44 -34.31
N LYS M 23 -55.16 1.73 -34.05
CA LYS M 23 -53.82 2.18 -34.44
C LYS M 23 -53.20 1.12 -35.36
N PRO M 24 -53.29 1.29 -36.67
CA PRO M 24 -52.60 0.36 -37.58
C PRO M 24 -51.09 0.53 -37.49
N ASN M 25 -50.40 -0.52 -37.06
CA ASN M 25 -48.95 -0.49 -36.91
C ASN M 25 -48.36 -1.69 -37.62
N THR M 26 -47.57 -1.44 -38.66
CA THR M 26 -46.93 -2.51 -39.41
C THR M 26 -45.74 -3.04 -38.61
N ASP M 27 -46.00 -3.98 -37.71
CA ASP M 27 -44.97 -4.58 -36.89
C ASP M 27 -44.87 -6.07 -37.24
N ASP M 28 -44.07 -6.79 -36.46
CA ASP M 28 -43.82 -8.21 -36.74
C ASP M 28 -45.12 -9.00 -36.82
N SER M 29 -45.33 -9.65 -37.96
CA SER M 29 -46.48 -10.52 -38.16
C SER M 29 -46.31 -11.31 -39.43
N ILE M 30 -47.24 -12.22 -39.70
CA ILE M 30 -47.11 -13.07 -40.88
C ILE M 30 -46.97 -12.36 -42.24
N LEU M 31 -47.57 -11.18 -42.42
CA LEU M 31 -47.38 -10.47 -43.67
C LEU M 31 -46.21 -9.50 -43.66
N THR M 32 -45.94 -8.87 -42.53
CA THR M 32 -44.87 -7.88 -42.53
C THR M 32 -43.49 -8.48 -42.46
N ARG M 33 -43.34 -9.76 -42.81
CA ARG M 33 -42.03 -10.40 -42.81
C ARG M 33 -41.17 -9.85 -43.93
N ASN M 34 -41.62 -9.99 -45.17
CA ASN M 34 -40.89 -9.54 -46.35
C ASN M 34 -41.24 -8.08 -46.61
N LYS M 35 -40.71 -7.19 -45.77
CA LYS M 35 -40.90 -5.76 -45.94
C LYS M 35 -39.74 -5.08 -46.63
N GLN M 36 -38.56 -5.67 -46.62
CA GLN M 36 -37.37 -5.09 -47.22
C GLN M 36 -37.05 -5.81 -48.53
N ALA M 37 -36.95 -5.05 -49.61
CA ALA M 37 -36.58 -5.58 -50.92
C ALA M 37 -35.26 -4.95 -51.36
N ILE M 38 -34.51 -5.68 -52.17
CA ILE M 38 -33.22 -5.24 -52.66
C ILE M 38 -33.34 -4.88 -54.13
N ALA M 39 -32.72 -3.77 -54.51
CA ALA M 39 -32.77 -3.27 -55.87
C ALA M 39 -31.89 -4.12 -56.78
N ASP M 40 -31.73 -3.67 -58.02
CA ASP M 40 -30.92 -4.42 -58.98
C ASP M 40 -29.43 -4.22 -58.76
N ARG M 41 -29.02 -3.43 -57.77
CA ARG M 41 -27.61 -3.27 -57.47
C ARG M 41 -26.98 -4.55 -56.93
N ASP M 42 -27.78 -5.51 -56.49
CA ASP M 42 -27.30 -6.79 -56.02
C ASP M 42 -28.05 -7.98 -56.59
N LEU M 43 -28.86 -7.76 -57.64
CA LEU M 43 -29.64 -8.85 -58.24
C LEU M 43 -29.11 -9.31 -59.59
N PHE M 44 -29.47 -10.53 -59.99
CA PHE M 44 -29.00 -11.07 -61.27
C PHE M 44 -30.16 -11.37 -62.19
N ASP M 45 -30.27 -10.63 -63.28
CA ASP M 45 -31.32 -10.89 -64.25
C ASP M 45 -30.99 -12.08 -65.12
N ILE M 46 -31.61 -13.22 -64.84
CA ILE M 46 -31.33 -14.45 -65.59
C ILE M 46 -32.55 -14.90 -66.38
N GLU M 47 -32.39 -15.84 -67.31
CA GLU M 47 -33.52 -16.40 -68.03
C GLU M 47 -33.81 -17.81 -67.56
N TRP M 48 -35.06 -18.22 -67.72
CA TRP M 48 -35.50 -19.56 -67.32
C TRP M 48 -35.31 -20.51 -68.50
N GLU M 49 -34.44 -21.49 -68.33
CA GLU M 49 -34.09 -22.45 -69.38
C GLU M 49 -34.68 -23.80 -69.02
N PRO M 50 -34.91 -24.70 -69.98
CA PRO M 50 -35.30 -26.06 -69.62
C PRO M 50 -34.26 -26.73 -68.74
N GLY M 51 -34.75 -27.49 -67.77
CA GLY M 51 -33.88 -28.10 -66.79
C GLY M 51 -33.46 -27.19 -65.66
N GLN M 52 -34.02 -25.99 -65.56
CA GLN M 52 -33.72 -25.07 -64.48
C GLN M 52 -34.70 -25.27 -63.33
N SER M 53 -34.22 -25.01 -62.11
CA SER M 53 -35.03 -25.11 -60.92
C SER M 53 -34.47 -24.13 -59.89
N LEU M 54 -35.30 -23.78 -58.91
CA LEU M 54 -34.85 -22.92 -57.82
C LEU M 54 -33.75 -23.56 -57.00
N ASN M 55 -33.79 -24.89 -56.85
CA ASN M 55 -32.72 -25.60 -56.15
C ASN M 55 -31.40 -25.45 -56.89
N LYS M 56 -31.42 -25.60 -58.22
CA LYS M 56 -30.19 -25.45 -59.00
C LYS M 56 -29.65 -24.03 -58.93
N LEU M 57 -30.52 -23.03 -59.04
CA LEU M 57 -30.07 -21.65 -58.95
C LEU M 57 -29.49 -21.34 -57.58
N ALA M 58 -30.13 -21.83 -56.51
CA ALA M 58 -29.58 -21.65 -55.18
C ALA M 58 -28.24 -22.34 -55.01
N THR M 59 -28.09 -23.55 -55.54
CA THR M 59 -26.83 -24.27 -55.44
C THR M 59 -25.72 -23.57 -56.21
N GLU M 60 -26.02 -23.07 -57.41
CA GLU M 60 -24.98 -22.46 -58.23
C GLU M 60 -24.62 -21.06 -57.71
N TYR M 61 -25.60 -20.15 -57.68
CA TYR M 61 -25.29 -18.76 -57.39
C TYR M 61 -25.03 -18.52 -55.91
N LEU M 62 -25.76 -19.21 -55.03
CA LEU M 62 -25.65 -18.97 -53.60
C LEU M 62 -24.89 -20.06 -52.86
N GLY M 63 -24.75 -21.25 -53.44
CA GLY M 63 -23.99 -22.32 -52.83
C GLY M 63 -24.71 -23.11 -51.76
N ASP M 64 -25.96 -22.76 -51.45
CA ASP M 64 -26.73 -23.46 -50.43
C ASP M 64 -28.04 -23.94 -51.02
N SER M 65 -28.34 -25.22 -50.82
CA SER M 65 -29.54 -25.81 -51.39
C SER M 65 -30.81 -25.22 -50.80
N PHE M 66 -30.79 -24.88 -49.51
CA PHE M 66 -31.96 -24.33 -48.84
C PHE M 66 -32.03 -22.81 -48.93
N ALA M 67 -31.15 -22.19 -49.71
CA ALA M 67 -31.18 -20.76 -49.92
C ALA M 67 -32.18 -20.35 -50.99
N TRP M 68 -32.89 -21.32 -51.59
CA TRP M 68 -33.81 -21.01 -52.67
C TRP M 68 -34.91 -20.06 -52.26
N GLN M 69 -35.31 -20.07 -50.98
CA GLN M 69 -36.30 -19.10 -50.53
C GLN M 69 -35.84 -17.68 -50.77
N ILE M 70 -34.55 -17.40 -50.56
CA ILE M 70 -34.00 -16.09 -50.83
C ILE M 70 -34.25 -15.70 -52.28
N ILE M 71 -34.10 -16.65 -53.21
CA ILE M 71 -34.44 -16.39 -54.60
C ILE M 71 -35.94 -16.14 -54.72
N ALA M 72 -36.77 -17.00 -54.12
CA ALA M 72 -38.21 -16.85 -54.25
C ALA M 72 -38.69 -15.53 -53.66
N ASP M 73 -38.21 -15.17 -52.46
CA ASP M 73 -38.54 -13.88 -51.88
C ASP M 73 -38.11 -12.74 -52.79
N ALA M 74 -37.04 -12.93 -53.56
CA ALA M 74 -36.59 -11.88 -54.47
C ALA M 74 -37.50 -11.70 -55.66
N ASN M 75 -38.34 -12.69 -55.97
CA ASN M 75 -39.19 -12.62 -57.15
C ASN M 75 -40.68 -12.60 -56.84
N GLY M 76 -41.07 -12.87 -55.60
CA GLY M 76 -42.48 -12.87 -55.25
C GLY M 76 -43.31 -13.85 -56.04
N ILE M 77 -42.81 -15.06 -56.23
CA ILE M 77 -43.48 -16.08 -57.03
C ILE M 77 -43.73 -17.30 -56.16
N ASP M 78 -44.72 -18.08 -56.53
CA ASP M 78 -44.96 -19.36 -55.88
C ASP M 78 -44.04 -20.41 -56.49
N PRO M 79 -43.15 -21.02 -55.71
CA PRO M 79 -42.27 -22.05 -56.29
C PRO M 79 -43.03 -23.23 -56.88
N THR M 80 -44.19 -23.58 -56.33
CA THR M 80 -44.97 -24.69 -56.84
C THR M 80 -45.69 -24.38 -58.13
N LYS M 81 -45.70 -23.12 -58.56
CA LYS M 81 -46.34 -22.75 -59.82
C LYS M 81 -45.31 -22.67 -60.93
N GLU M 82 -45.73 -23.07 -62.13
CA GLU M 82 -44.82 -23.31 -63.24
C GLU M 82 -44.29 -21.99 -63.79
N ILE M 83 -42.97 -21.91 -63.96
CA ILE M 83 -42.33 -20.75 -64.56
C ILE M 83 -42.12 -21.03 -66.04
N ASP M 84 -42.51 -20.09 -66.88
CA ASP M 84 -42.38 -20.26 -68.32
C ASP M 84 -40.92 -20.19 -68.74
N ILE M 85 -40.60 -20.86 -69.84
CA ILE M 85 -39.23 -20.85 -70.35
C ILE M 85 -38.91 -19.49 -70.97
N GLY M 86 -37.74 -18.97 -70.60
CA GLY M 86 -37.36 -17.64 -71.08
C GLY M 86 -37.92 -16.52 -70.23
N ALA M 87 -38.28 -16.81 -68.99
CA ALA M 87 -38.80 -15.82 -68.07
C ALA M 87 -37.67 -15.28 -67.19
N GLY M 88 -37.74 -13.99 -66.90
CA GLY M 88 -36.68 -13.31 -66.17
C GLY M 88 -36.83 -13.46 -64.68
N LEU M 89 -35.87 -14.14 -64.07
CA LEU M 89 -35.80 -14.28 -62.62
C LEU M 89 -34.66 -13.43 -62.07
N LYS M 90 -34.82 -13.01 -60.83
CA LYS M 90 -33.81 -12.21 -60.13
C LYS M 90 -33.17 -13.08 -59.07
N VAL M 91 -31.87 -13.28 -59.18
CA VAL M 91 -31.10 -14.08 -58.24
C VAL M 91 -30.23 -13.14 -57.42
N PRO M 92 -30.38 -13.09 -56.10
CA PRO M 92 -29.48 -12.26 -55.29
C PRO M 92 -28.06 -12.76 -55.36
N ASP M 93 -27.11 -11.84 -55.21
CA ASP M 93 -25.71 -12.22 -55.16
C ASP M 93 -25.25 -12.41 -53.72
N GLN M 94 -24.35 -13.38 -53.53
CA GLN M 94 -23.88 -13.68 -52.18
C GLN M 94 -23.01 -12.55 -51.64
N LYS M 95 -22.32 -11.84 -52.52
CA LYS M 95 -21.38 -10.80 -52.08
C LYS M 95 -22.10 -9.67 -51.34
N ALA M 96 -23.24 -9.23 -51.86
CA ALA M 96 -24.01 -8.14 -51.25
C ALA M 96 -25.29 -8.73 -50.67
N LEU M 97 -25.20 -9.23 -49.44
CA LEU M 97 -26.36 -9.78 -48.74
C LEU M 97 -26.19 -9.58 -47.24
N GLU M 98 -27.33 -9.50 -46.56
CA GLU M 98 -27.33 -9.45 -45.10
C GLU M 98 -27.13 -10.85 -44.55
N ASN M 99 -26.05 -11.03 -43.79
CA ASN M 99 -25.71 -12.35 -43.26
C ASN M 99 -26.81 -12.83 -42.33
N SER M 100 -27.26 -14.06 -42.53
CA SER M 100 -28.29 -14.67 -41.70
C SER M 100 -27.60 -15.48 -40.60
N ILE M 101 -26.78 -14.80 -39.80
CA ILE M 101 -26.09 -15.43 -38.69
C ILE M 101 -26.85 -15.12 -37.42
N LYS M 102 -27.18 -16.16 -36.66
CA LYS M 102 -27.96 -16.03 -35.45
C LYS M 102 -27.12 -15.37 -34.36
N LYS M 103 -27.66 -14.33 -33.73
CA LYS M 103 -26.97 -13.63 -32.66
C LYS M 103 -27.41 -14.15 -31.30
N PHE M 104 -26.44 -14.45 -30.45
CA PHE M 104 -26.71 -14.98 -29.12
C PHE M 104 -26.01 -14.13 -28.08
N ILE M 105 -26.49 -14.23 -26.84
CA ILE M 105 -25.73 -13.81 -25.68
C ILE M 105 -25.28 -15.07 -24.96
N VAL M 106 -23.98 -15.36 -25.01
CA VAL M 106 -23.47 -16.60 -24.45
C VAL M 106 -23.50 -16.62 -22.94
N ASN M 107 -23.55 -15.47 -22.29
CA ASN M 107 -23.65 -15.37 -20.84
C ASN M 107 -24.92 -14.62 -20.47
N SER M 108 -25.96 -15.38 -20.16
CA SER M 108 -27.26 -14.80 -19.83
C SER M 108 -27.75 -15.47 -18.56
N PRO M 109 -28.72 -14.86 -17.86
CA PRO M 109 -29.36 -15.54 -16.74
C PRO M 109 -30.03 -16.84 -17.11
N THR M 110 -30.41 -17.01 -18.38
CA THR M 110 -30.93 -18.28 -18.87
C THR M 110 -29.88 -19.09 -19.62
N GLY M 111 -28.61 -18.68 -19.57
CA GLY M 111 -27.55 -19.39 -20.23
C GLY M 111 -27.29 -18.95 -21.66
N LYS M 112 -28.23 -19.17 -22.57
CA LYS M 112 -28.09 -18.79 -23.97
C LYS M 112 -29.46 -18.38 -24.49
N GLN M 113 -29.49 -17.36 -25.32
CA GLN M 113 -30.76 -16.88 -25.82
C GLN M 113 -30.55 -16.16 -27.15
N LEU M 114 -31.59 -16.20 -27.97
CA LEU M 114 -31.57 -15.54 -29.27
C LEU M 114 -31.91 -14.07 -29.14
N ILE M 115 -31.33 -13.25 -30.02
CA ILE M 115 -31.69 -11.85 -30.16
C ILE M 115 -31.70 -11.51 -31.64
N SER M 116 -32.64 -10.66 -32.04
CA SER M 116 -32.80 -10.30 -33.43
C SER M 116 -32.16 -8.97 -33.80
N ASP M 117 -32.10 -8.02 -32.87
CA ASP M 117 -31.59 -6.68 -33.14
C ASP M 117 -30.50 -6.29 -32.16
N ALA M 118 -30.55 -6.81 -30.93
CA ALA M 118 -29.63 -6.50 -29.83
C ALA M 118 -29.81 -5.07 -29.33
N LYS M 119 -30.91 -4.43 -29.70
CA LYS M 119 -31.28 -3.13 -29.14
C LYS M 119 -32.51 -3.20 -28.26
N GLN M 120 -33.39 -4.17 -28.48
CA GLN M 120 -34.47 -4.48 -27.54
C GLN M 120 -34.14 -5.68 -26.65
N SER M 121 -32.86 -5.85 -26.30
CA SER M 121 -32.42 -6.91 -25.42
C SER M 121 -31.91 -6.32 -24.11
N ILE M 122 -31.35 -7.17 -23.26
CA ILE M 122 -30.75 -6.73 -22.01
C ILE M 122 -29.41 -6.06 -22.23
N LEU M 123 -28.94 -6.01 -23.46
CA LEU M 123 -27.65 -5.39 -23.76
C LEU M 123 -27.81 -3.91 -24.01
N ASN M 124 -29.06 -3.45 -24.04
CA ASN M 124 -29.29 -2.02 -24.21
C ASN M 124 -29.05 -1.31 -22.90
N LEU M 125 -28.12 -0.36 -22.90
CA LEU M 125 -27.77 0.35 -21.68
C LEU M 125 -28.26 1.76 -21.83
N ILE M 126 -29.17 1.98 -22.75
CA ILE M 126 -29.65 3.34 -23.02
C ILE M 126 -30.28 4.01 -21.79
N GLY M 127 -30.63 3.23 -20.77
CA GLY M 127 -31.20 3.84 -19.59
C GLY M 127 -30.34 3.75 -18.34
N VAL M 128 -29.13 3.22 -18.44
CA VAL M 128 -28.28 3.01 -17.28
C VAL M 128 -27.66 4.34 -16.85
N GLY M 129 -27.80 4.66 -15.56
CA GLY M 129 -27.28 5.91 -15.06
C GLY M 129 -28.01 7.13 -15.57
N ASP M 130 -29.28 6.99 -15.93
CA ASP M 130 -30.03 8.07 -16.55
C ASP M 130 -30.29 9.20 -15.56
N SER M 131 -29.91 10.41 -15.92
CA SER M 131 -30.28 11.62 -15.18
C SER M 131 -31.36 12.33 -16.00
N ASN M 132 -32.62 12.24 -15.58
CA ASN M 132 -33.74 12.78 -16.38
C ASN M 132 -33.72 14.23 -16.83
N THR M 133 -32.60 14.93 -16.67
CA THR M 133 -32.49 16.29 -17.15
C THR M 133 -32.64 16.32 -18.66
N GLU M 134 -33.26 17.36 -19.19
CA GLU M 134 -33.47 17.48 -20.63
C GLU M 134 -32.18 17.34 -21.41
N PHE M 135 -31.12 17.97 -20.93
CA PHE M 135 -29.83 17.91 -21.61
C PHE M 135 -29.38 16.51 -21.97
N SER M 136 -29.54 15.54 -21.06
CA SER M 136 -28.97 14.23 -21.36
C SER M 136 -29.80 13.52 -22.44
N LYS M 137 -31.11 13.77 -22.46
CA LYS M 137 -31.97 13.13 -23.45
C LYS M 137 -31.61 13.57 -24.87
N THR M 138 -31.36 14.86 -25.07
CA THR M 138 -30.99 15.34 -26.39
C THR M 138 -29.68 14.72 -26.87
N LEU M 139 -28.71 14.57 -25.99
CA LEU M 139 -27.44 13.95 -26.34
C LEU M 139 -27.55 12.43 -26.51
N LYS M 140 -28.51 11.79 -25.82
CA LYS M 140 -28.87 10.41 -26.15
C LYS M 140 -29.39 10.29 -27.57
N ASP M 141 -30.25 11.23 -27.98
CA ASP M 141 -30.83 11.18 -29.32
C ASP M 141 -29.82 11.40 -30.44
N CYS M 142 -28.85 12.29 -30.27
CA CYS M 142 -27.92 12.58 -31.35
C CYS M 142 -26.81 11.54 -31.42
N ILE M 143 -26.15 11.26 -30.30
CA ILE M 143 -24.98 10.39 -30.28
C ILE M 143 -25.16 9.18 -29.37
N GLY M 144 -26.12 9.20 -28.45
CA GLY M 144 -26.28 8.08 -27.54
C GLY M 144 -25.35 8.10 -26.36
N LYS M 145 -24.99 9.28 -25.87
CA LYS M 145 -24.11 9.40 -24.71
C LYS M 145 -24.85 8.88 -23.47
N VAL M 146 -24.37 7.77 -22.91
CA VAL M 146 -25.01 7.15 -21.77
C VAL M 146 -24.43 7.69 -20.47
N VAL M 147 -23.11 7.66 -20.33
CA VAL M 147 -22.43 8.02 -19.10
C VAL M 147 -21.77 9.38 -19.28
N ASN M 148 -21.67 10.14 -18.19
CA ASN M 148 -20.97 11.41 -18.22
C ASN M 148 -19.52 11.22 -17.77
N PHE M 149 -18.59 11.73 -18.55
CA PHE M 149 -17.18 11.46 -18.33
C PHE M 149 -16.62 12.19 -17.10
N SER M 150 -17.40 13.16 -16.63
CA SER M 150 -17.01 13.96 -15.49
C SER M 150 -18.16 14.23 -14.52
N PHE M 151 -17.86 14.62 -13.28
CA PHE M 151 -18.88 14.97 -12.29
C PHE M 151 -18.26 15.97 -11.32
N ASP M 152 -17.07 16.47 -11.65
CA ASP M 152 -16.33 17.39 -10.77
C ASP M 152 -17.03 18.61 -10.17
N ASN M 153 -16.67 18.94 -8.94
CA ASN M 153 -17.21 20.16 -8.33
C ASN M 153 -16.45 21.32 -8.94
N THR M 154 -15.11 21.31 -8.85
CA THR M 154 -14.31 22.36 -9.48
C THR M 154 -14.89 23.76 -9.35
N THR N 2 -36.63 67.63 -4.59
CA THR N 2 -37.35 68.89 -4.72
C THR N 2 -36.74 69.72 -5.85
N THR N 3 -37.41 70.80 -6.23
CA THR N 3 -36.90 71.68 -7.27
C THR N 3 -35.47 72.07 -7.02
N GLN N 4 -34.55 71.60 -7.86
CA GLN N 4 -33.14 71.88 -7.65
C GLN N 4 -32.59 72.70 -8.80
N GLU N 5 -32.06 73.89 -8.49
CA GLU N 5 -31.55 74.78 -9.52
C GLU N 5 -30.17 74.35 -9.98
N PHE N 6 -30.00 74.22 -11.29
CA PHE N 6 -28.71 73.83 -11.85
C PHE N 6 -28.34 74.75 -13.00
N LEU N 7 -27.28 75.53 -12.82
CA LEU N 7 -26.83 76.44 -13.88
C LEU N 7 -25.72 75.81 -14.71
N SER N 8 -25.59 76.23 -15.96
CA SER N 8 -24.60 75.65 -16.87
C SER N 8 -23.17 75.57 -16.38
N LYS N 9 -22.57 74.39 -16.44
CA LYS N 9 -21.19 74.24 -16.05
C LYS N 9 -20.33 74.20 -17.30
N ASN N 10 -19.03 74.28 -17.12
CA ASN N 10 -18.13 74.21 -18.26
C ASN N 10 -17.76 72.75 -18.47
N LYS N 11 -17.17 72.12 -17.46
CA LYS N 11 -16.79 70.71 -17.56
C LYS N 11 -16.74 70.10 -16.17
N THR N 12 -17.28 68.89 -16.02
CA THR N 12 -17.23 68.21 -14.73
C THR N 12 -16.90 66.74 -14.89
N ILE N 13 -16.63 66.06 -13.78
CA ILE N 13 -16.34 64.62 -13.83
C ILE N 13 -17.60 63.83 -14.13
N GLU N 14 -18.76 64.41 -13.82
CA GLU N 14 -20.03 63.73 -14.07
C GLU N 14 -20.48 63.85 -15.51
N SER N 15 -19.68 64.49 -16.36
CA SER N 15 -20.01 64.55 -17.77
C SER N 15 -19.35 63.32 -18.35
N GLU N 16 -18.27 62.87 -17.73
CA GLU N 16 -17.53 61.72 -18.24
C GLU N 16 -18.42 60.51 -18.50
N LEU N 17 -19.41 60.28 -17.63
CA LEU N 17 -20.25 59.10 -17.78
C LEU N 17 -21.13 59.19 -19.02
N LEU N 18 -21.46 60.40 -19.48
CA LEU N 18 -22.27 60.60 -20.66
C LEU N 18 -21.50 61.26 -21.80
N ASP N 19 -20.16 61.17 -21.78
CA ASP N 19 -19.37 61.88 -22.78
C ASP N 19 -19.12 61.02 -24.01
N LEU N 20 -18.49 59.87 -23.82
CA LEU N 20 -18.13 59.00 -24.94
C LEU N 20 -19.19 57.92 -25.11
N LEU N 21 -19.91 57.96 -26.24
CA LEU N 21 -20.95 57.00 -26.56
C LEU N 21 -20.78 56.36 -27.92
N ILE N 22 -20.30 57.10 -28.91
CA ILE N 22 -20.09 56.55 -30.25
C ILE N 22 -18.75 55.82 -30.27
N LYS N 23 -18.79 54.51 -30.47
CA LYS N 23 -17.59 53.69 -30.42
C LYS N 23 -17.34 53.04 -31.78
N PRO N 24 -16.48 53.61 -32.61
CA PRO N 24 -16.17 52.98 -33.90
C PRO N 24 -15.35 51.72 -33.70
N ASN N 25 -15.97 50.57 -33.97
CA ASN N 25 -15.33 49.28 -33.83
C ASN N 25 -15.40 48.53 -35.15
N THR N 26 -14.35 47.77 -35.43
CA THR N 26 -14.30 46.91 -36.62
C THR N 26 -14.32 45.46 -36.18
N ASP N 27 -15.51 44.94 -35.91
CA ASP N 27 -15.71 43.54 -35.58
C ASP N 27 -16.25 42.82 -36.80
N ASP N 28 -16.64 41.56 -36.60
CA ASP N 28 -17.12 40.72 -37.69
C ASP N 28 -18.38 41.29 -38.29
N SER N 29 -18.30 41.71 -39.55
CA SER N 29 -19.43 42.22 -40.30
C SER N 29 -19.09 42.14 -41.78
N ILE N 30 -20.09 42.42 -42.63
CA ILE N 30 -19.91 42.25 -44.07
C ILE N 30 -18.77 43.12 -44.59
N LEU N 31 -18.56 44.28 -43.99
CA LEU N 31 -17.54 45.21 -44.43
C LEU N 31 -16.20 45.00 -43.73
N THR N 32 -16.03 43.89 -43.02
CA THR N 32 -14.76 43.58 -42.37
C THR N 32 -14.28 42.17 -42.68
N ARG N 33 -14.98 41.44 -43.56
CA ARG N 33 -14.56 40.09 -43.91
C ARG N 33 -13.25 40.11 -44.70
N ASN N 34 -13.04 41.14 -45.51
CA ASN N 34 -11.87 41.22 -46.38
C ASN N 34 -10.82 42.20 -45.86
N LYS N 35 -10.71 42.36 -44.54
CA LYS N 35 -9.70 43.25 -43.98
C LYS N 35 -8.29 42.75 -44.29
N GLN N 36 -8.02 41.49 -43.98
CA GLN N 36 -6.70 40.93 -44.16
C GLN N 36 -6.39 40.73 -45.64
N ALA N 37 -5.10 40.81 -45.99
CA ALA N 37 -4.71 40.67 -47.39
C ALA N 37 -3.52 39.74 -47.58
N ILE N 38 -3.57 38.92 -48.63
CA ILE N 38 -2.43 38.06 -48.92
C ILE N 38 -1.31 38.94 -49.46
N ALA N 39 -0.07 38.63 -49.08
CA ALA N 39 1.06 39.43 -49.55
C ALA N 39 1.44 39.04 -50.96
N ASP N 40 2.19 39.89 -51.65
CA ASP N 40 2.56 39.61 -53.04
C ASP N 40 3.52 38.44 -53.19
N ARG N 41 4.23 38.09 -52.11
CA ARG N 41 5.09 36.92 -52.15
C ARG N 41 4.21 35.69 -52.25
N ASP N 42 3.02 35.75 -51.69
CA ASP N 42 2.08 34.65 -51.77
C ASP N 42 1.17 34.77 -52.98
N LEU N 43 1.24 35.90 -53.67
CA LEU N 43 0.38 36.11 -54.83
C LEU N 43 1.12 35.85 -56.12
N PHE N 44 0.44 36.00 -57.25
CA PHE N 44 1.06 35.68 -58.53
C PHE N 44 0.68 36.57 -59.68
N ASP N 45 1.58 37.44 -60.07
CA ASP N 45 1.32 38.35 -61.18
C ASP N 45 1.22 37.64 -62.53
N ILE N 46 0.01 37.24 -62.90
CA ILE N 46 -0.20 36.59 -64.19
C ILE N 46 -0.81 37.59 -65.16
N GLU N 47 -1.19 37.13 -66.35
CA GLU N 47 -1.83 38.00 -67.33
C GLU N 47 -3.18 37.47 -67.76
N TRP N 48 -3.97 38.29 -68.44
CA TRP N 48 -5.25 37.81 -68.94
C TRP N 48 -5.15 37.36 -70.37
N GLU N 49 -5.47 36.10 -70.61
CA GLU N 49 -5.37 35.55 -71.95
C GLU N 49 -6.75 35.18 -72.45
N PRO N 50 -6.91 35.10 -73.79
CA PRO N 50 -8.21 34.66 -74.31
C PRO N 50 -8.54 33.24 -73.86
N GLY N 51 -9.75 33.04 -73.36
CA GLY N 51 -10.17 31.71 -72.95
C GLY N 51 -9.97 31.45 -71.48
N GLN N 52 -9.47 32.45 -70.75
CA GLN N 52 -9.27 32.28 -69.32
C GLN N 52 -10.53 32.69 -68.55
N SER N 53 -10.72 32.05 -67.39
CA SER N 53 -11.78 32.38 -66.46
C SER N 53 -11.25 32.17 -65.06
N LEU N 54 -11.96 32.71 -64.07
CA LEU N 54 -11.56 32.48 -62.68
C LEU N 54 -11.70 31.03 -62.27
N ASN N 55 -12.63 30.28 -62.88
CA ASN N 55 -12.71 28.86 -62.62
C ASN N 55 -11.44 28.13 -63.03
N LYS N 56 -10.92 28.44 -64.22
CA LYS N 56 -9.69 27.81 -64.68
C LYS N 56 -8.52 28.18 -63.79
N LEU N 57 -8.42 29.46 -63.39
CA LEU N 57 -7.33 29.88 -62.51
C LEU N 57 -7.41 29.19 -61.16
N ALA N 58 -8.61 29.05 -60.61
CA ALA N 58 -8.76 28.35 -59.34
C ALA N 58 -8.43 26.86 -59.47
N THR N 59 -8.77 26.26 -60.61
CA THR N 59 -8.50 24.84 -60.79
C THR N 59 -7.01 24.57 -60.98
N GLU N 60 -6.35 25.30 -61.88
CA GLU N 60 -4.96 25.03 -62.20
C GLU N 60 -4.11 25.32 -60.98
N TYR N 61 -4.24 26.51 -60.40
CA TYR N 61 -3.34 26.93 -59.33
C TYR N 61 -3.72 26.48 -57.92
N LEU N 62 -5.01 26.42 -57.61
CA LEU N 62 -5.46 26.07 -56.28
C LEU N 62 -6.07 24.68 -56.19
N GLY N 63 -6.28 24.01 -57.31
CA GLY N 63 -6.75 22.64 -57.31
C GLY N 63 -8.23 22.47 -56.99
N ASP N 64 -8.97 23.55 -56.78
CA ASP N 64 -10.37 23.49 -56.42
C ASP N 64 -11.14 24.54 -57.21
N SER N 65 -12.28 24.14 -57.76
CA SER N 65 -13.05 25.04 -58.62
C SER N 65 -13.75 26.14 -57.83
N PHE N 66 -14.12 25.88 -56.58
CA PHE N 66 -14.81 26.86 -55.77
C PHE N 66 -13.86 27.81 -55.05
N ALA N 67 -12.55 27.66 -55.28
CA ALA N 67 -11.55 28.53 -54.67
C ALA N 67 -11.45 29.89 -55.36
N TRP N 68 -12.14 30.07 -56.48
CA TRP N 68 -12.09 31.33 -57.22
C TRP N 68 -12.46 32.53 -56.35
N GLN N 69 -13.35 32.35 -55.37
CA GLN N 69 -13.72 33.44 -54.48
C GLN N 69 -12.49 34.05 -53.83
N ILE N 70 -11.49 33.24 -53.50
CA ILE N 70 -10.25 33.79 -52.96
C ILE N 70 -9.57 34.68 -53.97
N ILE N 71 -9.42 34.20 -55.21
CA ILE N 71 -8.70 34.96 -56.23
C ILE N 71 -9.33 36.33 -56.42
N ALA N 72 -10.65 36.36 -56.62
CA ALA N 72 -11.34 37.63 -56.73
C ALA N 72 -11.15 38.48 -55.48
N ASP N 73 -11.24 37.87 -54.29
CA ASP N 73 -11.00 38.62 -53.07
C ASP N 73 -9.56 39.09 -52.97
N ALA N 74 -8.63 38.37 -53.62
CA ALA N 74 -7.25 38.82 -53.66
C ALA N 74 -7.03 39.94 -54.67
N ASN N 75 -8.00 40.21 -55.54
CA ASN N 75 -7.85 41.21 -56.58
C ASN N 75 -8.88 42.32 -56.51
N GLY N 76 -9.85 42.25 -55.62
CA GLY N 76 -10.89 43.26 -55.53
C GLY N 76 -11.75 43.38 -56.76
N ILE N 77 -11.91 42.30 -57.54
CA ILE N 77 -12.60 42.38 -58.81
C ILE N 77 -13.96 41.73 -58.70
N ASP N 78 -14.97 42.37 -59.27
CA ASP N 78 -16.30 41.77 -59.40
C ASP N 78 -16.25 40.71 -60.49
N PRO N 79 -16.51 39.44 -60.18
CA PRO N 79 -16.41 38.41 -61.22
C PRO N 79 -17.39 38.60 -62.38
N THR N 80 -18.57 39.16 -62.14
CA THR N 80 -19.53 39.35 -63.22
C THR N 80 -19.06 40.38 -64.23
N LYS N 81 -18.16 41.28 -63.83
CA LYS N 81 -17.64 42.29 -64.74
C LYS N 81 -16.56 41.77 -65.68
N GLU N 82 -16.25 42.53 -66.72
CA GLU N 82 -15.28 42.07 -67.72
C GLU N 82 -13.83 42.34 -67.37
N ILE N 83 -12.97 41.36 -67.62
CA ILE N 83 -11.54 41.57 -67.41
C ILE N 83 -10.90 41.79 -68.77
N ASP N 84 -10.33 42.97 -69.00
CA ASP N 84 -9.71 43.31 -70.28
C ASP N 84 -8.60 42.32 -70.62
N ILE N 85 -8.41 42.10 -71.92
CA ILE N 85 -7.36 41.20 -72.39
C ILE N 85 -6.02 41.90 -72.21
N GLY N 86 -5.14 41.27 -71.44
CA GLY N 86 -3.87 41.87 -71.09
C GLY N 86 -3.83 42.51 -69.71
N ALA N 87 -4.92 42.41 -68.96
CA ALA N 87 -4.92 42.92 -67.60
C ALA N 87 -4.26 41.93 -66.65
N GLY N 88 -3.45 42.45 -65.74
CA GLY N 88 -2.74 41.63 -64.78
C GLY N 88 -3.66 41.17 -63.66
N LEU N 89 -3.37 39.98 -63.13
CA LEU N 89 -4.11 39.42 -62.02
C LEU N 89 -3.15 38.78 -61.04
N LYS N 90 -3.59 38.63 -59.79
CA LYS N 90 -2.80 38.01 -58.75
C LYS N 90 -3.48 36.73 -58.30
N VAL N 91 -2.77 35.61 -58.39
CA VAL N 91 -3.29 34.30 -58.04
C VAL N 91 -2.56 33.81 -56.79
N PRO N 92 -3.27 33.43 -55.74
CA PRO N 92 -2.58 32.90 -54.55
C PRO N 92 -1.99 31.52 -54.81
N ASP N 93 -0.92 31.21 -54.10
CA ASP N 93 -0.36 29.89 -54.11
C ASP N 93 -1.16 28.96 -53.21
N GLN N 94 -0.98 27.66 -53.43
CA GLN N 94 -1.55 26.68 -52.51
C GLN N 94 -0.75 26.66 -51.21
N LYS N 95 0.54 26.36 -51.28
CA LYS N 95 1.39 26.27 -50.10
C LYS N 95 1.64 27.62 -49.44
N ALA N 96 1.45 28.72 -50.17
CA ALA N 96 1.65 30.04 -49.57
C ALA N 96 0.35 30.70 -49.14
N LEU N 97 -0.77 29.96 -49.16
CA LEU N 97 -2.01 30.47 -48.61
C LEU N 97 -2.11 30.24 -47.11
N GLU N 98 -1.29 29.35 -46.56
CA GLU N 98 -1.39 29.03 -45.14
C GLU N 98 -0.69 30.05 -44.26
N ASN N 99 0.27 30.80 -44.81
CA ASN N 99 0.98 31.82 -44.05
C ASN N 99 0.23 33.14 -44.00
N SER N 100 -0.91 33.23 -44.67
CA SER N 100 -1.83 34.34 -44.47
C SER N 100 -2.71 34.15 -43.26
N ILE N 101 -2.65 32.98 -42.64
CA ILE N 101 -3.41 32.69 -41.42
C ILE N 101 -2.62 33.24 -40.24
N LYS N 102 -3.13 34.31 -39.63
CA LYS N 102 -2.48 34.91 -38.47
C LYS N 102 -3.04 34.30 -37.19
N LYS N 103 -2.14 33.77 -36.36
CA LYS N 103 -2.49 33.17 -35.08
C LYS N 103 -2.12 34.14 -33.96
N PHE N 104 -3.07 34.43 -33.07
CA PHE N 104 -2.72 35.20 -31.89
C PHE N 104 -3.46 34.65 -30.68
N ILE N 105 -2.91 34.92 -29.51
CA ILE N 105 -3.47 34.45 -28.25
C ILE N 105 -4.47 35.48 -27.74
N VAL N 106 -5.72 35.08 -27.63
CA VAL N 106 -6.77 35.93 -27.08
C VAL N 106 -7.03 35.48 -25.65
N ASN N 107 -7.20 36.46 -24.76
CA ASN N 107 -7.39 36.17 -23.34
C ASN N 107 -8.88 36.09 -23.01
N SER N 108 -9.22 35.17 -22.14
CA SER N 108 -10.59 34.97 -21.68
C SER N 108 -10.55 34.63 -20.20
N PRO N 109 -11.65 34.91 -19.47
CA PRO N 109 -11.73 34.41 -18.09
C PRO N 109 -11.59 32.90 -17.98
N THR N 110 -11.95 32.16 -19.02
CA THR N 110 -11.72 30.72 -19.05
C THR N 110 -10.22 30.43 -19.21
N GLY N 111 -9.62 30.93 -20.27
CA GLY N 111 -8.21 30.72 -20.50
C GLY N 111 -7.79 31.27 -21.85
N LYS N 112 -6.48 31.17 -22.11
CA LYS N 112 -5.95 31.61 -23.39
C LYS N 112 -6.51 30.77 -24.53
N GLN N 113 -6.56 31.36 -25.72
CA GLN N 113 -7.05 30.64 -26.91
C GLN N 113 -6.30 31.08 -28.14
N LEU N 114 -5.63 30.15 -28.83
CA LEU N 114 -4.96 30.50 -30.08
C LEU N 114 -6.02 30.65 -31.14
N ILE N 115 -6.15 31.84 -31.73
CA ILE N 115 -7.22 32.08 -32.70
C ILE N 115 -6.74 32.36 -34.11
N SER N 116 -7.26 31.63 -35.09
CA SER N 116 -6.90 31.85 -36.49
C SER N 116 -7.59 33.07 -37.04
N ASP N 117 -6.91 33.79 -37.93
CA ASP N 117 -7.50 35.01 -38.48
C ASP N 117 -7.02 35.32 -39.88
N ALA N 118 -7.95 35.35 -40.82
CA ALA N 118 -7.61 35.72 -42.18
C ALA N 118 -8.88 36.14 -42.86
N LYS N 119 -8.79 36.59 -44.10
CA LYS N 119 -9.97 36.92 -44.88
C LYS N 119 -10.90 35.72 -44.93
N GLN N 120 -12.21 35.99 -44.88
CA GLN N 120 -13.18 34.93 -44.67
C GLN N 120 -13.16 33.88 -45.77
N SER N 121 -12.76 34.24 -46.99
CA SER N 121 -12.68 33.25 -48.07
C SER N 121 -11.69 32.15 -47.74
N ILE N 122 -10.51 32.52 -47.25
CA ILE N 122 -9.51 31.53 -46.89
C ILE N 122 -9.97 30.69 -45.71
N LEU N 123 -10.65 31.32 -44.74
CA LEU N 123 -11.17 30.58 -43.60
C LEU N 123 -12.20 29.54 -44.04
N ASN N 124 -13.08 29.92 -44.96
CA ASN N 124 -14.04 28.95 -45.50
C ASN N 124 -13.35 27.84 -46.28
N LEU N 125 -12.34 28.17 -47.09
CA LEU N 125 -11.64 27.16 -47.86
C LEU N 125 -10.90 26.18 -46.97
N ILE N 126 -10.26 26.67 -45.91
CA ILE N 126 -9.52 25.79 -45.01
C ILE N 126 -10.46 24.88 -44.25
N GLY N 127 -11.61 25.40 -43.83
CA GLY N 127 -12.56 24.63 -43.05
C GLY N 127 -13.58 23.87 -43.88
N VAL N 128 -13.32 23.70 -45.18
CA VAL N 128 -14.26 22.99 -46.03
C VAL N 128 -14.36 21.54 -45.56
N GLY N 129 -15.59 21.03 -45.50
CA GLY N 129 -15.80 19.71 -44.95
C GLY N 129 -15.75 19.63 -43.45
N ASP N 130 -15.65 20.77 -42.76
CA ASP N 130 -15.59 20.83 -41.30
C ASP N 130 -14.41 20.02 -40.75
N SER N 131 -13.30 20.01 -41.49
CA SER N 131 -12.14 19.24 -41.09
C SER N 131 -11.42 19.88 -39.90
N ASN N 132 -11.29 21.21 -39.91
CA ASN N 132 -10.51 21.88 -38.88
C ASN N 132 -11.21 21.84 -37.53
N THR N 133 -12.53 22.06 -37.52
CA THR N 133 -13.27 22.12 -36.27
C THR N 133 -13.35 20.74 -35.62
N GLU N 134 -13.36 20.72 -34.30
CA GLU N 134 -13.48 19.47 -33.56
C GLU N 134 -14.93 19.04 -33.47
N PHE N 135 -15.14 17.75 -33.24
CA PHE N 135 -16.49 17.19 -33.22
C PHE N 135 -17.33 17.79 -32.10
N SER N 136 -16.67 18.29 -31.06
CA SER N 136 -17.40 18.87 -29.94
C SER N 136 -18.20 20.10 -30.38
N LYS N 137 -17.64 20.90 -31.28
CA LYS N 137 -18.36 22.08 -31.77
C LYS N 137 -19.60 21.69 -32.56
N THR N 138 -19.46 20.71 -33.45
CA THR N 138 -20.62 20.26 -34.25
C THR N 138 -21.67 19.63 -33.36
N LEU N 139 -21.24 18.89 -32.32
CA LEU N 139 -22.19 18.33 -31.38
C LEU N 139 -22.90 19.43 -30.60
N LYS N 140 -22.16 20.48 -30.20
CA LYS N 140 -22.75 21.59 -29.49
C LYS N 140 -23.79 22.32 -30.33
N ASP N 141 -23.53 22.45 -31.64
CA ASP N 141 -24.50 23.12 -32.51
C ASP N 141 -25.85 22.42 -32.52
N CYS N 142 -25.88 21.14 -32.17
CA CYS N 142 -27.12 20.37 -32.13
C CYS N 142 -27.62 20.11 -30.72
N ILE N 143 -26.98 20.71 -29.70
CA ILE N 143 -27.54 20.67 -28.36
C ILE N 143 -28.87 21.39 -28.33
N GLY N 144 -28.95 22.54 -29.00
CA GLY N 144 -30.24 23.15 -29.27
C GLY N 144 -30.77 22.57 -30.56
N LYS N 145 -31.60 21.54 -30.43
CA LYS N 145 -32.16 20.86 -31.59
C LYS N 145 -33.54 21.39 -31.88
N VAL N 146 -34.52 21.01 -31.06
CA VAL N 146 -35.89 21.49 -31.22
C VAL N 146 -35.95 22.97 -30.98
N VAL N 147 -36.23 23.75 -32.02
CA VAL N 147 -36.22 25.20 -31.88
C VAL N 147 -37.61 25.76 -31.64
N ASN N 148 -37.67 26.97 -31.10
CA ASN N 148 -38.96 27.58 -30.77
C ASN N 148 -39.48 28.50 -31.87
N PHE N 149 -40.71 28.27 -32.31
CA PHE N 149 -41.30 29.11 -33.34
C PHE N 149 -42.73 29.46 -32.97
N SER N 150 -43.05 30.74 -32.84
CA SER N 150 -44.42 31.13 -32.56
C SER N 150 -45.36 30.64 -33.64
N PHE N 151 -46.52 30.10 -33.25
CA PHE N 151 -47.50 29.61 -34.22
C PHE N 151 -47.85 30.67 -35.24
N ASP N 152 -48.41 31.79 -34.79
CA ASP N 152 -48.80 32.85 -35.71
C ASP N 152 -47.95 34.09 -35.50
N THR O 2 22.81 67.27 30.48
CA THR O 2 23.87 67.72 31.38
C THR O 2 25.22 67.67 30.67
N THR O 3 26.02 68.72 30.86
CA THR O 3 27.32 68.83 30.20
C THR O 3 28.35 67.78 30.60
N GLN O 4 29.27 67.49 29.70
CA GLN O 4 30.30 66.50 29.97
C GLN O 4 31.62 66.94 29.37
N GLU O 5 32.64 67.10 30.20
CA GLU O 5 33.95 67.52 29.71
C GLU O 5 34.77 66.33 29.24
N PHE O 6 35.43 66.48 28.10
CA PHE O 6 36.24 65.40 27.56
C PHE O 6 37.59 65.94 27.13
N LEU O 7 38.66 65.37 27.68
CA LEU O 7 40.01 65.84 27.34
C LEU O 7 40.67 64.94 26.31
N SER O 8 41.64 65.46 25.58
CA SER O 8 42.29 64.69 24.51
C SER O 8 42.85 63.35 24.93
N LYS O 9 42.36 62.27 24.32
CA LYS O 9 42.91 60.95 24.61
C LYS O 9 43.84 60.56 23.48
N ASN O 10 44.30 59.32 23.49
CA ASN O 10 45.23 58.86 22.47
C ASN O 10 44.70 57.63 21.76
N LYS O 11 44.11 56.70 22.51
CA LYS O 11 43.59 55.48 21.92
C LYS O 11 42.37 54.95 22.67
N THR O 12 41.18 55.26 22.18
CA THR O 12 39.97 54.76 22.82
C THR O 12 39.31 53.74 21.91
N ILE O 13 38.81 52.64 22.48
CA ILE O 13 38.14 51.61 21.69
C ILE O 13 37.03 52.19 20.82
N GLU O 14 36.43 53.28 21.26
CA GLU O 14 35.37 53.92 20.49
C GLU O 14 35.87 54.65 19.25
N SER O 15 37.16 54.95 19.16
CA SER O 15 37.69 55.54 17.94
C SER O 15 37.99 54.39 17.03
N GLU O 16 38.48 53.29 17.58
CA GLU O 16 38.68 52.08 16.78
C GLU O 16 37.41 51.69 16.06
N LEU O 17 36.25 52.12 16.54
CA LEU O 17 35.01 51.90 15.80
C LEU O 17 35.04 52.63 14.46
N LEU O 18 35.56 53.85 14.44
CA LEU O 18 35.59 54.68 13.24
C LEU O 18 36.99 54.92 12.70
N ASP O 19 37.97 54.09 13.07
CA ASP O 19 39.35 54.31 12.63
C ASP O 19 39.48 54.18 11.12
N LEU O 20 38.93 53.11 10.54
CA LEU O 20 39.07 52.83 9.12
C LEU O 20 37.81 53.27 8.41
N LEU O 21 37.93 54.32 7.59
CA LEU O 21 36.81 54.82 6.80
C LEU O 21 37.00 54.64 5.30
N ILE O 22 38.25 54.61 4.83
CA ILE O 22 38.55 54.50 3.41
C ILE O 22 38.95 53.06 3.13
N LYS O 23 38.18 52.39 2.27
CA LYS O 23 38.40 50.97 1.97
C LYS O 23 38.54 50.81 0.45
N PRO O 24 39.76 50.92 -0.08
CA PRO O 24 39.95 50.70 -1.51
C PRO O 24 39.72 49.25 -1.91
N ASN O 25 38.78 49.03 -2.81
CA ASN O 25 38.41 47.68 -3.26
C ASN O 25 38.39 47.67 -4.77
N THR O 26 39.09 46.71 -5.37
CA THR O 26 39.13 46.57 -6.82
C THR O 26 37.98 45.69 -7.28
N ASP O 27 36.76 46.22 -7.21
CA ASP O 27 35.58 45.49 -7.63
C ASP O 27 35.19 45.97 -9.02
N ASP O 28 34.05 45.48 -9.51
CA ASP O 28 33.60 45.80 -10.86
C ASP O 28 33.40 47.30 -11.03
N SER O 29 34.12 47.88 -11.99
CA SER O 29 34.03 49.29 -12.32
C SER O 29 34.61 49.48 -13.72
N ILE O 30 34.50 50.70 -14.23
CA ILE O 30 34.99 50.98 -15.58
C ILE O 30 36.49 50.80 -15.68
N LEU O 31 37.21 50.92 -14.56
CA LEU O 31 38.66 50.79 -14.60
C LEU O 31 39.15 49.43 -14.13
N THR O 32 38.24 48.55 -13.71
CA THR O 32 38.58 47.19 -13.34
C THR O 32 37.96 46.14 -14.25
N ARG O 33 37.51 46.55 -15.44
CA ARG O 33 36.89 45.64 -16.39
C ARG O 33 37.87 44.55 -16.76
N ASN O 34 39.00 44.96 -17.34
CA ASN O 34 40.01 43.99 -17.74
C ASN O 34 41.12 43.97 -16.71
N LYS O 35 40.82 43.47 -15.51
CA LYS O 35 41.82 43.37 -14.47
C LYS O 35 42.95 42.46 -14.92
N GLN O 36 42.59 41.28 -15.42
CA GLN O 36 43.59 40.37 -15.92
C GLN O 36 43.41 40.20 -17.42
N ALA O 37 44.28 39.43 -18.06
CA ALA O 37 44.17 39.20 -19.49
C ALA O 37 44.42 37.74 -19.85
N ILE O 38 44.93 37.49 -21.05
CA ILE O 38 45.22 36.13 -21.49
C ILE O 38 46.70 35.86 -21.39
N ALA O 39 47.08 34.58 -21.44
CA ALA O 39 48.48 34.20 -21.35
C ALA O 39 49.19 34.51 -22.66
N ASP O 40 50.47 34.83 -22.60
CA ASP O 40 51.20 35.22 -23.81
C ASP O 40 51.53 34.07 -24.76
N ARG O 41 51.45 32.83 -24.28
CA ARG O 41 51.70 31.69 -25.14
C ARG O 41 50.60 31.54 -26.18
N ASP O 42 49.36 31.77 -25.76
CA ASP O 42 48.24 31.66 -26.68
C ASP O 42 47.90 33.03 -27.28
N LEU O 43 48.59 34.06 -26.82
CA LEU O 43 48.33 35.41 -27.30
C LEU O 43 48.89 35.64 -28.69
N PHE O 44 49.76 34.77 -29.20
CA PHE O 44 50.32 34.88 -30.57
C PHE O 44 51.12 36.13 -30.95
N ASP O 45 51.90 36.09 -32.07
CA ASP O 45 52.51 37.36 -32.42
C ASP O 45 52.56 37.45 -33.94
N ILE O 46 51.94 38.49 -34.49
CA ILE O 46 51.87 38.69 -35.93
C ILE O 46 52.38 40.10 -36.25
N GLU O 47 52.79 40.30 -37.49
CA GLU O 47 53.29 41.60 -37.91
C GLU O 47 52.20 42.39 -38.60
N TRP O 48 52.40 43.71 -38.68
CA TRP O 48 51.43 44.61 -39.26
C TRP O 48 51.85 44.93 -40.70
N GLU O 49 51.14 44.36 -41.66
CA GLU O 49 51.43 44.55 -43.08
C GLU O 49 50.52 45.62 -43.66
N PRO O 50 50.84 46.19 -44.81
CA PRO O 50 49.91 47.11 -45.46
C PRO O 50 48.59 46.42 -45.77
N GLY O 51 47.51 47.19 -45.62
CA GLY O 51 46.18 46.64 -45.82
C GLY O 51 45.65 45.84 -44.65
N GLN O 52 46.28 45.90 -43.49
CA GLN O 52 45.81 45.19 -42.32
C GLN O 52 44.86 46.05 -41.50
N SER O 53 43.96 45.38 -40.79
CA SER O 53 43.00 46.05 -39.91
C SER O 53 42.58 45.05 -38.85
N LEU O 54 42.13 45.59 -37.71
CA LEU O 54 41.62 44.73 -36.64
C LEU O 54 40.40 43.94 -37.08
N ASN O 55 39.57 44.50 -37.96
CA ASN O 55 38.44 43.75 -38.50
C ASN O 55 38.92 42.53 -39.27
N LYS O 56 39.94 42.68 -40.12
CA LYS O 56 40.46 41.56 -40.87
C LYS O 56 41.07 40.50 -39.96
N LEU O 57 41.85 40.91 -38.97
CA LEU O 57 42.45 39.96 -38.04
C LEU O 57 41.39 39.20 -37.26
N ALA O 58 40.35 39.91 -36.80
CA ALA O 58 39.25 39.24 -36.13
C ALA O 58 38.51 38.27 -37.04
N THR O 59 38.31 38.65 -38.31
CA THR O 59 37.62 37.77 -39.25
C THR O 59 38.42 36.51 -39.54
N GLU O 60 39.73 36.63 -39.74
CA GLU O 60 40.52 35.44 -40.06
C GLU O 60 40.78 34.60 -38.82
N TYR O 61 41.45 35.17 -37.81
CA TYR O 61 41.90 34.37 -36.68
C TYR O 61 40.75 33.98 -35.76
N LEU O 62 39.84 34.91 -35.48
CA LEU O 62 38.75 34.65 -34.54
C LEU O 62 37.45 34.27 -35.22
N GLY O 63 37.26 34.60 -36.49
CA GLY O 63 36.08 34.23 -37.22
C GLY O 63 34.88 35.13 -37.05
N ASP O 64 34.97 36.15 -36.18
CA ASP O 64 33.87 37.07 -35.94
C ASP O 64 34.36 38.49 -36.17
N SER O 65 33.60 39.25 -36.96
CA SER O 65 33.98 40.62 -37.26
C SER O 65 33.97 41.49 -36.01
N PHE O 66 32.98 41.32 -35.14
CA PHE O 66 32.86 42.10 -33.92
C PHE O 66 33.73 41.58 -32.79
N ALA O 67 34.62 40.64 -33.07
CA ALA O 67 35.55 40.13 -32.07
C ALA O 67 36.82 40.97 -31.98
N TRP O 68 36.91 42.04 -32.78
CA TRP O 68 38.12 42.85 -32.80
C TRP O 68 38.46 43.46 -31.44
N GLN O 69 37.46 43.75 -30.61
CA GLN O 69 37.75 44.23 -29.27
C GLN O 69 38.62 43.26 -28.51
N ILE O 70 38.39 41.95 -28.68
CA ILE O 70 39.21 40.95 -28.01
C ILE O 70 40.67 41.14 -28.40
N ILE O 71 40.94 41.45 -29.66
CA ILE O 71 42.32 41.75 -30.06
C ILE O 71 42.80 43.02 -29.40
N ALA O 72 41.96 44.07 -29.38
CA ALA O 72 42.39 45.35 -28.84
C ALA O 72 42.75 45.26 -27.37
N ASP O 73 41.90 44.63 -26.55
CA ASP O 73 42.24 44.43 -25.16
C ASP O 73 43.48 43.55 -25.01
N ALA O 74 43.74 42.69 -26.00
CA ALA O 74 44.95 41.88 -25.95
C ALA O 74 46.21 42.70 -26.15
N ASN O 75 46.09 43.91 -26.70
CA ASN O 75 47.24 44.76 -26.94
C ASN O 75 47.21 46.09 -26.21
N GLY O 76 46.07 46.45 -25.61
CA GLY O 76 45.96 47.71 -24.91
C GLY O 76 46.23 48.92 -25.78
N ILE O 77 45.73 48.91 -27.01
CA ILE O 77 45.95 49.98 -27.97
C ILE O 77 44.61 50.59 -28.34
N ASP O 78 44.63 51.86 -28.71
CA ASP O 78 43.45 52.52 -29.24
C ASP O 78 43.32 52.16 -30.72
N PRO O 79 42.22 51.54 -31.15
CA PRO O 79 42.08 51.18 -32.57
C PRO O 79 42.09 52.38 -33.50
N THR O 80 41.75 53.57 -33.02
CA THR O 80 41.69 54.75 -33.86
C THR O 80 43.04 55.41 -34.08
N LYS O 81 44.09 54.95 -33.40
CA LYS O 81 45.43 55.45 -33.62
C LYS O 81 46.14 54.59 -34.67
N GLU O 82 47.06 55.23 -35.40
CA GLU O 82 47.74 54.58 -36.51
C GLU O 82 48.77 53.60 -35.99
N ILE O 83 48.69 52.35 -36.45
CA ILE O 83 49.64 51.31 -36.11
C ILE O 83 50.75 51.31 -37.15
N ASP O 84 52.00 51.40 -36.70
CA ASP O 84 53.13 51.46 -37.60
C ASP O 84 53.30 50.12 -38.34
N ILE O 85 53.88 50.20 -39.52
CA ILE O 85 54.03 49.01 -40.35
C ILE O 85 55.13 48.10 -39.79
N GLY O 86 54.82 46.82 -39.69
CA GLY O 86 55.78 45.87 -39.13
C GLY O 86 55.81 45.89 -37.62
N ALA O 87 54.70 46.24 -36.99
CA ALA O 87 54.59 46.28 -35.55
C ALA O 87 53.89 45.01 -35.05
N GLY O 88 54.40 44.46 -33.96
CA GLY O 88 53.94 43.19 -33.45
C GLY O 88 52.66 43.31 -32.66
N LEU O 89 51.61 42.66 -33.16
CA LEU O 89 50.34 42.54 -32.47
C LEU O 89 50.17 41.14 -31.93
N LYS O 90 49.37 41.02 -30.87
CA LYS O 90 49.10 39.74 -30.24
C LYS O 90 47.63 39.39 -30.48
N VAL O 91 47.40 38.37 -31.29
CA VAL O 91 46.05 37.90 -31.62
C VAL O 91 45.76 36.66 -30.78
N PRO O 92 44.71 36.65 -29.98
CA PRO O 92 44.36 35.43 -29.23
C PRO O 92 43.92 34.32 -30.16
N ASP O 93 44.16 33.09 -29.73
CA ASP O 93 43.67 31.93 -30.45
C ASP O 93 42.28 31.53 -29.94
N GLN O 94 41.41 31.16 -30.87
CA GLN O 94 40.01 30.95 -30.52
C GLN O 94 39.79 29.63 -29.78
N LYS O 95 40.67 28.66 -29.98
CA LYS O 95 40.46 27.35 -29.35
C LYS O 95 40.73 27.43 -27.85
N ALA O 96 41.73 28.19 -27.44
CA ALA O 96 42.03 28.41 -26.02
C ALA O 96 41.51 29.79 -25.64
N LEU O 97 40.21 29.87 -25.35
CA LEU O 97 39.60 31.13 -24.98
C LEU O 97 38.45 30.88 -24.02
N GLU O 98 38.12 31.90 -23.25
CA GLU O 98 37.00 31.83 -22.32
C GLU O 98 35.73 32.17 -23.09
N ASN O 99 34.83 31.20 -23.21
CA ASN O 99 33.67 31.31 -24.10
C ASN O 99 32.74 32.41 -23.58
N SER O 100 32.40 33.35 -24.45
CA SER O 100 31.54 34.48 -24.11
C SER O 100 30.08 34.06 -24.34
N ILE O 101 29.65 33.03 -23.63
CA ILE O 101 28.29 32.53 -23.74
C ILE O 101 27.51 33.03 -22.53
N LYS O 102 26.33 33.59 -22.78
CA LYS O 102 25.52 34.22 -21.75
C LYS O 102 24.81 33.13 -20.94
N LYS O 103 24.93 33.21 -19.63
CA LYS O 103 24.29 32.24 -18.74
C LYS O 103 22.96 32.78 -18.23
N PHE O 104 21.94 31.93 -18.26
CA PHE O 104 20.60 32.29 -17.82
C PHE O 104 20.07 31.23 -16.87
N ILE O 105 19.13 31.62 -16.03
CA ILE O 105 18.26 30.69 -15.34
C ILE O 105 16.91 30.73 -16.04
N VAL O 106 16.57 29.66 -16.75
CA VAL O 106 15.36 29.67 -17.56
C VAL O 106 14.10 29.58 -16.72
N ASN O 107 14.20 29.08 -15.48
CA ASN O 107 13.07 29.03 -14.56
C ASN O 107 13.39 29.89 -13.35
N SER O 108 12.88 31.12 -13.37
CA SER O 108 13.15 32.07 -12.31
C SER O 108 11.83 32.69 -11.89
N PRO O 109 11.77 33.28 -10.69
CA PRO O 109 10.58 34.05 -10.32
C PRO O 109 10.28 35.20 -11.26
N THR O 110 11.29 35.74 -11.94
CA THR O 110 11.10 36.75 -12.96
C THR O 110 11.11 36.18 -14.37
N GLY O 111 11.09 34.85 -14.51
CA GLY O 111 11.10 34.21 -15.80
C GLY O 111 12.48 33.89 -16.36
N LYS O 112 13.24 34.92 -16.76
CA LYS O 112 14.57 34.72 -17.30
C LYS O 112 15.45 35.87 -16.85
N GLN O 113 16.70 35.57 -16.53
CA GLN O 113 17.61 36.61 -16.10
C GLN O 113 19.04 36.15 -16.33
N LEU O 114 19.94 37.13 -16.49
CA LEU O 114 21.34 36.85 -16.68
C LEU O 114 22.04 36.64 -15.34
N ILE O 115 23.09 35.83 -15.37
CA ILE O 115 23.99 35.66 -14.23
C ILE O 115 25.42 35.61 -14.76
N SER O 116 26.33 36.29 -14.06
CA SER O 116 27.71 36.39 -14.50
C SER O 116 28.60 35.29 -13.95
N ASP O 117 28.34 34.81 -12.75
CA ASP O 117 29.18 33.82 -12.09
C ASP O 117 28.38 32.64 -11.58
N ALA O 118 27.12 32.86 -11.21
CA ALA O 118 26.21 31.85 -10.66
C ALA O 118 26.60 31.44 -9.24
N LYS O 119 27.44 32.24 -8.58
CA LYS O 119 27.72 32.08 -7.17
C LYS O 119 27.08 33.16 -6.30
N GLN O 120 26.88 34.36 -6.85
CA GLN O 120 26.07 35.38 -6.19
C GLN O 120 24.66 35.45 -6.76
N SER O 121 24.12 34.30 -7.14
CA SER O 121 22.79 34.27 -7.75
C SER O 121 21.77 33.65 -6.84
N ILE O 122 20.67 33.19 -7.42
CA ILE O 122 19.64 32.54 -6.63
C ILE O 122 19.89 31.04 -6.58
N LEU O 123 20.98 30.59 -7.19
CA LEU O 123 21.26 29.16 -7.23
C LEU O 123 22.22 28.72 -6.14
N ASN O 124 22.96 29.68 -5.56
CA ASN O 124 23.91 29.36 -4.51
C ASN O 124 23.22 28.63 -3.36
N LEU O 125 23.70 27.43 -3.04
CA LEU O 125 23.04 26.65 -2.00
C LEU O 125 23.83 26.60 -0.72
N ILE O 126 24.84 27.45 -0.58
CA ILE O 126 25.69 27.41 0.60
C ILE O 126 24.99 27.77 1.92
N GLY O 127 23.87 28.49 1.85
CA GLY O 127 23.18 28.91 3.06
C GLY O 127 22.02 28.04 3.50
N VAL O 128 21.69 27.02 2.71
CA VAL O 128 20.54 26.18 3.04
C VAL O 128 20.89 25.09 4.06
N GLY O 129 19.94 24.71 4.93
CA GLY O 129 20.23 23.68 5.91
C GLY O 129 21.40 24.00 6.81
N ASP O 130 21.73 25.28 6.98
CA ASP O 130 22.93 25.67 7.70
C ASP O 130 22.75 25.45 9.20
N SER O 131 23.69 24.75 9.81
CA SER O 131 23.70 24.61 11.27
C SER O 131 24.94 25.40 11.58
N ASN O 132 24.85 26.41 12.44
CA ASN O 132 26.01 27.29 12.67
C ASN O 132 27.13 26.75 13.56
N THR O 133 27.33 25.44 13.56
CA THR O 133 28.42 24.86 14.33
C THR O 133 29.72 25.03 13.56
N GLU O 134 30.83 25.08 14.28
CA GLU O 134 32.12 25.29 13.63
C GLU O 134 32.45 24.17 12.67
N PHE O 135 32.19 22.93 13.07
CA PHE O 135 32.47 21.79 12.21
C PHE O 135 31.93 22.00 10.79
N SER O 136 30.65 22.34 10.68
CA SER O 136 30.03 22.50 9.37
C SER O 136 30.74 23.57 8.58
N LYS O 137 31.12 24.65 9.24
CA LYS O 137 31.79 25.74 8.56
C LYS O 137 33.12 25.32 7.95
N THR O 138 33.93 24.58 8.70
CA THR O 138 35.21 24.11 8.20
C THR O 138 35.05 23.26 6.94
N LEU O 139 34.05 22.39 6.94
CA LEU O 139 33.81 21.54 5.78
C LEU O 139 33.29 22.36 4.60
N LYS O 140 32.49 23.38 4.89
CA LYS O 140 32.00 24.25 3.82
C LYS O 140 33.11 25.13 3.26
N ASP O 141 34.14 25.40 4.05
CA ASP O 141 35.27 26.17 3.56
C ASP O 141 36.14 25.30 2.68
N CYS O 142 36.24 24.02 3.01
CA CYS O 142 37.11 23.14 2.25
C CYS O 142 36.45 22.53 1.03
N ILE O 143 35.50 21.63 1.25
CA ILE O 143 34.87 20.96 0.12
C ILE O 143 33.53 21.58 -0.27
N GLY O 144 32.94 22.36 0.64
CA GLY O 144 31.66 22.99 0.35
C GLY O 144 30.50 22.12 0.77
N LYS O 145 30.71 21.25 1.75
CA LYS O 145 29.66 20.33 2.17
C LYS O 145 28.55 21.02 2.93
N VAL O 146 27.45 21.31 2.24
CA VAL O 146 26.32 21.95 2.89
C VAL O 146 25.45 20.91 3.58
N VAL O 147 24.69 20.17 2.79
CA VAL O 147 23.80 19.18 3.36
C VAL O 147 24.59 17.97 3.87
N ASN O 148 24.07 17.30 4.89
CA ASN O 148 24.73 16.11 5.38
C ASN O 148 24.06 14.90 4.80
N PHE O 149 24.54 13.71 5.15
CA PHE O 149 23.88 12.51 4.68
C PHE O 149 23.41 11.76 5.91
N SER O 150 23.62 12.34 7.09
CA SER O 150 23.28 11.64 8.32
C SER O 150 22.62 12.49 9.40
N PHE O 151 21.70 11.88 10.16
CA PHE O 151 21.06 12.57 11.27
C PHE O 151 20.65 11.52 12.29
N ASP O 152 20.72 10.25 11.93
CA ASP O 152 20.27 9.18 12.81
C ASP O 152 21.15 8.94 14.02
N ASN O 153 20.67 8.13 14.94
CA ASN O 153 21.44 7.89 16.15
C ASN O 153 21.54 6.44 16.60
N THR O 154 22.48 6.16 17.49
CA THR O 154 22.65 4.81 18.02
C THR O 154 22.41 4.81 19.52
N SER P 2 61.35 -18.63 -48.99
CA SER P 2 61.48 -17.29 -48.44
C SER P 2 62.66 -17.22 -47.49
N LYS P 3 63.70 -18.01 -47.77
CA LYS P 3 64.86 -18.08 -46.91
C LYS P 3 65.87 -16.99 -47.20
N PHE P 4 65.51 -15.99 -48.00
CA PHE P 4 66.34 -14.82 -48.21
C PHE P 4 65.78 -13.57 -47.56
N LEU P 5 64.50 -13.59 -47.19
CA LEU P 5 63.88 -12.46 -46.49
C LEU P 5 63.60 -12.75 -45.03
N LYS P 6 63.85 -13.97 -44.56
CA LYS P 6 63.59 -14.29 -43.17
C LYS P 6 64.54 -13.53 -42.25
N ASN P 7 64.07 -13.26 -41.04
CA ASN P 7 64.87 -12.58 -40.03
C ASN P 7 65.73 -13.61 -39.31
N ARG P 8 67.04 -13.57 -39.56
CA ARG P 8 67.93 -14.57 -38.97
C ARG P 8 68.09 -14.37 -37.47
N ALA P 9 67.82 -13.15 -36.98
CA ALA P 9 67.95 -12.90 -35.54
C ALA P 9 66.96 -13.73 -34.74
N VAL P 10 65.73 -13.84 -35.21
CA VAL P 10 64.73 -14.59 -34.46
C VAL P 10 64.82 -16.08 -34.77
N VAL P 11 65.23 -16.44 -35.99
CA VAL P 11 65.36 -17.86 -36.34
C VAL P 11 66.41 -18.53 -35.47
N ASN P 12 67.59 -17.90 -35.37
CA ASN P 12 68.69 -18.51 -34.63
C ASN P 12 68.43 -18.58 -33.13
N GLY P 13 67.40 -17.90 -32.63
CA GLY P 13 67.02 -17.99 -31.24
C GLY P 13 66.04 -19.10 -30.92
N LEU P 14 65.73 -19.94 -31.87
CA LEU P 14 64.76 -21.01 -31.70
C LEU P 14 65.47 -22.35 -31.50
N PRO P 15 64.88 -23.23 -30.69
CA PRO P 15 65.52 -24.53 -30.44
C PRO P 15 65.52 -25.41 -31.68
N VAL P 16 66.57 -26.20 -31.81
CA VAL P 16 66.74 -27.11 -32.93
C VAL P 16 66.22 -28.49 -32.51
N ILE P 17 65.34 -29.06 -33.33
CA ILE P 17 64.68 -30.32 -33.00
C ILE P 17 65.30 -31.43 -33.84
N LYS P 18 65.64 -32.53 -33.18
CA LYS P 18 66.19 -33.69 -33.85
C LYS P 18 65.09 -34.48 -34.53
N ASN P 19 65.37 -34.97 -35.72
CA ASN P 19 64.37 -35.71 -36.49
C ASN P 19 64.11 -37.06 -35.85
N PRO P 20 62.85 -37.42 -35.61
CA PRO P 20 62.54 -38.75 -35.10
C PRO P 20 62.92 -39.84 -36.09
N GLY P 21 63.27 -41.00 -35.56
CA GLY P 21 63.62 -42.12 -36.41
C GLY P 21 62.42 -42.92 -36.87
N LYS P 22 61.24 -42.48 -36.47
CA LYS P 22 59.99 -43.15 -36.82
C LYS P 22 58.94 -42.10 -37.14
N TYR P 23 58.01 -42.45 -38.04
CA TYR P 23 56.87 -41.59 -38.32
C TYR P 23 55.95 -41.57 -37.12
N GLN P 24 55.69 -40.38 -36.59
CA GLN P 24 54.93 -40.22 -35.36
C GLN P 24 53.47 -39.93 -35.67
N HIS P 25 52.58 -40.50 -34.87
CA HIS P 25 51.14 -40.25 -34.96
C HIS P 25 50.67 -39.56 -33.69
N CYS P 26 49.80 -38.56 -33.86
CA CYS P 26 49.26 -37.83 -32.73
C CYS P 26 48.15 -38.64 -32.07
N TYR P 27 47.79 -38.23 -30.86
CA TYR P 27 46.74 -38.93 -30.13
C TYR P 27 46.17 -38.01 -29.06
N LEU P 28 45.07 -38.46 -28.47
CA LEU P 28 44.45 -37.81 -27.32
C LEU P 28 44.61 -38.73 -26.11
N ILE P 29 45.08 -38.16 -25.00
CA ILE P 29 45.29 -38.92 -23.79
C ILE P 29 44.58 -38.21 -22.64
N GLU P 30 44.33 -38.94 -21.56
CA GLU P 30 43.83 -38.32 -20.35
C GLU P 30 44.82 -37.30 -19.82
N TYR P 31 44.31 -36.19 -19.31
CA TYR P 31 45.16 -35.30 -18.55
C TYR P 31 45.51 -35.96 -17.22
N GLU P 32 46.67 -35.59 -16.68
CA GLU P 32 47.30 -36.23 -15.53
C GLU P 32 47.86 -37.59 -15.94
N ASP P 33 47.59 -38.00 -17.18
CA ASP P 33 48.24 -39.13 -17.80
C ASP P 33 49.23 -38.69 -18.87
N SER P 34 49.48 -37.38 -18.98
CA SER P 34 50.42 -36.85 -19.97
C SER P 34 51.86 -37.17 -19.62
N THR P 35 52.14 -37.65 -18.41
CA THR P 35 53.49 -37.97 -18.01
C THR P 35 53.21 -39.30 -17.33
N ASN P 36 53.16 -40.35 -18.14
CA ASN P 36 52.96 -41.69 -17.64
C ASN P 36 53.48 -42.59 -18.72
N VAL P 37 54.43 -43.46 -18.39
CA VAL P 37 54.87 -44.42 -19.38
C VAL P 37 53.79 -45.48 -19.45
N LYS P 38 53.76 -46.27 -20.52
CA LYS P 38 52.80 -47.35 -20.59
C LYS P 38 53.06 -48.25 -19.40
N GLN P 39 52.18 -48.23 -18.41
CA GLN P 39 52.41 -49.01 -17.20
C GLN P 39 52.23 -50.48 -17.48
N THR P 40 51.48 -50.80 -18.53
CA THR P 40 51.22 -52.19 -18.86
C THR P 40 51.45 -52.50 -20.35
N PRO P 41 51.78 -53.77 -20.75
CA PRO P 41 51.83 -54.00 -22.20
C PRO P 41 50.49 -53.82 -22.88
N THR P 42 49.39 -54.16 -22.21
CA THR P 42 48.05 -54.07 -22.78
C THR P 42 47.16 -53.26 -21.85
N GLU P 43 46.35 -52.38 -22.43
CA GLU P 43 45.50 -51.49 -21.65
C GLU P 43 44.48 -52.28 -20.83
N ASN P 44 44.37 -51.90 -19.55
CA ASN P 44 43.38 -52.48 -18.64
C ASN P 44 42.34 -51.40 -18.35
N LYS P 45 41.08 -51.70 -18.70
CA LYS P 45 40.03 -50.70 -18.58
C LYS P 45 39.61 -50.46 -17.14
N ASN P 46 39.77 -51.46 -16.27
CA ASN P 46 39.26 -51.34 -14.91
C ASN P 46 40.11 -50.43 -14.04
N LYS P 47 41.38 -50.23 -14.40
CA LYS P 47 42.28 -49.42 -13.60
C LYS P 47 42.66 -48.15 -14.36
N GLN P 48 43.03 -47.13 -13.62
CA GLN P 48 43.21 -45.78 -14.15
C GLN P 48 44.68 -45.38 -14.15
N GLN P 49 44.96 -44.29 -14.86
CA GLN P 49 46.29 -43.69 -14.92
C GLN P 49 47.32 -44.67 -15.45
N GLN P 50 46.93 -45.47 -16.43
CA GLN P 50 47.80 -46.49 -17.00
C GLN P 50 48.61 -46.00 -18.20
N GLY P 51 48.47 -44.73 -18.58
CA GLY P 51 49.29 -44.17 -19.63
C GLY P 51 48.93 -44.62 -21.02
N PHE P 52 47.66 -44.91 -21.29
CA PHE P 52 47.27 -45.30 -22.63
C PHE P 52 46.41 -44.22 -23.27
N PRO P 53 46.61 -43.93 -24.56
CA PRO P 53 45.86 -42.86 -25.20
C PRO P 53 44.37 -43.15 -25.27
N VAL P 54 43.58 -42.10 -25.11
CA VAL P 54 42.13 -42.22 -25.25
C VAL P 54 41.76 -42.53 -26.69
N TYR P 55 42.38 -41.83 -27.63
CA TYR P 55 42.10 -42.01 -29.05
C TYR P 55 43.38 -41.86 -29.85
N LEU P 56 43.75 -42.89 -30.59
CA LEU P 56 44.91 -42.87 -31.47
C LEU P 56 44.48 -42.52 -32.88
N PHE P 57 45.15 -41.53 -33.47
CA PHE P 57 44.80 -41.08 -34.81
C PHE P 57 45.28 -42.11 -35.84
N MET P 58 44.41 -42.44 -36.79
CA MET P 58 44.83 -43.28 -37.90
C MET P 58 45.76 -42.52 -38.84
N MET P 59 45.43 -41.28 -39.15
CA MET P 59 46.26 -40.42 -39.97
C MET P 59 46.40 -39.07 -39.29
N ASN P 60 47.56 -38.45 -39.45
CA ASN P 60 47.80 -37.16 -38.83
C ASN P 60 47.01 -36.07 -39.55
N PRO P 61 46.68 -34.98 -38.85
CA PRO P 61 46.02 -33.86 -39.52
C PRO P 61 46.93 -33.22 -40.55
N GLU P 62 46.32 -32.73 -41.63
CA GLU P 62 47.06 -31.99 -42.63
C GLU P 62 47.37 -30.57 -42.15
N ASN P 63 46.46 -29.97 -41.41
CA ASN P 63 46.69 -28.66 -40.82
C ASN P 63 45.84 -28.52 -39.57
N ILE P 64 46.32 -27.69 -38.64
CA ILE P 64 45.64 -27.44 -37.38
C ILE P 64 45.50 -25.93 -37.21
N THR P 65 44.30 -25.48 -36.84
CA THR P 65 44.04 -24.07 -36.65
C THR P 65 43.90 -23.77 -35.16
N TYR P 66 44.66 -22.78 -34.69
CA TYR P 66 44.55 -22.27 -33.33
C TYR P 66 43.96 -20.87 -33.38
N ASN P 67 42.92 -20.63 -32.59
CA ASN P 67 42.26 -19.33 -32.55
C ASN P 67 42.22 -18.83 -31.11
N LEU P 68 42.53 -17.55 -30.93
CA LEU P 68 42.56 -16.95 -29.60
C LEU P 68 41.96 -15.55 -29.61
N PRO P 69 40.75 -15.35 -29.09
CA PRO P 69 40.23 -14.00 -28.92
C PRO P 69 40.55 -13.43 -27.54
N ILE P 70 40.92 -12.16 -27.48
CA ILE P 70 41.22 -11.47 -26.23
C ILE P 70 40.15 -10.41 -26.02
N ASN P 71 39.43 -10.48 -24.91
CA ASN P 71 38.21 -9.72 -24.70
C ASN P 71 38.51 -8.43 -23.95
N TYR P 72 38.42 -7.30 -24.66
CA TYR P 72 38.40 -5.96 -24.10
C TYR P 72 36.98 -5.41 -24.16
N GLN P 73 36.68 -4.46 -23.30
CA GLN P 73 35.36 -3.84 -23.24
C GLN P 73 35.44 -2.38 -23.63
N GLU P 74 34.51 -1.94 -24.47
CA GLU P 74 34.48 -0.55 -24.94
C GLU P 74 33.58 0.29 -24.04
N ILE P 75 34.03 1.51 -23.78
CA ILE P 75 33.20 2.53 -23.15
C ILE P 75 33.27 3.76 -24.03
N ALA P 76 32.15 4.15 -24.62
CA ALA P 76 32.11 5.25 -25.58
C ALA P 76 31.69 6.52 -24.84
N ILE P 77 32.67 7.29 -24.41
CA ILE P 77 32.39 8.60 -23.82
C ILE P 77 32.05 9.58 -24.95
N PRO P 78 30.91 10.25 -24.90
CA PRO P 78 30.55 11.18 -25.98
C PRO P 78 31.59 12.27 -26.14
N PHE P 79 31.80 12.66 -27.40
CA PHE P 79 32.73 13.74 -27.77
C PHE P 79 34.17 13.43 -27.40
N THR P 80 34.60 12.19 -27.59
CA THR P 80 35.99 11.82 -27.48
C THR P 80 36.46 11.20 -28.79
N ALA P 81 37.77 11.29 -29.05
CA ALA P 81 38.30 10.80 -30.31
C ALA P 81 38.33 9.29 -30.38
N LYS P 82 38.39 8.60 -29.24
CA LYS P 82 38.53 7.16 -29.20
C LYS P 82 37.59 6.59 -28.14
N ASN P 83 37.31 5.31 -28.26
CA ASN P 83 36.63 4.61 -27.19
C ASN P 83 37.62 4.30 -26.07
N GLN P 84 37.07 3.96 -24.91
CA GLN P 84 37.88 3.56 -23.76
C GLN P 84 37.88 2.05 -23.69
N LEU P 85 39.03 1.44 -23.99
CA LEU P 85 39.18 -0.01 -23.95
C LEU P 85 39.64 -0.43 -22.57
N ASN P 86 38.87 -1.33 -21.95
CA ASN P 86 39.18 -1.85 -20.63
C ASN P 86 39.30 -3.36 -20.74
N TYR P 87 40.43 -3.90 -20.30
CA TYR P 87 40.68 -5.33 -20.44
C TYR P 87 39.73 -6.11 -19.55
N SER P 88 39.01 -7.05 -20.16
CA SER P 88 38.08 -7.91 -19.44
C SER P 88 38.69 -9.27 -19.15
N ASN P 89 39.08 -10.01 -20.18
CA ASN P 89 39.64 -11.34 -19.97
C ASN P 89 40.39 -11.78 -21.22
N GLY P 90 41.09 -12.90 -21.09
CA GLY P 90 41.99 -13.35 -22.13
C GLY P 90 41.43 -14.35 -23.12
N GLY P 91 40.45 -15.14 -22.70
CA GLY P 91 39.84 -16.10 -23.61
C GLY P 91 40.59 -17.41 -23.73
N ASN P 92 39.95 -18.42 -24.31
CA ASN P 92 40.50 -19.76 -24.43
C ASN P 92 40.93 -20.04 -25.86
N ILE P 93 41.98 -20.83 -26.02
CA ILE P 93 42.44 -21.22 -27.34
C ILE P 93 41.54 -22.31 -27.89
N VAL P 94 41.05 -22.13 -29.11
CA VAL P 94 40.25 -23.11 -29.80
C VAL P 94 41.12 -23.77 -30.85
N MET P 95 41.29 -25.09 -30.73
CA MET P 95 42.04 -25.88 -31.70
C MET P 95 41.05 -26.61 -32.60
N THR P 96 41.29 -26.56 -33.90
CA THR P 96 40.41 -27.19 -34.88
C THR P 96 41.23 -28.01 -35.85
N MET P 97 40.87 -29.28 -36.01
CA MET P 97 41.42 -30.11 -37.08
C MET P 97 40.27 -30.64 -37.93
N SER P 98 40.30 -30.31 -39.21
CA SER P 98 39.24 -30.68 -40.14
C SER P 98 39.79 -31.63 -41.19
N ASN P 99 38.87 -32.37 -41.82
CA ASN P 99 39.19 -33.24 -42.95
C ASN P 99 40.19 -34.32 -42.56
N LEU P 100 40.07 -34.82 -41.33
CA LEU P 100 40.85 -35.96 -40.87
C LEU P 100 40.37 -37.22 -41.57
N ILE P 101 41.30 -38.11 -41.88
CA ILE P 101 41.01 -39.28 -42.71
C ILE P 101 40.95 -40.53 -41.83
N LEU P 102 39.88 -41.30 -41.96
CA LEU P 102 39.80 -42.65 -41.43
C LEU P 102 39.52 -43.58 -42.61
N ASP P 103 40.40 -44.54 -42.84
CA ASP P 103 40.33 -45.36 -44.04
C ASP P 103 40.67 -46.80 -43.70
N THR P 104 39.69 -47.70 -43.85
CA THR P 104 39.92 -49.13 -43.67
C THR P 104 39.19 -49.94 -44.73
N MET P 105 38.90 -49.35 -45.89
CA MET P 105 38.11 -50.03 -46.90
C MET P 105 38.83 -51.27 -47.43
N ASP P 106 40.13 -51.16 -47.69
CA ASP P 106 40.87 -52.30 -48.23
C ASP P 106 41.06 -53.38 -47.18
N GLU P 107 41.27 -53.00 -45.92
CA GLU P 107 41.42 -53.98 -44.86
C GLU P 107 40.10 -54.66 -44.51
N LYS P 108 38.98 -54.10 -44.96
CA LYS P 108 37.65 -54.59 -44.61
C LYS P 108 37.47 -54.62 -43.10
N ARG P 109 37.83 -53.52 -42.44
CA ARG P 109 37.72 -53.38 -41.00
C ARG P 109 36.79 -52.23 -40.67
N SER P 110 35.89 -52.47 -39.72
CA SER P 110 34.89 -51.48 -39.35
C SER P 110 35.51 -50.33 -38.56
N LEU P 111 35.07 -49.12 -38.88
CA LEU P 111 35.48 -47.93 -38.14
C LEU P 111 34.57 -47.64 -36.95
N GLN P 112 33.48 -48.38 -36.80
CA GLN P 112 32.50 -48.09 -35.75
C GLN P 112 33.08 -48.03 -34.35
N PRO P 113 34.02 -48.90 -33.94
CA PRO P 113 34.62 -48.72 -32.61
C PRO P 113 35.26 -47.37 -32.41
N LEU P 114 35.96 -46.84 -33.42
CA LEU P 114 36.58 -45.53 -33.27
C LEU P 114 35.53 -44.42 -33.15
N ILE P 115 34.48 -44.50 -33.96
CA ILE P 115 33.42 -43.49 -33.88
C ILE P 115 32.74 -43.55 -32.51
N ASP P 116 32.50 -44.76 -32.00
CA ASP P 116 31.93 -44.90 -30.67
C ASP P 116 32.86 -44.32 -29.60
N ARG P 117 34.16 -44.58 -29.73
CA ARG P 117 35.13 -44.06 -28.76
C ARG P 117 35.12 -42.54 -28.75
N LEU P 118 35.08 -41.92 -29.93
CA LEU P 118 35.06 -40.46 -29.98
C LEU P 118 33.73 -39.90 -29.52
N ILE P 119 32.62 -40.60 -29.78
CA ILE P 119 31.32 -40.12 -29.35
C ILE P 119 31.19 -40.20 -27.83
N ALA P 120 31.74 -41.23 -27.21
CA ALA P 120 31.60 -41.41 -25.77
C ALA P 120 32.18 -40.26 -24.96
N LEU P 121 32.88 -39.33 -25.58
CA LEU P 121 33.44 -38.17 -24.89
C LEU P 121 32.44 -37.09 -24.52
N ARG P 122 31.16 -37.28 -24.84
CA ARG P 122 30.11 -36.37 -24.38
C ARG P 122 29.45 -36.83 -23.10
N GLU P 123 29.54 -38.11 -22.77
CA GLU P 123 28.84 -38.65 -21.62
C GLU P 123 29.52 -38.20 -20.33
N PRO P 124 28.75 -38.02 -19.26
CA PRO P 124 29.36 -37.70 -17.97
C PRO P 124 30.17 -38.88 -17.45
N THR P 125 31.20 -38.56 -16.68
CA THR P 125 32.00 -39.61 -16.05
C THR P 125 31.49 -39.90 -14.66
N VAL P 126 31.56 -41.14 -14.21
CA VAL P 126 30.94 -41.46 -12.92
C VAL P 126 31.93 -41.45 -11.78
N LYS P 127 31.71 -40.54 -10.83
CA LYS P 127 32.59 -40.46 -9.68
C LYS P 127 31.89 -40.92 -8.42
N LYS P 128 32.07 -42.19 -8.04
CA LYS P 128 31.40 -42.76 -6.86
C LYS P 128 29.90 -42.51 -6.88
N GLY P 129 29.26 -42.80 -8.01
CA GLY P 129 27.84 -42.55 -8.14
C GLY P 129 27.54 -41.18 -8.71
N LEU P 130 28.20 -40.15 -8.18
CA LEU P 130 27.96 -38.79 -8.63
C LEU P 130 28.49 -38.53 -10.03
N LYS P 131 27.59 -38.31 -10.98
CA LYS P 131 28.00 -38.01 -12.35
C LYS P 131 28.90 -36.78 -12.38
N SER P 132 30.01 -36.87 -13.11
CA SER P 132 30.90 -35.72 -13.20
C SER P 132 31.09 -35.34 -14.67
N HIS P 133 31.93 -34.33 -14.89
CA HIS P 133 32.19 -33.87 -16.25
C HIS P 133 33.01 -34.91 -17.01
N PRO P 134 33.00 -34.84 -18.35
CA PRO P 134 33.76 -35.81 -19.14
C PRO P 134 35.26 -35.67 -18.91
N LYS P 135 36.00 -36.53 -19.60
CA LYS P 135 37.45 -36.59 -19.44
C LYS P 135 38.09 -35.30 -19.93
N ILE P 136 39.08 -34.82 -19.18
CA ILE P 136 39.88 -33.68 -19.60
C ILE P 136 41.08 -34.22 -20.36
N LEU P 137 41.28 -33.74 -21.59
CA LEU P 137 42.18 -34.38 -22.53
C LEU P 137 43.46 -33.57 -22.72
N ALA P 138 44.43 -34.24 -23.31
CA ALA P 138 45.66 -33.61 -23.78
C ALA P 138 45.95 -34.17 -25.16
N PHE P 139 46.13 -33.28 -26.13
CA PHE P 139 46.49 -33.68 -27.47
C PHE P 139 48.01 -33.75 -27.57
N LYS P 140 48.55 -34.95 -27.70
CA LYS P 140 49.98 -35.17 -27.69
C LYS P 140 50.43 -35.61 -29.07
N TRP P 141 51.51 -35.00 -29.55
CA TRP P 141 52.12 -35.35 -30.83
C TRP P 141 53.62 -35.23 -30.66
N GLY P 142 54.32 -36.35 -30.75
CA GLY P 142 55.76 -36.33 -30.51
C GLY P 142 56.07 -35.82 -29.11
N SER P 143 56.97 -34.85 -29.04
CA SER P 143 57.34 -34.23 -27.77
C SER P 143 56.44 -33.06 -27.40
N ASN P 144 55.49 -32.71 -28.25
CA ASN P 144 54.66 -31.53 -28.05
C ASN P 144 53.25 -31.92 -27.62
N THR P 145 52.68 -31.09 -26.76
CA THR P 145 51.30 -31.21 -26.30
C THR P 145 50.57 -29.92 -26.66
N PHE P 146 49.28 -29.87 -26.32
CA PHE P 146 48.55 -28.63 -26.59
C PHE P 146 48.21 -27.92 -25.29
N ALA P 147 47.41 -28.57 -24.45
CA ALA P 147 46.93 -27.99 -23.20
C ALA P 147 46.05 -29.01 -22.49
N PRO P 148 45.62 -28.76 -21.26
CA PRO P 148 44.38 -29.38 -20.79
C PRO P 148 43.23 -28.86 -21.65
N CYS P 149 42.58 -29.77 -22.36
CA CYS P 149 41.55 -29.39 -23.31
C CYS P 149 40.37 -30.36 -23.21
N VAL P 150 39.25 -29.95 -23.78
CA VAL P 150 38.03 -30.74 -23.80
C VAL P 150 37.50 -30.78 -25.22
N LEU P 151 36.99 -31.93 -25.63
CA LEU P 151 36.35 -32.05 -26.93
C LEU P 151 35.02 -31.31 -26.91
N THR P 152 34.85 -30.36 -27.83
CA THR P 152 33.65 -29.54 -27.89
C THR P 152 32.74 -29.91 -29.04
N ASN P 153 33.29 -30.12 -30.24
CA ASN P 153 32.48 -30.49 -31.39
C ASN P 153 33.21 -31.57 -32.17
N ILE P 154 32.44 -32.52 -32.69
CA ILE P 154 32.96 -33.57 -33.55
C ILE P 154 31.92 -33.89 -34.60
N SER P 155 32.38 -34.22 -35.81
CA SER P 155 31.49 -34.56 -36.90
C SER P 155 32.17 -35.56 -37.81
N PHE P 156 31.39 -36.50 -38.33
CA PHE P 156 31.86 -37.54 -39.23
C PHE P 156 31.07 -37.47 -40.53
N ASP P 157 31.78 -37.69 -41.64
CA ASP P 157 31.16 -37.79 -42.96
C ASP P 157 31.62 -39.10 -43.57
N VAL P 158 30.72 -40.06 -43.64
CA VAL P 158 31.06 -41.42 -44.05
C VAL P 158 30.68 -41.61 -45.51
N THR P 159 31.59 -42.17 -46.30
CA THR P 159 31.36 -42.37 -47.72
C THR P 159 31.46 -43.82 -48.16
N ARG P 160 31.97 -44.73 -47.34
CA ARG P 160 32.08 -46.12 -47.71
C ARG P 160 31.65 -47.00 -46.54
N TRP P 161 31.03 -48.13 -46.87
CA TRP P 161 30.54 -49.06 -45.86
C TRP P 161 30.83 -50.49 -46.30
N ILE P 162 30.93 -51.38 -45.31
CA ILE P 162 30.87 -52.82 -45.54
C ILE P 162 29.88 -53.41 -44.55
N ASP P 163 28.82 -54.02 -45.07
CA ASP P 163 27.73 -54.56 -44.25
C ASP P 163 27.17 -53.49 -43.32
N GLY P 164 27.13 -52.25 -43.81
CA GLY P 164 26.59 -51.15 -43.04
C GLY P 164 27.57 -50.51 -42.09
N TYR P 165 28.74 -51.11 -41.91
CA TYR P 165 29.76 -50.59 -41.02
C TYR P 165 30.63 -49.59 -41.77
N PRO P 166 30.82 -48.38 -41.24
CA PRO P 166 31.65 -47.39 -41.93
C PRO P 166 33.09 -47.87 -42.11
N THR P 167 33.66 -47.54 -43.27
CA THR P 167 35.05 -47.88 -43.57
C THR P 167 35.85 -46.72 -44.16
N LYS P 168 35.21 -45.63 -44.55
CA LYS P 168 35.92 -44.45 -45.02
C LYS P 168 35.17 -43.22 -44.53
N ALA P 169 35.84 -42.39 -43.72
CA ALA P 169 35.18 -41.24 -43.13
C ALA P 169 36.12 -40.06 -43.06
N ARG P 170 35.54 -38.87 -43.13
CA ARG P 170 36.22 -37.63 -42.81
C ARG P 170 35.74 -37.13 -41.46
N VAL P 171 36.68 -36.65 -40.64
CA VAL P 171 36.40 -36.25 -39.27
C VAL P 171 36.79 -34.79 -39.10
N ASN P 172 35.87 -34.00 -38.56
CA ASN P 172 36.15 -32.63 -38.15
C ASN P 172 35.97 -32.55 -36.64
N MET P 173 36.99 -32.07 -35.93
CA MET P 173 36.88 -31.99 -34.49
C MET P 173 37.49 -30.69 -34.00
N SER P 174 36.98 -30.23 -32.86
CA SER P 174 37.42 -29.00 -32.22
C SER P 174 37.62 -29.25 -30.74
N LEU P 175 38.80 -28.91 -30.24
CA LEU P 175 39.14 -28.97 -28.83
C LEU P 175 39.24 -27.55 -28.30
N LYS P 176 39.04 -27.39 -27.00
CA LYS P 176 39.12 -26.06 -26.38
C LYS P 176 39.99 -26.13 -25.14
N GLU P 177 40.98 -25.26 -25.08
CA GLU P 177 41.85 -25.19 -23.92
C GLU P 177 41.06 -24.69 -22.71
N ILE P 178 41.26 -25.35 -21.57
CA ILE P 178 40.59 -25.00 -20.33
C ILE P 178 41.66 -24.58 -19.32
N GLN P 179 41.18 -24.09 -18.18
CA GLN P 179 42.08 -23.75 -17.09
C GLN P 179 42.74 -25.02 -16.54
N LYS P 180 44.01 -24.91 -16.21
CA LYS P 180 44.76 -26.07 -15.75
C LYS P 180 44.25 -26.52 -14.39
N PRO P 181 43.81 -27.77 -14.24
CA PRO P 181 43.34 -28.23 -12.93
C PRO P 181 44.48 -28.21 -11.91
N SER P 182 44.14 -27.87 -10.67
CA SER P 182 45.13 -27.78 -9.60
C SER P 182 45.21 -29.12 -8.88
N SER P 183 46.44 -29.64 -8.75
CA SER P 183 46.69 -30.86 -7.99
C SER P 183 46.96 -30.59 -6.53
N ASP P 184 46.53 -29.44 -6.01
CA ASP P 184 46.80 -29.03 -4.65
C ASP P 184 45.60 -29.19 -3.72
N SER P 185 44.50 -29.76 -4.21
CA SER P 185 43.26 -29.90 -3.44
C SER P 185 42.84 -28.56 -2.87
N LYS P 186 42.24 -28.57 -1.69
CA LYS P 186 41.92 -27.35 -0.96
C LYS P 186 42.55 -27.28 0.42
N ALA P 187 42.78 -28.42 1.08
CA ALA P 187 43.53 -28.39 2.33
C ALA P 187 44.97 -27.97 2.09
N LEU P 188 45.61 -28.54 1.06
CA LEU P 188 47.00 -28.19 0.75
C LEU P 188 47.15 -26.76 0.26
N GLU P 189 46.25 -26.28 -0.60
CA GLU P 189 46.34 -24.91 -1.09
C GLU P 189 46.20 -23.90 0.03
N GLU P 190 45.28 -24.13 0.97
CA GLU P 190 45.14 -23.25 2.12
C GLU P 190 46.31 -23.40 3.09
N ALA P 191 46.81 -24.62 3.28
CA ALA P 191 47.92 -24.82 4.21
C ALA P 191 49.18 -24.12 3.73
N LYS P 192 49.50 -24.24 2.44
CA LYS P 192 50.70 -23.59 1.94
C LYS P 192 50.51 -22.09 1.80
N LYS P 193 49.27 -21.64 1.67
CA LYS P 193 48.98 -20.21 1.80
C LYS P 193 49.25 -19.73 3.21
N LYS P 194 48.89 -20.53 4.21
CA LYS P 194 49.07 -20.13 5.60
C LYS P 194 50.51 -20.22 6.06
N VAL P 195 51.29 -21.13 5.46
CA VAL P 195 52.65 -21.38 5.92
C VAL P 195 53.52 -20.14 5.70
N LYS P 196 53.44 -19.54 4.51
CA LYS P 196 54.19 -18.34 4.22
C LYS P 196 53.48 -17.07 4.69
N VAL P 197 52.46 -17.22 5.54
CA VAL P 197 51.75 -16.11 6.17
C VAL P 197 51.29 -15.11 5.12
N GLU P 198 50.74 -15.59 4.02
CA GLU P 198 50.13 -14.72 3.04
C GLU P 198 48.62 -14.66 3.15
N THR P 199 48.10 -15.09 4.29
CA THR P 199 46.67 -15.08 4.52
C THR P 199 46.27 -13.87 5.33
N VAL P 200 45.06 -13.92 5.87
CA VAL P 200 44.58 -12.82 6.67
C VAL P 200 44.57 -13.31 8.10
N GLN P 201 45.71 -13.19 8.77
CA GLN P 201 45.81 -13.72 10.12
C GLN P 201 45.00 -12.99 11.17
N ASN P 202 44.86 -13.60 12.34
CA ASN P 202 44.14 -12.97 13.43
C ASN P 202 44.89 -13.57 14.59
N GLY P 203 44.28 -13.60 15.78
CA GLY P 203 44.93 -14.25 16.89
C GLY P 203 45.13 -15.75 16.91
N ASN P 204 44.69 -16.41 15.84
CA ASN P 204 44.69 -17.86 15.76
C ASN P 204 46.02 -18.41 15.26
N LEU P 205 46.34 -19.62 15.69
CA LEU P 205 47.50 -20.32 15.18
C LEU P 205 47.23 -20.85 13.78
N LYS P 206 48.31 -21.07 13.03
CA LYS P 206 48.16 -21.61 11.68
C LYS P 206 47.58 -23.03 11.72
N LYS P 207 47.99 -23.83 12.69
CA LYS P 207 47.47 -25.18 12.87
C LYS P 207 46.66 -25.20 14.16
N THR P 208 45.36 -25.43 14.05
CA THR P 208 44.51 -25.53 15.24
C THR P 208 44.90 -26.77 16.06
N LEU P 209 44.90 -26.61 17.38
CA LEU P 209 45.36 -27.68 18.25
C LEU P 209 44.42 -28.87 18.23
N SER P 210 45.00 -30.07 18.24
CA SER P 210 44.25 -31.31 18.33
C SER P 210 44.09 -31.72 19.80
N GLU P 211 43.23 -32.72 20.03
CA GLU P 211 42.95 -33.13 21.41
C GLU P 211 44.19 -33.67 22.09
N LYS P 212 45.00 -34.45 21.37
CA LYS P 212 46.26 -34.91 21.95
C LYS P 212 47.20 -33.73 22.20
N GLN P 213 47.22 -32.77 21.28
CA GLN P 213 48.01 -31.57 21.50
C GLN P 213 47.52 -30.79 22.71
N LEU P 214 46.20 -30.74 22.91
CA LEU P 214 45.67 -30.08 24.10
C LEU P 214 46.11 -30.80 25.37
N ILE P 215 46.08 -32.14 25.36
CA ILE P 215 46.50 -32.90 26.53
C ILE P 215 47.98 -32.63 26.84
N ASP P 216 48.82 -32.69 25.80
CA ASP P 216 50.24 -32.42 26.01
C ASP P 216 50.50 -31.00 26.46
N GLY P 217 49.74 -30.04 25.93
CA GLY P 217 49.89 -28.66 26.39
C GLY P 217 49.52 -28.49 27.85
N VAL P 218 48.44 -29.15 28.27
CA VAL P 218 48.07 -29.12 29.68
C VAL P 218 49.19 -29.73 30.52
N LYS P 219 49.79 -30.82 30.04
CA LYS P 219 50.92 -31.43 30.74
C LYS P 219 52.07 -30.43 30.90
N ARG P 220 52.45 -29.77 29.81
CA ARG P 220 53.57 -28.83 29.87
C ARG P 220 53.26 -27.65 30.79
N VAL P 221 52.03 -27.15 30.74
CA VAL P 221 51.64 -26.04 31.59
C VAL P 221 51.70 -26.44 33.06
N THR P 222 51.20 -27.64 33.37
CA THR P 222 51.26 -28.11 34.75
C THR P 222 52.70 -28.28 35.21
N GLU P 223 53.56 -28.82 34.35
CA GLU P 223 54.96 -28.97 34.70
C GLU P 223 55.59 -27.62 35.03
N TYR P 224 55.42 -26.65 34.14
CA TYR P 224 56.02 -25.34 34.36
C TYR P 224 55.45 -24.67 35.60
N LEU P 225 54.14 -24.77 35.81
CA LEU P 225 53.50 -24.13 36.95
C LEU P 225 54.00 -24.72 38.26
N LYS P 226 54.11 -26.05 38.32
CA LYS P 226 54.61 -26.68 39.54
C LYS P 226 56.09 -26.42 39.75
N LYS P 227 56.86 -26.26 38.68
CA LYS P 227 58.28 -25.93 38.86
C LYS P 227 58.43 -24.49 39.34
N ASN P 228 57.67 -23.57 38.76
CA ASN P 228 57.76 -22.15 39.08
C ASN P 228 56.61 -21.68 39.96
N ILE P 229 56.11 -22.52 40.86
CA ILE P 229 55.00 -22.12 41.72
C ILE P 229 55.44 -21.04 42.69
N SER P 230 56.69 -21.07 43.16
CA SER P 230 57.12 -20.15 44.20
C SER P 230 57.30 -18.73 43.67
N PHE P 231 57.44 -18.61 42.35
CA PHE P 231 57.63 -17.30 41.74
C PHE P 231 56.32 -16.79 41.16
N GLN P 232 55.24 -17.53 41.38
CA GLN P 232 53.94 -17.06 40.92
C GLN P 232 53.51 -15.92 41.83
N PRO P 233 52.81 -14.92 41.27
CA PRO P 233 52.29 -13.85 42.11
C PRO P 233 51.23 -14.35 43.09
N ARG P 234 50.98 -13.60 44.16
CA ARG P 234 49.96 -13.96 45.13
C ARG P 234 48.57 -14.21 44.58
N THR P 235 48.27 -13.63 43.43
CA THR P 235 46.96 -13.78 42.81
C THR P 235 46.89 -15.09 42.03
N ILE P 236 48.03 -15.62 41.61
CA ILE P 236 48.04 -16.84 40.81
C ILE P 236 48.26 -18.06 41.69
N GLN P 237 49.14 -17.95 42.68
CA GLN P 237 49.45 -19.07 43.54
C GLN P 237 48.31 -19.47 44.48
N ASN P 238 47.47 -18.51 44.89
CA ASN P 238 46.40 -18.81 45.83
C ASN P 238 45.25 -19.49 45.10
N ILE P 239 45.05 -19.16 43.84
CA ILE P 239 44.02 -19.84 43.05
C ILE P 239 44.50 -21.22 42.63
N LEU P 240 45.82 -21.42 42.53
CA LEU P 240 46.33 -22.77 42.30
C LEU P 240 46.26 -23.64 43.54
N SER P 241 46.21 -23.05 44.73
CA SER P 241 46.09 -23.84 45.94
C SER P 241 44.74 -24.56 46.02
N ASP P 242 43.76 -24.09 45.28
CA ASP P 242 42.45 -24.73 45.25
C ASP P 242 42.51 -25.97 44.38
N PRO P 243 42.20 -27.16 44.91
CA PRO P 243 42.18 -28.37 44.07
C PRO P 243 41.11 -28.36 42.99
N LYS P 244 40.12 -27.47 43.09
CA LYS P 244 39.04 -27.39 42.12
C LYS P 244 39.35 -26.43 40.98
N SER P 245 40.63 -26.13 40.77
CA SER P 245 41.07 -25.23 39.69
C SER P 245 41.60 -26.07 38.53
N VAL P 246 41.25 -25.66 37.31
CA VAL P 246 41.63 -26.38 36.11
C VAL P 246 42.35 -25.43 35.15
N ILE P 247 43.06 -26.02 34.20
CA ILE P 247 43.77 -25.30 33.16
C ILE P 247 43.08 -25.57 31.84
N LYS P 248 42.69 -24.52 31.13
CA LYS P 248 42.00 -24.65 29.85
C LYS P 248 42.81 -23.94 28.77
N ILE P 249 43.03 -24.63 27.65
CA ILE P 249 43.80 -24.10 26.53
C ILE P 249 42.85 -23.87 25.37
N ASP P 250 42.86 -22.66 24.82
CA ASP P 250 42.04 -22.36 23.66
C ASP P 250 42.49 -23.16 22.45
N LYS P 251 41.54 -23.65 21.68
CA LYS P 251 41.84 -24.55 20.58
C LYS P 251 42.48 -23.82 19.40
N ASP P 252 42.03 -22.60 19.12
CA ASP P 252 42.47 -21.87 17.93
C ASP P 252 43.61 -20.90 18.21
N THR P 253 43.65 -20.29 19.40
CA THR P 253 44.71 -19.36 19.73
C THR P 253 45.77 -19.93 20.65
N GLY P 254 45.46 -20.99 21.39
CA GLY P 254 46.43 -21.59 22.27
C GLY P 254 46.64 -20.88 23.58
N GLN P 255 45.82 -19.88 23.90
CA GLN P 255 45.96 -19.18 25.16
C GLN P 255 45.61 -20.11 26.32
N VAL P 256 46.41 -20.06 27.37
CA VAL P 256 46.23 -20.90 28.56
C VAL P 256 45.58 -20.06 29.63
N SER P 257 44.54 -20.61 30.26
CA SER P 257 43.77 -19.89 31.27
C SER P 257 43.58 -20.77 32.50
N LEU P 258 43.49 -20.12 33.66
CA LEU P 258 43.22 -20.77 34.92
C LEU P 258 41.77 -20.53 35.30
N PHE P 259 41.08 -21.59 35.71
CA PHE P 259 39.70 -21.50 36.14
C PHE P 259 39.60 -21.98 37.58
N ASN P 260 39.03 -21.15 38.45
CA ASN P 260 38.97 -21.44 39.87
C ASN P 260 37.89 -22.47 40.17
N GLY P 261 37.63 -22.69 41.44
CA GLY P 261 36.61 -23.63 41.88
C GLY P 261 35.23 -23.26 41.36
N ASN P 262 34.92 -21.96 41.33
CA ASN P 262 33.64 -21.50 40.80
C ASN P 262 33.49 -21.78 39.31
N GLY P 263 34.58 -21.96 38.58
CA GLY P 263 34.51 -22.19 37.16
C GLY P 263 34.66 -20.96 36.31
N GLU P 264 35.08 -19.84 36.87
CA GLU P 264 35.26 -18.61 36.12
C GLU P 264 36.72 -18.42 35.72
N PHE P 265 36.92 -17.58 34.71
CA PHE P 265 38.27 -17.24 34.27
C PHE P 265 38.98 -16.45 35.36
N ALA P 266 40.23 -16.81 35.64
CA ALA P 266 40.98 -16.19 36.73
C ALA P 266 42.21 -15.44 36.23
N ALA P 267 43.05 -16.09 35.42
CA ALA P 267 44.27 -15.46 34.95
C ALA P 267 44.70 -16.09 33.64
N LEU P 268 45.47 -15.33 32.87
CA LEU P 268 46.11 -15.82 31.65
C LEU P 268 47.54 -16.19 31.96
N VAL P 269 47.91 -17.44 31.70
CA VAL P 269 49.22 -17.95 32.06
C VAL P 269 50.21 -17.82 30.91
N GLY P 270 49.78 -18.03 29.69
CA GLY P 270 50.69 -17.94 28.56
C GLY P 270 50.03 -18.43 27.29
N THR P 271 50.87 -18.81 26.33
CA THR P 271 50.41 -19.31 25.05
C THR P 271 50.97 -20.71 24.82
N TYR P 272 50.26 -21.51 24.03
CA TYR P 272 50.73 -22.82 23.65
C TYR P 272 50.47 -23.04 22.17
N ASN P 273 51.52 -23.15 21.39
CA ASN P 273 51.42 -23.58 20.01
C ASN P 273 51.56 -25.10 19.97
N GLY P 274 51.82 -25.63 18.78
CA GLY P 274 51.88 -27.08 18.63
C GLY P 274 52.93 -27.77 19.47
N ASP P 275 54.02 -27.09 19.82
CA ASP P 275 55.16 -27.76 20.43
C ASP P 275 55.65 -27.14 21.73
N ILE P 276 55.63 -25.82 21.87
CA ILE P 276 56.33 -25.14 22.96
C ILE P 276 55.36 -24.27 23.74
N PHE P 277 55.41 -24.36 25.06
CA PHE P 277 54.62 -23.49 25.93
C PHE P 277 55.41 -22.23 26.25
N SER P 278 54.84 -21.08 25.89
CA SER P 278 55.49 -19.80 26.12
C SER P 278 54.79 -19.08 27.27
N PRO P 279 55.40 -19.01 28.46
CA PRO P 279 54.76 -18.32 29.57
C PRO P 279 54.75 -16.82 29.36
N SER P 280 53.80 -16.15 30.02
CA SER P 280 53.68 -14.71 29.94
C SER P 280 53.51 -14.09 31.32
N SER Q 2 9.09 -22.90 -74.95
CA SER Q 2 8.91 -23.44 -76.30
C SER Q 2 7.48 -23.27 -76.76
N LYS Q 3 7.29 -23.07 -78.06
CA LYS Q 3 5.97 -22.87 -78.63
C LYS Q 3 5.29 -24.19 -78.96
N PHE Q 4 5.92 -25.32 -78.67
CA PHE Q 4 5.31 -26.63 -78.83
C PHE Q 4 4.83 -27.22 -77.52
N LEU Q 5 5.28 -26.69 -76.38
CA LEU Q 5 4.81 -27.13 -75.07
C LEU Q 5 3.87 -26.12 -74.42
N LYS Q 6 3.78 -24.91 -74.95
CA LYS Q 6 2.91 -23.89 -74.36
C LYS Q 6 1.45 -24.33 -74.40
N ASN Q 7 0.75 -24.08 -73.30
CA ASN Q 7 -0.67 -24.38 -73.21
C ASN Q 7 -1.43 -23.40 -74.10
N ARG Q 8 -1.92 -23.89 -75.24
CA ARG Q 8 -2.61 -23.02 -76.17
C ARG Q 8 -3.98 -22.61 -75.65
N ALA Q 9 -4.51 -23.33 -74.66
CA ALA Q 9 -5.80 -22.96 -74.10
C ALA Q 9 -5.74 -21.61 -73.40
N VAL Q 10 -4.66 -21.34 -72.68
CA VAL Q 10 -4.53 -20.08 -71.97
C VAL Q 10 -3.97 -18.98 -72.89
N VAL Q 11 -3.12 -19.33 -73.84
CA VAL Q 11 -2.56 -18.33 -74.74
C VAL Q 11 -3.67 -17.67 -75.55
N ASN Q 12 -4.57 -18.47 -76.11
CA ASN Q 12 -5.65 -17.93 -76.92
C ASN Q 12 -6.59 -17.03 -76.14
N GLY Q 13 -6.70 -17.21 -74.83
CA GLY Q 13 -7.55 -16.37 -74.02
C GLY Q 13 -6.96 -15.05 -73.59
N LEU Q 14 -5.74 -14.76 -74.00
CA LEU Q 14 -5.11 -13.50 -73.64
C LEU Q 14 -5.34 -12.45 -74.73
N PRO Q 15 -5.43 -11.17 -74.35
CA PRO Q 15 -5.64 -10.13 -75.35
C PRO Q 15 -4.44 -9.98 -76.27
N VAL Q 16 -4.73 -9.66 -77.53
CA VAL Q 16 -3.70 -9.42 -78.55
C VAL Q 16 -3.40 -7.94 -78.56
N ILE Q 17 -2.12 -7.59 -78.43
CA ILE Q 17 -1.68 -6.21 -78.38
C ILE Q 17 -1.11 -5.82 -79.74
N LYS Q 18 -1.41 -4.60 -80.16
CA LYS Q 18 -0.89 -4.07 -81.41
C LYS Q 18 0.45 -3.38 -81.17
N ASN Q 19 1.39 -3.62 -82.07
CA ASN Q 19 2.71 -3.02 -81.92
C ASN Q 19 2.64 -1.52 -82.16
N PRO Q 20 3.14 -0.67 -81.19
CA PRO Q 20 2.94 0.76 -81.51
C PRO Q 20 3.73 1.22 -82.73
N GLY Q 21 4.77 0.49 -83.10
CA GLY Q 21 5.60 0.89 -84.22
C GLY Q 21 6.60 1.96 -83.82
N LYS Q 22 6.60 2.34 -82.55
CA LYS Q 22 7.51 3.37 -82.07
C LYS Q 22 8.19 2.93 -80.78
N TYR Q 23 9.42 3.38 -80.59
CA TYR Q 23 10.16 3.01 -79.38
C TYR Q 23 9.65 3.79 -78.18
N GLN Q 24 8.75 3.17 -77.42
CA GLN Q 24 8.18 3.82 -76.25
C GLN Q 24 9.14 3.81 -75.08
N HIS Q 25 9.15 4.89 -74.32
CA HIS Q 25 9.92 5.00 -73.10
C HIS Q 25 8.98 5.10 -71.91
N CYS Q 26 9.33 4.41 -70.83
CA CYS Q 26 8.54 4.46 -69.61
C CYS Q 26 8.84 5.73 -68.84
N TYR Q 27 7.93 6.07 -67.93
CA TYR Q 27 8.13 7.27 -67.12
C TYR Q 27 7.41 7.13 -65.80
N LEU Q 28 7.73 8.04 -64.89
CA LEU Q 28 7.03 8.18 -63.62
C LEU Q 28 6.17 9.44 -63.68
N ILE Q 29 4.90 9.30 -63.35
CA ILE Q 29 3.97 10.42 -63.36
C ILE Q 29 3.30 10.47 -62.00
N GLU Q 30 2.75 11.62 -61.66
CA GLU Q 30 1.97 11.72 -60.44
C GLU Q 30 0.72 10.86 -60.55
N TYR Q 31 0.32 10.25 -59.45
CA TYR Q 31 -1.01 9.68 -59.41
C TYR Q 31 -2.03 10.82 -59.46
N GLU Q 32 -3.28 10.48 -59.77
CA GLU Q 32 -4.35 11.41 -60.09
C GLU Q 32 -3.94 12.35 -61.22
N ASP Q 33 -2.78 12.09 -61.83
CA ASP Q 33 -2.35 12.68 -63.07
C ASP Q 33 -2.22 11.62 -64.16
N SER Q 34 -2.57 10.37 -63.85
CA SER Q 34 -2.43 9.25 -64.77
C SER Q 34 -3.38 9.31 -65.94
N THR Q 35 -4.46 10.09 -65.75
CA THR Q 35 -5.51 10.19 -66.75
C THR Q 35 -5.47 11.58 -67.35
N ASN Q 36 -4.26 12.09 -67.56
CA ASN Q 36 -4.11 13.43 -68.07
C ASN Q 36 -3.23 13.49 -69.27
N VAL Q 37 -3.58 14.34 -70.23
CA VAL Q 37 -2.71 14.54 -71.38
C VAL Q 37 -1.80 15.69 -71.01
N LYS Q 38 -0.86 16.04 -71.88
CA LYS Q 38 -0.03 17.21 -71.62
C LYS Q 38 -0.85 18.41 -72.02
N GLN Q 39 -1.64 18.94 -71.09
CA GLN Q 39 -2.52 20.06 -71.42
C GLN Q 39 -1.75 21.26 -71.96
N THR Q 40 -0.63 21.58 -71.33
CA THR Q 40 0.18 22.68 -71.83
C THR Q 40 1.36 22.17 -72.72
N PRO Q 41 1.81 22.96 -73.76
CA PRO Q 41 3.00 22.48 -74.47
C PRO Q 41 4.24 22.31 -73.58
N THR Q 42 4.40 23.13 -72.57
CA THR Q 42 5.58 23.09 -71.71
C THR Q 42 5.15 23.20 -70.25
N GLU Q 43 5.75 22.36 -69.40
CA GLU Q 43 5.35 22.28 -68.00
C GLU Q 43 5.38 23.62 -67.30
N ASN Q 44 4.33 23.91 -66.54
CA ASN Q 44 4.26 25.04 -65.62
C ASN Q 44 4.32 24.48 -64.21
N LYS Q 45 5.36 24.86 -63.46
CA LYS Q 45 5.54 24.30 -62.12
C LYS Q 45 4.52 24.85 -61.14
N ASN Q 46 4.00 26.04 -61.39
CA ASN Q 46 3.06 26.65 -60.45
C ASN Q 46 1.69 26.01 -60.49
N LYS Q 47 1.20 25.65 -61.68
CA LYS Q 47 -0.14 25.09 -61.83
C LYS Q 47 -0.06 23.57 -61.77
N GLN Q 48 -1.01 22.96 -61.08
CA GLN Q 48 -1.01 21.53 -60.83
C GLN Q 48 -1.89 20.79 -61.84
N GLN Q 49 -1.79 19.46 -61.81
CA GLN Q 49 -2.59 18.58 -62.66
C GLN Q 49 -2.37 18.87 -64.14
N GLN Q 50 -1.11 19.10 -64.51
CA GLN Q 50 -0.77 19.45 -65.89
C GLN Q 50 -0.42 18.24 -66.74
N GLY Q 51 -0.42 17.04 -66.17
CA GLY Q 51 -0.17 15.84 -66.94
C GLY Q 51 1.22 15.70 -67.52
N PHE Q 52 2.24 16.17 -66.81
CA PHE Q 52 3.60 15.95 -67.24
C PHE Q 52 4.27 14.91 -66.36
N PRO Q 53 5.10 14.04 -66.93
CA PRO Q 53 5.77 13.02 -66.11
C PRO Q 53 6.69 13.64 -65.08
N VAL Q 54 6.77 13.00 -63.92
CA VAL Q 54 7.69 13.45 -62.88
C VAL Q 54 9.12 13.16 -63.29
N TYR Q 55 9.37 11.98 -63.89
CA TYR Q 55 10.70 11.61 -64.33
C TYR Q 55 10.58 10.76 -65.59
N LEU Q 56 11.30 11.14 -66.63
CA LEU Q 56 11.31 10.43 -67.90
C LEU Q 56 12.57 9.58 -67.99
N PHE Q 57 12.39 8.29 -68.27
CA PHE Q 57 13.51 7.37 -68.36
C PHE Q 57 14.29 7.62 -69.65
N MET Q 58 15.62 7.75 -69.52
CA MET Q 58 16.44 7.83 -70.72
C MET Q 58 16.50 6.49 -71.44
N MET Q 59 16.67 5.40 -70.70
CA MET Q 59 16.70 4.07 -71.27
C MET Q 59 15.74 3.19 -70.49
N ASN Q 60 15.00 2.36 -71.22
CA ASN Q 60 14.03 1.48 -70.60
C ASN Q 60 14.74 0.41 -69.79
N PRO Q 61 14.10 -0.08 -68.71
CA PRO Q 61 14.70 -1.14 -67.93
C PRO Q 61 14.84 -2.43 -68.74
N GLU Q 62 15.92 -3.16 -68.48
CA GLU Q 62 16.11 -4.45 -69.11
C GLU Q 62 15.15 -5.49 -68.54
N ASN Q 63 14.93 -5.47 -67.23
CA ASN Q 63 13.94 -6.35 -66.62
C ASN Q 63 13.41 -5.69 -65.36
N ILE Q 64 12.17 -6.03 -65.03
CA ILE Q 64 11.47 -5.47 -63.88
C ILE Q 64 11.02 -6.62 -62.99
N THR Q 65 11.25 -6.50 -61.69
CA THR Q 65 10.92 -7.56 -60.75
C THR Q 65 9.73 -7.16 -59.90
N TYR Q 66 8.77 -8.06 -59.78
CA TYR Q 66 7.59 -7.90 -58.95
C TYR Q 66 7.66 -8.90 -57.80
N ASN Q 67 7.40 -8.45 -56.58
CA ASN Q 67 7.44 -9.32 -55.41
C ASN Q 67 6.21 -9.08 -54.55
N LEU Q 68 5.51 -10.16 -54.21
CA LEU Q 68 4.31 -10.07 -53.39
C LEU Q 68 4.29 -11.14 -52.32
N PRO Q 69 4.64 -10.81 -51.09
CA PRO Q 69 4.44 -11.77 -49.99
C PRO Q 69 3.04 -11.65 -49.40
N ILE Q 70 2.39 -12.77 -49.15
CA ILE Q 70 1.06 -12.80 -48.54
C ILE Q 70 1.25 -13.20 -47.08
N ASN Q 71 0.72 -12.38 -46.18
CA ASN Q 71 0.98 -12.53 -44.76
C ASN Q 71 -0.02 -13.51 -44.16
N TYR Q 72 0.42 -14.76 -44.00
CA TYR Q 72 -0.26 -15.79 -43.23
C TYR Q 72 0.48 -16.00 -41.92
N GLN Q 73 -0.25 -16.43 -40.90
CA GLN Q 73 0.33 -16.64 -39.58
C GLN Q 73 0.20 -18.11 -39.19
N GLU Q 74 1.25 -18.65 -38.59
CA GLU Q 74 1.30 -20.05 -38.22
C GLU Q 74 1.11 -20.20 -36.72
N ILE Q 75 0.19 -21.07 -36.32
CA ILE Q 75 -0.08 -21.36 -34.92
C ILE Q 75 0.34 -22.79 -34.67
N ALA Q 76 1.24 -22.99 -33.69
CA ALA Q 76 1.74 -24.32 -33.36
C ALA Q 76 0.92 -24.86 -32.19
N ILE Q 77 0.08 -25.85 -32.48
CA ILE Q 77 -0.70 -26.53 -31.44
C ILE Q 77 -0.01 -27.85 -31.12
N PRO Q 78 0.25 -28.15 -29.86
CA PRO Q 78 0.99 -29.37 -29.52
C PRO Q 78 0.23 -30.62 -29.93
N PHE Q 79 0.99 -31.66 -30.26
CA PHE Q 79 0.47 -32.97 -30.66
C PHE Q 79 -0.53 -32.84 -31.80
N THR Q 80 -0.18 -32.01 -32.77
CA THR Q 80 -0.93 -31.86 -34.00
C THR Q 80 0.00 -32.15 -35.17
N ALA Q 81 -0.50 -32.89 -36.16
CA ALA Q 81 0.32 -33.23 -37.31
C ALA Q 81 0.66 -31.99 -38.15
N LYS Q 82 -0.19 -30.97 -38.11
CA LYS Q 82 0.01 -29.78 -38.92
C LYS Q 82 -0.24 -28.55 -38.06
N ASN Q 83 0.45 -27.47 -38.42
CA ASN Q 83 0.19 -26.19 -37.76
C ASN Q 83 -1.08 -25.56 -38.34
N GLN Q 84 -1.64 -24.62 -37.58
CA GLN Q 84 -2.83 -23.91 -37.97
C GLN Q 84 -2.40 -22.62 -38.66
N LEU Q 85 -2.87 -22.41 -39.89
CA LEU Q 85 -2.52 -21.22 -40.65
C LEU Q 85 -3.71 -20.29 -40.74
N ASN Q 86 -3.55 -19.06 -40.25
CA ASN Q 86 -4.59 -18.06 -40.28
C ASN Q 86 -4.15 -16.92 -41.18
N TYR Q 87 -5.02 -16.53 -42.11
CA TYR Q 87 -4.76 -15.39 -42.97
C TYR Q 87 -4.70 -14.12 -42.15
N SER Q 88 -3.66 -13.33 -42.37
CA SER Q 88 -3.48 -12.07 -41.66
C SER Q 88 -3.70 -10.87 -42.59
N ASN Q 89 -2.99 -10.80 -43.71
CA ASN Q 89 -3.26 -9.77 -44.70
C ASN Q 89 -2.56 -10.15 -46.01
N GLY Q 90 -2.67 -9.26 -46.98
CA GLY Q 90 -2.23 -9.56 -48.33
C GLY Q 90 -0.84 -9.08 -48.68
N GLY Q 91 -0.48 -7.87 -48.26
CA GLY Q 91 0.85 -7.36 -48.53
C GLY Q 91 0.95 -6.50 -49.77
N ASN Q 92 1.96 -5.64 -49.81
CA ASN Q 92 2.19 -4.70 -50.90
C ASN Q 92 3.12 -5.31 -51.93
N ILE Q 93 2.94 -4.91 -53.19
CA ILE Q 93 3.83 -5.36 -54.26
C ILE Q 93 5.04 -4.45 -54.31
N VAL Q 94 6.22 -5.05 -54.27
CA VAL Q 94 7.48 -4.32 -54.41
C VAL Q 94 7.99 -4.54 -55.82
N MET Q 95 8.18 -3.46 -56.55
CA MET Q 95 8.55 -3.51 -57.96
C MET Q 95 9.88 -2.79 -58.16
N THR Q 96 10.85 -3.50 -58.71
CA THR Q 96 12.24 -3.06 -58.69
C THR Q 96 12.83 -3.06 -60.08
N MET Q 97 13.59 -2.00 -60.41
CA MET Q 97 14.43 -1.99 -61.61
C MET Q 97 15.87 -1.88 -61.14
N SER Q 98 16.75 -2.67 -61.74
CA SER Q 98 18.17 -2.60 -61.45
C SER Q 98 18.95 -2.30 -62.74
N ASN Q 99 20.12 -1.69 -62.56
CA ASN Q 99 21.05 -1.44 -63.64
C ASN Q 99 20.43 -0.61 -64.77
N LEU Q 100 19.62 0.37 -64.38
CA LEU Q 100 19.09 1.34 -65.32
C LEU Q 100 20.23 2.23 -65.81
N ILE Q 101 20.23 2.53 -67.10
CA ILE Q 101 21.35 3.21 -67.74
C ILE Q 101 21.03 4.69 -67.88
N LEU Q 102 21.98 5.53 -67.47
CA LEU Q 102 21.98 6.95 -67.80
C LEU Q 102 23.33 7.26 -68.41
N ASP Q 103 23.32 7.81 -69.63
CA ASP Q 103 24.57 7.99 -70.36
C ASP Q 103 24.44 9.26 -71.20
N THR Q 104 25.32 10.23 -70.92
CA THR Q 104 25.43 11.43 -71.73
C THR Q 104 26.88 11.80 -71.96
N MET Q 105 27.78 10.82 -71.93
CA MET Q 105 29.21 11.11 -72.02
C MET Q 105 29.56 11.71 -73.38
N ASP Q 106 28.98 11.18 -74.45
CA ASP Q 106 29.27 11.69 -75.78
C ASP Q 106 28.66 13.07 -76.00
N GLU Q 107 27.45 13.30 -75.47
CA GLU Q 107 26.81 14.60 -75.64
C GLU Q 107 27.39 15.65 -74.71
N LYS Q 108 28.20 15.24 -73.74
CA LYS Q 108 28.80 16.15 -72.76
C LYS Q 108 27.73 16.94 -72.02
N ARG Q 109 26.71 16.22 -71.56
CA ARG Q 109 25.60 16.81 -70.82
C ARG Q 109 25.59 16.26 -69.41
N SER Q 110 25.39 17.15 -68.44
CA SER Q 110 25.38 16.75 -67.04
C SER Q 110 24.12 15.98 -66.71
N LEU Q 111 24.28 14.90 -65.95
CA LEU Q 111 23.15 14.14 -65.45
C LEU Q 111 22.66 14.65 -64.10
N GLN Q 112 23.30 15.67 -63.56
CA GLN Q 112 22.93 16.20 -62.25
C GLN Q 112 21.46 16.59 -62.14
N PRO Q 113 20.83 17.24 -63.13
CA PRO Q 113 19.39 17.51 -62.99
C PRO Q 113 18.55 16.27 -62.81
N LEU Q 114 18.83 15.18 -63.54
CA LEU Q 114 18.05 13.96 -63.39
C LEU Q 114 18.24 13.36 -62.00
N ILE Q 115 19.48 13.33 -61.52
CA ILE Q 115 19.74 12.78 -60.19
C ILE Q 115 19.06 13.62 -59.12
N ASP Q 116 19.13 14.94 -59.25
CA ASP Q 116 18.45 15.82 -58.30
C ASP Q 116 16.93 15.61 -58.35
N ARG Q 117 16.38 15.44 -59.54
CA ARG Q 117 14.95 15.18 -59.68
C ARG Q 117 14.55 13.90 -58.96
N LEU Q 118 15.34 12.84 -59.14
CA LEU Q 118 15.06 11.59 -58.45
C LEU Q 118 15.23 11.71 -56.95
N ILE Q 119 16.23 12.47 -56.51
CA ILE Q 119 16.46 12.65 -55.08
C ILE Q 119 15.31 13.41 -54.44
N ALA Q 120 14.75 14.40 -55.15
CA ALA Q 120 13.70 15.23 -54.58
C ALA Q 120 12.43 14.46 -54.24
N LEU Q 121 12.37 13.16 -54.49
CA LEU Q 121 11.20 12.36 -54.20
C LEU Q 121 11.16 11.85 -52.76
N ARG Q 122 12.19 12.11 -51.97
CA ARG Q 122 12.13 11.88 -50.53
C ARG Q 122 11.59 13.09 -49.77
N GLU Q 123 11.45 14.23 -50.41
CA GLU Q 123 11.05 15.45 -49.74
C GLU Q 123 9.52 15.50 -49.65
N PRO Q 124 8.95 15.80 -48.47
CA PRO Q 124 7.49 15.75 -48.32
C PRO Q 124 6.82 16.98 -48.90
N THR Q 125 6.17 16.81 -50.06
CA THR Q 125 5.63 17.94 -50.80
C THR Q 125 4.12 18.04 -50.63
N VAL Q 126 3.43 16.91 -50.81
CA VAL Q 126 1.98 16.88 -50.74
C VAL Q 126 1.52 17.01 -49.30
N LYS Q 127 0.56 17.89 -49.05
CA LYS Q 127 -0.01 18.10 -47.74
C LYS Q 127 -1.46 17.60 -47.75
N LYS Q 128 -1.67 16.38 -47.22
CA LYS Q 128 -3.02 15.86 -47.01
C LYS Q 128 -3.37 16.05 -45.53
N GLY Q 129 -4.22 17.03 -45.29
CA GLY Q 129 -4.63 17.33 -43.92
C GLY Q 129 -3.48 17.86 -43.10
N LEU Q 130 -3.03 17.05 -42.14
CA LEU Q 130 -1.86 17.38 -41.33
C LEU Q 130 -0.69 16.47 -41.63
N LYS Q 131 -0.71 15.75 -42.75
CA LYS Q 131 0.35 14.82 -43.13
C LYS Q 131 1.05 15.37 -44.35
N SER Q 132 2.36 15.57 -44.22
CA SER Q 132 3.19 15.91 -45.38
C SER Q 132 3.92 14.67 -45.86
N HIS Q 133 3.75 14.34 -47.13
CA HIS Q 133 4.36 13.14 -47.69
C HIS Q 133 4.75 13.40 -49.14
N PRO Q 134 5.71 12.63 -49.66
CA PRO Q 134 6.10 12.79 -51.07
C PRO Q 134 4.96 12.40 -52.00
N LYS Q 135 5.06 12.85 -53.25
CA LYS Q 135 4.00 12.63 -54.23
C LYS Q 135 3.86 11.14 -54.54
N ILE Q 136 2.60 10.69 -54.56
CA ILE Q 136 2.31 9.30 -54.89
C ILE Q 136 2.46 9.13 -56.40
N LEU Q 137 3.16 8.09 -56.81
CA LEU Q 137 3.60 7.97 -58.20
C LEU Q 137 2.81 6.90 -58.93
N ALA Q 138 3.05 6.86 -60.24
CA ALA Q 138 2.53 5.83 -61.13
C ALA Q 138 3.57 5.59 -62.19
N PHE Q 139 4.00 4.33 -62.32
CA PHE Q 139 4.96 3.96 -63.34
C PHE Q 139 4.22 3.58 -64.61
N LYS Q 140 4.31 4.42 -65.63
CA LYS Q 140 3.51 4.27 -66.84
C LYS Q 140 4.44 3.92 -68.00
N TRP Q 141 4.13 2.83 -68.68
CA TRP Q 141 4.90 2.40 -69.85
C TRP Q 141 3.91 2.03 -70.94
N GLY Q 142 3.90 2.77 -72.04
CA GLY Q 142 2.91 2.53 -73.06
C GLY Q 142 1.51 2.70 -72.52
N SER Q 143 0.66 1.70 -72.77
CA SER Q 143 -0.69 1.70 -72.26
C SER Q 143 -0.81 1.04 -70.89
N ASN Q 144 0.29 0.59 -70.31
CA ASN Q 144 0.28 -0.10 -69.04
C ASN Q 144 0.68 0.84 -67.91
N THR Q 145 -0.08 0.77 -66.82
CA THR Q 145 0.23 1.43 -65.57
C THR Q 145 0.59 0.35 -64.55
N PHE Q 146 1.13 0.77 -63.41
CA PHE Q 146 1.48 -0.22 -62.41
C PHE Q 146 0.53 -0.12 -61.21
N ALA Q 147 0.55 1.01 -60.52
CA ALA Q 147 -0.23 1.18 -59.30
C ALA Q 147 -0.03 2.60 -58.78
N PRO Q 148 -0.80 3.03 -57.79
CA PRO Q 148 -0.30 4.09 -56.91
C PRO Q 148 0.87 3.57 -56.10
N CYS Q 149 2.06 4.11 -56.36
CA CYS Q 149 3.28 3.61 -55.76
C CYS Q 149 4.10 4.77 -55.24
N VAL Q 150 5.03 4.47 -54.34
CA VAL Q 150 5.94 5.46 -53.77
C VAL Q 150 7.36 4.98 -53.95
N LEU Q 151 8.27 5.91 -54.20
CA LEU Q 151 9.68 5.57 -54.27
C LEU Q 151 10.18 5.23 -52.87
N THR Q 152 10.61 3.99 -52.69
CA THR Q 152 11.09 3.51 -51.40
C THR Q 152 12.61 3.57 -51.28
N ASN Q 153 13.32 3.13 -52.31
CA ASN Q 153 14.78 3.13 -52.29
C ASN Q 153 15.30 3.47 -53.68
N ILE Q 154 16.42 4.17 -53.72
CA ILE Q 154 17.06 4.51 -54.98
C ILE Q 154 18.56 4.68 -54.73
N SER Q 155 19.37 4.14 -55.63
CA SER Q 155 20.81 4.23 -55.55
C SER Q 155 21.39 4.51 -56.93
N PHE Q 156 22.49 5.27 -56.93
CA PHE Q 156 23.22 5.64 -58.14
C PHE Q 156 24.65 5.13 -58.05
N ASP Q 157 25.21 4.78 -59.19
CA ASP Q 157 26.61 4.39 -59.31
C ASP Q 157 27.18 5.14 -60.50
N VAL Q 158 27.99 6.15 -60.23
CA VAL Q 158 28.51 7.04 -61.26
C VAL Q 158 29.91 6.59 -61.64
N THR Q 159 30.17 6.47 -62.94
CA THR Q 159 31.47 6.03 -63.42
C THR Q 159 32.16 7.01 -64.35
N ARG Q 160 31.49 8.05 -64.82
CA ARG Q 160 32.10 9.03 -65.71
C ARG Q 160 31.64 10.42 -65.33
N TRP Q 161 32.54 11.39 -65.51
CA TRP Q 161 32.24 12.77 -65.16
C TRP Q 161 32.76 13.69 -66.26
N ILE Q 162 32.16 14.89 -66.32
CA ILE Q 162 32.72 16.02 -67.03
C ILE Q 162 32.58 17.24 -66.12
N ASP Q 163 33.71 17.89 -65.82
CA ASP Q 163 33.72 19.02 -64.89
C ASP Q 163 33.12 18.65 -63.54
N GLY Q 164 33.30 17.39 -63.15
CA GLY Q 164 32.76 16.92 -61.89
C GLY Q 164 31.30 16.55 -61.92
N TYR Q 165 30.62 16.84 -63.03
CA TYR Q 165 29.22 16.51 -63.21
C TYR Q 165 29.08 15.09 -63.73
N PRO Q 166 28.23 14.26 -63.14
CA PRO Q 166 28.08 12.90 -63.63
C PRO Q 166 27.58 12.85 -65.07
N THR Q 167 28.08 11.88 -65.83
CA THR Q 167 27.65 11.66 -67.20
C THR Q 167 27.36 10.21 -67.54
N LYS Q 168 27.74 9.27 -66.68
CA LYS Q 168 27.39 7.87 -66.90
C LYS Q 168 27.10 7.24 -65.54
N ALA Q 169 25.88 6.76 -65.37
CA ALA Q 169 25.44 6.23 -64.10
C ALA Q 169 24.56 5.01 -64.30
N ARG Q 170 24.62 4.12 -63.31
CA ARG Q 170 23.67 3.02 -63.18
C ARG Q 170 22.74 3.31 -62.01
N VAL Q 171 21.44 3.13 -62.24
CA VAL Q 171 20.42 3.49 -61.28
C VAL Q 171 19.67 2.23 -60.88
N ASN Q 172 19.56 2.01 -59.57
CA ASN Q 172 18.68 0.99 -59.02
C ASN Q 172 17.57 1.69 -58.28
N MET Q 173 16.33 1.25 -58.49
CA MET Q 173 15.23 1.86 -57.76
C MET Q 173 14.17 0.82 -57.45
N SER Q 174 13.47 1.04 -56.34
CA SER Q 174 12.41 0.16 -55.89
C SER Q 174 11.19 0.99 -55.53
N LEU Q 175 10.05 0.65 -56.10
CA LEU Q 175 8.77 1.26 -55.79
C LEU Q 175 7.92 0.27 -55.00
N LYS Q 176 7.05 0.79 -54.16
CA LYS Q 176 6.18 -0.05 -53.36
C LYS Q 176 4.74 0.38 -53.58
N GLU Q 177 3.86 -0.57 -53.88
CA GLU Q 177 2.47 -0.25 -54.12
C GLU Q 177 1.78 0.09 -52.80
N ILE Q 178 1.01 1.18 -52.80
CA ILE Q 178 0.33 1.66 -51.61
C ILE Q 178 -1.17 1.51 -51.81
N GLN Q 179 -1.90 1.81 -50.74
CA GLN Q 179 -3.36 1.83 -50.82
C GLN Q 179 -3.82 2.94 -51.76
N LYS Q 180 -4.85 2.64 -52.55
CA LYS Q 180 -5.37 3.62 -53.49
C LYS Q 180 -5.96 4.81 -52.74
N PRO Q 181 -5.50 6.03 -52.97
CA PRO Q 181 -6.10 7.19 -52.31
C PRO Q 181 -7.57 7.32 -52.68
N SER Q 182 -8.37 7.75 -51.70
CA SER Q 182 -9.80 7.91 -51.90
C SER Q 182 -10.07 9.15 -52.73
N SER Q 183 -10.90 8.99 -53.77
CA SER Q 183 -11.31 10.10 -54.61
C SER Q 183 -12.67 10.66 -54.22
N ASP Q 184 -13.33 10.09 -53.21
CA ASP Q 184 -14.66 10.50 -52.81
C ASP Q 184 -14.66 11.47 -51.64
N SER Q 185 -13.53 12.15 -51.40
CA SER Q 185 -13.36 13.03 -50.25
C SER Q 185 -13.84 12.36 -48.96
N LYS Q 186 -14.52 13.13 -48.10
CA LYS Q 186 -15.05 12.60 -46.86
C LYS Q 186 -16.56 12.77 -46.71
N ALA Q 187 -17.12 13.92 -47.08
CA ALA Q 187 -18.56 14.10 -47.00
C ALA Q 187 -19.28 13.23 -48.00
N LEU Q 188 -18.74 13.09 -49.21
CA LEU Q 188 -19.38 12.29 -50.25
C LEU Q 188 -19.47 10.81 -49.92
N GLU Q 189 -18.39 10.22 -49.40
CA GLU Q 189 -18.40 8.79 -49.10
C GLU Q 189 -19.41 8.46 -47.99
N GLU Q 190 -19.56 9.36 -47.01
CA GLU Q 190 -20.56 9.19 -45.97
C GLU Q 190 -21.96 9.43 -46.49
N ALA Q 191 -22.13 10.47 -47.32
CA ALA Q 191 -23.45 10.81 -47.84
C ALA Q 191 -24.00 9.71 -48.72
N LYS Q 192 -23.17 9.12 -49.57
CA LYS Q 192 -23.67 8.06 -50.45
C LYS Q 192 -24.00 6.79 -49.69
N LYS Q 193 -23.21 6.45 -48.65
CA LYS Q 193 -23.58 5.31 -47.84
C LYS Q 193 -24.88 5.56 -47.08
N LYS Q 194 -25.10 6.79 -46.61
CA LYS Q 194 -26.36 7.12 -45.97
C LYS Q 194 -27.52 7.06 -46.96
N VAL Q 195 -27.29 7.50 -48.19
CA VAL Q 195 -28.32 7.42 -49.23
C VAL Q 195 -28.69 5.97 -49.51
N LYS Q 196 -27.69 5.09 -49.57
CA LYS Q 196 -27.98 3.67 -49.82
C LYS Q 196 -28.84 3.07 -48.71
N VAL Q 197 -28.54 3.40 -47.45
CA VAL Q 197 -29.29 2.84 -46.32
C VAL Q 197 -30.69 3.44 -46.31
N GLU Q 198 -31.70 2.58 -46.20
CA GLU Q 198 -33.08 3.05 -46.18
C GLU Q 198 -33.37 3.82 -44.90
N THR Q 199 -34.08 4.94 -45.02
CA THR Q 199 -34.39 5.77 -43.87
C THR Q 199 -35.38 5.07 -42.94
N VAL Q 200 -35.26 5.37 -41.65
CA VAL Q 200 -36.12 4.71 -40.65
C VAL Q 200 -37.56 5.19 -40.77
N GLN Q 201 -37.75 6.45 -41.17
CA GLN Q 201 -39.04 7.13 -41.26
C GLN Q 201 -39.69 7.34 -39.89
N ASN Q 202 -39.01 6.99 -38.80
CA ASN Q 202 -39.51 7.27 -37.46
C ASN Q 202 -38.47 7.93 -36.57
N GLY Q 203 -37.21 8.02 -36.99
CA GLY Q 203 -36.17 8.63 -36.19
C GLY Q 203 -35.43 9.73 -36.91
N ASN Q 204 -34.09 9.72 -36.82
CA ASN Q 204 -33.26 10.74 -37.46
C ASN Q 204 -33.43 10.71 -38.97
N LEU Q 205 -33.61 11.88 -39.58
CA LEU Q 205 -33.65 11.99 -41.03
C LEU Q 205 -32.24 11.87 -41.59
N LYS Q 206 -32.14 11.47 -42.86
CA LYS Q 206 -30.85 11.42 -43.52
C LYS Q 206 -30.26 12.82 -43.67
N LYS Q 207 -31.10 13.80 -43.99
CA LYS Q 207 -30.69 15.18 -44.15
C LYS Q 207 -31.25 15.98 -42.97
N THR Q 208 -30.37 16.54 -42.15
CA THR Q 208 -30.80 17.42 -41.07
C THR Q 208 -31.34 18.72 -41.66
N LEU Q 209 -32.41 19.23 -41.06
CA LEU Q 209 -33.06 20.42 -41.60
C LEU Q 209 -32.21 21.66 -41.39
N SER Q 210 -32.09 22.46 -42.45
CA SER Q 210 -31.39 23.74 -42.38
C SER Q 210 -32.35 24.82 -41.87
N GLU Q 211 -31.80 26.02 -41.66
CA GLU Q 211 -32.61 27.10 -41.10
C GLU Q 211 -33.71 27.54 -42.06
N LYS Q 212 -33.41 27.63 -43.35
CA LYS Q 212 -34.45 27.97 -44.32
C LYS Q 212 -35.45 26.85 -44.44
N GLN Q 213 -34.98 25.60 -44.38
CA GLN Q 213 -35.91 24.47 -44.35
C GLN Q 213 -36.79 24.52 -43.11
N LEU Q 214 -36.23 24.96 -41.97
CA LEU Q 214 -37.05 25.13 -40.77
C LEU Q 214 -38.10 26.20 -40.96
N ILE Q 215 -37.74 27.32 -41.62
CA ILE Q 215 -38.71 28.38 -41.85
C ILE Q 215 -39.83 27.89 -42.74
N ASP Q 216 -39.50 27.18 -43.82
CA ASP Q 216 -40.52 26.64 -44.70
C ASP Q 216 -41.36 25.56 -44.01
N GLY Q 217 -40.76 24.78 -43.12
CA GLY Q 217 -41.53 23.82 -42.35
C GLY Q 217 -42.52 24.49 -41.42
N VAL Q 218 -42.10 25.57 -40.77
CA VAL Q 218 -43.02 26.35 -39.96
C VAL Q 218 -44.16 26.88 -40.83
N LYS Q 219 -43.83 27.34 -42.03
CA LYS Q 219 -44.87 27.84 -42.94
C LYS Q 219 -45.87 26.76 -43.28
N ARG Q 220 -45.39 25.56 -43.63
CA ARG Q 220 -46.29 24.46 -43.98
C ARG Q 220 -47.14 24.04 -42.79
N VAL Q 221 -46.53 23.95 -41.60
CA VAL Q 221 -47.28 23.55 -40.41
C VAL Q 221 -48.35 24.58 -40.10
N THR Q 222 -48.02 25.86 -40.20
CA THR Q 222 -49.01 26.90 -39.96
C THR Q 222 -50.14 26.84 -40.97
N GLU Q 223 -49.81 26.59 -42.25
CA GLU Q 223 -50.85 26.46 -43.26
C GLU Q 223 -51.79 25.31 -42.92
N TYR Q 224 -51.22 24.15 -42.59
CA TYR Q 224 -52.05 22.98 -42.28
C TYR Q 224 -52.92 23.24 -41.07
N LEU Q 225 -52.36 23.86 -40.02
CA LEU Q 225 -53.12 24.06 -38.80
C LEU Q 225 -54.20 25.11 -38.99
N LYS Q 226 -53.93 26.16 -39.76
CA LYS Q 226 -54.94 27.16 -40.05
C LYS Q 226 -56.00 26.65 -41.00
N LYS Q 227 -55.71 25.60 -41.77
CA LYS Q 227 -56.72 25.00 -42.63
C LYS Q 227 -57.56 23.96 -41.90
N ASN Q 228 -56.94 23.16 -41.01
CA ASN Q 228 -57.63 22.06 -40.36
C ASN Q 228 -57.97 22.36 -38.90
N ILE Q 229 -58.19 23.62 -38.56
CA ILE Q 229 -58.40 23.97 -37.16
C ILE Q 229 -59.72 23.39 -36.64
N SER Q 230 -60.74 23.35 -37.50
CA SER Q 230 -62.06 22.91 -37.04
C SER Q 230 -62.08 21.42 -36.72
N PHE Q 231 -61.23 20.64 -37.38
CA PHE Q 231 -61.20 19.20 -37.15
C PHE Q 231 -60.24 18.79 -36.04
N GLN Q 232 -59.50 19.73 -35.47
CA GLN Q 232 -58.55 19.39 -34.43
C GLN Q 232 -59.27 19.08 -33.12
N PRO Q 233 -58.69 18.26 -32.25
CA PRO Q 233 -59.31 17.99 -30.95
C PRO Q 233 -59.43 19.25 -30.11
N ARG Q 234 -60.14 19.12 -28.99
CA ARG Q 234 -60.40 20.27 -28.13
C ARG Q 234 -59.12 20.84 -27.55
N THR Q 235 -58.19 19.98 -27.14
CA THR Q 235 -56.95 20.44 -26.54
C THR Q 235 -56.07 21.16 -27.56
N ILE Q 236 -56.03 20.65 -28.79
CA ILE Q 236 -55.15 21.24 -29.81
C ILE Q 236 -55.61 22.67 -30.13
N GLN Q 237 -56.91 22.86 -30.34
CA GLN Q 237 -57.40 24.20 -30.60
C GLN Q 237 -57.37 25.08 -29.35
N ASN Q 238 -57.49 24.48 -28.16
CA ASN Q 238 -57.30 25.24 -26.93
C ASN Q 238 -55.91 25.84 -26.84
N ILE Q 239 -54.88 25.06 -27.16
CA ILE Q 239 -53.53 25.61 -27.13
C ILE Q 239 -53.25 26.52 -28.32
N LEU Q 240 -53.86 26.24 -29.47
CA LEU Q 240 -53.65 27.12 -30.63
C LEU Q 240 -54.27 28.49 -30.40
N SER Q 241 -55.34 28.56 -29.59
CA SER Q 241 -55.93 29.84 -29.28
C SER Q 241 -55.06 30.69 -28.37
N ASP Q 242 -54.09 30.09 -27.71
CA ASP Q 242 -53.21 30.81 -26.79
C ASP Q 242 -52.19 31.62 -27.58
N PRO Q 243 -52.08 32.94 -27.35
CA PRO Q 243 -51.03 33.72 -28.02
C PRO Q 243 -49.62 33.43 -27.52
N LYS Q 244 -49.47 32.76 -26.39
CA LYS Q 244 -48.15 32.41 -25.85
C LYS Q 244 -47.78 30.97 -26.16
N SER Q 245 -48.51 30.32 -27.07
CA SER Q 245 -48.25 28.93 -27.45
C SER Q 245 -47.22 28.92 -28.57
N VAL Q 246 -46.40 27.87 -28.60
CA VAL Q 246 -45.30 27.76 -29.54
C VAL Q 246 -45.37 26.41 -30.25
N ILE Q 247 -44.94 26.39 -31.52
CA ILE Q 247 -44.84 25.14 -32.25
C ILE Q 247 -43.32 24.84 -32.31
N LYS Q 248 -42.93 23.59 -32.09
CA LYS Q 248 -41.51 23.25 -32.04
C LYS Q 248 -41.09 22.20 -33.06
N ILE Q 249 -40.25 22.59 -34.00
CA ILE Q 249 -39.77 21.65 -35.00
C ILE Q 249 -38.40 21.08 -34.64
N ASP Q 250 -38.32 19.76 -34.49
CA ASP Q 250 -37.03 19.13 -34.21
C ASP Q 250 -36.13 19.32 -35.43
N LYS Q 251 -34.86 19.59 -35.20
CA LYS Q 251 -33.98 19.87 -36.33
C LYS Q 251 -33.47 18.60 -37.00
N ASP Q 252 -33.29 17.52 -36.24
CA ASP Q 252 -32.74 16.28 -36.78
C ASP Q 252 -33.78 15.23 -37.11
N THR Q 253 -34.85 15.12 -36.32
CA THR Q 253 -35.86 14.10 -36.58
C THR Q 253 -37.07 14.64 -37.34
N GLY Q 254 -37.25 15.96 -37.40
CA GLY Q 254 -38.35 16.54 -38.13
C GLY Q 254 -39.68 16.53 -37.40
N GLN Q 255 -39.71 16.09 -36.16
CA GLN Q 255 -40.96 16.05 -35.41
C GLN Q 255 -41.44 17.45 -35.09
N VAL Q 256 -42.74 17.68 -35.26
CA VAL Q 256 -43.36 18.96 -34.94
C VAL Q 256 -44.23 18.77 -33.71
N SER Q 257 -44.12 19.69 -32.76
CA SER Q 257 -44.83 19.58 -31.50
C SER Q 257 -45.46 20.91 -31.13
N LEU Q 258 -46.56 20.87 -30.42
CA LEU Q 258 -47.25 22.08 -30.00
C LEU Q 258 -47.04 22.14 -28.52
N PHE Q 259 -46.65 23.31 -28.02
CA PHE Q 259 -46.43 23.47 -26.60
C PHE Q 259 -47.34 24.60 -26.17
N ASN Q 260 -47.87 24.56 -24.96
CA ASN Q 260 -48.81 25.58 -24.51
C ASN Q 260 -48.15 26.87 -24.01
N GLY Q 261 -48.93 27.76 -23.40
CA GLY Q 261 -48.31 28.96 -22.85
C GLY Q 261 -47.34 28.67 -21.72
N ASN Q 262 -47.66 27.67 -20.91
CA ASN Q 262 -46.82 27.31 -19.77
C ASN Q 262 -45.49 26.70 -20.17
N GLY Q 263 -45.31 26.33 -21.42
CA GLY Q 263 -44.06 25.77 -21.88
C GLY Q 263 -43.94 24.26 -21.76
N GLU Q 264 -44.99 23.59 -21.30
CA GLU Q 264 -44.98 22.13 -21.21
C GLU Q 264 -45.46 21.52 -22.53
N PHE Q 265 -45.22 20.21 -22.66
CA PHE Q 265 -45.61 19.51 -23.88
C PHE Q 265 -47.12 19.38 -23.94
N ALA Q 266 -47.70 19.71 -25.09
CA ALA Q 266 -49.14 19.71 -25.25
C ALA Q 266 -49.60 18.71 -26.31
N ALA Q 267 -49.04 18.79 -27.51
CA ALA Q 267 -49.44 17.89 -28.58
C ALA Q 267 -48.34 17.81 -29.63
N LEU Q 268 -48.41 16.78 -30.46
CA LEU Q 268 -47.55 16.63 -31.62
C LEU Q 268 -48.41 16.54 -32.86
N VAL Q 269 -47.98 17.21 -33.94
CA VAL Q 269 -48.80 17.35 -35.13
C VAL Q 269 -48.35 16.40 -36.23
N GLY Q 270 -47.06 16.31 -36.49
CA GLY Q 270 -46.59 15.44 -37.55
C GLY Q 270 -45.10 15.53 -37.73
N THR Q 271 -44.65 15.26 -38.95
CA THR Q 271 -43.23 15.26 -39.28
C THR Q 271 -43.00 16.06 -40.55
N TYR Q 272 -41.98 16.92 -40.52
CA TYR Q 272 -41.58 17.66 -41.71
C TYR Q 272 -40.16 17.26 -42.09
N ASN Q 273 -40.00 16.63 -43.24
CA ASN Q 273 -38.71 16.42 -43.85
C ASN Q 273 -38.44 17.54 -44.84
N GLY Q 274 -37.41 17.35 -45.66
CA GLY Q 274 -36.93 18.41 -46.52
C GLY Q 274 -37.98 19.05 -47.42
N ASP Q 275 -38.98 18.30 -47.87
CA ASP Q 275 -39.88 18.82 -48.88
C ASP Q 275 -41.35 18.91 -48.46
N ILE Q 276 -41.89 17.90 -47.79
CA ILE Q 276 -43.33 17.84 -47.52
C ILE Q 276 -43.55 17.68 -46.03
N PHE Q 277 -44.69 18.15 -45.55
CA PHE Q 277 -45.10 17.96 -44.17
C PHE Q 277 -46.20 16.92 -44.10
N SER Q 278 -46.00 15.88 -43.29
CA SER Q 278 -46.97 14.81 -43.12
C SER Q 278 -47.61 14.91 -41.74
N PRO Q 279 -48.90 15.19 -41.65
CA PRO Q 279 -49.57 15.18 -40.34
C PRO Q 279 -49.66 13.77 -39.78
N SER Q 280 -49.72 13.69 -38.46
CA SER Q 280 -49.83 12.39 -37.78
C SER Q 280 -51.28 12.12 -37.38
N SER R 2 21.73 -45.86 -60.41
CA SER R 2 21.50 -46.59 -61.66
C SER R 2 20.33 -47.54 -61.52
N LYS R 3 20.00 -48.23 -62.60
CA LYS R 3 18.95 -49.24 -62.58
C LYS R 3 19.49 -50.63 -62.26
N PHE R 4 20.78 -50.73 -61.97
CA PHE R 4 21.36 -51.99 -61.50
C PHE R 4 21.55 -52.01 -59.99
N LEU R 5 21.52 -50.85 -59.33
CA LEU R 5 21.63 -50.76 -57.89
C LEU R 5 20.30 -50.51 -57.20
N LYS R 6 19.23 -50.31 -57.96
CA LYS R 6 17.93 -50.05 -57.35
C LYS R 6 17.43 -51.30 -56.62
N ASN R 7 16.63 -51.06 -55.58
CA ASN R 7 16.01 -52.13 -54.82
C ASN R 7 14.71 -52.52 -55.51
N ARG R 8 14.70 -53.69 -56.15
CA ARG R 8 13.51 -54.11 -56.87
C ARG R 8 12.37 -54.48 -55.93
N ALA R 9 12.67 -54.79 -54.67
CA ALA R 9 11.62 -55.14 -53.72
C ALA R 9 10.66 -53.97 -53.51
N VAL R 10 11.20 -52.75 -53.38
CA VAL R 10 10.35 -51.60 -53.15
C VAL R 10 9.80 -51.07 -54.48
N VAL R 11 10.55 -51.19 -55.57
CA VAL R 11 10.07 -50.73 -56.87
C VAL R 11 8.82 -51.49 -57.28
N ASN R 12 8.87 -52.83 -57.21
CA ASN R 12 7.75 -53.65 -57.65
C ASN R 12 6.52 -53.48 -56.77
N GLY R 13 6.66 -52.88 -55.60
CA GLY R 13 5.52 -52.57 -54.75
C GLY R 13 4.82 -51.27 -55.05
N LEU R 14 5.21 -50.59 -56.11
CA LEU R 14 4.65 -49.30 -56.48
C LEU R 14 3.63 -49.45 -57.61
N PRO R 15 2.61 -48.60 -57.63
CA PRO R 15 1.60 -48.69 -58.68
C PRO R 15 2.15 -48.30 -60.04
N VAL R 16 1.65 -48.97 -61.07
CA VAL R 16 2.07 -48.72 -62.45
C VAL R 16 1.09 -47.73 -63.06
N ILE R 17 1.62 -46.65 -63.63
CA ILE R 17 0.82 -45.56 -64.16
C ILE R 17 0.84 -45.63 -65.68
N LYS R 18 -0.33 -45.54 -66.29
CA LYS R 18 -0.46 -45.55 -67.73
C LYS R 18 -0.15 -44.16 -68.30
N ASN R 19 0.58 -44.14 -69.40
CA ASN R 19 0.94 -42.86 -70.02
C ASN R 19 -0.30 -42.20 -70.59
N PRO R 20 -0.55 -40.93 -70.27
CA PRO R 20 -1.66 -40.20 -70.90
C PRO R 20 -1.42 -40.03 -72.39
N GLY R 21 -2.53 -39.98 -73.14
CA GLY R 21 -2.44 -39.82 -74.57
C GLY R 21 -2.31 -38.37 -74.99
N LYS R 22 -2.26 -37.48 -74.02
CA LYS R 22 -2.17 -36.04 -74.28
C LYS R 22 -1.18 -35.42 -73.30
N TYR R 23 -0.48 -34.39 -73.74
CA TYR R 23 0.41 -33.65 -72.85
C TYR R 23 -0.42 -32.89 -71.82
N GLN R 24 -0.05 -33.02 -70.56
CA GLN R 24 -0.84 -32.47 -69.47
C GLN R 24 -0.21 -31.19 -68.92
N HIS R 25 -1.06 -30.22 -68.59
CA HIS R 25 -0.65 -28.99 -67.95
C HIS R 25 -1.27 -28.90 -66.56
N CYS R 26 -0.48 -28.53 -65.58
CA CYS R 26 -0.96 -28.41 -64.22
C CYS R 26 -1.74 -27.11 -64.05
N TYR R 27 -2.48 -27.02 -62.94
CA TYR R 27 -3.28 -25.84 -62.68
C TYR R 27 -3.59 -25.77 -61.19
N LEU R 28 -4.09 -24.61 -60.78
CA LEU R 28 -4.59 -24.39 -59.43
C LEU R 28 -6.10 -24.26 -59.49
N ILE R 29 -6.81 -25.00 -58.63
CA ILE R 29 -8.26 -24.96 -58.60
C ILE R 29 -8.71 -24.68 -57.18
N GLU R 30 -9.94 -24.22 -57.05
CA GLU R 30 -10.54 -24.09 -55.72
C GLU R 30 -10.62 -25.45 -55.05
N TYR R 31 -10.35 -25.46 -53.75
CA TYR R 31 -10.69 -26.65 -52.96
C TYR R 31 -12.20 -26.79 -52.89
N GLU R 32 -12.66 -28.03 -52.74
CA GLU R 32 -14.07 -28.41 -52.83
C GLU R 32 -14.54 -28.31 -54.28
N ASP R 33 -13.72 -27.77 -55.15
CA ASP R 33 -14.05 -27.68 -56.56
C ASP R 33 -13.08 -28.61 -57.23
N SER R 34 -12.27 -29.27 -56.42
CA SER R 34 -11.26 -30.18 -56.94
C SER R 34 -11.87 -31.43 -57.55
N THR R 35 -13.03 -31.85 -57.04
CA THR R 35 -13.64 -33.07 -57.53
C THR R 35 -14.83 -32.72 -58.38
N ASN R 36 -14.84 -31.50 -58.90
CA ASN R 36 -15.91 -31.08 -59.78
C ASN R 36 -15.38 -31.08 -61.18
N VAL R 37 -16.17 -31.59 -62.12
CA VAL R 37 -15.77 -31.56 -63.51
C VAL R 37 -16.23 -30.25 -64.14
N LYS R 38 -16.01 -30.10 -65.44
CA LYS R 38 -16.48 -28.90 -66.13
C LYS R 38 -17.99 -28.93 -66.13
N GLN R 39 -18.62 -28.13 -65.28
CA GLN R 39 -20.07 -28.12 -65.21
C GLN R 39 -20.66 -27.35 -66.37
N THR R 40 -19.86 -26.46 -66.96
CA THR R 40 -20.35 -25.65 -68.06
C THR R 40 -19.33 -25.61 -69.21
N PRO R 41 -19.75 -25.33 -70.50
CA PRO R 41 -18.66 -25.20 -71.48
C PRO R 41 -17.78 -23.99 -71.25
N THR R 42 -18.34 -22.88 -70.77
CA THR R 42 -17.60 -21.65 -70.52
C THR R 42 -17.81 -21.20 -69.08
N GLU R 43 -16.74 -20.76 -68.44
CA GLU R 43 -16.79 -20.37 -67.04
C GLU R 43 -17.75 -19.21 -66.82
N ASN R 44 -18.61 -19.35 -65.81
CA ASN R 44 -19.52 -18.30 -65.37
C ASN R 44 -19.01 -17.77 -64.04
N LYS R 45 -18.63 -16.49 -64.01
CA LYS R 45 -18.01 -15.92 -62.82
C LYS R 45 -19.01 -15.70 -61.70
N ASN R 46 -20.28 -15.52 -62.04
CA ASN R 46 -21.27 -15.18 -61.02
C ASN R 46 -21.64 -16.37 -60.14
N LYS R 47 -21.47 -17.59 -60.64
CA LYS R 47 -21.84 -18.79 -59.90
C LYS R 47 -20.58 -19.55 -59.50
N GLN R 48 -20.71 -20.34 -58.43
CA GLN R 48 -19.58 -20.98 -57.79
C GLN R 48 -19.59 -22.49 -58.00
N GLN R 49 -18.47 -23.12 -57.66
CA GLN R 49 -18.32 -24.57 -57.69
C GLN R 49 -18.55 -25.12 -59.10
N GLN R 50 -18.05 -24.40 -60.11
CA GLN R 50 -18.25 -24.76 -61.50
C GLN R 50 -17.15 -25.66 -62.05
N GLY R 51 -16.13 -25.97 -61.26
CA GLY R 51 -15.09 -26.87 -61.70
C GLY R 51 -14.10 -26.29 -62.68
N PHE R 52 -13.89 -24.97 -62.65
CA PHE R 52 -12.94 -24.34 -63.54
C PHE R 52 -11.70 -23.91 -62.77
N PRO R 53 -10.51 -24.10 -63.34
CA PRO R 53 -9.28 -23.78 -62.60
C PRO R 53 -9.16 -22.30 -62.30
N VAL R 54 -8.57 -22.01 -61.14
CA VAL R 54 -8.28 -20.62 -60.78
C VAL R 54 -7.20 -20.06 -61.67
N TYR R 55 -6.12 -20.83 -61.89
CA TYR R 55 -5.02 -20.39 -62.72
C TYR R 55 -4.50 -21.59 -63.49
N LEU R 56 -4.42 -21.46 -64.82
CA LEU R 56 -3.92 -22.52 -65.68
C LEU R 56 -2.48 -22.22 -66.06
N PHE R 57 -1.59 -23.18 -65.81
CA PHE R 57 -0.19 -22.99 -66.13
C PHE R 57 0.01 -23.02 -67.64
N MET R 58 0.74 -22.04 -68.16
CA MET R 58 1.05 -22.03 -69.59
C MET R 58 2.18 -23.00 -69.90
N MET R 59 3.13 -23.14 -68.99
CA MET R 59 4.17 -24.15 -69.08
C MET R 59 4.31 -24.84 -67.74
N ASN R 60 4.63 -26.12 -67.78
CA ASN R 60 4.77 -26.89 -66.55
C ASN R 60 6.07 -26.53 -65.85
N PRO R 61 6.13 -26.73 -64.53
CA PRO R 61 7.40 -26.53 -63.82
C PRO R 61 8.44 -27.56 -64.23
N GLU R 62 9.70 -27.11 -64.24
CA GLU R 62 10.80 -28.04 -64.47
C GLU R 62 11.09 -28.89 -63.25
N ASN R 63 10.88 -28.33 -62.06
CA ASN R 63 11.03 -29.09 -60.83
C ASN R 63 10.17 -28.45 -59.75
N ILE R 64 9.79 -29.28 -58.79
CA ILE R 64 8.96 -28.85 -57.66
C ILE R 64 9.65 -29.30 -56.38
N THR R 65 9.78 -28.40 -55.42
CA THR R 65 10.46 -28.69 -54.17
C THR R 65 9.44 -28.77 -53.04
N TYR R 66 9.48 -29.86 -52.29
CA TYR R 66 8.64 -30.04 -51.11
C TYR R 66 9.52 -30.05 -49.87
N ASN R 67 9.14 -29.27 -48.87
CA ASN R 67 9.90 -29.18 -47.63
C ASN R 67 8.97 -29.45 -46.45
N LEU R 68 9.46 -30.21 -45.48
CA LEU R 68 8.67 -30.55 -44.30
C LEU R 68 9.53 -30.55 -43.05
N PRO R 69 9.37 -29.55 -42.17
CA PRO R 69 10.05 -29.63 -40.87
C PRO R 69 9.15 -30.24 -39.81
N ILE R 70 9.72 -31.07 -38.94
CA ILE R 70 9.00 -31.69 -37.84
C ILE R 70 9.58 -31.14 -36.54
N ASN R 71 8.74 -30.51 -35.73
CA ASN R 71 9.19 -29.71 -34.60
C ASN R 71 9.16 -30.54 -33.32
N TYR R 72 10.36 -30.86 -32.83
CA TYR R 72 10.59 -31.40 -31.49
C TYR R 72 11.15 -30.30 -30.60
N GLN R 73 10.95 -30.42 -29.30
CA GLN R 73 11.45 -29.46 -28.33
C GLN R 73 12.52 -30.11 -27.48
N GLU R 74 13.64 -29.40 -27.28
CA GLU R 74 14.76 -29.90 -26.52
C GLU R 74 14.68 -29.41 -25.09
N ILE R 75 14.98 -30.29 -24.14
CA ILE R 75 15.13 -29.95 -22.74
C ILE R 75 16.50 -30.44 -22.31
N ALA R 76 17.39 -29.50 -21.96
CA ALA R 76 18.77 -29.84 -21.64
C ALA R 76 18.90 -30.00 -20.13
N ILE R 77 18.77 -31.23 -19.66
CA ILE R 77 19.03 -31.52 -18.26
C ILE R 77 20.54 -31.53 -18.02
N PRO R 78 21.05 -30.76 -17.06
CA PRO R 78 22.49 -30.70 -16.84
C PRO R 78 23.05 -32.07 -16.48
N PHE R 79 24.28 -32.32 -16.95
CA PHE R 79 25.01 -33.55 -16.68
C PHE R 79 24.32 -34.78 -17.24
N THR R 80 23.74 -34.68 -18.43
CA THR R 80 23.20 -35.83 -19.15
C THR R 80 23.89 -35.93 -20.49
N ALA R 81 24.01 -37.17 -20.99
CA ALA R 81 24.70 -37.40 -22.25
C ALA R 81 23.94 -36.85 -23.45
N LYS R 82 22.62 -36.75 -23.35
CA LYS R 82 21.78 -36.32 -24.46
C LYS R 82 20.73 -35.35 -23.95
N ASN R 83 20.22 -34.53 -24.86
CA ASN R 83 19.08 -33.70 -24.53
C ASN R 83 17.82 -34.56 -24.49
N GLN R 84 16.77 -33.99 -23.89
CA GLN R 84 15.47 -34.62 -23.86
C GLN R 84 14.61 -34.04 -24.97
N LEU R 85 14.32 -34.84 -25.99
CA LEU R 85 13.55 -34.41 -27.14
C LEU R 85 12.09 -34.75 -26.94
N ASN R 86 11.23 -33.74 -27.02
CA ASN R 86 9.80 -33.91 -26.81
C ASN R 86 9.08 -33.43 -28.06
N TYR R 87 8.24 -34.30 -28.63
CA TYR R 87 7.55 -33.97 -29.86
C TYR R 87 6.55 -32.85 -29.62
N SER R 88 6.67 -31.77 -30.40
CA SER R 88 5.75 -30.64 -30.31
C SER R 88 4.69 -30.70 -31.39
N ASN R 89 5.10 -30.69 -32.65
CA ASN R 89 4.12 -30.68 -33.75
C ASN R 89 4.80 -31.13 -35.03
N GLY R 90 3.99 -31.40 -36.04
CA GLY R 90 4.47 -31.99 -37.27
C GLY R 90 4.82 -31.02 -38.38
N GLY R 91 4.26 -29.81 -38.36
CA GLY R 91 4.59 -28.82 -39.37
C GLY R 91 3.85 -28.98 -40.69
N ASN R 92 3.95 -27.97 -41.55
CA ASN R 92 3.24 -27.95 -42.82
C ASN R 92 4.21 -28.15 -43.98
N ILE R 93 3.75 -28.80 -45.03
CA ILE R 93 4.54 -28.99 -46.22
C ILE R 93 4.54 -27.70 -47.04
N VAL R 94 5.74 -27.23 -47.39
CA VAL R 94 5.90 -26.06 -48.24
C VAL R 94 6.27 -26.54 -49.63
N MET R 95 5.46 -26.17 -50.62
CA MET R 95 5.71 -26.45 -52.02
C MET R 95 6.29 -25.20 -52.67
N THR R 96 7.30 -25.38 -53.50
CA THR R 96 7.91 -24.27 -54.20
C THR R 96 8.16 -24.65 -55.65
N MET R 97 7.69 -23.81 -56.58
CA MET R 97 8.07 -23.92 -57.97
C MET R 97 8.67 -22.60 -58.43
N SER R 98 9.90 -22.64 -58.90
CA SER R 98 10.64 -21.46 -59.31
C SER R 98 10.94 -21.54 -60.79
N ASN R 99 11.22 -20.38 -61.38
CA ASN R 99 11.66 -20.26 -62.77
C ASN R 99 10.58 -20.78 -63.73
N LEU R 100 9.33 -20.60 -63.34
CA LEU R 100 8.20 -20.91 -64.22
C LEU R 100 8.19 -19.93 -65.38
N ILE R 101 7.88 -20.43 -66.57
CA ILE R 101 8.02 -19.66 -67.81
C ILE R 101 6.65 -19.14 -68.25
N LEU R 102 6.57 -17.85 -68.52
CA LEU R 102 5.44 -17.25 -69.23
C LEU R 102 5.99 -16.58 -70.48
N ASP R 103 5.50 -17.00 -71.64
CA ASP R 103 6.05 -16.52 -72.91
C ASP R 103 4.92 -16.34 -73.91
N THR R 104 4.67 -15.08 -74.29
CA THR R 104 3.73 -14.77 -75.36
C THR R 104 4.29 -13.71 -76.29
N MET R 105 5.63 -13.62 -76.37
CA MET R 105 6.26 -12.55 -77.12
C MET R 105 5.95 -12.66 -78.62
N ASP R 106 5.99 -13.88 -79.16
CA ASP R 106 5.71 -14.05 -80.58
C ASP R 106 4.23 -13.87 -80.90
N GLU R 107 3.35 -14.30 -80.00
CA GLU R 107 1.92 -14.14 -80.21
C GLU R 107 1.47 -12.69 -80.08
N LYS R 108 2.33 -11.83 -79.51
CA LYS R 108 1.97 -10.44 -79.23
C LYS R 108 0.71 -10.37 -78.37
N ARG R 109 0.68 -11.18 -77.32
CA ARG R 109 -0.42 -11.24 -76.38
C ARG R 109 0.06 -10.86 -74.99
N SER R 110 -0.73 -10.07 -74.29
CA SER R 110 -0.33 -9.54 -73.00
C SER R 110 -0.45 -10.60 -71.90
N LEU R 111 0.54 -10.62 -71.01
CA LEU R 111 0.51 -11.49 -69.85
C LEU R 111 -0.17 -10.84 -68.65
N GLN R 112 -0.51 -9.56 -68.74
CA GLN R 112 -1.08 -8.84 -67.60
C GLN R 112 -2.32 -9.52 -67.01
N PRO R 113 -3.26 -10.05 -67.78
CA PRO R 113 -4.37 -10.77 -67.14
C PRO R 113 -3.94 -11.91 -66.23
N LEU R 114 -2.93 -12.68 -66.63
CA LEU R 114 -2.46 -13.77 -65.78
C LEU R 114 -1.81 -13.24 -64.51
N ILE R 115 -1.02 -12.18 -64.62
CA ILE R 115 -0.38 -11.59 -63.45
C ILE R 115 -1.44 -11.05 -62.49
N ASP R 116 -2.46 -10.39 -63.04
CA ASP R 116 -3.55 -9.91 -62.20
C ASP R 116 -4.29 -11.06 -61.51
N ARG R 117 -4.53 -12.14 -62.25
CA ARG R 117 -5.21 -13.30 -61.67
C ARG R 117 -4.40 -13.87 -60.51
N LEU R 118 -3.09 -14.00 -60.68
CA LEU R 118 -2.26 -14.53 -59.61
C LEU R 118 -2.16 -13.57 -58.44
N ILE R 119 -2.10 -12.27 -58.72
CA ILE R 119 -2.00 -11.28 -57.65
C ILE R 119 -3.28 -11.22 -56.83
N ALA R 120 -4.44 -11.39 -57.48
CA ALA R 120 -5.71 -11.29 -56.77
C ALA R 120 -5.89 -12.36 -55.70
N LEU R 121 -4.93 -13.25 -55.51
CA LEU R 121 -5.02 -14.29 -54.49
C LEU R 121 -4.61 -13.81 -53.10
N ARG R 122 -4.26 -12.53 -52.95
CA ARG R 122 -3.98 -11.95 -51.65
C ARG R 122 -5.19 -11.26 -51.04
N GLU R 123 -6.14 -10.88 -51.88
CA GLU R 123 -7.31 -10.14 -51.42
C GLU R 123 -8.31 -10.98 -50.66
N PRO R 124 -8.84 -10.43 -49.57
CA PRO R 124 -9.85 -11.13 -48.78
C PRO R 124 -11.14 -11.34 -49.58
N THR R 125 -11.57 -12.59 -49.72
CA THR R 125 -12.80 -12.87 -50.44
C THR R 125 -14.03 -12.56 -49.59
N VAL R 126 -14.70 -11.45 -49.90
CA VAL R 126 -15.90 -11.10 -49.17
C VAL R 126 -16.95 -12.18 -49.34
N LYS R 127 -17.39 -12.78 -48.23
CA LYS R 127 -18.35 -13.86 -48.30
C LYS R 127 -19.78 -13.35 -48.40
N LYS R 128 -20.49 -13.34 -47.27
CA LYS R 128 -21.86 -12.85 -47.26
C LYS R 128 -21.85 -11.34 -47.31
N GLY R 129 -20.86 -10.74 -46.68
CA GLY R 129 -20.75 -9.29 -46.65
C GLY R 129 -19.61 -9.15 -45.68
N LEU R 130 -19.14 -10.30 -45.20
CA LEU R 130 -18.03 -10.29 -44.25
C LEU R 130 -16.78 -10.74 -44.95
N LYS R 131 -15.76 -9.89 -44.96
CA LYS R 131 -14.49 -10.24 -45.58
C LYS R 131 -13.95 -11.52 -44.97
N SER R 132 -13.59 -12.47 -45.81
CA SER R 132 -13.04 -13.73 -45.32
C SER R 132 -11.66 -13.97 -45.88
N HIS R 133 -11.05 -15.08 -45.49
CA HIS R 133 -9.73 -15.44 -45.99
C HIS R 133 -9.79 -15.73 -47.50
N PRO R 134 -8.66 -15.63 -48.19
CA PRO R 134 -8.66 -15.89 -49.63
C PRO R 134 -9.01 -17.34 -49.96
N LYS R 135 -9.07 -17.60 -51.26
CA LYS R 135 -9.46 -18.90 -51.78
C LYS R 135 -8.46 -19.97 -51.33
N ILE R 136 -8.98 -21.10 -50.86
CA ILE R 136 -8.14 -22.24 -50.50
C ILE R 136 -7.96 -23.11 -51.73
N LEU R 137 -6.71 -23.39 -52.09
CA LEU R 137 -6.39 -23.92 -53.40
C LEU R 137 -6.01 -25.40 -53.32
N ALA R 138 -6.01 -26.02 -54.50
CA ALA R 138 -5.47 -27.36 -54.70
C ALA R 138 -4.69 -27.33 -56.00
N PHE R 139 -3.44 -27.76 -55.94
CA PHE R 139 -2.60 -27.86 -57.13
C PHE R 139 -2.82 -29.21 -57.78
N LYS R 140 -3.40 -29.21 -58.98
CA LYS R 140 -3.75 -30.43 -59.66
C LYS R 140 -2.90 -30.59 -60.91
N TRP R 141 -2.35 -31.78 -61.10
CA TRP R 141 -1.57 -32.12 -62.29
C TRP R 141 -1.93 -33.55 -62.65
N GLY R 142 -2.58 -33.74 -63.79
CA GLY R 142 -3.03 -35.06 -64.15
C GLY R 142 -3.97 -35.62 -63.11
N SER R 143 -3.68 -36.83 -62.64
CA SER R 143 -4.46 -37.47 -61.59
C SER R 143 -3.96 -37.15 -60.20
N ASN R 144 -2.91 -36.34 -60.07
CA ASN R 144 -2.30 -36.03 -58.79
C ASN R 144 -2.78 -34.67 -58.29
N THR R 145 -2.91 -34.58 -56.97
CA THR R 145 -3.20 -33.34 -56.27
C THR R 145 -2.13 -33.15 -55.19
N PHE R 146 -2.08 -31.96 -54.61
CA PHE R 146 -1.06 -31.73 -53.60
C PHE R 146 -1.69 -31.77 -52.20
N ALA R 147 -2.59 -30.86 -51.93
CA ALA R 147 -3.23 -30.73 -50.62
C ALA R 147 -4.21 -29.58 -50.69
N PRO R 148 -5.04 -29.37 -49.67
CA PRO R 148 -5.56 -28.01 -49.44
C PRO R 148 -4.38 -27.09 -49.14
N CYS R 149 -4.17 -26.12 -50.01
CA CYS R 149 -3.00 -25.25 -49.90
C CYS R 149 -3.43 -23.79 -50.11
N VAL R 150 -2.54 -22.88 -49.74
CA VAL R 150 -2.76 -21.45 -49.91
C VAL R 150 -1.51 -20.85 -50.54
N LEU R 151 -1.70 -19.92 -51.46
CA LEU R 151 -0.58 -19.20 -52.03
C LEU R 151 0.01 -18.28 -50.98
N THR R 152 1.32 -18.41 -50.75
CA THR R 152 2.00 -17.64 -49.72
C THR R 152 2.92 -16.58 -50.29
N ASN R 153 3.73 -16.91 -51.31
CA ASN R 153 4.62 -15.94 -51.93
C ASN R 153 4.59 -16.13 -53.43
N ILE R 154 4.67 -15.02 -54.15
CA ILE R 154 4.70 -15.03 -55.60
C ILE R 154 5.58 -13.88 -56.06
N SER R 155 6.34 -14.10 -57.14
CA SER R 155 7.22 -13.08 -57.67
C SER R 155 7.34 -13.26 -59.18
N PHE R 156 7.34 -12.13 -59.88
CA PHE R 156 7.45 -12.08 -61.33
C PHE R 156 8.71 -11.30 -61.71
N ASP R 157 9.41 -11.79 -62.72
CA ASP R 157 10.57 -11.11 -63.31
C ASP R 157 10.31 -11.00 -64.80
N VAL R 158 9.96 -9.80 -65.25
CA VAL R 158 9.55 -9.58 -66.63
C VAL R 158 10.74 -9.07 -67.43
N THR R 159 10.96 -9.65 -68.60
CA THR R 159 12.07 -9.25 -69.45
C THR R 159 11.65 -8.72 -70.82
N ARG R 160 10.40 -8.90 -71.23
CA ARG R 160 9.96 -8.44 -72.54
C ARG R 160 8.59 -7.79 -72.41
N TRP R 161 8.37 -6.73 -73.20
CA TRP R 161 7.12 -6.00 -73.18
C TRP R 161 6.69 -5.69 -74.60
N ILE R 162 5.38 -5.51 -74.78
CA ILE R 162 4.82 -4.89 -75.97
C ILE R 162 3.85 -3.82 -75.51
N ASP R 163 4.12 -2.57 -75.88
CA ASP R 163 3.32 -1.43 -75.47
C ASP R 163 3.20 -1.36 -73.94
N GLY R 164 4.27 -1.77 -73.27
CA GLY R 164 4.28 -1.75 -71.81
C GLY R 164 3.65 -2.94 -71.15
N TYR R 165 3.06 -3.85 -71.93
CA TYR R 165 2.42 -5.03 -71.41
C TYR R 165 3.43 -6.18 -71.38
N PRO R 166 3.61 -6.84 -70.24
CA PRO R 166 4.58 -7.94 -70.18
C PRO R 166 4.22 -9.07 -71.13
N THR R 167 5.24 -9.68 -71.72
CA THR R 167 5.07 -10.82 -72.61
C THR R 167 6.05 -11.96 -72.35
N LYS R 168 7.11 -11.73 -71.58
CA LYS R 168 8.01 -12.80 -71.19
C LYS R 168 8.38 -12.59 -69.72
N ALA R 169 8.08 -13.58 -68.89
CA ALA R 169 8.30 -13.44 -67.46
C ALA R 169 8.69 -14.78 -66.85
N ARG R 170 9.44 -14.70 -65.76
CA ARG R 170 9.71 -15.84 -64.90
C ARG R 170 8.91 -15.67 -63.61
N VAL R 171 8.31 -16.77 -63.15
CA VAL R 171 7.44 -16.75 -61.99
C VAL R 171 7.98 -17.72 -60.95
N ASN R 172 8.15 -17.23 -59.73
CA ASN R 172 8.48 -18.06 -58.58
C ASN R 172 7.31 -18.00 -57.60
N MET R 173 6.78 -19.16 -57.24
CA MET R 173 5.64 -19.18 -56.35
C MET R 173 5.81 -20.29 -55.31
N SER R 174 5.19 -20.08 -54.16
CA SER R 174 5.26 -20.99 -53.03
C SER R 174 3.87 -21.18 -52.45
N LEU R 175 3.49 -22.45 -52.29
CA LEU R 175 2.23 -22.83 -51.67
C LEU R 175 2.53 -23.47 -50.32
N LYS R 176 1.57 -23.44 -49.41
CA LYS R 176 1.73 -24.06 -48.11
C LYS R 176 0.51 -24.91 -47.81
N GLU R 177 0.75 -26.18 -47.48
CA GLU R 177 -0.34 -27.07 -47.11
C GLU R 177 -0.95 -26.64 -45.79
N ILE R 178 -2.28 -26.61 -45.75
CA ILE R 178 -3.01 -26.23 -44.55
C ILE R 178 -3.80 -27.44 -44.06
N GLN R 179 -4.38 -27.31 -42.88
CA GLN R 179 -5.26 -28.34 -42.35
C GLN R 179 -6.49 -28.48 -43.23
N LYS R 180 -6.92 -29.71 -43.44
CA LYS R 180 -8.04 -29.97 -44.33
C LYS R 180 -9.33 -29.43 -43.72
N PRO R 181 -10.05 -28.49 -44.44
CA PRO R 181 -11.25 -28.00 -43.74
C PRO R 181 -12.29 -29.08 -43.57
N SER R 182 -12.89 -29.15 -42.38
CA SER R 182 -13.91 -30.15 -42.10
C SER R 182 -15.12 -29.92 -42.98
N SER R 183 -15.36 -30.81 -43.93
CA SER R 183 -16.55 -30.70 -44.76
C SER R 183 -17.75 -30.92 -43.88
N ASP R 184 -17.61 -31.79 -42.89
CA ASP R 184 -18.69 -32.03 -41.95
C ASP R 184 -19.06 -30.75 -41.23
N SER R 185 -20.36 -30.45 -41.18
CA SER R 185 -20.82 -29.24 -40.50
C SER R 185 -20.54 -29.31 -39.01
N LYS R 186 -20.37 -28.15 -38.38
CA LYS R 186 -20.10 -28.11 -36.95
C LYS R 186 -21.20 -28.73 -36.11
N ALA R 187 -22.45 -28.57 -36.53
CA ALA R 187 -23.57 -29.14 -35.81
C ALA R 187 -23.65 -30.63 -36.08
N LEU R 188 -23.40 -31.02 -37.33
CA LEU R 188 -23.42 -32.43 -37.69
C LEU R 188 -22.33 -33.16 -36.92
N GLU R 189 -21.19 -32.52 -36.74
CA GLU R 189 -20.09 -33.13 -36.02
C GLU R 189 -20.46 -33.38 -34.58
N GLU R 190 -21.18 -32.44 -33.96
CA GLU R 190 -21.62 -32.62 -32.59
C GLU R 190 -22.67 -33.72 -32.52
N ALA R 191 -23.56 -33.74 -33.50
CA ALA R 191 -24.63 -34.74 -33.51
C ALA R 191 -24.05 -36.14 -33.68
N LYS R 192 -23.08 -36.31 -34.57
CA LYS R 192 -22.49 -37.62 -34.77
C LYS R 192 -21.52 -37.97 -33.65
N LYS R 193 -21.00 -36.97 -32.94
CA LYS R 193 -20.30 -37.22 -31.70
C LYS R 193 -21.24 -37.79 -30.64
N LYS R 194 -22.45 -37.24 -30.56
CA LYS R 194 -23.43 -37.69 -29.57
C LYS R 194 -24.01 -39.05 -29.93
N VAL R 195 -24.19 -39.32 -31.22
CA VAL R 195 -24.80 -40.58 -31.64
C VAL R 195 -23.95 -41.77 -31.23
N LYS R 196 -22.64 -41.66 -31.40
CA LYS R 196 -21.71 -42.69 -30.98
C LYS R 196 -21.47 -42.67 -29.48
N VAL R 197 -22.16 -41.81 -28.74
CA VAL R 197 -22.04 -41.67 -27.30
C VAL R 197 -20.57 -41.52 -26.91
N GLU R 198 -19.84 -40.73 -27.69
CA GLU R 198 -18.44 -40.44 -27.37
C GLU R 198 -18.27 -39.07 -26.71
N THR R 199 -19.36 -38.42 -26.37
CA THR R 199 -19.29 -37.14 -25.70
C THR R 199 -19.61 -37.41 -24.24
N VAL R 200 -19.49 -36.39 -23.40
CA VAL R 200 -19.84 -36.54 -21.99
C VAL R 200 -21.37 -36.60 -21.84
N GLN R 201 -21.86 -37.46 -20.95
CA GLN R 201 -23.29 -37.51 -20.71
C GLN R 201 -23.59 -36.91 -19.34
N ASN R 202 -24.77 -36.34 -19.18
CA ASN R 202 -25.12 -35.71 -17.91
C ASN R 202 -26.56 -36.01 -17.54
N GLY R 203 -27.11 -37.08 -18.12
CA GLY R 203 -28.49 -37.46 -17.83
C GLY R 203 -29.47 -36.81 -18.77
N ASN R 204 -28.96 -36.02 -19.72
CA ASN R 204 -29.82 -35.33 -20.67
C ASN R 204 -29.96 -36.20 -21.91
N LEU R 205 -31.01 -35.99 -22.69
CA LEU R 205 -31.15 -36.73 -23.94
C LEU R 205 -30.23 -36.14 -24.99
N LYS R 206 -29.81 -36.97 -25.94
CA LYS R 206 -28.94 -36.49 -27.02
C LYS R 206 -29.71 -35.56 -27.92
N LYS R 207 -31.00 -35.41 -27.66
CA LYS R 207 -31.80 -34.48 -28.43
C LYS R 207 -32.78 -33.77 -27.52
N THR R 208 -32.67 -32.45 -27.45
CA THR R 208 -33.61 -31.69 -26.64
C THR R 208 -34.98 -31.75 -27.29
N LEU R 209 -36.00 -32.08 -26.51
CA LEU R 209 -37.36 -32.17 -27.01
C LEU R 209 -37.83 -30.84 -27.59
N SER R 210 -38.52 -30.91 -28.72
CA SER R 210 -39.14 -29.74 -29.33
C SER R 210 -40.53 -29.54 -28.75
N GLU R 211 -41.11 -28.37 -29.04
CA GLU R 211 -42.42 -28.03 -28.48
C GLU R 211 -43.50 -29.00 -28.98
N LYS R 212 -43.43 -29.40 -30.25
CA LYS R 212 -44.36 -30.41 -30.74
C LYS R 212 -44.11 -31.74 -30.05
N GLN R 213 -42.83 -32.09 -29.84
CA GLN R 213 -42.51 -33.31 -29.10
C GLN R 213 -43.03 -33.23 -27.68
N LEU R 214 -42.95 -32.05 -27.05
CA LEU R 214 -43.50 -31.89 -25.71
C LEU R 214 -45.01 -32.11 -25.70
N ILE R 215 -45.70 -31.56 -26.70
CA ILE R 215 -47.15 -31.74 -26.78
C ILE R 215 -47.49 -33.22 -26.94
N ASP R 216 -46.79 -33.91 -27.85
CA ASP R 216 -47.05 -35.32 -28.07
C ASP R 216 -46.72 -36.16 -26.84
N GLY R 217 -45.64 -35.82 -26.13
CA GLY R 217 -45.32 -36.54 -24.91
C GLY R 217 -46.37 -36.34 -23.83
N VAL R 218 -46.89 -35.12 -23.70
CA VAL R 218 -47.98 -34.89 -22.76
C VAL R 218 -49.19 -35.73 -23.16
N LYS R 219 -49.48 -35.81 -24.46
CA LYS R 219 -50.58 -36.65 -24.93
C LYS R 219 -50.38 -38.11 -24.52
N ARG R 220 -49.18 -38.65 -24.77
CA ARG R 220 -48.91 -40.05 -24.44
C ARG R 220 -49.00 -40.30 -22.94
N VAL R 221 -48.48 -39.37 -22.14
CA VAL R 221 -48.53 -39.51 -20.69
C VAL R 221 -49.98 -39.49 -20.21
N THR R 222 -50.79 -38.59 -20.75
CA THR R 222 -52.19 -38.54 -20.36
C THR R 222 -52.91 -39.82 -20.74
N GLU R 223 -52.63 -40.35 -21.94
CA GLU R 223 -53.24 -41.60 -22.36
C GLU R 223 -52.90 -42.73 -21.40
N TYR R 224 -51.61 -42.87 -21.09
CA TYR R 224 -51.20 -43.96 -20.19
C TYR R 224 -51.80 -43.78 -18.81
N LEU R 225 -51.81 -42.55 -18.30
CA LEU R 225 -52.31 -42.30 -16.95
C LEU R 225 -53.79 -42.60 -16.86
N LYS R 226 -54.58 -42.18 -17.86
CA LYS R 226 -56.00 -42.48 -17.85
C LYS R 226 -56.29 -43.94 -18.09
N LYS R 227 -55.40 -44.66 -18.79
CA LYS R 227 -55.59 -46.09 -18.96
C LYS R 227 -55.26 -46.84 -17.66
N ASN R 228 -54.17 -46.45 -16.99
CA ASN R 228 -53.69 -47.14 -15.80
C ASN R 228 -54.01 -46.37 -14.52
N ILE R 229 -55.10 -45.60 -14.49
CA ILE R 229 -55.41 -44.81 -13.30
C ILE R 229 -55.71 -45.70 -12.11
N SER R 230 -56.33 -46.86 -12.33
CA SER R 230 -56.77 -47.70 -11.22
C SER R 230 -55.60 -48.39 -10.53
N PHE R 231 -54.46 -48.54 -11.21
CA PHE R 231 -53.31 -49.20 -10.63
C PHE R 231 -52.31 -48.24 -10.01
N GLN R 232 -52.58 -46.93 -10.05
CA GLN R 232 -51.67 -45.97 -9.47
C GLN R 232 -51.83 -45.94 -7.95
N PRO R 233 -50.78 -45.59 -7.21
CA PRO R 233 -50.90 -45.46 -5.76
C PRO R 233 -51.88 -44.37 -5.39
N ARG R 234 -52.49 -44.53 -4.22
CA ARG R 234 -53.52 -43.58 -3.77
C ARG R 234 -53.00 -42.15 -3.78
N THR R 235 -51.73 -41.96 -3.43
CA THR R 235 -51.10 -40.64 -3.40
C THR R 235 -50.94 -40.03 -4.78
N ILE R 236 -51.12 -40.81 -5.84
CA ILE R 236 -51.06 -40.31 -7.21
C ILE R 236 -52.45 -40.08 -7.79
N GLN R 237 -53.36 -41.02 -7.56
CA GLN R 237 -54.72 -40.85 -8.08
C GLN R 237 -55.45 -39.73 -7.35
N ASN R 238 -55.16 -39.50 -6.07
CA ASN R 238 -55.84 -38.42 -5.37
C ASN R 238 -55.34 -37.04 -5.82
N ILE R 239 -54.13 -36.97 -6.38
CA ILE R 239 -53.68 -35.70 -6.94
C ILE R 239 -54.10 -35.58 -8.40
N LEU R 240 -54.31 -36.70 -9.08
CA LEU R 240 -54.86 -36.64 -10.43
C LEU R 240 -56.34 -36.32 -10.43
N SER R 241 -57.05 -36.58 -9.32
CA SER R 241 -58.46 -36.24 -9.24
C SER R 241 -58.67 -34.73 -9.27
N ASP R 242 -57.65 -33.97 -8.90
CA ASP R 242 -57.75 -32.51 -8.91
C ASP R 242 -57.68 -32.00 -10.34
N PRO R 243 -58.68 -31.24 -10.81
CA PRO R 243 -58.59 -30.67 -12.15
C PRO R 243 -57.54 -29.59 -12.30
N LYS R 244 -56.93 -29.14 -11.20
CA LYS R 244 -55.91 -28.10 -11.22
C LYS R 244 -54.51 -28.67 -11.28
N SER R 245 -54.37 -29.94 -11.66
CA SER R 245 -53.09 -30.62 -11.74
C SER R 245 -52.64 -30.69 -13.20
N VAL R 246 -51.36 -30.40 -13.44
CA VAL R 246 -50.82 -30.38 -14.79
C VAL R 246 -49.67 -31.39 -14.88
N ILE R 247 -49.30 -31.70 -16.12
CA ILE R 247 -48.18 -32.59 -16.42
C ILE R 247 -47.13 -31.77 -17.15
N LYS R 248 -45.90 -31.77 -16.64
CA LYS R 248 -44.81 -31.03 -17.24
C LYS R 248 -43.64 -31.96 -17.55
N ILE R 249 -43.09 -31.81 -18.74
CA ILE R 249 -41.99 -32.64 -19.22
C ILE R 249 -40.74 -31.78 -19.36
N ASP R 250 -39.64 -32.22 -18.77
CA ASP R 250 -38.39 -31.49 -18.89
C ASP R 250 -37.90 -31.52 -20.33
N LYS R 251 -37.36 -30.39 -20.79
CA LYS R 251 -36.96 -30.26 -22.19
C LYS R 251 -35.69 -31.03 -22.49
N ASP R 252 -34.75 -31.08 -21.54
CA ASP R 252 -33.45 -31.68 -21.78
C ASP R 252 -33.35 -33.12 -21.30
N THR R 253 -34.00 -33.46 -20.18
CA THR R 253 -33.95 -34.82 -19.66
C THR R 253 -35.18 -35.64 -19.98
N GLY R 254 -36.32 -35.01 -20.22
CA GLY R 254 -37.53 -35.73 -20.57
C GLY R 254 -38.29 -36.30 -19.41
N GLN R 255 -37.89 -36.02 -18.17
CA GLN R 255 -38.62 -36.51 -17.02
C GLN R 255 -40.00 -35.88 -16.95
N VAL R 256 -41.01 -36.70 -16.69
CA VAL R 256 -42.39 -36.26 -16.61
C VAL R 256 -42.75 -36.07 -15.15
N SER R 257 -43.40 -34.95 -14.83
CA SER R 257 -43.73 -34.62 -13.45
C SER R 257 -45.18 -34.17 -13.37
N LEU R 258 -45.79 -34.48 -12.23
CA LEU R 258 -47.14 -34.04 -11.91
C LEU R 258 -47.06 -32.84 -10.97
N PHE R 259 -47.83 -31.81 -11.28
CA PHE R 259 -47.90 -30.62 -10.46
C PHE R 259 -49.33 -30.45 -9.94
N ASN R 260 -49.47 -30.32 -8.63
CA ASN R 260 -50.77 -30.27 -7.99
C ASN R 260 -51.44 -28.92 -8.22
N GLY R 261 -52.58 -28.72 -7.57
CA GLY R 261 -53.31 -27.47 -7.66
C GLY R 261 -52.50 -26.28 -7.20
N ASN R 262 -51.70 -26.46 -6.15
CA ASN R 262 -50.83 -25.41 -5.67
C ASN R 262 -49.77 -25.01 -6.69
N GLY R 263 -49.45 -25.89 -7.65
CA GLY R 263 -48.44 -25.59 -8.65
C GLY R 263 -47.06 -26.10 -8.34
N GLU R 264 -46.90 -26.93 -7.32
CA GLU R 264 -45.60 -27.47 -6.97
C GLU R 264 -45.45 -28.91 -7.46
N PHE R 265 -44.21 -29.37 -7.48
CA PHE R 265 -43.92 -30.73 -7.89
C PHE R 265 -44.53 -31.73 -6.91
N ALA R 266 -45.16 -32.77 -7.44
CA ALA R 266 -45.85 -33.75 -6.62
C ALA R 266 -45.24 -35.15 -6.74
N ALA R 267 -45.04 -35.63 -7.97
CA ALA R 267 -44.50 -36.96 -8.17
C ALA R 267 -43.87 -37.07 -9.54
N LEU R 268 -42.95 -38.01 -9.68
CA LEU R 268 -42.32 -38.34 -10.95
C LEU R 268 -43.06 -39.52 -11.56
N VAL R 269 -43.49 -39.37 -12.81
CA VAL R 269 -44.29 -40.39 -13.48
C VAL R 269 -43.43 -41.29 -14.36
N GLY R 270 -42.44 -40.73 -15.04
CA GLY R 270 -41.60 -41.52 -15.91
C GLY R 270 -40.69 -40.65 -16.74
N THR R 271 -40.23 -41.21 -17.85
CA THR R 271 -39.34 -40.50 -18.76
C THR R 271 -39.97 -40.47 -20.15
N TYR R 272 -39.64 -39.44 -20.92
CA TYR R 272 -40.10 -39.34 -22.29
C TYR R 272 -38.94 -38.91 -23.17
N ASN R 273 -38.50 -39.79 -24.06
CA ASN R 273 -37.58 -39.44 -25.12
C ASN R 273 -38.39 -39.03 -26.34
N GLY R 274 -37.72 -38.97 -27.48
CA GLY R 274 -38.37 -38.47 -28.68
C GLY R 274 -39.60 -39.24 -29.12
N ASP R 275 -39.68 -40.54 -28.82
CA ASP R 275 -40.72 -41.38 -29.42
C ASP R 275 -41.61 -42.12 -28.44
N ILE R 276 -41.08 -42.66 -27.34
CA ILE R 276 -41.85 -43.52 -26.46
C ILE R 276 -41.85 -42.94 -25.04
N PHE R 277 -42.90 -43.24 -24.29
CA PHE R 277 -42.99 -42.86 -22.88
C PHE R 277 -42.72 -44.10 -22.02
N SER R 278 -41.72 -44.00 -21.16
CA SER R 278 -41.33 -45.10 -20.28
C SER R 278 -41.78 -44.79 -18.86
N PRO R 279 -42.82 -45.44 -18.35
CA PRO R 279 -43.27 -45.17 -16.98
C PRO R 279 -42.25 -45.65 -15.96
N SER R 280 -42.31 -45.05 -14.78
CA SER R 280 -41.35 -45.37 -13.73
C SER R 280 -41.52 -46.81 -13.26
N ARG R 281 -40.49 -47.33 -12.60
CA ARG R 281 -40.49 -48.72 -12.16
C ARG R 281 -41.59 -48.96 -11.12
N GLN R 282 -42.02 -50.21 -11.04
CA GLN R 282 -43.11 -50.61 -10.15
C GLN R 282 -42.80 -50.30 -8.69
N SER S 2 50.63 4.91 -63.25
CA SER S 2 49.64 5.94 -62.96
C SER S 2 50.32 7.25 -62.59
N LYS S 3 51.55 7.44 -63.06
CA LYS S 3 52.32 8.64 -62.76
C LYS S 3 51.99 9.79 -63.70
N PHE S 4 51.03 9.61 -64.60
CA PHE S 4 50.56 10.68 -65.47
C PHE S 4 49.21 11.24 -65.03
N LEU S 5 48.52 10.58 -64.11
CA LEU S 5 47.28 11.07 -63.55
C LEU S 5 47.41 11.51 -62.11
N LYS S 6 48.52 11.20 -61.45
CA LYS S 6 48.70 11.57 -60.06
C LYS S 6 48.76 13.08 -59.90
N ASN S 7 48.12 13.57 -58.84
CA ASN S 7 48.13 14.99 -58.53
C ASN S 7 49.52 15.35 -57.99
N ARG S 8 50.30 16.07 -58.80
CA ARG S 8 51.64 16.43 -58.36
C ARG S 8 51.61 17.48 -57.25
N ALA S 9 50.48 18.18 -57.10
CA ALA S 9 50.38 19.18 -56.05
C ALA S 9 50.49 18.54 -54.67
N VAL S 10 49.89 17.38 -54.49
CA VAL S 10 49.93 16.71 -53.20
C VAL S 10 51.17 15.81 -53.08
N VAL S 11 51.63 15.23 -54.17
CA VAL S 11 52.83 14.39 -54.12
C VAL S 11 54.03 15.22 -53.67
N ASN S 12 54.21 16.39 -54.27
CA ASN S 12 55.36 17.23 -53.95
C ASN S 12 55.36 17.69 -52.50
N GLY S 13 54.21 17.80 -51.86
CA GLY S 13 54.15 18.20 -50.47
C GLY S 13 54.39 17.11 -49.47
N LEU S 14 54.60 15.88 -49.92
CA LEU S 14 54.88 14.79 -48.99
C LEU S 14 56.36 14.69 -48.71
N PRO S 15 56.74 14.26 -47.50
CA PRO S 15 58.16 14.12 -47.18
C PRO S 15 58.84 13.04 -47.99
N VAL S 16 60.11 13.27 -48.31
CA VAL S 16 60.93 12.31 -49.05
C VAL S 16 61.65 11.43 -48.04
N ILE S 17 61.56 10.13 -48.23
CA ILE S 17 62.15 9.16 -47.32
C ILE S 17 63.36 8.51 -47.98
N LYS S 18 64.45 8.44 -47.24
CA LYS S 18 65.67 7.81 -47.71
C LYS S 18 65.60 6.30 -47.51
N ASN S 19 66.02 5.56 -48.52
CA ASN S 19 66.02 4.10 -48.42
C ASN S 19 67.08 3.64 -47.44
N PRO S 20 66.75 2.73 -46.47
CA PRO S 20 67.88 2.30 -45.63
C PRO S 20 68.74 1.25 -46.32
N GLY S 21 69.92 0.98 -45.77
CA GLY S 21 70.80 -0.03 -46.34
C GLY S 21 70.63 -1.36 -45.62
N LYS S 22 69.40 -1.73 -45.31
CA LYS S 22 69.15 -2.96 -44.57
C LYS S 22 67.72 -3.41 -44.81
N TYR S 23 67.51 -4.71 -44.97
CA TYR S 23 66.13 -5.20 -45.09
C TYR S 23 65.59 -5.20 -43.67
N GLN S 24 64.69 -4.29 -43.37
CA GLN S 24 64.19 -4.17 -42.01
C GLN S 24 63.00 -5.07 -41.75
N HIS S 25 62.90 -5.55 -40.52
CA HIS S 25 61.77 -6.35 -40.07
C HIS S 25 61.02 -5.59 -38.99
N CYS S 26 59.70 -5.62 -39.07
CA CYS S 26 58.87 -4.96 -38.07
C CYS S 26 58.85 -5.78 -36.79
N TYR S 27 58.38 -5.15 -35.71
CA TYR S 27 58.31 -5.84 -34.43
C TYR S 27 57.26 -5.19 -33.55
N LEU S 28 56.93 -5.87 -32.47
CA LEU S 28 56.07 -5.33 -31.42
C LEU S 28 56.93 -5.04 -30.21
N ILE S 29 56.81 -3.83 -29.68
CA ILE S 29 57.58 -3.44 -28.50
C ILE S 29 56.60 -2.90 -27.47
N GLU S 30 57.01 -2.95 -26.21
CA GLU S 30 56.19 -2.38 -25.15
C GLU S 30 56.04 -0.88 -25.37
N TYR S 31 54.84 -0.36 -25.15
CA TYR S 31 54.69 1.09 -25.10
C TYR S 31 55.40 1.61 -23.86
N GLU S 32 55.83 2.87 -23.93
CA GLU S 32 56.73 3.58 -23.02
C GLU S 32 58.12 2.96 -23.07
N ASP S 33 58.27 1.86 -23.81
CA ASP S 33 59.55 1.33 -24.22
C ASP S 33 59.86 1.69 -25.67
N SER S 34 59.00 2.48 -26.31
CA SER S 34 59.12 2.82 -27.72
C SER S 34 60.26 3.79 -28.01
N THR S 35 60.80 4.44 -26.99
CA THR S 35 61.88 5.39 -27.20
C THR S 35 63.20 4.99 -26.54
N ASN S 36 63.23 3.88 -25.80
CA ASN S 36 64.50 3.38 -25.29
C ASN S 36 65.25 2.45 -26.24
N VAL S 37 66.57 2.64 -26.30
CA VAL S 37 67.44 1.81 -27.15
C VAL S 37 68.30 0.81 -26.38
N LYS S 38 67.82 -0.43 -26.29
CA LYS S 38 68.66 -1.62 -26.09
C LYS S 38 69.74 -1.39 -25.03
N GLN S 39 69.30 -1.20 -23.79
CA GLN S 39 70.22 -0.80 -22.73
C GLN S 39 71.31 -1.83 -22.47
N THR S 40 71.10 -3.06 -22.87
CA THR S 40 72.02 -4.16 -22.60
C THR S 40 72.13 -5.04 -23.84
N PRO S 41 73.26 -5.74 -24.00
CA PRO S 41 73.40 -6.62 -25.17
C PRO S 41 72.37 -7.73 -25.28
N THR S 42 71.96 -8.32 -24.15
CA THR S 42 71.05 -9.46 -24.17
C THR S 42 69.95 -9.25 -23.12
N GLU S 43 68.70 -9.48 -23.54
CA GLU S 43 67.55 -9.13 -22.73
C GLU S 43 67.61 -9.74 -21.33
N ASN S 44 67.32 -8.90 -20.33
CA ASN S 44 67.16 -9.33 -18.95
C ASN S 44 65.67 -9.23 -18.61
N LYS S 45 65.06 -10.36 -18.25
CA LYS S 45 63.63 -10.38 -17.99
C LYS S 45 63.29 -9.73 -16.65
N ASN S 46 64.25 -9.69 -15.73
CA ASN S 46 63.97 -9.16 -14.40
C ASN S 46 63.82 -7.64 -14.39
N LYS S 47 64.71 -6.93 -15.08
CA LYS S 47 64.70 -5.47 -15.08
C LYS S 47 63.84 -4.96 -16.23
N GLN S 48 63.08 -3.92 -15.96
CA GLN S 48 62.11 -3.38 -16.91
C GLN S 48 62.72 -2.22 -17.71
N GLN S 49 62.02 -1.86 -18.79
CA GLN S 49 62.39 -0.72 -19.62
C GLN S 49 63.74 -0.92 -20.29
N GLN S 50 63.94 -2.10 -20.87
CA GLN S 50 65.21 -2.46 -21.48
C GLN S 50 65.25 -2.28 -22.99
N GLY S 51 64.17 -1.80 -23.59
CA GLY S 51 64.16 -1.51 -25.01
C GLY S 51 64.26 -2.73 -25.91
N PHE S 52 63.80 -3.88 -25.43
CA PHE S 52 63.81 -5.08 -26.24
C PHE S 52 62.41 -5.37 -26.77
N PRO S 53 62.29 -5.76 -28.03
CA PRO S 53 60.96 -6.02 -28.60
C PRO S 53 60.26 -7.17 -27.91
N VAL S 54 58.94 -7.03 -27.77
CA VAL S 54 58.13 -8.11 -27.22
C VAL S 54 58.08 -9.28 -28.18
N TYR S 55 57.98 -8.99 -29.48
CA TYR S 55 57.91 -10.02 -30.51
C TYR S 55 58.57 -9.50 -31.77
N LEU S 56 59.47 -10.29 -32.34
CA LEU S 56 60.17 -9.94 -33.57
C LEU S 56 59.57 -10.72 -34.72
N PHE S 57 59.14 -10.02 -35.76
CA PHE S 57 58.54 -10.66 -36.92
C PHE S 57 59.61 -11.40 -37.71
N MET S 58 59.35 -12.67 -38.03
CA MET S 58 60.28 -13.42 -38.85
C MET S 58 60.20 -12.97 -40.31
N MET S 59 58.99 -12.74 -40.81
CA MET S 59 58.78 -12.19 -42.14
C MET S 59 57.79 -11.03 -42.05
N ASN S 60 58.04 -10.00 -42.85
CA ASN S 60 57.19 -8.83 -42.83
C ASN S 60 55.82 -9.16 -43.43
N PRO S 61 54.78 -8.45 -43.00
CA PRO S 61 53.46 -8.65 -43.61
C PRO S 61 53.46 -8.21 -45.07
N GLU S 62 52.67 -8.91 -45.87
CA GLU S 62 52.50 -8.51 -47.26
C GLU S 62 51.63 -7.28 -47.39
N ASN S 63 50.63 -7.14 -46.52
CA ASN S 63 49.83 -5.94 -46.48
C ASN S 63 49.25 -5.76 -45.09
N ILE S 64 48.92 -4.52 -44.76
CA ILE S 64 48.40 -4.14 -43.46
C ILE S 64 47.12 -3.34 -43.68
N THR S 65 46.05 -3.70 -42.96
CA THR S 65 44.76 -3.06 -43.14
C THR S 65 44.42 -2.22 -41.92
N TYR S 66 44.05 -0.95 -42.16
CA TYR S 66 43.63 -0.03 -41.12
C TYR S 66 42.16 0.27 -41.30
N ASN S 67 41.39 0.18 -40.21
CA ASN S 67 39.97 0.43 -40.25
C ASN S 67 39.59 1.42 -39.15
N LEU S 68 38.81 2.43 -39.52
CA LEU S 68 38.36 3.44 -38.57
C LEU S 68 36.90 3.80 -38.80
N PRO S 69 35.99 3.29 -37.98
CA PRO S 69 34.62 3.79 -38.01
C PRO S 69 34.44 5.00 -37.11
N ILE S 70 33.70 6.01 -37.57
CA ILE S 70 33.42 7.20 -36.78
C ILE S 70 31.97 7.12 -36.33
N ASN S 71 31.75 7.22 -35.03
CA ASN S 71 30.43 6.98 -34.44
C ASN S 71 29.59 8.25 -34.53
N TYR S 72 28.72 8.30 -35.54
CA TYR S 72 27.64 9.27 -35.66
C TYR S 72 26.32 8.58 -35.38
N GLN S 73 25.34 9.35 -34.91
CA GLN S 73 24.04 8.80 -34.53
C GLN S 73 22.95 9.40 -35.40
N GLU S 74 21.92 8.61 -35.68
CA GLU S 74 20.81 9.04 -36.52
C GLU S 74 19.59 9.33 -35.66
N ILE S 75 18.96 10.48 -35.89
CA ILE S 75 17.71 10.83 -35.24
C ILE S 75 16.66 10.92 -36.35
N ALA S 76 15.64 10.08 -36.27
CA ALA S 76 14.60 10.02 -37.29
C ALA S 76 13.40 10.82 -36.81
N ILE S 77 13.30 12.06 -37.29
CA ILE S 77 12.16 12.92 -36.95
C ILE S 77 11.12 12.81 -38.06
N PRO S 78 9.84 12.60 -37.74
CA PRO S 78 8.84 12.42 -38.78
C PRO S 78 8.67 13.66 -39.65
N PHE S 79 8.28 13.43 -40.90
CA PHE S 79 7.96 14.49 -41.86
C PHE S 79 9.15 15.38 -42.16
N THR S 80 10.36 14.81 -42.12
CA THR S 80 11.57 15.53 -42.49
C THR S 80 12.24 14.81 -43.65
N ALA S 81 12.81 15.59 -44.57
CA ALA S 81 13.48 15.00 -45.72
C ALA S 81 14.77 14.30 -45.35
N LYS S 82 15.39 14.67 -44.23
CA LYS S 82 16.64 14.06 -43.80
C LYS S 82 16.57 13.75 -42.31
N ASN S 83 17.32 12.75 -41.90
CA ASN S 83 17.52 12.48 -40.49
C ASN S 83 18.51 13.47 -39.91
N GLN S 84 18.47 13.64 -38.59
CA GLN S 84 19.46 14.44 -37.89
C GLN S 84 20.64 13.55 -37.54
N LEU S 85 21.84 13.98 -37.89
CA LEU S 85 23.06 13.25 -37.56
C LEU S 85 23.77 13.96 -36.41
N ASN S 86 23.96 13.24 -35.30
CA ASN S 86 24.63 13.78 -34.13
C ASN S 86 25.93 13.02 -33.93
N TYR S 87 27.02 13.77 -33.81
CA TYR S 87 28.32 13.15 -33.57
C TYR S 87 28.35 12.54 -32.17
N SER S 88 28.69 11.26 -32.08
CA SER S 88 28.80 10.58 -30.81
C SER S 88 30.25 10.47 -30.34
N ASN S 89 31.11 9.85 -31.16
CA ASN S 89 32.52 9.77 -30.84
C ASN S 89 33.30 9.35 -32.08
N GLY S 90 34.61 9.17 -31.91
CA GLY S 90 35.49 8.97 -33.04
C GLY S 90 35.84 7.53 -33.36
N GLY S 91 36.01 6.69 -32.35
CA GLY S 91 36.31 5.30 -32.59
C GLY S 91 37.79 4.96 -32.66
N ASN S 92 38.12 3.69 -32.43
CA ASN S 92 39.49 3.22 -32.39
C ASN S 92 39.88 2.66 -33.75
N ILE S 93 41.16 2.73 -34.07
CA ILE S 93 41.67 2.15 -35.31
C ILE S 93 42.01 0.70 -35.07
N VAL S 94 41.49 -0.18 -35.94
CA VAL S 94 41.80 -1.59 -35.91
C VAL S 94 42.76 -1.89 -37.05
N MET S 95 43.92 -2.42 -36.72
CA MET S 95 44.96 -2.68 -37.71
C MET S 95 45.25 -4.18 -37.75
N THR S 96 45.11 -4.77 -38.92
CA THR S 96 45.11 -6.22 -39.09
C THR S 96 46.17 -6.64 -40.09
N MET S 97 46.91 -7.70 -39.75
CA MET S 97 47.78 -8.38 -40.69
C MET S 97 47.32 -9.82 -40.80
N SER S 98 47.18 -10.31 -42.03
CA SER S 98 46.78 -11.68 -42.29
C SER S 98 47.86 -12.41 -43.07
N ASN S 99 47.86 -13.73 -42.95
CA ASN S 99 48.72 -14.61 -43.72
C ASN S 99 50.21 -14.31 -43.47
N LEU S 100 50.52 -13.93 -42.24
CA LEU S 100 51.90 -13.75 -41.83
C LEU S 100 52.61 -15.09 -41.84
N ILE S 101 53.84 -15.10 -42.33
CA ILE S 101 54.58 -16.33 -42.58
C ILE S 101 55.49 -16.63 -41.39
N LEU S 102 55.43 -17.87 -40.90
CA LEU S 102 56.43 -18.42 -40.02
C LEU S 102 56.89 -19.75 -40.61
N ASP S 103 58.18 -19.88 -40.87
CA ASP S 103 58.68 -21.05 -41.60
C ASP S 103 60.07 -21.36 -41.08
N THR S 104 60.23 -22.53 -40.46
CA THR S 104 61.53 -23.02 -40.06
C THR S 104 61.69 -24.49 -40.43
N MET S 105 61.01 -24.93 -41.49
CA MET S 105 61.05 -26.34 -41.86
C MET S 105 62.45 -26.78 -42.24
N ASP S 106 63.17 -25.95 -43.00
CA ASP S 106 64.52 -26.33 -43.43
C ASP S 106 65.51 -26.30 -42.27
N GLU S 107 65.37 -25.32 -41.37
CA GLU S 107 66.30 -25.22 -40.25
C GLU S 107 66.01 -26.27 -39.17
N LYS S 108 64.85 -26.93 -39.25
CA LYS S 108 64.44 -27.91 -38.24
C LYS S 108 64.41 -27.27 -36.85
N ARG S 109 63.85 -26.07 -36.77
CA ARG S 109 63.72 -25.34 -35.52
C ARG S 109 62.25 -25.19 -35.17
N SER S 110 61.94 -25.33 -33.89
CA SER S 110 60.56 -25.28 -33.43
C SER S 110 60.07 -23.84 -33.38
N LEU S 111 58.84 -23.64 -33.85
CA LEU S 111 58.18 -22.35 -33.75
C LEU S 111 57.39 -22.19 -32.46
N GLN S 112 57.42 -23.18 -31.58
CA GLN S 112 56.68 -23.10 -30.33
C GLN S 112 57.03 -21.88 -29.48
N PRO S 113 58.30 -21.50 -29.30
CA PRO S 113 58.56 -20.29 -28.50
C PRO S 113 57.85 -19.05 -29.01
N LEU S 114 57.79 -18.86 -30.33
CA LEU S 114 57.08 -17.70 -30.87
C LEU S 114 55.59 -17.78 -30.57
N ILE S 115 54.99 -18.96 -30.70
CA ILE S 115 53.56 -19.10 -30.49
C ILE S 115 53.21 -18.86 -29.02
N ASP S 116 54.00 -19.42 -28.10
CA ASP S 116 53.78 -19.12 -26.69
C ASP S 116 54.04 -17.66 -26.36
N ARG S 117 54.99 -17.04 -27.05
CA ARG S 117 55.24 -15.61 -26.86
C ARG S 117 54.00 -14.80 -27.22
N LEU S 118 53.36 -15.14 -28.35
CA LEU S 118 52.17 -14.41 -28.75
C LEU S 118 50.96 -14.76 -27.88
N ILE S 119 50.86 -16.00 -27.40
CA ILE S 119 49.79 -16.37 -26.48
C ILE S 119 49.93 -15.64 -25.16
N ALA S 120 51.16 -15.41 -24.69
CA ALA S 120 51.36 -14.72 -23.42
C ALA S 120 50.85 -13.28 -23.44
N LEU S 121 50.30 -12.80 -24.54
CA LEU S 121 49.79 -11.44 -24.63
C LEU S 121 48.35 -11.30 -24.14
N ARG S 122 47.70 -12.39 -23.74
CA ARG S 122 46.40 -12.30 -23.10
C ARG S 122 46.46 -12.37 -21.58
N GLU S 123 47.63 -12.61 -21.01
CA GLU S 123 47.75 -12.64 -19.57
C GLU S 123 47.74 -11.22 -19.00
N PRO S 124 47.13 -10.99 -17.86
CA PRO S 124 47.26 -9.68 -17.21
C PRO S 124 48.59 -9.56 -16.50
N THR S 125 49.51 -8.80 -17.08
CA THR S 125 50.86 -8.68 -16.53
C THR S 125 51.04 -7.35 -15.81
N VAL S 126 50.69 -6.26 -16.48
CA VAL S 126 50.86 -4.93 -15.93
C VAL S 126 49.79 -4.67 -14.88
N LYS S 127 50.19 -4.12 -13.75
CA LYS S 127 49.28 -3.76 -12.66
C LYS S 127 49.26 -2.25 -12.52
N LYS S 128 48.21 -1.62 -13.06
CA LYS S 128 47.96 -0.19 -12.85
C LYS S 128 46.97 -0.07 -11.70
N GLY S 129 47.51 0.19 -10.51
CA GLY S 129 46.68 0.29 -9.33
C GLY S 129 46.03 -1.02 -8.98
N LEU S 130 44.71 -1.09 -9.14
CA LEU S 130 43.97 -2.33 -8.91
C LEU S 130 43.52 -2.98 -10.22
N LYS S 131 44.07 -2.56 -11.35
CA LYS S 131 43.71 -3.09 -12.66
C LYS S 131 44.88 -3.91 -13.19
N SER S 132 44.62 -5.18 -13.44
CA SER S 132 45.62 -6.02 -14.11
C SER S 132 45.25 -6.18 -15.58
N HIS S 133 46.18 -5.81 -16.46
CA HIS S 133 45.92 -5.88 -17.88
C HIS S 133 47.18 -6.29 -18.64
N PRO S 134 47.04 -6.85 -19.84
CA PRO S 134 48.21 -7.18 -20.64
C PRO S 134 48.96 -5.92 -21.05
N LYS S 135 50.23 -6.10 -21.43
CA LYS S 135 51.09 -4.97 -21.72
C LYS S 135 50.62 -4.20 -22.94
N ILE S 136 50.74 -2.87 -22.86
CA ILE S 136 50.40 -2.02 -24.00
C ILE S 136 51.51 -2.08 -25.02
N LEU S 137 51.14 -2.18 -26.29
CA LEU S 137 52.10 -2.46 -27.35
C LEU S 137 52.25 -1.27 -28.29
N ALA S 138 53.25 -1.40 -29.15
CA ALA S 138 53.50 -0.46 -30.24
C ALA S 138 54.10 -1.26 -31.38
N PHE S 139 53.46 -1.19 -32.54
CA PHE S 139 53.96 -1.86 -33.73
C PHE S 139 54.96 -0.95 -34.43
N LYS S 140 56.24 -1.30 -34.37
CA LYS S 140 57.30 -0.45 -34.86
C LYS S 140 57.92 -1.09 -36.10
N TRP S 141 58.00 -0.32 -37.18
CA TRP S 141 58.59 -0.78 -38.43
C TRP S 141 59.47 0.35 -38.95
N GLY S 142 60.78 0.14 -38.96
CA GLY S 142 61.68 1.21 -39.34
C GLY S 142 61.51 2.41 -38.45
N SER S 143 61.32 3.57 -39.06
CA SER S 143 61.10 4.80 -38.31
C SER S 143 59.62 5.07 -38.03
N ASN S 144 58.74 4.17 -38.43
CA ASN S 144 57.31 4.35 -38.25
C ASN S 144 56.81 3.57 -37.04
N THR S 145 56.00 4.23 -36.23
CA THR S 145 55.29 3.63 -35.11
C THR S 145 53.80 3.73 -35.41
N PHE S 146 53.03 2.80 -34.83
CA PHE S 146 51.60 2.81 -35.13
C PHE S 146 50.84 3.58 -34.07
N ALA S 147 50.82 3.07 -32.84
CA ALA S 147 50.03 3.66 -31.78
C ALA S 147 50.29 2.93 -30.47
N PRO S 148 49.79 3.41 -29.35
CA PRO S 148 49.54 2.50 -28.23
C PRO S 148 48.41 1.55 -28.62
N CYS S 149 48.72 0.27 -28.70
CA CYS S 149 47.76 -0.71 -29.18
C CYS S 149 47.82 -1.95 -28.30
N VAL S 150 46.76 -2.75 -28.37
CA VAL S 150 46.65 -3.99 -27.63
C VAL S 150 46.30 -5.11 -28.60
N LEU S 151 46.85 -6.29 -28.36
CA LEU S 151 46.51 -7.45 -29.17
C LEU S 151 45.08 -7.87 -28.87
N THR S 152 44.21 -7.80 -29.87
CA THR S 152 42.81 -8.16 -29.71
C THR S 152 42.51 -9.59 -30.14
N ASN S 153 43.02 -10.01 -31.29
CA ASN S 153 42.79 -11.35 -31.80
C ASN S 153 44.05 -11.86 -32.46
N ILE S 154 44.29 -13.16 -32.31
CA ILE S 154 45.42 -13.82 -32.96
C ILE S 154 45.04 -15.26 -33.25
N SER S 155 45.42 -15.74 -34.43
CA SER S 155 45.12 -17.09 -34.86
C SER S 155 46.30 -17.66 -35.64
N PHE S 156 46.55 -18.95 -35.45
CA PHE S 156 47.62 -19.69 -36.11
C PHE S 156 47.02 -20.81 -36.93
N ASP S 157 47.59 -21.04 -38.10
CA ASP S 157 47.25 -22.18 -38.95
C ASP S 157 48.55 -22.92 -39.25
N VAL S 158 48.74 -24.07 -38.62
CA VAL S 158 49.98 -24.82 -38.69
C VAL S 158 49.82 -25.91 -39.74
N THR S 159 50.83 -26.05 -40.60
CA THR S 159 50.79 -27.06 -41.66
C THR S 159 51.97 -28.02 -41.66
N ARG S 160 53.04 -27.74 -40.92
CA ARG S 160 54.20 -28.62 -40.89
C ARG S 160 54.69 -28.78 -39.47
N TRP S 161 55.18 -29.98 -39.16
CA TRP S 161 55.68 -30.29 -37.82
C TRP S 161 56.98 -31.06 -37.90
N ILE S 162 57.78 -30.94 -36.84
CA ILE S 162 58.89 -31.84 -36.58
C ILE S 162 58.81 -32.26 -35.12
N ASP S 163 58.69 -33.55 -34.86
CA ASP S 163 58.54 -34.08 -33.50
C ASP S 163 57.32 -33.46 -32.81
N GLY S 164 56.30 -33.14 -33.61
CA GLY S 164 55.10 -32.54 -33.06
C GLY S 164 55.19 -31.05 -32.83
N TYR S 165 56.35 -30.45 -33.06
CA TYR S 165 56.56 -29.02 -32.91
C TYR S 165 56.26 -28.32 -34.21
N PRO S 166 55.44 -27.28 -34.22
CA PRO S 166 55.15 -26.57 -35.47
C PRO S 166 56.41 -25.97 -36.09
N THR S 167 56.47 -26.00 -37.42
CA THR S 167 57.56 -25.40 -38.17
C THR S 167 57.11 -24.55 -39.35
N LYS S 168 55.83 -24.62 -39.74
CA LYS S 168 55.31 -23.75 -40.78
C LYS S 168 53.90 -23.36 -40.40
N ALA S 169 53.68 -22.05 -40.21
CA ALA S 169 52.40 -21.55 -39.74
C ALA S 169 52.08 -20.23 -40.44
N ARG S 170 50.79 -19.98 -40.59
CA ARG S 170 50.27 -18.69 -41.00
C ARG S 170 49.60 -18.01 -39.82
N VAL S 171 49.92 -16.74 -39.61
CA VAL S 171 49.49 -15.98 -38.45
C VAL S 171 48.59 -14.85 -38.90
N ASN S 172 47.41 -14.74 -38.29
CA ASN S 172 46.53 -13.61 -38.47
C ASN S 172 46.41 -12.89 -37.13
N MET S 173 46.73 -11.60 -37.10
CA MET S 173 46.65 -10.87 -35.86
C MET S 173 46.05 -9.49 -36.09
N SER S 174 45.28 -9.03 -35.11
CA SER S 174 44.62 -7.74 -35.15
C SER S 174 44.94 -6.98 -33.88
N LEU S 175 45.36 -5.72 -34.05
CA LEU S 175 45.62 -4.82 -32.95
C LEU S 175 44.57 -3.72 -32.96
N LYS S 176 44.26 -3.19 -31.79
CA LYS S 176 43.29 -2.11 -31.65
C LYS S 176 43.96 -0.97 -30.90
N GLU S 177 43.88 0.23 -31.46
CA GLU S 177 44.49 1.39 -30.84
C GLU S 177 43.69 1.81 -29.61
N ILE S 178 44.39 2.10 -28.52
CA ILE S 178 43.76 2.48 -27.27
C ILE S 178 44.06 3.95 -26.99
N GLN S 179 43.44 4.44 -25.92
CA GLN S 179 43.77 5.77 -25.42
C GLN S 179 45.21 5.80 -24.93
N LYS S 180 45.92 6.86 -25.26
CA LYS S 180 47.32 6.97 -24.87
C LYS S 180 47.41 7.10 -23.35
N PRO S 181 48.17 6.25 -22.67
CA PRO S 181 48.27 6.36 -21.21
C PRO S 181 48.87 7.70 -20.81
N SER S 182 48.38 8.23 -19.68
CA SER S 182 48.84 9.51 -19.17
C SER S 182 50.23 9.35 -18.57
N SER S 183 51.15 10.21 -18.99
CA SER S 183 52.52 10.19 -18.47
C SER S 183 52.73 11.18 -17.35
N ASP S 184 51.73 12.00 -17.01
CA ASP S 184 51.86 13.01 -15.97
C ASP S 184 51.41 12.52 -14.60
N SER S 185 51.54 11.22 -14.34
CA SER S 185 51.05 10.61 -13.10
C SER S 185 49.65 11.09 -12.76
N LYS S 186 49.40 11.37 -11.48
CA LYS S 186 48.13 11.94 -11.05
C LYS S 186 48.29 13.26 -10.32
N ALA S 187 49.26 13.39 -9.42
CA ALA S 187 49.43 14.64 -8.69
C ALA S 187 49.95 15.74 -9.61
N LEU S 188 50.81 15.39 -10.57
CA LEU S 188 51.37 16.39 -11.48
C LEU S 188 50.32 17.05 -12.37
N GLU S 189 49.36 16.27 -12.89
CA GLU S 189 48.35 16.84 -13.77
C GLU S 189 47.46 17.84 -13.03
N GLU S 190 47.18 17.60 -11.76
CA GLU S 190 46.45 18.58 -10.95
C GLU S 190 47.32 19.75 -10.53
N ALA S 191 48.60 19.50 -10.23
CA ALA S 191 49.48 20.57 -9.78
C ALA S 191 49.72 21.59 -10.88
N LYS S 192 49.98 21.11 -12.09
CA LYS S 192 50.20 22.05 -13.20
C LYS S 192 48.92 22.76 -13.59
N LYS S 193 47.78 22.07 -13.49
CA LYS S 193 46.50 22.72 -13.73
C LYS S 193 46.24 23.84 -12.73
N LYS S 194 46.51 23.59 -11.44
CA LYS S 194 46.34 24.64 -10.44
C LYS S 194 47.38 25.75 -10.62
N VAL S 195 48.55 25.42 -11.14
CA VAL S 195 49.56 26.45 -11.43
C VAL S 195 49.06 27.38 -12.53
N LYS S 196 48.41 26.81 -13.54
CA LYS S 196 47.87 27.66 -14.62
C LYS S 196 46.81 28.61 -14.10
N VAL S 197 45.93 28.15 -13.21
CA VAL S 197 44.83 28.97 -12.71
C VAL S 197 45.39 30.05 -11.79
N GLU S 198 44.99 31.30 -12.04
CA GLU S 198 45.48 32.40 -11.23
C GLU S 198 44.85 32.36 -9.84
N THR S 199 45.68 32.56 -8.81
CA THR S 199 45.20 32.45 -7.44
C THR S 199 44.34 33.66 -7.07
N VAL S 200 43.39 33.45 -6.15
CA VAL S 200 42.47 34.51 -5.75
C VAL S 200 43.17 35.54 -4.89
N GLN S 201 44.10 35.11 -4.04
CA GLN S 201 44.77 35.90 -3.01
C GLN S 201 43.83 36.30 -1.88
N ASN S 202 42.56 35.89 -1.93
CA ASN S 202 41.62 36.12 -0.85
C ASN S 202 41.04 34.85 -0.26
N GLY S 203 41.26 33.69 -0.89
CA GLY S 203 40.72 32.44 -0.40
C GLY S 203 41.77 31.35 -0.28
N ASN S 204 41.44 30.14 -0.73
CA ASN S 204 42.34 29.00 -0.65
C ASN S 204 43.62 29.25 -1.44
N LEU S 205 44.77 28.97 -0.84
CA LEU S 205 46.03 29.04 -1.56
C LEU S 205 46.20 27.80 -2.42
N LYS S 206 47.01 27.92 -3.49
CA LYS S 206 47.28 26.77 -4.33
C LYS S 206 48.05 25.69 -3.57
N LYS S 207 49.01 26.10 -2.75
CA LYS S 207 49.80 25.18 -1.94
C LYS S 207 49.33 25.29 -0.50
N THR S 208 48.83 24.19 0.04
CA THR S 208 48.44 24.15 1.45
C THR S 208 49.69 24.23 2.32
N LEU S 209 49.64 25.06 3.36
CA LEU S 209 50.81 25.26 4.22
C LEU S 209 51.14 24.00 4.99
N SER S 210 52.42 23.64 5.00
CA SER S 210 52.92 22.51 5.76
C SER S 210 53.25 22.93 7.19
N GLU S 211 53.65 21.95 7.99
CA GLU S 211 53.90 22.23 9.42
C GLU S 211 55.12 23.13 9.60
N LYS S 212 56.19 22.89 8.84
CA LYS S 212 57.35 23.77 8.92
C LYS S 212 57.03 25.15 8.37
N GLN S 213 56.25 25.20 7.29
CA GLN S 213 55.77 26.48 6.79
C GLN S 213 54.90 27.18 7.83
N LEU S 214 54.11 26.41 8.57
CA LEU S 214 53.31 26.99 9.65
C LEU S 214 54.20 27.60 10.73
N ILE S 215 55.26 26.89 11.12
CA ILE S 215 56.18 27.40 12.12
C ILE S 215 56.84 28.68 11.65
N ASP S 216 57.31 28.68 10.40
CA ASP S 216 57.95 29.87 9.86
C ASP S 216 56.97 31.03 9.74
N GLY S 217 55.73 30.75 9.37
CA GLY S 217 54.74 31.81 9.29
C GLY S 217 54.42 32.41 10.65
N VAL S 218 54.32 31.55 11.67
CA VAL S 218 54.10 32.08 13.02
C VAL S 218 55.31 32.91 13.46
N LYS S 219 56.50 32.50 13.03
CA LYS S 219 57.70 33.28 13.34
C LYS S 219 57.64 34.66 12.69
N ARG S 220 57.25 34.71 11.41
CA ARG S 220 57.14 35.99 10.72
C ARG S 220 56.07 36.87 11.35
N VAL S 221 54.92 36.27 11.70
CA VAL S 221 53.84 37.04 12.32
C VAL S 221 54.28 37.60 13.66
N THR S 222 54.98 36.78 14.47
CA THR S 222 55.47 37.26 15.75
C THR S 222 56.48 38.38 15.56
N GLU S 223 57.37 38.25 14.58
CA GLU S 223 58.33 39.32 14.29
C GLU S 223 57.62 40.62 13.94
N TYR S 224 56.63 40.53 13.04
CA TYR S 224 55.90 41.73 12.62
C TYR S 224 55.16 42.36 13.80
N LEU S 225 54.53 41.53 14.63
CA LEU S 225 53.73 42.06 15.72
C LEU S 225 54.61 42.68 16.81
N LYS S 226 55.74 42.06 17.10
CA LYS S 226 56.68 42.64 18.05
C LYS S 226 57.36 43.89 17.49
N LYS S 227 57.43 44.03 16.17
CA LYS S 227 57.98 45.23 15.57
C LYS S 227 56.98 46.37 15.49
N ASN S 228 55.71 46.07 15.25
CA ASN S 228 54.69 47.11 15.03
C ASN S 228 53.68 47.16 16.15
N ILE S 229 54.10 46.87 17.39
CA ILE S 229 53.15 46.83 18.51
C ILE S 229 52.58 48.22 18.78
N SER S 230 53.42 49.25 18.71
CA SER S 230 52.99 50.59 19.09
C SER S 230 51.96 51.15 18.12
N PHE S 231 51.95 50.66 16.88
CA PHE S 231 51.00 51.15 15.88
C PHE S 231 49.71 50.35 15.84
N GLN S 232 49.61 49.27 16.61
CA GLN S 232 48.40 48.46 16.59
C GLN S 232 47.28 49.19 17.35
N PRO S 233 46.03 48.96 16.96
CA PRO S 233 44.91 49.58 17.69
C PRO S 233 44.87 49.12 19.14
N ARG S 234 44.00 49.78 19.91
CA ARG S 234 43.93 49.52 21.35
C ARG S 234 43.54 48.08 21.65
N THR S 235 42.59 47.53 20.88
CA THR S 235 42.16 46.15 21.11
C THR S 235 43.29 45.16 20.81
N ILE S 236 44.03 45.40 19.73
CA ILE S 236 45.08 44.47 19.33
C ILE S 236 46.14 44.35 20.42
N GLN S 237 46.65 45.49 20.90
CA GLN S 237 47.67 45.44 21.93
C GLN S 237 47.09 45.04 23.28
N ASN S 238 45.81 45.35 23.53
CA ASN S 238 45.15 44.88 24.74
C ASN S 238 45.16 43.36 24.82
N ILE S 239 44.82 42.69 23.73
CA ILE S 239 44.85 41.23 23.76
C ILE S 239 46.25 40.68 23.56
N LEU S 240 47.16 41.46 22.98
CA LEU S 240 48.54 41.00 22.86
C LEU S 240 49.22 40.96 24.22
N SER S 241 48.87 41.88 25.11
CA SER S 241 49.42 41.84 26.47
C SER S 241 48.95 40.63 27.25
N ASP S 242 47.87 40.00 26.83
CA ASP S 242 47.34 38.81 27.50
C ASP S 242 48.26 37.63 27.23
N PRO S 243 48.77 36.94 28.26
CA PRO S 243 49.57 35.74 28.02
C PRO S 243 48.75 34.49 27.75
N LYS S 244 47.42 34.56 27.86
CA LYS S 244 46.54 33.46 27.49
C LYS S 244 45.97 33.64 26.10
N SER S 245 46.48 34.60 25.34
CA SER S 245 46.00 34.91 24.00
C SER S 245 46.74 34.03 23.00
N VAL S 246 46.04 33.68 21.91
CA VAL S 246 46.59 32.73 20.94
C VAL S 246 46.67 33.26 19.50
N ILE S 247 47.54 32.66 18.68
CA ILE S 247 47.61 33.04 17.26
C ILE S 247 47.04 31.92 16.41
N LYS S 248 45.86 32.13 15.84
CA LYS S 248 45.27 31.10 14.99
C LYS S 248 45.57 31.35 13.53
N ILE S 249 46.55 30.63 12.99
CA ILE S 249 46.86 30.76 11.57
C ILE S 249 46.24 29.63 10.76
N ASP S 250 45.47 29.99 9.74
CA ASP S 250 44.81 28.98 8.91
C ASP S 250 45.80 28.20 8.08
N LYS S 251 45.52 26.92 7.89
CA LYS S 251 46.43 26.06 7.14
C LYS S 251 46.18 26.14 5.64
N ASP S 252 44.93 26.31 5.23
CA ASP S 252 44.56 26.27 3.82
C ASP S 252 44.45 27.64 3.17
N THR S 253 43.90 28.63 3.87
CA THR S 253 43.77 29.96 3.31
C THR S 253 44.91 30.90 3.68
N GLY S 254 45.69 30.55 4.70
CA GLY S 254 46.80 31.39 5.11
C GLY S 254 46.42 32.56 5.99
N GLN S 255 45.17 32.67 6.39
CA GLN S 255 44.74 33.79 7.22
C GLN S 255 45.27 33.67 8.63
N VAL S 256 45.76 34.78 9.18
CA VAL S 256 46.25 34.85 10.54
C VAL S 256 45.26 35.67 11.37
N SER S 257 44.88 35.15 12.52
CA SER S 257 43.88 35.76 13.37
C SER S 257 44.37 35.77 14.81
N LEU S 258 43.88 36.74 15.56
CA LEU S 258 44.22 36.94 16.97
C LEU S 258 43.01 36.56 17.81
N PHE S 259 43.24 35.79 18.88
CA PHE S 259 42.20 35.45 19.83
C PHE S 259 42.68 35.78 21.23
N ASN S 260 41.79 36.33 22.05
CA ASN S 260 42.10 36.65 23.44
C ASN S 260 42.07 35.38 24.29
N GLY S 261 42.21 35.57 25.60
CA GLY S 261 42.22 34.45 26.52
C GLY S 261 40.93 33.66 26.52
N ASN S 262 39.80 34.35 26.34
CA ASN S 262 38.49 33.69 26.36
C ASN S 262 38.26 32.82 25.14
N GLY S 263 39.08 32.93 24.10
CA GLY S 263 38.93 32.11 22.92
C GLY S 263 38.01 32.67 21.86
N GLU S 264 37.47 33.86 22.05
CA GLU S 264 36.63 34.51 21.05
C GLU S 264 37.49 35.27 20.05
N PHE S 265 36.93 35.51 18.87
CA PHE S 265 37.67 36.18 17.81
C PHE S 265 37.91 37.63 18.19
N ALA S 266 39.16 38.08 18.07
CA ALA S 266 39.52 39.44 18.39
C ALA S 266 39.80 40.27 17.14
N ALA S 267 40.73 39.83 16.30
CA ALA S 267 41.05 40.55 15.08
C ALA S 267 41.87 39.66 14.15
N LEU S 268 42.01 40.13 12.91
CA LEU S 268 42.80 39.46 11.89
C LEU S 268 43.99 40.35 11.51
N VAL S 269 45.16 39.74 11.35
CA VAL S 269 46.38 40.49 11.13
C VAL S 269 46.78 40.51 9.66
N GLY S 270 46.69 39.38 8.97
CA GLY S 270 47.09 39.35 7.58
C GLY S 270 47.03 37.96 7.02
N THR S 271 47.81 37.73 5.97
CA THR S 271 47.85 36.44 5.29
C THR S 271 49.28 35.99 5.12
N TYR S 272 49.55 34.73 5.41
CA TYR S 272 50.86 34.13 5.18
C TYR S 272 50.74 33.02 4.16
N ASN S 273 51.31 33.22 2.99
CA ASN S 273 51.50 32.14 2.03
C ASN S 273 52.91 31.57 2.21
N GLY S 274 53.33 30.76 1.24
CA GLY S 274 54.54 29.96 1.41
C GLY S 274 55.78 30.75 1.78
N ASP S 275 55.92 32.00 1.32
CA ASP S 275 57.18 32.71 1.49
C ASP S 275 57.09 34.01 2.27
N ILE S 276 56.08 34.85 2.04
CA ILE S 276 56.04 36.19 2.61
C ILE S 276 54.77 36.34 3.43
N PHE S 277 54.82 37.19 4.45
CA PHE S 277 53.66 37.51 5.27
C PHE S 277 53.19 38.92 4.92
N SER S 278 51.93 39.03 4.51
CA SER S 278 51.35 40.31 4.13
C SER S 278 50.37 40.78 5.19
N PRO S 279 50.69 41.84 5.93
CA PRO S 279 49.73 42.38 6.90
C PRO S 279 48.54 43.01 6.20
N SER S 280 47.40 43.03 6.90
CA SER S 280 46.19 43.62 6.37
C SER S 280 45.89 44.95 7.03
N SER T 2 24.46 2.52 -77.16
CA SER T 2 23.09 2.67 -76.71
C SER T 2 22.53 4.03 -77.10
N LYS T 3 23.18 4.67 -78.08
CA LYS T 3 22.79 6.00 -78.52
C LYS T 3 21.71 5.96 -79.59
N PHE T 4 21.20 4.77 -79.90
CA PHE T 4 20.05 4.64 -80.79
C PHE T 4 18.76 4.37 -80.05
N LEU T 5 18.83 3.93 -78.79
CA LEU T 5 17.66 3.71 -77.97
C LEU T 5 17.43 4.78 -76.92
N LYS T 6 18.38 5.70 -76.74
CA LYS T 6 18.23 6.74 -75.73
C LYS T 6 17.06 7.66 -76.09
N ASN T 7 16.41 8.16 -75.05
CA ASN T 7 15.30 9.09 -75.21
C ASN T 7 15.87 10.48 -75.45
N ARG T 8 15.75 10.97 -76.68
CA ARG T 8 16.29 12.28 -77.02
C ARG T 8 15.56 13.40 -76.30
N ALA T 9 14.30 13.18 -75.93
CA ALA T 9 13.53 14.23 -75.27
C ALA T 9 14.15 14.61 -73.93
N VAL T 10 14.57 13.61 -73.15
CA VAL T 10 15.16 13.90 -71.85
C VAL T 10 16.62 14.31 -71.99
N VAL T 11 17.30 13.81 -73.02
CA VAL T 11 18.71 14.16 -73.22
C VAL T 11 18.86 15.63 -73.56
N ASN T 12 18.07 16.10 -74.53
CA ASN T 12 18.19 17.49 -74.99
C ASN T 12 17.76 18.50 -73.95
N GLY T 13 17.10 18.07 -72.88
CA GLY T 13 16.76 18.94 -71.78
C GLY T 13 17.82 19.08 -70.72
N LEU T 14 18.99 18.51 -70.93
CA LEU T 14 20.06 18.54 -69.95
C LEU T 14 21.09 19.61 -70.33
N PRO T 15 21.70 20.26 -69.33
CA PRO T 15 22.69 21.30 -69.62
C PRO T 15 23.94 20.72 -70.27
N VAL T 16 24.54 21.51 -71.15
CA VAL T 16 25.75 21.12 -71.86
C VAL T 16 26.95 21.68 -71.10
N ILE T 17 27.90 20.82 -70.81
CA ILE T 17 29.05 21.16 -69.98
C ILE T 17 30.29 21.26 -70.87
N LYS T 18 31.07 22.32 -70.67
CA LYS T 18 32.28 22.55 -71.44
C LYS T 18 33.44 21.78 -70.83
N ASN T 19 34.26 21.19 -71.68
CA ASN T 19 35.39 20.40 -71.23
C ASN T 19 36.45 21.30 -70.60
N PRO T 20 36.92 21.00 -69.40
CA PRO T 20 38.03 21.77 -68.83
C PRO T 20 39.31 21.58 -69.62
N GLY T 21 40.15 22.61 -69.59
CA GLY T 21 41.42 22.54 -70.28
C GLY T 21 42.50 21.88 -69.43
N LYS T 22 42.11 21.41 -68.24
CA LYS T 22 43.03 20.80 -67.31
C LYS T 22 42.36 19.58 -66.68
N TYR T 23 43.16 18.56 -66.39
CA TYR T 23 42.66 17.39 -65.66
C TYR T 23 42.35 17.79 -64.23
N GLN T 24 41.13 17.53 -63.79
CA GLN T 24 40.66 17.99 -62.49
C GLN T 24 40.77 16.89 -61.45
N HIS T 25 41.13 17.28 -60.23
CA HIS T 25 41.18 16.38 -59.10
C HIS T 25 40.18 16.82 -58.04
N CYS T 26 39.42 15.88 -57.52
CA CYS T 26 38.45 16.17 -56.49
C CYS T 26 39.13 16.37 -55.14
N TYR T 27 38.40 16.94 -54.21
CA TYR T 27 38.95 17.20 -52.88
C TYR T 27 37.81 17.35 -51.87
N LEU T 28 38.19 17.31 -50.61
CA LEU T 28 37.28 17.61 -49.51
C LEU T 28 37.66 18.96 -48.92
N ILE T 29 36.66 19.81 -48.72
CA ILE T 29 36.89 21.13 -48.15
C ILE T 29 35.96 21.30 -46.96
N GLU T 30 36.32 22.22 -46.07
CA GLU T 30 35.41 22.61 -45.00
C GLU T 30 34.16 23.24 -45.59
N TYR T 31 33.00 22.98 -44.99
CA TYR T 31 31.76 23.61 -45.46
C TYR T 31 31.80 25.10 -45.18
N GLU T 32 31.12 25.91 -45.99
CA GLU T 32 31.15 27.39 -45.87
C GLU T 32 32.49 27.97 -46.27
N ASP T 33 33.47 27.12 -46.55
CA ASP T 33 34.77 27.56 -47.01
C ASP T 33 34.77 27.06 -48.43
N SER T 34 33.63 26.51 -48.85
CA SER T 34 33.51 25.99 -50.19
C SER T 34 33.24 27.08 -51.21
N THR T 35 33.17 28.33 -50.77
CA THR T 35 32.95 29.44 -51.67
C THR T 35 34.11 30.42 -51.61
N ASN T 36 35.01 30.23 -50.65
CA ASN T 36 36.16 31.10 -50.51
C ASN T 36 37.20 30.76 -51.56
N VAL T 37 37.95 31.75 -52.02
CA VAL T 37 38.90 31.50 -53.10
C VAL T 37 40.37 31.64 -52.77
N LYS T 38 40.94 30.69 -52.02
CA LYS T 38 42.39 30.73 -51.79
C LYS T 38 42.96 32.08 -51.34
N GLN T 39 42.38 32.60 -50.26
CA GLN T 39 42.75 33.93 -49.79
C GLN T 39 44.25 34.22 -49.76
N THR T 40 45.07 33.20 -49.54
CA THR T 40 46.52 33.36 -49.48
C THR T 40 47.16 32.38 -50.45
N PRO T 41 48.37 32.69 -50.93
CA PRO T 41 49.09 31.72 -51.77
C PRO T 41 49.41 30.42 -51.05
N THR T 42 49.67 30.47 -49.75
CA THR T 42 50.01 29.30 -48.96
C THR T 42 49.10 29.22 -47.75
N GLU T 43 48.64 28.01 -47.43
CA GLU T 43 47.68 27.81 -46.36
C GLU T 43 48.26 28.19 -45.01
N ASN T 44 47.47 28.93 -44.22
CA ASN T 44 47.83 29.33 -42.86
C ASN T 44 46.93 28.56 -41.90
N LYS T 45 47.55 27.80 -40.99
CA LYS T 45 46.79 26.95 -40.08
C LYS T 45 46.12 27.74 -38.97
N ASN T 46 46.68 28.89 -38.60
CA ASN T 46 46.18 29.60 -37.42
C ASN T 46 44.92 30.41 -37.73
N LYS T 47 44.61 30.62 -39.00
CA LYS T 47 43.43 31.37 -39.39
C LYS T 47 42.49 30.49 -40.20
N GLN T 48 41.21 30.82 -40.17
CA GLN T 48 40.15 29.98 -40.69
C GLN T 48 39.52 30.61 -41.92
N GLN T 49 38.72 29.79 -42.61
CA GLN T 49 37.96 30.23 -43.78
C GLN T 49 38.88 30.76 -44.88
N GLN T 50 40.02 30.10 -45.07
CA GLN T 50 41.01 30.53 -46.05
C GLN T 50 40.84 29.87 -47.41
N GLY T 51 39.85 29.01 -47.58
CA GLY T 51 39.58 28.42 -48.88
C GLY T 51 40.56 27.36 -49.32
N PHE T 52 41.11 26.59 -48.39
CA PHE T 52 42.02 25.52 -48.75
C PHE T 52 41.41 24.16 -48.42
N PRO T 53 41.59 23.17 -49.29
CA PRO T 53 40.93 21.87 -49.07
C PRO T 53 41.45 21.17 -47.83
N VAL T 54 40.53 20.44 -47.18
CA VAL T 54 40.93 19.60 -46.05
C VAL T 54 41.80 18.45 -46.53
N TYR T 55 41.41 17.80 -47.62
CA TYR T 55 42.15 16.68 -48.17
C TYR T 55 42.06 16.73 -49.69
N LEU T 56 43.21 16.68 -50.35
CA LEU T 56 43.29 16.67 -51.80
C LEU T 56 43.50 15.24 -52.29
N PHE T 57 42.64 14.80 -53.19
CA PHE T 57 42.76 13.46 -53.74
C PHE T 57 43.95 13.39 -54.68
N MET T 58 44.79 12.38 -54.48
CA MET T 58 45.94 12.20 -55.38
C MET T 58 45.51 11.59 -56.70
N MET T 59 44.54 10.68 -56.67
CA MET T 59 43.88 10.19 -57.88
C MET T 59 42.38 10.19 -57.68
N ASN T 60 41.66 10.43 -58.77
CA ASN T 60 40.22 10.52 -58.71
C ASN T 60 39.61 9.13 -58.49
N PRO T 61 38.41 9.07 -57.93
CA PRO T 61 37.72 7.78 -57.83
C PRO T 61 37.37 7.22 -59.19
N GLU T 62 37.43 5.90 -59.30
CA GLU T 62 36.99 5.22 -60.51
C GLU T 62 35.47 5.20 -60.61
N ASN T 63 34.78 5.08 -59.47
CA ASN T 63 33.34 5.24 -59.43
C ASN T 63 32.93 5.70 -58.04
N ILE T 64 31.73 6.27 -57.97
CA ILE T 64 31.15 6.75 -56.73
C ILE T 64 29.73 6.21 -56.62
N THR T 65 29.39 5.68 -55.46
CA THR T 65 28.06 5.12 -55.23
C THR T 65 27.27 6.06 -54.32
N TYR T 66 26.05 6.38 -54.72
CA TYR T 66 25.12 7.16 -53.91
C TYR T 66 23.94 6.27 -53.55
N ASN T 67 23.64 6.19 -52.25
CA ASN T 67 22.54 5.37 -51.77
C ASN T 67 21.56 6.24 -50.99
N LEU T 68 20.27 6.07 -51.28
CA LEU T 68 19.23 6.85 -50.59
C LEU T 68 18.06 5.97 -50.19
N PRO T 69 17.88 5.68 -48.91
CA PRO T 69 16.66 5.00 -48.48
C PRO T 69 15.59 5.99 -48.04
N ILE T 70 14.33 5.71 -48.39
CA ILE T 70 13.20 6.55 -47.99
C ILE T 70 12.33 5.72 -47.05
N ASN T 71 12.10 6.22 -45.85
CA ASN T 71 11.52 5.44 -44.76
C ASN T 71 10.02 5.67 -44.68
N TYR T 72 9.26 4.64 -45.06
CA TYR T 72 7.83 4.54 -44.84
C TYR T 72 7.56 3.52 -43.75
N GLN T 73 6.42 3.66 -43.08
CA GLN T 73 6.05 2.76 -41.99
C GLN T 73 4.81 1.96 -42.39
N GLU T 74 4.86 0.65 -42.15
CA GLU T 74 3.77 -0.25 -42.50
C GLU T 74 2.88 -0.48 -41.29
N ILE T 75 1.57 -0.46 -41.53
CA ILE T 75 0.59 -0.85 -40.53
C ILE T 75 -0.25 -1.96 -41.14
N ALA T 76 -0.17 -3.16 -40.58
CA ALA T 76 -0.86 -4.33 -41.13
C ALA T 76 -2.21 -4.47 -40.46
N ILE T 77 -3.23 -3.89 -41.08
CA ILE T 77 -4.60 -4.09 -40.60
C ILE T 77 -5.07 -5.48 -41.02
N PRO T 78 -5.56 -6.30 -40.10
CA PRO T 78 -5.98 -7.65 -40.47
C PRO T 78 -7.08 -7.63 -41.51
N PHE T 79 -7.03 -8.61 -42.41
CA PHE T 79 -8.03 -8.82 -43.46
C PHE T 79 -8.10 -7.66 -44.44
N THR T 80 -6.96 -7.05 -44.76
CA THR T 80 -6.85 -6.08 -45.82
C THR T 80 -5.90 -6.61 -46.89
N ALA T 81 -6.13 -6.21 -48.13
CA ALA T 81 -5.32 -6.71 -49.24
C ALA T 81 -3.91 -6.16 -49.22
N LYS T 82 -3.70 -4.99 -48.62
CA LYS T 82 -2.41 -4.33 -48.61
C LYS T 82 -2.12 -3.79 -47.22
N ASN T 83 -0.84 -3.61 -46.93
CA ASN T 83 -0.48 -2.90 -45.72
C ASN T 83 -0.74 -1.40 -45.90
N GLN T 84 -0.90 -0.71 -44.78
CA GLN T 84 -1.05 0.74 -44.79
C GLN T 84 0.31 1.37 -44.66
N LEU T 85 0.74 2.07 -45.71
CA LEU T 85 2.06 2.68 -45.76
C LEU T 85 1.96 4.15 -45.38
N ASN T 86 2.72 4.54 -44.35
CA ASN T 86 2.70 5.90 -43.83
C ASN T 86 4.11 6.46 -43.92
N TYR T 87 4.26 7.60 -44.59
CA TYR T 87 5.56 8.20 -44.77
C TYR T 87 6.12 8.67 -43.44
N SER T 88 7.33 8.22 -43.11
CA SER T 88 8.00 8.63 -41.89
C SER T 88 9.05 9.70 -42.13
N ASN T 89 10.05 9.41 -42.97
CA ASN T 89 11.11 10.38 -43.19
C ASN T 89 11.84 10.02 -44.47
N GLY T 90 12.67 10.96 -44.93
CA GLY T 90 13.32 10.84 -46.22
C GLY T 90 14.67 10.15 -46.25
N GLY T 91 15.40 10.17 -45.14
CA GLY T 91 16.70 9.52 -45.11
C GLY T 91 17.82 10.36 -45.69
N ASN T 92 19.06 9.97 -45.41
CA ASN T 92 20.25 10.71 -45.83
C ASN T 92 20.95 9.96 -46.95
N ILE T 93 21.52 10.73 -47.89
CA ILE T 93 22.32 10.14 -48.95
C ILE T 93 23.65 9.67 -48.38
N VAL T 94 24.04 8.46 -48.74
CA VAL T 94 25.34 7.90 -48.36
C VAL T 94 26.19 7.82 -49.62
N MET T 95 27.32 8.52 -49.61
CA MET T 95 28.28 8.50 -50.69
C MET T 95 29.41 7.57 -50.32
N THR T 96 29.82 6.72 -51.26
CA THR T 96 30.89 5.76 -51.01
C THR T 96 31.85 5.75 -52.19
N MET T 97 33.14 5.90 -51.92
CA MET T 97 34.17 5.65 -52.92
C MET T 97 35.19 4.68 -52.36
N SER T 98 35.38 3.56 -53.04
CA SER T 98 36.28 2.50 -52.63
C SER T 98 37.42 2.37 -53.61
N ASN T 99 38.47 1.68 -53.18
CA ASN T 99 39.60 1.32 -54.03
C ASN T 99 40.31 2.57 -54.56
N LEU T 100 40.29 3.63 -53.76
CA LEU T 100 41.02 4.85 -54.08
C LEU T 100 42.52 4.57 -53.99
N ILE T 101 43.28 5.09 -54.95
CA ILE T 101 44.69 4.76 -55.10
C ILE T 101 45.54 5.85 -54.47
N LEU T 102 46.44 5.44 -53.57
CA LEU T 102 47.54 6.29 -53.11
C LEU T 102 48.83 5.59 -53.50
N ASP T 103 49.70 6.30 -54.22
CA ASP T 103 50.89 5.68 -54.81
C ASP T 103 52.01 6.70 -54.85
N THR T 104 53.02 6.50 -54.00
CA THR T 104 54.23 7.33 -54.05
C THR T 104 55.48 6.46 -53.95
N MET T 105 55.39 5.19 -54.37
CA MET T 105 56.50 4.27 -54.18
C MET T 105 57.72 4.69 -55.00
N ASP T 106 57.51 5.12 -56.24
CA ASP T 106 58.63 5.55 -57.08
C ASP T 106 59.22 6.87 -56.58
N GLU T 107 58.37 7.77 -56.08
CA GLU T 107 58.85 9.06 -55.59
C GLU T 107 59.59 8.93 -54.26
N LYS T 108 59.47 7.78 -53.60
CA LYS T 108 60.08 7.56 -52.28
C LYS T 108 59.57 8.59 -51.28
N ARG T 109 58.27 8.85 -51.32
CA ARG T 109 57.62 9.81 -50.45
C ARG T 109 56.59 9.12 -49.58
N SER T 110 56.61 9.45 -48.29
CA SER T 110 55.74 8.80 -47.33
C SER T 110 54.30 9.27 -47.46
N LEU T 111 53.37 8.34 -47.35
CA LEU T 111 51.94 8.65 -47.34
C LEU T 111 51.39 8.92 -45.95
N GLN T 112 52.19 8.75 -44.92
CA GLN T 112 51.73 8.91 -43.55
C GLN T 112 51.06 10.26 -43.28
N PRO T 113 51.55 11.40 -43.77
CA PRO T 113 50.81 12.66 -43.55
C PRO T 113 49.38 12.62 -44.07
N LEU T 114 49.15 12.02 -45.24
CA LEU T 114 47.79 11.95 -45.77
C LEU T 114 46.90 11.07 -44.91
N ILE T 115 47.42 9.93 -44.47
CA ILE T 115 46.64 9.04 -43.61
C ILE T 115 46.33 9.73 -42.29
N ASP T 116 47.29 10.46 -41.74
CA ASP T 116 47.05 11.22 -40.51
C ASP T 116 45.99 12.29 -40.73
N ARG T 117 46.05 12.99 -41.86
CA ARG T 117 45.07 14.02 -42.17
C ARG T 117 43.66 13.43 -42.24
N LEU T 118 43.52 12.28 -42.90
CA LEU T 118 42.20 11.66 -43.00
C LEU T 118 41.74 11.09 -41.68
N ILE T 119 42.68 10.57 -40.86
CA ILE T 119 42.30 10.02 -39.57
C ILE T 119 41.85 11.12 -38.62
N ALA T 120 42.48 12.28 -38.66
CA ALA T 120 42.16 13.36 -37.74
C ALA T 120 40.74 13.88 -37.89
N LEU T 121 39.95 13.35 -38.82
CA LEU T 121 38.58 13.77 -39.02
C LEU T 121 37.60 13.13 -38.04
N ARG T 122 38.08 12.30 -37.12
CA ARG T 122 37.25 11.74 -36.06
C ARG T 122 37.31 12.56 -34.78
N GLU T 123 38.40 13.30 -34.56
CA GLU T 123 38.57 14.01 -33.30
C GLU T 123 37.59 15.17 -33.20
N PRO T 124 37.16 15.50 -31.99
CA PRO T 124 36.30 16.67 -31.82
C PRO T 124 37.06 17.94 -32.13
N THR T 125 36.36 18.97 -32.61
CA THR T 125 37.02 20.25 -32.83
C THR T 125 36.88 21.10 -31.59
N VAL T 126 37.51 22.26 -31.58
CA VAL T 126 37.37 23.16 -30.43
C VAL T 126 36.76 24.48 -30.83
N LYS T 127 35.44 24.52 -31.01
CA LYS T 127 34.78 25.78 -31.30
C LYS T 127 34.85 26.52 -29.98
N LYS T 128 35.48 27.69 -29.96
CA LYS T 128 35.69 28.43 -28.71
C LYS T 128 36.47 27.53 -27.74
N GLY T 129 36.18 27.59 -26.46
CA GLY T 129 36.85 26.71 -25.52
C GLY T 129 36.03 25.47 -25.26
N LEU T 130 35.25 25.02 -26.24
CA LEU T 130 34.36 23.88 -26.04
C LEU T 130 34.59 22.76 -27.02
N LYS T 131 34.50 21.52 -26.54
CA LYS T 131 34.62 20.38 -27.44
C LYS T 131 33.40 20.32 -28.34
N SER T 132 33.62 20.28 -29.64
CA SER T 132 32.51 20.28 -30.58
C SER T 132 32.62 19.12 -31.56
N HIS T 133 31.69 19.05 -32.51
CA HIS T 133 31.71 17.99 -33.51
C HIS T 133 32.80 18.25 -34.54
N PRO T 134 33.23 17.20 -35.24
CA PRO T 134 34.26 17.39 -36.28
C PRO T 134 33.78 18.30 -37.40
N LYS T 135 34.70 18.57 -38.31
CA LYS T 135 34.45 19.48 -39.42
C LYS T 135 33.35 18.93 -40.32
N ILE T 136 32.42 19.79 -40.71
CA ILE T 136 31.42 19.45 -41.70
C ILE T 136 32.02 19.71 -43.08
N LEU T 137 31.98 18.71 -43.94
CA LEU T 137 32.75 18.71 -45.17
C LEU T 137 31.87 18.94 -46.39
N ALA T 138 32.55 19.22 -47.49
CA ALA T 138 31.94 19.30 -48.81
C ALA T 138 32.89 18.62 -49.79
N PHE T 139 32.39 17.65 -50.53
CA PHE T 139 33.17 17.00 -51.58
C PHE T 139 33.02 17.79 -52.86
N LYS T 140 34.11 18.40 -53.32
CA LYS T 140 34.08 19.25 -54.50
C LYS T 140 34.89 18.60 -55.61
N TRP T 141 34.35 18.66 -56.83
CA TRP T 141 35.02 18.13 -58.01
C TRP T 141 34.59 18.99 -59.18
N GLY T 142 35.53 19.75 -59.75
CA GLY T 142 35.15 20.68 -60.80
C GLY T 142 34.15 21.69 -60.27
N SER T 143 33.06 21.86 -61.03
CA SER T 143 31.99 22.76 -60.61
C SER T 143 30.95 22.07 -59.76
N ASN T 144 31.09 20.77 -59.51
CA ASN T 144 30.11 20.00 -58.77
C ASN T 144 30.51 19.88 -57.31
N THR T 145 29.50 19.85 -56.45
CA THR T 145 29.64 19.59 -55.03
C THR T 145 28.68 18.46 -54.65
N PHE T 146 28.84 17.92 -53.45
CA PHE T 146 27.93 16.85 -53.06
C PHE T 146 26.88 17.38 -52.09
N ALA T 147 27.32 17.84 -50.92
CA ALA T 147 26.42 18.28 -49.87
C ALA T 147 27.25 18.74 -48.67
N PRO T 148 26.64 19.35 -47.66
CA PRO T 148 27.25 19.30 -46.33
C PRO T 148 27.25 17.85 -45.85
N CYS T 149 28.44 17.27 -45.74
CA CYS T 149 28.57 15.87 -45.39
C CYS T 149 29.62 15.70 -44.32
N VAL T 150 29.64 14.52 -43.71
CA VAL T 150 30.59 14.17 -42.67
C VAL T 150 31.23 12.84 -43.04
N LEU T 151 32.52 12.71 -42.79
CA LEU T 151 33.19 11.43 -42.97
C LEU T 151 32.72 10.46 -41.91
N THR T 152 32.24 9.30 -42.34
CA THR T 152 31.70 8.30 -41.43
C THR T 152 32.61 7.10 -41.26
N ASN T 153 33.12 6.54 -42.36
CA ASN T 153 33.99 5.38 -42.30
C ASN T 153 35.14 5.57 -43.27
N ILE T 154 36.33 5.15 -42.85
CA ILE T 154 37.51 5.20 -43.70
C ILE T 154 38.36 3.98 -43.38
N SER T 155 38.98 3.41 -44.41
CA SER T 155 39.85 2.26 -44.24
C SER T 155 40.98 2.32 -45.25
N PHE T 156 42.15 1.85 -44.83
CA PHE T 156 43.34 1.81 -45.65
C PHE T 156 43.88 0.39 -45.72
N ASP T 157 44.32 -0.02 -46.90
CA ASP T 157 45.02 -1.29 -47.10
C ASP T 157 46.36 -0.95 -47.73
N VAL T 158 47.43 -1.09 -46.96
CA VAL T 158 48.76 -0.67 -47.37
C VAL T 158 49.55 -1.88 -47.82
N THR T 159 50.15 -1.80 -49.00
CA THR T 159 50.90 -2.91 -49.57
C THR T 159 52.38 -2.65 -49.77
N ARG T 160 52.82 -1.40 -49.73
CA ARG T 160 54.24 -1.09 -49.92
C ARG T 160 54.68 -0.08 -48.88
N TRP T 161 55.93 -0.24 -48.43
CA TRP T 161 56.50 0.65 -47.43
C TRP T 161 57.92 1.01 -47.81
N ILE T 162 58.36 2.17 -47.33
CA ILE T 162 59.77 2.54 -47.32
C ILE T 162 60.11 3.04 -45.92
N ASP T 163 61.06 2.36 -45.28
CA ASP T 163 61.44 2.69 -43.90
C ASP T 163 60.23 2.64 -42.97
N GLY T 164 59.33 1.72 -43.26
CA GLY T 164 58.13 1.56 -42.43
C GLY T 164 57.01 2.52 -42.77
N TYR T 165 57.26 3.47 -43.66
CA TYR T 165 56.28 4.48 -44.04
C TYR T 165 55.49 4.00 -45.24
N PRO T 166 54.16 4.03 -45.19
CA PRO T 166 53.37 3.56 -46.33
C PRO T 166 53.65 4.37 -47.59
N THR T 167 53.65 3.67 -48.73
CA THR T 167 53.82 4.32 -50.02
C THR T 167 52.85 3.85 -51.09
N LYS T 168 52.08 2.78 -50.83
CA LYS T 168 51.04 2.34 -51.76
C LYS T 168 49.88 1.81 -50.93
N ALA T 169 48.71 2.41 -51.12
CA ALA T 169 47.55 2.06 -50.31
C ALA T 169 46.28 2.18 -51.13
N ARG T 170 45.29 1.37 -50.76
CA ARG T 170 43.93 1.49 -51.23
C ARG T 170 43.07 2.06 -50.11
N VAL T 171 42.25 3.04 -50.44
CA VAL T 171 41.45 3.78 -49.46
C VAL T 171 39.98 3.59 -49.81
N ASN T 172 39.20 3.15 -48.83
CA ASN T 172 37.75 3.08 -48.95
C ASN T 172 37.14 4.06 -47.96
N MET T 173 36.33 4.98 -48.44
CA MET T 173 35.75 5.97 -47.57
C MET T 173 34.27 6.17 -47.89
N SER T 174 33.53 6.58 -46.87
CA SER T 174 32.10 6.82 -46.97
C SER T 174 31.75 8.13 -46.28
N LEU T 175 31.10 9.01 -47.03
CA LEU T 175 30.57 10.27 -46.51
C LEU T 175 29.06 10.15 -46.40
N LYS T 176 28.46 10.98 -45.55
CA LYS T 176 27.01 10.98 -45.39
C LYS T 176 26.49 12.40 -45.42
N GLU T 177 25.55 12.66 -46.31
CA GLU T 177 24.91 13.97 -46.40
C GLU T 177 24.14 14.26 -45.13
N ILE T 178 24.30 15.47 -44.60
CA ILE T 178 23.64 15.90 -43.38
C ILE T 178 22.74 17.08 -43.69
N GLN T 179 21.92 17.44 -42.71
CA GLN T 179 21.05 18.60 -42.86
C GLN T 179 21.89 19.86 -42.98
N LYS T 180 21.49 20.74 -43.88
CA LYS T 180 22.27 21.95 -44.16
C LYS T 180 22.23 22.88 -42.95
N PRO T 181 23.38 23.28 -42.41
CA PRO T 181 23.37 24.20 -41.27
C PRO T 181 22.77 25.54 -41.66
N SER T 182 22.07 26.14 -40.71
CA SER T 182 21.40 27.42 -40.93
C SER T 182 22.40 28.56 -40.71
N SER T 183 22.51 29.44 -41.72
CA SER T 183 23.35 30.62 -41.63
C SER T 183 22.59 31.82 -41.09
N ASP T 184 21.46 31.59 -40.41
CA ASP T 184 20.62 32.66 -39.89
C ASP T 184 20.63 32.73 -38.37
N SER T 185 21.59 32.08 -37.72
CA SER T 185 21.66 32.00 -36.26
C SER T 185 20.34 31.67 -35.58
N LYS T 186 20.03 32.38 -34.51
CA LYS T 186 18.76 32.21 -33.81
C LYS T 186 18.09 33.55 -33.53
N ALA T 187 18.85 34.60 -33.22
CA ALA T 187 18.25 35.92 -33.11
C ALA T 187 17.70 36.37 -34.46
N LEU T 188 18.47 36.19 -35.53
CA LEU T 188 18.02 36.54 -36.87
C LEU T 188 16.86 35.68 -37.35
N GLU T 189 16.91 34.37 -37.10
CA GLU T 189 15.83 33.48 -37.53
C GLU T 189 14.51 33.83 -36.85
N GLU T 190 14.55 34.16 -35.56
CA GLU T 190 13.37 34.62 -34.86
C GLU T 190 12.93 36.01 -35.29
N ALA T 191 13.88 36.91 -35.53
CA ALA T 191 13.53 38.28 -35.91
C ALA T 191 12.84 38.30 -37.27
N LYS T 192 13.34 37.55 -38.24
CA LYS T 192 12.72 37.56 -39.55
C LYS T 192 11.42 36.76 -39.56
N LYS T 193 11.26 35.82 -38.61
CA LYS T 193 9.96 35.21 -38.40
C LYS T 193 8.97 36.23 -37.86
N LYS T 194 9.43 37.11 -36.96
CA LYS T 194 8.55 38.11 -36.38
C LYS T 194 8.21 39.22 -37.36
N VAL T 195 9.13 39.54 -38.27
CA VAL T 195 8.92 40.65 -39.20
C VAL T 195 7.74 40.38 -40.11
N LYS T 196 7.65 39.17 -40.65
CA LYS T 196 6.54 38.79 -41.52
C LYS T 196 5.29 38.41 -40.74
N VAL T 197 5.31 38.58 -39.42
CA VAL T 197 4.18 38.30 -38.54
C VAL T 197 3.67 36.89 -38.79
N GLU T 198 4.59 35.96 -39.02
CA GLU T 198 4.19 34.58 -39.29
C GLU T 198 4.42 33.81 -38.02
N THR T 199 4.66 34.53 -36.93
CA THR T 199 4.84 33.88 -35.65
C THR T 199 3.55 34.01 -34.87
N VAL T 200 3.42 33.26 -33.78
CA VAL T 200 2.24 33.38 -32.94
C VAL T 200 2.32 34.68 -32.15
N GLN T 201 1.35 35.58 -32.28
CA GLN T 201 1.49 36.91 -31.64
C GLN T 201 0.39 37.13 -30.60
N ASN T 202 0.75 37.33 -29.34
CA ASN T 202 -0.23 37.57 -28.28
C ASN T 202 -0.71 39.03 -28.35
N GLY T 203 0.18 39.99 -28.08
CA GLY T 203 -0.20 41.40 -28.08
C GLY T 203 0.98 42.32 -27.81
N ASN T 204 2.16 41.74 -27.57
CA ASN T 204 3.36 42.50 -27.31
C ASN T 204 3.96 43.02 -28.61
N LEU T 205 4.83 44.02 -28.54
CA LEU T 205 5.51 44.50 -29.74
C LEU T 205 6.55 43.48 -30.19
N LYS T 206 6.87 43.50 -31.49
CA LYS T 206 7.92 42.63 -31.99
C LYS T 206 9.28 43.05 -31.44
N LYS T 207 9.46 44.33 -31.19
CA LYS T 207 10.68 44.87 -30.60
C LYS T 207 10.36 45.34 -29.19
N THR T 208 10.87 44.63 -28.19
CA THR T 208 10.71 45.07 -26.81
C THR T 208 11.51 46.35 -26.59
N LEU T 209 10.91 47.31 -25.91
CA LEU T 209 11.52 48.63 -25.76
C LEU T 209 12.78 48.56 -24.92
N SER T 210 13.78 49.33 -25.32
CA SER T 210 15.01 49.48 -24.58
C SER T 210 14.91 50.65 -23.61
N GLU T 211 15.86 50.74 -22.69
CA GLU T 211 15.80 51.77 -21.66
C GLU T 211 15.87 53.17 -22.27
N LYS T 212 16.71 53.36 -23.29
CA LYS T 212 16.72 54.64 -23.99
C LYS T 212 15.40 54.87 -24.70
N GLN T 213 14.84 53.83 -25.30
CA GLN T 213 13.53 53.95 -25.92
C GLN T 213 12.46 54.29 -24.91
N LEU T 214 12.56 53.71 -23.70
CA LEU T 214 11.61 54.07 -22.64
C LEU T 214 11.75 55.53 -22.25
N ILE T 215 12.98 56.03 -22.15
CA ILE T 215 13.19 57.43 -21.81
C ILE T 215 12.58 58.34 -22.88
N ASP T 216 12.86 58.03 -24.15
CA ASP T 216 12.33 58.85 -25.23
C ASP T 216 10.80 58.77 -25.30
N GLY T 217 10.23 57.60 -25.04
CA GLY T 217 8.79 57.49 -25.02
C GLY T 217 8.16 58.30 -23.91
N VAL T 218 8.77 58.29 -22.73
CA VAL T 218 8.30 59.14 -21.65
C VAL T 218 8.38 60.61 -22.06
N LYS T 219 9.45 60.98 -22.76
CA LYS T 219 9.59 62.35 -23.26
C LYS T 219 8.44 62.71 -24.20
N ARG T 220 8.16 61.84 -25.16
CA ARG T 220 7.10 62.13 -26.13
C ARG T 220 5.74 62.21 -25.45
N VAL T 221 5.48 61.30 -24.51
CA VAL T 221 4.20 61.32 -23.79
C VAL T 221 4.06 62.61 -22.99
N THR T 222 5.13 63.02 -22.31
CA THR T 222 5.06 64.26 -21.54
C THR T 222 4.83 65.46 -22.46
N GLU T 223 5.51 65.50 -23.60
CA GLU T 223 5.29 66.59 -24.55
C GLU T 223 3.84 66.65 -24.99
N TYR T 224 3.29 65.50 -25.42
CA TYR T 224 1.92 65.50 -25.91
C TYR T 224 0.94 65.87 -24.81
N LEU T 225 1.17 65.36 -23.59
CA LEU T 225 0.25 65.64 -22.49
C LEU T 225 0.27 67.11 -22.13
N LYS T 226 1.45 67.73 -22.08
CA LYS T 226 1.52 69.14 -21.75
C LYS T 226 1.00 70.01 -22.89
N LYS T 227 1.02 69.52 -24.12
CA LYS T 227 0.40 70.22 -25.23
C LYS T 227 -1.12 70.06 -25.21
N ASN T 228 -1.62 68.89 -24.84
CA ASN T 228 -3.05 68.59 -24.92
C ASN T 228 -3.71 68.53 -23.54
N ILE T 229 -3.10 69.16 -22.53
CA ILE T 229 -3.68 69.14 -21.19
C ILE T 229 -5.03 69.84 -21.17
N SER T 230 -5.26 70.80 -22.07
CA SER T 230 -6.50 71.56 -22.06
C SER T 230 -7.69 70.73 -22.49
N PHE T 231 -7.48 69.75 -23.38
CA PHE T 231 -8.55 68.89 -23.87
C PHE T 231 -8.61 67.56 -23.15
N GLN T 232 -7.88 67.41 -22.06
CA GLN T 232 -8.00 66.16 -21.36
C GLN T 232 -9.22 66.16 -20.45
N PRO T 233 -9.93 64.99 -20.31
CA PRO T 233 -11.07 65.12 -19.39
C PRO T 233 -10.67 65.31 -17.94
N ARG T 234 -11.61 65.74 -17.12
CA ARG T 234 -11.32 66.01 -15.72
C ARG T 234 -10.55 64.92 -14.99
N THR T 235 -10.98 63.67 -15.10
CA THR T 235 -10.35 62.57 -14.37
C THR T 235 -8.86 62.33 -14.67
N ILE T 236 -8.31 63.03 -15.66
CA ILE T 236 -6.90 62.91 -15.99
C ILE T 236 -6.13 64.20 -15.72
N GLN T 237 -6.74 65.36 -16.00
CA GLN T 237 -6.04 66.60 -15.69
C GLN T 237 -5.92 66.81 -14.18
N ASN T 238 -6.89 66.33 -13.40
CA ASN T 238 -6.78 66.49 -11.96
C ASN T 238 -5.72 65.56 -11.36
N ILE T 239 -5.41 64.45 -12.01
CA ILE T 239 -4.32 63.61 -11.52
C ILE T 239 -2.98 64.10 -12.05
N LEU T 240 -2.98 64.76 -13.21
CA LEU T 240 -1.76 65.39 -13.69
C LEU T 240 -1.42 66.67 -12.94
N SER T 241 -2.41 67.27 -12.28
CA SER T 241 -2.12 68.44 -11.44
C SER T 241 -1.26 68.06 -10.24
N ASP T 242 -1.25 66.79 -9.87
CA ASP T 242 -0.44 66.32 -8.76
C ASP T 242 1.02 66.19 -9.21
N PRO T 243 1.97 66.87 -8.55
CA PRO T 243 3.38 66.72 -8.93
C PRO T 243 3.95 65.34 -8.63
N LYS T 244 3.24 64.50 -7.88
CA LYS T 244 3.71 63.17 -7.53
C LYS T 244 3.18 62.09 -8.47
N SER T 245 2.79 62.47 -9.68
CA SER T 245 2.28 61.54 -10.68
C SER T 245 3.37 61.25 -11.70
N VAL T 246 3.50 59.98 -12.08
CA VAL T 246 4.53 59.55 -13.01
C VAL T 246 3.87 58.84 -14.20
N ILE T 247 4.66 58.73 -15.27
CA ILE T 247 4.25 58.04 -16.49
C ILE T 247 5.10 56.78 -16.63
N LYS T 248 4.44 55.64 -16.78
CA LYS T 248 5.15 54.36 -16.90
C LYS T 248 4.74 53.68 -18.19
N ILE T 249 5.73 53.19 -18.93
CA ILE T 249 5.51 52.54 -20.22
C ILE T 249 5.89 51.07 -20.08
N ASP T 250 4.99 50.18 -20.49
CA ASP T 250 5.29 48.77 -20.43
C ASP T 250 6.39 48.40 -21.41
N LYS T 251 7.26 47.50 -20.99
CA LYS T 251 8.44 47.16 -21.78
C LYS T 251 8.09 46.34 -23.01
N ASP T 252 7.07 45.48 -22.91
CA ASP T 252 6.73 44.55 -23.98
C ASP T 252 5.56 44.99 -24.83
N THR T 253 4.53 45.59 -24.22
CA THR T 253 3.36 46.04 -24.97
C THR T 253 3.40 47.51 -25.33
N GLY T 254 4.16 48.32 -24.61
CA GLY T 254 4.25 49.73 -24.91
C GLY T 254 3.11 50.57 -24.41
N GLN T 255 2.20 50.01 -23.62
CA GLN T 255 1.09 50.79 -23.08
C GLN T 255 1.60 51.83 -22.10
N VAL T 256 1.08 53.05 -22.22
CA VAL T 256 1.46 54.17 -21.37
C VAL T 256 0.41 54.32 -20.28
N SER T 257 0.85 54.47 -19.04
CA SER T 257 -0.03 54.54 -17.90
C SER T 257 0.38 55.69 -16.99
N LEU T 258 -0.63 56.28 -16.33
CA LEU T 258 -0.42 57.32 -15.35
C LEU T 258 -0.57 56.74 -13.95
N PHE T 259 0.36 57.07 -13.08
CA PHE T 259 0.35 56.63 -11.69
C PHE T 259 0.30 57.86 -10.80
N ASN T 260 -0.66 57.89 -9.88
CA ASN T 260 -0.89 59.06 -9.05
C ASN T 260 0.13 59.11 -7.92
N GLY T 261 -0.10 60.02 -6.97
CA GLY T 261 0.78 60.18 -5.83
C GLY T 261 0.89 58.93 -4.99
N ASN T 262 -0.23 58.22 -4.81
CA ASN T 262 -0.23 56.98 -4.06
C ASN T 262 0.57 55.87 -4.72
N GLY T 263 0.86 55.99 -6.02
CA GLY T 263 1.59 54.97 -6.73
C GLY T 263 0.74 53.92 -7.41
N GLU T 264 -0.57 54.14 -7.50
CA GLU T 264 -1.46 53.19 -8.14
C GLU T 264 -1.76 53.59 -9.58
N PHE T 265 -2.18 52.62 -10.37
CA PHE T 265 -2.55 52.88 -11.76
C PHE T 265 -3.81 53.75 -11.80
N ALA T 266 -3.79 54.77 -12.65
CA ALA T 266 -4.89 55.72 -12.73
C ALA T 266 -5.62 55.66 -14.07
N ALA T 267 -4.90 55.77 -15.18
CA ALA T 267 -5.54 55.78 -16.49
C ALA T 267 -4.53 55.34 -17.54
N LEU T 268 -5.07 54.85 -18.66
CA LEU T 268 -4.29 54.51 -19.83
C LEU T 268 -4.29 55.69 -20.79
N VAL T 269 -3.11 56.10 -21.24
CA VAL T 269 -2.96 57.26 -22.08
C VAL T 269 -2.84 56.89 -23.55
N GLY T 270 -2.15 55.80 -23.85
CA GLY T 270 -1.99 55.38 -25.24
C GLY T 270 -0.98 54.27 -25.36
N THR T 271 -0.41 54.16 -26.55
CA THR T 271 0.58 53.14 -26.84
C THR T 271 1.85 53.81 -27.37
N TYR T 272 2.99 53.19 -27.11
CA TYR T 272 4.27 53.66 -27.63
C TYR T 272 5.05 52.48 -28.18
N ASN T 273 5.23 52.46 -29.50
CA ASN T 273 6.17 51.55 -30.13
C ASN T 273 7.51 52.23 -30.22
N GLY T 274 8.41 51.65 -31.02
CA GLY T 274 9.77 52.15 -31.09
C GLY T 274 9.90 53.61 -31.51
N ASP T 275 8.95 54.14 -32.29
CA ASP T 275 9.14 55.45 -32.89
C ASP T 275 8.04 56.46 -32.62
N ILE T 276 6.77 56.05 -32.60
CA ILE T 276 5.65 56.99 -32.59
C ILE T 276 4.78 56.72 -31.37
N PHE T 277 4.27 57.79 -30.77
CA PHE T 277 3.33 57.68 -29.66
C PHE T 277 1.91 57.86 -30.18
N SER T 278 1.08 56.83 -29.99
CA SER T 278 -0.30 56.86 -30.46
C SER T 278 -1.23 57.04 -29.26
N PRO T 279 -1.81 58.20 -29.08
CA PRO T 279 -2.72 58.40 -27.95
C PRO T 279 -4.03 57.65 -28.15
N SER T 280 -4.66 57.29 -27.05
CA SER T 280 -5.92 56.55 -27.10
C SER T 280 -7.08 57.48 -27.41
N SER U 2 46.77 -44.29 -49.06
CA SER U 2 47.34 -43.81 -47.81
C SER U 2 47.71 -44.98 -46.91
N LYS U 3 47.93 -46.14 -47.50
CA LYS U 3 48.26 -47.35 -46.76
C LYS U 3 49.71 -47.40 -46.33
N PHE U 4 50.49 -46.35 -46.61
CA PHE U 4 51.86 -46.25 -46.14
C PHE U 4 52.01 -45.28 -44.98
N LEU U 5 51.00 -44.45 -44.72
CA LEU U 5 51.00 -43.54 -43.58
C LEU U 5 50.02 -43.95 -42.50
N LYS U 6 49.08 -44.85 -42.80
CA LYS U 6 48.09 -45.26 -41.81
C LYS U 6 48.75 -45.91 -40.61
N ASN U 7 48.28 -45.53 -39.43
CA ASN U 7 48.77 -46.11 -38.18
C ASN U 7 48.33 -47.57 -38.13
N ARG U 8 49.27 -48.49 -38.28
CA ARG U 8 48.93 -49.91 -38.24
C ARG U 8 48.48 -50.34 -36.86
N ALA U 9 48.89 -49.61 -35.82
CA ALA U 9 48.51 -49.98 -34.46
C ALA U 9 47.01 -49.90 -34.26
N VAL U 10 46.37 -48.86 -34.81
CA VAL U 10 44.94 -48.71 -34.62
C VAL U 10 44.16 -49.56 -35.62
N VAL U 11 44.67 -49.74 -36.83
CA VAL U 11 43.96 -50.50 -37.85
C VAL U 11 43.84 -51.96 -37.43
N ASN U 12 44.94 -52.54 -36.95
CA ASN U 12 44.93 -53.95 -36.54
C ASN U 12 43.97 -54.23 -35.39
N GLY U 13 43.67 -53.24 -34.56
CA GLY U 13 42.73 -53.42 -33.48
C GLY U 13 41.27 -53.29 -33.86
N LEU U 14 40.98 -52.95 -35.10
CA LEU U 14 39.59 -52.85 -35.51
C LEU U 14 39.06 -54.21 -35.97
N PRO U 15 37.79 -54.49 -35.74
CA PRO U 15 37.22 -55.78 -36.15
C PRO U 15 37.20 -55.92 -37.66
N VAL U 16 37.39 -57.16 -38.12
CA VAL U 16 37.37 -57.49 -39.54
C VAL U 16 35.96 -57.90 -39.91
N ILE U 17 35.42 -57.29 -40.96
CA ILE U 17 34.04 -57.51 -41.39
C ILE U 17 34.04 -58.35 -42.66
N LYS U 18 33.17 -59.34 -42.71
CA LYS U 18 33.04 -60.21 -43.87
C LYS U 18 32.08 -59.60 -44.89
N ASN U 19 32.47 -59.64 -46.15
CA ASN U 19 31.64 -59.09 -47.20
C ASN U 19 30.36 -59.91 -47.36
N PRO U 20 29.15 -59.25 -47.38
CA PRO U 20 27.98 -60.15 -47.46
C PRO U 20 27.67 -60.70 -48.85
N GLY U 21 26.59 -61.47 -48.95
CA GLY U 21 26.24 -62.07 -50.22
C GLY U 21 25.75 -61.09 -51.27
N LYS U 22 24.70 -60.33 -50.97
CA LYS U 22 24.13 -59.44 -51.98
C LYS U 22 24.27 -57.96 -51.67
N TYR U 23 23.90 -57.12 -52.63
CA TYR U 23 23.94 -55.68 -52.42
C TYR U 23 22.90 -55.32 -51.37
N GLN U 24 23.35 -54.84 -50.22
CA GLN U 24 22.43 -54.53 -49.14
C GLN U 24 21.82 -53.14 -49.30
N HIS U 25 20.56 -53.02 -48.92
CA HIS U 25 19.86 -51.74 -48.90
C HIS U 25 19.48 -51.39 -47.47
N CYS U 26 19.72 -50.14 -47.09
CA CYS U 26 19.37 -49.68 -45.75
C CYS U 26 17.87 -49.41 -45.66
N TYR U 27 17.39 -49.28 -44.43
CA TYR U 27 15.98 -49.02 -44.23
C TYR U 27 15.77 -48.36 -42.87
N LEU U 28 14.57 -47.83 -42.68
CA LEU U 28 14.11 -47.33 -41.40
C LEU U 28 13.12 -48.33 -40.82
N ILE U 29 13.36 -48.74 -39.58
CA ILE U 29 12.46 -49.67 -38.90
C ILE U 29 12.05 -49.05 -37.58
N GLU U 30 10.81 -49.32 -37.17
CA GLU U 30 10.36 -48.83 -35.87
C GLU U 30 11.29 -49.35 -34.78
N TYR U 31 11.61 -48.48 -33.83
CA TYR U 31 12.41 -48.94 -32.70
C TYR U 31 11.63 -49.98 -31.91
N GLU U 32 12.36 -50.74 -31.09
CA GLU U 32 11.90 -51.91 -30.33
C GLU U 32 11.36 -52.97 -31.28
N ASP U 33 11.41 -52.70 -32.58
CA ASP U 33 11.25 -53.69 -33.63
C ASP U 33 12.58 -54.04 -34.27
N SER U 34 13.69 -53.52 -33.73
CA SER U 34 15.01 -53.69 -34.29
C SER U 34 15.55 -55.10 -34.14
N THR U 35 14.92 -55.93 -33.30
CA THR U 35 15.39 -57.29 -33.07
C THR U 35 14.38 -58.35 -33.48
N ASN U 36 13.19 -57.96 -33.94
CA ASN U 36 12.26 -58.94 -34.48
C ASN U 36 12.65 -59.31 -35.90
N VAL U 37 12.15 -60.46 -36.36
CA VAL U 37 12.43 -60.95 -37.72
C VAL U 37 11.12 -61.43 -38.32
N LYS U 38 10.41 -60.53 -39.00
CA LYS U 38 9.43 -60.87 -40.05
C LYS U 38 8.54 -62.03 -39.66
N GLN U 39 7.70 -61.80 -38.65
CA GLN U 39 6.86 -62.87 -38.12
C GLN U 39 5.90 -63.43 -39.16
N THR U 40 5.67 -62.70 -40.24
CA THR U 40 4.72 -63.07 -41.27
C THR U 40 5.31 -62.79 -42.64
N PRO U 41 4.89 -63.51 -43.69
CA PRO U 41 5.40 -63.23 -45.03
C PRO U 41 5.05 -61.84 -45.56
N THR U 42 3.89 -61.30 -45.20
CA THR U 42 3.43 -60.04 -45.75
C THR U 42 2.80 -59.18 -44.66
N GLU U 43 3.20 -57.92 -44.62
CA GLU U 43 2.81 -56.99 -43.55
C GLU U 43 1.33 -57.06 -43.21
N ASN U 44 1.01 -57.08 -41.93
CA ASN U 44 -0.38 -57.04 -41.52
C ASN U 44 -0.43 -55.86 -40.57
N LYS U 45 -0.86 -54.71 -41.06
CA LYS U 45 -0.87 -53.50 -40.24
C LYS U 45 -1.82 -53.53 -39.06
N ASN U 46 -2.75 -54.48 -39.05
CA ASN U 46 -3.67 -54.62 -37.92
C ASN U 46 -2.85 -55.02 -36.70
N LYS U 47 -1.84 -55.86 -36.89
CA LYS U 47 -0.99 -56.26 -35.78
C LYS U 47 0.24 -55.36 -35.66
N GLN U 48 0.98 -55.51 -34.57
CA GLN U 48 2.18 -54.69 -34.37
C GLN U 48 3.38 -55.57 -34.05
N GLN U 49 4.56 -54.97 -33.94
CA GLN U 49 5.80 -55.72 -33.68
C GLN U 49 5.98 -56.87 -34.65
N GLN U 50 5.76 -56.59 -35.92
CA GLN U 50 5.88 -57.60 -36.96
C GLN U 50 7.23 -57.62 -37.66
N GLY U 51 8.15 -56.72 -37.27
CA GLY U 51 9.48 -56.72 -37.85
C GLY U 51 9.54 -56.34 -39.32
N PHE U 52 8.72 -55.39 -39.75
CA PHE U 52 8.78 -54.90 -41.10
C PHE U 52 9.26 -53.46 -41.13
N PRO U 53 10.12 -53.10 -42.09
CA PRO U 53 10.65 -51.73 -42.13
C PRO U 53 9.56 -50.70 -42.36
N VAL U 54 9.74 -49.55 -41.70
CA VAL U 54 8.82 -48.43 -41.92
C VAL U 54 9.00 -47.86 -43.32
N TYR U 55 10.25 -47.81 -43.79
CA TYR U 55 10.56 -47.29 -45.11
C TYR U 55 11.80 -48.00 -45.64
N LEU U 56 11.72 -48.48 -46.88
CA LEU U 56 12.82 -49.17 -47.53
C LEU U 56 13.47 -48.24 -48.54
N PHE U 57 14.78 -48.08 -48.44
CA PHE U 57 15.50 -47.20 -49.35
C PHE U 57 15.61 -47.85 -50.73
N MET U 58 15.18 -47.13 -51.75
CA MET U 58 15.33 -47.63 -53.11
C MET U 58 16.80 -47.62 -53.53
N MET U 59 17.53 -46.57 -53.16
CA MET U 59 18.96 -46.48 -53.41
C MET U 59 19.66 -46.08 -52.12
N ASN U 60 20.82 -46.70 -51.88
CA ASN U 60 21.59 -46.39 -50.69
C ASN U 60 22.16 -44.98 -50.77
N PRO U 61 22.33 -44.32 -49.62
CA PRO U 61 22.95 -42.99 -49.63
C PRO U 61 24.39 -43.05 -50.13
N GLU U 62 24.78 -42.00 -50.83
CA GLU U 62 26.17 -41.87 -51.25
C GLU U 62 27.07 -41.49 -50.10
N ASN U 63 26.56 -40.72 -49.15
CA ASN U 63 27.32 -40.33 -47.98
C ASN U 63 26.36 -39.98 -46.85
N ILE U 64 26.82 -40.21 -45.62
CA ILE U 64 26.03 -39.97 -44.42
C ILE U 64 26.86 -39.11 -43.48
N THR U 65 26.26 -38.05 -42.95
CA THR U 65 26.98 -37.12 -42.09
C THR U 65 26.47 -37.22 -40.66
N TYR U 66 27.39 -37.35 -39.71
CA TYR U 66 27.06 -37.37 -38.29
C TYR U 66 27.63 -36.13 -37.63
N ASN U 67 26.81 -35.42 -36.88
CA ASN U 67 27.22 -34.19 -36.20
C ASN U 67 26.88 -34.30 -34.72
N LEU U 68 27.84 -33.95 -33.87
CA LEU U 68 27.65 -34.01 -32.43
C LEU U 68 28.25 -32.79 -31.75
N PRO U 69 27.44 -31.83 -31.34
CA PRO U 69 27.96 -30.75 -30.49
C PRO U 69 27.88 -31.12 -29.02
N ILE U 70 28.90 -30.77 -28.25
CA ILE U 70 28.93 -31.02 -26.82
C ILE U 70 28.77 -29.68 -26.12
N ASN U 71 27.78 -29.60 -25.24
CA ASN U 71 27.38 -28.32 -24.64
C ASN U 71 28.26 -28.04 -23.42
N TYR U 72 29.26 -27.17 -23.62
CA TYR U 72 30.06 -26.57 -22.57
C TYR U 72 29.68 -25.10 -22.44
N GLN U 73 29.86 -24.55 -21.24
CA GLN U 73 29.47 -23.18 -20.96
C GLN U 73 30.69 -22.35 -20.60
N GLU U 74 30.69 -21.09 -21.02
CA GLU U 74 31.78 -20.17 -20.75
C GLU U 74 31.40 -19.20 -19.64
N ILE U 75 32.28 -19.08 -18.64
CA ILE U 75 32.13 -18.09 -17.59
C ILE U 75 33.28 -17.11 -17.76
N ALA U 76 32.96 -15.83 -17.99
CA ALA U 76 33.96 -14.80 -18.22
C ALA U 76 34.20 -14.07 -16.90
N ILE U 77 35.23 -14.49 -16.17
CA ILE U 77 35.60 -13.79 -14.93
C ILE U 77 36.64 -12.73 -15.26
N PRO U 78 36.46 -11.49 -14.81
CA PRO U 78 37.40 -10.43 -15.18
C PRO U 78 38.80 -10.68 -14.65
N PHE U 79 39.78 -10.15 -15.37
CA PHE U 79 41.20 -10.17 -14.98
C PHE U 79 41.74 -11.59 -14.91
N THR U 80 41.19 -12.49 -15.72
CA THR U 80 41.69 -13.85 -15.83
C THR U 80 42.16 -14.10 -17.26
N ALA U 81 43.31 -14.77 -17.39
CA ALA U 81 43.85 -15.06 -18.70
C ALA U 81 42.99 -16.03 -19.48
N LYS U 82 42.14 -16.81 -18.81
CA LYS U 82 41.29 -17.79 -19.48
C LYS U 82 39.90 -17.74 -18.88
N ASN U 83 38.91 -18.09 -19.70
CA ASN U 83 37.55 -18.24 -19.21
C ASN U 83 37.37 -19.60 -18.55
N GLN U 84 36.41 -19.67 -17.64
CA GLN U 84 36.04 -20.93 -17.00
C GLN U 84 35.07 -21.66 -17.91
N LEU U 85 35.39 -22.90 -18.25
CA LEU U 85 34.50 -23.75 -19.03
C LEU U 85 33.84 -24.77 -18.12
N ASN U 86 32.52 -24.73 -18.08
CA ASN U 86 31.73 -25.64 -17.26
C ASN U 86 30.92 -26.55 -18.17
N TYR U 87 31.06 -27.86 -17.96
CA TYR U 87 30.31 -28.82 -18.74
C TYR U 87 28.82 -28.72 -18.43
N SER U 88 28.01 -28.57 -19.47
CA SER U 88 26.56 -28.50 -19.32
C SER U 88 25.89 -29.83 -19.67
N ASN U 89 26.09 -30.32 -20.89
CA ASN U 89 25.55 -31.62 -21.27
C ASN U 89 26.20 -32.08 -22.56
N GLY U 90 25.75 -33.23 -23.05
CA GLY U 90 26.41 -33.90 -24.15
C GLY U 90 25.87 -33.62 -25.54
N GLY U 91 24.55 -33.51 -25.68
CA GLY U 91 23.97 -33.23 -26.98
C GLY U 91 23.60 -34.46 -27.79
N ASN U 92 22.71 -34.30 -28.76
CA ASN U 92 22.20 -35.38 -29.57
C ASN U 92 22.95 -35.44 -30.90
N ILE U 93 23.13 -36.66 -31.40
CA ILE U 93 23.75 -36.85 -32.70
C ILE U 93 22.73 -36.60 -33.79
N VAL U 94 23.08 -35.73 -34.74
CA VAL U 94 22.23 -35.46 -35.89
C VAL U 94 22.86 -36.13 -37.10
N MET U 95 22.11 -37.03 -37.73
CA MET U 95 22.60 -37.79 -38.88
C MET U 95 21.80 -37.40 -40.12
N THR U 96 22.50 -36.97 -41.16
CA THR U 96 21.87 -36.40 -42.35
C THR U 96 22.26 -37.19 -43.58
N MET U 97 21.27 -37.50 -44.42
CA MET U 97 21.49 -38.01 -45.77
C MET U 97 20.97 -36.98 -46.74
N SER U 98 21.77 -36.64 -47.74
CA SER U 98 21.38 -35.70 -48.77
C SER U 98 21.42 -36.36 -50.14
N ASN U 99 20.62 -35.82 -51.05
CA ASN U 99 20.66 -36.20 -52.46
C ASN U 99 20.36 -37.67 -52.67
N LEU U 100 19.46 -38.21 -51.84
CA LEU U 100 19.00 -39.58 -51.99
C LEU U 100 18.18 -39.70 -53.27
N ILE U 101 18.41 -40.78 -54.01
CA ILE U 101 17.83 -40.97 -55.33
C ILE U 101 16.56 -41.78 -55.23
N LEU U 102 15.49 -41.27 -55.85
CA LEU U 102 14.29 -42.06 -56.15
C LEU U 102 14.03 -41.92 -57.63
N ASP U 103 13.90 -43.03 -58.33
CA ASP U 103 13.81 -42.99 -59.79
C ASP U 103 13.01 -44.22 -60.23
N THR U 104 11.83 -43.97 -60.81
CA THR U 104 11.04 -45.02 -61.43
C THR U 104 10.51 -44.58 -62.79
N MET U 105 11.25 -43.70 -63.47
CA MET U 105 10.76 -43.13 -64.71
C MET U 105 10.60 -44.19 -65.79
N ASP U 106 11.58 -45.09 -65.89
CA ASP U 106 11.52 -46.14 -66.90
C ASP U 106 10.44 -47.17 -66.58
N GLU U 107 10.29 -47.50 -65.30
CA GLU U 107 9.26 -48.46 -64.90
C GLU U 107 7.87 -47.87 -64.98
N LYS U 108 7.75 -46.54 -65.12
CA LYS U 108 6.47 -45.86 -65.16
C LYS U 108 5.65 -46.16 -63.91
N ARG U 109 6.32 -46.14 -62.76
CA ARG U 109 5.69 -46.39 -61.48
C ARG U 109 5.72 -45.13 -60.64
N SER U 110 4.59 -44.82 -60.00
CA SER U 110 4.47 -43.61 -59.20
C SER U 110 5.24 -43.73 -57.91
N LEU U 111 5.97 -42.67 -57.57
CA LEU U 111 6.67 -42.58 -56.31
C LEU U 111 5.82 -41.97 -55.21
N GLN U 112 4.56 -41.64 -55.50
CA GLN U 112 3.68 -41.05 -54.50
C GLN U 112 3.53 -41.90 -53.24
N PRO U 113 3.38 -43.22 -53.30
CA PRO U 113 3.32 -43.99 -52.05
C PRO U 113 4.53 -43.81 -51.16
N LEU U 114 5.74 -43.77 -51.73
CA LEU U 114 6.93 -43.58 -50.91
C LEU U 114 6.96 -42.21 -50.26
N ILE U 115 6.62 -41.16 -51.02
CA ILE U 115 6.62 -39.82 -50.47
C ILE U 115 5.56 -39.69 -49.39
N ASP U 116 4.37 -40.25 -49.60
CA ASP U 116 3.34 -40.23 -48.58
C ASP U 116 3.77 -41.00 -47.33
N ARG U 117 4.45 -42.13 -47.52
CA ARG U 117 4.94 -42.90 -46.39
C ARG U 117 5.91 -42.09 -45.56
N LEU U 118 6.85 -41.41 -46.23
CA LEU U 118 7.82 -40.59 -45.50
C LEU U 118 7.15 -39.39 -44.86
N ILE U 119 6.14 -38.80 -45.51
CA ILE U 119 5.44 -37.66 -44.95
C ILE U 119 4.66 -38.06 -43.70
N ALA U 120 4.08 -39.26 -43.70
CA ALA U 120 3.29 -39.73 -42.57
C ALA U 120 4.37 -40.21 -41.60
N LEU U 121 5.21 -39.32 -41.08
CA LEU U 121 6.23 -39.70 -40.12
C LEU U 121 6.10 -38.50 -39.19
N ARG U 122 5.30 -37.50 -39.55
CA ARG U 122 5.00 -36.39 -38.68
C ARG U 122 3.70 -36.55 -37.90
N GLU U 123 2.88 -37.55 -38.21
CA GLU U 123 1.65 -37.75 -37.48
C GLU U 123 1.95 -38.30 -36.10
N PRO U 124 1.21 -37.89 -35.07
CA PRO U 124 1.35 -38.54 -33.76
C PRO U 124 0.64 -39.88 -33.74
N THR U 125 1.41 -40.97 -33.79
CA THR U 125 0.82 -42.30 -33.88
C THR U 125 0.91 -43.01 -32.55
N VAL U 126 2.10 -43.06 -31.98
CA VAL U 126 2.34 -43.78 -30.74
C VAL U 126 1.80 -42.97 -29.56
N LYS U 127 1.13 -43.65 -28.64
CA LYS U 127 0.57 -43.03 -27.44
C LYS U 127 1.33 -43.57 -26.23
N LYS U 128 2.28 -42.77 -25.73
CA LYS U 128 2.98 -43.08 -24.49
C LYS U 128 2.30 -42.30 -23.37
N GLY U 129 1.47 -43.00 -22.61
CA GLY U 129 0.74 -42.36 -21.52
C GLY U 129 -0.27 -41.36 -22.05
N LEU U 130 0.00 -40.08 -21.81
CA LEU U 130 -0.83 -39.00 -22.35
C LEU U 130 -0.10 -38.21 -23.43
N LYS U 131 0.98 -38.75 -23.99
CA LYS U 131 1.77 -38.07 -25.02
C LYS U 131 1.55 -38.82 -26.33
N SER U 132 1.11 -38.10 -27.34
CA SER U 132 1.06 -38.66 -28.69
C SER U 132 2.26 -38.16 -29.49
N HIS U 133 2.99 -39.08 -30.09
CA HIS U 133 4.20 -38.71 -30.82
C HIS U 133 4.45 -39.68 -31.96
N PRO U 134 5.19 -39.25 -32.98
CA PRO U 134 5.50 -40.15 -34.09
C PRO U 134 6.38 -41.30 -33.63
N LYS U 135 6.40 -42.36 -34.43
CA LYS U 135 7.13 -43.57 -34.06
C LYS U 135 8.63 -43.32 -33.94
N ILE U 136 9.22 -43.92 -32.90
CA ILE U 136 10.66 -43.90 -32.76
C ILE U 136 11.27 -44.84 -33.78
N LEU U 137 12.36 -44.40 -34.42
CA LEU U 137 12.92 -45.11 -35.56
C LEU U 137 14.31 -45.64 -35.26
N ALA U 138 14.80 -46.44 -36.20
CA ALA U 138 16.16 -46.95 -36.18
C ALA U 138 16.59 -47.11 -37.63
N PHE U 139 17.72 -46.51 -37.97
CA PHE U 139 18.28 -46.64 -39.31
C PHE U 139 19.16 -47.88 -39.34
N LYS U 140 18.71 -48.92 -40.03
CA LYS U 140 19.40 -50.20 -40.05
C LYS U 140 19.98 -50.43 -41.44
N TRP U 141 21.26 -50.78 -41.48
CA TRP U 141 21.95 -51.07 -42.73
C TRP U 141 22.88 -52.25 -42.47
N GLY U 142 22.60 -53.38 -43.10
CA GLY U 142 23.38 -54.58 -42.82
C GLY U 142 23.28 -54.93 -41.36
N SER U 143 24.44 -55.13 -40.73
CA SER U 143 24.50 -55.45 -39.31
C SER U 143 24.60 -54.21 -38.43
N ASN U 144 24.63 -53.03 -39.02
CA ASN U 144 24.79 -51.79 -38.28
C ASN U 144 23.44 -51.12 -38.03
N THR U 145 23.22 -50.73 -36.79
CA THR U 145 22.10 -49.91 -36.38
C THR U 145 22.64 -48.52 -36.04
N PHE U 146 21.76 -47.53 -35.93
CA PHE U 146 22.24 -46.20 -35.61
C PHE U 146 21.88 -45.83 -34.19
N ALA U 147 20.59 -45.75 -33.89
CA ALA U 147 20.12 -45.28 -32.59
C ALA U 147 18.61 -45.34 -32.54
N PRO U 148 18.00 -45.13 -31.38
CA PRO U 148 16.61 -44.64 -31.37
C PRO U 148 16.60 -43.21 -31.85
N CYS U 149 16.05 -42.99 -33.04
CA CYS U 149 16.09 -41.69 -33.68
C CYS U 149 14.70 -41.32 -34.19
N VAL U 150 14.50 -40.03 -34.41
CA VAL U 150 13.24 -39.51 -34.94
C VAL U 150 13.54 -38.71 -36.19
N LEU U 151 12.60 -38.72 -37.14
CA LEU U 151 12.73 -37.89 -38.32
C LEU U 151 12.50 -36.43 -37.95
N THR U 152 13.53 -35.59 -38.15
CA THR U 152 13.44 -34.18 -37.82
C THR U 152 13.05 -33.32 -39.02
N ASN U 153 13.67 -33.55 -40.17
CA ASN U 153 13.41 -32.76 -41.36
C ASN U 153 13.49 -33.66 -42.57
N ILE U 154 12.63 -33.41 -43.55
CA ILE U 154 12.64 -34.15 -44.81
C ILE U 154 12.19 -33.21 -45.92
N SER U 155 12.86 -33.31 -47.06
CA SER U 155 12.55 -32.48 -48.22
C SER U 155 12.71 -33.30 -49.49
N PHE U 156 11.89 -32.97 -50.48
CA PHE U 156 11.89 -33.63 -51.78
C PHE U 156 12.08 -32.59 -52.87
N ASP U 157 12.77 -32.99 -53.94
CA ASP U 157 12.90 -32.18 -55.14
C ASP U 157 12.54 -33.10 -56.32
N VAL U 158 11.38 -32.86 -56.91
CA VAL U 158 10.84 -33.71 -57.95
C VAL U 158 11.13 -33.07 -59.30
N THR U 159 11.62 -33.87 -60.25
CA THR U 159 11.97 -33.38 -61.56
C THR U 159 11.28 -34.09 -62.71
N ARG U 160 10.65 -35.24 -62.48
CA ARG U 160 9.98 -35.97 -63.54
C ARG U 160 8.64 -36.47 -63.03
N TRP U 161 7.64 -36.44 -63.92
CA TRP U 161 6.30 -36.87 -63.57
C TRP U 161 5.73 -37.75 -64.68
N ILE U 162 4.79 -38.61 -64.30
CA ILE U 162 3.93 -39.31 -65.24
C ILE U 162 2.50 -39.20 -64.71
N ASP U 163 1.60 -38.62 -65.51
CA ASP U 163 0.22 -38.42 -65.09
C ASP U 163 0.16 -37.61 -63.79
N GLY U 164 1.12 -36.71 -63.61
CA GLY U 164 1.16 -35.89 -62.42
C GLY U 164 1.81 -36.53 -61.23
N TYR U 165 2.11 -37.82 -61.31
CA TYR U 165 2.71 -38.57 -60.23
C TYR U 165 4.23 -38.48 -60.32
N PRO U 166 4.92 -38.16 -59.23
CA PRO U 166 6.38 -38.07 -59.31
C PRO U 166 7.02 -39.40 -59.67
N THR U 167 8.10 -39.33 -60.45
CA THR U 167 8.88 -40.51 -60.81
C THR U 167 10.38 -40.33 -60.66
N LYS U 168 10.87 -39.13 -60.40
CA LYS U 168 12.27 -38.92 -60.11
C LYS U 168 12.38 -37.80 -59.08
N ALA U 169 13.01 -38.10 -57.95
CA ALA U 169 13.10 -37.16 -56.86
C ALA U 169 14.44 -37.30 -56.15
N ARG U 170 14.92 -36.18 -55.64
CA ARG U 170 16.04 -36.14 -54.71
C ARG U 170 15.51 -35.86 -53.31
N VAL U 171 15.92 -36.70 -52.36
CA VAL U 171 15.38 -36.68 -51.01
C VAL U 171 16.49 -36.31 -50.05
N ASN U 172 16.23 -35.32 -49.20
CA ASN U 172 17.12 -34.98 -48.11
C ASN U 172 16.40 -35.26 -46.80
N MET U 173 17.05 -35.99 -45.89
CA MET U 173 16.44 -36.28 -44.61
C MET U 173 17.47 -36.13 -43.50
N SER U 174 16.98 -35.73 -42.33
CA SER U 174 17.80 -35.58 -41.14
C SER U 174 17.12 -36.29 -39.98
N LEU U 175 17.86 -37.18 -39.33
CA LEU U 175 17.42 -37.89 -38.15
C LEU U 175 18.17 -37.35 -36.94
N LYS U 176 17.54 -37.40 -35.77
CA LYS U 176 18.16 -36.94 -34.54
C LYS U 176 18.04 -38.04 -33.50
N GLU U 177 19.17 -38.40 -32.89
CA GLU U 177 19.16 -39.43 -31.86
C GLU U 177 18.51 -38.89 -30.59
N ILE U 178 17.63 -39.69 -29.99
CA ILE U 178 16.92 -39.30 -28.79
C ILE U 178 17.35 -40.22 -27.65
N GLN U 179 16.84 -39.92 -26.47
CA GLN U 179 17.07 -40.75 -25.31
C GLN U 179 16.44 -42.13 -25.53
N LYS U 180 17.15 -43.17 -25.15
CA LYS U 180 16.65 -44.52 -25.35
C LYS U 180 15.46 -44.76 -24.44
N PRO U 181 14.30 -45.16 -24.99
CA PRO U 181 13.13 -45.38 -24.14
C PRO U 181 13.37 -46.48 -23.13
N SER U 182 12.76 -46.32 -21.95
CA SER U 182 12.88 -47.29 -20.88
C SER U 182 12.03 -48.51 -21.19
N SER U 183 12.64 -49.69 -21.14
CA SER U 183 11.94 -50.94 -21.38
C SER U 183 11.52 -51.64 -20.08
N ASP U 184 11.87 -51.09 -18.93
CA ASP U 184 11.55 -51.69 -17.65
C ASP U 184 10.25 -51.18 -17.05
N SER U 185 9.36 -50.62 -17.87
CA SER U 185 8.14 -49.98 -17.40
C SER U 185 8.42 -49.05 -16.22
N LYS U 186 7.52 -49.05 -15.24
CA LYS U 186 7.73 -48.27 -14.03
C LYS U 186 7.75 -49.10 -12.77
N ALA U 187 6.85 -50.07 -12.61
CA ALA U 187 6.85 -50.88 -11.39
C ALA U 187 8.13 -51.68 -11.25
N LEU U 188 8.61 -52.25 -12.35
CA LEU U 188 9.87 -52.99 -12.32
C LEU U 188 11.07 -52.09 -12.01
N GLU U 189 11.10 -50.88 -12.57
CA GLU U 189 12.19 -49.96 -12.33
C GLU U 189 12.37 -49.64 -10.85
N GLU U 190 11.28 -49.35 -10.14
CA GLU U 190 11.36 -49.12 -8.71
C GLU U 190 11.51 -50.41 -7.91
N ALA U 191 10.94 -51.51 -8.39
CA ALA U 191 11.00 -52.77 -7.65
C ALA U 191 12.42 -53.30 -7.58
N LYS U 192 13.14 -53.29 -8.69
CA LYS U 192 14.51 -53.79 -8.67
C LYS U 192 15.43 -52.84 -7.91
N LYS U 193 15.19 -51.54 -7.99
CA LYS U 193 15.93 -50.59 -7.17
C LYS U 193 15.73 -50.85 -5.69
N LYS U 194 14.48 -51.08 -5.27
CA LYS U 194 14.20 -51.36 -3.87
C LYS U 194 14.75 -52.73 -3.45
N VAL U 195 14.85 -53.67 -4.39
CA VAL U 195 15.44 -54.96 -4.09
C VAL U 195 16.94 -54.81 -3.84
N LYS U 196 17.61 -53.98 -4.65
CA LYS U 196 19.04 -53.77 -4.44
C LYS U 196 19.35 -53.17 -3.08
N VAL U 197 18.57 -52.19 -2.64
CA VAL U 197 18.82 -51.53 -1.37
C VAL U 197 18.47 -52.48 -0.24
N GLU U 198 19.38 -52.63 0.72
CA GLU U 198 19.15 -53.51 1.85
C GLU U 198 18.01 -52.99 2.71
N THR U 199 17.15 -53.91 3.16
CA THR U 199 15.98 -53.53 3.92
C THR U 199 16.38 -52.94 5.27
N VAL U 200 15.56 -52.01 5.77
CA VAL U 200 15.90 -51.25 6.97
C VAL U 200 15.93 -52.14 8.19
N GLN U 201 15.04 -53.14 8.26
CA GLN U 201 14.86 -54.08 9.35
C GLN U 201 14.31 -53.44 10.61
N ASN U 202 14.01 -52.14 10.59
CA ASN U 202 13.36 -51.47 11.70
C ASN U 202 12.18 -50.60 11.28
N GLY U 203 11.98 -50.39 9.98
CA GLY U 203 10.88 -49.56 9.50
C GLY U 203 10.03 -50.26 8.46
N ASN U 204 9.70 -49.53 7.39
CA ASN U 204 8.86 -50.06 6.33
C ASN U 204 9.50 -51.25 5.63
N LEU U 205 8.72 -52.31 5.41
CA LEU U 205 9.18 -53.42 4.59
C LEU U 205 9.20 -53.01 3.13
N LYS U 206 10.03 -53.69 2.34
CA LYS U 206 10.06 -53.40 0.90
C LYS U 206 8.74 -53.80 0.24
N LYS U 207 8.16 -54.92 0.66
CA LYS U 207 6.87 -55.39 0.15
C LYS U 207 5.80 -55.11 1.19
N THR U 208 4.83 -54.28 0.82
CA THR U 208 3.69 -54.02 1.70
C THR U 208 2.81 -55.26 1.78
N LEU U 209 2.36 -55.60 2.99
CA LEU U 209 1.55 -56.78 3.19
C LEU U 209 0.18 -56.62 2.52
N SER U 210 -0.25 -57.66 1.83
CA SER U 210 -1.56 -57.71 1.22
C SER U 210 -2.58 -58.29 2.20
N GLU U 211 -3.85 -58.30 1.77
CA GLU U 211 -4.92 -58.76 2.65
C GLU U 211 -4.75 -60.23 3.02
N LYS U 212 -4.47 -61.08 2.03
CA LYS U 212 -4.25 -62.49 2.33
C LYS U 212 -3.00 -62.69 3.18
N GLN U 213 -1.95 -61.92 2.91
CA GLN U 213 -0.78 -61.96 3.76
C GLN U 213 -1.12 -61.53 5.18
N LEU U 214 -2.01 -60.55 5.34
CA LEU U 214 -2.45 -60.16 6.67
C LEU U 214 -3.19 -61.28 7.37
N ILE U 215 -4.05 -61.99 6.65
CA ILE U 215 -4.77 -63.13 7.23
C ILE U 215 -3.79 -64.20 7.69
N ASP U 216 -2.82 -64.51 6.83
CA ASP U 216 -1.82 -65.50 7.21
C ASP U 216 -0.97 -65.04 8.38
N GLY U 217 -0.66 -63.75 8.44
CA GLY U 217 0.10 -63.23 9.57
C GLY U 217 -0.66 -63.31 10.87
N VAL U 218 -1.96 -63.00 10.84
CA VAL U 218 -2.77 -63.13 12.04
C VAL U 218 -2.87 -64.59 12.45
N LYS U 219 -2.91 -65.50 11.46
CA LYS U 219 -2.92 -66.92 11.78
C LYS U 219 -1.63 -67.33 12.50
N ARG U 220 -0.48 -66.91 11.97
CA ARG U 220 0.80 -67.26 12.59
C ARG U 220 0.91 -66.65 13.98
N VAL U 221 0.49 -65.39 14.14
CA VAL U 221 0.59 -64.73 15.43
C VAL U 221 -0.30 -65.44 16.45
N THR U 222 -1.52 -65.81 16.05
CA THR U 222 -2.41 -66.54 16.95
C THR U 222 -1.83 -67.89 17.33
N GLU U 223 -1.23 -68.59 16.36
CA GLU U 223 -0.60 -69.87 16.66
C GLU U 223 0.51 -69.71 17.69
N TYR U 224 1.38 -68.72 17.47
CA TYR U 224 2.50 -68.51 18.39
C TYR U 224 2.01 -68.14 19.78
N LEU U 225 1.00 -67.26 19.85
CA LEU U 225 0.50 -66.83 21.15
C LEU U 225 -0.19 -67.96 21.89
N LYS U 226 -0.94 -68.80 21.18
CA LYS U 226 -1.55 -69.95 21.82
C LYS U 226 -0.53 -71.00 22.24
N LYS U 227 0.60 -71.09 21.55
CA LYS U 227 1.66 -72.00 21.97
C LYS U 227 2.46 -71.46 23.14
N ASN U 228 2.69 -70.14 23.20
CA ASN U 228 3.57 -69.54 24.20
C ASN U 228 2.81 -68.73 25.24
N ILE U 229 1.58 -69.11 25.56
CA ILE U 229 0.77 -68.32 26.48
C ILE U 229 1.36 -68.36 27.89
N SER U 230 1.87 -69.52 28.31
CA SER U 230 2.34 -69.68 29.68
C SER U 230 3.60 -68.85 29.94
N PHE U 231 4.41 -68.63 28.91
CA PHE U 231 5.63 -67.85 29.08
C PHE U 231 5.43 -66.36 28.89
N GLN U 232 4.22 -65.98 28.45
CA GLN U 232 3.92 -64.57 28.23
C GLN U 232 3.91 -63.84 29.54
N PRO U 233 4.36 -62.58 29.53
CA PRO U 233 4.30 -61.77 30.75
C PRO U 233 2.90 -61.68 31.33
N ARG U 234 2.82 -61.44 32.63
CA ARG U 234 1.52 -61.31 33.29
C ARG U 234 0.63 -60.31 32.54
N THR U 235 1.20 -59.18 32.15
CA THR U 235 0.44 -58.18 31.39
C THR U 235 -0.13 -58.74 30.09
N ILE U 236 0.67 -59.49 29.34
CA ILE U 236 0.21 -60.01 28.05
C ILE U 236 -0.92 -61.04 28.16
N GLN U 237 -0.83 -61.94 29.13
CA GLN U 237 -1.91 -62.91 29.30
C GLN U 237 -3.14 -62.29 29.92
N ASN U 238 -2.99 -61.22 30.71
CA ASN U 238 -4.14 -60.48 31.21
C ASN U 238 -4.98 -59.91 30.07
N ILE U 239 -4.35 -59.28 29.09
CA ILE U 239 -5.10 -58.76 27.97
C ILE U 239 -5.54 -59.86 27.01
N LEU U 240 -4.76 -60.94 26.89
CA LEU U 240 -5.15 -62.03 26.01
C LEU U 240 -6.41 -62.73 26.52
N SER U 241 -6.58 -62.79 27.84
CA SER U 241 -7.79 -63.39 28.39
C SER U 241 -9.03 -62.56 28.13
N ASP U 242 -8.86 -61.30 27.76
CA ASP U 242 -10.00 -60.42 27.50
C ASP U 242 -10.63 -60.78 26.16
N PRO U 243 -11.94 -61.06 26.11
CA PRO U 243 -12.60 -61.32 24.83
C PRO U 243 -12.74 -60.10 23.94
N LYS U 244 -12.56 -58.90 24.47
CA LYS U 244 -12.67 -57.66 23.71
C LYS U 244 -11.30 -57.11 23.33
N SER U 245 -10.26 -57.92 23.45
CA SER U 245 -8.90 -57.52 23.12
C SER U 245 -8.63 -57.78 21.65
N VAL U 246 -7.82 -56.92 21.04
CA VAL U 246 -7.57 -56.98 19.61
C VAL U 246 -6.05 -56.99 19.40
N ILE U 247 -5.63 -57.58 18.29
CA ILE U 247 -4.25 -57.50 17.84
C ILE U 247 -4.36 -56.52 16.68
N LYS U 248 -3.25 -55.88 16.33
CA LYS U 248 -3.21 -54.87 15.29
C LYS U 248 -1.92 -55.15 14.55
N ILE U 249 -2.02 -55.40 13.25
CA ILE U 249 -0.86 -55.65 12.40
C ILE U 249 -0.64 -54.43 11.52
N ASP U 250 0.58 -53.92 11.52
CA ASP U 250 0.91 -52.80 10.65
C ASP U 250 1.11 -53.28 9.23
N LYS U 251 0.34 -52.72 8.31
CA LYS U 251 0.34 -53.20 6.94
C LYS U 251 1.67 -52.93 6.24
N ASP U 252 2.34 -51.85 6.60
CA ASP U 252 3.55 -51.42 5.91
C ASP U 252 4.83 -51.78 6.64
N THR U 253 4.83 -51.78 7.96
CA THR U 253 6.02 -52.14 8.72
C THR U 253 5.99 -53.57 9.24
N GLY U 254 4.83 -54.22 9.27
CA GLY U 254 4.72 -55.58 9.73
C GLY U 254 4.67 -55.74 11.23
N GLN U 255 4.64 -54.65 11.98
CA GLN U 255 4.61 -54.74 13.44
C GLN U 255 3.27 -55.26 13.93
N VAL U 256 3.30 -56.16 14.91
CA VAL U 256 2.11 -56.71 15.52
C VAL U 256 2.05 -56.21 16.95
N SER U 257 0.87 -55.75 17.38
CA SER U 257 0.69 -55.18 18.70
C SER U 257 -0.58 -55.69 19.33
N LEU U 258 -0.63 -55.62 20.66
CA LEU U 258 -1.78 -56.01 21.45
C LEU U 258 -2.45 -54.76 22.02
N PHE U 259 -3.77 -54.68 21.88
CA PHE U 259 -4.56 -53.63 22.49
C PHE U 259 -5.66 -54.28 23.32
N ASN U 260 -5.89 -53.75 24.52
CA ASN U 260 -6.92 -54.26 25.41
C ASN U 260 -8.30 -53.80 24.95
N GLY U 261 -9.31 -54.09 25.77
CA GLY U 261 -10.67 -53.72 25.46
C GLY U 261 -10.88 -52.23 25.33
N ASN U 262 -10.15 -51.44 26.13
CA ASN U 262 -10.29 -49.99 26.11
C ASN U 262 -9.71 -49.37 24.84
N GLY U 263 -8.99 -50.12 24.03
CA GLY U 263 -8.39 -49.59 22.83
C GLY U 263 -7.04 -48.92 23.02
N GLU U 264 -6.49 -48.95 24.22
CA GLU U 264 -5.19 -48.39 24.51
C GLU U 264 -4.09 -49.41 24.18
N PHE U 265 -2.90 -48.90 23.87
CA PHE U 265 -1.80 -49.77 23.51
C PHE U 265 -1.33 -50.55 24.73
N ALA U 266 -1.18 -51.86 24.57
CA ALA U 266 -0.82 -52.73 25.69
C ALA U 266 0.60 -53.29 25.54
N ALA U 267 0.88 -53.97 24.43
CA ALA U 267 2.22 -54.51 24.22
C ALA U 267 2.39 -54.91 22.76
N LEU U 268 3.64 -55.18 22.40
CA LEU U 268 4.01 -55.62 21.06
C LEU U 268 4.63 -57.00 21.13
N VAL U 269 4.27 -57.86 20.20
CA VAL U 269 4.72 -59.25 20.21
C VAL U 269 5.85 -59.49 19.22
N GLY U 270 5.80 -58.88 18.04
CA GLY U 270 6.86 -59.10 17.07
C GLY U 270 6.55 -58.45 15.74
N THR U 271 7.18 -58.98 14.70
CA THR U 271 7.06 -58.44 13.36
C THR U 271 6.75 -59.55 12.38
N TYR U 272 5.82 -59.30 11.46
CA TYR U 272 5.50 -60.24 10.40
C TYR U 272 5.80 -59.62 9.05
N ASN U 273 6.77 -60.18 8.34
CA ASN U 273 6.99 -59.87 6.95
C ASN U 273 6.27 -60.92 6.10
N GLY U 274 6.58 -60.95 4.81
CA GLY U 274 5.82 -61.74 3.87
C GLY U 274 5.71 -63.21 4.21
N ASP U 275 6.73 -63.81 4.84
CA ASP U 275 6.76 -65.26 4.98
C ASP U 275 6.80 -65.77 6.41
N ILE U 276 7.58 -65.16 7.30
CA ILE U 276 7.79 -65.69 8.64
C ILE U 276 7.42 -64.63 9.66
N PHE U 277 6.96 -65.07 10.82
CA PHE U 277 6.68 -64.18 11.94
C PHE U 277 7.79 -64.30 12.96
N SER U 278 8.40 -63.16 13.31
CA SER U 278 9.50 -63.13 14.28
C SER U 278 9.01 -62.50 15.58
N PRO U 279 8.91 -63.26 16.65
CA PRO U 279 8.55 -62.67 17.94
C PRO U 279 9.69 -61.84 18.50
N SER U 280 9.33 -60.92 19.40
CA SER U 280 10.31 -60.06 20.04
C SER U 280 10.28 -60.23 21.56
N MET V 1 61.32 34.13 -16.60
CA MET V 1 61.77 32.76 -16.40
C MET V 1 63.26 32.62 -16.71
N TYR V 2 63.88 31.59 -16.15
CA TYR V 2 65.30 31.31 -16.39
C TYR V 2 65.40 30.31 -17.54
N VAL V 3 65.95 30.74 -18.67
CA VAL V 3 66.21 29.83 -19.77
C VAL V 3 67.28 28.82 -19.34
N TYR V 4 67.30 27.67 -20.03
CA TYR V 4 68.07 26.50 -19.62
C TYR V 4 69.53 26.80 -19.25
N PRO V 5 70.36 27.34 -20.17
CA PRO V 5 71.80 27.40 -19.87
C PRO V 5 72.08 28.42 -18.78
N PRO V 6 72.55 27.95 -17.62
CA PRO V 6 72.76 28.87 -16.49
C PRO V 6 73.96 29.77 -16.74
N ARG V 7 73.69 31.04 -17.03
CA ARG V 7 74.73 32.03 -17.26
C ARG V 7 74.48 33.21 -16.34
N ILE V 8 75.52 33.63 -15.61
CA ILE V 8 75.44 34.79 -14.74
C ILE V 8 75.76 36.02 -15.57
N ILE V 9 74.71 36.77 -15.94
CA ILE V 9 74.85 37.96 -16.77
C ILE V 9 74.41 39.16 -15.94
N ASN V 10 75.26 40.18 -15.88
CA ASN V 10 75.01 41.38 -15.09
C ASN V 10 74.82 41.05 -13.61
N GLY V 11 75.51 40.01 -13.16
CA GLY V 11 75.49 39.63 -11.76
C GLY V 11 74.34 38.77 -11.33
N THR V 12 73.45 38.44 -12.26
CA THR V 12 72.28 37.61 -11.95
C THR V 12 72.02 36.54 -13.01
N LEU V 13 71.15 35.58 -12.72
CA LEU V 13 70.81 34.57 -13.72
C LEU V 13 70.05 35.20 -14.88
N TYR V 14 70.36 34.76 -16.11
CA TYR V 14 69.73 35.33 -17.29
C TYR V 14 68.23 35.02 -17.25
N LYS V 15 67.43 36.03 -16.91
CA LYS V 15 65.99 35.90 -16.84
C LYS V 15 65.38 36.56 -18.07
N SER V 16 64.57 35.82 -18.82
CA SER V 16 63.97 36.33 -20.03
C SER V 16 62.45 36.40 -19.91
N THR V 17 61.87 37.34 -20.63
CA THR V 17 60.43 37.52 -20.69
C THR V 17 59.83 37.08 -22.01
N ASP V 18 60.65 36.60 -22.95
CA ASP V 18 60.19 36.17 -24.26
C ASP V 18 60.16 34.65 -24.24
N LEU V 19 59.00 34.07 -24.60
CA LEU V 19 58.83 32.63 -24.52
C LEU V 19 59.48 31.88 -25.67
N ALA V 20 59.85 32.55 -26.76
CA ALA V 20 60.50 31.85 -27.86
C ALA V 20 61.89 31.37 -27.48
N GLU V 21 62.70 32.25 -26.87
CA GLU V 21 64.01 31.82 -26.44
C GLU V 21 63.94 30.89 -25.24
N TYR V 22 62.90 31.01 -24.41
CA TYR V 22 62.70 30.02 -23.35
C TYR V 22 62.39 28.65 -23.93
N THR V 23 61.58 28.59 -24.99
CA THR V 23 61.34 27.33 -25.66
C THR V 23 62.61 26.78 -26.30
N ARG V 24 63.42 27.64 -26.91
CA ARG V 24 64.70 27.20 -27.47
C ARG V 24 65.60 26.64 -26.39
N GLY V 25 65.64 27.29 -25.21
CA GLY V 25 66.37 26.73 -24.09
C GLY V 25 65.81 25.39 -23.64
N LYS V 26 64.50 25.23 -23.69
CA LYS V 26 63.90 23.93 -23.40
C LYS V 26 64.37 22.87 -24.37
N ILE V 27 64.46 23.20 -25.66
CA ILE V 27 64.95 22.26 -26.66
C ILE V 27 66.40 21.89 -26.37
N LEU V 28 67.22 22.89 -26.04
CA LEU V 28 68.62 22.64 -25.72
C LEU V 28 68.75 21.76 -24.47
N GLN V 29 67.92 22.01 -23.46
CA GLN V 29 67.93 21.19 -22.25
C GLN V 29 67.55 19.76 -22.56
N THR V 30 66.51 19.55 -23.37
CA THR V 30 66.08 18.21 -23.72
C THR V 30 67.16 17.47 -24.52
N LEU V 31 67.80 18.17 -25.46
CA LEU V 31 68.83 17.52 -26.28
C LEU V 31 70.13 17.32 -25.52
N SER V 32 70.37 18.10 -24.47
CA SER V 32 71.63 18.00 -23.73
C SER V 32 71.56 16.96 -22.61
N ILE V 33 70.40 16.40 -22.34
CA ILE V 33 70.24 15.41 -21.28
C ILE V 33 70.06 14.04 -21.90
N VAL V 34 70.90 13.09 -21.51
CA VAL V 34 70.81 11.72 -21.96
C VAL V 34 69.93 10.96 -20.96
N ARG V 35 69.10 10.06 -21.49
CA ARG V 35 68.18 9.30 -20.66
C ARG V 35 68.94 8.56 -19.56
N GLY V 36 68.66 8.91 -18.30
CA GLY V 36 69.36 8.34 -17.18
C GLY V 36 70.24 9.33 -16.45
N GLU V 37 70.47 10.49 -17.07
CA GLU V 37 71.32 11.51 -16.44
C GLU V 37 70.72 12.02 -15.14
N LEU V 38 69.42 12.29 -15.13
CA LEU V 38 68.74 12.82 -13.96
C LEU V 38 68.35 11.70 -13.01
N VAL V 39 68.53 11.95 -11.72
CA VAL V 39 68.15 10.96 -10.71
C VAL V 39 66.66 11.03 -10.40
N ALA V 40 66.06 12.22 -10.52
CA ALA V 40 64.64 12.36 -10.28
C ALA V 40 63.82 11.69 -11.39
N ASP V 41 64.22 11.95 -12.63
CA ASP V 41 63.54 11.33 -13.78
C ASP V 41 64.58 10.68 -14.69
N PRO V 42 64.84 9.37 -14.47
CA PRO V 42 65.85 8.68 -15.27
C PRO V 42 65.33 8.22 -16.63
N PHE V 43 64.13 8.65 -17.00
CA PHE V 43 63.58 8.29 -18.28
C PHE V 43 63.51 9.53 -19.16
N PHE V 44 63.74 10.68 -18.56
CA PHE V 44 63.78 11.89 -19.37
C PHE V 44 65.11 12.00 -20.06
N GLY V 45 65.09 12.27 -21.36
CA GLY V 45 66.33 12.44 -22.10
C GLY V 45 66.31 11.68 -23.40
N VAL V 46 67.17 12.10 -24.32
CA VAL V 46 67.28 11.47 -25.64
C VAL V 46 68.04 10.15 -25.51
N PRO V 47 67.70 9.13 -26.29
CA PRO V 47 68.49 7.89 -26.26
C PRO V 47 69.69 7.99 -27.19
N LEU V 48 70.85 7.63 -26.67
CA LEU V 48 72.11 7.80 -27.38
C LEU V 48 72.69 6.45 -27.73
N ARG V 49 72.93 6.22 -29.02
CA ARG V 49 73.67 5.07 -29.51
C ARG V 49 74.81 5.59 -30.37
N LEU V 50 76.04 5.41 -29.90
CA LEU V 50 77.18 6.09 -30.49
C LEU V 50 78.03 5.16 -31.36
N PHE V 51 78.50 4.06 -30.79
CA PHE V 51 79.43 3.16 -31.46
C PHE V 51 78.66 1.97 -32.03
N SER V 52 78.14 2.16 -33.25
CA SER V 52 77.45 1.10 -33.96
C SER V 52 77.46 1.45 -35.44
N ASN V 53 77.33 0.45 -36.30
CA ASN V 53 77.32 0.69 -37.74
C ASN V 53 76.08 1.48 -38.14
N ILE V 54 76.20 2.22 -39.24
CA ILE V 54 75.13 3.11 -39.69
C ILE V 54 74.19 2.38 -40.65
N ASN V 55 73.33 1.54 -40.07
CA ASN V 55 72.29 0.83 -40.82
C ASN V 55 70.91 1.29 -40.39
N ASP V 56 70.57 1.20 -39.10
CA ASP V 56 69.30 1.70 -38.59
C ASP V 56 69.48 3.07 -37.93
N TYR V 57 70.03 4.00 -38.71
CA TYR V 57 70.38 5.32 -38.22
C TYR V 57 69.23 6.33 -38.33
N GLN V 58 68.08 5.88 -38.84
CA GLN V 58 66.87 6.68 -38.82
C GLN V 58 65.96 6.39 -37.64
N SER V 59 66.12 5.22 -37.01
CA SER V 59 65.28 4.87 -35.87
C SER V 59 65.51 5.83 -34.70
N ASP V 60 66.76 6.13 -34.39
CA ASP V 60 67.05 7.07 -33.30
C ASP V 60 66.58 8.47 -33.67
N VAL V 61 66.64 8.84 -34.95
CA VAL V 61 66.12 10.12 -35.39
C VAL V 61 64.63 10.21 -35.12
N SER V 62 63.89 9.14 -35.46
CA SER V 62 62.46 9.11 -35.19
C SER V 62 62.16 9.15 -33.70
N LYS V 63 62.95 8.43 -32.89
CA LYS V 63 62.75 8.45 -31.44
C LYS V 63 62.97 9.83 -30.87
N ILE V 64 64.02 10.52 -31.33
CA ILE V 64 64.28 11.88 -30.86
C ILE V 64 63.16 12.83 -31.28
N GLN V 65 62.66 12.67 -32.50
CA GLN V 65 61.53 13.47 -32.95
C GLN V 65 60.31 13.25 -32.06
N ILE V 66 60.01 11.99 -31.74
CA ILE V 66 58.87 11.68 -30.90
C ILE V 66 59.05 12.27 -29.50
N ILE V 67 60.26 12.14 -28.94
CA ILE V 67 60.51 12.66 -27.60
C ILE V 67 60.36 14.17 -27.56
N LEU V 68 60.89 14.86 -28.58
CA LEU V 68 60.72 16.31 -28.65
C LEU V 68 59.25 16.69 -28.80
N GLU V 69 58.50 15.93 -29.60
CA GLU V 69 57.07 16.22 -29.74
C GLU V 69 56.31 16.07 -28.43
N GLU V 70 56.58 15.00 -27.67
CA GLU V 70 55.87 14.81 -26.41
C GLU V 70 56.28 15.83 -25.36
N GLU V 71 57.59 16.08 -25.23
CA GLU V 71 58.06 16.95 -24.16
C GLU V 71 57.63 18.39 -24.38
N ILE V 72 57.87 18.93 -25.57
CA ILE V 72 57.67 20.36 -25.85
C ILE V 72 56.46 20.48 -26.77
N THR V 73 55.32 20.85 -26.22
CA THR V 73 54.09 21.00 -26.98
C THR V 73 53.92 22.40 -27.55
N GLU V 74 54.79 23.35 -27.19
CA GLU V 74 54.68 24.71 -27.70
C GLU V 74 55.39 24.91 -29.02
N ALA V 75 56.04 23.88 -29.54
CA ALA V 75 56.77 23.96 -30.81
C ALA V 75 56.51 22.72 -31.65
N GLN V 76 56.72 22.87 -32.95
CA GLN V 76 56.63 21.77 -33.91
C GLN V 76 58.03 21.37 -34.35
N PHE V 77 58.30 20.08 -34.32
CA PHE V 77 59.66 19.56 -34.52
C PHE V 77 59.70 18.64 -35.72
N ILE V 78 60.73 18.80 -36.56
CA ILE V 78 61.03 17.86 -37.63
C ILE V 78 62.52 17.56 -37.56
N VAL V 79 62.87 16.29 -37.38
CA VAL V 79 64.27 15.91 -37.20
C VAL V 79 64.72 15.11 -38.42
N THR V 80 65.84 15.54 -39.00
CA THR V 80 66.41 14.89 -40.17
C THR V 80 67.83 14.44 -39.87
N GLY V 81 68.23 13.33 -40.47
CA GLY V 81 69.55 12.76 -40.29
C GLY V 81 70.31 12.67 -41.61
N ASP V 82 71.60 12.98 -41.55
CA ASP V 82 72.49 12.91 -42.71
C ASP V 82 73.73 12.15 -42.30
N LEU V 83 74.35 11.46 -43.26
CA LEU V 83 75.57 10.69 -43.03
C LEU V 83 76.76 11.49 -43.56
N LYS V 84 77.74 11.74 -42.69
CA LYS V 84 78.95 12.44 -43.08
C LYS V 84 80.06 11.45 -43.41
N ASN V 85 81.27 11.97 -43.59
CA ASN V 85 82.35 11.18 -44.17
C ASN V 85 82.94 10.20 -43.17
N ASN V 86 83.52 10.69 -42.07
CA ASN V 86 84.32 9.82 -41.21
C ASN V 86 83.44 8.96 -40.32
N GLY V 87 82.81 9.57 -39.32
CA GLY V 87 81.91 8.86 -38.44
C GLY V 87 80.75 9.73 -37.97
N ILE V 88 80.65 10.92 -38.55
CA ILE V 88 79.72 11.93 -38.07
C ILE V 88 78.34 11.64 -38.63
N VAL V 89 77.34 11.63 -37.74
CA VAL V 89 75.94 11.61 -38.13
C VAL V 89 75.36 12.97 -37.78
N SER V 90 74.94 13.71 -38.80
CA SER V 90 74.50 15.10 -38.63
C SER V 90 72.99 15.12 -38.44
N LEU V 91 72.55 15.50 -37.25
CA LEU V 91 71.14 15.69 -36.97
C LEU V 91 70.76 17.16 -37.12
N THR V 92 69.61 17.40 -37.73
CA THR V 92 69.08 18.75 -37.92
C THR V 92 67.67 18.78 -37.38
N VAL V 93 67.44 19.60 -36.35
CA VAL V 93 66.13 19.75 -35.75
C VAL V 93 65.53 21.08 -36.19
N TYR V 94 64.47 21.00 -36.99
CA TYR V 94 63.74 22.17 -37.46
C TYR V 94 62.58 22.41 -36.52
N TRP V 95 62.58 23.56 -35.85
CA TRP V 95 61.56 23.86 -34.85
C TRP V 95 61.00 25.26 -35.11
N ALA V 96 59.71 25.39 -34.86
CA ALA V 96 59.02 26.67 -34.95
C ALA V 96 58.15 26.84 -33.72
N TYR V 97 58.18 28.04 -33.15
CA TYR V 97 57.42 28.35 -31.95
C TYR V 97 56.01 28.77 -32.36
N LEU V 98 55.02 27.97 -31.95
CA LEU V 98 53.65 28.19 -32.41
C LEU V 98 53.08 29.52 -31.93
N GLY V 99 53.65 30.12 -30.88
CA GLY V 99 53.15 31.41 -30.43
C GLY V 99 53.33 32.50 -31.47
N THR V 100 54.49 32.51 -32.13
CA THR V 100 54.75 33.50 -33.17
C THR V 100 54.51 32.90 -34.55
N GLU V 101 54.38 33.77 -35.54
CA GLU V 101 54.18 33.36 -36.92
C GLU V 101 55.41 33.58 -37.80
N ASN V 102 56.32 34.44 -37.39
CA ASN V 102 57.56 34.69 -38.11
C ASN V 102 58.75 34.25 -37.25
N ILE V 103 59.91 34.14 -37.87
CA ILE V 103 61.13 33.75 -37.17
C ILE V 103 61.50 34.91 -36.24
N GLU V 104 61.76 34.60 -34.97
CA GLU V 104 62.04 35.60 -33.95
C GLU V 104 63.53 35.60 -33.64
N ASN V 105 64.16 36.75 -33.84
CA ASN V 105 65.58 36.89 -33.51
C ASN V 105 65.75 37.29 -32.05
N PHE V 106 66.82 36.79 -31.44
CA PHE V 106 67.13 37.04 -30.05
C PHE V 106 68.38 37.89 -29.94
N GLU V 107 68.32 38.91 -29.08
CA GLU V 107 69.43 39.85 -28.92
C GLU V 107 70.57 39.29 -28.08
N ILE V 108 70.36 38.19 -27.37
CA ILE V 108 71.45 37.59 -26.61
C ILE V 108 72.42 36.85 -27.53
N ASP V 109 71.98 36.50 -28.74
CA ASP V 109 72.86 35.78 -29.67
C ASP V 109 74.00 36.66 -30.16
N THR V 110 73.70 37.90 -30.55
CA THR V 110 74.75 38.78 -31.05
C THR V 110 75.70 39.21 -29.94
N SER V 111 75.21 39.24 -28.69
CA SER V 111 76.08 39.56 -27.56
C SER V 111 77.15 38.49 -27.42
N ASN V 112 78.40 38.93 -27.21
CA ASN V 112 79.54 38.03 -27.12
C ASN V 112 79.93 37.87 -25.65
N ILE V 113 80.00 36.62 -25.19
CA ILE V 113 80.39 36.33 -23.82
C ILE V 113 81.47 35.25 -23.80
N MET W 1 66.23 -25.44 6.53
CA MET W 1 66.09 -26.17 5.28
C MET W 1 67.13 -27.28 5.16
N TYR W 2 66.66 -28.52 5.19
CA TYR W 2 67.51 -29.70 5.02
C TYR W 2 67.59 -30.00 3.53
N VAL W 3 68.81 -29.91 2.98
CA VAL W 3 69.02 -30.32 1.59
C VAL W 3 68.69 -31.80 1.45
N TYR W 4 68.19 -32.17 0.26
CA TYR W 4 67.62 -33.49 0.00
C TYR W 4 68.51 -34.64 0.49
N PRO W 5 69.75 -34.80 0.00
CA PRO W 5 70.49 -36.02 0.32
C PRO W 5 70.85 -36.06 1.79
N PRO W 6 70.29 -37.00 2.55
CA PRO W 6 70.49 -37.01 4.00
C PRO W 6 71.93 -37.35 4.34
N ARG W 7 72.68 -36.35 4.78
CA ARG W 7 74.09 -36.51 5.12
C ARG W 7 74.30 -35.95 6.52
N ILE W 8 74.77 -36.80 7.43
CA ILE W 8 75.06 -36.39 8.80
C ILE W 8 76.43 -35.74 8.79
N ILE W 9 76.46 -34.42 8.92
CA ILE W 9 77.69 -33.64 8.89
C ILE W 9 77.82 -32.94 10.23
N ASN W 10 78.97 -33.15 10.89
CA ASN W 10 79.22 -32.60 12.23
C ASN W 10 78.17 -33.08 13.23
N GLY W 11 77.72 -34.32 13.04
CA GLY W 11 76.77 -34.91 13.97
C GLY W 11 75.33 -34.47 13.79
N THR W 12 74.98 -33.90 12.64
CA THR W 12 73.62 -33.44 12.41
C THR W 12 73.37 -33.38 10.91
N LEU W 13 72.09 -33.29 10.55
CA LEU W 13 71.71 -33.16 9.16
C LEU W 13 72.24 -31.85 8.59
N TYR W 14 72.60 -31.90 7.30
CA TYR W 14 73.18 -30.74 6.63
C TYR W 14 72.10 -29.67 6.47
N LYS W 15 72.21 -28.60 7.26
CA LYS W 15 71.24 -27.50 7.24
C LYS W 15 71.87 -26.34 6.48
N SER W 16 71.26 -25.96 5.37
CA SER W 16 71.75 -24.86 4.56
C SER W 16 70.73 -23.73 4.50
N THR W 17 71.24 -22.50 4.55
CA THR W 17 70.41 -21.31 4.50
C THR W 17 70.36 -20.67 3.11
N ASP W 18 70.96 -21.31 2.10
CA ASP W 18 70.97 -20.79 0.74
C ASP W 18 69.95 -21.54 -0.09
N LEU W 19 69.06 -20.80 -0.76
CA LEU W 19 68.00 -21.42 -1.53
C LEU W 19 68.50 -22.04 -2.84
N ALA W 20 69.69 -21.67 -3.30
CA ALA W 20 70.22 -22.25 -4.53
C ALA W 20 70.51 -23.73 -4.35
N GLU W 21 71.25 -24.09 -3.29
CA GLU W 21 71.53 -25.49 -3.04
C GLU W 21 70.28 -26.26 -2.63
N TYR W 22 69.35 -25.58 -1.94
CA TYR W 22 68.09 -26.25 -1.61
C TYR W 22 67.31 -26.59 -2.87
N THR W 23 67.29 -25.66 -3.84
CA THR W 23 66.67 -25.95 -5.13
C THR W 23 67.38 -27.07 -5.86
N ARG W 24 68.72 -27.09 -5.82
CA ARG W 24 69.45 -28.19 -6.44
C ARG W 24 69.09 -29.53 -5.80
N GLY W 25 68.98 -29.55 -4.47
CA GLY W 25 68.54 -30.74 -3.79
C GLY W 25 67.12 -31.15 -4.17
N LYS W 26 66.24 -30.16 -4.39
CA LYS W 26 64.89 -30.47 -4.87
C LYS W 26 64.93 -31.11 -6.25
N ILE W 27 65.79 -30.62 -7.14
CA ILE W 27 65.93 -31.22 -8.47
C ILE W 27 66.44 -32.64 -8.35
N LEU W 28 67.44 -32.86 -7.49
CA LEU W 28 67.99 -34.20 -7.32
C LEU W 28 66.96 -35.14 -6.71
N GLN W 29 66.13 -34.65 -5.79
CA GLN W 29 65.05 -35.46 -5.25
C GLN W 29 64.03 -35.83 -6.33
N THR W 30 63.65 -34.86 -7.16
CA THR W 30 62.70 -35.14 -8.23
C THR W 30 63.24 -36.16 -9.21
N LEU W 31 64.52 -36.05 -9.57
CA LEU W 31 65.11 -36.96 -10.53
C LEU W 31 65.40 -38.34 -9.92
N SER W 32 65.67 -38.39 -8.62
CA SER W 32 66.06 -39.65 -7.98
C SER W 32 64.85 -40.48 -7.56
N ILE W 33 63.65 -39.91 -7.56
CA ILE W 33 62.44 -40.64 -7.19
C ILE W 33 61.72 -41.09 -8.44
N VAL W 34 61.50 -42.39 -8.55
CA VAL W 34 60.78 -42.99 -9.67
C VAL W 34 59.30 -43.01 -9.32
N ARG W 35 58.46 -42.77 -10.32
CA ARG W 35 57.01 -42.74 -10.12
C ARG W 35 56.52 -44.05 -9.51
N GLY W 36 56.05 -44.00 -8.27
CA GLY W 36 55.64 -45.19 -7.56
C GLY W 36 56.50 -45.50 -6.35
N GLU W 37 57.66 -44.82 -6.24
CA GLU W 37 58.54 -45.05 -5.10
C GLU W 37 57.89 -44.66 -3.79
N LEU W 38 57.20 -43.52 -3.77
CA LEU W 38 56.56 -43.02 -2.57
C LEU W 38 55.15 -43.58 -2.44
N VAL W 39 54.74 -43.84 -1.19
CA VAL W 39 53.42 -44.42 -0.94
C VAL W 39 52.39 -43.34 -0.69
N ALA W 40 52.81 -42.20 -0.13
CA ALA W 40 51.86 -41.12 0.14
C ALA W 40 51.38 -40.48 -1.16
N ASP W 41 52.31 -40.17 -2.07
CA ASP W 41 51.98 -39.61 -3.37
C ASP W 41 52.55 -40.52 -4.45
N PRO W 42 51.75 -41.44 -5.00
CA PRO W 42 52.30 -42.40 -5.98
C PRO W 42 52.46 -41.81 -7.37
N PHE W 43 52.12 -40.53 -7.53
CA PHE W 43 52.20 -39.88 -8.83
C PHE W 43 53.48 -39.07 -9.01
N PHE W 44 54.08 -38.62 -7.91
CA PHE W 44 55.34 -37.89 -8.01
C PHE W 44 56.46 -38.84 -8.41
N GLY W 45 57.28 -38.40 -9.35
CA GLY W 45 58.45 -39.17 -9.78
C GLY W 45 58.64 -39.13 -11.29
N VAL W 46 59.86 -39.42 -11.71
CA VAL W 46 60.22 -39.48 -13.12
C VAL W 46 59.70 -40.78 -13.72
N PRO W 47 59.07 -40.75 -14.89
CA PRO W 47 58.66 -42.00 -15.53
C PRO W 47 59.85 -42.68 -16.20
N LEU W 48 60.08 -43.94 -15.82
CA LEU W 48 61.27 -44.68 -16.21
C LEU W 48 60.90 -45.73 -17.26
N ARG W 49 61.60 -45.69 -18.39
CA ARG W 49 61.47 -46.69 -19.43
C ARG W 49 62.86 -47.08 -19.89
N LEU W 50 63.23 -48.34 -19.67
CA LEU W 50 64.63 -48.74 -19.79
C LEU W 50 64.89 -49.65 -21.00
N PHE W 51 64.17 -50.75 -21.09
CA PHE W 51 64.43 -51.77 -22.12
C PHE W 51 63.41 -51.60 -23.24
N SER W 52 63.73 -50.72 -24.18
CA SER W 52 62.91 -50.50 -25.37
C SER W 52 63.79 -49.85 -26.43
N ASN W 53 63.44 -50.04 -27.70
CA ASN W 53 64.21 -49.44 -28.77
C ASN W 53 64.10 -47.93 -28.75
N ILE W 54 65.10 -47.26 -29.33
CA ILE W 54 65.20 -45.81 -29.29
C ILE W 54 64.48 -45.20 -30.50
N ASN W 55 63.15 -45.15 -30.41
CA ASN W 55 62.34 -44.50 -31.45
C ASN W 55 61.64 -43.27 -30.89
N ASP W 56 60.85 -43.39 -29.83
CA ASP W 56 60.24 -42.23 -29.18
C ASP W 56 60.96 -41.90 -27.87
N TYR W 57 62.24 -41.57 -27.99
CA TYR W 57 63.06 -41.25 -26.84
C TYR W 57 62.99 -39.78 -26.44
N GLN W 58 62.36 -38.94 -27.27
CA GLN W 58 62.17 -37.54 -26.93
C GLN W 58 60.88 -37.29 -26.15
N SER W 59 59.90 -38.19 -26.24
CA SER W 59 58.68 -38.04 -25.46
C SER W 59 58.98 -38.11 -23.97
N ASP W 60 59.85 -39.04 -23.57
CA ASP W 60 60.25 -39.12 -22.17
C ASP W 60 61.00 -37.87 -21.73
N VAL W 61 61.84 -37.32 -22.62
CA VAL W 61 62.54 -36.08 -22.32
C VAL W 61 61.55 -34.95 -22.06
N SER W 62 60.55 -34.83 -22.95
CA SER W 62 59.55 -33.79 -22.78
C SER W 62 58.75 -33.98 -21.49
N LYS W 63 58.38 -35.22 -21.18
CA LYS W 63 57.63 -35.48 -19.95
C LYS W 63 58.46 -35.15 -18.71
N ILE W 64 59.75 -35.48 -18.73
CA ILE W 64 60.62 -35.14 -17.62
C ILE W 64 60.73 -33.64 -17.47
N GLN W 65 60.87 -32.92 -18.59
CA GLN W 65 60.93 -31.46 -18.53
C GLN W 65 59.65 -30.88 -17.95
N ILE W 66 58.49 -31.40 -18.37
CA ILE W 66 57.22 -30.91 -17.87
C ILE W 66 57.10 -31.16 -16.37
N ILE W 67 57.51 -32.35 -15.92
CA ILE W 67 57.46 -32.65 -14.49
C ILE W 67 58.36 -31.70 -13.73
N LEU W 68 59.56 -31.41 -14.27
CA LEU W 68 60.47 -30.50 -13.60
C LEU W 68 59.89 -29.10 -13.49
N GLU W 69 59.27 -28.58 -14.55
CA GLU W 69 58.71 -27.23 -14.43
C GLU W 69 57.50 -27.19 -13.51
N GLU W 70 56.68 -28.25 -13.52
CA GLU W 70 55.49 -28.27 -12.67
C GLU W 70 55.86 -28.36 -11.19
N GLU W 71 56.78 -29.26 -10.85
CA GLU W 71 57.07 -29.48 -9.44
C GLU W 71 57.93 -28.38 -8.84
N ILE W 72 58.89 -27.85 -9.61
CA ILE W 72 59.81 -26.82 -9.13
C ILE W 72 59.53 -25.56 -9.94
N THR W 73 58.81 -24.61 -9.33
CA THR W 73 58.45 -23.37 -10.00
C THR W 73 59.48 -22.26 -9.82
N GLU W 74 60.46 -22.43 -8.93
CA GLU W 74 61.45 -21.39 -8.69
C GLU W 74 62.62 -21.45 -9.64
N ALA W 75 62.66 -22.41 -10.55
CA ALA W 75 63.75 -22.57 -11.49
C ALA W 75 63.20 -22.84 -12.89
N GLN W 76 64.02 -22.54 -13.89
CA GLN W 76 63.71 -22.82 -15.29
C GLN W 76 64.53 -24.02 -15.74
N PHE W 77 63.89 -24.92 -16.48
CA PHE W 77 64.48 -26.20 -16.86
C PHE W 77 64.47 -26.37 -18.37
N ILE W 78 65.58 -26.86 -18.92
CA ILE W 78 65.66 -27.28 -20.31
C ILE W 78 66.32 -28.65 -20.34
N VAL W 79 65.63 -29.64 -20.90
CA VAL W 79 66.12 -31.01 -20.89
C VAL W 79 66.42 -31.45 -22.32
N THR W 80 67.64 -31.96 -22.51
CA THR W 80 68.09 -32.43 -23.81
C THR W 80 68.47 -33.90 -23.71
N GLY W 81 68.17 -34.66 -24.77
CA GLY W 81 68.50 -36.07 -24.85
C GLY W 81 69.41 -36.35 -26.03
N ASP W 82 70.39 -37.22 -25.81
CA ASP W 82 71.38 -37.56 -26.82
C ASP W 82 71.68 -39.05 -26.69
N LEU W 83 72.13 -39.66 -27.79
CA LEU W 83 72.35 -41.12 -27.84
C LEU W 83 73.85 -41.41 -27.81
N LYS W 84 74.25 -42.31 -26.92
CA LYS W 84 75.60 -42.87 -26.88
C LYS W 84 75.65 -44.20 -27.62
N ASN W 85 76.78 -44.90 -27.46
CA ASN W 85 77.08 -46.03 -28.33
C ASN W 85 76.32 -47.30 -27.92
N ASN W 86 76.55 -47.79 -26.70
CA ASN W 86 76.06 -49.13 -26.36
C ASN W 86 74.57 -49.12 -26.04
N GLY W 87 74.20 -48.54 -24.90
CA GLY W 87 72.80 -48.44 -24.53
C GLY W 87 72.49 -47.15 -23.81
N ILE W 88 73.49 -46.30 -23.65
CA ILE W 88 73.39 -45.11 -22.80
C ILE W 88 72.62 -44.02 -23.53
N VAL W 89 71.59 -43.50 -22.87
CA VAL W 89 70.89 -42.30 -23.32
C VAL W 89 71.26 -41.18 -22.34
N SER W 90 71.94 -40.17 -22.83
CA SER W 90 72.46 -39.09 -22.01
C SER W 90 71.43 -37.97 -21.94
N LEU W 91 70.94 -37.71 -20.74
CA LEU W 91 70.05 -36.59 -20.49
C LEU W 91 70.79 -35.46 -19.79
N THR W 92 70.63 -34.25 -20.32
CA THR W 92 71.26 -33.06 -19.76
C THR W 92 70.15 -32.11 -19.32
N VAL W 93 70.10 -31.82 -18.03
CA VAL W 93 69.12 -30.90 -17.46
C VAL W 93 69.82 -29.59 -17.14
N TYR W 94 69.53 -28.55 -17.91
CA TYR W 94 70.07 -27.22 -17.69
C TYR W 94 69.05 -26.45 -16.85
N TRP W 95 69.47 -26.03 -15.65
CA TRP W 95 68.59 -25.36 -14.72
C TRP W 95 69.24 -24.07 -14.24
N ALA W 96 68.41 -23.05 -14.04
CA ALA W 96 68.84 -21.78 -13.49
C ALA W 96 67.86 -21.35 -12.41
N TYR W 97 68.42 -20.91 -11.28
CA TYR W 97 67.62 -20.51 -10.13
C TYR W 97 67.32 -19.02 -10.26
N LEU W 98 66.04 -18.69 -10.38
CA LEU W 98 65.64 -17.35 -10.79
C LEU W 98 65.96 -16.27 -9.77
N GLY W 99 66.22 -16.65 -8.52
CA GLY W 99 66.48 -15.65 -7.49
C GLY W 99 67.75 -14.87 -7.74
N THR W 100 68.80 -15.56 -8.19
CA THR W 100 70.09 -14.91 -8.42
C THR W 100 70.28 -14.57 -9.89
N GLU W 101 71.01 -13.49 -10.14
CA GLU W 101 71.35 -13.06 -11.48
C GLU W 101 72.69 -13.62 -11.95
N ASN W 102 73.38 -14.40 -11.13
CA ASN W 102 74.66 -14.99 -11.46
C ASN W 102 74.68 -16.45 -11.02
N ILE W 103 75.54 -17.24 -11.65
CA ILE W 103 75.70 -18.64 -11.29
C ILE W 103 76.33 -18.70 -9.91
N GLU W 104 75.70 -19.43 -8.99
CA GLU W 104 76.11 -19.47 -7.58
C GLU W 104 76.83 -20.78 -7.32
N ASN W 105 78.09 -20.70 -6.90
CA ASN W 105 78.84 -21.88 -6.54
C ASN W 105 78.48 -22.34 -5.12
N PHE W 106 78.92 -23.55 -4.79
CA PHE W 106 78.71 -24.12 -3.47
C PHE W 106 80.04 -24.56 -2.88
N GLU W 107 80.09 -24.64 -1.55
CA GLU W 107 81.31 -25.04 -0.86
C GLU W 107 81.24 -26.44 -0.27
N ILE W 108 80.11 -27.13 -0.44
CA ILE W 108 79.99 -28.48 0.10
C ILE W 108 80.41 -29.52 -0.92
N ASP W 109 80.20 -29.25 -2.22
CA ASP W 109 80.60 -30.21 -3.24
C ASP W 109 82.11 -30.34 -3.30
N THR W 110 82.83 -29.24 -3.13
CA THR W 110 84.30 -29.30 -3.17
C THR W 110 84.86 -29.98 -1.92
N SER W 111 84.06 -30.11 -0.87
CA SER W 111 84.53 -30.76 0.35
C SER W 111 84.87 -32.23 0.08
N ASN W 112 85.98 -32.68 0.64
CA ASN W 112 86.44 -34.06 0.45
C ASN W 112 85.74 -34.96 1.46
N ILE W 113 84.93 -35.88 0.96
CA ILE W 113 84.19 -36.80 1.82
C ILE W 113 85.07 -37.98 2.19
N MET X 1 21.99 -68.58 -5.41
CA MET X 1 21.00 -68.45 -6.47
C MET X 1 20.89 -69.73 -7.28
N TYR X 2 19.74 -69.92 -7.93
CA TYR X 2 19.51 -71.07 -8.80
C TYR X 2 19.94 -70.71 -10.21
N VAL X 3 20.97 -71.39 -10.71
CA VAL X 3 21.37 -71.21 -12.10
C VAL X 3 20.28 -71.77 -13.00
N TYR X 4 20.27 -71.32 -14.26
CA TYR X 4 19.17 -71.58 -15.20
C TYR X 4 18.80 -73.06 -15.30
N PRO X 5 19.69 -73.96 -15.70
CA PRO X 5 19.26 -75.35 -15.99
C PRO X 5 18.86 -76.06 -14.71
N PRO X 6 17.57 -76.39 -14.56
CA PRO X 6 17.12 -77.00 -13.30
C PRO X 6 17.62 -78.42 -13.18
N ARG X 7 18.59 -78.63 -12.30
CA ARG X 7 19.15 -79.95 -12.04
C ARG X 7 19.05 -80.24 -10.56
N ILE X 8 18.46 -81.39 -10.22
CA ILE X 8 18.34 -81.83 -8.84
C ILE X 8 19.64 -82.55 -8.48
N ILE X 9 20.51 -81.87 -7.75
CA ILE X 9 21.81 -82.40 -7.36
C ILE X 9 21.80 -82.58 -5.85
N ASN X 10 22.13 -83.79 -5.39
CA ASN X 10 22.13 -84.13 -3.96
C ASN X 10 20.75 -83.92 -3.35
N GLY X 11 19.72 -84.17 -4.15
CA GLY X 11 18.35 -84.10 -3.65
C GLY X 11 17.75 -82.71 -3.58
N THR X 12 18.50 -81.68 -3.96
CA THR X 12 18.00 -80.32 -3.93
C THR X 12 18.34 -79.63 -5.24
N LEU X 13 17.66 -78.53 -5.50
CA LEU X 13 17.96 -77.72 -6.67
C LEU X 13 19.38 -77.16 -6.55
N TYR X 14 20.08 -77.14 -7.68
CA TYR X 14 21.48 -76.74 -7.71
C TYR X 14 21.57 -75.25 -7.41
N LYS X 15 22.08 -74.91 -6.23
CA LYS X 15 22.25 -73.53 -5.79
C LYS X 15 23.74 -73.19 -5.89
N SER X 16 24.06 -72.09 -6.56
CA SER X 16 25.45 -71.67 -6.69
C SER X 16 25.61 -70.28 -6.09
N THR X 17 26.68 -70.08 -5.34
CA THR X 17 26.91 -68.79 -4.72
C THR X 17 27.61 -67.85 -5.69
N ASP X 18 28.49 -68.39 -6.53
CA ASP X 18 29.24 -67.56 -7.45
C ASP X 18 28.36 -66.91 -8.50
N LEU X 19 28.70 -65.68 -8.88
CA LEU X 19 27.91 -64.97 -9.86
C LEU X 19 28.34 -65.28 -11.27
N ALA X 20 29.51 -65.91 -11.42
CA ALA X 20 30.03 -66.18 -12.76
C ALA X 20 29.29 -67.30 -13.48
N GLU X 21 29.02 -68.41 -12.80
CA GLU X 21 28.24 -69.47 -13.45
C GLU X 21 26.79 -69.09 -13.47
N TYR X 22 26.37 -68.23 -12.54
CA TYR X 22 25.01 -67.72 -12.63
C TYR X 22 24.84 -66.86 -13.87
N THR X 23 25.83 -66.03 -14.19
CA THR X 23 25.79 -65.26 -15.43
C THR X 23 25.82 -66.18 -16.66
N ARG X 24 26.64 -67.23 -16.61
CA ARG X 24 26.65 -68.19 -17.72
C ARG X 24 25.29 -68.86 -17.88
N GLY X 25 24.64 -69.22 -16.77
CA GLY X 25 23.29 -69.74 -16.84
C GLY X 25 22.31 -68.74 -17.41
N LYS X 26 22.48 -67.45 -17.09
CA LYS X 26 21.66 -66.42 -17.70
C LYS X 26 21.83 -66.39 -19.21
N ILE X 27 23.07 -66.50 -19.69
CA ILE X 27 23.33 -66.52 -21.13
C ILE X 27 22.66 -67.73 -21.76
N LEU X 28 22.79 -68.90 -21.12
CA LEU X 28 22.18 -70.12 -21.65
C LEU X 28 20.66 -70.00 -21.68
N GLN X 29 20.07 -69.41 -20.64
CA GLN X 29 18.62 -69.23 -20.61
C GLN X 29 18.16 -68.28 -21.71
N THR X 30 18.89 -67.18 -21.91
CA THR X 30 18.53 -66.23 -22.96
C THR X 30 18.63 -66.87 -24.34
N LEU X 31 19.69 -67.66 -24.58
CA LEU X 31 19.87 -68.27 -25.90
C LEU X 31 18.92 -69.45 -26.11
N SER X 32 18.47 -70.10 -25.03
CA SER X 32 17.61 -71.27 -25.14
C SER X 32 16.13 -70.91 -25.27
N ILE X 33 15.76 -69.65 -25.08
CA ILE X 33 14.38 -69.22 -25.18
C ILE X 33 14.18 -68.49 -26.50
N VAL X 34 13.22 -68.96 -27.28
CA VAL X 34 12.87 -68.33 -28.55
C VAL X 34 11.80 -67.28 -28.26
N ARG X 35 11.89 -66.14 -28.95
CA ARG X 35 10.96 -65.04 -28.75
C ARG X 35 9.53 -65.50 -28.98
N GLY X 36 8.73 -65.50 -27.92
CA GLY X 36 7.37 -66.00 -27.99
C GLY X 36 7.15 -67.23 -27.12
N GLU X 37 8.24 -67.84 -26.64
CA GLU X 37 8.12 -69.02 -25.80
C GLU X 37 7.41 -68.71 -24.49
N LEU X 38 7.76 -67.59 -23.87
CA LEU X 38 7.18 -67.19 -22.59
C LEU X 38 5.83 -66.50 -22.82
N VAL X 39 4.86 -66.86 -21.98
CA VAL X 39 3.54 -66.26 -22.08
C VAL X 39 3.50 -64.91 -21.37
N ALA X 40 4.27 -64.76 -20.29
CA ALA X 40 4.31 -63.49 -19.58
C ALA X 40 5.03 -62.43 -20.40
N ASP X 41 6.20 -62.76 -20.94
CA ASP X 41 6.98 -61.85 -21.76
C ASP X 41 7.07 -62.44 -23.17
N PRO X 42 6.22 -62.02 -24.10
CA PRO X 42 6.24 -62.62 -25.44
C PRO X 42 7.36 -62.05 -26.31
N PHE X 43 8.10 -61.08 -25.79
CA PHE X 43 9.15 -60.44 -26.56
C PHE X 43 10.55 -60.89 -26.19
N PHE X 44 10.75 -61.37 -24.96
CA PHE X 44 12.05 -61.84 -24.55
C PHE X 44 12.42 -63.12 -25.28
N GLY X 45 13.66 -63.21 -25.72
CA GLY X 45 14.15 -64.38 -26.42
C GLY X 45 14.86 -63.99 -27.70
N VAL X 46 15.70 -64.91 -28.19
CA VAL X 46 16.46 -64.69 -29.41
C VAL X 46 15.55 -64.90 -30.62
N PRO X 47 15.75 -64.17 -31.72
CA PRO X 47 14.95 -64.42 -32.92
C PRO X 47 15.56 -65.54 -33.75
N LEU X 48 14.73 -66.48 -34.18
CA LEU X 48 15.18 -67.66 -34.89
C LEU X 48 14.67 -67.62 -36.32
N ARG X 49 15.60 -67.74 -37.27
CA ARG X 49 15.27 -67.90 -38.68
C ARG X 49 16.07 -69.09 -39.21
N LEU X 50 15.37 -70.14 -39.62
CA LEU X 50 16.03 -71.42 -39.87
C LEU X 50 16.08 -71.77 -41.35
N PHE X 51 14.93 -71.79 -42.01
CA PHE X 51 14.85 -72.23 -43.41
C PHE X 51 14.81 -70.98 -44.30
N SER X 52 15.99 -70.48 -44.64
CA SER X 52 16.13 -69.35 -45.55
C SER X 52 17.52 -69.42 -46.18
N ASN X 53 17.65 -68.91 -47.39
CA ASN X 53 18.94 -68.90 -48.07
C ASN X 53 19.93 -68.02 -47.30
N ILE X 54 21.20 -68.40 -47.36
CA ILE X 54 22.24 -67.72 -46.57
C ILE X 54 22.80 -66.54 -47.36
N ASN X 55 22.03 -65.44 -47.36
CA ASN X 55 22.49 -64.17 -47.94
C ASN X 55 22.59 -63.12 -46.85
N ASP X 56 21.51 -62.84 -46.12
CA ASP X 56 21.55 -61.93 -44.98
C ASP X 56 21.59 -62.73 -43.67
N TYR X 57 22.77 -63.26 -43.38
CA TYR X 57 22.98 -64.10 -42.21
C TYR X 57 23.80 -63.41 -41.12
N GLN X 58 24.19 -62.15 -41.34
CA GLN X 58 24.88 -61.37 -40.32
C GLN X 58 23.96 -60.50 -39.49
N SER X 59 22.82 -60.08 -40.06
CA SER X 59 21.89 -59.21 -39.32
C SER X 59 21.33 -59.93 -38.11
N ASP X 60 20.98 -61.21 -38.24
CA ASP X 60 20.48 -61.96 -37.09
C ASP X 60 21.56 -62.12 -36.03
N VAL X 61 22.81 -62.28 -36.46
CA VAL X 61 23.93 -62.33 -35.51
C VAL X 61 24.03 -61.02 -34.74
N SER X 62 23.92 -59.89 -35.45
CA SER X 62 23.94 -58.59 -34.77
C SER X 62 22.77 -58.43 -33.83
N LYS X 63 21.58 -58.89 -34.23
CA LYS X 63 20.41 -58.81 -33.35
C LYS X 63 20.61 -59.64 -32.09
N ILE X 64 21.17 -60.84 -32.22
CA ILE X 64 21.44 -61.67 -31.06
C ILE X 64 22.46 -61.00 -30.15
N GLN X 65 23.50 -60.40 -30.74
CA GLN X 65 24.49 -59.68 -29.94
C GLN X 65 23.85 -58.53 -29.17
N ILE X 66 22.99 -57.75 -29.84
CA ILE X 66 22.33 -56.63 -29.19
C ILE X 66 21.42 -57.11 -28.07
N ILE X 67 20.67 -58.19 -28.31
CA ILE X 67 19.78 -58.73 -27.29
C ILE X 67 20.58 -59.20 -26.07
N LEU X 68 21.70 -59.89 -26.32
CA LEU X 68 22.55 -60.34 -25.22
C LEU X 68 23.12 -59.16 -24.43
N GLU X 69 23.57 -58.12 -25.13
CA GLU X 69 24.12 -56.95 -24.43
C GLU X 69 23.06 -56.23 -23.61
N GLU X 70 21.86 -56.03 -24.15
CA GLU X 70 20.80 -55.33 -23.42
C GLU X 70 20.28 -56.15 -22.24
N GLU X 71 20.09 -57.46 -22.44
CA GLU X 71 19.50 -58.28 -21.38
C GLU X 71 20.47 -58.53 -20.24
N ILE X 72 21.75 -58.78 -20.55
CA ILE X 72 22.76 -59.12 -19.55
C ILE X 72 23.75 -57.97 -19.52
N THR X 73 23.75 -57.20 -18.42
CA THR X 73 24.65 -56.07 -18.28
C THR X 73 25.93 -56.42 -17.53
N GLU X 74 26.02 -57.61 -16.93
CA GLU X 74 27.21 -57.98 -16.19
C GLU X 74 28.28 -58.62 -17.05
N ALA X 75 28.00 -58.84 -18.34
CA ALA X 75 28.95 -59.47 -19.24
C ALA X 75 29.05 -58.68 -20.54
N GLN X 76 30.16 -58.89 -21.24
CA GLN X 76 30.39 -58.31 -22.56
C GLN X 76 30.33 -59.41 -23.61
N PHE X 77 29.59 -59.15 -24.69
CA PHE X 77 29.28 -60.17 -25.67
C PHE X 77 29.79 -59.77 -27.04
N ILE X 78 30.47 -60.70 -27.71
CA ILE X 78 30.84 -60.55 -29.12
C ILE X 78 30.40 -61.81 -29.85
N VAL X 79 29.51 -61.66 -30.82
CA VAL X 79 28.94 -62.81 -31.51
C VAL X 79 29.43 -62.84 -32.94
N THR X 80 29.96 -64.00 -33.35
CA THR X 80 30.49 -64.19 -34.69
C THR X 80 29.76 -65.35 -35.36
N GLY X 81 29.56 -65.22 -36.68
CA GLY X 81 28.86 -66.21 -37.46
C GLY X 81 29.76 -66.76 -38.57
N ASP X 82 29.80 -68.08 -38.66
CA ASP X 82 30.55 -68.78 -39.71
C ASP X 82 29.58 -69.63 -40.52
N LEU X 83 29.88 -69.82 -41.79
CA LEU X 83 29.06 -70.63 -42.69
C LEU X 83 29.72 -72.01 -42.83
N LYS X 84 28.98 -73.05 -42.48
CA LYS X 84 29.48 -74.41 -42.59
C LYS X 84 29.04 -75.05 -43.91
N ASN X 85 29.27 -76.37 -44.01
CA ASN X 85 29.16 -77.04 -45.30
C ASN X 85 27.71 -77.21 -45.74
N ASN X 86 26.91 -77.97 -44.97
CA ASN X 86 25.61 -78.38 -45.49
C ASN X 86 24.56 -77.30 -45.30
N GLY X 87 24.15 -77.05 -44.06
CA GLY X 87 23.19 -76.02 -43.77
C GLY X 87 23.45 -75.35 -42.44
N ILE X 88 24.58 -75.68 -41.84
CA ILE X 88 24.89 -75.25 -40.48
C ILE X 88 25.44 -73.84 -40.50
N VAL X 89 24.87 -72.97 -39.66
CA VAL X 89 25.42 -71.65 -39.40
C VAL X 89 25.95 -71.67 -37.98
N SER X 90 27.27 -71.56 -37.83
CA SER X 90 27.94 -71.73 -36.55
C SER X 90 28.05 -70.36 -35.87
N LEU X 91 27.32 -70.18 -34.78
CA LEU X 91 27.43 -68.99 -33.97
C LEU X 91 28.37 -69.22 -32.80
N THR X 92 29.25 -68.25 -32.57
CA THR X 92 30.20 -68.31 -31.47
C THR X 92 30.03 -67.03 -30.66
N VAL X 93 29.63 -67.18 -29.39
CA VAL X 93 29.42 -66.06 -28.49
C VAL X 93 30.58 -66.01 -27.51
N TYR X 94 31.42 -64.99 -27.65
CA TYR X 94 32.53 -64.75 -26.74
C TYR X 94 32.04 -63.82 -25.64
N TRP X 95 32.04 -64.33 -24.41
CA TRP X 95 31.52 -63.59 -23.27
C TRP X 95 32.57 -63.56 -22.17
N ALA X 96 32.66 -62.40 -21.51
CA ALA X 96 33.53 -62.22 -20.37
C ALA X 96 32.73 -61.57 -19.25
N TYR X 97 32.92 -62.10 -18.03
CA TYR X 97 32.20 -61.63 -16.86
C TYR X 97 32.96 -60.45 -16.27
N LEU X 98 32.33 -59.27 -16.26
CA LEU X 98 33.03 -58.05 -15.90
C LEU X 98 33.50 -58.03 -14.45
N GLY X 99 32.84 -58.79 -13.57
CA GLY X 99 33.27 -58.83 -12.18
C GLY X 99 34.66 -59.42 -12.01
N THR X 100 34.94 -60.48 -12.76
CA THR X 100 36.24 -61.13 -12.69
C THR X 100 37.19 -60.55 -13.74
N GLU X 101 38.49 -60.79 -13.52
CA GLU X 101 39.52 -60.33 -14.44
C GLU X 101 40.20 -61.46 -15.20
N ASN X 102 40.10 -62.70 -14.70
CA ASN X 102 40.67 -63.86 -15.36
C ASN X 102 39.56 -64.81 -15.77
N ILE X 103 39.93 -65.84 -16.54
CA ILE X 103 38.97 -66.85 -16.94
C ILE X 103 38.60 -67.66 -15.69
N GLU X 104 37.30 -67.80 -15.45
CA GLU X 104 36.80 -68.46 -14.24
C GLU X 104 36.36 -69.87 -14.58
N ASN X 105 37.06 -70.86 -14.03
CA ASN X 105 36.71 -72.25 -14.25
C ASN X 105 35.68 -72.72 -13.23
N PHE X 106 34.74 -73.54 -13.69
CA PHE X 106 33.67 -74.06 -12.86
C PHE X 106 33.84 -75.55 -12.66
N GLU X 107 33.74 -75.99 -11.40
CA GLU X 107 33.95 -77.39 -11.06
C GLU X 107 32.75 -78.27 -11.40
N ILE X 108 31.57 -77.69 -11.62
CA ILE X 108 30.41 -78.51 -11.95
C ILE X 108 30.53 -79.07 -13.37
N ASP X 109 31.29 -78.40 -14.24
CA ASP X 109 31.49 -78.91 -15.59
C ASP X 109 32.26 -80.23 -15.58
N THR X 110 33.28 -80.32 -14.73
CA THR X 110 34.08 -81.55 -14.65
C THR X 110 33.27 -82.72 -14.12
N SER X 111 32.28 -82.45 -13.27
CA SER X 111 31.43 -83.51 -12.75
C SER X 111 30.60 -84.13 -13.87
N ASN X 112 30.47 -85.45 -13.83
CA ASN X 112 29.72 -86.18 -14.85
C ASN X 112 28.26 -86.24 -14.40
N ILE X 113 27.39 -85.62 -15.18
CA ILE X 113 25.96 -85.60 -14.87
C ILE X 113 25.26 -86.77 -15.55
N MET Y 1 -29.68 -52.28 -39.28
CA MET Y 1 -29.45 -51.22 -40.25
C MET Y 1 -29.98 -51.61 -41.63
N TYR Y 2 -30.51 -50.63 -42.35
CA TYR Y 2 -31.04 -50.85 -43.70
C TYR Y 2 -29.92 -50.60 -44.70
N VAL Y 3 -29.57 -51.63 -45.47
CA VAL Y 3 -28.63 -51.46 -46.57
C VAL Y 3 -29.25 -50.59 -47.64
N TYR Y 4 -28.39 -50.01 -48.50
CA TYR Y 4 -28.81 -49.01 -49.47
C TYR Y 4 -29.97 -49.45 -50.35
N PRO Y 5 -29.86 -50.52 -51.14
CA PRO Y 5 -30.91 -50.81 -52.13
C PRO Y 5 -32.19 -51.24 -51.45
N PRO Y 6 -33.24 -50.44 -51.55
CA PRO Y 6 -34.49 -50.74 -50.82
C PRO Y 6 -35.17 -51.95 -51.43
N ARG Y 7 -35.10 -53.08 -50.73
CA ARG Y 7 -35.73 -54.31 -51.17
C ARG Y 7 -36.61 -54.82 -50.04
N ILE Y 8 -37.90 -54.98 -50.33
CA ILE Y 8 -38.86 -55.51 -49.37
C ILE Y 8 -38.73 -57.02 -49.39
N ILE Y 9 -38.05 -57.57 -48.38
CA ILE Y 9 -37.83 -59.01 -48.26
C ILE Y 9 -38.59 -59.48 -47.03
N ASN Y 10 -39.45 -60.49 -47.22
CA ASN Y 10 -40.29 -61.03 -46.15
C ASN Y 10 -41.19 -59.94 -45.56
N GLY Y 11 -41.61 -59.01 -46.41
CA GLY Y 11 -42.54 -57.98 -46.01
C GLY Y 11 -41.94 -56.76 -45.35
N THR Y 12 -40.63 -56.76 -45.13
CA THR Y 12 -39.96 -55.63 -44.50
C THR Y 12 -38.71 -55.28 -45.30
N LEU Y 13 -38.17 -54.10 -45.02
CA LEU Y 13 -36.90 -53.70 -45.61
C LEU Y 13 -35.78 -54.63 -45.14
N TYR Y 14 -34.83 -54.88 -46.04
CA TYR Y 14 -33.72 -55.80 -45.74
C TYR Y 14 -32.85 -55.17 -44.67
N LYS Y 15 -32.93 -55.68 -43.45
CA LYS Y 15 -32.16 -55.19 -42.31
C LYS Y 15 -31.05 -56.19 -42.02
N SER Y 16 -29.81 -55.76 -42.16
CA SER Y 16 -28.65 -56.62 -41.93
C SER Y 16 -27.85 -56.13 -40.74
N THR Y 17 -27.31 -57.09 -39.99
CA THR Y 17 -26.49 -56.80 -38.82
C THR Y 17 -25.00 -56.89 -39.09
N ASP Y 18 -24.59 -57.11 -40.34
CA ASP Y 18 -23.19 -57.22 -40.72
C ASP Y 18 -22.75 -55.92 -41.38
N LEU Y 19 -21.68 -55.33 -40.84
CA LEU Y 19 -21.21 -54.05 -41.35
C LEU Y 19 -20.52 -54.17 -42.71
N ALA Y 20 -20.11 -55.38 -43.10
CA ALA Y 20 -19.48 -55.55 -44.41
C ALA Y 20 -20.47 -55.27 -45.54
N GLU Y 21 -21.64 -55.90 -45.49
CA GLU Y 21 -22.64 -55.66 -46.53
C GLU Y 21 -23.21 -54.25 -46.43
N TYR Y 22 -23.32 -53.69 -45.22
CA TYR Y 22 -23.75 -52.31 -45.08
C TYR Y 22 -22.76 -51.36 -45.75
N THR Y 23 -21.46 -51.61 -45.57
CA THR Y 23 -20.45 -50.82 -46.25
C THR Y 23 -20.52 -50.99 -47.76
N ARG Y 24 -20.74 -52.22 -48.23
CA ARG Y 24 -20.90 -52.44 -49.66
C ARG Y 24 -22.10 -51.66 -50.21
N GLY Y 25 -23.20 -51.66 -49.47
CA GLY Y 25 -24.34 -50.84 -49.85
C GLY Y 25 -24.03 -49.37 -49.86
N LYS Y 26 -23.21 -48.91 -48.91
CA LYS Y 26 -22.76 -47.52 -48.92
C LYS Y 26 -21.97 -47.20 -50.19
N ILE Y 27 -21.09 -48.10 -50.60
CA ILE Y 27 -20.32 -47.90 -51.83
C ILE Y 27 -21.26 -47.83 -53.03
N LEU Y 28 -22.24 -48.75 -53.07
CA LEU Y 28 -23.19 -48.75 -54.18
C LEU Y 28 -24.03 -47.47 -54.20
N GLN Y 29 -24.42 -46.98 -53.03
CA GLN Y 29 -25.16 -45.73 -52.94
C GLN Y 29 -24.32 -44.56 -53.43
N THR Y 30 -23.06 -44.51 -53.01
CA THR Y 30 -22.17 -43.42 -53.44
C THR Y 30 -22.10 -43.40 -54.95
N LEU Y 31 -22.05 -44.57 -55.56
CA LEU Y 31 -21.96 -44.65 -57.01
C LEU Y 31 -23.34 -44.83 -57.64
N SER Y 32 -24.39 -44.48 -56.90
CA SER Y 32 -25.73 -44.55 -57.43
C SER Y 32 -26.27 -43.17 -57.40
N ILE Y 33 -25.56 -42.31 -56.67
CA ILE Y 33 -25.98 -40.94 -56.62
C ILE Y 33 -24.97 -40.15 -57.40
N VAL Y 34 -25.44 -39.38 -58.36
CA VAL Y 34 -24.56 -38.54 -59.14
C VAL Y 34 -24.60 -37.18 -58.49
N ARG Y 35 -23.71 -36.28 -58.89
CA ARG Y 35 -23.64 -34.97 -58.26
C ARG Y 35 -24.79 -34.09 -58.74
N GLY Y 36 -25.65 -33.68 -57.81
CA GLY Y 36 -26.76 -32.80 -58.16
C GLY Y 36 -28.06 -33.56 -58.15
N GLU Y 37 -27.96 -34.89 -58.11
CA GLU Y 37 -29.16 -35.70 -58.06
C GLU Y 37 -29.78 -35.64 -56.69
N LEU Y 38 -28.95 -35.48 -55.66
CA LEU Y 38 -29.47 -35.33 -54.31
C LEU Y 38 -29.82 -33.87 -54.09
N VAL Y 39 -30.96 -33.61 -53.46
CA VAL Y 39 -31.41 -32.24 -53.26
C VAL Y 39 -30.68 -31.56 -52.12
N ALA Y 40 -30.84 -32.07 -50.90
CA ALA Y 40 -30.23 -31.45 -49.72
C ALA Y 40 -28.71 -31.37 -49.81
N ASP Y 41 -28.06 -32.41 -50.31
CA ASP Y 41 -26.63 -32.38 -50.50
C ASP Y 41 -26.35 -32.34 -52.01
N PRO Y 42 -26.34 -31.11 -52.65
CA PRO Y 42 -26.14 -31.25 -54.09
C PRO Y 42 -24.69 -31.56 -54.47
N PHE Y 43 -23.80 -31.57 -53.48
CA PHE Y 43 -22.39 -31.80 -53.74
C PHE Y 43 -21.99 -33.26 -53.65
N PHE Y 44 -22.76 -34.07 -52.92
CA PHE Y 44 -22.48 -35.49 -52.83
C PHE Y 44 -22.81 -36.18 -54.15
N GLY Y 45 -21.93 -37.08 -54.57
CA GLY Y 45 -22.16 -37.87 -55.78
C GLY Y 45 -20.90 -37.98 -56.62
N VAL Y 46 -20.92 -38.94 -57.54
CA VAL Y 46 -19.83 -39.18 -58.48
C VAL Y 46 -19.96 -38.18 -59.64
N PRO Y 47 -18.88 -37.51 -60.04
CA PRO Y 47 -18.96 -36.64 -61.21
C PRO Y 47 -18.91 -37.45 -62.49
N LEU Y 48 -19.96 -37.30 -63.31
CA LEU Y 48 -20.18 -38.13 -64.47
C LEU Y 48 -19.92 -37.32 -65.73
N ARG Y 49 -19.06 -37.85 -66.60
CA ARG Y 49 -18.74 -37.24 -67.88
C ARG Y 49 -18.73 -38.32 -68.94
N LEU Y 50 -19.63 -38.20 -69.93
CA LEU Y 50 -19.89 -39.30 -70.84
C LEU Y 50 -19.40 -39.03 -72.26
N PHE Y 51 -19.85 -37.95 -72.87
CA PHE Y 51 -19.57 -37.67 -74.28
C PHE Y 51 -18.38 -36.72 -74.38
N SER Y 52 -17.18 -37.30 -74.34
CA SER Y 52 -15.94 -36.55 -74.51
C SER Y 52 -14.87 -37.54 -74.93
N ASN Y 53 -13.86 -37.07 -75.66
CA ASN Y 53 -12.78 -37.95 -76.11
C ASN Y 53 -11.99 -38.48 -74.93
N ILE Y 54 -11.40 -39.67 -75.12
CA ILE Y 54 -10.70 -40.37 -74.06
C ILE Y 54 -9.22 -39.95 -74.03
N ASN Y 55 -8.98 -38.75 -73.48
CA ASN Y 55 -7.61 -38.26 -73.30
C ASN Y 55 -7.30 -38.11 -71.81
N ASP Y 56 -8.10 -37.35 -71.06
CA ASP Y 56 -7.91 -37.23 -69.61
C ASP Y 56 -8.96 -38.08 -68.86
N TYR Y 57 -8.89 -39.39 -69.09
CA TYR Y 57 -9.81 -40.33 -68.46
C TYR Y 57 -9.31 -40.84 -67.11
N GLN Y 58 -8.08 -40.51 -66.72
CA GLN Y 58 -7.58 -40.85 -65.40
C GLN Y 58 -7.97 -39.82 -64.34
N SER Y 59 -8.27 -38.58 -64.74
CA SER Y 59 -8.68 -37.57 -63.77
C SER Y 59 -10.00 -37.94 -63.12
N ASP Y 60 -10.95 -38.45 -63.91
CA ASP Y 60 -12.22 -38.89 -63.35
C ASP Y 60 -12.03 -40.05 -62.38
N VAL Y 61 -11.15 -40.99 -62.74
CA VAL Y 61 -10.85 -42.12 -61.85
C VAL Y 61 -10.27 -41.62 -60.54
N SER Y 62 -9.33 -40.69 -60.61
CA SER Y 62 -8.73 -40.14 -59.40
C SER Y 62 -9.77 -39.42 -58.55
N LYS Y 63 -10.63 -38.61 -59.17
CA LYS Y 63 -11.65 -37.89 -58.42
C LYS Y 63 -12.61 -38.85 -57.73
N ILE Y 64 -13.01 -39.91 -58.43
CA ILE Y 64 -13.87 -40.93 -57.83
C ILE Y 64 -13.16 -41.60 -56.66
N GLN Y 65 -11.85 -41.85 -56.80
CA GLN Y 65 -11.10 -42.46 -55.71
C GLN Y 65 -11.09 -41.56 -54.48
N ILE Y 66 -10.84 -40.25 -54.66
CA ILE Y 66 -10.84 -39.36 -53.51
C ILE Y 66 -12.23 -39.26 -52.89
N ILE Y 67 -13.27 -39.25 -53.72
CA ILE Y 67 -14.64 -39.20 -53.19
C ILE Y 67 -14.93 -40.44 -52.35
N LEU Y 68 -14.55 -41.61 -52.85
CA LEU Y 68 -14.76 -42.85 -52.10
C LEU Y 68 -13.97 -42.86 -50.80
N GLU Y 69 -12.73 -42.40 -50.82
CA GLU Y 69 -11.94 -42.34 -49.59
C GLU Y 69 -12.56 -41.38 -48.58
N GLU Y 70 -13.01 -40.22 -49.04
CA GLU Y 70 -13.56 -39.21 -48.14
C GLU Y 70 -14.75 -39.66 -47.32
N GLU Y 71 -15.83 -40.04 -47.98
CA GLU Y 71 -17.03 -40.40 -47.25
C GLU Y 71 -16.89 -41.73 -46.52
N ILE Y 72 -16.57 -42.77 -47.26
CA ILE Y 72 -16.46 -44.09 -46.63
C ILE Y 72 -15.08 -44.27 -46.01
N THR Y 73 -14.96 -43.94 -44.72
CA THR Y 73 -13.69 -44.06 -44.01
C THR Y 73 -13.43 -45.46 -43.46
N GLU Y 74 -14.42 -46.34 -43.47
CA GLU Y 74 -14.24 -47.68 -42.92
C GLU Y 74 -13.71 -48.67 -43.94
N ALA Y 75 -13.47 -48.23 -45.17
CA ALA Y 75 -12.96 -49.11 -46.21
C ALA Y 75 -11.80 -48.44 -46.94
N GLN Y 76 -10.98 -49.27 -47.57
CA GLN Y 76 -9.85 -48.82 -48.38
C GLN Y 76 -10.18 -49.06 -49.85
N PHE Y 77 -9.97 -48.03 -50.68
CA PHE Y 77 -10.42 -48.03 -52.06
C PHE Y 77 -9.25 -47.85 -53.01
N ILE Y 78 -9.27 -48.62 -54.10
CA ILE Y 78 -8.36 -48.43 -55.23
C ILE Y 78 -9.20 -48.50 -56.50
N VAL Y 79 -9.13 -47.45 -57.32
CA VAL Y 79 -9.95 -47.37 -58.52
C VAL Y 79 -9.06 -47.40 -59.75
N THR Y 80 -9.38 -48.29 -60.67
CA THR Y 80 -8.60 -48.45 -61.90
C THR Y 80 -9.51 -48.28 -63.10
N GLY Y 81 -8.94 -47.72 -64.18
CA GLY Y 81 -9.68 -47.45 -65.41
C GLY Y 81 -9.05 -48.17 -66.58
N ASP Y 82 -9.91 -48.66 -67.48
CA ASP Y 82 -9.47 -49.34 -68.70
C ASP Y 82 -10.31 -48.86 -69.88
N LEU Y 83 -9.71 -48.86 -71.07
CA LEU Y 83 -10.39 -48.47 -72.30
C LEU Y 83 -10.81 -49.72 -73.05
N LYS Y 84 -12.10 -49.84 -73.34
CA LYS Y 84 -12.62 -50.93 -74.15
C LYS Y 84 -12.79 -50.48 -75.60
N ASN Y 85 -13.51 -51.30 -76.37
CA ASN Y 85 -13.48 -51.15 -77.83
C ASN Y 85 -14.31 -49.97 -78.31
N ASN Y 86 -15.62 -50.00 -78.10
CA ASN Y 86 -16.48 -49.02 -78.76
C ASN Y 86 -16.49 -47.69 -78.03
N GLY Y 87 -17.10 -47.64 -76.85
CA GLY Y 87 -17.13 -46.42 -76.06
C GLY Y 87 -17.02 -46.70 -74.58
N ILE Y 88 -16.89 -47.97 -74.22
CA ILE Y 88 -16.96 -48.40 -72.84
C ILE Y 88 -15.66 -48.06 -72.13
N VAL Y 89 -15.77 -47.37 -70.99
CA VAL Y 89 -14.67 -47.17 -70.08
C VAL Y 89 -14.96 -48.00 -68.84
N SER Y 90 -14.11 -48.99 -68.57
CA SER Y 90 -14.33 -49.94 -67.49
C SER Y 90 -13.65 -49.42 -66.23
N LEU Y 91 -14.45 -49.11 -65.21
CA LEU Y 91 -13.93 -48.74 -63.91
C LEU Y 91 -14.08 -49.90 -62.94
N THR Y 92 -12.98 -50.22 -62.27
CA THR Y 92 -12.94 -51.32 -61.31
C THR Y 92 -12.56 -50.73 -59.96
N VAL Y 93 -13.42 -50.92 -58.96
CA VAL Y 93 -13.20 -50.43 -57.61
C VAL Y 93 -12.89 -51.62 -56.71
N TYR Y 94 -11.63 -51.71 -56.27
CA TYR Y 94 -11.19 -52.71 -55.31
C TYR Y 94 -11.34 -52.13 -53.92
N TRP Y 95 -12.18 -52.74 -53.10
CA TRP Y 95 -12.44 -52.24 -51.76
C TRP Y 95 -12.27 -53.38 -50.77
N ALA Y 96 -11.75 -53.02 -49.59
CA ALA Y 96 -11.62 -53.95 -48.48
C ALA Y 96 -12.16 -53.30 -47.22
N TYR Y 97 -12.96 -54.04 -46.46
CA TYR Y 97 -13.57 -53.54 -45.24
C TYR Y 97 -12.60 -53.81 -44.09
N LEU Y 98 -12.11 -52.74 -43.48
CA LEU Y 98 -10.98 -52.85 -42.56
C LEU Y 98 -11.31 -53.65 -41.30
N GLY Y 99 -12.58 -53.80 -40.97
CA GLY Y 99 -12.94 -54.51 -39.75
C GLY Y 99 -12.59 -55.99 -39.80
N THR Y 100 -12.83 -56.62 -40.95
CA THR Y 100 -12.59 -58.05 -41.07
C THR Y 100 -11.18 -58.33 -41.58
N GLU Y 101 -10.66 -59.49 -41.22
CA GLU Y 101 -9.35 -59.95 -41.68
C GLU Y 101 -9.45 -60.89 -42.87
N ASN Y 102 -10.65 -61.18 -43.35
CA ASN Y 102 -10.86 -62.10 -44.46
C ASN Y 102 -11.99 -61.57 -45.35
N ILE Y 103 -12.00 -62.05 -46.59
CA ILE Y 103 -13.08 -61.69 -47.53
C ILE Y 103 -14.35 -62.40 -47.06
N GLU Y 104 -15.43 -61.63 -46.89
CA GLU Y 104 -16.68 -62.15 -46.33
C GLU Y 104 -17.72 -62.24 -47.44
N ASN Y 105 -18.29 -63.42 -47.62
CA ASN Y 105 -19.38 -63.60 -48.57
C ASN Y 105 -20.69 -63.13 -47.96
N PHE Y 106 -21.68 -62.95 -48.83
CA PHE Y 106 -23.02 -62.54 -48.42
C PHE Y 106 -24.05 -63.54 -48.94
N GLU Y 107 -24.90 -64.02 -48.03
CA GLU Y 107 -25.88 -65.03 -48.38
C GLU Y 107 -27.10 -64.46 -49.11
N ILE Y 108 -27.26 -63.13 -49.12
CA ILE Y 108 -28.34 -62.55 -49.89
C ILE Y 108 -27.99 -62.49 -51.37
N ASP Y 109 -26.70 -62.48 -51.70
CA ASP Y 109 -26.29 -62.44 -53.10
C ASP Y 109 -26.66 -63.72 -53.83
N THR Y 110 -26.46 -64.86 -53.19
CA THR Y 110 -26.79 -66.14 -53.83
C THR Y 110 -28.30 -66.39 -53.85
N SER Y 111 -29.05 -65.61 -53.08
CA SER Y 111 -30.50 -65.79 -53.05
C SER Y 111 -31.12 -65.52 -54.41
N ASN Y 112 -32.03 -66.40 -54.82
CA ASN Y 112 -32.69 -66.28 -56.12
C ASN Y 112 -33.92 -65.39 -55.96
N ILE Y 113 -33.89 -64.22 -56.60
CA ILE Y 113 -34.99 -63.27 -56.50
C ILE Y 113 -36.07 -63.64 -57.51
N MET Z 1 -35.51 6.55 -62.27
CA MET Z 1 -34.46 7.55 -62.39
C MET Z 1 -34.37 8.12 -63.80
N TYR Z 2 -33.85 9.33 -63.91
CA TYR Z 2 -33.68 9.91 -65.23
C TYR Z 2 -32.37 9.52 -65.87
N VAL Z 3 -32.40 9.02 -67.09
CA VAL Z 3 -31.21 8.68 -67.86
C VAL Z 3 -30.63 9.96 -68.46
N TYR Z 4 -29.33 9.92 -68.76
CA TYR Z 4 -28.54 11.09 -69.10
C TYR Z 4 -29.18 11.99 -70.16
N PRO Z 5 -29.46 11.51 -71.37
CA PRO Z 5 -29.85 12.44 -72.45
C PRO Z 5 -31.22 13.04 -72.16
N PRO Z 6 -31.29 14.34 -71.91
CA PRO Z 6 -32.56 14.96 -71.53
C PRO Z 6 -33.50 15.05 -72.74
N ARG Z 7 -34.51 14.19 -72.76
CA ARG Z 7 -35.52 14.19 -73.80
C ARG Z 7 -36.89 14.31 -73.16
N ILE Z 8 -37.69 15.25 -73.65
CA ILE Z 8 -39.04 15.45 -73.14
C ILE Z 8 -39.97 14.54 -73.94
N ILE Z 9 -40.39 13.43 -73.31
CA ILE Z 9 -41.26 12.45 -73.93
C ILE Z 9 -42.58 12.46 -73.19
N ASN Z 10 -43.68 12.67 -73.94
CA ASN Z 10 -45.02 12.74 -73.37
C ASN Z 10 -45.13 13.85 -72.33
N GLY Z 11 -44.41 14.94 -72.58
CA GLY Z 11 -44.48 16.10 -71.72
C GLY Z 11 -43.65 16.04 -70.46
N THR Z 12 -42.88 14.97 -70.29
CA THR Z 12 -42.03 14.83 -69.11
C THR Z 12 -40.65 14.28 -69.42
N LEU Z 13 -39.69 14.48 -68.52
CA LEU Z 13 -38.36 13.93 -68.72
C LEU Z 13 -38.45 12.42 -68.78
N TYR Z 14 -37.70 11.80 -69.69
CA TYR Z 14 -37.71 10.36 -69.80
C TYR Z 14 -37.32 9.71 -68.47
N LYS Z 15 -38.26 8.98 -67.87
CA LYS Z 15 -38.01 8.35 -66.58
C LYS Z 15 -37.95 6.83 -66.81
N SER Z 16 -36.86 6.21 -66.38
CA SER Z 16 -36.67 4.79 -66.60
C SER Z 16 -36.56 4.05 -65.27
N THR Z 17 -37.07 2.81 -65.26
CA THR Z 17 -36.98 1.94 -64.10
C THR Z 17 -36.00 0.80 -64.30
N ASP Z 18 -35.35 0.70 -65.45
CA ASP Z 18 -34.41 -0.37 -65.75
C ASP Z 18 -33.02 0.22 -65.63
N LEU Z 19 -32.17 -0.41 -64.83
CA LEU Z 19 -30.85 0.13 -64.54
C LEU Z 19 -29.83 -0.10 -65.66
N ALA Z 20 -30.10 -1.03 -66.59
CA ALA Z 20 -29.17 -1.25 -67.69
C ALA Z 20 -29.12 -0.04 -68.63
N GLU Z 21 -30.29 0.48 -69.00
CA GLU Z 21 -30.32 1.66 -69.86
C GLU Z 21 -29.88 2.91 -69.10
N TYR Z 22 -30.11 2.96 -67.79
CA TYR Z 22 -29.56 4.05 -67.00
C TYR Z 22 -28.03 4.00 -66.99
N THR Z 23 -27.45 2.80 -66.89
CA THR Z 23 -26.01 2.66 -66.98
C THR Z 23 -25.50 3.06 -68.37
N ARG Z 24 -26.22 2.67 -69.42
CA ARG Z 24 -25.84 3.10 -70.77
C ARG Z 24 -25.86 4.61 -70.89
N GLY Z 25 -26.90 5.25 -70.34
CA GLY Z 25 -26.92 6.70 -70.29
C GLY Z 25 -25.76 7.29 -69.52
N LYS Z 26 -25.39 6.65 -68.41
CA LYS Z 26 -24.22 7.12 -67.65
C LYS Z 26 -22.94 7.00 -68.47
N ILE Z 27 -22.79 5.91 -69.24
CA ILE Z 27 -21.63 5.77 -70.11
C ILE Z 27 -21.62 6.87 -71.16
N LEU Z 28 -22.78 7.16 -71.75
CA LEU Z 28 -22.86 8.23 -72.74
C LEU Z 28 -22.53 9.58 -72.12
N GLN Z 29 -23.00 9.82 -70.90
CA GLN Z 29 -22.70 11.06 -70.20
C GLN Z 29 -21.20 11.20 -69.95
N THR Z 30 -20.56 10.12 -69.49
CA THR Z 30 -19.13 10.15 -69.23
C THR Z 30 -18.34 10.39 -70.51
N LEU Z 31 -18.72 9.74 -71.61
CA LEU Z 31 -18.01 9.91 -72.87
C LEU Z 31 -18.29 11.25 -73.53
N SER Z 32 -19.43 11.87 -73.23
CA SER Z 32 -19.82 13.12 -73.85
C SER Z 32 -19.27 14.34 -73.13
N ILE Z 33 -18.69 14.14 -71.93
CA ILE Z 33 -18.12 15.24 -71.15
C ILE Z 33 -16.61 15.10 -71.15
N VAL Z 34 -15.89 16.20 -71.36
CA VAL Z 34 -14.42 16.17 -71.36
C VAL Z 34 -13.95 16.87 -70.09
N ARG Z 35 -12.78 16.49 -69.55
CA ARG Z 35 -12.26 17.16 -68.37
C ARG Z 35 -12.07 18.65 -68.63
N GLY Z 36 -12.68 19.48 -67.79
CA GLY Z 36 -12.58 20.92 -67.96
C GLY Z 36 -13.82 21.50 -68.58
N GLU Z 37 -14.84 20.67 -68.76
CA GLU Z 37 -16.10 21.16 -69.30
C GLU Z 37 -17.06 21.35 -68.15
N LEU Z 38 -16.90 20.55 -67.10
CA LEU Z 38 -17.74 20.70 -65.93
C LEU Z 38 -17.10 21.69 -64.98
N VAL Z 39 -17.91 22.48 -64.30
CA VAL Z 39 -17.39 23.47 -63.37
C VAL Z 39 -17.20 22.85 -61.99
N ALA Z 40 -18.26 22.30 -61.41
CA ALA Z 40 -18.22 21.69 -60.09
C ALA Z 40 -17.03 20.74 -59.95
N ASP Z 41 -16.86 19.84 -60.93
CA ASP Z 41 -15.75 18.89 -60.93
C ASP Z 41 -14.98 19.08 -62.23
N PRO Z 42 -13.91 19.87 -62.24
CA PRO Z 42 -13.18 20.12 -63.49
C PRO Z 42 -12.31 18.94 -63.90
N PHE Z 43 -12.27 17.90 -63.07
CA PHE Z 43 -11.43 16.74 -63.35
C PHE Z 43 -12.20 15.61 -64.01
N PHE Z 44 -13.52 15.55 -63.85
CA PHE Z 44 -14.31 14.52 -64.47
C PHE Z 44 -14.40 14.75 -65.97
N GLY Z 45 -14.29 13.67 -66.74
CA GLY Z 45 -14.38 13.73 -68.18
C GLY Z 45 -13.23 13.01 -68.83
N VAL Z 46 -13.40 12.67 -70.10
CA VAL Z 46 -12.38 11.97 -70.88
C VAL Z 46 -11.32 12.96 -71.32
N PRO Z 47 -10.06 12.55 -71.45
CA PRO Z 47 -9.04 13.46 -71.98
C PRO Z 47 -9.00 13.39 -73.50
N LEU Z 48 -9.07 14.56 -74.13
CA LEU Z 48 -9.19 14.65 -75.58
C LEU Z 48 -7.91 15.22 -76.17
N ARG Z 49 -7.31 14.48 -77.09
CA ARG Z 49 -6.20 14.95 -77.90
C ARG Z 49 -6.54 14.68 -79.36
N LEU Z 50 -6.77 15.76 -80.11
CA LEU Z 50 -7.36 15.62 -81.43
C LEU Z 50 -6.36 15.79 -82.56
N PHE Z 51 -5.60 16.89 -82.54
CA PHE Z 51 -4.67 17.22 -83.61
C PHE Z 51 -3.26 16.84 -83.18
N SER Z 52 -2.90 15.58 -83.43
CA SER Z 52 -1.56 15.09 -83.14
C SER Z 52 -1.30 13.88 -84.02
N ASN Z 53 -0.02 13.60 -84.29
CA ASN Z 53 0.34 12.45 -85.11
C ASN Z 53 -0.02 11.16 -84.39
N ILE Z 54 -0.40 10.14 -85.16
CA ILE Z 54 -0.93 8.89 -84.63
C ILE Z 54 0.21 7.92 -84.31
N ASN Z 55 0.91 8.19 -83.21
CA ASN Z 55 1.96 7.30 -82.73
C ASN Z 55 1.59 6.71 -81.37
N ASP Z 56 1.27 7.55 -80.38
CA ASP Z 56 0.83 7.08 -79.07
C ASP Z 56 -0.70 7.17 -78.94
N TYR Z 57 -1.39 6.46 -79.84
CA TYR Z 57 -2.84 6.48 -79.89
C TYR Z 57 -3.47 5.37 -79.07
N GLN Z 58 -2.66 4.53 -78.42
CA GLN Z 58 -3.15 3.56 -77.44
C GLN Z 58 -3.21 4.13 -76.03
N SER Z 59 -2.38 5.14 -75.72
CA SER Z 59 -2.37 5.70 -74.37
C SER Z 59 -3.70 6.33 -74.02
N ASP Z 60 -4.28 7.10 -74.93
CA ASP Z 60 -5.58 7.72 -74.66
C ASP Z 60 -6.68 6.67 -74.53
N VAL Z 61 -6.59 5.58 -75.31
CA VAL Z 61 -7.53 4.49 -75.18
C VAL Z 61 -7.45 3.88 -73.79
N SER Z 62 -6.23 3.64 -73.32
CA SER Z 62 -6.05 3.09 -71.97
C SER Z 62 -6.56 4.05 -70.90
N LYS Z 63 -6.30 5.36 -71.07
CA LYS Z 63 -6.81 6.34 -70.10
C LYS Z 63 -8.33 6.35 -70.06
N ILE Z 64 -8.97 6.31 -71.23
CA ILE Z 64 -10.43 6.28 -71.29
C ILE Z 64 -10.97 5.02 -70.63
N GLN Z 65 -10.33 3.87 -70.88
CA GLN Z 65 -10.76 2.63 -70.27
C GLN Z 65 -10.65 2.69 -68.75
N ILE Z 66 -9.54 3.22 -68.24
CA ILE Z 66 -9.36 3.34 -66.80
C ILE Z 66 -10.40 4.27 -66.21
N ILE Z 67 -10.66 5.41 -66.87
CA ILE Z 67 -11.64 6.36 -66.37
C ILE Z 67 -13.02 5.73 -66.33
N LEU Z 68 -13.37 4.97 -67.38
CA LEU Z 68 -14.66 4.29 -67.39
C LEU Z 68 -14.77 3.28 -66.27
N GLU Z 69 -13.70 2.52 -66.00
CA GLU Z 69 -13.77 1.58 -64.88
C GLU Z 69 -13.92 2.28 -63.53
N GLU Z 70 -13.18 3.37 -63.30
CA GLU Z 70 -13.27 4.04 -62.01
C GLU Z 70 -14.63 4.72 -61.82
N GLU Z 71 -15.11 5.41 -62.84
CA GLU Z 71 -16.34 6.20 -62.68
C GLU Z 71 -17.56 5.30 -62.59
N ILE Z 72 -17.65 4.28 -63.44
CA ILE Z 72 -18.82 3.41 -63.52
C ILE Z 72 -18.38 2.03 -63.01
N THR Z 73 -18.79 1.70 -61.79
CA THR Z 73 -18.41 0.42 -61.19
C THR Z 73 -19.44 -0.68 -61.41
N GLU Z 74 -20.58 -0.38 -62.02
CA GLU Z 74 -21.61 -1.38 -62.25
C GLU Z 74 -21.47 -2.07 -63.59
N ALA Z 75 -20.47 -1.69 -64.40
CA ALA Z 75 -20.27 -2.28 -65.72
C ALA Z 75 -18.79 -2.60 -65.92
N GLN Z 76 -18.55 -3.53 -66.84
CA GLN Z 76 -17.19 -3.91 -67.24
C GLN Z 76 -16.90 -3.31 -68.62
N PHE Z 77 -15.75 -2.66 -68.75
CA PHE Z 77 -15.41 -1.90 -69.94
C PHE Z 77 -14.13 -2.45 -70.56
N ILE Z 78 -14.15 -2.61 -71.88
CA ILE Z 78 -12.97 -2.92 -72.67
C ILE Z 78 -12.94 -1.97 -73.86
N VAL Z 79 -11.90 -1.16 -73.96
CA VAL Z 79 -11.81 -0.14 -75.01
C VAL Z 79 -10.71 -0.52 -75.98
N THR Z 80 -11.06 -0.51 -77.27
CA THR Z 80 -10.13 -0.83 -78.34
C THR Z 80 -10.09 0.32 -79.34
N GLY Z 81 -8.93 0.52 -79.95
CA GLY Z 81 -8.72 1.59 -80.91
C GLY Z 81 -8.25 1.04 -82.25
N ASP Z 82 -8.86 1.55 -83.32
CA ASP Z 82 -8.48 1.20 -84.68
C ASP Z 82 -8.14 2.49 -85.43
N LEU Z 83 -7.25 2.39 -86.41
CA LEU Z 83 -6.83 3.54 -87.22
C LEU Z 83 -7.55 3.45 -88.56
N LYS Z 84 -8.30 4.49 -88.90
CA LYS Z 84 -9.01 4.55 -90.16
C LYS Z 84 -8.15 5.22 -91.22
N ASN Z 85 -8.78 5.53 -92.36
CA ASN Z 85 -8.02 5.93 -93.54
C ASN Z 85 -7.53 7.38 -93.46
N ASN Z 86 -8.44 8.35 -93.35
CA ASN Z 86 -8.04 9.74 -93.52
C ASN Z 86 -7.44 10.30 -92.24
N GLY Z 87 -8.26 10.51 -91.21
CA GLY Z 87 -7.78 11.02 -89.95
C GLY Z 87 -8.55 10.46 -88.77
N ILE Z 88 -9.40 9.48 -89.04
CA ILE Z 88 -10.35 8.99 -88.04
C ILE Z 88 -9.68 7.92 -87.19
N VAL Z 89 -9.81 8.06 -85.87
CA VAL Z 89 -9.43 7.02 -84.92
C VAL Z 89 -10.72 6.47 -84.33
N SER Z 90 -11.01 5.20 -84.63
CA SER Z 90 -12.28 4.59 -84.26
C SER Z 90 -12.12 3.87 -82.92
N LEU Z 91 -12.79 4.38 -81.91
CA LEU Z 91 -12.81 3.74 -80.61
C LEU Z 91 -14.06 2.90 -80.44
N THR Z 92 -13.88 1.70 -79.90
CA THR Z 92 -14.97 0.77 -79.63
C THR Z 92 -14.92 0.42 -78.15
N VAL Z 93 -15.98 0.76 -77.42
CA VAL Z 93 -16.10 0.47 -76.00
C VAL Z 93 -17.11 -0.65 -75.81
N TYR Z 94 -16.62 -1.83 -75.47
CA TYR Z 94 -17.45 -2.99 -75.18
C TYR Z 94 -17.79 -2.96 -73.70
N TRP Z 95 -19.08 -2.86 -73.39
CA TRP Z 95 -19.53 -2.76 -72.01
C TRP Z 95 -20.60 -3.80 -71.75
N ALA Z 96 -20.56 -4.37 -70.54
CA ALA Z 96 -21.55 -5.33 -70.10
C ALA Z 96 -22.03 -4.93 -68.71
N TYR Z 97 -23.35 -5.01 -68.51
CA TYR Z 97 -23.97 -4.65 -67.25
C TYR Z 97 -23.86 -5.84 -66.31
N LEU Z 98 -23.15 -5.66 -65.19
CA LEU Z 98 -22.93 -6.77 -64.26
C LEU Z 98 -24.21 -7.24 -63.58
N GLY Z 99 -25.25 -6.42 -63.66
CA GLY Z 99 -26.51 -6.80 -63.04
C GLY Z 99 -27.29 -7.81 -63.85
N THR Z 100 -27.09 -7.80 -65.16
CA THR Z 100 -27.76 -8.79 -66.01
C THR Z 100 -26.76 -9.84 -66.49
N GLU Z 101 -27.26 -10.92 -67.06
CA GLU Z 101 -26.39 -11.97 -67.57
C GLU Z 101 -26.46 -12.02 -69.08
N ASN Z 102 -27.59 -11.56 -69.64
CA ASN Z 102 -27.79 -11.59 -71.08
C ASN Z 102 -27.81 -10.17 -71.62
N ILE Z 103 -27.70 -10.06 -72.95
CA ILE Z 103 -27.78 -8.76 -73.59
C ILE Z 103 -29.22 -8.25 -73.46
N GLU Z 104 -29.37 -7.02 -72.97
CA GLU Z 104 -30.69 -6.45 -72.68
C GLU Z 104 -31.03 -5.45 -73.78
N ASN Z 105 -32.09 -5.74 -74.54
CA ASN Z 105 -32.55 -4.82 -75.57
C ASN Z 105 -33.48 -3.77 -74.96
N PHE Z 106 -33.33 -2.54 -75.44
CA PHE Z 106 -34.11 -1.41 -74.96
C PHE Z 106 -35.10 -0.98 -76.04
N GLU Z 107 -36.36 -0.80 -75.64
CA GLU Z 107 -37.42 -0.44 -76.57
C GLU Z 107 -37.41 1.02 -76.98
N ILE Z 108 -36.71 1.87 -76.23
CA ILE Z 108 -36.64 3.29 -76.58
C ILE Z 108 -35.84 3.49 -77.87
N ASP Z 109 -34.89 2.59 -78.14
CA ASP Z 109 -34.11 2.70 -79.37
C ASP Z 109 -34.97 2.43 -80.61
N THR Z 110 -35.89 1.47 -80.50
CA THR Z 110 -36.73 1.11 -81.65
C THR Z 110 -37.73 2.21 -81.97
N SER Z 111 -38.14 3.01 -80.98
CA SER Z 111 -39.06 4.09 -81.23
C SER Z 111 -38.42 5.12 -82.15
N ASN Z 112 -39.20 5.63 -83.10
CA ASN Z 112 -38.70 6.57 -84.10
C ASN Z 112 -38.85 7.99 -83.59
N ILE Z 113 -37.74 8.70 -83.46
CA ILE Z 113 -37.76 10.11 -83.11
C ILE Z 113 -37.26 10.93 -84.29
N MET AA 1 9.97 49.61 -51.22
CA MET AA 1 11.29 49.48 -50.59
C MET AA 1 12.33 50.30 -51.34
N TYR AA 2 13.52 50.41 -50.76
CA TYR AA 2 14.63 51.10 -51.39
C TYR AA 2 15.45 50.09 -52.17
N VAL AA 3 15.48 50.25 -53.50
CA VAL AA 3 16.33 49.41 -54.33
C VAL AA 3 17.80 49.68 -54.01
N TYR AA 4 18.67 48.73 -54.36
CA TYR AA 4 20.08 48.76 -53.98
C TYR AA 4 20.76 50.08 -54.34
N PRO AA 5 20.82 50.49 -55.61
CA PRO AA 5 21.63 51.68 -55.95
C PRO AA 5 20.99 52.94 -55.42
N PRO AA 6 21.64 53.61 -54.46
CA PRO AA 6 21.02 54.80 -53.85
C PRO AA 6 21.03 55.96 -54.84
N ARG AA 7 19.86 56.27 -55.39
CA ARG AA 7 19.70 57.38 -56.33
C ARG AA 7 18.63 58.31 -55.80
N ILE AA 8 18.99 59.58 -55.64
CA ILE AA 8 18.04 60.60 -55.18
C ILE AA 8 17.22 61.02 -56.41
N ILE AA 9 15.95 60.60 -56.45
CA ILE AA 9 15.05 60.89 -57.55
C ILE AA 9 13.88 61.70 -56.98
N ASN AA 10 13.64 62.87 -57.57
CA ASN AA 10 12.60 63.79 -57.11
C ASN AA 10 12.83 64.18 -55.64
N GLY AA 11 14.10 64.28 -55.27
CA GLY AA 11 14.45 64.73 -53.94
C GLY AA 11 14.44 63.66 -52.87
N THR AA 12 14.11 62.41 -53.22
CA THR AA 12 14.07 61.33 -52.25
C THR AA 12 14.70 60.09 -52.87
N LEU AA 13 14.95 59.10 -52.02
CA LEU AA 13 15.45 57.82 -52.49
C LEU AA 13 14.39 57.12 -53.35
N TYR AA 14 14.87 56.33 -54.30
CA TYR AA 14 13.98 55.62 -55.22
C TYR AA 14 13.23 54.54 -54.43
N LYS AA 15 11.97 54.80 -54.13
CA LYS AA 15 11.13 53.88 -53.37
C LYS AA 15 10.16 53.21 -54.33
N SER AA 16 10.36 51.90 -54.56
CA SER AA 16 9.52 51.15 -55.48
C SER AA 16 8.66 50.16 -54.73
N THR AA 17 7.43 49.99 -55.22
CA THR AA 17 6.47 49.07 -54.62
C THR AA 17 6.36 47.75 -55.38
N ASP AA 18 7.17 47.54 -56.41
CA ASP AA 18 7.15 46.31 -57.20
C ASP AA 18 8.35 45.46 -56.82
N LEU AA 19 8.10 44.19 -56.48
CA LEU AA 19 9.15 43.31 -56.00
C LEU AA 19 10.10 42.85 -57.11
N ALA AA 20 9.74 43.01 -58.38
CA ALA AA 20 10.63 42.60 -59.46
C ALA AA 20 11.89 43.46 -59.50
N GLU AA 21 11.72 44.79 -59.49
CA GLU AA 21 12.89 45.65 -59.48
C GLU AA 21 13.63 45.61 -58.16
N TYR AA 22 12.93 45.36 -57.05
CA TYR AA 22 13.62 45.17 -55.78
C TYR AA 22 14.49 43.92 -55.81
N THR AA 23 13.98 42.84 -56.39
CA THR AA 23 14.79 41.64 -56.55
C THR AA 23 15.97 41.87 -57.48
N ARG AA 24 15.76 42.60 -58.57
CA ARG AA 24 16.87 42.95 -59.45
C ARG AA 24 17.93 43.76 -58.71
N GLY AA 25 17.51 44.71 -57.87
CA GLY AA 25 18.44 45.43 -57.04
C GLY AA 25 19.18 44.54 -56.06
N LYS AA 26 18.49 43.52 -55.52
CA LYS AA 26 19.16 42.56 -54.66
C LYS AA 26 20.25 41.80 -55.41
N ILE AA 27 19.98 41.38 -56.64
CA ILE AA 27 20.99 40.70 -57.45
C ILE AA 27 22.17 41.62 -57.71
N LEU AA 28 21.88 42.87 -58.08
CA LEU AA 28 22.95 43.83 -58.36
C LEU AA 28 23.79 44.10 -57.12
N GLN AA 29 23.14 44.19 -55.95
CA GLN AA 29 23.86 44.40 -54.70
C GLN AA 29 24.74 43.21 -54.38
N THR AA 30 24.21 41.99 -54.55
CA THR AA 30 25.01 40.79 -54.28
C THR AA 30 26.22 40.71 -55.21
N LEU AA 31 26.04 41.01 -56.50
CA LEU AA 31 27.15 40.94 -57.44
C LEU AA 31 28.13 42.10 -57.27
N SER AA 32 27.66 43.24 -56.75
CA SER AA 32 28.53 44.41 -56.62
C SER AA 32 29.34 44.41 -55.33
N ILE AA 33 29.04 43.52 -54.40
CA ILE AA 33 29.77 43.46 -53.14
C ILE AA 33 30.76 42.30 -53.21
N VAL AA 34 32.03 42.61 -52.98
CA VAL AA 34 33.10 41.62 -52.97
C VAL AA 34 33.28 41.14 -51.53
N ARG AA 35 33.55 39.84 -51.36
CA ARG AA 35 33.81 39.29 -50.04
C ARG AA 35 34.76 40.15 -49.21
N GLY AA 36 34.28 40.68 -48.09
CA GLY AA 36 35.14 41.45 -47.22
C GLY AA 36 34.88 42.95 -47.26
N GLU AA 37 34.27 43.44 -48.33
CA GLU AA 37 33.92 44.85 -48.41
C GLU AA 37 32.96 45.20 -47.30
N LEU AA 38 32.03 44.30 -47.00
CA LEU AA 38 31.11 44.52 -45.91
C LEU AA 38 31.76 44.14 -44.60
N VAL AA 39 31.60 44.98 -43.58
CA VAL AA 39 32.24 44.72 -42.29
C VAL AA 39 31.42 43.79 -41.42
N ALA AA 40 30.20 44.18 -41.06
CA ALA AA 40 29.31 43.40 -40.21
C ALA AA 40 29.31 41.93 -40.61
N ASP AA 41 29.21 41.66 -41.92
CA ASP AA 41 29.24 40.29 -42.45
C ASP AA 41 30.37 40.20 -43.46
N PRO AA 42 31.56 39.75 -43.07
CA PRO AA 42 32.69 39.72 -44.01
C PRO AA 42 32.63 38.54 -44.97
N PHE AA 43 31.64 37.67 -44.80
CA PHE AA 43 31.53 36.48 -45.64
C PHE AA 43 30.60 36.68 -46.83
N PHE AA 44 29.67 37.62 -46.74
CA PHE AA 44 28.78 37.90 -47.87
C PHE AA 44 29.55 38.60 -48.98
N GLY AA 45 29.32 38.17 -50.21
CA GLY AA 45 29.95 38.78 -51.37
C GLY AA 45 30.38 37.73 -52.38
N VAL AA 46 30.68 38.20 -53.59
CA VAL AA 46 31.14 37.34 -54.68
C VAL AA 46 32.66 37.16 -54.57
N PRO AA 47 33.16 35.93 -54.61
CA PRO AA 47 34.62 35.74 -54.62
C PRO AA 47 35.23 36.26 -55.91
N LEU AA 48 36.37 36.92 -55.77
CA LEU AA 48 37.04 37.56 -56.90
C LEU AA 48 38.43 36.96 -57.08
N ARG AA 49 38.68 36.41 -58.26
CA ARG AA 49 40.00 35.93 -58.65
C ARG AA 49 40.26 36.39 -60.07
N LEU AA 50 41.18 37.35 -60.22
CA LEU AA 50 41.31 38.07 -61.49
C LEU AA 50 42.58 37.69 -62.24
N PHE AA 51 43.74 37.85 -61.61
CA PHE AA 51 45.02 37.66 -62.27
C PHE AA 51 45.47 36.21 -62.06
N SER AA 52 44.88 35.29 -62.82
CA SER AA 52 45.19 33.88 -62.64
C SER AA 52 44.99 33.09 -63.91
N ASN AA 53 44.99 31.77 -63.79
CA ASN AA 53 44.77 30.92 -64.95
C ASN AA 53 43.28 30.66 -65.13
N ILE AA 54 42.89 30.37 -66.36
CA ILE AA 54 41.48 30.09 -66.63
C ILE AA 54 41.25 28.59 -66.70
N ASN AA 55 42.24 27.81 -66.28
CA ASN AA 55 42.12 26.36 -66.30
C ASN AA 55 40.90 25.93 -65.50
N ASP AA 56 40.60 26.65 -64.42
CA ASP AA 56 39.41 26.34 -63.64
C ASP AA 56 38.55 27.60 -63.44
N TYR AA 57 38.05 28.12 -64.56
CA TYR AA 57 37.23 29.31 -64.56
C TYR AA 57 35.76 29.01 -64.35
N GLN AA 58 35.37 27.73 -64.37
CA GLN AA 58 33.99 27.34 -64.13
C GLN AA 58 33.66 27.13 -62.66
N SER AA 59 34.67 26.86 -61.83
CA SER AA 59 34.43 26.72 -60.40
C SER AA 59 33.94 28.04 -59.80
N ASP AA 60 34.51 29.16 -60.26
CA ASP AA 60 34.03 30.46 -59.79
C ASP AA 60 32.59 30.70 -60.24
N VAL AA 61 32.26 30.28 -61.46
CA VAL AA 61 30.88 30.40 -61.95
C VAL AA 61 29.93 29.61 -61.07
N SER AA 62 30.32 28.38 -60.73
CA SER AA 62 29.50 27.55 -59.85
C SER AA 62 29.35 28.17 -58.47
N LYS AA 63 30.43 28.71 -57.91
CA LYS AA 63 30.36 29.33 -56.60
C LYS AA 63 29.45 30.55 -56.62
N ILE AA 64 29.54 31.36 -57.68
CA ILE AA 64 28.66 32.52 -57.82
C ILE AA 64 27.21 32.08 -57.92
N GLN AA 65 26.95 31.01 -58.69
CA GLN AA 65 25.59 30.48 -58.79
C GLN AA 65 25.07 30.05 -57.43
N ILE AA 66 25.87 29.30 -56.67
CA ILE AA 66 25.43 28.83 -55.36
C ILE AA 66 25.15 30.00 -54.44
N ILE AA 67 26.02 31.02 -54.46
CA ILE AA 67 25.80 32.20 -53.62
C ILE AA 67 24.50 32.89 -54.01
N LEU AA 68 24.24 33.02 -55.32
CA LEU AA 68 23.02 33.66 -55.77
C LEU AA 68 21.77 32.91 -55.32
N GLU AA 69 21.77 31.58 -55.42
CA GLU AA 69 20.60 30.84 -54.95
C GLU AA 69 20.46 30.92 -53.43
N GLU AA 70 21.57 30.88 -52.69
CA GLU AA 70 21.49 30.90 -51.24
C GLU AA 70 20.98 32.25 -50.72
N GLU AA 71 21.53 33.35 -51.25
CA GLU AA 71 21.17 34.66 -50.72
C GLU AA 71 19.79 35.11 -51.18
N ILE AA 72 19.41 34.82 -52.42
CA ILE AA 72 18.15 35.28 -53.00
C ILE AA 72 17.32 34.04 -53.27
N THR AA 73 16.31 33.79 -52.44
CA THR AA 73 15.45 32.62 -52.59
C THR AA 73 14.20 32.89 -53.42
N GLU AA 74 13.92 34.16 -53.76
CA GLU AA 74 12.72 34.47 -54.52
C GLU AA 74 12.93 34.43 -56.03
N ALA AA 75 14.13 34.07 -56.48
CA ALA AA 75 14.44 34.00 -57.90
C ALA AA 75 15.22 32.72 -58.20
N GLN AA 76 15.15 32.31 -59.46
CA GLN AA 76 15.91 31.17 -59.96
C GLN AA 76 17.07 31.68 -60.82
N PHE AA 77 18.25 31.14 -60.57
CA PHE AA 77 19.48 31.66 -61.16
C PHE AA 77 20.19 30.58 -61.97
N ILE AA 78 20.67 30.96 -63.15
CA ILE AA 78 21.56 30.11 -63.95
C ILE AA 78 22.72 31.00 -64.41
N VAL AA 79 23.94 30.60 -64.06
CA VAL AA 79 25.11 31.41 -64.38
C VAL AA 79 25.96 30.66 -65.40
N THR AA 80 26.28 31.35 -66.49
CA THR AA 80 27.10 30.78 -67.57
C THR AA 80 28.32 31.66 -67.79
N GLY AA 81 29.45 31.03 -68.06
CA GLY AA 81 30.70 31.72 -68.30
C GLY AA 81 31.34 31.30 -69.62
N ASP AA 82 31.80 32.30 -70.38
CA ASP AA 82 32.54 32.03 -71.60
C ASP AA 82 33.78 32.90 -71.66
N LEU AA 83 34.75 32.50 -72.48
CA LEU AA 83 36.07 33.12 -72.54
C LEU AA 83 36.14 34.02 -73.78
N LYS AA 84 36.53 35.27 -73.57
CA LYS AA 84 36.76 36.20 -74.66
C LYS AA 84 38.24 36.22 -75.04
N ASN AA 85 38.61 37.19 -75.87
CA ASN AA 85 39.93 37.15 -76.51
C ASN AA 85 41.05 37.60 -75.57
N ASN AA 86 40.99 38.85 -75.09
CA ASN AA 86 42.17 39.40 -74.43
C ASN AA 86 42.29 38.91 -72.99
N GLY AA 87 41.40 39.35 -72.11
CA GLY AA 87 41.42 38.90 -70.74
C GLY AA 87 40.02 38.78 -70.17
N ILE AA 88 39.03 39.04 -71.00
CA ILE AA 88 37.65 39.15 -70.53
C ILE AA 88 37.06 37.75 -70.37
N VAL AA 89 36.48 37.50 -69.20
CA VAL AA 89 35.66 36.32 -68.95
C VAL AA 89 34.23 36.82 -68.76
N SER AA 90 33.35 36.49 -69.71
CA SER AA 90 32.00 37.02 -69.75
C SER AA 90 31.08 36.10 -68.96
N LEU AA 91 30.48 36.65 -67.90
CA LEU AA 91 29.49 35.95 -67.09
C LEU AA 91 28.10 36.47 -67.38
N THR AA 92 27.17 35.54 -67.61
CA THR AA 92 25.78 35.85 -67.89
C THR AA 92 24.93 35.20 -66.81
N VAL AA 93 24.17 36.01 -66.09
CA VAL AA 93 23.28 35.54 -65.03
C VAL AA 93 21.85 35.63 -65.53
N TYR AA 94 21.24 34.47 -65.76
CA TYR AA 94 19.85 34.38 -66.19
C TYR AA 94 19.00 34.19 -64.94
N TRP AA 95 18.13 35.16 -64.67
CA TRP AA 95 17.31 35.15 -63.47
C TRP AA 95 15.85 35.36 -63.85
N ALA AA 96 14.97 34.67 -63.13
CA ALA AA 96 13.54 34.82 -63.29
C ALA AA 96 12.91 34.98 -61.92
N TYR AA 97 11.96 35.90 -61.82
CA TYR AA 97 11.29 36.21 -60.56
C TYR AA 97 10.08 35.30 -60.44
N LEU AA 98 10.13 34.40 -59.46
CA LEU AA 98 9.14 33.33 -59.36
C LEU AA 98 7.73 33.85 -59.09
N GLY AA 99 7.60 35.03 -58.50
CA GLY AA 99 6.28 35.56 -58.20
C GLY AA 99 5.48 35.87 -59.45
N THR AA 100 6.14 36.42 -60.46
CA THR AA 100 5.47 36.79 -61.70
C THR AA 100 5.47 35.63 -62.68
N GLU AA 101 4.50 35.67 -63.61
CA GLU AA 101 4.38 34.66 -64.64
C GLU AA 101 4.88 35.12 -66.01
N ASN AA 102 5.16 36.40 -66.18
CA ASN AA 102 5.66 36.96 -67.43
C ASN AA 102 6.80 37.92 -67.14
N ILE AA 103 7.67 38.12 -68.13
CA ILE AA 103 8.80 39.02 -67.98
C ILE AA 103 8.26 40.43 -67.79
N GLU AA 104 8.85 41.18 -66.86
CA GLU AA 104 8.35 42.50 -66.47
C GLU AA 104 9.40 43.55 -66.81
N ASN AA 105 9.00 44.54 -67.60
CA ASN AA 105 9.88 45.66 -67.89
C ASN AA 105 9.83 46.68 -66.75
N PHE AA 106 10.85 47.53 -66.69
CA PHE AA 106 10.95 48.57 -65.68
C PHE AA 106 11.04 49.92 -66.37
N GLU AA 107 10.15 50.83 -65.95
CA GLU AA 107 10.10 52.16 -66.53
C GLU AA 107 11.22 53.07 -66.06
N ILE AA 108 11.93 52.70 -64.99
CA ILE AA 108 13.06 53.50 -64.54
C ILE AA 108 14.27 53.25 -65.43
N ASP AA 109 14.34 52.09 -66.08
CA ASP AA 109 15.47 51.80 -66.96
C ASP AA 109 15.49 52.74 -68.16
N THR AA 110 14.33 53.02 -68.75
CA THR AA 110 14.27 53.90 -69.90
C THR AA 110 14.53 55.35 -69.51
N SER AA 111 14.34 55.68 -68.23
CA SER AA 111 14.57 57.06 -67.79
C SER AA 111 16.05 57.40 -67.87
N ASN AA 112 16.36 58.49 -68.58
CA ASN AA 112 17.72 58.98 -68.73
C ASN AA 112 17.91 60.20 -67.85
N ILE AA 113 18.89 60.15 -66.96
CA ILE AA 113 19.16 61.24 -66.04
C ILE AA 113 19.85 62.39 -66.77
N LEU BA 5 -21.45 -66.24 4.24
CA LEU BA 5 -20.17 -66.26 4.94
C LEU BA 5 -19.70 -67.69 5.17
N ASN BA 6 -20.63 -68.56 5.56
CA ASN BA 6 -20.32 -69.97 5.83
C ASN BA 6 -20.40 -70.75 4.52
N ALA BA 7 -19.42 -70.49 3.65
CA ALA BA 7 -19.38 -71.15 2.36
C ALA BA 7 -18.24 -72.17 2.33
N PRO BA 8 -18.44 -73.30 1.66
CA PRO BA 8 -17.36 -74.29 1.56
C PRO BA 8 -16.15 -73.72 0.85
N GLN BA 9 -14.97 -74.17 1.25
CA GLN BA 9 -13.71 -73.70 0.70
C GLN BA 9 -13.24 -74.67 -0.37
N LEU BA 10 -13.06 -74.17 -1.60
CA LEU BA 10 -12.78 -75.06 -2.71
C LEU BA 10 -11.41 -75.71 -2.61
N VAL BA 11 -10.36 -74.92 -2.37
CA VAL BA 11 -9.01 -75.45 -2.30
C VAL BA 11 -8.32 -74.89 -1.07
N VAL BA 12 -7.28 -75.60 -0.63
CA VAL BA 12 -6.47 -75.12 0.49
C VAL BA 12 -5.73 -73.87 0.06
N ASP BA 13 -5.81 -72.82 0.88
CA ASP BA 13 -5.22 -71.53 0.58
C ASP BA 13 -4.49 -71.05 1.83
N ASP BA 14 -3.18 -71.32 1.89
CA ASP BA 14 -2.36 -70.91 3.02
C ASP BA 14 -0.91 -70.93 2.59
N TYR BA 15 -0.18 -69.87 2.92
CA TYR BA 15 1.19 -69.71 2.44
C TYR BA 15 2.09 -70.84 2.92
N GLU BA 16 2.23 -70.99 4.24
CA GLU BA 16 3.13 -72.00 4.79
C GLU BA 16 2.70 -73.40 4.39
N GLN BA 17 1.40 -73.67 4.43
CA GLN BA 17 0.90 -74.97 4.04
C GLN BA 17 1.19 -75.25 2.56
N LEU BA 18 1.03 -74.24 1.71
CA LEU BA 18 1.36 -74.40 0.30
C LEU BA 18 2.83 -74.74 0.12
N ILE BA 19 3.71 -74.05 0.85
CA ILE BA 19 5.14 -74.34 0.72
C ILE BA 19 5.44 -75.78 1.14
N ILE BA 20 4.92 -76.19 2.29
CA ILE BA 20 5.22 -77.53 2.81
C ILE BA 20 4.68 -78.59 1.86
N ASP BA 21 3.44 -78.43 1.42
CA ASP BA 21 2.83 -79.41 0.54
C ASP BA 21 3.52 -79.45 -0.82
N SER BA 22 3.96 -78.29 -1.32
CA SER BA 22 4.67 -78.28 -2.59
C SER BA 22 5.98 -79.04 -2.50
N LEU BA 23 6.73 -78.84 -1.41
CA LEU BA 23 7.97 -79.59 -1.24
C LEU BA 23 7.70 -81.09 -1.14
N VAL BA 24 6.68 -81.48 -0.35
CA VAL BA 24 6.41 -82.91 -0.18
C VAL BA 24 5.96 -83.54 -1.49
N HIS BA 25 5.13 -82.83 -2.26
CA HIS BA 25 4.68 -83.38 -3.53
C HIS BA 25 5.79 -83.40 -4.57
N THR BA 26 6.73 -82.47 -4.51
CA THR BA 26 7.90 -82.56 -5.37
C THR BA 26 8.72 -83.80 -5.03
N ASN BA 27 8.83 -84.12 -3.74
CA ASN BA 27 9.45 -85.38 -3.35
C ASN BA 27 8.68 -86.57 -3.91
N VAL BA 28 7.35 -86.51 -3.87
CA VAL BA 28 6.53 -87.65 -4.26
C VAL BA 28 6.58 -87.88 -5.77
N VAL BA 29 6.58 -86.80 -6.56
CA VAL BA 29 6.52 -86.93 -8.01
C VAL BA 29 7.73 -87.69 -8.53
N SER BA 30 8.92 -87.29 -8.12
CA SER BA 30 10.11 -88.08 -8.33
C SER BA 30 10.08 -89.25 -7.36
N ASN BA 31 10.77 -90.34 -7.69
CA ASN BA 31 10.82 -91.47 -6.78
C ASN BA 31 11.88 -91.19 -5.72
N GLY BA 32 11.60 -90.19 -4.89
CA GLY BA 32 12.53 -89.80 -3.83
C GLY BA 32 13.82 -89.20 -4.34
N GLU BA 33 13.85 -88.77 -5.60
CA GLU BA 33 15.04 -88.13 -6.15
C GLU BA 33 15.27 -86.72 -5.62
N PHE BA 34 14.24 -86.08 -5.10
CA PHE BA 34 14.32 -84.74 -4.51
C PHE BA 34 14.01 -84.90 -3.02
N THR BA 35 15.01 -84.70 -2.17
CA THR BA 35 14.85 -84.96 -0.75
C THR BA 35 14.92 -83.71 0.11
N ASP BA 36 15.06 -82.52 -0.48
CA ASP BA 36 15.15 -81.29 0.29
C ASP BA 36 13.75 -80.88 0.70
N LEU BA 37 13.21 -81.56 1.71
CA LEU BA 37 11.87 -81.31 2.20
C LEU BA 37 11.82 -80.26 3.30
N ASP BA 38 12.97 -79.71 3.69
CA ASP BA 38 13.00 -78.73 4.76
C ASP BA 38 12.23 -77.49 4.32
N ALA BA 39 11.10 -77.23 4.98
CA ALA BA 39 10.25 -76.13 4.58
C ALA BA 39 10.91 -74.77 4.79
N SER BA 40 12.02 -74.73 5.53
CA SER BA 40 12.80 -73.50 5.69
C SER BA 40 14.22 -73.68 5.19
N GLY BA 41 14.46 -74.64 4.30
CA GLY BA 41 15.78 -74.93 3.80
C GLY BA 41 16.15 -74.10 2.58
N PHE BA 42 17.00 -74.66 1.74
CA PHE BA 42 17.48 -73.95 0.56
C PHE BA 42 16.45 -73.86 -0.55
N MET BA 43 15.44 -74.71 -0.54
CA MET BA 43 14.35 -74.62 -1.50
C MET BA 43 13.26 -73.67 -1.05
N ARG BA 44 13.42 -73.06 0.13
CA ARG BA 44 12.46 -72.07 0.59
C ARG BA 44 12.28 -70.90 -0.36
N PRO BA 45 13.31 -70.32 -0.97
CA PRO BA 45 13.06 -69.22 -1.92
C PRO BA 45 12.15 -69.61 -3.09
N PHE BA 46 12.45 -70.73 -3.75
CA PHE BA 46 11.63 -71.13 -4.91
C PHE BA 46 10.20 -71.44 -4.47
N ALA BA 47 10.05 -72.27 -3.45
CA ALA BA 47 8.72 -72.67 -3.00
C ALA BA 47 7.93 -71.48 -2.49
N GLY BA 48 8.59 -70.56 -1.78
CA GLY BA 48 7.91 -69.37 -1.30
C GLY BA 48 7.50 -68.43 -2.43
N THR BA 49 8.35 -68.30 -3.44
CA THR BA 49 7.98 -67.49 -4.60
C THR BA 49 6.75 -68.06 -5.28
N MET BA 50 6.73 -69.38 -5.48
CA MET BA 50 5.54 -69.99 -6.09
C MET BA 50 4.32 -69.87 -5.19
N ALA BA 51 4.51 -70.03 -3.88
CA ALA BA 51 3.39 -70.05 -2.96
C ALA BA 51 2.80 -68.67 -2.75
N TYR BA 52 3.59 -67.61 -2.89
CA TYR BA 52 3.03 -66.27 -2.80
C TYR BA 52 1.97 -66.06 -3.87
N ALA BA 53 2.33 -66.32 -5.14
CA ALA BA 53 1.37 -66.20 -6.22
C ALA BA 53 0.24 -67.20 -6.05
N GLY BA 54 0.56 -68.43 -5.64
CA GLY BA 54 -0.47 -69.43 -5.46
C GLY BA 54 -1.53 -69.01 -4.46
N SER BA 55 -1.09 -68.46 -3.32
CA SER BA 55 -2.04 -68.03 -2.32
C SER BA 55 -2.81 -66.81 -2.78
N GLU BA 56 -2.14 -65.83 -3.40
CA GLU BA 56 -2.86 -64.65 -3.86
C GLU BA 56 -3.84 -64.96 -4.99
N LEU BA 57 -3.69 -66.10 -5.66
CA LEU BA 57 -4.66 -66.49 -6.67
C LEU BA 57 -5.77 -67.36 -6.09
N LEU BA 58 -5.42 -68.34 -5.25
CA LEU BA 58 -6.43 -69.21 -4.65
C LEU BA 58 -7.31 -68.49 -3.66
N TYR BA 59 -6.81 -67.42 -3.03
CA TYR BA 59 -7.64 -66.65 -2.10
C TYR BA 59 -8.83 -66.03 -2.83
N LYS BA 60 -8.60 -65.52 -4.04
CA LYS BA 60 -9.70 -65.03 -4.86
C LYS BA 60 -10.51 -66.16 -5.50
N ALA BA 61 -9.86 -67.27 -5.84
CA ALA BA 61 -10.62 -68.39 -6.39
C ALA BA 61 -11.61 -68.96 -5.37
N ASN BA 62 -11.30 -68.85 -4.08
CA ASN BA 62 -12.19 -69.34 -3.04
C ASN BA 62 -13.40 -68.44 -2.81
N LEU BA 63 -13.43 -67.25 -3.41
CA LEU BA 63 -14.50 -66.30 -3.17
C LEU BA 63 -15.63 -66.38 -4.20
N ALA BA 64 -15.59 -67.35 -5.10
CA ALA BA 64 -16.54 -67.36 -6.22
C ALA BA 64 -17.98 -67.52 -5.74
N SER BA 65 -18.24 -68.51 -4.89
CA SER BA 65 -19.61 -68.78 -4.47
C SER BA 65 -20.16 -67.65 -3.61
N ILE BA 66 -19.35 -67.14 -2.70
CA ILE BA 66 -19.82 -66.06 -1.83
C ILE BA 66 -20.04 -64.79 -2.66
N ALA BA 67 -19.22 -64.59 -3.71
CA ALA BA 67 -19.46 -63.46 -4.61
C ALA BA 67 -20.77 -63.62 -5.35
N ALA BA 68 -21.09 -64.84 -5.79
CA ALA BA 68 -22.36 -65.07 -6.47
C ALA BA 68 -23.53 -64.80 -5.53
N ALA BA 69 -23.45 -65.30 -4.29
CA ALA BA 69 -24.53 -65.08 -3.34
C ALA BA 69 -24.69 -63.60 -3.01
N LYS BA 70 -23.58 -62.89 -2.84
CA LYS BA 70 -23.65 -61.47 -2.56
C LYS BA 70 -24.24 -60.71 -3.75
N SER BA 71 -23.87 -61.08 -4.97
CA SER BA 71 -24.44 -60.44 -6.14
C SER BA 71 -25.94 -60.67 -6.22
N PHE BA 72 -26.39 -61.88 -5.91
CA PHE BA 72 -27.82 -62.13 -5.88
C PHE BA 72 -28.51 -61.26 -4.84
N PHE BA 73 -27.96 -61.21 -3.64
CA PHE BA 73 -28.58 -60.43 -2.58
C PHE BA 73 -28.53 -58.93 -2.83
N LYS BA 74 -27.62 -58.47 -3.67
CA LYS BA 74 -27.45 -57.04 -3.94
C LYS BA 74 -28.25 -56.56 -5.14
N ASN BA 75 -28.15 -57.26 -6.27
CA ASN BA 75 -28.74 -56.74 -7.50
C ASN BA 75 -30.25 -56.94 -7.54
N VAL BA 76 -30.71 -58.18 -7.44
CA VAL BA 76 -32.12 -58.45 -7.72
C VAL BA 76 -33.01 -57.93 -6.60
N LEU BA 77 -32.49 -57.85 -5.38
CA LEU BA 77 -33.21 -57.21 -4.27
C LEU BA 77 -32.23 -56.27 -3.57
N GLY BA 78 -32.20 -55.02 -4.01
CA GLY BA 78 -31.26 -54.07 -3.45
C GLY BA 78 -31.54 -54.04 -1.96
N VAL BA 79 -30.51 -54.26 -1.16
CA VAL BA 79 -30.64 -54.24 0.29
C VAL BA 79 -29.62 -53.20 0.71
N PRO BA 80 -30.01 -52.18 1.46
CA PRO BA 80 -29.03 -51.19 1.91
C PRO BA 80 -28.01 -51.82 2.84
N GLU BA 81 -26.78 -51.32 2.79
CA GLU BA 81 -25.70 -51.82 3.63
C GLU BA 81 -25.74 -51.03 4.94
N ASP BA 82 -26.40 -51.60 5.94
CA ASP BA 82 -26.60 -50.90 7.19
C ASP BA 82 -25.27 -50.60 7.87
N THR BA 83 -25.13 -49.36 8.34
CA THR BA 83 -23.92 -48.91 8.99
C THR BA 83 -24.05 -48.75 10.50
N GLY BA 84 -25.24 -48.42 10.97
CA GLY BA 84 -25.45 -48.20 12.39
C GLY BA 84 -26.64 -47.30 12.61
N THR BA 85 -26.86 -46.97 13.87
CA THR BA 85 -27.91 -46.05 14.26
C THR BA 85 -27.40 -45.14 15.36
N LYS BA 86 -27.74 -43.85 15.26
CA LYS BA 86 -27.34 -42.87 16.24
C LYS BA 86 -28.45 -42.69 17.27
N ALA BA 87 -28.05 -42.57 18.54
CA ALA BA 87 -29.01 -42.40 19.61
C ALA BA 87 -29.67 -41.03 19.51
N THR BA 88 -30.95 -40.97 19.91
CA THR BA 88 -31.71 -39.74 19.91
C THR BA 88 -32.34 -39.52 21.27
N THR BA 89 -32.44 -38.25 21.67
CA THR BA 89 -33.05 -37.87 22.93
C THR BA 89 -33.83 -36.58 22.73
N THR BA 90 -34.51 -36.14 23.78
CA THR BA 90 -35.27 -34.90 23.77
C THR BA 90 -34.68 -33.97 24.81
N LEU BA 91 -34.05 -32.89 24.37
CA LEU BA 91 -33.46 -31.91 25.26
C LEU BA 91 -34.47 -30.82 25.57
N GLN BA 92 -34.49 -30.42 26.84
CA GLN BA 92 -35.24 -29.26 27.31
C GLN BA 92 -34.25 -28.17 27.69
N PHE BA 93 -34.44 -26.99 27.12
CA PHE BA 93 -33.65 -25.80 27.42
C PHE BA 93 -34.49 -24.88 28.28
N GLY BA 94 -33.88 -24.36 29.35
CA GLY BA 94 -34.57 -23.44 30.23
C GLY BA 94 -33.84 -22.12 30.37
N LEU BA 95 -34.58 -21.03 30.22
CA LEU BA 95 -34.03 -19.68 30.23
C LEU BA 95 -33.90 -19.14 31.65
N SER BA 96 -33.01 -18.17 31.81
CA SER BA 96 -32.76 -17.58 33.12
C SER BA 96 -33.87 -16.60 33.52
N ALA BA 97 -34.47 -15.92 32.56
CA ALA BA 97 -35.48 -14.92 32.86
C ALA BA 97 -36.46 -14.83 31.72
N SER BA 98 -37.63 -14.26 32.00
CA SER BA 98 -38.67 -14.08 31.00
C SER BA 98 -38.29 -12.94 30.06
N LEU BA 99 -38.09 -13.26 28.79
CA LEU BA 99 -37.61 -12.26 27.84
C LEU BA 99 -38.77 -11.57 27.15
N SER BA 100 -38.51 -10.37 26.65
CA SER BA 100 -39.53 -9.64 25.91
C SER BA 100 -39.41 -9.97 24.44
N THR BA 101 -38.40 -10.79 24.09
CA THR BA 101 -38.19 -11.19 22.69
C THR BA 101 -38.06 -12.71 22.59
N ASP BA 102 -38.33 -13.28 21.42
CA ASP BA 102 -38.30 -14.74 21.29
C ASP BA 102 -36.92 -15.36 21.15
N PHE BA 103 -36.50 -16.12 22.16
CA PHE BA 103 -35.18 -16.73 22.16
C PHE BA 103 -34.98 -17.82 21.11
N ILE BA 104 -33.79 -17.85 20.50
CA ILE BA 104 -33.48 -18.88 19.51
C ILE BA 104 -32.27 -19.75 19.81
N VAL BA 105 -32.47 -21.05 19.99
CA VAL BA 105 -31.36 -21.98 20.17
C VAL BA 105 -31.01 -22.54 18.79
N PRO BA 106 -29.82 -22.31 18.27
CA PRO BA 106 -29.54 -22.63 16.87
C PRO BA 106 -29.48 -24.12 16.63
N ILE BA 107 -29.51 -24.48 15.34
CA ILE BA 107 -29.37 -25.87 14.95
C ILE BA 107 -27.96 -26.34 15.31
N ASN BA 108 -27.83 -27.66 15.52
CA ASN BA 108 -26.56 -28.29 15.83
C ASN BA 108 -25.95 -27.72 17.12
N PHE BA 109 -26.78 -27.51 18.12
CA PHE BA 109 -26.30 -27.06 19.42
C PHE BA 109 -25.77 -28.26 20.20
N GLN BA 110 -24.52 -28.15 20.66
CA GLN BA 110 -23.82 -29.26 21.26
C GLN BA 110 -24.02 -29.31 22.77
N VAL BA 111 -24.47 -30.45 23.26
CA VAL BA 111 -24.59 -30.73 24.68
C VAL BA 111 -23.81 -32.00 24.98
N SER BA 112 -23.45 -32.19 26.24
CA SER BA 112 -22.62 -33.33 26.60
C SER BA 112 -22.94 -33.78 28.01
N ASP BA 113 -22.33 -34.90 28.41
CA ASP BA 113 -22.48 -35.41 29.76
C ASP BA 113 -21.42 -34.80 30.66
N LEU BA 114 -21.41 -35.24 31.93
CA LEU BA 114 -20.47 -34.68 32.90
C LEU BA 114 -19.03 -34.99 32.49
N SER BA 115 -18.76 -36.20 32.02
CA SER BA 115 -17.40 -36.56 31.62
C SER BA 115 -16.95 -35.85 30.36
N GLY BA 116 -17.88 -35.37 29.54
CA GLY BA 116 -17.53 -34.65 28.34
C GLY BA 116 -17.18 -35.53 27.15
N THR BA 117 -17.45 -36.83 27.22
CA THR BA 117 -17.08 -37.74 26.13
C THR BA 117 -18.25 -38.06 25.21
N LEU BA 118 -19.48 -37.94 25.68
CA LEU BA 118 -20.65 -38.19 24.84
C LEU BA 118 -21.28 -36.85 24.47
N ARG BA 119 -21.47 -36.63 23.18
CA ARG BA 119 -21.91 -35.33 22.68
C ARG BA 119 -23.14 -35.51 21.80
N PHE BA 120 -24.15 -34.69 22.03
CA PHE BA 120 -25.37 -34.69 21.23
C PHE BA 120 -25.55 -33.33 20.57
N TYR BA 121 -26.21 -33.32 19.43
CA TYR BA 121 -26.45 -32.11 18.65
C TYR BA 121 -27.92 -31.96 18.35
N THR BA 122 -28.43 -30.74 18.49
CA THR BA 122 -29.84 -30.50 18.23
C THR BA 122 -30.19 -30.74 16.76
N ILE BA 123 -31.40 -31.25 16.52
CA ILE BA 123 -31.83 -31.56 15.16
C ILE BA 123 -32.06 -30.28 14.36
N GLY BA 124 -32.76 -29.31 14.95
CA GLY BA 124 -33.11 -28.09 14.26
C GLY BA 124 -33.11 -26.91 15.20
N ASN BA 125 -33.57 -25.78 14.66
CA ASN BA 125 -33.64 -24.56 15.46
C ASN BA 125 -34.80 -24.63 16.43
N LEU BA 126 -34.56 -24.21 17.67
CA LEU BA 126 -35.59 -24.16 18.70
C LEU BA 126 -35.96 -22.70 18.92
N VAL BA 127 -37.25 -22.39 18.81
CA VAL BA 127 -37.75 -21.05 19.03
C VAL BA 127 -38.61 -21.06 20.28
N ILE BA 128 -38.10 -20.47 21.36
CA ILE BA 128 -38.84 -20.30 22.60
C ILE BA 128 -39.55 -18.96 22.53
N PRO BA 129 -40.88 -18.92 22.45
CA PRO BA 129 -41.58 -17.64 22.29
C PRO BA 129 -41.39 -16.74 23.50
N ALA BA 130 -41.44 -15.44 23.24
CA ALA BA 130 -41.23 -14.45 24.29
C ALA BA 130 -42.24 -14.64 25.42
N GLY BA 131 -41.74 -14.68 26.65
CA GLY BA 131 -42.54 -14.94 27.82
C GLY BA 131 -42.45 -16.36 28.33
N ALA BA 132 -42.01 -17.30 27.48
CA ALA BA 132 -41.81 -18.67 27.94
C ALA BA 132 -40.46 -18.81 28.61
N THR BA 133 -40.29 -19.92 29.34
CA THR BA 133 -39.05 -20.18 30.05
C THR BA 133 -38.38 -21.49 29.68
N PHE BA 134 -39.09 -22.41 29.03
CA PHE BA 134 -38.48 -23.66 28.61
C PHE BA 134 -38.97 -24.02 27.22
N GLY BA 135 -38.17 -24.84 26.54
CA GLY BA 135 -38.54 -25.35 25.24
C GLY BA 135 -37.82 -26.65 24.92
N THR BA 136 -38.49 -27.58 24.25
CA THR BA 136 -37.92 -28.88 23.98
C THR BA 136 -37.64 -29.06 22.49
N ILE BA 137 -36.60 -29.84 22.20
CA ILE BA 137 -36.25 -30.18 20.82
C ILE BA 137 -35.45 -31.46 20.83
N GLU BA 138 -35.47 -32.18 19.73
CA GLU BA 138 -34.79 -33.46 19.64
C GLU BA 138 -33.31 -33.26 19.34
N ALA BA 139 -32.49 -34.15 19.88
CA ALA BA 139 -31.06 -34.16 19.64
C ALA BA 139 -30.61 -35.55 19.25
N ILE BA 140 -29.56 -35.61 18.43
CA ILE BA 140 -29.03 -36.87 17.92
C ILE BA 140 -27.59 -36.99 18.39
N ALA BA 141 -27.15 -38.22 18.63
CA ALA BA 141 -25.81 -38.46 19.12
C ALA BA 141 -24.78 -38.10 18.06
N GLU BA 142 -23.56 -37.83 18.52
CA GLU BA 142 -22.49 -37.48 17.60
C GLU BA 142 -22.13 -38.64 16.69
N ASP BA 143 -22.14 -39.86 17.23
CA ASP BA 143 -21.70 -41.03 16.49
C ASP BA 143 -22.56 -42.23 16.87
N ILE BA 144 -22.51 -43.25 16.03
CA ILE BA 144 -23.25 -44.50 16.25
C ILE BA 144 -22.70 -45.20 17.48
N GLY BA 145 -23.44 -46.19 17.98
CA GLY BA 145 -22.96 -47.00 19.08
C GLY BA 145 -23.91 -47.08 20.25
N GLU BA 146 -23.80 -48.16 21.01
CA GLU BA 146 -24.62 -48.37 22.19
C GLU BA 146 -24.14 -47.58 23.40
N LYS BA 147 -22.98 -46.93 23.31
CA LYS BA 147 -22.47 -46.15 24.42
C LYS BA 147 -23.20 -44.83 24.60
N TYR BA 148 -23.99 -44.42 23.62
CA TYR BA 148 -24.76 -43.18 23.70
C TYR BA 148 -26.14 -43.39 24.29
N ASN BA 149 -26.49 -44.61 24.67
CA ASN BA 149 -27.78 -44.90 25.27
C ASN BA 149 -27.72 -44.55 26.76
N VAL BA 150 -27.86 -43.27 27.04
CA VAL BA 150 -27.69 -42.76 28.39
C VAL BA 150 -29.06 -42.59 29.04
N SER BA 151 -29.06 -42.38 30.35
CA SER BA 151 -30.29 -42.25 31.10
C SER BA 151 -30.83 -40.83 31.04
N ALA BA 152 -31.93 -40.58 31.73
CA ALA BA 152 -32.50 -39.25 31.76
C ALA BA 152 -31.60 -38.34 32.57
N ASN BA 153 -31.73 -37.03 32.37
CA ASN BA 153 -30.88 -36.04 33.08
C ASN BA 153 -29.42 -36.40 33.19
N PHE BA 154 -28.81 -36.77 32.08
CA PHE BA 154 -27.40 -37.12 32.07
C PHE BA 154 -26.69 -36.09 31.22
N ILE BA 155 -27.28 -35.78 30.07
CA ILE BA 155 -26.70 -34.82 29.16
C ILE BA 155 -27.12 -33.41 29.55
N ASP BA 156 -26.28 -32.71 30.32
CA ASP BA 156 -26.61 -31.35 30.73
C ASP BA 156 -25.48 -30.36 30.59
N GLN BA 157 -24.30 -30.76 30.11
CA GLN BA 157 -23.18 -29.84 29.98
C GLN BA 157 -23.12 -29.30 28.56
N TYR BA 158 -23.04 -27.99 28.44
CA TYR BA 158 -22.92 -27.35 27.13
C TYR BA 158 -21.78 -26.34 27.19
N SER BA 159 -21.06 -26.22 26.08
CA SER BA 159 -19.86 -25.38 26.05
C SER BA 159 -20.16 -23.96 25.61
N THR BA 160 -20.79 -23.81 24.45
CA THR BA 160 -21.09 -22.48 23.94
C THR BA 160 -22.18 -21.84 24.79
N PRO BA 161 -21.93 -20.70 25.41
CA PRO BA 161 -22.97 -20.07 26.24
C PRO BA 161 -23.90 -19.19 25.42
N LEU BA 162 -25.18 -19.31 25.67
CA LEU BA 162 -26.18 -18.43 25.08
C LEU BA 162 -26.67 -17.45 26.13
N THR BA 163 -27.12 -16.29 25.66
CA THR BA 163 -27.61 -15.27 26.58
C THR BA 163 -28.87 -15.78 27.28
N TYR BA 164 -28.90 -15.66 28.60
CA TYR BA 164 -30.04 -16.01 29.44
C TYR BA 164 -30.40 -17.48 29.41
N LEU BA 165 -29.64 -18.32 28.70
CA LEU BA 165 -29.86 -19.76 28.77
C LEU BA 165 -29.37 -20.28 30.11
N GLN BA 166 -30.31 -20.72 30.96
CA GLN BA 166 -29.95 -21.15 32.30
C GLN BA 166 -29.50 -22.61 32.33
N TYR BA 167 -30.26 -23.51 31.74
CA TYR BA 167 -29.92 -24.93 31.81
C TYR BA 167 -30.37 -25.63 30.55
N VAL BA 168 -29.89 -26.87 30.39
CA VAL BA 168 -30.39 -27.79 29.39
C VAL BA 168 -30.20 -29.20 29.92
N THR BA 169 -31.15 -30.08 29.65
CA THR BA 169 -31.08 -31.46 30.08
C THR BA 169 -31.79 -32.33 29.05
N ASN BA 170 -31.76 -33.64 29.23
CA ASN BA 170 -32.52 -34.55 28.38
C ASN BA 170 -33.66 -35.15 29.18
N ILE BA 171 -34.87 -34.96 28.70
CA ILE BA 171 -36.07 -35.45 29.39
C ILE BA 171 -36.27 -36.94 29.21
N ARG BA 172 -35.78 -37.51 28.11
CA ARG BA 172 -35.89 -38.93 27.83
C ARG BA 172 -34.52 -39.56 27.87
N PRO BA 173 -34.41 -40.83 28.25
CA PRO BA 173 -33.15 -41.55 28.08
C PRO BA 173 -32.90 -41.83 26.59
N ALA BA 174 -31.73 -41.45 26.11
CA ALA BA 174 -31.39 -41.66 24.71
C ALA BA 174 -31.38 -43.16 24.39
N THR BA 175 -31.95 -43.53 23.25
CA THR BA 175 -32.15 -44.92 22.90
C THR BA 175 -31.79 -45.15 21.44
N ASN BA 176 -31.88 -46.41 21.01
CA ASN BA 176 -31.63 -46.84 19.64
C ASN BA 176 -30.19 -46.57 19.21
N GLY BA 177 -29.25 -46.57 20.14
CA GLY BA 177 -27.86 -46.53 19.76
C GLY BA 177 -27.39 -47.90 19.30
N ARG BA 178 -27.00 -48.01 18.04
CA ARG BA 178 -26.60 -49.28 17.47
C ARG BA 178 -25.29 -49.12 16.72
N SER BA 179 -24.33 -50.01 16.98
CA SER BA 179 -23.04 -49.94 16.30
C SER BA 179 -23.08 -50.56 14.91
N GLY BA 180 -24.13 -51.26 14.57
CA GLY BA 180 -24.24 -51.95 13.31
C GLY BA 180 -24.95 -53.28 13.49
N GLU BA 181 -24.95 -54.07 12.43
CA GLU BA 181 -25.55 -55.39 12.48
C GLU BA 181 -24.55 -56.43 12.00
N THR BA 182 -24.65 -57.63 12.59
CA THR BA 182 -23.78 -58.74 12.22
C THR BA 182 -24.24 -59.34 10.90
N ILE BA 183 -23.50 -60.36 10.45
CA ILE BA 183 -23.81 -61.00 9.18
C ILE BA 183 -25.15 -61.75 9.28
N ASP BA 184 -25.45 -62.34 10.44
CA ASP BA 184 -26.69 -63.09 10.57
C ASP BA 184 -27.90 -62.16 10.57
N ASN BA 185 -27.78 -60.98 11.17
CA ASN BA 185 -28.87 -60.02 11.15
C ASN BA 185 -29.14 -59.53 9.73
N LEU BA 186 -28.07 -59.26 8.96
CA LEU BA 186 -28.25 -58.86 7.57
C LEU BA 186 -28.86 -59.99 6.75
N ILE BA 187 -28.46 -61.23 7.04
CA ILE BA 187 -29.04 -62.38 6.35
C ILE BA 187 -30.53 -62.48 6.65
N GLU BA 188 -30.91 -62.29 7.90
CA GLU BA 188 -32.32 -62.33 8.28
C GLU BA 188 -33.09 -61.20 7.61
N ARG BA 189 -32.49 -60.02 7.53
CA ARG BA 189 -33.15 -58.91 6.84
C ARG BA 189 -33.36 -59.23 5.36
N CYS BA 190 -32.37 -59.85 4.73
CA CYS BA 190 -32.53 -60.25 3.32
C CYS BA 190 -33.60 -61.32 3.17
N ALA BA 191 -33.64 -62.30 4.09
CA ALA BA 191 -34.56 -63.41 3.95
C ALA BA 191 -36.00 -62.98 4.19
N GLN BA 192 -36.22 -62.02 5.09
CA GLN BA 192 -37.58 -61.57 5.33
C GLN BA 192 -38.16 -60.93 4.08
N ILE BA 193 -37.34 -60.24 3.29
CA ILE BA 193 -37.82 -59.70 2.02
C ILE BA 193 -38.21 -60.83 1.08
N ILE BA 194 -37.48 -61.94 1.13
CA ILE BA 194 -37.81 -63.09 0.29
C ILE BA 194 -39.15 -63.69 0.69
N ARG BA 195 -39.43 -63.75 2.00
CA ARG BA 195 -40.70 -64.32 2.47
C ARG BA 195 -41.43 -63.38 3.44
N ILE BA 196 -42.14 -62.38 2.89
CA ILE BA 196 -43.15 -61.66 3.66
C ILE BA 196 -44.45 -61.45 2.91
N ARG BA 197 -44.57 -61.88 1.66
CA ARG BA 197 -45.78 -61.64 0.90
C ARG BA 197 -46.98 -62.20 1.62
N ASN BA 198 -48.05 -61.40 1.72
CA ASN BA 198 -49.28 -61.81 2.38
C ASN BA 198 -49.02 -62.32 3.79
N PRO BA 199 -48.79 -61.44 4.76
CA PRO BA 199 -48.45 -61.90 6.11
C PRO BA 199 -49.44 -62.90 6.68
N VAL BA 200 -48.98 -64.14 6.82
CA VAL BA 200 -49.74 -65.20 7.49
C VAL BA 200 -48.77 -65.95 8.39
N SER BA 201 -49.26 -66.43 9.53
CA SER BA 201 -48.46 -67.22 10.46
C SER BA 201 -47.25 -66.44 10.95
N ALA BA 202 -47.55 -65.37 11.67
CA ALA BA 202 -46.56 -64.57 12.40
C ALA BA 202 -45.49 -63.97 11.50
N LEU BA 203 -45.83 -63.59 10.26
CA LEU BA 203 -45.06 -62.57 9.58
C LEU BA 203 -45.49 -61.18 9.99
N ASP BA 204 -46.63 -61.05 10.65
CA ASP BA 204 -46.94 -59.83 11.38
C ASP BA 204 -45.88 -59.56 12.44
N PHE BA 205 -45.28 -60.63 12.97
CA PHE BA 205 -44.12 -60.48 13.83
C PHE BA 205 -43.06 -59.62 13.17
N GLU BA 206 -42.80 -59.88 11.89
CA GLU BA 206 -41.70 -59.29 11.15
C GLU BA 206 -42.05 -57.98 10.44
N GLN BA 207 -43.33 -57.72 10.18
CA GLN BA 207 -43.72 -56.55 9.41
C GLN BA 207 -43.71 -55.27 10.23
N LEU BA 208 -43.68 -55.36 11.54
CA LEU BA 208 -43.77 -54.16 12.37
C LEU BA 208 -42.58 -54.00 13.29
N ALA BA 209 -41.99 -55.10 13.77
CA ALA BA 209 -40.89 -55.01 14.72
C ALA BA 209 -39.73 -54.20 14.16
N GLU BA 210 -39.48 -54.30 12.86
CA GLU BA 210 -38.43 -53.52 12.23
C GLU BA 210 -38.92 -52.70 11.04
N LEU BA 211 -40.21 -52.76 10.71
CA LEU BA 211 -40.77 -52.02 9.58
C LEU BA 211 -41.99 -51.25 10.02
N THR BA 212 -42.23 -50.12 9.36
CA THR BA 212 -43.45 -49.32 9.50
C THR BA 212 -43.65 -48.81 10.92
N MET BA 213 -42.72 -49.10 11.81
CA MET BA 213 -42.77 -48.60 13.19
C MET BA 213 -41.42 -48.13 13.70
N GLY BA 214 -40.35 -48.34 12.95
CA GLY BA 214 -39.03 -47.91 13.36
C GLY BA 214 -38.11 -49.08 13.62
N GLU BA 215 -36.85 -48.75 13.88
CA GLU BA 215 -35.85 -49.75 14.22
C GLU BA 215 -35.57 -49.65 15.72
N GLY BA 216 -35.72 -50.77 16.42
CA GLY BA 216 -35.67 -50.78 17.86
C GLY BA 216 -37.00 -51.04 18.55
N SER BA 217 -38.01 -51.45 17.81
CA SER BA 217 -39.32 -51.77 18.35
C SER BA 217 -39.53 -53.28 18.34
N ARG BA 218 -40.69 -53.71 18.84
CA ARG BA 218 -40.98 -55.14 18.95
C ARG BA 218 -42.46 -55.39 18.72
N CYS BA 219 -42.76 -56.53 18.12
CA CYS BA 219 -44.14 -56.95 17.92
C CYS BA 219 -44.30 -58.40 18.35
N LYS BA 220 -45.54 -58.77 18.63
CA LYS BA 220 -45.88 -60.13 19.03
C LYS BA 220 -47.27 -60.44 18.48
N ALA BA 221 -47.35 -61.39 17.56
CA ALA BA 221 -48.60 -61.76 16.90
C ALA BA 221 -49.13 -63.04 17.51
N ILE BA 222 -50.38 -62.99 17.97
CA ILE BA 222 -51.04 -64.15 18.56
C ILE BA 222 -52.35 -64.37 17.83
N GLY BA 223 -52.53 -65.58 17.31
CA GLY BA 223 -53.77 -65.89 16.63
C GLY BA 223 -54.88 -66.26 17.59
N LEU BA 224 -56.11 -65.97 17.17
CA LEU BA 224 -57.31 -66.46 17.84
C LEU BA 224 -57.41 -65.92 19.26
N LEU BA 225 -56.87 -64.73 19.47
CA LEU BA 225 -56.89 -64.10 20.79
C LEU BA 225 -57.84 -62.91 20.75
N GLY BA 226 -58.92 -62.99 21.51
CA GLY BA 226 -59.97 -61.99 21.46
C GLY BA 226 -59.61 -60.74 22.24
N ILE BA 227 -60.63 -59.90 22.44
CA ILE BA 227 -60.44 -58.67 23.19
C ILE BA 227 -60.22 -58.97 24.67
N ASN BA 228 -60.64 -60.13 25.14
CA ASN BA 228 -60.44 -60.50 26.55
C ASN BA 228 -59.01 -60.93 26.84
N LYS BA 229 -58.21 -61.19 25.81
CA LYS BA 229 -56.84 -61.66 25.97
C LYS BA 229 -56.77 -62.94 26.79
N ILE BA 230 -57.72 -63.85 26.57
CA ILE BA 230 -57.76 -65.14 27.26
C ILE BA 230 -57.52 -66.23 26.24
N VAL BA 231 -56.51 -67.07 26.50
CA VAL BA 231 -56.11 -68.09 25.53
C VAL BA 231 -57.19 -69.15 25.38
N THR BA 232 -57.82 -69.55 26.50
CA THR BA 232 -58.78 -70.64 26.48
C THR BA 232 -60.06 -70.30 25.73
N ASP BA 233 -60.18 -69.09 25.18
CA ASP BA 233 -61.35 -68.72 24.40
C ASP BA 233 -60.91 -68.28 23.01
N PRO BA 234 -60.69 -69.24 22.10
CA PRO BA 234 -60.21 -68.87 20.77
C PRO BA 234 -61.33 -68.31 19.91
N GLN BA 235 -61.00 -67.28 19.14
CA GLN BA 235 -61.93 -66.67 18.20
C GLN BA 235 -61.36 -66.76 16.79
N PRO BA 236 -61.85 -67.69 15.96
CA PRO BA 236 -61.33 -67.81 14.60
C PRO BA 236 -61.51 -66.53 13.81
N GLY BA 237 -60.52 -66.22 12.98
CA GLY BA 237 -60.53 -64.99 12.21
C GLY BA 237 -60.02 -63.77 12.95
N VAL BA 238 -59.32 -63.94 14.07
CA VAL BA 238 -58.82 -62.83 14.87
C VAL BA 238 -57.31 -62.97 15.01
N VAL BA 239 -56.59 -61.88 14.75
CA VAL BA 239 -55.15 -61.80 14.97
C VAL BA 239 -54.91 -60.62 15.91
N HIS BA 240 -54.24 -60.87 17.02
CA HIS BA 240 -53.95 -59.82 18.01
C HIS BA 240 -52.47 -59.48 17.96
N LEU BA 241 -52.17 -58.19 17.89
CA LEU BA 241 -50.80 -57.71 17.85
C LEU BA 241 -50.49 -56.95 19.13
N PHE BA 242 -49.34 -57.26 19.73
CA PHE BA 242 -48.86 -56.59 20.93
C PHE BA 242 -47.57 -55.87 20.57
N LEU BA 243 -47.50 -54.58 20.88
CA LEU BA 243 -46.48 -53.71 20.32
C LEU BA 243 -45.67 -53.04 21.42
N LEU BA 244 -44.35 -52.97 21.20
CA LEU BA 244 -43.43 -52.19 22.01
C LEU BA 244 -42.79 -51.17 21.09
N ASP BA 245 -42.93 -49.88 21.43
CA ASP BA 245 -42.55 -48.82 20.53
C ASP BA 245 -41.03 -48.77 20.34
N VAL BA 246 -40.60 -47.86 19.46
CA VAL BA 246 -39.18 -47.70 19.17
C VAL BA 246 -38.39 -47.27 20.40
N ASN BA 247 -39.07 -46.71 21.40
CA ASN BA 247 -38.42 -46.23 22.61
C ASN BA 247 -38.25 -47.32 23.66
N GLY BA 248 -38.79 -48.52 23.42
CA GLY BA 248 -38.73 -49.58 24.39
C GLY BA 248 -39.84 -49.61 25.42
N ASN BA 249 -40.92 -48.87 25.19
CA ASN BA 249 -42.05 -48.83 26.11
C ASN BA 249 -43.28 -49.43 25.44
N PRO BA 250 -44.35 -49.70 26.18
CA PRO BA 250 -45.60 -50.11 25.53
C PRO BA 250 -46.06 -49.05 24.54
N ALA BA 251 -46.61 -49.50 23.42
CA ALA BA 251 -46.80 -48.65 22.26
C ALA BA 251 -47.81 -47.54 22.53
N ASP BA 252 -47.48 -46.35 22.04
CA ASP BA 252 -48.37 -45.19 22.13
C ASP BA 252 -49.59 -45.42 21.23
N PRO BA 253 -50.77 -44.96 21.66
CA PRO BA 253 -51.96 -45.10 20.79
C PRO BA 253 -51.79 -44.52 19.40
N VAL BA 254 -51.00 -43.47 19.23
CA VAL BA 254 -50.75 -42.97 17.88
C VAL BA 254 -49.98 -44.00 17.06
N THR BA 255 -49.02 -44.69 17.68
CA THR BA 255 -48.31 -45.74 16.95
C THR BA 255 -49.24 -46.91 16.64
N ILE BA 256 -50.17 -47.20 17.54
CA ILE BA 256 -51.17 -48.25 17.29
C ILE BA 256 -52.01 -47.88 16.08
N SER BA 257 -52.46 -46.62 16.02
CA SER BA 257 -53.24 -46.17 14.88
C SER BA 257 -52.42 -46.24 13.59
N THR BA 258 -51.15 -45.84 13.66
CA THR BA 258 -50.30 -45.88 12.46
C THR BA 258 -50.12 -47.30 11.96
N VAL BA 259 -49.86 -48.25 12.87
CA VAL BA 259 -49.63 -49.62 12.43
C VAL BA 259 -50.92 -50.23 11.93
N GLY BA 260 -52.06 -49.91 12.54
CA GLY BA 260 -53.32 -50.38 12.02
C GLY BA 260 -53.59 -49.89 10.61
N ALA BA 261 -53.36 -48.59 10.37
CA ALA BA 261 -53.52 -48.06 9.03
C ALA BA 261 -52.56 -48.71 8.04
N THR BA 262 -51.33 -48.98 8.47
CA THR BA 262 -50.36 -49.62 7.58
C THR BA 262 -50.80 -51.03 7.22
N LEU BA 263 -51.28 -51.80 8.18
CA LEU BA 263 -51.58 -53.20 7.97
C LEU BA 263 -52.98 -53.47 7.44
N GLN BA 264 -53.87 -52.47 7.46
CA GLN BA 264 -55.23 -52.72 6.99
C GLN BA 264 -55.31 -53.23 5.56
N PRO BA 265 -54.60 -52.69 4.58
CA PRO BA 265 -54.75 -53.21 3.22
C PRO BA 265 -54.02 -54.52 2.96
N ARG BA 266 -53.44 -55.13 3.99
CA ARG BA 266 -52.67 -56.35 3.81
C ARG BA 266 -53.27 -57.57 4.49
N ILE BA 267 -54.27 -57.42 5.35
CA ILE BA 267 -54.85 -58.55 6.05
C ILE BA 267 -55.98 -59.12 5.20
N MET BA 268 -56.31 -60.38 5.45
CA MET BA 268 -57.38 -61.04 4.69
C MET BA 268 -58.73 -60.39 4.93
N LEU BA 269 -59.48 -60.22 3.85
CA LEU BA 269 -60.82 -59.68 3.93
C LEU BA 269 -61.70 -60.57 4.81
N GLY BA 270 -62.40 -59.96 5.75
CA GLY BA 270 -63.22 -60.66 6.70
C GLY BA 270 -62.55 -60.90 8.04
N THR BA 271 -61.23 -60.81 8.09
CA THR BA 271 -60.50 -61.04 9.32
C THR BA 271 -60.46 -59.76 10.17
N ARG BA 272 -60.31 -59.95 11.48
CA ARG BA 272 -60.32 -58.85 12.44
C ARG BA 272 -58.93 -58.71 13.04
N LEU BA 273 -58.38 -57.51 12.98
CA LEU BA 273 -57.05 -57.22 13.50
C LEU BA 273 -57.19 -56.44 14.80
N LEU BA 274 -56.57 -56.95 15.86
CA LEU BA 274 -56.54 -56.28 17.15
C LEU BA 274 -55.10 -55.90 17.47
N ILE BA 275 -54.90 -54.65 17.87
CA ILE BA 275 -53.58 -54.16 18.22
C ILE BA 275 -53.64 -53.51 19.59
N SER BA 276 -52.76 -53.94 20.48
CA SER BA 276 -52.68 -53.41 21.83
C SER BA 276 -51.22 -53.26 22.22
N PRO BA 277 -50.92 -52.43 23.21
CA PRO BA 277 -49.52 -52.30 23.64
C PRO BA 277 -49.04 -53.57 24.34
N MET BA 278 -47.73 -53.78 24.26
CA MET BA 278 -47.09 -54.89 24.94
C MET BA 278 -46.90 -54.57 26.42
N GLU BA 279 -46.56 -55.60 27.19
CA GLU BA 279 -46.31 -55.45 28.61
C GLU BA 279 -44.88 -55.86 28.94
N VAL BA 280 -44.34 -55.31 30.01
CA VAL BA 280 -42.94 -55.47 30.37
C VAL BA 280 -42.86 -56.11 31.75
N LEU BA 281 -41.91 -57.02 31.93
CA LEU BA 281 -41.59 -57.61 33.22
C LEU BA 281 -40.20 -57.15 33.63
N ASN BA 282 -40.09 -56.57 34.82
CA ASN BA 282 -38.82 -56.03 35.27
C ASN BA 282 -37.99 -57.12 35.92
N ILE BA 283 -36.72 -57.20 35.53
CA ILE BA 283 -35.79 -58.21 36.02
C ILE BA 283 -34.74 -57.52 36.86
N GLU BA 284 -34.57 -57.98 38.10
CA GLU BA 284 -33.58 -57.45 39.01
C GLU BA 284 -32.56 -58.52 39.32
N LEU BA 285 -31.28 -58.21 39.09
CA LEU BA 285 -30.21 -59.21 39.16
C LEU BA 285 -29.29 -58.91 40.34
N GLU BA 286 -28.84 -59.97 41.00
CA GLU BA 286 -27.81 -59.89 42.03
C GLU BA 286 -26.73 -60.90 41.67
N LEU BA 287 -25.51 -60.42 41.48
CA LEU BA 287 -24.40 -61.26 41.04
C LEU BA 287 -23.32 -61.30 42.12
N ILE BA 288 -22.93 -62.50 42.52
CA ILE BA 288 -21.78 -62.72 43.37
C ILE BA 288 -20.77 -63.49 42.55
N ALA BA 289 -19.63 -62.88 42.26
CA ALA BA 289 -18.66 -63.46 41.35
C ALA BA 289 -17.25 -63.29 41.89
N LEU BA 290 -16.37 -64.18 41.45
CA LEU BA 290 -14.97 -64.16 41.83
C LEU BA 290 -14.16 -63.63 40.66
N SER BA 291 -13.35 -62.61 40.91
CA SER BA 291 -12.57 -61.95 39.87
C SER BA 291 -11.20 -62.58 39.74
N ASP BA 292 -10.73 -62.71 38.51
CA ASP BA 292 -9.40 -63.27 38.25
C ASP BA 292 -8.30 -62.22 38.30
N SER BA 293 -8.63 -60.97 38.59
CA SER BA 293 -7.75 -59.81 38.67
C SER BA 293 -7.20 -59.38 37.32
N SER BA 294 -7.65 -59.98 36.22
CA SER BA 294 -7.23 -59.54 34.90
C SER BA 294 -7.92 -58.25 34.47
N LYS BA 295 -8.97 -57.84 35.16
CA LYS BA 295 -9.65 -56.57 34.93
C LYS BA 295 -9.91 -55.90 36.27
N THR BA 296 -9.98 -54.58 36.25
CA THR BA 296 -10.35 -53.87 37.46
C THR BA 296 -11.83 -54.06 37.76
N PHE BA 297 -12.21 -53.77 39.00
CA PHE BA 297 -13.61 -53.94 39.41
C PHE BA 297 -14.53 -53.05 38.59
N GLN BA 298 -14.13 -51.80 38.37
CA GLN BA 298 -14.94 -50.91 37.55
C GLN BA 298 -15.04 -51.42 36.12
N GLN BA 299 -13.93 -51.89 35.55
CA GLN BA 299 -13.95 -52.43 34.20
C GLN BA 299 -14.83 -53.67 34.12
N LEU BA 300 -14.74 -54.56 35.12
CA LEU BA 300 -15.61 -55.72 35.14
C LEU BA 300 -17.07 -55.33 35.21
N ALA BA 301 -17.40 -54.37 36.08
CA ALA BA 301 -18.79 -53.97 36.23
C ALA BA 301 -19.32 -53.35 34.94
N ASP BA 302 -18.51 -52.50 34.29
CA ASP BA 302 -18.94 -51.91 33.03
C ASP BA 302 -19.14 -52.97 31.97
N ASP BA 303 -18.21 -53.93 31.88
CA ASP BA 303 -18.33 -54.98 30.87
C ASP BA 303 -19.58 -55.83 31.10
N ILE BA 304 -19.84 -56.19 32.36
CA ILE BA 304 -21.01 -57.00 32.67
C ILE BA 304 -22.29 -56.23 32.37
N LEU BA 305 -22.33 -54.95 32.73
CA LEU BA 305 -23.52 -54.14 32.45
C LEU BA 305 -23.76 -54.03 30.96
N GLU BA 306 -22.71 -53.80 30.17
CA GLU BA 306 -22.88 -53.71 28.73
C GLU BA 306 -23.35 -55.03 28.14
N ALA BA 307 -22.79 -56.14 28.61
CA ALA BA 307 -23.20 -57.45 28.11
C ALA BA 307 -24.66 -57.71 28.44
N LEU BA 308 -25.10 -57.35 29.64
CA LEU BA 308 -26.49 -57.60 30.00
C LEU BA 308 -27.44 -56.68 29.24
N LYS BA 309 -27.02 -55.44 28.98
CA LYS BA 309 -27.84 -54.55 28.15
C LYS BA 309 -27.96 -55.09 26.74
N VAL BA 310 -26.91 -55.73 26.22
CA VAL BA 310 -27.01 -56.41 24.94
C VAL BA 310 -27.98 -57.59 25.04
N PHE BA 311 -27.87 -58.38 26.11
CA PHE BA 311 -28.69 -59.57 26.25
C PHE BA 311 -30.18 -59.21 26.34
N PHE BA 312 -30.52 -58.18 27.11
CA PHE BA 312 -31.90 -57.81 27.34
C PHE BA 312 -32.41 -56.79 26.33
N ASN BA 313 -31.74 -56.66 25.19
CA ASN BA 313 -32.29 -55.89 24.09
C ASN BA 313 -33.60 -56.53 23.64
N PRO BA 314 -34.67 -55.76 23.48
CA PRO BA 314 -35.92 -56.34 22.96
C PRO BA 314 -35.76 -56.97 21.59
N ALA BA 315 -34.77 -56.55 20.80
CA ALA BA 315 -34.49 -57.22 19.54
C ALA BA 315 -33.91 -58.62 19.75
N ASN BA 316 -33.22 -58.83 20.86
CA ASN BA 316 -32.64 -60.13 21.18
C ASN BA 316 -33.54 -60.98 22.06
N LEU BA 317 -34.71 -60.48 22.43
CA LEU BA 317 -35.63 -61.20 23.30
C LEU BA 317 -36.91 -61.54 22.55
N THR BA 318 -37.43 -62.74 22.80
CA THR BA 318 -38.69 -63.15 22.22
C THR BA 318 -39.79 -62.95 23.25
N PRO BA 319 -40.81 -62.13 22.98
CA PRO BA 319 -41.87 -61.92 23.97
C PRO BA 319 -42.56 -63.22 24.33
N GLY BA 320 -42.90 -63.36 25.60
CA GLY BA 320 -43.59 -64.54 26.10
C GLY BA 320 -42.69 -65.71 26.42
N GLU BA 321 -41.40 -65.61 26.17
CA GLU BA 321 -40.52 -66.73 26.44
C GLU BA 321 -39.82 -66.56 27.78
N PRO BA 322 -39.73 -67.65 28.56
CA PRO BA 322 -39.12 -67.55 29.89
C PRO BA 322 -37.65 -67.20 29.80
N VAL BA 323 -37.18 -66.46 30.81
CA VAL BA 323 -35.78 -66.09 30.91
C VAL BA 323 -35.07 -67.21 31.65
N LEU BA 324 -34.03 -67.78 31.03
CA LEU BA 324 -33.33 -68.92 31.58
C LEU BA 324 -32.08 -68.44 32.31
N ILE BA 325 -31.95 -68.83 33.57
CA ILE BA 325 -30.85 -68.33 34.40
C ILE BA 325 -29.52 -68.82 33.88
N GLU BA 326 -29.47 -70.02 33.31
CA GLU BA 326 -28.22 -70.50 32.72
C GLU BA 326 -27.79 -69.62 31.56
N GLU BA 327 -28.75 -69.16 30.75
CA GLU BA 327 -28.41 -68.27 29.65
C GLU BA 327 -27.88 -66.94 30.15
N VAL BA 328 -28.47 -66.40 31.21
CA VAL BA 328 -27.99 -65.15 31.78
C VAL BA 328 -26.58 -65.33 32.34
N LYS BA 329 -26.33 -66.44 33.03
CA LYS BA 329 -24.98 -66.67 33.55
C LYS BA 329 -23.97 -66.82 32.43
N PHE BA 330 -24.36 -67.48 31.33
CA PHE BA 330 -23.45 -67.58 30.20
C PHE BA 330 -23.17 -66.21 29.58
N ALA BA 331 -24.20 -65.38 29.48
CA ALA BA 331 -24.00 -64.03 28.94
C ALA BA 331 -23.06 -63.23 29.84
N ILE BA 332 -23.16 -63.42 31.15
CA ILE BA 332 -22.27 -62.73 32.07
C ILE BA 332 -20.84 -63.25 31.94
N ARG BA 333 -20.67 -64.57 31.89
CA ARG BA 333 -19.35 -65.16 31.78
C ARG BA 333 -18.68 -64.87 30.45
N SER BA 334 -19.45 -64.61 29.40
CA SER BA 334 -18.86 -64.30 28.11
C SER BA 334 -18.07 -63.00 28.15
N VAL BA 335 -18.27 -62.19 29.18
CA VAL BA 335 -17.43 -61.02 29.38
C VAL BA 335 -15.98 -61.43 29.59
N GLY BA 336 -15.76 -62.45 30.41
CA GLY BA 336 -14.43 -62.94 30.68
C GLY BA 336 -13.80 -62.27 31.89
N GLY BA 337 -12.77 -62.91 32.42
CA GLY BA 337 -12.07 -62.37 33.56
C GLY BA 337 -12.82 -62.44 34.86
N LEU BA 338 -13.71 -63.41 35.03
CA LEU BA 338 -14.46 -63.55 36.27
C LEU BA 338 -14.97 -64.98 36.36
N SER BA 339 -15.38 -65.35 37.57
CA SER BA 339 -15.96 -66.67 37.84
C SER BA 339 -17.22 -66.46 38.66
N ILE BA 340 -18.35 -66.87 38.09
CA ILE BA 340 -19.64 -66.66 38.74
C ILE BA 340 -19.78 -67.62 39.90
N SER BA 341 -20.16 -67.10 41.06
CA SER BA 341 -20.49 -67.91 42.22
C SER BA 341 -21.99 -68.06 42.42
N TYR BA 342 -22.75 -66.99 42.25
CA TYR BA 342 -24.18 -67.03 42.51
C TYR BA 342 -24.87 -65.93 41.72
N LEU BA 343 -26.09 -66.22 41.26
CA LEU BA 343 -26.89 -65.25 40.53
C LEU BA 343 -28.34 -65.36 40.97
N GLN BA 344 -28.92 -64.24 41.36
CA GLN BA 344 -30.32 -64.15 41.73
C GLN BA 344 -31.06 -63.28 40.73
N MET BA 345 -32.23 -63.73 40.29
CA MET BA 345 -33.12 -62.94 39.46
C MET BA 345 -34.48 -62.88 40.15
N ASN BA 346 -34.94 -61.68 40.45
CA ASN BA 346 -36.23 -61.46 41.12
C ASN BA 346 -36.31 -62.27 42.41
N ASP BA 347 -35.24 -62.23 43.19
CA ASP BA 347 -35.18 -62.86 44.51
C ASP BA 347 -35.33 -64.37 44.45
N ASN BA 348 -34.81 -65.00 43.40
CA ASN BA 348 -34.75 -66.45 43.34
C ASN BA 348 -33.68 -66.85 42.34
N ALA BA 349 -33.28 -68.12 42.41
CA ALA BA 349 -32.28 -68.68 41.52
C ALA BA 349 -32.88 -69.54 40.42
N ILE BA 350 -34.17 -69.43 40.18
CA ILE BA 350 -34.85 -70.27 39.21
C ILE BA 350 -35.20 -69.46 37.97
N ASN BA 351 -35.62 -70.17 36.93
CA ASN BA 351 -36.03 -69.51 35.69
C ASN BA 351 -37.30 -68.70 35.92
N ILE BA 352 -37.41 -67.60 35.18
CA ILE BA 352 -38.50 -66.64 35.34
C ILE BA 352 -39.45 -66.80 34.15
N PRO BA 353 -40.64 -67.35 34.32
CA PRO BA 353 -41.59 -67.42 33.22
C PRO BA 353 -42.35 -66.12 33.05
N MET BA 354 -42.66 -65.79 31.82
CA MET BA 354 -43.43 -64.59 31.56
C MET BA 354 -44.88 -64.81 31.99
N PRO BA 355 -45.53 -63.79 32.55
CA PRO BA 355 -46.91 -63.98 33.02
C PRO BA 355 -47.88 -64.41 31.92
N ASN BA 356 -47.66 -63.96 30.69
CA ASN BA 356 -48.54 -64.32 29.59
C ASN BA 356 -47.72 -64.32 28.30
N GLN BA 357 -48.41 -64.58 27.19
CA GLN BA 357 -47.74 -64.74 25.89
C GLN BA 357 -47.16 -63.44 25.36
N TRP BA 358 -47.57 -62.29 25.87
CA TRP BA 358 -47.20 -61.01 25.29
C TRP BA 358 -46.43 -60.13 26.28
N THR BA 359 -45.63 -60.72 27.16
CA THR BA 359 -44.84 -59.95 28.10
C THR BA 359 -43.37 -60.08 27.74
N ILE BA 360 -42.69 -58.94 27.65
CA ILE BA 360 -41.27 -58.89 27.31
C ILE BA 360 -40.48 -58.61 28.58
N PRO BA 361 -39.36 -59.28 28.82
CA PRO BA 361 -38.52 -58.93 29.97
C PRO BA 361 -37.80 -57.61 29.75
N ARG BA 362 -37.44 -56.96 30.85
CA ARG BA 362 -36.72 -55.70 30.79
C ARG BA 362 -35.95 -55.56 32.11
N PHE BA 363 -34.65 -55.85 32.07
CA PHE BA 363 -33.88 -55.85 33.30
C PHE BA 363 -33.61 -54.41 33.74
N SER BA 364 -33.81 -54.17 35.03
CA SER BA 364 -33.84 -52.82 35.57
C SER BA 364 -32.73 -52.54 36.58
N TYR BA 365 -32.46 -53.47 37.48
CA TYR BA 365 -31.50 -53.26 38.55
C TYR BA 365 -30.52 -54.42 38.57
N ILE BA 366 -29.26 -54.13 38.89
CA ILE BA 366 -28.26 -55.17 39.09
C ILE BA 366 -27.31 -54.76 40.22
N GLY BA 367 -27.07 -55.69 41.14
CA GLY BA 367 -26.11 -55.49 42.21
C GLY BA 367 -24.91 -56.41 42.02
N PHE BA 368 -23.71 -55.83 42.15
CA PHE BA 368 -22.46 -56.55 42.01
C PHE BA 368 -21.82 -56.77 43.37
N GLU BA 369 -21.33 -57.99 43.60
CA GLU BA 369 -20.47 -58.31 44.73
C GLU BA 369 -19.31 -59.14 44.18
N LEU BA 370 -18.22 -58.47 43.88
CA LEU BA 370 -17.06 -59.09 43.23
C LEU BA 370 -15.95 -59.29 44.26
N THR BA 371 -15.40 -60.50 44.30
CA THR BA 371 -14.31 -60.84 45.20
C THR BA 371 -13.10 -61.22 44.39
N ASP BA 372 -11.94 -60.65 44.73
CA ASP BA 372 -10.70 -60.96 44.03
C ASP BA 372 -9.88 -61.97 44.82
N SER BA 373 -8.72 -62.33 44.27
CA SER BA 373 -7.84 -63.28 44.93
C SER BA 373 -7.27 -62.72 46.22
N GLU BA 374 -6.97 -61.42 46.26
CA GLU BA 374 -6.43 -60.81 47.47
C GLU BA 374 -7.46 -60.72 48.57
N GLY BA 375 -8.75 -60.65 48.23
CA GLY BA 375 -9.81 -60.69 49.21
C GLY BA 375 -10.65 -59.43 49.33
N THR BA 376 -10.41 -58.42 48.50
CA THR BA 376 -11.25 -57.22 48.53
C THR BA 376 -12.63 -57.56 47.98
N VAL BA 377 -13.66 -57.04 48.64
CA VAL BA 377 -15.03 -57.20 48.18
C VAL BA 377 -15.50 -55.87 47.62
N TYR BA 378 -15.77 -55.84 46.33
CA TYR BA 378 -16.27 -54.66 45.63
C TYR BA 378 -17.77 -54.81 45.49
N ARG BA 379 -18.53 -53.92 46.13
CA ARG BA 379 -19.98 -53.95 46.10
C ARG BA 379 -20.48 -52.73 45.36
N ASP BA 380 -21.42 -52.93 44.45
CA ASP BA 380 -21.97 -51.82 43.68
C ASP BA 380 -23.41 -52.12 43.31
N ASN BA 381 -24.14 -51.08 42.94
CA ASN BA 381 -25.53 -51.23 42.54
C ASN BA 381 -25.83 -50.26 41.40
N VAL BA 382 -26.48 -50.75 40.36
CA VAL BA 382 -26.80 -49.95 39.18
C VAL BA 382 -28.28 -50.12 38.86
N VAL BA 383 -28.97 -49.00 38.73
CA VAL BA 383 -30.36 -48.96 38.27
C VAL BA 383 -30.34 -48.51 36.81
N THR BA 384 -30.96 -49.28 35.93
CA THR BA 384 -30.84 -49.01 34.50
C THR BA 384 -32.06 -48.29 33.92
N VAL BA 385 -33.23 -48.48 34.53
CA VAL BA 385 -34.44 -47.86 34.00
C VAL BA 385 -34.75 -46.56 34.73
N THR BA 386 -35.50 -45.67 34.08
CA THR BA 386 -35.86 -44.40 34.70
C THR BA 386 -36.68 -44.69 35.94
N ASN BA 387 -37.78 -45.41 35.78
CA ASN BA 387 -38.62 -45.77 36.92
C ASN BA 387 -39.23 -47.13 36.61
N PRO BA 388 -39.79 -47.82 37.62
CA PRO BA 388 -40.46 -49.10 37.38
C PRO BA 388 -41.41 -49.19 36.18
N GLU BA 389 -42.04 -48.08 35.77
CA GLU BA 389 -42.88 -48.13 34.58
C GLU BA 389 -42.03 -48.01 33.31
N GLU BA 390 -41.28 -46.92 33.19
CA GLU BA 390 -40.41 -46.73 32.03
C GLU BA 390 -39.00 -46.33 32.48
N SER CA 2 3.27 -70.21 -25.34
CA SER CA 2 2.16 -69.38 -25.78
C SER CA 2 1.05 -70.23 -26.39
N LYS CA 3 0.76 -71.38 -25.79
CA LYS CA 3 -0.25 -72.28 -26.32
C LYS CA 3 -1.61 -71.96 -25.73
N ASP CA 4 -2.64 -72.50 -26.36
CA ASP CA 4 -4.01 -72.19 -26.00
C ASP CA 4 -4.38 -72.82 -24.66
N ALA CA 5 -5.39 -72.24 -24.01
CA ALA CA 5 -5.80 -72.71 -22.69
C ALA CA 5 -6.42 -74.10 -22.74
N PHE CA 6 -7.08 -74.45 -23.84
CA PHE CA 6 -7.75 -75.75 -23.93
C PHE CA 6 -6.76 -76.88 -23.81
N THR CA 7 -5.66 -76.83 -24.56
CA THR CA 7 -4.66 -77.89 -24.50
C THR CA 7 -3.95 -77.91 -23.16
N ALA CA 8 -3.66 -76.73 -22.59
CA ALA CA 8 -2.92 -76.67 -21.35
C ALA CA 8 -3.74 -77.17 -20.15
N TRP CA 9 -5.05 -76.95 -20.17
CA TRP CA 9 -5.89 -77.29 -19.02
C TRP CA 9 -6.65 -78.60 -19.21
N ASN CA 10 -6.97 -78.98 -20.43
CA ASN CA 10 -7.83 -80.13 -20.68
C ASN CA 10 -7.13 -81.30 -21.33
N VAL CA 11 -6.02 -81.08 -22.03
CA VAL CA 11 -5.30 -82.17 -22.66
C VAL CA 11 -4.05 -82.47 -21.85
N ASP CA 12 -3.14 -81.49 -21.75
CA ASP CA 12 -1.94 -81.67 -20.97
C ASP CA 12 -2.25 -81.77 -19.48
N ARG CA 13 -3.24 -80.98 -19.02
CA ARG CA 13 -3.52 -80.81 -17.60
C ARG CA 13 -2.28 -80.36 -16.83
N ARG CA 14 -1.42 -79.60 -17.49
CA ARG CA 14 -0.24 -78.98 -16.88
C ARG CA 14 -0.23 -77.52 -17.29
N PRO CA 15 -1.12 -76.70 -16.72
CA PRO CA 15 -1.25 -75.31 -17.18
C PRO CA 15 0.00 -74.47 -16.99
N ILE CA 16 0.94 -74.88 -16.13
CA ILE CA 16 2.18 -74.16 -15.90
C ILE CA 16 3.33 -74.79 -16.67
N TYR CA 17 3.53 -76.10 -16.50
CA TYR CA 17 4.66 -76.77 -17.15
C TYR CA 17 4.51 -76.75 -18.66
N SER CA 18 3.31 -77.02 -19.17
CA SER CA 18 3.11 -77.08 -20.61
C SER CA 18 3.37 -75.76 -21.29
N ARG CA 19 3.41 -74.66 -20.53
CA ARG CA 19 3.70 -73.35 -21.08
C ARG CA 19 5.18 -73.00 -21.05
N MET CA 20 6.01 -73.82 -20.42
CA MET CA 20 7.44 -73.55 -20.41
C MET CA 20 8.01 -73.73 -21.81
N PRO CA 21 8.98 -72.91 -22.22
CA PRO CA 21 9.48 -72.99 -23.60
C PRO CA 21 10.10 -74.34 -23.92
N LYS CA 22 9.88 -74.78 -25.15
CA LYS CA 22 10.28 -76.10 -25.63
C LYS CA 22 11.17 -76.06 -26.85
N GLU CA 23 11.25 -74.92 -27.55
CA GLU CA 23 11.74 -74.89 -28.92
C GLU CA 23 13.19 -75.30 -29.03
N GLN CA 24 14.06 -74.82 -28.15
CA GLN CA 24 15.50 -75.06 -28.27
C GLN CA 24 15.82 -76.38 -27.59
N VAL CA 25 15.73 -77.46 -28.37
CA VAL CA 25 15.93 -78.80 -27.83
C VAL CA 25 17.37 -78.94 -27.33
N GLY CA 26 17.53 -79.67 -26.23
CA GLY CA 26 18.81 -79.80 -25.58
C GLY CA 26 18.97 -78.86 -24.41
N THR CA 27 18.77 -77.56 -24.64
CA THR CA 27 18.87 -76.55 -23.59
C THR CA 27 17.54 -75.80 -23.52
N SER CA 28 16.58 -76.38 -22.81
CA SER CA 28 15.28 -75.77 -22.61
C SER CA 28 14.68 -76.35 -21.35
N TYR CA 29 13.59 -75.72 -20.89
CA TYR CA 29 12.97 -76.17 -19.64
C TYR CA 29 12.46 -77.59 -19.76
N HIS CA 30 11.86 -77.94 -20.90
CA HIS CA 30 11.34 -79.28 -21.08
C HIS CA 30 12.42 -80.33 -21.23
N ASP CA 31 13.66 -79.91 -21.50
CA ASP CA 31 14.75 -80.88 -21.63
C ASP CA 31 15.32 -81.30 -20.28
N TYR CA 32 14.95 -80.61 -19.21
CA TYR CA 32 15.44 -80.92 -17.88
C TYR CA 32 14.26 -81.33 -17.00
N ILE CA 33 14.38 -82.49 -16.35
CA ILE CA 33 13.23 -83.07 -15.65
C ILE CA 33 12.95 -82.33 -14.34
N ALA CA 34 13.93 -81.54 -13.86
CA ALA CA 34 13.69 -80.77 -12.64
C ALA CA 34 12.57 -79.76 -12.85
N THR CA 35 12.47 -79.20 -14.07
CA THR CA 35 11.39 -78.28 -14.36
C THR CA 35 10.04 -78.97 -14.26
N ASP CA 36 9.94 -80.22 -14.73
CA ASP CA 36 8.71 -80.97 -14.58
C ASP CA 36 8.41 -81.25 -13.12
N TRP CA 37 9.42 -81.61 -12.33
CA TRP CA 37 9.18 -81.97 -10.94
C TRP CA 37 8.76 -80.77 -10.10
N LEU CA 38 9.41 -79.62 -10.29
CA LEU CA 38 9.15 -78.48 -9.42
C LEU CA 38 7.75 -77.92 -9.60
N THR CA 39 7.22 -77.94 -10.81
CA THR CA 39 5.93 -77.34 -11.11
C THR CA 39 4.76 -78.31 -10.98
N ALA CA 40 5.02 -79.57 -10.62
CA ALA CA 40 3.96 -80.57 -10.61
C ALA CA 40 2.89 -80.25 -9.58
N TYR CA 41 3.32 -79.83 -8.37
CA TYR CA 41 2.35 -79.55 -7.32
C TYR CA 41 1.43 -78.41 -7.70
N TRP CA 42 1.99 -77.37 -8.31
CA TRP CA 42 1.18 -76.20 -8.66
C TRP CA 42 0.20 -76.52 -9.76
N ASP CA 43 0.62 -77.33 -10.74
CA ASP CA 43 -0.31 -77.80 -11.76
C ASP CA 43 -1.42 -78.64 -11.14
N LYS CA 44 -1.06 -79.52 -10.20
CA LYS CA 44 -2.06 -80.33 -9.52
C LYS CA 44 -3.08 -79.46 -8.81
N ILE CA 45 -2.60 -78.47 -8.05
CA ILE CA 45 -3.49 -77.59 -7.31
C ILE CA 45 -4.39 -76.81 -8.26
N PHE CA 46 -3.82 -76.31 -9.35
CA PHE CA 46 -4.60 -75.54 -10.30
C PHE CA 46 -5.67 -76.39 -10.95
N ILE CA 47 -5.35 -77.66 -11.24
CA ILE CA 47 -6.34 -78.54 -11.86
C ILE CA 47 -7.45 -78.88 -10.87
N GLU CA 48 -7.10 -79.10 -9.60
CA GLU CA 48 -8.14 -79.34 -8.60
C GLU CA 48 -9.06 -78.14 -8.48
N CYS CA 49 -8.49 -76.93 -8.43
CA CYS CA 49 -9.31 -75.73 -8.35
C CYS CA 49 -10.15 -75.55 -9.61
N TYR CA 50 -9.60 -75.90 -10.77
CA TYR CA 50 -10.34 -75.83 -12.02
C TYR CA 50 -11.55 -76.75 -12.00
N ASP CA 51 -11.38 -77.97 -11.52
CA ASP CA 51 -12.50 -78.90 -11.43
C ASP CA 51 -13.54 -78.41 -10.42
N LYS CA 52 -13.09 -77.84 -9.30
CA LYS CA 52 -14.03 -77.28 -8.33
C LYS CA 52 -14.85 -76.15 -8.96
N LEU CA 53 -14.18 -75.25 -9.69
CA LEU CA 53 -14.89 -74.16 -10.34
C LEU CA 53 -15.84 -74.67 -11.41
N GLU CA 54 -15.45 -75.74 -12.11
CA GLU CA 54 -16.33 -76.33 -13.11
C GLU CA 54 -17.59 -76.90 -12.47
N ASP CA 55 -17.45 -77.56 -11.32
CA ASP CA 55 -18.62 -78.10 -10.65
C ASP CA 55 -19.37 -77.09 -9.80
N LEU CA 56 -18.83 -75.88 -9.64
CA LEU CA 56 -19.52 -74.85 -8.86
C LEU CA 56 -20.94 -74.55 -9.32
N PRO CA 57 -21.25 -74.37 -10.60
CA PRO CA 57 -22.65 -74.14 -10.99
C PRO CA 57 -23.58 -75.27 -10.59
N ARG CA 58 -23.06 -76.50 -10.52
CA ARG CA 58 -23.86 -77.61 -10.04
C ARG CA 58 -24.23 -77.43 -8.57
N GLN CA 59 -23.30 -76.89 -7.78
CA GLN CA 59 -23.49 -76.78 -6.34
C GLN CA 59 -24.59 -75.81 -5.94
N PHE CA 60 -25.11 -75.01 -6.87
CA PHE CA 60 -26.21 -74.11 -6.56
C PHE CA 60 -27.57 -74.69 -6.93
N ASP CA 61 -27.61 -75.95 -7.35
CA ASP CA 61 -28.87 -76.65 -7.56
C ASP CA 61 -29.13 -77.54 -6.36
N PRO CA 62 -30.17 -77.28 -5.58
CA PRO CA 62 -30.38 -78.07 -4.35
C PRO CA 62 -30.55 -79.57 -4.61
N LEU CA 63 -31.19 -79.95 -5.72
CA LEU CA 63 -31.36 -81.36 -6.01
C LEU CA 63 -30.03 -82.03 -6.33
N GLN CA 64 -29.06 -81.26 -6.84
CA GLN CA 64 -27.81 -81.82 -7.32
C GLN CA 64 -26.62 -81.48 -6.46
N CYS CA 65 -26.72 -80.47 -5.59
CA CYS CA 65 -25.58 -80.01 -4.82
C CYS CA 65 -25.21 -81.02 -3.73
N ASP CA 66 -24.08 -80.75 -3.08
CA ASP CA 66 -23.65 -81.56 -1.94
C ASP CA 66 -24.24 -81.02 -0.65
N GLU CA 67 -24.26 -81.88 0.37
CA GLU CA 67 -24.87 -81.51 1.65
C GLU CA 67 -24.18 -80.32 2.30
N GLU CA 68 -22.92 -80.06 1.97
CA GLU CA 68 -22.23 -78.92 2.54
C GLU CA 68 -22.82 -77.60 2.06
N TYR CA 69 -23.56 -77.61 0.96
CA TYR CA 69 -24.10 -76.39 0.39
C TYR CA 69 -25.55 -76.13 0.74
N LEU CA 70 -26.25 -77.08 1.37
CA LEU CA 70 -27.65 -76.85 1.72
C LEU CA 70 -27.78 -75.73 2.74
N ASP CA 71 -26.92 -75.75 3.77
CA ASP CA 71 -26.94 -74.68 4.76
C ASP CA 71 -26.49 -73.35 4.16
N PHE CA 72 -25.57 -73.40 3.18
CA PHE CA 72 -25.12 -72.17 2.54
C PHE CA 72 -26.20 -71.58 1.65
N LEU CA 73 -27.04 -72.42 1.03
CA LEU CA 73 -28.09 -71.94 0.14
C LEU CA 73 -29.40 -71.63 0.86
N ALA CA 74 -29.57 -72.11 2.09
CA ALA CA 74 -30.80 -71.83 2.83
C ALA CA 74 -31.14 -70.34 2.93
N PRO CA 75 -30.21 -69.44 3.27
CA PRO CA 75 -30.58 -68.01 3.27
C PRO CA 75 -30.99 -67.51 1.90
N LEU CA 76 -30.40 -68.03 0.83
CA LEU CA 76 -30.78 -67.59 -0.51
C LEU CA 76 -32.23 -67.91 -0.81
N CYS CA 77 -32.69 -69.08 -0.37
CA CYS CA 77 -34.07 -69.48 -0.58
C CYS CA 77 -35.03 -68.86 0.41
N GLY CA 78 -34.53 -68.05 1.35
CA GLY CA 78 -35.39 -67.41 2.33
C GLY CA 78 -35.65 -68.19 3.59
N TRP CA 79 -34.85 -69.23 3.83
CA TRP CA 79 -35.07 -70.08 4.99
C TRP CA 79 -34.13 -69.75 6.13
N THR CA 80 -34.55 -68.88 7.02
CA THR CA 80 -33.74 -68.59 8.21
C THR CA 80 -34.74 -68.71 9.34
N ALA CA 81 -34.31 -68.46 10.59
CA ALA CA 81 -35.23 -68.47 11.75
C ALA CA 81 -35.82 -69.88 11.98
N PRO CA 82 -36.86 -70.02 12.84
CA PRO CA 82 -37.46 -71.36 12.94
C PRO CA 82 -37.81 -72.06 11.62
N TYR CA 83 -38.14 -71.34 10.56
CA TYR CA 83 -38.41 -71.97 9.28
C TYR CA 83 -37.32 -72.87 8.74
N TRP CA 84 -36.14 -72.85 9.37
CA TRP CA 84 -35.04 -73.66 8.90
C TRP CA 84 -34.60 -74.41 10.15
N SER CA 85 -33.89 -75.51 9.94
CA SER CA 85 -33.36 -76.30 11.04
C SER CA 85 -32.25 -77.22 10.58
N GLY CA 86 -31.12 -77.23 11.29
CA GLY CA 86 -30.06 -78.17 10.98
C GLY CA 86 -30.41 -79.60 11.29
N ASP CA 87 -31.45 -79.82 12.10
CA ASP CA 87 -31.91 -81.17 12.42
C ASP CA 87 -32.71 -81.80 11.30
N TYR CA 88 -33.14 -81.01 10.31
CA TYR CA 88 -33.90 -81.56 9.20
C TYR CA 88 -33.04 -82.58 8.43
N PRO CA 89 -33.61 -83.69 8.00
CA PRO CA 89 -32.88 -84.62 7.14
C PRO CA 89 -32.48 -83.93 5.84
N PRO CA 90 -31.29 -84.25 5.31
CA PRO CA 90 -30.80 -83.52 4.13
C PRO CA 90 -31.70 -83.64 2.91
N GLU CA 91 -32.37 -84.77 2.72
CA GLU CA 91 -33.29 -84.89 1.59
C GLU CA 91 -34.46 -83.93 1.72
N SER CA 92 -34.99 -83.79 2.93
CA SER CA 92 -36.04 -82.81 3.18
C SER CA 92 -35.54 -81.40 2.93
N LYS CA 93 -34.30 -81.12 3.31
CA LYS CA 93 -33.70 -79.83 3.00
C LYS CA 93 -33.66 -79.59 1.50
N ARG CA 94 -33.24 -80.60 0.74
CA ARG CA 94 -33.20 -80.46 -0.72
C ARG CA 94 -34.59 -80.15 -1.27
N VAL CA 95 -35.59 -80.89 -0.83
CA VAL CA 95 -36.93 -80.73 -1.38
C VAL CA 95 -37.50 -79.35 -1.01
N LEU CA 96 -37.27 -78.90 0.22
CA LEU CA 96 -37.78 -77.59 0.62
C LEU CA 96 -37.06 -76.47 -0.12
N LEU CA 97 -35.75 -76.60 -0.33
CA LEU CA 97 -35.03 -75.55 -1.04
C LEU CA 97 -35.43 -75.50 -2.51
N ALA CA 98 -35.68 -76.65 -3.12
CA ALA CA 98 -35.95 -76.68 -4.56
C ALA CA 98 -37.23 -75.93 -4.90
N ASN CA 99 -38.27 -76.08 -4.09
CA ASN CA 99 -39.58 -75.51 -4.37
C ASN CA 99 -39.88 -74.30 -3.50
N SER CA 100 -38.89 -73.48 -3.21
CA SER CA 100 -39.12 -72.32 -2.35
C SER CA 100 -39.79 -71.18 -3.11
N TYR CA 101 -39.15 -70.72 -4.19
CA TYR CA 101 -39.68 -69.60 -4.94
C TYR CA 101 -40.84 -69.99 -5.85
N SER CA 102 -40.99 -71.27 -6.14
CA SER CA 102 -42.01 -71.72 -7.07
C SER CA 102 -43.29 -72.17 -6.38
N LEU CA 103 -43.20 -72.71 -5.19
CA LEU CA 103 -44.41 -73.19 -4.52
C LEU CA 103 -44.58 -72.67 -3.10
N ILE CA 104 -43.49 -72.62 -2.32
CA ILE CA 104 -43.64 -72.48 -0.87
C ILE CA 104 -43.94 -71.04 -0.49
N TRP CA 105 -43.02 -70.13 -0.80
CA TRP CA 105 -43.24 -68.73 -0.44
C TRP CA 105 -44.29 -68.07 -1.32
N ARG CA 106 -44.41 -68.53 -2.56
CA ARG CA 106 -45.35 -67.93 -3.49
C ARG CA 106 -46.79 -68.09 -3.01
N ASP CA 107 -47.14 -69.28 -2.50
CA ASP CA 107 -48.52 -69.59 -2.14
C ASP CA 107 -48.66 -69.92 -0.65
N LYS CA 108 -47.81 -69.32 0.18
CA LYS CA 108 -47.81 -69.64 1.60
C LYS CA 108 -49.18 -69.38 2.21
N GLY CA 109 -49.62 -70.32 3.05
CA GLY CA 109 -50.95 -70.30 3.62
C GLY CA 109 -51.94 -71.19 2.94
N SER CA 110 -51.64 -71.62 1.72
CA SER CA 110 -52.50 -72.54 0.99
C SER CA 110 -52.40 -73.94 1.57
N LEU CA 111 -53.44 -74.74 1.32
CA LEU CA 111 -53.42 -76.13 1.76
C LEU CA 111 -52.31 -76.91 1.06
N THR CA 112 -52.08 -76.62 -0.22
CA THR CA 112 -51.05 -77.35 -0.95
C THR CA 112 -49.67 -77.11 -0.36
N VAL CA 113 -49.38 -75.87 0.04
CA VAL CA 113 -48.06 -75.55 0.58
C VAL CA 113 -47.84 -76.27 1.91
N LEU CA 114 -48.83 -76.21 2.80
CA LEU CA 114 -48.69 -76.88 4.09
C LEU CA 114 -48.57 -78.39 3.92
N SER CA 115 -49.40 -78.96 3.06
CA SER CA 115 -49.32 -80.41 2.83
C SER CA 115 -47.98 -80.79 2.21
N PHE CA 116 -47.48 -79.97 1.28
CA PHE CA 116 -46.19 -80.24 0.66
C PHE CA 116 -45.06 -80.17 1.68
N VAL CA 117 -45.10 -79.18 2.56
CA VAL CA 117 -44.05 -79.07 3.58
C VAL CA 117 -44.11 -80.25 4.53
N LEU CA 118 -45.31 -80.67 4.94
CA LEU CA 118 -45.41 -81.82 5.83
C LEU CA 118 -44.93 -83.10 5.14
N ASN CA 119 -45.25 -83.27 3.86
CA ASN CA 119 -44.80 -84.45 3.14
C ASN CA 119 -43.29 -84.42 2.94
N ALA CA 120 -42.72 -83.24 2.71
CA ALA CA 120 -41.28 -83.13 2.52
C ALA CA 120 -40.51 -83.57 3.74
N LEU CA 121 -41.07 -83.37 4.92
CA LEU CA 121 -40.46 -83.80 6.17
C LEU CA 121 -40.86 -85.21 6.55
N PHE CA 122 -41.47 -85.96 5.62
CA PHE CA 122 -41.82 -87.37 5.81
C PHE CA 122 -42.82 -87.54 6.95
N ILE CA 123 -43.96 -86.86 6.83
CA ILE CA 123 -45.03 -86.92 7.80
C ILE CA 123 -46.32 -87.18 7.04
N ASN CA 124 -46.79 -88.43 7.04
CA ASN CA 124 -48.08 -88.74 6.45
C ASN CA 124 -49.18 -88.07 7.25
N HIS CA 125 -50.09 -87.40 6.56
CA HIS CA 125 -51.07 -86.57 7.23
C HIS CA 125 -52.29 -86.40 6.33
N ARG CA 126 -53.38 -85.95 6.93
CA ARG CA 126 -54.60 -85.62 6.22
C ARG CA 126 -55.12 -84.29 6.75
N ILE CA 127 -55.40 -83.35 5.85
CA ILE CA 127 -56.00 -82.08 6.24
C ILE CA 127 -57.51 -82.23 6.15
N PHE CA 128 -58.19 -82.04 7.27
CA PHE CA 128 -59.62 -82.28 7.37
C PHE CA 128 -60.31 -81.03 7.88
N VAL CA 129 -61.22 -80.48 7.09
CA VAL CA 129 -62.02 -79.33 7.49
C VAL CA 129 -63.30 -79.86 8.14
N PRO CA 130 -63.58 -79.51 9.39
CA PRO CA 130 -64.78 -80.03 10.06
C PRO CA 130 -66.05 -79.65 9.30
N GLY CA 131 -67.02 -80.55 9.32
CA GLY CA 131 -68.28 -80.31 8.66
C GLY CA 131 -69.34 -81.29 9.13
N SER CA 132 -70.59 -80.96 8.81
CA SER CA 132 -71.70 -81.82 9.21
C SER CA 132 -71.97 -82.96 8.25
N PHE CA 133 -71.35 -82.96 7.07
CA PHE CA 133 -71.50 -84.04 6.10
C PHE CA 133 -70.12 -84.60 5.78
N ILE CA 134 -69.87 -85.83 6.22
CA ILE CA 134 -68.62 -86.53 5.94
C ILE CA 134 -68.93 -87.64 4.95
N LEU CA 135 -68.16 -87.72 3.87
CA LEU CA 135 -68.48 -88.64 2.79
C LEU CA 135 -68.47 -90.09 3.24
N GLY CA 136 -67.65 -90.42 4.24
CA GLY CA 136 -67.50 -91.81 4.64
C GLY CA 136 -68.77 -92.40 5.21
N GLN CA 137 -69.43 -91.68 6.12
CA GLN CA 137 -70.49 -92.26 6.93
C GLN CA 137 -71.80 -91.48 6.94
N SER CA 138 -71.81 -90.20 6.60
CA SER CA 138 -73.04 -89.41 6.69
C SER CA 138 -74.07 -89.93 5.69
N GLN CA 139 -75.32 -90.02 6.14
CA GLN CA 139 -76.41 -90.55 5.35
C GLN CA 139 -77.15 -89.43 4.64
N VAL CA 140 -77.40 -89.63 3.34
CA VAL CA 140 -77.94 -88.57 2.50
C VAL CA 140 -79.34 -88.16 2.94
N SER CA 141 -80.14 -89.11 3.43
CA SER CA 141 -81.54 -88.82 3.73
C SER CA 141 -81.69 -87.77 4.83
N GLU CA 142 -80.93 -87.90 5.92
CA GLU CA 142 -81.17 -87.07 7.09
C GLU CA 142 -80.03 -86.13 7.47
N ASP CA 143 -78.79 -86.44 7.10
CA ASP CA 143 -77.68 -85.55 7.47
C ASP CA 143 -77.70 -84.28 6.62
N THR CA 144 -77.07 -83.24 7.16
CA THR CA 144 -77.13 -81.91 6.58
C THR CA 144 -75.75 -81.47 6.09
N LEU CA 145 -75.75 -80.44 5.25
CA LEU CA 145 -74.51 -79.86 4.76
C LEU CA 145 -74.03 -78.77 5.71
N GLY CA 146 -72.72 -78.57 5.74
CA GLY CA 146 -72.14 -77.57 6.63
C GLY CA 146 -70.70 -77.31 6.29
N ALA CA 147 -70.11 -76.36 7.00
CA ALA CA 147 -68.71 -76.01 6.82
C ALA CA 147 -68.18 -75.45 8.14
N ALA CA 148 -66.86 -75.48 8.27
CA ALA CA 148 -66.21 -75.00 9.49
C ALA CA 148 -65.82 -73.52 9.41
N GLY CA 149 -65.35 -73.07 8.26
CA GLY CA 149 -64.88 -71.71 8.14
C GLY CA 149 -63.37 -71.63 8.27
N TRP CA 150 -62.90 -70.93 9.30
CA TRP CA 150 -61.47 -70.78 9.54
C TRP CA 150 -60.90 -71.92 10.36
N GLU CA 151 -61.56 -73.07 10.39
CA GLU CA 151 -61.11 -74.20 11.18
C GLU CA 151 -60.68 -75.35 10.29
N PHE CA 152 -59.64 -76.05 10.73
CA PHE CA 152 -59.20 -77.27 10.06
C PHE CA 152 -58.39 -78.09 11.06
N GLU CA 153 -58.04 -79.30 10.65
CA GLU CA 153 -57.33 -80.21 11.54
C GLU CA 153 -56.34 -81.03 10.72
N ILE CA 154 -55.25 -81.42 11.37
CA ILE CA 154 -54.24 -82.28 10.78
C ILE CA 154 -54.34 -83.62 11.47
N LEU CA 155 -54.76 -84.64 10.73
CA LEU CA 155 -54.90 -85.98 11.28
C LEU CA 155 -53.70 -86.82 10.87
N LEU CA 156 -53.09 -87.48 11.85
CA LEU CA 156 -51.92 -88.30 11.64
C LEU CA 156 -52.25 -89.77 11.88
N PRO CA 157 -51.53 -90.68 11.24
CA PRO CA 157 -51.81 -92.11 11.45
C PRO CA 157 -51.40 -92.55 12.84
N ARG CA 158 -51.95 -93.69 13.25
CA ARG CA 158 -51.65 -94.25 14.57
C ARG CA 158 -50.22 -94.74 14.68
N ASP CA 159 -49.48 -94.83 13.58
CA ASP CA 159 -48.09 -95.29 13.64
C ASP CA 159 -47.23 -94.37 14.50
N TYR CA 160 -47.54 -93.08 14.53
CA TYR CA 160 -46.79 -92.13 15.35
C TYR CA 160 -47.27 -92.17 16.79
N ALA CA 161 -46.39 -91.79 17.70
CA ALA CA 161 -46.72 -91.71 19.12
C ALA CA 161 -47.24 -90.32 19.47
N GLU CA 162 -48.20 -90.27 20.39
CA GLU CA 162 -48.83 -89.01 20.74
C GLU CA 162 -47.82 -88.05 21.35
N ASN CA 163 -47.87 -86.79 20.92
CA ASN CA 163 -46.95 -85.76 21.38
C ASN CA 163 -45.50 -86.18 21.22
N GLY CA 164 -45.22 -86.99 20.20
CA GLY CA 164 -43.88 -87.44 19.93
C GLY CA 164 -43.19 -86.52 18.95
N TYR CA 165 -42.25 -87.09 18.19
CA TYR CA 165 -41.55 -86.33 17.18
C TYR CA 165 -42.51 -85.79 16.13
N GLU CA 166 -43.36 -86.65 15.58
CA GLU CA 166 -44.20 -86.24 14.46
C GLU CA 166 -45.27 -85.25 14.89
N PHE CA 167 -45.89 -85.46 16.04
CA PHE CA 167 -46.92 -84.52 16.50
C PHE CA 167 -46.35 -83.13 16.70
N ARG CA 168 -45.20 -83.02 17.36
CA ARG CA 168 -44.66 -81.71 17.70
C ARG CA 168 -44.03 -81.06 16.48
N LEU CA 169 -43.44 -81.85 15.59
CA LEU CA 169 -42.98 -81.30 14.31
C LEU CA 169 -44.15 -80.78 13.49
N THR CA 170 -45.27 -81.51 13.48
CA THR CA 170 -46.46 -81.05 12.78
C THR CA 170 -46.99 -79.76 13.39
N LEU CA 171 -46.98 -79.66 14.71
CA LEU CA 171 -47.40 -78.43 15.36
C LEU CA 171 -46.52 -77.26 14.94
N LYS CA 172 -45.20 -77.47 14.92
CA LYS CA 172 -44.29 -76.40 14.51
C LYS CA 172 -44.53 -75.99 13.07
N ILE CA 173 -44.70 -76.97 12.18
CA ILE CA 173 -44.92 -76.67 10.78
C ILE CA 173 -46.24 -75.92 10.59
N ALA CA 174 -47.29 -76.36 11.28
CA ALA CA 174 -48.58 -75.70 11.16
C ALA CA 174 -48.51 -74.27 11.68
N SER CA 175 -47.81 -74.06 12.79
CA SER CA 175 -47.65 -72.70 13.29
C SER CA 175 -46.89 -71.84 12.29
N LEU CA 176 -45.90 -72.40 11.61
CA LEU CA 176 -45.11 -71.63 10.67
C LEU CA 176 -45.84 -71.36 9.35
N PHE CA 177 -46.76 -72.24 8.93
CA PHE CA 177 -47.29 -72.18 7.58
C PHE CA 177 -48.80 -72.06 7.50
N SER CA 178 -49.55 -72.54 8.49
CA SER CA 178 -50.99 -72.31 8.47
C SER CA 178 -51.29 -70.85 8.80
N PRO CA 179 -52.32 -70.28 8.18
CA PRO CA 179 -52.68 -68.88 8.47
C PRO CA 179 -52.98 -68.69 9.95
N LEU CA 180 -52.54 -67.55 10.48
CA LEU CA 180 -52.53 -67.36 11.93
C LEU CA 180 -53.94 -67.32 12.51
N TRP CA 181 -54.88 -66.70 11.79
CA TRP CA 181 -56.24 -66.56 12.28
C TRP CA 181 -57.03 -67.86 12.24
N CYS CA 182 -56.52 -68.89 11.58
CA CYS CA 182 -57.23 -70.16 11.48
C CYS CA 182 -56.98 -71.00 12.73
N LYS CA 183 -58.02 -71.70 13.16
CA LYS CA 183 -57.95 -72.59 14.31
C LYS CA 183 -57.62 -74.00 13.82
N TYR CA 184 -56.48 -74.54 14.25
CA TYR CA 184 -56.05 -75.86 13.82
C TYR CA 184 -55.74 -76.72 15.03
N ARG CA 185 -55.91 -78.03 14.86
CA ARG CA 185 -55.62 -79.00 15.89
C ARG CA 185 -54.98 -80.22 15.27
N VAL CA 186 -53.87 -80.68 15.85
CA VAL CA 186 -53.21 -81.90 15.44
C VAL CA 186 -53.85 -83.06 16.20
N ARG CA 187 -54.22 -84.11 15.48
CA ARG CA 187 -55.04 -85.17 16.05
C ARG CA 187 -54.71 -86.49 15.38
N TYR CA 188 -55.11 -87.57 16.03
CA TYR CA 188 -55.01 -88.90 15.46
C TYR CA 188 -56.13 -89.10 14.45
N ASP CA 189 -55.80 -89.74 13.33
CA ASP CA 189 -56.81 -89.99 12.30
C ASP CA 189 -57.80 -91.03 12.80
N ASN CA 190 -59.08 -90.71 12.70
CA ASN CA 190 -60.14 -91.60 13.18
C ASN CA 190 -60.40 -92.76 12.24
N LEU CA 191 -59.82 -92.75 11.05
CA LEU CA 191 -60.01 -93.85 10.10
C LEU CA 191 -59.09 -95.01 10.45
N LEU DA 5 -23.39 -57.08 1.16
CA LEU DA 5 -22.26 -56.19 0.94
C LEU DA 5 -21.81 -56.23 -0.52
N ASN DA 6 -20.77 -55.48 -0.83
CA ASN DA 6 -20.22 -55.49 -2.18
C ASN DA 6 -19.45 -56.77 -2.42
N ALA DA 7 -19.70 -57.39 -3.56
CA ALA DA 7 -19.00 -58.63 -3.91
C ALA DA 7 -17.53 -58.35 -4.15
N PRO DA 8 -16.62 -59.21 -3.70
CA PRO DA 8 -15.20 -59.00 -3.99
C PRO DA 8 -14.90 -59.22 -5.47
N GLN DA 9 -13.89 -58.51 -5.96
CA GLN DA 9 -13.43 -58.69 -7.32
C GLN DA 9 -12.59 -59.96 -7.40
N LEU DA 10 -12.91 -60.83 -8.36
CA LEU DA 10 -12.26 -62.14 -8.39
C LEU DA 10 -10.94 -62.12 -9.16
N VAL DA 11 -10.91 -61.41 -10.29
CA VAL DA 11 -9.68 -61.35 -11.07
C VAL DA 11 -8.69 -60.41 -10.40
N VAL DA 12 -7.40 -60.66 -10.62
CA VAL DA 12 -6.36 -59.77 -10.15
C VAL DA 12 -6.29 -58.55 -11.07
N ASP DA 13 -6.20 -57.36 -10.46
CA ASP DA 13 -6.24 -56.13 -11.25
C ASP DA 13 -5.02 -56.01 -12.15
N ASP DA 14 -3.84 -56.36 -11.65
CA ASP DA 14 -2.60 -56.13 -12.38
C ASP DA 14 -1.71 -57.35 -12.19
N TYR DA 15 -1.49 -58.11 -13.28
CA TYR DA 15 -0.75 -59.36 -13.16
C TYR DA 15 0.76 -59.18 -13.24
N GLU DA 16 1.24 -58.22 -14.06
CA GLU DA 16 2.66 -57.89 -14.00
C GLU DA 16 3.04 -57.37 -12.63
N GLN DA 17 2.12 -56.67 -11.97
CA GLN DA 17 2.32 -56.32 -10.57
C GLN DA 17 2.47 -57.57 -9.71
N LEU DA 18 1.67 -58.59 -9.98
CA LEU DA 18 1.80 -59.84 -9.24
C LEU DA 18 3.16 -60.48 -9.44
N ILE DA 19 3.67 -60.45 -10.68
CA ILE DA 19 4.98 -61.02 -10.96
C ILE DA 19 6.07 -60.25 -10.21
N ILE DA 20 6.01 -58.92 -10.27
CA ILE DA 20 7.01 -58.10 -9.61
C ILE DA 20 6.96 -58.32 -8.11
N ASP DA 21 5.74 -58.43 -7.55
CA ASP DA 21 5.60 -58.64 -6.12
C ASP DA 21 6.12 -60.01 -5.71
N SER DA 22 5.93 -61.02 -6.56
CA SER DA 22 6.46 -62.35 -6.26
C SER DA 22 7.98 -62.34 -6.26
N LEU DA 23 8.57 -61.49 -7.09
CA LEU DA 23 10.02 -61.41 -7.16
C LEU DA 23 10.59 -60.65 -5.98
N VAL DA 24 9.87 -59.62 -5.53
CA VAL DA 24 10.31 -58.89 -4.35
C VAL DA 24 10.18 -59.85 -3.18
N HIS DA 25 9.16 -60.70 -3.18
CA HIS DA 25 9.01 -61.69 -2.13
C HIS DA 25 10.16 -62.69 -2.12
N THR DA 26 10.70 -63.06 -3.27
CA THR DA 26 11.86 -63.95 -3.28
C THR DA 26 13.00 -63.29 -2.51
N ASN DA 27 13.22 -61.99 -2.73
CA ASN DA 27 14.26 -61.28 -1.97
C ASN DA 27 13.93 -61.23 -0.49
N VAL DA 28 12.67 -60.99 -0.13
CA VAL DA 28 12.27 -60.97 1.27
C VAL DA 28 12.57 -62.32 1.92
N VAL DA 29 12.17 -63.41 1.26
CA VAL DA 29 12.43 -64.74 1.78
C VAL DA 29 13.93 -64.98 1.96
N SER DA 30 14.71 -64.64 0.94
CA SER DA 30 16.16 -64.86 0.98
C SER DA 30 16.90 -63.78 1.75
N ASN DA 31 16.17 -62.85 2.37
CA ASN DA 31 16.78 -61.77 3.15
C ASN DA 31 17.93 -61.07 2.44
N GLY DA 32 17.67 -60.53 1.25
CA GLY DA 32 18.69 -59.80 0.53
C GLY DA 32 19.72 -60.69 -0.15
N GLU DA 33 19.26 -61.58 -1.01
CA GLU DA 33 20.18 -62.45 -1.75
C GLU DA 33 19.69 -62.63 -3.17
N PHE DA 34 18.39 -62.86 -3.33
CA PHE DA 34 17.82 -63.06 -4.65
C PHE DA 34 17.39 -61.70 -5.19
N THR DA 35 18.32 -61.05 -5.89
CA THR DA 35 18.07 -59.69 -6.37
C THR DA 35 17.78 -59.60 -7.85
N ASP DA 36 17.80 -60.72 -8.55
CA ASP DA 36 17.60 -60.69 -9.98
C ASP DA 36 16.14 -60.56 -10.36
N LEU DA 37 15.82 -59.58 -11.20
CA LEU DA 37 14.43 -59.35 -11.53
C LEU DA 37 14.11 -59.24 -13.03
N ASP DA 38 15.06 -59.56 -13.91
CA ASP DA 38 14.74 -59.51 -15.33
C ASP DA 38 14.37 -60.89 -15.84
N ALA DA 39 13.98 -60.95 -17.12
CA ALA DA 39 13.55 -62.22 -17.70
C ALA DA 39 14.69 -63.22 -17.77
N SER DA 40 15.93 -62.75 -17.79
CA SER DA 40 17.09 -63.63 -17.81
C SER DA 40 17.33 -64.32 -16.48
N GLY DA 41 16.62 -63.92 -15.42
CA GLY DA 41 16.79 -64.56 -14.13
C GLY DA 41 16.18 -65.94 -14.09
N PHE DA 42 16.49 -66.66 -13.01
CA PHE DA 42 16.00 -68.03 -12.86
C PHE DA 42 14.53 -68.06 -12.47
N MET DA 43 14.12 -67.14 -11.60
CA MET DA 43 12.77 -67.18 -11.03
C MET DA 43 11.72 -66.54 -11.91
N ARG DA 44 12.11 -65.63 -12.79
CA ARG DA 44 11.13 -64.88 -13.59
C ARG DA 44 10.31 -65.76 -14.51
N PRO DA 45 10.88 -66.70 -15.29
CA PRO DA 45 10.02 -67.54 -16.13
C PRO DA 45 8.99 -68.33 -15.34
N PHE DA 46 9.38 -68.91 -14.21
CA PHE DA 46 8.44 -69.66 -13.39
C PHE DA 46 7.35 -68.75 -12.86
N ALA DA 47 7.74 -67.59 -12.32
CA ALA DA 47 6.75 -66.68 -11.75
C ALA DA 47 5.79 -66.17 -12.81
N GLY DA 48 6.30 -65.83 -13.98
CA GLY DA 48 5.44 -65.33 -15.05
C GLY DA 48 4.48 -66.41 -15.56
N THR DA 49 4.99 -67.62 -15.75
CA THR DA 49 4.12 -68.70 -16.19
C THR DA 49 3.03 -69.00 -15.16
N MET DA 50 3.41 -69.01 -13.88
CA MET DA 50 2.41 -69.22 -12.84
C MET DA 50 1.38 -68.09 -12.84
N ALA DA 51 1.83 -66.85 -13.04
CA ALA DA 51 0.90 -65.73 -13.06
C ALA DA 51 -0.06 -65.82 -14.24
N TYR DA 52 0.42 -66.26 -15.40
CA TYR DA 52 -0.47 -66.37 -16.55
C TYR DA 52 -1.47 -67.51 -16.37
N ALA DA 53 -1.02 -68.65 -15.86
CA ALA DA 53 -1.94 -69.73 -15.55
C ALA DA 53 -2.96 -69.30 -14.50
N GLY DA 54 -2.52 -68.52 -13.51
CA GLY DA 54 -3.43 -68.01 -12.51
C GLY DA 54 -4.43 -67.01 -13.07
N SER DA 55 -4.01 -66.21 -14.05
CA SER DA 55 -4.97 -65.33 -14.72
C SER DA 55 -6.04 -66.14 -15.42
N GLU DA 56 -5.63 -67.22 -16.09
CA GLU DA 56 -6.61 -68.11 -16.70
C GLU DA 56 -7.55 -68.71 -15.65
N LEU DA 57 -6.98 -69.15 -14.53
CA LEU DA 57 -7.77 -69.75 -13.46
C LEU DA 57 -8.77 -68.76 -12.88
N LEU DA 58 -8.35 -67.51 -12.69
CA LEU DA 58 -9.25 -66.51 -12.12
C LEU DA 58 -10.31 -66.08 -13.13
N TYR DA 59 -9.98 -66.06 -14.42
CA TYR DA 59 -11.02 -65.82 -15.41
C TYR DA 59 -12.07 -66.93 -15.38
N LYS DA 60 -11.62 -68.18 -15.29
CA LYS DA 60 -12.58 -69.28 -15.18
C LYS DA 60 -13.37 -69.19 -13.88
N ALA DA 61 -12.73 -68.74 -12.79
CA ALA DA 61 -13.46 -68.58 -11.53
C ALA DA 61 -14.53 -67.50 -11.63
N ASN DA 62 -14.23 -66.40 -12.31
CA ASN DA 62 -15.23 -65.36 -12.54
C ASN DA 62 -16.39 -65.91 -13.36
N LEU DA 63 -16.10 -66.60 -14.46
CA LEU DA 63 -17.14 -67.23 -15.25
C LEU DA 63 -17.93 -68.23 -14.42
N ALA DA 64 -17.27 -68.93 -13.51
CA ALA DA 64 -17.91 -69.96 -12.72
C ALA DA 64 -18.86 -69.34 -11.70
N SER DA 65 -18.45 -68.25 -11.06
CA SER DA 65 -19.35 -67.58 -10.13
C SER DA 65 -20.56 -67.00 -10.86
N ILE DA 66 -20.33 -66.42 -12.04
CA ILE DA 66 -21.45 -65.92 -12.84
C ILE DA 66 -22.40 -67.07 -13.20
N ALA DA 67 -21.85 -68.20 -13.64
CA ALA DA 67 -22.67 -69.33 -14.04
C ALA DA 67 -23.39 -69.93 -12.84
N ALA DA 68 -22.77 -69.87 -11.66
CA ALA DA 68 -23.45 -70.34 -10.45
C ALA DA 68 -24.64 -69.46 -10.12
N ALA DA 69 -24.49 -68.14 -10.27
CA ALA DA 69 -25.64 -67.25 -10.07
C ALA DA 69 -26.74 -67.56 -11.09
N LYS DA 70 -26.36 -67.75 -12.35
CA LYS DA 70 -27.37 -68.03 -13.38
C LYS DA 70 -28.05 -69.37 -13.13
N SER DA 71 -27.30 -70.37 -12.65
CA SER DA 71 -27.89 -71.67 -12.37
C SER DA 71 -28.80 -71.61 -11.15
N PHE DA 72 -28.47 -70.75 -10.17
CA PHE DA 72 -29.39 -70.50 -9.08
C PHE DA 72 -30.67 -69.87 -9.58
N PHE DA 73 -30.55 -68.96 -10.54
CA PHE DA 73 -31.74 -68.36 -11.15
C PHE DA 73 -32.58 -69.42 -11.86
N LYS DA 74 -31.93 -70.30 -12.61
CA LYS DA 74 -32.65 -71.27 -13.42
C LYS DA 74 -33.32 -72.33 -12.56
N ASN DA 75 -32.61 -72.84 -11.56
CA ASN DA 75 -33.10 -74.00 -10.82
C ASN DA 75 -34.00 -73.59 -9.66
N VAL DA 76 -33.57 -72.62 -8.86
CA VAL DA 76 -34.32 -72.26 -7.66
C VAL DA 76 -35.34 -71.17 -7.98
N LEU DA 77 -34.88 -70.08 -8.59
CA LEU DA 77 -35.80 -68.96 -8.87
C LEU DA 77 -36.84 -69.36 -9.91
N GLY DA 78 -36.47 -70.21 -10.86
CA GLY DA 78 -37.36 -70.60 -11.92
C GLY DA 78 -37.28 -69.77 -13.18
N VAL DA 79 -36.36 -68.81 -13.25
CA VAL DA 79 -36.21 -67.98 -14.43
C VAL DA 79 -34.91 -68.34 -15.13
N PRO DA 80 -34.97 -69.06 -16.25
CA PRO DA 80 -33.74 -69.35 -17.01
C PRO DA 80 -33.23 -68.10 -17.73
N GLU DA 81 -31.93 -68.06 -17.92
CA GLU DA 81 -31.32 -66.97 -18.67
C GLU DA 81 -31.37 -67.28 -20.16
N ASP DA 82 -31.83 -66.32 -20.96
CA ASP DA 82 -31.93 -66.49 -22.40
C ASP DA 82 -30.63 -66.04 -23.05
N THR DA 83 -29.97 -66.95 -23.76
CA THR DA 83 -28.83 -66.62 -24.60
C THR DA 83 -29.23 -66.56 -26.07
N GLY DA 84 -30.51 -66.55 -26.36
CA GLY DA 84 -31.00 -66.60 -27.73
C GLY DA 84 -31.98 -67.74 -27.93
N THR DA 85 -33.17 -67.41 -28.40
CA THR DA 85 -34.20 -68.39 -28.69
C THR DA 85 -34.39 -68.50 -30.19
N LYS DA 86 -34.46 -69.74 -30.69
CA LYS DA 86 -34.75 -69.98 -32.10
C LYS DA 86 -36.24 -69.81 -32.35
N ALA DA 87 -36.59 -69.03 -33.37
CA ALA DA 87 -37.98 -68.74 -33.64
C ALA DA 87 -38.72 -70.00 -34.05
N THR DA 88 -39.99 -70.09 -33.65
CA THR DA 88 -40.82 -71.25 -33.93
C THR DA 88 -42.09 -70.81 -34.64
N THR DA 89 -42.57 -71.67 -35.55
CA THR DA 89 -43.81 -71.42 -36.26
C THR DA 89 -44.56 -72.73 -36.40
N THR DA 90 -45.75 -72.65 -36.99
CA THR DA 90 -46.60 -73.82 -37.22
C THR DA 90 -46.74 -74.03 -38.73
N LEU DA 91 -46.05 -75.05 -39.24
CA LEU DA 91 -46.16 -75.38 -40.65
C LEU DA 91 -47.38 -76.26 -40.88
N GLN DA 92 -48.04 -76.03 -42.02
CA GLN DA 92 -49.12 -76.86 -42.52
C GLN DA 92 -48.72 -77.41 -43.88
N PHE DA 93 -48.81 -78.73 -44.02
CA PHE DA 93 -48.51 -79.43 -45.25
C PHE DA 93 -49.82 -79.91 -45.86
N GLY DA 94 -50.07 -79.53 -47.10
CA GLY DA 94 -51.30 -79.87 -47.79
C GLY DA 94 -51.01 -80.80 -48.96
N LEU DA 95 -51.71 -81.92 -48.98
CA LEU DA 95 -51.49 -82.98 -49.96
C LEU DA 95 -52.25 -82.69 -51.26
N SER DA 96 -51.80 -83.34 -52.32
CA SER DA 96 -52.48 -83.25 -53.60
C SER DA 96 -53.45 -84.40 -53.82
N ALA DA 97 -53.49 -85.38 -52.93
CA ALA DA 97 -54.39 -86.51 -53.06
C ALA DA 97 -54.70 -87.07 -51.68
N SER DA 98 -55.85 -87.72 -51.57
CA SER DA 98 -56.32 -88.31 -50.31
C SER DA 98 -55.87 -89.76 -50.28
N LEU DA 99 -54.73 -90.00 -49.63
CA LEU DA 99 -54.16 -91.33 -49.57
C LEU DA 99 -55.02 -92.29 -48.75
N SER DA 100 -54.92 -93.58 -49.09
CA SER DA 100 -55.51 -94.62 -48.27
C SER DA 100 -54.57 -95.07 -47.15
N THR DA 101 -53.32 -94.60 -47.15
CA THR DA 101 -52.39 -94.93 -46.07
C THR DA 101 -51.90 -93.67 -45.38
N ASP DA 102 -50.94 -93.82 -44.48
CA ASP DA 102 -50.44 -92.68 -43.73
C ASP DA 102 -49.29 -92.00 -44.47
N PHE DA 103 -49.36 -90.68 -44.58
CA PHE DA 103 -48.32 -89.89 -45.22
C PHE DA 103 -47.35 -89.44 -44.13
N ILE DA 104 -46.11 -89.89 -44.21
CA ILE DA 104 -45.12 -89.67 -43.15
C ILE DA 104 -44.11 -88.65 -43.64
N VAL DA 105 -44.11 -87.48 -43.02
CA VAL DA 105 -43.08 -86.47 -43.25
C VAL DA 105 -41.99 -86.67 -42.21
N PRO DA 106 -40.76 -86.94 -42.60
CA PRO DA 106 -39.70 -87.21 -41.62
C PRO DA 106 -39.35 -85.98 -40.81
N ILE DA 107 -38.56 -86.19 -39.75
CA ILE DA 107 -38.11 -85.09 -38.94
C ILE DA 107 -37.12 -84.24 -39.73
N ASN DA 108 -36.90 -83.01 -39.26
CA ASN DA 108 -35.93 -82.09 -39.84
C ASN DA 108 -36.19 -81.85 -41.32
N PHE DA 109 -37.47 -81.75 -41.67
CA PHE DA 109 -37.85 -81.40 -43.04
C PHE DA 109 -37.55 -79.91 -43.25
N GLN DA 110 -36.65 -79.62 -44.19
CA GLN DA 110 -36.20 -78.25 -44.38
C GLN DA 110 -37.17 -77.47 -45.26
N VAL DA 111 -37.66 -76.35 -44.73
CA VAL DA 111 -38.42 -75.37 -45.49
C VAL DA 111 -37.69 -74.04 -45.38
N SER DA 112 -38.02 -73.12 -46.29
CA SER DA 112 -37.34 -71.84 -46.29
C SER DA 112 -38.21 -70.84 -47.03
N ASP DA 113 -37.83 -69.57 -46.94
CA ASP DA 113 -38.51 -68.51 -47.65
C ASP DA 113 -37.99 -68.45 -49.09
N LEU DA 114 -38.41 -67.42 -49.83
CA LEU DA 114 -38.04 -67.33 -51.24
C LEU DA 114 -36.54 -67.10 -51.40
N SER DA 115 -35.95 -66.26 -50.55
CA SER DA 115 -34.52 -65.99 -50.65
C SER DA 115 -33.68 -67.16 -50.19
N GLY DA 116 -34.21 -68.03 -49.33
CA GLY DA 116 -33.45 -69.12 -48.78
C GLY DA 116 -32.56 -68.76 -47.61
N THR DA 117 -32.52 -67.48 -47.23
CA THR DA 117 -31.72 -67.08 -46.08
C THR DA 117 -32.25 -67.67 -44.79
N LEU DA 118 -33.57 -67.64 -44.61
CA LEU DA 118 -34.20 -68.13 -43.40
C LEU DA 118 -34.70 -69.55 -43.63
N ARG DA 119 -34.18 -70.49 -42.85
CA ARG DA 119 -34.50 -71.91 -43.01
C ARG DA 119 -35.08 -72.45 -41.72
N PHE DA 120 -36.18 -73.19 -41.82
CA PHE DA 120 -36.84 -73.81 -40.69
C PHE DA 120 -36.83 -75.33 -40.87
N TYR DA 121 -36.90 -76.03 -39.75
CA TYR DA 121 -36.90 -77.49 -39.72
C TYR DA 121 -38.04 -77.98 -38.85
N THR DA 122 -38.72 -79.04 -39.28
CA THR DA 122 -39.77 -79.64 -38.47
C THR DA 122 -39.18 -80.22 -37.19
N ILE DA 123 -39.90 -80.04 -36.08
CA ILE DA 123 -39.39 -80.49 -34.80
C ILE DA 123 -39.61 -81.98 -34.61
N GLY DA 124 -40.61 -82.55 -35.29
CA GLY DA 124 -40.92 -83.95 -35.13
C GLY DA 124 -41.26 -84.65 -36.42
N ASN DA 125 -41.91 -85.81 -36.33
CA ASN DA 125 -42.39 -86.54 -37.49
C ASN DA 125 -43.86 -86.23 -37.69
N LEU DA 126 -44.24 -85.86 -38.91
CA LEU DA 126 -45.62 -85.52 -39.22
C LEU DA 126 -46.31 -86.76 -39.79
N VAL DA 127 -47.48 -87.09 -39.25
CA VAL DA 127 -48.22 -88.28 -39.64
C VAL DA 127 -49.60 -87.81 -40.10
N ILE DA 128 -49.79 -87.72 -41.41
CA ILE DA 128 -51.09 -87.40 -41.97
C ILE DA 128 -51.86 -88.71 -42.10
N PRO DA 129 -52.95 -88.88 -41.38
CA PRO DA 129 -53.67 -90.15 -41.41
C PRO DA 129 -54.38 -90.36 -42.74
N ALA DA 130 -54.77 -91.61 -42.99
CA ALA DA 130 -55.48 -91.95 -44.20
C ALA DA 130 -56.79 -91.19 -44.28
N GLY DA 131 -57.07 -90.61 -45.45
CA GLY DA 131 -58.27 -89.82 -45.63
C GLY DA 131 -58.16 -88.38 -45.20
N ALA DA 132 -56.97 -87.91 -44.85
CA ALA DA 132 -56.75 -86.52 -44.49
C ALA DA 132 -55.82 -85.89 -45.52
N THR DA 133 -56.10 -84.64 -45.89
CA THR DA 133 -55.35 -83.99 -46.96
C THR DA 133 -54.35 -82.96 -46.45
N PHE DA 134 -54.36 -82.63 -45.17
CA PHE DA 134 -53.40 -81.67 -44.66
C PHE DA 134 -53.08 -82.00 -43.21
N GLY DA 135 -51.93 -81.51 -42.75
CA GLY DA 135 -51.50 -81.75 -41.39
C GLY DA 135 -50.60 -80.64 -40.91
N THR DA 136 -50.66 -80.38 -39.61
CA THR DA 136 -49.89 -79.32 -38.98
C THR DA 136 -48.81 -79.89 -38.07
N ILE DA 137 -47.66 -79.21 -38.04
CA ILE DA 137 -46.58 -79.57 -37.13
C ILE DA 137 -45.73 -78.32 -36.93
N GLU DA 138 -45.16 -78.17 -35.74
CA GLU DA 138 -44.36 -77.00 -35.45
C GLU DA 138 -42.95 -77.16 -35.99
N ALA DA 139 -42.39 -76.05 -36.46
CA ALA DA 139 -41.03 -75.99 -36.98
C ALA DA 139 -40.24 -74.94 -36.22
N ILE DA 140 -38.93 -75.13 -36.19
CA ILE DA 140 -38.02 -74.28 -35.45
C ILE DA 140 -37.00 -73.70 -36.41
N ALA DA 141 -36.52 -72.50 -36.08
CA ALA DA 141 -35.58 -71.82 -36.96
C ALA DA 141 -34.23 -72.55 -36.96
N GLU DA 142 -33.43 -72.26 -37.99
CA GLU DA 142 -32.09 -72.83 -38.07
C GLU DA 142 -31.14 -72.22 -37.04
N ASP DA 143 -31.36 -70.96 -36.66
CA ASP DA 143 -30.44 -70.24 -35.80
C ASP DA 143 -31.24 -69.29 -34.92
N ILE DA 144 -30.59 -68.77 -33.89
CA ILE DA 144 -31.22 -67.78 -33.03
C ILE DA 144 -31.22 -66.43 -33.74
N GLY DA 145 -32.02 -65.51 -33.22
CA GLY DA 145 -32.07 -64.16 -33.74
C GLY DA 145 -33.46 -63.65 -34.05
N GLU DA 146 -33.60 -62.34 -34.12
CA GLU DA 146 -34.88 -61.72 -34.42
C GLU DA 146 -35.21 -61.71 -35.91
N LYS DA 147 -34.24 -62.00 -36.77
CA LYS DA 147 -34.46 -62.00 -38.21
C LYS DA 147 -35.31 -63.17 -38.68
N TYR DA 148 -35.56 -64.17 -37.83
CA TYR DA 148 -36.40 -65.30 -38.20
C TYR DA 148 -37.86 -65.09 -37.86
N ASN DA 149 -38.23 -63.91 -37.36
CA ASN DA 149 -39.62 -63.59 -37.05
C ASN DA 149 -40.26 -63.03 -38.30
N VAL DA 150 -40.97 -63.88 -39.05
CA VAL DA 150 -41.63 -63.48 -40.29
C VAL DA 150 -43.12 -63.64 -40.11
N SER DA 151 -43.87 -63.07 -41.06
CA SER DA 151 -45.32 -63.15 -41.03
C SER DA 151 -45.80 -64.47 -41.63
N ALA DA 152 -47.11 -64.63 -41.71
CA ALA DA 152 -47.69 -65.86 -42.23
C ALA DA 152 -47.42 -66.00 -43.72
N ASN DA 153 -47.41 -67.24 -44.20
CA ASN DA 153 -47.25 -67.63 -45.59
C ASN DA 153 -45.92 -67.17 -46.18
N PHE DA 154 -44.97 -66.73 -45.37
CA PHE DA 154 -43.67 -66.33 -45.90
C PHE DA 154 -42.67 -67.46 -45.94
N ILE DA 155 -42.97 -68.60 -45.35
CA ILE DA 155 -42.04 -69.73 -45.28
C ILE DA 155 -42.71 -70.88 -46.03
N ASP DA 156 -42.45 -70.96 -47.34
CA ASP DA 156 -43.12 -71.95 -48.17
C ASP DA 156 -42.22 -72.70 -49.14
N GLN DA 157 -40.95 -72.34 -49.26
CA GLN DA 157 -40.08 -73.00 -50.23
C GLN DA 157 -39.40 -74.21 -49.60
N TYR DA 158 -39.45 -75.34 -50.29
CA TYR DA 158 -38.75 -76.54 -49.86
C TYR DA 158 -38.04 -77.16 -51.05
N SER DA 159 -36.86 -77.71 -50.81
CA SER DA 159 -35.99 -78.20 -51.88
C SER DA 159 -36.16 -79.68 -52.16
N THR DA 160 -36.79 -80.43 -51.27
CA THR DA 160 -36.94 -81.86 -51.48
C THR DA 160 -38.40 -82.20 -51.71
N PRO DA 161 -38.86 -82.21 -52.97
CA PRO DA 161 -40.27 -82.50 -53.23
C PRO DA 161 -40.60 -83.94 -52.87
N LEU DA 162 -41.84 -84.14 -52.39
CA LEU DA 162 -42.35 -85.45 -52.06
C LEU DA 162 -43.62 -85.71 -52.85
N THR DA 163 -43.78 -86.95 -53.29
CA THR DA 163 -44.96 -87.32 -54.06
C THR DA 163 -46.21 -87.10 -53.22
N TYR DA 164 -47.23 -86.49 -53.83
CA TYR DA 164 -48.53 -86.18 -53.25
C TYR DA 164 -48.48 -84.98 -52.31
N LEU DA 165 -47.32 -84.34 -52.15
CA LEU DA 165 -47.22 -83.13 -51.34
C LEU DA 165 -47.44 -81.91 -52.24
N GLN DA 166 -48.57 -81.24 -52.06
CA GLN DA 166 -48.92 -80.12 -52.93
C GLN DA 166 -48.32 -78.80 -52.45
N TYR DA 167 -48.55 -78.45 -51.19
CA TYR DA 167 -48.03 -77.19 -50.67
C TYR DA 167 -47.52 -77.37 -49.26
N VAL DA 168 -46.62 -76.46 -48.86
CA VAL DA 168 -46.14 -76.34 -47.50
C VAL DA 168 -46.10 -74.87 -47.16
N THR DA 169 -46.68 -74.49 -46.03
CA THR DA 169 -46.69 -73.08 -45.65
C THR DA 169 -46.66 -72.99 -44.14
N ASN DA 170 -46.61 -71.76 -43.61
CA ASN DA 170 -46.74 -71.52 -42.18
C ASN DA 170 -47.99 -70.68 -41.96
N ILE DA 171 -49.00 -71.28 -41.32
CA ILE DA 171 -50.21 -70.54 -41.01
C ILE DA 171 -49.93 -69.47 -39.96
N ARG DA 172 -49.09 -69.77 -39.02
CA ARG DA 172 -48.71 -68.83 -37.98
C ARG DA 172 -47.52 -68.00 -38.43
N PRO DA 173 -47.40 -66.78 -37.92
CA PRO DA 173 -46.15 -66.03 -38.08
C PRO DA 173 -45.13 -66.48 -37.06
N ALA DA 174 -43.90 -66.72 -37.53
CA ALA DA 174 -42.85 -67.18 -36.64
C ALA DA 174 -42.56 -66.14 -35.57
N THR DA 175 -42.48 -66.59 -34.32
CA THR DA 175 -42.33 -65.69 -33.19
C THR DA 175 -41.26 -66.23 -32.25
N ASN DA 176 -41.05 -65.51 -31.15
CA ASN DA 176 -40.15 -65.89 -30.07
C ASN DA 176 -38.69 -65.96 -30.53
N GLY DA 177 -38.33 -65.15 -31.52
CA GLY DA 177 -36.95 -65.08 -31.95
C GLY DA 177 -36.20 -63.97 -31.27
N ARG DA 178 -35.22 -64.33 -30.43
CA ARG DA 178 -34.43 -63.36 -29.69
C ARG DA 178 -32.96 -63.71 -29.82
N SER DA 179 -32.11 -62.68 -29.90
CA SER DA 179 -30.69 -62.87 -30.11
C SER DA 179 -29.89 -62.84 -28.82
N GLY DA 180 -30.55 -62.69 -27.67
CA GLY DA 180 -29.85 -62.63 -26.41
C GLY DA 180 -30.67 -61.91 -25.37
N GLU DA 181 -30.04 -61.66 -24.23
CA GLU DA 181 -30.68 -60.96 -23.13
C GLU DA 181 -29.63 -60.21 -22.33
N THR DA 182 -29.86 -58.92 -22.11
CA THR DA 182 -28.97 -58.14 -21.27
C THR DA 182 -29.14 -58.54 -19.82
N ILE DA 183 -28.16 -58.15 -18.99
CA ILE DA 183 -28.23 -58.50 -17.58
C ILE DA 183 -29.35 -57.76 -16.88
N ASP DA 184 -29.72 -56.57 -17.37
CA ASP DA 184 -30.80 -55.81 -16.75
C ASP DA 184 -32.12 -56.55 -16.87
N ASN DA 185 -32.40 -57.09 -18.06
CA ASN DA 185 -33.64 -57.83 -18.27
C ASN DA 185 -33.70 -59.07 -17.38
N LEU DA 186 -32.59 -59.79 -17.30
CA LEU DA 186 -32.56 -60.99 -16.47
C LEU DA 186 -32.76 -60.65 -15.00
N ILE DA 187 -32.14 -59.58 -14.53
CA ILE DA 187 -32.29 -59.18 -13.12
C ILE DA 187 -33.73 -58.78 -12.83
N GLU DA 188 -34.33 -58.00 -13.73
CA GLU DA 188 -35.72 -57.58 -13.53
C GLU DA 188 -36.66 -58.79 -13.58
N ARG DA 189 -36.39 -59.74 -14.47
CA ARG DA 189 -37.20 -60.95 -14.54
C ARG DA 189 -37.07 -61.79 -13.27
N CYS DA 190 -35.86 -61.86 -12.71
CA CYS DA 190 -35.68 -62.54 -11.43
C CYS DA 190 -36.47 -61.83 -10.33
N ALA DA 191 -36.45 -60.49 -10.33
CA ALA DA 191 -37.17 -59.75 -9.30
C ALA DA 191 -38.67 -59.91 -9.44
N GLN DA 192 -39.18 -60.09 -10.67
CA GLN DA 192 -40.60 -60.27 -10.86
C GLN DA 192 -41.12 -61.55 -10.21
N ILE DA 193 -40.30 -62.60 -10.18
CA ILE DA 193 -40.70 -63.85 -9.54
C ILE DA 193 -40.89 -63.65 -8.05
N ILE DA 194 -39.98 -62.93 -7.40
CA ILE DA 194 -40.06 -62.73 -5.96
C ILE DA 194 -41.29 -61.91 -5.59
N ARG DA 195 -41.68 -60.99 -6.46
CA ARG DA 195 -42.81 -60.11 -6.15
C ARG DA 195 -44.16 -60.79 -6.21
N ILE DA 196 -44.23 -62.02 -6.69
CA ILE DA 196 -45.53 -62.67 -6.89
C ILE DA 196 -46.25 -62.81 -5.57
N ARG DA 197 -47.56 -62.60 -5.58
CA ARG DA 197 -48.33 -62.47 -4.35
C ARG DA 197 -49.76 -62.92 -4.58
N ASN DA 198 -50.26 -63.77 -3.70
CA ASN DA 198 -51.66 -64.18 -3.79
C ASN DA 198 -52.57 -63.06 -3.33
N PRO DA 199 -53.78 -62.95 -3.88
CA PRO DA 199 -54.69 -61.89 -3.43
C PRO DA 199 -55.14 -62.13 -2.00
N VAL DA 200 -55.15 -61.07 -1.21
CA VAL DA 200 -55.60 -61.17 0.17
C VAL DA 200 -56.63 -60.13 0.56
N SER DA 201 -56.71 -58.98 -0.10
CA SER DA 201 -57.70 -57.97 0.21
C SER DA 201 -58.82 -58.01 -0.83
N ALA DA 202 -59.89 -57.27 -0.56
CA ALA DA 202 -61.03 -57.24 -1.47
C ALA DA 202 -60.63 -56.67 -2.82
N LEU DA 203 -59.85 -55.58 -2.80
CA LEU DA 203 -59.41 -54.96 -4.04
C LEU DA 203 -58.52 -55.90 -4.84
N ASP DA 204 -57.64 -56.64 -4.15
CA ASP DA 204 -56.80 -57.61 -4.84
C ASP DA 204 -57.64 -58.66 -5.55
N PHE DA 205 -58.65 -59.19 -4.85
CA PHE DA 205 -59.52 -60.18 -5.45
C PHE DA 205 -60.25 -59.61 -6.66
N GLU DA 206 -60.74 -58.38 -6.55
CA GLU DA 206 -61.44 -57.75 -7.66
C GLU DA 206 -60.53 -57.58 -8.87
N GLN DA 207 -59.32 -57.07 -8.65
CA GLN DA 207 -58.40 -56.86 -9.76
C GLN DA 207 -58.02 -58.17 -10.42
N LEU DA 208 -57.78 -59.21 -9.62
CA LEU DA 208 -57.46 -60.51 -10.20
C LEU DA 208 -58.63 -61.08 -10.98
N ALA DA 209 -59.85 -60.85 -10.53
CA ALA DA 209 -61.01 -61.26 -11.32
C ALA DA 209 -61.09 -60.51 -12.64
N GLU DA 210 -60.82 -59.19 -12.62
CA GLU DA 210 -60.88 -58.41 -13.85
C GLU DA 210 -59.84 -58.89 -14.85
N LEU DA 211 -58.65 -59.21 -14.35
CA LEU DA 211 -57.59 -59.71 -15.23
C LEU DA 211 -58.03 -60.97 -15.94
N THR DA 212 -58.70 -61.88 -15.22
CA THR DA 212 -59.13 -63.14 -15.82
C THR DA 212 -60.30 -62.92 -16.78
N MET DA 213 -61.18 -61.98 -16.46
CA MET DA 213 -62.36 -61.75 -17.31
C MET DA 213 -61.99 -60.95 -18.55
N GLY DA 214 -61.47 -59.74 -18.38
CA GLY DA 214 -61.08 -58.92 -19.50
C GLY DA 214 -61.49 -57.47 -19.36
N GLU DA 215 -60.91 -56.61 -20.19
CA GLU DA 215 -61.15 -55.17 -20.09
C GLU DA 215 -62.62 -54.86 -20.38
N GLY DA 216 -63.29 -54.24 -19.43
CA GLY DA 216 -64.70 -53.93 -19.55
C GLY DA 216 -65.60 -54.70 -18.62
N SER DA 217 -65.05 -55.50 -17.72
CA SER DA 217 -65.83 -56.26 -16.75
C SER DA 217 -65.50 -55.75 -15.36
N ARG DA 218 -66.39 -56.02 -14.40
CA ARG DA 218 -66.15 -55.57 -13.04
C ARG DA 218 -66.45 -56.67 -12.04
N CYS DA 219 -65.85 -56.54 -10.85
CA CYS DA 219 -66.06 -57.49 -9.78
C CYS DA 219 -66.19 -56.73 -8.47
N LYS DA 220 -66.85 -57.39 -7.50
CA LYS DA 220 -67.01 -56.87 -6.15
C LYS DA 220 -66.77 -58.01 -5.17
N ALA DA 221 -65.86 -57.82 -4.24
CA ALA DA 221 -65.52 -58.83 -3.24
C ALA DA 221 -66.09 -58.40 -1.90
N ILE DA 222 -66.86 -59.28 -1.27
CA ILE DA 222 -67.49 -59.02 0.01
C ILE DA 222 -67.10 -60.13 0.97
N GLY DA 223 -66.66 -59.76 2.16
CA GLY DA 223 -66.29 -60.73 3.16
C GLY DA 223 -67.48 -61.17 4.01
N LEU DA 224 -67.41 -62.39 4.50
CA LEU DA 224 -68.34 -62.93 5.48
C LEU DA 224 -69.77 -63.02 4.97
N LEU DA 225 -69.97 -63.07 3.65
CA LEU DA 225 -71.30 -63.13 3.06
C LEU DA 225 -71.57 -64.56 2.59
N GLY DA 226 -72.60 -65.18 3.17
CA GLY DA 226 -72.88 -66.57 2.90
C GLY DA 226 -73.42 -66.81 1.50
N ILE DA 227 -73.72 -68.08 1.24
CA ILE DA 227 -74.26 -68.48 -0.06
C ILE DA 227 -75.69 -68.01 -0.24
N ASN DA 228 -76.41 -67.75 0.85
CA ASN DA 228 -77.78 -67.26 0.77
C ASN DA 228 -77.86 -65.75 0.63
N LYS DA 229 -76.71 -65.05 0.69
CA LYS DA 229 -76.65 -63.60 0.52
C LYS DA 229 -77.50 -62.87 1.56
N ILE DA 230 -77.35 -63.29 2.81
CA ILE DA 230 -78.02 -62.66 3.94
C ILE DA 230 -76.98 -61.95 4.77
N VAL DA 231 -77.04 -60.62 4.80
CA VAL DA 231 -76.01 -59.84 5.49
C VAL DA 231 -76.11 -60.03 6.99
N THR DA 232 -77.33 -60.14 7.52
CA THR DA 232 -77.52 -60.27 8.96
C THR DA 232 -76.98 -61.57 9.52
N ASP DA 233 -76.63 -62.54 8.67
CA ASP DA 233 -76.09 -63.83 9.10
C ASP DA 233 -74.72 -64.02 8.48
N PRO DA 234 -73.66 -63.53 9.12
CA PRO DA 234 -72.31 -63.71 8.57
C PRO DA 234 -71.86 -65.15 8.67
N GLN DA 235 -70.93 -65.52 7.78
CA GLN DA 235 -70.37 -66.86 7.76
C GLN DA 235 -68.85 -66.78 7.79
N PRO DA 236 -68.20 -67.33 8.81
CA PRO DA 236 -66.75 -67.18 8.93
C PRO DA 236 -66.00 -67.76 7.74
N GLY DA 237 -64.93 -67.08 7.36
CA GLY DA 237 -64.04 -67.57 6.31
C GLY DA 237 -64.67 -67.71 4.95
N VAL DA 238 -65.49 -66.73 4.55
CA VAL DA 238 -66.15 -66.76 3.26
C VAL DA 238 -65.82 -65.47 2.51
N VAL DA 239 -65.44 -65.62 1.24
CA VAL DA 239 -65.21 -64.47 0.37
C VAL DA 239 -66.13 -64.59 -0.84
N HIS DA 240 -67.15 -63.75 -0.90
CA HIS DA 240 -68.11 -63.76 -2.00
C HIS DA 240 -67.66 -62.83 -3.11
N LEU DA 241 -67.69 -63.31 -4.34
CA LEU DA 241 -67.34 -62.51 -5.51
C LEU DA 241 -68.57 -62.33 -6.37
N PHE DA 242 -68.84 -61.09 -6.76
CA PHE DA 242 -69.95 -60.76 -7.64
C PHE DA 242 -69.38 -60.18 -8.92
N LEU DA 243 -69.74 -60.77 -10.06
CA LEU DA 243 -69.09 -60.45 -11.33
C LEU DA 243 -70.10 -59.88 -12.32
N LEU DA 244 -69.68 -58.80 -12.99
CA LEU DA 244 -70.38 -58.23 -14.12
C LEU DA 244 -69.51 -58.44 -15.35
N ASP DA 245 -70.09 -59.07 -16.37
CA ASP DA 245 -69.36 -59.59 -17.52
C ASP DA 245 -68.67 -58.46 -18.29
N VAL DA 246 -67.84 -58.86 -19.25
CA VAL DA 246 -67.14 -57.91 -20.11
C VAL DA 246 -68.08 -57.12 -20.99
N ASN DA 247 -69.31 -57.59 -21.20
CA ASN DA 247 -70.29 -56.89 -22.00
C ASN DA 247 -71.22 -56.01 -21.16
N GLY DA 248 -71.04 -55.97 -19.84
CA GLY DA 248 -71.87 -55.19 -18.95
C GLY DA 248 -73.04 -55.94 -18.35
N ASN DA 249 -73.29 -57.16 -18.80
CA ASN DA 249 -74.34 -57.97 -18.23
C ASN DA 249 -73.81 -58.76 -17.05
N PRO DA 250 -74.71 -59.26 -16.18
CA PRO DA 250 -74.26 -60.16 -15.11
C PRO DA 250 -73.59 -61.40 -15.68
N ALA DA 251 -72.55 -61.86 -14.99
CA ALA DA 251 -71.73 -62.95 -15.51
C ALA DA 251 -72.53 -64.24 -15.59
N ASP DA 252 -72.41 -64.91 -16.73
CA ASP DA 252 -73.09 -66.17 -16.97
C ASP DA 252 -72.29 -67.31 -16.33
N PRO DA 253 -72.91 -68.50 -16.18
CA PRO DA 253 -72.21 -69.59 -15.50
C PRO DA 253 -70.86 -69.97 -16.11
N VAL DA 254 -70.70 -69.84 -17.42
CA VAL DA 254 -69.41 -70.17 -18.04
C VAL DA 254 -68.32 -69.24 -17.52
N THR DA 255 -68.61 -67.94 -17.44
CA THR DA 255 -67.65 -67.00 -16.90
C THR DA 255 -67.38 -67.27 -15.43
N ILE DA 256 -68.43 -67.66 -14.69
CA ILE DA 256 -68.25 -68.01 -13.29
C ILE DA 256 -67.26 -69.16 -13.14
N SER DA 257 -67.42 -70.20 -13.96
CA SER DA 257 -66.51 -71.33 -13.90
C SER DA 257 -65.11 -70.94 -14.33
N THR DA 258 -65.01 -70.08 -15.35
CA THR DA 258 -63.70 -69.66 -15.84
C THR DA 258 -62.93 -68.89 -14.77
N VAL DA 259 -63.61 -68.02 -14.03
CA VAL DA 259 -62.90 -67.28 -13.00
C VAL DA 259 -62.68 -68.14 -11.75
N GLY DA 260 -63.56 -69.12 -11.50
CA GLY DA 260 -63.35 -70.00 -10.38
C GLY DA 260 -62.16 -70.91 -10.57
N ALA DA 261 -61.99 -71.44 -11.78
CA ALA DA 261 -60.82 -72.27 -12.07
C ALA DA 261 -59.52 -71.52 -11.88
N THR DA 262 -59.54 -70.21 -12.07
CA THR DA 262 -58.33 -69.40 -11.93
C THR DA 262 -58.09 -68.96 -10.49
N LEU DA 263 -59.16 -68.69 -9.74
CA LEU DA 263 -59.02 -68.21 -8.37
C LEU DA 263 -58.95 -69.31 -7.34
N GLN DA 264 -59.36 -70.54 -7.66
CA GLN DA 264 -59.38 -71.59 -6.65
C GLN DA 264 -58.00 -71.94 -6.10
N PRO DA 265 -56.97 -72.17 -6.91
CA PRO DA 265 -55.66 -72.52 -6.33
C PRO DA 265 -54.93 -71.35 -5.68
N ARG DA 266 -55.51 -70.15 -5.66
CA ARG DA 266 -54.85 -69.00 -5.05
C ARG DA 266 -55.30 -68.72 -3.63
N ILE DA 267 -56.51 -69.15 -3.25
CA ILE DA 267 -56.99 -68.89 -1.91
C ILE DA 267 -56.25 -69.76 -0.91
N MET DA 268 -56.05 -69.24 0.30
CA MET DA 268 -55.31 -69.98 1.30
C MET DA 268 -56.27 -70.78 2.18
N LEU DA 269 -55.70 -71.48 3.15
CA LEU DA 269 -56.44 -72.49 3.91
C LEU DA 269 -57.48 -71.82 4.81
N GLY DA 270 -58.63 -72.49 4.94
CA GLY DA 270 -59.67 -72.00 5.82
C GLY DA 270 -60.55 -70.94 5.22
N THR DA 271 -60.46 -70.69 3.92
CA THR DA 271 -61.26 -69.70 3.24
C THR DA 271 -62.15 -70.39 2.22
N ARG DA 272 -63.42 -70.02 2.20
CA ARG DA 272 -64.40 -70.57 1.26
C ARG DA 272 -64.73 -69.48 0.24
N LEU DA 273 -64.49 -69.77 -1.03
CA LEU DA 273 -64.68 -68.80 -2.10
C LEU DA 273 -65.99 -69.09 -2.82
N LEU DA 274 -66.90 -68.14 -2.79
CA LEU DA 274 -68.18 -68.25 -3.47
C LEU DA 274 -68.24 -67.18 -4.56
N ILE DA 275 -68.69 -67.57 -5.75
CA ILE DA 275 -68.77 -66.68 -6.89
C ILE DA 275 -70.20 -66.66 -7.40
N SER DA 276 -70.75 -65.46 -7.56
CA SER DA 276 -72.13 -65.25 -7.92
C SER DA 276 -72.23 -64.14 -8.93
N PRO DA 277 -73.25 -64.15 -9.79
CA PRO DA 277 -73.42 -63.05 -10.74
C PRO DA 277 -73.82 -61.76 -10.04
N MET DA 278 -73.46 -60.65 -10.66
CA MET DA 278 -73.82 -59.33 -10.15
C MET DA 278 -75.28 -59.00 -10.48
N GLU DA 279 -75.80 -58.00 -9.81
CA GLU DA 279 -77.15 -57.52 -10.05
C GLU DA 279 -77.10 -56.12 -10.66
N VAL DA 280 -78.06 -55.84 -11.54
CA VAL DA 280 -78.09 -54.61 -12.31
C VAL DA 280 -79.39 -53.87 -12.02
N LEU DA 281 -79.27 -52.58 -11.74
CA LEU DA 281 -80.41 -51.69 -11.54
C LEU DA 281 -80.46 -50.71 -12.70
N ASN DA 282 -81.60 -50.65 -13.38
CA ASN DA 282 -81.76 -49.77 -14.52
C ASN DA 282 -82.05 -48.34 -14.06
N ILE DA 283 -81.40 -47.37 -14.69
CA ILE DA 283 -81.57 -45.96 -14.38
C ILE DA 283 -82.26 -45.29 -15.55
N GLU DA 284 -83.37 -44.60 -15.28
CA GLU DA 284 -84.11 -43.85 -16.28
C GLU DA 284 -83.99 -42.37 -15.95
N LEU DA 285 -83.60 -41.57 -16.94
CA LEU DA 285 -83.32 -40.16 -16.74
C LEU DA 285 -84.24 -39.29 -17.58
N GLU DA 286 -84.77 -38.24 -16.96
CA GLU DA 286 -85.59 -37.25 -17.64
C GLU DA 286 -85.02 -35.87 -17.32
N LEU DA 287 -84.58 -35.16 -18.35
CA LEU DA 287 -83.79 -33.94 -18.19
C LEU DA 287 -84.47 -32.77 -18.87
N ILE DA 288 -84.57 -31.66 -18.16
CA ILE DA 288 -85.02 -30.39 -18.70
C ILE DA 288 -83.92 -29.37 -18.44
N ALA DA 289 -83.33 -28.86 -19.52
CA ALA DA 289 -82.20 -27.95 -19.42
C ALA DA 289 -82.38 -26.79 -20.38
N LEU DA 290 -81.70 -25.70 -20.08
CA LEU DA 290 -81.78 -24.48 -20.87
C LEU DA 290 -80.44 -24.28 -21.59
N SER DA 291 -80.45 -24.47 -22.91
CA SER DA 291 -79.25 -24.23 -23.69
C SER DA 291 -78.94 -22.74 -23.74
N ASP DA 292 -77.65 -22.41 -23.65
CA ASP DA 292 -77.21 -21.02 -23.70
C ASP DA 292 -77.02 -20.51 -25.12
N SER DA 293 -77.37 -21.31 -26.12
CA SER DA 293 -77.32 -21.03 -27.55
C SER DA 293 -75.90 -21.15 -28.11
N SER DA 294 -74.91 -21.55 -27.32
CA SER DA 294 -73.55 -21.69 -27.84
C SER DA 294 -73.38 -22.92 -28.71
N LYS DA 295 -74.29 -23.89 -28.65
CA LYS DA 295 -74.22 -25.09 -29.46
C LYS DA 295 -75.62 -25.47 -29.93
N THR DA 296 -75.67 -26.25 -31.00
CA THR DA 296 -76.95 -26.72 -31.53
C THR DA 296 -77.55 -27.74 -30.57
N PHE DA 297 -78.86 -27.97 -30.73
CA PHE DA 297 -79.55 -28.93 -29.89
C PHE DA 297 -79.01 -30.34 -30.10
N GLN DA 298 -78.76 -30.73 -31.35
CA GLN DA 298 -78.29 -32.08 -31.62
C GLN DA 298 -76.90 -32.30 -31.03
N GLN DA 299 -76.02 -31.32 -31.16
CA GLN DA 299 -74.69 -31.42 -30.54
C GLN DA 299 -74.83 -31.58 -29.04
N LEU DA 300 -75.71 -30.80 -28.41
CA LEU DA 300 -75.91 -30.93 -26.97
C LEU DA 300 -76.39 -32.31 -26.60
N ALA DA 301 -77.34 -32.86 -27.37
CA ALA DA 301 -77.85 -34.19 -27.07
C ALA DA 301 -76.74 -35.22 -27.17
N ASP DA 302 -75.94 -35.15 -28.24
CA ASP DA 302 -74.85 -36.11 -28.40
C ASP DA 302 -73.85 -36.01 -27.26
N ASP DA 303 -73.48 -34.77 -26.91
CA ASP DA 303 -72.48 -34.58 -25.86
C ASP DA 303 -72.99 -35.07 -24.51
N ILE DA 304 -74.25 -34.77 -24.17
CA ILE DA 304 -74.79 -35.22 -22.89
C ILE DA 304 -74.89 -36.74 -22.87
N LEU DA 305 -75.31 -37.34 -23.99
CA LEU DA 305 -75.40 -38.79 -24.05
C LEU DA 305 -74.03 -39.43 -23.83
N GLU DA 306 -73.00 -38.87 -24.49
CA GLU DA 306 -71.66 -39.43 -24.32
C GLU DA 306 -71.14 -39.23 -22.91
N ALA DA 307 -71.38 -38.05 -22.32
CA ALA DA 307 -70.94 -37.82 -20.95
C ALA DA 307 -71.60 -38.77 -19.98
N LEU DA 308 -72.90 -39.04 -20.17
CA LEU DA 308 -73.58 -39.96 -19.27
C LEU DA 308 -73.15 -41.40 -19.49
N LYS DA 309 -72.84 -41.78 -20.73
CA LYS DA 309 -72.30 -43.11 -20.97
C LYS DA 309 -70.95 -43.28 -20.30
N VAL DA 310 -70.12 -42.23 -20.33
CA VAL DA 310 -68.85 -42.28 -19.60
C VAL DA 310 -69.10 -42.36 -18.10
N PHE DA 311 -70.05 -41.59 -17.60
CA PHE DA 311 -70.32 -41.57 -16.16
C PHE DA 311 -70.79 -42.94 -15.66
N PHE DA 312 -71.69 -43.59 -16.41
CA PHE DA 312 -72.24 -44.87 -16.00
C PHE DA 312 -71.42 -46.04 -16.52
N ASN DA 313 -70.17 -45.82 -16.90
CA ASN DA 313 -69.30 -46.93 -17.25
C ASN DA 313 -69.05 -47.78 -16.02
N PRO DA 314 -69.02 -49.12 -16.14
CA PRO DA 314 -68.77 -49.95 -14.96
C PRO DA 314 -67.48 -49.60 -14.25
N ALA DA 315 -66.42 -49.25 -14.99
CA ALA DA 315 -65.17 -48.86 -14.36
C ALA DA 315 -65.34 -47.64 -13.47
N ASN DA 316 -66.23 -46.73 -13.84
CA ASN DA 316 -66.44 -45.51 -13.07
C ASN DA 316 -67.41 -45.69 -11.90
N LEU DA 317 -68.05 -46.85 -11.79
CA LEU DA 317 -69.09 -47.07 -10.79
C LEU DA 317 -68.57 -47.98 -9.70
N THR DA 318 -68.88 -47.64 -8.45
CA THR DA 318 -68.55 -48.49 -7.31
C THR DA 318 -69.78 -49.31 -6.95
N PRO DA 319 -69.76 -50.62 -7.12
CA PRO DA 319 -70.96 -51.42 -6.84
C PRO DA 319 -71.38 -51.30 -5.38
N GLY DA 320 -72.70 -51.26 -5.17
CA GLY DA 320 -73.24 -51.09 -3.84
C GLY DA 320 -73.33 -49.66 -3.35
N GLU DA 321 -72.92 -48.70 -4.14
CA GLU DA 321 -73.02 -47.32 -3.69
C GLU DA 321 -74.20 -46.63 -4.37
N PRO DA 322 -74.85 -45.71 -3.66
CA PRO DA 322 -75.99 -45.01 -4.25
C PRO DA 322 -75.59 -44.11 -5.39
N VAL DA 323 -76.53 -43.86 -6.29
CA VAL DA 323 -76.34 -42.94 -7.40
C VAL DA 323 -76.78 -41.56 -6.94
N LEU DA 324 -75.83 -40.64 -6.84
CA LEU DA 324 -76.12 -39.30 -6.34
C LEU DA 324 -76.58 -38.42 -7.50
N ILE DA 325 -77.76 -37.80 -7.34
CA ILE DA 325 -78.31 -36.98 -8.40
C ILE DA 325 -77.43 -35.76 -8.65
N GLU DA 326 -76.78 -35.26 -7.60
CA GLU DA 326 -75.89 -34.11 -7.76
C GLU DA 326 -74.69 -34.46 -8.64
N GLU DA 327 -74.15 -35.66 -8.49
CA GLU DA 327 -73.03 -36.08 -9.32
C GLU DA 327 -73.45 -36.24 -10.78
N VAL DA 328 -74.65 -36.78 -11.02
CA VAL DA 328 -75.15 -36.86 -12.38
C VAL DA 328 -75.35 -35.46 -12.97
N LYS DA 329 -75.91 -34.55 -12.17
CA LYS DA 329 -76.10 -33.19 -12.63
C LYS DA 329 -74.77 -32.54 -12.97
N PHE DA 330 -73.75 -32.76 -12.15
CA PHE DA 330 -72.43 -32.21 -12.44
C PHE DA 330 -71.86 -32.81 -13.71
N ALA DA 331 -72.03 -34.12 -13.91
CA ALA DA 331 -71.53 -34.75 -15.12
C ALA DA 331 -72.20 -34.18 -16.36
N ILE DA 332 -73.51 -33.94 -16.29
CA ILE DA 332 -74.21 -33.37 -17.44
C ILE DA 332 -73.76 -31.94 -17.69
N ARG DA 333 -73.66 -31.14 -16.62
CA ARG DA 333 -73.31 -29.74 -16.78
C ARG DA 333 -71.84 -29.57 -17.16
N SER DA 334 -71.02 -30.60 -16.96
CA SER DA 334 -69.61 -30.51 -17.30
C SER DA 334 -69.38 -30.31 -18.79
N VAL DA 335 -70.39 -30.55 -19.63
CA VAL DA 335 -70.25 -30.25 -21.06
C VAL DA 335 -70.09 -28.75 -21.27
N GLY DA 336 -70.88 -27.94 -20.55
CA GLY DA 336 -70.64 -26.52 -20.53
C GLY DA 336 -71.66 -25.66 -21.25
N GLY DA 337 -72.23 -26.17 -22.33
CA GLY DA 337 -73.12 -25.36 -23.14
C GLY DA 337 -74.56 -25.28 -22.70
N LEU DA 338 -74.88 -25.74 -21.49
CA LEU DA 338 -76.26 -25.83 -21.05
C LEU DA 338 -76.39 -25.32 -19.62
N SER DA 339 -77.60 -25.48 -19.07
CA SER DA 339 -77.88 -25.14 -17.68
C SER DA 339 -79.04 -26.00 -17.23
N ILE DA 340 -78.79 -26.93 -16.32
CA ILE DA 340 -79.80 -27.90 -15.92
C ILE DA 340 -80.86 -27.19 -15.07
N SER DA 341 -82.14 -27.43 -15.42
CA SER DA 341 -83.25 -26.92 -14.64
C SER DA 341 -84.00 -28.00 -13.87
N TYR DA 342 -84.11 -29.20 -14.42
CA TYR DA 342 -84.81 -30.30 -13.76
C TYR DA 342 -84.18 -31.62 -14.18
N LEU DA 343 -83.95 -32.50 -13.21
CA LEU DA 343 -83.45 -33.83 -13.48
C LEU DA 343 -84.25 -34.83 -12.66
N GLN DA 344 -84.73 -35.89 -13.30
CA GLN DA 344 -85.47 -36.95 -12.62
C GLN DA 344 -84.79 -38.27 -12.92
N MET DA 345 -84.44 -39.00 -11.86
CA MET DA 345 -83.91 -40.35 -11.97
C MET DA 345 -84.96 -41.29 -11.42
N ASN DA 346 -85.54 -42.13 -12.30
CA ASN DA 346 -86.58 -43.07 -11.92
C ASN DA 346 -87.75 -42.37 -11.25
N ASP DA 347 -88.22 -41.29 -11.89
CA ASP DA 347 -89.40 -40.54 -11.44
C ASP DA 347 -89.20 -39.96 -10.05
N ASN DA 348 -87.98 -39.52 -9.75
CA ASN DA 348 -87.69 -38.88 -8.47
C ASN DA 348 -86.50 -37.96 -8.65
N ALA DA 349 -86.36 -37.03 -7.71
CA ALA DA 349 -85.26 -36.07 -7.71
C ALA DA 349 -84.38 -36.25 -6.48
N ILE DA 350 -84.21 -37.50 -6.05
CA ILE DA 350 -83.42 -37.82 -4.86
C ILE DA 350 -82.43 -38.92 -5.21
N ASN DA 351 -81.40 -39.04 -4.38
CA ASN DA 351 -80.39 -40.06 -4.59
C ASN DA 351 -81.01 -41.45 -4.47
N ILE DA 352 -80.64 -42.33 -5.38
CA ILE DA 352 -81.17 -43.68 -5.43
C ILE DA 352 -80.23 -44.60 -4.66
N PRO DA 353 -80.64 -45.18 -3.54
CA PRO DA 353 -79.80 -46.17 -2.86
C PRO DA 353 -80.04 -47.56 -3.42
N MET DA 354 -78.96 -48.32 -3.53
CA MET DA 354 -79.08 -49.64 -4.11
C MET DA 354 -79.65 -50.63 -3.09
N PRO DA 355 -80.42 -51.62 -3.55
CA PRO DA 355 -81.02 -52.57 -2.60
C PRO DA 355 -80.02 -53.40 -1.82
N ASN DA 356 -78.81 -53.62 -2.36
CA ASN DA 356 -77.84 -54.47 -1.69
C ASN DA 356 -76.45 -54.05 -2.11
N GLN DA 357 -75.45 -54.70 -1.51
CA GLN DA 357 -74.05 -54.31 -1.70
C GLN DA 357 -73.46 -54.86 -2.99
N TRP DA 358 -74.20 -55.64 -3.76
CA TRP DA 358 -73.69 -56.21 -5.01
C TRP DA 358 -74.49 -55.76 -6.21
N THR DA 359 -75.07 -54.57 -6.17
CA THR DA 359 -75.82 -54.01 -7.30
C THR DA 359 -75.04 -52.86 -7.90
N ILE DA 360 -74.91 -52.87 -9.22
CA ILE DA 360 -74.25 -51.78 -9.96
C ILE DA 360 -75.31 -51.07 -10.79
N PRO DA 361 -75.23 -49.76 -10.95
CA PRO DA 361 -76.22 -49.07 -11.79
C PRO DA 361 -75.92 -49.25 -13.26
N ARG DA 362 -76.96 -49.12 -14.07
CA ARG DA 362 -76.82 -49.22 -15.52
C ARG DA 362 -77.97 -48.44 -16.14
N PHE DA 363 -77.70 -47.24 -16.62
CA PHE DA 363 -78.76 -46.41 -17.18
C PHE DA 363 -79.15 -46.92 -18.56
N SER DA 364 -80.45 -46.88 -18.83
CA SER DA 364 -81.01 -47.50 -20.02
C SER DA 364 -81.95 -46.59 -20.80
N TYR DA 365 -82.14 -45.35 -20.36
CA TYR DA 365 -83.07 -44.45 -21.02
C TYR DA 365 -82.81 -43.03 -20.55
N ILE DA 366 -82.86 -42.08 -21.49
CA ILE DA 366 -82.76 -40.67 -21.15
C ILE DA 366 -83.77 -39.89 -21.99
N GLY DA 367 -84.46 -38.96 -21.35
CA GLY DA 367 -85.38 -38.08 -22.05
C GLY DA 367 -84.87 -36.65 -22.07
N PHE DA 368 -84.46 -36.19 -23.25
CA PHE DA 368 -84.00 -34.82 -23.44
C PHE DA 368 -85.20 -33.91 -23.69
N GLU DA 369 -85.29 -32.84 -22.91
CA GLU DA 369 -86.20 -31.73 -23.16
C GLU DA 369 -85.37 -30.46 -23.00
N LEU DA 370 -84.75 -30.03 -24.10
CA LEU DA 370 -83.86 -28.89 -24.08
C LEU DA 370 -84.56 -27.66 -24.63
N THR DA 371 -84.20 -26.50 -24.09
CA THR DA 371 -84.76 -25.23 -24.52
C THR DA 371 -83.64 -24.23 -24.72
N ASP DA 372 -83.82 -23.34 -25.68
CA ASP DA 372 -82.90 -22.23 -25.87
C ASP DA 372 -83.50 -20.97 -25.28
N SER DA 373 -82.79 -19.85 -25.43
CA SER DA 373 -83.33 -18.58 -24.95
C SER DA 373 -84.51 -18.12 -25.78
N GLU DA 374 -84.60 -18.56 -27.03
CA GLU DA 374 -85.70 -18.16 -27.91
C GLU DA 374 -86.96 -18.97 -27.68
N GLY DA 375 -86.90 -20.03 -26.88
CA GLY DA 375 -88.07 -20.82 -26.57
C GLY DA 375 -88.23 -22.08 -27.39
N THR DA 376 -87.33 -22.35 -28.33
CA THR DA 376 -87.41 -23.57 -29.11
C THR DA 376 -87.22 -24.77 -28.19
N VAL DA 377 -88.12 -25.75 -28.32
CA VAL DA 377 -88.10 -26.95 -27.49
C VAL DA 377 -87.67 -28.12 -28.34
N TYR DA 378 -86.56 -28.75 -27.96
CA TYR DA 378 -86.06 -29.95 -28.61
C TYR DA 378 -86.30 -31.13 -27.68
N ARG DA 379 -87.06 -32.11 -28.16
CA ARG DA 379 -87.43 -33.26 -27.35
C ARG DA 379 -86.94 -34.53 -28.02
N ASP DA 380 -86.39 -35.44 -27.22
CA ASP DA 380 -85.90 -36.70 -27.76
C ASP DA 380 -85.85 -37.74 -26.65
N ASN DA 381 -85.96 -39.00 -27.04
CA ASN DA 381 -85.83 -40.13 -26.13
C ASN DA 381 -84.74 -41.04 -26.66
N VAL DA 382 -83.75 -41.35 -25.84
CA VAL DA 382 -82.65 -42.23 -26.23
C VAL DA 382 -82.65 -43.45 -25.32
N VAL DA 383 -82.76 -44.63 -25.92
CA VAL DA 383 -82.74 -45.89 -25.18
C VAL DA 383 -81.36 -46.51 -25.34
N THR DA 384 -80.60 -46.53 -24.25
CA THR DA 384 -79.22 -46.99 -24.29
C THR DA 384 -79.07 -48.47 -23.91
N VAL DA 385 -80.19 -49.16 -23.66
CA VAL DA 385 -80.14 -50.58 -23.36
C VAL DA 385 -79.92 -51.35 -24.65
N THR DA 386 -79.32 -52.53 -24.55
CA THR DA 386 -79.06 -53.36 -25.71
C THR DA 386 -80.33 -54.10 -26.16
N LEU EA 5 -57.36 -19.46 -30.95
CA LEU EA 5 -58.80 -19.68 -31.15
C LEU EA 5 -59.06 -21.13 -31.55
N ASN EA 6 -60.09 -21.34 -32.37
CA ASN EA 6 -60.57 -22.66 -32.72
C ASN EA 6 -60.39 -22.95 -34.21
N ALA EA 7 -59.19 -22.70 -34.72
CA ALA EA 7 -58.92 -22.93 -36.13
C ALA EA 7 -59.06 -24.42 -36.45
N PRO EA 8 -59.79 -24.77 -37.51
CA PRO EA 8 -59.90 -26.19 -37.89
C PRO EA 8 -58.55 -26.79 -38.25
N GLN EA 9 -58.39 -28.07 -37.91
CA GLN EA 9 -57.13 -28.78 -38.14
C GLN EA 9 -57.00 -29.14 -39.62
N LEU EA 10 -55.88 -28.77 -40.24
CA LEU EA 10 -55.66 -29.16 -41.64
C LEU EA 10 -55.24 -30.62 -41.78
N VAL EA 11 -54.12 -31.01 -41.17
CA VAL EA 11 -53.62 -32.38 -41.29
C VAL EA 11 -53.27 -33.01 -39.95
N VAL EA 12 -53.07 -34.32 -39.94
CA VAL EA 12 -52.72 -35.03 -38.71
C VAL EA 12 -51.20 -35.08 -38.52
N ASP EA 13 -50.72 -34.66 -37.35
CA ASP EA 13 -49.29 -34.71 -37.07
C ASP EA 13 -48.97 -35.38 -35.76
N ASP EA 14 -49.89 -36.14 -35.20
CA ASP EA 14 -49.56 -36.89 -33.99
C ASP EA 14 -48.46 -37.83 -34.38
N TYR EA 15 -47.32 -37.73 -33.72
CA TYR EA 15 -46.18 -38.56 -34.07
C TYR EA 15 -46.51 -40.05 -34.25
N GLU EA 16 -47.15 -40.65 -33.26
CA GLU EA 16 -47.49 -42.07 -33.34
C GLU EA 16 -48.48 -42.35 -34.46
N GLN EA 17 -49.53 -41.55 -34.56
CA GLN EA 17 -50.52 -41.71 -35.61
C GLN EA 17 -49.87 -41.69 -36.98
N LEU EA 18 -48.89 -40.81 -37.19
CA LEU EA 18 -48.20 -40.77 -38.47
C LEU EA 18 -47.46 -42.08 -38.74
N ILE EA 19 -46.80 -42.63 -37.71
CA ILE EA 19 -46.08 -43.88 -37.91
C ILE EA 19 -47.03 -45.00 -38.29
N ILE EA 20 -48.11 -45.16 -37.52
CA ILE EA 20 -49.05 -46.25 -37.76
C ILE EA 20 -49.69 -46.12 -39.13
N ASP EA 21 -50.12 -44.90 -39.47
CA ASP EA 21 -50.76 -44.68 -40.76
C ASP EA 21 -49.79 -44.89 -41.90
N SER EA 22 -48.52 -44.54 -41.71
CA SER EA 22 -47.53 -44.77 -42.75
C SER EA 22 -47.35 -46.25 -43.02
N LEU EA 23 -47.26 -47.05 -41.96
CA LEU EA 23 -47.12 -48.50 -42.15
C LEU EA 23 -48.36 -49.08 -42.84
N VAL EA 24 -49.54 -48.65 -42.41
CA VAL EA 24 -50.77 -49.16 -43.02
C VAL EA 24 -50.84 -48.77 -44.50
N HIS EA 25 -50.52 -47.52 -44.82
CA HIS EA 25 -50.61 -47.09 -46.21
C HIS EA 25 -49.53 -47.73 -47.08
N THR EA 26 -48.36 -47.99 -46.52
CA THR EA 26 -47.35 -48.71 -47.28
C THR EA 26 -47.81 -50.12 -47.59
N ASN EA 27 -48.49 -50.77 -46.64
CA ASN EA 27 -49.09 -52.06 -46.94
C ASN EA 27 -50.16 -51.93 -48.03
N VAL EA 28 -50.96 -50.87 -47.97
CA VAL EA 28 -52.03 -50.69 -48.95
C VAL EA 28 -51.47 -50.49 -50.35
N VAL EA 29 -50.45 -49.65 -50.48
CA VAL EA 29 -49.90 -49.33 -51.79
C VAL EA 29 -49.15 -50.48 -52.42
N SER EA 30 -48.38 -51.24 -51.64
CA SER EA 30 -47.61 -52.37 -52.14
C SER EA 30 -48.48 -53.54 -52.56
N ASN EA 31 -49.77 -53.52 -52.25
CA ASN EA 31 -50.69 -54.61 -52.52
C ASN EA 31 -50.26 -55.89 -51.77
N GLY EA 32 -50.02 -55.74 -50.47
CA GLY EA 32 -49.80 -56.85 -49.58
C GLY EA 32 -48.37 -57.34 -49.55
N GLU EA 33 -47.49 -56.79 -50.39
CA GLU EA 33 -46.09 -57.20 -50.35
C GLU EA 33 -45.41 -56.74 -49.07
N PHE EA 34 -45.79 -55.55 -48.59
CA PHE EA 34 -45.28 -55.03 -47.33
C PHE EA 34 -46.24 -55.42 -46.21
N THR EA 35 -45.81 -56.34 -45.35
CA THR EA 35 -46.66 -56.87 -44.29
C THR EA 35 -46.22 -56.44 -42.90
N ASP EA 36 -45.19 -55.61 -42.79
CA ASP EA 36 -44.68 -55.17 -41.49
C ASP EA 36 -45.48 -53.96 -41.03
N LEU EA 37 -46.61 -54.20 -40.36
CA LEU EA 37 -47.45 -53.14 -39.86
C LEU EA 37 -47.30 -52.90 -38.36
N ASP EA 38 -46.35 -53.56 -37.70
CA ASP EA 38 -46.15 -53.38 -36.27
C ASP EA 38 -45.59 -51.98 -36.01
N ALA EA 39 -46.30 -51.21 -35.18
CA ALA EA 39 -45.86 -49.86 -34.88
C ALA EA 39 -44.55 -49.83 -34.09
N SER EA 40 -44.20 -50.91 -33.41
CA SER EA 40 -42.96 -50.98 -32.64
C SER EA 40 -42.00 -52.01 -33.20
N GLY EA 41 -42.16 -52.39 -34.47
CA GLY EA 41 -41.40 -53.45 -35.06
C GLY EA 41 -40.09 -52.98 -35.68
N PHE EA 42 -39.65 -53.72 -36.70
CA PHE EA 42 -38.36 -53.44 -37.32
C PHE EA 42 -38.41 -52.25 -38.25
N MET EA 43 -39.60 -51.88 -38.73
CA MET EA 43 -39.78 -50.69 -39.54
C MET EA 43 -39.97 -49.43 -38.71
N ARG EA 44 -39.99 -49.58 -37.39
CA ARG EA 44 -40.09 -48.41 -36.51
C ARG EA 44 -38.99 -47.38 -36.73
N PRO EA 45 -37.73 -47.73 -36.95
CA PRO EA 45 -36.73 -46.67 -37.20
C PRO EA 45 -37.02 -45.84 -38.42
N PHE EA 46 -37.31 -46.46 -39.56
CA PHE EA 46 -37.57 -45.71 -40.80
C PHE EA 46 -38.82 -44.84 -40.65
N ALA EA 47 -39.93 -45.44 -40.22
CA ALA EA 47 -41.17 -44.70 -40.06
C ALA EA 47 -41.04 -43.60 -39.02
N GLY EA 48 -40.30 -43.87 -37.94
CA GLY EA 48 -40.11 -42.87 -36.91
C GLY EA 48 -39.26 -41.70 -37.38
N THR EA 49 -38.21 -41.98 -38.14
CA THR EA 49 -37.41 -40.90 -38.73
C THR EA 49 -38.25 -40.04 -39.64
N MET EA 50 -39.06 -40.68 -40.49
CA MET EA 50 -39.92 -39.90 -41.38
C MET EA 50 -40.96 -39.11 -40.59
N ALA EA 51 -41.52 -39.72 -39.55
CA ALA EA 51 -42.59 -39.09 -38.80
C ALA EA 51 -42.08 -37.94 -37.95
N TYR EA 52 -40.82 -37.98 -37.52
CA TYR EA 52 -40.28 -36.84 -36.79
C TYR EA 52 -40.32 -35.58 -37.65
N ALA EA 53 -39.75 -35.65 -38.85
CA ALA EA 53 -39.79 -34.52 -39.76
C ALA EA 53 -41.22 -34.18 -40.16
N GLY EA 54 -42.04 -35.19 -40.44
CA GLY EA 54 -43.40 -34.93 -40.84
C GLY EA 54 -44.18 -34.18 -39.77
N SER EA 55 -44.03 -34.60 -38.51
CA SER EA 55 -44.74 -33.93 -37.43
C SER EA 55 -44.21 -32.53 -37.23
N GLU EA 56 -42.88 -32.35 -37.22
CA GLU EA 56 -42.35 -31.02 -36.99
C GLU EA 56 -42.67 -30.06 -38.13
N LEU EA 57 -42.98 -30.57 -39.32
CA LEU EA 57 -43.37 -29.69 -40.42
C LEU EA 57 -44.87 -29.44 -40.46
N LEU EA 58 -45.68 -30.48 -40.30
CA LEU EA 58 -47.12 -30.32 -40.31
C LEU EA 58 -47.63 -29.51 -39.12
N TYR EA 59 -46.92 -29.55 -37.99
CA TYR EA 59 -47.32 -28.71 -36.86
C TYR EA 59 -47.28 -27.23 -37.25
N LYS EA 60 -46.24 -26.82 -37.96
CA LYS EA 60 -46.16 -25.45 -38.45
C LYS EA 60 -47.14 -25.19 -39.58
N ALA EA 61 -47.36 -26.19 -40.45
CA ALA EA 61 -48.31 -26.01 -41.54
C ALA EA 61 -49.74 -25.79 -41.04
N ASN EA 62 -50.08 -26.37 -39.89
CA ASN EA 62 -51.41 -26.20 -39.32
C ASN EA 62 -51.63 -24.82 -38.71
N LEU EA 63 -50.60 -23.98 -38.62
CA LEU EA 63 -50.71 -22.68 -37.98
C LEU EA 63 -51.04 -21.55 -38.94
N ALA EA 64 -51.29 -21.85 -40.23
CA ALA EA 64 -51.42 -20.80 -41.22
C ALA EA 64 -52.63 -19.91 -40.95
N SER EA 65 -53.80 -20.52 -40.73
CA SER EA 65 -55.01 -19.73 -40.55
C SER EA 65 -54.95 -18.90 -39.28
N ILE EA 66 -54.47 -19.49 -38.19
CA ILE EA 66 -54.39 -18.75 -36.94
C ILE EA 66 -53.35 -17.63 -37.04
N ALA EA 67 -52.28 -17.87 -37.79
CA ALA EA 67 -51.29 -16.81 -38.01
C ALA EA 67 -51.89 -15.66 -38.80
N ALA EA 68 -52.70 -15.97 -39.81
CA ALA EA 68 -53.37 -14.92 -40.57
C ALA EA 68 -54.32 -14.12 -39.68
N ALA EA 69 -55.11 -14.82 -38.86
CA ALA EA 69 -56.04 -14.12 -37.98
C ALA EA 69 -55.30 -13.23 -36.98
N LYS EA 70 -54.22 -13.74 -36.39
CA LYS EA 70 -53.47 -12.94 -35.43
C LYS EA 70 -52.77 -11.77 -36.10
N SER EA 71 -52.32 -11.95 -37.34
CA SER EA 71 -51.76 -10.83 -38.08
C SER EA 71 -52.80 -9.74 -38.30
N PHE EA 72 -54.03 -10.13 -38.66
CA PHE EA 72 -55.09 -9.15 -38.80
C PHE EA 72 -55.34 -8.44 -37.48
N PHE EA 73 -55.41 -9.19 -36.39
CA PHE EA 73 -55.70 -8.58 -35.09
C PHE EA 73 -54.56 -7.69 -34.60
N LYS EA 74 -53.34 -7.93 -35.06
CA LYS EA 74 -52.17 -7.19 -34.57
C LYS EA 74 -51.84 -5.98 -35.41
N ASN EA 75 -51.90 -6.10 -36.74
CA ASN EA 75 -51.44 -4.99 -37.58
C ASN EA 75 -52.54 -3.97 -37.82
N VAL EA 76 -53.66 -4.40 -38.40
CA VAL EA 76 -54.70 -3.43 -38.75
C VAL EA 76 -55.40 -2.90 -37.50
N LEU EA 77 -55.58 -3.73 -36.48
CA LEU EA 77 -56.17 -3.27 -35.23
C LEU EA 77 -55.16 -2.66 -34.28
N GLY EA 78 -53.95 -3.18 -34.23
CA GLY EA 78 -52.93 -2.65 -33.35
C GLY EA 78 -53.22 -2.83 -31.88
N VAL EA 79 -53.84 -3.95 -31.50
CA VAL EA 79 -54.18 -4.20 -30.11
C VAL EA 79 -52.92 -4.45 -29.31
N PRO EA 80 -52.80 -3.91 -28.11
CA PRO EA 80 -51.58 -4.12 -27.33
C PRO EA 80 -51.56 -5.48 -26.66
N GLU EA 81 -50.34 -6.00 -26.49
CA GLU EA 81 -50.13 -7.27 -25.83
C GLU EA 81 -49.98 -7.03 -24.34
N ASP EA 82 -50.79 -7.73 -23.54
CA ASP EA 82 -50.80 -7.55 -22.09
C ASP EA 82 -49.74 -8.45 -21.47
N THR EA 83 -48.60 -7.87 -21.11
CA THR EA 83 -47.55 -8.62 -20.43
C THR EA 83 -47.98 -9.04 -19.03
N GLY EA 84 -48.70 -8.19 -18.35
CA GLY EA 84 -49.11 -8.41 -16.97
C GLY EA 84 -49.27 -7.05 -16.32
N THR EA 85 -50.07 -7.02 -15.25
CA THR EA 85 -50.35 -5.78 -14.54
C THR EA 85 -49.75 -5.86 -13.15
N LYS EA 86 -49.06 -4.80 -12.75
CA LYS EA 86 -48.52 -4.71 -11.40
C LYS EA 86 -49.59 -4.21 -10.44
N ALA EA 87 -49.65 -4.80 -9.25
CA ALA EA 87 -50.63 -4.39 -8.27
C ALA EA 87 -50.30 -2.99 -7.74
N THR EA 88 -51.34 -2.18 -7.55
CA THR EA 88 -51.20 -0.84 -7.03
C THR EA 88 -52.05 -0.68 -5.80
N THR EA 89 -51.55 0.09 -4.84
CA THR EA 89 -52.25 0.35 -3.58
C THR EA 89 -52.07 1.81 -3.22
N THR EA 90 -52.71 2.22 -2.12
CA THR EA 90 -52.62 3.59 -1.63
C THR EA 90 -51.95 3.54 -0.26
N LEU EA 91 -50.74 4.07 -0.17
CA LEU EA 91 -50.03 4.12 1.10
C LEU EA 91 -50.42 5.33 1.94
N GLN EA 92 -49.94 5.39 3.17
CA GLN EA 92 -50.25 6.51 4.06
C GLN EA 92 -49.04 6.79 4.93
N PHE EA 93 -48.36 7.91 4.69
CA PHE EA 93 -47.13 8.19 5.43
C PHE EA 93 -47.33 9.12 6.62
N GLY EA 94 -47.10 8.61 7.82
CA GLY EA 94 -47.21 9.45 9.00
C GLY EA 94 -45.84 9.90 9.49
N LEU EA 95 -45.75 11.14 9.94
CA LEU EA 95 -44.49 11.69 10.42
C LEU EA 95 -44.38 11.58 11.94
N SER EA 96 -43.17 11.85 12.44
CA SER EA 96 -42.94 11.82 13.87
C SER EA 96 -43.50 13.05 14.57
N ALA EA 97 -43.42 14.22 13.93
CA ALA EA 97 -43.85 15.46 14.56
C ALA EA 97 -44.22 16.47 13.50
N SER EA 98 -44.88 17.54 13.94
CA SER EA 98 -45.33 18.59 13.03
C SER EA 98 -44.17 19.51 12.69
N LEU EA 99 -43.72 19.46 11.44
CA LEU EA 99 -42.57 20.23 10.98
C LEU EA 99 -42.96 21.65 10.60
N SER EA 100 -41.98 22.54 10.64
CA SER EA 100 -42.20 23.93 10.26
C SER EA 100 -42.00 24.17 8.76
N THR EA 101 -41.57 23.15 8.02
CA THR EA 101 -41.40 23.24 6.59
C THR EA 101 -42.05 22.04 5.92
N ASP EA 102 -42.29 22.16 4.62
CA ASP EA 102 -42.87 21.06 3.86
C ASP EA 102 -41.93 19.87 3.84
N PHE EA 103 -42.50 18.67 3.94
CA PHE EA 103 -41.74 17.43 3.94
C PHE EA 103 -42.01 16.67 2.66
N ILE EA 104 -40.98 15.98 2.15
CA ILE EA 104 -41.09 15.24 0.91
C ILE EA 104 -40.66 13.80 1.16
N VAL EA 105 -41.56 12.86 0.92
CA VAL EA 105 -41.21 11.45 0.78
C VAL EA 105 -40.87 11.20 -0.68
N PRO EA 106 -39.64 10.83 -1.01
CA PRO EA 106 -39.21 10.82 -2.41
C PRO EA 106 -39.88 9.72 -3.21
N ILE EA 107 -39.93 9.94 -4.53
CA ILE EA 107 -40.43 8.95 -5.46
C ILE EA 107 -39.62 7.67 -5.33
N ASN EA 108 -40.24 6.55 -5.71
CA ASN EA 108 -39.59 5.24 -5.70
C ASN EA 108 -39.13 4.86 -4.30
N PHE EA 109 -39.94 5.17 -3.30
CA PHE EA 109 -39.63 4.83 -1.93
C PHE EA 109 -40.11 3.42 -1.62
N GLN EA 110 -39.17 2.56 -1.25
CA GLN EA 110 -39.45 1.14 -1.10
C GLN EA 110 -40.09 0.84 0.25
N VAL EA 111 -41.21 0.11 0.21
CA VAL EA 111 -41.93 -0.31 1.40
C VAL EA 111 -42.18 -1.80 1.26
N SER EA 112 -42.47 -2.45 2.39
CA SER EA 112 -42.66 -3.89 2.38
C SER EA 112 -43.55 -4.30 3.54
N ASP EA 113 -43.79 -5.61 3.61
CA ASP EA 113 -44.52 -6.19 4.73
C ASP EA 113 -43.53 -6.61 5.82
N LEU EA 114 -44.03 -7.34 6.81
CA LEU EA 114 -43.17 -7.81 7.90
C LEU EA 114 -42.11 -8.76 7.38
N SER EA 115 -42.46 -9.62 6.42
CA SER EA 115 -41.49 -10.56 5.87
C SER EA 115 -40.42 -9.88 5.05
N GLY EA 116 -40.75 -8.80 4.34
CA GLY EA 116 -39.80 -8.15 3.46
C GLY EA 116 -39.70 -8.72 2.07
N THR EA 117 -40.49 -9.75 1.75
CA THR EA 117 -40.43 -10.35 0.42
C THR EA 117 -41.32 -9.65 -0.58
N LEU EA 118 -42.42 -9.04 -0.14
CA LEU EA 118 -43.28 -8.25 -1.00
C LEU EA 118 -42.90 -6.79 -0.88
N ARG EA 119 -42.55 -6.16 -2.00
CA ARG EA 119 -41.98 -4.83 -1.99
C ARG EA 119 -42.72 -3.93 -2.97
N PHE EA 120 -43.14 -2.76 -2.49
CA PHE EA 120 -43.81 -1.77 -3.31
C PHE EA 120 -42.96 -0.50 -3.37
N TYR EA 121 -43.22 0.33 -4.39
CA TYR EA 121 -42.51 1.58 -4.58
C TYR EA 121 -43.51 2.70 -4.83
N THR EA 122 -43.24 3.87 -4.25
CA THR EA 122 -44.14 5.01 -4.39
C THR EA 122 -44.16 5.50 -5.83
N ILE EA 123 -45.36 5.93 -6.27
CA ILE EA 123 -45.53 6.36 -7.66
C ILE EA 123 -44.78 7.66 -7.91
N GLY EA 124 -44.93 8.64 -7.01
CA GLY EA 124 -44.33 9.94 -7.20
C GLY EA 124 -43.86 10.52 -5.87
N ASN EA 125 -43.46 11.78 -5.91
CA ASN EA 125 -43.08 12.48 -4.70
C ASN EA 125 -44.32 12.81 -3.87
N LEU EA 126 -44.21 12.60 -2.57
CA LEU EA 126 -45.31 12.90 -1.65
C LEU EA 126 -44.93 14.12 -0.83
N VAL EA 127 -45.74 15.18 -0.92
CA VAL EA 127 -45.46 16.44 -0.26
C VAL EA 127 -46.46 16.58 0.89
N ILE EA 128 -45.96 16.44 2.11
CA ILE EA 128 -46.76 16.68 3.31
C ILE EA 128 -46.56 18.15 3.69
N PRO EA 129 -47.60 18.97 3.66
CA PRO EA 129 -47.42 20.41 3.90
C PRO EA 129 -47.00 20.68 5.34
N ALA EA 130 -46.48 21.89 5.57
CA ALA EA 130 -46.05 22.27 6.92
C ALA EA 130 -47.22 22.31 7.87
N GLY EA 131 -47.03 21.77 9.06
CA GLY EA 131 -48.11 21.71 10.04
C GLY EA 131 -48.81 20.37 9.98
N ALA EA 132 -49.05 19.88 8.77
CA ALA EA 132 -49.62 18.55 8.64
C ALA EA 132 -48.57 17.53 9.00
N THR EA 133 -48.98 16.47 9.67
CA THR EA 133 -48.06 15.41 10.04
C THR EA 133 -48.47 14.25 9.19
N PHE EA 134 -49.00 14.52 8.02
CA PHE EA 134 -49.56 13.43 7.24
C PHE EA 134 -49.73 13.56 5.73
N GLY EA 135 -49.58 12.45 5.01
CA GLY EA 135 -49.79 12.45 3.56
C GLY EA 135 -50.14 11.07 3.03
N THR EA 136 -50.69 11.00 1.82
CA THR EA 136 -51.04 9.72 1.19
C THR EA 136 -50.66 9.69 -0.29
N ILE EA 137 -50.22 8.56 -0.83
CA ILE EA 137 -49.74 8.50 -2.20
C ILE EA 137 -49.89 7.07 -2.69
N GLU EA 138 -49.96 6.91 -4.00
CA GLU EA 138 -50.13 5.58 -4.58
C GLU EA 138 -48.77 4.90 -4.76
N ALA EA 139 -48.79 3.56 -4.69
CA ALA EA 139 -47.59 2.75 -4.85
C ALA EA 139 -47.90 1.58 -5.75
N ILE EA 140 -46.84 1.07 -6.40
CA ILE EA 140 -46.95 -0.01 -7.37
C ILE EA 140 -46.03 -1.15 -6.93
N ALA EA 141 -46.41 -2.38 -7.29
CA ALA EA 141 -45.64 -3.53 -6.89
C ALA EA 141 -44.30 -3.56 -7.60
N GLU EA 142 -43.34 -4.29 -7.00
CA GLU EA 142 -42.04 -4.42 -7.62
C GLU EA 142 -42.11 -5.22 -8.92
N ASP EA 143 -42.99 -6.22 -8.97
CA ASP EA 143 -43.11 -7.07 -10.14
C ASP EA 143 -44.57 -7.43 -10.37
N ILE EA 144 -44.83 -7.94 -11.58
CA ILE EA 144 -46.18 -8.38 -11.95
C ILE EA 144 -46.50 -9.66 -11.19
N GLY EA 145 -47.76 -10.08 -11.26
CA GLY EA 145 -48.18 -11.33 -10.65
C GLY EA 145 -49.30 -11.10 -9.66
N GLU EA 146 -50.08 -12.14 -9.43
CA GLU EA 146 -51.23 -12.07 -8.53
C GLU EA 146 -50.83 -12.22 -7.07
N LYS EA 147 -49.56 -12.51 -6.78
CA LYS EA 147 -49.16 -12.65 -5.39
C LYS EA 147 -48.81 -11.33 -4.74
N TYR EA 148 -48.86 -10.23 -5.47
CA TYR EA 148 -48.70 -8.91 -4.88
C TYR EA 148 -50.02 -8.30 -4.44
N ASN EA 149 -51.15 -8.96 -4.72
CA ASN EA 149 -52.43 -8.50 -4.23
C ASN EA 149 -52.58 -8.84 -2.76
N VAL EA 150 -52.45 -7.82 -1.91
CA VAL EA 150 -52.40 -8.01 -0.46
C VAL EA 150 -53.52 -7.19 0.17
N SER EA 151 -53.93 -7.61 1.37
CA SER EA 151 -55.04 -6.98 2.05
C SER EA 151 -54.60 -5.66 2.68
N ALA EA 152 -55.57 -4.91 3.18
CA ALA EA 152 -55.28 -3.64 3.83
C ALA EA 152 -54.46 -3.86 5.09
N ASN EA 153 -53.68 -2.85 5.47
CA ASN EA 153 -52.83 -2.87 6.65
C ASN EA 153 -51.82 -4.02 6.62
N PHE EA 154 -51.34 -4.37 5.43
CA PHE EA 154 -50.38 -5.45 5.28
C PHE EA 154 -48.97 -4.95 5.00
N ILE EA 155 -48.82 -3.78 4.40
CA ILE EA 155 -47.52 -3.20 4.07
C ILE EA 155 -47.23 -2.16 5.15
N ASP EA 156 -46.20 -2.40 5.96
CA ASP EA 156 -45.91 -1.48 7.05
C ASP EA 156 -44.44 -1.19 7.26
N GLN EA 157 -43.51 -1.82 6.54
CA GLN EA 157 -42.08 -1.61 6.75
C GLN EA 157 -41.50 -0.84 5.57
N TYR EA 158 -40.75 0.20 5.88
CA TYR EA 158 -39.96 0.90 4.88
C TYR EA 158 -38.47 0.73 5.20
N SER EA 159 -37.68 0.37 4.18
CA SER EA 159 -36.30 -0.03 4.42
C SER EA 159 -35.39 1.15 4.73
N THR EA 160 -35.56 2.25 4.01
CA THR EA 160 -34.68 3.39 4.23
C THR EA 160 -35.17 4.22 5.41
N PRO EA 161 -34.38 4.35 6.48
CA PRO EA 161 -34.85 5.08 7.67
C PRO EA 161 -34.80 6.60 7.50
N LEU EA 162 -35.79 7.12 6.77
CA LEU EA 162 -35.86 8.55 6.54
C LEU EA 162 -36.13 9.29 7.84
N THR EA 163 -35.52 10.45 8.00
CA THR EA 163 -35.70 11.23 9.21
C THR EA 163 -37.09 11.87 9.23
N TYR EA 164 -37.60 12.05 10.45
CA TYR EA 164 -38.91 12.64 10.72
C TYR EA 164 -40.06 11.75 10.26
N LEU EA 165 -39.75 10.63 9.62
CA LEU EA 165 -40.78 9.69 9.17
C LEU EA 165 -41.02 8.66 10.25
N GLN EA 166 -42.29 8.48 10.65
CA GLN EA 166 -42.58 7.57 11.73
C GLN EA 166 -43.11 6.22 11.24
N TYR EA 167 -44.17 6.23 10.42
CA TYR EA 167 -44.80 4.97 10.03
C TYR EA 167 -45.38 5.08 8.62
N VAL EA 168 -45.63 3.91 8.04
CA VAL EA 168 -46.29 3.80 6.74
C VAL EA 168 -47.24 2.61 6.79
N THR EA 169 -48.37 2.73 6.09
CA THR EA 169 -49.35 1.65 5.98
C THR EA 169 -50.02 1.73 4.62
N ASN EA 170 -50.89 0.78 4.32
CA ASN EA 170 -51.73 0.84 3.14
C ASN EA 170 -53.18 0.82 3.56
N ILE EA 171 -53.95 1.80 3.08
CA ILE EA 171 -55.35 1.91 3.47
C ILE EA 171 -56.24 1.08 2.57
N ARG EA 172 -55.80 0.78 1.35
CA ARG EA 172 -56.53 -0.05 0.42
C ARG EA 172 -55.84 -1.39 0.27
N PRO EA 173 -56.59 -2.46 0.00
CA PRO EA 173 -55.94 -3.72 -0.41
C PRO EA 173 -55.43 -3.59 -1.83
N ALA EA 174 -54.17 -4.00 -2.04
CA ALA EA 174 -53.60 -3.98 -3.37
C ALA EA 174 -54.38 -4.90 -4.29
N THR EA 175 -54.72 -4.40 -5.48
CA THR EA 175 -55.58 -5.11 -6.40
C THR EA 175 -54.96 -5.11 -7.80
N ASN EA 176 -55.71 -5.63 -8.76
CA ASN EA 176 -55.39 -5.61 -10.18
C ASN EA 176 -53.94 -6.01 -10.48
N GLY EA 177 -53.39 -6.92 -9.69
CA GLY EA 177 -52.12 -7.52 -10.02
C GLY EA 177 -52.31 -8.81 -10.79
N ARG EA 178 -51.91 -8.82 -12.06
CA ARG EA 178 -52.15 -9.95 -12.94
C ARG EA 178 -50.87 -10.29 -13.69
N SER EA 179 -50.77 -11.56 -14.10
CA SER EA 179 -49.60 -12.06 -14.81
C SER EA 179 -49.90 -12.30 -16.29
N GLY EA 180 -50.88 -11.59 -16.84
CA GLY EA 180 -51.25 -11.78 -18.23
C GLY EA 180 -52.72 -12.08 -18.41
N GLU EA 181 -53.35 -11.42 -19.39
CA GLU EA 181 -54.78 -11.61 -19.61
C GLU EA 181 -55.04 -12.92 -20.36
N THR EA 182 -56.30 -13.34 -20.33
CA THR EA 182 -56.74 -14.55 -20.99
C THR EA 182 -56.92 -14.30 -22.49
N ILE EA 183 -56.97 -15.41 -23.25
CA ILE EA 183 -57.19 -15.31 -24.68
C ILE EA 183 -58.63 -14.89 -24.99
N ASP EA 184 -59.61 -15.42 -24.24
CA ASP EA 184 -61.01 -15.10 -24.53
C ASP EA 184 -61.31 -13.63 -24.28
N ASN EA 185 -60.78 -13.06 -23.20
CA ASN EA 185 -61.00 -11.64 -22.93
C ASN EA 185 -60.31 -10.79 -23.99
N LEU EA 186 -59.13 -11.23 -24.46
CA LEU EA 186 -58.46 -10.55 -25.56
C LEU EA 186 -59.33 -10.56 -26.81
N ILE EA 187 -59.94 -11.70 -27.12
CA ILE EA 187 -60.79 -11.80 -28.31
C ILE EA 187 -62.00 -10.89 -28.18
N GLU EA 188 -62.63 -10.88 -26.99
CA GLU EA 188 -63.78 -10.03 -26.78
C GLU EA 188 -63.40 -8.55 -26.90
N ARG EA 189 -62.24 -8.16 -26.36
CA ARG EA 189 -61.79 -6.79 -26.45
C ARG EA 189 -61.47 -6.41 -27.89
N CYS EA 190 -60.92 -7.34 -28.65
CA CYS EA 190 -60.67 -7.08 -30.07
C CYS EA 190 -61.97 -6.88 -30.83
N ALA EA 191 -62.97 -7.72 -30.57
CA ALA EA 191 -64.23 -7.62 -31.29
C ALA EA 191 -64.96 -6.32 -30.95
N GLN EA 192 -64.96 -5.94 -29.68
CA GLN EA 192 -65.67 -4.72 -29.31
C GLN EA 192 -65.05 -3.51 -29.97
N ILE EA 193 -63.72 -3.50 -30.15
CA ILE EA 193 -63.08 -2.41 -30.87
C ILE EA 193 -63.58 -2.37 -32.30
N ILE EA 194 -63.82 -3.54 -32.89
CA ILE EA 194 -64.39 -3.60 -34.23
C ILE EA 194 -65.79 -3.00 -34.25
N ARG EA 195 -66.59 -3.23 -33.20
CA ARG EA 195 -67.94 -2.67 -33.15
C ARG EA 195 -68.16 -1.87 -31.87
N ILE EA 196 -67.86 -0.56 -31.88
CA ILE EA 196 -68.24 0.31 -30.75
C ILE EA 196 -68.69 1.63 -31.35
N ARG EA 197 -68.57 1.76 -32.66
CA ARG EA 197 -68.94 2.99 -33.35
C ARG EA 197 -70.33 3.47 -32.99
N ASN EA 198 -70.47 4.73 -32.56
CA ASN EA 198 -71.76 5.32 -32.19
C ASN EA 198 -72.62 4.47 -31.27
N PRO EA 199 -72.32 4.48 -29.96
CA PRO EA 199 -73.06 3.62 -29.01
C PRO EA 199 -74.57 3.63 -29.21
N VAL EA 200 -75.15 2.48 -29.56
CA VAL EA 200 -76.59 2.41 -29.82
C VAL EA 200 -77.28 1.33 -29.04
N SER EA 201 -76.53 0.39 -28.48
CA SER EA 201 -77.19 -0.70 -27.81
C SER EA 201 -76.83 -0.68 -26.36
N ALA EA 202 -77.50 -1.52 -25.57
CA ALA EA 202 -77.16 -1.62 -24.17
C ALA EA 202 -75.71 -2.04 -24.09
N LEU EA 203 -75.35 -3.04 -24.87
CA LEU EA 203 -73.97 -3.52 -24.89
C LEU EA 203 -72.98 -2.40 -25.18
N ASP EA 204 -73.17 -1.67 -26.29
CA ASP EA 204 -72.18 -0.67 -26.66
C ASP EA 204 -71.94 0.32 -25.52
N PHE EA 205 -73.03 0.78 -24.90
CA PHE EA 205 -72.90 1.73 -23.79
C PHE EA 205 -72.16 1.09 -22.63
N GLU EA 206 -72.51 -0.15 -22.28
CA GLU EA 206 -71.87 -0.82 -21.16
C GLU EA 206 -70.39 -1.05 -21.40
N GLN EA 207 -69.99 -1.46 -22.61
CA GLN EA 207 -68.59 -1.67 -22.90
C GLN EA 207 -67.81 -0.35 -22.94
N LEU EA 208 -68.40 0.70 -23.51
CA LEU EA 208 -67.71 1.98 -23.59
C LEU EA 208 -67.51 2.59 -22.20
N ALA EA 209 -68.57 2.60 -21.38
CA ALA EA 209 -68.46 3.19 -20.06
C ALA EA 209 -67.44 2.45 -19.19
N GLU EA 210 -67.45 1.12 -19.22
CA GLU EA 210 -66.52 0.37 -18.39
C GLU EA 210 -65.12 0.30 -19.02
N LEU EA 211 -64.99 0.60 -20.31
CA LEU EA 211 -63.68 0.80 -20.90
C LEU EA 211 -63.05 2.09 -20.41
N THR EA 212 -63.85 3.15 -20.34
CA THR EA 212 -63.31 4.43 -19.86
C THR EA 212 -63.20 4.44 -18.33
N MET EA 213 -63.93 3.55 -17.65
CA MET EA 213 -63.90 3.55 -16.19
C MET EA 213 -62.62 2.91 -15.67
N GLY EA 214 -62.14 1.88 -16.35
CA GLY EA 214 -60.96 1.15 -15.90
C GLY EA 214 -61.19 -0.35 -15.91
N GLU EA 215 -60.15 -1.12 -15.60
CA GLU EA 215 -60.25 -2.57 -15.57
C GLU EA 215 -60.71 -3.01 -14.20
N GLY EA 216 -61.92 -3.58 -14.14
CA GLY EA 216 -62.48 -4.03 -12.88
C GLY EA 216 -63.76 -3.31 -12.53
N SER EA 217 -64.35 -2.64 -13.51
CA SER EA 217 -65.58 -1.88 -13.32
C SER EA 217 -66.75 -2.63 -13.95
N ARG EA 218 -67.95 -2.09 -13.75
CA ARG EA 218 -69.16 -2.73 -14.24
C ARG EA 218 -70.13 -1.64 -14.70
N CYS EA 219 -70.76 -1.86 -15.84
CA CYS EA 219 -71.79 -0.94 -16.33
C CYS EA 219 -73.06 -1.69 -16.65
N LYS EA 220 -74.19 -0.99 -16.57
CA LYS EA 220 -75.49 -1.51 -16.97
C LYS EA 220 -76.23 -0.40 -17.67
N ALA EA 221 -76.68 -0.65 -18.89
CA ALA EA 221 -77.39 0.35 -19.69
C ALA EA 221 -78.84 -0.06 -19.85
N ILE EA 222 -79.76 0.84 -19.54
CA ILE EA 222 -81.19 0.58 -19.66
C ILE EA 222 -81.82 1.71 -20.44
N GLY EA 223 -82.56 1.37 -21.49
CA GLY EA 223 -83.22 2.38 -22.29
C GLY EA 223 -84.52 2.85 -21.67
N LEU EA 224 -84.83 4.11 -21.93
CA LEU EA 224 -86.11 4.73 -21.54
C LEU EA 224 -86.38 4.56 -20.05
N LEU EA 225 -85.36 4.81 -19.24
CA LEU EA 225 -85.49 4.77 -17.79
C LEU EA 225 -85.19 6.15 -17.24
N GLY EA 226 -86.20 6.76 -16.62
CA GLY EA 226 -86.05 8.09 -16.07
C GLY EA 226 -85.42 8.08 -14.70
N ILE EA 227 -85.40 9.25 -14.08
CA ILE EA 227 -84.78 9.37 -12.76
C ILE EA 227 -85.65 8.69 -11.71
N ASN EA 228 -86.94 8.47 -12.00
CA ASN EA 228 -87.77 7.73 -11.06
C ASN EA 228 -87.48 6.24 -11.08
N LYS EA 229 -86.71 5.77 -12.05
CA LYS EA 229 -86.29 4.37 -12.14
C LYS EA 229 -87.48 3.41 -12.17
N ILE EA 230 -88.55 3.81 -12.84
CA ILE EA 230 -89.76 2.99 -12.94
C ILE EA 230 -89.87 2.49 -14.38
N VAL EA 231 -89.88 1.17 -14.54
CA VAL EA 231 -89.90 0.58 -15.88
C VAL EA 231 -91.25 0.84 -16.56
N THR EA 232 -92.34 0.84 -15.79
CA THR EA 232 -93.67 0.98 -16.37
C THR EA 232 -93.92 2.36 -16.98
N ASP EA 233 -93.04 3.32 -16.74
CA ASP EA 233 -93.15 4.63 -17.39
C ASP EA 233 -91.95 4.85 -18.30
N PRO EA 234 -92.03 4.45 -19.57
CA PRO EA 234 -90.87 4.61 -20.45
C PRO EA 234 -90.80 5.99 -21.08
N GLN EA 235 -89.62 6.60 -21.04
CA GLN EA 235 -89.42 7.88 -21.67
C GLN EA 235 -88.45 7.77 -22.84
N PRO EA 236 -88.93 7.85 -24.07
CA PRO EA 236 -88.04 7.72 -25.22
C PRO EA 236 -87.00 8.82 -25.25
N GLY EA 237 -85.82 8.51 -25.79
CA GLY EA 237 -84.73 9.47 -25.78
C GLY EA 237 -83.97 9.54 -24.48
N VAL EA 238 -84.08 8.53 -23.64
CA VAL EA 238 -83.40 8.49 -22.35
C VAL EA 238 -82.60 7.20 -22.25
N VAL EA 239 -81.35 7.31 -21.82
CA VAL EA 239 -80.49 6.17 -21.54
C VAL EA 239 -80.00 6.31 -20.11
N HIS EA 240 -80.28 5.29 -19.30
CA HIS EA 240 -79.86 5.28 -17.90
C HIS EA 240 -78.67 4.34 -17.73
N LEU EA 241 -77.58 4.87 -17.18
CA LEU EA 241 -76.36 4.12 -16.95
C LEU EA 241 -76.18 3.88 -15.45
N PHE EA 242 -75.88 2.65 -15.08
CA PHE EA 242 -75.62 2.27 -13.70
C PHE EA 242 -74.19 1.76 -13.61
N LEU EA 243 -73.43 2.32 -12.67
CA LEU EA 243 -71.98 2.17 -12.65
C LEU EA 243 -71.53 1.49 -11.37
N LEU EA 244 -70.47 0.69 -11.48
CA LEU EA 244 -69.78 0.10 -10.34
C LEU EA 244 -68.29 0.33 -10.56
N ASP EA 245 -67.66 1.09 -9.66
CA ASP EA 245 -66.32 1.57 -9.91
C ASP EA 245 -65.30 0.43 -9.90
N VAL EA 246 -64.05 0.79 -10.16
CA VAL EA 246 -62.98 -0.18 -10.31
C VAL EA 246 -62.73 -0.96 -9.03
N ASN EA 247 -63.12 -0.40 -7.87
CA ASN EA 247 -62.95 -1.06 -6.60
C ASN EA 247 -64.06 -2.06 -6.29
N GLY EA 248 -65.10 -2.12 -7.12
CA GLY EA 248 -66.22 -3.02 -6.87
C GLY EA 248 -67.34 -2.42 -6.04
N ASN EA 249 -67.32 -1.12 -5.78
CA ASN EA 249 -68.36 -0.46 -5.02
C ASN EA 249 -69.21 0.39 -5.96
N PRO EA 250 -70.41 0.79 -5.55
CA PRO EA 250 -71.17 1.74 -6.38
C PRO EA 250 -70.37 3.01 -6.63
N ALA EA 251 -70.56 3.58 -7.81
CA ALA EA 251 -69.62 4.57 -8.34
C ALA EA 251 -69.61 5.84 -7.51
N ASP EA 252 -68.42 6.39 -7.32
CA ASP EA 252 -68.23 7.72 -6.76
C ASP EA 252 -68.78 8.77 -7.73
N PRO EA 253 -69.51 9.77 -7.23
CA PRO EA 253 -69.99 10.85 -8.12
C PRO EA 253 -68.91 11.48 -9.00
N VAL EA 254 -67.65 11.48 -8.55
CA VAL EA 254 -66.57 11.93 -9.42
C VAL EA 254 -66.44 11.01 -10.62
N THR EA 255 -66.51 9.69 -10.39
CA THR EA 255 -66.47 8.74 -11.50
C THR EA 255 -67.70 8.90 -12.39
N ILE EA 256 -68.86 9.15 -11.80
CA ILE EA 256 -70.07 9.41 -12.57
C ILE EA 256 -69.85 10.57 -13.51
N SER EA 257 -69.31 11.68 -12.99
CA SER EA 257 -69.08 12.87 -13.80
C SER EA 257 -68.05 12.60 -14.89
N THR EA 258 -67.01 11.84 -14.56
CA THR EA 258 -65.98 11.53 -15.57
C THR EA 258 -66.57 10.73 -16.71
N VAL EA 259 -67.36 9.71 -16.40
CA VAL EA 259 -67.99 8.90 -17.44
C VAL EA 259 -68.96 9.73 -18.26
N GLY EA 260 -69.74 10.58 -17.60
CA GLY EA 260 -70.67 11.44 -18.33
C GLY EA 260 -69.95 12.39 -19.28
N ALA EA 261 -68.87 13.00 -18.81
CA ALA EA 261 -68.08 13.88 -19.68
C ALA EA 261 -67.46 13.11 -20.84
N THR EA 262 -67.00 11.89 -20.59
CA THR EA 262 -66.43 11.10 -21.66
C THR EA 262 -67.47 10.75 -22.71
N LEU EA 263 -68.68 10.42 -22.28
CA LEU EA 263 -69.72 9.96 -23.20
C LEU EA 263 -70.57 11.06 -23.79
N GLN EA 264 -70.45 12.29 -23.30
CA GLN EA 264 -71.29 13.38 -23.82
C GLN EA 264 -71.10 13.64 -25.30
N PRO EA 265 -69.88 13.75 -25.85
CA PRO EA 265 -69.78 14.03 -27.28
C PRO EA 265 -70.12 12.83 -28.16
N ARG EA 266 -70.54 11.73 -27.55
CA ARG EA 266 -70.82 10.51 -28.29
C ARG EA 266 -72.28 10.08 -28.27
N ILE EA 267 -73.12 10.71 -27.47
CA ILE EA 267 -74.54 10.36 -27.43
C ILE EA 267 -75.25 11.09 -28.55
N MET EA 268 -76.41 10.56 -28.95
CA MET EA 268 -77.16 11.15 -30.04
C MET EA 268 -77.72 12.51 -29.63
N LEU EA 269 -77.61 13.48 -30.53
CA LEU EA 269 -78.05 14.83 -30.25
C LEU EA 269 -79.57 14.86 -30.04
N GLY EA 270 -79.98 15.37 -28.87
CA GLY EA 270 -81.37 15.43 -28.50
C GLY EA 270 -81.78 14.44 -27.43
N THR EA 271 -81.05 13.32 -27.34
CA THR EA 271 -81.35 12.34 -26.30
C THR EA 271 -80.74 12.77 -24.97
N ARG EA 272 -81.21 12.14 -23.90
CA ARG EA 272 -80.81 12.48 -22.55
C ARG EA 272 -80.11 11.29 -21.92
N LEU EA 273 -78.97 11.52 -21.28
CA LEU EA 273 -78.19 10.48 -20.63
C LEU EA 273 -78.30 10.62 -19.13
N LEU EA 274 -78.73 9.55 -18.46
CA LEU EA 274 -78.83 9.51 -17.01
C LEU EA 274 -77.81 8.51 -16.49
N ILE EA 275 -77.07 8.89 -15.45
CA ILE EA 275 -76.09 8.03 -14.83
C ILE EA 275 -76.28 8.06 -13.32
N SER EA 276 -76.34 6.87 -12.72
CA SER EA 276 -76.54 6.74 -11.29
C SER EA 276 -75.74 5.53 -10.80
N PRO EA 277 -75.43 5.47 -9.51
CA PRO EA 277 -74.66 4.34 -8.99
C PRO EA 277 -75.48 3.06 -8.98
N MET EA 278 -74.76 1.94 -8.99
CA MET EA 278 -75.36 0.62 -9.01
C MET EA 278 -75.83 0.21 -7.62
N GLU EA 279 -76.46 -0.96 -7.55
CA GLU EA 279 -76.87 -1.55 -6.28
C GLU EA 279 -76.26 -2.94 -6.16
N VAL EA 280 -76.04 -3.37 -4.92
CA VAL EA 280 -75.42 -4.65 -4.62
C VAL EA 280 -76.33 -5.44 -3.70
N LEU EA 281 -76.55 -6.71 -4.03
CA LEU EA 281 -77.34 -7.61 -3.20
C LEU EA 281 -76.39 -8.60 -2.52
N ASN EA 282 -76.52 -8.71 -1.20
CA ASN EA 282 -75.65 -9.60 -0.44
C ASN EA 282 -76.17 -11.04 -0.51
N ILE EA 283 -75.26 -11.96 -0.80
CA ILE EA 283 -75.58 -13.38 -0.94
C ILE EA 283 -74.97 -14.13 0.24
N GLU EA 284 -75.79 -14.87 0.97
CA GLU EA 284 -75.36 -15.67 2.11
C GLU EA 284 -75.50 -17.15 1.78
N LEU EA 285 -74.41 -17.88 1.85
CA LEU EA 285 -74.36 -19.28 1.42
C LEU EA 285 -74.16 -20.21 2.61
N GLU EA 286 -74.79 -21.37 2.54
CA GLU EA 286 -74.58 -22.45 3.51
C GLU EA 286 -74.43 -23.75 2.74
N LEU EA 287 -73.29 -24.42 2.92
CA LEU EA 287 -72.97 -25.62 2.17
C LEU EA 287 -72.85 -26.81 3.12
N ILE EA 288 -73.54 -27.90 2.78
CA ILE EA 288 -73.36 -29.20 3.42
C ILE EA 288 -72.86 -30.13 2.33
N ALA EA 289 -71.63 -30.60 2.48
CA ALA EA 289 -70.99 -31.38 1.43
C ALA EA 289 -70.27 -32.57 2.04
N LEU EA 290 -70.07 -33.59 1.21
CA LEU EA 290 -69.35 -34.79 1.59
C LEU EA 290 -68.03 -34.82 0.84
N SER EA 291 -66.93 -34.98 1.58
CA SER EA 291 -65.61 -34.97 1.00
C SER EA 291 -65.13 -36.40 0.74
N ASP EA 292 -64.13 -36.54 -0.13
CA ASP EA 292 -63.52 -37.82 -0.42
C ASP EA 292 -62.18 -38.01 0.29
N SER EA 293 -61.84 -37.12 1.21
CA SER EA 293 -60.61 -37.14 2.01
C SER EA 293 -59.35 -36.93 1.19
N SER EA 294 -59.45 -36.65 -0.11
CA SER EA 294 -58.28 -36.37 -0.92
C SER EA 294 -57.66 -35.01 -0.60
N LYS EA 295 -58.36 -34.16 0.13
CA LYS EA 295 -57.83 -32.87 0.57
C LYS EA 295 -58.17 -32.66 2.03
N THR EA 296 -57.35 -31.86 2.71
CA THR EA 296 -57.69 -31.47 4.07
C THR EA 296 -58.86 -30.50 4.04
N PHE EA 297 -59.58 -30.44 5.17
CA PHE EA 297 -60.78 -29.61 5.22
C PHE EA 297 -60.44 -28.15 4.97
N GLN EA 298 -59.29 -27.68 5.48
CA GLN EA 298 -58.88 -26.31 5.21
C GLN EA 298 -58.61 -26.11 3.72
N GLN EA 299 -58.01 -27.11 3.07
CA GLN EA 299 -57.75 -27.02 1.63
C GLN EA 299 -59.05 -26.92 0.85
N LEU EA 300 -60.04 -27.75 1.20
CA LEU EA 300 -61.34 -27.65 0.55
C LEU EA 300 -61.98 -26.29 0.80
N ALA EA 301 -61.88 -25.80 2.03
CA ALA EA 301 -62.49 -24.52 2.36
C ALA EA 301 -61.91 -23.39 1.52
N ASP EA 302 -60.58 -23.30 1.44
CA ASP EA 302 -60.01 -22.17 0.69
C ASP EA 302 -60.19 -22.38 -0.81
N ASP EA 303 -60.20 -23.63 -1.28
CA ASP EA 303 -60.49 -23.87 -2.69
C ASP EA 303 -61.89 -23.39 -3.05
N ILE EA 304 -62.87 -23.71 -2.21
CA ILE EA 304 -64.24 -23.26 -2.45
C ILE EA 304 -64.33 -21.75 -2.33
N LEU EA 305 -63.55 -21.16 -1.41
CA LEU EA 305 -63.56 -19.71 -1.26
C LEU EA 305 -63.10 -19.02 -2.54
N GLU EA 306 -61.94 -19.41 -3.07
CA GLU EA 306 -61.49 -18.83 -4.33
C GLU EA 306 -62.45 -19.13 -5.47
N ALA EA 307 -63.04 -20.33 -5.49
CA ALA EA 307 -63.99 -20.65 -6.56
C ALA EA 307 -65.19 -19.71 -6.53
N LEU EA 308 -65.74 -19.45 -5.33
CA LEU EA 308 -66.88 -18.55 -5.23
C LEU EA 308 -66.49 -17.12 -5.53
N LYS EA 309 -65.31 -16.68 -5.07
CA LYS EA 309 -64.88 -15.32 -5.38
C LYS EA 309 -64.70 -15.11 -6.87
N VAL EA 310 -64.20 -16.12 -7.59
CA VAL EA 310 -64.17 -16.04 -9.04
C VAL EA 310 -65.59 -16.01 -9.59
N PHE EA 311 -66.47 -16.86 -9.07
CA PHE EA 311 -67.84 -16.93 -9.56
C PHE EA 311 -68.58 -15.61 -9.33
N PHE EA 312 -68.43 -15.02 -8.15
CA PHE EA 312 -69.11 -13.79 -7.82
C PHE EA 312 -68.29 -12.54 -8.14
N ASN EA 313 -67.29 -12.68 -9.00
CA ASN EA 313 -66.58 -11.52 -9.50
C ASN EA 313 -67.52 -10.66 -10.34
N PRO EA 314 -67.58 -9.35 -10.12
CA PRO EA 314 -68.43 -8.51 -10.97
C PRO EA 314 -68.12 -8.62 -12.45
N ALA EA 315 -66.88 -8.97 -12.82
CA ALA EA 315 -66.57 -9.20 -14.21
C ALA EA 315 -67.26 -10.44 -14.75
N ASN EA 316 -67.56 -11.40 -13.87
CA ASN EA 316 -68.21 -12.64 -14.27
C ASN EA 316 -69.72 -12.61 -14.09
N LEU EA 317 -70.28 -11.51 -13.60
CA LEU EA 317 -71.69 -11.41 -13.28
C LEU EA 317 -72.37 -10.47 -14.26
N THR EA 318 -73.67 -10.70 -14.48
CA THR EA 318 -74.46 -9.84 -15.34
C THR EA 318 -75.49 -9.11 -14.51
N PRO EA 319 -75.51 -7.78 -14.50
CA PRO EA 319 -76.42 -7.05 -13.62
C PRO EA 319 -77.88 -7.35 -13.91
N GLY EA 320 -78.68 -7.46 -12.86
CA GLY EA 320 -80.09 -7.72 -12.97
C GLY EA 320 -80.46 -9.16 -13.25
N GLU EA 321 -79.51 -10.03 -13.46
CA GLU EA 321 -79.83 -11.40 -13.78
C GLU EA 321 -79.83 -12.27 -12.54
N PRO EA 322 -80.76 -13.22 -12.45
CA PRO EA 322 -80.89 -14.02 -11.23
C PRO EA 322 -79.68 -14.91 -10.99
N VAL EA 323 -79.44 -15.21 -9.72
CA VAL EA 323 -78.42 -16.17 -9.33
C VAL EA 323 -79.08 -17.53 -9.22
N LEU EA 324 -78.64 -18.48 -10.05
CA LEU EA 324 -79.22 -19.80 -10.12
C LEU EA 324 -78.47 -20.73 -9.18
N ILE EA 325 -79.22 -21.46 -8.35
CA ILE EA 325 -78.59 -22.36 -7.39
C ILE EA 325 -77.82 -23.48 -8.09
N GLU EA 326 -78.29 -23.90 -9.27
CA GLU EA 326 -77.57 -24.93 -10.01
C GLU EA 326 -76.20 -24.43 -10.46
N GLU EA 327 -76.14 -23.18 -10.94
CA GLU EA 327 -74.87 -22.62 -11.37
C GLU EA 327 -73.88 -22.52 -10.22
N VAL EA 328 -74.36 -22.09 -9.05
CA VAL EA 328 -73.50 -21.99 -7.88
C VAL EA 328 -73.02 -23.36 -7.45
N LYS EA 329 -73.91 -24.36 -7.48
CA LYS EA 329 -73.49 -25.71 -7.11
C LYS EA 329 -72.45 -26.25 -8.08
N PHE EA 330 -72.61 -25.96 -9.37
CA PHE EA 330 -71.60 -26.37 -10.34
C PHE EA 330 -70.27 -25.70 -10.07
N ALA EA 331 -70.30 -24.40 -9.75
CA ALA EA 331 -69.07 -23.68 -9.45
C ALA EA 331 -68.39 -24.26 -8.22
N ILE EA 332 -69.16 -24.61 -7.20
CA ILE EA 332 -68.58 -25.17 -5.97
C ILE EA 332 -67.99 -26.55 -6.25
N ARG EA 333 -68.73 -27.40 -6.95
CA ARG EA 333 -68.28 -28.76 -7.23
C ARG EA 333 -67.07 -28.75 -8.16
N SER EA 334 -66.93 -27.75 -9.03
CA SER EA 334 -65.81 -27.75 -9.96
C SER EA 334 -64.46 -27.69 -9.25
N VAL EA 335 -64.45 -27.35 -7.97
CA VAL EA 335 -63.23 -27.46 -7.17
C VAL EA 335 -62.71 -28.90 -7.17
N GLY EA 336 -63.62 -29.85 -6.96
CA GLY EA 336 -63.26 -31.25 -6.97
C GLY EA 336 -63.04 -31.80 -5.57
N GLY EA 337 -62.98 -33.13 -5.49
CA GLY EA 337 -62.72 -33.79 -4.23
C GLY EA 337 -63.84 -33.71 -3.22
N LEU EA 338 -65.07 -33.46 -3.66
CA LEU EA 338 -66.17 -33.33 -2.73
C LEU EA 338 -67.48 -33.61 -3.46
N SER EA 339 -68.52 -33.88 -2.68
CA SER EA 339 -69.86 -34.10 -3.19
C SER EA 339 -70.81 -33.17 -2.44
N ILE EA 340 -71.55 -32.35 -3.17
CA ILE EA 340 -72.48 -31.43 -2.56
C ILE EA 340 -73.74 -32.17 -2.14
N SER EA 341 -74.11 -32.05 -0.87
CA SER EA 341 -75.31 -32.66 -0.35
C SER EA 341 -76.47 -31.69 -0.25
N TYR EA 342 -76.19 -30.42 0.06
CA TYR EA 342 -77.22 -29.41 0.19
C TYR EA 342 -76.59 -28.03 0.12
N LEU EA 343 -77.31 -27.09 -0.49
CA LEU EA 343 -76.85 -25.72 -0.58
C LEU EA 343 -78.02 -24.78 -0.33
N GLN EA 344 -77.82 -23.85 0.59
CA GLN EA 344 -78.80 -22.81 0.91
C GLN EA 344 -78.26 -21.46 0.47
N MET EA 345 -79.10 -20.68 -0.20
CA MET EA 345 -78.81 -19.30 -0.52
C MET EA 345 -79.86 -18.40 0.11
N ASN EA 346 -79.41 -17.52 1.01
CA ASN EA 346 -80.29 -16.59 1.72
C ASN EA 346 -81.44 -17.31 2.41
N ASP EA 347 -81.10 -18.32 3.20
CA ASP EA 347 -82.07 -19.11 3.96
C ASP EA 347 -83.08 -19.81 3.06
N ASN EA 348 -82.67 -20.19 1.85
CA ASN EA 348 -83.54 -20.92 0.94
C ASN EA 348 -82.70 -21.69 -0.05
N ALA EA 349 -83.34 -22.65 -0.71
CA ALA EA 349 -82.72 -23.45 -1.76
C ALA EA 349 -83.23 -23.11 -3.14
N ILE EA 350 -83.84 -21.93 -3.32
CA ILE EA 350 -84.44 -21.54 -4.59
C ILE EA 350 -83.59 -20.48 -5.27
N ASN EA 351 -83.90 -20.21 -6.53
CA ASN EA 351 -83.18 -19.18 -7.28
C ASN EA 351 -83.53 -17.81 -6.73
N ILE EA 352 -82.56 -16.90 -6.78
CA ILE EA 352 -82.70 -15.56 -6.20
C ILE EA 352 -82.90 -14.57 -7.35
N PRO EA 353 -84.01 -13.84 -7.41
CA PRO EA 353 -84.14 -12.76 -8.39
C PRO EA 353 -83.64 -11.45 -7.81
N MET EA 354 -83.02 -10.65 -8.67
CA MET EA 354 -82.48 -9.37 -8.22
C MET EA 354 -83.62 -8.35 -8.08
N PRO EA 355 -83.52 -7.43 -7.10
CA PRO EA 355 -84.64 -6.51 -6.86
C PRO EA 355 -84.98 -5.65 -8.06
N ASN EA 356 -84.01 -5.33 -8.90
CA ASN EA 356 -84.24 -4.47 -10.05
C ASN EA 356 -83.22 -4.82 -11.13
N GLN EA 357 -83.28 -4.10 -12.25
CA GLN EA 357 -82.47 -4.42 -13.41
C GLN EA 357 -81.00 -4.09 -13.22
N TRP EA 358 -80.63 -3.35 -12.18
CA TRP EA 358 -79.27 -2.84 -12.04
C TRP EA 358 -78.59 -3.31 -10.76
N THR EA 359 -79.09 -4.38 -10.14
CA THR EA 359 -78.49 -4.90 -8.92
C THR EA 359 -77.56 -6.06 -9.25
N ILE EA 360 -76.33 -5.98 -8.76
CA ILE EA 360 -75.31 -7.00 -8.98
C ILE EA 360 -75.15 -7.80 -7.69
N PRO EA 361 -74.92 -9.11 -7.77
CA PRO EA 361 -74.73 -9.88 -6.54
C PRO EA 361 -73.31 -9.73 -6.01
N ARG EA 362 -73.19 -9.83 -4.68
CA ARG EA 362 -71.89 -9.92 -4.05
C ARG EA 362 -72.07 -10.89 -2.89
N PHE EA 363 -71.25 -11.91 -2.83
CA PHE EA 363 -71.42 -12.93 -1.81
C PHE EA 363 -70.57 -12.58 -0.59
N SER EA 364 -71.19 -12.69 0.59
CA SER EA 364 -70.60 -12.16 1.81
C SER EA 364 -70.28 -13.21 2.85
N TYR EA 365 -71.10 -14.26 2.97
CA TYR EA 365 -70.92 -15.27 4.00
C TYR EA 365 -71.09 -16.65 3.40
N ILE EA 366 -70.24 -17.58 3.82
CA ILE EA 366 -70.31 -18.98 3.40
C ILE EA 366 -70.16 -19.85 4.64
N GLY EA 367 -71.11 -20.74 4.86
CA GLY EA 367 -71.07 -21.66 5.99
C GLY EA 367 -70.77 -23.07 5.51
N PHE EA 368 -69.69 -23.63 6.05
CA PHE EA 368 -69.18 -24.93 5.65
C PHE EA 368 -69.61 -26.00 6.65
N GLU EA 369 -70.13 -27.10 6.10
CA GLU EA 369 -70.34 -28.31 6.87
C GLU EA 369 -69.86 -29.49 6.02
N LEU EA 370 -68.62 -29.91 6.23
CA LEU EA 370 -67.95 -30.87 5.35
C LEU EA 370 -67.66 -32.14 6.15
N THR EA 371 -68.46 -33.18 5.89
CA THR EA 371 -68.20 -34.48 6.47
C THR EA 371 -67.33 -35.31 5.52
N ASP EA 372 -66.72 -36.35 6.07
CA ASP EA 372 -65.86 -37.24 5.29
C ASP EA 372 -66.20 -38.67 5.65
N SER EA 373 -65.47 -39.61 5.04
CA SER EA 373 -65.77 -41.04 5.20
C SER EA 373 -65.59 -41.49 6.65
N GLU EA 374 -64.55 -40.99 7.31
CA GLU EA 374 -64.30 -41.37 8.70
C GLU EA 374 -65.47 -40.94 9.58
N GLY EA 375 -65.99 -39.74 9.36
CA GLY EA 375 -67.14 -39.27 10.11
C GLY EA 375 -66.92 -37.89 10.70
N THR EA 376 -65.74 -37.32 10.52
CA THR EA 376 -65.43 -36.00 11.09
C THR EA 376 -66.08 -34.84 10.34
N VAL EA 377 -67.13 -34.28 10.90
CA VAL EA 377 -67.79 -33.15 10.25
C VAL EA 377 -67.10 -31.83 10.56
N TYR EA 378 -66.46 -31.24 9.54
CA TYR EA 378 -65.80 -29.96 9.72
C TYR EA 378 -66.81 -28.86 9.50
N ARG EA 379 -67.10 -28.11 10.54
CA ARG EA 379 -68.02 -27.00 10.39
C ARG EA 379 -67.29 -25.68 10.53
N ASP EA 380 -67.61 -24.72 9.65
CA ASP EA 380 -66.94 -23.42 9.68
C ASP EA 380 -67.79 -22.31 9.12
N ASN EA 381 -67.56 -21.07 9.56
CA ASN EA 381 -68.27 -19.90 9.07
C ASN EA 381 -67.26 -18.90 8.57
N VAL EA 382 -67.45 -18.39 7.35
CA VAL EA 382 -66.52 -17.43 6.79
C VAL EA 382 -67.27 -16.23 6.24
N VAL EA 383 -66.98 -15.04 6.76
CA VAL EA 383 -67.48 -13.82 6.15
C VAL EA 383 -66.44 -13.30 5.18
N THR EA 384 -66.90 -12.80 4.03
CA THR EA 384 -66.00 -12.32 3.00
C THR EA 384 -66.02 -10.81 2.80
N VAL EA 385 -67.09 -10.16 3.20
CA VAL EA 385 -67.16 -8.70 3.12
C VAL EA 385 -66.26 -8.05 4.16
N THR EA 386 -65.97 -6.78 3.97
CA THR EA 386 -65.17 -6.06 4.95
C THR EA 386 -66.11 -5.46 5.98
N ASN EA 387 -66.66 -6.30 6.85
CA ASN EA 387 -67.60 -5.82 7.86
C ASN EA 387 -66.88 -5.60 9.17
N PRO EA 388 -66.80 -4.34 9.63
CA PRO EA 388 -66.14 -4.04 10.89
C PRO EA 388 -67.02 -4.32 12.09
N GLU EA 389 -68.28 -4.65 11.87
CA GLU EA 389 -69.20 -4.89 12.97
C GLU EA 389 -69.49 -6.36 13.15
N GLU EA 390 -68.76 -7.22 12.45
CA GLU EA 390 -68.92 -8.66 12.61
C GLU EA 390 -68.96 -9.09 14.07
N SER FA 2 -31.90 -29.26 -58.88
CA SER FA 2 -32.38 -30.57 -59.30
C SER FA 2 -33.74 -30.46 -59.97
N LYS FA 3 -34.78 -30.93 -59.29
CA LYS FA 3 -36.11 -30.89 -59.86
C LYS FA 3 -36.88 -29.65 -59.42
N ASP FA 4 -37.55 -28.99 -60.36
CA ASP FA 4 -38.35 -27.83 -60.02
C ASP FA 4 -39.62 -28.22 -59.27
N ALA FA 5 -40.11 -27.30 -58.45
CA ALA FA 5 -41.23 -27.59 -57.57
C ALA FA 5 -42.52 -27.86 -58.34
N PHE FA 6 -42.73 -27.19 -59.46
CA PHE FA 6 -43.99 -27.35 -60.19
C PHE FA 6 -44.20 -28.78 -60.65
N THR FA 7 -43.15 -29.39 -61.22
CA THR FA 7 -43.29 -30.76 -61.70
C THR FA 7 -43.51 -31.74 -60.56
N ALA FA 8 -42.81 -31.57 -59.44
CA ALA FA 8 -42.91 -32.51 -58.33
C ALA FA 8 -44.25 -32.38 -57.60
N TRP FA 9 -44.78 -31.16 -57.48
CA TRP FA 9 -45.98 -30.94 -56.69
C TRP FA 9 -47.26 -30.99 -57.49
N ASN FA 10 -47.23 -30.65 -58.78
CA ASN FA 10 -48.44 -30.56 -59.58
C ASN FA 10 -48.53 -31.59 -60.69
N VAL FA 11 -47.41 -31.96 -61.31
CA VAL FA 11 -47.43 -32.94 -62.38
C VAL FA 11 -47.26 -34.33 -61.81
N ASP FA 12 -46.17 -34.54 -61.07
CA ASP FA 12 -45.93 -35.85 -60.45
C ASP FA 12 -46.80 -36.05 -59.23
N ARG FA 13 -47.04 -34.98 -58.46
CA ARG FA 13 -47.72 -35.05 -57.17
C ARG FA 13 -47.02 -36.02 -56.23
N ARG FA 14 -45.70 -36.16 -56.38
CA ARG FA 14 -44.85 -36.95 -55.51
C ARG FA 14 -43.66 -36.09 -55.12
N PRO FA 15 -43.85 -35.15 -54.19
CA PRO FA 15 -42.78 -34.19 -53.88
C PRO FA 15 -41.51 -34.82 -53.33
N ILE FA 16 -41.57 -36.03 -52.78
CA ILE FA 16 -40.40 -36.70 -52.23
C ILE FA 16 -39.85 -37.74 -53.21
N TYR FA 17 -40.71 -38.61 -53.72
CA TYR FA 17 -40.22 -39.68 -54.60
C TYR FA 17 -39.67 -39.12 -55.89
N SER FA 18 -40.28 -38.06 -56.42
CA SER FA 18 -39.80 -37.45 -57.64
C SER FA 18 -38.40 -36.88 -57.49
N ARG FA 19 -38.00 -36.52 -56.27
CA ARG FA 19 -36.69 -35.91 -56.05
C ARG FA 19 -35.59 -36.93 -55.79
N MET FA 20 -35.90 -38.20 -55.71
CA MET FA 20 -34.87 -39.21 -55.52
C MET FA 20 -34.02 -39.32 -56.79
N PRO FA 21 -32.74 -39.64 -56.65
CA PRO FA 21 -31.88 -39.71 -57.85
C PRO FA 21 -32.32 -40.79 -58.82
N LYS FA 22 -32.13 -40.51 -60.11
CA LYS FA 22 -32.53 -41.41 -61.18
C LYS FA 22 -31.42 -41.68 -62.19
N GLU FA 23 -30.31 -40.95 -62.14
CA GLU FA 23 -29.34 -41.00 -63.23
C GLU FA 23 -28.66 -42.35 -63.36
N GLN FA 24 -28.13 -42.90 -62.27
CA GLN FA 24 -27.39 -44.16 -62.31
C GLN FA 24 -28.40 -45.27 -62.54
N VAL FA 25 -28.82 -45.45 -63.79
CA VAL FA 25 -29.83 -46.45 -64.12
C VAL FA 25 -29.31 -47.83 -63.79
N GLY FA 26 -30.21 -48.71 -63.33
CA GLY FA 26 -29.82 -50.02 -62.84
C GLY FA 26 -29.38 -50.16 -61.40
N THR FA 27 -29.10 -49.04 -60.74
CA THR FA 27 -28.75 -49.03 -59.32
C THR FA 27 -29.08 -47.60 -58.96
N SER FA 28 -30.36 -47.33 -58.73
CA SER FA 28 -30.83 -46.03 -58.28
C SER FA 28 -32.13 -46.22 -57.53
N TYR FA 29 -32.52 -45.20 -56.78
CA TYR FA 29 -33.71 -45.31 -55.95
C TYR FA 29 -34.94 -45.59 -56.79
N HIS FA 30 -35.02 -45.04 -57.99
CA HIS FA 30 -36.19 -45.23 -58.83
C HIS FA 30 -36.23 -46.61 -59.47
N ASP FA 31 -35.11 -47.34 -59.45
CA ASP FA 31 -35.11 -48.66 -60.06
C ASP FA 31 -35.58 -49.74 -59.10
N TYR FA 32 -35.80 -49.40 -57.83
CA TYR FA 32 -36.31 -50.35 -56.84
C TYR FA 32 -37.67 -49.86 -56.37
N ILE FA 33 -38.67 -50.75 -56.43
CA ILE FA 33 -40.03 -50.36 -56.13
C ILE FA 33 -40.20 -50.04 -54.65
N ALA FA 34 -39.27 -50.49 -53.82
CA ALA FA 34 -39.35 -50.23 -52.39
C ALA FA 34 -39.28 -48.74 -52.09
N THR FA 35 -38.47 -48.00 -52.86
CA THR FA 35 -38.40 -46.55 -52.66
C THR FA 35 -39.75 -45.91 -52.95
N ASP FA 36 -40.42 -46.33 -54.01
CA ASP FA 36 -41.75 -45.82 -54.30
C ASP FA 36 -42.73 -46.16 -53.19
N TRP FA 37 -42.65 -47.37 -52.65
CA TRP FA 37 -43.58 -47.79 -51.61
C TRP FA 37 -43.37 -47.01 -50.31
N LEU FA 38 -42.11 -46.85 -49.88
CA LEU FA 38 -41.86 -46.27 -48.57
C LEU FA 38 -42.19 -44.79 -48.51
N THR FA 39 -41.98 -44.06 -49.59
CA THR FA 39 -42.23 -42.63 -49.62
C THR FA 39 -43.65 -42.29 -50.04
N ALA FA 40 -44.50 -43.29 -50.28
CA ALA FA 40 -45.84 -43.04 -50.79
C ALA FA 40 -46.68 -42.29 -49.76
N TYR FA 41 -46.67 -42.74 -48.51
CA TYR FA 41 -47.51 -42.13 -47.49
C TYR FA 41 -47.14 -40.68 -47.25
N TRP FA 42 -45.84 -40.38 -47.21
CA TRP FA 42 -45.41 -39.02 -46.93
C TRP FA 42 -45.70 -38.10 -48.11
N ASP FA 43 -45.56 -38.60 -49.33
CA ASP FA 43 -45.99 -37.83 -50.49
C ASP FA 43 -47.48 -37.55 -50.43
N LYS FA 44 -48.28 -38.55 -50.05
CA LYS FA 44 -49.72 -38.35 -49.95
C LYS FA 44 -50.06 -37.31 -48.90
N ILE FA 45 -49.42 -37.39 -47.73
CA ILE FA 45 -49.69 -36.43 -46.67
C ILE FA 45 -49.32 -35.02 -47.11
N PHE FA 46 -48.16 -34.88 -47.76
CA PHE FA 46 -47.73 -33.57 -48.23
C PHE FA 46 -48.68 -33.03 -49.30
N ILE FA 47 -49.19 -33.90 -50.16
CA ILE FA 47 -50.08 -33.44 -51.23
C ILE FA 47 -51.42 -33.00 -50.65
N GLU FA 48 -51.96 -33.76 -49.69
CA GLU FA 48 -53.17 -33.33 -48.99
C GLU FA 48 -52.98 -31.99 -48.30
N CYS FA 49 -51.85 -31.82 -47.60
CA CYS FA 49 -51.60 -30.55 -46.92
C CYS FA 49 -51.46 -29.42 -47.92
N TYR FA 50 -50.81 -29.67 -49.06
CA TYR FA 50 -50.68 -28.67 -50.10
C TYR FA 50 -52.04 -28.26 -50.66
N ASP FA 51 -52.93 -29.23 -50.86
CA ASP FA 51 -54.26 -28.92 -51.35
C ASP FA 51 -55.05 -28.10 -50.33
N LYS FA 52 -54.95 -28.44 -49.05
CA LYS FA 52 -55.60 -27.63 -48.03
C LYS FA 52 -55.06 -26.21 -48.02
N LEU FA 53 -53.75 -26.05 -48.15
CA LEU FA 53 -53.17 -24.71 -48.18
C LEU FA 53 -53.63 -23.92 -49.39
N GLU FA 54 -53.69 -24.58 -50.55
CA GLU FA 54 -54.17 -23.91 -51.76
C GLU FA 54 -55.62 -23.47 -51.61
N ASP FA 55 -56.45 -24.30 -50.96
CA ASP FA 55 -57.84 -23.95 -50.73
C ASP FA 55 -58.05 -22.98 -49.57
N LEU FA 56 -57.01 -22.73 -48.77
CA LEU FA 56 -57.16 -21.88 -47.59
C LEU FA 56 -57.72 -20.49 -47.86
N PRO FA 57 -57.25 -19.73 -48.85
CA PRO FA 57 -57.83 -18.39 -49.06
C PRO FA 57 -59.32 -18.42 -49.33
N ARG FA 58 -59.83 -19.53 -49.88
CA ARG FA 58 -61.27 -19.68 -50.03
C ARG FA 58 -61.97 -19.70 -48.68
N GLN FA 59 -61.31 -20.26 -47.66
CA GLN FA 59 -61.93 -20.44 -46.36
C GLN FA 59 -62.08 -19.14 -45.58
N PHE FA 60 -61.48 -18.04 -46.05
CA PHE FA 60 -61.67 -16.75 -45.41
C PHE FA 60 -62.74 -15.92 -46.11
N ASP FA 61 -63.45 -16.49 -47.08
CA ASP FA 61 -64.58 -15.83 -47.72
C ASP FA 61 -65.86 -16.44 -47.19
N PRO FA 62 -66.63 -15.74 -46.35
CA PRO FA 62 -67.78 -16.37 -45.70
C PRO FA 62 -68.82 -16.92 -46.66
N LEU FA 63 -68.98 -16.35 -47.85
CA LEU FA 63 -69.95 -16.89 -48.80
C LEU FA 63 -69.53 -18.26 -49.31
N GLN FA 64 -68.28 -18.42 -49.69
CA GLN FA 64 -67.79 -19.64 -50.32
C GLN FA 64 -67.20 -20.62 -49.32
N CYS FA 65 -67.01 -20.20 -48.07
CA CYS FA 65 -66.23 -20.97 -47.12
C CYS FA 65 -66.97 -22.22 -46.65
N ASP FA 66 -66.25 -23.05 -45.90
CA ASP FA 66 -66.81 -24.24 -45.28
C ASP FA 66 -67.37 -23.90 -43.90
N GLU FA 67 -68.38 -24.68 -43.49
CA GLU FA 67 -69.11 -24.37 -42.26
C GLU FA 67 -68.21 -24.43 -41.02
N GLU FA 68 -67.08 -25.12 -41.10
CA GLU FA 68 -66.20 -25.24 -39.94
C GLU FA 68 -65.52 -23.91 -39.61
N TYR FA 69 -65.34 -23.03 -40.60
CA TYR FA 69 -64.62 -21.79 -40.37
C TYR FA 69 -65.53 -20.61 -40.03
N LEU FA 70 -66.85 -20.80 -40.00
CA LEU FA 70 -67.72 -19.67 -39.70
C LEU FA 70 -67.54 -19.19 -38.26
N ASP FA 71 -67.51 -20.12 -37.32
CA ASP FA 71 -67.25 -19.75 -35.93
C ASP FA 71 -65.85 -19.19 -35.75
N PHE FA 72 -64.91 -19.61 -36.58
CA PHE FA 72 -63.56 -19.07 -36.51
C PHE FA 72 -63.51 -17.64 -37.03
N LEU FA 73 -64.25 -17.34 -38.09
CA LEU FA 73 -64.26 -16.01 -38.69
C LEU FA 73 -65.14 -15.03 -37.93
N ALA FA 74 -66.10 -15.51 -37.15
CA ALA FA 74 -66.99 -14.61 -36.41
C ALA FA 74 -66.26 -13.59 -35.54
N PRO FA 75 -65.26 -13.96 -34.73
CA PRO FA 75 -64.53 -12.92 -33.99
C PRO FA 75 -63.82 -11.93 -34.87
N LEU FA 76 -63.36 -12.35 -36.06
CA LEU FA 76 -62.70 -11.42 -36.96
C LEU FA 76 -63.66 -10.35 -37.46
N CYS FA 77 -64.94 -10.68 -37.54
CA CYS FA 77 -65.95 -9.73 -38.03
C CYS FA 77 -66.62 -8.97 -36.89
N GLY FA 78 -66.21 -9.18 -35.64
CA GLY FA 78 -66.78 -8.46 -34.53
C GLY FA 78 -67.99 -9.11 -33.90
N TRP FA 79 -68.18 -10.40 -34.12
CA TRP FA 79 -69.32 -11.10 -33.54
C TRP FA 79 -68.89 -12.01 -32.41
N THR FA 80 -69.05 -11.55 -31.17
CA THR FA 80 -68.72 -12.38 -30.03
C THR FA 80 -69.99 -12.83 -29.34
N ALA FA 81 -69.86 -13.54 -28.22
CA ALA FA 81 -71.04 -14.09 -27.51
C ALA FA 81 -72.35 -13.27 -27.43
N PRO FA 82 -72.30 -11.98 -27.03
CA PRO FA 82 -73.61 -11.30 -26.98
C PRO FA 82 -74.33 -11.14 -28.32
N TYR FA 83 -73.59 -11.05 -29.42
CA TYR FA 83 -74.21 -10.82 -30.73
C TYR FA 83 -74.25 -12.08 -31.55
N TRP FA 84 -73.30 -12.97 -31.33
CA TRP FA 84 -73.23 -14.20 -32.10
C TRP FA 84 -73.94 -15.33 -31.40
N SER FA 85 -74.28 -16.38 -32.15
CA SER FA 85 -74.95 -17.53 -31.57
C SER FA 85 -74.57 -18.79 -32.36
N GLY FA 86 -74.28 -19.87 -31.65
CA GLY FA 86 -73.97 -21.12 -32.32
C GLY FA 86 -75.15 -21.77 -32.99
N ASP FA 87 -76.37 -21.42 -32.58
CA ASP FA 87 -77.56 -22.02 -33.15
C ASP FA 87 -78.03 -21.31 -34.41
N TYR FA 88 -77.39 -20.22 -34.80
CA TYR FA 88 -77.78 -19.52 -36.01
C TYR FA 88 -77.62 -20.45 -37.22
N PRO FA 89 -78.59 -20.47 -38.13
CA PRO FA 89 -78.43 -21.28 -39.34
C PRO FA 89 -77.22 -20.85 -40.14
N PRO FA 90 -76.48 -21.79 -40.71
CA PRO FA 90 -75.22 -21.42 -41.37
C PRO FA 90 -75.37 -20.46 -42.54
N GLU FA 91 -76.50 -20.50 -43.25
CA GLU FA 91 -76.73 -19.51 -44.29
C GLU FA 91 -76.84 -18.12 -43.69
N SER FA 92 -77.53 -17.99 -42.56
CA SER FA 92 -77.61 -16.73 -41.86
C SER FA 92 -76.23 -16.30 -41.37
N LYS FA 93 -75.42 -17.25 -40.89
CA LYS FA 93 -74.06 -16.92 -40.49
C LYS FA 93 -73.26 -16.36 -41.66
N ARG FA 94 -73.40 -16.98 -42.83
CA ARG FA 94 -72.69 -16.49 -44.02
C ARG FA 94 -73.11 -15.08 -44.35
N VAL FA 95 -74.42 -14.82 -44.36
CA VAL FA 95 -74.92 -13.49 -44.71
C VAL FA 95 -74.45 -12.46 -43.70
N LEU FA 96 -74.52 -12.79 -42.40
CA LEU FA 96 -74.15 -11.83 -41.38
C LEU FA 96 -72.66 -11.53 -41.41
N LEU FA 97 -71.82 -12.55 -41.62
CA LEU FA 97 -70.38 -12.32 -41.65
C LEU FA 97 -69.96 -11.57 -42.90
N ALA FA 98 -70.62 -11.83 -44.02
CA ALA FA 98 -70.19 -11.22 -45.28
C ALA FA 98 -70.39 -9.72 -45.26
N ASN FA 99 -71.42 -9.24 -44.58
CA ASN FA 99 -71.79 -7.82 -44.60
C ASN FA 99 -71.58 -7.14 -43.26
N SER FA 100 -70.57 -7.54 -42.49
CA SER FA 100 -70.37 -6.95 -41.17
C SER FA 100 -69.71 -5.58 -41.27
N TYR FA 101 -68.58 -5.50 -41.96
CA TYR FA 101 -67.85 -4.24 -42.08
C TYR FA 101 -68.50 -3.29 -43.08
N SER FA 102 -69.05 -3.80 -44.17
CA SER FA 102 -69.60 -2.95 -45.21
C SER FA 102 -70.98 -2.41 -44.87
N LEU FA 103 -71.80 -3.17 -44.16
CA LEU FA 103 -73.14 -2.68 -43.89
C LEU FA 103 -73.49 -2.63 -42.41
N ILE FA 104 -73.20 -3.67 -41.64
CA ILE FA 104 -73.84 -3.84 -40.33
C ILE FA 104 -73.22 -2.92 -39.29
N TRP FA 105 -71.94 -3.09 -39.01
CA TRP FA 105 -71.31 -2.27 -37.98
C TRP FA 105 -71.13 -0.83 -38.44
N ARG FA 106 -70.99 -0.63 -39.75
CA ARG FA 106 -70.81 0.73 -40.26
C ARG FA 106 -72.04 1.59 -39.99
N ASP FA 107 -73.23 1.02 -40.17
CA ASP FA 107 -74.48 1.77 -40.04
C ASP FA 107 -75.39 1.17 -38.98
N LYS FA 108 -74.82 0.63 -37.91
CA LYS FA 108 -75.64 0.03 -36.86
C LYS FA 108 -76.54 1.09 -36.25
N GLY FA 109 -77.82 0.73 -36.07
CA GLY FA 109 -78.84 1.64 -35.61
C GLY FA 109 -79.76 2.14 -36.70
N SER FA 110 -79.37 1.98 -37.96
CA SER FA 110 -80.22 2.40 -39.07
C SER FA 110 -81.29 1.34 -39.35
N LEU FA 111 -82.37 1.80 -40.01
CA LEU FA 111 -83.46 0.89 -40.36
C LEU FA 111 -82.99 -0.19 -41.32
N THR FA 112 -82.14 0.18 -42.28
CA THR FA 112 -81.65 -0.78 -43.25
C THR FA 112 -80.90 -1.92 -42.58
N VAL FA 113 -80.06 -1.59 -41.60
CA VAL FA 113 -79.27 -2.63 -40.92
C VAL FA 113 -80.18 -3.56 -40.13
N LEU FA 114 -81.13 -3.00 -39.39
CA LEU FA 114 -82.04 -3.84 -38.62
C LEU FA 114 -82.84 -4.76 -39.52
N SER FA 115 -83.40 -4.23 -40.61
CA SER FA 115 -84.18 -5.06 -41.52
C SER FA 115 -83.30 -6.10 -42.20
N PHE FA 116 -82.07 -5.74 -42.54
CA PHE FA 116 -81.15 -6.69 -43.16
C PHE FA 116 -80.82 -7.83 -42.20
N VAL FA 117 -80.57 -7.52 -40.93
CA VAL FA 117 -80.29 -8.56 -39.96
C VAL FA 117 -81.49 -9.47 -39.80
N LEU FA 118 -82.70 -8.89 -39.72
CA LEU FA 118 -83.89 -9.70 -39.54
C LEU FA 118 -84.14 -10.58 -40.75
N ASN FA 119 -83.89 -10.07 -41.96
CA ASN FA 119 -84.08 -10.88 -43.15
C ASN FA 119 -83.02 -11.98 -43.26
N ALA FA 120 -81.81 -11.70 -42.77
CA ALA FA 120 -80.77 -12.72 -42.78
C ALA FA 120 -81.16 -13.94 -41.96
N LEU FA 121 -81.95 -13.74 -40.92
CA LEU FA 121 -82.43 -14.83 -40.08
C LEU FA 121 -83.78 -15.35 -40.53
N PHE FA 122 -84.24 -14.96 -41.73
CA PHE FA 122 -85.48 -15.44 -42.31
C PHE FA 122 -86.68 -15.11 -41.42
N ILE FA 123 -86.81 -13.84 -41.12
CA ILE FA 123 -87.94 -13.32 -40.34
C ILE FA 123 -88.59 -12.26 -41.22
N ASN FA 124 -89.72 -12.60 -41.84
CA ASN FA 124 -90.48 -11.61 -42.59
C ASN FA 124 -91.10 -10.61 -41.63
N HIS FA 125 -90.95 -9.33 -41.95
CA HIS FA 125 -91.32 -8.29 -40.99
C HIS FA 125 -91.57 -7.00 -41.73
N ARG FA 126 -92.21 -6.06 -41.03
CA ARG FA 126 -92.41 -4.71 -41.51
C ARG FA 126 -92.07 -3.75 -40.39
N ILE FA 127 -91.24 -2.76 -40.69
CA ILE FA 127 -90.91 -1.71 -39.71
C ILE FA 127 -91.88 -0.57 -39.91
N PHE FA 128 -92.66 -0.28 -38.87
CA PHE FA 128 -93.75 0.69 -38.98
C PHE FA 128 -93.55 1.79 -37.96
N VAL FA 129 -93.42 3.03 -38.42
CA VAL FA 129 -93.34 4.19 -37.54
C VAL FA 129 -94.77 4.64 -37.25
N PRO FA 130 -95.19 4.69 -35.99
CA PRO FA 130 -96.56 5.13 -35.69
C PRO FA 130 -96.79 6.56 -36.15
N GLY FA 131 -98.00 6.82 -36.64
CA GLY FA 131 -98.33 8.14 -37.15
C GLY FA 131 -99.82 8.25 -37.34
N SER FA 132 -100.29 9.50 -37.46
CA SER FA 132 -101.71 9.75 -37.61
C SER FA 132 -102.20 9.56 -39.04
N PHE FA 133 -101.30 9.45 -40.01
CA PHE FA 133 -101.68 9.30 -41.41
C PHE FA 133 -101.03 8.03 -41.96
N ILE FA 134 -101.85 7.06 -42.33
CA ILE FA 134 -101.39 5.83 -42.96
C ILE FA 134 -101.91 5.83 -44.39
N LEU FA 135 -101.01 5.58 -45.36
CA LEU FA 135 -101.41 5.69 -46.76
C LEU FA 135 -102.50 4.70 -47.13
N GLY FA 136 -102.58 3.57 -46.42
CA GLY FA 136 -103.56 2.56 -46.79
C GLY FA 136 -105.00 3.01 -46.63
N GLN FA 137 -105.32 3.62 -45.48
CA GLN FA 137 -106.71 3.89 -45.14
C GLN FA 137 -107.03 5.33 -44.78
N SER FA 138 -106.06 6.14 -44.37
CA SER FA 138 -106.36 7.49 -43.91
C SER FA 138 -106.90 8.34 -45.06
N GLN FA 139 -107.89 9.17 -44.76
CA GLN FA 139 -108.60 9.96 -45.75
C GLN FA 139 -108.02 11.36 -45.82
N VAL FA 140 -108.00 11.93 -47.03
CA VAL FA 140 -107.26 13.17 -47.26
C VAL FA 140 -108.03 14.39 -46.76
N SER FA 141 -109.35 14.26 -46.59
CA SER FA 141 -110.14 15.46 -46.33
C SER FA 141 -109.99 15.95 -44.90
N GLU FA 142 -109.86 15.04 -43.93
CA GLU FA 142 -109.86 15.44 -42.53
C GLU FA 142 -108.73 14.86 -41.69
N ASP FA 143 -108.17 13.70 -42.05
CA ASP FA 143 -107.13 13.12 -41.21
C ASP FA 143 -105.86 13.96 -41.23
N THR FA 144 -105.25 14.10 -40.07
CA THR FA 144 -104.06 14.92 -39.89
C THR FA 144 -102.82 14.06 -40.08
N LEU FA 145 -101.68 14.73 -40.31
CA LEU FA 145 -100.41 14.05 -40.51
C LEU FA 145 -99.48 14.33 -39.32
N GLY FA 146 -98.63 13.34 -39.03
CA GLY FA 146 -97.69 13.45 -37.94
C GLY FA 146 -96.82 12.22 -37.94
N ALA FA 147 -95.85 12.21 -37.02
CA ALA FA 147 -94.89 11.11 -36.96
C ALA FA 147 -94.40 10.96 -35.53
N ALA FA 148 -94.39 9.72 -35.03
CA ALA FA 148 -93.88 9.43 -33.69
C ALA FA 148 -92.37 9.65 -33.69
N GLY FA 149 -91.88 10.41 -32.70
CA GLY FA 149 -90.48 10.77 -32.68
C GLY FA 149 -89.50 9.62 -32.56
N TRP FA 150 -89.45 8.99 -31.39
CA TRP FA 150 -88.48 7.92 -31.16
C TRP FA 150 -89.11 6.55 -31.05
N GLU FA 151 -90.36 6.36 -31.46
CA GLU FA 151 -91.01 5.07 -31.30
C GLU FA 151 -91.34 4.44 -32.64
N PHE FA 152 -91.29 3.12 -32.68
CA PHE FA 152 -91.58 2.35 -33.89
C PHE FA 152 -91.99 0.95 -33.47
N GLU FA 153 -92.46 0.17 -34.44
CA GLU FA 153 -92.93 -1.18 -34.17
C GLU FA 153 -92.43 -2.12 -35.26
N ILE FA 154 -92.33 -3.39 -34.89
CA ILE FA 154 -91.97 -4.46 -35.81
C ILE FA 154 -93.20 -5.34 -35.93
N LEU FA 155 -93.77 -5.43 -37.13
CA LEU FA 155 -94.98 -6.19 -37.38
C LEU FA 155 -94.63 -7.47 -38.11
N LEU FA 156 -95.18 -8.59 -37.64
CA LEU FA 156 -94.86 -9.90 -38.18
C LEU FA 156 -96.12 -10.55 -38.74
N PRO FA 157 -95.98 -11.38 -39.77
CA PRO FA 157 -97.15 -12.06 -40.32
C PRO FA 157 -97.75 -13.06 -39.33
N ARG FA 158 -99.01 -13.39 -39.56
CA ARG FA 158 -99.73 -14.30 -38.68
C ARG FA 158 -99.18 -15.72 -38.73
N ASP FA 159 -98.32 -16.03 -39.70
CA ASP FA 159 -97.72 -17.36 -39.76
C ASP FA 159 -96.95 -17.68 -38.50
N TYR FA 160 -96.26 -16.69 -37.93
CA TYR FA 160 -95.51 -16.90 -36.70
C TYR FA 160 -96.46 -16.93 -35.50
N ALA FA 161 -96.04 -17.64 -34.46
CA ALA FA 161 -96.89 -17.85 -33.30
C ALA FA 161 -96.69 -16.74 -32.28
N GLU FA 162 -97.71 -16.54 -31.44
CA GLU FA 162 -97.64 -15.55 -30.37
C GLU FA 162 -96.51 -15.89 -29.40
N ASN FA 163 -95.54 -14.98 -29.31
CA ASN FA 163 -94.37 -15.14 -28.45
C ASN FA 163 -93.69 -16.48 -28.67
N GLY FA 164 -93.56 -16.88 -29.93
CA GLY FA 164 -92.87 -18.10 -30.29
C GLY FA 164 -91.40 -17.84 -30.55
N TYR FA 165 -90.84 -18.68 -31.42
CA TYR FA 165 -89.42 -18.55 -31.76
C TYR FA 165 -89.16 -17.25 -32.50
N GLU FA 166 -90.01 -16.92 -33.48
CA GLU FA 166 -89.76 -15.74 -34.30
C GLU FA 166 -89.96 -14.45 -33.51
N PHE FA 167 -90.99 -14.40 -32.67
CA PHE FA 167 -91.24 -13.19 -31.88
C PHE FA 167 -90.05 -12.90 -30.96
N ARG FA 168 -89.56 -13.92 -30.27
CA ARG FA 168 -88.51 -13.69 -29.29
C ARG FA 168 -87.16 -13.47 -29.96
N LEU FA 169 -86.94 -14.14 -31.11
CA LEU FA 169 -85.75 -13.84 -31.88
C LEU FA 169 -85.77 -12.40 -32.39
N THR FA 170 -86.94 -11.93 -32.83
CA THR FA 170 -87.08 -10.54 -33.26
C THR FA 170 -86.81 -9.59 -32.11
N LEU FA 171 -87.32 -9.90 -30.93
CA LEU FA 171 -87.05 -9.07 -29.76
C LEU FA 171 -85.55 -9.01 -29.45
N LYS FA 172 -84.88 -10.16 -29.51
CA LYS FA 172 -83.44 -10.19 -29.25
C LYS FA 172 -82.68 -9.36 -30.27
N ILE FA 173 -83.00 -9.54 -31.55
CA ILE FA 173 -82.31 -8.79 -32.60
C ILE FA 173 -82.56 -7.30 -32.45
N ALA FA 174 -83.79 -6.92 -32.12
CA ALA FA 174 -84.10 -5.50 -31.93
C ALA FA 174 -83.32 -4.94 -30.75
N SER FA 175 -83.25 -5.67 -29.65
CA SER FA 175 -82.48 -5.21 -28.50
C SER FA 175 -81.01 -5.04 -28.87
N LEU FA 176 -80.50 -5.91 -29.73
CA LEU FA 176 -79.09 -5.82 -30.12
C LEU FA 176 -78.83 -4.72 -31.15
N PHE FA 177 -79.81 -4.38 -31.98
CA PHE FA 177 -79.56 -3.50 -33.11
C PHE FA 177 -80.40 -2.23 -33.14
N SER FA 178 -81.57 -2.20 -32.51
CA SER FA 178 -82.32 -0.97 -32.43
C SER FA 178 -81.63 0.01 -31.48
N PRO FA 179 -81.70 1.31 -31.75
CA PRO FA 179 -81.12 2.29 -30.83
C PRO FA 179 -81.74 2.18 -29.45
N LEU FA 180 -80.90 2.34 -28.43
CA LEU FA 180 -81.32 2.06 -27.06
C LEU FA 180 -82.40 3.02 -26.59
N TRP FA 181 -82.30 4.29 -26.97
CA TRP FA 181 -83.25 5.31 -26.52
C TRP FA 181 -84.59 5.22 -27.22
N CYS FA 182 -84.72 4.39 -28.26
CA CYS FA 182 -85.96 4.29 -29.01
C CYS FA 182 -86.88 3.24 -28.40
N LYS FA 183 -88.18 3.54 -28.40
CA LYS FA 183 -89.18 2.61 -27.91
C LYS FA 183 -89.69 1.76 -29.06
N TYR FA 184 -89.63 0.45 -28.91
CA TYR FA 184 -90.08 -0.47 -29.94
C TYR FA 184 -90.98 -1.53 -29.33
N ARG FA 185 -91.86 -2.08 -30.16
CA ARG FA 185 -92.79 -3.12 -29.75
C ARG FA 185 -92.98 -4.08 -30.90
N VAL FA 186 -92.93 -5.38 -30.60
CA VAL FA 186 -93.17 -6.41 -31.60
C VAL FA 186 -94.66 -6.76 -31.58
N ARG FA 187 -95.30 -6.65 -32.73
CA ARG FA 187 -96.75 -6.77 -32.81
C ARG FA 187 -97.11 -7.60 -34.03
N TYR FA 188 -98.36 -8.03 -34.09
CA TYR FA 188 -98.87 -8.77 -35.23
C TYR FA 188 -99.31 -7.81 -36.32
N ASP FA 189 -98.88 -8.09 -37.55
CA ASP FA 189 -99.26 -7.25 -38.68
C ASP FA 189 -100.77 -7.36 -38.93
N ASN FA 190 -101.48 -6.26 -38.75
CA ASN FA 190 -102.92 -6.24 -38.95
C ASN FA 190 -103.32 -6.41 -40.40
N LEU FA 191 -102.40 -6.20 -41.33
CA LEU FA 191 -102.70 -6.37 -42.75
C LEU FA 191 -102.35 -7.78 -43.21
N LEU GA 5 -52.12 -13.09 -29.73
CA LEU GA 5 -50.78 -12.75 -29.26
C LEU GA 5 -49.85 -12.51 -30.45
N ASN GA 6 -48.59 -12.90 -30.29
CA ASN GA 6 -47.62 -12.73 -31.36
C ASN GA 6 -47.88 -13.71 -32.50
N ALA GA 7 -47.41 -13.34 -33.69
CA ALA GA 7 -47.60 -14.19 -34.85
C ALA GA 7 -46.63 -15.37 -34.79
N PRO GA 8 -47.11 -16.60 -34.92
CA PRO GA 8 -46.18 -17.74 -34.97
C PRO GA 8 -45.38 -17.73 -36.26
N GLN GA 9 -44.19 -18.32 -36.20
CA GLN GA 9 -43.34 -18.43 -37.38
C GLN GA 9 -43.65 -19.73 -38.11
N LEU GA 10 -43.94 -19.63 -39.40
CA LEU GA 10 -44.38 -20.80 -40.15
C LEU GA 10 -43.21 -21.57 -40.75
N VAL GA 11 -42.12 -20.86 -41.10
CA VAL GA 11 -40.98 -21.53 -41.69
C VAL GA 11 -40.02 -22.00 -40.61
N VAL GA 12 -39.29 -23.08 -40.92
CA VAL GA 12 -38.26 -23.57 -40.02
C VAL GA 12 -37.00 -22.74 -40.18
N ASP GA 13 -36.39 -22.37 -39.05
CA ASP GA 13 -35.22 -21.51 -39.08
C ASP GA 13 -34.04 -22.17 -39.79
N ASP GA 14 -33.84 -23.45 -39.57
CA ASP GA 14 -32.68 -24.17 -40.14
C ASP GA 14 -33.12 -25.57 -40.51
N TYR GA 15 -33.16 -25.85 -41.82
CA TYR GA 15 -33.60 -27.16 -42.28
C TYR GA 15 -32.49 -28.21 -42.21
N GLU GA 16 -31.22 -27.80 -42.32
CA GLU GA 16 -30.14 -28.73 -42.08
C GLU GA 16 -30.16 -29.23 -40.64
N GLN GA 17 -30.47 -28.33 -39.70
CA GLN GA 17 -30.69 -28.76 -38.33
C GLN GA 17 -31.83 -29.76 -38.25
N LEU GA 18 -32.87 -29.58 -39.06
CA LEU GA 18 -33.97 -30.54 -39.08
C LEU GA 18 -33.50 -31.91 -39.55
N ILE GA 19 -32.66 -31.95 -40.58
CA ILE GA 19 -32.13 -33.23 -41.05
C ILE GA 19 -31.31 -33.90 -39.96
N ILE GA 20 -30.43 -33.12 -39.32
CA ILE GA 20 -29.59 -33.67 -38.27
C ILE GA 20 -30.43 -34.19 -37.11
N ASP GA 21 -31.46 -33.44 -36.72
CA ASP GA 21 -32.34 -33.88 -35.65
C ASP GA 21 -33.09 -35.14 -36.02
N SER GA 22 -33.53 -35.25 -37.27
CA SER GA 22 -34.23 -36.47 -37.68
C SER GA 22 -33.30 -37.68 -37.65
N LEU GA 23 -32.03 -37.50 -37.99
CA LEU GA 23 -31.08 -38.61 -37.92
C LEU GA 23 -30.77 -38.98 -36.46
N VAL GA 24 -30.60 -37.98 -35.60
CA VAL GA 24 -30.42 -38.26 -34.18
C VAL GA 24 -31.64 -38.98 -33.63
N HIS GA 25 -32.83 -38.61 -34.10
CA HIS GA 25 -34.04 -39.31 -33.70
C HIS GA 25 -34.05 -40.74 -34.21
N THR GA 26 -33.48 -40.97 -35.39
CA THR GA 26 -33.30 -42.34 -35.86
C THR GA 26 -32.47 -43.13 -34.87
N ASN GA 27 -31.40 -42.53 -34.37
CA ASN GA 27 -30.60 -43.19 -33.35
C ASN GA 27 -31.41 -43.44 -32.08
N VAL GA 28 -32.20 -42.46 -31.67
CA VAL GA 28 -32.97 -42.57 -30.42
C VAL GA 28 -34.00 -43.68 -30.53
N VAL GA 29 -34.71 -43.74 -31.65
CA VAL GA 29 -35.77 -44.73 -31.84
C VAL GA 29 -35.20 -46.14 -31.82
N SER GA 30 -34.07 -46.36 -32.48
CA SER GA 30 -33.50 -47.69 -32.57
C SER GA 30 -32.67 -48.09 -31.36
N ASN GA 31 -32.63 -47.24 -30.33
CA ASN GA 31 -31.83 -47.50 -29.13
C ASN GA 31 -30.35 -47.67 -29.46
N GLY GA 32 -29.76 -46.63 -30.02
CA GLY GA 32 -28.33 -46.60 -30.26
C GLY GA 32 -27.82 -47.61 -31.26
N GLU GA 33 -28.60 -47.92 -32.29
CA GLU GA 33 -28.20 -48.88 -33.30
C GLU GA 33 -27.97 -48.25 -34.66
N PHE GA 34 -28.53 -47.07 -34.91
CA PHE GA 34 -28.42 -46.37 -36.19
C PHE GA 34 -27.49 -45.17 -35.96
N THR GA 35 -26.23 -45.32 -36.36
CA THR GA 35 -25.23 -44.29 -36.09
C THR GA 35 -24.61 -43.70 -37.36
N ASP GA 36 -25.31 -43.78 -38.49
CA ASP GA 36 -24.81 -43.18 -39.73
C ASP GA 36 -25.52 -41.85 -39.97
N LEU GA 37 -24.74 -40.78 -40.02
CA LEU GA 37 -25.28 -39.44 -40.25
C LEU GA 37 -24.80 -38.82 -41.55
N ASP GA 38 -24.01 -39.53 -42.34
CA ASP GA 38 -23.46 -38.98 -43.56
C ASP GA 38 -24.32 -39.36 -44.76
N ALA GA 39 -24.04 -38.69 -45.89
CA ALA GA 39 -24.87 -38.88 -47.08
C ALA GA 39 -24.75 -40.30 -47.63
N SER GA 40 -23.65 -40.99 -47.34
CA SER GA 40 -23.52 -42.38 -47.74
C SER GA 40 -24.43 -43.31 -46.95
N GLY GA 41 -24.97 -42.84 -45.82
CA GLY GA 41 -25.87 -43.67 -45.04
C GLY GA 41 -27.19 -43.87 -45.75
N PHE GA 42 -27.93 -44.86 -45.25
CA PHE GA 42 -29.19 -45.22 -45.90
C PHE GA 42 -30.24 -44.13 -45.74
N MET GA 43 -30.38 -43.58 -44.54
CA MET GA 43 -31.53 -42.72 -44.25
C MET GA 43 -31.29 -41.26 -44.59
N ARG GA 44 -30.04 -40.85 -44.81
CA ARG GA 44 -29.76 -39.45 -45.07
C ARG GA 44 -30.41 -38.93 -46.35
N PRO GA 45 -30.34 -39.62 -47.51
CA PRO GA 45 -31.07 -39.12 -48.68
C PRO GA 45 -32.56 -38.99 -48.46
N PHE GA 46 -33.17 -39.97 -47.78
CA PHE GA 46 -34.60 -39.91 -47.50
C PHE GA 46 -34.93 -38.70 -46.62
N ALA GA 47 -34.17 -38.50 -45.54
CA ALA GA 47 -34.44 -37.40 -44.63
C ALA GA 47 -34.21 -36.06 -45.31
N GLY GA 48 -33.16 -35.96 -46.12
CA GLY GA 48 -32.90 -34.71 -46.81
C GLY GA 48 -33.97 -34.37 -47.83
N THR GA 49 -34.42 -35.37 -48.59
CA THR GA 49 -35.50 -35.14 -49.54
C THR GA 49 -36.78 -34.71 -48.83
N MET GA 50 -37.10 -35.39 -47.71
CA MET GA 50 -38.27 -35.00 -46.95
C MET GA 50 -38.15 -33.58 -46.41
N ALA GA 51 -36.96 -33.21 -45.93
CA ALA GA 51 -36.77 -31.86 -45.41
C ALA GA 51 -36.90 -30.82 -46.50
N TYR GA 52 -36.39 -31.09 -47.70
CA TYR GA 52 -36.53 -30.14 -48.79
C TYR GA 52 -37.99 -29.98 -49.20
N ALA GA 53 -38.71 -31.10 -49.33
CA ALA GA 53 -40.13 -31.01 -49.65
C ALA GA 53 -40.89 -30.27 -48.57
N GLY GA 54 -40.51 -30.48 -47.31
CA GLY GA 54 -41.15 -29.74 -46.22
C GLY GA 54 -40.85 -28.27 -46.25
N SER GA 55 -39.63 -27.89 -46.65
CA SER GA 55 -39.32 -26.47 -46.78
C SER GA 55 -40.18 -25.82 -47.85
N GLU GA 56 -40.36 -26.51 -48.98
CA GLU GA 56 -41.25 -26.00 -50.01
C GLU GA 56 -42.68 -25.89 -49.50
N LEU GA 57 -43.13 -26.92 -48.76
CA LEU GA 57 -44.49 -26.89 -48.22
C LEU GA 57 -44.67 -25.76 -47.23
N LEU GA 58 -43.67 -25.48 -46.40
CA LEU GA 58 -43.81 -24.40 -45.42
C LEU GA 58 -43.73 -23.03 -46.08
N TYR GA 59 -42.93 -22.88 -47.13
CA TYR GA 59 -42.98 -21.64 -47.90
C TYR GA 59 -44.36 -21.42 -48.50
N LYS GA 60 -44.95 -22.48 -49.06
CA LYS GA 60 -46.31 -22.37 -49.56
C LYS GA 60 -47.29 -22.07 -48.43
N ALA GA 61 -47.07 -22.62 -47.24
CA ALA GA 61 -47.96 -22.34 -46.11
C ALA GA 61 -47.89 -20.87 -45.71
N ASN GA 62 -46.68 -20.30 -45.69
CA ASN GA 62 -46.54 -18.88 -45.42
C ASN GA 62 -47.27 -18.04 -46.46
N LEU GA 63 -47.08 -18.40 -47.73
CA LEU GA 63 -47.80 -17.71 -48.81
C LEU GA 63 -49.30 -17.86 -48.65
N ALA GA 64 -49.75 -19.03 -48.21
CA ALA GA 64 -51.17 -19.30 -48.07
C ALA GA 64 -51.78 -18.49 -46.94
N SER GA 65 -51.07 -18.36 -45.82
CA SER GA 65 -51.57 -17.52 -44.74
C SER GA 65 -51.63 -16.06 -45.15
N ILE GA 66 -50.60 -15.59 -45.87
CA ILE GA 66 -50.64 -14.21 -46.36
C ILE GA 66 -51.82 -14.02 -47.31
N ALA GA 67 -52.03 -14.97 -48.22
CA ALA GA 67 -53.14 -14.86 -49.17
C ALA GA 67 -54.48 -14.94 -48.46
N ALA GA 68 -54.56 -15.72 -47.39
CA ALA GA 68 -55.79 -15.79 -46.61
C ALA GA 68 -56.09 -14.45 -45.96
N ALA GA 69 -55.06 -13.80 -45.41
CA ALA GA 69 -55.26 -12.46 -44.86
C ALA GA 69 -55.74 -11.49 -45.93
N LYS GA 70 -55.12 -11.55 -47.11
CA LYS GA 70 -55.52 -10.63 -48.19
C LYS GA 70 -56.94 -10.93 -48.66
N SER GA 71 -57.34 -12.19 -48.69
CA SER GA 71 -58.70 -12.53 -49.11
C SER GA 71 -59.71 -12.10 -48.07
N PHE GA 72 -59.35 -12.18 -46.79
CA PHE GA 72 -60.21 -11.62 -45.75
C PHE GA 72 -60.37 -10.12 -45.94
N PHE GA 73 -59.28 -9.44 -46.28
CA PHE GA 73 -59.35 -8.01 -46.54
C PHE GA 73 -60.26 -7.71 -47.73
N LYS GA 74 -60.15 -8.49 -48.79
CA LYS GA 74 -60.90 -8.19 -50.01
C LYS GA 74 -62.37 -8.51 -49.85
N ASN GA 75 -62.69 -9.68 -49.28
CA ASN GA 75 -64.09 -10.12 -49.23
C ASN GA 75 -64.82 -9.53 -48.05
N VAL GA 76 -64.28 -9.68 -46.85
CA VAL GA 76 -64.97 -9.18 -45.65
C VAL GA 76 -64.77 -7.68 -45.51
N LEU GA 77 -63.50 -7.25 -45.40
CA LEU GA 77 -63.23 -5.83 -45.17
C LEU GA 77 -63.64 -4.99 -46.37
N GLY GA 78 -63.56 -5.56 -47.57
CA GLY GA 78 -63.97 -4.86 -48.77
C GLY GA 78 -62.87 -4.09 -49.47
N VAL GA 79 -61.62 -4.27 -49.09
CA VAL GA 79 -60.52 -3.57 -49.73
C VAL GA 79 -59.69 -4.55 -50.55
N PRO GA 80 -59.64 -4.37 -51.87
CA PRO GA 80 -58.76 -5.22 -52.68
C PRO GA 80 -57.30 -4.89 -52.45
N GLU GA 81 -56.45 -5.89 -52.64
CA GLU GA 81 -55.01 -5.67 -52.59
C GLU GA 81 -54.52 -5.22 -53.96
N ASP GA 82 -53.93 -4.04 -54.02
CA ASP GA 82 -53.51 -3.46 -55.27
C ASP GA 82 -52.12 -3.96 -55.63
N THR GA 83 -52.05 -4.94 -56.53
CA THR GA 83 -50.80 -5.44 -57.07
C THR GA 83 -50.45 -4.80 -58.40
N GLY GA 84 -51.06 -3.65 -58.70
CA GLY GA 84 -50.83 -2.98 -59.96
C GLY GA 84 -52.11 -2.76 -60.73
N THR GA 85 -52.41 -1.52 -61.07
CA THR GA 85 -53.58 -1.17 -61.87
C THR GA 85 -53.13 -0.66 -63.22
N LYS GA 86 -53.80 -1.10 -64.28
CA LYS GA 86 -53.52 -0.61 -65.61
C LYS GA 86 -54.23 0.72 -65.81
N ALA GA 87 -53.47 1.74 -66.22
CA ALA GA 87 -54.04 3.07 -66.38
C ALA GA 87 -55.11 3.06 -67.47
N THR GA 88 -56.14 3.87 -67.28
CA THR GA 88 -57.24 3.97 -68.22
C THR GA 88 -57.43 5.42 -68.65
N THR GA 89 -57.92 5.59 -69.87
CA THR GA 89 -58.20 6.91 -70.42
C THR GA 89 -59.49 6.83 -71.22
N THR GA 90 -59.93 7.98 -71.71
CA THR GA 90 -61.13 8.08 -72.52
C THR GA 90 -60.72 8.52 -73.92
N LEU GA 91 -60.68 7.56 -74.84
CA LEU GA 91 -60.33 7.88 -76.23
C LEU GA 91 -61.54 8.37 -76.99
N GLN GA 92 -61.34 9.44 -77.75
CA GLN GA 92 -62.32 9.97 -78.67
C GLN GA 92 -61.87 9.70 -80.10
N PHE GA 93 -62.76 9.07 -80.87
CA PHE GA 93 -62.57 8.82 -82.29
C PHE GA 93 -63.43 9.81 -83.07
N GLY GA 94 -62.80 10.57 -83.95
CA GLY GA 94 -63.49 11.55 -84.77
C GLY GA 94 -63.44 11.15 -86.24
N LEU GA 95 -64.63 11.04 -86.83
CA LEU GA 95 -64.79 10.59 -88.20
C LEU GA 95 -64.66 11.75 -89.18
N SER GA 96 -64.46 11.40 -90.45
CA SER GA 96 -64.31 12.39 -91.51
C SER GA 96 -65.58 12.60 -92.33
N ALA GA 97 -66.64 11.85 -92.04
CA ALA GA 97 -67.92 12.04 -92.71
C ALA GA 97 -69.02 11.48 -91.83
N SER GA 98 -70.26 11.87 -92.13
CA SER GA 98 -71.43 11.42 -91.38
C SER GA 98 -72.02 10.22 -92.11
N LEU GA 99 -71.65 9.03 -91.64
CA LEU GA 99 -72.06 7.80 -92.32
C LEU GA 99 -73.54 7.53 -92.13
N SER GA 100 -74.18 7.02 -93.18
CA SER GA 100 -75.57 6.63 -93.13
C SER GA 100 -75.80 5.41 -92.27
N THR GA 101 -74.74 4.67 -91.94
CA THR GA 101 -74.85 3.47 -91.11
C THR GA 101 -73.98 3.62 -89.87
N ASP GA 102 -74.01 2.61 -88.99
CA ASP GA 102 -73.25 2.68 -87.75
C ASP GA 102 -71.78 2.36 -88.01
N PHE GA 103 -70.90 3.16 -87.43
CA PHE GA 103 -69.46 2.94 -87.55
C PHE GA 103 -69.03 2.10 -86.35
N ILE GA 104 -68.43 0.95 -86.62
CA ILE GA 104 -68.07 -0.01 -85.59
C ILE GA 104 -66.55 -0.03 -85.46
N VAL GA 105 -66.05 0.40 -84.30
CA VAL GA 105 -64.65 0.22 -83.94
C VAL GA 105 -64.56 -1.02 -83.06
N PRO GA 106 -63.94 -2.10 -83.51
CA PRO GA 106 -63.97 -3.35 -82.75
C PRO GA 106 -63.17 -3.25 -81.46
N ILE GA 107 -63.41 -4.20 -80.56
CA ILE GA 107 -62.74 -4.20 -79.28
C ILE GA 107 -61.23 -4.37 -79.47
N ASN GA 108 -60.48 -3.98 -78.43
CA ASN GA 108 -59.02 -4.11 -78.40
C ASN GA 108 -58.37 -3.41 -79.59
N PHE GA 109 -58.87 -2.21 -79.90
CA PHE GA 109 -58.24 -1.37 -80.92
C PHE GA 109 -57.00 -0.73 -80.31
N GLN GA 110 -55.86 -0.88 -80.96
CA GLN GA 110 -54.59 -0.44 -80.39
C GLN GA 110 -54.25 0.98 -80.83
N VAL GA 111 -54.06 1.86 -79.85
CA VAL GA 111 -53.56 3.21 -80.08
C VAL GA 111 -52.27 3.36 -79.28
N SER GA 112 -51.43 4.29 -79.71
CA SER GA 112 -50.12 4.44 -79.08
C SER GA 112 -49.72 5.90 -79.12
N ASP GA 113 -48.69 6.24 -78.35
CA ASP GA 113 -48.12 7.57 -78.38
C ASP GA 113 -47.14 7.68 -79.55
N LEU GA 114 -46.47 8.83 -79.64
CA LEU GA 114 -45.55 9.05 -80.74
C LEU GA 114 -44.36 8.10 -80.69
N SER GA 115 -43.79 7.90 -79.51
CA SER GA 115 -42.64 7.00 -79.38
C SER GA 115 -42.99 5.55 -79.62
N GLY GA 116 -44.26 5.18 -79.45
CA GLY GA 116 -44.67 3.80 -79.58
C GLY GA 116 -44.44 2.95 -78.36
N THR GA 117 -43.88 3.52 -77.29
CA THR GA 117 -43.62 2.75 -76.08
C THR GA 117 -44.92 2.41 -75.35
N LEU GA 118 -45.85 3.37 -75.31
CA LEU GA 118 -47.09 3.20 -74.56
C LEU GA 118 -48.20 2.78 -75.52
N ARG GA 119 -48.95 1.74 -75.16
CA ARG GA 119 -50.00 1.21 -76.02
C ARG GA 119 -51.27 1.02 -75.19
N PHE GA 120 -52.38 1.60 -75.67
CA PHE GA 120 -53.67 1.43 -75.05
C PHE GA 120 -54.60 0.66 -75.99
N TYR GA 121 -55.56 -0.05 -75.39
CA TYR GA 121 -56.52 -0.86 -76.12
C TYR GA 121 -57.92 -0.53 -75.64
N THR GA 122 -58.84 -0.35 -76.58
CA THR GA 122 -60.22 -0.05 -76.22
C THR GA 122 -60.84 -1.23 -75.50
N ILE GA 123 -61.54 -0.94 -74.40
CA ILE GA 123 -62.08 -2.01 -73.56
C ILE GA 123 -63.37 -2.57 -74.14
N GLY GA 124 -64.01 -1.83 -75.04
CA GLY GA 124 -65.26 -2.30 -75.63
C GLY GA 124 -65.37 -2.04 -77.11
N ASN GA 125 -66.54 -2.30 -77.67
CA ASN GA 125 -66.84 -2.00 -79.07
C ASN GA 125 -67.44 -0.61 -79.13
N LEU GA 126 -66.85 0.25 -79.97
CA LEU GA 126 -67.38 1.59 -80.16
C LEU GA 126 -68.40 1.57 -81.28
N VAL GA 127 -69.61 2.04 -81.00
CA VAL GA 127 -70.69 2.08 -81.98
C VAL GA 127 -71.04 3.55 -82.18
N ILE GA 128 -70.42 4.18 -83.16
CA ILE GA 128 -70.77 5.56 -83.50
C ILE GA 128 -72.04 5.51 -84.32
N PRO GA 129 -73.14 6.08 -83.84
CA PRO GA 129 -74.42 5.96 -84.56
C PRO GA 129 -74.39 6.73 -85.87
N ALA GA 130 -75.32 6.36 -86.75
CA ALA GA 130 -75.42 7.03 -88.04
C ALA GA 130 -75.71 8.51 -87.86
N GLY GA 131 -74.96 9.34 -88.58
CA GLY GA 131 -75.10 10.77 -88.44
C GLY GA 131 -74.30 11.39 -87.32
N ALA GA 132 -73.47 10.61 -86.63
CA ALA GA 132 -72.63 11.11 -85.55
C ALA GA 132 -71.19 11.16 -86.05
N THR GA 133 -70.52 12.29 -85.80
CA THR GA 133 -69.17 12.51 -86.30
C THR GA 133 -68.07 12.15 -85.31
N PHE GA 134 -68.40 11.78 -84.08
CA PHE GA 134 -67.38 11.39 -83.12
C PHE GA 134 -68.01 10.51 -82.04
N GLY GA 135 -67.15 9.78 -81.34
CA GLY GA 135 -67.60 8.92 -80.27
C GLY GA 135 -66.48 8.62 -79.30
N THR GA 136 -66.83 8.50 -78.03
CA THR GA 136 -65.87 8.28 -76.96
C THR GA 136 -66.03 6.89 -76.37
N ILE GA 137 -64.92 6.30 -75.94
CA ILE GA 137 -64.94 4.99 -75.30
C ILE GA 137 -63.71 4.89 -74.40
N GLU GA 138 -63.81 4.10 -73.34
CA GLU GA 138 -62.70 3.91 -72.43
C GLU GA 138 -61.68 2.94 -73.00
N ALA GA 139 -60.41 3.25 -72.77
CA ALA GA 139 -59.30 2.39 -73.17
C ALA GA 139 -58.42 2.12 -71.95
N ILE GA 140 -57.79 0.95 -71.95
CA ILE GA 140 -56.95 0.53 -70.85
C ILE GA 140 -55.53 0.34 -71.35
N ALA GA 141 -54.57 0.60 -70.47
CA ALA GA 141 -53.17 0.48 -70.83
C ALA GA 141 -52.80 -0.98 -71.08
N GLU GA 142 -51.67 -1.17 -71.76
CA GLU GA 142 -51.20 -2.52 -72.03
C GLU GA 142 -50.60 -3.19 -70.82
N ASP GA 143 -50.02 -2.42 -69.89
CA ASP GA 143 -49.35 -2.99 -68.74
C ASP GA 143 -49.59 -2.10 -67.52
N ILE GA 144 -49.35 -2.67 -66.34
CA ILE GA 144 -49.45 -1.91 -65.10
C ILE GA 144 -48.23 -1.00 -64.98
N GLY GA 145 -48.33 -0.04 -64.06
CA GLY GA 145 -47.24 0.87 -63.82
C GLY GA 145 -47.64 2.32 -63.94
N GLU GA 146 -46.91 3.21 -63.25
CA GLU GA 146 -47.20 4.63 -63.29
C GLU GA 146 -46.75 5.30 -64.57
N LYS GA 147 -45.96 4.62 -65.40
CA LYS GA 147 -45.45 5.22 -66.62
C LYS GA 147 -46.52 5.43 -67.67
N TYR GA 148 -47.68 4.79 -67.55
CA TYR GA 148 -48.76 4.96 -68.50
C TYR GA 148 -49.65 6.16 -68.18
N ASN GA 149 -49.43 6.82 -67.05
CA ASN GA 149 -50.23 7.98 -66.65
C ASN GA 149 -49.69 9.20 -67.38
N VAL GA 150 -50.26 9.50 -68.54
CA VAL GA 150 -49.83 10.63 -69.36
C VAL GA 150 -50.97 11.63 -69.43
N SER GA 151 -50.64 12.84 -69.88
CA SER GA 151 -51.63 13.88 -70.01
C SER GA 151 -52.46 13.66 -71.27
N ALA GA 152 -53.43 14.54 -71.49
CA ALA GA 152 -54.30 14.40 -72.64
C ALA GA 152 -53.56 14.68 -73.94
N ASN GA 153 -54.11 14.17 -75.04
CA ASN GA 153 -53.67 14.41 -76.41
C ASN GA 153 -52.32 13.80 -76.71
N PHE GA 154 -51.80 12.92 -75.86
CA PHE GA 154 -50.54 12.24 -76.14
C PHE GA 154 -50.75 10.84 -76.72
N ILE GA 155 -51.95 10.29 -76.63
CA ILE GA 155 -52.25 8.97 -77.17
C ILE GA 155 -53.06 9.20 -78.44
N ASP GA 156 -52.37 9.33 -79.56
CA ASP GA 156 -53.05 9.65 -80.82
C ASP GA 156 -52.58 8.83 -82.01
N GLN GA 157 -51.51 8.05 -81.89
CA GLN GA 157 -51.01 7.30 -83.03
C GLN GA 157 -51.68 5.94 -83.10
N TYR GA 158 -52.36 5.69 -84.23
CA TYR GA 158 -52.95 4.39 -84.48
C TYR GA 158 -52.36 3.84 -85.76
N SER GA 159 -51.82 2.63 -85.68
CA SER GA 159 -51.13 2.01 -86.81
C SER GA 159 -52.08 1.44 -87.84
N THR GA 160 -53.30 1.10 -87.45
CA THR GA 160 -54.23 0.45 -88.38
C THR GA 160 -55.29 1.45 -88.82
N PRO GA 161 -55.19 1.98 -90.04
CA PRO GA 161 -56.19 2.95 -90.50
C PRO GA 161 -57.55 2.32 -90.69
N LEU GA 162 -58.58 3.12 -90.47
CA LEU GA 162 -59.96 2.78 -90.80
C LEU GA 162 -60.51 3.84 -91.73
N THR GA 163 -61.31 3.40 -92.71
CA THR GA 163 -61.90 4.34 -93.65
C THR GA 163 -62.89 5.24 -92.92
N TYR GA 164 -62.86 6.53 -93.26
CA TYR GA 164 -63.68 7.61 -92.71
C TYR GA 164 -63.22 8.04 -91.34
N LEU GA 165 -62.24 7.37 -90.74
CA LEU GA 165 -61.71 7.75 -89.44
C LEU GA 165 -60.69 8.86 -89.63
N GLN GA 166 -60.96 10.03 -89.05
CA GLN GA 166 -60.07 11.17 -89.21
C GLN GA 166 -59.02 11.23 -88.12
N TYR GA 167 -59.43 11.21 -86.85
CA TYR GA 167 -58.48 11.34 -85.76
C TYR GA 167 -58.85 10.43 -84.60
N VAL GA 168 -57.85 10.10 -83.80
CA VAL GA 168 -58.02 9.36 -82.55
C VAL GA 168 -57.19 10.06 -81.50
N THR GA 169 -57.80 10.37 -80.35
CA THR GA 169 -57.07 11.08 -79.31
C THR GA 169 -57.58 10.63 -77.95
N ASN GA 170 -56.93 11.11 -76.89
CA ASN GA 170 -57.40 10.88 -75.53
C ASN GA 170 -57.76 12.25 -74.93
N ILE GA 171 -59.05 12.49 -74.77
CA ILE GA 171 -59.50 13.76 -74.19
C ILE GA 171 -59.09 13.86 -72.73
N ARG GA 172 -59.15 12.79 -72.03
CA ARG GA 172 -58.76 12.73 -70.63
C ARG GA 172 -57.29 12.37 -70.51
N PRO GA 173 -56.62 12.84 -69.45
CA PRO GA 173 -55.30 12.28 -69.12
C PRO GA 173 -55.44 10.90 -68.53
N ALA GA 174 -54.54 10.00 -68.93
CA ALA GA 174 -54.55 8.65 -68.40
C ALA GA 174 -54.17 8.67 -66.92
N THR GA 175 -55.01 8.03 -66.09
CA THR GA 175 -54.81 8.03 -64.65
C THR GA 175 -55.01 6.62 -64.12
N ASN GA 176 -54.93 6.49 -62.79
CA ASN GA 176 -55.21 5.25 -62.08
C ASN GA 176 -54.21 4.14 -62.42
N GLY GA 177 -53.01 4.51 -62.85
CA GLY GA 177 -51.98 3.53 -63.14
C GLY GA 177 -50.97 3.41 -62.03
N ARG GA 178 -50.86 2.23 -61.44
CA ARG GA 178 -49.95 2.01 -60.32
C ARG GA 178 -49.19 0.71 -60.51
N SER GA 179 -48.01 0.61 -59.90
CA SER GA 179 -47.19 -0.58 -59.99
C SER GA 179 -47.43 -1.56 -58.86
N GLY GA 180 -48.23 -1.21 -57.87
CA GLY GA 180 -48.44 -2.07 -56.73
C GLY GA 180 -48.80 -1.26 -55.51
N GLU GA 181 -48.61 -1.90 -54.35
CA GLU GA 181 -48.93 -1.26 -53.08
C GLU GA 181 -48.10 -1.90 -51.98
N THR GA 182 -47.49 -1.06 -51.15
CA THR GA 182 -46.77 -1.56 -49.98
C THR GA 182 -47.76 -2.07 -48.94
N ILE GA 183 -47.25 -2.89 -48.01
CA ILE GA 183 -48.12 -3.47 -47.00
C ILE GA 183 -48.66 -2.41 -46.07
N ASP GA 184 -47.88 -1.36 -45.78
CA ASP GA 184 -48.33 -0.32 -44.85
C ASP GA 184 -49.53 0.43 -45.42
N ASN GA 185 -49.51 0.72 -46.72
CA ASN GA 185 -50.64 1.39 -47.34
C ASN GA 185 -51.89 0.52 -47.29
N LEU GA 186 -51.72 -0.79 -47.55
CA LEU GA 186 -52.85 -1.70 -47.49
C LEU GA 186 -53.43 -1.77 -46.08
N ILE GA 187 -52.56 -1.78 -45.06
CA ILE GA 187 -53.03 -1.84 -43.68
C ILE GA 187 -53.77 -0.55 -43.31
N GLU GA 188 -53.25 0.59 -43.75
CA GLU GA 188 -53.95 1.85 -43.51
C GLU GA 188 -55.32 1.86 -44.18
N ARG GA 189 -55.39 1.34 -45.41
CA ARG GA 189 -56.66 1.26 -46.10
C ARG GA 189 -57.63 0.31 -45.41
N CYS GA 190 -57.12 -0.79 -44.86
CA CYS GA 190 -57.97 -1.70 -44.08
C CYS GA 190 -58.49 -1.01 -42.83
N ALA GA 191 -57.63 -0.28 -42.13
CA ALA GA 191 -58.04 0.37 -40.88
C ALA GA 191 -59.02 1.51 -41.13
N GLN GA 192 -58.93 2.16 -42.29
CA GLN GA 192 -59.86 3.23 -42.60
C GLN GA 192 -61.30 2.73 -42.64
N ILE GA 193 -61.51 1.48 -43.04
CA ILE GA 193 -62.85 0.93 -43.11
C ILE GA 193 -63.45 0.78 -41.72
N ILE GA 194 -62.66 0.31 -40.76
CA ILE GA 194 -63.15 0.11 -39.41
C ILE GA 194 -63.51 1.43 -38.76
N ARG GA 195 -62.77 2.49 -39.09
CA ARG GA 195 -63.00 3.80 -38.48
C ARG GA 195 -64.28 4.46 -38.97
N ILE GA 196 -64.92 3.94 -40.01
CA ILE GA 196 -66.09 4.59 -40.59
C ILE GA 196 -67.24 4.75 -39.61
N ARG GA 197 -67.61 6.00 -39.35
CA ARG GA 197 -68.68 6.28 -38.39
C ARG GA 197 -69.84 6.96 -39.08
N ASN GA 198 -70.94 7.16 -38.37
CA ASN GA 198 -72.06 7.88 -38.92
C ASN GA 198 -72.20 9.12 -38.04
N PRO GA 199 -72.86 10.17 -38.53
CA PRO GA 199 -73.05 11.33 -37.65
C PRO GA 199 -73.97 11.04 -36.46
N VAL GA 200 -73.57 11.47 -35.27
CA VAL GA 200 -74.36 11.21 -34.08
C VAL GA 200 -74.63 12.49 -33.28
N SER GA 201 -73.71 13.44 -33.30
CA SER GA 201 -73.88 14.69 -32.57
C SER GA 201 -74.03 15.86 -33.54
N ALA GA 202 -74.24 17.04 -32.97
CA ALA GA 202 -74.46 18.23 -33.79
C ALA GA 202 -73.23 18.55 -34.63
N LEU GA 203 -72.05 18.42 -34.02
CA LEU GA 203 -70.81 18.74 -34.71
C LEU GA 203 -70.59 17.81 -35.90
N ASP GA 204 -70.83 16.51 -35.72
CA ASP GA 204 -70.64 15.57 -36.81
C ASP GA 204 -71.61 15.85 -37.96
N PHE GA 205 -72.86 16.15 -37.62
CA PHE GA 205 -73.85 16.47 -38.65
C PHE GA 205 -73.45 17.70 -39.44
N GLU GA 206 -73.04 18.76 -38.73
CA GLU GA 206 -72.62 19.99 -39.38
C GLU GA 206 -71.40 19.75 -40.26
N GLN GA 207 -70.43 18.98 -39.79
CA GLN GA 207 -69.24 18.72 -40.58
C GLN GA 207 -69.57 17.94 -41.84
N LEU GA 208 -70.45 16.94 -41.71
CA LEU GA 208 -70.86 16.17 -42.89
C LEU GA 208 -71.53 17.08 -43.91
N ALA GA 209 -72.44 17.94 -43.45
CA ALA GA 209 -73.14 18.83 -44.36
C ALA GA 209 -72.18 19.80 -45.05
N GLU GA 210 -71.27 20.39 -44.28
CA GLU GA 210 -70.33 21.36 -44.85
C GLU GA 210 -69.38 20.68 -45.82
N LEU GA 211 -68.96 19.45 -45.52
CA LEU GA 211 -68.15 18.69 -46.46
C LEU GA 211 -68.91 18.45 -47.75
N THR GA 212 -70.20 18.14 -47.64
CA THR GA 212 -71.00 17.89 -48.84
C THR GA 212 -71.13 19.15 -49.69
N MET GA 213 -71.49 20.27 -49.07
CA MET GA 213 -71.80 21.47 -49.85
C MET GA 213 -70.55 22.13 -50.41
N GLY GA 214 -69.50 22.26 -49.61
CA GLY GA 214 -68.26 22.82 -50.11
C GLY GA 214 -67.60 23.69 -49.05
N GLU GA 215 -66.60 24.45 -49.49
CA GLU GA 215 -65.87 25.35 -48.61
C GLU GA 215 -66.54 26.71 -48.56
N GLY GA 216 -66.36 27.42 -47.44
CA GLY GA 216 -67.02 28.68 -47.21
C GLY GA 216 -68.42 28.53 -46.65
N SER GA 217 -68.90 27.31 -46.48
CA SER GA 217 -70.26 27.03 -46.06
C SER GA 217 -70.33 26.88 -44.54
N ARG GA 218 -71.56 26.89 -44.02
CA ARG GA 218 -71.79 26.78 -42.59
C ARG GA 218 -72.99 25.88 -42.37
N CYS GA 219 -73.16 25.43 -41.12
CA CYS GA 219 -74.26 24.54 -40.77
C CYS GA 219 -74.61 24.75 -39.30
N LYS GA 220 -75.81 24.32 -38.94
CA LYS GA 220 -76.33 24.49 -37.59
C LYS GA 220 -77.29 23.32 -37.31
N ALA GA 221 -76.82 22.38 -36.50
CA ALA GA 221 -77.66 21.24 -36.12
C ALA GA 221 -78.31 21.54 -34.78
N ILE GA 222 -79.59 21.91 -34.81
CA ILE GA 222 -80.34 22.21 -33.60
C ILE GA 222 -81.26 21.01 -33.36
N GLY GA 223 -80.97 20.26 -32.32
CA GLY GA 223 -81.76 19.10 -31.97
C GLY GA 223 -83.13 19.45 -31.42
N LEU GA 224 -84.10 18.56 -31.63
CA LEU GA 224 -85.43 18.66 -31.03
C LEU GA 224 -86.14 19.95 -31.45
N LEU GA 225 -85.97 20.32 -32.72
CA LEU GA 225 -86.60 21.50 -33.27
C LEU GA 225 -87.40 21.12 -34.50
N GLY GA 226 -88.72 21.26 -34.42
CA GLY GA 226 -89.59 20.83 -35.49
C GLY GA 226 -89.61 21.79 -36.67
N ILE GA 227 -90.43 21.45 -37.66
CA ILE GA 227 -90.60 22.29 -38.84
C ILE GA 227 -91.14 23.67 -38.50
N ASN GA 228 -91.96 23.78 -37.46
CA ASN GA 228 -92.55 25.05 -37.08
C ASN GA 228 -91.53 26.05 -36.56
N LYS GA 229 -90.30 25.60 -36.30
CA LYS GA 229 -89.22 26.47 -35.81
C LYS GA 229 -89.59 27.15 -34.50
N ILE GA 230 -90.29 26.41 -33.64
CA ILE GA 230 -90.67 26.90 -32.32
C ILE GA 230 -89.81 26.20 -31.29
N VAL GA 231 -89.09 26.98 -30.49
CA VAL GA 231 -88.10 26.41 -29.59
C VAL GA 231 -88.76 25.94 -28.28
N THR GA 232 -89.94 26.44 -27.96
CA THR GA 232 -90.65 25.98 -26.78
C THR GA 232 -91.57 24.79 -27.06
N ASP GA 233 -91.50 24.23 -28.28
CA ASP GA 233 -92.31 23.08 -28.68
C ASP GA 233 -91.35 21.99 -29.16
N PRO GA 234 -90.80 21.19 -28.25
CA PRO GA 234 -89.72 20.26 -28.60
C PRO GA 234 -90.27 19.01 -29.29
N GLN GA 235 -89.96 18.87 -30.57
CA GLN GA 235 -90.38 17.69 -31.32
C GLN GA 235 -89.44 16.54 -31.00
N PRO GA 236 -89.92 15.44 -30.42
CA PRO GA 236 -89.03 14.32 -30.10
C PRO GA 236 -88.49 13.67 -31.36
N GLY GA 237 -87.28 13.15 -31.27
CA GLY GA 237 -86.67 12.43 -32.36
C GLY GA 237 -86.41 13.25 -33.61
N VAL GA 238 -86.13 14.54 -33.45
CA VAL GA 238 -85.96 15.42 -34.60
C VAL GA 238 -84.66 16.21 -34.46
N VAL GA 239 -83.86 16.24 -35.52
CA VAL GA 239 -82.71 17.12 -35.61
C VAL GA 239 -82.89 18.02 -36.82
N HIS GA 240 -82.76 19.33 -36.60
CA HIS GA 240 -82.91 20.30 -37.66
C HIS GA 240 -81.53 20.71 -38.17
N LEU GA 241 -81.47 21.09 -39.44
CA LEU GA 241 -80.18 21.40 -40.07
C LEU GA 241 -80.34 22.75 -40.77
N PHE GA 242 -79.73 23.78 -40.17
CA PHE GA 242 -79.73 25.11 -40.76
C PHE GA 242 -78.36 25.35 -41.35
N LEU GA 243 -78.29 25.42 -42.67
CA LEU GA 243 -77.02 25.51 -43.37
C LEU GA 243 -77.02 26.65 -44.37
N LEU GA 244 -75.83 27.21 -44.59
CA LEU GA 244 -75.66 28.39 -45.43
C LEU GA 244 -74.77 28.05 -46.61
N ASP GA 245 -75.17 28.53 -47.79
CA ASP GA 245 -74.51 28.19 -49.03
C ASP GA 245 -73.07 28.67 -49.03
N VAL GA 246 -72.24 28.00 -49.84
CA VAL GA 246 -70.81 28.31 -49.91
C VAL GA 246 -70.55 29.75 -50.31
N ASN GA 247 -71.54 30.43 -50.87
CA ASN GA 247 -71.40 31.83 -51.28
C ASN GA 247 -71.70 32.80 -50.16
N GLY GA 248 -72.11 32.31 -48.98
CA GLY GA 248 -72.51 33.15 -47.89
C GLY GA 248 -73.99 33.45 -47.79
N ASN GA 249 -74.77 33.08 -48.81
CA ASN GA 249 -76.20 33.29 -48.78
C ASN GA 249 -76.90 32.07 -48.20
N PRO GA 250 -78.14 32.24 -47.71
CA PRO GA 250 -78.92 31.06 -47.29
C PRO GA 250 -79.10 30.10 -48.46
N ALA GA 251 -79.02 28.81 -48.14
CA ALA GA 251 -78.94 27.79 -49.19
C ALA GA 251 -80.23 27.71 -49.98
N ASP GA 252 -80.08 27.63 -51.30
CA ASP GA 252 -81.20 27.44 -52.21
C ASP GA 252 -81.69 26.00 -52.16
N PRO GA 253 -82.90 25.72 -52.66
CA PRO GA 253 -83.44 24.36 -52.54
C PRO GA 253 -82.58 23.28 -53.19
N VAL GA 254 -81.80 23.61 -54.20
CA VAL GA 254 -80.91 22.62 -54.81
C VAL GA 254 -79.90 22.12 -53.77
N THR GA 255 -79.33 23.04 -52.99
CA THR GA 255 -78.41 22.65 -51.93
C THR GA 255 -79.12 21.83 -50.85
N ILE GA 256 -80.36 22.22 -50.52
CA ILE GA 256 -81.14 21.47 -49.55
C ILE GA 256 -81.28 20.02 -49.99
N SER GA 257 -81.69 19.81 -51.24
CA SER GA 257 -81.87 18.46 -51.75
C SER GA 257 -80.54 17.71 -51.85
N THR GA 258 -79.48 18.41 -52.23
CA THR GA 258 -78.18 17.75 -52.34
C THR GA 258 -77.70 17.24 -51.00
N VAL GA 259 -77.82 18.05 -49.94
CA VAL GA 259 -77.39 17.58 -48.64
C VAL GA 259 -78.37 16.55 -48.08
N GLY GA 260 -79.65 16.63 -48.45
CA GLY GA 260 -80.60 15.63 -48.00
C GLY GA 260 -80.33 14.26 -48.59
N ALA GA 261 -80.05 14.21 -49.90
CA ALA GA 261 -79.74 12.93 -50.54
C ALA GA 261 -78.45 12.33 -50.02
N THR GA 262 -77.62 13.10 -49.34
CA THR GA 262 -76.37 12.60 -48.79
C THR GA 262 -76.52 12.21 -47.32
N LEU GA 263 -77.39 12.88 -46.59
CA LEU GA 263 -77.53 12.59 -45.17
C LEU GA 263 -78.68 11.65 -44.84
N GLN GA 264 -79.61 11.42 -45.77
CA GLN GA 264 -80.74 10.55 -45.48
C GLN GA 264 -80.32 9.12 -45.17
N PRO GA 265 -79.41 8.48 -45.92
CA PRO GA 265 -79.00 7.12 -45.54
C PRO GA 265 -78.10 7.06 -44.31
N ARG GA 266 -77.90 8.16 -43.60
CA ARG GA 266 -77.05 8.17 -42.42
C ARG GA 266 -77.82 8.39 -41.13
N ILE GA 267 -79.07 8.85 -41.20
CA ILE GA 267 -79.87 8.98 -39.99
C ILE GA 267 -80.28 7.60 -39.50
N MET GA 268 -80.39 7.48 -38.17
CA MET GA 268 -80.68 6.21 -37.55
C MET GA 268 -82.19 6.01 -37.39
N LEU GA 269 -82.57 4.87 -36.85
CA LEU GA 269 -83.98 4.55 -36.65
C LEU GA 269 -84.59 5.50 -35.64
N GLY GA 270 -85.85 5.88 -35.90
CA GLY GA 270 -86.54 6.76 -34.99
C GLY GA 270 -86.04 8.18 -34.95
N THR GA 271 -85.42 8.65 -36.02
CA THR GA 271 -84.91 10.02 -36.11
C THR GA 271 -85.46 10.67 -37.36
N ARG GA 272 -85.89 11.93 -37.24
CA ARG GA 272 -86.40 12.70 -38.35
C ARG GA 272 -85.40 13.81 -38.65
N LEU GA 273 -84.97 13.90 -39.90
CA LEU GA 273 -83.99 14.90 -40.32
C LEU GA 273 -84.71 16.03 -41.04
N LEU GA 274 -84.58 17.25 -40.53
CA LEU GA 274 -85.11 18.44 -41.15
C LEU GA 274 -83.97 19.31 -41.62
N ILE GA 275 -84.07 19.83 -42.84
CA ILE GA 275 -83.05 20.69 -43.42
C ILE GA 275 -83.71 21.99 -43.86
N SER GA 276 -83.19 23.11 -43.38
CA SER GA 276 -83.74 24.43 -43.62
C SER GA 276 -82.60 25.39 -43.92
N PRO GA 277 -82.85 26.43 -44.70
CA PRO GA 277 -81.80 27.44 -44.92
C PRO GA 277 -81.60 28.28 -43.67
N MET GA 278 -80.34 28.65 -43.44
CA MET GA 278 -80.04 29.52 -42.31
C MET GA 278 -80.50 30.94 -42.60
N GLU GA 279 -80.64 31.72 -41.54
CA GLU GA 279 -81.06 33.11 -41.66
C GLU GA 279 -79.85 34.03 -41.51
N VAL GA 280 -79.95 35.22 -42.09
CA VAL GA 280 -78.85 36.18 -42.11
C VAL GA 280 -79.33 37.49 -41.52
N LEU GA 281 -78.55 38.03 -40.57
CA LEU GA 281 -78.77 39.35 -40.01
C LEU GA 281 -77.65 40.27 -40.48
N ASN GA 282 -78.02 41.38 -41.11
CA ASN GA 282 -77.03 42.32 -41.63
C ASN GA 282 -76.49 43.20 -40.52
N ILE GA 283 -75.19 43.45 -40.55
CA ILE GA 283 -74.52 44.31 -39.58
C ILE GA 283 -73.99 45.53 -40.30
N GLU GA 284 -74.40 46.71 -39.83
CA GLU GA 284 -73.91 47.99 -40.34
C GLU GA 284 -73.01 48.61 -39.28
N LEU GA 285 -71.81 49.01 -39.69
CA LEU GA 285 -70.80 49.51 -38.77
C LEU GA 285 -70.47 50.96 -39.08
N GLU GA 286 -70.37 51.77 -38.03
CA GLU GA 286 -69.79 53.11 -38.15
C GLU GA 286 -68.65 53.20 -37.16
N LEU GA 287 -67.53 53.78 -37.60
CA LEU GA 287 -66.30 53.80 -36.83
C LEU GA 287 -65.71 55.20 -36.85
N ILE GA 288 -65.31 55.67 -35.66
CA ILE GA 288 -64.53 56.89 -35.50
C ILE GA 288 -63.29 56.52 -34.70
N ALA GA 289 -62.13 56.56 -35.34
CA ALA GA 289 -60.89 56.12 -34.72
C ALA GA 289 -59.80 57.14 -34.98
N LEU GA 290 -58.79 57.12 -34.12
CA LEU GA 290 -57.66 58.04 -34.18
C LEU GA 290 -56.43 57.27 -34.63
N SER GA 291 -55.84 57.69 -35.74
CA SER GA 291 -54.63 57.07 -36.24
C SER GA 291 -53.41 57.58 -35.47
N ASP GA 292 -52.36 56.77 -35.46
CA ASP GA 292 -51.09 57.17 -34.85
C ASP GA 292 -50.10 57.71 -35.86
N SER GA 293 -50.51 57.87 -37.12
CA SER GA 293 -49.71 58.38 -38.24
C SER GA 293 -48.58 57.43 -38.59
N SER GA 294 -48.54 56.23 -38.03
CA SER GA 294 -47.57 55.23 -38.44
C SER GA 294 -47.95 54.56 -39.74
N LYS GA 295 -49.13 54.86 -40.28
CA LYS GA 295 -49.61 54.29 -41.51
C LYS GA 295 -50.46 55.32 -42.23
N THR GA 296 -50.62 55.13 -43.54
CA THR GA 296 -51.47 56.02 -44.30
C THR GA 296 -52.94 55.69 -44.07
N PHE GA 297 -53.80 56.64 -44.44
CA PHE GA 297 -55.24 56.43 -44.25
C PHE GA 297 -55.73 55.26 -45.09
N GLN GA 298 -55.30 55.18 -46.34
CA GLN GA 298 -55.76 54.11 -47.22
C GLN GA 298 -55.30 52.75 -46.71
N GLN GA 299 -54.06 52.66 -46.25
CA GLN GA 299 -53.57 51.40 -45.71
C GLN GA 299 -54.37 50.98 -44.48
N LEU GA 300 -54.69 51.95 -43.61
CA LEU GA 300 -55.52 51.64 -42.45
C LEU GA 300 -56.89 51.16 -42.87
N ALA GA 301 -57.52 51.83 -43.83
CA ALA GA 301 -58.85 51.43 -44.26
C ALA GA 301 -58.83 50.02 -44.83
N ASP GA 302 -57.83 49.70 -45.65
CA ASP GA 302 -57.74 48.35 -46.21
C ASP GA 302 -57.48 47.31 -45.14
N ASP GA 303 -56.56 47.60 -44.21
CA ASP GA 303 -56.28 46.62 -43.16
C ASP GA 303 -57.51 46.36 -42.30
N ILE GA 304 -58.25 47.43 -41.94
CA ILE GA 304 -59.47 47.23 -41.19
C ILE GA 304 -60.50 46.44 -42.00
N LEU GA 305 -60.58 46.72 -43.29
CA LEU GA 305 -61.56 46.02 -44.14
C LEU GA 305 -61.31 44.53 -44.15
N GLU GA 306 -60.07 44.12 -44.46
CA GLU GA 306 -59.74 42.70 -44.45
C GLU GA 306 -59.84 42.09 -43.07
N ALA GA 307 -59.49 42.84 -42.02
CA ALA GA 307 -59.64 42.31 -40.67
C ALA GA 307 -61.10 41.98 -40.37
N LEU GA 308 -62.02 42.87 -40.76
CA LEU GA 308 -63.43 42.62 -40.51
C LEU GA 308 -63.99 41.55 -41.42
N LYS GA 309 -63.49 41.45 -42.66
CA LYS GA 309 -63.93 40.38 -43.55
C LYS GA 309 -63.54 39.03 -42.98
N VAL GA 310 -62.35 38.93 -42.38
CA VAL GA 310 -61.98 37.70 -41.71
C VAL GA 310 -62.84 37.49 -40.47
N PHE GA 311 -63.11 38.56 -39.72
CA PHE GA 311 -63.89 38.42 -38.48
C PHE GA 311 -65.30 37.92 -38.76
N PHE GA 312 -65.94 38.43 -39.81
CA PHE GA 312 -67.31 38.06 -40.15
C PHE GA 312 -67.35 36.93 -41.16
N ASN GA 313 -66.28 36.17 -41.32
CA ASN GA 313 -66.32 34.98 -42.14
C ASN GA 313 -67.28 33.97 -41.52
N PRO GA 314 -68.12 33.30 -42.31
CA PRO GA 314 -69.06 32.33 -41.73
C PRO GA 314 -68.38 31.26 -40.91
N ALA GA 315 -67.20 30.79 -41.33
CA ALA GA 315 -66.48 29.78 -40.56
C ALA GA 315 -66.08 30.30 -39.19
N ASN GA 316 -65.82 31.60 -39.07
CA ASN GA 316 -65.42 32.18 -37.79
C ASN GA 316 -66.61 32.59 -36.93
N LEU GA 317 -67.82 32.51 -37.45
CA LEU GA 317 -69.02 32.91 -36.73
C LEU GA 317 -69.82 31.68 -36.32
N THR GA 318 -70.24 31.66 -35.06
CA THR GA 318 -71.12 30.61 -34.56
C THR GA 318 -72.56 31.11 -34.64
N PRO GA 319 -73.43 30.47 -35.43
CA PRO GA 319 -74.79 30.99 -35.57
C PRO GA 319 -75.53 30.98 -34.24
N GLY GA 320 -76.40 31.96 -34.08
CA GLY GA 320 -77.20 32.09 -32.88
C GLY GA 320 -76.50 32.75 -31.71
N GLU GA 321 -75.25 33.12 -31.87
CA GLU GA 321 -74.49 33.80 -30.82
C GLU GA 321 -74.47 35.30 -31.08
N PRO GA 322 -74.61 36.11 -30.03
CA PRO GA 322 -74.64 37.56 -30.23
C PRO GA 322 -73.30 38.08 -30.72
N VAL GA 323 -73.36 39.18 -31.47
CA VAL GA 323 -72.16 39.85 -31.95
C VAL GA 323 -71.72 40.83 -30.87
N LEU GA 324 -70.60 40.53 -30.22
CA LEU GA 324 -70.11 41.37 -29.14
C LEU GA 324 -69.36 42.56 -29.71
N ILE GA 325 -69.71 43.76 -29.28
CA ILE GA 325 -69.06 44.96 -29.77
C ILE GA 325 -67.61 44.99 -29.31
N GLU GA 326 -67.32 44.38 -28.17
CA GLU GA 326 -65.94 44.27 -27.70
C GLU GA 326 -65.09 43.46 -28.65
N GLU GA 327 -65.63 42.35 -29.16
CA GLU GA 327 -64.86 41.50 -30.06
C GLU GA 327 -64.57 42.23 -31.37
N VAL GA 328 -65.53 43.00 -31.87
CA VAL GA 328 -65.31 43.75 -33.10
C VAL GA 328 -64.31 44.88 -32.88
N LYS GA 329 -64.39 45.55 -31.73
CA LYS GA 329 -63.40 46.56 -31.41
C LYS GA 329 -62.00 45.95 -31.34
N PHE GA 330 -61.88 44.77 -30.73
CA PHE GA 330 -60.59 44.11 -30.66
C PHE GA 330 -60.10 43.69 -32.04
N ALA GA 331 -61.01 43.21 -32.89
CA ALA GA 331 -60.62 42.82 -34.24
C ALA GA 331 -60.11 44.00 -35.04
N ILE GA 332 -60.75 45.16 -34.89
CA ILE GA 332 -60.28 46.35 -35.59
C ILE GA 332 -58.95 46.83 -35.01
N ARG GA 333 -58.85 46.87 -33.67
CA ARG GA 333 -57.65 47.37 -33.03
C ARG GA 333 -56.45 46.46 -33.28
N SER GA 334 -56.69 45.19 -33.58
CA SER GA 334 -55.60 44.27 -33.85
C SER GA 334 -54.80 44.66 -35.09
N VAL GA 335 -55.35 45.55 -35.92
CA VAL GA 335 -54.58 46.09 -37.03
C VAL GA 335 -53.33 46.80 -36.52
N GLY GA 336 -53.48 47.61 -35.47
CA GLY GA 336 -52.32 48.11 -34.76
C GLY GA 336 -52.07 49.60 -34.88
N GLY GA 337 -52.27 50.15 -36.07
CA GLY GA 337 -51.94 51.54 -36.30
C GLY GA 337 -53.00 52.55 -35.93
N LEU GA 338 -54.02 52.14 -35.19
CA LEU GA 338 -55.14 53.01 -34.88
C LEU GA 338 -55.53 52.88 -33.41
N SER GA 339 -56.44 53.74 -32.97
CA SER GA 339 -56.98 53.69 -31.62
C SER GA 339 -58.47 54.00 -31.71
N ILE GA 340 -59.31 53.02 -31.40
CA ILE GA 340 -60.74 53.18 -31.58
C ILE GA 340 -61.31 54.10 -30.52
N SER GA 341 -62.10 55.08 -30.96
CA SER GA 341 -62.81 55.97 -30.04
C SER GA 341 -64.30 55.72 -30.01
N TYR GA 342 -64.93 55.44 -31.14
CA TYR GA 342 -66.37 55.21 -31.18
C TYR GA 342 -66.69 54.15 -32.22
N LEU GA 343 -67.46 53.14 -31.83
CA LEU GA 343 -67.92 52.11 -32.74
C LEU GA 343 -69.41 51.89 -32.52
N GLN GA 344 -70.18 51.84 -33.60
CA GLN GA 344 -71.61 51.61 -33.53
C GLN GA 344 -72.00 50.53 -34.52
N MET GA 345 -72.73 49.53 -34.04
CA MET GA 345 -73.25 48.45 -34.88
C MET GA 345 -74.76 48.60 -34.96
N ASN GA 346 -75.28 48.69 -36.19
CA ASN GA 346 -76.71 48.84 -36.44
C ASN GA 346 -77.30 49.98 -35.60
N ASP GA 347 -76.59 51.11 -35.61
CA ASP GA 347 -77.05 52.34 -34.95
C ASP GA 347 -77.16 52.18 -33.43
N ASN GA 348 -76.26 51.38 -32.86
CA ASN GA 348 -76.24 51.18 -31.42
C ASN GA 348 -74.82 50.82 -30.99
N ALA GA 349 -74.55 51.04 -29.71
CA ALA GA 349 -73.25 50.75 -29.11
C ALA GA 349 -73.37 49.60 -28.10
N ILE GA 350 -74.20 48.62 -28.41
CA ILE GA 350 -74.43 47.47 -27.53
C ILE GA 350 -74.31 46.20 -28.35
N ASN GA 351 -74.18 45.07 -27.65
CA ASN GA 351 -74.16 43.79 -28.31
C ASN GA 351 -75.48 43.54 -29.02
N ILE GA 352 -75.41 42.89 -30.17
CA ILE GA 352 -76.59 42.60 -30.99
C ILE GA 352 -76.92 41.12 -30.84
N PRO GA 353 -77.99 40.76 -30.15
CA PRO GA 353 -78.36 39.35 -30.04
C PRO GA 353 -79.07 38.87 -31.30
N MET GA 354 -78.79 37.62 -31.66
CA MET GA 354 -79.44 37.03 -32.82
C MET GA 354 -80.91 36.78 -32.50
N PRO GA 355 -81.82 37.01 -33.46
CA PRO GA 355 -83.24 36.80 -33.18
C PRO GA 355 -83.58 35.38 -32.79
N ASN GA 356 -82.88 34.39 -33.31
CA ASN GA 356 -83.14 33.00 -33.01
C ASN GA 356 -81.82 32.23 -33.12
N GLN GA 357 -81.87 30.93 -32.78
CA GLN GA 357 -80.65 30.15 -32.73
C GLN GA 357 -80.08 29.84 -34.11
N TRP GA 358 -80.81 30.11 -35.19
CA TRP GA 358 -80.37 29.75 -36.53
C TRP GA 358 -80.19 30.97 -37.44
N THR GA 359 -79.70 32.07 -36.89
CA THR GA 359 -79.38 33.26 -37.68
C THR GA 359 -77.92 33.61 -37.48
N ILE GA 360 -77.21 33.84 -38.58
CA ILE GA 360 -75.79 34.15 -38.52
C ILE GA 360 -75.60 35.62 -38.89
N PRO GA 361 -74.67 36.33 -38.25
CA PRO GA 361 -74.39 37.71 -38.68
C PRO GA 361 -73.65 37.75 -40.00
N ARG GA 362 -73.79 38.88 -40.69
CA ARG GA 362 -73.11 39.10 -41.96
C ARG GA 362 -73.03 40.62 -42.14
N PHE GA 363 -71.84 41.17 -42.09
CA PHE GA 363 -71.69 42.62 -42.16
C PHE GA 363 -71.67 43.07 -43.61
N SER GA 364 -72.34 44.20 -43.87
CA SER GA 364 -72.58 44.65 -45.23
C SER GA 364 -72.17 46.09 -45.47
N TYR GA 365 -71.78 46.83 -44.43
CA TYR GA 365 -71.52 48.25 -44.58
C TYR GA 365 -70.65 48.71 -43.43
N ILE GA 366 -69.64 49.54 -43.74
CA ILE GA 366 -68.81 50.15 -42.71
C ILE GA 366 -68.58 51.61 -43.06
N GLY GA 367 -68.64 52.48 -42.06
CA GLY GA 367 -68.35 53.88 -42.26
C GLY GA 367 -67.09 54.31 -41.55
N PHE GA 368 -66.04 54.59 -42.32
CA PHE GA 368 -64.76 55.02 -41.78
C PHE GA 368 -64.77 56.51 -41.53
N GLU GA 369 -64.44 56.91 -40.32
CA GLU GA 369 -64.16 58.30 -39.97
C GLU GA 369 -62.85 58.30 -39.19
N LEU GA 370 -61.73 58.34 -39.91
CA LEU GA 370 -60.41 58.25 -39.31
C LEU GA 370 -59.80 59.63 -39.13
N THR GA 371 -59.04 59.79 -38.06
CA THR GA 371 -58.34 61.03 -37.77
C THR GA 371 -56.94 60.69 -37.28
N ASP GA 372 -56.00 61.61 -37.48
CA ASP GA 372 -54.65 61.43 -36.99
C ASP GA 372 -54.39 62.44 -35.87
N SER GA 373 -53.26 62.26 -35.16
CA SER GA 373 -52.90 63.22 -34.14
C SER GA 373 -52.75 64.62 -34.72
N GLU GA 374 -52.45 64.71 -36.01
CA GLU GA 374 -52.49 65.97 -36.72
C GLU GA 374 -53.91 66.55 -36.81
N GLY GA 375 -54.92 65.73 -37.03
CA GLY GA 375 -56.28 66.21 -37.14
C GLY GA 375 -56.88 66.15 -38.52
N THR GA 376 -56.15 65.64 -39.51
CA THR GA 376 -56.73 65.41 -40.83
C THR GA 376 -57.77 64.30 -40.75
N VAL GA 377 -58.89 64.48 -41.43
CA VAL GA 377 -60.01 63.56 -41.37
C VAL GA 377 -60.12 62.84 -42.70
N TYR GA 378 -60.13 61.51 -42.64
CA TYR GA 378 -60.37 60.65 -43.80
C TYR GA 378 -61.71 59.98 -43.62
N ARG GA 379 -62.63 60.21 -44.56
CA ARG GA 379 -64.00 59.74 -44.44
C ARG GA 379 -64.32 58.85 -45.63
N ASP GA 380 -64.96 57.72 -45.34
CA ASP GA 380 -65.27 56.75 -46.39
C ASP GA 380 -66.45 55.90 -45.92
N ASN GA 381 -67.04 55.18 -46.87
CA ASN GA 381 -68.14 54.26 -46.58
C ASN GA 381 -68.07 53.11 -47.58
N VAL GA 382 -67.78 51.92 -47.06
CA VAL GA 382 -67.59 50.73 -47.89
C VAL GA 382 -68.80 49.83 -47.73
N VAL GA 383 -69.37 49.41 -48.86
CA VAL GA 383 -70.48 48.47 -48.89
C VAL GA 383 -69.95 47.14 -49.41
N THR GA 384 -70.12 46.08 -48.64
CA THR GA 384 -69.57 44.78 -48.97
C THR GA 384 -70.60 43.82 -49.57
N VAL GA 385 -71.69 44.34 -50.10
CA VAL GA 385 -72.72 43.50 -50.72
C VAL GA 385 -72.13 42.82 -51.94
N THR GA 386 -72.68 41.65 -52.28
CA THR GA 386 -72.16 40.87 -53.40
C THR GA 386 -73.15 40.83 -54.56
N LEU HA 5 -36.23 42.46 -39.71
CA LEU HA 5 -36.51 43.88 -39.91
C LEU HA 5 -37.32 44.09 -41.19
N ASN HA 6 -38.03 45.21 -41.27
CA ASN HA 6 -38.91 45.49 -42.40
C ASN HA 6 -38.08 45.93 -43.59
N ALA HA 7 -37.40 44.97 -44.21
CA ALA HA 7 -36.60 45.21 -45.40
C ALA HA 7 -37.28 44.59 -46.61
N PRO HA 8 -37.28 45.28 -47.74
CA PRO HA 8 -37.90 44.72 -48.95
C PRO HA 8 -37.21 43.42 -49.37
N GLN HA 9 -38.00 42.48 -49.88
CA GLN HA 9 -37.44 41.20 -50.32
C GLN HA 9 -37.15 41.27 -51.80
N LEU HA 10 -35.97 40.80 -52.20
CA LEU HA 10 -35.57 40.88 -53.59
C LEU HA 10 -36.27 39.83 -54.44
N VAL HA 11 -36.01 38.55 -54.18
CA VAL HA 11 -36.60 37.48 -55.00
C VAL HA 11 -37.34 36.44 -54.18
N VAL HA 12 -38.20 35.66 -54.84
CA VAL HA 12 -38.97 34.60 -54.16
C VAL HA 12 -38.09 33.63 -53.40
N ASP HA 13 -38.64 33.02 -52.35
CA ASP HA 13 -37.81 32.16 -51.52
C ASP HA 13 -38.41 30.81 -51.17
N ASP HA 14 -39.73 30.74 -51.05
CA ASP HA 14 -40.37 29.48 -50.64
C ASP HA 14 -40.02 28.31 -51.53
N TYR HA 15 -39.59 27.21 -50.92
CA TYR HA 15 -39.21 26.01 -51.66
C TYR HA 15 -40.35 25.45 -52.53
N GLU HA 16 -41.53 25.26 -51.96
CA GLU HA 16 -42.69 24.79 -52.71
C GLU HA 16 -43.02 25.75 -53.85
N GLN HA 17 -42.97 27.04 -53.58
CA GLN HA 17 -43.26 28.03 -54.62
C GLN HA 17 -42.23 27.94 -55.73
N LEU HA 18 -40.96 27.73 -55.37
CA LEU HA 18 -39.93 27.58 -56.39
C LEU HA 18 -40.21 26.36 -57.26
N ILE HA 19 -40.61 25.24 -56.65
CA ILE HA 19 -40.91 24.05 -57.45
C ILE HA 19 -42.05 24.32 -58.41
N ILE HA 20 -43.15 24.88 -57.90
CA ILE HA 20 -44.33 25.10 -58.73
C ILE HA 20 -44.02 26.07 -59.86
N ASP HA 21 -43.36 27.18 -59.54
CA ASP HA 21 -43.06 28.18 -60.55
C ASP HA 21 -42.06 27.64 -61.57
N SER HA 22 -41.11 26.82 -61.13
CA SER HA 22 -40.16 26.26 -62.08
C SER HA 22 -40.85 25.35 -63.07
N LEU HA 23 -41.77 24.50 -62.60
CA LEU HA 23 -42.50 23.64 -63.52
C LEU HA 23 -43.36 24.46 -64.48
N VAL HA 24 -44.04 25.48 -63.97
CA VAL HA 24 -44.90 26.30 -64.83
C VAL HA 24 -44.07 27.04 -65.88
N HIS HA 25 -42.92 27.57 -65.48
CA HIS HA 25 -42.08 28.28 -66.44
C HIS HA 25 -41.46 27.34 -67.45
N THR HA 26 -41.13 26.11 -67.04
CA THR HA 26 -40.66 25.13 -68.02
C THR HA 26 -41.75 24.83 -69.04
N ASN HA 27 -43.00 24.76 -68.57
CA ASN HA 27 -44.11 24.64 -69.52
C ASN HA 27 -44.20 25.85 -70.43
N VAL HA 28 -43.93 27.03 -69.91
CA VAL HA 28 -44.07 28.25 -70.70
C VAL HA 28 -42.99 28.36 -71.76
N VAL HA 29 -41.75 27.99 -71.41
CA VAL HA 29 -40.62 28.22 -72.31
C VAL HA 29 -40.80 27.46 -73.62
N SER HA 30 -41.11 26.17 -73.52
CA SER HA 30 -41.48 25.39 -74.69
C SER HA 30 -42.97 25.58 -74.93
N ASN HA 31 -43.35 25.72 -76.19
CA ASN HA 31 -44.76 26.01 -76.47
C ASN HA 31 -45.58 24.77 -76.19
N GLY HA 32 -45.93 24.58 -74.91
CA GLY HA 32 -46.74 23.45 -74.49
C GLY HA 32 -46.12 22.11 -74.78
N GLU HA 33 -44.79 22.06 -74.96
CA GLU HA 33 -44.10 20.81 -75.21
C GLU HA 33 -43.81 20.03 -73.94
N PHE HA 34 -43.66 20.72 -72.80
CA PHE HA 34 -43.50 20.09 -71.50
C PHE HA 34 -44.79 20.35 -70.73
N THR HA 35 -45.59 19.31 -70.53
CA THR HA 35 -46.92 19.48 -69.96
C THR HA 35 -47.05 18.89 -68.56
N ASP HA 36 -45.98 18.36 -67.99
CA ASP HA 36 -46.04 17.77 -66.65
C ASP HA 36 -45.86 18.87 -65.61
N LEU HA 37 -46.92 19.63 -65.38
CA LEU HA 37 -46.91 20.72 -64.41
C LEU HA 37 -47.20 20.26 -63.00
N ASP HA 38 -47.43 18.97 -62.79
CA ASP HA 38 -47.80 18.46 -61.47
C ASP HA 38 -46.67 18.71 -60.49
N ALA HA 39 -46.91 19.59 -59.52
CA ALA HA 39 -45.87 19.94 -58.55
C ALA HA 39 -45.43 18.76 -57.72
N SER HA 40 -46.28 17.74 -57.57
CA SER HA 40 -45.93 16.52 -56.84
C SER HA 40 -45.88 15.32 -57.76
N GLY HA 41 -45.72 15.54 -59.06
CA GLY HA 41 -45.68 14.48 -60.04
C GLY HA 41 -44.31 13.84 -60.16
N PHE HA 42 -44.00 13.38 -61.36
CA PHE HA 42 -42.75 12.66 -61.58
C PHE HA 42 -41.55 13.57 -61.78
N MET HA 43 -41.79 14.85 -62.05
CA MET HA 43 -40.71 15.83 -62.13
C MET HA 43 -40.35 16.40 -60.76
N ARG HA 44 -41.07 15.98 -59.72
CA ARG HA 44 -40.75 16.45 -58.38
C ARG HA 44 -39.31 16.20 -57.97
N PRO HA 45 -38.67 15.06 -58.27
CA PRO HA 45 -37.24 14.92 -57.92
C PRO HA 45 -36.36 16.01 -58.53
N PHE HA 46 -36.42 16.22 -59.85
CA PHE HA 46 -35.56 17.21 -60.48
C PHE HA 46 -35.87 18.61 -59.97
N ALA HA 47 -37.15 18.99 -59.97
CA ALA HA 47 -37.53 20.32 -59.57
C ALA HA 47 -37.18 20.57 -58.11
N GLY HA 48 -37.41 19.58 -57.25
CA GLY HA 48 -37.06 19.74 -55.85
C GLY HA 48 -35.56 19.81 -55.62
N THR HA 49 -34.79 19.04 -56.38
CA THR HA 49 -33.34 19.12 -56.28
C THR HA 49 -32.85 20.52 -56.62
N MET HA 50 -33.34 21.08 -57.73
CA MET HA 50 -32.89 22.42 -58.09
C MET HA 50 -33.44 23.46 -57.12
N ALA HA 51 -34.67 23.27 -56.63
CA ALA HA 51 -35.29 24.25 -55.74
C ALA HA 51 -34.65 24.26 -54.37
N TYR HA 52 -34.10 23.14 -53.93
CA TYR HA 52 -33.39 23.12 -52.65
C TYR HA 52 -32.20 24.08 -52.69
N ALA HA 53 -31.33 23.92 -53.69
CA ALA HA 53 -30.21 24.83 -53.84
C ALA HA 53 -30.69 26.25 -54.11
N GLY HA 54 -31.73 26.41 -54.93
CA GLY HA 54 -32.24 27.73 -55.22
C GLY HA 54 -32.68 28.47 -53.98
N SER HA 55 -33.42 27.80 -53.10
CA SER HA 55 -33.87 28.43 -51.87
C SER HA 55 -32.71 28.68 -50.92
N GLU HA 56 -31.80 27.71 -50.77
CA GLU HA 56 -30.68 27.92 -49.87
C GLU HA 56 -29.75 29.02 -50.34
N LEU HA 57 -29.78 29.38 -51.62
CA LEU HA 57 -28.99 30.51 -52.10
C LEU HA 57 -29.75 31.82 -52.06
N LEU HA 58 -31.01 31.82 -52.46
CA LEU HA 58 -31.81 33.05 -52.43
C LEU HA 58 -32.13 33.51 -51.01
N TYR HA 59 -32.17 32.60 -50.05
CA TYR HA 59 -32.38 33.00 -48.66
C TYR HA 59 -31.26 33.90 -48.18
N LYS HA 60 -30.02 33.59 -48.55
CA LYS HA 60 -28.90 34.46 -48.23
C LYS HA 60 -28.84 35.67 -49.14
N ALA HA 61 -29.26 35.54 -50.40
CA ALA HA 61 -29.27 36.70 -51.29
C ALA HA 61 -30.24 37.77 -50.80
N ASN HA 62 -31.34 37.38 -50.17
CA ASN HA 62 -32.30 38.34 -49.65
C ASN HA 62 -31.81 39.08 -48.42
N LEU HA 63 -30.69 38.66 -47.82
CA LEU HA 63 -30.21 39.25 -46.59
C LEU HA 63 -29.21 40.37 -46.79
N ALA HA 64 -28.94 40.78 -48.03
CA ALA HA 64 -27.85 41.73 -48.28
C ALA HA 64 -28.12 43.08 -47.64
N SER HA 65 -29.33 43.62 -47.82
CA SER HA 65 -29.62 44.94 -47.29
C SER HA 65 -29.63 44.95 -45.77
N ILE HA 66 -30.24 43.95 -45.15
CA ILE HA 66 -30.28 43.89 -43.70
C ILE HA 66 -28.87 43.68 -43.14
N ALA HA 67 -28.04 42.93 -43.87
CA ALA HA 67 -26.65 42.77 -43.45
C ALA HA 67 -25.90 44.09 -43.50
N ALA HA 68 -26.12 44.87 -44.55
CA ALA HA 68 -25.47 46.19 -44.63
C ALA HA 68 -25.92 47.10 -43.49
N ALA HA 69 -27.23 47.12 -43.22
CA ALA HA 69 -27.73 47.97 -42.13
C ALA HA 69 -27.18 47.53 -40.78
N LYS HA 70 -27.14 46.22 -40.54
CA LYS HA 70 -26.60 45.72 -39.28
C LYS HA 70 -25.11 46.03 -39.16
N SER HA 71 -24.37 45.91 -40.25
CA SER HA 71 -22.94 46.25 -40.21
C SER HA 71 -22.75 47.72 -39.89
N PHE HA 72 -23.57 48.59 -40.47
CA PHE HA 72 -23.49 50.00 -40.12
C PHE HA 72 -23.78 50.22 -38.64
N PHE HA 73 -24.86 49.61 -38.14
CA PHE HA 73 -25.23 49.83 -36.75
C PHE HA 73 -24.23 49.22 -35.77
N LYS HA 74 -23.44 48.24 -36.21
CA LYS HA 74 -22.48 47.57 -35.35
C LYS HA 74 -21.09 48.21 -35.38
N ASN HA 75 -20.57 48.51 -36.57
CA ASN HA 75 -19.18 48.94 -36.67
C ASN HA 75 -19.00 50.40 -36.27
N VAL HA 76 -19.67 51.32 -36.99
CA VAL HA 76 -19.36 52.73 -36.82
C VAL HA 76 -19.86 53.24 -35.47
N LEU HA 77 -20.98 52.72 -34.98
CA LEU HA 77 -21.46 53.05 -33.65
C LEU HA 77 -21.71 51.75 -32.89
N GLY HA 78 -20.68 51.25 -32.24
CA GLY HA 78 -20.77 49.98 -31.55
C GLY HA 78 -21.89 50.12 -30.55
N VAL HA 79 -22.87 49.21 -30.63
CA VAL HA 79 -24.01 49.23 -29.71
C VAL HA 79 -23.96 47.84 -29.10
N PRO HA 80 -23.95 47.71 -27.77
CA PRO HA 80 -23.98 46.39 -27.16
C PRO HA 80 -25.29 45.67 -27.47
N GLU HA 81 -25.22 44.35 -27.57
CA GLU HA 81 -26.39 43.53 -27.86
C GLU HA 81 -27.04 43.17 -26.52
N ASP HA 82 -28.05 43.96 -26.14
CA ASP HA 82 -28.68 43.76 -24.85
C ASP HA 82 -29.34 42.40 -24.75
N THR HA 83 -29.09 41.71 -23.64
CA THR HA 83 -29.65 40.39 -23.41
C THR HA 83 -30.77 40.39 -22.38
N GLY HA 84 -30.71 41.26 -21.39
CA GLY HA 84 -31.73 41.31 -20.37
C GLY HA 84 -31.18 41.98 -19.12
N THR HA 85 -32.04 42.03 -18.10
CA THR HA 85 -31.66 42.58 -16.82
C THR HA 85 -32.20 41.67 -15.73
N LYS HA 86 -31.38 41.46 -14.71
CA LYS HA 86 -31.75 40.64 -13.57
C LYS HA 86 -32.33 41.52 -12.48
N ALA HA 87 -33.37 41.03 -11.81
CA ALA HA 87 -34.00 41.79 -10.75
C ALA HA 87 -33.08 41.90 -9.54
N THR HA 88 -33.17 43.03 -8.84
CA THR HA 88 -32.39 43.26 -7.64
C THR HA 88 -33.30 43.68 -6.51
N THR HA 89 -32.99 43.22 -5.30
CA THR HA 89 -33.74 43.58 -4.11
C THR HA 89 -32.77 43.79 -2.96
N THR HA 90 -33.31 44.20 -1.82
CA THR HA 90 -32.52 44.42 -0.61
C THR HA 90 -33.00 43.42 0.44
N LEU HA 91 -32.15 42.47 0.78
CA LEU HA 91 -32.45 41.52 1.82
C LEU HA 91 -32.02 42.05 3.17
N GLN HA 92 -32.80 41.70 4.19
CA GLN HA 92 -32.48 41.93 5.59
C GLN HA 92 -32.36 40.59 6.29
N PHE HA 93 -31.23 40.38 6.95
CA PHE HA 93 -30.95 39.17 7.72
C PHE HA 93 -31.04 39.51 9.19
N GLY HA 94 -31.74 38.67 9.95
CA GLY HA 94 -31.87 38.89 11.37
C GLY HA 94 -31.44 37.69 12.20
N LEU HA 95 -30.64 37.94 13.23
CA LEU HA 95 -30.05 36.92 14.07
C LEU HA 95 -30.98 36.59 15.23
N SER HA 96 -30.91 35.32 15.68
CA SER HA 96 -31.76 34.87 16.76
C SER HA 96 -31.23 35.30 18.13
N ALA HA 97 -29.96 35.67 18.22
CA ALA HA 97 -29.38 36.06 19.50
C ALA HA 97 -28.29 37.10 19.26
N SER HA 98 -27.98 37.85 20.31
CA SER HA 98 -26.92 38.84 20.26
C SER HA 98 -25.58 38.16 20.48
N LEU HA 99 -24.71 38.22 19.48
CA LEU HA 99 -23.48 37.46 19.50
C LEU HA 99 -22.32 38.29 20.05
N SER HA 100 -21.33 37.60 20.61
CA SER HA 100 -20.15 38.30 21.11
C SER HA 100 -19.13 38.41 19.98
N THR HA 101 -19.44 37.80 18.83
CA THR HA 101 -18.54 37.89 17.67
C THR HA 101 -19.29 38.38 16.43
N ASP HA 102 -18.57 38.93 15.45
CA ASP HA 102 -19.22 39.50 14.27
C ASP HA 102 -19.69 38.46 13.24
N PHE HA 103 -20.98 38.45 12.95
CA PHE HA 103 -21.52 37.48 12.01
C PHE HA 103 -21.21 37.76 10.54
N ILE HA 104 -21.00 36.72 9.74
CA ILE HA 104 -20.72 36.89 8.33
C ILE HA 104 -21.68 36.03 7.52
N VAL HA 105 -22.53 36.68 6.74
CA VAL HA 105 -23.33 36.02 5.72
C VAL HA 105 -22.52 36.01 4.43
N PRO HA 106 -22.14 34.84 3.92
CA PRO HA 106 -21.19 34.81 2.80
C PRO HA 106 -21.81 35.31 1.51
N ILE HA 107 -20.93 35.62 0.56
CA ILE HA 107 -21.38 36.03 -0.76
C ILE HA 107 -22.14 34.90 -1.43
N ASN HA 108 -23.06 35.25 -2.32
CA ASN HA 108 -23.87 34.29 -3.08
C ASN HA 108 -24.71 33.41 -2.16
N PHE HA 109 -25.27 34.02 -1.11
CA PHE HA 109 -26.19 33.32 -0.24
C PHE HA 109 -27.55 33.23 -0.91
N GLN HA 110 -28.09 32.02 -1.02
CA GLN HA 110 -29.29 31.78 -1.81
C GLN HA 110 -30.54 31.90 -0.94
N VAL HA 111 -31.51 32.67 -1.42
CA VAL HA 111 -32.82 32.79 -0.80
C VAL HA 111 -33.87 32.56 -1.88
N SER HA 112 -35.08 32.22 -1.45
CA SER HA 112 -36.13 31.88 -2.40
C SER HA 112 -37.49 32.23 -1.81
N ASP HA 113 -38.51 32.20 -2.68
CA ASP HA 113 -39.87 32.45 -2.26
C ASP HA 113 -40.47 31.18 -1.66
N LEU HA 114 -41.76 31.27 -1.29
CA LEU HA 114 -42.42 30.12 -0.67
C LEU HA 114 -42.48 28.94 -1.62
N SER HA 115 -42.78 29.20 -2.90
CA SER HA 115 -42.88 28.12 -3.87
C SER HA 115 -41.54 27.49 -4.20
N GLY HA 116 -40.44 28.20 -3.96
CA GLY HA 116 -39.13 27.65 -4.20
C GLY HA 116 -38.64 27.72 -5.63
N THR HA 117 -39.29 28.49 -6.48
CA THR HA 117 -38.90 28.56 -7.88
C THR HA 117 -38.12 29.82 -8.23
N LEU HA 118 -38.33 30.92 -7.51
CA LEU HA 118 -37.59 32.14 -7.73
C LEU HA 118 -36.49 32.24 -6.70
N ARG HA 119 -35.25 32.42 -7.16
CA ARG HA 119 -34.08 32.34 -6.30
C ARG HA 119 -33.21 33.57 -6.48
N PHE HA 120 -32.80 34.17 -5.37
CA PHE HA 120 -31.93 35.33 -5.38
C PHE HA 120 -30.63 34.99 -4.65
N TYR HA 121 -29.55 35.68 -5.03
CA TYR HA 121 -28.23 35.47 -4.46
C TYR HA 121 -27.67 36.80 -3.98
N THR HA 122 -27.06 36.78 -2.80
CA THR HA 122 -26.47 38.00 -2.26
C THR HA 122 -25.32 38.48 -3.13
N ILE HA 123 -25.23 39.80 -3.30
CA ILE HA 123 -24.22 40.37 -4.17
C ILE HA 123 -22.83 40.24 -3.55
N GLY HA 124 -22.71 40.53 -2.26
CA GLY HA 124 -21.44 40.47 -1.58
C GLY HA 124 -21.57 39.90 -0.19
N ASN HA 125 -20.46 39.94 0.55
CA ASN HA 125 -20.45 39.46 1.93
C ASN HA 125 -21.10 40.48 2.84
N LEU HA 126 -21.86 39.99 3.81
CA LEU HA 126 -22.52 40.84 4.80
C LEU HA 126 -21.87 40.60 6.15
N VAL HA 127 -21.41 41.68 6.80
CA VAL HA 127 -20.81 41.61 8.12
C VAL HA 127 -21.73 42.32 9.10
N ILE HA 128 -22.30 41.56 10.02
CA ILE HA 128 -23.14 42.10 11.08
C ILE HA 128 -22.27 42.22 12.33
N PRO HA 129 -21.94 43.42 12.78
CA PRO HA 129 -21.02 43.56 13.93
C PRO HA 129 -21.61 42.96 15.19
N ALA HA 130 -20.71 42.51 16.07
CA ALA HA 130 -21.12 41.87 17.31
C ALA HA 130 -22.02 42.79 18.13
N GLY HA 131 -23.13 42.24 18.61
CA GLY HA 131 -24.11 42.99 19.34
C GLY HA 131 -25.29 43.45 18.50
N ALA HA 132 -25.13 43.50 17.19
CA ALA HA 132 -26.24 43.85 16.31
C ALA HA 132 -27.13 42.62 16.08
N THR HA 133 -28.33 42.87 15.59
CA THR HA 133 -29.28 41.80 15.34
C THR HA 133 -29.77 41.71 13.91
N PHE HA 134 -29.60 42.76 13.11
CA PHE HA 134 -30.03 42.73 11.72
C PHE HA 134 -29.01 43.42 10.84
N GLY HA 135 -28.98 43.01 9.58
CA GLY HA 135 -28.10 43.63 8.60
C GLY HA 135 -28.67 43.49 7.20
N THR HA 136 -28.50 44.51 6.37
CA THR HA 136 -29.07 44.51 5.03
C THR HA 136 -27.96 44.39 3.99
N ILE HA 137 -28.32 43.79 2.84
CA ILE HA 137 -27.40 43.69 1.72
C ILE HA 137 -28.22 43.45 0.47
N GLU HA 138 -27.67 43.82 -0.68
CA GLU HA 138 -28.38 43.69 -1.94
C GLU HA 138 -28.24 42.28 -2.49
N ALA HA 139 -29.30 41.81 -3.13
CA ALA HA 139 -29.34 40.50 -3.77
C ALA HA 139 -29.84 40.66 -5.20
N ILE HA 140 -29.39 39.75 -6.07
CA ILE HA 140 -29.72 39.79 -7.48
C ILE HA 140 -30.39 38.47 -7.85
N ALA HA 141 -31.31 38.53 -8.81
CA ALA HA 141 -32.07 37.36 -9.19
C ALA HA 141 -31.18 36.33 -9.88
N GLU HA 142 -31.65 35.09 -9.91
CA GLU HA 142 -30.88 34.02 -10.52
C GLU HA 142 -30.79 34.19 -12.03
N ASP HA 143 -31.88 34.63 -12.66
CA ASP HA 143 -31.93 34.75 -14.10
C ASP HA 143 -32.72 35.99 -14.48
N ILE HA 144 -32.56 36.41 -15.74
CA ILE HA 144 -33.27 37.56 -16.28
C ILE HA 144 -34.76 37.24 -16.33
N GLY HA 145 -35.58 38.25 -16.53
CA GLY HA 145 -37.01 38.05 -16.71
C GLY HA 145 -37.85 38.87 -15.76
N GLU HA 146 -39.05 39.23 -16.22
CA GLU HA 146 -40.00 40.00 -15.43
C GLU HA 146 -40.66 39.17 -14.34
N LYS HA 147 -40.49 37.85 -14.35
CA LYS HA 147 -41.12 37.02 -13.34
C LYS HA 147 -40.46 37.13 -11.98
N TYR HA 148 -39.28 37.75 -11.91
CA TYR HA 148 -38.59 37.96 -10.65
C TYR HA 148 -38.97 39.28 -9.98
N ASN HA 149 -39.87 40.04 -10.58
CA ASN HA 149 -40.32 41.30 -10.00
C ASN HA 149 -41.37 40.99 -8.94
N VAL HA 150 -40.89 40.63 -7.76
CA VAL HA 150 -41.73 40.17 -6.67
C VAL HA 150 -41.99 41.31 -5.71
N SER HA 151 -42.94 41.12 -4.80
CA SER HA 151 -43.33 42.15 -3.87
C SER HA 151 -42.43 42.13 -2.64
N ALA HA 152 -42.75 43.00 -1.68
CA ALA HA 152 -42.02 43.03 -0.43
C ALA HA 152 -42.32 41.80 0.40
N ASN HA 153 -41.31 41.33 1.14
CA ASN HA 153 -41.43 40.19 2.03
C ASN HA 153 -41.82 38.91 1.31
N PHE HA 154 -41.62 38.87 0.00
CA PHE HA 154 -41.98 37.71 -0.80
C PHE HA 154 -40.87 36.68 -0.90
N ILE HA 155 -39.66 37.02 -0.48
CA ILE HA 155 -38.51 36.14 -0.57
C ILE HA 155 -37.97 35.97 0.84
N ASP HA 156 -38.28 34.82 1.46
CA ASP HA 156 -37.88 34.60 2.85
C ASP HA 156 -37.30 33.22 3.11
N GLN HA 157 -37.47 32.29 2.20
CA GLN HA 157 -37.03 30.92 2.45
C GLN HA 157 -35.59 30.63 2.07
N TYR HA 158 -34.72 30.47 3.07
CA TYR HA 158 -33.33 30.10 2.78
C TYR HA 158 -33.14 28.62 3.05
N SER HA 159 -32.27 27.98 2.28
CA SER HA 159 -32.08 26.54 2.43
C SER HA 159 -30.84 26.21 3.25
N THR HA 160 -29.74 26.92 2.99
CA THR HA 160 -28.50 26.65 3.70
C THR HA 160 -28.53 27.16 5.13
N PRO HA 161 -28.51 26.23 6.10
CA PRO HA 161 -28.62 26.66 7.50
C PRO HA 161 -27.45 27.52 7.94
N LEU HA 162 -27.73 28.58 8.69
CA LEU HA 162 -26.65 29.40 9.20
C LEU HA 162 -26.76 29.52 10.71
N THR HA 163 -25.63 29.62 11.37
CA THR HA 163 -25.63 29.68 12.84
C THR HA 163 -26.35 30.90 13.37
N TYR HA 164 -27.28 30.71 14.30
CA TYR HA 164 -27.97 31.83 14.93
C TYR HA 164 -28.66 32.75 13.94
N LEU HA 165 -28.73 32.39 12.66
CA LEU HA 165 -29.50 33.18 11.70
C LEU HA 165 -30.98 32.87 11.85
N GLN HA 166 -31.75 33.84 12.33
CA GLN HA 166 -33.15 33.61 12.61
C GLN HA 166 -34.03 33.74 11.38
N TYR HA 167 -33.90 34.84 10.65
CA TYR HA 167 -34.77 35.08 9.50
C TYR HA 167 -34.02 35.82 8.41
N VAL HA 168 -34.59 35.80 7.22
CA VAL HA 168 -34.17 36.68 6.13
C VAL HA 168 -35.41 37.04 5.33
N THR HA 169 -35.48 38.28 4.86
CA THR HA 169 -36.58 38.74 4.04
C THR HA 169 -36.05 39.79 3.08
N ASN HA 170 -36.92 40.32 2.22
CA ASN HA 170 -36.57 41.45 1.37
C ASN HA 170 -37.43 42.65 1.74
N ILE HA 171 -36.78 43.77 2.03
CA ILE HA 171 -37.49 44.97 2.47
C ILE HA 171 -37.96 45.84 1.30
N ARG HA 172 -37.56 45.50 0.08
CA ARG HA 172 -38.00 46.19 -1.11
C ARG HA 172 -38.57 45.18 -2.11
N PRO HA 173 -39.54 45.57 -2.91
CA PRO HA 173 -39.97 44.71 -4.02
C PRO HA 173 -38.91 44.69 -5.11
N ALA HA 174 -38.52 43.49 -5.52
CA ALA HA 174 -37.52 43.36 -6.58
C ALA HA 174 -38.04 43.96 -7.88
N THR HA 175 -37.19 44.73 -8.56
CA THR HA 175 -37.60 45.48 -9.73
C THR HA 175 -36.57 45.31 -10.83
N ASN HA 176 -36.86 45.92 -11.99
CA ASN HA 176 -35.98 45.94 -13.16
C ASN HA 176 -35.71 44.55 -13.70
N GLY HA 177 -36.63 43.61 -13.50
CA GLY HA 177 -36.52 42.35 -14.18
C GLY HA 177 -36.97 42.49 -15.61
N ARG HA 178 -36.10 42.20 -16.56
CA ARG HA 178 -36.39 42.35 -17.98
C ARG HA 178 -35.94 41.11 -18.73
N SER HA 179 -36.81 40.59 -19.61
CA SER HA 179 -36.46 39.41 -20.38
C SER HA 179 -35.63 39.75 -21.60
N GLY HA 180 -35.50 41.02 -21.93
CA GLY HA 180 -34.79 41.45 -23.13
C GLY HA 180 -35.53 42.61 -23.74
N GLU HA 181 -35.11 42.97 -24.97
CA GLU HA 181 -35.75 44.04 -25.71
C GLU HA 181 -36.08 43.57 -27.12
N THR HA 182 -37.15 44.14 -27.66
CA THR HA 182 -37.56 43.82 -29.02
C THR HA 182 -36.69 44.55 -30.03
N ILE HA 183 -36.96 44.31 -31.31
CA ILE HA 183 -36.17 44.93 -32.36
C ILE HA 183 -36.40 46.43 -32.39
N ASP HA 184 -37.63 46.87 -32.10
CA ASP HA 184 -37.92 48.31 -32.15
C ASP HA 184 -37.25 49.05 -31.00
N ASN HA 185 -37.15 48.42 -29.83
CA ASN HA 185 -36.42 49.04 -28.73
C ASN HA 185 -34.94 49.20 -29.05
N LEU HA 186 -34.33 48.17 -29.65
CA LEU HA 186 -32.94 48.28 -30.06
C LEU HA 186 -32.75 49.32 -31.15
N ILE HA 187 -33.72 49.41 -32.07
CA ILE HA 187 -33.65 50.43 -33.13
C ILE HA 187 -33.71 51.82 -32.52
N GLU HA 188 -34.60 52.03 -31.55
CA GLU HA 188 -34.71 53.33 -30.89
C GLU HA 188 -33.43 53.64 -30.14
N ARG HA 189 -32.84 52.63 -29.49
CA ARG HA 189 -31.58 52.83 -28.78
C ARG HA 189 -30.48 53.26 -29.75
N CYS HA 190 -30.40 52.61 -30.91
CA CYS HA 190 -29.40 52.98 -31.90
C CYS HA 190 -29.66 54.39 -32.43
N ALA HA 191 -30.91 54.75 -32.66
CA ALA HA 191 -31.23 56.06 -33.22
C ALA HA 191 -30.94 57.18 -32.23
N GLN HA 192 -31.10 56.90 -30.94
CA GLN HA 192 -30.84 57.95 -29.95
C GLN HA 192 -29.38 58.37 -29.97
N ILE HA 193 -28.46 57.43 -30.18
CA ILE HA 193 -27.05 57.81 -30.32
C ILE HA 193 -26.86 58.68 -31.56
N ILE HA 194 -27.60 58.37 -32.63
CA ILE HA 194 -27.48 59.16 -33.85
C ILE HA 194 -27.94 60.59 -33.61
N ARG HA 195 -28.98 60.80 -32.80
CA ARG HA 195 -29.45 62.15 -32.50
C ARG HA 195 -29.63 62.38 -30.99
N ILE HA 196 -28.53 62.69 -30.28
CA ILE HA 196 -28.65 63.31 -28.97
C ILE HA 196 -27.67 64.45 -28.75
N ARG HA 197 -26.87 64.82 -29.74
CA ARG HA 197 -25.91 65.90 -29.56
C ARG HA 197 -26.62 67.18 -29.14
N ASN HA 198 -26.09 67.85 -28.12
CA ASN HA 198 -26.65 69.11 -27.63
C ASN HA 198 -28.14 68.96 -27.32
N PRO HA 199 -28.50 68.34 -26.20
CA PRO HA 199 -29.91 68.11 -25.91
C PRO HA 199 -30.77 69.36 -25.99
N VAL HA 200 -31.65 69.41 -26.98
CA VAL HA 200 -32.65 70.46 -27.11
C VAL HA 200 -33.97 69.80 -27.49
N SER HA 201 -35.07 70.47 -27.15
CA SER HA 201 -36.41 70.03 -27.56
C SER HA 201 -36.70 68.60 -27.07
N ALA HA 202 -36.74 68.47 -25.76
CA ALA HA 202 -37.06 67.20 -25.09
C ALA HA 202 -36.09 66.09 -25.48
N LEU HA 203 -34.83 66.43 -25.76
CA LEU HA 203 -33.76 65.44 -25.76
C LEU HA 203 -33.24 65.16 -24.37
N ASP HA 204 -33.52 66.06 -23.41
CA ASP HA 204 -33.31 65.76 -22.01
C ASP HA 204 -34.15 64.56 -21.58
N PHE HA 205 -35.27 64.34 -22.27
CA PHE HA 205 -36.08 63.14 -22.08
C PHE HA 205 -35.21 61.90 -22.18
N GLU HA 206 -34.43 61.80 -23.24
CA GLU HA 206 -33.69 60.60 -23.62
C GLU HA 206 -32.36 60.45 -22.90
N GLN HA 207 -31.87 61.50 -22.25
CA GLN HA 207 -30.57 61.45 -21.60
C GLN HA 207 -30.63 60.92 -20.19
N LEU HA 208 -31.81 60.72 -19.63
CA LEU HA 208 -31.92 60.33 -18.24
C LEU HA 208 -32.71 59.05 -18.04
N ALA HA 209 -33.77 58.84 -18.82
CA ALA HA 209 -34.67 57.71 -18.58
C ALA HA 209 -33.93 56.38 -18.59
N GLU HA 210 -32.94 56.24 -19.46
CA GLU HA 210 -32.12 55.03 -19.51
C GLU HA 210 -30.63 55.33 -19.40
N LEU HA 211 -30.23 56.59 -19.26
CA LEU HA 211 -28.84 56.96 -19.12
C LEU HA 211 -28.66 57.82 -17.88
N THR HA 212 -27.50 57.70 -17.25
CA THR HA 212 -27.08 58.56 -16.15
C THR HA 212 -28.00 58.43 -14.94
N MET HA 213 -29.02 57.59 -15.04
CA MET HA 213 -29.91 57.31 -13.92
C MET HA 213 -30.21 55.84 -13.75
N GLY HA 214 -29.87 55.01 -14.72
CA GLY HA 214 -30.14 53.58 -14.67
C GLY HA 214 -31.15 53.17 -15.73
N GLU HA 215 -31.42 51.87 -15.75
CA GLU HA 215 -32.37 51.29 -16.69
C GLU HA 215 -33.66 50.97 -15.93
N GLY HA 216 -34.76 51.53 -16.39
CA GLY HA 216 -36.02 51.44 -15.67
C GLY HA 216 -36.49 52.73 -15.04
N SER HA 217 -35.80 53.84 -15.29
CA SER HA 217 -36.18 55.15 -14.80
C SER HA 217 -37.04 55.85 -15.85
N ARG HA 218 -37.47 57.06 -15.53
CA ARG HA 218 -38.29 57.84 -16.44
C ARG HA 218 -38.03 59.32 -16.25
N CYS HA 219 -38.04 60.06 -17.34
CA CYS HA 219 -37.89 61.51 -17.28
C CYS HA 219 -39.05 62.19 -18.00
N LYS HA 220 -39.21 63.48 -17.72
CA LYS HA 220 -40.21 64.29 -18.39
C LYS HA 220 -39.68 65.71 -18.44
N ALA HA 221 -39.41 66.21 -19.64
CA ALA HA 221 -38.84 67.53 -19.84
C ALA HA 221 -39.95 68.49 -20.28
N ILE HA 222 -40.09 69.59 -19.56
CA ILE HA 222 -41.10 70.60 -19.85
C ILE HA 222 -40.42 71.95 -19.95
N GLY HA 223 -40.62 72.65 -21.06
CA GLY HA 223 -40.03 73.96 -21.23
C GLY HA 223 -40.86 75.05 -20.56
N LEU HA 224 -40.17 76.13 -20.19
CA LEU HA 224 -40.80 77.35 -19.69
C LEU HA 224 -41.67 77.08 -18.48
N LEU HA 225 -41.22 76.17 -17.62
CA LEU HA 225 -41.95 75.82 -16.41
C LEU HA 225 -41.10 76.20 -15.21
N GLY HA 226 -41.59 77.14 -14.42
CA GLY HA 226 -40.85 77.66 -13.28
C GLY HA 226 -40.93 76.76 -12.07
N ILE HA 227 -40.42 77.28 -10.96
CA ILE HA 227 -40.45 76.52 -9.71
C ILE HA 227 -41.88 76.36 -9.20
N ASN HA 228 -42.77 77.30 -9.51
CA ASN HA 228 -44.15 77.17 -9.05
C ASN HA 228 -44.94 76.15 -9.84
N LYS HA 229 -44.37 75.61 -10.92
CA LYS HA 229 -44.98 74.54 -11.71
C LYS HA 229 -46.35 74.92 -12.25
N ILE HA 230 -46.50 76.18 -12.68
CA ILE HA 230 -47.75 76.66 -13.25
C ILE HA 230 -47.51 76.95 -14.73
N VAL HA 231 -48.31 76.32 -15.60
CA VAL HA 231 -48.08 76.41 -17.04
C VAL HA 231 -48.36 77.81 -17.54
N THR HA 232 -49.40 78.46 -17.03
CA THR HA 232 -49.79 79.79 -17.52
C THR HA 232 -48.76 80.86 -17.17
N ASP HA 233 -47.67 80.51 -16.50
CA ASP HA 233 -46.61 81.47 -16.20
C ASP HA 233 -45.32 81.02 -16.86
N PRO HA 234 -45.17 81.24 -18.17
CA PRO HA 234 -43.98 80.76 -18.86
C PRO HA 234 -42.76 81.60 -18.54
N GLN HA 235 -41.66 80.92 -18.25
CA GLN HA 235 -40.38 81.58 -17.97
C GLN HA 235 -39.39 81.19 -19.05
N PRO HA 236 -39.11 82.06 -20.02
CA PRO HA 236 -38.17 81.70 -21.08
C PRO HA 236 -36.77 81.43 -20.51
N GLY HA 237 -36.10 80.45 -21.10
CA GLY HA 237 -34.80 80.03 -20.62
C GLY HA 237 -34.82 79.05 -19.48
N VAL HA 238 -35.96 78.39 -19.21
CA VAL HA 238 -36.09 77.46 -18.11
C VAL HA 238 -36.52 76.11 -18.67
N VAL HA 239 -35.83 75.05 -18.25
CA VAL HA 239 -36.19 73.68 -18.58
C VAL HA 239 -36.39 72.93 -17.28
N HIS HA 240 -37.57 72.35 -17.09
CA HIS HA 240 -37.90 71.62 -15.87
C HIS HA 240 -37.89 70.12 -16.17
N LEU HA 241 -37.17 69.37 -15.35
CA LEU HA 241 -37.07 67.92 -15.49
C LEU HA 241 -37.78 67.25 -14.32
N PHE HA 242 -38.62 66.26 -14.65
CA PHE HA 242 -39.32 65.47 -13.64
C PHE HA 242 -38.84 64.03 -13.76
N LEU HA 243 -38.47 63.44 -12.63
CA LEU HA 243 -37.72 62.19 -12.62
C LEU HA 243 -38.45 61.12 -11.82
N LEU HA 244 -38.42 59.90 -12.34
CA LEU HA 244 -38.83 58.69 -11.63
C LEU HA 244 -37.63 57.76 -11.60
N ASP HA 245 -37.22 57.37 -10.39
CA ASP HA 245 -35.96 56.66 -10.23
C ASP HA 245 -36.03 55.26 -10.84
N VAL HA 246 -34.90 54.56 -10.79
CA VAL HA 246 -34.80 53.21 -11.33
C VAL HA 246 -35.76 52.25 -10.64
N ASN HA 247 -36.17 52.57 -9.41
CA ASN HA 247 -37.05 51.71 -8.63
C ASN HA 247 -38.53 51.90 -8.96
N GLY HA 248 -38.87 52.86 -9.80
CA GLY HA 248 -40.25 53.16 -10.11
C GLY HA 248 -40.94 54.11 -9.15
N ASN HA 249 -40.19 54.77 -8.27
CA ASN HA 249 -40.75 55.74 -7.34
C ASN HA 249 -40.28 57.13 -7.73
N PRO HA 250 -40.88 58.20 -7.19
CA PRO HA 250 -40.33 59.54 -7.43
C PRO HA 250 -38.89 59.62 -6.97
N ALA HA 251 -38.08 60.33 -7.76
CA ALA HA 251 -36.64 60.32 -7.55
C ALA HA 251 -36.26 61.01 -6.24
N ASP HA 252 -35.36 60.37 -5.49
CA ASP HA 252 -34.86 60.94 -4.25
C ASP HA 252 -33.80 62.00 -4.55
N PRO HA 253 -33.51 62.88 -3.59
CA PRO HA 253 -32.59 63.99 -3.86
C PRO HA 253 -31.21 63.59 -4.38
N VAL HA 254 -30.69 62.41 -3.99
CA VAL HA 254 -29.35 62.04 -4.43
C VAL HA 254 -29.30 61.84 -5.94
N THR HA 255 -30.31 61.17 -6.52
CA THR HA 255 -30.32 60.99 -7.97
C THR HA 255 -30.60 62.31 -8.68
N ILE HA 256 -31.39 63.18 -8.05
CA ILE HA 256 -31.61 64.52 -8.62
C ILE HA 256 -30.28 65.27 -8.71
N SER HA 257 -29.49 65.22 -7.64
CA SER HA 257 -28.18 65.87 -7.65
C SER HA 257 -27.26 65.23 -8.69
N THR HA 258 -27.30 63.90 -8.80
CA THR HA 258 -26.47 63.22 -9.78
C THR HA 258 -26.80 63.66 -11.19
N VAL HA 259 -28.10 63.68 -11.54
CA VAL HA 259 -28.49 64.02 -12.88
C VAL HA 259 -28.23 65.50 -13.16
N GLY HA 260 -28.40 66.36 -12.15
CA GLY HA 260 -28.06 67.75 -12.33
C GLY HA 260 -26.59 67.95 -12.63
N ALA HA 261 -25.72 67.29 -11.87
CA ALA HA 261 -24.29 67.37 -12.15
C ALA HA 261 -23.96 66.80 -13.53
N THR HA 262 -24.66 65.74 -13.93
CA THR HA 262 -24.40 65.14 -15.24
C THR HA 262 -24.77 66.10 -16.37
N LEU HA 263 -25.91 66.77 -16.24
CA LEU HA 263 -26.41 67.61 -17.32
C LEU HA 263 -25.93 69.05 -17.26
N GLN HA 264 -25.23 69.46 -16.19
CA GLN HA 264 -24.75 70.83 -16.12
C GLN HA 264 -23.83 71.20 -17.28
N PRO HA 265 -22.85 70.38 -17.69
CA PRO HA 265 -21.98 70.80 -18.79
C PRO HA 265 -22.59 70.59 -20.17
N ARG HA 266 -23.87 70.25 -20.25
CA ARG HA 266 -24.51 70.01 -21.53
C ARG HA 266 -25.65 70.98 -21.84
N ILE HA 267 -26.09 71.78 -20.89
CA ILE HA 267 -27.16 72.73 -21.13
C ILE HA 267 -26.58 74.02 -21.66
N MET HA 268 -27.42 74.80 -22.36
CA MET HA 268 -26.96 76.06 -22.92
C MET HA 268 -26.61 77.06 -21.83
N LEU HA 269 -25.52 77.78 -22.06
CA LEU HA 269 -25.07 78.80 -21.12
C LEU HA 269 -26.12 79.88 -20.98
N GLY HA 270 -26.51 80.17 -19.74
CA GLY HA 270 -27.56 81.15 -19.51
C GLY HA 270 -28.86 80.52 -19.08
N THR HA 271 -29.09 79.28 -19.50
CA THR HA 271 -30.35 78.61 -19.18
C THR HA 271 -30.35 77.92 -17.82
N ARG HA 272 -31.53 77.82 -17.21
CA ARG HA 272 -31.63 77.20 -15.90
C ARG HA 272 -32.22 75.80 -15.99
N LEU HA 273 -31.62 74.85 -15.30
CA LEU HA 273 -32.15 73.50 -15.30
C LEU HA 273 -32.80 73.16 -13.99
N LEU HA 274 -34.12 73.07 -13.98
CA LEU HA 274 -34.83 72.71 -12.78
C LEU HA 274 -35.08 71.21 -12.81
N ILE HA 275 -34.85 70.51 -11.71
CA ILE HA 275 -35.12 69.08 -11.62
C ILE HA 275 -35.89 68.81 -10.34
N SER HA 276 -36.99 68.08 -10.48
CA SER HA 276 -37.85 67.74 -9.35
C SER HA 276 -38.37 66.32 -9.56
N PRO HA 277 -38.81 65.65 -8.50
CA PRO HA 277 -39.35 64.30 -8.66
C PRO HA 277 -40.66 64.29 -9.43
N MET HA 278 -40.91 63.19 -10.13
CA MET HA 278 -42.16 62.99 -10.83
C MET HA 278 -43.23 62.48 -9.87
N GLU HA 279 -44.49 62.62 -10.27
CA GLU HA 279 -45.62 62.22 -9.45
C GLU HA 279 -46.34 61.05 -10.10
N VAL HA 280 -47.01 60.24 -9.27
CA VAL HA 280 -47.63 59.00 -9.70
C VAL HA 280 -49.12 59.07 -9.41
N LEU HA 281 -49.92 58.54 -10.34
CA LEU HA 281 -51.36 58.38 -10.14
C LEU HA 281 -51.67 56.89 -10.10
N ASN HA 282 -52.42 56.48 -9.08
CA ASN HA 282 -52.72 55.07 -8.90
C ASN HA 282 -53.97 54.69 -9.67
N ILE HA 283 -53.89 53.59 -10.42
CA ILE HA 283 -54.99 53.12 -11.26
C ILE HA 283 -55.51 51.83 -10.65
N GLU HA 284 -56.81 51.81 -10.33
CA GLU HA 284 -57.46 50.64 -9.77
C GLU HA 284 -58.43 50.08 -10.80
N LEU HA 285 -58.24 48.81 -11.15
CA LEU HA 285 -58.99 48.18 -12.23
C LEU HA 285 -59.97 47.17 -11.67
N GLU HA 286 -61.15 47.13 -12.28
CA GLU HA 286 -62.15 46.11 -12.01
C GLU HA 286 -62.57 45.51 -13.34
N LEU HA 287 -62.42 44.20 -13.48
CA LEU HA 287 -62.66 43.53 -14.75
C LEU HA 287 -63.76 42.48 -14.58
N ILE HA 288 -64.76 42.55 -15.45
CA ILE HA 288 -65.80 41.54 -15.55
C ILE HA 288 -65.69 40.96 -16.96
N ALA HA 289 -65.33 39.69 -17.07
CA ALA HA 289 -65.05 39.10 -18.37
C ALA HA 289 -65.64 37.70 -18.45
N LEU HA 290 -65.88 37.27 -19.68
CA LEU HA 290 -66.42 35.95 -19.98
C LEU HA 290 -65.31 35.07 -20.53
N SER HA 291 -65.15 33.88 -19.94
CA SER HA 291 -64.07 32.98 -20.29
C SER HA 291 -64.51 31.98 -21.34
N ASP HA 292 -63.58 31.62 -22.23
CA ASP HA 292 -63.84 30.64 -23.27
C ASP HA 292 -63.48 29.22 -22.85
N SER HA 293 -62.98 29.05 -21.62
CA SER HA 293 -62.58 27.79 -21.01
C SER HA 293 -61.30 27.22 -21.61
N SER HA 294 -60.64 27.93 -22.53
CA SER HA 294 -59.37 27.48 -23.06
C SER HA 294 -58.23 27.62 -22.06
N LYS HA 295 -58.43 28.35 -20.96
CA LYS HA 295 -57.46 28.46 -19.89
C LYS HA 295 -58.20 28.36 -18.56
N THR HA 296 -57.47 27.91 -17.54
CA THR HA 296 -58.05 27.91 -16.21
C THR HA 296 -58.16 29.34 -15.68
N PHE HA 297 -58.98 29.51 -14.64
CA PHE HA 297 -59.17 30.83 -14.07
C PHE HA 297 -57.87 31.39 -13.51
N GLN HA 298 -57.09 30.55 -12.83
CA GLN HA 298 -55.81 31.00 -12.31
C GLN HA 298 -54.87 31.37 -13.44
N GLN HA 299 -54.84 30.57 -14.51
CA GLN HA 299 -53.98 30.89 -15.65
C GLN HA 299 -54.43 32.19 -16.31
N LEU HA 300 -55.73 32.38 -16.47
CA LEU HA 300 -56.23 33.63 -17.04
C LEU HA 300 -55.84 34.82 -16.18
N ALA HA 301 -56.00 34.70 -14.85
CA ALA HA 301 -55.69 35.81 -13.97
C ALA HA 301 -54.20 36.14 -14.02
N ASP HA 302 -53.35 35.11 -14.01
CA ASP HA 302 -51.91 35.34 -14.11
C ASP HA 302 -51.55 36.02 -15.43
N ASP HA 303 -52.13 35.54 -16.54
CA ASP HA 303 -51.83 36.13 -17.84
C ASP HA 303 -52.27 37.58 -17.92
N ILE HA 304 -53.46 37.89 -17.40
CA ILE HA 304 -53.95 39.26 -17.41
C ILE HA 304 -53.09 40.15 -16.54
N LEU HA 305 -52.70 39.66 -15.36
CA LEU HA 305 -51.84 40.45 -14.49
C LEU HA 305 -50.50 40.74 -15.14
N GLU HA 306 -49.91 39.73 -15.79
CA GLU HA 306 -48.64 39.94 -16.48
C GLU HA 306 -48.78 40.94 -17.62
N ALA HA 307 -49.86 40.83 -18.39
CA ALA HA 307 -50.07 41.76 -19.49
C ALA HA 307 -50.23 43.18 -19.00
N LEU HA 308 -50.97 43.37 -17.90
CA LEU HA 308 -51.17 44.71 -17.38
C LEU HA 308 -49.89 45.26 -16.76
N LYS HA 309 -49.09 44.40 -16.13
CA LYS HA 309 -47.80 44.85 -15.61
C LYS HA 309 -46.89 45.28 -16.75
N VAL HA 310 -46.98 44.63 -17.91
CA VAL HA 310 -46.25 45.09 -19.08
C VAL HA 310 -46.81 46.42 -19.57
N PHE HA 311 -48.15 46.55 -19.60
CA PHE HA 311 -48.76 47.76 -20.13
C PHE HA 311 -48.41 48.98 -19.30
N PHE HA 312 -48.43 48.84 -17.98
CA PHE HA 312 -48.18 49.96 -17.08
C PHE HA 312 -46.72 50.08 -16.69
N ASN HA 313 -45.82 49.50 -17.46
CA ASN HA 313 -44.40 49.75 -17.30
C ASN HA 313 -44.13 51.24 -17.56
N PRO HA 314 -43.41 51.93 -16.67
CA PRO HA 314 -43.08 53.33 -16.96
C PRO HA 314 -42.29 53.52 -18.24
N ALA HA 315 -41.57 52.51 -18.72
CA ALA HA 315 -40.92 52.60 -20.02
C ALA HA 315 -41.93 52.61 -21.15
N ASN HA 316 -43.10 51.98 -20.95
CA ASN HA 316 -44.14 51.95 -21.96
C ASN HA 316 -45.18 53.05 -21.78
N LEU HA 317 -45.01 53.91 -20.79
CA LEU HA 317 -45.98 54.96 -20.48
C LEU HA 317 -45.35 56.32 -20.75
N THR HA 318 -46.15 57.24 -21.30
CA THR HA 318 -45.69 58.59 -21.51
C THR HA 318 -46.25 59.47 -20.40
N PRO HA 319 -45.41 60.09 -19.57
CA PRO HA 319 -45.93 60.93 -18.48
C PRO HA 319 -46.81 62.05 -19.00
N GLY HA 320 -47.89 62.33 -18.26
CA GLY HA 320 -48.80 63.38 -18.61
C GLY HA 320 -49.85 63.03 -19.65
N GLU HA 321 -49.81 61.83 -20.19
CA GLU HA 321 -50.78 61.47 -21.20
C GLU HA 321 -51.92 60.67 -20.58
N PRO HA 322 -53.15 60.90 -21.04
CA PRO HA 322 -54.29 60.20 -20.45
C PRO HA 322 -54.25 58.70 -20.72
N VAL HA 323 -54.79 57.94 -19.79
CA VAL HA 323 -54.92 56.50 -19.94
C VAL HA 323 -56.25 56.23 -20.63
N LEU HA 324 -56.21 55.55 -21.76
CA LEU HA 324 -57.38 55.31 -22.59
C LEU HA 324 -57.94 53.93 -22.28
N ILE HA 325 -59.21 53.89 -21.83
CA ILE HA 325 -59.79 52.63 -21.41
C ILE HA 325 -59.90 51.66 -22.57
N GLU HA 326 -60.02 52.16 -23.79
CA GLU HA 326 -59.99 51.27 -24.96
C GLU HA 326 -58.64 50.57 -25.06
N GLU HA 327 -57.55 51.31 -24.83
CA GLU HA 327 -56.22 50.71 -24.92
C GLU HA 327 -56.01 49.67 -23.82
N VAL HA 328 -56.48 49.97 -22.61
CA VAL HA 328 -56.38 49.01 -21.51
C VAL HA 328 -57.18 47.77 -21.83
N LYS HA 329 -58.39 47.94 -22.36
CA LYS HA 329 -59.22 46.79 -22.72
C LYS HA 329 -58.54 45.95 -23.79
N PHE HA 330 -57.93 46.59 -24.79
CA PHE HA 330 -57.25 45.83 -25.83
C PHE HA 330 -56.04 45.08 -25.26
N ALA HA 331 -55.30 45.73 -24.36
CA ALA HA 331 -54.15 45.06 -23.75
C ALA HA 331 -54.59 43.87 -22.92
N ILE HA 332 -55.71 43.99 -22.21
CA ILE HA 332 -56.23 42.88 -21.44
C ILE HA 332 -56.65 41.74 -22.35
N ARG HA 333 -57.37 42.07 -23.43
CA ARG HA 333 -57.91 41.04 -24.31
C ARG HA 333 -56.83 40.39 -25.16
N SER HA 334 -55.70 41.06 -25.39
CA SER HA 334 -54.62 40.47 -26.16
C SER HA 334 -54.01 39.26 -25.47
N VAL HA 335 -54.33 39.06 -24.19
CA VAL HA 335 -53.97 37.81 -23.52
C VAL HA 335 -54.58 36.63 -24.25
N GLY HA 336 -55.85 36.74 -24.63
CA GLY HA 336 -56.53 35.68 -25.34
C GLY HA 336 -57.27 34.76 -24.40
N GLY HA 337 -58.25 34.05 -24.96
CA GLY HA 337 -59.02 33.10 -24.17
C GLY HA 337 -60.04 33.72 -23.25
N LEU HA 338 -60.51 34.93 -23.54
CA LEU HA 338 -61.50 35.58 -22.70
C LEU HA 338 -62.24 36.61 -23.53
N SER HA 339 -63.39 37.05 -23.00
CA SER HA 339 -64.20 38.07 -23.63
C SER HA 339 -64.55 39.10 -22.57
N ILE HA 340 -64.12 40.34 -22.79
CA ILE HA 340 -64.34 41.40 -21.81
C ILE HA 340 -65.79 41.84 -21.87
N SER HA 341 -66.42 41.92 -20.70
CA SER HA 341 -67.78 42.45 -20.58
C SER HA 341 -67.80 43.88 -20.04
N TYR HA 342 -66.97 44.17 -19.04
CA TYR HA 342 -66.98 45.48 -18.41
C TYR HA 342 -65.63 45.74 -17.76
N LEU HA 343 -65.19 47.00 -17.81
CA LEU HA 343 -63.94 47.41 -17.19
C LEU HA 343 -64.13 48.74 -16.51
N GLN HA 344 -63.76 48.81 -15.23
CA GLN HA 344 -63.79 50.04 -14.45
C GLN HA 344 -62.36 50.47 -14.13
N MET HA 345 -62.07 51.74 -14.31
CA MET HA 345 -60.79 52.33 -13.93
C MET HA 345 -61.06 53.51 -13.01
N ASN HA 346 -60.62 53.38 -11.75
CA ASN HA 346 -60.85 54.40 -10.73
C ASN HA 346 -62.34 54.72 -10.59
N ASP HA 347 -63.15 53.67 -10.49
CA ASP HA 347 -64.60 53.77 -10.27
C ASP HA 347 -65.31 54.50 -11.39
N ASN HA 348 -64.89 54.30 -12.63
CA ASN HA 348 -65.61 54.81 -13.79
C ASN HA 348 -65.16 54.07 -15.03
N ALA HA 349 -65.94 54.20 -16.09
CA ALA HA 349 -65.62 53.60 -17.37
C ALA HA 349 -65.05 54.62 -18.36
N ILE HA 350 -64.78 55.83 -17.93
CA ILE HA 350 -64.25 56.87 -18.80
C ILE HA 350 -62.73 56.87 -18.73
N ASN HA 351 -62.11 57.52 -19.72
CA ASN HA 351 -60.66 57.67 -19.72
C ASN HA 351 -60.21 58.52 -18.54
N ILE HA 352 -59.01 58.23 -18.05
CA ILE HA 352 -58.45 58.87 -16.87
C ILE HA 352 -57.36 59.84 -17.33
N PRO HA 353 -57.58 61.15 -17.25
CA PRO HA 353 -56.52 62.10 -17.61
C PRO HA 353 -55.59 62.34 -16.43
N MET HA 354 -54.31 62.56 -16.74
CA MET HA 354 -53.37 62.86 -15.69
C MET HA 354 -53.65 64.23 -15.09
N PRO HA 355 -53.45 64.40 -13.78
CA PRO HA 355 -53.70 65.72 -13.18
C PRO HA 355 -52.86 66.84 -13.77
N ASN HA 356 -51.63 66.55 -14.18
CA ASN HA 356 -50.77 67.56 -14.77
C ASN HA 356 -49.83 66.89 -15.76
N GLN HA 357 -48.92 67.67 -16.34
CA GLN HA 357 -48.04 67.19 -17.40
C GLN HA 357 -47.00 66.21 -16.90
N TRP HA 358 -46.70 66.18 -15.60
CA TRP HA 358 -45.62 65.38 -15.06
C TRP HA 358 -46.14 64.26 -14.15
N THR HA 359 -47.28 63.68 -14.46
CA THR HA 359 -47.82 62.59 -13.67
C THR HA 359 -47.80 61.31 -14.50
N ILE HA 360 -47.28 60.24 -13.91
CA ILE HA 360 -47.20 58.94 -14.57
C ILE HA 360 -48.23 58.01 -13.93
N PRO HA 361 -48.94 57.19 -14.69
CA PRO HA 361 -49.84 56.22 -14.07
C PRO HA 361 -49.08 55.06 -13.47
N ARG HA 362 -49.71 54.43 -12.48
CA ARG HA 362 -49.11 53.27 -11.81
C ARG HA 362 -50.26 52.44 -11.26
N PHE HA 363 -50.63 51.38 -11.97
CA PHE HA 363 -51.80 50.63 -11.57
C PHE HA 363 -51.47 49.79 -10.35
N SER HA 364 -52.37 49.82 -9.37
CA SER HA 364 -52.12 49.27 -8.05
C SER HA 364 -52.98 48.06 -7.71
N TYR HA 365 -54.27 48.11 -8.01
CA TYR HA 365 -55.20 47.07 -7.63
C TYR HA 365 -56.01 46.64 -8.84
N ILE HA 366 -56.28 45.34 -8.95
CA ILE HA 366 -57.17 44.82 -9.98
C ILE HA 366 -58.05 43.73 -9.38
N GLY HA 367 -59.34 43.80 -9.64
CA GLY HA 367 -60.29 42.76 -9.25
C GLY HA 367 -60.80 42.02 -10.48
N PHE HA 368 -60.83 40.69 -10.37
CA PHE HA 368 -61.29 39.82 -11.43
C PHE HA 368 -62.64 39.22 -11.08
N GLU HA 369 -63.56 39.25 -12.05
CA GLU HA 369 -64.83 38.54 -11.98
C GLU HA 369 -65.01 37.82 -13.31
N LEU HA 370 -64.56 36.57 -13.37
CA LEU HA 370 -64.53 35.78 -14.60
C LEU HA 370 -65.69 34.79 -14.59
N THR HA 371 -66.48 34.79 -15.64
CA THR HA 371 -67.62 33.88 -15.78
C THR HA 371 -67.36 32.96 -16.98
N ASP HA 372 -67.54 31.66 -16.78
CA ASP HA 372 -67.36 30.70 -17.85
C ASP HA 372 -68.71 30.30 -18.43
N SER HA 373 -68.67 29.36 -19.38
CA SER HA 373 -69.90 28.89 -20.02
C SER HA 373 -70.81 28.17 -19.03
N GLU HA 374 -70.23 27.39 -18.11
CA GLU HA 374 -71.05 26.62 -17.18
C GLU HA 374 -71.66 27.49 -16.10
N GLY HA 375 -71.22 28.73 -15.96
CA GLY HA 375 -71.76 29.62 -14.96
C GLY HA 375 -70.94 29.77 -13.70
N THR HA 376 -69.78 29.13 -13.62
CA THR HA 376 -68.90 29.31 -12.48
C THR HA 376 -68.34 30.72 -12.50
N VAL HA 377 -68.43 31.41 -11.36
CA VAL HA 377 -67.96 32.79 -11.25
C VAL HA 377 -66.73 32.78 -10.36
N TYR HA 378 -65.60 33.16 -10.93
CA TYR HA 378 -64.32 33.20 -10.24
C TYR HA 378 -64.04 34.65 -9.85
N ARG HA 379 -63.93 34.91 -8.55
CA ARG HA 379 -63.66 36.24 -8.04
C ARG HA 379 -62.28 36.27 -7.43
N ASP HA 380 -61.51 37.31 -7.74
CA ASP HA 380 -60.18 37.45 -7.16
C ASP HA 380 -59.85 38.93 -7.07
N ASN HA 381 -58.85 39.24 -6.22
CA ASN HA 381 -58.39 40.61 -6.05
C ASN HA 381 -56.89 40.59 -5.82
N VAL HA 382 -56.16 41.41 -6.57
CA VAL HA 382 -54.71 41.47 -6.50
C VAL HA 382 -54.30 42.91 -6.28
N VAL HA 383 -53.48 43.13 -5.26
CA VAL HA 383 -52.86 44.42 -5.01
C VAL HA 383 -51.40 44.32 -5.46
N THR HA 384 -50.97 45.24 -6.31
CA THR HA 384 -49.67 45.12 -6.94
C THR HA 384 -48.60 45.98 -6.27
N VAL HA 385 -49.02 47.06 -5.62
CA VAL HA 385 -48.07 47.93 -4.95
C VAL HA 385 -48.02 47.67 -3.45
N THR HA 386 -46.84 47.73 -2.86
CA THR HA 386 -46.70 47.48 -1.44
C THR HA 386 -47.07 48.72 -0.68
N ASN HA 387 -46.89 49.87 -1.31
CA ASN HA 387 -47.20 51.13 -0.66
C ASN HA 387 -47.92 52.04 -1.63
N PRO HA 388 -49.13 52.48 -1.27
CA PRO HA 388 -49.91 53.38 -2.13
C PRO HA 388 -49.25 54.73 -2.39
N GLU HA 389 -48.29 55.13 -1.57
CA GLU HA 389 -47.63 56.41 -1.76
C GLU HA 389 -46.20 56.28 -2.27
N GLU HA 390 -45.75 55.06 -2.55
CA GLU HA 390 -44.37 54.87 -3.00
C GLU HA 390 -44.19 55.27 -4.46
N SER IA 2 -16.61 25.84 -67.94
CA SER IA 2 -15.58 26.56 -67.21
C SER IA 2 -15.33 27.93 -67.83
N LYS IA 3 -16.41 28.62 -68.20
CA LYS IA 3 -16.29 29.93 -68.82
C LYS IA 3 -16.38 31.03 -67.78
N ASP IA 4 -16.04 32.24 -68.21
CA ASP IA 4 -15.97 33.37 -67.29
C ASP IA 4 -17.37 33.84 -66.90
N ALA IA 5 -17.44 34.54 -65.77
CA ALA IA 5 -18.73 34.99 -65.26
C ALA IA 5 -19.32 36.10 -66.11
N PHE IA 6 -18.48 36.92 -66.75
CA PHE IA 6 -18.99 38.05 -67.51
C PHE IA 6 -19.87 37.57 -68.67
N THR IA 7 -19.40 36.59 -69.43
CA THR IA 7 -20.19 36.10 -70.55
C THR IA 7 -21.43 35.37 -70.08
N ALA IA 8 -21.33 34.60 -69.01
CA ALA IA 8 -22.45 33.81 -68.54
C ALA IA 8 -23.55 34.68 -67.93
N TRP IA 9 -23.19 35.80 -67.31
CA TRP IA 9 -24.17 36.62 -66.62
C TRP IA 9 -24.61 37.84 -67.42
N ASN IA 10 -23.75 38.38 -68.28
CA ASN IA 10 -24.03 39.63 -68.97
C ASN IA 10 -24.23 39.47 -70.46
N VAL IA 11 -23.75 38.40 -71.07
CA VAL IA 11 -23.91 38.21 -72.51
C VAL IA 11 -24.97 37.15 -72.78
N ASP IA 12 -24.73 35.92 -72.31
CA ASP IA 12 -25.71 34.87 -72.48
C ASP IA 12 -26.92 35.09 -71.59
N ARG IA 13 -26.69 35.61 -70.38
CA ARG IA 13 -27.71 35.70 -69.34
C ARG IA 13 -28.30 34.33 -69.02
N ARG IA 14 -27.48 33.30 -69.13
CA ARG IA 14 -27.84 31.93 -68.75
C ARG IA 14 -26.72 31.40 -67.88
N PRO IA 15 -26.61 31.87 -66.63
CA PRO IA 15 -25.45 31.48 -65.81
C PRO IA 15 -25.35 30.00 -65.50
N ILE IA 16 -26.42 29.23 -65.66
CA ILE IA 16 -26.40 27.78 -65.45
C ILE IA 16 -26.30 27.04 -66.78
N TYR IA 17 -27.18 27.36 -67.73
CA TYR IA 17 -27.19 26.64 -68.99
C TYR IA 17 -25.91 26.86 -69.77
N SER IA 18 -25.41 28.10 -69.81
CA SER IA 18 -24.20 28.39 -70.56
C SER IA 18 -22.99 27.66 -70.02
N ARG IA 19 -23.05 27.19 -68.78
CA ARG IA 19 -21.96 26.44 -68.18
C ARG IA 19 -22.05 24.94 -68.41
N MET IA 20 -23.14 24.45 -68.99
CA MET IA 20 -23.24 23.03 -69.27
C MET IA 20 -22.32 22.65 -70.43
N PRO IA 21 -21.69 21.47 -70.37
CA PRO IA 21 -20.69 21.14 -71.39
C PRO IA 21 -21.30 21.02 -72.78
N LYS IA 22 -20.53 21.46 -73.78
CA LYS IA 22 -20.99 21.49 -75.16
C LYS IA 22 -19.99 20.90 -76.15
N GLU IA 23 -18.79 20.52 -75.69
CA GLU IA 23 -17.71 20.20 -76.61
C GLU IA 23 -18.02 19.01 -77.50
N GLN IA 24 -18.60 17.95 -76.95
CA GLN IA 24 -18.90 16.73 -77.71
C GLN IA 24 -20.19 16.97 -78.47
N VAL IA 25 -20.06 17.51 -79.69
CA VAL IA 25 -21.23 17.83 -80.50
C VAL IA 25 -21.98 16.55 -80.85
N GLY IA 26 -23.29 16.65 -80.90
CA GLY IA 26 -24.13 15.49 -81.12
C GLY IA 26 -24.68 14.89 -79.83
N THR IA 27 -23.81 14.56 -78.89
CA THR IA 27 -24.22 14.02 -77.60
C THR IA 27 -23.62 14.88 -76.49
N SER IA 28 -24.31 15.96 -76.15
CA SER IA 28 -23.91 16.83 -75.06
C SER IA 28 -25.16 17.53 -74.56
N TYR IA 29 -25.01 18.25 -73.45
CA TYR IA 29 -26.15 18.91 -72.86
C TYR IA 29 -26.74 19.96 -73.80
N HIS IA 30 -25.88 20.70 -74.49
CA HIS IA 30 -26.37 21.71 -75.42
C HIS IA 30 -26.98 21.10 -76.68
N ASP IA 31 -26.73 19.82 -76.94
CA ASP IA 31 -27.31 19.19 -78.14
C ASP IA 31 -28.75 18.77 -77.93
N TYR IA 32 -29.25 18.80 -76.71
CA TYR IA 32 -30.61 18.39 -76.39
C TYR IA 32 -31.36 19.58 -75.80
N ILE IA 33 -32.53 19.87 -76.36
CA ILE IA 33 -33.25 21.09 -75.99
C ILE IA 33 -33.88 20.97 -74.60
N ALA IA 34 -34.04 19.74 -74.10
CA ALA IA 34 -34.59 19.56 -72.77
C ALA IA 34 -33.71 20.22 -71.73
N THR IA 35 -32.39 20.16 -71.93
CA THR IA 35 -31.47 20.81 -71.00
C THR IA 35 -31.71 22.32 -70.97
N ASP IA 36 -31.94 22.92 -72.12
CA ASP IA 36 -32.26 24.34 -72.17
C ASP IA 36 -33.57 24.64 -71.47
N TRP IA 37 -34.59 23.81 -71.68
CA TRP IA 37 -35.89 24.07 -71.07
C TRP IA 37 -35.85 23.93 -69.55
N LEU IA 38 -35.15 22.92 -69.04
CA LEU IA 38 -35.18 22.64 -67.61
C LEU IA 38 -34.53 23.74 -66.79
N THR IA 39 -33.45 24.32 -67.29
CA THR IA 39 -32.69 25.33 -66.55
C THR IA 39 -33.16 26.75 -66.80
N ALA IA 40 -34.18 26.95 -67.62
CA ALA IA 40 -34.58 28.30 -68.00
C ALA IA 40 -35.10 29.08 -66.80
N TYR IA 41 -35.93 28.44 -65.96
CA TYR IA 41 -36.49 29.15 -64.81
C TYR IA 41 -35.40 29.57 -63.85
N TRP IA 42 -34.42 28.71 -63.59
CA TRP IA 42 -33.38 29.02 -62.63
C TRP IA 42 -32.47 30.12 -63.14
N ASP IA 43 -32.14 30.10 -64.43
CA ASP IA 43 -31.40 31.20 -65.01
C ASP IA 43 -32.18 32.50 -64.92
N LYS IA 44 -33.49 32.45 -65.19
CA LYS IA 44 -34.32 33.63 -65.07
C LYS IA 44 -34.30 34.20 -63.66
N ILE IA 45 -34.46 33.33 -62.67
CA ILE IA 45 -34.46 33.76 -61.27
C ILE IA 45 -33.12 34.35 -60.89
N PHE IA 46 -32.03 33.69 -61.30
CA PHE IA 46 -30.70 34.19 -60.97
C PHE IA 46 -30.45 35.55 -61.60
N ILE IA 47 -30.93 35.76 -62.83
CA ILE IA 47 -30.73 37.05 -63.48
C ILE IA 47 -31.57 38.13 -62.80
N GLU IA 48 -32.79 37.79 -62.39
CA GLU IA 48 -33.60 38.77 -61.66
C GLU IA 48 -32.92 39.17 -60.35
N CYS IA 49 -32.42 38.19 -59.61
CA CYS IA 49 -31.72 38.50 -58.37
C CYS IA 49 -30.44 39.28 -58.65
N TYR IA 50 -29.77 38.99 -59.76
CA TYR IA 50 -28.56 39.73 -60.13
C TYR IA 50 -28.88 41.19 -60.38
N ASP IA 51 -29.96 41.47 -61.10
CA ASP IA 51 -30.36 42.85 -61.33
C ASP IA 51 -30.76 43.54 -60.03
N LYS IA 52 -31.43 42.82 -59.13
CA LYS IA 52 -31.78 43.38 -57.83
C LYS IA 52 -30.53 43.76 -57.06
N LEU IA 53 -29.53 42.87 -57.04
CA LEU IA 53 -28.31 43.14 -56.30
C LEU IA 53 -27.53 44.29 -56.94
N GLU IA 54 -27.55 44.37 -58.27
CA GLU IA 54 -26.89 45.48 -58.95
C GLU IA 54 -27.54 46.80 -58.59
N ASP IA 55 -28.86 46.83 -58.50
CA ASP IA 55 -29.54 48.06 -58.15
C ASP IA 55 -29.58 48.33 -56.65
N LEU IA 56 -29.16 47.37 -55.82
CA LEU IA 56 -29.17 47.56 -54.38
C LEU IA 56 -28.41 48.78 -53.90
N PRO IA 57 -27.19 49.09 -54.36
CA PRO IA 57 -26.53 50.31 -53.90
C PRO IA 57 -27.32 51.56 -54.20
N ARG IA 58 -28.11 51.57 -55.27
CA ARG IA 58 -28.98 52.70 -55.54
C ARG IA 58 -30.03 52.87 -54.45
N GLN IA 59 -30.55 51.76 -53.94
CA GLN IA 59 -31.67 51.79 -53.00
C GLN IA 59 -31.28 52.37 -51.64
N PHE IA 60 -30.00 52.58 -51.36
CA PHE IA 60 -29.60 53.21 -50.12
C PHE IA 60 -29.38 54.71 -50.27
N ASP IA 61 -29.71 55.27 -51.43
CA ASP IA 61 -29.67 56.71 -51.66
C ASP IA 61 -31.09 57.24 -51.54
N PRO IA 62 -31.40 58.06 -50.53
CA PRO IA 62 -32.80 58.51 -50.37
C PRO IA 62 -33.36 59.24 -51.56
N LEU IA 63 -32.53 60.01 -52.27
CA LEU IA 63 -33.05 60.77 -53.41
C LEU IA 63 -33.44 59.85 -54.56
N GLN IA 64 -32.76 58.72 -54.71
CA GLN IA 64 -32.97 57.83 -55.84
C GLN IA 64 -33.62 56.51 -55.48
N CYS IA 65 -33.71 56.17 -54.19
CA CYS IA 65 -34.27 54.89 -53.79
C CYS IA 65 -35.77 54.85 -54.05
N ASP IA 66 -36.33 53.66 -53.95
CA ASP IA 66 -37.77 53.48 -54.07
C ASP IA 66 -38.45 53.73 -52.73
N GLU IA 67 -39.74 54.09 -52.80
CA GLU IA 67 -40.48 54.43 -51.60
C GLU IA 67 -40.54 53.27 -50.61
N GLU IA 68 -40.37 52.04 -51.07
CA GLU IA 68 -40.37 50.90 -50.16
C GLU IA 68 -39.17 50.93 -49.21
N TYR IA 69 -38.11 51.63 -49.60
CA TYR IA 69 -36.90 51.68 -48.77
C TYR IA 69 -36.83 52.91 -47.87
N LEU IA 70 -37.74 53.87 -48.01
CA LEU IA 70 -37.67 55.05 -47.16
C LEU IA 70 -37.92 54.70 -45.70
N ASP IA 71 -38.92 53.87 -45.42
CA ASP IA 71 -39.17 53.44 -44.05
C ASP IA 71 -38.07 52.52 -43.54
N PHE IA 72 -37.43 51.77 -44.43
CA PHE IA 72 -36.31 50.93 -44.02
C PHE IA 72 -35.07 51.76 -43.69
N LEU IA 73 -34.88 52.88 -44.37
CA LEU IA 73 -33.71 53.72 -44.15
C LEU IA 73 -33.91 54.76 -43.05
N ALA IA 74 -35.15 55.07 -42.69
CA ALA IA 74 -35.40 56.04 -41.62
C ALA IA 74 -34.67 55.72 -40.32
N PRO IA 75 -34.67 54.49 -39.80
CA PRO IA 75 -33.88 54.23 -38.59
C PRO IA 75 -32.40 54.47 -38.77
N LEU IA 76 -31.84 54.22 -39.95
CA LEU IA 76 -30.42 54.46 -40.19
C LEU IA 76 -30.09 55.93 -40.04
N CYS IA 77 -30.98 56.81 -40.49
CA CYS IA 77 -30.75 58.24 -40.41
C CYS IA 77 -31.15 58.82 -39.05
N GLY IA 78 -31.61 57.98 -38.12
CA GLY IA 78 -31.96 58.45 -36.79
C GLY IA 78 -33.38 58.95 -36.64
N TRP IA 79 -34.27 58.58 -37.54
CA TRP IA 79 -35.64 59.04 -37.48
C TRP IA 79 -36.55 57.96 -36.94
N THR IA 80 -36.91 58.06 -35.67
CA THR IA 80 -37.82 57.07 -35.07
C THR IA 80 -39.22 57.60 -34.84
N ALA IA 81 -39.97 56.96 -33.95
CA ALA IA 81 -41.38 57.34 -33.68
C ALA IA 81 -41.77 58.82 -33.58
N PRO IA 82 -41.11 59.62 -32.71
CA PRO IA 82 -41.59 61.01 -32.66
C PRO IA 82 -41.26 61.82 -33.90
N TYR IA 83 -40.00 61.81 -34.32
CA TYR IA 83 -39.57 62.62 -35.45
C TYR IA 83 -40.04 62.10 -36.79
N TRP IA 84 -40.35 60.82 -36.86
CA TRP IA 84 -40.75 60.20 -38.11
C TRP IA 84 -42.25 59.98 -38.14
N SER IA 85 -42.77 59.77 -39.34
CA SER IA 85 -44.19 59.47 -39.50
C SER IA 85 -44.43 58.81 -40.84
N GLY IA 86 -45.21 57.72 -40.85
CA GLY IA 86 -45.63 57.12 -42.10
C GLY IA 86 -46.60 57.98 -42.89
N ASP IA 87 -47.18 59.00 -42.25
CA ASP IA 87 -48.09 59.91 -42.93
C ASP IA 87 -47.37 60.98 -43.74
N TYR IA 88 -46.07 61.15 -43.54
CA TYR IA 88 -45.34 62.16 -44.29
C TYR IA 88 -45.37 61.83 -45.77
N PRO IA 89 -45.50 62.82 -46.64
CA PRO IA 89 -45.40 62.57 -48.08
C PRO IA 89 -44.02 62.05 -48.44
N PRO IA 90 -43.94 61.11 -49.40
CA PRO IA 90 -42.65 60.48 -49.69
C PRO IA 90 -41.57 61.45 -50.14
N GLU IA 91 -41.91 62.52 -50.84
CA GLU IA 91 -40.90 63.51 -51.21
C GLU IA 91 -40.31 64.18 -49.98
N SER IA 92 -41.15 64.52 -49.02
CA SER IA 92 -40.66 65.07 -47.76
C SER IA 92 -39.79 64.06 -47.03
N LYS IA 93 -40.16 62.78 -47.08
CA LYS IA 93 -39.32 61.76 -46.48
C LYS IA 93 -37.95 61.73 -47.14
N ARG IA 94 -37.91 61.81 -48.47
CA ARG IA 94 -36.64 61.82 -49.18
C ARG IA 94 -35.79 63.00 -48.74
N VAL IA 95 -36.39 64.18 -48.68
CA VAL IA 95 -35.62 65.38 -48.32
C VAL IA 95 -35.12 65.30 -46.89
N LEU IA 96 -35.95 64.83 -45.96
CA LEU IA 96 -35.52 64.73 -44.58
C LEU IA 96 -34.41 63.70 -44.41
N LEU IA 97 -34.50 62.57 -45.11
CA LEU IA 97 -33.45 61.56 -45.00
C LEU IA 97 -32.15 62.03 -45.62
N ALA IA 98 -32.22 62.76 -46.74
CA ALA IA 98 -31.01 63.11 -47.47
C ALA IA 98 -30.11 64.02 -46.65
N ASN IA 99 -30.67 64.99 -45.93
CA ASN IA 99 -29.90 65.96 -45.17
C ASN IA 99 -29.95 65.70 -43.67
N SER IA 100 -29.94 64.44 -43.25
CA SER IA 100 -30.00 64.13 -41.82
C SER IA 100 -28.66 64.38 -41.14
N TYR IA 101 -27.61 63.71 -41.61
CA TYR IA 101 -26.31 63.82 -40.98
C TYR IA 101 -25.57 65.10 -41.35
N SER IA 102 -25.98 65.76 -42.43
CA SER IA 102 -25.27 66.94 -42.90
C SER IA 102 -25.89 68.24 -42.41
N LEU IA 103 -27.20 68.28 -42.21
CA LEU IA 103 -27.79 69.52 -41.74
C LEU IA 103 -28.67 69.36 -40.51
N ILE IA 104 -29.48 68.30 -40.44
CA ILE IA 104 -30.57 68.27 -39.49
C ILE IA 104 -30.09 67.93 -38.08
N TRP IA 105 -29.51 66.75 -37.92
CA TRP IA 105 -29.04 66.36 -36.58
C TRP IA 105 -27.79 67.12 -36.20
N ARG IA 106 -26.98 67.53 -37.19
CA ARG IA 106 -25.74 68.24 -36.91
C ARG IA 106 -26.01 69.58 -36.23
N ASP IA 107 -27.01 70.32 -36.71
CA ASP IA 107 -27.28 71.68 -36.24
C ASP IA 107 -28.67 71.81 -35.65
N LYS IA 108 -29.17 70.75 -35.02
CA LYS IA 108 -30.51 70.76 -34.47
C LYS IA 108 -30.68 71.90 -33.47
N GLY IA 109 -31.81 72.59 -33.54
CA GLY IA 109 -32.07 73.75 -32.74
C GLY IA 109 -31.79 75.06 -33.44
N SER IA 110 -31.07 75.04 -34.55
CA SER IA 110 -30.79 76.24 -35.31
C SER IA 110 -32.00 76.68 -36.10
N LEU IA 111 -32.01 77.97 -36.46
CA LEU IA 111 -33.11 78.50 -37.26
C LEU IA 111 -33.15 77.86 -38.64
N THR IA 112 -31.97 77.64 -39.24
CA THR IA 112 -31.93 77.05 -40.57
C THR IA 112 -32.51 75.64 -40.56
N VAL IA 113 -32.22 74.86 -39.52
CA VAL IA 113 -32.70 73.49 -39.47
C VAL IA 113 -34.22 73.46 -39.35
N LEU IA 114 -34.78 74.26 -38.45
CA LEU IA 114 -36.23 74.28 -38.29
C LEU IA 114 -36.91 74.79 -39.55
N SER IA 115 -36.36 75.84 -40.16
CA SER IA 115 -36.95 76.36 -41.39
C SER IA 115 -36.87 75.32 -42.51
N PHE IA 116 -35.75 74.60 -42.58
CA PHE IA 116 -35.58 73.57 -43.61
C PHE IA 116 -36.57 72.43 -43.40
N VAL IA 117 -36.78 72.01 -42.15
CA VAL IA 117 -37.73 70.95 -41.88
C VAL IA 117 -39.14 71.38 -42.22
N LEU IA 118 -39.51 72.62 -41.89
CA LEU IA 118 -40.83 73.11 -42.25
C LEU IA 118 -41.01 73.22 -43.76
N ASN IA 119 -39.97 73.65 -44.46
CA ASN IA 119 -40.05 73.75 -45.91
C ASN IA 119 -40.13 72.38 -46.57
N ALA IA 120 -39.43 71.39 -46.00
CA ALA IA 120 -39.46 70.05 -46.56
C ALA IA 120 -40.86 69.45 -46.49
N LEU IA 121 -41.62 69.81 -45.47
CA LEU IA 121 -42.99 69.34 -45.32
C LEU IA 121 -44.00 70.25 -46.02
N PHE IA 122 -43.52 71.16 -46.87
CA PHE IA 122 -44.37 72.03 -47.69
C PHE IA 122 -45.25 72.92 -46.82
N ILE IA 123 -44.59 73.68 -45.95
CA ILE IA 123 -45.25 74.62 -45.05
C ILE IA 123 -44.57 75.96 -45.21
N ASN IA 124 -45.17 76.86 -45.98
CA ASN IA 124 -44.66 78.21 -46.09
C ASN IA 124 -44.76 78.91 -44.74
N HIS IA 125 -43.68 79.56 -44.33
CA HIS IA 125 -43.61 80.12 -42.99
C HIS IA 125 -42.58 81.23 -42.95
N ARG IA 126 -42.66 82.02 -41.88
CA ARG IA 126 -41.67 83.04 -41.58
C ARG IA 126 -41.32 82.97 -40.11
N ILE IA 127 -40.03 82.87 -39.80
CA ILE IA 127 -39.57 82.89 -38.42
C ILE IA 127 -39.32 84.34 -38.04
N PHE IA 128 -40.07 84.83 -37.04
CA PHE IA 128 -40.06 86.23 -36.67
C PHE IA 128 -39.71 86.36 -35.20
N VAL IA 129 -38.59 87.03 -34.91
CA VAL IA 129 -38.18 87.29 -33.54
C VAL IA 129 -38.83 88.60 -33.10
N PRO IA 130 -39.59 88.62 -32.01
CA PRO IA 130 -40.21 89.87 -31.57
C PRO IA 130 -39.19 90.95 -31.28
N GLY IA 131 -39.54 92.19 -31.58
CA GLY IA 131 -38.66 93.31 -31.34
C GLY IA 131 -39.40 94.62 -31.45
N SER IA 132 -38.75 95.68 -30.98
CA SER IA 132 -39.37 97.00 -31.00
C SER IA 132 -39.14 97.75 -32.31
N PHE IA 133 -38.29 97.22 -33.20
CA PHE IA 133 -38.02 97.85 -34.49
C PHE IA 133 -38.25 96.83 -35.59
N ILE IA 134 -39.31 97.02 -36.36
CA ILE IA 134 -39.62 96.17 -37.52
C ILE IA 134 -39.39 97.01 -38.76
N LEU IA 135 -38.69 96.43 -39.73
CA LEU IA 135 -38.22 97.21 -40.88
C LEU IA 135 -39.37 97.77 -41.71
N GLY IA 136 -40.53 97.10 -41.70
CA GLY IA 136 -41.62 97.53 -42.55
C GLY IA 136 -42.19 98.89 -42.17
N GLN IA 137 -42.41 99.12 -40.88
CA GLN IA 137 -43.18 100.26 -40.44
C GLN IA 137 -42.52 101.14 -39.38
N SER IA 138 -41.53 100.64 -38.65
CA SER IA 138 -40.93 101.44 -37.59
C SER IA 138 -40.23 102.67 -38.16
N GLN IA 139 -40.42 103.81 -37.49
CA GLN IA 139 -39.90 105.09 -37.94
C GLN IA 139 -38.61 105.41 -37.20
N VAL IA 140 -37.59 105.84 -37.97
CA VAL IA 140 -36.25 105.99 -37.42
C VAL IA 140 -36.17 107.10 -36.39
N SER IA 141 -37.09 108.06 -36.43
CA SER IA 141 -36.97 109.23 -35.55
C SER IA 141 -37.25 108.85 -34.09
N GLU IA 142 -38.32 108.10 -33.84
CA GLU IA 142 -38.78 107.89 -32.48
C GLU IA 142 -38.76 106.44 -32.01
N ASP IA 143 -38.81 105.47 -32.91
CA ASP IA 143 -38.80 104.07 -32.50
C ASP IA 143 -37.42 103.66 -32.02
N THR IA 144 -37.40 102.62 -31.18
CA THR IA 144 -36.19 102.19 -30.50
C THR IA 144 -35.81 100.77 -30.94
N LEU IA 145 -34.57 100.42 -30.68
CA LEU IA 145 -34.08 99.07 -30.95
C LEU IA 145 -34.44 98.15 -29.80
N GLY IA 146 -34.57 96.86 -30.09
CA GLY IA 146 -34.92 95.89 -29.08
C GLY IA 146 -34.70 94.48 -29.57
N ALA IA 147 -34.91 93.53 -28.66
CA ALA IA 147 -34.78 92.12 -28.98
C ALA IA 147 -35.65 91.32 -28.02
N ALA IA 148 -35.99 90.11 -28.43
CA ALA IA 148 -36.87 89.25 -27.65
C ALA IA 148 -36.10 88.31 -26.72
N GLY IA 149 -34.90 87.90 -27.10
CA GLY IA 149 -34.16 86.95 -26.30
C GLY IA 149 -34.48 85.53 -26.71
N TRP IA 150 -35.10 84.76 -25.82
CA TRP IA 150 -35.43 83.37 -26.07
C TRP IA 150 -36.81 83.20 -26.68
N GLU IA 151 -37.33 84.21 -27.38
CA GLU IA 151 -38.68 84.15 -27.93
C GLU IA 151 -38.64 84.29 -29.45
N PHE IA 152 -39.60 83.63 -30.09
CA PHE IA 152 -39.77 83.73 -31.54
C PHE IA 152 -41.15 83.24 -31.90
N GLU IA 153 -41.55 83.51 -33.14
CA GLU IA 153 -42.86 83.12 -33.63
C GLU IA 153 -42.73 82.54 -35.03
N ILE IA 154 -43.66 81.67 -35.38
CA ILE IA 154 -43.75 81.10 -36.72
C ILE IA 154 -45.03 81.65 -37.33
N LEU IA 155 -44.90 82.49 -38.35
CA LEU IA 155 -46.03 83.12 -39.00
C LEU IA 155 -46.34 82.40 -40.29
N LEU IA 156 -47.60 82.00 -40.45
CA LEU IA 156 -48.06 81.23 -41.59
C LEU IA 156 -48.97 82.08 -42.46
N PRO IA 157 -49.05 81.79 -43.76
CA PRO IA 157 -49.95 82.55 -44.63
C PRO IA 157 -51.41 82.24 -44.32
N ARG IA 158 -52.27 83.16 -44.75
CA ARG IA 158 -53.71 83.00 -44.55
C ARG IA 158 -54.29 81.86 -45.39
N ASP IA 159 -53.53 81.31 -46.33
CA ASP IA 159 -54.02 80.20 -47.14
C ASP IA 159 -54.36 78.99 -46.27
N TYR IA 160 -53.72 78.85 -45.12
CA TYR IA 160 -54.00 77.74 -44.22
C TYR IA 160 -55.12 78.10 -43.25
N ALA IA 161 -55.83 77.07 -42.80
CA ALA IA 161 -56.93 77.26 -41.86
C ALA IA 161 -56.43 77.16 -40.43
N GLU IA 162 -57.07 77.92 -39.54
CA GLU IA 162 -56.67 77.95 -38.14
C GLU IA 162 -56.76 76.57 -37.51
N ASN IA 163 -55.69 76.17 -36.83
CA ASN IA 163 -55.61 74.86 -36.18
C ASN IA 163 -55.92 73.72 -37.13
N GLY IA 164 -55.53 73.88 -38.39
CA GLY IA 164 -55.73 72.86 -39.40
C GLY IA 164 -54.51 71.97 -39.53
N TYR IA 165 -54.32 71.47 -40.75
CA TYR IA 165 -53.15 70.65 -41.05
C TYR IA 165 -51.86 71.39 -40.75
N GLU IA 166 -51.70 72.57 -41.34
CA GLU IA 166 -50.41 73.25 -41.28
C GLU IA 166 -50.12 73.80 -39.89
N PHE IA 167 -51.14 74.33 -39.22
CA PHE IA 167 -50.91 74.87 -37.88
C PHE IA 167 -50.43 73.79 -36.92
N ARG IA 168 -51.12 72.65 -36.89
CA ARG IA 168 -50.77 71.64 -35.90
C ARG IA 168 -49.52 70.88 -36.30
N LEU IA 169 -49.30 70.70 -37.61
CA LEU IA 169 -48.03 70.13 -38.06
C LEU IA 169 -46.88 71.05 -37.69
N THR IA 170 -47.06 72.36 -37.84
CA THR IA 170 -46.03 73.31 -37.45
C THR IA 170 -45.78 73.27 -35.96
N LEU IA 171 -46.84 73.14 -35.17
CA LEU IA 171 -46.66 73.02 -33.72
C LEU IA 171 -45.85 71.77 -33.38
N LYS IA 172 -46.15 70.65 -34.02
CA LYS IA 172 -45.39 69.43 -33.77
C LYS IA 172 -43.93 69.59 -34.17
N ILE IA 173 -43.68 70.18 -35.34
CA ILE IA 173 -42.31 70.37 -35.80
C ILE IA 173 -41.55 71.30 -34.87
N ALA IA 174 -42.19 72.38 -34.43
CA ALA IA 174 -41.54 73.32 -33.53
C ALA IA 174 -41.22 72.66 -32.19
N SER IA 175 -42.15 71.85 -31.67
CA SER IA 175 -41.87 71.13 -30.45
C SER IA 175 -40.70 70.18 -30.62
N LEU IA 176 -40.60 69.53 -31.78
CA LEU IA 176 -39.52 68.57 -31.98
C LEU IA 176 -38.17 69.22 -32.24
N PHE IA 177 -38.15 70.42 -32.84
CA PHE IA 177 -36.89 70.99 -33.32
C PHE IA 177 -36.51 72.33 -32.72
N SER IA 178 -37.47 73.14 -32.28
CA SER IA 178 -37.11 74.37 -31.61
C SER IA 178 -36.56 74.06 -30.21
N PRO IA 179 -35.55 74.82 -29.76
CA PRO IA 179 -34.99 74.58 -28.43
C PRO IA 179 -36.05 74.70 -27.35
N LEU IA 180 -35.95 73.81 -26.36
CA LEU IA 180 -37.03 73.65 -25.39
C LEU IA 180 -37.23 74.90 -24.54
N TRP IA 181 -36.14 75.55 -24.14
CA TRP IA 181 -36.23 76.73 -23.29
C TRP IA 181 -36.75 77.96 -24.01
N CYS IA 182 -36.93 77.90 -25.33
CA CYS IA 182 -37.43 79.02 -26.09
C CYS IA 182 -38.95 79.04 -26.10
N LYS IA 183 -39.51 80.24 -25.97
CA LYS IA 183 -40.96 80.43 -26.02
C LYS IA 183 -41.37 80.75 -27.45
N TYR IA 184 -42.18 79.86 -28.04
CA TYR IA 184 -42.59 80.02 -29.44
C TYR IA 184 -44.10 80.00 -29.53
N ARG IA 185 -44.60 80.66 -30.58
CA ARG IA 185 -46.03 80.72 -30.86
C ARG IA 185 -46.24 80.62 -32.35
N VAL IA 186 -47.20 79.79 -32.76
CA VAL IA 186 -47.59 79.67 -34.15
C VAL IA 186 -48.74 80.63 -34.41
N ARG IA 187 -48.61 81.45 -35.45
CA ARG IA 187 -49.51 82.58 -35.64
C ARG IA 187 -49.70 82.82 -37.13
N TYR IA 188 -50.76 83.56 -37.46
CA TYR IA 188 -51.00 84.01 -38.82
C TYR IA 188 -50.08 85.18 -39.13
N ASP IA 189 -49.49 85.17 -40.33
CA ASP IA 189 -48.65 86.28 -40.74
C ASP IA 189 -49.49 87.51 -40.97
N ASN IA 190 -49.13 88.61 -40.31
CA ASN IA 190 -49.87 89.86 -40.43
C ASN IA 190 -49.56 90.62 -41.71
N LEU IA 191 -48.59 90.16 -42.48
CA LEU IA 191 -48.26 90.79 -43.76
C LEU IA 191 -49.03 90.11 -44.88
N LEU JA 5 -27.59 43.70 -34.46
CA LEU JA 5 -26.94 42.46 -34.05
C LEU JA 5 -25.81 42.09 -34.99
N ASN JA 6 -25.36 40.84 -34.93
CA ASN JA 6 -24.33 40.37 -35.83
C ASN JA 6 -24.91 40.17 -37.22
N ALA JA 7 -24.20 40.68 -38.22
CA ALA JA 7 -24.67 40.56 -39.60
C ALA JA 7 -24.62 39.09 -40.04
N PRO JA 8 -25.61 38.61 -40.79
CA PRO JA 8 -25.53 37.25 -41.30
C PRO JA 8 -24.44 37.12 -42.35
N GLN JA 9 -23.87 35.93 -42.45
CA GLN JA 9 -22.88 35.63 -43.47
C GLN JA 9 -23.59 35.32 -44.78
N LEU JA 10 -23.19 36.00 -45.85
CA LEU JA 10 -23.95 35.93 -47.10
C LEU JA 10 -23.51 34.75 -47.97
N VAL JA 11 -22.21 34.51 -48.06
CA VAL JA 11 -21.73 33.40 -48.87
C VAL JA 11 -21.99 32.08 -48.15
N VAL JA 12 -22.14 31.01 -48.93
CA VAL JA 12 -22.25 29.67 -48.37
C VAL JA 12 -20.87 29.21 -47.92
N ASP JA 13 -20.80 28.62 -46.72
CA ASP JA 13 -19.52 28.22 -46.16
C ASP JA 13 -18.84 27.14 -47.02
N ASP JA 14 -19.62 26.17 -47.49
CA ASP JA 14 -19.05 25.00 -48.17
C ASP JA 14 -19.98 24.65 -49.32
N TYR JA 15 -19.50 24.79 -50.56
CA TYR JA 15 -20.37 24.60 -51.72
C TYR JA 15 -20.46 23.14 -52.16
N GLU JA 16 -19.36 22.39 -52.08
CA GLU JA 16 -19.47 20.95 -52.32
C GLU JA 16 -20.41 20.31 -51.32
N GLN JA 17 -20.42 20.82 -50.09
CA GLN JA 17 -21.43 20.37 -49.12
C GLN JA 17 -22.83 20.68 -49.62
N LEU JA 18 -23.02 21.84 -50.25
CA LEU JA 18 -24.33 22.16 -50.81
C LEU JA 18 -24.71 21.18 -51.90
N ILE JA 19 -23.78 20.82 -52.77
CA ILE JA 19 -24.05 19.87 -53.86
C ILE JA 19 -24.39 18.52 -53.26
N ILE JA 20 -23.56 18.05 -52.34
CA ILE JA 20 -23.80 16.78 -51.68
C ILE JA 20 -25.17 16.83 -51.01
N ASP JA 21 -25.48 17.95 -50.37
CA ASP JA 21 -26.76 18.10 -49.70
C ASP JA 21 -27.95 18.06 -50.63
N SER JA 22 -27.82 18.63 -51.82
CA SER JA 22 -28.91 18.58 -52.81
C SER JA 22 -29.00 17.22 -53.46
N LEU JA 23 -27.98 16.39 -53.27
CA LEU JA 23 -28.03 15.03 -53.79
C LEU JA 23 -28.51 14.08 -52.71
N VAL JA 24 -28.66 14.59 -51.49
CA VAL JA 24 -29.26 13.76 -50.45
C VAL JA 24 -30.71 14.16 -50.59
N HIS JA 25 -30.94 15.36 -51.11
CA HIS JA 25 -32.31 15.80 -51.35
C HIS JA 25 -32.93 15.05 -52.53
N THR JA 26 -32.15 14.79 -53.58
CA THR JA 26 -32.67 14.00 -54.70
C THR JA 26 -33.14 12.69 -54.16
N ASN JA 27 -32.55 12.27 -53.06
CA ASN JA 27 -32.88 10.96 -52.50
C ASN JA 27 -34.11 11.03 -51.60
N VAL JA 28 -34.20 12.08 -50.79
CA VAL JA 28 -35.32 12.22 -49.86
C VAL JA 28 -36.63 12.41 -50.60
N VAL JA 29 -36.62 13.24 -51.63
CA VAL JA 29 -37.83 13.53 -52.39
C VAL JA 29 -38.36 12.27 -53.09
N SER JA 30 -37.46 11.50 -53.69
CA SER JA 30 -37.86 10.29 -54.39
C SER JA 30 -38.12 9.12 -53.46
N ASN JA 31 -38.04 9.32 -52.15
CA ASN JA 31 -38.22 8.26 -51.16
C ASN JA 31 -37.23 7.12 -51.40
N GLY JA 32 -35.95 7.46 -51.38
CA GLY JA 32 -34.90 6.48 -51.52
C GLY JA 32 -34.83 5.80 -52.87
N GLU JA 33 -35.14 6.53 -53.94
CA GLU JA 33 -35.13 5.98 -55.29
C GLU JA 33 -34.07 6.63 -56.18
N PHE JA 34 -33.47 7.72 -55.72
CA PHE JA 34 -32.39 8.41 -56.44
C PHE JA 34 -31.13 8.31 -55.59
N THR JA 35 -30.30 7.31 -55.85
CA THR JA 35 -29.11 7.08 -55.06
C THR JA 35 -27.81 7.27 -55.84
N ASP JA 36 -27.86 7.90 -57.01
CA ASP JA 36 -26.69 8.12 -57.83
C ASP JA 36 -26.09 9.48 -57.46
N LEU JA 37 -24.87 9.47 -56.93
CA LEU JA 37 -24.25 10.67 -56.38
C LEU JA 37 -22.94 11.07 -57.06
N ASP JA 38 -22.40 10.24 -57.93
CA ASP JA 38 -21.15 10.59 -58.59
C ASP JA 38 -21.42 11.49 -59.80
N ALA JA 39 -20.34 11.98 -60.40
CA ALA JA 39 -20.47 12.92 -61.52
C ALA JA 39 -21.13 12.27 -62.72
N SER JA 40 -21.07 10.94 -62.83
CA SER JA 40 -21.70 10.23 -63.93
C SER JA 40 -23.21 10.18 -63.80
N GLY JA 41 -23.77 10.58 -62.65
CA GLY JA 41 -25.21 10.55 -62.49
C GLY JA 41 -25.90 11.65 -63.28
N PHE JA 42 -27.23 11.56 -63.32
CA PHE JA 42 -28.00 12.53 -64.09
C PHE JA 42 -28.06 13.88 -63.39
N MET JA 43 -28.29 13.88 -62.09
CA MET JA 43 -28.57 15.12 -61.38
C MET JA 43 -27.32 15.87 -60.93
N ARG JA 44 -26.18 15.19 -60.88
CA ARG JA 44 -24.97 15.83 -60.39
C ARG JA 44 -24.51 16.99 -61.25
N PRO JA 45 -24.45 16.90 -62.59
CA PRO JA 45 -24.06 18.08 -63.37
C PRO JA 45 -24.99 19.27 -63.16
N PHE JA 46 -26.30 19.03 -63.12
CA PHE JA 46 -27.24 20.12 -62.90
C PHE JA 46 -27.02 20.76 -61.53
N ALA JA 47 -26.90 19.94 -60.50
CA ALA JA 47 -26.74 20.46 -59.14
C ALA JA 47 -25.42 21.20 -59.00
N GLY JA 48 -24.35 20.67 -59.58
CA GLY JA 48 -23.06 21.34 -59.49
C GLY JA 48 -23.04 22.66 -60.22
N THR JA 49 -23.62 22.70 -61.42
CA THR JA 49 -23.68 23.95 -62.16
C THR JA 49 -24.53 24.98 -61.43
N MET JA 50 -25.65 24.54 -60.86
CA MET JA 50 -26.47 25.44 -60.06
C MET JA 50 -25.70 25.97 -58.86
N ALA JA 51 -24.94 25.10 -58.20
CA ALA JA 51 -24.17 25.53 -57.03
C ALA JA 51 -23.09 26.52 -57.41
N TYR JA 52 -22.43 26.32 -58.55
CA TYR JA 52 -21.38 27.26 -58.96
C TYR JA 52 -21.97 28.61 -59.36
N ALA JA 53 -23.07 28.59 -60.10
CA ALA JA 53 -23.75 29.84 -60.41
C ALA JA 53 -24.23 30.54 -59.14
N GLY JA 54 -24.71 29.77 -58.17
CA GLY JA 54 -25.11 30.35 -56.90
C GLY JA 54 -23.96 30.92 -56.12
N SER JA 55 -22.78 30.30 -56.20
CA SER JA 55 -21.60 30.88 -55.59
C SER JA 55 -21.29 32.23 -56.20
N GLU JA 56 -21.37 32.32 -57.54
CA GLU JA 56 -21.18 33.61 -58.19
C GLU JA 56 -22.21 34.63 -57.71
N LEU JA 57 -23.48 34.20 -57.63
CA LEU JA 57 -24.55 35.10 -57.21
C LEU JA 57 -24.32 35.58 -55.77
N LEU JA 58 -23.88 34.69 -54.88
CA LEU JA 58 -23.66 35.08 -53.50
C LEU JA 58 -22.44 35.98 -53.36
N TYR JA 59 -21.41 35.77 -54.18
CA TYR JA 59 -20.29 36.70 -54.17
C TYR JA 59 -20.74 38.08 -54.62
N LYS JA 60 -21.55 38.15 -55.67
CA LYS JA 60 -22.07 39.44 -56.09
C LYS JA 60 -22.98 40.04 -55.02
N ALA JA 61 -23.75 39.21 -54.31
CA ALA JA 61 -24.59 39.73 -53.24
C ALA JA 61 -23.77 40.31 -52.10
N ASN JA 62 -22.66 39.66 -51.75
CA ASN JA 62 -21.76 40.20 -50.75
C ASN JA 62 -21.18 41.53 -51.20
N LEU JA 63 -20.69 41.60 -52.43
CA LEU JA 63 -20.19 42.86 -52.97
C LEU JA 63 -21.28 43.92 -52.99
N ALA JA 64 -22.51 43.53 -53.27
CA ALA JA 64 -23.61 44.47 -53.37
C ALA JA 64 -23.99 45.02 -52.00
N SER JA 65 -24.00 44.17 -50.97
CA SER JA 65 -24.28 44.67 -49.63
C SER JA 65 -23.18 45.60 -49.15
N ILE JA 66 -21.92 45.25 -49.45
CA ILE JA 66 -20.82 46.15 -49.11
C ILE JA 66 -20.97 47.48 -49.83
N ALA JA 67 -21.30 47.43 -51.13
CA ALA JA 67 -21.44 48.64 -51.91
C ALA JA 67 -22.63 49.47 -51.45
N ALA JA 68 -23.69 48.80 -50.98
CA ALA JA 68 -24.83 49.52 -50.43
C ALA JA 68 -24.44 50.27 -49.16
N ALA JA 69 -23.65 49.63 -48.30
CA ALA JA 69 -23.15 50.32 -47.11
C ALA JA 69 -22.29 51.53 -47.50
N LYS JA 70 -21.39 51.34 -48.47
CA LYS JA 70 -20.53 52.44 -48.90
C LYS JA 70 -21.32 53.56 -49.53
N SER JA 71 -22.37 53.22 -50.29
CA SER JA 71 -23.20 54.25 -50.92
C SER JA 71 -24.02 55.00 -49.87
N PHE JA 72 -24.44 54.29 -48.81
CA PHE JA 72 -25.08 54.99 -47.70
C PHE JA 72 -24.10 55.94 -47.02
N PHE JA 73 -22.84 55.53 -46.89
CA PHE JA 73 -21.83 56.42 -46.33
C PHE JA 73 -21.64 57.66 -47.21
N LYS JA 74 -21.56 57.45 -48.52
CA LYS JA 74 -21.25 58.56 -49.42
C LYS JA 74 -22.42 59.52 -49.54
N ASN JA 75 -23.64 59.01 -49.64
CA ASN JA 75 -24.79 59.86 -49.93
C ASN JA 75 -25.40 60.44 -48.65
N VAL JA 76 -25.62 59.60 -47.65
CA VAL JA 76 -26.31 60.06 -46.44
C VAL JA 76 -25.31 60.61 -45.42
N LEU JA 77 -24.32 59.79 -45.06
CA LEU JA 77 -23.34 60.22 -44.06
C LEU JA 77 -22.52 61.40 -44.56
N GLY JA 78 -22.32 61.49 -45.87
CA GLY JA 78 -21.51 62.53 -46.45
C GLY JA 78 -20.05 62.23 -46.56
N VAL JA 79 -19.61 61.05 -46.16
CA VAL JA 79 -18.19 60.68 -46.23
C VAL JA 79 -18.00 59.68 -47.37
N PRO JA 80 -17.41 60.09 -48.49
CA PRO JA 80 -17.12 59.15 -49.57
C PRO JA 80 -15.97 58.23 -49.19
N GLU JA 81 -16.00 57.02 -49.76
CA GLU JA 81 -14.92 56.08 -49.58
C GLU JA 81 -13.83 56.33 -50.61
N ASP JA 82 -12.58 56.36 -50.16
CA ASP JA 82 -11.45 56.59 -51.05
C ASP JA 82 -10.86 55.25 -51.48
N THR JA 83 -10.78 55.03 -52.80
CA THR JA 83 -10.05 53.91 -53.36
C THR JA 83 -8.75 54.36 -54.01
N GLY JA 84 -8.29 55.56 -53.70
CA GLY JA 84 -7.13 56.13 -54.34
C GLY JA 84 -7.43 57.49 -54.94
N THR JA 85 -6.63 58.48 -54.58
CA THR JA 85 -6.76 59.83 -55.10
C THR JA 85 -5.56 60.15 -55.98
N LYS JA 86 -5.82 60.78 -57.11
CA LYS JA 86 -4.74 61.21 -57.99
C LYS JA 86 -4.20 62.55 -57.50
N ALA JA 87 -2.88 62.63 -57.33
CA ALA JA 87 -2.27 63.82 -56.77
C ALA JA 87 -2.46 65.02 -57.69
N THR JA 88 -2.65 66.18 -57.09
CA THR JA 88 -2.89 67.41 -57.82
C THR JA 88 -1.85 68.47 -57.45
N THR JA 89 -1.46 69.26 -58.44
CA THR JA 89 -0.51 70.35 -58.22
C THR JA 89 -1.00 71.57 -58.99
N THR JA 90 -0.26 72.67 -58.84
CA THR JA 90 -0.57 73.93 -59.50
C THR JA 90 0.58 74.28 -60.44
N LEU JA 91 0.39 74.02 -61.73
CA LEU JA 91 1.38 74.37 -62.73
C LEU JA 91 1.32 75.84 -63.06
N GLN JA 92 2.49 76.43 -63.27
CA GLN JA 92 2.65 77.78 -63.79
C GLN JA 92 3.42 77.72 -65.09
N PHE JA 93 2.85 78.33 -66.13
CA PHE JA 93 3.44 78.41 -67.46
C PHE JA 93 3.90 79.84 -67.68
N GLY JA 94 5.18 80.01 -67.99
CA GLY JA 94 5.77 81.31 -68.22
C GLY JA 94 6.19 81.46 -69.67
N LEU JA 95 5.73 82.54 -70.29
CA LEU JA 95 5.95 82.81 -71.69
C LEU JA 95 7.33 83.45 -71.91
N SER JA 96 7.79 83.37 -73.15
CA SER JA 96 9.02 84.04 -73.56
C SER JA 96 8.78 85.40 -74.19
N ALA JA 97 7.52 85.76 -74.43
CA ALA JA 97 7.20 87.07 -75.01
C ALA JA 97 5.79 87.44 -74.59
N SER JA 98 5.51 88.75 -74.61
CA SER JA 98 4.22 89.29 -74.21
C SER JA 98 3.34 89.40 -75.47
N LEU JA 99 2.53 88.37 -75.70
CA LEU JA 99 1.67 88.36 -76.87
C LEU JA 99 0.64 89.47 -76.82
N SER JA 100 0.23 89.92 -78.00
CA SER JA 100 -0.90 90.84 -78.12
C SER JA 100 -2.23 90.10 -78.17
N THR JA 101 -2.21 88.77 -78.23
CA THR JA 101 -3.43 87.98 -78.24
C THR JA 101 -3.43 87.00 -77.07
N ASP JA 102 -4.40 86.09 -77.04
CA ASP JA 102 -4.52 85.15 -75.95
C ASP JA 102 -3.72 83.88 -76.24
N PHE JA 103 -2.92 83.46 -75.27
CA PHE JA 103 -2.14 82.23 -75.39
C PHE JA 103 -2.98 81.10 -74.80
N ILE JA 104 -3.37 80.14 -75.64
CA ILE JA 104 -4.29 79.08 -75.24
C ILE JA 104 -3.50 77.79 -75.10
N VAL JA 105 -3.39 77.30 -73.86
CA VAL JA 105 -2.85 75.98 -73.59
C VAL JA 105 -4.01 74.99 -73.57
N PRO JA 106 -4.01 73.99 -74.44
CA PRO JA 106 -5.14 73.05 -74.50
C PRO JA 106 -5.24 72.21 -73.24
N ILE JA 107 -6.36 71.51 -73.10
CA ILE JA 107 -6.53 70.61 -71.98
C ILE JA 107 -5.59 69.43 -72.12
N ASN JA 108 -5.34 68.75 -71.00
CA ASN JA 108 -4.51 67.55 -70.95
C ASN JA 108 -3.12 67.81 -71.51
N PHE JA 109 -2.56 68.98 -71.22
CA PHE JA 109 -1.18 69.26 -71.56
C PHE JA 109 -0.28 68.45 -70.64
N GLN JA 110 0.51 67.55 -71.23
CA GLN JA 110 1.28 66.60 -70.44
C GLN JA 110 2.62 67.20 -70.01
N VAL JA 111 2.88 67.18 -68.71
CA VAL JA 111 4.18 67.52 -68.15
C VAL JA 111 4.65 66.32 -67.35
N SER JA 112 5.94 66.32 -67.03
CA SER JA 112 6.52 65.18 -66.33
C SER JA 112 7.79 65.63 -65.63
N ASP JA 113 8.31 64.76 -64.77
CA ASP JA 113 9.56 65.02 -64.07
C ASP JA 113 10.74 64.67 -64.98
N LEU JA 114 11.94 64.73 -64.41
CA LEU JA 114 13.14 64.46 -65.20
C LEU JA 114 13.16 63.04 -65.74
N SER JA 115 12.79 62.06 -64.90
CA SER JA 115 12.77 60.67 -65.34
C SER JA 115 11.62 60.38 -66.28
N GLY JA 116 10.55 61.17 -66.22
CA GLY JA 116 9.37 60.91 -67.03
C GLY JA 116 8.44 59.86 -66.47
N THR JA 117 8.77 59.27 -65.32
CA THR JA 117 7.89 58.27 -64.71
C THR JA 117 6.59 58.91 -64.24
N LEU JA 118 6.68 60.04 -63.55
CA LEU JA 118 5.51 60.73 -63.04
C LEU JA 118 5.03 61.74 -64.07
N ARG JA 119 3.81 61.58 -64.54
CA ARG JA 119 3.24 62.43 -65.59
C ARG JA 119 1.97 63.09 -65.09
N PHE JA 120 1.87 64.40 -65.27
CA PHE JA 120 0.71 65.17 -64.88
C PHE JA 120 0.05 65.77 -66.11
N TYR JA 121 -1.26 65.99 -66.02
CA TYR JA 121 -2.06 66.54 -67.11
C TYR JA 121 -2.86 67.72 -66.60
N THR JA 122 -2.91 68.79 -67.37
CA THR JA 122 -3.71 69.96 -66.98
C THR JA 122 -5.19 69.60 -66.94
N ILE JA 123 -5.87 70.07 -65.90
CA ILE JA 123 -7.27 69.71 -65.72
C ILE JA 123 -8.17 70.48 -66.68
N GLY JA 124 -7.74 71.68 -67.10
CA GLY JA 124 -8.56 72.50 -67.97
C GLY JA 124 -7.79 73.17 -69.09
N ASN JA 125 -8.39 74.19 -69.69
CA ASN JA 125 -7.73 74.99 -70.71
C ASN JA 125 -7.15 76.25 -70.06
N LEU JA 126 -5.89 76.52 -70.33
CA LEU JA 126 -5.23 77.70 -69.76
C LEU JA 126 -5.32 78.84 -70.76
N VAL JA 127 -5.74 80.00 -70.29
CA VAL JA 127 -5.96 81.17 -71.14
C VAL JA 127 -5.10 82.30 -70.58
N ILE JA 128 -3.90 82.48 -71.12
CA ILE JA 128 -3.07 83.60 -70.72
C ILE JA 128 -3.53 84.81 -71.52
N PRO JA 129 -4.05 85.84 -70.86
CA PRO JA 129 -4.60 86.98 -71.60
C PRO JA 129 -3.51 87.81 -72.25
N ALA JA 130 -3.93 88.63 -73.21
CA ALA JA 130 -3.00 89.52 -73.90
C ALA JA 130 -2.33 90.45 -72.90
N GLY JA 131 -1.01 90.58 -73.03
CA GLY JA 131 -0.25 91.40 -72.11
C GLY JA 131 0.17 90.72 -70.83
N ALA JA 132 -0.07 89.42 -70.69
CA ALA JA 132 0.34 88.66 -69.52
C ALA JA 132 1.39 87.64 -69.93
N THR JA 133 2.40 87.46 -69.08
CA THR JA 133 3.53 86.61 -69.42
C THR JA 133 3.50 85.24 -68.74
N PHE JA 134 2.60 85.03 -67.78
CA PHE JA 134 2.54 83.74 -67.11
C PHE JA 134 1.11 83.47 -66.67
N GLY JA 135 0.81 82.19 -66.44
CA GLY JA 135 -0.51 81.79 -66.02
C GLY JA 135 -0.45 80.52 -65.20
N THR JA 136 -1.44 80.35 -64.33
CA THR JA 136 -1.51 79.20 -63.44
C THR JA 136 -2.73 78.35 -63.75
N ILE JA 137 -2.57 77.03 -63.64
CA ILE JA 137 -3.69 76.11 -63.79
C ILE JA 137 -3.32 74.83 -63.05
N GLU JA 138 -4.32 74.15 -62.50
CA GLU JA 138 -4.06 72.94 -61.74
C GLU JA 138 -3.93 71.74 -62.67
N ALA JA 139 -3.09 70.80 -62.26
CA ALA JA 139 -2.85 69.56 -63.00
C ALA JA 139 -3.05 68.38 -62.08
N ILE JA 140 -3.46 67.26 -62.67
CA ILE JA 140 -3.78 66.04 -61.95
C ILE JA 140 -2.84 64.93 -62.43
N ALA JA 141 -2.55 64.01 -61.53
CA ALA JA 141 -1.61 62.94 -61.84
C ALA JA 141 -2.20 61.99 -62.87
N GLU JA 142 -1.32 61.19 -63.47
CA GLU JA 142 -1.76 60.18 -64.42
C GLU JA 142 -2.41 58.99 -63.74
N ASP JA 143 -2.03 58.69 -62.49
CA ASP JA 143 -2.49 57.51 -61.80
C ASP JA 143 -2.55 57.82 -60.31
N ILE JA 144 -3.25 56.98 -59.57
CA ILE JA 144 -3.34 57.14 -58.12
C ILE JA 144 -2.04 56.69 -57.47
N GLY JA 145 -1.88 57.03 -56.19
CA GLY JA 145 -0.72 56.59 -55.44
C GLY JA 145 0.01 57.71 -54.75
N GLU JA 146 0.81 57.34 -53.73
CA GLU JA 146 1.59 58.32 -52.99
C GLU JA 146 2.88 58.73 -53.70
N LYS JA 147 3.29 57.99 -54.73
CA LYS JA 147 4.54 58.28 -55.42
C LYS JA 147 4.45 59.54 -56.28
N TYR JA 148 3.26 60.09 -56.47
CA TYR JA 148 3.10 61.32 -57.24
C TYR JA 148 3.17 62.56 -56.37
N ASN JA 149 3.47 62.41 -55.08
CA ASN JA 149 3.61 63.54 -54.18
C ASN JA 149 5.05 64.01 -54.22
N VAL JA 150 5.33 65.03 -55.03
CA VAL JA 150 6.65 65.62 -55.15
C VAL JA 150 6.59 67.06 -54.69
N SER JA 151 7.76 67.64 -54.42
CA SER JA 151 7.83 69.01 -53.98
C SER JA 151 7.83 69.96 -55.17
N ALA JA 152 8.07 71.24 -54.90
CA ALA JA 152 7.98 72.26 -55.93
C ALA JA 152 9.13 72.12 -56.93
N ASN JA 153 8.86 72.59 -58.16
CA ASN JA 153 9.80 72.68 -59.26
C ASN JA 153 10.32 71.33 -59.74
N PHE JA 154 9.73 70.23 -59.30
CA PHE JA 154 10.17 68.92 -59.77
C PHE JA 154 9.40 68.42 -60.98
N ILE JA 155 8.30 69.06 -61.33
CA ILE JA 155 7.49 68.66 -62.48
C ILE JA 155 7.62 69.77 -63.51
N ASP JA 156 8.61 69.65 -64.39
CA ASP JA 156 8.89 70.71 -65.34
C ASP JA 156 9.17 70.23 -66.76
N GLN JA 157 9.34 68.94 -67.00
CA GLN JA 157 9.65 68.45 -68.33
C GLN JA 157 8.37 68.25 -69.13
N TYR JA 158 8.34 68.76 -70.35
CA TYR JA 158 7.20 68.54 -71.23
C TYR JA 158 7.71 68.18 -72.62
N SER JA 159 7.01 67.24 -73.27
CA SER JA 159 7.47 66.65 -74.52
C SER JA 159 7.07 67.45 -75.75
N THR JA 160 6.00 68.23 -75.68
CA THR JA 160 5.53 68.95 -76.86
C THR JA 160 5.76 70.44 -76.68
N PRO JA 161 6.84 70.99 -77.22
CA PRO JA 161 7.08 72.42 -77.07
C PRO JA 161 6.07 73.24 -77.85
N LEU JA 162 5.74 74.41 -77.31
CA LEU JA 162 4.85 75.36 -77.95
C LEU JA 162 5.58 76.69 -78.10
N THR JA 163 5.32 77.36 -79.22
CA THR JA 163 5.99 78.63 -79.49
C THR JA 163 5.61 79.65 -78.44
N TYR JA 164 6.60 80.42 -78.00
CA TYR JA 164 6.50 81.49 -77.01
C TYR JA 164 6.36 80.96 -75.60
N LEU JA 165 6.38 79.64 -75.40
CA LEU JA 165 6.32 79.06 -74.06
C LEU JA 165 7.74 78.82 -73.57
N GLN JA 166 8.15 79.60 -72.57
CA GLN JA 166 9.53 79.53 -72.07
C GLN JA 166 9.71 78.43 -71.03
N TYR JA 167 8.89 78.43 -69.99
CA TYR JA 167 9.05 77.44 -68.93
C TYR JA 167 7.69 76.96 -68.45
N VAL JA 168 7.70 75.77 -67.86
CA VAL JA 168 6.54 75.19 -67.19
C VAL JA 168 7.03 74.52 -65.92
N THR JA 169 6.41 74.83 -64.79
CA THR JA 169 6.84 74.25 -63.53
C THR JA 169 5.63 74.09 -62.61
N ASN JA 170 5.85 73.51 -61.44
CA ASN JA 170 4.82 73.45 -60.41
C ASN JA 170 5.28 74.26 -59.21
N ILE JA 171 4.62 75.39 -58.97
CA ILE JA 171 4.96 76.22 -57.82
C ILE JA 171 4.58 75.51 -56.53
N ARG JA 172 3.50 74.81 -56.53
CA ARG JA 172 3.05 74.04 -55.38
C ARG JA 172 3.68 72.64 -55.39
N PRO JA 173 3.85 72.03 -54.23
CA PRO JA 173 4.16 70.60 -54.20
C PRO JA 173 2.90 69.77 -54.40
N ALA JA 174 3.00 68.75 -55.24
CA ALA JA 174 1.86 67.88 -55.50
C ALA JA 174 1.47 67.15 -54.21
N THR JA 175 0.17 67.15 -53.91
CA THR JA 175 -0.33 66.59 -52.67
C THR JA 175 -1.58 65.76 -52.96
N ASN JA 176 -2.17 65.24 -51.88
CA ASN JA 176 -3.42 64.49 -51.93
C ASN JA 176 -3.30 63.22 -52.75
N GLY JA 177 -2.10 62.64 -52.81
CA GLY JA 177 -1.92 61.37 -53.49
C GLY JA 177 -2.02 60.22 -52.53
N ARG JA 178 -3.05 59.39 -52.69
CA ARG JA 178 -3.26 58.24 -51.84
C ARG JA 178 -3.56 57.02 -52.71
N SER JA 179 -3.10 55.85 -52.26
CA SER JA 179 -3.27 54.62 -53.01
C SER JA 179 -4.48 53.81 -52.59
N GLY JA 180 -5.23 54.29 -51.60
CA GLY JA 180 -6.39 53.55 -51.12
C GLY JA 180 -6.72 53.97 -49.71
N GLU JA 181 -7.62 53.18 -49.11
CA GLU JA 181 -8.07 53.42 -47.75
C GLU JA 181 -8.50 52.10 -47.12
N THR JA 182 -7.99 51.82 -45.92
CA THR JA 182 -8.42 50.64 -45.19
C THR JA 182 -9.82 50.86 -44.63
N ILE JA 183 -10.45 49.75 -44.22
CA ILE JA 183 -11.80 49.85 -43.69
C ILE JA 183 -11.80 50.56 -42.33
N ASP JA 184 -10.70 50.45 -41.58
CA ASP JA 184 -10.64 51.11 -40.28
C ASP JA 184 -10.71 52.62 -40.43
N ASN JA 185 -9.97 53.17 -41.41
CA ASN JA 185 -9.99 54.60 -41.64
C ASN JA 185 -11.37 55.07 -42.06
N LEU JA 186 -12.02 54.32 -42.95
CA LEU JA 186 -13.36 54.70 -43.40
C LEU JA 186 -14.36 54.66 -42.26
N ILE JA 187 -14.27 53.65 -41.40
CA ILE JA 187 -15.19 53.57 -40.26
C ILE JA 187 -14.96 54.73 -39.29
N GLU JA 188 -13.69 55.04 -39.00
CA GLU JA 188 -13.41 56.15 -38.11
C GLU JA 188 -13.87 57.47 -38.70
N ARG JA 189 -13.69 57.65 -40.01
CA ARG JA 189 -14.16 58.85 -40.68
C ARG JA 189 -15.68 58.96 -40.64
N CYS JA 190 -16.39 57.84 -40.81
CA CYS JA 190 -17.84 57.85 -40.65
C CYS JA 190 -18.23 58.24 -39.24
N ALA JA 191 -17.52 57.70 -38.24
CA ALA JA 191 -17.85 58.02 -36.86
C ALA JA 191 -17.57 59.48 -36.53
N GLN JA 192 -16.60 60.09 -37.21
CA GLN JA 192 -16.30 61.51 -36.96
C GLN JA 192 -17.47 62.40 -37.37
N ILE JA 193 -18.19 62.03 -38.42
CA ILE JA 193 -19.33 62.83 -38.85
C ILE JA 193 -20.42 62.83 -37.79
N ILE JA 194 -20.70 61.67 -37.20
CA ILE JA 194 -21.77 61.56 -36.22
C ILE JA 194 -21.44 62.38 -34.98
N ARG JA 195 -20.16 62.45 -34.61
CA ARG JA 195 -19.75 63.13 -33.39
C ARG JA 195 -19.87 64.65 -33.47
N ILE JA 196 -20.13 65.22 -34.65
CA ILE JA 196 -20.08 66.67 -34.79
C ILE JA 196 -21.14 67.32 -33.93
N ARG JA 197 -20.73 68.31 -33.14
CA ARG JA 197 -21.58 68.89 -32.11
C ARG JA 197 -21.38 70.39 -32.07
N ASN JA 198 -22.48 71.13 -32.03
CA ASN JA 198 -22.36 72.57 -31.91
C ASN JA 198 -22.02 72.96 -30.47
N PRO JA 199 -21.33 74.08 -30.27
CA PRO JA 199 -21.02 74.51 -28.90
C PRO JA 199 -22.29 74.92 -28.17
N VAL JA 200 -22.40 74.50 -26.91
CA VAL JA 200 -23.58 74.84 -26.13
C VAL JA 200 -23.16 75.41 -24.78
N SER JA 201 -21.97 75.08 -24.33
CA SER JA 201 -21.50 75.55 -23.03
C SER JA 201 -20.46 76.65 -23.21
N ALA JA 202 -20.07 77.26 -22.09
CA ALA JA 202 -19.06 78.31 -22.14
C ALA JA 202 -17.72 77.77 -22.60
N LEU JA 203 -17.34 76.59 -22.10
CA LEU JA 203 -16.06 75.99 -22.47
C LEU JA 203 -16.03 75.65 -23.95
N ASP JA 204 -17.12 75.09 -24.48
CA ASP JA 204 -17.17 74.78 -25.90
C ASP JA 204 -17.07 76.04 -26.76
N PHE JA 205 -17.78 77.11 -26.38
CA PHE JA 205 -17.70 78.35 -27.13
C PHE JA 205 -16.28 78.91 -27.12
N GLU JA 206 -15.64 78.87 -25.95
CA GLU JA 206 -14.27 79.37 -25.85
C GLU JA 206 -13.32 78.55 -26.71
N GLN JA 207 -13.43 77.22 -26.66
CA GLN JA 207 -12.54 76.37 -27.45
C GLN JA 207 -12.75 76.58 -28.94
N LEU JA 208 -14.02 76.73 -29.36
CA LEU JA 208 -14.28 77.01 -30.76
C LEU JA 208 -13.69 78.34 -31.18
N ALA JA 209 -13.74 79.34 -30.30
CA ALA JA 209 -13.08 80.60 -30.60
C ALA JA 209 -11.57 80.42 -30.76
N GLU JA 210 -10.93 79.71 -29.83
CA GLU JA 210 -9.47 79.53 -29.91
C GLU JA 210 -9.08 78.80 -31.18
N LEU JA 211 -9.85 77.79 -31.56
CA LEU JA 211 -9.56 77.06 -32.79
C LEU JA 211 -9.60 77.99 -34.00
N THR JA 212 -10.39 79.07 -33.92
CA THR JA 212 -10.51 79.98 -35.05
C THR JA 212 -9.40 81.03 -35.05
N MET JA 213 -9.14 81.66 -33.90
CA MET JA 213 -8.11 82.69 -33.87
C MET JA 213 -6.72 82.08 -34.02
N GLY JA 214 -6.43 81.04 -33.25
CA GLY JA 214 -5.14 80.38 -33.37
C GLY JA 214 -4.42 80.19 -32.04
N GLU JA 215 -3.40 79.34 -32.05
CA GLU JA 215 -2.69 79.00 -30.82
C GLU JA 215 -1.99 80.23 -30.25
N GLY JA 216 -2.32 80.56 -29.00
CA GLY JA 216 -1.81 81.75 -28.36
C GLY JA 216 -2.85 82.81 -28.05
N SER JA 217 -4.12 82.55 -28.33
CA SER JA 217 -5.21 83.47 -28.06
C SER JA 217 -6.12 82.89 -27.00
N ARG JA 218 -6.92 83.73 -26.37
CA ARG JA 218 -7.85 83.23 -25.37
C ARG JA 218 -9.23 83.86 -25.56
N CYS JA 219 -10.24 83.19 -25.03
CA CYS JA 219 -11.61 83.66 -25.08
C CYS JA 219 -12.30 83.41 -23.75
N LYS JA 220 -13.31 84.23 -23.47
CA LYS JA 220 -14.13 84.09 -22.28
C LYS JA 220 -15.59 84.24 -22.70
N ALA JA 221 -16.41 83.26 -22.35
CA ALA JA 221 -17.83 83.27 -22.70
C ALA JA 221 -18.64 83.54 -21.45
N ILE JA 222 -19.48 84.57 -21.49
CA ILE JA 222 -20.32 84.96 -20.37
C ILE JA 222 -21.76 84.98 -20.82
N GLY JA 223 -22.63 84.31 -20.07
CA GLY JA 223 -24.04 84.30 -20.39
C GLY JA 223 -24.76 85.50 -19.80
N LEU JA 224 -25.84 85.90 -20.48
CA LEU JA 224 -26.77 86.91 -20.02
C LEU JA 224 -26.14 88.28 -19.84
N LEU JA 225 -25.01 88.54 -20.50
CA LEU JA 225 -24.32 89.82 -20.39
C LEU JA 225 -24.62 90.66 -21.62
N GLY JA 226 -25.23 91.82 -21.40
CA GLY JA 226 -25.70 92.65 -22.48
C GLY JA 226 -24.58 93.30 -23.26
N ILE JA 227 -24.98 94.10 -24.25
CA ILE JA 227 -24.03 94.82 -25.08
C ILE JA 227 -23.38 95.98 -24.33
N ASN JA 228 -24.04 96.48 -23.28
CA ASN JA 228 -23.46 97.53 -22.46
C ASN JA 228 -22.56 96.99 -21.35
N LYS JA 229 -22.51 95.68 -21.18
CA LYS JA 229 -21.65 95.03 -20.20
C LYS JA 229 -21.99 95.47 -18.78
N ILE JA 230 -23.27 95.43 -18.46
CA ILE JA 230 -23.77 95.74 -17.12
C ILE JA 230 -24.29 94.45 -16.51
N VAL JA 231 -23.64 94.00 -15.44
CA VAL JA 231 -23.99 92.72 -14.85
C VAL JA 231 -25.36 92.79 -14.20
N THR JA 232 -25.69 93.92 -13.59
CA THR JA 232 -26.98 94.06 -12.89
C THR JA 232 -28.16 94.04 -13.84
N ASP JA 233 -27.94 94.14 -15.15
CA ASP JA 233 -29.00 94.11 -16.14
C ASP JA 233 -28.81 92.89 -17.04
N PRO JA 234 -29.40 91.76 -16.69
CA PRO JA 234 -29.30 90.58 -17.55
C PRO JA 234 -30.11 90.75 -18.82
N GLN JA 235 -29.69 90.02 -19.85
CA GLN JA 235 -30.40 90.02 -21.13
C GLN JA 235 -30.62 88.59 -21.57
N PRO JA 236 -31.87 88.13 -21.65
CA PRO JA 236 -32.12 86.72 -21.97
C PRO JA 236 -31.56 86.33 -23.33
N GLY JA 237 -31.06 85.10 -23.41
CA GLY JA 237 -30.58 84.56 -24.67
C GLY JA 237 -29.40 85.29 -25.27
N VAL JA 238 -28.46 85.73 -24.44
CA VAL JA 238 -27.28 86.45 -24.90
C VAL JA 238 -26.04 85.69 -24.44
N VAL JA 239 -25.11 85.50 -25.36
CA VAL JA 239 -23.80 84.92 -25.06
C VAL JA 239 -22.73 85.90 -25.50
N HIS JA 240 -22.11 86.59 -24.54
CA HIS JA 240 -21.04 87.52 -24.84
C HIS JA 240 -19.70 86.80 -24.90
N LEU JA 241 -18.92 87.09 -25.94
CA LEU JA 241 -17.58 86.52 -26.10
C LEU JA 241 -16.57 87.65 -25.98
N PHE JA 242 -15.56 87.44 -25.15
CA PHE JA 242 -14.47 88.38 -24.98
C PHE JA 242 -13.19 87.72 -25.45
N LEU JA 243 -12.51 88.33 -26.40
CA LEU JA 243 -11.38 87.70 -27.07
C LEU JA 243 -10.08 88.47 -26.82
N LEU JA 244 -9.03 87.72 -26.53
CA LEU JA 244 -7.66 88.23 -26.48
C LEU JA 244 -6.90 87.60 -27.62
N ASP JA 245 -6.27 88.43 -28.44
CA ASP JA 245 -5.71 88.03 -29.72
C ASP JA 245 -4.58 87.01 -29.52
N VAL JA 246 -4.10 86.49 -30.66
CA VAL JA 246 -2.98 85.55 -30.65
C VAL JA 246 -1.68 86.19 -30.21
N ASN JA 247 -1.59 87.52 -30.22
CA ASN JA 247 -0.41 88.23 -29.79
C ASN JA 247 -0.50 88.71 -28.34
N GLY JA 248 -1.58 88.40 -27.64
CA GLY JA 248 -1.77 88.79 -26.26
C GLY JA 248 -2.48 90.12 -26.08
N ASN JA 249 -2.76 90.82 -27.17
CA ASN JA 249 -3.50 92.08 -27.11
C ASN JA 249 -5.00 91.82 -27.27
N PRO JA 250 -5.84 92.77 -26.87
CA PRO JA 250 -7.27 92.64 -27.15
C PRO JA 250 -7.53 92.52 -28.65
N ALA JA 251 -8.52 91.70 -29.00
CA ALA JA 251 -8.77 91.39 -30.40
C ALA JA 251 -9.24 92.62 -31.15
N ASP JA 252 -8.64 92.85 -32.31
CA ASP JA 252 -8.99 93.97 -33.17
C ASP JA 252 -10.27 93.65 -33.94
N PRO JA 253 -10.92 94.66 -34.52
CA PRO JA 253 -12.20 94.40 -35.22
C PRO JA 253 -12.11 93.37 -36.33
N VAL JA 254 -10.97 93.25 -37.01
CA VAL JA 254 -10.84 92.24 -38.05
C VAL JA 254 -10.96 90.84 -37.46
N THR JA 255 -10.29 90.60 -36.33
CA THR JA 255 -10.38 89.31 -35.67
C THR JA 255 -11.79 89.06 -35.13
N ILE JA 256 -12.44 90.12 -34.64
CA ILE JA 256 -13.83 89.99 -34.20
C ILE JA 256 -14.71 89.53 -35.35
N SER JA 257 -14.55 90.15 -36.52
CA SER JA 257 -15.33 89.76 -37.69
C SER JA 257 -15.01 88.34 -38.11
N THR JA 258 -13.74 87.95 -38.06
CA THR JA 258 -13.34 86.61 -38.46
C THR JA 258 -13.99 85.56 -37.56
N VAL JA 259 -14.00 85.79 -36.25
CA VAL JA 259 -14.61 84.82 -35.35
C VAL JA 259 -16.14 84.86 -35.45
N GLY JA 260 -16.71 86.02 -35.75
CA GLY JA 260 -18.15 86.10 -35.92
C GLY JA 260 -18.63 85.35 -37.14
N ALA JA 261 -17.90 85.47 -38.25
CA ALA JA 261 -18.26 84.74 -39.46
C ALA JA 261 -18.25 83.23 -39.25
N THR JA 262 -17.43 82.75 -38.32
CA THR JA 262 -17.32 81.32 -38.05
C THR JA 262 -18.34 80.85 -37.01
N LEU JA 263 -18.67 81.70 -36.05
CA LEU JA 263 -19.59 81.29 -34.98
C LEU JA 263 -21.05 81.63 -35.25
N GLN JA 264 -21.34 82.48 -36.22
CA GLN JA 264 -22.73 82.86 -36.47
C GLN JA 264 -23.61 81.69 -36.91
N PRO JA 265 -23.21 80.85 -37.87
CA PRO JA 265 -24.10 79.74 -38.27
C PRO JA 265 -24.15 78.59 -37.28
N ARG JA 266 -23.45 78.67 -36.16
CA ARG JA 266 -23.45 77.59 -35.18
C ARG JA 266 -24.41 77.81 -34.03
N ILE JA 267 -24.77 79.06 -33.72
CA ILE JA 267 -25.68 79.31 -32.62
C ILE JA 267 -27.08 78.86 -32.99
N MET JA 268 -27.80 78.35 -32.00
CA MET JA 268 -29.17 77.89 -32.25
C MET JA 268 -30.14 79.05 -32.08
N LEU JA 269 -31.41 78.75 -32.31
CA LEU JA 269 -32.41 79.79 -32.43
C LEU JA 269 -32.73 80.39 -31.06
N GLY JA 270 -32.97 81.70 -31.05
CA GLY JA 270 -33.29 82.38 -29.82
C GLY JA 270 -32.08 82.79 -29.00
N THR JA 271 -30.89 82.71 -29.56
CA THR JA 271 -29.67 83.12 -28.88
C THR JA 271 -29.04 84.28 -29.65
N ARG JA 272 -28.60 85.29 -28.92
CA ARG JA 272 -27.97 86.47 -29.51
C ARG JA 272 -26.49 86.46 -29.11
N LEU JA 273 -25.62 86.32 -30.11
CA LEU JA 273 -24.19 86.21 -29.88
C LEU JA 273 -23.55 87.59 -30.04
N LEU JA 274 -22.95 88.08 -28.97
CA LEU JA 274 -22.22 89.34 -28.98
C LEU JA 274 -20.74 89.05 -28.78
N ILE JA 275 -19.90 89.69 -29.59
CA ILE JA 275 -18.46 89.46 -29.56
C ILE JA 275 -17.76 90.78 -29.30
N SER JA 276 -16.91 90.81 -28.29
CA SER JA 276 -16.26 92.02 -27.81
C SER JA 276 -14.81 91.70 -27.47
N PRO JA 277 -13.92 92.68 -27.54
CA PRO JA 277 -12.54 92.43 -27.14
C PRO JA 277 -12.39 92.27 -25.63
N MET JA 278 -11.35 91.55 -25.23
CA MET JA 278 -11.01 91.42 -23.83
C MET JA 278 -10.33 92.69 -23.32
N GLU JA 279 -10.36 92.87 -22.01
CA GLU JA 279 -9.68 93.97 -21.35
C GLU JA 279 -8.46 93.42 -20.62
N VAL JA 280 -7.40 94.22 -20.56
CA VAL JA 280 -6.11 93.79 -20.03
C VAL JA 280 -5.71 94.71 -18.87
N LEU JA 281 -5.24 94.09 -17.78
CA LEU JA 281 -4.71 94.80 -16.63
C LEU JA 281 -3.22 94.52 -16.53
N ASN JA 282 -2.43 95.57 -16.46
CA ASN JA 282 -0.97 95.42 -16.37
C ASN JA 282 -0.57 95.12 -14.93
N ILE JA 283 0.36 94.20 -14.76
CA ILE JA 283 0.86 93.79 -13.45
C ILE JA 283 2.32 94.23 -13.34
N GLU JA 284 2.63 94.96 -12.26
CA GLU JA 284 3.99 95.42 -11.99
C GLU JA 284 4.48 94.74 -10.74
N LEU JA 285 5.65 94.10 -10.81
CA LEU JA 285 6.18 93.30 -9.73
C LEU JA 285 7.49 93.89 -9.20
N GLU JA 286 7.61 93.91 -7.87
CA GLU JA 286 8.83 94.32 -7.20
C GLU JA 286 9.21 93.22 -6.23
N LEU JA 287 10.41 92.66 -6.39
CA LEU JA 287 10.80 91.46 -5.67
C LEU JA 287 12.11 91.68 -4.91
N ILE JA 288 12.11 91.30 -3.64
CA ILE JA 288 13.32 91.25 -2.82
C ILE JA 288 13.45 89.84 -2.30
N ALA JA 289 14.52 89.15 -2.71
CA ALA JA 289 14.70 87.76 -2.35
C ALA JA 289 16.15 87.52 -1.96
N LEU JA 290 16.37 86.48 -1.16
CA LEU JA 290 17.68 86.13 -0.65
C LEU JA 290 18.17 84.87 -1.38
N SER JA 291 19.16 85.04 -2.25
CA SER JA 291 19.75 83.91 -2.91
C SER JA 291 20.60 83.11 -1.93
N ASP JA 292 20.55 81.79 -2.06
CA ASP JA 292 21.32 80.90 -1.20
C ASP JA 292 22.74 80.67 -1.72
N SER JA 293 23.12 81.36 -2.80
CA SER JA 293 24.42 81.31 -3.46
C SER JA 293 24.62 80.05 -4.29
N SER JA 294 23.59 79.22 -4.48
CA SER JA 294 23.73 78.04 -5.31
C SER JA 294 23.78 78.36 -6.80
N LYS JA 295 23.32 79.54 -7.21
CA LYS JA 295 23.37 79.96 -8.60
C LYS JA 295 23.75 81.43 -8.67
N THR JA 296 24.24 81.84 -9.83
CA THR JA 296 24.62 83.23 -10.02
C THR JA 296 23.38 84.12 -10.04
N PHE JA 297 23.60 85.42 -9.82
CA PHE JA 297 22.49 86.36 -9.82
C PHE JA 297 21.83 86.43 -11.19
N GLN JA 298 22.62 86.44 -12.26
CA GLN JA 298 22.05 86.55 -13.60
C GLN JA 298 21.22 85.33 -13.94
N GLN JA 299 21.70 84.14 -13.58
CA GLN JA 299 20.92 82.93 -13.79
C GLN JA 299 19.61 82.99 -13.03
N LEU JA 300 19.64 83.46 -11.79
CA LEU JA 300 18.40 83.59 -11.02
C LEU JA 300 17.44 84.57 -11.68
N ALA JA 301 17.96 85.70 -12.17
CA ALA JA 301 17.09 86.66 -12.83
C ALA JA 301 16.44 86.04 -14.06
N ASP JA 302 17.21 85.33 -14.87
CA ASP JA 302 16.65 84.70 -16.07
C ASP JA 302 15.60 83.66 -15.70
N ASP JA 303 15.90 82.83 -14.69
CA ASP JA 303 14.96 81.78 -14.30
C ASP JA 303 13.67 82.36 -13.75
N ILE JA 304 13.76 83.40 -12.90
CA ILE JA 304 12.56 84.01 -12.37
C ILE JA 304 11.74 84.67 -13.47
N LEU JA 305 12.43 85.34 -14.40
CA LEU JA 305 11.73 85.96 -15.52
C LEU JA 305 10.99 84.92 -16.35
N GLU JA 306 11.64 83.80 -16.62
CA GLU JA 306 11.00 82.76 -17.43
C GLU JA 306 9.84 82.11 -16.69
N ALA JA 307 10.00 81.86 -15.39
CA ALA JA 307 8.91 81.28 -14.61
C ALA JA 307 7.72 82.22 -14.58
N LEU JA 308 7.95 83.52 -14.45
CA LEU JA 308 6.84 84.47 -14.42
C LEU JA 308 6.20 84.65 -15.79
N LYS JA 309 6.99 84.54 -16.86
CA LYS JA 309 6.40 84.58 -18.20
C LYS JA 309 5.51 83.36 -18.42
N VAL JA 310 5.93 82.20 -17.93
CA VAL JA 310 5.09 81.01 -18.02
C VAL JA 310 3.83 81.19 -17.18
N PHE JA 311 3.98 81.71 -15.96
CA PHE JA 311 2.83 81.86 -15.07
C PHE JA 311 1.80 82.82 -15.65
N PHE JA 312 2.25 83.93 -16.22
CA PHE JA 312 1.36 84.94 -16.78
C PHE JA 312 1.05 84.70 -18.25
N ASN JA 313 1.27 83.49 -18.75
CA ASN JA 313 0.84 83.17 -20.10
C ASN JA 313 -0.67 83.23 -20.18
N PRO JA 314 -1.24 83.74 -21.28
CA PRO JA 314 -2.71 83.77 -21.37
C PRO JA 314 -3.35 82.41 -21.23
N ALA JA 315 -2.68 81.34 -21.68
CA ALA JA 315 -3.23 80.00 -21.51
C ALA JA 315 -3.39 79.63 -20.05
N ASN JA 316 -2.44 80.01 -19.20
CA ASN JA 316 -2.46 79.64 -17.79
C ASN JA 316 -3.37 80.51 -16.96
N LEU JA 317 -3.95 81.56 -17.53
CA LEU JA 317 -4.73 82.53 -16.78
C LEU JA 317 -6.21 82.36 -17.07
N THR JA 318 -7.03 82.47 -16.01
CA THR JA 318 -8.48 82.42 -16.17
C THR JA 318 -9.00 83.85 -16.11
N PRO JA 319 -9.55 84.39 -17.19
CA PRO JA 319 -10.02 85.79 -17.17
C PRO JA 319 -11.10 85.98 -16.13
N GLY JA 320 -11.04 87.12 -15.44
CA GLY JA 320 -11.98 87.44 -14.39
C GLY JA 320 -11.61 86.91 -13.02
N GLU JA 321 -10.53 86.18 -12.90
CA GLU JA 321 -10.15 85.70 -11.58
C GLU JA 321 -9.04 86.58 -10.99
N PRO JA 322 -9.03 86.75 -9.68
CA PRO JA 322 -7.99 87.58 -9.05
C PRO JA 322 -6.61 86.95 -9.18
N VAL JA 323 -5.60 87.81 -9.17
CA VAL JA 323 -4.20 87.37 -9.19
C VAL JA 323 -3.76 87.18 -7.75
N LEU JA 324 -3.55 85.94 -7.35
CA LEU JA 324 -3.17 85.63 -5.98
C LEU JA 324 -1.67 85.80 -5.81
N ILE JA 325 -1.27 86.64 -4.85
CA ILE JA 325 0.15 86.88 -4.61
C ILE JA 325 0.82 85.61 -4.10
N GLU JA 326 0.07 84.76 -3.40
CA GLU JA 326 0.65 83.51 -2.90
C GLU JA 326 1.08 82.61 -4.03
N GLU JA 327 0.26 82.51 -5.08
CA GLU JA 327 0.61 81.66 -6.22
C GLU JA 327 1.77 82.24 -7.01
N VAL JA 328 1.85 83.57 -7.11
CA VAL JA 328 3.01 84.18 -7.77
C VAL JA 328 4.27 83.89 -6.98
N LYS JA 329 4.19 83.97 -5.65
CA LYS JA 329 5.34 83.64 -4.82
C LYS JA 329 5.74 82.19 -5.00
N PHE JA 330 4.76 81.29 -5.07
CA PHE JA 330 5.07 79.88 -5.30
C PHE JA 330 5.74 79.67 -6.64
N ALA JA 331 5.25 80.35 -7.68
CA ALA JA 331 5.85 80.21 -9.00
C ALA JA 331 7.28 80.70 -9.01
N ILE JA 332 7.54 81.83 -8.35
CA ILE JA 332 8.91 82.35 -8.29
C ILE JA 332 9.81 81.42 -7.51
N ARG JA 333 9.36 80.93 -6.36
CA ARG JA 333 10.22 80.13 -5.50
C ARG JA 333 10.40 78.73 -6.05
N SER JA 334 9.53 78.30 -6.97
CA SER JA 334 9.71 76.99 -7.60
C SER JA 334 10.99 76.92 -8.43
N VAL JA 335 11.62 78.07 -8.70
CA VAL JA 335 12.92 78.06 -9.35
C VAL JA 335 13.92 77.29 -8.51
N GLY JA 336 13.94 77.52 -7.20
CA GLY JA 336 14.69 76.66 -6.30
C GLY JA 336 15.83 77.31 -5.54
N GLY JA 337 16.59 78.17 -6.21
CA GLY JA 337 17.80 78.69 -5.62
C GLY JA 337 17.66 79.93 -4.77
N LEU JA 338 16.45 80.37 -4.48
CA LEU JA 338 16.23 81.64 -3.81
C LEU JA 338 15.37 81.46 -2.57
N SER JA 339 15.02 82.58 -1.95
CA SER JA 339 14.11 82.60 -0.81
C SER JA 339 13.44 83.97 -0.80
N ILE JA 340 12.15 84.01 -1.13
CA ILE JA 340 11.45 85.28 -1.26
C ILE JA 340 11.29 85.91 0.11
N SER JA 341 11.65 87.19 0.21
CA SER JA 341 11.45 87.96 1.44
C SER JA 341 10.36 89.02 1.30
N TYR JA 342 10.22 89.63 0.12
CA TYR JA 342 9.22 90.66 -0.10
C TYR JA 342 8.78 90.61 -1.55
N LEU JA 343 7.47 90.66 -1.77
CA LEU JA 343 6.92 90.78 -3.11
C LEU JA 343 5.81 91.81 -3.09
N GLN JA 344 5.83 92.72 -4.06
CA GLN JA 344 4.80 93.73 -4.20
C GLN JA 344 4.26 93.70 -5.62
N MET JA 345 2.94 93.58 -5.74
CA MET JA 345 2.26 93.66 -7.02
C MET JA 345 1.46 94.96 -7.04
N ASN JA 346 1.82 95.86 -7.96
CA ASN JA 346 1.15 97.15 -8.10
C ASN JA 346 1.15 97.92 -6.78
N ASP JA 347 2.34 98.04 -6.18
CA ASP JA 347 2.55 98.83 -4.97
C ASP JA 347 1.69 98.33 -3.81
N ASN JA 348 1.51 97.02 -3.73
CA ASN JA 348 0.75 96.40 -2.64
C ASN JA 348 1.20 94.96 -2.49
N ALA JA 349 0.90 94.39 -1.33
CA ALA JA 349 1.22 93.00 -1.01
C ALA JA 349 -0.04 92.19 -0.78
N ILE JA 350 -1.08 92.48 -1.54
CA ILE JA 350 -2.37 91.81 -1.40
C ILE JA 350 -2.82 91.33 -2.78
N ASN JA 351 -3.75 90.38 -2.77
CA ASN JA 351 -4.30 89.87 -4.01
C ASN JA 351 -5.01 90.98 -4.77
N ILE JA 352 -4.83 90.98 -6.08
CA ILE JA 352 -5.42 91.99 -6.96
C ILE JA 352 -6.73 91.44 -7.50
N PRO JA 353 -7.88 92.02 -7.14
CA PRO JA 353 -9.14 91.63 -7.78
C PRO JA 353 -9.36 92.40 -9.06
N MET JA 354 -9.89 91.71 -10.05
CA MET JA 354 -10.09 92.33 -11.37
C MET JA 354 -11.28 93.25 -11.44
N PRO JA 355 -11.18 94.29 -12.27
CA PRO JA 355 -12.33 95.18 -12.46
C PRO JA 355 -13.58 94.42 -12.90
N ASN JA 356 -13.45 93.48 -13.83
CA ASN JA 356 -14.60 92.74 -14.32
C ASN JA 356 -14.36 91.26 -14.49
N GLN JA 357 -15.18 90.59 -15.30
CA GLN JA 357 -15.07 89.14 -15.47
C GLN JA 357 -14.36 88.74 -16.74
N TRP JA 358 -13.69 89.68 -17.38
CA TRP JA 358 -12.95 89.38 -18.60
C TRP JA 358 -11.62 90.08 -18.58
N THR JA 359 -11.34 90.79 -17.48
CA THR JA 359 -10.04 91.42 -17.36
C THR JA 359 -9.00 90.35 -17.20
N ILE JA 360 -8.11 90.25 -18.19
CA ILE JA 360 -7.05 89.28 -18.09
C ILE JA 360 -5.78 89.95 -17.51
N PRO JA 361 -5.00 89.22 -16.63
CA PRO JA 361 -3.78 89.92 -16.22
C PRO JA 361 -2.70 89.80 -17.27
N ARG JA 362 -1.77 90.75 -17.24
CA ARG JA 362 -0.64 90.75 -18.16
C ARG JA 362 0.48 91.54 -17.51
N PHE JA 363 1.47 90.84 -16.96
CA PHE JA 363 2.54 91.52 -16.27
C PHE JA 363 3.48 92.18 -17.28
N SER JA 364 3.90 93.40 -16.95
CA SER JA 364 4.64 94.22 -17.89
C SER JA 364 5.93 94.79 -17.31
N TYR JA 365 6.24 94.48 -16.05
CA TYR JA 365 7.42 95.06 -15.42
C TYR JA 365 7.76 94.25 -14.18
N ILE JA 366 9.04 94.01 -13.97
CA ILE JA 366 9.51 93.34 -12.77
C ILE JA 366 10.79 94.03 -12.28
N GLY JA 367 10.89 94.21 -10.97
CA GLY JA 367 12.09 94.75 -10.38
C GLY JA 367 12.78 93.75 -9.49
N PHE JA 368 13.94 93.27 -9.92
CA PHE JA 368 14.75 92.36 -9.13
C PHE JA 368 15.62 93.14 -8.16
N GLU JA 369 15.53 92.80 -6.88
CA GLU JA 369 16.49 93.22 -5.86
C GLU JA 369 16.90 91.96 -5.12
N LEU JA 370 17.89 91.26 -5.65
CA LEU JA 370 18.34 89.99 -5.10
C LEU JA 370 19.57 90.18 -4.24
N THR JA 371 19.66 89.38 -3.18
CA THR JA 371 20.78 89.44 -2.25
C THR JA 371 21.29 88.03 -2.02
N ASP JA 372 22.60 87.92 -1.79
CA ASP JA 372 23.19 86.66 -1.38
C ASP JA 372 23.47 86.72 0.12
N SER JA 373 24.08 85.66 0.65
CA SER JA 373 24.46 85.66 2.06
C SER JA 373 25.58 86.66 2.32
N GLU JA 374 26.35 87.01 1.29
CA GLU JA 374 27.47 87.92 1.46
C GLU JA 374 27.06 89.39 1.45
N GLY JA 375 25.79 89.67 1.17
CA GLY JA 375 25.33 91.05 1.13
C GLY JA 375 25.37 91.71 -0.22
N THR JA 376 25.88 91.03 -1.25
CA THR JA 376 25.90 91.59 -2.58
C THR JA 376 24.47 91.80 -3.08
N VAL JA 377 24.18 92.98 -3.59
CA VAL JA 377 22.85 93.35 -4.04
C VAL JA 377 22.87 93.47 -5.55
N TYR JA 378 22.08 92.63 -6.22
CA TYR JA 378 21.90 92.66 -7.67
C TYR JA 378 20.55 93.31 -7.94
N ARG JA 379 20.55 94.44 -8.64
CA ARG JA 379 19.34 95.19 -8.93
C ARG JA 379 19.14 95.27 -10.44
N ASP JA 380 17.90 95.05 -10.87
CA ASP JA 380 17.60 95.15 -12.29
C ASP JA 380 16.12 95.42 -12.48
N ASN JA 381 15.79 96.05 -13.61
CA ASN JA 381 14.40 96.28 -14.01
C ASN JA 381 14.20 95.67 -15.38
N VAL JA 382 13.17 94.84 -15.52
CA VAL JA 382 12.85 94.21 -16.80
C VAL JA 382 11.44 94.61 -17.21
N VAL JA 383 11.32 95.20 -18.40
CA VAL JA 383 10.03 95.59 -18.96
C VAL JA 383 9.64 94.55 -19.99
N THR JA 384 8.55 93.84 -19.72
CA THR JA 384 8.11 92.73 -20.57
C THR JA 384 6.97 93.10 -21.50
N VAL JA 385 6.63 94.38 -21.59
CA VAL JA 385 5.54 94.81 -22.47
C VAL JA 385 6.04 94.83 -23.90
N THR JA 386 5.12 94.68 -24.85
CA THR JA 386 5.46 94.69 -26.27
C THR JA 386 5.45 96.11 -26.83
N LEU KA 5 24.44 62.14 -12.79
CA LEU KA 5 24.46 63.35 -11.97
C LEU KA 5 24.38 64.60 -12.83
N ASN KA 6 25.43 65.40 -12.78
CA ASN KA 6 25.48 66.70 -13.47
C ASN KA 6 26.48 66.69 -14.62
N ALA KA 7 26.59 65.57 -15.30
CA ALA KA 7 27.55 65.46 -16.40
C ALA KA 7 27.03 66.22 -17.63
N PRO KA 8 27.83 67.13 -18.18
CA PRO KA 8 27.41 67.80 -19.43
C PRO KA 8 27.17 66.80 -20.55
N GLN KA 9 26.18 67.09 -21.38
CA GLN KA 9 25.84 66.23 -22.50
C GLN KA 9 26.90 66.34 -23.59
N LEU KA 10 27.51 65.22 -23.95
CA LEU KA 10 28.51 65.22 -25.01
C LEU KA 10 27.92 65.46 -26.39
N VAL KA 11 26.84 64.76 -26.74
CA VAL KA 11 26.19 64.92 -28.04
C VAL KA 11 24.68 64.83 -27.82
N VAL KA 12 23.92 65.31 -28.80
CA VAL KA 12 22.47 65.17 -28.73
C VAL KA 12 22.11 63.71 -28.97
N ASP KA 13 21.31 63.16 -28.07
CA ASP KA 13 20.91 61.76 -28.11
C ASP KA 13 19.39 61.70 -27.96
N ASP KA 14 18.69 61.63 -29.09
CA ASP KA 14 17.24 61.63 -29.10
C ASP KA 14 16.77 61.15 -30.45
N TYR KA 15 15.83 60.20 -30.45
CA TYR KA 15 15.38 59.57 -31.69
C TYR KA 15 14.83 60.60 -32.67
N GLU KA 16 13.78 61.32 -32.26
CA GLU KA 16 13.13 62.26 -33.18
C GLU KA 16 14.07 63.37 -33.61
N GLN KA 17 14.85 63.91 -32.66
CA GLN KA 17 15.79 64.97 -33.00
C GLN KA 17 16.83 64.47 -33.99
N LEU KA 18 17.32 63.24 -33.79
CA LEU KA 18 18.29 62.69 -34.73
C LEU KA 18 17.69 62.54 -36.12
N ILE KA 19 16.45 62.08 -36.21
CA ILE KA 19 15.81 61.92 -37.52
C ILE KA 19 15.69 63.27 -38.23
N ILE KA 20 15.16 64.27 -37.52
CA ILE KA 20 14.93 65.57 -38.13
C ILE KA 20 16.25 66.20 -38.55
N ASP KA 21 17.25 66.13 -37.68
CA ASP KA 21 18.55 66.72 -38.00
C ASP KA 21 19.22 65.98 -39.15
N SER KA 22 19.04 64.67 -39.23
CA SER KA 22 19.60 63.91 -40.33
C SER KA 22 19.00 64.35 -41.65
N LEU KA 23 17.68 64.51 -41.70
CA LEU KA 23 17.05 64.95 -42.94
C LEU KA 23 17.52 66.35 -43.32
N VAL KA 24 17.57 67.26 -42.35
CA VAL KA 24 18.01 68.62 -42.64
C VAL KA 24 19.45 68.64 -43.15
N HIS KA 25 20.33 67.88 -42.50
CA HIS KA 25 21.73 67.88 -42.91
C HIS KA 25 21.93 67.18 -44.24
N THR KA 26 21.12 66.17 -44.55
CA THR KA 26 21.21 65.55 -45.87
C THR KA 26 20.78 66.52 -46.95
N ASN KA 27 19.78 67.35 -46.66
CA ASN KA 27 19.46 68.43 -47.59
C ASN KA 27 20.61 69.41 -47.71
N VAL KA 28 21.27 69.72 -46.59
CA VAL KA 28 22.36 70.69 -46.60
C VAL KA 28 23.54 70.20 -47.43
N VAL KA 29 23.94 68.95 -47.24
CA VAL KA 29 25.17 68.45 -47.85
C VAL KA 29 24.98 68.06 -49.31
N SER KA 30 23.75 67.87 -49.76
CA SER KA 30 23.48 67.54 -51.15
C SER KA 30 23.29 68.75 -52.02
N ASN KA 31 23.48 69.95 -51.47
CA ASN KA 31 23.29 71.22 -52.19
C ASN KA 31 21.86 71.34 -52.72
N GLY KA 32 20.91 71.01 -51.86
CA GLY KA 32 19.51 71.16 -52.20
C GLY KA 32 18.95 70.07 -53.08
N GLU KA 33 19.74 69.06 -53.43
CA GLU KA 33 19.24 67.94 -54.22
C GLU KA 33 18.29 67.05 -53.45
N PHE KA 34 18.39 67.03 -52.13
CA PHE KA 34 17.55 66.21 -51.26
C PHE KA 34 16.49 67.11 -50.63
N THR KA 35 15.35 67.25 -51.30
CA THR KA 35 14.30 68.14 -50.84
C THR KA 35 13.35 67.49 -49.85
N ASP KA 36 13.48 66.20 -49.57
CA ASP KA 36 12.56 65.50 -48.69
C ASP KA 36 13.04 65.65 -47.25
N LEU KA 37 12.48 66.63 -46.55
CA LEU KA 37 12.87 66.92 -45.17
C LEU KA 37 11.78 66.59 -44.16
N ASP KA 38 10.65 66.04 -44.57
CA ASP KA 38 9.55 65.80 -43.65
C ASP KA 38 9.91 64.62 -42.75
N ALA KA 39 9.81 64.83 -41.44
CA ALA KA 39 10.27 63.82 -40.48
C ALA KA 39 9.43 62.56 -40.52
N SER KA 40 8.18 62.64 -40.99
CA SER KA 40 7.29 61.48 -41.03
C SER KA 40 6.96 61.06 -42.46
N GLY KA 41 7.83 61.38 -43.42
CA GLY KA 41 7.59 61.11 -44.81
C GLY KA 41 8.17 59.78 -45.26
N PHE KA 42 8.58 59.75 -46.53
CA PHE KA 42 9.03 58.52 -47.15
C PHE KA 42 10.43 58.12 -46.70
N MET KA 43 11.25 59.08 -46.27
CA MET KA 43 12.57 58.79 -45.75
C MET KA 43 12.55 58.42 -44.28
N ARG KA 44 11.37 58.42 -43.66
CA ARG KA 44 11.26 58.00 -42.27
C ARG KA 44 11.78 56.59 -42.01
N PRO KA 45 11.56 55.58 -42.86
CA PRO KA 45 12.17 54.28 -42.58
C PRO KA 45 13.69 54.30 -42.53
N PHE KA 46 14.34 54.90 -43.52
CA PHE KA 46 15.80 54.95 -43.54
C PHE KA 46 16.35 55.74 -42.35
N ALA KA 47 15.84 56.96 -42.17
CA ALA KA 47 16.32 57.81 -41.09
C ALA KA 47 16.03 57.19 -39.74
N GLY KA 48 14.87 56.55 -39.58
CA GLY KA 48 14.54 55.90 -38.33
C GLY KA 48 15.41 54.69 -38.05
N THR KA 49 15.71 53.89 -39.08
CA THR KA 49 16.63 52.78 -38.88
C THR KA 49 17.98 53.28 -38.43
N MET KA 50 18.50 54.31 -39.09
CA MET KA 50 19.82 54.81 -38.74
C MET KA 50 19.80 55.44 -37.36
N ALA KA 51 18.70 56.14 -37.02
CA ALA KA 51 18.60 56.85 -35.76
C ALA KA 51 18.39 55.90 -34.59
N TYR KA 52 17.82 54.73 -34.83
CA TYR KA 52 17.69 53.77 -33.74
C TYR KA 52 19.07 53.34 -33.24
N ALA KA 53 19.94 52.92 -34.15
CA ALA KA 53 21.30 52.58 -33.77
C ALA KA 53 22.04 53.79 -33.24
N GLY KA 54 21.86 54.95 -33.88
CA GLY KA 54 22.54 56.14 -33.42
C GLY KA 54 22.19 56.49 -31.98
N SER KA 55 20.91 56.44 -31.64
CA SER KA 55 20.49 56.74 -30.28
C SER KA 55 20.98 55.68 -29.31
N GLU KA 56 20.86 54.40 -29.67
CA GLU KA 56 21.34 53.34 -28.79
C GLU KA 56 22.82 53.46 -28.50
N LEU KA 57 23.60 53.99 -29.45
CA LEU KA 57 25.03 54.13 -29.25
C LEU KA 57 25.41 55.42 -28.52
N LEU KA 58 24.86 56.55 -28.93
CA LEU KA 58 25.17 57.81 -28.27
C LEU KA 58 24.68 57.87 -26.84
N TYR KA 59 23.58 57.19 -26.51
CA TYR KA 59 23.16 57.12 -25.12
C TYR KA 59 24.25 56.52 -24.25
N LYS KA 60 24.87 55.44 -24.72
CA LYS KA 60 25.95 54.82 -23.97
C LYS KA 60 27.22 55.65 -24.02
N ALA KA 61 27.47 56.37 -25.11
CA ALA KA 61 28.64 57.21 -25.21
C ALA KA 61 28.57 58.39 -24.25
N ASN KA 62 27.38 58.92 -23.99
CA ASN KA 62 27.23 60.05 -23.09
C ASN KA 62 27.50 59.70 -21.62
N LEU KA 63 27.65 58.42 -21.30
CA LEU KA 63 27.82 57.99 -19.93
C LEU KA 63 29.28 57.89 -19.50
N ALA KA 64 30.22 58.31 -20.35
CA ALA KA 64 31.63 58.08 -20.05
C ALA KA 64 32.08 58.84 -18.80
N SER KA 65 31.75 60.12 -18.71
CA SER KA 65 32.20 60.92 -17.58
C SER KA 65 31.58 60.46 -16.28
N ILE KA 66 30.28 60.15 -16.29
CA ILE KA 66 29.63 59.70 -15.07
C ILE KA 66 30.15 58.33 -14.66
N ALA KA 67 30.48 57.48 -15.64
CA ALA KA 67 31.07 56.19 -15.33
C ALA KA 67 32.43 56.35 -14.68
N ALA KA 68 33.23 57.29 -15.19
CA ALA KA 68 34.54 57.55 -14.58
C ALA KA 68 34.38 58.06 -13.14
N ALA KA 69 33.47 59.00 -12.93
CA ALA KA 69 33.27 59.53 -11.58
C ALA KA 69 32.79 58.46 -10.62
N LYS KA 70 31.83 57.64 -11.06
CA LYS KA 70 31.33 56.56 -10.20
C LYS KA 70 32.42 55.53 -9.92
N SER KA 71 33.26 55.25 -10.91
CA SER KA 71 34.37 54.33 -10.69
C SER KA 71 35.32 54.88 -9.64
N PHE KA 72 35.62 56.18 -9.70
CA PHE KA 72 36.46 56.77 -8.66
C PHE KA 72 35.81 56.66 -7.29
N PHE KA 73 34.51 56.97 -7.21
CA PHE KA 73 33.83 56.92 -5.92
C PHE KA 73 33.70 55.50 -5.38
N LYS KA 74 33.69 54.50 -6.25
CA LYS KA 74 33.48 53.11 -5.84
C LYS KA 74 34.77 52.38 -5.52
N ASN KA 75 35.79 52.49 -6.37
CA ASN KA 75 37.01 51.72 -6.17
C ASN KA 75 37.95 52.41 -5.19
N VAL KA 76 38.20 53.71 -5.39
CA VAL KA 76 39.14 54.41 -4.53
C VAL KA 76 38.56 54.59 -3.14
N LEU KA 77 37.30 55.01 -3.03
CA LEU KA 77 36.68 55.25 -1.74
C LEU KA 77 36.05 54.00 -1.13
N GLY KA 78 35.59 53.07 -1.95
CA GLY KA 78 34.98 51.85 -1.44
C GLY KA 78 33.68 52.09 -0.69
N VAL KA 79 32.89 53.05 -1.14
CA VAL KA 79 31.63 53.36 -0.47
C VAL KA 79 30.63 52.24 -0.76
N PRO KA 80 29.84 51.83 0.21
CA PRO KA 80 28.89 50.73 -0.01
C PRO KA 80 27.60 51.22 -0.65
N GLU KA 81 26.99 50.32 -1.41
CA GLU KA 81 25.69 50.59 -2.04
C GLU KA 81 24.59 50.42 -1.00
N ASP KA 82 23.62 51.33 -1.03
CA ASP KA 82 22.50 51.30 -0.10
C ASP KA 82 21.36 50.53 -0.73
N THR KA 83 21.24 49.24 -0.39
CA THR KA 83 20.12 48.45 -0.86
C THR KA 83 18.82 48.86 -0.20
N GLY KA 84 18.87 49.19 1.08
CA GLY KA 84 17.70 49.53 1.86
C GLY KA 84 17.93 49.12 3.30
N THR KA 85 17.17 49.73 4.20
CA THR KA 85 17.27 49.43 5.62
C THR KA 85 15.96 48.82 6.09
N LYS KA 86 16.06 47.77 6.90
CA LYS KA 86 14.89 47.17 7.51
C LYS KA 86 14.54 47.88 8.79
N ALA KA 87 13.25 48.14 9.00
CA ALA KA 87 12.81 48.82 10.20
C ALA KA 87 13.04 47.95 11.43
N THR KA 88 13.49 48.58 12.50
CA THR KA 88 13.74 47.88 13.76
C THR KA 88 12.94 48.52 14.87
N THR KA 89 12.43 47.68 15.77
CA THR KA 89 11.66 48.14 16.91
C THR KA 89 12.09 47.36 18.14
N THR KA 90 11.52 47.72 19.29
CA THR KA 90 11.82 47.05 20.56
C THR KA 90 10.55 46.36 21.04
N LEU KA 91 10.59 45.04 21.11
CA LEU KA 91 9.47 44.26 21.59
C LEU KA 91 9.59 44.00 23.09
N GLN KA 92 8.43 43.98 23.74
CA GLN KA 92 8.29 43.60 25.14
C GLN KA 92 7.43 42.34 25.20
N PHE KA 93 7.96 41.29 25.82
CA PHE KA 93 7.25 40.04 26.03
C PHE KA 93 6.85 39.96 27.49
N GLY KA 94 5.60 39.55 27.73
CA GLY KA 94 5.13 39.27 29.07
C GLY KA 94 4.67 37.82 29.17
N LEU KA 95 5.12 37.15 30.22
CA LEU KA 95 4.83 35.76 30.48
C LEU KA 95 3.48 35.59 31.18
N SER KA 96 2.98 34.35 31.17
CA SER KA 96 1.74 34.04 31.85
C SER KA 96 1.90 34.02 33.37
N ALA KA 97 3.01 33.50 33.86
CA ALA KA 97 3.22 33.38 35.30
C ALA KA 97 4.71 33.37 35.59
N SER KA 98 5.04 33.60 36.86
CA SER KA 98 6.43 33.64 37.30
C SER KA 98 6.99 32.23 37.38
N LEU KA 99 7.96 31.92 36.53
CA LEU KA 99 8.51 30.58 36.44
C LEU KA 99 9.64 30.36 37.44
N SER KA 100 9.89 29.10 37.75
CA SER KA 100 10.96 28.72 38.66
C SER KA 100 12.32 28.66 37.98
N THR KA 101 12.37 28.70 36.66
CA THR KA 101 13.61 28.66 35.90
C THR KA 101 13.61 29.75 34.85
N ASP KA 102 14.79 30.03 34.30
CA ASP KA 102 14.91 31.05 33.27
C ASP KA 102 14.14 30.63 32.02
N PHE KA 103 13.53 31.61 31.37
CA PHE KA 103 12.74 31.40 30.17
C PHE KA 103 13.44 32.00 28.97
N ILE KA 104 13.36 31.33 27.82
CA ILE KA 104 14.02 31.78 26.61
C ILE KA 104 12.98 31.95 25.51
N VAL KA 105 12.86 33.18 25.01
CA VAL KA 105 12.19 33.43 23.74
C VAL KA 105 13.23 33.30 22.64
N PRO KA 106 13.12 32.33 21.75
CA PRO KA 106 14.22 32.03 20.84
C PRO KA 106 14.42 33.12 19.79
N ILE KA 107 15.63 33.14 19.24
CA ILE KA 107 15.96 34.06 18.16
C ILE KA 107 15.04 33.80 16.97
N ASN KA 108 14.88 34.81 16.13
CA ASN KA 108 14.05 34.73 14.94
C ASN KA 108 12.62 34.37 15.27
N PHE KA 109 12.11 34.93 16.36
CA PHE KA 109 10.73 34.71 16.77
C PHE KA 109 9.83 35.67 16.01
N GLN KA 110 8.87 35.12 15.27
CA GLN KA 110 8.03 35.91 14.38
C GLN KA 110 6.86 36.53 15.13
N VAL KA 111 6.65 37.83 14.92
CA VAL KA 111 5.53 38.56 15.48
C VAL KA 111 4.90 39.37 14.35
N SER KA 112 3.66 39.78 14.55
CA SER KA 112 2.94 40.48 13.51
C SER KA 112 1.88 41.38 14.12
N ASP KA 113 1.25 42.19 13.28
CA ASP KA 113 0.13 43.01 13.69
C ASP KA 113 -1.16 42.19 13.68
N LEU KA 114 -2.28 42.89 13.80
CA LEU KA 114 -3.58 42.22 13.82
C LEU KA 114 -3.84 41.52 12.49
N SER KA 115 -3.51 42.16 11.37
CA SER KA 115 -3.77 41.57 10.07
C SER KA 115 -2.76 40.47 9.74
N GLY KA 116 -1.57 40.52 10.30
CA GLY KA 116 -0.53 39.56 9.97
C GLY KA 116 0.27 39.87 8.73
N THR KA 117 0.00 40.99 8.07
CA THR KA 117 0.72 41.35 6.85
C THR KA 117 2.11 41.88 7.14
N LEU KA 118 2.31 42.59 8.24
CA LEU KA 118 3.62 43.08 8.62
C LEU KA 118 4.21 42.16 9.69
N ARG KA 119 5.41 41.65 9.43
CA ARG KA 119 5.99 40.60 10.25
C ARG KA 119 7.40 41.00 10.66
N PHE KA 120 7.69 40.92 11.97
CA PHE KA 120 9.00 41.20 12.50
C PHE KA 120 9.58 39.93 13.12
N TYR KA 121 10.91 39.90 13.26
CA TYR KA 121 11.62 38.78 13.84
C TYR KA 121 12.60 39.29 14.89
N THR KA 122 12.70 38.56 16.00
CA THR KA 122 13.58 38.99 17.09
C THR KA 122 15.04 38.89 16.67
N ILE KA 123 15.86 39.81 17.19
CA ILE KA 123 17.27 39.86 16.81
C ILE KA 123 18.04 38.69 17.41
N GLY KA 124 17.79 38.39 18.69
CA GLY KA 124 18.55 37.37 19.39
C GLY KA 124 17.67 36.61 20.36
N ASN KA 125 18.32 35.85 21.23
CA ASN KA 125 17.61 35.12 22.27
C ASN KA 125 17.27 36.06 23.42
N LEU KA 126 16.04 35.96 23.90
CA LEU KA 126 15.58 36.78 25.02
C LEU KA 126 15.50 35.89 26.25
N VAL KA 127 16.25 36.26 27.29
CA VAL KA 127 16.34 35.46 28.51
C VAL KA 127 15.62 36.22 29.61
N ILE KA 128 14.44 35.74 29.98
CA ILE KA 128 13.69 36.29 31.11
C ILE KA 128 14.12 35.52 32.36
N PRO KA 129 14.78 36.16 33.32
CA PRO KA 129 15.32 35.42 34.46
C PRO KA 129 14.22 34.84 35.33
N ALA KA 130 14.60 33.85 36.14
CA ALA KA 130 13.63 33.18 37.00
C ALA KA 130 12.96 34.18 37.92
N GLY KA 131 11.63 34.10 38.00
CA GLY KA 131 10.84 34.99 38.81
C GLY KA 131 10.33 36.21 38.10
N ALA KA 132 10.97 36.62 37.01
CA ALA KA 132 10.54 37.80 36.28
C ALA KA 132 9.44 37.44 35.29
N THR KA 133 8.63 38.38 34.85
CA THR KA 133 7.62 37.99 33.88
C THR KA 133 7.78 38.78 32.61
N PHE KA 134 8.36 39.98 32.69
CA PHE KA 134 8.45 40.80 31.48
C PHE KA 134 9.89 40.92 30.97
N GLY KA 135 10.06 41.06 29.65
CA GLY KA 135 11.40 41.16 29.06
C GLY KA 135 11.43 41.89 27.73
N THR KA 136 12.54 42.56 27.40
CA THR KA 136 12.62 43.37 26.19
C THR KA 136 13.73 42.86 25.27
N ILE KA 137 13.47 42.94 23.96
CA ILE KA 137 14.46 42.57 22.96
C ILE KA 137 14.20 43.42 21.74
N GLU KA 138 15.08 43.33 20.74
CA GLU KA 138 14.92 44.08 19.51
C GLU KA 138 14.47 43.18 18.38
N ALA KA 139 13.65 43.73 17.49
CA ALA KA 139 13.13 42.99 16.34
C ALA KA 139 13.35 43.81 15.08
N ILE KA 140 13.46 43.09 13.96
CA ILE KA 140 13.74 43.66 12.65
C ILE KA 140 12.66 43.22 11.69
N ALA KA 141 12.36 44.06 10.71
CA ALA KA 141 11.29 43.76 9.78
C ALA KA 141 11.65 42.56 8.91
N GLU KA 142 10.61 41.94 8.35
CA GLU KA 142 10.84 40.82 7.44
C GLU KA 142 11.51 41.29 6.16
N ASP KA 143 11.20 42.51 5.71
CA ASP KA 143 11.70 43.02 4.46
C ASP KA 143 11.96 44.52 4.60
N ILE KA 144 12.76 45.06 3.69
CA ILE KA 144 13.07 46.49 3.67
C ILE KA 144 11.84 47.25 3.18
N GLY KA 145 11.86 48.57 3.34
CA GLY KA 145 10.78 49.42 2.87
C GLY KA 145 10.19 50.26 3.98
N GLU KA 146 9.53 51.34 3.59
CA GLU KA 146 8.93 52.27 4.53
C GLU KA 146 7.61 51.79 5.09
N LYS KA 147 7.06 50.68 4.57
CA LYS KA 147 5.79 50.19 5.09
C LYS KA 147 5.93 49.51 6.44
N TYR KA 148 7.15 49.22 6.87
CA TYR KA 148 7.37 48.58 8.15
C TYR KA 148 7.61 49.58 9.28
N ASN KA 149 7.67 50.87 8.97
CA ASN KA 149 7.73 51.89 10.00
C ASN KA 149 6.35 52.08 10.61
N VAL KA 150 6.12 51.46 11.77
CA VAL KA 150 4.80 51.41 12.37
C VAL KA 150 4.85 52.06 13.74
N SER KA 151 3.69 52.51 14.20
CA SER KA 151 3.59 53.23 15.46
C SER KA 151 3.68 52.26 16.64
N ALA KA 152 3.78 52.81 17.84
CA ALA KA 152 3.88 52.00 19.04
C ALA KA 152 2.58 51.24 19.27
N ASN KA 153 2.70 50.11 19.96
CA ASN KA 153 1.57 49.24 20.28
C ASN KA 153 0.84 48.74 19.05
N PHE KA 154 1.56 48.56 17.95
CA PHE KA 154 0.96 48.09 16.71
C PHE KA 154 1.17 46.60 16.46
N ILE KA 155 2.17 46.01 17.09
CA ILE KA 155 2.49 44.59 16.93
C ILE KA 155 2.05 43.90 18.21
N ASP KA 156 1.09 42.99 18.11
CA ASP KA 156 0.62 42.27 19.28
C ASP KA 156 0.38 40.78 19.06
N GLN KA 157 0.63 40.24 17.87
CA GLN KA 157 0.40 38.83 17.61
C GLN KA 157 1.73 38.13 17.35
N TYR KA 158 1.84 36.89 17.83
CA TYR KA 158 2.93 36.01 17.48
C TYR KA 158 2.35 34.69 17.01
N SER KA 159 2.91 34.14 15.93
CA SER KA 159 2.31 32.99 15.27
C SER KA 159 2.52 31.70 16.06
N THR KA 160 3.71 31.48 16.59
CA THR KA 160 3.99 30.23 17.29
C THR KA 160 3.59 30.34 18.75
N PRO KA 161 2.63 29.54 19.21
CA PRO KA 161 2.22 29.63 20.63
C PRO KA 161 3.17 28.90 21.55
N LEU KA 162 3.98 29.65 22.28
CA LEU KA 162 4.93 29.08 23.23
C LEU KA 162 4.27 28.96 24.60
N THR KA 163 4.76 27.99 25.38
CA THR KA 163 4.25 27.81 26.73
C THR KA 163 4.69 28.95 27.62
N TYR KA 164 3.83 29.34 28.56
CA TYR KA 164 4.04 30.41 29.54
C TYR KA 164 4.20 31.78 28.91
N LEU KA 165 4.11 31.91 27.59
CA LEU KA 165 4.20 33.22 26.96
C LEU KA 165 2.79 33.80 26.81
N GLN KA 166 2.56 34.95 27.43
CA GLN KA 166 1.21 35.51 27.42
C GLN KA 166 1.00 36.53 26.32
N TYR KA 167 1.85 37.56 26.24
CA TYR KA 167 1.62 38.62 25.27
C TYR KA 167 2.95 39.19 24.78
N VAL KA 168 2.87 39.89 23.65
CA VAL KA 168 4.00 40.64 23.08
C VAL KA 168 3.48 41.96 22.56
N THR KA 169 4.32 42.99 22.63
CA THR KA 169 3.98 44.31 22.11
C THR KA 169 5.26 45.01 21.69
N ASN KA 170 5.13 46.19 21.11
CA ASN KA 170 6.27 47.05 20.84
C ASN KA 170 6.09 48.36 21.58
N ILE KA 171 7.09 48.74 22.38
CA ILE KA 171 7.00 49.96 23.17
C ILE KA 171 7.61 51.16 22.46
N ARG KA 172 8.12 50.97 21.25
CA ARG KA 172 8.75 52.02 20.47
C ARG KA 172 8.24 51.92 19.05
N PRO KA 173 7.95 53.05 18.41
CA PRO KA 173 7.57 53.00 16.99
C PRO KA 173 8.74 52.54 16.14
N ALA KA 174 8.46 51.65 15.20
CA ALA KA 174 9.49 51.19 14.29
C ALA KA 174 9.95 52.33 13.39
N THR KA 175 11.26 52.45 13.21
CA THR KA 175 11.84 53.57 12.50
C THR KA 175 12.86 53.03 11.49
N ASN KA 176 13.54 53.98 10.84
CA ASN KA 176 14.66 53.72 9.93
C ASN KA 176 14.38 52.60 8.94
N GLY KA 177 13.12 52.44 8.52
CA GLY KA 177 12.81 51.55 7.42
C GLY KA 177 12.88 52.31 6.11
N ARG KA 178 13.81 51.94 5.24
CA ARG KA 178 14.07 52.69 4.02
C ARG KA 178 14.21 51.72 2.85
N SER KA 179 13.93 52.21 1.66
CA SER KA 179 14.04 51.42 0.44
C SER KA 179 15.20 51.89 -0.44
N GLY KA 180 16.15 52.60 0.15
CA GLY KA 180 17.27 53.13 -0.59
C GLY KA 180 17.47 54.62 -0.39
N GLU KA 181 18.71 55.03 -0.10
CA GLU KA 181 18.98 56.43 0.16
C GLU KA 181 19.07 57.21 -1.15
N THR KA 182 18.99 58.53 -1.03
CA THR KA 182 19.03 59.42 -2.17
C THR KA 182 20.44 59.49 -2.75
N ILE KA 183 20.53 59.96 -3.99
CA ILE KA 183 21.83 60.13 -4.62
C ILE KA 183 22.57 61.31 -3.99
N ASP KA 184 21.86 62.39 -3.67
CA ASP KA 184 22.52 63.56 -3.09
C ASP KA 184 23.12 63.26 -1.72
N ASN KA 185 22.42 62.49 -0.88
CA ASN KA 185 22.98 62.13 0.41
C ASN KA 185 24.21 61.24 0.24
N LEU KA 186 24.17 60.34 -0.75
CA LEU KA 186 25.34 59.52 -1.06
C LEU KA 186 26.51 60.40 -1.48
N ILE KA 187 26.24 61.42 -2.29
CA ILE KA 187 27.30 62.32 -2.76
C ILE KA 187 27.91 63.08 -1.58
N GLU KA 188 27.05 63.60 -0.70
CA GLU KA 188 27.53 64.32 0.47
C GLU KA 188 28.35 63.41 1.38
N ARG KA 189 27.91 62.17 1.56
CA ARG KA 189 28.64 61.21 2.38
C ARG KA 189 30.00 60.89 1.76
N CYS KA 190 30.05 60.76 0.44
CA CYS KA 190 31.33 60.53 -0.22
C CYS KA 190 32.26 61.71 -0.05
N ALA KA 191 31.73 62.94 -0.16
CA ALA KA 191 32.57 64.13 -0.03
C ALA KA 191 33.10 64.28 1.39
N GLN KA 192 32.27 64.02 2.39
CA GLN KA 192 32.72 64.17 3.77
C GLN KA 192 33.81 63.15 4.10
N ILE KA 193 33.77 61.97 3.47
CA ILE KA 193 34.87 61.03 3.61
C ILE KA 193 36.15 61.62 3.07
N ILE KA 194 36.05 62.34 1.94
CA ILE KA 194 37.21 62.99 1.35
C ILE KA 194 37.77 64.05 2.28
N ARG KA 195 36.91 64.82 2.96
CA ARG KA 195 37.37 65.85 3.89
C ARG KA 195 36.78 65.60 5.29
N ILE KA 196 37.39 64.69 6.05
CA ILE KA 196 37.02 64.54 7.45
C ILE KA 196 38.21 64.42 8.38
N ARG KA 197 39.42 64.29 7.87
CA ARG KA 197 40.62 64.15 8.70
C ARG KA 197 40.74 65.32 9.67
N ASN KA 198 41.08 65.01 10.92
CA ASN KA 198 41.34 66.02 11.95
C ASN KA 198 40.20 67.02 12.06
N PRO KA 199 39.09 66.66 12.72
CA PRO KA 199 37.93 67.54 12.77
C PRO KA 199 38.26 68.95 13.26
N VAL KA 200 38.21 69.91 12.36
CA VAL KA 200 38.34 71.33 12.69
C VAL KA 200 37.25 72.07 11.93
N SER KA 201 36.82 73.20 12.48
CA SER KA 201 35.83 74.06 11.85
C SER KA 201 34.54 73.29 11.56
N ALA KA 202 33.91 72.85 12.66
CA ALA KA 202 32.63 72.16 12.62
C ALA KA 202 32.64 70.93 11.73
N LEU KA 203 33.77 70.22 11.66
CA LEU KA 203 33.77 68.85 11.17
C LEU KA 203 33.22 67.89 12.21
N ASP KA 204 33.20 68.29 13.48
CA ASP KA 204 32.46 67.57 14.49
C ASP KA 204 30.98 67.47 14.13
N PHE KA 205 30.48 68.47 13.41
CA PHE KA 205 29.10 68.44 12.92
C PHE KA 205 28.82 67.15 12.16
N GLU KA 206 29.68 66.80 11.22
CA GLU KA 206 29.48 65.67 10.32
C GLU KA 206 29.92 64.34 10.91
N GLN KA 207 30.84 64.34 11.87
CA GLN KA 207 31.33 63.12 12.48
C GLN KA 207 30.29 62.46 13.38
N LEU KA 208 29.18 63.13 13.64
CA LEU KA 208 28.18 62.58 14.55
C LEU KA 208 26.79 62.50 13.94
N ALA KA 209 26.42 63.48 13.11
CA ALA KA 209 25.04 63.57 12.61
C ALA KA 209 24.66 62.32 11.83
N GLU KA 210 25.63 61.57 11.33
CA GLU KA 210 25.37 60.32 10.63
C GLU KA 210 26.36 59.22 10.96
N LEU KA 211 27.40 59.49 11.75
CA LEU KA 211 28.40 58.49 12.08
C LEU KA 211 28.64 58.46 13.59
N THR KA 212 29.01 57.27 14.07
CA THR KA 212 29.40 57.04 15.47
C THR KA 212 28.26 57.35 16.44
N MET KA 213 27.10 57.74 15.90
CA MET KA 213 25.91 57.90 16.70
C MET KA 213 24.66 57.35 16.02
N GLY KA 214 24.64 57.27 14.70
CA GLY KA 214 23.55 56.69 13.96
C GLY KA 214 22.97 57.65 12.94
N GLU KA 215 22.17 57.08 12.05
CA GLU KA 215 21.46 57.85 11.03
C GLU KA 215 20.13 58.32 11.60
N GLY KA 216 19.80 59.58 11.38
CA GLY KA 216 18.64 60.20 11.99
C GLY KA 216 18.95 60.99 13.24
N SER KA 217 20.21 61.21 13.55
CA SER KA 217 20.64 62.01 14.69
C SER KA 217 21.06 63.39 14.20
N ARG KA 218 21.30 64.29 15.15
CA ARG KA 218 21.76 65.63 14.82
C ARG KA 218 22.89 66.01 15.75
N CYS KA 219 23.82 66.80 15.23
CA CYS KA 219 24.87 67.40 16.03
C CYS KA 219 24.91 68.90 15.77
N LYS KA 220 25.60 69.61 16.66
CA LYS KA 220 25.78 71.04 16.51
C LYS KA 220 27.07 71.42 17.24
N ALA KA 221 28.05 71.93 16.51
CA ALA KA 221 29.33 72.29 17.07
C ALA KA 221 29.44 73.80 17.18
N ILE KA 222 29.80 74.28 18.36
CA ILE KA 222 30.00 75.71 18.61
C ILE KA 222 31.37 75.91 19.22
N GLY KA 223 32.19 76.73 18.57
CA GLY KA 223 33.53 76.95 19.05
C GLY KA 223 33.57 77.90 20.23
N LEU KA 224 34.54 77.66 21.12
CA LEU KA 224 34.84 78.52 22.27
C LEU KA 224 33.57 78.94 23.01
N LEU KA 225 32.74 77.95 23.32
CA LEU KA 225 31.56 78.12 24.15
C LEU KA 225 31.74 77.32 25.43
N GLY KA 226 31.64 78.00 26.57
CA GLY KA 226 31.90 77.37 27.85
C GLY KA 226 30.71 76.61 28.39
N ILE KA 227 30.83 76.19 29.65
CA ILE KA 227 29.76 75.46 30.30
C ILE KA 227 28.57 76.38 30.56
N ASN KA 228 28.82 77.66 30.79
CA ASN KA 228 27.72 78.59 31.02
C ASN KA 228 26.87 78.82 29.78
N LYS KA 229 27.33 78.36 28.62
CA LYS KA 229 26.59 78.46 27.37
C LYS KA 229 26.29 79.92 27.02
N ILE KA 230 27.22 80.82 27.33
CA ILE KA 230 27.06 82.24 27.07
C ILE KA 230 28.01 82.63 25.95
N VAL KA 231 27.46 83.14 24.85
CA VAL KA 231 28.29 83.49 23.70
C VAL KA 231 29.18 84.68 24.02
N THR KA 232 28.67 85.63 24.80
CA THR KA 232 29.42 86.85 25.08
C THR KA 232 30.64 86.60 25.97
N ASP KA 233 30.79 85.40 26.53
CA ASP KA 233 31.99 85.05 27.27
C ASP KA 233 32.73 83.95 26.53
N PRO KA 234 33.66 84.27 25.64
CA PRO KA 234 34.33 83.24 24.85
C PRO KA 234 35.54 82.64 25.54
N GLN KA 235 35.64 81.32 25.53
CA GLN KA 235 36.78 80.61 26.10
C GLN KA 235 37.55 79.86 25.01
N PRO KA 236 38.68 80.40 24.55
CA PRO KA 236 39.44 79.74 23.49
C PRO KA 236 39.90 78.34 23.89
N GLY KA 237 39.95 77.43 22.92
CA GLY KA 237 40.32 76.07 23.21
C GLY KA 237 39.19 75.19 23.69
N VAL KA 238 37.95 75.59 23.42
CA VAL KA 238 36.77 74.85 23.84
C VAL KA 238 35.89 74.60 22.63
N VAL KA 239 35.39 73.38 22.49
CA VAL KA 239 34.40 73.03 21.49
C VAL KA 239 33.20 72.46 22.22
N HIS KA 240 32.03 73.06 22.02
CA HIS KA 240 30.80 72.59 22.65
C HIS KA 240 29.96 71.84 21.62
N LEU KA 241 29.65 70.59 21.93
CA LEU KA 241 28.86 69.74 21.05
C LEU KA 241 27.47 69.56 21.65
N PHE KA 242 26.46 69.75 20.81
CA PHE KA 242 25.07 69.57 21.20
C PHE KA 242 24.49 68.45 20.35
N LEU KA 243 23.84 67.50 21.00
CA LEU KA 243 23.48 66.23 20.37
C LEU KA 243 21.98 66.02 20.42
N LEU KA 244 21.46 65.36 19.38
CA LEU KA 244 20.10 64.86 19.33
C LEU KA 244 20.16 63.42 18.87
N ASP KA 245 19.65 62.50 19.69
CA ASP KA 245 19.89 61.08 19.47
C ASP KA 245 19.18 60.57 18.21
N VAL KA 246 19.40 59.29 17.94
CA VAL KA 246 18.87 58.66 16.73
C VAL KA 246 17.35 58.65 16.72
N ASN KA 247 16.72 58.72 17.89
CA ASN KA 247 15.27 58.73 17.99
C ASN KA 247 14.67 60.11 17.80
N GLY KA 248 15.49 61.16 17.71
CA GLY KA 248 14.99 62.51 17.58
C GLY KA 248 14.76 63.25 18.87
N ASN KA 249 15.27 62.75 19.99
CA ASN KA 249 15.14 63.43 21.27
C ASN KA 249 16.51 63.95 21.70
N PRO KA 250 16.57 64.85 22.68
CA PRO KA 250 17.87 65.26 23.23
C PRO KA 250 18.64 64.04 23.74
N ALA KA 251 19.95 64.10 23.60
CA ALA KA 251 20.78 62.90 23.68
C ALA KA 251 20.75 62.27 25.07
N ASP KA 252 20.74 60.95 25.08
CA ASP KA 252 20.89 60.17 26.29
C ASP KA 252 22.34 60.27 26.78
N PRO KA 253 22.55 60.55 28.07
CA PRO KA 253 23.93 60.64 28.59
C PRO KA 253 24.83 59.48 28.23
N VAL KA 254 24.28 58.28 28.05
CA VAL KA 254 25.10 57.18 27.56
C VAL KA 254 25.62 57.48 26.16
N THR KA 255 24.75 58.01 25.30
CA THR KA 255 25.20 58.40 23.96
C THR KA 255 26.17 59.56 24.03
N ILE KA 256 25.98 60.48 24.98
CA ILE KA 256 26.94 61.56 25.19
C ILE KA 256 28.32 61.00 25.49
N SER KA 257 28.38 60.02 26.40
CA SER KA 257 29.66 59.43 26.77
C SER KA 257 30.27 58.66 25.61
N THR KA 258 29.45 57.95 24.84
CA THR KA 258 29.95 57.22 23.68
C THR KA 258 30.55 58.19 22.66
N VAL KA 259 29.87 59.31 22.42
CA VAL KA 259 30.38 60.32 21.50
C VAL KA 259 31.68 60.91 22.01
N GLY KA 260 31.74 61.23 23.30
CA GLY KA 260 32.96 61.77 23.86
C GLY KA 260 34.13 60.82 23.74
N ALA KA 261 33.89 59.54 24.03
CA ALA KA 261 34.95 58.55 23.89
C ALA KA 261 35.38 58.39 22.44
N THR KA 262 34.44 58.43 21.51
CA THR KA 262 34.79 58.32 20.10
C THR KA 262 35.65 59.49 19.64
N LEU KA 263 35.32 60.70 20.09
CA LEU KA 263 36.00 61.89 19.62
C LEU KA 263 37.22 62.29 20.45
N GLN KA 264 37.45 61.63 21.59
CA GLN KA 264 38.60 62.00 22.41
C GLN KA 264 39.94 61.86 21.70
N PRO KA 265 40.25 60.76 21.02
CA PRO KA 265 41.57 60.67 20.37
C PRO KA 265 41.69 61.51 19.11
N ARG KA 266 40.64 62.27 18.78
CA ARG KA 266 40.64 63.04 17.54
C ARG KA 266 40.69 64.55 17.74
N ILE KA 267 40.59 65.04 18.96
CA ILE KA 267 40.62 66.47 19.22
C ILE KA 267 42.07 66.91 19.44
N MET KA 268 42.32 68.20 19.27
CA MET KA 268 43.68 68.71 19.44
C MET KA 268 44.09 68.66 20.90
N LEU KA 269 45.30 68.17 21.14
CA LEU KA 269 45.82 68.04 22.49
C LEU KA 269 45.91 69.41 23.16
N GLY KA 270 45.31 69.53 24.33
CA GLY KA 270 45.23 70.78 25.06
C GLY KA 270 43.87 71.44 25.01
N THR KA 271 43.08 71.16 23.97
CA THR KA 271 41.75 71.73 23.88
C THR KA 271 40.76 70.91 24.72
N ARG KA 272 39.60 71.51 24.96
CA ARG KA 272 38.56 70.93 25.80
C ARG KA 272 37.29 70.73 25.00
N LEU KA 273 36.70 69.56 25.12
CA LEU KA 273 35.46 69.22 24.42
C LEU KA 273 34.32 69.16 25.42
N LEU KA 274 33.29 69.96 25.18
CA LEU KA 274 32.08 69.96 26.00
C LEU KA 274 30.94 69.39 25.19
N ILE KA 275 30.17 68.48 25.77
CA ILE KA 275 29.05 67.85 25.10
C ILE KA 275 27.83 67.88 26.00
N SER KA 276 26.71 68.33 25.44
CA SER KA 276 25.45 68.44 26.18
C SER KA 276 24.31 68.26 25.19
N PRO KA 277 23.12 67.88 25.65
CA PRO KA 277 22.01 67.65 24.72
C PRO KA 277 21.49 68.95 24.12
N MET KA 278 20.88 68.81 22.95
CA MET KA 278 20.24 69.92 22.26
C MET KA 278 18.92 70.27 22.91
N GLU KA 279 18.28 71.31 22.39
CA GLU KA 279 16.95 71.72 22.81
C GLU KA 279 16.00 71.68 21.61
N VAL KA 280 14.71 71.56 21.90
CA VAL KA 280 13.68 71.48 20.88
C VAL KA 280 12.67 72.59 21.13
N LEU KA 281 12.30 73.30 20.08
CA LEU KA 281 11.28 74.34 20.13
C LEU KA 281 10.03 73.85 19.40
N ASN KA 282 8.89 73.91 20.09
CA ASN KA 282 7.65 73.40 19.53
C ASN KA 282 7.03 74.42 18.58
N ILE KA 283 6.62 73.95 17.41
CA ILE KA 283 6.03 74.79 16.38
C ILE KA 283 4.56 74.40 16.24
N GLU KA 284 3.67 75.38 16.42
CA GLU KA 284 2.24 75.18 16.28
C GLU KA 284 1.75 75.94 15.06
N LEU KA 285 1.15 75.21 14.12
CA LEU KA 285 0.80 75.74 12.81
C LEU KA 285 -0.71 75.85 12.67
N GLU KA 286 -1.15 76.89 11.97
CA GLU KA 286 -2.56 77.07 11.64
C GLU KA 286 -2.66 77.49 10.18
N LEU KA 287 -3.38 76.70 9.39
CA LEU KA 287 -3.44 76.90 7.95
C LEU KA 287 -4.87 77.20 7.52
N ILE KA 288 -5.04 78.26 6.73
CA ILE KA 288 -6.30 78.57 6.06
C ILE KA 288 -5.97 78.55 4.57
N ALA KA 289 -6.59 77.62 3.84
CA ALA KA 289 -6.24 77.41 2.45
C ALA KA 289 -7.50 77.17 1.63
N LEU KA 290 -7.39 77.41 0.33
CA LEU KA 290 -8.45 77.17 -0.62
C LEU KA 290 -8.07 76.01 -1.51
N SER KA 291 -8.95 75.03 -1.63
CA SER KA 291 -8.68 73.84 -2.41
C SER KA 291 -9.30 73.95 -3.80
N ASP KA 292 -8.78 73.17 -4.74
CA ASP KA 292 -9.31 73.12 -6.09
C ASP KA 292 -10.17 71.89 -6.34
N SER KA 293 -10.50 71.12 -5.29
CA SER KA 293 -11.35 69.94 -5.30
C SER KA 293 -10.73 68.77 -6.06
N SER KA 294 -9.50 68.89 -6.56
CA SER KA 294 -8.85 67.76 -7.21
C SER KA 294 -8.47 66.66 -6.22
N LYS KA 295 -8.56 66.93 -4.93
CA LYS KA 295 -8.29 65.94 -3.90
C LYS KA 295 -9.33 66.09 -2.79
N THR KA 296 -9.61 64.99 -2.10
CA THR KA 296 -10.51 65.06 -0.96
C THR KA 296 -9.80 65.76 0.20
N PHE KA 297 -10.62 66.31 1.11
CA PHE KA 297 -10.06 67.07 2.22
C PHE KA 297 -9.15 66.20 3.08
N GLN KA 298 -9.53 64.94 3.30
CA GLN KA 298 -8.66 64.03 4.05
C GLN KA 298 -7.34 63.80 3.32
N GLN KA 299 -7.40 63.66 1.99
CA GLN KA 299 -6.20 63.47 1.19
C GLN KA 299 -5.28 64.68 1.28
N LEU KA 300 -5.85 65.89 1.17
CA LEU KA 300 -5.04 67.09 1.38
C LEU KA 300 -4.44 67.12 2.77
N ALA KA 301 -5.22 66.68 3.77
CA ALA KA 301 -4.74 66.69 5.14
C ALA KA 301 -3.50 65.83 5.31
N ASP KA 302 -3.54 64.57 4.86
CA ASP KA 302 -2.38 63.73 5.11
C ASP KA 302 -1.23 64.11 4.18
N ASP KA 303 -1.54 64.64 3.00
CA ASP KA 303 -0.47 65.11 2.12
C ASP KA 303 0.29 66.26 2.76
N ILE KA 304 -0.43 67.23 3.31
CA ILE KA 304 0.22 68.34 3.98
C ILE KA 304 0.95 67.88 5.23
N LEU KA 305 0.37 66.92 5.95
CA LEU KA 305 1.03 66.38 7.13
C LEU KA 305 2.36 65.73 6.76
N GLU KA 306 2.38 64.93 5.70
CA GLU KA 306 3.62 64.30 5.27
C GLU KA 306 4.63 65.34 4.81
N ALA KA 307 4.17 66.36 4.08
CA ALA KA 307 5.09 67.40 3.64
C ALA KA 307 5.72 68.13 4.82
N LEU KA 308 4.93 68.43 5.84
CA LEU KA 308 5.48 69.09 7.02
C LEU KA 308 6.41 68.17 7.80
N LYS KA 309 6.08 66.88 7.89
CA LYS KA 309 6.96 65.95 8.58
C LYS KA 309 8.31 65.85 7.88
N VAL KA 310 8.31 65.84 6.55
CA VAL KA 310 9.57 65.89 5.82
C VAL KA 310 10.28 67.21 6.08
N PHE KA 311 9.54 68.32 6.06
CA PHE KA 311 10.14 69.63 6.25
C PHE KA 311 10.76 69.77 7.63
N PHE KA 312 10.07 69.30 8.67
CA PHE KA 312 10.55 69.42 10.04
C PHE KA 312 11.34 68.19 10.48
N ASN KA 313 11.82 67.40 9.54
CA ASN KA 313 12.74 66.32 9.87
C ASN KA 313 14.06 66.91 10.36
N PRO KA 314 14.59 66.45 11.49
CA PRO KA 314 15.90 66.96 11.94
C PRO KA 314 16.99 66.79 10.92
N ALA KA 315 16.91 65.80 10.04
CA ALA KA 315 17.88 65.68 8.96
C ALA KA 315 17.75 66.82 7.96
N ASN KA 316 16.57 67.43 7.87
CA ASN KA 316 16.33 68.54 6.95
C ASN KA 316 16.41 69.90 7.63
N LEU KA 317 16.75 69.95 8.92
CA LEU KA 317 16.79 71.18 9.68
C LEU KA 317 18.20 71.47 10.13
N THR KA 318 18.51 72.76 10.30
CA THR KA 318 19.80 73.18 10.80
C THR KA 318 19.63 73.81 12.17
N PRO KA 319 20.27 73.30 13.21
CA PRO KA 319 20.04 73.82 14.56
C PRO KA 319 20.42 75.29 14.68
N GLY KA 320 19.58 76.05 15.39
CA GLY KA 320 19.84 77.44 15.65
C GLY KA 320 19.41 78.39 14.55
N GLU KA 321 18.99 77.89 13.42
CA GLU KA 321 18.57 78.80 12.36
C GLU KA 321 17.06 79.03 12.43
N PRO KA 322 16.62 80.25 12.10
CA PRO KA 322 15.19 80.55 12.21
C PRO KA 322 14.36 79.75 11.23
N VAL KA 323 13.11 79.50 11.60
CA VAL KA 323 12.14 78.90 10.72
C VAL KA 323 11.39 80.01 10.00
N LEU KA 324 11.54 80.06 8.68
CA LEU KA 324 10.98 81.13 7.86
C LEU KA 324 9.59 80.74 7.41
N ILE KA 325 8.62 81.63 7.64
CA ILE KA 325 7.23 81.30 7.32
C ILE KA 325 7.04 81.11 5.83
N GLU KA 326 7.79 81.83 5.00
CA GLU KA 326 7.69 81.65 3.56
C GLU KA 326 8.18 80.26 3.15
N GLU KA 327 9.23 79.77 3.79
CA GLU KA 327 9.73 78.43 3.47
C GLU KA 327 8.71 77.36 3.83
N VAL KA 328 8.08 77.49 5.00
CA VAL KA 328 7.03 76.57 5.40
C VAL KA 328 5.86 76.65 4.42
N LYS KA 329 5.52 77.86 4.00
CA LYS KA 329 4.41 78.05 3.07
C LYS KA 329 4.69 77.37 1.74
N PHE KA 330 5.93 77.50 1.24
CA PHE KA 330 6.30 76.81 0.02
C PHE KA 330 6.26 75.29 0.20
N ALA KA 331 6.72 74.80 1.36
CA ALA KA 331 6.69 73.37 1.61
C ALA KA 331 5.26 72.85 1.61
N ILE KA 332 4.34 73.61 2.20
CA ILE KA 332 2.93 73.19 2.22
C ILE KA 332 2.34 73.24 0.82
N ARG KA 333 2.55 74.34 0.10
CA ARG KA 333 1.99 74.50 -1.23
C ARG KA 333 2.56 73.50 -2.23
N SER KA 334 3.76 72.97 -2.00
CA SER KA 334 4.34 72.02 -2.93
C SER KA 334 3.53 70.73 -3.01
N VAL KA 335 2.63 70.49 -2.06
CA VAL KA 335 1.73 69.33 -2.15
C VAL KA 335 0.86 69.44 -3.39
N GLY KA 336 0.34 70.62 -3.66
CA GLY KA 336 -0.49 70.85 -4.82
C GLY KA 336 -1.97 70.73 -4.53
N GLY KA 337 -2.77 71.14 -5.51
CA GLY KA 337 -4.21 71.05 -5.39
C GLY KA 337 -4.82 71.99 -4.37
N LEU KA 338 -4.11 73.04 -3.99
CA LEU KA 338 -4.64 73.97 -2.99
C LEU KA 338 -3.94 75.31 -3.16
N SER KA 339 -4.57 76.34 -2.59
CA SER KA 339 -4.02 77.68 -2.57
C SER KA 339 -4.03 78.18 -1.13
N ILE KA 340 -2.85 78.54 -0.62
CA ILE KA 340 -2.73 78.98 0.76
C ILE KA 340 -3.23 80.41 0.88
N SER KA 341 -4.13 80.64 1.83
CA SER KA 341 -4.65 81.97 2.10
C SER KA 341 -4.01 82.62 3.31
N TYR KA 342 -3.66 81.84 4.34
CA TYR KA 342 -3.08 82.39 5.55
C TYR KA 342 -2.41 81.28 6.33
N LEU KA 343 -1.30 81.63 6.98
CA LEU KA 343 -0.57 80.67 7.81
C LEU KA 343 -0.08 81.37 9.08
N GLN KA 344 -0.39 80.77 10.22
CA GLN KA 344 0.07 81.25 11.52
C GLN KA 344 1.08 80.26 12.09
N MET KA 345 2.21 80.78 12.55
CA MET KA 345 3.24 79.99 13.21
C MET KA 345 3.39 80.49 14.63
N ASN KA 346 3.00 79.66 15.60
CA ASN KA 346 3.03 80.03 17.02
C ASN KA 346 2.27 81.33 17.26
N ASP KA 347 1.01 81.36 16.85
CA ASP KA 347 0.11 82.49 17.08
C ASP KA 347 0.61 83.78 16.43
N ASN KA 348 1.35 83.67 15.33
CA ASN KA 348 1.84 84.83 14.62
C ASN KA 348 2.12 84.45 13.17
N ALA KA 349 2.25 85.47 12.33
CA ALA KA 349 2.61 85.29 10.93
C ALA KA 349 4.04 85.69 10.63
N ILE KA 350 4.86 85.89 11.65
CA ILE KA 350 6.23 86.36 11.47
C ILE KA 350 7.20 85.19 11.58
N ASN KA 351 8.43 85.40 11.11
CA ASN KA 351 9.47 84.40 11.23
C ASN KA 351 9.84 84.19 12.70
N ILE KA 352 10.11 82.94 13.06
CA ILE KA 352 10.42 82.57 14.44
C ILE KA 352 11.93 82.45 14.57
N PRO KA 353 12.57 83.21 15.45
CA PRO KA 353 13.98 82.94 15.76
C PRO KA 353 14.11 81.90 16.86
N MET KA 354 15.15 81.08 16.75
CA MET KA 354 15.37 80.06 17.76
C MET KA 354 15.94 80.68 19.04
N PRO KA 355 15.61 80.14 20.21
CA PRO KA 355 16.07 80.77 21.46
C PRO KA 355 17.57 80.85 21.58
N ASN KA 356 18.31 79.90 21.01
CA ASN KA 356 19.76 79.90 21.09
C ASN KA 356 20.30 79.13 19.89
N GLN KA 357 21.62 78.93 19.89
CA GLN KA 357 22.31 78.37 18.73
C GLN KA 357 22.08 76.88 18.56
N TRP KA 358 21.58 76.20 19.59
CA TRP KA 358 21.50 74.74 19.57
C TRP KA 358 20.07 74.22 19.66
N THR KA 359 19.08 75.06 19.39
CA THR KA 359 17.68 74.65 19.44
C THR KA 359 17.20 74.28 18.05
N ILE KA 360 16.60 73.12 17.93
CA ILE KA 360 16.06 72.61 16.67
C ILE KA 360 14.54 72.74 16.71
N PRO KA 361 13.90 73.10 15.61
CA PRO KA 361 12.43 73.13 15.61
C PRO KA 361 11.85 71.73 15.56
N ARG KA 362 10.63 71.62 16.06
CA ARG KA 362 9.88 70.37 16.00
C ARG KA 362 8.41 70.77 15.97
N PHE KA 363 7.71 70.42 14.89
CA PHE KA 363 6.34 70.87 14.74
C PHE KA 363 5.40 69.85 15.38
N SER KA 364 4.48 70.35 16.20
CA SER KA 364 3.65 69.49 17.04
C SER KA 364 2.18 69.53 16.70
N TYR KA 365 1.65 70.68 16.31
CA TYR KA 365 0.21 70.81 16.05
C TYR KA 365 -0.01 71.55 14.74
N ILE KA 366 -1.01 71.11 13.98
CA ILE KA 366 -1.39 71.76 12.73
C ILE KA 366 -2.91 71.90 12.71
N GLY KA 367 -3.39 73.12 12.49
CA GLY KA 367 -4.81 73.39 12.39
C GLY KA 367 -5.21 73.62 10.94
N PHE KA 368 -6.04 72.72 10.42
CA PHE KA 368 -6.47 72.75 9.03
C PHE KA 368 -7.79 73.49 8.88
N GLU KA 369 -7.81 74.44 7.95
CA GLU KA 369 -9.02 75.15 7.57
C GLU KA 369 -9.07 75.23 6.06
N LEU KA 370 -9.82 74.34 5.42
CA LEU KA 370 -9.76 74.14 3.98
C LEU KA 370 -11.15 74.32 3.37
N THR KA 371 -11.37 75.45 2.70
CA THR KA 371 -12.58 75.63 1.93
C THR KA 371 -12.35 75.18 0.49
N ASP KA 372 -13.45 74.99 -0.23
CA ASP KA 372 -13.39 74.58 -1.63
C ASP KA 372 -14.35 75.45 -2.43
N SER KA 373 -14.45 75.17 -3.74
CA SER KA 373 -15.25 76.00 -4.63
C SER KA 373 -16.72 75.97 -4.24
N GLU KA 374 -17.23 74.78 -3.87
CA GLU KA 374 -18.62 74.67 -3.46
C GLU KA 374 -18.90 75.52 -2.24
N GLY KA 375 -17.99 75.51 -1.27
CA GLY KA 375 -18.14 76.33 -0.09
C GLY KA 375 -18.01 75.56 1.20
N THR KA 376 -17.75 74.25 1.11
CA THR KA 376 -17.58 73.42 2.32
C THR KA 376 -16.24 73.61 3.04
N VAL KA 377 -16.28 73.93 4.32
CA VAL KA 377 -15.05 74.13 5.08
C VAL KA 377 -14.61 72.89 5.86
N TYR KA 378 -13.34 72.53 5.75
CA TYR KA 378 -12.82 71.39 6.49
C TYR KA 378 -12.01 71.88 7.67
N ARG KA 379 -12.61 71.85 8.86
CA ARG KA 379 -11.89 72.27 10.05
C ARG KA 379 -11.31 71.06 10.78
N ASP KA 380 -9.99 71.04 10.95
CA ASP KA 380 -9.34 69.91 11.59
C ASP KA 380 -8.18 70.32 12.48
N ASN KA 381 -8.00 69.66 13.61
CA ASN KA 381 -6.89 69.94 14.52
C ASN KA 381 -6.09 68.66 14.68
N VAL KA 382 -4.81 68.68 14.33
CA VAL KA 382 -4.00 67.47 14.38
C VAL KA 382 -2.79 67.68 15.27
N VAL KA 383 -2.68 66.86 16.31
CA VAL KA 383 -1.51 66.86 17.18
C VAL KA 383 -0.56 65.77 16.71
N THR KA 384 0.66 66.17 16.35
CA THR KA 384 1.63 65.23 15.79
C THR KA 384 2.57 64.63 16.82
N VAL KA 385 2.82 65.33 17.92
CA VAL KA 385 3.68 64.78 18.98
C VAL KA 385 3.00 63.69 19.79
N THR KA 386 3.77 63.00 20.62
CA THR KA 386 3.21 61.94 21.44
C THR KA 386 2.73 62.46 22.79
N ASN KA 387 1.87 63.47 22.77
CA ASN KA 387 1.37 64.05 24.00
C ASN KA 387 0.41 63.10 24.70
N PRO KA 388 0.67 62.80 25.97
CA PRO KA 388 -0.31 61.96 26.67
C PRO KA 388 -1.24 62.81 27.53
N GLU KA 389 -1.22 64.13 27.35
CA GLU KA 389 -2.02 65.00 28.20
C GLU KA 389 -3.12 65.67 27.41
N GLU KA 390 -2.96 65.75 26.10
CA GLU KA 390 -3.94 66.48 25.30
C GLU KA 390 -5.39 66.08 25.51
N SER LA 2 36.39 47.00 -44.86
CA SER LA 2 37.17 46.60 -43.69
C SER LA 2 38.40 47.45 -43.54
N LYS LA 3 38.22 48.76 -43.42
CA LYS LA 3 39.35 49.66 -43.29
C LYS LA 3 39.84 49.74 -41.87
N ASP LA 4 41.11 50.07 -41.68
CA ASP LA 4 41.64 50.24 -40.33
C ASP LA 4 40.98 51.47 -39.73
N ALA LA 5 40.71 51.42 -38.42
CA ALA LA 5 39.98 52.51 -37.80
C ALA LA 5 40.69 53.85 -37.98
N PHE LA 6 42.02 53.86 -38.02
CA PHE LA 6 42.75 55.13 -38.09
C PHE LA 6 42.41 55.88 -39.37
N THR LA 7 42.39 55.19 -40.50
CA THR LA 7 42.07 55.86 -41.76
C THR LA 7 40.65 56.38 -41.78
N ALA LA 8 39.69 55.59 -41.28
CA ALA LA 8 38.29 56.01 -41.33
C ALA LA 8 37.97 57.14 -40.37
N TRP LA 9 38.57 57.13 -39.18
CA TRP LA 9 38.24 58.09 -38.15
C TRP LA 9 39.08 59.35 -38.19
N ASN LA 10 40.36 59.24 -38.57
CA ASN LA 10 41.27 60.37 -38.49
C ASN LA 10 41.70 60.93 -39.83
N VAL LA 11 41.81 60.09 -40.86
CA VAL LA 11 42.22 60.56 -42.18
C VAL LA 11 40.98 60.91 -42.99
N ASP LA 12 40.09 59.94 -43.16
CA ASP LA 12 38.87 60.18 -43.92
C ASP LA 12 37.84 60.95 -43.11
N ARG LA 13 37.80 60.70 -41.80
CA ARG LA 13 36.78 61.27 -40.91
C ARG LA 13 35.37 60.94 -41.37
N ARG LA 14 35.21 59.80 -42.03
CA ARG LA 14 33.91 59.26 -42.43
C ARG LA 14 33.86 57.82 -41.97
N PRO LA 15 33.64 57.58 -40.68
CA PRO LA 15 33.71 56.22 -40.15
C PRO LA 15 32.71 55.24 -40.75
N ILE LA 16 31.62 55.73 -41.34
CA ILE LA 16 30.60 54.88 -41.95
C ILE LA 16 30.76 54.82 -43.47
N TYR LA 17 30.88 55.98 -44.12
CA TYR LA 17 30.95 55.99 -45.57
C TYR LA 17 32.23 55.35 -46.07
N SER LA 18 33.34 55.55 -45.34
CA SER LA 18 34.60 54.95 -45.75
C SER LA 18 34.56 53.44 -45.72
N ARG LA 19 33.68 52.84 -44.91
CA ARG LA 19 33.59 51.39 -44.81
C ARG LA 19 32.65 50.77 -45.83
N MET LA 20 31.98 51.60 -46.64
CA MET LA 20 31.06 51.10 -47.65
C MET LA 20 31.77 50.45 -48.83
N PRO LA 21 31.20 49.38 -49.40
CA PRO LA 21 31.79 48.70 -50.55
C PRO LA 21 32.15 49.59 -51.73
N LYS LA 22 33.31 49.32 -52.35
CA LYS LA 22 33.76 50.11 -53.50
C LYS LA 22 34.50 49.25 -54.53
N GLU LA 23 35.03 48.10 -54.12
CA GLU LA 23 35.82 47.26 -55.02
C GLU LA 23 35.25 47.08 -56.42
N GLN LA 24 33.94 46.84 -56.54
CA GLN LA 24 33.30 46.63 -57.84
C GLN LA 24 32.94 47.99 -58.41
N VAL LA 25 33.87 48.54 -59.19
CA VAL LA 25 33.62 49.85 -59.83
C VAL LA 25 32.53 49.76 -60.87
N GLY LA 26 31.87 50.89 -61.15
CA GLY LA 26 30.74 50.87 -62.07
C GLY LA 26 29.49 50.89 -61.22
N THR LA 27 29.32 49.87 -60.38
CA THR LA 27 28.17 49.81 -59.50
C THR LA 27 28.66 49.48 -58.10
N SER LA 28 28.81 50.48 -57.24
CA SER LA 28 29.21 50.25 -55.86
C SER LA 28 28.55 51.33 -55.03
N TYR LA 29 28.55 51.20 -53.71
CA TYR LA 29 28.00 52.30 -52.93
C TYR LA 29 28.75 53.59 -53.19
N HIS LA 30 30.07 53.53 -53.35
CA HIS LA 30 30.85 54.73 -53.60
C HIS LA 30 30.65 55.27 -55.01
N ASP LA 31 30.02 54.51 -55.89
CA ASP LA 31 29.78 54.97 -57.25
C ASP LA 31 28.54 55.86 -57.34
N TYR LA 32 27.71 55.90 -56.31
CA TYR LA 32 26.50 56.68 -56.31
C TYR LA 32 26.58 57.72 -55.21
N ILE LA 33 26.32 58.98 -55.55
CA ILE LA 33 26.50 60.09 -54.61
C ILE LA 33 25.47 60.02 -53.49
N ALA LA 34 24.38 59.26 -53.69
CA ALA LA 34 23.37 59.13 -52.66
C ALA LA 34 23.92 58.47 -51.41
N THR LA 35 24.81 57.49 -51.57
CA THR LA 35 25.40 56.85 -50.40
C THR LA 35 26.21 57.84 -49.59
N ASP LA 36 26.97 58.70 -50.26
CA ASP LA 36 27.69 59.75 -49.57
C ASP LA 36 26.74 60.70 -48.85
N TRP LA 37 25.64 61.07 -49.51
CA TRP LA 37 24.72 62.04 -48.91
C TRP LA 37 24.00 61.48 -47.69
N LEU LA 38 23.56 60.23 -47.76
CA LEU LA 38 22.72 59.69 -46.68
C LEU LA 38 23.51 59.45 -45.41
N THR LA 39 24.76 59.03 -45.52
CA THR LA 39 25.58 58.73 -44.36
C THR LA 39 26.35 59.94 -43.85
N ALA LA 40 26.15 61.11 -44.46
CA ALA LA 40 26.92 62.29 -44.07
C ALA LA 40 26.61 62.72 -42.64
N TYR LA 41 25.32 62.79 -42.30
CA TYR LA 41 24.95 63.26 -40.96
C TYR LA 41 25.45 62.32 -39.88
N TRP LA 42 25.35 61.01 -40.11
CA TRP LA 42 25.78 60.06 -39.08
C TRP LA 42 27.29 60.06 -38.93
N ASP LA 43 28.02 60.20 -40.03
CA ASP LA 43 29.46 60.38 -39.94
C ASP LA 43 29.81 61.63 -39.15
N LYS LA 44 29.11 62.73 -39.42
CA LYS LA 44 29.39 63.98 -38.71
C LYS LA 44 29.12 63.84 -37.22
N ILE LA 45 28.01 63.20 -36.86
CA ILE LA 45 27.67 63.00 -35.46
C ILE LA 45 28.69 62.11 -34.77
N PHE LA 46 29.10 61.03 -35.44
CA PHE LA 46 30.09 60.13 -34.86
C PHE LA 46 31.44 60.83 -34.68
N ILE LA 47 31.82 61.67 -35.65
CA ILE LA 47 33.08 62.39 -35.53
C ILE LA 47 33.02 63.41 -34.41
N GLU LA 48 31.89 64.09 -34.27
CA GLU LA 48 31.73 65.05 -33.16
C GLU LA 48 31.84 64.34 -31.82
N CYS LA 49 31.18 63.19 -31.68
CA CYS LA 49 31.28 62.44 -30.43
C CYS LA 49 32.70 61.94 -30.19
N TYR LA 50 33.38 61.52 -31.26
CA TYR LA 50 34.77 61.09 -31.13
C TYR LA 50 35.66 62.22 -30.64
N ASP LA 51 35.47 63.42 -31.18
CA ASP LA 51 36.26 64.56 -30.74
C ASP LA 51 35.96 64.91 -29.28
N LYS LA 52 34.70 64.84 -28.88
CA LYS LA 52 34.35 65.07 -27.49
C LYS LA 52 35.03 64.05 -26.58
N LEU LA 53 35.02 62.78 -26.98
CA LEU LA 53 35.67 61.74 -26.17
C LEU LA 53 37.17 61.96 -26.10
N GLU LA 54 37.79 62.37 -27.21
CA GLU LA 54 39.22 62.67 -27.20
C GLU LA 54 39.53 63.81 -26.24
N ASP LA 55 38.70 64.84 -26.22
CA ASP LA 55 38.92 65.96 -25.31
C ASP LA 55 38.49 65.65 -23.87
N LEU LA 56 37.79 64.55 -23.64
CA LEU LA 56 37.28 64.24 -22.31
C LEU LA 56 38.33 64.18 -21.21
N PRO LA 57 39.48 63.52 -21.39
CA PRO LA 57 40.47 63.52 -20.29
C PRO LA 57 40.94 64.90 -19.89
N ARG LA 58 40.93 65.85 -20.83
CA ARG LA 58 41.23 67.24 -20.48
C ARG LA 58 40.20 67.78 -19.50
N GLN LA 59 38.95 67.32 -19.62
CA GLN LA 59 37.86 67.90 -18.84
C GLN LA 59 37.92 67.49 -17.37
N PHE LA 60 38.81 66.59 -16.99
CA PHE LA 60 38.99 66.25 -15.59
C PHE LA 60 40.20 66.96 -14.98
N ASP LA 61 40.78 67.92 -15.68
CA ASP LA 61 41.85 68.75 -15.13
C ASP LA 61 41.29 70.13 -14.82
N PRO LA 62 41.12 70.49 -13.56
CA PRO LA 62 40.45 71.77 -13.24
C PRO LA 62 41.12 72.99 -13.83
N LEU LA 63 42.44 72.97 -14.01
CA LEU LA 63 43.10 74.14 -14.59
C LEU LA 63 42.70 74.35 -16.04
N GLN LA 64 42.72 73.28 -16.85
CA GLN LA 64 42.60 73.41 -18.29
C GLN LA 64 41.17 73.17 -18.76
N CYS LA 65 40.35 72.49 -17.96
CA CYS LA 65 39.02 72.07 -18.36
C CYS LA 65 38.10 73.27 -18.59
N ASP LA 66 36.91 72.98 -19.10
CA ASP LA 66 35.92 74.00 -19.40
C ASP LA 66 34.92 74.13 -18.25
N GLU LA 67 34.35 75.33 -18.13
CA GLU LA 67 33.62 75.71 -16.92
C GLU LA 67 32.40 74.85 -16.65
N GLU LA 68 31.86 74.15 -17.65
CA GLU LA 68 30.70 73.31 -17.41
C GLU LA 68 31.01 72.15 -16.47
N TYR LA 69 32.28 71.71 -16.42
CA TYR LA 69 32.64 70.57 -15.60
C TYR LA 69 33.11 70.94 -14.20
N LEU LA 70 33.21 72.23 -13.87
CA LEU LA 70 33.70 72.59 -12.53
C LEU LA 70 32.75 72.12 -11.45
N ASP LA 71 31.44 72.39 -11.62
CA ASP LA 71 30.47 71.92 -10.65
C ASP LA 71 30.39 70.40 -10.62
N PHE LA 72 30.65 69.75 -11.76
CA PHE LA 72 30.65 68.29 -11.80
C PHE LA 72 31.83 67.72 -11.03
N LEU LA 73 33.00 68.35 -11.14
CA LEU LA 73 34.19 67.89 -10.46
C LEU LA 73 34.22 68.25 -8.98
N ALA LA 74 33.44 69.25 -8.57
CA ALA LA 74 33.45 69.67 -7.17
C ALA LA 74 33.15 68.54 -6.19
N PRO LA 75 32.13 67.70 -6.38
CA PRO LA 75 31.95 66.58 -5.43
C PRO LA 75 33.11 65.61 -5.43
N LEU LA 76 33.82 65.46 -6.55
CA LEU LA 76 34.98 64.56 -6.59
C LEU LA 76 36.12 65.06 -5.71
N CYS LA 77 36.19 66.37 -5.47
CA CYS LA 77 37.24 66.94 -4.65
C CYS LA 77 36.79 67.21 -3.22
N GLY LA 78 35.57 66.79 -2.87
CA GLY LA 78 35.09 66.95 -1.51
C GLY LA 78 34.44 68.28 -1.20
N TRP LA 79 34.02 69.03 -2.20
CA TRP LA 79 33.37 70.32 -1.99
C TRP LA 79 31.87 70.18 -2.12
N THR LA 80 31.16 70.69 -1.12
CA THR LA 80 29.70 70.61 -1.09
C THR LA 80 29.12 71.92 -0.62
N ALA LA 81 27.81 71.91 -0.34
CA ALA LA 81 27.00 73.12 -0.19
C ALA LA 81 27.58 74.17 0.76
N PRO LA 82 28.00 73.83 1.97
CA PRO LA 82 28.56 74.89 2.82
C PRO LA 82 29.92 75.38 2.34
N TYR LA 83 30.75 74.50 1.80
CA TYR LA 83 32.07 74.92 1.32
C TYR LA 83 31.99 75.46 -0.11
N TRP LA 84 31.33 74.72 -0.99
CA TRP LA 84 31.21 75.10 -2.39
C TRP LA 84 30.10 76.13 -2.56
N SER LA 85 30.12 76.77 -3.72
CA SER LA 85 29.09 77.77 -4.04
C SER LA 85 29.11 78.07 -5.54
N GLY LA 86 27.94 78.17 -6.15
CA GLY LA 86 27.88 78.58 -7.54
C GLY LA 86 28.30 80.02 -7.76
N ASP LA 87 28.26 80.84 -6.71
CA ASP LA 87 28.62 82.24 -6.85
C ASP LA 87 30.13 82.45 -6.98
N TYR LA 88 30.92 81.42 -6.69
CA TYR LA 88 32.37 81.57 -6.75
C TYR LA 88 32.81 81.86 -8.18
N PRO LA 89 33.72 82.79 -8.39
CA PRO LA 89 34.26 83.03 -9.73
C PRO LA 89 34.96 81.80 -10.26
N PRO LA 90 34.81 81.50 -11.56
CA PRO LA 90 35.37 80.25 -12.09
C PRO LA 90 36.87 80.11 -11.94
N GLU LA 91 37.62 81.21 -11.96
CA GLU LA 91 39.06 81.11 -11.69
C GLU LA 91 39.32 80.63 -10.28
N SER LA 92 38.56 81.16 -9.32
CA SER LA 92 38.67 80.67 -7.94
C SER LA 92 38.26 79.21 -7.85
N LYS LA 93 37.23 78.81 -8.58
CA LYS LA 93 36.84 77.41 -8.60
C LYS LA 93 37.97 76.53 -9.10
N ARG LA 94 38.63 76.96 -10.18
CA ARG LA 94 39.75 76.19 -10.72
C ARG LA 94 40.86 76.06 -9.69
N VAL LA 95 41.23 77.17 -9.06
CA VAL LA 95 42.32 77.13 -8.08
C VAL LA 95 41.96 76.24 -6.90
N LEU LA 96 40.72 76.36 -6.39
CA LEU LA 96 40.32 75.58 -5.24
C LEU LA 96 40.26 74.09 -5.56
N LEU LA 97 39.74 73.74 -6.74
CA LEU LA 97 39.63 72.32 -7.08
C LEU LA 97 40.99 71.70 -7.37
N ALA LA 98 41.89 72.48 -7.96
CA ALA LA 98 43.18 71.92 -8.34
C ALA LA 98 44.00 71.52 -7.12
N ASN LA 99 43.86 72.25 -6.02
CA ASN LA 99 44.69 72.05 -4.83
C ASN LA 99 43.89 71.54 -3.65
N SER LA 100 42.86 70.71 -3.89
CA SER LA 100 42.05 70.22 -2.79
C SER LA 100 42.74 69.07 -2.06
N TYR LA 101 43.17 68.05 -2.80
CA TYR LA 101 43.81 66.90 -2.19
C TYR LA 101 45.26 67.18 -1.78
N SER LA 102 45.99 67.96 -2.58
CA SER LA 102 47.40 68.19 -2.31
C SER LA 102 47.64 69.16 -1.18
N LEU LA 103 46.82 70.19 -1.04
CA LEU LA 103 47.08 71.18 0.00
C LEU LA 103 45.94 71.38 0.98
N ILE LA 104 44.70 71.50 0.50
CA ILE LA 104 43.63 72.04 1.34
C ILE LA 104 43.17 71.02 2.36
N TRP LA 105 42.62 69.90 1.90
CA TRP LA 105 42.09 68.92 2.85
C TRP LA 105 43.21 68.22 3.60
N ARG LA 106 44.39 68.12 3.00
CA ARG LA 106 45.52 67.48 3.68
C ARG LA 106 45.93 68.27 4.92
N ASP LA 107 45.98 69.59 4.82
CA ASP LA 107 46.45 70.44 5.90
C ASP LA 107 45.40 71.47 6.33
N LYS LA 108 44.13 71.09 6.31
CA LYS LA 108 43.09 72.01 6.72
C LYS LA 108 43.28 72.41 8.18
N GLY LA 109 43.14 73.71 8.45
CA GLY LA 109 43.40 74.28 9.75
C GLY LA 109 44.71 75.02 9.87
N SER LA 110 45.63 74.81 8.93
CA SER LA 110 46.91 75.49 8.97
C SER LA 110 46.77 76.90 8.39
N LEU LA 111 47.74 77.76 8.75
CA LEU LA 111 47.74 79.12 8.27
C LEU LA 111 47.88 79.18 6.75
N THR LA 112 48.74 78.32 6.20
CA THR LA 112 48.96 78.32 4.75
C THR LA 112 47.67 78.01 4.01
N VAL LA 113 46.90 77.05 4.50
CA VAL LA 113 45.67 76.65 3.80
C VAL LA 113 44.65 77.77 3.85
N LEU LA 114 44.47 78.40 5.01
CA LEU LA 114 43.51 79.49 5.12
C LEU LA 114 43.91 80.66 4.22
N SER LA 115 45.19 81.03 4.23
CA SER LA 115 45.64 82.12 3.38
C SER LA 115 45.51 81.77 1.91
N PHE LA 116 45.77 80.51 1.54
CA PHE LA 116 45.62 80.08 0.16
C PHE LA 116 44.16 80.17 -0.28
N VAL LA 117 43.23 79.74 0.56
CA VAL LA 117 41.83 79.83 0.22
C VAL LA 117 41.42 81.29 0.06
N LEU LA 118 41.87 82.15 0.97
CA LEU LA 118 41.50 83.56 0.88
C LEU LA 118 42.09 84.21 -0.36
N ASN LA 119 43.31 83.84 -0.74
CA ASN LA 119 43.92 84.40 -1.95
C ASN LA 119 43.24 83.87 -3.21
N ALA LA 120 42.75 82.63 -3.15
CA ALA LA 120 42.03 82.08 -4.30
C ALA LA 120 40.78 82.89 -4.62
N LEU LA 121 40.13 83.46 -3.61
CA LEU LA 121 38.95 84.26 -3.79
C LEU LA 121 39.26 85.74 -3.97
N PHE LA 122 40.54 86.09 -4.18
CA PHE LA 122 40.97 87.46 -4.43
C PHE LA 122 40.60 88.37 -3.27
N ILE LA 123 41.02 87.96 -2.07
CA ILE LA 123 40.86 88.74 -0.86
C ILE LA 123 42.26 88.99 -0.32
N ASN LA 124 42.76 90.21 -0.49
CA ASN LA 124 44.04 90.56 0.11
C ASN LA 124 43.88 90.66 1.62
N HIS LA 125 44.82 90.06 2.35
CA HIS LA 125 44.64 89.92 3.79
C HIS LA 125 45.98 89.72 4.45
N ARG LA 126 46.00 89.90 5.76
CA ARG LA 126 47.15 89.59 6.59
C ARG LA 126 46.68 88.83 7.81
N ILE LA 127 47.30 87.69 8.08
CA ILE LA 127 47.01 86.91 9.28
C ILE LA 127 47.95 87.37 10.38
N PHE LA 128 47.39 87.91 11.45
CA PHE LA 128 48.18 88.53 12.52
C PHE LA 128 47.87 87.85 13.83
N VAL LA 129 48.89 87.33 14.49
CA VAL LA 129 48.76 86.73 15.81
C VAL LA 129 48.99 87.82 16.85
N PRO LA 130 48.03 88.12 17.71
CA PRO LA 130 48.22 89.18 18.71
C PRO LA 130 49.39 88.87 19.62
N GLY LA 131 50.15 89.90 19.97
CA GLY LA 131 51.32 89.73 20.80
C GLY LA 131 51.82 91.06 21.31
N SER LA 132 52.63 91.00 22.36
CA SER LA 132 53.13 92.20 23.00
C SER LA 132 54.29 92.84 22.25
N PHE LA 133 54.91 92.14 21.31
CA PHE LA 133 56.04 92.65 20.56
C PHE LA 133 55.73 92.57 19.07
N ILE LA 134 55.71 93.71 18.39
CA ILE LA 134 55.51 93.79 16.95
C ILE LA 134 56.79 94.34 16.34
N LEU LA 135 57.30 93.63 15.33
CA LEU LA 135 58.59 94.00 14.75
C LEU LA 135 58.56 95.41 14.14
N GLY LA 136 57.40 95.85 13.68
CA GLY LA 136 57.34 97.14 12.99
C GLY LA 136 57.68 98.31 13.90
N GLN LA 137 57.10 98.34 15.09
CA GLN LA 137 57.16 99.54 15.93
C GLN LA 137 57.64 99.31 17.35
N SER LA 138 57.57 98.10 17.90
CA SER LA 138 57.91 97.90 19.30
C SER LA 138 59.39 98.16 19.54
N GLN LA 139 59.70 98.71 20.71
CA GLN LA 139 61.05 99.14 21.06
C GLN LA 139 61.73 98.07 21.91
N VAL LA 140 63.04 97.91 21.72
CA VAL LA 140 63.74 96.76 22.27
C VAL LA 140 63.95 96.87 23.78
N SER LA 141 64.04 98.09 24.31
CA SER LA 141 64.51 98.23 25.67
C SER LA 141 63.44 97.85 26.70
N GLU LA 142 62.18 98.14 26.43
CA GLU LA 142 61.13 97.91 27.43
C GLU LA 142 60.00 96.99 26.99
N ASP LA 143 59.71 96.88 25.70
CA ASP LA 143 58.61 96.01 25.28
C ASP LA 143 58.96 94.54 25.52
N THR LA 144 57.93 93.75 25.80
CA THR LA 144 58.10 92.36 26.24
C THR LA 144 57.60 91.39 25.18
N LEU LA 145 58.15 90.18 25.21
CA LEU LA 145 57.72 89.11 24.34
C LEU LA 145 56.49 88.41 24.90
N GLY LA 146 55.60 87.99 24.01
CA GLY LA 146 54.41 87.27 24.39
C GLY LA 146 53.66 86.80 23.18
N ALA LA 147 52.63 85.98 23.44
CA ALA LA 147 51.78 85.46 22.37
C ALA LA 147 50.37 85.30 22.94
N ALA LA 148 49.41 85.11 22.03
CA ALA LA 148 48.00 85.04 22.41
C ALA LA 148 47.52 83.62 22.67
N GLY LA 149 48.11 82.62 22.03
CA GLY LA 149 47.65 81.25 22.20
C GLY LA 149 46.75 80.79 21.07
N TRP LA 150 45.46 80.68 21.33
CA TRP LA 150 44.50 80.26 20.32
C TRP LA 150 43.78 81.44 19.66
N GLU LA 151 44.47 82.57 19.51
CA GLU LA 151 43.87 83.77 18.94
C GLU LA 151 44.64 84.24 17.72
N PHE LA 152 43.91 84.78 16.76
CA PHE LA 152 44.50 85.41 15.59
C PHE LA 152 43.47 86.35 14.99
N GLU LA 153 43.92 87.13 14.01
CA GLU LA 153 43.06 88.11 13.37
C GLU LA 153 43.35 88.14 11.88
N ILE LA 154 42.33 88.49 11.11
CA ILE LA 154 42.45 88.67 9.67
C ILE LA 154 42.29 90.16 9.40
N LEU LA 155 43.36 90.80 8.94
CA LEU LA 155 43.36 92.23 8.70
C LEU LA 155 43.24 92.49 7.20
N LEU LA 156 42.33 93.36 6.83
CA LEU LA 156 42.03 93.63 5.44
C LEU LA 156 42.37 95.07 5.08
N PRO LA 157 42.76 95.34 3.84
CA PRO LA 157 43.06 96.71 3.45
C PRO LA 157 41.81 97.57 3.45
N ARG LA 158 42.04 98.89 3.52
CA ARG LA 158 40.95 99.84 3.54
C ARG LA 158 40.13 99.86 2.25
N ASP LA 159 40.63 99.23 1.19
CA ASP LA 159 39.89 99.22 -0.07
C ASP LA 159 38.53 98.57 0.08
N TYR LA 160 38.41 97.60 0.99
CA TYR LA 160 37.14 96.93 1.21
C TYR LA 160 36.27 97.72 2.17
N ALA LA 161 34.97 97.60 1.99
CA ALA LA 161 34.02 98.35 2.81
C ALA LA 161 33.68 97.58 4.08
N GLU LA 162 33.35 98.34 5.12
CA GLU LA 162 33.01 97.73 6.41
C GLU LA 162 31.80 96.81 6.25
N ASN LA 163 31.99 95.55 6.67
CA ASN LA 163 30.98 94.49 6.50
C ASN LA 163 30.45 94.42 5.08
N GLY LA 164 31.33 94.57 4.11
CA GLY LA 164 30.97 94.45 2.72
C GLY LA 164 31.07 93.02 2.23
N TYR LA 165 31.30 92.88 0.92
CA TYR LA 165 31.45 91.55 0.35
C TYR LA 165 32.69 90.85 0.90
N GLU LA 166 33.83 91.55 0.93
CA GLU LA 166 35.07 90.92 1.36
C GLU LA 166 35.04 90.54 2.84
N PHE LA 167 34.50 91.43 3.67
CA PHE LA 167 34.46 91.15 5.11
C PHE LA 167 33.66 89.89 5.41
N ARG LA 168 32.45 89.80 4.85
CA ARG LA 168 31.59 88.68 5.19
C ARG LA 168 32.03 87.41 4.47
N LEU LA 169 32.61 87.55 3.26
CA LEU LA 169 33.19 86.39 2.60
C LEU LA 169 34.36 85.83 3.41
N THR LA 170 35.22 86.71 3.93
CA THR LA 170 36.35 86.22 4.72
C THR LA 170 35.88 85.67 6.06
N LEU LA 171 34.78 86.19 6.59
CA LEU LA 171 34.18 85.59 7.78
C LEU LA 171 33.72 84.18 7.49
N LYS LA 172 33.05 83.97 6.37
CA LYS LA 172 32.61 82.62 5.99
C LYS LA 172 33.78 81.68 5.80
N ILE LA 173 34.82 82.15 5.10
CA ILE LA 173 35.99 81.30 4.85
C ILE LA 173 36.68 80.96 6.16
N ALA LA 174 36.82 81.93 7.06
CA ALA LA 174 37.45 81.67 8.36
C ALA LA 174 36.64 80.67 9.16
N SER LA 175 35.31 80.80 9.14
CA SER LA 175 34.48 79.82 9.84
C SER LA 175 34.67 78.43 9.26
N LEU LA 176 34.81 78.34 7.93
CA LEU LA 176 34.94 77.03 7.29
C LEU LA 176 36.33 76.42 7.43
N PHE LA 177 37.37 77.23 7.61
CA PHE LA 177 38.73 76.72 7.56
C PHE LA 177 39.58 76.99 8.80
N SER LA 178 39.27 78.02 9.58
CA SER LA 178 39.99 78.20 10.83
C SER LA 178 39.58 77.13 11.83
N PRO LA 179 40.50 76.70 12.70
CA PRO LA 179 40.13 75.71 13.72
C PRO LA 179 39.02 76.23 14.62
N LEU LA 180 38.11 75.33 14.98
CA LEU LA 180 36.88 75.74 15.65
C LEU LA 180 37.15 76.31 17.04
N TRP LA 181 38.15 75.77 17.74
CA TRP LA 181 38.45 76.21 19.09
C TRP LA 181 39.19 77.54 19.15
N CYS LA 182 39.66 78.05 18.01
CA CYS LA 182 40.44 79.28 17.98
C CYS LA 182 39.53 80.49 17.86
N LYS LA 183 39.85 81.54 18.62
CA LYS LA 183 39.13 82.80 18.55
C LYS LA 183 39.76 83.68 17.48
N TYR LA 184 38.94 84.17 16.55
CA TYR LA 184 39.42 85.01 15.47
C TYR LA 184 38.50 86.21 15.30
N ARG LA 185 39.04 87.26 14.70
CA ARG LA 185 38.31 88.49 14.45
C ARG LA 185 38.81 89.09 13.14
N VAL LA 186 37.88 89.63 12.35
CA VAL LA 186 38.23 90.30 11.11
C VAL LA 186 38.23 91.81 11.36
N ARG LA 187 39.35 92.45 11.02
CA ARG LA 187 39.57 93.84 11.37
C ARG LA 187 40.19 94.56 10.19
N TYR LA 188 40.31 95.87 10.31
CA TYR LA 188 40.95 96.70 9.29
C TYR LA 188 42.44 96.76 9.55
N ASP LA 189 43.23 96.55 8.51
CA ASP LA 189 44.68 96.63 8.63
C ASP LA 189 45.09 98.07 8.90
N ASN LA 190 45.67 98.31 10.08
CA ASN LA 190 46.09 99.64 10.48
C ASN LA 190 47.35 100.11 9.79
N LEU LA 191 48.07 99.23 9.11
CA LEU LA 191 49.26 99.62 8.38
C LEU LA 191 48.87 100.49 7.18
N LEU MA 5 25.88 54.94 -7.62
CA LEU MA 5 25.43 53.56 -7.65
C LEU MA 5 26.41 52.68 -8.40
N ASN MA 6 25.89 51.67 -9.09
CA ASN MA 6 26.74 50.75 -9.83
C ASN MA 6 27.37 51.44 -11.04
N ALA MA 7 28.50 50.91 -11.48
CA ALA MA 7 29.17 51.48 -12.64
C ALA MA 7 28.43 51.09 -13.92
N PRO MA 8 28.04 52.04 -14.75
CA PRO MA 8 27.36 51.70 -15.99
C PRO MA 8 28.29 51.02 -16.97
N GLN MA 9 27.71 50.21 -17.86
CA GLN MA 9 28.49 49.54 -18.90
C GLN MA 9 28.45 50.36 -20.18
N LEU MA 10 29.62 50.60 -20.76
CA LEU MA 10 29.71 51.50 -21.92
C LEU MA 10 29.59 50.73 -23.23
N VAL MA 11 30.12 49.51 -23.28
CA VAL MA 11 30.07 48.75 -24.52
C VAL MA 11 28.74 48.02 -24.63
N VAL MA 12 28.32 47.75 -25.86
CA VAL MA 12 27.13 46.96 -26.11
C VAL MA 12 27.47 45.49 -26.00
N ASP MA 13 26.59 44.73 -25.34
CA ASP MA 13 26.85 43.30 -25.11
C ASP MA 13 26.94 42.54 -26.42
N ASP MA 14 26.04 42.82 -27.37
CA ASP MA 14 26.00 42.09 -28.64
C ASP MA 14 25.62 43.07 -29.74
N TYR MA 15 26.52 43.28 -30.70
CA TYR MA 15 26.27 44.22 -31.77
C TYR MA 15 25.46 43.62 -32.92
N GLU MA 16 25.56 42.30 -33.12
CA GLU MA 16 24.69 41.64 -34.09
C GLU MA 16 23.24 41.77 -33.66
N GLN MA 17 22.98 41.64 -32.37
CA GLN MA 17 21.65 41.92 -31.85
C GLN MA 17 21.23 43.36 -32.16
N LEU MA 18 22.18 44.29 -32.11
CA LEU MA 18 21.87 45.68 -32.45
C LEU MA 18 21.46 45.80 -33.91
N ILE MA 19 22.19 45.15 -34.81
CA ILE MA 19 21.85 45.21 -36.24
C ILE MA 19 20.46 44.65 -36.40
N ILE MA 20 20.22 43.49 -35.80
CA ILE MA 20 18.92 42.85 -35.89
C ILE MA 20 17.81 43.77 -35.40
N ASP MA 21 18.02 44.44 -34.27
CA ASP MA 21 16.99 45.32 -33.72
C ASP MA 21 16.75 46.56 -34.57
N SER MA 22 17.76 47.03 -35.28
CA SER MA 22 17.58 48.17 -36.18
C SER MA 22 16.78 47.73 -37.39
N LEU MA 23 16.90 46.47 -37.77
CA LEU MA 23 16.12 45.94 -38.88
C LEU MA 23 14.71 45.62 -38.43
N VAL MA 24 14.53 45.28 -37.17
CA VAL MA 24 13.18 45.07 -36.67
C VAL MA 24 12.55 46.45 -36.63
N HIS MA 25 13.36 47.46 -36.32
CA HIS MA 25 12.84 48.82 -36.34
C HIS MA 25 12.49 49.29 -37.76
N THR MA 26 13.23 48.86 -38.77
CA THR MA 26 12.85 49.23 -40.14
C THR MA 26 11.46 48.71 -40.46
N ASN MA 27 11.09 47.57 -39.87
CA ASN MA 27 9.76 47.05 -40.06
C ASN MA 27 8.76 47.82 -39.22
N VAL MA 28 9.10 48.10 -37.97
CA VAL MA 28 8.14 48.76 -37.08
C VAL MA 28 7.78 50.14 -37.59
N VAL MA 29 8.78 50.91 -38.02
CA VAL MA 29 8.56 52.28 -38.47
C VAL MA 29 7.70 52.30 -39.73
N SER MA 30 7.98 51.41 -40.68
CA SER MA 30 7.26 51.39 -41.94
C SER MA 30 5.92 50.69 -41.86
N ASN MA 31 5.51 50.24 -40.66
CA ASN MA 31 4.25 49.51 -40.47
C ASN MA 31 4.22 48.23 -41.30
N GLY MA 32 5.18 47.34 -41.02
CA GLY MA 32 5.20 46.02 -41.61
C GLY MA 32 5.36 45.99 -43.12
N GLU MA 33 6.09 46.95 -43.69
CA GLU MA 33 6.34 46.99 -45.12
C GLU MA 33 7.78 46.65 -45.48
N PHE MA 34 8.71 46.82 -44.56
CA PHE MA 34 10.12 46.55 -44.78
C PHE MA 34 10.43 45.23 -44.07
N THR MA 35 10.46 44.13 -44.83
CA THR MA 35 10.62 42.81 -44.26
C THR MA 35 11.86 42.08 -44.75
N ASP MA 36 12.89 42.78 -45.16
CA ASP MA 36 14.13 42.16 -45.62
C ASP MA 36 15.19 42.32 -44.54
N LEU MA 37 15.68 41.20 -44.02
CA LEU MA 37 16.67 41.21 -42.95
C LEU MA 37 18.02 40.64 -43.37
N ASP MA 38 18.18 40.26 -44.63
CA ASP MA 38 19.39 39.62 -45.10
C ASP MA 38 20.35 40.64 -45.70
N ALA MA 39 21.60 40.20 -45.92
CA ALA MA 39 22.64 41.11 -46.38
C ALA MA 39 22.35 41.65 -47.77
N SER MA 40 21.60 40.90 -48.58
CA SER MA 40 21.21 41.40 -49.89
C SER MA 40 20.18 42.50 -49.81
N GLY MA 41 19.60 42.75 -48.64
CA GLY MA 41 18.64 43.82 -48.51
C GLY MA 41 19.30 45.18 -48.57
N PHE MA 42 18.46 46.21 -48.76
CA PHE MA 42 18.98 47.56 -48.90
C PHE MA 42 19.50 48.10 -47.58
N MET MA 43 18.78 47.87 -46.50
CA MET MA 43 19.09 48.47 -45.20
C MET MA 43 20.23 47.78 -44.46
N ARG MA 44 20.46 46.50 -44.75
CA ARG MA 44 21.39 45.72 -43.93
C ARG MA 44 22.82 46.21 -44.00
N PRO MA 45 23.41 46.51 -45.17
CA PRO MA 45 24.78 47.05 -45.17
C PRO MA 45 24.90 48.35 -44.41
N PHE MA 46 23.92 49.25 -44.54
CA PHE MA 46 23.96 50.50 -43.79
C PHE MA 46 23.91 50.25 -42.29
N ALA MA 47 23.00 49.38 -41.85
CA ALA MA 47 22.87 49.11 -40.43
C ALA MA 47 24.12 48.43 -39.88
N GLY MA 48 24.70 47.50 -40.65
CA GLY MA 48 25.89 46.83 -40.19
C GLY MA 48 27.09 47.77 -40.10
N THR MA 49 27.24 48.65 -41.10
CA THR MA 49 28.32 49.62 -41.05
C THR MA 49 28.15 50.58 -39.87
N MET MA 50 26.92 51.04 -39.63
CA MET MA 50 26.69 51.86 -38.45
C MET MA 50 27.02 51.11 -37.17
N ALA MA 51 26.62 49.84 -37.08
CA ALA MA 51 26.88 49.09 -35.86
C ALA MA 51 28.37 48.91 -35.63
N TYR MA 52 29.13 48.65 -36.69
CA TYR MA 52 30.57 48.48 -36.55
C TYR MA 52 31.24 49.78 -36.14
N ALA MA 53 30.89 50.89 -36.81
CA ALA MA 53 31.44 52.19 -36.42
C ALA MA 53 31.06 52.54 -34.98
N GLY MA 54 29.84 52.19 -34.58
CA GLY MA 54 29.42 52.42 -33.21
C GLY MA 54 30.17 51.58 -32.21
N SER MA 55 30.51 50.34 -32.58
CA SER MA 55 31.33 49.52 -31.70
C SER MA 55 32.70 50.16 -31.49
N GLU MA 56 33.30 50.66 -32.57
CA GLU MA 56 34.56 51.38 -32.42
C GLU MA 56 34.39 52.61 -31.54
N LEU MA 57 33.30 53.36 -31.75
CA LEU MA 57 33.07 54.56 -30.96
C LEU MA 57 32.88 54.23 -29.48
N LEU MA 58 32.17 53.15 -29.17
CA LEU MA 58 31.96 52.80 -27.78
C LEU MA 58 33.22 52.25 -27.13
N TYR MA 59 34.05 51.53 -27.89
CA TYR MA 59 35.35 51.14 -27.36
C TYR MA 59 36.20 52.36 -27.04
N LYS MA 60 36.19 53.35 -27.93
CA LYS MA 60 36.90 54.60 -27.63
C LYS MA 60 36.29 55.33 -26.45
N ALA MA 61 34.96 55.26 -26.28
CA ALA MA 61 34.34 55.89 -25.12
C ALA MA 61 34.77 55.21 -23.82
N ASN MA 62 34.86 53.88 -23.82
CA ASN MA 62 35.38 53.17 -22.66
C ASN MA 62 36.81 53.58 -22.35
N LEU MA 63 37.66 53.63 -23.38
CA LEU MA 63 39.02 54.09 -23.18
C LEU MA 63 39.05 55.51 -22.67
N ALA MA 64 38.16 56.36 -23.16
CA ALA MA 64 38.14 57.76 -22.76
C ALA MA 64 37.72 57.91 -21.31
N SER MA 65 36.74 57.13 -20.87
CA SER MA 65 36.35 57.19 -19.46
C SER MA 65 37.47 56.70 -18.55
N ILE MA 66 38.15 55.63 -18.95
CA ILE MA 66 39.29 55.15 -18.17
C ILE MA 66 40.37 56.22 -18.12
N ALA MA 67 40.67 56.85 -19.26
CA ALA MA 67 41.71 57.87 -19.31
C ALA MA 67 41.30 59.11 -18.52
N ALA MA 68 40.01 59.42 -18.50
CA ALA MA 68 39.52 60.54 -17.70
C ALA MA 68 39.70 60.29 -16.23
N ALA MA 69 39.41 59.05 -15.79
CA ALA MA 69 39.66 58.70 -14.39
C ALA MA 69 41.15 58.81 -14.07
N LYS MA 70 42.01 58.32 -14.96
CA LYS MA 70 43.44 58.40 -14.72
C LYS MA 70 43.93 59.85 -14.71
N SER MA 71 43.33 60.70 -15.54
CA SER MA 71 43.70 62.11 -15.55
C SER MA 71 43.26 62.80 -14.27
N PHE MA 72 42.09 62.44 -13.75
CA PHE MA 72 41.68 62.94 -12.45
C PHE MA 72 42.66 62.51 -11.38
N PHE MA 73 43.11 61.26 -11.44
CA PHE MA 73 44.10 60.78 -10.47
C PHE MA 73 45.40 61.57 -10.58
N LYS MA 74 45.84 61.84 -11.81
CA LYS MA 74 47.14 62.49 -12.00
C LYS MA 74 47.10 63.96 -11.62
N ASN MA 75 46.08 64.68 -12.05
CA ASN MA 75 46.04 66.12 -11.83
C ASN MA 75 45.47 66.46 -10.46
N VAL MA 76 44.27 65.98 -10.15
CA VAL MA 76 43.63 66.33 -8.90
C VAL MA 76 44.27 65.59 -7.73
N LEU MA 77 44.27 64.26 -7.79
CA LEU MA 77 44.82 63.47 -6.69
C LEU MA 77 46.33 63.66 -6.59
N GLY MA 78 47.00 63.85 -7.72
CA GLY MA 78 48.44 63.94 -7.74
C GLY MA 78 49.15 62.61 -7.88
N VAL MA 79 48.47 61.58 -8.36
CA VAL MA 79 49.04 60.24 -8.48
C VAL MA 79 49.21 59.91 -9.96
N PRO MA 80 50.42 59.97 -10.49
CA PRO MA 80 50.64 59.56 -11.88
C PRO MA 80 50.42 58.07 -12.06
N GLU MA 81 49.93 57.70 -13.24
CA GLU MA 81 49.77 56.30 -13.57
C GLU MA 81 51.07 55.77 -14.16
N ASP MA 82 51.63 54.73 -13.53
CA ASP MA 82 52.92 54.19 -13.92
C ASP MA 82 52.71 53.18 -15.04
N THR MA 83 52.98 53.60 -16.28
CA THR MA 83 52.94 52.71 -17.43
C THR MA 83 54.33 52.24 -17.82
N GLY MA 84 55.27 52.28 -16.88
CA GLY MA 84 56.64 51.89 -17.15
C GLY MA 84 57.61 53.03 -16.94
N THR MA 85 58.57 52.84 -16.04
CA THR MA 85 59.62 53.82 -15.79
C THR MA 85 60.94 53.29 -16.32
N LYS MA 86 61.64 54.13 -17.08
CA LYS MA 86 62.97 53.77 -17.55
C LYS MA 86 63.95 53.94 -16.41
N ALA MA 87 64.71 52.88 -16.13
CA ALA MA 87 65.64 52.91 -15.02
C ALA MA 87 66.71 53.97 -15.24
N THR MA 88 67.14 54.60 -14.15
CA THR MA 88 68.16 55.63 -14.19
C THR MA 88 69.30 55.28 -13.26
N THR MA 89 70.50 55.72 -13.62
CA THR MA 89 71.69 55.50 -12.82
C THR MA 89 72.53 56.76 -12.85
N THR MA 90 73.63 56.73 -12.08
CA THR MA 90 74.57 57.85 -12.02
C THR MA 90 75.90 57.40 -12.60
N LEU MA 91 76.16 57.79 -13.84
CA LEU MA 91 77.43 57.48 -14.48
C LEU MA 91 78.51 58.43 -13.99
N GLN MA 92 79.71 57.88 -13.83
CA GLN MA 92 80.92 58.65 -13.57
C GLN MA 92 81.90 58.44 -14.71
N PHE MA 93 82.38 59.54 -15.27
CA PHE MA 93 83.39 59.55 -16.31
C PHE MA 93 84.70 60.01 -15.70
N GLY MA 94 85.74 59.19 -15.85
CA GLY MA 94 87.06 59.49 -15.32
C GLY MA 94 88.05 59.71 -16.44
N LEU MA 95 88.67 60.89 -16.43
CA LEU MA 95 89.59 61.32 -17.47
C LEU MA 95 91.00 60.80 -17.19
N SER MA 96 91.81 60.77 -18.25
CA SER MA 96 93.19 60.31 -18.14
C SER MA 96 94.20 61.45 -17.98
N ALA MA 97 93.74 62.71 -18.00
CA ALA MA 97 94.62 63.84 -17.80
C ALA MA 97 93.81 65.02 -17.30
N SER MA 98 94.51 66.02 -16.76
CA SER MA 98 93.88 67.22 -16.22
C SER MA 98 93.92 68.29 -17.30
N LEU MA 99 92.82 68.37 -18.06
CA LEU MA 99 92.78 69.25 -19.21
C LEU MA 99 92.75 70.71 -18.79
N SER MA 100 93.43 71.56 -19.57
CA SER MA 100 93.42 72.99 -19.32
C SER MA 100 92.09 73.64 -19.67
N THR MA 101 91.25 72.95 -20.43
CA THR MA 101 89.94 73.46 -20.80
C THR MA 101 88.85 72.51 -20.30
N ASP MA 102 87.59 72.85 -20.53
CA ASP MA 102 86.49 72.04 -20.04
C ASP MA 102 86.24 70.88 -20.99
N PHE MA 103 86.07 69.68 -20.42
CA PHE MA 103 85.79 68.47 -21.19
C PHE MA 103 84.28 68.34 -21.32
N ILE MA 104 83.79 68.32 -22.56
CA ILE MA 104 82.36 68.30 -22.84
C ILE MA 104 81.99 66.92 -23.35
N VAL MA 105 81.20 66.19 -22.56
CA VAL MA 105 80.59 64.94 -23.00
C VAL MA 105 79.18 65.27 -23.49
N PRO MA 106 78.89 65.14 -24.77
CA PRO MA 106 77.59 65.61 -25.29
C PRO MA 106 76.45 64.74 -24.79
N ILE MA 107 75.23 65.28 -24.91
CA ILE MA 107 74.05 64.57 -24.46
C ILE MA 107 73.87 63.28 -25.23
N ASN MA 108 73.09 62.37 -24.65
CA ASN MA 108 72.76 61.08 -25.26
C ASN MA 108 74.01 60.28 -25.61
N PHE MA 109 74.99 60.30 -24.70
CA PHE MA 109 76.15 59.46 -24.84
C PHE MA 109 75.77 58.03 -24.45
N GLN MA 110 76.06 57.07 -25.32
CA GLN MA 110 75.59 55.71 -25.12
C GLN MA 110 76.66 54.86 -24.43
N VAL MA 111 76.28 54.22 -23.33
CA VAL MA 111 77.12 53.23 -22.66
C VAL MA 111 76.31 51.95 -22.50
N SER MA 112 77.01 50.84 -22.31
CA SER MA 112 76.33 49.55 -22.29
C SER MA 112 77.10 48.61 -21.37
N ASP MA 113 76.50 47.45 -21.09
CA ASP MA 113 77.13 46.41 -20.32
C ASP MA 113 77.96 45.52 -21.25
N LEU MA 114 78.51 44.43 -20.69
CA LEU MA 114 79.35 43.54 -21.49
C LEU MA 114 78.55 42.85 -22.58
N SER MA 115 77.35 42.36 -22.26
CA SER MA 115 76.56 41.64 -23.25
C SER MA 115 76.08 42.54 -24.38
N GLY MA 116 76.00 43.85 -24.14
CA GLY MA 116 75.44 44.76 -25.12
C GLY MA 116 73.94 44.83 -25.13
N THR MA 117 73.26 44.03 -24.30
CA THR MA 117 71.81 44.02 -24.27
C THR MA 117 71.26 45.31 -23.67
N LEU MA 118 71.90 45.81 -22.62
CA LEU MA 118 71.42 46.97 -21.87
C LEU MA 118 72.18 48.20 -22.34
N ARG MA 119 71.46 49.28 -22.64
CA ARG MA 119 72.06 50.51 -23.13
C ARG MA 119 71.49 51.69 -22.37
N PHE MA 120 72.36 52.51 -21.80
CA PHE MA 120 71.97 53.73 -21.12
C PHE MA 120 72.51 54.94 -21.88
N TYR MA 121 71.80 56.05 -21.73
CA TYR MA 121 72.17 57.31 -22.39
C TYR MA 121 72.16 58.43 -21.37
N THR MA 122 73.18 59.28 -21.43
CA THR MA 122 73.24 60.42 -20.51
C THR MA 122 72.10 61.39 -20.78
N ILE MA 123 71.48 61.87 -19.70
CA ILE MA 123 70.30 62.72 -19.84
C ILE MA 123 70.70 64.15 -20.17
N GLY MA 124 71.93 64.54 -19.86
CA GLY MA 124 72.36 65.89 -20.12
C GLY MA 124 73.75 66.00 -20.71
N ASN MA 125 74.29 67.21 -20.78
CA ASN MA 125 75.66 67.45 -21.20
C ASN MA 125 76.55 67.45 -19.97
N LEU MA 126 77.61 66.64 -20.00
CA LEU MA 126 78.56 66.60 -18.90
C LEU MA 126 79.66 67.62 -19.17
N VAL MA 127 79.89 68.50 -18.21
CA VAL MA 127 80.90 69.54 -18.33
C VAL MA 127 81.90 69.31 -17.20
N ILE MA 128 82.97 68.58 -17.50
CA ILE MA 128 84.03 68.39 -16.51
C ILE MA 128 84.89 69.65 -16.53
N PRO MA 129 84.97 70.39 -15.44
CA PRO MA 129 85.70 71.66 -15.45
C PRO MA 129 87.20 71.43 -15.61
N ALA MA 130 87.88 72.49 -16.03
CA ALA MA 130 89.32 72.42 -16.22
C ALA MA 130 90.01 72.08 -14.92
N GLY MA 131 90.95 71.13 -14.98
CA GLY MA 131 91.63 70.68 -13.79
C GLY MA 131 90.90 69.62 -12.99
N ALA MA 132 89.72 69.18 -13.45
CA ALA MA 132 88.97 68.13 -12.79
C ALA MA 132 89.18 66.82 -13.54
N THR MA 133 89.47 65.76 -12.80
CA THR MA 133 89.80 64.47 -13.40
C THR MA 133 88.63 63.52 -13.50
N PHE MA 134 87.45 63.90 -13.00
CA PHE MA 134 86.27 63.05 -13.14
C PHE MA 134 85.03 63.90 -12.97
N GLY MA 135 83.91 63.35 -13.45
CA GLY MA 135 82.64 64.04 -13.33
C GLY MA 135 81.48 63.06 -13.44
N THR MA 136 80.39 63.38 -12.75
CA THR MA 136 79.23 62.49 -12.68
C THR MA 136 78.03 63.14 -13.36
N ILE MA 137 77.18 62.30 -13.95
CA ILE MA 137 75.95 62.76 -14.59
C ILE MA 137 74.96 61.60 -14.57
N GLU MA 138 73.68 61.93 -14.58
CA GLU MA 138 72.64 60.90 -14.58
C GLU MA 138 72.38 60.38 -15.99
N ALA MA 139 72.16 59.08 -16.09
CA ALA MA 139 71.82 58.44 -17.34
C ALA MA 139 70.53 57.66 -17.18
N ILE MA 140 69.83 57.46 -18.29
CA ILE MA 140 68.55 56.79 -18.31
C ILE MA 140 68.62 55.59 -19.25
N ALA MA 141 67.83 54.57 -18.94
CA ALA MA 141 67.84 53.35 -19.73
C ALA MA 141 67.21 53.61 -21.10
N GLU MA 142 67.50 52.70 -22.03
CA GLU MA 142 66.94 52.81 -23.37
C GLU MA 142 65.47 52.40 -23.42
N ASP MA 143 65.01 51.59 -22.47
CA ASP MA 143 63.65 51.08 -22.50
C ASP MA 143 63.15 50.87 -21.09
N ILE MA 144 61.83 50.78 -20.95
CA ILE MA 144 61.22 50.49 -19.65
C ILE MA 144 61.41 49.01 -19.33
N GLY MA 145 61.19 48.68 -18.06
CA GLY MA 145 61.28 47.30 -17.62
C GLY MA 145 62.25 47.11 -16.46
N GLU MA 146 62.05 46.04 -15.70
CA GLU MA 146 62.90 45.74 -14.56
C GLU MA 146 64.26 45.20 -14.96
N LYS MA 147 64.43 44.78 -16.22
CA LYS MA 147 65.68 44.19 -16.66
C LYS MA 147 66.84 45.18 -16.65
N TYR MA 148 66.56 46.47 -16.63
CA TYR MA 148 67.62 47.49 -16.64
C TYR MA 148 68.13 47.81 -15.24
N ASN MA 149 67.53 47.23 -14.21
CA ASN MA 149 67.96 47.48 -12.83
C ASN MA 149 69.14 46.56 -12.53
N VAL MA 150 70.35 47.09 -12.63
CA VAL MA 150 71.56 46.31 -12.39
C VAL MA 150 72.34 46.96 -11.27
N SER MA 151 73.26 46.18 -10.69
CA SER MA 151 74.09 46.69 -9.61
C SER MA 151 75.18 47.59 -10.17
N ALA MA 152 75.99 48.15 -9.28
CA ALA MA 152 77.01 49.11 -9.69
C ALA MA 152 78.11 48.43 -10.49
N ASN MA 153 78.79 49.23 -11.30
CA ASN MA 153 79.97 48.86 -12.07
C ASN MA 153 79.68 47.84 -13.16
N PHE MA 154 78.41 47.62 -13.52
CA PHE MA 154 78.09 46.73 -14.62
C PHE MA 154 77.83 47.46 -15.92
N ILE MA 155 77.70 48.78 -15.88
CA ILE MA 155 77.45 49.59 -17.07
C ILE MA 155 78.72 50.38 -17.32
N ASP MA 156 79.64 49.80 -18.10
CA ASP MA 156 80.93 50.42 -18.32
C ASP MA 156 81.41 50.41 -19.76
N GLN MA 157 80.77 49.67 -20.66
CA GLN MA 157 81.24 49.60 -22.04
C GLN MA 157 80.68 50.76 -22.85
N TYR MA 158 81.57 51.49 -23.51
CA TYR MA 158 81.18 52.54 -24.43
C TYR MA 158 81.91 52.31 -25.75
N SER MA 159 81.15 52.29 -26.84
CA SER MA 159 81.69 51.97 -28.15
C SER MA 159 82.35 53.17 -28.83
N THR MA 160 82.05 54.39 -28.38
CA THR MA 160 82.59 55.58 -29.03
C THR MA 160 83.66 56.20 -28.15
N PRO MA 161 84.93 56.00 -28.45
CA PRO MA 161 85.98 56.55 -27.59
C PRO MA 161 86.07 58.07 -27.71
N LEU MA 162 86.41 58.70 -26.60
CA LEU MA 162 86.75 60.11 -26.54
C LEU MA 162 88.19 60.25 -26.08
N THR MA 163 88.91 61.18 -26.67
CA THR MA 163 90.29 61.43 -26.25
C THR MA 163 90.29 61.91 -24.80
N TYR MA 164 91.31 61.47 -24.06
CA TYR MA 164 91.55 61.77 -22.65
C TYR MA 164 90.56 61.09 -21.73
N LEU MA 165 89.58 60.37 -22.26
CA LEU MA 165 88.61 59.65 -21.44
C LEU MA 165 89.20 58.29 -21.06
N GLN MA 166 89.37 58.05 -19.77
CA GLN MA 166 89.95 56.81 -19.32
C GLN MA 166 88.88 55.75 -19.05
N TYR MA 167 87.89 56.06 -18.22
CA TYR MA 167 86.88 55.07 -17.87
C TYR MA 167 85.49 55.71 -17.80
N VAL MA 168 84.49 54.87 -17.97
CA VAL MA 168 83.10 55.23 -17.73
C VAL MA 168 82.46 54.12 -16.92
N THR MA 169 81.78 54.46 -15.84
CA THR MA 169 81.16 53.45 -14.99
C THR MA 169 79.87 54.01 -14.41
N ASN MA 170 79.15 53.19 -13.67
CA ASN MA 170 78.00 53.64 -12.91
C ASN MA 170 78.27 53.38 -11.43
N ILE MA 171 78.47 54.45 -10.67
CA ILE MA 171 78.72 54.31 -9.24
C ILE MA 171 77.47 53.80 -8.53
N ARG MA 172 76.34 54.27 -8.92
CA ARG MA 172 75.07 53.83 -8.35
C ARG MA 172 74.55 52.62 -9.10
N PRO MA 173 73.80 51.75 -8.42
CA PRO MA 173 73.04 50.73 -9.14
C PRO MA 173 71.83 51.36 -9.83
N ALA MA 174 71.53 50.87 -11.02
CA ALA MA 174 70.36 51.38 -11.74
C ALA MA 174 69.09 50.93 -11.04
N THR MA 175 68.18 51.87 -10.80
CA THR MA 175 66.98 51.60 -10.05
C THR MA 175 65.79 52.25 -10.74
N ASN MA 176 64.61 52.09 -10.14
CA ASN MA 176 63.37 52.70 -10.60
C ASN MA 176 62.96 52.20 -11.98
N GLY MA 177 63.30 50.95 -12.31
CA GLY MA 177 62.90 50.39 -13.58
C GLY MA 177 61.72 49.46 -13.45
N ARG MA 178 60.57 49.86 -13.98
CA ARG MA 178 59.35 49.07 -13.87
C ARG MA 178 58.71 48.95 -15.25
N SER MA 179 57.96 47.87 -15.45
CA SER MA 179 57.30 47.62 -16.73
C SER MA 179 55.86 48.08 -16.76
N GLY MA 180 55.32 48.55 -15.66
CA GLY MA 180 53.93 48.94 -15.62
C GLY MA 180 53.41 48.91 -14.19
N GLU MA 181 52.09 48.88 -14.10
CA GLU MA 181 51.41 48.88 -12.80
C GLU MA 181 50.02 48.28 -12.94
N THR MA 182 49.68 47.36 -12.04
CA THR MA 182 48.33 46.85 -12.00
C THR MA 182 47.38 47.90 -11.44
N ILE MA 183 46.09 47.71 -11.70
CA ILE MA 183 45.10 48.69 -11.27
C ILE MA 183 45.00 48.75 -9.76
N ASP MA 184 45.20 47.62 -9.07
CA ASP MA 184 45.08 47.60 -7.62
C ASP MA 184 46.16 48.46 -6.97
N ASN MA 185 47.38 48.40 -7.49
CA ASN MA 185 48.45 49.24 -6.95
C ASN MA 185 48.13 50.72 -7.15
N LEU MA 186 47.63 51.09 -8.32
CA LEU MA 186 47.26 52.48 -8.55
C LEU MA 186 46.14 52.92 -7.62
N ILE MA 187 45.17 52.04 -7.38
CA ILE MA 187 44.05 52.39 -6.52
C ILE MA 187 44.52 52.59 -5.08
N GLU MA 188 45.37 51.70 -4.59
CA GLU MA 188 45.88 51.87 -3.22
C GLU MA 188 46.76 53.11 -3.11
N ARG MA 189 47.51 53.42 -4.16
CA ARG MA 189 48.32 54.63 -4.15
C ARG MA 189 47.45 55.88 -4.15
N CYS MA 190 46.33 55.87 -4.88
CA CYS MA 190 45.40 56.98 -4.83
C CYS MA 190 44.76 57.10 -3.45
N ALA MA 191 44.39 55.97 -2.85
CA ALA MA 191 43.72 55.99 -1.55
C ALA MA 191 44.67 56.45 -0.45
N GLN MA 192 45.96 56.19 -0.60
CA GLN MA 192 46.92 56.67 0.40
C GLN MA 192 46.95 58.19 0.47
N ILE MA 193 46.65 58.86 -0.64
CA ILE MA 193 46.63 60.32 -0.65
C ILE MA 193 45.50 60.85 0.22
N ILE MA 194 44.33 60.23 0.15
CA ILE MA 194 43.19 60.65 0.94
C ILE MA 194 43.47 60.45 2.43
N ARG MA 195 44.20 59.40 2.78
CA ARG MA 195 44.44 59.08 4.18
C ARG MA 195 45.44 60.02 4.85
N ILE MA 196 46.10 60.91 4.10
CA ILE MA 196 47.11 61.78 4.69
C ILE MA 196 46.48 62.66 5.76
N ARG MA 197 47.10 62.69 6.94
CA ARG MA 197 46.52 63.35 8.09
C ARG MA 197 47.63 64.04 8.89
N ASN MA 198 47.29 65.17 9.50
CA ASN MA 198 48.24 65.88 10.34
C ASN MA 198 48.10 65.42 11.80
N PRO MA 199 49.19 65.43 12.57
CA PRO MA 199 49.08 65.02 13.97
C PRO MA 199 48.24 66.02 14.76
N VAL MA 200 47.34 65.49 15.58
CA VAL MA 200 46.41 66.34 16.32
C VAL MA 200 46.43 65.99 17.80
N SER MA 201 46.85 64.76 18.12
CA SER MA 201 46.88 64.33 19.51
C SER MA 201 48.32 64.18 19.99
N ALA MA 202 48.46 63.83 21.27
CA ALA MA 202 49.80 63.63 21.81
C ALA MA 202 50.49 62.44 21.17
N LEU MA 203 49.75 61.34 20.98
CA LEU MA 203 50.35 60.11 20.49
C LEU MA 203 50.91 60.28 19.09
N ASP MA 204 50.09 60.77 18.15
CA ASP MA 204 50.57 60.89 16.77
C ASP MA 204 51.60 62.01 16.63
N PHE MA 205 51.51 63.03 17.50
CA PHE MA 205 52.58 64.01 17.56
C PHE MA 205 53.91 63.37 17.94
N GLU MA 206 53.92 62.47 18.91
CA GLU MA 206 55.13 61.74 19.27
C GLU MA 206 55.59 60.82 18.15
N GLN MA 207 54.65 60.14 17.48
CA GLN MA 207 55.03 59.21 16.42
C GLN MA 207 55.68 59.93 15.25
N LEU MA 208 55.15 61.10 14.88
CA LEU MA 208 55.76 61.87 13.80
C LEU MA 208 57.20 62.24 14.15
N ALA MA 209 57.44 62.66 15.40
CA ALA MA 209 58.79 63.02 15.81
C ALA MA 209 59.72 61.81 15.83
N GLU MA 210 59.24 60.69 16.36
CA GLU MA 210 60.08 59.50 16.45
C GLU MA 210 60.41 58.93 15.07
N LEU MA 211 59.50 59.09 14.11
CA LEU MA 211 59.80 58.64 12.76
C LEU MA 211 60.96 59.43 12.16
N THR MA 212 60.98 60.74 12.37
CA THR MA 212 62.07 61.56 11.88
C THR MA 212 63.37 61.27 12.63
N MET MA 213 63.29 61.16 13.95
CA MET MA 213 64.49 60.99 14.77
C MET MA 213 65.16 59.66 14.49
N GLY MA 214 64.39 58.59 14.33
CA GLY MA 214 64.93 57.29 14.00
C GLY MA 214 64.51 56.24 15.01
N GLU MA 215 64.79 54.99 14.65
CA GLU MA 215 64.42 53.85 15.48
C GLU MA 215 65.31 53.78 16.70
N GLY MA 216 64.71 53.57 17.87
CA GLY MA 216 65.44 53.55 19.13
C GLY MA 216 65.34 54.84 19.92
N SER MA 217 64.57 55.80 19.45
CA SER MA 217 64.44 57.11 20.07
C SER MA 217 63.02 57.29 20.58
N ARG MA 218 62.80 58.26 21.46
CA ARG MA 218 61.47 58.46 22.02
C ARG MA 218 61.10 59.93 22.04
N CYS MA 219 59.80 60.20 22.15
CA CYS MA 219 59.28 61.54 22.29
C CYS MA 219 58.13 61.53 23.28
N LYS MA 220 57.83 62.71 23.82
CA LYS MA 220 56.70 62.90 24.74
C LYS MA 220 56.08 64.25 24.43
N ALA MA 221 54.76 64.28 24.25
CA ALA MA 221 54.04 65.50 23.94
C ALA MA 221 53.17 65.91 25.12
N ILE MA 222 53.35 67.12 25.61
CA ILE MA 222 52.61 67.65 26.75
C ILE MA 222 51.87 68.90 26.30
N GLY MA 223 50.59 68.98 26.64
CA GLY MA 223 49.79 70.12 26.27
C GLY MA 223 49.91 71.28 27.25
N LEU MA 224 49.85 72.49 26.70
CA LEU MA 224 49.80 73.74 27.45
C LEU MA 224 51.00 73.94 28.37
N LEU MA 225 52.12 73.29 28.10
CA LEU MA 225 53.33 73.44 28.91
C LEU MA 225 54.22 74.50 28.28
N GLY MA 226 54.41 75.61 28.98
CA GLY MA 226 55.14 76.73 28.44
C GLY MA 226 56.63 76.46 28.36
N ILE MA 227 57.35 77.48 27.88
CA ILE MA 227 58.80 77.39 27.75
C ILE MA 227 59.48 77.18 29.09
N ASN MA 228 59.00 77.85 30.14
CA ASN MA 228 59.59 77.72 31.47
C ASN MA 228 59.36 76.34 32.08
N LYS MA 229 58.51 75.51 31.48
CA LYS MA 229 58.20 74.17 31.98
C LYS MA 229 57.64 74.24 33.40
N ILE MA 230 56.64 75.09 33.59
CA ILE MA 230 55.93 75.21 34.86
C ILE MA 230 54.53 74.65 34.65
N VAL MA 231 54.18 73.62 35.43
CA VAL MA 231 52.90 72.95 35.26
C VAL MA 231 51.76 73.84 35.73
N THR MA 232 51.97 74.61 36.80
CA THR MA 232 50.89 75.42 37.37
C THR MA 232 50.57 76.64 36.52
N ASP MA 233 51.33 76.93 35.47
CA ASP MA 233 51.10 78.07 34.60
C ASP MA 233 50.77 77.52 33.22
N PRO MA 234 49.50 77.27 32.92
CA PRO MA 234 49.14 76.75 31.60
C PRO MA 234 49.15 77.85 30.56
N GLN MA 235 49.68 77.52 29.39
CA GLN MA 235 49.80 78.46 28.29
C GLN MA 235 48.96 77.97 27.12
N PRO MA 236 47.93 78.68 26.70
CA PRO MA 236 47.04 78.17 25.66
C PRO MA 236 47.76 77.98 24.34
N GLY MA 237 47.33 76.95 23.61
CA GLY MA 237 47.83 76.68 22.27
C GLY MA 237 49.31 76.33 22.22
N VAL MA 238 49.78 75.55 23.20
CA VAL MA 238 51.18 75.17 23.28
C VAL MA 238 51.29 73.66 23.37
N VAL MA 239 52.18 73.08 22.56
CA VAL MA 239 52.46 71.66 22.60
C VAL MA 239 53.96 71.46 22.78
N HIS MA 240 54.38 71.14 23.99
CA HIS MA 240 55.79 70.90 24.27
C HIS MA 240 56.17 69.48 23.86
N LEU MA 241 57.28 69.35 23.13
CA LEU MA 241 57.82 68.06 22.74
C LEU MA 241 59.14 67.84 23.46
N PHE MA 242 59.28 66.67 24.06
CA PHE MA 242 60.50 66.30 24.76
C PHE MA 242 61.06 65.05 24.09
N LEU MA 243 62.30 65.15 23.59
CA LEU MA 243 62.88 64.14 22.74
C LEU MA 243 64.06 63.46 23.40
N LEU MA 244 64.11 62.14 23.27
CA LEU MA 244 65.26 61.32 23.64
C LEU MA 244 65.85 60.76 22.37
N ASP MA 245 67.12 61.04 22.14
CA ASP MA 245 67.74 60.77 20.84
C ASP MA 245 67.82 59.26 20.58
N VAL MA 246 68.23 58.94 19.35
CA VAL MA 246 68.33 57.56 18.89
C VAL MA 246 69.26 56.71 19.73
N ASN MA 247 70.17 57.33 20.49
CA ASN MA 247 71.13 56.59 21.30
C ASN MA 247 70.71 56.47 22.76
N GLY MA 248 69.58 57.06 23.14
CA GLY MA 248 69.12 57.05 24.51
C GLY MA 248 69.50 58.29 25.30
N ASN MA 249 70.28 59.18 24.71
CA ASN MA 249 70.65 60.43 25.36
C ASN MA 249 69.63 61.52 25.02
N PRO MA 250 69.53 62.54 25.87
CA PRO MA 250 68.68 63.70 25.52
C PRO MA 250 69.14 64.32 24.21
N ALA MA 251 68.16 64.77 23.43
CA ALA MA 251 68.44 65.18 22.05
C ALA MA 251 69.30 66.44 22.02
N ASP MA 252 70.29 66.42 21.14
CA ASP MA 252 71.18 67.56 20.93
C ASP MA 252 70.50 68.59 20.03
N PRO MA 253 71.02 69.82 19.98
CA PRO MA 253 70.32 70.87 19.20
C PRO MA 253 70.11 70.54 17.74
N VAL MA 254 71.00 69.75 17.12
CA VAL MA 254 70.80 69.35 15.73
C VAL MA 254 69.53 68.54 15.59
N THR MA 255 69.30 67.61 16.52
CA THR MA 255 68.08 66.82 16.50
C THR MA 255 66.86 67.69 16.73
N ILE MA 256 66.95 68.65 17.67
CA ILE MA 256 65.83 69.54 17.92
C ILE MA 256 65.47 70.31 16.66
N SER MA 257 66.50 70.83 15.97
CA SER MA 257 66.25 71.63 14.78
C SER MA 257 65.69 70.79 13.64
N THR MA 258 66.18 69.55 13.47
CA THR MA 258 65.69 68.75 12.35
C THR MA 258 64.28 68.23 12.62
N VAL MA 259 63.92 68.03 13.88
CA VAL MA 259 62.54 67.69 14.19
C VAL MA 259 61.63 68.91 14.01
N GLY MA 260 62.10 70.09 14.40
CA GLY MA 260 61.30 71.29 14.20
C GLY MA 260 61.07 71.61 12.75
N ALA MA 261 62.10 71.46 11.92
CA ALA MA 261 61.96 71.72 10.49
C ALA MA 261 60.99 70.75 9.83
N THR MA 262 60.73 69.61 10.45
CA THR MA 262 59.79 68.63 9.92
C THR MA 262 58.39 68.85 10.45
N LEU MA 263 58.26 69.29 11.70
CA LEU MA 263 56.93 69.42 12.29
C LEU MA 263 56.33 70.82 12.16
N GLN MA 264 57.13 71.83 11.83
CA GLN MA 264 56.59 73.18 11.72
C GLN MA 264 55.53 73.32 10.64
N PRO MA 265 55.68 72.78 9.43
CA PRO MA 265 54.61 72.89 8.44
C PRO MA 265 53.40 72.02 8.73
N ARG MA 266 53.35 71.36 9.90
CA ARG MA 266 52.24 70.48 10.21
C ARG MA 266 51.36 70.99 11.34
N ILE MA 267 51.83 71.98 12.12
CA ILE MA 267 50.99 72.57 13.15
C ILE MA 267 49.92 73.44 12.49
N MET MA 268 48.76 73.51 13.11
CA MET MA 268 47.68 74.31 12.56
C MET MA 268 47.69 75.71 13.17
N LEU MA 269 46.71 76.51 12.77
CA LEU MA 269 46.66 77.90 13.18
C LEU MA 269 46.41 78.00 14.70
N GLY MA 270 47.04 78.98 15.32
CA GLY MA 270 46.84 79.20 16.74
C GLY MA 270 47.51 78.20 17.65
N THR MA 271 48.53 77.50 17.18
CA THR MA 271 49.25 76.52 17.98
C THR MA 271 50.73 76.88 18.01
N ARG MA 272 51.33 76.82 19.18
CA ARG MA 272 52.76 77.08 19.36
C ARG MA 272 53.45 75.76 19.68
N LEU MA 273 54.42 75.38 18.86
CA LEU MA 273 55.14 74.13 19.04
C LEU MA 273 56.47 74.43 19.72
N LEU MA 274 56.70 73.80 20.87
CA LEU MA 274 57.95 73.91 21.60
C LEU MA 274 58.63 72.56 21.63
N ILE MA 275 59.93 72.54 21.39
CA ILE MA 275 60.71 71.32 21.39
C ILE MA 275 61.88 71.49 22.35
N SER MA 276 62.01 70.54 23.27
CA SER MA 276 63.03 70.55 24.31
C SER MA 276 63.59 69.15 24.45
N PRO MA 277 64.84 69.01 24.89
CA PRO MA 277 65.37 67.68 25.18
C PRO MA 277 64.70 67.08 26.40
N MET MA 278 64.59 65.76 26.40
CA MET MA 278 64.03 65.07 27.56
C MET MA 278 65.09 64.93 28.64
N GLU MA 279 64.66 64.46 29.80
CA GLU MA 279 65.54 64.27 30.95
C GLU MA 279 65.65 62.79 31.27
N VAL MA 280 66.78 62.40 31.85
CA VAL MA 280 67.03 61.02 32.23
C VAL MA 280 67.33 60.97 33.72
N LEU MA 281 66.74 60.00 34.40
CA LEU MA 281 67.04 59.70 35.80
C LEU MA 281 67.75 58.37 35.86
N ASN MA 282 68.96 58.36 36.44
CA ASN MA 282 69.75 57.16 36.50
C ASN MA 282 69.22 56.22 37.58
N ILE MA 283 69.05 54.95 37.23
CA ILE MA 283 68.58 53.93 38.16
C ILE MA 283 69.72 52.99 38.49
N GLU MA 284 70.06 52.90 39.78
CA GLU MA 284 71.08 51.99 40.26
C GLU MA 284 70.40 50.87 41.03
N LEU MA 285 70.73 49.63 40.68
CA LEU MA 285 70.08 48.46 41.23
C LEU MA 285 71.06 47.64 42.03
N GLU MA 286 70.62 47.16 43.20
CA GLU MA 286 71.36 46.13 43.92
C GLU MA 286 70.39 44.97 44.16
N LEU MA 287 70.87 43.76 43.89
CA LEU MA 287 70.02 42.57 43.88
C LEU MA 287 70.66 41.47 44.71
N ILE MA 288 69.87 40.88 45.61
CA ILE MA 288 70.24 39.67 46.33
C ILE MA 288 69.18 38.63 46.06
N ALA MA 289 69.54 37.58 45.34
CA ALA MA 289 68.59 36.56 44.92
C ALA MA 289 69.19 35.19 45.12
N LEU MA 290 68.30 34.20 45.28
CA LEU MA 290 68.68 32.82 45.54
C LEU MA 290 68.45 32.01 44.26
N SER MA 291 69.52 31.42 43.75
CA SER MA 291 69.41 30.55 42.58
C SER MA 291 68.85 29.20 42.97
N ASP MA 292 68.27 28.50 42.00
CA ASP MA 292 67.81 27.14 42.18
C ASP MA 292 68.76 26.11 41.60
N SER MA 293 69.95 26.53 41.17
CA SER MA 293 71.01 25.72 40.59
C SER MA 293 70.58 25.09 39.27
N SER MA 294 69.46 25.51 38.68
CA SER MA 294 69.09 25.07 37.35
C SER MA 294 69.93 25.73 36.27
N LYS MA 295 70.68 26.78 36.61
CA LYS MA 295 71.57 27.45 35.69
C LYS MA 295 72.86 27.79 36.42
N THR MA 296 73.90 28.08 35.64
CA THR MA 296 75.13 28.59 36.21
C THR MA 296 74.95 30.03 36.64
N PHE MA 297 75.88 30.51 37.46
CA PHE MA 297 75.81 31.90 37.92
C PHE MA 297 75.98 32.87 36.76
N GLN MA 298 76.92 32.59 35.86
CA GLN MA 298 77.16 33.49 34.74
C GLN MA 298 75.96 33.55 33.81
N GLN MA 299 75.33 32.40 33.55
CA GLN MA 299 74.14 32.40 32.72
C GLN MA 299 73.03 33.23 33.36
N LEU MA 300 72.84 33.08 34.68
CA LEU MA 300 71.84 33.89 35.36
C LEU MA 300 72.15 35.37 35.26
N ALA MA 301 73.41 35.75 35.47
CA ALA MA 301 73.78 37.15 35.39
C ALA MA 301 73.51 37.72 34.01
N ASP MA 302 73.90 36.98 32.96
CA ASP MA 302 73.68 37.44 31.60
C ASP MA 302 72.19 37.57 31.29
N ASP MA 303 71.40 36.57 31.69
CA ASP MA 303 69.96 36.62 31.42
C ASP MA 303 69.28 37.77 32.15
N ILE MA 304 69.63 37.98 33.41
CA ILE MA 304 69.06 39.10 34.14
C ILE MA 304 69.48 40.42 33.51
N LEU MA 305 70.74 40.52 33.08
CA LEU MA 305 71.21 41.74 32.45
C LEU MA 305 70.43 42.05 31.18
N GLU MA 306 70.20 41.02 30.35
CA GLU MA 306 69.45 41.24 29.12
C GLU MA 306 68.00 41.57 29.40
N ALA MA 307 67.40 40.91 30.39
CA ALA MA 307 66.01 41.22 30.75
C ALA MA 307 65.87 42.65 31.22
N LEU MA 308 66.83 43.14 32.00
CA LEU MA 308 66.75 44.52 32.49
C LEU MA 308 67.08 45.52 31.39
N LYS MA 309 67.94 45.14 30.45
CA LYS MA 309 68.18 45.99 29.29
C LYS MA 309 66.91 46.16 28.47
N VAL MA 310 66.15 45.08 28.32
CA VAL MA 310 64.87 45.18 27.62
C VAL MA 310 63.87 46.00 28.43
N PHE MA 311 63.82 45.77 29.74
CA PHE MA 311 62.84 46.46 30.57
C PHE MA 311 63.05 47.97 30.57
N PHE MA 312 64.31 48.40 30.64
CA PHE MA 312 64.64 49.82 30.64
C PHE MA 312 64.92 50.36 29.25
N ASN MA 313 64.53 49.64 28.21
CA ASN MA 313 64.61 50.17 26.86
C ASN MA 313 63.69 51.39 26.75
N PRO MA 314 64.15 52.48 26.12
CA PRO MA 314 63.31 53.68 26.05
C PRO MA 314 61.94 53.43 25.45
N ALA MA 315 61.84 52.57 24.44
CA ALA MA 315 60.55 52.30 23.82
C ALA MA 315 59.58 51.64 24.80
N ASN MA 316 60.10 50.89 25.77
CA ASN MA 316 59.23 50.23 26.75
C ASN MA 316 58.93 51.11 27.95
N LEU MA 317 59.47 52.31 28.01
CA LEU MA 317 59.30 53.20 29.15
C LEU MA 317 58.43 54.37 28.75
N THR MA 318 57.43 54.69 29.59
CA THR MA 318 56.62 55.87 29.40
C THR MA 318 57.20 56.99 30.26
N PRO MA 319 57.67 58.09 29.68
CA PRO MA 319 58.30 59.14 30.49
C PRO MA 319 57.32 59.74 31.48
N GLY MA 320 57.86 60.20 32.61
CA GLY MA 320 57.07 60.80 33.64
C GLY MA 320 56.32 59.83 34.53
N GLU MA 321 56.48 58.55 34.31
CA GLU MA 321 55.81 57.53 35.09
C GLU MA 321 56.79 56.93 36.11
N PRO MA 322 56.31 56.61 37.31
CA PRO MA 322 57.21 56.06 38.33
C PRO MA 322 57.72 54.69 37.94
N VAL MA 323 58.94 54.40 38.37
CA VAL MA 323 59.54 53.09 38.17
C VAL MA 323 59.13 52.21 39.34
N LEU MA 324 58.24 51.25 39.08
CA LEU MA 324 57.70 50.40 40.12
C LEU MA 324 58.68 49.29 40.44
N ILE MA 325 59.01 49.14 41.72
CA ILE MA 325 59.96 48.10 42.12
C ILE MA 325 59.36 46.73 41.91
N GLU MA 326 58.03 46.62 41.98
CA GLU MA 326 57.36 45.38 41.67
C GLU MA 326 57.59 44.96 40.23
N GLU MA 327 57.54 45.92 39.30
CA GLU MA 327 57.72 45.58 37.90
C GLU MA 327 59.15 45.14 37.61
N VAL MA 328 60.13 45.78 38.25
CA VAL MA 328 61.52 45.35 38.09
C VAL MA 328 61.72 43.96 38.69
N LYS MA 329 61.10 43.71 39.84
CA LYS MA 329 61.19 42.37 40.43
C LYS MA 329 60.58 41.33 39.51
N PHE MA 330 59.43 41.64 38.90
CA PHE MA 330 58.80 40.71 37.98
C PHE MA 330 59.65 40.49 36.74
N ALA MA 331 60.27 41.55 36.23
CA ALA MA 331 61.13 41.43 35.06
C ALA MA 331 62.33 40.55 35.34
N ILE MA 332 62.93 40.69 36.52
CA ILE MA 332 64.06 39.84 36.88
C ILE MA 332 63.60 38.40 37.10
N ARG MA 333 62.48 38.21 37.81
CA ARG MA 333 62.01 36.87 38.11
C ARG MA 333 61.56 36.13 36.86
N SER MA 334 61.16 36.85 35.81
CA SER MA 334 60.70 36.20 34.59
C SER MA 334 61.81 35.42 33.91
N VAL MA 335 63.07 35.63 34.30
CA VAL MA 335 64.15 34.79 33.80
C VAL MA 335 63.91 33.34 34.17
N GLY MA 336 63.50 33.09 35.41
CA GLY MA 336 63.00 31.77 35.78
C GLY MA 336 63.86 30.97 36.73
N GLY MA 337 65.18 31.07 36.59
CA GLY MA 337 66.06 30.24 37.38
C GLY MA 337 66.45 30.76 38.74
N LEU MA 338 65.75 31.77 39.26
CA LEU MA 338 66.13 32.41 40.50
C LEU MA 338 64.90 32.73 41.34
N SER MA 339 65.14 33.26 42.54
CA SER MA 339 64.08 33.73 43.41
C SER MA 339 64.59 34.97 44.13
N ILE MA 340 63.96 36.11 43.87
CA ILE MA 340 64.45 37.38 44.40
C ILE MA 340 64.16 37.45 45.90
N SER MA 341 65.15 37.89 46.66
CA SER MA 341 64.97 38.12 48.09
C SER MA 341 65.08 39.58 48.48
N TYR MA 342 65.96 40.35 47.83
CA TYR MA 342 66.12 41.76 48.16
C TYR MA 342 66.47 42.52 46.89
N LEU MA 343 65.80 43.65 46.70
CA LEU MA 343 66.07 44.52 45.56
C LEU MA 343 66.02 45.96 46.03
N GLN MA 344 67.08 46.72 45.75
CA GLN MA 344 67.14 48.13 46.11
C GLN MA 344 67.34 48.95 44.86
N MET MA 345 66.48 49.95 44.68
CA MET MA 345 66.51 50.86 43.54
C MET MA 345 66.94 52.23 44.05
N ASN MA 346 68.09 52.71 43.58
CA ASN MA 346 68.65 53.99 44.03
C ASN MA 346 68.71 54.06 45.55
N ASP MA 347 69.24 53.00 46.15
CA ASP MA 347 69.48 52.92 47.60
C ASP MA 347 68.17 52.94 48.38
N ASN MA 348 67.11 52.41 47.79
CA ASN MA 348 65.81 52.35 48.45
C ASN MA 348 65.03 51.17 47.90
N ALA MA 349 64.06 50.72 48.68
CA ALA MA 349 63.22 49.58 48.34
C ALA MA 349 61.78 50.03 48.09
N ILE MA 350 61.62 51.22 47.52
CA ILE MA 350 60.31 51.77 47.22
C ILE MA 350 60.29 52.23 45.77
N ASN MA 351 59.08 52.54 45.30
CA ASN MA 351 58.94 53.10 43.96
C ASN MA 351 59.65 54.44 43.87
N ILE MA 352 60.18 54.75 42.70
CA ILE MA 352 60.91 55.99 42.46
C ILE MA 352 60.02 56.91 41.62
N PRO MA 353 59.41 57.95 42.20
CA PRO MA 353 58.65 58.91 41.40
C PRO MA 353 59.60 59.82 40.63
N MET MA 354 59.11 60.35 39.52
CA MET MA 354 59.94 61.21 38.70
C MET MA 354 59.72 62.67 39.04
N PRO MA 355 60.77 63.50 38.99
CA PRO MA 355 60.61 64.91 39.37
C PRO MA 355 59.61 65.66 38.51
N ASN MA 356 59.49 65.33 37.23
CA ASN MA 356 58.60 66.06 36.33
C ASN MA 356 58.07 65.08 35.29
N GLN MA 357 57.15 65.57 34.46
CA GLN MA 357 56.49 64.74 33.46
C GLN MA 357 57.38 64.37 32.29
N TRP MA 358 58.54 65.02 32.14
CA TRP MA 358 59.40 64.80 30.98
C TRP MA 358 60.73 64.17 31.34
N THR MA 359 60.73 63.21 32.27
CA THR MA 359 61.93 62.50 32.65
C THR MA 359 61.71 61.00 32.46
N ILE MA 360 62.61 60.37 31.71
CA ILE MA 360 62.52 58.94 31.43
C ILE MA 360 63.57 58.23 32.27
N PRO MA 361 63.34 57.00 32.72
CA PRO MA 361 64.37 56.30 33.49
C PRO MA 361 65.43 55.72 32.57
N ARG MA 362 66.62 55.52 33.14
CA ARG MA 362 67.72 54.88 32.42
C ARG MA 362 68.59 54.21 33.48
N PHE MA 363 68.62 52.88 33.45
CA PHE MA 363 69.40 52.18 34.47
C PHE MA 363 70.84 52.03 34.00
N SER MA 364 71.75 52.29 34.93
CA SER MA 364 73.16 52.43 34.60
C SER MA 364 74.08 51.51 35.40
N TYR MA 365 73.56 50.86 36.44
CA TYR MA 365 74.42 50.08 37.32
C TYR MA 365 73.55 49.03 38.01
N ILE MA 366 74.08 47.81 38.08
CA ILE MA 366 73.42 46.73 38.81
C ILE MA 366 74.48 45.97 39.61
N GLY MA 367 74.12 45.64 40.85
CA GLY MA 367 75.00 44.82 41.67
C GLY MA 367 74.41 43.46 41.92
N PHE MA 368 75.00 42.44 41.28
CA PHE MA 368 74.55 41.07 41.43
C PHE MA 368 75.14 40.47 42.69
N GLU MA 369 74.29 39.88 43.52
CA GLU MA 369 74.68 39.06 44.67
C GLU MA 369 73.80 37.82 44.61
N LEU MA 370 74.29 36.78 43.96
CA LEU MA 370 73.53 35.55 43.76
C LEU MA 370 74.02 34.47 44.70
N THR MA 371 73.10 33.62 45.12
CA THR MA 371 73.40 32.52 46.03
C THR MA 371 72.64 31.28 45.61
N ASP MA 372 73.24 30.12 45.81
CA ASP MA 372 72.61 28.85 45.53
C ASP MA 372 72.27 28.15 46.84
N SER MA 373 71.61 27.00 46.75
CA SER MA 373 71.29 26.24 47.95
C SER MA 373 72.55 25.73 48.64
N GLU MA 374 73.68 25.69 47.91
CA GLU MA 374 74.94 25.25 48.48
C GLU MA 374 75.66 26.36 49.23
N GLY MA 375 75.18 27.59 49.16
CA GLY MA 375 75.81 28.70 49.84
C GLY MA 375 76.88 29.42 49.05
N THR MA 376 77.21 28.94 47.85
CA THR MA 376 78.18 29.65 47.02
C THR MA 376 77.61 30.99 46.60
N VAL MA 377 78.43 32.03 46.70
CA VAL MA 377 78.00 33.40 46.47
C VAL MA 377 78.73 33.94 45.25
N TYR MA 378 77.98 34.50 44.31
CA TYR MA 378 78.53 35.12 43.12
C TYR MA 378 78.25 36.62 43.18
N ARG MA 379 79.31 37.42 43.19
CA ARG MA 379 79.22 38.87 43.31
C ARG MA 379 79.71 39.52 42.02
N ASP MA 380 78.99 40.54 41.58
CA ASP MA 380 79.39 41.25 40.38
C ASP MA 380 78.79 42.65 40.40
N ASN MA 381 79.41 43.56 39.64
CA ASN MA 381 78.90 44.90 39.45
C ASN MA 381 79.00 45.26 37.98
N VAL MA 382 77.85 45.45 37.34
CA VAL MA 382 77.79 45.74 35.91
C VAL MA 382 77.36 47.19 35.74
N VAL MA 383 78.19 47.98 35.04
CA VAL MA 383 77.86 49.35 34.67
C VAL MA 383 77.43 49.34 33.23
N THR MA 384 76.16 49.70 32.99
CA THR MA 384 75.55 49.55 31.68
C THR MA 384 75.53 50.84 30.88
N VAL MA 385 76.22 51.88 31.34
CA VAL MA 385 76.23 53.16 30.65
C VAL MA 385 76.96 53.01 29.32
N THR MA 386 76.59 53.83 28.35
CA THR MA 386 77.19 53.77 27.03
C THR MA 386 78.50 54.56 26.98
N LEU NA 5 61.73 19.13 22.67
CA LEU NA 5 62.57 19.07 23.87
C LEU NA 5 63.84 19.88 23.66
N ASN NA 6 64.57 20.14 24.75
CA ASN NA 6 65.77 20.97 24.69
C ASN NA 6 66.93 20.14 24.16
N ALA NA 7 66.83 19.80 22.87
CA ALA NA 7 67.89 19.09 22.18
C ALA NA 7 68.64 20.05 21.27
N PRO NA 8 69.96 19.88 21.13
CA PRO NA 8 70.73 20.77 20.25
C PRO NA 8 70.25 20.66 18.81
N GLN NA 9 70.31 21.77 18.10
CA GLN NA 9 69.84 21.85 16.72
C GLN NA 9 71.02 21.66 15.78
N LEU NA 10 70.94 20.62 14.94
CA LEU NA 10 72.09 20.27 14.11
C LEU NA 10 72.42 21.33 13.07
N VAL NA 11 71.43 21.76 12.29
CA VAL NA 11 71.65 22.74 11.24
C VAL NA 11 70.57 23.80 11.31
N VAL NA 12 70.87 24.95 10.71
CA VAL NA 12 69.90 26.03 10.63
C VAL NA 12 68.78 25.62 9.69
N ASP NA 13 67.54 25.77 10.13
CA ASP NA 13 66.36 25.36 9.39
C ASP NA 13 65.36 26.53 9.43
N ASP NA 14 65.37 27.34 8.38
CA ASP NA 14 64.48 28.49 8.31
C ASP NA 14 64.42 28.95 6.86
N TYR NA 15 63.21 29.18 6.37
CA TYR NA 15 63.01 29.50 4.96
C TYR NA 15 63.75 30.79 4.57
N GLU NA 16 63.38 31.90 5.21
CA GLU NA 16 63.97 33.20 4.84
C GLU NA 16 65.47 33.20 5.06
N GLN NA 17 65.92 32.65 6.19
CA GLN NA 17 67.34 32.61 6.48
C GLN NA 17 68.08 31.78 5.44
N LEU NA 18 67.49 30.66 5.03
CA LEU NA 18 68.10 29.84 3.98
C LEU NA 18 68.22 30.62 2.69
N ILE NA 19 67.18 31.37 2.31
CA ILE NA 19 67.25 32.15 1.07
C ILE NA 19 68.38 33.17 1.15
N ILE NA 20 68.43 33.93 2.26
CA ILE NA 20 69.43 34.98 2.39
C ILE NA 20 70.84 34.39 2.37
N ASP NA 21 71.04 33.31 3.13
CA ASP NA 21 72.36 32.71 3.21
C ASP NA 21 72.77 32.07 1.90
N SER NA 22 71.81 31.50 1.16
CA SER NA 22 72.09 30.89 -0.14
C SER NA 22 72.45 31.93 -1.18
N LEU NA 23 71.88 33.11 -1.09
CA LEU NA 23 72.32 34.17 -1.98
C LEU NA 23 73.70 34.70 -1.62
N VAL NA 24 73.95 34.92 -0.33
CA VAL NA 24 75.26 35.45 0.09
C VAL NA 24 76.37 34.46 -0.22
N HIS NA 25 76.15 33.18 0.03
CA HIS NA 25 77.19 32.19 -0.25
C HIS NA 25 77.39 32.00 -1.74
N THR NA 26 76.34 32.14 -2.55
CA THR NA 26 76.53 32.12 -3.99
C THR NA 26 77.39 33.30 -4.42
N ASN NA 27 77.20 34.46 -3.80
CA ASN NA 27 78.10 35.58 -4.06
C ASN NA 27 79.53 35.24 -3.66
N VAL NA 28 79.69 34.56 -2.53
CA VAL NA 28 81.02 34.30 -1.99
C VAL NA 28 81.77 33.28 -2.85
N VAL NA 29 81.07 32.25 -3.34
CA VAL NA 29 81.72 31.16 -4.07
C VAL NA 29 82.42 31.70 -5.31
N SER NA 30 81.70 32.48 -6.11
CA SER NA 30 82.32 33.25 -7.18
C SER NA 30 83.05 34.42 -6.55
N ASN NA 31 84.07 34.93 -7.22
CA ASN NA 31 84.80 36.08 -6.67
C ASN NA 31 84.00 37.34 -6.96
N GLY NA 32 82.84 37.43 -6.32
CA GLY NA 32 81.94 38.55 -6.55
C GLY NA 32 81.39 38.64 -7.95
N GLU NA 33 81.40 37.52 -8.68
CA GLU NA 33 80.83 37.48 -10.02
C GLU NA 33 79.31 37.48 -10.02
N PHE NA 34 78.69 37.06 -8.93
CA PHE NA 34 77.25 37.05 -8.76
C PHE NA 34 76.92 38.06 -7.68
N THR NA 35 76.26 39.16 -8.05
CA THR NA 35 76.03 40.26 -7.13
C THR NA 35 74.57 40.47 -6.78
N ASP NA 36 73.67 39.59 -7.25
CA ASP NA 36 72.25 39.74 -6.95
C ASP NA 36 71.97 39.11 -5.59
N LEU NA 37 72.38 39.82 -4.53
CA LEU NA 37 72.16 39.35 -3.16
C LEU NA 37 70.81 39.77 -2.60
N ASP NA 38 69.98 40.45 -3.39
CA ASP NA 38 68.69 40.92 -2.91
C ASP NA 38 67.82 39.72 -2.56
N ALA NA 39 67.53 39.57 -1.27
CA ALA NA 39 66.79 38.40 -0.81
C ALA NA 39 65.39 38.33 -1.40
N SER NA 40 64.83 39.47 -1.81
CA SER NA 40 63.53 39.50 -2.47
C SER NA 40 63.62 40.03 -3.89
N GLY NA 41 64.76 39.84 -4.54
CA GLY NA 41 64.98 40.30 -5.89
C GLY NA 41 64.58 39.28 -6.94
N PHE NA 42 65.32 39.30 -8.05
CA PHE NA 42 65.00 38.42 -9.18
C PHE NA 42 65.47 37.00 -8.97
N MET NA 43 66.41 36.76 -8.05
CA MET NA 43 66.81 35.40 -7.72
C MET NA 43 65.93 34.78 -6.65
N ARG NA 44 64.94 35.52 -6.16
CA ARG NA 44 64.01 34.97 -5.18
C ARG NA 44 63.30 33.72 -5.66
N PRO NA 45 62.83 33.59 -6.91
CA PRO NA 45 62.24 32.30 -7.31
C PRO NA 45 63.18 31.11 -7.16
N PHE NA 46 64.40 31.19 -7.69
CA PHE NA 46 65.32 30.06 -7.60
C PHE NA 46 65.67 29.76 -6.14
N ALA NA 47 66.11 30.78 -5.40
CA ALA NA 47 66.54 30.57 -4.03
C ALA NA 47 65.38 30.09 -3.16
N GLY NA 48 64.19 30.66 -3.37
CA GLY NA 48 63.03 30.23 -2.59
C GLY NA 48 62.61 28.82 -2.90
N THR NA 49 62.67 28.42 -4.18
CA THR NA 49 62.36 27.04 -4.52
C THR NA 49 63.34 26.09 -3.86
N MET NA 50 64.63 26.39 -3.93
CA MET NA 50 65.61 25.52 -3.31
C MET NA 50 65.44 25.50 -1.80
N ALA NA 51 65.12 26.65 -1.21
CA ALA NA 51 64.99 26.75 0.24
C ALA NA 51 63.74 26.06 0.75
N TYR NA 52 62.69 25.97 -0.08
CA TYR NA 52 61.51 25.22 0.33
C TYR NA 52 61.87 23.76 0.61
N ALA NA 53 62.50 23.11 -0.36
CA ALA NA 53 62.94 21.73 -0.15
C ALA NA 53 63.97 21.64 0.94
N GLY NA 54 64.91 22.59 0.97
CA GLY NA 54 65.92 22.58 2.02
C GLY NA 54 65.32 22.61 3.40
N SER NA 55 64.33 23.47 3.62
CA SER NA 55 63.72 23.57 4.94
C SER NA 55 62.88 22.34 5.24
N GLU NA 56 62.09 21.87 4.28
CA GLU NA 56 61.28 20.68 4.55
C GLU NA 56 62.12 19.43 4.76
N LEU NA 57 63.39 19.43 4.35
CA LEU NA 57 64.27 18.30 4.62
C LEU NA 57 65.07 18.49 5.91
N LEU NA 58 65.62 19.68 6.15
CA LEU NA 58 66.36 19.93 7.37
C LEU NA 58 65.49 19.93 8.61
N TYR NA 59 64.21 20.29 8.48
CA TYR NA 59 63.29 20.22 9.62
C TYR NA 59 63.18 18.81 10.14
N LYS NA 60 63.11 17.83 9.23
CA LYS NA 60 63.09 16.43 9.63
C LYS NA 60 64.47 15.94 10.05
N ALA NA 61 65.54 16.44 9.43
CA ALA NA 61 66.88 16.02 9.83
C ALA NA 61 67.21 16.49 11.25
N ASN NA 62 66.64 17.60 11.69
CA ASN NA 62 66.88 18.11 13.03
C ASN NA 62 66.17 17.31 14.11
N LEU NA 63 65.28 16.39 13.74
CA LEU NA 63 64.49 15.64 14.71
C LEU NA 63 65.10 14.30 15.09
N ALA NA 64 66.32 14.00 14.64
CA ALA NA 64 66.86 12.65 14.81
C ALA NA 64 67.07 12.31 16.28
N SER NA 65 67.75 13.19 17.03
CA SER NA 65 68.06 12.89 18.41
C SER NA 65 66.81 12.80 19.28
N ILE NA 66 65.87 13.73 19.07
CA ILE NA 66 64.64 13.70 19.85
C ILE NA 66 63.82 12.47 19.48
N ALA NA 67 63.87 12.04 18.22
CA ALA NA 67 63.19 10.82 17.83
C ALA NA 67 63.80 9.61 18.53
N ALA NA 68 65.13 9.57 18.62
CA ALA NA 68 65.78 8.46 19.33
C ALA NA 68 65.41 8.44 20.80
N ALA NA 69 65.42 9.61 21.44
CA ALA NA 69 65.06 9.66 22.86
C ALA NA 69 63.62 9.26 23.08
N LYS NA 70 62.72 9.71 22.21
CA LYS NA 70 61.31 9.33 22.34
C LYS NA 70 61.12 7.84 22.12
N SER NA 71 61.85 7.26 21.16
CA SER NA 71 61.74 5.82 20.94
C SER NA 71 62.23 5.05 22.15
N PHE NA 72 63.31 5.51 22.77
CA PHE NA 72 63.77 4.88 24.00
C PHE NA 72 62.71 4.96 25.10
N PHE NA 73 62.14 6.16 25.29
CA PHE NA 73 61.15 6.33 26.35
C PHE NA 73 59.85 5.59 26.06
N LYS NA 74 59.59 5.23 24.81
CA LYS NA 74 58.35 4.57 24.43
C LYS NA 74 58.48 3.05 24.41
N ASN NA 75 59.53 2.52 23.78
CA ASN NA 75 59.60 1.09 23.55
C ASN NA 75 60.04 0.33 24.80
N VAL NA 76 61.23 0.63 25.32
CA VAL NA 76 61.82 -0.22 26.36
C VAL NA 76 61.06 -0.05 27.68
N LEU NA 77 60.57 1.15 27.96
CA LEU NA 77 59.72 1.38 29.13
C LEU NA 77 58.44 2.05 28.64
N GLY NA 78 57.45 1.25 28.27
CA GLY NA 78 56.22 1.78 27.72
C GLY NA 78 55.77 2.76 28.80
N VAL NA 79 55.33 3.94 28.37
CA VAL NA 79 54.87 4.96 29.29
C VAL NA 79 53.57 5.39 28.60
N PRO NA 80 52.43 5.34 29.29
CA PRO NA 80 51.20 5.85 28.69
C PRO NA 80 51.31 7.33 28.40
N GLU NA 81 50.68 7.75 27.31
CA GLU NA 81 50.70 9.16 26.90
C GLU NA 81 49.52 9.85 27.56
N ASP NA 82 49.74 10.38 28.75
CA ASP NA 82 48.66 10.94 29.54
C ASP NA 82 48.04 12.14 28.82
N THR NA 83 46.71 12.18 28.83
CA THR NA 83 45.96 13.25 28.18
C THR NA 83 45.25 14.18 29.15
N GLY NA 84 44.78 13.66 30.28
CA GLY NA 84 44.11 14.49 31.24
C GLY NA 84 43.34 13.65 32.23
N THR NA 85 42.66 14.34 33.13
CA THR NA 85 41.83 13.71 34.14
C THR NA 85 40.51 14.46 34.22
N LYS NA 86 39.43 13.70 34.40
CA LYS NA 86 38.09 14.27 34.52
C LYS NA 86 37.74 14.41 35.99
N ALA NA 87 37.19 15.56 36.35
CA ALA NA 87 36.81 15.81 37.73
C ALA NA 87 35.65 14.91 38.14
N THR NA 88 35.65 14.51 39.41
CA THR NA 88 34.61 13.64 39.94
C THR NA 88 34.05 14.23 41.23
N THR NA 89 32.75 14.01 41.43
CA THR NA 89 32.04 14.49 42.62
C THR NA 89 31.10 13.40 43.10
N THR NA 90 30.41 13.67 44.20
CA THR NA 90 29.41 12.76 44.76
C THR NA 90 28.08 13.49 44.79
N LEU NA 91 27.17 13.11 43.91
CA LEU NA 91 25.85 13.69 43.88
C LEU NA 91 24.93 12.99 44.87
N GLN NA 92 23.99 13.75 45.42
CA GLN NA 92 22.92 13.23 46.25
C GLN NA 92 21.60 13.60 45.61
N PHE NA 93 20.74 12.60 45.41
CA PHE NA 93 19.41 12.76 44.84
C PHE NA 93 18.39 12.62 45.97
N GLY NA 94 17.46 13.56 46.04
CA GLY NA 94 16.41 13.50 47.03
C GLY NA 94 15.03 13.50 46.40
N LEU NA 95 14.17 12.61 46.86
CA LEU NA 95 12.85 12.39 46.28
C LEU NA 95 11.81 13.30 46.92
N SER NA 96 10.71 13.51 46.19
CA SER NA 96 9.63 14.38 46.66
C SER NA 96 8.79 13.71 47.74
N ALA NA 97 8.66 12.39 47.70
CA ALA NA 97 7.81 11.70 48.64
C ALA NA 97 8.30 10.27 48.83
N SER NA 98 7.84 9.64 49.90
CA SER NA 98 8.20 8.25 50.19
C SER NA 98 7.42 7.32 49.28
N LEU NA 99 8.12 6.61 48.42
CA LEU NA 99 7.48 5.77 47.42
C LEU NA 99 7.26 4.36 47.93
N SER NA 100 6.23 3.71 47.40
CA SER NA 100 5.96 2.32 47.70
C SER NA 100 6.80 1.36 46.86
N THR NA 101 7.55 1.90 45.91
CA THR NA 101 8.40 1.08 45.04
C THR NA 101 9.80 1.68 44.99
N ASP NA 102 10.79 0.92 44.52
CA ASP NA 102 12.18 1.41 44.54
C ASP NA 102 12.61 2.28 43.37
N PHE NA 103 13.01 3.52 43.65
CA PHE NA 103 13.39 4.45 42.58
C PHE NA 103 14.72 4.15 41.89
N ILE NA 104 14.81 4.44 40.58
CA ILE NA 104 16.04 4.19 39.83
C ILE NA 104 16.41 5.46 39.08
N VAL NA 105 17.55 6.03 39.44
CA VAL NA 105 18.17 7.11 38.66
C VAL NA 105 19.11 6.45 37.65
N PRO NA 106 18.87 6.60 36.35
CA PRO NA 106 19.63 5.82 35.38
C PRO NA 106 21.07 6.27 35.27
N ILE NA 107 21.89 5.39 34.67
CA ILE NA 107 23.27 5.72 34.41
C ILE NA 107 23.35 6.91 33.46
N ASN NA 108 24.44 7.67 33.55
CA ASN NA 108 24.67 8.84 32.70
C ASN NA 108 23.57 9.88 32.86
N PHE NA 109 23.16 10.14 34.10
CA PHE NA 109 22.21 11.20 34.37
C PHE NA 109 22.93 12.54 34.40
N GLN NA 110 22.47 13.48 33.60
CA GLN NA 110 23.16 14.75 33.40
C GLN NA 110 22.70 15.79 34.40
N VAL NA 111 23.67 16.42 35.07
CA VAL NA 111 23.42 17.53 35.98
C VAL NA 111 24.38 18.65 35.59
N SER NA 112 24.05 19.87 36.03
CA SER NA 112 24.84 21.02 35.64
C SER NA 112 24.75 22.10 36.70
N ASP NA 113 25.62 23.10 36.58
CA ASP NA 113 25.61 24.24 37.47
C ASP NA 113 24.56 25.25 37.02
N LEU NA 114 24.49 26.37 37.75
CA LEU NA 114 23.48 27.38 37.45
C LEU NA 114 23.70 27.98 36.06
N SER NA 115 24.95 28.22 35.68
CA SER NA 115 25.25 28.75 34.36
C SER NA 115 24.91 27.76 33.25
N GLY NA 116 24.97 26.47 33.52
CA GLY NA 116 24.69 25.46 32.52
C GLY NA 116 25.85 25.10 31.62
N THR NA 117 27.05 25.55 31.94
CA THR NA 117 28.21 25.27 31.10
C THR NA 117 29.01 24.06 31.59
N LEU NA 118 28.94 23.75 32.88
CA LEU NA 118 29.64 22.59 33.43
C LEU NA 118 28.65 21.47 33.67
N ARG NA 119 28.93 20.31 33.09
CA ARG NA 119 27.98 19.20 33.09
C ARG NA 119 28.65 17.95 33.63
N PHE NA 120 27.97 17.26 34.55
CA PHE NA 120 28.45 16.02 35.11
C PHE NA 120 27.46 14.90 34.80
N TYR NA 121 27.97 13.67 34.75
CA TYR NA 121 27.17 12.50 34.43
C TYR NA 121 27.39 11.44 35.49
N THR NA 122 26.31 10.78 35.90
CA THR NA 122 26.41 9.74 36.92
C THR NA 122 27.23 8.55 36.40
N ILE NA 123 27.98 7.94 37.31
CA ILE NA 123 28.83 6.81 36.94
C ILE NA 123 27.99 5.59 36.59
N GLY NA 124 27.03 5.26 37.44
CA GLY NA 124 26.22 4.07 37.24
C GLY NA 124 24.78 4.31 37.67
N ASN NA 125 24.01 3.23 37.68
CA ASN NA 125 22.63 3.31 38.10
C ASN NA 125 22.55 3.47 39.61
N LEU NA 126 21.63 4.31 40.06
CA LEU NA 126 21.38 4.52 41.48
C LEU NA 126 20.01 3.95 41.82
N VAL NA 127 19.96 3.08 42.83
CA VAL NA 127 18.72 2.48 43.28
C VAL NA 127 18.45 2.97 44.69
N ILE NA 128 17.42 3.79 44.84
CA ILE NA 128 16.95 4.26 46.14
C ILE NA 128 15.86 3.32 46.61
N PRO NA 129 16.08 2.54 47.67
CA PRO NA 129 15.07 1.55 48.08
C PRO NA 129 13.77 2.21 48.51
N ALA NA 130 12.68 1.48 48.37
CA ALA NA 130 11.36 2.01 48.69
C ALA NA 130 11.31 2.45 50.16
N GLY NA 131 10.78 3.65 50.37
CA GLY NA 131 10.72 4.25 51.68
C GLY NA 131 11.83 5.22 51.99
N ALA NA 132 12.96 5.13 51.28
CA ALA NA 132 14.04 6.07 51.45
C ALA NA 132 13.72 7.37 50.71
N THR NA 133 14.44 8.43 51.08
CA THR NA 133 14.23 9.74 50.48
C THR NA 133 15.45 10.30 49.78
N PHE NA 134 16.64 9.76 50.03
CA PHE NA 134 17.85 10.25 49.38
C PHE NA 134 18.77 9.10 49.03
N GLY NA 135 19.62 9.34 48.05
CA GLY NA 135 20.62 8.37 47.63
C GLY NA 135 21.79 9.03 46.97
N THR NA 136 23.00 8.56 47.24
CA THR NA 136 24.21 9.19 46.71
C THR NA 136 24.84 8.29 45.65
N ILE NA 137 25.50 8.93 44.68
CA ILE NA 137 26.23 8.20 43.65
C ILE NA 137 27.29 9.14 43.08
N GLU NA 138 28.38 8.56 42.59
CA GLU NA 138 29.47 9.35 42.04
C GLU NA 138 29.16 9.81 40.63
N ALA NA 139 29.63 11.01 40.29
CA ALA NA 139 29.49 11.57 38.96
C ALA NA 139 30.84 12.05 38.46
N ILE NA 140 31.00 12.01 37.14
CA ILE NA 140 32.24 12.41 36.49
C ILE NA 140 31.95 13.57 35.57
N ALA NA 141 32.94 14.45 35.40
CA ALA NA 141 32.77 15.62 34.57
C ALA NA 141 32.57 15.23 33.12
N GLU NA 142 32.07 16.17 32.33
CA GLU NA 142 31.86 15.90 30.91
C GLU NA 142 33.19 15.84 30.17
N ASP NA 143 34.13 16.70 30.54
CA ASP NA 143 35.40 16.79 29.83
C ASP NA 143 36.51 17.05 30.83
N ILE NA 144 37.74 16.82 30.38
CA ILE NA 144 38.93 17.07 31.18
C ILE NA 144 39.04 18.55 31.45
N GLY NA 145 39.89 18.93 32.40
CA GLY NA 145 40.15 20.33 32.67
C GLY NA 145 39.97 20.70 34.12
N GLU NA 146 40.66 21.76 34.54
CA GLU NA 146 40.61 22.25 35.90
C GLU NA 146 39.43 23.18 36.13
N LYS NA 147 38.65 23.50 35.10
CA LYS NA 147 37.47 24.35 35.27
C LYS NA 147 36.29 23.60 35.86
N TYR NA 148 36.36 22.28 35.95
CA TYR NA 148 35.30 21.48 36.54
C TYR NA 148 35.49 21.27 38.03
N ASN NA 149 36.54 21.83 38.62
CA ASN NA 149 36.78 21.70 40.06
C ASN NA 149 35.91 22.74 40.77
N VAL NA 150 34.65 22.37 40.98
CA VAL NA 150 33.66 23.27 41.52
C VAL NA 150 33.50 23.03 43.01
N SER NA 151 32.81 23.94 43.68
CA SER NA 151 32.63 23.86 45.12
C SER NA 151 31.45 22.95 45.46
N ALA NA 152 31.19 22.79 46.75
CA ALA NA 152 30.07 21.99 47.20
C ALA NA 152 28.75 22.67 46.83
N ASN NA 153 27.76 21.85 46.49
CA ASN NA 153 26.40 22.31 46.16
C ASN NA 153 26.40 23.24 44.95
N PHE NA 154 27.45 23.22 44.15
CA PHE NA 154 27.55 24.06 42.97
C PHE NA 154 26.89 23.43 41.75
N ILE NA 155 26.51 22.16 41.83
CA ILE NA 155 25.93 21.44 40.70
C ILE NA 155 24.56 20.94 41.16
N ASP NA 156 23.50 21.65 40.76
CA ASP NA 156 22.16 21.30 41.18
C ASP NA 156 21.12 21.33 40.07
N GLN NA 157 21.45 21.75 38.86
CA GLN NA 157 20.48 21.88 37.79
C GLN NA 157 20.50 20.64 36.93
N TYR NA 158 19.32 20.07 36.68
CA TYR NA 158 19.21 18.91 35.82
C TYR NA 158 18.08 19.12 34.84
N SER NA 159 18.27 18.65 33.60
CA SER NA 159 17.31 18.93 32.54
C SER NA 159 16.22 17.87 32.48
N THR NA 160 16.59 16.61 32.38
CA THR NA 160 15.59 15.55 32.26
C THR NA 160 14.86 15.39 33.59
N PRO NA 161 13.54 15.53 33.62
CA PRO NA 161 12.83 15.37 34.88
C PRO NA 161 12.50 13.91 35.16
N LEU NA 162 12.67 13.50 36.41
CA LEU NA 162 12.26 12.17 36.86
C LEU NA 162 11.03 12.31 37.75
N THR NA 163 10.22 11.27 37.77
CA THR NA 163 9.04 11.27 38.62
C THR NA 163 9.46 11.34 40.08
N TYR NA 164 8.87 12.25 40.83
CA TYR NA 164 9.07 12.41 42.27
C TYR NA 164 10.50 12.76 42.66
N LEU NA 165 11.39 13.01 41.70
CA LEU NA 165 12.73 13.46 42.04
C LEU NA 165 12.68 14.94 42.41
N GLN NA 166 12.94 15.25 43.67
CA GLN NA 166 12.81 16.62 44.15
C GLN NA 166 14.06 17.44 43.86
N TYR NA 167 15.23 16.94 44.24
CA TYR NA 167 16.45 17.73 44.09
C TYR NA 167 17.63 16.82 43.80
N VAL NA 168 18.71 17.42 43.31
CA VAL NA 168 20.01 16.77 43.22
C VAL NA 168 21.07 17.82 43.50
N THR NA 169 22.12 17.43 44.22
CA THR NA 169 23.19 18.38 44.51
C THR NA 169 24.47 17.62 44.84
N ASN NA 170 25.60 18.19 44.45
CA ASN NA 170 26.88 17.58 44.78
C ASN NA 170 27.27 17.93 46.22
N ILE NA 171 27.47 16.89 47.02
CA ILE NA 171 27.83 17.07 48.43
C ILE NA 171 29.33 17.12 48.65
N ARG NA 172 30.11 16.89 47.64
CA ARG NA 172 31.56 16.91 47.63
C ARG NA 172 32.05 17.87 46.56
N PRO NA 173 32.98 18.76 46.86
CA PRO NA 173 33.55 19.61 45.79
C PRO NA 173 34.33 18.76 44.80
N ALA NA 174 34.01 18.91 43.52
CA ALA NA 174 34.67 18.13 42.49
C ALA NA 174 36.16 18.47 42.44
N THR NA 175 37.00 17.43 42.31
CA THR NA 175 38.43 17.59 42.40
C THR NA 175 39.11 16.80 41.30
N ASN NA 176 40.44 16.90 41.25
CA ASN NA 176 41.28 16.17 40.30
C ASN NA 176 40.97 16.54 38.86
N GLY NA 177 40.54 17.77 38.61
CA GLY NA 177 40.42 18.23 37.24
C GLY NA 177 41.77 18.63 36.69
N ARG NA 178 42.22 17.97 35.63
CA ARG NA 178 43.53 18.23 35.04
C ARG NA 178 43.38 18.31 33.52
N SER NA 179 43.92 19.39 32.95
CA SER NA 179 43.86 19.56 31.50
C SER NA 179 44.92 18.73 30.78
N GLY NA 180 45.87 18.18 31.51
CA GLY NA 180 46.97 17.44 30.92
C GLY NA 180 48.23 17.69 31.74
N GLU NA 181 49.35 17.22 31.19
CA GLU NA 181 50.64 17.43 31.84
C GLU NA 181 51.63 18.04 30.86
N THR NA 182 52.52 18.85 31.39
CA THR NA 182 53.57 19.47 30.59
C THR NA 182 54.65 18.45 30.26
N ILE NA 183 55.63 18.89 29.46
CA ILE NA 183 56.70 17.99 29.05
C ILE NA 183 57.58 17.62 30.24
N ASP NA 184 57.78 18.55 31.17
CA ASP NA 184 58.64 18.27 32.32
C ASP NA 184 57.97 17.29 33.27
N ASN NA 185 56.64 17.35 33.40
CA ASN NA 185 55.93 16.38 34.22
C ASN NA 185 56.05 14.97 33.64
N LEU NA 186 55.93 14.86 32.31
CA LEU NA 186 56.10 13.57 31.67
C LEU NA 186 57.54 13.08 31.80
N ILE NA 187 58.50 14.00 31.74
CA ILE NA 187 59.90 13.63 31.95
C ILE NA 187 60.10 13.08 33.35
N GLU NA 188 59.50 13.73 34.35
CA GLU NA 188 59.62 13.26 35.72
C GLU NA 188 58.96 11.89 35.86
N ARG NA 189 57.81 11.70 35.22
CA ARG NA 189 57.13 10.41 35.29
C ARG NA 189 57.97 9.31 34.66
N CYS NA 190 58.65 9.61 33.56
CA CYS NA 190 59.53 8.63 32.95
C CYS NA 190 60.76 8.34 33.82
N ALA NA 191 61.33 9.38 34.44
CA ALA NA 191 62.55 9.21 35.22
C ALA NA 191 62.29 8.44 36.50
N GLN NA 192 61.12 8.62 37.11
CA GLN NA 192 60.81 7.88 38.31
C GLN NA 192 60.78 6.38 38.03
N ILE NA 193 60.32 6.00 36.83
CA ILE NA 193 60.37 4.59 36.45
C ILE NA 193 61.82 4.13 36.33
N ILE NA 194 62.71 5.01 35.91
CA ILE NA 194 64.12 4.65 35.84
C ILE NA 194 64.66 4.36 37.23
N ARG NA 195 64.36 5.24 38.20
CA ARG NA 195 64.95 5.06 39.52
C ARG NA 195 64.04 4.92 40.72
N ILE NA 196 63.26 3.84 40.80
CA ILE NA 196 62.46 3.61 42.01
C ILE NA 196 62.86 2.27 42.58
N ARG NA 197 63.79 1.59 41.92
CA ARG NA 197 64.26 0.29 42.39
C ARG NA 197 64.67 0.42 43.84
N ASN NA 198 64.01 -0.31 44.73
CA ASN NA 198 64.29 -0.24 46.18
C ASN NA 198 64.09 1.16 46.76
N PRO NA 199 62.87 1.47 47.22
CA PRO NA 199 62.60 2.78 47.81
C PRO NA 199 63.48 3.05 49.01
N VAL NA 200 64.52 3.87 48.85
CA VAL NA 200 65.44 4.12 49.95
C VAL NA 200 65.47 5.56 50.43
N SER NA 201 65.52 6.53 49.51
CA SER NA 201 65.53 7.94 49.91
C SER NA 201 64.14 8.52 50.13
N ALA NA 202 64.09 9.74 50.66
CA ALA NA 202 62.81 10.40 50.90
C ALA NA 202 62.03 10.47 49.60
N LEU NA 203 62.67 10.97 48.54
CA LEU NA 203 62.02 11.04 47.23
C LEU NA 203 61.45 9.70 46.84
N ASP NA 204 62.29 8.68 46.75
CA ASP NA 204 61.83 7.34 46.37
C ASP NA 204 60.55 6.91 47.08
N PHE NA 205 60.53 7.02 48.41
CA PHE NA 205 59.34 6.66 49.18
C PHE NA 205 58.10 7.43 48.74
N GLU NA 206 58.21 8.74 48.62
CA GLU NA 206 57.07 9.58 48.24
C GLU NA 206 56.47 9.20 46.89
N GLN NA 207 57.31 9.05 45.88
CA GLN NA 207 56.83 8.65 44.55
C GLN NA 207 56.07 7.34 44.62
N LEU NA 208 56.55 6.37 45.39
CA LEU NA 208 55.84 5.10 45.51
C LEU NA 208 54.48 5.28 46.16
N ALA NA 209 54.41 6.05 47.24
CA ALA NA 209 53.17 6.25 47.97
C ALA NA 209 52.15 7.06 47.18
N GLU NA 210 52.62 8.03 46.40
CA GLU NA 210 51.70 8.77 45.53
C GLU NA 210 51.07 7.84 44.50
N LEU NA 211 51.85 6.91 43.97
CA LEU NA 211 51.28 5.79 43.23
C LEU NA 211 50.50 4.90 44.20
N THR NA 212 49.52 4.19 43.66
CA THR NA 212 48.68 3.26 44.40
C THR NA 212 47.79 3.97 45.42
N MET NA 213 47.92 5.29 45.53
CA MET NA 213 47.01 6.07 46.35
C MET NA 213 46.17 7.02 45.52
N GLY NA 214 46.57 7.27 44.28
CA GLY NA 214 45.79 8.05 43.34
C GLY NA 214 46.59 9.18 42.73
N GLU NA 215 45.97 9.83 41.75
CA GLU NA 215 46.55 10.99 41.09
C GLU NA 215 45.88 12.24 41.64
N GLY NA 216 46.69 13.14 42.18
CA GLY NA 216 46.18 14.27 42.92
C GLY NA 216 46.39 14.20 44.42
N SER NA 217 47.18 13.25 44.88
CA SER NA 217 47.50 13.07 46.29
C SER NA 217 48.92 13.55 46.54
N ARG NA 218 49.36 13.46 47.80
CA ARG NA 218 50.69 13.92 48.17
C ARG NA 218 51.24 13.09 49.31
N CYS NA 219 52.56 12.95 49.33
CA CYS NA 219 53.23 12.23 50.40
C CYS NA 219 54.48 12.99 50.85
N LYS NA 220 54.83 12.77 52.11
CA LYS NA 220 56.03 13.38 52.68
C LYS NA 220 56.72 12.31 53.52
N ALA NA 221 57.95 11.96 53.14
CA ALA NA 221 58.72 10.93 53.84
C ALA NA 221 59.76 11.60 54.72
N ILE NA 222 59.77 11.23 56.00
CA ILE NA 222 60.71 11.77 56.97
C ILE NA 222 61.42 10.61 57.64
N GLY NA 223 62.74 10.63 57.63
CA GLY NA 223 63.50 9.59 58.29
C GLY NA 223 63.65 9.83 59.78
N LEU NA 224 63.70 8.74 60.52
CA LEU NA 224 64.05 8.75 61.94
C LEU NA 224 63.08 9.60 62.76
N LEU NA 225 61.83 9.59 62.35
CA LEU NA 225 60.78 10.34 63.04
C LEU NA 225 59.88 9.36 63.76
N GLY NA 226 59.90 9.40 65.09
CA GLY NA 226 59.19 8.43 65.90
C GLY NA 226 57.70 8.67 65.94
N ILE NA 227 57.06 8.00 66.90
CA ILE NA 227 55.62 8.15 67.06
C ILE NA 227 55.28 9.50 67.68
N ASN NA 228 56.22 10.11 68.42
CA ASN NA 228 55.96 11.42 69.00
C ASN NA 228 56.06 12.54 67.99
N LYS NA 229 56.57 12.26 66.78
CA LYS NA 229 56.76 13.27 65.74
C LYS NA 229 57.65 14.42 66.21
N ILE NA 230 58.67 14.11 67.00
CA ILE NA 230 59.61 15.11 67.49
C ILE NA 230 60.94 14.89 66.79
N VAL NA 231 61.46 15.94 66.16
CA VAL NA 231 62.65 15.81 65.33
C VAL NA 231 63.87 15.54 66.21
N THR NA 232 63.94 16.15 67.39
CA THR NA 232 65.13 16.04 68.23
C THR NA 232 65.33 14.64 68.79
N ASP NA 233 64.36 13.74 68.63
CA ASP NA 233 64.52 12.36 69.09
C ASP NA 233 64.55 11.42 67.89
N PRO NA 234 65.72 11.24 67.26
CA PRO NA 234 65.77 10.36 66.08
C PRO NA 234 65.73 8.90 66.49
N GLN NA 235 64.98 8.12 65.72
CA GLN NA 235 64.88 6.67 65.93
C GLN NA 235 65.38 5.95 64.69
N PRO NA 236 66.61 5.44 64.69
CA PRO NA 236 67.11 4.75 63.49
C PRO NA 236 66.25 3.55 63.14
N GLY NA 237 66.09 3.33 61.84
CA GLY NA 237 65.23 2.27 61.35
C GLY NA 237 63.77 2.63 61.24
N VAL NA 238 63.42 3.91 61.34
CA VAL NA 238 62.03 4.35 61.29
C VAL NA 238 61.86 5.30 60.12
N VAL NA 239 60.85 5.06 59.30
CA VAL NA 239 60.46 5.94 58.21
C VAL NA 239 59.01 6.33 58.42
N HIS NA 240 58.76 7.63 58.53
CA HIS NA 240 57.42 8.15 58.75
C HIS NA 240 56.88 8.75 57.45
N LEU NA 241 55.71 8.28 57.04
CA LEU NA 241 55.04 8.80 55.86
C LEU NA 241 53.84 9.65 56.28
N PHE NA 242 53.69 10.80 55.65
CA PHE NA 242 52.56 11.68 55.89
C PHE NA 242 51.80 11.85 54.58
N LEU NA 243 50.51 11.59 54.61
CA LEU NA 243 49.72 11.39 53.40
C LEU NA 243 48.60 12.40 53.29
N LEU NA 244 48.41 12.93 52.09
CA LEU NA 244 47.25 13.74 51.72
C LEU NA 244 46.53 13.01 50.60
N ASP NA 245 45.25 12.71 50.80
CA ASP NA 245 44.53 11.82 49.91
C ASP NA 245 44.30 12.48 48.55
N VAL NA 246 43.65 11.72 47.67
CA VAL NA 246 43.37 12.20 46.32
C VAL NA 246 42.45 13.41 46.32
N ASN NA 247 41.67 13.59 47.38
CA ASN NA 247 40.73 14.70 47.47
C ASN NA 247 41.37 15.98 48.01
N GLY NA 248 42.63 15.95 48.39
CA GLY NA 248 43.28 17.10 48.97
C GLY NA 248 43.09 17.26 50.46
N ASN NA 249 42.56 16.26 51.14
CA ASN NA 249 42.37 16.31 52.59
C ASN NA 249 43.38 15.38 53.26
N PRO NA 250 43.58 15.49 54.57
CA PRO NA 250 44.41 14.50 55.26
C PRO NA 250 43.85 13.10 55.06
N ALA NA 251 44.76 12.14 54.92
CA ALA NA 251 44.40 10.82 54.41
C ALA NA 251 43.47 10.08 55.36
N ASP NA 252 42.46 9.44 54.79
CA ASP NA 252 41.54 8.61 55.54
C ASP NA 252 42.27 7.35 56.02
N PRO NA 253 41.92 6.83 57.20
CA PRO NA 253 42.59 5.61 57.69
C PRO NA 253 42.56 4.45 56.71
N VAL NA 254 41.53 4.29 55.88
CA VAL NA 254 41.53 3.19 54.92
C VAL NA 254 42.62 3.41 53.88
N THR NA 255 42.84 4.65 53.44
CA THR NA 255 43.92 4.91 52.51
C THR NA 255 45.28 4.68 53.17
N ILE NA 256 45.39 5.03 54.45
CA ILE NA 256 46.62 4.76 55.20
C ILE NA 256 46.90 3.26 55.20
N SER NA 257 45.87 2.46 55.49
CA SER NA 257 46.03 1.01 55.50
C SER NA 257 46.41 0.48 54.12
N THR NA 258 45.79 1.02 53.07
CA THR NA 258 46.11 0.57 51.72
C THR NA 258 47.56 0.86 51.36
N VAL NA 259 48.03 2.06 51.68
CA VAL NA 259 49.41 2.41 51.36
C VAL NA 259 50.38 1.59 52.20
N GLY NA 260 50.03 1.33 53.46
CA GLY NA 260 50.87 0.47 54.28
C GLY NA 260 50.99 -0.93 53.72
N ALA NA 261 49.87 -1.52 53.31
CA ALA NA 261 49.91 -2.84 52.70
C ALA NA 261 50.70 -2.83 51.39
N THR NA 262 50.58 -1.75 50.61
CA THR NA 262 51.32 -1.67 49.36
C THR NA 262 52.82 -1.61 49.61
N LEU NA 263 53.25 -0.83 50.58
CA LEU NA 263 54.67 -0.63 50.83
C LEU NA 263 55.30 -1.67 51.75
N GLN NA 264 54.50 -2.52 52.38
CA GLN NA 264 55.07 -3.52 53.29
C GLN NA 264 56.08 -4.45 52.62
N PRO NA 265 55.81 -5.04 51.45
CA PRO NA 265 56.78 -5.96 50.88
C PRO NA 265 57.94 -5.28 50.17
N ARG NA 266 58.09 -3.97 50.37
CA ARG NA 266 59.17 -3.24 49.71
C ARG NA 266 60.13 -2.55 50.67
N ILE NA 267 59.82 -2.48 51.95
CA ILE NA 267 60.70 -1.81 52.90
C ILE NA 267 61.76 -2.80 53.38
N MET NA 268 62.88 -2.26 53.85
CA MET NA 268 63.95 -3.11 54.35
C MET NA 268 63.50 -3.92 55.55
N LEU NA 269 63.88 -5.19 55.56
CA LEU NA 269 63.54 -6.08 56.65
C LEU NA 269 64.14 -5.56 57.96
N GLY NA 270 63.32 -5.50 59.00
CA GLY NA 270 63.71 -4.99 60.28
C GLY NA 270 63.37 -3.52 60.50
N THR NA 271 63.11 -2.79 59.43
CA THR NA 271 62.76 -1.38 59.55
C THR NA 271 61.29 -1.23 59.91
N ARG NA 272 60.95 -0.09 60.49
CA ARG NA 272 59.60 0.20 60.96
C ARG NA 272 59.02 1.33 60.14
N LEU NA 273 57.84 1.09 59.56
CA LEU NA 273 57.16 2.07 58.73
C LEU NA 273 55.98 2.65 59.49
N LEU NA 274 55.96 3.97 59.64
CA LEU NA 274 54.87 4.68 60.28
C LEU NA 274 54.19 5.55 59.23
N ILE NA 275 52.86 5.53 59.20
CA ILE NA 275 52.10 6.34 58.27
C ILE NA 275 51.00 7.07 59.02
N SER NA 276 50.88 8.36 58.77
CA SER NA 276 49.87 9.20 59.39
C SER NA 276 49.42 10.23 58.38
N PRO NA 277 48.25 10.83 58.56
CA PRO NA 277 47.78 11.86 57.62
C PRO NA 277 48.60 13.13 57.73
N MET NA 278 48.63 13.88 56.62
CA MET NA 278 49.29 15.17 56.58
C MET NA 278 48.43 16.24 57.23
N GLU NA 279 49.02 17.40 57.45
CA GLU NA 279 48.33 18.55 58.01
C GLU NA 279 48.34 19.70 57.01
N VAL NA 280 47.34 20.56 57.10
CA VAL NA 280 47.12 21.63 56.14
C VAL NA 280 47.20 22.97 56.87
N LEU NA 281 47.88 23.93 56.26
CA LEU NA 281 47.91 25.29 56.74
C LEU NA 281 47.13 26.16 55.77
N ASN NA 282 46.16 26.92 56.29
CA ASN NA 282 45.29 27.72 55.46
C ASN NA 282 45.94 29.07 55.18
N ILE NA 283 45.92 29.48 53.91
CA ILE NA 283 46.53 30.71 53.47
C ILE NA 283 45.42 31.65 53.03
N GLU NA 284 45.38 32.85 53.62
CA GLU NA 284 44.40 33.86 53.29
C GLU NA 284 45.12 35.05 52.65
N LEU NA 285 44.72 35.39 51.43
CA LEU NA 285 45.42 36.39 50.65
C LEU NA 285 44.59 37.66 50.54
N GLU NA 286 45.27 38.81 50.55
CA GLU NA 286 44.65 40.10 50.33
C GLU NA 286 45.50 40.85 49.32
N LEU NA 287 44.91 41.17 48.17
CA LEU NA 287 45.65 41.76 47.05
C LEU NA 287 45.14 43.15 46.76
N ILE NA 288 46.04 44.12 46.68
CA ILE NA 288 45.76 45.47 46.22
C ILE NA 288 46.60 45.70 44.99
N ALA NA 289 45.96 45.88 43.84
CA ALA NA 289 46.69 45.93 42.58
C ALA NA 289 46.08 47.00 41.68
N LEU NA 290 46.90 47.48 40.75
CA LEU NA 290 46.51 48.49 39.78
C LEU NA 290 46.31 47.83 38.43
N SER NA 291 45.19 48.14 37.78
CA SER NA 291 44.81 47.49 36.53
C SER NA 291 45.15 48.38 35.34
N ASP NA 292 45.65 47.75 34.27
CA ASP NA 292 46.00 48.47 33.05
C ASP NA 292 44.83 48.61 32.08
N SER NA 293 43.65 48.12 32.46
CA SER NA 293 42.41 48.17 31.69
C SER NA 293 42.42 47.26 30.47
N SER NA 294 43.45 46.44 30.29
CA SER NA 294 43.46 45.47 29.20
C SER NA 294 42.54 44.28 29.46
N LYS NA 295 42.06 44.12 30.68
CA LYS NA 295 41.06 43.11 31.02
C LYS NA 295 40.03 43.74 31.93
N THR NA 296 38.83 43.18 31.92
CA THR NA 296 37.82 43.64 32.86
C THR NA 296 38.18 43.18 34.28
N PHE NA 297 37.52 43.80 35.25
CA PHE NA 297 37.76 43.44 36.64
C PHE NA 297 37.38 41.98 36.90
N GLN NA 298 36.24 41.54 36.37
CA GLN NA 298 35.84 40.14 36.54
C GLN NA 298 36.83 39.20 35.87
N GLN NA 299 37.27 39.55 34.67
CA GLN NA 299 38.24 38.70 33.97
C GLN NA 299 39.56 38.65 34.73
N LEU NA 300 40.02 39.80 35.24
CA LEU NA 300 41.24 39.81 36.04
C LEU NA 300 41.09 38.94 37.28
N ALA NA 301 39.96 39.06 37.98
CA ALA NA 301 39.77 38.28 39.19
C ALA NA 301 39.73 36.79 38.88
N ASP NA 302 39.05 36.40 37.81
CA ASP NA 302 39.02 35.00 37.41
C ASP NA 302 40.42 34.49 37.08
N ASP NA 303 41.19 35.28 36.33
CA ASP NA 303 42.52 34.86 35.93
C ASP NA 303 43.44 34.72 37.15
N ILE NA 304 43.36 35.67 38.09
CA ILE NA 304 44.19 35.58 39.28
C ILE NA 304 43.80 34.39 40.13
N LEU NA 305 42.50 34.14 40.27
CA LEU NA 305 42.05 32.99 41.04
C LEU NA 305 42.54 31.69 40.40
N GLU NA 306 42.45 31.59 39.07
CA GLU NA 306 42.93 30.40 38.39
C GLU NA 306 44.43 30.21 38.59
N ALA NA 307 45.20 31.29 38.48
CA ALA NA 307 46.64 31.19 38.66
C ALA NA 307 46.98 30.75 40.07
N LEU NA 308 46.28 31.26 41.07
CA LEU NA 308 46.58 30.88 42.44
C LEU NA 308 46.15 29.44 42.73
N LYS NA 309 45.03 29.01 42.14
CA LYS NA 309 44.63 27.61 42.28
C LYS NA 309 45.66 26.68 41.66
N VAL NA 310 46.29 27.11 40.56
CA VAL NA 310 47.40 26.33 40.00
C VAL NA 310 48.60 26.36 40.94
N PHE NA 311 48.92 27.53 41.49
CA PHE NA 311 50.10 27.66 42.33
C PHE NA 311 50.00 26.81 43.59
N PHE NA 312 48.82 26.80 44.21
CA PHE NA 312 48.62 26.09 45.47
C PHE NA 312 48.13 24.67 45.26
N ASN NA 313 48.31 24.13 44.07
CA ASN NA 313 48.09 22.71 43.85
C ASN NA 313 49.07 21.91 44.71
N PRO NA 314 48.59 20.91 45.47
CA PRO NA 314 49.53 20.08 46.24
C PRO NA 314 50.56 19.38 45.38
N ALA NA 315 50.28 19.16 44.10
CA ALA NA 315 51.30 18.64 43.20
C ALA NA 315 52.40 19.66 42.94
N ASN NA 316 52.08 20.95 42.99
CA ASN NA 316 53.06 22.00 42.78
C ASN NA 316 53.68 22.51 44.08
N LEU NA 317 53.29 21.96 45.22
CA LEU NA 317 53.77 22.41 46.52
C LEU NA 317 54.61 21.32 47.16
N THR NA 318 55.69 21.73 47.83
CA THR NA 318 56.51 20.79 48.58
C THR NA 318 56.11 20.88 50.04
N PRO NA 319 55.60 19.82 50.65
CA PRO NA 319 55.20 19.89 52.06
C PRO NA 319 56.38 20.28 52.95
N GLY NA 320 56.08 21.11 53.94
CA GLY NA 320 57.08 21.56 54.90
C GLY NA 320 57.94 22.71 54.44
N GLU NA 321 57.76 23.19 53.22
CA GLU NA 321 58.60 24.29 52.76
C GLU NA 321 57.85 25.61 52.88
N PRO NA 322 58.55 26.65 53.31
CA PRO NA 322 57.88 27.94 53.52
C PRO NA 322 57.33 28.51 52.22
N VAL NA 323 56.21 29.20 52.34
CA VAL NA 323 55.60 29.90 51.22
C VAL NA 323 56.27 31.26 51.13
N LEU NA 324 56.85 31.57 49.97
CA LEU NA 324 57.58 32.81 49.77
C LEU NA 324 56.67 33.82 49.11
N ILE NA 325 56.56 35.00 49.72
CA ILE NA 325 55.62 35.99 49.24
C ILE NA 325 56.02 36.52 47.87
N GLU NA 326 57.32 36.61 47.60
CA GLU NA 326 57.76 37.03 46.26
C GLU NA 326 57.30 36.05 45.20
N GLU NA 327 57.36 34.75 45.51
CA GLU NA 327 56.89 33.74 44.56
C GLU NA 327 55.40 33.89 44.31
N VAL NA 328 54.63 34.16 45.36
CA VAL NA 328 53.19 34.34 45.19
C VAL NA 328 52.90 35.57 44.35
N LYS NA 329 53.62 36.66 44.59
CA LYS NA 329 53.43 37.87 43.79
C LYS NA 329 53.78 37.62 42.33
N PHE NA 330 54.85 36.86 42.08
CA PHE NA 330 55.20 36.55 40.70
C PHE NA 330 54.13 35.70 40.04
N ALA NA 331 53.59 34.72 40.75
CA ALA NA 331 52.54 33.89 40.20
C ALA NA 331 51.28 34.71 39.89
N ILE NA 332 50.95 35.65 40.77
CA ILE NA 332 49.80 36.52 40.54
C ILE NA 332 50.05 37.40 39.32
N ARG NA 333 51.24 38.00 39.22
CA ARG NA 333 51.50 38.95 38.15
C ARG NA 333 51.70 38.27 36.80
N SER NA 334 52.04 36.98 36.80
CA SER NA 334 52.19 36.27 35.52
C SER NA 334 50.87 36.17 34.79
N VAL NA 335 49.76 36.46 35.45
CA VAL NA 335 48.47 36.58 34.77
C VAL NA 335 48.54 37.66 33.70
N GLY NA 336 49.12 38.81 34.03
CA GLY NA 336 49.24 39.90 33.10
C GLY NA 336 48.09 40.89 33.20
N GLY NA 337 48.32 42.09 32.68
CA GLY NA 337 47.30 43.11 32.68
C GLY NA 337 47.03 43.74 34.02
N LEU NA 338 48.00 43.72 34.94
CA LEU NA 338 47.82 44.32 36.24
C LEU NA 338 49.18 44.64 36.83
N SER NA 339 49.18 45.53 37.82
CA SER NA 339 50.38 45.91 38.54
C SER NA 339 50.11 45.74 40.03
N ILE NA 340 50.91 44.93 40.69
CA ILE NA 340 50.69 44.63 42.10
C ILE NA 340 51.21 45.78 42.95
N SER NA 341 50.38 46.24 43.88
CA SER NA 341 50.79 47.26 44.84
C SER NA 341 51.07 46.68 46.22
N TYR NA 342 50.27 45.71 46.67
CA TYR NA 342 50.42 45.18 48.01
C TYR NA 342 49.80 43.79 48.07
N LEU NA 343 50.44 42.92 48.86
CA LEU NA 343 49.92 41.56 49.07
C LEU NA 343 50.12 41.17 50.51
N GLN NA 344 49.06 40.64 51.12
CA GLN NA 344 49.08 40.15 52.49
C GLN NA 344 48.74 38.67 52.50
N MET NA 345 49.51 37.89 53.26
CA MET NA 345 49.22 36.49 53.51
C MET NA 345 49.13 36.28 55.02
N ASN NA 346 47.98 35.78 55.47
CA ASN NA 346 47.74 35.54 56.90
C ASN NA 346 48.00 36.80 57.72
N ASP NA 347 47.49 37.93 57.21
CA ASP NA 347 47.56 39.23 57.90
C ASP NA 347 48.99 39.71 58.11
N ASN NA 348 49.87 39.45 57.13
CA ASN NA 348 51.22 40.00 57.16
C ASN NA 348 51.79 39.97 55.74
N ALA NA 349 52.88 40.69 55.57
CA ALA NA 349 53.59 40.75 54.30
C ALA NA 349 54.85 39.90 54.28
N ILE NA 350 55.07 39.07 55.29
CA ILE NA 350 56.29 38.30 55.40
C ILE NA 350 56.04 36.88 54.92
N ASN NA 351 57.14 36.16 54.66
CA ASN NA 351 57.05 34.76 54.26
C ASN NA 351 56.43 33.93 55.39
N ILE NA 352 55.67 32.91 54.99
CA ILE NA 352 54.93 32.08 55.94
C ILE NA 352 55.65 30.75 56.07
N PRO NA 353 56.30 30.46 57.21
CA PRO NA 353 56.92 29.15 57.39
C PRO NA 353 55.91 28.13 57.86
N MET NA 354 56.05 26.90 57.37
CA MET NA 354 55.14 25.86 57.80
C MET NA 354 55.44 25.46 59.23
N PRO NA 355 54.42 25.12 60.03
CA PRO NA 355 54.67 24.79 61.44
C PRO NA 355 55.62 23.63 61.64
N ASN NA 356 55.57 22.62 60.77
CA ASN NA 356 56.44 21.46 60.90
C ASN NA 356 56.76 20.93 59.50
N GLN NA 357 57.40 19.76 59.46
CA GLN NA 357 57.90 19.22 58.20
C GLN NA 357 56.81 18.64 57.32
N TRP NA 358 55.65 18.30 57.89
CA TRP NA 358 54.62 17.57 57.17
C TRP NA 358 53.36 18.40 56.95
N THR NA 359 53.47 19.72 56.98
CA THR NA 359 52.33 20.59 56.77
C THR NA 359 52.35 21.16 55.36
N ILE NA 360 51.24 21.05 54.66
CA ILE NA 360 51.11 21.57 53.29
C ILE NA 360 50.29 22.85 53.34
N PRO NA 361 50.62 23.86 52.55
CA PRO NA 361 49.75 25.04 52.45
C PRO NA 361 48.51 24.73 51.65
N ARG NA 362 47.45 25.49 51.92
CA ARG NA 362 46.19 25.33 51.20
C ARG NA 362 45.46 26.67 51.27
N PHE NA 363 45.54 27.44 50.19
CA PHE NA 363 45.00 28.78 50.23
C PHE NA 363 43.48 28.72 50.17
N SER NA 364 42.83 29.47 51.06
CA SER NA 364 41.40 29.35 51.29
C SER NA 364 40.61 30.58 50.89
N TYR NA 365 41.10 31.77 51.22
CA TYR NA 365 40.38 33.01 50.99
C TYR NA 365 41.28 34.01 50.28
N ILE NA 366 40.70 34.80 49.38
CA ILE NA 366 41.42 35.89 48.74
C ILE NA 366 40.50 37.08 48.56
N GLY NA 367 40.97 38.26 48.92
CA GLY NA 367 40.26 39.51 48.69
C GLY NA 367 40.97 40.33 47.62
N PHE NA 368 40.19 40.88 46.70
CA PHE NA 368 40.68 41.71 45.63
C PHE NA 368 40.28 43.16 45.86
N GLU NA 369 41.24 44.07 45.66
CA GLU NA 369 40.99 45.51 45.58
C GLU NA 369 41.76 46.02 44.37
N LEU NA 370 41.07 46.10 43.24
CA LEU NA 370 41.69 46.44 41.96
C LEU NA 370 41.32 47.87 41.59
N THR NA 371 42.32 48.69 41.28
CA THR NA 371 42.11 50.07 40.90
C THR NA 371 42.59 50.27 39.47
N ASP NA 372 41.79 50.94 38.66
CA ASP NA 372 42.18 51.25 37.30
C ASP NA 372 42.68 52.69 37.21
N SER NA 373 43.01 53.12 35.99
CA SER NA 373 43.48 54.48 35.78
C SER NA 373 42.38 55.50 36.04
N GLU NA 374 41.14 55.18 35.67
CA GLU NA 374 40.04 56.13 35.85
C GLU NA 374 39.63 56.28 37.30
N GLY NA 375 40.09 55.40 38.19
CA GLY NA 375 39.80 55.50 39.60
C GLY NA 375 38.71 54.60 40.11
N THR NA 376 38.21 53.67 39.30
CA THR NA 376 37.22 52.72 39.76
C THR NA 376 37.88 51.69 40.65
N VAL NA 377 37.33 51.48 41.85
CA VAL NA 377 37.85 50.50 42.78
C VAL NA 377 36.89 49.32 42.80
N TYR NA 378 37.38 48.17 42.34
CA TYR NA 378 36.63 46.93 42.32
C TYR NA 378 37.06 46.10 43.51
N ARG NA 379 36.14 45.84 44.43
CA ARG NA 379 36.43 45.08 45.64
C ARG NA 379 35.63 43.78 45.60
N ASP NA 380 36.31 42.67 45.87
CA ASP NA 380 35.66 41.38 45.82
C ASP NA 380 36.31 40.44 46.82
N ASN NA 381 35.60 39.37 47.16
CA ASN NA 381 36.11 38.38 48.10
C ASN NA 381 35.70 37.00 47.64
N VAL NA 382 36.63 36.05 47.64
CA VAL NA 382 36.39 34.69 47.21
C VAL NA 382 36.87 33.74 48.29
N VAL NA 383 35.99 32.85 48.73
CA VAL NA 383 36.35 31.76 49.63
C VAL NA 383 36.41 30.49 48.79
N THR NA 384 37.53 29.78 48.85
CA THR NA 384 37.75 28.65 47.95
C THR NA 384 37.48 27.30 48.60
N VAL NA 385 37.68 27.18 49.91
CA VAL NA 385 37.44 25.94 50.60
C VAL NA 385 36.11 26.03 51.32
N THR NA 386 35.48 24.87 51.58
CA THR NA 386 34.20 24.87 52.27
C THR NA 386 34.35 25.32 53.72
N ASN NA 387 35.38 24.81 54.40
CA ASN NA 387 35.55 25.11 55.82
C ASN NA 387 37.01 25.06 56.24
N PRO NA 388 37.38 25.81 57.29
CA PRO NA 388 38.75 25.80 57.79
C PRO NA 388 39.37 24.42 57.98
N GLU NA 389 38.66 23.50 58.60
CA GLU NA 389 39.24 22.17 58.86
C GLU NA 389 38.80 21.15 57.81
N GLU NA 390 39.04 21.45 56.55
CA GLU NA 390 38.67 20.52 55.48
C GLU NA 390 39.89 19.81 54.91
N SER OA 2 73.01 9.77 -12.17
CA SER OA 2 72.60 8.56 -11.49
C SER OA 2 73.79 7.84 -10.87
N LYS OA 3 74.66 8.59 -10.19
CA LYS OA 3 75.84 8.02 -9.59
C LYS OA 3 75.56 7.59 -8.15
N ASP OA 4 76.50 6.84 -7.57
CA ASP OA 4 76.29 6.33 -6.21
C ASP OA 4 76.44 7.36 -5.13
N ALA OA 5 75.87 7.06 -3.97
CA ALA OA 5 75.92 7.98 -2.85
C ALA OA 5 77.32 8.21 -2.33
N PHE OA 6 78.10 7.14 -2.24
CA PHE OA 6 79.46 7.25 -1.72
C PHE OA 6 80.26 8.34 -2.44
N THR OA 7 80.28 8.29 -3.76
CA THR OA 7 81.03 9.28 -4.52
C THR OA 7 80.50 10.68 -4.29
N ALA OA 8 79.21 10.89 -4.46
CA ALA OA 8 78.65 12.22 -4.33
C ALA OA 8 78.79 12.87 -2.96
N TRP OA 9 78.70 12.08 -1.90
CA TRP OA 9 78.73 12.67 -0.56
C TRP OA 9 80.11 12.65 0.08
N ASN OA 10 80.92 11.65 -0.24
CA ASN OA 10 82.19 11.52 0.44
C ASN OA 10 83.42 11.91 -0.39
N VAL OA 11 83.36 11.68 -1.70
CA VAL OA 11 84.49 11.97 -2.56
C VAL OA 11 84.30 13.35 -3.18
N ASP OA 12 83.22 13.53 -3.93
CA ASP OA 12 82.92 14.84 -4.49
C ASP OA 12 82.52 15.83 -3.41
N ARG OA 13 81.78 15.35 -2.40
CA ARG OA 13 81.15 16.20 -1.40
C ARG OA 13 80.27 17.27 -2.03
N ARG OA 14 79.66 16.93 -3.17
CA ARG OA 14 78.68 17.77 -3.85
C ARG OA 14 77.48 16.90 -4.18
N PRO OA 15 76.67 16.53 -3.18
CA PRO OA 15 75.59 15.58 -3.42
C PRO OA 15 74.53 16.06 -4.41
N ILE OA 16 74.46 17.35 -4.70
CA ILE OA 16 73.51 17.89 -5.68
C ILE OA 16 74.19 18.15 -7.02
N TYR OA 17 75.27 18.93 -7.00
CA TYR OA 17 75.93 19.30 -8.26
C TYR OA 17 76.51 18.08 -8.97
N SER OA 18 77.12 17.17 -8.21
CA SER OA 18 77.72 16.00 -8.83
C SER OA 18 76.70 15.12 -9.53
N ARG OA 19 75.42 15.28 -9.20
CA ARG OA 19 74.36 14.52 -9.84
C ARG OA 19 73.78 15.21 -11.07
N MET OA 20 74.18 16.44 -11.35
CA MET OA 20 73.70 17.11 -12.55
C MET OA 20 74.29 16.45 -13.79
N PRO OA 21 73.51 16.30 -14.86
CA PRO OA 21 73.99 15.55 -16.03
C PRO OA 21 75.20 16.20 -16.67
N LYS OA 22 76.12 15.34 -17.15
CA LYS OA 22 77.39 15.78 -17.71
C LYS OA 22 77.67 15.23 -19.10
N GLU OA 23 76.84 14.30 -19.60
CA GLU OA 23 77.22 13.50 -20.75
C GLU OA 23 77.39 14.33 -22.02
N GLN OA 24 76.50 15.27 -22.29
CA GLN OA 24 76.53 16.05 -23.52
C GLN OA 24 77.49 17.22 -23.30
N VAL OA 25 78.76 16.98 -23.61
CA VAL OA 25 79.79 17.99 -23.37
C VAL OA 25 79.54 19.19 -24.26
N GLY OA 26 79.86 20.39 -23.74
CA GLY OA 26 79.57 21.62 -24.42
C GLY OA 26 78.27 22.26 -23.97
N THR OA 27 77.17 21.52 -24.01
CA THR OA 27 75.87 22.01 -23.57
C THR OA 27 75.33 21.06 -22.51
N SER OA 28 75.76 21.27 -21.28
CA SER OA 28 75.28 20.48 -20.15
C SER OA 28 75.47 21.30 -18.88
N TYR OA 29 74.90 20.81 -17.79
CA TYR OA 29 74.95 21.57 -16.54
C TYR OA 29 76.38 21.77 -16.07
N HIS OA 30 77.22 20.74 -16.20
CA HIS OA 30 78.60 20.85 -15.77
C HIS OA 30 79.42 21.73 -16.70
N ASP OA 31 78.93 22.02 -17.90
CA ASP OA 31 79.67 22.87 -18.82
C ASP OA 31 79.51 24.36 -18.52
N TYR OA 32 78.58 24.72 -17.65
CA TYR OA 32 78.31 26.11 -17.30
C TYR OA 32 78.58 26.30 -15.81
N ILE OA 33 79.40 27.29 -15.48
CA ILE OA 33 79.86 27.46 -14.10
C ILE OA 33 78.75 27.98 -13.21
N ALA OA 34 77.70 28.57 -13.80
CA ALA OA 34 76.58 29.05 -13.01
C ALA OA 34 75.92 27.92 -12.25
N THR OA 35 75.84 26.73 -12.88
CA THR OA 35 75.27 25.57 -12.19
C THR OA 35 76.08 25.21 -10.96
N ASP OA 36 77.41 25.27 -11.06
CA ASP OA 36 78.24 25.02 -9.89
C ASP OA 36 78.03 26.08 -8.82
N TRP OA 37 77.93 27.34 -9.21
CA TRP OA 37 77.79 28.41 -8.22
C TRP OA 37 76.45 28.34 -7.49
N LEU OA 38 75.36 28.09 -8.21
CA LEU OA 38 74.04 28.18 -7.61
C LEU OA 38 73.80 27.08 -6.57
N THR OA 39 74.36 25.89 -6.78
CA THR OA 39 74.13 24.76 -5.90
C THR OA 39 75.18 24.63 -4.80
N ALA OA 40 76.15 25.53 -4.75
CA ALA OA 40 77.25 25.36 -3.79
C ALA OA 40 76.77 25.45 -2.35
N TYR OA 41 75.90 26.41 -2.06
CA TYR OA 41 75.42 26.58 -0.70
C TYR OA 41 74.63 25.36 -0.24
N TRP OA 42 73.79 24.81 -1.12
CA TRP OA 42 72.97 23.67 -0.73
C TRP OA 42 73.83 22.44 -0.49
N ASP OA 43 74.86 22.24 -1.31
CA ASP OA 43 75.80 21.15 -1.05
C ASP OA 43 76.52 21.36 0.27
N LYS OA 44 76.92 22.60 0.55
CA LYS OA 44 77.59 22.90 1.81
C LYS OA 44 76.69 22.57 3.00
N ILE OA 45 75.42 22.98 2.93
CA ILE OA 45 74.49 22.71 4.02
C ILE OA 45 74.26 21.21 4.17
N PHE OA 46 74.10 20.51 3.06
CA PHE OA 46 73.86 19.08 3.13
C PHE OA 46 75.04 18.34 3.73
N ILE OA 47 76.27 18.75 3.36
CA ILE OA 47 77.45 18.10 3.92
C ILE OA 47 77.60 18.41 5.40
N GLU OA 48 77.26 19.65 5.80
CA GLU OA 48 77.31 19.98 7.22
C GLU OA 48 76.34 19.12 8.01
N CYS OA 49 75.10 18.98 7.52
CA CYS OA 49 74.13 18.13 8.20
C CYS OA 49 74.58 16.67 8.18
N TYR OA 50 75.24 16.25 7.10
CA TYR OA 50 75.75 14.88 7.02
C TYR OA 50 76.78 14.61 8.09
N ASP OA 51 77.70 15.55 8.30
CA ASP OA 51 78.71 15.38 9.35
C ASP OA 51 78.07 15.41 10.73
N LYS OA 52 77.06 16.26 10.92
CA LYS OA 52 76.35 16.28 12.20
C LYS OA 52 75.69 14.94 12.46
N LEU OA 53 75.02 14.37 11.46
CA LEU OA 53 74.36 13.09 11.63
C LEU OA 53 75.37 11.98 11.86
N GLU OA 54 76.53 12.06 11.22
CA GLU OA 54 77.57 11.07 11.44
C GLU OA 54 78.10 11.12 12.87
N ASP OA 55 78.27 12.32 13.42
CA ASP OA 55 78.73 12.41 14.80
C ASP OA 55 77.61 12.22 15.82
N LEU OA 56 76.35 12.17 15.38
CA LEU OA 56 75.23 11.99 16.31
C LEU OA 56 75.37 10.77 17.23
N PRO OA 57 75.71 9.57 16.75
CA PRO OA 57 75.86 8.45 17.70
C PRO OA 57 76.91 8.70 18.77
N ARG OA 58 77.93 9.50 18.46
CA ARG OA 58 78.90 9.88 19.47
C ARG OA 58 78.26 10.71 20.57
N GLN OA 59 77.32 11.59 20.20
CA GLN OA 59 76.74 12.54 21.14
C GLN OA 59 75.88 11.88 22.21
N PHE OA 60 75.56 10.60 22.08
CA PHE OA 60 74.81 9.90 23.10
C PHE OA 60 75.71 9.14 24.07
N ASP OA 61 77.02 9.29 23.95
CA ASP OA 61 77.96 8.73 24.92
C ASP OA 61 78.36 9.85 25.87
N PRO OA 62 77.98 9.78 27.14
CA PRO OA 62 78.27 10.91 28.05
C PRO OA 62 79.74 11.25 28.15
N LEU OA 63 80.63 10.26 28.09
CA LEU OA 63 82.06 10.54 28.19
C LEU OA 63 82.55 11.30 26.97
N GLN OA 64 82.06 10.96 25.78
CA GLN OA 64 82.54 11.53 24.53
C GLN OA 64 81.68 12.67 24.00
N CYS OA 65 80.46 12.82 24.51
CA CYS OA 65 79.55 13.82 23.95
C CYS OA 65 79.98 15.24 24.34
N ASP OA 66 79.31 16.21 23.72
CA ASP OA 66 79.55 17.61 24.02
C ASP OA 66 78.69 18.04 25.21
N GLU OA 67 79.10 19.14 25.85
CA GLU OA 67 78.38 19.63 27.02
C GLU OA 67 76.96 20.04 26.70
N GLU OA 68 76.65 20.33 25.44
CA GLU OA 68 75.28 20.69 25.08
C GLU OA 68 74.33 19.51 25.23
N TYR OA 69 74.85 18.28 25.20
CA TYR OA 69 74.01 17.11 25.28
C TYR OA 69 73.92 16.52 26.68
N LEU OA 70 74.70 17.01 27.64
CA LEU OA 70 74.61 16.45 28.99
C LEU OA 70 73.24 16.72 29.60
N ASP OA 71 72.74 17.94 29.48
CA ASP OA 71 71.41 18.26 29.99
C ASP OA 71 70.32 17.55 29.19
N PHE OA 72 70.59 17.21 27.94
CA PHE OA 72 69.63 16.47 27.14
C PHE OA 72 69.64 15.00 27.52
N LEU OA 73 70.80 14.48 27.91
CA LEU OA 73 70.90 13.06 28.26
C LEU OA 73 70.53 12.78 29.70
N ALA OA 74 70.40 13.82 30.50
CA ALA OA 74 70.01 13.65 31.90
C ALA OA 74 68.71 12.84 32.12
N PRO OA 75 67.58 13.24 31.49
CA PRO OA 75 66.39 12.40 31.73
C PRO OA 75 66.52 11.01 31.13
N LEU OA 76 67.28 10.87 30.04
CA LEU OA 76 67.51 9.55 29.44
C LEU OA 76 68.13 8.62 30.45
N CYS OA 77 69.05 9.14 31.26
CA CYS OA 77 69.69 8.32 32.28
C CYS OA 77 68.90 8.27 33.60
N GLY OA 78 67.87 9.10 33.72
CA GLY OA 78 67.03 9.07 34.92
C GLY OA 78 67.34 10.14 35.93
N TRP OA 79 67.75 11.32 35.46
CA TRP OA 79 68.12 12.39 36.36
C TRP OA 79 67.24 13.60 36.10
N THR OA 80 66.24 13.81 36.96
CA THR OA 80 65.30 14.91 36.76
C THR OA 80 65.07 15.63 38.08
N ALA OA 81 64.90 14.86 39.15
CA ALA OA 81 64.65 15.44 40.48
C ALA OA 81 65.92 16.08 41.05
N PRO OA 82 65.90 16.61 42.31
CA PRO OA 82 67.13 17.13 42.92
C PRO OA 82 68.43 16.37 42.68
N TYR OA 83 68.40 15.06 42.43
CA TYR OA 83 69.60 14.30 42.09
C TYR OA 83 70.41 15.03 41.04
N TRP OA 84 69.74 15.55 40.02
CA TRP OA 84 70.42 16.31 38.98
C TRP OA 84 70.43 17.79 39.26
N SER OA 85 71.51 18.46 38.91
CA SER OA 85 71.56 19.91 39.05
C SER OA 85 72.24 20.47 37.81
N GLY OA 86 71.86 21.68 37.40
CA GLY OA 86 72.46 22.30 36.23
C GLY OA 86 73.71 23.07 36.60
N ASP OA 87 74.00 23.18 37.89
CA ASP OA 87 75.21 23.86 38.34
C ASP OA 87 76.33 22.86 38.57
N TYR OA 88 76.07 21.59 38.28
CA TYR OA 88 77.09 20.55 38.44
C TYR OA 88 78.23 20.78 37.47
N PRO OA 89 79.45 20.40 37.88
CA PRO OA 89 80.57 20.51 36.93
C PRO OA 89 80.35 19.57 35.75
N PRO OA 90 80.67 20.03 34.52
CA PRO OA 90 80.48 19.20 33.33
C PRO OA 90 81.12 17.82 33.43
N GLU OA 91 82.30 17.73 34.04
CA GLU OA 91 82.97 16.45 34.20
C GLU OA 91 82.22 15.56 35.18
N SER OA 92 81.74 16.14 36.28
CA SER OA 92 80.91 15.39 37.22
C SER OA 92 79.63 14.92 36.56
N LYS OA 93 79.04 15.76 35.70
CA LYS OA 93 77.86 15.32 34.96
C LYS OA 93 78.17 14.13 34.08
N ARG OA 94 79.31 14.16 33.39
CA ARG OA 94 79.71 13.02 32.57
C ARG OA 94 79.83 11.76 33.39
N VAL OA 95 80.50 11.85 34.53
CA VAL OA 95 80.76 10.66 35.34
C VAL OA 95 79.45 10.11 35.92
N LEU OA 96 78.55 11.00 36.36
CA LEU OA 96 77.29 10.53 36.91
C LEU OA 96 76.41 9.91 35.84
N LEU OA 97 76.39 10.49 34.63
CA LEU OA 97 75.57 9.94 33.56
C LEU OA 97 76.11 8.59 33.09
N ALA OA 98 77.43 8.46 33.02
CA ALA OA 98 78.02 7.24 32.45
C ALA OA 98 77.68 6.01 33.28
N ASN OA 99 77.70 6.14 34.61
CA ASN OA 99 77.50 5.01 35.51
C ASN OA 99 76.11 5.03 36.16
N SER OA 100 75.09 5.46 35.42
CA SER OA 100 73.76 5.55 36.00
C SER OA 100 73.09 4.18 36.08
N TYR OA 101 72.97 3.50 34.95
CA TYR OA 101 72.28 2.21 34.91
C TYR OA 101 73.16 1.07 35.41
N SER OA 102 74.48 1.28 35.46
CA SER OA 102 75.38 0.19 35.83
C SER OA 102 75.74 0.21 37.31
N LEU OA 103 75.80 1.37 37.93
CA LEU OA 103 76.17 1.40 39.34
C LEU OA 103 75.21 2.20 40.21
N ILE OA 104 74.71 3.33 39.74
CA ILE OA 104 74.06 4.28 40.64
C ILE OA 104 72.65 3.84 40.99
N TRP OA 105 71.77 3.74 39.99
CA TRP OA 105 70.40 3.34 40.27
C TRP OA 105 70.30 1.86 40.58
N ARG OA 106 71.23 1.06 40.06
CA ARG OA 106 71.21 -0.39 40.29
C ARG OA 106 71.40 -0.71 41.77
N ASP OA 107 72.32 -0.02 42.44
CA ASP OA 107 72.69 -0.35 43.81
C ASP OA 107 72.51 0.83 44.75
N LYS OA 108 71.53 1.68 44.46
CA LYS OA 108 71.30 2.87 45.27
C LYS OA 108 71.07 2.50 46.72
N GLY OA 109 71.70 3.27 47.62
CA GLY OA 109 71.68 3.00 49.03
C GLY OA 109 72.93 2.31 49.55
N SER OA 110 73.72 1.73 48.65
CA SER OA 110 74.95 1.06 49.04
C SER OA 110 76.04 2.07 49.36
N LEU OA 111 77.03 1.62 50.13
CA LEU OA 111 78.16 2.48 50.45
C LEU OA 111 78.94 2.85 49.19
N THR OA 112 79.08 1.89 48.26
CA THR OA 112 79.83 2.16 47.04
C THR OA 112 79.17 3.25 46.23
N VAL OA 113 77.84 3.23 46.13
CA VAL OA 113 77.15 4.22 45.31
C VAL OA 113 77.28 5.61 45.91
N LEU OA 114 77.08 5.74 47.22
CA LEU OA 114 77.20 7.03 47.86
C LEU OA 114 78.63 7.56 47.78
N SER OA 115 79.61 6.69 48.03
CA SER OA 115 81.00 7.11 47.94
C SER OA 115 81.36 7.52 46.52
N PHE OA 116 80.86 6.77 45.52
CA PHE OA 116 81.14 7.09 44.13
C PHE OA 116 80.53 8.43 43.74
N VAL OA 117 79.30 8.69 44.20
CA VAL OA 117 78.66 9.97 43.89
C VAL OA 117 79.41 11.11 44.54
N LEU OA 118 79.85 10.95 45.78
CA LEU OA 118 80.60 12.00 46.44
C LEU OA 118 81.95 12.24 45.75
N ASN OA 119 82.61 11.18 45.31
CA ASN OA 119 83.88 11.33 44.61
C ASN OA 119 83.68 11.96 43.24
N ALA OA 120 82.57 11.64 42.57
CA ALA OA 120 82.31 12.20 41.25
C ALA OA 120 82.14 13.70 41.31
N LEU OA 121 81.70 14.23 42.45
CA LEU OA 121 81.56 15.66 42.65
C LEU OA 121 82.79 16.29 43.30
N PHE OA 122 83.91 15.56 43.35
CA PHE OA 122 85.18 16.05 43.85
C PHE OA 122 85.09 16.45 45.31
N ILE OA 123 84.67 15.49 46.13
CA ILE OA 123 84.55 15.68 47.58
C ILE OA 123 85.29 14.52 48.23
N ASN OA 124 86.49 14.79 48.74
CA ASN OA 124 87.21 13.78 49.51
C ASN OA 124 86.48 13.54 50.83
N HIS OA 125 86.26 12.27 51.14
CA HIS OA 125 85.40 11.92 52.26
C HIS OA 125 85.76 10.52 52.76
N ARG OA 126 85.32 10.23 53.97
CA ARG OA 126 85.48 8.91 54.58
C ARG OA 126 84.16 8.52 55.22
N ILE OA 127 83.67 7.33 54.88
CA ILE OA 127 82.47 6.80 55.50
C ILE OA 127 82.87 5.99 56.72
N PHE OA 128 82.40 6.40 57.90
CA PHE OA 128 82.80 5.80 59.16
C PHE OA 128 81.57 5.33 59.90
N VAL OA 129 81.51 4.04 60.21
CA VAL OA 129 80.44 3.47 61.02
C VAL OA 129 80.87 3.53 62.47
N PRO OA 130 80.12 4.22 63.34
CA PRO OA 130 80.51 4.31 64.75
C PRO OA 130 80.65 2.94 65.39
N GLY OA 131 81.69 2.76 66.19
CA GLY OA 131 81.93 1.52 66.88
C GLY OA 131 82.81 1.71 68.08
N SER OA 132 82.88 0.68 68.91
CA SER OA 132 83.71 0.73 70.11
C SER OA 132 85.13 0.27 69.87
N PHE OA 133 85.45 -0.24 68.68
CA PHE OA 133 86.80 -0.67 68.34
C PHE OA 133 87.21 -0.01 67.04
N ILE OA 134 88.14 0.93 67.12
CA ILE OA 134 88.70 1.62 65.95
C ILE OA 134 90.14 1.16 65.80
N LEU OA 135 90.52 0.77 64.58
CA LEU OA 135 91.81 0.13 64.37
C LEU OA 135 92.97 1.04 64.74
N GLY OA 136 92.79 2.35 64.60
CA GLY OA 136 93.91 3.25 64.82
C GLY OA 136 94.40 3.26 66.26
N GLN OA 137 93.47 3.32 67.21
CA GLN OA 137 93.84 3.59 68.60
C GLN OA 137 93.33 2.56 69.61
N SER OA 138 92.29 1.80 69.31
CA SER OA 138 91.74 0.89 70.28
C SER OA 138 92.74 -0.19 70.66
N GLN OA 139 92.85 -0.46 71.95
CA GLN OA 139 93.84 -1.38 72.49
C GLN OA 139 93.23 -2.77 72.66
N VAL OA 140 93.92 -3.78 72.14
CA VAL OA 140 93.38 -5.13 72.05
C VAL OA 140 93.10 -5.71 73.43
N SER OA 141 93.91 -5.35 74.43
CA SER OA 141 93.80 -5.99 75.73
C SER OA 141 92.46 -5.71 76.40
N GLU OA 142 91.99 -4.47 76.34
CA GLU OA 142 90.83 -4.07 77.12
C GLU OA 142 89.66 -3.52 76.33
N ASP OA 143 89.87 -3.00 75.12
CA ASP OA 143 88.76 -2.46 74.34
C ASP OA 143 87.89 -3.57 73.79
N THR OA 144 86.65 -3.23 73.48
CA THR OA 144 85.63 -4.20 73.12
C THR OA 144 85.17 -4.00 71.68
N LEU OA 145 84.42 -4.98 71.17
CA LEU OA 145 83.84 -4.89 69.84
C LEU OA 145 82.44 -4.30 69.92
N GLY OA 146 82.02 -3.66 68.83
CA GLY OA 146 80.72 -3.03 68.79
C GLY OA 146 80.31 -2.69 67.37
N ALA OA 147 79.10 -2.18 67.23
CA ALA OA 147 78.56 -1.77 65.95
C ALA OA 147 77.46 -0.74 66.19
N ALA OA 148 77.12 -0.01 65.14
CA ALA OA 148 76.11 1.04 65.22
C ALA OA 148 74.83 0.68 64.49
N GLY OA 149 74.82 -0.37 63.69
CA GLY OA 149 73.64 -0.74 62.94
C GLY OA 149 73.30 0.27 61.86
N TRP OA 150 72.22 1.02 62.06
CA TRP OA 150 71.72 1.94 61.05
C TRP OA 150 72.37 3.31 61.13
N GLU OA 151 73.57 3.42 61.70
CA GLU OA 151 74.22 4.70 61.84
C GLU OA 151 75.53 4.72 61.04
N PHE OA 152 75.87 5.90 60.54
CA PHE OA 152 77.14 6.12 59.88
C PHE OA 152 77.42 7.62 59.83
N GLU OA 153 78.61 7.98 59.41
CA GLU OA 153 79.02 9.37 59.38
C GLU OA 153 79.92 9.60 58.17
N ILE OA 154 79.86 10.82 57.66
CA ILE OA 154 80.71 11.25 56.55
C ILE OA 154 81.72 12.24 57.12
N LEU OA 155 82.99 11.87 57.09
CA LEU OA 155 84.05 12.71 57.62
C LEU OA 155 84.80 13.37 56.47
N LEU OA 156 84.97 14.68 56.56
CA LEU OA 156 85.59 15.47 55.51
C LEU OA 156 86.91 16.05 56.01
N PRO OA 157 87.86 16.31 55.11
CA PRO OA 157 89.13 16.89 55.53
C PRO OA 157 88.95 18.33 55.98
N ARG OA 158 89.94 18.81 56.75
CA ARG OA 158 89.93 20.17 57.24
C ARG OA 158 90.10 21.21 56.12
N ASP OA 159 90.47 20.78 54.92
CA ASP OA 159 90.61 21.72 53.81
C ASP OA 159 89.30 22.44 53.52
N TYR OA 160 88.17 21.80 53.76
CA TYR OA 160 86.88 22.42 53.54
C TYR OA 160 86.46 23.25 54.74
N ALA OA 161 85.68 24.29 54.50
CA ALA OA 161 85.18 25.15 55.56
C ALA OA 161 83.86 24.59 56.11
N GLU OA 162 83.65 24.81 57.41
CA GLU OA 162 82.47 24.29 58.07
C GLU OA 162 81.20 24.90 57.47
N ASN OA 163 80.21 24.03 57.20
CA ASN OA 163 78.95 24.44 56.58
C ASN OA 163 79.19 25.22 55.29
N GLY OA 164 80.30 24.94 54.62
CA GLY OA 164 80.63 25.58 53.37
C GLY OA 164 79.96 24.89 52.21
N TYR OA 165 80.57 25.06 51.03
CA TYR OA 165 80.05 24.41 49.83
C TYR OA 165 80.10 22.89 49.95
N GLU OA 166 81.24 22.35 50.41
CA GLU OA 166 81.40 20.90 50.45
C GLU OA 166 80.51 20.27 51.50
N PHE OA 167 80.38 20.90 52.68
CA PHE OA 167 79.54 20.33 53.72
C PHE OA 167 78.09 20.22 53.27
N ARG OA 168 77.56 21.29 52.68
CA ARG OA 168 76.14 21.30 52.33
C ARG OA 168 75.88 20.47 51.08
N LEU OA 169 76.84 20.45 50.15
CA LEU OA 169 76.74 19.52 49.02
C LEU OA 169 76.72 18.08 49.51
N THR OA 170 77.58 17.75 50.47
CA THR OA 170 77.58 16.40 51.03
C THR OA 170 76.27 16.08 51.73
N LEU OA 171 75.72 17.05 52.45
CA LEU OA 171 74.42 16.84 53.09
C LEU OA 171 73.34 16.54 52.06
N LYS OA 172 73.30 17.31 50.98
CA LYS OA 172 72.29 17.07 49.96
C LYS OA 172 72.48 15.71 49.30
N ILE OA 173 73.73 15.35 49.00
CA ILE OA 173 74.01 14.06 48.38
C ILE OA 173 73.61 12.93 49.30
N ALA OA 174 73.94 13.04 50.59
CA ALA OA 174 73.58 12.00 51.55
C ALA OA 174 72.07 11.87 51.67
N SER OA 175 71.36 12.99 51.71
CA SER OA 175 69.90 12.91 51.76
C SER OA 175 69.35 12.24 50.51
N LEU OA 176 69.97 12.49 49.35
CA LEU OA 176 69.46 11.91 48.12
C LEU OA 176 69.82 10.44 47.96
N PHE OA 177 70.91 9.97 48.56
CA PHE OA 177 71.40 8.64 48.27
C PHE OA 177 71.56 7.73 49.48
N SER OA 178 71.76 8.27 50.67
CA SER OA 178 71.78 7.42 51.85
C SER OA 178 70.38 6.91 52.15
N PRO OA 179 70.25 5.70 52.68
CA PRO OA 179 68.93 5.20 53.06
C PRO OA 179 68.29 6.11 54.10
N LEU OA 180 66.97 6.26 53.98
CA LEU OA 180 66.26 7.27 54.77
C LEU OA 180 66.28 6.94 56.26
N TRP OA 181 66.17 5.66 56.60
CA TRP OA 181 66.07 5.25 57.99
C TRP OA 181 67.40 5.28 58.73
N CYS OA 182 68.50 5.57 58.04
CA CYS OA 182 69.81 5.62 58.66
C CYS OA 182 70.09 7.01 59.23
N LYS OA 183 70.67 7.03 60.43
CA LYS OA 183 71.11 8.28 61.05
C LYS OA 183 72.52 8.58 60.59
N TYR OA 184 72.70 9.74 59.97
CA TYR OA 184 74.00 10.13 59.45
C TYR OA 184 74.32 11.57 59.84
N ARG OA 185 75.61 11.86 59.91
CA ARG OA 185 76.09 13.18 60.28
C ARG OA 185 77.32 13.51 59.46
N VAL OA 186 77.35 14.70 58.89
CA VAL OA 186 78.51 15.19 58.16
C VAL OA 186 79.43 15.89 59.16
N ARG OA 187 80.70 15.49 59.18
CA ARG OA 187 81.60 15.91 60.24
C ARG OA 187 83.00 16.10 59.67
N TYR OA 188 83.88 16.67 60.49
CA TYR OA 188 85.28 16.85 60.14
C TYR OA 188 86.05 15.57 60.46
N ASP OA 189 86.85 15.10 59.52
CA ASP OA 189 87.68 13.93 59.76
C ASP OA 189 88.77 14.25 60.76
N ASN OA 190 88.88 13.44 61.80
CA ASN OA 190 89.91 13.62 62.82
C ASN OA 190 91.19 12.87 62.50
N LEU OA 191 91.27 12.22 61.35
CA LEU OA 191 92.48 11.49 60.96
C LEU OA 191 93.02 12.00 59.62
N LEU PA 5 56.31 11.14 23.66
CA LEU PA 5 55.17 10.83 22.83
C LEU PA 5 55.55 9.91 21.69
N ASN PA 6 54.80 10.01 20.58
CA ASN PA 6 55.13 9.23 19.39
C ASN PA 6 56.30 9.87 18.65
N ALA PA 7 57.25 9.04 18.24
CA ALA PA 7 58.42 9.54 17.53
C ALA PA 7 58.01 10.08 16.17
N PRO PA 8 58.53 11.23 15.75
CA PRO PA 8 58.23 11.72 14.41
C PRO PA 8 58.89 10.87 13.34
N GLN PA 9 58.24 10.78 12.19
CA GLN PA 9 58.81 10.08 11.05
C GLN PA 9 59.85 10.96 10.38
N LEU PA 10 61.05 10.40 10.16
CA LEU PA 10 62.17 11.21 9.71
C LEU PA 10 62.20 11.33 8.19
N VAL PA 11 61.91 10.25 7.47
CA VAL PA 11 61.94 10.32 6.02
C VAL PA 11 60.67 10.99 5.50
N VAL PA 12 60.77 11.57 4.31
CA VAL PA 12 59.61 12.16 3.65
C VAL PA 12 58.79 11.05 3.00
N ASP PA 13 57.47 11.12 3.17
CA ASP PA 13 56.60 10.04 2.70
C ASP PA 13 56.65 9.90 1.19
N ASP PA 14 56.63 11.01 0.46
CA ASP PA 14 56.59 10.98 -1.00
C ASP PA 14 57.47 12.11 -1.52
N TYR PA 15 58.57 11.75 -2.21
CA TYR PA 15 59.51 12.75 -2.68
C TYR PA 15 59.08 13.37 -4.00
N GLU PA 16 58.38 12.63 -4.85
CA GLU PA 16 57.80 13.23 -6.05
C GLU PA 16 56.80 14.31 -5.67
N GLN PA 17 56.03 14.07 -4.62
CA GLN PA 17 55.16 15.11 -4.08
C GLN PA 17 55.98 16.31 -3.61
N LEU PA 18 57.15 16.06 -3.03
CA LEU PA 18 58.01 17.17 -2.62
C LEU PA 18 58.46 17.99 -3.82
N ILE PA 19 58.82 17.33 -4.92
CA ILE PA 19 59.23 18.05 -6.12
C ILE PA 19 58.08 18.88 -6.67
N ILE PA 20 56.89 18.28 -6.75
CA ILE PA 20 55.74 19.00 -7.28
C ILE PA 20 55.40 20.18 -6.40
N ASP PA 21 55.48 20.01 -5.08
CA ASP PA 21 55.18 21.09 -4.16
C ASP PA 21 56.22 22.20 -4.26
N SER PA 22 57.49 21.86 -4.46
CA SER PA 22 58.51 22.90 -4.61
C SER PA 22 58.31 23.67 -5.91
N LEU PA 23 57.87 23.01 -6.97
CA LEU PA 23 57.60 23.74 -8.21
C LEU PA 23 56.37 24.64 -8.07
N VAL PA 24 55.34 24.16 -7.37
CA VAL PA 24 54.19 25.02 -7.08
C VAL PA 24 54.62 26.19 -6.20
N HIS PA 25 55.57 25.96 -5.31
CA HIS PA 25 56.12 27.05 -4.51
C HIS PA 25 56.84 28.05 -5.39
N THR PA 26 57.56 27.57 -6.41
CA THR PA 26 58.15 28.48 -7.39
C THR PA 26 57.08 29.35 -8.02
N ASN PA 27 55.95 28.74 -8.36
CA ASN PA 27 54.83 29.50 -8.91
C ASN PA 27 54.34 30.56 -7.90
N VAL PA 28 54.23 30.18 -6.63
CA VAL PA 28 53.74 31.09 -5.61
C VAL PA 28 54.68 32.26 -5.42
N VAL PA 29 55.98 31.99 -5.38
CA VAL PA 29 56.97 33.05 -5.15
C VAL PA 29 56.95 34.06 -6.28
N SER PA 30 56.86 33.60 -7.52
CA SER PA 30 56.90 34.49 -8.67
C SER PA 30 55.55 35.14 -8.97
N ASN PA 31 54.53 34.86 -8.16
CA ASN PA 31 53.18 35.39 -8.37
C ASN PA 31 52.64 34.97 -9.74
N GLY PA 32 52.59 33.66 -9.96
CA GLY PA 32 52.04 33.12 -11.19
C GLY PA 32 52.84 33.43 -12.44
N GLU PA 33 54.16 33.52 -12.31
CA GLU PA 33 55.03 33.78 -13.44
C GLU PA 33 55.90 32.59 -13.80
N PHE PA 34 55.92 31.55 -12.97
CA PHE PA 34 56.67 30.32 -13.22
C PHE PA 34 55.67 29.18 -13.26
N THR PA 35 55.23 28.80 -14.46
CA THR PA 35 54.26 27.72 -14.61
C THR PA 35 54.83 26.52 -15.35
N ASP PA 36 56.14 26.45 -15.55
CA ASP PA 36 56.78 25.35 -16.28
C ASP PA 36 57.14 24.26 -15.29
N LEU PA 37 56.47 23.12 -15.38
CA LEU PA 37 56.58 22.07 -14.37
C LEU PA 37 57.12 20.75 -14.89
N ASP PA 38 57.30 20.59 -16.19
CA ASP PA 38 57.80 19.31 -16.69
C ASP PA 38 59.33 19.27 -16.63
N ALA PA 39 59.88 18.11 -16.98
CA ALA PA 39 61.32 17.91 -16.88
C ALA PA 39 62.08 18.84 -17.80
N SER PA 40 61.47 19.24 -18.92
CA SER PA 40 62.11 20.17 -19.85
C SER PA 40 62.23 21.57 -19.28
N GLY PA 41 61.57 21.86 -18.16
CA GLY PA 41 61.65 23.17 -17.57
C GLY PA 41 63.01 23.45 -16.96
N PHE PA 42 63.23 24.70 -16.58
CA PHE PA 42 64.53 25.08 -16.06
C PHE PA 42 64.72 24.56 -14.63
N MET PA 43 63.70 24.68 -13.81
CA MET PA 43 63.90 24.48 -12.38
C MET PA 43 63.66 23.04 -11.94
N ARG PA 44 63.00 22.25 -12.79
CA ARG PA 44 62.71 20.85 -12.44
C ARG PA 44 63.98 20.04 -12.20
N PRO PA 45 65.02 20.08 -13.03
CA PRO PA 45 66.23 19.31 -12.69
C PRO PA 45 66.84 19.69 -11.36
N PHE PA 46 66.90 20.99 -11.05
CA PHE PA 46 67.45 21.42 -9.77
C PHE PA 46 66.60 20.89 -8.62
N ALA PA 47 65.28 21.05 -8.71
CA ALA PA 47 64.41 20.61 -7.63
C ALA PA 47 64.47 19.10 -7.45
N GLY PA 48 64.48 18.35 -8.56
CA GLY PA 48 64.54 16.91 -8.46
C GLY PA 48 65.85 16.41 -7.88
N THR PA 49 66.97 16.99 -8.31
CA THR PA 49 68.26 16.61 -7.76
C THR PA 49 68.35 16.94 -6.28
N MET PA 50 67.84 18.10 -5.89
CA MET PA 50 67.80 18.44 -4.47
C MET PA 50 66.94 17.45 -3.70
N ALA PA 51 65.80 17.06 -4.26
CA ALA PA 51 64.92 16.11 -3.57
C ALA PA 51 65.59 14.76 -3.41
N TYR PA 52 66.32 14.30 -4.42
CA TYR PA 52 66.98 13.01 -4.32
C TYR PA 52 68.12 13.05 -3.31
N ALA PA 53 68.92 14.11 -3.34
CA ALA PA 53 69.97 14.27 -2.33
C ALA PA 53 69.36 14.36 -0.93
N GLY PA 54 68.23 15.05 -0.79
CA GLY PA 54 67.57 15.11 0.50
C GLY PA 54 67.00 13.79 0.94
N SER PA 55 66.54 12.96 0.01
CA SER PA 55 66.13 11.62 0.36
C SER PA 55 67.30 10.82 0.92
N GLU PA 56 68.46 10.94 0.28
CA GLU PA 56 69.65 10.30 0.82
C GLU PA 56 69.98 10.83 2.22
N LEU PA 57 69.90 12.15 2.39
CA LEU PA 57 70.19 12.76 3.68
C LEU PA 57 69.24 12.30 4.76
N LEU PA 58 67.96 12.16 4.43
CA LEU PA 58 66.99 11.73 5.43
C LEU PA 58 67.13 10.24 5.73
N TYR PA 59 67.53 9.44 4.75
CA TYR PA 59 67.84 8.04 5.05
C TYR PA 59 69.02 7.96 6.02
N LYS PA 60 70.06 8.75 5.78
CA LYS PA 60 71.19 8.77 6.70
C LYS PA 60 70.76 9.31 8.07
N ALA PA 61 69.84 10.28 8.11
CA ALA PA 61 69.35 10.78 9.39
C ALA PA 61 68.59 9.71 10.16
N ASN PA 62 67.77 8.93 9.46
CA ASN PA 62 67.09 7.81 10.10
C ASN PA 62 68.08 6.81 10.67
N LEU PA 63 69.07 6.43 9.86
CA LEU PA 63 70.11 5.52 10.32
C LEU PA 63 70.86 6.10 11.51
N ALA PA 64 71.09 7.43 11.49
CA ALA PA 64 71.85 8.08 12.55
C ALA PA 64 71.07 8.10 13.86
N SER PA 65 69.76 8.37 13.78
CA SER PA 65 68.96 8.32 15.00
C SER PA 65 68.89 6.90 15.56
N ILE PA 66 68.74 5.91 14.69
CA ILE PA 66 68.76 4.52 15.17
C ILE PA 66 70.09 4.19 15.81
N ALA PA 67 71.20 4.61 15.18
CA ALA PA 67 72.52 4.32 15.72
C ALA PA 67 72.74 5.07 17.03
N ALA PA 68 72.18 6.25 17.17
CA ALA PA 68 72.27 6.98 18.43
C ALA PA 68 71.55 6.25 19.54
N ALA PA 69 70.37 5.70 19.24
CA ALA PA 69 69.67 4.89 20.23
C ALA PA 69 70.49 3.66 20.62
N LYS PA 70 71.06 2.98 19.63
CA LYS PA 70 71.86 1.79 19.91
C LYS PA 70 73.11 2.14 20.70
N SER PA 71 73.73 3.27 20.41
CA SER PA 71 74.91 3.69 21.14
C SER PA 71 74.57 4.08 22.57
N PHE PA 72 73.39 4.66 22.78
CA PHE PA 72 72.92 4.89 24.13
C PHE PA 72 72.74 3.58 24.88
N PHE PA 73 72.20 2.57 24.19
CA PHE PA 73 72.06 1.25 24.80
C PHE PA 73 73.41 0.67 25.17
N LYS PA 74 74.38 0.77 24.27
CA LYS PA 74 75.68 0.14 24.48
C LYS PA 74 76.47 0.84 25.58
N ASN PA 75 76.46 2.17 25.57
CA ASN PA 75 77.34 2.91 26.48
C ASN PA 75 76.70 3.15 27.83
N VAL PA 76 75.44 3.61 27.84
CA VAL PA 76 74.80 3.98 29.10
C VAL PA 76 74.08 2.80 29.72
N LEU PA 77 73.21 2.14 28.94
CA LEU PA 77 72.44 1.02 29.47
C LEU PA 77 73.35 -0.16 29.79
N GLY PA 78 74.43 -0.32 29.05
CA GLY PA 78 75.33 -1.43 29.23
C GLY PA 78 75.02 -2.65 28.38
N VAL PA 79 74.00 -2.58 27.52
CA VAL PA 79 73.63 -3.71 26.68
C VAL PA 79 74.03 -3.41 25.24
N PRO PA 80 75.08 -4.03 24.73
CA PRO PA 80 75.43 -3.86 23.32
C PRO PA 80 74.45 -4.57 22.41
N GLU PA 81 74.28 -4.02 21.21
CA GLU PA 81 73.43 -4.67 20.20
C GLU PA 81 74.25 -5.69 19.44
N ASP PA 82 73.70 -6.90 19.30
CA ASP PA 82 74.39 -7.98 18.60
C ASP PA 82 73.96 -7.99 17.14
N THR PA 83 74.94 -7.91 16.24
CA THR PA 83 74.72 -8.09 14.81
C THR PA 83 75.30 -9.40 14.32
N GLY PA 84 75.60 -10.33 15.23
CA GLY PA 84 76.25 -11.56 14.87
C GLY PA 84 77.50 -11.80 15.69
N THR PA 85 77.57 -12.95 16.35
CA THR PA 85 78.73 -13.33 17.15
C THR PA 85 79.42 -14.52 16.49
N LYS PA 86 80.74 -14.45 16.42
CA LYS PA 86 81.53 -15.55 15.89
C LYS PA 86 81.72 -16.60 16.97
N ALA PA 87 81.42 -17.85 16.64
CA ALA PA 87 81.47 -18.92 17.63
C ALA PA 87 82.90 -19.12 18.12
N THR PA 88 83.02 -19.46 19.40
CA THR PA 88 84.32 -19.66 20.03
C THR PA 88 84.40 -21.05 20.63
N THR PA 89 85.60 -21.62 20.60
CA THR PA 89 85.85 -22.93 21.19
C THR PA 89 87.22 -22.91 21.84
N THR PA 90 87.56 -24.01 22.51
CA THR PA 90 88.85 -24.16 23.17
C THR PA 90 89.60 -25.29 22.49
N LEU PA 91 90.57 -24.93 21.65
CA LEU PA 91 91.40 -25.93 20.99
C LEU PA 91 92.49 -26.41 21.93
N GLN PA 92 92.76 -27.71 21.86
CA GLN PA 92 93.89 -28.33 22.53
C GLN PA 92 94.82 -28.90 21.47
N PHE PA 93 96.09 -28.53 21.55
CA PHE PA 93 97.13 -29.02 20.67
C PHE PA 93 98.00 -29.98 21.46
N GLY PA 94 98.14 -31.21 20.95
CA GLY PA 94 98.92 -32.24 21.60
C GLY PA 94 100.14 -32.60 20.77
N LEU PA 95 101.30 -32.55 21.41
CA LEU PA 95 102.57 -32.78 20.74
C LEU PA 95 102.88 -34.27 20.65
N SER PA 96 103.75 -34.60 19.70
CA SER PA 96 104.23 -35.97 19.55
C SER PA 96 105.53 -36.22 20.29
N ALA PA 97 106.14 -35.17 20.86
CA ALA PA 97 107.38 -35.33 21.61
C ALA PA 97 107.49 -34.20 22.63
N SER PA 98 108.27 -34.43 23.67
CA SER PA 98 108.46 -33.48 24.75
C SER PA 98 109.67 -32.61 24.43
N LEU PA 99 109.42 -31.45 23.86
CA LEU PA 99 110.50 -30.55 23.48
C LEU PA 99 111.24 -30.03 24.71
N SER PA 100 112.54 -29.76 24.52
CA SER PA 100 113.34 -29.10 25.55
C SER PA 100 113.20 -27.59 25.52
N THR PA 101 112.51 -27.03 24.51
CA THR PA 101 112.28 -25.60 24.44
C THR PA 101 110.79 -25.31 24.29
N ASP PA 102 110.44 -24.06 24.03
CA ASP PA 102 109.04 -23.67 23.92
C ASP PA 102 108.52 -23.95 22.52
N PHE PA 103 107.37 -24.62 22.45
CA PHE PA 103 106.68 -24.87 21.18
C PHE PA 103 105.73 -23.70 20.96
N ILE PA 104 105.97 -22.93 19.90
CA ILE PA 104 105.24 -21.70 19.65
C ILE PA 104 104.29 -21.95 18.48
N VAL PA 105 103.00 -21.90 18.75
CA VAL PA 105 101.98 -21.90 17.70
C VAL PA 105 101.63 -20.45 17.41
N PRO PA 106 101.85 -19.96 16.18
CA PRO PA 106 101.59 -18.55 15.90
C PRO PA 106 100.11 -18.23 15.95
N ILE PA 107 99.81 -16.93 15.93
CA ILE PA 107 98.41 -16.51 15.93
C ILE PA 107 97.76 -16.92 14.61
N ASN PA 108 96.42 -16.96 14.64
CA ASN PA 108 95.61 -17.26 13.45
C ASN PA 108 95.99 -18.60 12.84
N PHE PA 109 96.23 -19.59 13.68
CA PHE PA 109 96.45 -20.96 13.21
C PHE PA 109 95.11 -21.52 12.74
N GLN PA 110 95.04 -21.86 11.46
CA GLN PA 110 93.77 -22.28 10.86
C GLN PA 110 93.52 -23.76 11.11
N VAL PA 111 92.38 -24.06 11.72
CA VAL PA 111 91.89 -25.42 11.86
C VAL PA 111 90.50 -25.47 11.22
N SER PA 112 90.04 -26.67 10.93
CA SER PA 112 88.77 -26.82 10.23
C SER PA 112 88.21 -28.20 10.49
N ASP PA 113 86.95 -28.39 10.15
CA ASP PA 113 86.29 -29.67 10.27
C ASP PA 113 86.66 -30.55 9.07
N LEU PA 114 86.02 -31.71 8.98
CA LEU PA 114 86.36 -32.66 7.93
C LEU PA 114 86.02 -32.10 6.55
N SER PA 115 84.86 -31.43 6.43
CA SER PA 115 84.48 -30.85 5.15
C SER PA 115 85.29 -29.60 4.82
N GLY PA 116 85.88 -28.96 5.82
CA GLY PA 116 86.61 -27.74 5.60
C GLY PA 116 85.75 -26.50 5.48
N THR PA 117 84.43 -26.65 5.56
CA THR PA 117 83.54 -25.50 5.47
C THR PA 117 83.69 -24.59 6.69
N LEU PA 118 83.70 -25.18 7.88
CA LEU PA 118 83.82 -24.42 9.12
C LEU PA 118 85.29 -24.31 9.49
N ARG PA 119 85.79 -23.09 9.55
CA ARG PA 119 87.20 -22.82 9.80
C ARG PA 119 87.34 -21.93 11.03
N PHE PA 120 88.24 -22.31 11.93
CA PHE PA 120 88.51 -21.56 13.15
C PHE PA 120 89.96 -21.09 13.14
N TYR PA 121 90.19 -19.99 13.85
CA TYR PA 121 91.52 -19.38 13.96
C TYR PA 121 91.84 -19.15 15.43
N THR PA 122 93.08 -19.43 15.81
CA THR PA 122 93.51 -19.19 17.18
C THR PA 122 93.50 -17.69 17.48
N ILE PA 123 93.00 -17.33 18.67
CA ILE PA 123 92.90 -15.92 19.02
C ILE PA 123 94.28 -15.33 19.31
N GLY PA 124 95.21 -16.13 19.82
CA GLY PA 124 96.51 -15.62 20.20
C GLY PA 124 97.66 -16.55 19.87
N ASN PA 125 98.80 -16.35 20.53
CA ASN PA 125 99.96 -17.21 20.38
C ASN PA 125 99.92 -18.29 21.45
N LEU PA 126 100.08 -19.54 21.04
CA LEU PA 126 100.11 -20.65 21.99
C LEU PA 126 101.55 -20.96 22.32
N VAL PA 127 101.86 -21.01 23.61
CA VAL PA 127 103.23 -21.22 24.08
C VAL PA 127 103.20 -22.47 24.96
N ILE PA 128 103.60 -23.61 24.38
CA ILE PA 128 103.74 -24.83 25.15
C ILE PA 128 105.11 -24.82 25.78
N PRO PA 129 105.21 -24.76 27.11
CA PRO PA 129 106.52 -24.65 27.75
C PRO PA 129 107.32 -25.93 27.63
N ALA PA 130 108.61 -25.82 27.89
CA ALA PA 130 109.51 -26.97 27.83
C ALA PA 130 109.06 -28.04 28.82
N GLY PA 131 109.00 -29.28 28.36
CA GLY PA 131 108.56 -30.38 29.19
C GLY PA 131 107.06 -30.58 29.25
N ALA PA 132 106.29 -29.87 28.44
CA ALA PA 132 104.85 -30.03 28.38
C ALA PA 132 104.48 -30.58 27.01
N THR PA 133 103.52 -31.52 26.99
CA THR PA 133 103.18 -32.20 25.75
C THR PA 133 101.87 -31.70 25.13
N PHE PA 134 101.11 -30.86 25.81
CA PHE PA 134 99.87 -30.35 25.25
C PHE PA 134 99.59 -28.97 25.79
N GLY PA 135 98.76 -28.24 25.07
CA GLY PA 135 98.39 -26.89 25.46
C GLY PA 135 97.00 -26.56 24.98
N THR PA 136 96.40 -25.54 25.59
CA THR PA 136 95.07 -25.09 25.23
C THR PA 136 95.09 -23.61 24.85
N ILE PA 137 94.25 -23.25 23.89
CA ILE PA 137 94.07 -21.86 23.50
C ILE PA 137 92.71 -21.73 22.84
N GLU PA 138 92.07 -20.59 23.02
CA GLU PA 138 90.75 -20.39 22.44
C GLU PA 138 90.86 -20.01 20.97
N ALA PA 139 89.89 -20.49 20.18
CA ALA PA 139 89.80 -20.21 18.77
C ALA PA 139 88.44 -19.61 18.44
N ILE PA 140 88.42 -18.74 17.45
CA ILE PA 140 87.23 -18.03 17.04
C ILE PA 140 86.88 -18.43 15.61
N ALA PA 141 85.58 -18.46 15.33
CA ALA PA 141 85.12 -18.88 14.02
C ALA PA 141 85.55 -17.90 12.94
N GLU PA 142 85.56 -18.38 11.71
CA GLU PA 142 85.88 -17.51 10.57
C GLU PA 142 84.78 -16.51 10.29
N ASP PA 143 83.54 -16.82 10.65
CA ASP PA 143 82.40 -15.99 10.30
C ASP PA 143 81.34 -16.11 11.38
N ILE PA 144 80.37 -15.21 11.33
CA ILE PA 144 79.24 -15.27 12.25
C ILE PA 144 78.23 -16.31 11.78
N GLY PA 145 77.31 -16.65 12.66
CA GLY PA 145 76.25 -17.58 12.32
C GLY PA 145 76.17 -18.78 13.25
N GLU PA 146 75.02 -19.44 13.26
CA GLU PA 146 74.81 -20.59 14.11
C GLU PA 146 75.40 -21.87 13.55
N LYS PA 147 75.81 -21.88 12.28
CA LYS PA 147 76.37 -23.07 11.66
C LYS PA 147 77.74 -23.42 12.22
N TYR PA 148 78.39 -22.52 12.96
CA TYR PA 148 79.69 -22.80 13.54
C TYR PA 148 79.60 -23.37 14.94
N ASN PA 149 78.40 -23.66 15.43
CA ASN PA 149 78.22 -24.29 16.74
C ASN PA 149 78.23 -25.79 16.54
N VAL PA 150 79.38 -26.42 16.80
CA VAL PA 150 79.54 -27.85 16.65
C VAL PA 150 79.90 -28.44 18.01
N SER PA 151 79.84 -29.77 18.07
CA SER PA 151 80.15 -30.48 19.30
C SER PA 151 81.66 -30.67 19.45
N ALA PA 152 82.05 -31.39 20.48
CA ALA PA 152 83.45 -31.63 20.77
C ALA PA 152 84.08 -32.51 19.71
N ASN PA 153 85.39 -32.35 19.51
CA ASN PA 153 86.23 -33.16 18.64
C ASN PA 153 85.83 -33.07 17.18
N PHE PA 154 84.92 -32.18 16.80
CA PHE PA 154 84.53 -32.07 15.41
C PHE PA 154 85.42 -31.13 14.61
N ILE PA 155 86.28 -30.37 15.28
CA ILE PA 155 87.15 -29.39 14.62
C ILE PA 155 88.58 -29.87 14.84
N ASP PA 156 89.10 -30.65 13.90
CA ASP PA 156 90.42 -31.24 14.07
C ASP PA 156 91.31 -31.19 12.84
N GLN PA 157 90.82 -30.80 11.68
CA GLN PA 157 91.64 -30.81 10.48
C GLN PA 157 92.40 -29.51 10.35
N TYR PA 158 93.70 -29.60 10.06
CA TYR PA 158 94.52 -28.44 9.78
C TYR PA 158 95.39 -28.70 8.57
N SER PA 159 95.58 -27.68 7.74
CA SER PA 159 96.23 -27.83 6.45
C SER PA 159 97.74 -27.67 6.51
N THR PA 160 98.26 -26.94 7.50
CA THR PA 160 99.70 -26.69 7.56
C THR PA 160 100.31 -27.43 8.74
N PRO PA 161 100.80 -28.65 8.54
CA PRO PA 161 101.36 -29.40 9.66
C PRO PA 161 102.63 -28.77 10.19
N LEU PA 162 102.85 -28.93 11.48
CA LEU PA 162 104.05 -28.45 12.15
C LEU PA 162 104.76 -29.64 12.80
N THR PA 163 106.09 -29.58 12.79
CA THR PA 163 106.88 -30.67 13.35
C THR PA 163 106.59 -30.81 14.84
N TYR PA 164 106.47 -32.05 15.29
CA TYR PA 164 106.20 -32.47 16.66
C TYR PA 164 104.76 -32.19 17.07
N LEU PA 165 103.91 -31.70 16.18
CA LEU PA 165 102.50 -31.49 16.48
C LEU PA 165 101.72 -32.74 16.07
N GLN PA 166 101.26 -33.50 17.06
CA GLN PA 166 100.58 -34.77 16.79
C GLN PA 166 99.11 -34.57 16.48
N TYR PA 167 98.36 -33.87 17.33
CA TYR PA 167 96.94 -33.70 17.11
C TYR PA 167 96.51 -32.29 17.49
N VAL PA 168 95.39 -31.87 16.90
CA VAL PA 168 94.72 -30.62 17.24
C VAL PA 168 93.23 -30.93 17.29
N THR PA 169 92.56 -30.54 18.38
CA THR PA 169 91.13 -30.81 18.49
C THR PA 169 90.48 -29.71 19.32
N ASN PA 170 89.16 -29.76 19.44
CA ASN PA 170 88.43 -28.87 20.32
C ASN PA 170 87.80 -29.70 21.43
N ILE PA 171 88.29 -29.53 22.65
CA ILE PA 171 87.72 -30.24 23.78
C ILE PA 171 86.31 -29.72 24.08
N ARG PA 172 86.11 -28.46 23.94
CA ARG PA 172 84.82 -27.84 24.14
C ARG PA 172 84.00 -27.85 22.85
N PRO PA 173 82.68 -27.88 22.96
CA PRO PA 173 81.84 -27.61 21.79
C PRO PA 173 81.75 -26.12 21.53
N ALA PA 174 81.92 -25.74 20.27
CA ALA PA 174 81.85 -24.33 19.90
C ALA PA 174 80.47 -23.78 20.19
N THR PA 175 80.43 -22.60 20.84
CA THR PA 175 79.17 -22.00 21.25
C THR PA 175 79.20 -20.51 20.94
N ASN PA 176 78.14 -19.82 21.37
CA ASN PA 176 78.01 -18.37 21.24
C ASN PA 176 78.00 -17.92 19.78
N GLY PA 177 77.51 -18.76 18.89
CA GLY PA 177 77.39 -18.39 17.49
C GLY PA 177 75.98 -17.93 17.16
N ARG PA 178 75.84 -16.65 16.81
CA ARG PA 178 74.55 -16.08 16.48
C ARG PA 178 74.66 -15.29 15.19
N SER PA 179 73.59 -15.29 14.40
CA SER PA 179 73.57 -14.62 13.11
C SER PA 179 73.01 -13.21 13.19
N GLY PA 180 72.58 -12.77 14.36
CA GLY PA 180 71.99 -11.45 14.48
C GLY PA 180 71.08 -11.40 15.70
N GLU PA 181 70.37 -10.27 15.80
CA GLU PA 181 69.43 -10.05 16.90
C GLU PA 181 68.29 -9.20 16.40
N THR PA 182 67.06 -9.65 16.64
CA THR PA 182 65.89 -8.85 16.29
C THR PA 182 65.76 -7.69 17.25
N ILE PA 183 64.92 -6.71 16.86
CA ILE PA 183 64.74 -5.54 17.70
C ILE PA 183 63.98 -5.89 18.97
N ASP PA 184 63.12 -6.91 18.93
CA ASP PA 184 62.40 -7.31 20.12
C ASP PA 184 63.34 -7.83 21.20
N ASN PA 185 64.31 -8.66 20.80
CA ASN PA 185 65.26 -9.19 21.77
C ASN PA 185 66.09 -8.08 22.37
N LEU PA 186 66.55 -7.13 21.55
CA LEU PA 186 67.35 -6.02 22.07
C LEU PA 186 66.54 -5.16 23.03
N ILE PA 187 65.28 -4.89 22.69
CA ILE PA 187 64.44 -4.07 23.57
C ILE PA 187 64.21 -4.78 24.90
N GLU PA 188 63.91 -6.08 24.86
CA GLU PA 188 63.70 -6.81 26.10
C GLU PA 188 64.97 -6.88 26.93
N ARG PA 189 66.11 -7.05 26.28
CA ARG PA 189 67.39 -7.06 26.98
C ARG PA 189 67.69 -5.72 27.63
N CYS PA 190 67.35 -4.63 26.95
CA CYS PA 190 67.47 -3.30 27.55
C CYS PA 190 66.57 -3.17 28.77
N ALA PA 191 65.33 -3.67 28.66
CA ALA PA 191 64.40 -3.58 29.78
C ALA PA 191 64.85 -4.42 30.97
N GLN PA 192 65.55 -5.52 30.72
CA GLN PA 192 66.03 -6.36 31.81
C GLN PA 192 67.04 -5.63 32.68
N ILE PA 193 67.86 -4.77 32.09
CA ILE PA 193 68.83 -3.99 32.87
C ILE PA 193 68.11 -3.04 33.81
N ILE PA 194 67.05 -2.38 33.34
CA ILE PA 194 66.33 -1.42 34.16
C ILE PA 194 65.64 -2.11 35.33
N ARG PA 195 65.14 -3.33 35.10
CA ARG PA 195 64.38 -4.05 36.12
C ARG PA 195 65.23 -4.53 37.29
N ILE PA 196 66.56 -4.45 37.19
CA ILE PA 196 67.42 -5.05 38.20
C ILE PA 196 67.16 -4.39 39.55
N ARG PA 197 67.18 -5.19 40.61
CA ARG PA 197 66.75 -4.73 41.92
C ARG PA 197 67.49 -5.51 43.00
N ASN PA 198 68.00 -4.79 44.00
CA ASN PA 198 68.67 -5.45 45.11
C ASN PA 198 67.63 -6.02 46.08
N PRO PA 199 67.94 -7.11 46.77
CA PRO PA 199 66.98 -7.67 47.73
C PRO PA 199 66.80 -6.74 48.92
N VAL PA 200 65.55 -6.53 49.31
CA VAL PA 200 65.26 -5.63 50.42
C VAL PA 200 64.35 -6.31 51.44
N SER PA 201 63.60 -7.32 51.00
CA SER PA 201 62.67 -8.00 51.88
C SER PA 201 63.24 -9.36 52.28
N ALA PA 202 62.59 -9.99 53.27
CA ALA PA 202 63.03 -11.30 53.73
C ALA PA 202 62.90 -12.33 52.62
N LEU PA 203 61.77 -12.33 51.91
CA LEU PA 203 61.57 -13.29 50.83
C LEU PA 203 62.59 -13.09 49.72
N ASP PA 204 62.80 -11.84 49.30
CA ASP PA 204 63.77 -11.57 48.25
C ASP PA 204 65.18 -11.90 48.71
N PHE PA 205 65.49 -11.67 49.98
CA PHE PA 205 66.78 -12.07 50.52
C PHE PA 205 66.96 -13.57 50.48
N GLU PA 206 65.90 -14.33 50.74
CA GLU PA 206 65.96 -15.79 50.67
C GLU PA 206 66.11 -16.29 49.25
N GLN PA 207 65.42 -15.66 48.28
CA GLN PA 207 65.48 -16.14 46.91
C GLN PA 207 66.89 -16.06 46.34
N LEU PA 208 67.62 -14.99 46.65
CA LEU PA 208 69.00 -14.88 46.19
C LEU PA 208 69.86 -16.01 46.75
N ALA PA 209 69.69 -16.33 48.04
CA ALA PA 209 70.41 -17.45 48.62
C ALA PA 209 70.04 -18.75 47.93
N GLU PA 210 68.75 -18.97 47.65
CA GLU PA 210 68.34 -20.19 46.98
C GLU PA 210 69.00 -20.31 45.61
N LEU PA 211 69.03 -19.19 44.88
CA LEU PA 211 69.65 -19.18 43.56
C LEU PA 211 71.15 -19.41 43.63
N THR PA 212 71.79 -18.96 44.71
CA THR PA 212 73.24 -19.09 44.81
C THR PA 212 73.66 -20.51 45.14
N MET PA 213 72.86 -21.24 45.92
CA MET PA 213 73.19 -22.61 46.30
C MET PA 213 72.47 -23.64 45.44
N GLY PA 214 71.77 -23.22 44.39
CA GLY PA 214 71.16 -24.16 43.47
C GLY PA 214 69.90 -24.79 44.02
N GLU PA 215 69.27 -25.63 43.21
CA GLU PA 215 67.98 -26.20 43.51
C GLU PA 215 68.08 -27.22 44.63
N GLY PA 216 67.11 -27.17 45.55
CA GLY PA 216 67.07 -28.07 46.67
C GLY PA 216 67.63 -27.52 47.97
N SER PA 217 68.03 -26.26 48.01
CA SER PA 217 68.51 -25.61 49.21
C SER PA 217 67.49 -24.59 49.67
N ARG PA 218 67.47 -24.32 50.98
CA ARG PA 218 66.53 -23.34 51.50
C ARG PA 218 67.24 -22.32 52.37
N CYS PA 219 66.59 -21.17 52.56
CA CYS PA 219 67.12 -20.11 53.40
C CYS PA 219 65.99 -19.48 54.19
N LYS PA 220 66.36 -18.86 55.31
CA LYS PA 220 65.44 -18.11 56.15
C LYS PA 220 66.13 -16.82 56.57
N ALA PA 221 65.50 -15.69 56.28
CA ALA PA 221 66.03 -14.38 56.62
C ALA PA 221 65.25 -13.82 57.80
N ILE PA 222 65.96 -13.46 58.87
CA ILE PA 222 65.35 -12.93 60.08
C ILE PA 222 65.97 -11.58 60.37
N GLY PA 223 65.12 -10.58 60.58
CA GLY PA 223 65.61 -9.25 60.90
C GLY PA 223 65.88 -9.09 62.39
N LEU PA 224 66.84 -8.22 62.69
CA LEU PA 224 67.14 -7.76 64.05
C LEU PA 224 67.64 -8.88 64.95
N LEU PA 225 68.11 -9.99 64.38
CA LEU PA 225 68.60 -11.12 65.16
C LEU PA 225 70.12 -11.07 65.23
N GLY PA 226 70.66 -10.91 66.43
CA GLY PA 226 72.07 -10.71 66.61
C GLY PA 226 72.89 -11.95 66.33
N ILE PA 227 74.21 -11.80 66.50
CA ILE PA 227 75.13 -12.90 66.26
C ILE PA 227 74.99 -14.00 67.30
N ASN PA 228 74.49 -13.68 68.49
CA ASN PA 228 74.27 -14.66 69.54
C ASN PA 228 72.95 -15.40 69.40
N LYS PA 229 72.11 -15.01 68.44
CA LYS PA 229 70.83 -15.66 68.17
C LYS PA 229 69.92 -15.62 69.40
N ILE PA 230 69.82 -14.45 70.01
CA ILE PA 230 68.96 -14.21 71.15
C ILE PA 230 67.83 -13.30 70.69
N VAL PA 231 66.61 -13.81 70.69
CA VAL PA 231 65.48 -13.05 70.15
C VAL PA 231 65.15 -11.86 71.05
N THR PA 232 65.27 -12.04 72.37
CA THR PA 232 64.90 -10.98 73.30
C THR PA 232 65.84 -9.78 73.24
N ASP PA 233 66.97 -9.89 72.56
CA ASP PA 233 67.94 -8.80 72.43
C ASP PA 233 68.08 -8.46 70.95
N PRO PA 234 67.28 -7.52 70.44
CA PRO PA 234 67.41 -7.13 69.04
C PRO PA 234 68.68 -6.33 68.80
N GLN PA 235 69.15 -6.36 67.56
CA GLN PA 235 70.31 -5.58 67.14
C GLN PA 235 69.93 -4.78 65.90
N PRO PA 236 69.97 -3.46 65.95
CA PRO PA 236 69.51 -2.66 64.81
C PRO PA 236 70.34 -2.92 63.56
N GLY PA 237 69.66 -2.92 62.42
CA GLY PA 237 70.33 -3.06 61.13
C GLY PA 237 71.05 -4.37 60.93
N VAL PA 238 70.44 -5.47 61.36
CA VAL PA 238 71.04 -6.80 61.22
C VAL PA 238 70.07 -7.69 60.45
N VAL PA 239 70.60 -8.41 59.47
CA VAL PA 239 69.84 -9.40 58.72
C VAL PA 239 70.54 -10.74 58.85
N HIS PA 240 69.97 -11.63 59.65
CA HIS PA 240 70.54 -12.97 59.85
C HIS PA 240 70.00 -13.92 58.81
N LEU PA 241 70.91 -14.63 58.13
CA LEU PA 241 70.52 -15.61 57.12
C LEU PA 241 70.85 -17.00 57.65
N PHE PA 242 69.89 -17.91 57.58
CA PHE PA 242 70.07 -19.29 57.96
C PHE PA 242 69.90 -20.16 56.73
N LEU PA 243 70.88 -21.02 56.46
CA LEU PA 243 70.93 -21.75 55.20
C LEU PA 243 70.89 -23.26 55.43
N LEU PA 244 70.06 -23.93 54.65
CA LEU PA 244 70.04 -25.38 54.55
C LEU PA 244 70.56 -25.75 53.16
N ASP PA 245 71.58 -26.60 53.14
CA ASP PA 245 72.37 -26.84 51.95
C ASP PA 245 71.54 -27.52 50.85
N VAL PA 246 72.18 -27.69 49.69
CA VAL PA 246 71.55 -28.35 48.55
C VAL PA 246 71.24 -29.81 48.82
N ASN PA 247 71.90 -30.43 49.80
CA ASN PA 247 71.68 -31.83 50.14
C ASN PA 247 70.73 -32.00 51.31
N GLY PA 248 70.18 -30.93 51.85
CA GLY PA 248 69.26 -30.98 52.97
C GLY PA 248 69.92 -30.87 54.32
N ASN PA 249 71.24 -30.80 54.37
CA ASN PA 249 71.96 -30.64 55.62
C ASN PA 249 72.22 -29.17 55.90
N PRO PA 250 72.53 -28.81 57.14
CA PRO PA 250 72.93 -27.42 57.43
C PRO PA 250 74.17 -27.04 56.63
N ALA PA 251 74.20 -25.79 56.18
CA ALA PA 251 75.25 -25.35 55.27
C ALA PA 251 76.60 -25.34 55.96
N ASP PA 252 77.60 -25.91 55.29
CA ASP PA 252 78.96 -25.95 55.79
C ASP PA 252 79.62 -24.60 55.59
N PRO PA 253 80.75 -24.35 56.27
CA PRO PA 253 81.39 -23.03 56.15
C PRO PA 253 81.75 -22.63 54.73
N VAL PA 254 82.10 -23.58 53.86
CA VAL PA 254 82.44 -23.24 52.49
C VAL PA 254 81.22 -22.63 51.78
N THR PA 255 80.05 -23.24 51.97
CA THR PA 255 78.84 -22.69 51.36
C THR PA 255 78.47 -21.35 51.99
N ILE PA 256 78.72 -21.21 53.29
CA ILE PA 256 78.49 -19.93 53.95
C ILE PA 256 79.32 -18.84 53.29
N SER PA 257 80.61 -19.11 53.07
CA SER PA 257 81.47 -18.13 52.42
C SER PA 257 81.04 -17.88 50.98
N THR PA 258 80.59 -18.92 50.28
CA THR PA 258 80.16 -18.76 48.90
C THR PA 258 78.95 -17.85 48.80
N VAL PA 259 77.99 -18.00 49.71
CA VAL PA 259 76.82 -17.13 49.65
C VAL PA 259 77.14 -15.74 50.20
N GLY PA 260 78.10 -15.63 51.13
CA GLY PA 260 78.49 -14.33 51.63
C GLY PA 260 79.18 -13.50 50.58
N ALA PA 261 80.08 -14.11 49.80
CA ALA PA 261 80.75 -13.39 48.73
C ALA PA 261 79.78 -12.86 47.70
N THR PA 262 78.63 -13.50 47.54
CA THR PA 262 77.63 -13.09 46.57
C THR PA 262 76.67 -12.04 47.13
N LEU PA 263 76.32 -12.15 48.41
CA LEU PA 263 75.35 -11.24 48.99
C LEU PA 263 75.97 -9.99 49.63
N GLN PA 264 77.28 -9.99 49.88
CA GLN PA 264 77.88 -8.84 50.53
C GLN PA 264 77.81 -7.56 49.71
N PRO PA 265 78.14 -7.54 48.41
CA PRO PA 265 78.08 -6.29 47.66
C PRO PA 265 76.65 -5.84 47.32
N ARG PA 266 75.63 -6.59 47.72
CA ARG PA 266 74.25 -6.21 47.42
C ARG PA 266 73.57 -5.46 48.55
N ILE PA 267 73.98 -5.68 49.80
CA ILE PA 267 73.35 -5.01 50.92
C ILE PA 267 73.65 -3.52 50.86
N MET PA 268 72.72 -2.70 51.35
CA MET PA 268 72.93 -1.27 51.34
C MET PA 268 73.49 -0.81 52.67
N LEU PA 269 73.68 0.50 52.79
CA LEU PA 269 74.47 1.06 53.88
C LEU PA 269 73.71 0.98 55.20
N GLY PA 270 74.45 0.76 56.27
CA GLY PA 270 73.85 0.68 57.58
C GLY PA 270 73.22 -0.65 57.91
N THR PA 271 73.53 -1.69 57.16
CA THR PA 271 72.99 -3.03 57.39
C THR PA 271 74.14 -3.99 57.63
N ARG PA 272 73.99 -4.86 58.61
CA ARG PA 272 74.98 -5.88 58.94
C ARG PA 272 74.40 -7.23 58.61
N LEU PA 273 75.05 -7.94 57.69
CA LEU PA 273 74.56 -9.23 57.20
C LEU PA 273 75.31 -10.35 57.90
N LEU PA 274 74.58 -11.20 58.61
CA LEU PA 274 75.13 -12.36 59.29
C LEU PA 274 74.56 -13.62 58.66
N ILE PA 275 75.41 -14.61 58.44
CA ILE PA 275 75.02 -15.86 57.79
C ILE PA 275 75.41 -17.01 58.71
N SER PA 276 74.44 -17.89 58.99
CA SER PA 276 74.61 -18.99 59.92
C SER PA 276 73.97 -20.24 59.33
N PRO PA 277 74.44 -21.42 59.71
CA PRO PA 277 73.80 -22.64 59.26
C PRO PA 277 72.43 -22.83 59.89
N MET PA 278 71.58 -23.56 59.18
CA MET PA 278 70.25 -23.88 59.68
C MET PA 278 70.33 -25.00 60.73
N GLU PA 279 69.25 -25.14 61.49
CA GLU PA 279 69.11 -26.22 62.46
C GLU PA 279 68.02 -27.17 62.01
N VAL PA 280 68.24 -28.46 62.26
CA VAL PA 280 67.37 -29.51 61.78
C VAL PA 280 66.82 -30.29 62.98
N LEU PA 281 65.51 -30.51 62.97
CA LEU PA 281 64.83 -31.34 63.96
C LEU PA 281 64.35 -32.61 63.29
N ASN PA 282 64.71 -33.75 63.85
CA ASN PA 282 64.33 -35.04 63.27
C ASN PA 282 62.92 -35.41 63.69
N ILE PA 283 62.13 -35.90 62.75
CA ILE PA 283 60.75 -36.31 62.99
C ILE PA 283 60.67 -37.83 62.90
N GLU PA 284 60.09 -38.44 63.92
CA GLU PA 284 59.86 -39.89 63.94
C GLU PA 284 58.38 -40.15 63.86
N LEU PA 285 57.98 -41.06 62.98
CA LEU PA 285 56.58 -41.32 62.68
C LEU PA 285 56.22 -42.76 63.03
N GLU PA 286 55.10 -42.93 63.73
CA GLU PA 286 54.53 -44.24 64.01
C GLU PA 286 53.08 -44.21 63.57
N LEU PA 287 52.72 -45.05 62.60
CA LEU PA 287 51.43 -44.99 61.94
C LEU PA 287 50.72 -46.33 62.03
N ILE PA 288 49.45 -46.29 62.44
CA ILE PA 288 48.55 -47.44 62.42
C ILE PA 288 47.36 -47.04 61.55
N ALA PA 289 47.19 -47.74 60.44
CA ALA PA 289 46.13 -47.41 59.48
C ALA PA 289 45.43 -48.69 59.04
N LEU PA 290 44.20 -48.52 58.57
CA LEU PA 290 43.36 -49.62 58.14
C LEU PA 290 43.22 -49.57 56.62
N SER PA 291 43.91 -50.47 55.93
CA SER PA 291 43.76 -50.57 54.49
C SER PA 291 42.38 -51.14 54.15
N ASP PA 292 41.76 -50.57 53.12
CA ASP PA 292 40.45 -51.03 52.67
C ASP PA 292 40.54 -52.20 51.71
N SER PA 293 41.74 -52.72 51.46
CA SER PA 293 42.08 -53.84 50.60
C SER PA 293 42.06 -53.45 49.12
N SER PA 294 41.92 -52.17 48.78
CA SER PA 294 41.97 -51.76 47.38
C SER PA 294 43.39 -51.74 46.81
N LYS PA 295 44.40 -51.78 47.66
CA LYS PA 295 45.79 -51.84 47.22
C LYS PA 295 46.54 -52.84 48.10
N THR PA 296 47.64 -53.34 47.56
CA THR PA 296 48.48 -54.23 48.34
C THR PA 296 49.19 -53.45 49.45
N PHE PA 297 49.64 -54.19 50.46
CA PHE PA 297 50.32 -53.56 51.58
C PHE PA 297 51.60 -52.87 51.14
N GLN PA 298 52.39 -53.53 50.28
CA GLN PA 298 53.65 -52.95 49.84
C GLN PA 298 53.42 -51.70 49.01
N GLN PA 299 52.42 -51.72 48.13
CA GLN PA 299 52.10 -50.51 47.36
C GLN PA 299 51.70 -49.38 48.28
N LEU PA 300 50.88 -49.67 49.30
CA LEU PA 300 50.49 -48.63 50.25
C LEU PA 300 51.70 -48.07 50.98
N ALA PA 301 52.62 -48.94 51.40
CA ALA PA 301 53.81 -48.46 52.08
C ALA PA 301 54.63 -47.55 51.18
N ASP PA 302 54.81 -47.94 49.92
CA ASP PA 302 55.58 -47.12 48.99
C ASP PA 302 54.90 -45.77 48.76
N ASP PA 303 53.58 -45.78 48.58
CA ASP PA 303 52.86 -44.54 48.32
C ASP PA 303 52.91 -43.61 49.52
N ILE PA 304 52.70 -44.15 50.72
CA ILE PA 304 52.76 -43.30 51.92
C ILE PA 304 54.16 -42.74 52.11
N LEU PA 305 55.18 -43.57 51.89
CA LEU PA 305 56.55 -43.10 52.04
C LEU PA 305 56.87 -41.98 51.07
N GLU PA 306 56.44 -42.14 49.81
CA GLU PA 306 56.69 -41.10 48.82
C GLU PA 306 55.93 -39.82 49.14
N ALA PA 307 54.67 -39.95 49.57
CA ALA PA 307 53.89 -38.77 49.92
C ALA PA 307 54.52 -38.04 51.09
N LEU PA 308 55.05 -38.77 52.07
CA LEU PA 308 55.66 -38.13 53.22
C LEU PA 308 57.01 -37.54 52.89
N LYS PA 309 57.73 -38.13 51.94
CA LYS PA 309 58.96 -37.50 51.45
C LYS PA 309 58.66 -36.20 50.73
N VAL PA 310 57.59 -36.17 49.94
CA VAL PA 310 57.18 -34.95 49.27
C VAL PA 310 56.75 -33.90 50.30
N PHE PA 311 56.00 -34.32 51.31
CA PHE PA 311 55.51 -33.38 52.31
C PHE PA 311 56.64 -32.74 53.09
N PHE PA 312 57.65 -33.53 53.48
CA PHE PA 312 58.77 -33.04 54.25
C PHE PA 312 59.92 -32.54 53.39
N ASN PA 313 59.67 -32.25 52.11
CA ASN PA 313 60.69 -31.65 51.28
C ASN PA 313 61.04 -30.27 51.83
N PRO PA 314 62.31 -29.88 51.83
CA PRO PA 314 62.66 -28.54 52.32
C PRO PA 314 61.91 -27.42 51.62
N ALA PA 315 61.65 -27.55 50.33
CA ALA PA 315 60.90 -26.52 49.61
C ALA PA 315 59.49 -26.36 50.14
N ASN PA 316 58.87 -27.46 50.60
CA ASN PA 316 57.50 -27.41 51.07
C ASN PA 316 57.38 -27.01 52.53
N LEU PA 317 58.49 -26.81 53.24
CA LEU PA 317 58.47 -26.52 54.66
C LEU PA 317 58.85 -25.08 54.92
N THR PA 318 58.13 -24.44 55.84
CA THR PA 318 58.46 -23.09 56.27
C THR PA 318 59.25 -23.18 57.55
N PRO PA 319 60.53 -22.81 57.57
CA PRO PA 319 61.32 -22.93 58.80
C PRO PA 319 60.75 -22.07 59.92
N GLY PA 320 60.82 -22.59 61.13
CA GLY PA 320 60.27 -21.91 62.28
C GLY PA 320 58.80 -22.13 62.51
N GLU PA 321 58.14 -22.87 61.66
CA GLU PA 321 56.73 -23.18 61.78
C GLU PA 321 56.54 -24.59 62.35
N PRO PA 322 55.59 -24.76 63.26
CA PRO PA 322 55.34 -26.09 63.82
C PRO PA 322 54.81 -27.08 62.81
N VAL PA 323 55.10 -28.36 63.08
CA VAL PA 323 54.61 -29.46 62.27
C VAL PA 323 53.22 -29.85 62.78
N LEU PA 324 52.22 -29.65 61.95
CA LEU PA 324 50.83 -29.94 62.34
C LEU PA 324 50.54 -31.41 62.07
N ILE PA 325 50.09 -32.13 63.10
CA ILE PA 325 49.80 -33.55 62.94
C ILE PA 325 48.62 -33.74 61.99
N GLU PA 326 47.70 -32.79 61.96
CA GLU PA 326 46.55 -32.89 61.06
C GLU PA 326 46.97 -32.81 59.60
N GLU PA 327 47.95 -31.95 59.30
CA GLU PA 327 48.43 -31.84 57.92
C GLU PA 327 49.20 -33.07 57.50
N VAL PA 328 49.97 -33.66 58.41
CA VAL PA 328 50.63 -34.93 58.10
C VAL PA 328 49.59 -36.02 57.85
N LYS PA 329 48.55 -36.07 58.67
CA LYS PA 329 47.50 -37.06 58.48
C LYS PA 329 46.82 -36.86 57.14
N PHE PA 330 46.56 -35.61 56.76
CA PHE PA 330 45.95 -35.35 55.46
C PHE PA 330 46.88 -35.76 54.33
N ALA PA 331 48.17 -35.49 54.46
CA ALA PA 331 49.11 -35.90 53.43
C ALA PA 331 49.14 -37.41 53.26
N ILE PA 332 49.09 -38.15 54.38
CA ILE PA 332 49.10 -39.60 54.31
C ILE PA 332 47.80 -40.11 53.68
N ARG PA 333 46.66 -39.59 54.13
CA ARG PA 333 45.39 -40.11 53.66
C ARG PA 333 45.11 -39.69 52.22
N SER PA 334 45.80 -38.66 51.72
CA SER PA 334 45.62 -38.25 50.34
C SER PA 334 46.06 -39.33 49.36
N VAL PA 335 46.77 -40.36 49.85
CA VAL PA 335 47.08 -41.51 49.00
C VAL PA 335 45.79 -42.18 48.54
N GLY PA 336 44.84 -42.38 49.45
CA GLY PA 336 43.51 -42.76 49.05
C GLY PA 336 43.01 -44.12 49.52
N GLY PA 337 43.88 -45.12 49.49
CA GLY PA 337 43.43 -46.47 49.75
C GLY PA 337 43.43 -46.90 51.21
N LEU PA 338 43.66 -45.99 52.14
CA LEU PA 338 43.82 -46.35 53.54
C LEU PA 338 42.83 -45.57 54.40
N SER PA 339 42.99 -45.72 55.72
CA SER PA 339 42.21 -44.97 56.69
C SER PA 339 43.03 -44.90 57.97
N ILE PA 340 43.50 -43.71 58.31
CA ILE PA 340 44.40 -43.56 59.45
C ILE PA 340 43.63 -43.75 60.74
N SER PA 341 44.16 -44.60 61.63
CA SER PA 341 43.59 -44.80 62.95
C SER PA 341 44.44 -44.20 64.05
N TYR PA 342 45.76 -44.18 63.91
CA TYR PA 342 46.64 -43.61 64.92
C TYR PA 342 47.88 -43.08 64.24
N LEU PA 343 48.28 -41.86 64.60
CA LEU PA 343 49.54 -41.30 64.14
C LEU PA 343 50.26 -40.70 65.35
N GLN PA 344 51.55 -40.98 65.45
CA GLN PA 344 52.38 -40.43 66.52
C GLN PA 344 53.63 -39.83 65.94
N MET PA 345 53.83 -38.54 66.19
CA MET PA 345 55.05 -37.83 65.83
C MET PA 345 55.88 -37.66 67.09
N ASN PA 346 57.07 -38.28 67.10
CA ASN PA 346 58.00 -38.17 68.23
C ASN PA 346 57.33 -38.56 69.54
N ASP PA 347 56.67 -39.71 69.53
CA ASP PA 347 56.04 -40.28 70.72
C ASP PA 347 54.98 -39.35 71.31
N ASN PA 348 54.22 -38.70 70.43
CA ASN PA 348 53.12 -37.84 70.85
C ASN PA 348 52.12 -37.73 69.72
N ALA PA 349 50.92 -37.28 70.06
CA ALA PA 349 49.84 -37.08 69.10
C ALA PA 349 49.45 -35.61 69.03
N ILE PA 350 50.43 -34.72 69.19
CA ILE PA 350 50.20 -33.28 69.20
C ILE PA 350 51.20 -32.61 68.27
N ASN PA 351 50.90 -31.37 67.91
CA ASN PA 351 51.77 -30.62 67.03
C ASN PA 351 53.10 -30.35 67.70
N ILE PA 352 54.17 -30.44 66.92
CA ILE PA 352 55.52 -30.23 67.42
C ILE PA 352 55.94 -28.80 67.08
N PRO PA 353 56.13 -27.92 68.06
CA PRO PA 353 56.64 -26.58 67.77
C PRO PA 353 58.15 -26.56 67.71
N MET PA 354 58.68 -25.76 66.79
CA MET PA 354 60.13 -25.71 66.57
C MET PA 354 60.86 -25.06 67.72
N PRO PA 355 62.09 -25.50 67.99
CA PRO PA 355 62.91 -24.85 69.01
C PRO PA 355 62.97 -23.35 68.81
N ASN PA 356 63.19 -22.90 67.58
CA ASN PA 356 63.28 -21.47 67.31
C ASN PA 356 62.59 -21.08 66.01
N GLN PA 357 63.13 -20.09 65.31
CA GLN PA 357 62.49 -19.60 64.09
C GLN PA 357 63.26 -19.97 62.83
N TRP PA 358 64.30 -20.79 62.98
CA TRP PA 358 65.10 -21.16 61.83
C TRP PA 358 65.26 -22.67 61.77
N THR PA 359 64.67 -23.38 62.72
CA THR PA 359 64.68 -24.83 62.70
C THR PA 359 63.71 -25.34 61.64
N ILE PA 360 64.19 -26.22 60.77
CA ILE PA 360 63.36 -26.84 59.75
C ILE PA 360 63.16 -28.31 60.11
N PRO PA 361 61.99 -28.88 59.87
CA PRO PA 361 61.79 -30.30 60.18
C PRO PA 361 62.41 -31.18 59.11
N ARG PA 362 62.72 -32.42 59.51
CA ARG PA 362 63.31 -33.40 58.58
C ARG PA 362 62.99 -34.78 59.14
N PHE PA 363 62.00 -35.45 58.56
CA PHE PA 363 61.61 -36.75 59.09
C PHE PA 363 62.66 -37.79 58.74
N SER PA 364 62.94 -38.66 59.70
CA SER PA 364 64.06 -39.58 59.61
C SER PA 364 63.68 -41.02 59.85
N TYR PA 365 62.42 -41.31 60.13
CA TYR PA 365 62.01 -42.66 60.48
C TYR PA 365 60.49 -42.75 60.44
N ILE PA 366 59.99 -43.85 59.88
CA ILE PA 366 58.56 -44.10 59.86
C ILE PA 366 58.30 -45.57 60.17
N GLY PA 367 57.29 -45.82 60.99
CA GLY PA 367 56.87 -47.17 61.29
C GLY PA 367 55.48 -47.47 60.77
N PHE PA 368 55.40 -48.30 59.74
CA PHE PA 368 54.13 -48.74 59.19
C PHE PA 368 53.59 -49.91 60.00
N GLU PA 369 52.35 -49.78 60.46
CA GLU PA 369 51.58 -50.88 61.03
C GLU PA 369 50.22 -50.85 60.33
N LEU PA 370 50.15 -51.49 59.17
CA LEU PA 370 48.95 -51.47 58.34
C LEU PA 370 48.15 -52.74 58.55
N THR PA 371 46.82 -52.58 58.52
CA THR PA 371 45.90 -53.69 58.69
C THR PA 371 44.87 -53.66 57.59
N ASP PA 372 44.43 -54.83 57.15
CA ASP PA 372 43.33 -54.94 56.21
C ASP PA 372 42.06 -55.28 56.98
N SER PA 373 40.97 -55.46 56.25
CA SER PA 373 39.72 -55.88 56.91
C SER PA 373 39.82 -57.32 57.39
N GLU PA 374 40.72 -58.11 56.82
CA GLU PA 374 40.87 -59.51 57.21
C GLU PA 374 41.74 -59.68 58.45
N GLY PA 375 42.38 -58.62 58.93
CA GLY PA 375 43.21 -58.71 60.12
C GLY PA 375 44.68 -58.95 59.85
N THR PA 376 45.08 -59.08 58.58
CA THR PA 376 46.50 -59.22 58.27
C THR PA 376 47.24 -57.95 58.67
N VAL PA 377 48.35 -58.12 59.38
CA VAL PA 377 49.14 -57.01 59.89
C VAL PA 377 50.45 -56.97 59.14
N TYR PA 378 50.68 -55.88 58.40
CA TYR PA 378 51.92 -55.62 57.71
C TYR PA 378 52.70 -54.59 58.52
N ARG PA 379 53.89 -54.96 58.97
CA ARG PA 379 54.71 -54.08 59.79
C ARG PA 379 56.04 -53.83 59.10
N ASP PA 380 56.47 -52.57 59.11
CA ASP PA 380 57.75 -52.22 58.49
C ASP PA 380 58.31 -50.98 59.16
N ASN PA 381 59.63 -50.88 59.16
CA ASN PA 381 60.33 -49.72 59.70
C ASN PA 381 61.26 -49.19 58.63
N VAL PA 382 61.12 -47.90 58.29
CA VAL PA 382 61.94 -47.29 57.25
C VAL PA 382 62.71 -46.12 57.85
N VAL PA 383 64.02 -46.13 57.66
CA VAL PA 383 64.89 -45.04 58.09
C VAL PA 383 65.26 -44.22 56.86
N THR PA 384 64.89 -42.95 56.86
CA THR PA 384 65.05 -42.09 55.68
C THR PA 384 66.25 -41.15 55.79
N VAL PA 385 67.15 -41.38 56.75
CA VAL PA 385 68.33 -40.54 56.89
C VAL PA 385 69.28 -40.82 55.74
N THR PA 386 70.13 -39.85 55.43
CA THR PA 386 71.12 -40.00 54.36
C THR PA 386 72.29 -40.86 54.82
N LEU QA 5 38.92 -48.24 32.02
CA LEU QA 5 39.32 -47.04 32.75
C LEU QA 5 40.77 -47.12 33.21
N ASN QA 6 41.25 -48.35 33.44
CA ASN QA 6 42.65 -48.61 33.80
C ASN QA 6 43.38 -49.39 32.72
N ALA QA 7 43.14 -49.05 31.46
CA ALA QA 7 43.82 -49.73 30.37
C ALA QA 7 45.31 -49.41 30.42
N PRO QA 8 46.19 -50.42 30.52
CA PRO QA 8 47.62 -50.15 30.47
C PRO QA 8 48.03 -49.53 29.14
N GLN QA 9 48.98 -48.61 29.21
CA GLN QA 9 49.43 -47.89 28.02
C GLN QA 9 50.32 -48.80 27.18
N LEU QA 10 49.97 -48.95 25.90
CA LEU QA 10 50.76 -49.79 25.00
C LEU QA 10 52.13 -49.22 24.71
N VAL QA 11 52.23 -47.92 24.41
CA VAL QA 11 53.50 -47.28 24.07
C VAL QA 11 53.51 -45.90 24.67
N VAL QA 12 54.71 -45.34 24.79
CA VAL QA 12 54.84 -43.96 25.25
C VAL QA 12 54.33 -43.03 24.15
N ASP QA 13 53.39 -42.17 24.51
CA ASP QA 13 52.73 -41.28 23.56
C ASP QA 13 52.81 -39.87 24.12
N ASP QA 14 53.88 -39.16 23.76
CA ASP QA 14 54.10 -37.81 24.27
C ASP QA 14 55.07 -37.10 23.34
N TYR QA 15 54.70 -35.90 22.92
CA TYR QA 15 55.46 -35.17 21.91
C TYR QA 15 56.90 -34.95 22.33
N GLU QA 16 57.11 -34.36 23.51
CA GLU QA 16 58.46 -34.04 23.97
C GLU QA 16 59.27 -35.30 24.22
N GLN QA 17 58.65 -36.29 24.87
CA GLN QA 17 59.35 -37.54 25.13
C GLN QA 17 59.73 -38.23 23.84
N LEU QA 18 58.84 -38.21 22.85
CA LEU QA 18 59.15 -38.82 21.56
C LEU QA 18 60.33 -38.11 20.89
N ILE QA 19 60.35 -36.78 20.94
CA ILE QA 19 61.46 -36.05 20.32
C ILE QA 19 62.79 -36.41 20.99
N ILE QA 20 62.82 -36.35 22.33
CA ILE QA 20 64.06 -36.59 23.05
C ILE QA 20 64.55 -38.02 22.81
N ASP QA 21 63.63 -38.98 22.90
CA ASP QA 21 64.01 -40.37 22.71
C ASP QA 21 64.46 -40.63 21.29
N SER QA 22 63.84 -39.97 20.31
CA SER QA 22 64.25 -40.13 18.92
C SER QA 22 65.67 -39.63 18.72
N LEU QA 23 66.00 -38.49 19.30
CA LEU QA 23 67.36 -37.99 19.17
C LEU QA 23 68.37 -38.94 19.84
N VAL QA 24 68.04 -39.41 21.04
CA VAL QA 24 68.94 -40.32 21.74
C VAL QA 24 69.14 -41.61 20.94
N HIS QA 25 68.05 -42.17 20.43
CA HIS QA 25 68.16 -43.43 19.70
C HIS QA 25 68.85 -43.25 18.36
N THR QA 26 68.70 -42.09 17.71
CA THR QA 26 69.43 -41.83 16.49
C THR QA 26 70.92 -41.73 16.77
N ASN QA 27 71.28 -41.17 17.92
CA ASN QA 27 72.67 -41.22 18.35
C ASN QA 27 73.12 -42.66 18.58
N VAL QA 28 72.23 -43.49 19.13
CA VAL QA 28 72.60 -44.87 19.45
C VAL QA 28 72.85 -45.68 18.18
N VAL QA 29 71.94 -45.62 17.21
CA VAL QA 29 72.05 -46.50 16.05
C VAL QA 29 73.13 -46.05 15.07
N SER QA 30 73.50 -44.77 15.08
CA SER QA 30 74.56 -44.27 14.22
C SER QA 30 75.93 -44.62 14.75
N ASN QA 31 76.01 -45.23 15.94
CA ASN QA 31 77.27 -45.58 16.58
C ASN QA 31 78.11 -44.33 16.80
N GLY QA 32 77.49 -43.30 17.37
CA GLY QA 32 78.15 -42.10 17.78
C GLY QA 32 78.33 -41.07 16.68
N GLU QA 33 77.99 -41.41 15.43
CA GLU QA 33 78.16 -40.46 14.34
C GLU QA 33 77.20 -39.28 14.49
N PHE QA 34 75.97 -39.55 14.91
CA PHE QA 34 74.98 -38.50 15.13
C PHE QA 34 75.09 -38.00 16.57
N THR QA 35 75.60 -36.79 16.76
CA THR QA 35 75.83 -36.25 18.09
C THR QA 35 74.90 -35.10 18.44
N ASP QA 36 73.90 -34.82 17.61
CA ASP QA 36 72.97 -33.73 17.87
C ASP QA 36 71.81 -34.26 18.70
N LEU QA 37 71.95 -34.17 20.03
CA LEU QA 37 70.92 -34.63 20.94
C LEU QA 37 70.17 -33.49 21.61
N ASP QA 38 70.39 -32.25 21.19
CA ASP QA 38 69.68 -31.12 21.77
C ASP QA 38 68.21 -31.19 21.38
N ALA QA 39 67.33 -31.28 22.39
CA ALA QA 39 65.91 -31.38 22.11
C ALA QA 39 65.35 -30.13 21.47
N SER QA 40 66.05 -29.00 21.57
CA SER QA 40 65.61 -27.74 20.98
C SER QA 40 66.60 -27.21 19.96
N GLY QA 41 67.41 -28.08 19.36
CA GLY QA 41 68.46 -27.66 18.46
C GLY QA 41 68.01 -27.62 17.01
N PHE QA 42 68.98 -27.82 16.12
CA PHE QA 42 68.70 -27.76 14.69
C PHE QA 42 67.95 -28.99 14.18
N MET QA 43 68.01 -30.09 14.91
CA MET QA 43 67.24 -31.27 14.57
C MET QA 43 65.83 -31.24 15.15
N ARG QA 44 65.49 -30.19 15.87
CA ARG QA 44 64.13 -30.02 16.38
C ARG QA 44 63.08 -30.01 15.27
N PRO QA 45 63.27 -29.35 14.13
CA PRO QA 45 62.22 -29.44 13.09
C PRO QA 45 61.96 -30.86 12.59
N PHE QA 46 63.01 -31.61 12.27
CA PHE QA 46 62.82 -32.98 11.79
C PHE QA 46 62.15 -33.84 12.83
N ALA QA 47 62.71 -33.86 14.04
CA ALA QA 47 62.17 -34.70 15.11
C ALA QA 47 60.76 -34.27 15.49
N GLY QA 48 60.50 -32.97 15.51
CA GLY QA 48 59.17 -32.49 15.86
C GLY QA 48 58.12 -32.83 14.81
N THR QA 49 58.49 -32.72 13.53
CA THR QA 49 57.57 -33.15 12.47
C THR QA 49 57.27 -34.63 12.60
N MET QA 50 58.30 -35.44 12.83
CA MET QA 50 58.08 -36.87 12.97
C MET QA 50 57.22 -37.16 14.20
N ALA QA 51 57.48 -36.44 15.30
CA ALA QA 51 56.80 -36.71 16.56
C ALA QA 51 55.36 -36.24 16.54
N TYR QA 52 55.04 -35.22 15.74
CA TYR QA 52 53.64 -34.82 15.63
C TYR QA 52 52.80 -35.96 15.09
N ALA QA 53 53.20 -36.51 13.95
CA ALA QA 53 52.48 -37.65 13.39
C ALA QA 53 52.54 -38.86 14.32
N GLY QA 54 53.72 -39.13 14.89
CA GLY QA 54 53.85 -40.28 15.76
C GLY QA 54 52.93 -40.20 16.97
N SER QA 55 52.84 -39.03 17.58
CA SER QA 55 51.97 -38.87 18.73
C SER QA 55 50.51 -38.95 18.34
N GLU QA 56 50.12 -38.28 17.24
CA GLU QA 56 48.72 -38.36 16.85
C GLU QA 56 48.30 -39.76 16.42
N LEU QA 57 49.25 -40.62 16.06
CA LEU QA 57 48.90 -41.99 15.73
C LEU QA 57 48.94 -42.91 16.94
N LEU QA 58 49.98 -42.82 17.77
CA LEU QA 58 50.07 -43.65 18.96
C LEU QA 58 48.98 -43.34 19.97
N TYR QA 59 48.49 -42.09 20.02
CA TYR QA 59 47.38 -41.76 20.91
C TYR QA 59 46.16 -42.58 20.56
N LYS QA 60 45.86 -42.71 19.27
CA LYS QA 60 44.75 -43.55 18.83
C LYS QA 60 45.05 -45.03 19.00
N ALA QA 61 46.30 -45.45 18.80
CA ALA QA 61 46.65 -46.85 18.98
C ALA QA 61 46.50 -47.30 20.43
N ASN QA 62 46.72 -46.40 21.38
CA ASN QA 62 46.57 -46.74 22.79
C ASN QA 62 45.12 -46.94 23.22
N LEU QA 63 44.15 -46.63 22.37
CA LEU QA 63 42.75 -46.72 22.72
C LEU QA 63 42.10 -48.06 22.38
N ALA QA 64 42.88 -49.02 21.89
CA ALA QA 64 42.29 -50.26 21.38
C ALA QA 64 41.58 -51.05 22.48
N SER QA 65 42.26 -51.26 23.61
CA SER QA 65 41.67 -52.07 24.67
C SER QA 65 40.44 -51.41 25.27
N ILE QA 66 40.50 -50.10 25.50
CA ILE QA 66 39.35 -49.42 26.08
C ILE QA 66 38.20 -49.38 25.08
N ALA QA 67 38.51 -49.27 23.79
CA ALA QA 67 37.45 -49.33 22.78
C ALA QA 67 36.79 -50.69 22.77
N ALA QA 68 37.57 -51.76 22.90
CA ALA QA 68 36.99 -53.09 22.96
C ALA QA 68 36.08 -53.25 24.18
N ALA QA 69 36.56 -52.79 25.34
CA ALA QA 69 35.75 -52.89 26.56
C ALA QA 69 34.46 -52.10 26.44
N LYS QA 70 34.54 -50.88 25.91
CA LYS QA 70 33.34 -50.06 25.76
C LYS QA 70 32.38 -50.65 24.74
N SER QA 71 32.91 -51.26 23.68
CA SER QA 71 32.05 -51.94 22.72
C SER QA 71 31.31 -53.10 23.37
N PHE QA 72 32.01 -53.86 24.22
CA PHE QA 72 31.32 -54.92 24.95
C PHE QA 72 30.23 -54.35 25.84
N PHE QA 73 30.54 -53.28 26.57
CA PHE QA 73 29.57 -52.70 27.49
C PHE QA 73 28.38 -52.09 26.76
N LYS QA 74 28.56 -51.66 25.52
CA LYS QA 74 27.54 -50.95 24.77
C LYS QA 74 26.66 -51.87 23.92
N ASN QA 75 27.25 -52.88 23.28
CA ASN QA 75 26.47 -53.69 22.36
C ASN QA 75 25.77 -54.84 23.05
N VAL QA 76 26.53 -55.73 23.70
CA VAL QA 76 25.90 -56.90 24.31
C VAL QA 76 25.21 -56.62 25.63
N LEU QA 77 25.44 -55.44 26.23
CA LEU QA 77 24.78 -55.10 27.48
C LEU QA 77 23.75 -54.03 27.14
N GLY QA 78 24.03 -53.18 26.16
CA GLY QA 78 23.07 -52.17 25.74
C GLY QA 78 22.75 -51.14 26.81
N VAL QA 79 23.75 -50.75 27.61
CA VAL QA 79 23.52 -49.80 28.68
C VAL QA 79 23.24 -48.42 28.08
N PRO QA 80 22.30 -47.66 28.62
CA PRO QA 80 21.99 -46.35 28.06
C PRO QA 80 23.04 -45.31 28.46
N GLU QA 81 23.20 -44.32 27.59
CA GLU QA 81 24.11 -43.21 27.83
C GLU QA 81 23.41 -42.14 28.65
N ASP QA 82 24.08 -41.63 29.67
CA ASP QA 82 23.52 -40.61 30.55
C ASP QA 82 23.86 -39.24 30.00
N THR QA 83 22.90 -38.63 29.28
CA THR QA 83 23.08 -37.26 28.83
C THR QA 83 23.04 -36.27 30.00
N GLY QA 84 22.14 -36.49 30.94
CA GLY QA 84 21.91 -35.59 32.05
C GLY QA 84 20.45 -35.66 32.42
N THR QA 85 20.15 -35.32 33.67
CA THR QA 85 18.79 -35.39 34.17
C THR QA 85 18.26 -33.99 34.44
N LYS QA 86 17.03 -33.75 34.03
CA LYS QA 86 16.35 -32.49 34.33
C LYS QA 86 15.74 -32.55 35.71
N ALA QA 87 15.91 -31.46 36.47
CA ALA QA 87 15.34 -31.40 37.81
C ALA QA 87 13.82 -31.34 37.75
N THR QA 88 13.17 -32.09 38.62
CA THR QA 88 11.72 -32.12 38.71
C THR QA 88 11.28 -31.72 40.10
N THR QA 89 10.15 -31.02 40.17
CA THR QA 89 9.59 -30.57 41.44
C THR QA 89 8.08 -30.76 41.39
N THR QA 90 7.42 -30.49 42.51
CA THR QA 90 5.97 -30.59 42.61
C THR QA 90 5.42 -29.18 42.84
N LEU QA 91 4.72 -28.65 41.85
CA LEU QA 91 4.08 -27.36 41.93
C LEU QA 91 2.67 -27.50 42.50
N GLN QA 92 2.23 -26.43 43.17
CA GLN QA 92 0.87 -26.30 43.67
C GLN QA 92 0.30 -24.98 43.17
N PHE QA 93 -0.86 -25.06 42.53
CA PHE QA 93 -1.57 -23.90 41.99
C PHE QA 93 -2.77 -23.61 42.87
N GLY QA 94 -3.00 -22.32 43.12
CA GLY QA 94 -4.19 -21.88 43.80
C GLY QA 94 -4.98 -20.89 42.96
N LEU QA 95 -6.28 -21.14 42.83
CA LEU QA 95 -7.17 -20.31 42.01
C LEU QA 95 -7.60 -19.07 42.77
N SER QA 96 -8.22 -18.15 42.02
CA SER QA 96 -8.75 -16.92 42.61
C SER QA 96 -10.02 -17.17 43.41
N ALA QA 97 -10.92 -18.01 42.90
CA ALA QA 97 -12.19 -18.26 43.55
C ALA QA 97 -12.71 -19.63 43.17
N SER QA 98 -13.69 -20.10 43.93
CA SER QA 98 -14.28 -21.42 43.69
C SER QA 98 -15.14 -21.37 42.45
N LEU QA 99 -14.78 -22.16 41.44
CA LEU QA 99 -15.47 -22.16 40.15
C LEU QA 99 -16.63 -23.15 40.15
N SER QA 100 -17.58 -22.89 39.25
CA SER QA 100 -18.72 -23.78 39.06
C SER QA 100 -18.42 -24.94 38.12
N THR QA 101 -17.25 -24.93 37.47
CA THR QA 101 -16.85 -25.99 36.56
C THR QA 101 -15.41 -26.38 36.84
N ASP QA 102 -15.01 -27.53 36.31
CA ASP QA 102 -13.64 -27.99 36.44
C ASP QA 102 -12.70 -27.05 35.70
N PHE QA 103 -11.54 -26.81 36.30
CA PHE QA 103 -10.53 -25.91 35.75
C PHE QA 103 -9.32 -26.71 35.30
N ILE QA 104 -8.69 -26.29 34.22
CA ILE QA 104 -7.55 -26.99 33.66
C ILE QA 104 -6.38 -26.03 33.54
N VAL QA 105 -5.29 -26.34 34.22
CA VAL QA 105 -3.99 -25.72 33.95
C VAL QA 105 -3.30 -26.57 32.89
N PRO QA 106 -3.06 -26.05 31.70
CA PRO QA 106 -2.65 -26.90 30.58
C PRO QA 106 -1.22 -27.42 30.75
N ILE QA 107 -0.96 -28.50 30.02
CA ILE QA 107 0.38 -29.08 30.00
C ILE QA 107 1.37 -28.07 29.47
N ASN QA 108 2.64 -28.25 29.83
CA ASN QA 108 3.73 -27.38 29.39
C ASN QA 108 3.48 -25.93 29.80
N PHE QA 109 2.96 -25.75 31.01
CA PHE QA 109 2.72 -24.42 31.53
C PHE QA 109 3.99 -23.90 32.19
N GLN QA 110 4.49 -22.78 31.69
CA GLN QA 110 5.79 -22.24 32.10
C GLN QA 110 5.66 -21.47 33.40
N VAL QA 111 6.54 -21.80 34.35
CA VAL QA 111 6.65 -21.10 35.63
C VAL QA 111 8.11 -20.76 35.85
N SER QA 112 8.36 -19.80 36.72
CA SER QA 112 9.72 -19.36 36.95
C SER QA 112 9.83 -18.76 38.35
N ASP QA 113 11.05 -18.37 38.70
CA ASP QA 113 11.29 -17.68 39.96
C ASP QA 113 11.09 -16.18 39.77
N LEU QA 114 11.52 -15.41 40.78
CA LEU QA 114 11.38 -13.97 40.71
C LEU QA 114 12.19 -13.37 39.57
N SER QA 115 13.39 -13.91 39.33
CA SER QA 115 14.24 -13.38 38.27
C SER QA 115 13.78 -13.80 36.88
N GLY QA 116 13.16 -14.97 36.75
CA GLY QA 116 12.76 -15.47 35.44
C GLY QA 116 13.84 -16.21 34.70
N THR QA 117 15.00 -16.45 35.31
CA THR QA 117 16.08 -17.18 34.66
C THR QA 117 15.90 -18.69 34.72
N LEU QA 118 15.35 -19.20 35.83
CA LEU QA 118 15.07 -20.62 35.96
C LEU QA 118 13.60 -20.87 35.63
N ARG QA 119 13.36 -21.75 34.67
CA ARG QA 119 12.03 -21.95 34.12
C ARG QA 119 11.67 -23.42 34.15
N PHE QA 120 10.49 -23.74 34.69
CA PHE QA 120 9.97 -25.10 34.74
C PHE QA 120 8.70 -25.18 33.91
N TYR QA 121 8.37 -26.38 33.47
CA TYR QA 121 7.16 -26.64 32.69
C TYR QA 121 6.39 -27.80 33.31
N THR QA 122 5.07 -27.69 33.35
CA THR QA 122 4.25 -28.73 33.95
C THR QA 122 4.29 -30.01 33.14
N ILE QA 123 4.22 -31.15 33.83
CA ILE QA 123 4.35 -32.45 33.18
C ILE QA 123 3.11 -32.75 32.34
N GLY QA 124 1.94 -32.47 32.88
CA GLY QA 124 0.70 -32.81 32.22
C GLY QA 124 -0.39 -31.80 32.52
N ASN QA 125 -1.61 -32.13 32.12
CA ASN QA 125 -2.75 -31.29 32.43
C ASN QA 125 -3.11 -31.43 33.91
N LEU QA 126 -3.41 -30.30 34.54
CA LEU QA 126 -3.84 -30.30 35.93
C LEU QA 126 -5.32 -29.94 35.98
N VAL QA 127 -6.13 -30.83 36.54
CA VAL QA 127 -7.57 -30.67 36.58
C VAL QA 127 -7.97 -30.41 38.03
N ILE QA 128 -8.32 -29.16 38.33
CA ILE QA 128 -8.85 -28.78 39.62
C ILE QA 128 -10.37 -28.98 39.57
N PRO QA 129 -10.94 -29.86 40.37
CA PRO QA 129 -12.37 -30.15 40.26
C PRO QA 129 -13.21 -28.95 40.68
N ALA QA 130 -14.47 -28.96 40.23
CA ALA QA 130 -15.36 -27.83 40.51
C ALA QA 130 -15.51 -27.63 42.00
N GLY QA 131 -15.36 -26.39 42.44
CA GLY QA 131 -15.45 -26.02 43.83
C GLY QA 131 -14.13 -25.98 44.58
N ALA QA 132 -13.18 -26.72 44.03
CA ALA QA 132 -11.87 -26.76 44.62
C ALA QA 132 -11.10 -25.56 44.09
N THR QA 133 -10.12 -25.14 44.85
CA THR QA 133 -9.42 -23.93 44.45
C THR QA 133 -7.95 -24.22 44.34
N PHE QA 134 -7.36 -24.76 45.38
CA PHE QA 134 -5.92 -24.92 45.29
C PHE QA 134 -5.38 -26.39 45.16
N GLY QA 135 -4.74 -26.78 44.03
CA GLY QA 135 -4.23 -28.16 43.79
C GLY QA 135 -2.82 -28.38 43.19
N THR QA 136 -2.35 -29.63 42.99
CA THR QA 136 -0.93 -29.90 42.55
C THR QA 136 -0.51 -30.80 41.33
N ILE QA 137 0.70 -30.62 40.74
CA ILE QA 137 1.17 -31.37 39.58
C ILE QA 137 2.69 -31.25 39.52
N GLU QA 138 3.32 -32.17 38.81
CA GLU QA 138 4.77 -32.19 38.73
C GLU QA 138 5.25 -31.34 37.57
N ALA QA 139 6.42 -30.72 37.74
CA ALA QA 139 7.04 -29.89 36.72
C ALA QA 139 8.49 -30.30 36.55
N ILE QA 140 9.01 -30.05 35.35
CA ILE QA 140 10.36 -30.44 34.97
C ILE QA 140 11.11 -29.20 34.51
N ALA QA 141 12.42 -29.19 34.72
CA ALA QA 141 13.23 -28.04 34.36
C ALA QA 141 13.27 -27.84 32.86
N GLU QA 142 13.56 -26.61 32.44
CA GLU QA 142 13.68 -26.32 31.02
C GLU QA 142 14.89 -27.03 30.42
N ASP QA 143 15.98 -27.14 31.18
CA ASP QA 143 17.20 -27.75 30.69
C ASP QA 143 17.81 -28.61 31.79
N ILE QA 144 18.72 -29.50 31.38
CA ILE QA 144 19.45 -30.34 32.31
C ILE QA 144 20.45 -29.48 33.08
N GLY QA 145 21.03 -30.05 34.13
CA GLY QA 145 22.05 -29.34 34.90
C GLY QA 145 21.66 -29.23 36.35
N GLU QA 146 22.67 -29.12 37.21
CA GLU QA 146 22.46 -29.00 38.64
C GLU QA 146 22.03 -27.61 39.07
N LYS QA 147 22.03 -26.64 38.15
CA LYS QA 147 21.62 -25.29 38.49
C LYS QA 147 20.12 -25.15 38.67
N TYR QA 148 19.34 -26.15 38.27
CA TYR QA 148 17.90 -26.11 38.42
C TYR QA 148 17.42 -26.73 39.72
N ASN QA 149 18.33 -27.27 40.54
CA ASN QA 149 17.95 -27.77 41.85
C ASN QA 149 17.76 -26.59 42.80
N VAL QA 150 16.51 -26.29 43.11
CA VAL QA 150 16.15 -25.11 43.88
C VAL QA 150 15.32 -25.53 45.08
N SER QA 151 15.33 -24.69 46.11
CA SER QA 151 14.66 -25.00 47.35
C SER QA 151 13.15 -24.76 47.22
N ALA QA 152 12.42 -25.15 48.26
CA ALA QA 152 10.97 -24.96 48.25
C ALA QA 152 10.63 -23.48 48.30
N ASN QA 153 9.43 -23.15 47.81
CA ASN QA 153 8.91 -21.80 47.79
C ASN QA 153 9.78 -20.86 46.97
N PHE QA 154 10.51 -21.38 45.99
CA PHE QA 154 11.40 -20.58 45.18
C PHE QA 154 10.80 -20.21 43.84
N ILE QA 155 9.86 -20.99 43.33
CA ILE QA 155 9.22 -20.74 42.05
C ILE QA 155 7.83 -20.21 42.35
N ASP QA 156 7.57 -18.97 41.96
CA ASP QA 156 6.26 -18.36 42.23
C ASP QA 156 5.71 -17.53 41.09
N GLN QA 157 6.37 -17.46 39.93
CA GLN QA 157 5.88 -16.66 38.82
C GLN QA 157 5.48 -17.57 37.67
N TYR QA 158 4.42 -17.19 36.96
CA TYR QA 158 4.04 -17.83 35.71
C TYR QA 158 3.82 -16.76 34.67
N SER QA 159 4.34 -17.00 33.46
CA SER QA 159 4.40 -15.94 32.45
C SER QA 159 3.03 -15.67 31.83
N THR QA 160 2.28 -16.71 31.52
CA THR QA 160 0.98 -16.51 30.89
C THR QA 160 -0.09 -16.25 31.93
N PRO QA 161 -0.73 -15.08 31.93
CA PRO QA 161 -1.76 -14.82 32.94
C PRO QA 161 -3.08 -15.48 32.59
N LEU QA 162 -3.39 -16.56 33.29
CA LEU QA 162 -4.60 -17.33 33.05
C LEU QA 162 -5.73 -16.83 33.95
N THR QA 163 -6.95 -16.93 33.45
CA THR QA 163 -8.11 -16.47 34.19
C THR QA 163 -8.35 -17.37 35.39
N TYR QA 164 -8.77 -16.77 36.51
CA TYR QA 164 -9.09 -17.42 37.77
C TYR QA 164 -7.87 -18.05 38.44
N LEU QA 165 -6.70 -18.01 37.83
CA LEU QA 165 -5.51 -18.55 38.46
C LEU QA 165 -4.84 -17.47 39.29
N GLN QA 166 -4.60 -17.75 40.56
CA GLN QA 166 -4.09 -16.71 41.45
C GLN QA 166 -2.60 -16.86 41.73
N TYR QA 167 -2.15 -18.03 42.16
CA TYR QA 167 -0.75 -18.20 42.53
C TYR QA 167 -0.26 -19.60 42.20
N VAL QA 168 1.07 -19.72 42.12
CA VAL QA 168 1.75 -21.00 41.95
C VAL QA 168 2.95 -21.02 42.88
N THR QA 169 3.30 -22.20 43.38
CA THR QA 169 4.47 -22.38 44.22
C THR QA 169 5.00 -23.79 44.03
N ASN QA 170 6.15 -24.10 44.64
CA ASN QA 170 6.66 -25.45 44.67
C ASN QA 170 6.73 -25.92 46.11
N ILE QA 171 6.09 -27.07 46.39
CA ILE QA 171 6.04 -27.58 47.75
C ILE QA 171 7.22 -28.48 48.08
N ARG QA 172 8.07 -28.78 47.10
CA ARG QA 172 9.25 -29.58 47.28
C ARG QA 172 10.46 -28.83 46.73
N PRO QA 173 11.65 -29.06 47.29
CA PRO QA 173 12.87 -28.59 46.64
C PRO QA 173 13.15 -29.45 45.41
N ALA QA 174 13.35 -28.80 44.26
CA ALA QA 174 13.66 -29.52 43.04
C ALA QA 174 14.99 -30.24 43.21
N THR QA 175 15.01 -31.51 42.81
CA THR QA 175 16.17 -32.37 43.01
C THR QA 175 16.51 -33.07 41.70
N ASN QA 176 17.45 -34.00 41.79
CA ASN QA 176 17.87 -34.88 40.70
C ASN QA 176 18.12 -34.12 39.40
N GLY QA 177 18.57 -32.87 39.50
CA GLY QA 177 19.05 -32.15 38.33
C GLY QA 177 20.53 -32.44 38.13
N ARG QA 178 20.88 -33.02 37.00
CA ARG QA 178 22.23 -33.53 36.79
C ARG QA 178 22.63 -33.33 35.34
N SER QA 179 23.94 -33.18 35.11
CA SER QA 179 24.49 -32.94 33.78
C SER QA 179 25.29 -34.14 33.28
N GLY QA 180 24.97 -35.33 33.78
CA GLY QA 180 25.70 -36.53 33.40
C GLY QA 180 26.35 -37.21 34.58
N GLU QA 181 26.19 -38.53 34.67
CA GLU QA 181 26.73 -39.27 35.80
C GLU QA 181 28.21 -39.57 35.60
N THR QA 182 28.84 -40.03 36.68
CA THR QA 182 30.25 -40.33 36.70
C THR QA 182 30.55 -41.63 35.95
N ILE QA 183 31.82 -41.84 35.63
CA ILE QA 183 32.23 -43.07 34.98
C ILE QA 183 32.17 -44.24 35.96
N ASP QA 184 32.56 -44.01 37.21
CA ASP QA 184 32.56 -45.09 38.20
C ASP QA 184 31.16 -45.59 38.48
N ASN QA 185 30.17 -44.68 38.56
CA ASN QA 185 28.80 -45.10 38.78
C ASN QA 185 28.30 -45.93 37.61
N LEU QA 186 28.66 -45.52 36.39
CA LEU QA 186 28.30 -46.30 35.21
C LEU QA 186 28.94 -47.68 35.24
N ILE QA 187 30.19 -47.76 35.69
CA ILE QA 187 30.88 -49.04 35.78
C ILE QA 187 30.18 -49.95 36.78
N GLU QA 188 29.83 -49.40 37.94
CA GLU QA 188 29.09 -50.17 38.93
C GLU QA 188 27.75 -50.64 38.39
N ARG QA 189 27.05 -49.77 37.67
CA ARG QA 189 25.75 -50.14 37.10
C ARG QA 189 25.91 -51.25 36.06
N CYS QA 190 26.97 -51.19 35.26
CA CYS QA 190 27.22 -52.24 34.29
C CYS QA 190 27.53 -53.57 34.97
N ALA QA 191 28.37 -53.53 36.00
CA ALA QA 191 28.75 -54.77 36.68
C ALA QA 191 27.56 -55.41 37.39
N GLN QA 192 26.71 -54.58 37.99
CA GLN QA 192 25.55 -55.11 38.70
C GLN QA 192 24.59 -55.86 37.77
N ILE QA 193 24.49 -55.44 36.51
CA ILE QA 193 23.64 -56.13 35.55
C ILE QA 193 24.12 -57.57 35.42
N ILE QA 194 25.42 -57.74 35.24
CA ILE QA 194 26.00 -59.07 35.12
C ILE QA 194 25.65 -59.97 36.31
N ARG QA 195 25.88 -59.51 37.54
CA ARG QA 195 25.64 -60.40 38.69
C ARG QA 195 24.24 -60.38 39.27
N ILE QA 196 23.40 -59.46 38.81
CA ILE QA 196 22.02 -59.47 39.28
C ILE QA 196 21.23 -60.51 38.53
N ARG QA 197 21.07 -61.67 39.15
CA ARG QA 197 20.28 -62.75 38.56
C ARG QA 197 20.05 -63.55 39.81
N ASN QA 198 18.80 -63.95 40.07
CA ASN QA 198 18.45 -64.66 41.29
C ASN QA 198 18.94 -63.96 42.55
N PRO QA 199 18.36 -62.81 42.92
CA PRO QA 199 18.88 -62.05 44.06
C PRO QA 199 19.11 -62.88 45.33
N VAL QA 200 20.38 -63.10 45.68
CA VAL QA 200 20.70 -63.88 46.86
C VAL QA 200 21.37 -63.01 47.91
N SER QA 201 22.67 -63.24 48.14
CA SER QA 201 23.41 -62.50 49.16
C SER QA 201 23.56 -61.03 48.89
N ALA QA 202 22.88 -60.19 49.68
CA ALA QA 202 22.99 -58.74 49.53
C ALA QA 202 22.78 -58.22 48.12
N LEU QA 203 22.07 -58.97 47.29
CA LEU QA 203 21.71 -58.45 45.97
C LEU QA 203 20.42 -57.66 46.02
N ASP QA 204 19.59 -57.89 47.05
CA ASP QA 204 18.46 -57.02 47.32
C ASP QA 204 18.93 -55.60 47.57
N PHE QA 205 20.15 -55.44 48.08
CA PHE QA 205 20.76 -54.13 48.27
C PHE QA 205 20.72 -53.33 46.97
N GLU QA 206 21.22 -53.93 45.89
CA GLU QA 206 21.40 -53.27 44.61
C GLU QA 206 20.15 -53.27 43.75
N GLN QA 207 19.24 -54.22 43.95
CA GLN QA 207 17.98 -54.23 43.22
C GLN QA 207 17.06 -53.09 43.62
N LEU QA 208 17.38 -52.37 44.68
CA LEU QA 208 16.50 -51.30 45.14
C LEU QA 208 17.20 -49.95 45.25
N ALA QA 209 18.46 -49.93 45.69
CA ALA QA 209 19.12 -48.66 45.99
C ALA QA 209 19.23 -47.78 44.77
N GLU QA 210 19.10 -48.36 43.57
CA GLU QA 210 19.08 -47.59 42.33
C GLU QA 210 18.03 -48.06 41.34
N LEU QA 211 17.32 -49.14 41.61
CA LEU QA 211 16.32 -49.67 40.69
C LEU QA 211 15.01 -49.92 41.43
N THR QA 212 13.91 -49.83 40.68
CA THR QA 212 12.57 -50.19 41.13
C THR QA 212 12.08 -49.30 42.26
N MET QA 213 12.92 -48.37 42.71
CA MET QA 213 12.52 -47.37 43.68
C MET QA 213 13.01 -45.97 43.33
N GLY QA 214 14.06 -45.84 42.55
CA GLY QA 214 14.55 -44.57 42.07
C GLY QA 214 16.02 -44.38 42.38
N GLU QA 215 16.58 -43.36 41.74
CA GLU QA 215 17.95 -42.94 41.97
C GLU QA 215 17.98 -41.90 43.09
N GLY QA 216 18.89 -42.07 44.03
CA GLY QA 216 18.92 -41.26 45.22
C GLY QA 216 18.29 -41.91 46.43
N SER QA 217 17.94 -43.19 46.33
CA SER QA 217 17.36 -43.95 47.43
C SER QA 217 18.42 -44.87 48.02
N ARG QA 218 18.09 -45.48 49.16
CA ARG QA 218 19.00 -46.41 49.80
C ARG QA 218 18.23 -47.65 50.23
N CYS QA 219 18.90 -48.79 50.16
CA CYS QA 219 18.38 -50.04 50.69
C CYS QA 219 19.36 -50.60 51.70
N LYS QA 220 18.89 -51.59 52.45
CA LYS QA 220 19.74 -52.29 53.40
C LYS QA 220 19.13 -53.66 53.65
N ALA QA 221 19.85 -54.72 53.29
CA ALA QA 221 19.37 -56.08 53.43
C ALA QA 221 20.07 -56.76 54.59
N ILE QA 222 19.29 -57.34 55.50
CA ILE QA 222 19.82 -58.10 56.62
C ILE QA 222 19.18 -59.48 56.61
N GLY QA 223 20.01 -60.51 56.54
CA GLY QA 223 19.50 -61.85 56.48
C GLY QA 223 19.02 -62.35 57.84
N LEU QA 224 18.03 -63.23 57.79
CA LEU QA 224 17.49 -63.93 58.95
C LEU QA 224 17.30 -62.99 60.14
N LEU QA 225 16.64 -61.87 59.88
CA LEU QA 225 16.25 -60.90 60.89
C LEU QA 225 14.73 -60.83 60.94
N GLY QA 226 14.16 -61.07 62.11
CA GLY QA 226 12.73 -61.15 62.27
C GLY QA 226 12.08 -59.79 62.41
N ILE QA 227 10.77 -59.82 62.67
CA ILE QA 227 10.02 -58.58 62.85
C ILE QA 227 10.42 -57.88 64.14
N ASN QA 228 10.89 -58.63 65.14
CA ASN QA 228 11.35 -58.00 66.37
C ASN QA 228 12.65 -57.23 66.17
N LYS QA 229 13.30 -57.39 65.03
CA LYS QA 229 14.52 -56.66 64.69
C LYS QA 229 15.62 -56.90 65.72
N ILE QA 230 15.73 -58.12 66.21
CA ILE QA 230 16.73 -58.51 67.20
C ILE QA 230 17.71 -59.47 66.54
N VAL QA 231 18.98 -59.12 66.56
CA VAL QA 231 19.99 -59.96 65.92
C VAL QA 231 20.18 -61.26 66.67
N THR QA 232 20.10 -61.22 68.00
CA THR QA 232 20.35 -62.41 68.81
C THR QA 232 19.30 -63.50 68.64
N ASP QA 233 18.18 -63.21 67.98
CA ASP QA 233 17.19 -64.23 67.69
C ASP QA 233 17.09 -64.39 66.18
N PRO QA 234 17.90 -65.26 65.57
CA PRO QA 234 17.88 -65.37 64.11
C PRO QA 234 16.86 -66.36 63.60
N GLN QA 235 16.06 -65.96 62.61
CA GLN QA 235 15.10 -66.85 61.99
C GLN QA 235 15.51 -67.17 60.56
N PRO QA 236 15.97 -68.39 60.30
CA PRO QA 236 16.39 -68.74 58.92
C PRO QA 236 15.23 -68.65 57.95
N GLY QA 237 15.54 -68.30 56.70
CA GLY QA 237 14.51 -68.12 55.70
C GLY QA 237 13.83 -66.77 55.71
N VAL QA 238 14.47 -65.77 56.31
CA VAL QA 238 13.91 -64.42 56.41
C VAL QA 238 14.92 -63.44 55.87
N VAL QA 239 14.46 -62.47 55.09
CA VAL QA 239 15.25 -61.34 54.63
C VAL QA 239 14.53 -60.07 55.05
N HIS QA 240 15.22 -59.20 55.78
CA HIS QA 240 14.66 -57.93 56.19
C HIS QA 240 15.25 -56.80 55.36
N LEU QA 241 14.38 -56.02 54.73
CA LEU QA 241 14.80 -54.91 53.89
C LEU QA 241 14.43 -53.60 54.56
N PHE QA 242 15.39 -52.68 54.58
CA PHE QA 242 15.21 -51.35 55.14
C PHE QA 242 15.41 -50.33 54.04
N LEU QA 243 14.50 -49.37 53.93
CA LEU QA 243 14.41 -48.50 52.78
C LEU QA 243 14.54 -47.04 53.18
N LEU QA 244 15.17 -46.26 52.32
CA LEU QA 244 15.16 -44.80 52.38
C LEU QA 244 14.76 -44.29 51.02
N ASP QA 245 13.68 -43.52 50.95
CA ASP QA 245 13.07 -43.20 49.67
C ASP QA 245 13.95 -42.25 48.86
N VAL QA 246 13.48 -41.95 47.65
CA VAL QA 246 14.21 -41.08 46.73
C VAL QA 246 14.38 -39.68 47.29
N ASN QA 247 13.52 -39.27 48.22
CA ASN QA 247 13.62 -37.95 48.85
C ASN QA 247 14.59 -37.93 50.01
N GLY QA 248 15.15 -39.08 50.39
CA GLY QA 248 16.07 -39.14 51.51
C GLY QA 248 15.43 -39.35 52.86
N ASN QA 249 14.14 -39.63 52.91
CA ASN QA 249 13.46 -39.89 54.17
C ASN QA 249 13.16 -41.38 54.29
N PRO QA 250 12.82 -41.87 55.49
CA PRO QA 250 12.36 -43.25 55.60
C PRO QA 250 11.16 -43.51 54.69
N ALA QA 251 11.10 -44.72 54.14
CA ALA QA 251 10.24 -44.98 52.99
C ALA QA 251 8.77 -44.84 53.33
N ASP QA 252 8.01 -44.31 52.37
CA ASP QA 252 6.56 -44.29 52.43
C ASP QA 252 6.02 -45.70 52.24
N PRO QA 253 5.09 -46.14 53.10
CA PRO QA 253 4.51 -47.49 52.95
C PRO QA 253 4.03 -47.82 51.55
N VAL QA 254 3.65 -46.82 50.74
CA VAL QA 254 3.34 -47.09 49.35
C VAL QA 254 4.58 -47.59 48.61
N THR QA 255 5.72 -46.94 48.85
CA THR QA 255 6.97 -47.41 48.25
C THR QA 255 7.35 -48.78 48.80
N ILE QA 256 7.07 -49.02 50.09
CA ILE QA 256 7.32 -50.34 50.66
C ILE QA 256 6.55 -51.40 49.91
N SER QA 257 5.26 -51.14 49.66
CA SER QA 257 4.43 -52.11 48.97
C SER QA 257 4.88 -52.29 47.53
N THR QA 258 5.28 -51.21 46.86
CA THR QA 258 5.78 -51.32 45.50
C THR QA 258 7.03 -52.18 45.45
N VAL QA 259 7.94 -51.98 46.41
CA VAL QA 259 9.14 -52.79 46.50
C VAL QA 259 8.79 -54.26 46.73
N GLY QA 260 7.86 -54.52 47.65
CA GLY QA 260 7.47 -55.90 47.90
C GLY QA 260 6.87 -56.57 46.68
N ALA QA 261 6.01 -55.85 45.96
CA ALA QA 261 5.43 -56.39 44.74
C ALA QA 261 6.50 -56.64 43.68
N THR QA 262 7.47 -55.74 43.56
CA THR QA 262 8.53 -55.94 42.59
C THR QA 262 9.37 -57.15 42.91
N LEU QA 263 9.67 -57.37 44.19
CA LEU QA 263 10.58 -58.44 44.59
C LEU QA 263 9.89 -59.76 44.89
N GLN QA 264 8.56 -59.81 44.93
CA GLN QA 264 7.90 -61.06 45.27
C GLN QA 264 8.18 -62.19 44.29
N PRO QA 265 8.11 -62.01 42.98
CA PRO QA 265 8.39 -63.14 42.08
C PRO QA 265 9.87 -63.46 41.98
N ARG QA 266 10.72 -62.75 42.71
CA ARG QA 266 12.16 -62.92 42.62
C ARG QA 266 12.80 -63.50 43.86
N ILE QA 267 12.06 -63.73 44.93
CA ILE QA 267 12.61 -64.31 46.15
C ILE QA 267 12.46 -65.82 46.09
N MET QA 268 13.25 -66.51 46.90
CA MET QA 268 13.20 -67.96 46.92
C MET QA 268 11.89 -68.45 47.51
N LEU QA 269 11.30 -69.45 46.87
CA LEU QA 269 10.02 -69.98 47.31
C LEU QA 269 10.16 -70.62 48.68
N GLY QA 270 9.30 -70.19 49.61
CA GLY QA 270 9.33 -70.64 50.98
C GLY QA 270 9.95 -69.65 51.94
N THR QA 271 10.77 -68.73 51.44
CA THR QA 271 11.37 -67.72 52.30
C THR QA 271 10.41 -66.55 52.51
N ARG QA 272 10.71 -65.75 53.52
CA ARG QA 272 9.87 -64.62 53.91
C ARG QA 272 10.66 -63.33 53.76
N LEU QA 273 10.04 -62.33 53.14
CA LEU QA 273 10.67 -61.03 52.95
C LEU QA 273 9.98 -60.00 53.84
N LEU QA 274 10.77 -59.35 54.70
CA LEU QA 274 10.29 -58.30 55.59
C LEU QA 274 10.84 -56.97 55.11
N ILE QA 275 9.99 -55.97 55.03
CA ILE QA 275 10.41 -54.64 54.59
C ILE QA 275 9.88 -53.61 55.57
N SER QA 276 10.77 -52.75 56.05
CA SER QA 276 10.42 -51.69 56.98
C SER QA 276 11.30 -50.48 56.67
N PRO QA 277 10.86 -49.28 57.03
CA PRO QA 277 11.66 -48.09 56.71
C PRO QA 277 12.95 -48.01 57.51
N MET QA 278 13.92 -47.31 56.95
CA MET QA 278 15.20 -47.09 57.59
C MET QA 278 15.07 -46.07 58.72
N GLU QA 279 16.18 -45.89 59.43
CA GLU QA 279 16.28 -44.88 60.49
C GLU QA 279 17.42 -43.94 60.18
N VAL QA 280 17.37 -42.73 60.73
CA VAL QA 280 18.34 -41.69 60.48
C VAL QA 280 18.90 -41.20 61.81
N LEU QA 281 20.22 -41.06 61.87
CA LEU QA 281 20.89 -40.51 63.05
C LEU QA 281 21.43 -39.13 62.71
N ASN QA 282 21.09 -38.14 63.54
CA ASN QA 282 21.49 -36.77 63.29
C ASN QA 282 22.93 -36.54 63.77
N ILE QA 283 23.72 -35.89 62.92
CA ILE QA 283 25.13 -35.60 63.20
C ILE QA 283 25.28 -34.09 63.36
N GLU QA 284 25.80 -33.67 64.51
CA GLU QA 284 26.02 -32.27 64.80
C GLU QA 284 27.53 -32.01 64.89
N LEU QA 285 28.02 -31.15 64.01
CA LEU QA 285 29.44 -30.93 63.83
C LEU QA 285 29.85 -29.58 64.39
N GLU QA 286 31.05 -29.52 64.96
CA GLU QA 286 31.65 -28.26 65.41
C GLU QA 286 33.09 -28.23 64.93
N LEU QA 287 33.45 -27.23 64.15
CA LEU QA 287 34.75 -27.15 63.52
C LEU QA 287 35.51 -25.92 64.00
N ILE QA 288 36.75 -26.12 64.43
CA ILE QA 288 37.67 -25.02 64.72
C ILE QA 288 38.85 -25.21 63.77
N ALA QA 289 39.06 -24.23 62.89
CA ALA QA 289 40.04 -24.37 61.83
C ALA QA 289 40.81 -23.08 61.66
N LEU QA 290 41.98 -23.21 61.05
CA LEU QA 290 42.85 -22.08 60.73
C LEU QA 290 42.91 -21.93 59.22
N SER QA 291 42.68 -20.71 58.74
CA SER QA 291 42.65 -20.45 57.31
C SER QA 291 43.95 -19.83 56.84
N ASP QA 292 44.24 -19.98 55.55
CA ASP QA 292 45.41 -19.37 54.92
C ASP QA 292 45.07 -18.09 54.16
N SER QA 293 43.85 -17.60 54.28
CA SER QA 293 43.35 -16.37 53.67
C SER QA 293 43.24 -16.45 52.16
N SER QA 294 43.49 -17.61 51.55
CA SER QA 294 43.31 -17.75 50.11
C SER QA 294 41.84 -17.69 49.70
N LYS QA 295 40.92 -17.86 50.65
CA LYS QA 295 39.49 -17.72 50.39
C LYS QA 295 38.87 -16.92 51.52
N THR QA 296 37.78 -16.23 51.20
CA THR QA 296 37.05 -15.51 52.23
C THR QA 296 36.33 -16.49 53.15
N PHE QA 297 35.97 -15.99 54.33
CA PHE QA 297 35.35 -16.86 55.33
C PHE QA 297 34.03 -17.43 54.80
N GLN QA 298 33.25 -16.62 54.10
CA GLN QA 298 32.02 -17.13 53.50
C GLN QA 298 32.31 -18.20 52.46
N GLN QA 299 33.38 -18.01 51.67
CA GLN QA 299 33.76 -19.01 50.68
C GLN QA 299 34.16 -20.31 51.34
N LEU QA 300 34.96 -20.25 52.40
CA LEU QA 300 35.29 -21.46 53.14
C LEU QA 300 34.04 -22.11 53.71
N ALA QA 301 33.12 -21.30 54.24
CA ALA QA 301 31.92 -21.85 54.84
C ALA QA 301 31.11 -22.64 53.83
N ASP QA 302 30.80 -22.05 52.68
CA ASP QA 302 29.94 -22.78 51.75
C ASP QA 302 30.69 -23.92 51.08
N ASP QA 303 32.02 -23.80 50.93
CA ASP QA 303 32.79 -24.91 50.41
C ASP QA 303 32.72 -26.11 51.35
N ILE QA 304 32.87 -25.87 52.65
CA ILE QA 304 32.78 -26.96 53.62
C ILE QA 304 31.36 -27.50 53.66
N LEU QA 305 30.36 -26.63 53.51
CA LEU QA 305 28.98 -27.10 53.44
C LEU QA 305 28.79 -28.08 52.29
N GLU QA 306 29.24 -27.72 51.09
CA GLU QA 306 29.09 -28.61 49.95
C GLU QA 306 29.87 -29.90 50.16
N ALA QA 307 31.07 -29.81 50.73
CA ALA QA 307 31.86 -31.02 50.96
C ALA QA 307 31.15 -31.96 51.92
N LEU QA 308 30.53 -31.41 52.96
CA LEU QA 308 29.83 -32.25 53.93
C LEU QA 308 28.55 -32.84 53.33
N LYS QA 309 27.81 -32.05 52.54
CA LYS QA 309 26.63 -32.60 51.90
C LYS QA 309 26.98 -33.72 50.93
N VAL QA 310 28.11 -33.60 50.23
CA VAL QA 310 28.57 -34.72 49.42
C VAL QA 310 28.96 -35.90 50.29
N PHE QA 311 29.65 -35.63 51.40
CA PHE QA 311 30.09 -36.72 52.28
C PHE QA 311 28.91 -37.44 52.91
N PHE QA 312 27.90 -36.69 53.36
CA PHE QA 312 26.75 -37.27 54.03
C PHE QA 312 25.60 -37.57 53.08
N ASN QA 313 25.87 -37.63 51.80
CA ASN QA 313 24.87 -38.08 50.84
C ASN QA 313 24.58 -39.56 51.08
N PRO QA 314 23.32 -39.98 51.20
CA PRO QA 314 23.03 -41.40 51.38
C PRO QA 314 23.61 -42.28 50.29
N ALA QA 315 23.79 -41.76 49.07
CA ALA QA 315 24.46 -42.53 48.04
C ALA QA 315 25.92 -42.79 48.39
N ASN QA 316 26.53 -41.92 49.19
CA ASN QA 316 27.92 -42.07 49.61
C ASN QA 316 28.06 -42.72 50.97
N LEU QA 317 26.96 -43.14 51.58
CA LEU QA 317 26.97 -43.68 52.93
C LEU QA 317 26.53 -45.14 52.91
N THR QA 318 27.00 -45.91 53.88
CA THR QA 318 26.59 -47.29 54.03
C THR QA 318 25.83 -47.45 55.33
N PRO QA 319 24.59 -47.93 55.31
CA PRO QA 319 23.81 -48.01 56.55
C PRO QA 319 24.47 -48.91 57.59
N GLY QA 320 24.42 -48.47 58.84
CA GLY QA 320 24.94 -49.23 59.95
C GLY QA 320 26.42 -49.10 60.20
N GLU QA 321 27.14 -48.42 59.35
CA GLU QA 321 28.57 -48.32 59.59
C GLU QA 321 28.90 -47.06 60.37
N PRO QA 322 29.90 -47.12 61.25
CA PRO QA 322 30.21 -45.97 62.09
C PRO QA 322 30.75 -44.80 61.27
N VAL QA 323 30.48 -43.60 61.76
CA VAL QA 323 31.02 -42.39 61.17
C VAL QA 323 32.37 -42.12 61.81
N LEU QA 324 33.44 -42.27 61.04
CA LEU QA 324 34.81 -42.14 61.53
C LEU QA 324 35.21 -40.67 61.45
N ILE QA 325 35.65 -40.12 62.58
CA ILE QA 325 35.94 -38.68 62.63
C ILE QA 325 37.14 -38.32 61.74
N GLU QA 326 38.08 -39.24 61.56
CA GLU QA 326 39.20 -38.97 60.67
C GLU QA 326 38.74 -38.81 59.23
N GLU QA 327 37.77 -39.62 58.81
CA GLU QA 327 37.25 -39.51 57.46
C GLU QA 327 36.54 -38.18 57.27
N VAL QA 328 35.79 -37.73 58.28
CA VAL QA 328 35.13 -36.43 58.20
C VAL QA 328 36.15 -35.31 58.12
N LYS QA 329 37.22 -35.42 58.90
CA LYS QA 329 38.26 -34.39 58.87
C LYS QA 329 38.94 -34.34 57.51
N PHE QA 330 39.19 -35.51 56.91
CA PHE QA 330 39.76 -35.53 55.56
C PHE QA 330 38.81 -34.92 54.55
N ALA QA 331 37.52 -35.22 54.66
CA ALA QA 331 36.54 -34.64 53.75
C ALA QA 331 36.49 -33.13 53.88
N ILE QA 332 36.58 -32.62 55.11
CA ILE QA 332 36.55 -31.17 55.32
C ILE QA 332 37.82 -30.53 54.77
N ARG QA 333 38.98 -31.09 55.08
CA ARG QA 333 40.24 -30.52 54.63
C ARG QA 333 40.41 -30.63 53.11
N SER QA 334 39.74 -31.57 52.46
CA SER QA 334 39.87 -31.69 51.01
C SER QA 334 39.34 -30.46 50.29
N VAL QA 335 38.58 -29.61 50.98
CA VAL QA 335 38.20 -28.33 50.40
C VAL QA 335 39.43 -27.48 50.11
N GLY QA 336 40.39 -27.47 51.02
CA GLY QA 336 41.62 -26.74 50.83
C GLY QA 336 41.56 -25.35 51.43
N GLY QA 337 42.73 -24.71 51.47
CA GLY QA 337 42.83 -23.36 52.00
C GLY QA 337 42.57 -23.23 53.47
N LEU QA 338 42.69 -24.30 54.23
CA LEU QA 338 42.44 -24.23 55.67
C LEU QA 338 43.21 -25.35 56.36
N SER QA 339 43.38 -25.18 57.66
CA SER QA 339 44.01 -26.19 58.51
C SER QA 339 43.08 -26.49 59.67
N ILE QA 340 42.70 -27.76 59.82
CA ILE QA 340 41.76 -28.15 60.87
C ILE QA 340 42.50 -28.24 62.20
N SER QA 341 42.00 -27.51 63.19
CA SER QA 341 42.56 -27.53 64.53
C SER QA 341 41.80 -28.45 65.47
N TYR QA 342 40.49 -28.56 65.31
CA TYR QA 342 39.68 -29.39 66.18
C TYR QA 342 38.32 -29.65 65.53
N LEU QA 343 37.80 -30.85 65.77
CA LEU QA 343 36.49 -31.23 65.27
C LEU QA 343 35.74 -32.00 66.34
N GLN QA 344 34.48 -31.62 66.55
CA GLN QA 344 33.60 -32.30 67.49
C GLN QA 344 32.41 -32.88 66.75
N MET QA 345 32.11 -34.14 67.02
CA MET QA 345 30.99 -34.85 66.41
C MET QA 345 30.05 -35.29 67.53
N ASN QA 346 28.87 -34.66 67.59
CA ASN QA 346 27.90 -34.94 68.65
C ASN QA 346 28.50 -34.76 70.03
N ASP QA 347 29.09 -33.59 70.27
CA ASP QA 347 29.68 -33.23 71.55
C ASP QA 347 30.82 -34.17 71.96
N ASN QA 348 31.53 -34.72 70.99
CA ASN QA 348 32.69 -35.56 71.27
C ASN QA 348 33.61 -35.56 70.06
N ALA QA 349 34.85 -35.98 70.29
CA ALA QA 349 35.83 -36.16 69.23
C ALA QA 349 36.03 -37.61 68.84
N ILE QA 350 35.18 -38.51 69.32
CA ILE QA 350 35.35 -39.94 69.11
C ILE QA 350 34.46 -40.40 67.97
N ASN QA 351 34.75 -41.59 67.46
CA ASN QA 351 33.93 -42.19 66.40
C ASN QA 351 32.54 -42.50 66.92
N ILE QA 352 31.54 -42.30 66.06
CA ILE QA 352 30.14 -42.49 66.41
C ILE QA 352 29.71 -43.89 65.96
N PRO QA 353 29.30 -44.77 66.86
CA PRO QA 353 28.68 -46.02 66.43
C PRO QA 353 27.21 -45.81 66.14
N MET QA 354 26.69 -46.58 65.19
CA MET QA 354 25.29 -46.43 64.80
C MET QA 354 24.40 -47.25 65.71
N PRO QA 355 23.18 -46.78 66.02
CA PRO QA 355 22.35 -47.50 66.99
C PRO QA 355 22.02 -48.93 66.57
N ASN QA 356 21.92 -49.20 65.28
CA ASN QA 356 21.61 -50.54 64.79
C ASN QA 356 22.14 -50.67 63.37
N GLN QA 357 21.88 -51.83 62.76
CA GLN QA 357 22.43 -52.14 61.46
C GLN QA 357 21.81 -51.32 60.33
N TRP QA 358 20.64 -50.72 60.55
CA TRP QA 358 19.89 -50.09 59.47
C TRP QA 358 19.74 -48.59 59.66
N THR QA 359 20.63 -47.95 60.41
CA THR QA 359 20.56 -46.52 60.62
C THR QA 359 21.60 -45.81 59.75
N ILE QA 360 21.16 -44.80 59.03
CA ILE QA 360 22.02 -44.03 58.12
C ILE QA 360 22.33 -42.69 58.79
N PRO QA 361 23.54 -42.16 58.64
CA PRO QA 361 23.82 -40.83 59.19
C PRO QA 361 23.20 -39.73 58.34
N ARG QA 362 22.97 -38.60 58.98
CA ARG QA 362 22.47 -37.41 58.27
C ARG QA 362 22.92 -36.22 59.11
N PHE QA 363 23.74 -35.35 58.52
CA PHE QA 363 24.30 -34.25 59.29
C PHE QA 363 23.38 -33.05 59.21
N SER QA 364 23.18 -32.40 60.36
CA SER QA 364 22.14 -31.40 60.51
C SER QA 364 22.66 -30.02 60.86
N TYR QA 365 23.70 -29.92 61.68
CA TYR QA 365 24.22 -28.65 62.16
C TYR QA 365 25.73 -28.64 62.08
N ILE QA 366 26.29 -27.50 61.68
CA ILE QA 366 27.74 -27.32 61.63
C ILE QA 366 28.08 -25.95 62.20
N GLY QA 367 28.97 -25.93 63.18
CA GLY QA 367 29.42 -24.69 63.79
C GLY QA 367 30.84 -24.36 63.36
N PHE QA 368 31.01 -23.15 62.82
CA PHE QA 368 32.27 -22.73 62.23
C PHE QA 368 33.03 -21.80 63.18
N GLU QA 369 34.31 -22.13 63.38
CA GLU QA 369 35.26 -21.31 64.12
C GLU QA 369 36.53 -21.19 63.28
N LEU QA 370 36.63 -20.12 62.49
CA LEU QA 370 37.68 -20.02 61.48
C LEU QA 370 38.52 -18.78 61.74
N THR QA 371 39.69 -18.97 62.35
CA THR QA 371 40.64 -17.88 62.50
C THR QA 371 41.55 -17.81 61.29
N ASP QA 372 42.25 -16.69 61.15
CA ASP QA 372 43.19 -16.50 60.05
C ASP QA 372 44.47 -15.88 60.60
N SER QA 373 45.41 -15.58 59.70
CA SER QA 373 46.73 -15.12 60.12
C SER QA 373 46.65 -13.78 60.84
N GLU QA 374 45.81 -12.87 60.34
CA GLU QA 374 45.65 -11.57 60.97
C GLU QA 374 45.12 -11.71 62.40
N GLY QA 375 44.17 -12.62 62.60
CA GLY QA 375 43.64 -12.87 63.92
C GLY QA 375 42.14 -12.78 63.99
N THR QA 376 41.49 -12.52 62.85
CA THR QA 376 40.02 -12.42 62.83
C THR QA 376 39.29 -13.77 62.91
N VAL QA 377 38.55 -13.98 64.00
CA VAL QA 377 37.79 -15.23 64.15
C VAL QA 377 36.41 -15.14 63.50
N TYR QA 378 36.06 -16.15 62.72
CA TYR QA 378 34.75 -16.17 62.08
C TYR QA 378 33.86 -17.21 62.73
N ARG QA 379 32.71 -16.77 63.24
CA ARG QA 379 31.78 -17.72 63.84
C ARG QA 379 30.49 -17.84 63.03
N ASP QA 380 30.13 -19.07 62.68
CA ASP QA 380 28.91 -19.30 61.91
C ASP QA 380 28.27 -20.63 62.27
N ASN QA 381 27.19 -20.59 63.04
CA ASN QA 381 26.51 -21.82 63.42
C ASN QA 381 25.33 -22.06 62.47
N VAL QA 382 25.53 -22.87 61.43
CA VAL QA 382 24.49 -23.10 60.43
C VAL QA 382 23.73 -24.42 60.55
N VAL QA 383 22.42 -24.38 60.33
CA VAL QA 383 21.61 -25.61 60.36
C VAL QA 383 21.33 -26.07 58.93
N THR QA 384 21.49 -27.35 58.61
CA THR QA 384 21.33 -27.83 57.25
C THR QA 384 20.10 -28.71 57.16
N VAL QA 385 19.47 -28.94 58.31
CA VAL QA 385 18.27 -29.76 58.33
C VAL QA 385 17.04 -28.86 58.17
N THR QA 386 15.95 -29.43 57.70
CA THR QA 386 14.72 -28.66 57.53
C THR QA 386 13.92 -28.66 58.82
N ASN QA 387 14.28 -27.77 59.73
CA ASN QA 387 13.54 -27.67 60.98
C ASN QA 387 12.69 -26.41 60.97
N PRO QA 388 11.38 -26.57 61.18
CA PRO QA 388 10.56 -25.35 61.28
C PRO QA 388 10.51 -24.87 62.72
N GLU QA 389 11.30 -25.47 63.60
CA GLU QA 389 11.24 -25.13 65.01
C GLU QA 389 12.56 -24.59 65.59
N GLU QA 390 13.64 -24.59 64.82
CA GLU QA 390 14.88 -23.98 65.35
C GLU QA 390 14.81 -22.50 65.73
N SER RA 2 56.10 -48.57 -1.96
CA SER RA 2 54.80 -49.06 -2.41
C SER RA 2 54.70 -50.57 -2.24
N LYS RA 3 55.43 -51.12 -1.28
CA LYS RA 3 55.51 -52.56 -1.12
C LYS RA 3 54.52 -53.05 -0.08
N ASP RA 4 54.31 -54.37 -0.09
CA ASP RA 4 53.28 -54.98 0.72
C ASP RA 4 53.60 -54.86 2.20
N ALA RA 5 52.55 -54.84 3.02
CA ALA RA 5 52.71 -54.64 4.46
C ALA RA 5 53.45 -55.80 5.12
N PHE RA 6 53.29 -57.01 4.60
CA PHE RA 6 53.89 -58.17 5.26
C PHE RA 6 55.41 -58.05 5.32
N THR RA 7 56.05 -57.78 4.18
CA THR RA 7 57.50 -57.69 4.18
C THR RA 7 58.01 -56.52 4.99
N ALA RA 8 57.31 -55.39 4.94
CA ALA RA 8 57.75 -54.21 5.67
C ALA RA 8 57.59 -54.37 7.18
N TRP RA 9 56.56 -55.07 7.64
CA TRP RA 9 56.28 -55.19 9.06
C TRP RA 9 56.85 -56.46 9.69
N ASN RA 10 56.95 -57.55 8.94
CA ASN RA 10 57.36 -58.83 9.50
C ASN RA 10 58.71 -59.31 9.03
N VAL RA 11 59.09 -59.02 7.79
CA VAL RA 11 60.38 -59.46 7.28
C VAL RA 11 61.42 -58.39 7.54
N ASP RA 12 61.17 -57.19 7.02
CA ASP RA 12 62.11 -56.09 7.23
C ASP RA 12 62.00 -55.51 8.63
N ARG RA 13 60.79 -55.48 9.18
CA ARG RA 13 60.50 -54.82 10.46
C ARG RA 13 60.93 -53.36 10.46
N ARG RA 14 60.89 -52.74 9.27
CA ARG RA 14 61.16 -51.31 9.11
C ARG RA 14 60.02 -50.72 8.29
N PRO RA 15 58.86 -50.51 8.91
CA PRO RA 15 57.68 -50.08 8.13
C PRO RA 15 57.84 -48.74 7.44
N ILE RA 16 58.76 -47.89 7.87
CA ILE RA 16 58.99 -46.58 7.25
C ILE RA 16 60.20 -46.61 6.33
N TYR RA 17 61.34 -47.10 6.83
CA TYR RA 17 62.56 -47.08 6.04
C TYR RA 17 62.44 -47.96 4.80
N SER RA 18 61.77 -49.10 4.94
CA SER RA 18 61.60 -50.01 3.81
C SER RA 18 60.76 -49.39 2.71
N ARG RA 19 59.95 -48.38 3.03
CA ARG RA 19 59.08 -47.77 2.04
C ARG RA 19 59.71 -46.59 1.32
N MET RA 20 60.89 -46.15 1.76
CA MET RA 20 61.56 -45.06 1.05
C MET RA 20 61.98 -45.52 -0.34
N PRO RA 21 61.98 -44.63 -1.32
CA PRO RA 21 62.39 -45.04 -2.68
C PRO RA 21 63.84 -45.52 -2.70
N LYS RA 22 64.08 -46.55 -3.51
CA LYS RA 22 65.41 -47.14 -3.64
C LYS RA 22 65.80 -47.43 -5.08
N GLU RA 23 64.93 -47.14 -6.05
CA GLU RA 23 65.14 -47.64 -7.41
C GLU RA 23 66.34 -47.00 -8.09
N GLN RA 24 66.47 -45.68 -8.01
CA GLN RA 24 67.56 -44.96 -8.66
C GLN RA 24 68.81 -45.14 -7.79
N VAL RA 25 69.61 -46.15 -8.12
CA VAL RA 25 70.80 -46.46 -7.34
C VAL RA 25 71.78 -45.30 -7.42
N GLY RA 26 72.50 -45.07 -6.33
CA GLY RA 26 73.46 -43.98 -6.25
C GLY RA 26 72.91 -42.75 -5.57
N THR RA 27 71.78 -42.24 -6.06
CA THR RA 27 71.12 -41.07 -5.48
C THR RA 27 69.70 -41.47 -5.12
N SER RA 28 69.53 -42.03 -3.94
CA SER RA 28 68.21 -42.39 -3.42
C SER RA 28 68.32 -42.41 -1.91
N TYR RA 29 67.16 -42.50 -1.25
CA TYR RA 29 67.16 -42.48 0.21
C TYR RA 29 67.92 -43.65 0.78
N HIS RA 30 67.82 -44.83 0.16
CA HIS RA 30 68.54 -45.99 0.66
C HIS RA 30 70.03 -45.91 0.37
N ASP RA 31 70.46 -44.99 -0.50
CA ASP RA 31 71.88 -44.86 -0.81
C ASP RA 31 72.64 -44.08 0.25
N TYR RA 32 71.94 -43.35 1.11
CA TYR RA 32 72.56 -42.54 2.15
C TYR RA 32 72.17 -43.09 3.50
N ILE RA 33 73.16 -43.33 4.36
CA ILE RA 33 72.91 -44.02 5.62
C ILE RA 33 72.13 -43.13 6.59
N ALA RA 34 72.10 -41.82 6.34
CA ALA RA 34 71.36 -40.92 7.20
C ALA RA 34 69.87 -41.24 7.20
N THR RA 35 69.33 -41.63 6.04
CA THR RA 35 67.93 -42.02 5.99
C THR RA 35 67.66 -43.23 6.88
N ASP RA 36 68.57 -44.20 6.87
CA ASP RA 36 68.43 -45.35 7.75
C ASP RA 36 68.50 -44.92 9.22
N TRP RA 37 69.39 -44.00 9.55
CA TRP RA 37 69.55 -43.60 10.95
C TRP RA 37 68.35 -42.83 11.46
N LEU RA 38 67.85 -41.86 10.68
CA LEU RA 38 66.82 -40.96 11.18
C LEU RA 38 65.51 -41.68 11.44
N THR RA 39 65.13 -42.62 10.58
CA THR RA 39 63.87 -43.33 10.70
C THR RA 39 63.96 -44.54 11.61
N ALA RA 40 65.12 -44.79 12.22
CA ALA RA 40 65.28 -45.99 13.02
C ALA RA 40 64.38 -45.96 14.25
N TYR RA 41 64.33 -44.81 14.95
CA TYR RA 41 63.54 -44.73 16.17
C TYR RA 41 62.06 -44.91 15.88
N TRP RA 42 61.58 -44.29 14.81
CA TRP RA 42 60.15 -44.37 14.50
C TRP RA 42 59.76 -45.76 14.04
N ASP RA 43 60.64 -46.43 13.28
CA ASP RA 43 60.41 -47.83 12.95
C ASP RA 43 60.37 -48.69 14.21
N LYS RA 44 61.29 -48.45 15.15
CA LYS RA 44 61.31 -49.25 16.37
C LYS RA 44 60.03 -49.04 17.18
N ILE RA 45 59.58 -47.79 17.29
CA ILE RA 45 58.36 -47.49 18.04
C ILE RA 45 57.16 -48.14 17.38
N PHE RA 46 57.06 -48.03 16.04
CA PHE RA 46 55.95 -48.62 15.33
C PHE RA 46 55.95 -50.14 15.46
N ILE RA 47 57.13 -50.76 15.40
CA ILE RA 47 57.22 -52.22 15.52
C ILE RA 47 56.82 -52.66 16.92
N GLU RA 48 57.26 -51.93 17.95
CA GLU RA 48 56.88 -52.27 19.31
C GLU RA 48 55.38 -52.16 19.50
N CYS RA 49 54.77 -51.09 18.98
CA CYS RA 49 53.32 -50.95 19.09
C CYS RA 49 52.61 -52.06 18.33
N TYR RA 50 53.13 -52.43 17.17
CA TYR RA 50 52.57 -53.54 16.41
C TYR RA 50 52.63 -54.84 17.20
N ASP RA 51 53.75 -55.09 17.87
CA ASP RA 51 53.88 -56.31 18.65
C ASP RA 51 52.89 -56.34 19.81
N LYS RA 52 52.71 -55.22 20.50
CA LYS RA 52 51.74 -55.18 21.59
C LYS RA 52 50.32 -55.34 21.05
N LEU RA 53 50.02 -54.78 19.88
CA LEU RA 53 48.70 -54.98 19.29
C LEU RA 53 48.48 -56.44 18.92
N GLU RA 54 49.50 -57.10 18.39
CA GLU RA 54 49.40 -58.52 18.09
C GLU RA 54 49.14 -59.32 19.37
N ASP RA 55 49.81 -58.97 20.46
CA ASP RA 55 49.65 -59.69 21.72
C ASP RA 55 48.38 -59.30 22.47
N LEU RA 56 47.70 -58.24 22.05
CA LEU RA 56 46.52 -57.75 22.78
C LEU RA 56 45.43 -58.78 23.00
N PRO RA 57 45.02 -59.58 22.02
CA PRO RA 57 43.94 -60.55 22.29
C PRO RA 57 44.25 -61.52 23.41
N ARG RA 58 45.53 -61.86 23.60
CA ARG RA 58 45.90 -62.70 24.73
C ARG RA 58 45.65 -62.00 26.05
N GLN RA 59 45.71 -60.66 26.06
CA GLN RA 59 45.53 -59.91 27.28
C GLN RA 59 44.08 -59.88 27.76
N PHE RA 60 43.13 -60.31 26.93
CA PHE RA 60 41.75 -60.42 27.36
C PHE RA 60 41.38 -61.83 27.80
N ASP RA 61 42.36 -62.74 27.86
CA ASP RA 61 42.16 -64.06 28.44
C ASP RA 61 42.74 -64.05 29.85
N PRO RA 62 41.92 -64.18 30.90
CA PRO RA 62 42.46 -64.05 32.25
C PRO RA 62 43.56 -65.04 32.60
N LEU RA 63 43.55 -66.24 32.03
CA LEU RA 63 44.58 -67.22 32.40
C LEU RA 63 45.93 -66.86 31.80
N GLN RA 64 45.98 -66.49 30.52
CA GLN RA 64 47.25 -66.25 29.84
C GLN RA 64 47.73 -64.81 29.96
N CYS RA 65 46.95 -63.92 30.54
CA CYS RA 65 47.27 -62.50 30.48
C CYS RA 65 48.30 -62.12 31.54
N ASP RA 66 48.72 -60.86 31.49
CA ASP RA 66 49.62 -60.33 32.50
C ASP RA 66 48.86 -59.59 33.58
N GLU RA 67 49.50 -59.43 34.74
CA GLU RA 67 48.80 -58.99 35.94
C GLU RA 67 48.25 -57.57 35.82
N GLU RA 68 48.78 -56.74 34.93
CA GLU RA 68 48.29 -55.37 34.83
C GLU RA 68 46.87 -55.31 34.29
N TYR RA 69 46.43 -56.33 33.55
CA TYR RA 69 45.09 -56.31 32.97
C TYR RA 69 44.04 -56.98 33.83
N LEU RA 70 44.40 -57.58 34.96
CA LEU RA 70 43.40 -58.24 35.78
C LEU RA 70 42.41 -57.24 36.38
N ASP RA 71 42.92 -56.14 36.91
CA ASP RA 71 42.04 -55.10 37.43
C ASP RA 71 41.22 -54.47 36.33
N PHE RA 72 41.77 -54.41 35.11
CA PHE RA 72 41.01 -53.88 33.98
C PHE RA 72 39.88 -54.81 33.58
N LEU RA 73 40.12 -56.12 33.58
CA LEU RA 73 39.11 -57.09 33.20
C LEU RA 73 38.08 -57.35 34.29
N ALA RA 74 38.39 -57.04 35.55
CA ALA RA 74 37.45 -57.31 36.63
C ALA RA 74 36.09 -56.65 36.43
N PRO RA 75 35.97 -55.36 36.06
CA PRO RA 75 34.64 -54.82 35.79
C PRO RA 75 33.93 -55.50 34.63
N LEU RA 76 34.68 -56.03 33.66
CA LEU RA 76 34.07 -56.72 32.54
C LEU RA 76 33.41 -58.02 32.98
N CYS RA 77 33.93 -58.64 34.05
CA CYS RA 77 33.38 -59.88 34.54
C CYS RA 77 32.36 -59.68 35.66
N GLY RA 78 32.03 -58.43 36.00
CA GLY RA 78 31.06 -58.17 37.04
C GLY RA 78 31.62 -58.07 38.43
N TRP RA 79 32.93 -57.92 38.59
CA TRP RA 79 33.58 -57.87 39.89
C TRP RA 79 33.83 -56.43 40.29
N THR RA 80 33.49 -56.09 41.53
CA THR RA 80 33.56 -54.72 42.03
C THR RA 80 33.61 -54.54 43.54
N ALA RA 81 34.51 -53.66 43.99
CA ALA RA 81 34.99 -53.46 45.36
C ALA RA 81 34.39 -54.19 46.56
N PRO RA 82 33.10 -54.58 46.56
CA PRO RA 82 32.64 -55.40 47.69
C PRO RA 82 33.04 -56.83 47.38
N TYR RA 83 32.92 -57.25 46.12
CA TYR RA 83 33.33 -58.61 45.75
C TYR RA 83 34.81 -58.67 45.41
N TRP RA 84 35.29 -57.69 44.64
CA TRP RA 84 36.67 -57.65 44.19
C TRP RA 84 37.56 -57.07 45.27
N SER RA 85 38.87 -57.27 45.11
CA SER RA 85 39.84 -56.73 46.04
C SER RA 85 41.23 -56.73 45.44
N GLY RA 86 41.99 -55.66 45.66
CA GLY RA 86 43.37 -55.65 45.23
C GLY RA 86 44.25 -56.61 45.98
N ASP RA 87 43.92 -56.91 47.24
CA ASP RA 87 44.71 -57.83 48.05
C ASP RA 87 44.61 -59.27 47.55
N TYR RA 88 43.64 -59.58 46.69
CA TYR RA 88 43.51 -60.94 46.19
C TYR RA 88 44.77 -61.34 45.43
N PRO RA 89 45.31 -62.53 45.70
CA PRO RA 89 46.49 -62.99 44.95
C PRO RA 89 46.18 -63.12 43.47
N PRO RA 90 47.14 -62.79 42.60
CA PRO RA 90 46.85 -62.80 41.16
C PRO RA 90 46.40 -64.13 40.60
N GLU RA 91 46.88 -65.26 41.14
CA GLU RA 91 46.37 -66.55 40.69
C GLU RA 91 44.90 -66.70 41.03
N SER RA 92 44.50 -66.28 42.23
CA SER RA 92 43.09 -66.27 42.60
C SER RA 92 42.30 -65.34 41.69
N LYS RA 93 42.87 -64.19 41.34
CA LYS RA 93 42.21 -63.29 40.41
C LYS RA 93 41.98 -63.97 39.07
N ARG RA 94 42.98 -64.68 38.57
CA ARG RA 94 42.82 -65.39 37.29
C ARG RA 94 41.71 -66.43 37.37
N VAL RA 95 41.72 -67.23 38.44
CA VAL RA 95 40.70 -68.27 38.57
C VAL RA 95 39.31 -67.67 38.68
N LEU RA 96 39.18 -66.60 39.47
CA LEU RA 96 37.87 -65.99 39.67
C LEU RA 96 37.35 -65.34 38.39
N LEU RA 97 38.22 -64.66 37.64
CA LEU RA 97 37.78 -63.99 36.42
C LEU RA 97 37.46 -64.99 35.33
N ALA RA 98 38.23 -66.09 35.24
CA ALA RA 98 38.02 -67.04 34.16
C ALA RA 98 36.66 -67.70 34.23
N ASN RA 99 36.18 -67.97 35.45
CA ASN RA 99 34.94 -68.72 35.66
C ASN RA 99 33.82 -67.86 36.21
N SER RA 100 33.75 -66.59 35.81
CA SER RA 100 32.70 -65.72 36.33
C SER RA 100 31.37 -65.97 35.64
N TYR RA 101 31.36 -65.93 34.31
CA TYR RA 101 30.13 -66.14 33.56
C TYR RA 101 29.72 -67.60 33.48
N SER RA 102 30.68 -68.51 33.36
CA SER RA 102 30.37 -69.92 33.21
C SER RA 102 29.92 -70.57 34.49
N LEU RA 103 30.50 -70.21 35.62
CA LEU RA 103 30.13 -70.89 36.86
C LEU RA 103 29.61 -69.96 37.94
N ILE RA 104 30.27 -68.85 38.20
CA ILE RA 104 30.04 -68.12 39.45
C ILE RA 104 28.71 -67.39 39.42
N TRP RA 105 28.55 -66.44 38.50
CA TRP RA 105 27.32 -65.67 38.48
C TRP RA 105 26.14 -66.51 37.99
N ARG RA 106 26.40 -67.50 37.15
CA ARG RA 106 25.31 -68.32 36.63
C ARG RA 106 24.65 -69.13 37.74
N ASP RA 107 25.45 -69.69 38.67
CA ASP RA 107 24.94 -70.49 39.78
C ASP RA 107 25.24 -69.86 41.13
N LYS RA 108 25.20 -68.53 41.22
CA LYS RA 108 25.48 -67.89 42.49
C LYS RA 108 24.47 -68.32 43.54
N GLY RA 109 24.97 -68.69 44.71
CA GLY RA 109 24.18 -69.27 45.77
C GLY RA 109 24.28 -70.77 45.89
N SER RA 110 24.83 -71.44 44.87
CA SER RA 110 25.00 -72.88 44.92
C SER RA 110 26.19 -73.25 45.80
N LEU RA 111 26.16 -74.49 46.30
CA LEU RA 111 27.28 -75.00 47.10
C LEU RA 111 28.55 -75.09 46.27
N THR RA 112 28.42 -75.52 45.01
CA THR RA 112 29.58 -75.64 44.14
C THR RA 112 30.25 -74.29 43.95
N VAL RA 113 29.47 -73.22 43.75
CA VAL RA 113 30.04 -71.91 43.53
C VAL RA 113 30.76 -71.41 44.78
N LEU RA 114 30.15 -71.59 45.95
CA LEU RA 114 30.79 -71.15 47.18
C LEU RA 114 32.09 -71.90 47.42
N SER RA 115 32.08 -73.22 47.24
CA SER RA 115 33.29 -73.99 47.45
C SER RA 115 34.36 -73.64 46.42
N PHE RA 116 33.94 -73.38 45.18
CA PHE RA 116 34.89 -72.99 44.14
C PHE RA 116 35.55 -71.66 44.47
N VAL RA 117 34.76 -70.70 44.96
CA VAL RA 117 35.33 -69.41 45.34
C VAL RA 117 36.30 -69.58 46.49
N LEU RA 118 35.93 -70.39 47.49
CA LEU RA 118 36.81 -70.59 48.64
C LEU RA 118 38.10 -71.27 48.24
N ASN RA 119 38.03 -72.26 47.34
CA ASN RA 119 39.24 -72.94 46.91
C ASN RA 119 40.10 -72.05 46.03
N ALA RA 120 39.47 -71.16 45.25
CA ALA RA 120 40.23 -70.22 44.43
C ALA RA 120 41.10 -69.31 45.28
N LEU RA 121 40.69 -69.05 46.51
CA LEU RA 121 41.45 -68.23 47.44
C LEU RA 121 42.33 -69.07 48.37
N PHE RA 122 42.50 -70.35 48.08
CA PHE RA 122 43.36 -71.26 48.83
C PHE RA 122 42.92 -71.34 50.29
N ILE RA 123 41.65 -71.65 50.49
CA ILE RA 123 41.08 -71.84 51.81
C ILE RA 123 40.50 -73.25 51.84
N ASN RA 124 41.25 -74.19 52.41
CA ASN RA 124 40.75 -75.55 52.57
C ASN RA 124 39.58 -75.53 53.54
N HIS RA 125 38.50 -76.22 53.16
CA HIS RA 125 37.26 -76.09 53.90
C HIS RA 125 36.38 -77.30 53.63
N ARG RA 126 35.36 -77.46 54.47
CA ARG RA 126 34.33 -78.46 54.27
C ARG RA 126 32.97 -77.83 54.54
N ILE RA 127 32.04 -78.01 53.62
CA ILE RA 127 30.68 -77.51 53.79
C ILE RA 127 29.86 -78.62 54.41
N PHE RA 128 29.35 -78.39 55.61
CA PHE RA 128 28.68 -79.42 56.40
C PHE RA 128 27.28 -78.96 56.74
N VAL RA 129 26.28 -79.74 56.34
CA VAL RA 129 24.88 -79.47 56.68
C VAL RA 129 24.58 -80.18 57.99
N PRO RA 130 24.17 -79.47 59.03
CA PRO RA 130 23.86 -80.13 60.31
C PRO RA 130 22.75 -81.15 60.14
N GLY RA 131 22.88 -82.27 60.85
CA GLY RA 131 21.91 -83.34 60.75
C GLY RA 131 22.09 -84.34 61.86
N SER RA 132 21.05 -85.13 62.09
CA SER RA 132 21.06 -86.11 63.16
C SER RA 132 21.82 -87.39 62.80
N PHE RA 133 22.12 -87.60 61.52
CA PHE RA 133 22.84 -88.78 61.08
C PHE RA 133 24.06 -88.34 60.28
N ILE RA 134 25.25 -88.66 60.79
CA ILE RA 134 26.51 -88.39 60.11
C ILE RA 134 27.15 -89.72 59.78
N LEU RA 135 27.56 -89.89 58.52
CA LEU RA 135 28.03 -91.19 58.06
C LEU RA 135 29.28 -91.64 58.81
N GLY RA 136 30.04 -90.71 59.37
CA GLY RA 136 31.29 -91.09 60.02
C GLY RA 136 31.10 -91.98 61.24
N GLN RA 137 30.25 -91.54 62.17
CA GLN RA 137 30.17 -92.19 63.48
C GLN RA 137 28.77 -92.63 63.89
N SER RA 138 27.71 -92.13 63.26
CA SER RA 138 26.36 -92.46 63.71
C SER RA 138 26.09 -93.94 63.52
N GLN RA 139 25.40 -94.53 64.50
CA GLN RA 139 25.11 -95.95 64.53
C GLN RA 139 23.73 -96.22 63.96
N VAL RA 140 23.57 -97.34 63.25
CA VAL RA 140 22.38 -97.56 62.44
C VAL RA 140 21.18 -97.99 63.28
N SER RA 141 21.42 -98.49 64.50
CA SER RA 141 20.32 -99.11 65.24
C SER RA 141 19.38 -98.07 65.82
N GLU RA 142 19.91 -96.95 66.33
CA GLU RA 142 19.09 -95.98 67.04
C GLU RA 142 19.14 -94.56 66.49
N ASP RA 143 20.24 -94.14 65.86
CA ASP RA 143 20.32 -92.78 65.35
C ASP RA 143 19.31 -92.56 64.22
N THR RA 144 18.76 -91.35 64.16
CA THR RA 144 17.65 -91.03 63.28
C THR RA 144 18.10 -90.11 62.15
N LEU RA 145 17.36 -90.18 61.05
CA LEU RA 145 17.61 -89.30 59.91
C LEU RA 145 16.95 -87.95 60.12
N GLY RA 146 17.60 -86.90 59.65
CA GLY RA 146 17.06 -85.55 59.73
C GLY RA 146 17.97 -84.58 59.00
N ALA RA 147 17.51 -83.33 58.92
CA ALA RA 147 18.28 -82.28 58.29
C ALA RA 147 17.92 -80.96 58.97
N ALA RA 148 18.74 -79.94 58.73
CA ALA RA 148 18.58 -78.65 59.38
C ALA RA 148 17.65 -77.70 58.63
N GLY RA 149 17.60 -77.79 57.30
CA GLY RA 149 16.80 -76.86 56.52
C GLY RA 149 17.64 -75.82 55.83
N TRP RA 150 17.57 -74.57 56.31
CA TRP RA 150 18.34 -73.46 55.75
C TRP RA 150 19.66 -73.22 56.48
N GLU RA 151 20.27 -74.26 57.02
CA GLU RA 151 21.46 -74.09 57.83
C GLU RA 151 22.62 -74.90 57.27
N PHE RA 152 23.82 -74.34 57.40
CA PHE RA 152 25.05 -75.04 57.02
C PHE RA 152 26.20 -74.41 57.77
N GLU RA 153 27.35 -75.08 57.72
CA GLU RA 153 28.54 -74.63 58.42
C GLU RA 153 29.75 -74.81 57.52
N ILE RA 154 30.74 -73.96 57.71
CA ILE RA 154 32.01 -74.04 57.00
C ILE RA 154 33.06 -74.43 58.02
N LEU RA 155 33.61 -75.64 57.87
CA LEU RA 155 34.59 -76.16 58.80
C LEU RA 155 35.97 -76.02 58.19
N LEU RA 156 36.91 -75.49 58.97
CA LEU RA 156 38.25 -75.24 58.49
C LEU RA 156 39.24 -76.10 59.27
N PRO RA 157 40.36 -76.47 58.65
CA PRO RA 157 41.37 -77.24 59.36
C PRO RA 157 41.99 -76.42 60.48
N ARG RA 158 42.49 -77.14 61.49
CA ARG RA 158 43.12 -76.49 62.63
C ARG RA 158 44.40 -75.76 62.24
N ASP RA 159 44.93 -76.00 61.04
CA ASP RA 159 46.12 -75.29 60.58
C ASP RA 159 45.90 -73.78 60.61
N TYR RA 160 44.71 -73.32 60.25
CA TYR RA 160 44.40 -71.90 60.31
C TYR RA 160 44.15 -71.46 61.74
N ALA RA 161 44.45 -70.19 62.01
CA ALA RA 161 44.32 -69.64 63.35
C ALA RA 161 42.90 -69.13 63.60
N GLU RA 162 42.50 -69.16 64.87
CA GLU RA 162 41.17 -68.72 65.25
C GLU RA 162 41.00 -67.23 64.96
N ASN RA 163 39.95 -66.91 64.19
CA ASN RA 163 39.69 -65.55 63.70
C ASN RA 163 40.92 -64.92 63.07
N GLY RA 164 41.65 -65.70 62.29
CA GLY RA 164 42.80 -65.20 61.56
C GLY RA 164 42.41 -64.69 60.20
N TYR RA 165 43.37 -64.73 59.28
CA TYR RA 165 43.12 -64.31 57.90
C TYR RA 165 42.08 -65.21 57.24
N GLU RA 166 42.23 -66.53 57.40
CA GLU RA 166 41.36 -67.46 56.68
C GLU RA 166 39.94 -67.44 57.25
N PHE RA 167 39.80 -67.34 58.57
CA PHE RA 167 38.47 -67.32 59.17
C PHE RA 167 37.67 -66.11 58.67
N ARG RA 168 38.28 -64.93 58.73
CA ARG RA 168 37.53 -63.72 58.37
C ARG RA 168 37.38 -63.59 56.87
N LEU RA 169 38.34 -64.11 56.11
CA LEU RA 169 38.15 -64.20 54.67
C LEU RA 169 36.99 -65.12 54.32
N THR RA 170 36.87 -66.25 55.03
CA THR RA 170 35.74 -67.14 54.83
C THR RA 170 34.44 -66.45 55.20
N LEU RA 171 34.44 -65.68 56.30
CA LEU RA 171 33.24 -64.92 56.65
C LEU RA 171 32.84 -63.98 55.53
N LYS RA 172 33.80 -63.23 54.99
CA LYS RA 172 33.50 -62.29 53.92
C LYS RA 172 32.97 -63.01 52.68
N ILE RA 173 33.62 -64.11 52.29
CA ILE RA 173 33.20 -64.82 51.10
C ILE RA 173 31.81 -65.43 51.29
N ALA RA 174 31.54 -65.96 52.47
CA ALA RA 174 30.22 -66.51 52.75
C ALA RA 174 29.16 -65.43 52.71
N SER RA 175 29.45 -64.25 53.28
CA SER RA 175 28.49 -63.16 53.21
C SER RA 175 28.23 -62.75 51.77
N LEU RA 176 29.26 -62.82 50.92
CA LEU RA 176 29.09 -62.42 49.53
C LEU RA 176 28.41 -63.47 48.68
N PHE RA 177 28.54 -64.75 49.03
CA PHE RA 177 28.09 -65.82 48.13
C PHE RA 177 27.08 -66.78 48.74
N SER RA 178 27.04 -66.95 50.05
CA SER RA 178 26.00 -67.76 50.65
C SER RA 178 24.65 -67.04 50.54
N PRO RA 179 23.56 -67.79 50.35
CA PRO RA 179 22.24 -67.15 50.28
C PRO RA 179 21.93 -66.39 51.56
N LEU RA 180 21.27 -65.25 51.40
CA LEU RA 180 21.12 -64.31 52.51
C LEU RA 180 20.24 -64.87 53.62
N TRP RA 181 19.22 -65.64 53.26
CA TRP RA 181 18.29 -66.19 54.24
C TRP RA 181 18.84 -67.39 54.99
N CYS RA 182 19.97 -67.95 54.54
CA CYS RA 182 20.54 -69.13 55.18
C CYS RA 182 21.42 -68.75 56.35
N LYS RA 183 21.30 -69.51 57.43
CA LYS RA 183 22.10 -69.31 58.62
C LYS RA 183 23.36 -70.16 58.54
N TYR RA 184 24.51 -69.53 58.63
CA TYR RA 184 25.79 -70.21 58.50
C TYR RA 184 26.71 -69.83 59.65
N ARG RA 185 27.69 -70.69 59.91
CA ARG RA 185 28.65 -70.50 60.97
C ARG RA 185 29.98 -71.12 60.56
N VAL RA 186 31.06 -70.39 60.76
CA VAL RA 186 32.40 -70.89 60.47
C VAL RA 186 32.99 -71.48 61.74
N ARG RA 187 33.39 -72.74 61.67
CA ARG RA 187 33.79 -73.51 62.84
C ARG RA 187 35.05 -74.29 62.51
N TYR RA 188 35.63 -74.90 63.54
CA TYR RA 188 36.82 -75.73 63.39
C TYR RA 188 36.41 -77.16 63.06
N ASP RA 189 37.01 -77.72 62.02
CA ASP RA 189 36.71 -79.09 61.63
C ASP RA 189 37.23 -80.07 62.68
N ASN RA 190 36.33 -80.84 63.27
CA ASN RA 190 36.71 -81.84 64.26
C ASN RA 190 37.31 -83.08 63.63
N LEU RA 191 37.16 -83.27 62.33
CA LEU RA 191 37.76 -84.42 61.65
C LEU RA 191 39.08 -84.03 60.99
N LEU SA 5 30.49 -44.77 27.79
CA LEU SA 5 30.27 -43.75 26.77
C LEU SA 5 30.47 -44.33 25.38
N ASN SA 6 30.47 -43.46 24.37
CA ASN SA 6 30.65 -43.92 23.00
C ASN SA 6 32.07 -44.42 22.77
N ALA SA 7 32.18 -45.40 21.87
CA ALA SA 7 33.49 -45.97 21.57
C ALA SA 7 34.32 -44.97 20.79
N PRO SA 8 35.61 -44.80 21.12
CA PRO SA 8 36.46 -43.93 20.31
C PRO SA 8 36.71 -44.55 18.95
N GLN SA 9 37.01 -43.68 17.97
CA GLN SA 9 37.36 -44.16 16.64
C GLN SA 9 38.87 -44.32 16.55
N LEU SA 10 39.32 -45.50 16.14
CA LEU SA 10 40.75 -45.80 16.16
C LEU SA 10 41.45 -45.30 14.90
N VAL SA 11 40.75 -45.32 13.76
CA VAL SA 11 41.38 -44.89 12.52
C VAL SA 11 41.33 -43.37 12.42
N VAL SA 12 42.26 -42.81 11.65
CA VAL SA 12 42.25 -41.39 11.35
C VAL SA 12 41.33 -41.14 10.15
N ASP SA 13 40.49 -40.12 10.25
CA ASP SA 13 39.51 -39.86 9.20
C ASP SA 13 40.17 -39.52 7.87
N ASP SA 14 41.25 -38.73 7.91
CA ASP SA 14 41.92 -38.29 6.68
C ASP SA 14 43.42 -38.23 6.94
N TYR SA 15 44.18 -39.07 6.23
CA TYR SA 15 45.62 -39.13 6.44
C TYR SA 15 46.37 -38.09 5.62
N GLU SA 16 45.82 -37.66 4.49
CA GLU SA 16 46.42 -36.54 3.77
C GLU SA 16 46.35 -35.27 4.61
N GLN SA 17 45.25 -35.08 5.33
CA GLN SA 17 45.19 -34.00 6.31
C GLN SA 17 46.28 -34.15 7.36
N LEU SA 18 46.57 -35.39 7.76
CA LEU SA 18 47.65 -35.62 8.73
C LEU SA 18 49.00 -35.18 8.17
N ILE SA 19 49.26 -35.50 6.90
CA ILE SA 19 50.52 -35.08 6.28
C ILE SA 19 50.60 -33.56 6.23
N ILE SA 20 49.51 -32.91 5.81
CA ILE SA 20 49.48 -31.47 5.72
C ILE SA 20 49.70 -30.83 7.09
N ASP SA 21 49.03 -31.37 8.12
CA ASP SA 21 49.19 -30.83 9.47
C ASP SA 21 50.60 -31.02 9.98
N SER SA 22 51.24 -32.14 9.65
CA SER SA 22 52.63 -32.35 10.05
C SER SA 22 53.55 -31.36 9.35
N LEU SA 23 53.13 -30.87 8.18
CA LEU SA 23 53.94 -29.91 7.43
C LEU SA 23 53.68 -28.50 7.92
N VAL SA 24 52.48 -28.25 8.44
CA VAL SA 24 52.24 -26.93 9.02
C VAL SA 24 53.02 -26.95 10.33
N HIS SA 25 53.15 -28.12 10.94
CA HIS SA 25 53.95 -28.22 12.14
C HIS SA 25 55.43 -28.03 11.87
N THR SA 26 55.92 -28.46 10.71
CA THR SA 26 57.31 -28.20 10.37
C THR SA 26 57.56 -26.71 10.31
N ASN SA 27 56.55 -25.94 9.90
CA ASN SA 27 56.67 -24.50 9.87
C ASN SA 27 56.55 -23.94 11.27
N VAL SA 28 55.64 -24.47 12.08
CA VAL SA 28 55.42 -23.88 13.40
C VAL SA 28 56.65 -24.07 14.28
N VAL SA 29 57.22 -25.27 14.28
CA VAL SA 29 58.36 -25.59 15.14
C VAL SA 29 59.56 -24.74 14.76
N SER SA 30 59.84 -24.58 13.48
CA SER SA 30 61.00 -23.84 13.01
C SER SA 30 60.79 -22.33 13.02
N ASN SA 31 59.65 -21.85 13.51
CA ASN SA 31 59.32 -20.43 13.53
C ASN SA 31 59.34 -19.84 12.12
N GLY SA 32 58.47 -20.35 11.26
CA GLY SA 32 58.27 -19.80 9.94
C GLY SA 32 59.47 -19.88 9.00
N GLU SA 33 60.31 -20.91 9.16
CA GLU SA 33 61.47 -21.07 8.30
C GLU SA 33 61.33 -22.23 7.33
N PHE SA 34 60.45 -23.18 7.59
CA PHE SA 34 60.24 -24.34 6.76
C PHE SA 34 58.89 -24.17 6.07
N THR SA 35 58.92 -23.72 4.82
CA THR SA 35 57.69 -23.33 4.13
C THR SA 35 57.45 -24.12 2.84
N ASP SA 36 58.07 -25.28 2.68
CA ASP SA 36 57.90 -26.06 1.45
C ASP SA 36 57.05 -27.28 1.78
N LEU SA 37 55.92 -27.42 1.10
CA LEU SA 37 54.95 -28.47 1.39
C LEU SA 37 54.79 -29.47 0.26
N ASP SA 38 55.42 -29.25 -0.89
CA ASP SA 38 55.26 -30.13 -2.03
C ASP SA 38 56.14 -31.37 -1.90
N ALA SA 39 55.89 -32.35 -2.78
CA ALA SA 39 56.61 -33.61 -2.70
C ALA SA 39 58.10 -33.45 -2.99
N SER SA 40 58.46 -32.40 -3.72
CA SER SA 40 59.87 -32.12 -3.97
C SER SA 40 60.61 -31.66 -2.72
N GLY SA 41 59.90 -31.26 -1.68
CA GLY SA 41 60.55 -30.81 -0.47
C GLY SA 41 61.20 -31.95 0.28
N PHE SA 42 62.03 -31.59 1.26
CA PHE SA 42 62.79 -32.59 1.99
C PHE SA 42 61.88 -33.46 2.84
N MET SA 43 60.99 -32.85 3.62
CA MET SA 43 60.33 -33.60 4.67
C MET SA 43 59.04 -34.26 4.21
N ARG SA 44 58.52 -33.89 3.05
CA ARG SA 44 57.26 -34.48 2.58
C ARG SA 44 57.35 -35.98 2.37
N PRO SA 45 58.40 -36.55 1.75
CA PRO SA 45 58.49 -38.01 1.68
C PRO SA 45 58.49 -38.68 3.04
N PHE SA 46 59.21 -38.12 4.01
CA PHE SA 46 59.24 -38.71 5.34
C PHE SA 46 57.87 -38.67 6.00
N ALA SA 47 57.19 -37.52 5.92
CA ALA SA 47 55.88 -37.39 6.53
C ALA SA 47 54.87 -38.31 5.87
N GLY SA 48 54.91 -38.41 4.54
CA GLY SA 48 53.99 -39.29 3.84
C GLY SA 48 54.24 -40.75 4.16
N THR SA 49 55.52 -41.15 4.23
CA THR SA 49 55.84 -42.53 4.58
C THR SA 49 55.36 -42.86 5.98
N MET SA 50 55.61 -41.98 6.95
CA MET SA 50 55.10 -42.26 8.28
C MET SA 50 53.59 -42.26 8.32
N ALA SA 51 52.93 -41.39 7.56
CA ALA SA 51 51.48 -41.39 7.56
C ALA SA 51 50.94 -42.71 7.02
N TYR SA 52 51.53 -43.23 5.95
CA TYR SA 52 51.09 -44.52 5.41
C TYR SA 52 51.33 -45.64 6.41
N ALA SA 53 52.52 -45.68 7.01
CA ALA SA 53 52.81 -46.71 7.99
C ALA SA 53 51.88 -46.61 9.19
N GLY SA 54 51.56 -45.39 9.61
CA GLY SA 54 50.62 -45.19 10.69
C GLY SA 54 49.21 -45.60 10.33
N SER SA 55 48.81 -45.40 9.07
CA SER SA 55 47.50 -45.88 8.64
C SER SA 55 47.42 -47.39 8.73
N GLU SA 56 48.48 -48.08 8.29
CA GLU SA 56 48.52 -49.53 8.44
C GLU SA 56 48.47 -49.93 9.91
N LEU SA 57 49.23 -49.22 10.75
CA LEU SA 57 49.26 -49.53 12.17
C LEU SA 57 47.89 -49.33 12.83
N LEU SA 58 47.19 -48.27 12.45
CA LEU SA 58 45.88 -48.02 13.03
C LEU SA 58 44.83 -49.00 12.52
N TYR SA 59 44.93 -49.41 11.26
CA TYR SA 59 44.07 -50.49 10.79
C TYR SA 59 44.31 -51.76 11.59
N LYS SA 60 45.57 -52.09 11.84
CA LYS SA 60 45.87 -53.24 12.70
C LYS SA 60 45.38 -53.03 14.12
N ALA SA 61 45.43 -51.80 14.64
CA ALA SA 61 44.91 -51.54 15.97
C ALA SA 61 43.40 -51.75 16.05
N ASN SA 62 42.69 -51.32 15.01
CA ASN SA 62 41.26 -51.59 14.93
C ASN SA 62 40.98 -53.09 14.91
N LEU SA 63 41.73 -53.81 14.08
CA LEU SA 63 41.60 -55.27 14.04
C LEU SA 63 41.92 -55.89 15.39
N ALA SA 64 42.90 -55.35 16.09
CA ALA SA 64 43.32 -55.91 17.37
C ALA SA 64 42.28 -55.67 18.44
N SER SA 65 41.65 -54.50 18.44
CA SER SA 65 40.57 -54.26 19.38
C SER SA 65 39.38 -55.18 19.11
N ILE SA 66 39.04 -55.37 17.83
CA ILE SA 66 37.96 -56.30 17.51
C ILE SA 66 38.31 -57.71 17.97
N ALA SA 67 39.55 -58.14 17.70
CA ALA SA 67 39.97 -59.48 18.09
C ALA SA 67 40.02 -59.63 19.60
N ALA SA 68 40.38 -58.56 20.31
CA ALA SA 68 40.37 -58.60 21.77
C ALA SA 68 38.95 -58.78 22.30
N ALA SA 69 38.00 -58.07 21.71
CA ALA SA 69 36.60 -58.27 22.09
C ALA SA 69 36.15 -59.70 21.83
N LYS SA 70 36.52 -60.24 20.66
CA LYS SA 70 36.12 -61.60 20.34
C LYS SA 70 36.78 -62.62 21.27
N SER SA 71 38.02 -62.36 21.67
CA SER SA 71 38.70 -63.28 22.59
C SER SA 71 38.09 -63.19 23.98
N PHE SA 72 37.67 -62.00 24.39
CA PHE SA 72 36.91 -61.88 25.64
C PHE SA 72 35.63 -62.68 25.56
N PHE SA 73 34.94 -62.63 24.42
CA PHE SA 73 33.73 -63.42 24.25
C PHE SA 73 34.04 -64.91 24.33
N LYS SA 74 35.13 -65.34 23.69
CA LYS SA 74 35.41 -66.77 23.60
C LYS SA 74 35.89 -67.33 24.93
N ASN SA 75 36.79 -66.63 25.60
CA ASN SA 75 37.39 -67.16 26.82
C ASN SA 75 36.53 -66.87 28.04
N VAL SA 76 36.21 -65.59 28.27
CA VAL SA 76 35.46 -65.22 29.47
C VAL SA 76 33.99 -65.59 29.31
N LEU SA 77 33.34 -65.06 28.27
CA LEU SA 77 31.91 -65.32 28.09
C LEU SA 77 31.66 -66.78 27.72
N GLY SA 78 32.62 -67.40 27.04
CA GLY SA 78 32.50 -68.79 26.69
C GLY SA 78 31.82 -69.09 25.37
N VAL SA 79 31.58 -68.07 24.54
CA VAL SA 79 30.96 -68.30 23.23
C VAL SA 79 32.03 -68.15 22.15
N PRO SA 80 32.29 -69.19 21.37
CA PRO SA 80 33.22 -69.05 20.24
C PRO SA 80 32.61 -68.20 19.14
N GLU SA 81 33.47 -67.52 18.39
CA GLU SA 81 33.03 -66.79 17.22
C GLU SA 81 33.02 -67.71 16.01
N ASP SA 82 31.87 -67.82 15.36
CA ASP SA 82 31.70 -68.75 14.25
C ASP SA 82 32.10 -68.06 12.96
N THR SA 83 33.30 -68.37 12.47
CA THR SA 83 33.76 -67.89 11.18
C THR SA 83 33.60 -68.95 10.09
N GLY SA 84 32.75 -69.95 10.34
CA GLY SA 84 32.55 -71.04 9.41
C GLY SA 84 32.83 -72.38 10.04
N THR SA 85 31.83 -73.26 10.05
CA THR SA 85 31.98 -74.61 10.55
C THR SA 85 31.93 -75.59 9.38
N LYS SA 86 32.85 -76.54 9.37
CA LYS SA 86 32.84 -77.58 8.36
C LYS SA 86 31.83 -78.65 8.76
N ALA SA 87 30.88 -78.94 7.88
CA ALA SA 87 29.82 -79.87 8.19
C ALA SA 87 30.39 -81.26 8.45
N THR SA 88 29.76 -81.98 9.39
CA THR SA 88 30.18 -83.31 9.76
C THR SA 88 29.03 -84.29 9.58
N THR SA 89 29.38 -85.53 9.27
CA THR SA 89 28.39 -86.59 9.10
C THR SA 89 28.94 -87.87 9.73
N THR SA 90 28.10 -88.90 9.75
CA THR SA 90 28.46 -90.19 10.32
C THR SA 90 28.50 -91.21 9.18
N LEU SA 91 29.70 -91.51 8.69
CA LEU SA 91 29.86 -92.51 7.65
C LEU SA 91 29.78 -93.91 8.25
N GLN SA 92 29.19 -94.82 7.49
CA GLN SA 92 29.18 -96.24 7.80
C GLN SA 92 29.86 -96.99 6.67
N PHE SA 93 30.82 -97.83 7.03
CA PHE SA 93 31.53 -98.69 6.10
C PHE SA 93 31.06 -100.12 6.30
N GLY SA 94 30.56 -100.73 5.23
CA GLY SA 94 30.07 -102.10 5.27
C GLY SA 94 30.98 -103.01 4.47
N LEU SA 95 31.53 -104.00 5.15
CA LEU SA 95 32.45 -104.96 4.56
C LEU SA 95 31.70 -106.07 3.82
N SER SA 96 32.42 -106.71 2.91
CA SER SA 96 31.83 -107.80 2.12
C SER SA 96 32.12 -109.17 2.69
N ALA SA 97 32.87 -109.26 3.78
CA ALA SA 97 33.18 -110.54 4.41
C ALA SA 97 33.51 -110.31 5.87
N SER SA 98 33.48 -111.39 6.65
CA SER SA 98 33.77 -111.35 8.08
C SER SA 98 35.24 -111.69 8.26
N LEU SA 99 36.08 -110.65 8.30
CA LEU SA 99 37.51 -110.85 8.36
C LEU SA 99 37.93 -111.44 9.71
N SER SA 100 38.90 -112.35 9.67
CA SER SA 100 39.43 -112.95 10.88
C SER SA 100 40.29 -111.98 11.68
N THR SA 101 40.72 -110.88 11.06
CA THR SA 101 41.52 -109.87 11.74
C THR SA 101 40.80 -108.53 11.68
N ASP SA 102 41.39 -107.50 12.27
CA ASP SA 102 40.76 -106.18 12.31
C ASP SA 102 40.96 -105.44 11.00
N PHE SA 103 39.90 -104.81 10.52
CA PHE SA 103 39.95 -104.02 9.28
C PHE SA 103 40.25 -102.58 9.66
N ILE SA 104 41.32 -102.04 9.12
CA ILE SA 104 41.78 -100.70 9.48
C ILE SA 104 41.54 -99.77 8.29
N VAL SA 105 40.66 -98.80 8.47
CA VAL SA 105 40.47 -97.71 7.52
C VAL SA 105 41.27 -96.52 8.01
N PRO SA 106 42.33 -96.11 7.31
CA PRO SA 106 43.21 -95.07 7.83
C PRO SA 106 42.52 -93.72 7.87
N ILE SA 107 43.11 -92.80 8.64
CA ILE SA 107 42.55 -91.47 8.78
C ILE SA 107 42.53 -90.76 7.42
N ASN SA 108 41.70 -89.72 7.33
CA ASN SA 108 41.58 -88.89 6.15
C ASN SA 108 41.24 -89.71 4.91
N PHE SA 109 40.30 -90.65 5.07
CA PHE SA 109 39.78 -91.40 3.94
C PHE SA 109 38.75 -90.53 3.22
N GLN SA 110 38.92 -90.36 1.91
CA GLN SA 110 38.09 -89.42 1.16
C GLN SA 110 36.91 -90.13 0.51
N VAL SA 111 35.72 -89.62 0.77
CA VAL SA 111 34.50 -90.04 0.09
C VAL SA 111 33.84 -88.81 -0.49
N SER SA 112 32.97 -89.02 -1.49
CA SER SA 112 32.39 -87.91 -2.21
C SER SA 112 30.97 -88.29 -2.64
N ASP SA 113 30.23 -87.29 -3.09
CA ASP SA 113 28.92 -87.52 -3.65
C ASP SA 113 29.06 -87.91 -5.11
N LEU SA 114 27.92 -88.12 -5.78
CA LEU SA 114 27.96 -88.58 -7.18
C LEU SA 114 28.60 -87.53 -8.08
N SER SA 115 28.23 -86.26 -7.89
CA SER SA 115 28.79 -85.20 -8.74
C SER SA 115 30.28 -85.00 -8.50
N GLY SA 116 30.81 -85.41 -7.36
CA GLY SA 116 32.20 -85.21 -7.04
C GLY SA 116 32.55 -83.84 -6.50
N THR SA 117 31.55 -82.96 -6.36
CA THR SA 117 31.82 -81.61 -5.88
C THR SA 117 32.09 -81.61 -4.37
N LEU SA 118 31.35 -82.42 -3.62
CA LEU SA 118 31.45 -82.43 -2.17
C LEU SA 118 32.35 -83.59 -1.75
N ARG SA 119 33.31 -83.31 -0.87
CA ARG SA 119 34.28 -84.31 -0.45
C ARG SA 119 34.40 -84.29 1.07
N PHE SA 120 34.15 -85.43 1.70
CA PHE SA 120 34.30 -85.59 3.13
C PHE SA 120 35.48 -86.49 3.43
N TYR SA 121 36.08 -86.28 4.60
CA TYR SA 121 37.25 -87.03 5.05
C TYR SA 121 37.00 -87.53 6.46
N THR SA 122 37.32 -88.81 6.69
CA THR SA 122 37.16 -89.37 8.02
C THR SA 122 38.10 -88.70 9.01
N ILE SA 123 37.56 -88.34 10.18
CA ILE SA 123 38.33 -87.58 11.15
C ILE SA 123 39.26 -88.49 11.95
N GLY SA 124 39.00 -89.79 11.94
CA GLY SA 124 39.82 -90.71 12.70
C GLY SA 124 40.14 -92.00 11.95
N ASN SA 125 40.73 -92.95 12.64
CA ASN SA 125 41.00 -94.28 12.11
C ASN SA 125 39.84 -95.19 12.46
N LEU SA 126 39.28 -95.87 11.47
CA LEU SA 126 38.19 -96.80 11.72
C LEU SA 126 38.79 -98.18 11.95
N VAL SA 127 38.42 -98.81 13.06
CA VAL SA 127 38.91 -100.14 13.41
C VAL SA 127 37.67 -101.03 13.48
N ILE SA 128 37.36 -101.72 12.39
CA ILE SA 128 36.27 -102.68 12.40
C ILE SA 128 36.80 -103.96 13.01
N PRO SA 129 36.29 -104.41 14.15
CA PRO SA 129 36.86 -105.59 14.81
C PRO SA 129 36.59 -106.86 14.01
N ALA SA 130 37.39 -107.87 14.31
CA ALA SA 130 37.26 -109.15 13.62
C ALA SA 130 35.87 -109.73 13.87
N GLY SA 131 35.25 -110.22 12.80
CA GLY SA 131 33.90 -110.74 12.89
C GLY SA 131 32.80 -109.69 12.78
N ALA SA 132 33.15 -108.42 12.62
CA ALA SA 132 32.18 -107.35 12.47
C ALA SA 132 32.08 -106.99 10.99
N THR SA 133 30.86 -106.89 10.49
CA THR SA 133 30.63 -106.65 9.07
C THR SA 133 30.41 -105.18 8.73
N PHE SA 134 30.41 -104.29 9.71
CA PHE SA 134 30.25 -102.87 9.43
C PHE SA 134 30.75 -102.06 10.61
N GLY SA 135 31.06 -100.79 10.35
CA GLY SA 135 31.54 -99.90 11.39
C GLY SA 135 31.30 -98.46 11.00
N THR SA 136 31.03 -97.63 12.00
CA THR SA 136 30.71 -96.23 11.80
C THR SA 136 31.82 -95.34 12.34
N ILE SA 137 32.06 -94.23 11.63
CA ILE SA 137 33.03 -93.23 12.07
C ILE SA 137 32.56 -91.88 11.55
N GLU SA 138 32.96 -90.82 12.23
CA GLU SA 138 32.54 -89.48 11.83
C GLU SA 138 33.51 -88.90 10.80
N ALA SA 139 32.95 -88.16 9.85
CA ALA SA 139 33.71 -87.50 8.80
C ALA SA 139 33.37 -86.03 8.76
N ILE SA 140 34.32 -85.24 8.28
CA ILE SA 140 34.19 -83.78 8.23
C ILE SA 140 34.32 -83.33 6.78
N ALA SA 141 33.66 -82.22 6.46
CA ALA SA 141 33.67 -81.71 5.10
C ALA SA 141 35.03 -81.13 4.74
N GLU SA 142 35.25 -80.95 3.44
CA GLU SA 142 36.49 -80.36 2.98
C GLU SA 142 36.54 -78.85 3.16
N ASP SA 143 35.39 -78.19 3.22
CA ASP SA 143 35.36 -76.74 3.31
C ASP SA 143 34.14 -76.31 4.13
N ILE SA 144 34.19 -75.06 4.58
CA ILE SA 144 33.07 -74.48 5.32
C ILE SA 144 31.96 -74.10 4.35
N GLY SA 145 30.77 -73.88 4.90
CA GLY SA 145 29.65 -73.45 4.08
C GLY SA 145 28.44 -74.35 4.23
N GLU SA 146 27.26 -73.81 3.93
CA GLU SA 146 26.03 -74.59 4.02
C GLU SA 146 25.87 -75.59 2.90
N LYS SA 147 26.65 -75.46 1.82
CA LYS SA 147 26.48 -76.34 0.67
C LYS SA 147 26.90 -77.78 0.96
N TYR SA 148 27.58 -78.04 2.07
CA TYR SA 148 27.94 -79.40 2.43
C TYR SA 148 26.87 -80.10 3.25
N ASN SA 149 25.81 -79.40 3.64
CA ASN SA 149 24.74 -80.00 4.44
C ASN SA 149 23.79 -80.73 3.50
N VAL SA 150 24.03 -82.03 3.32
CA VAL SA 150 23.22 -82.85 2.43
C VAL SA 150 22.45 -83.87 3.26
N SER SA 151 21.47 -84.50 2.62
CA SER SA 151 20.68 -85.52 3.27
C SER SA 151 21.48 -86.82 3.36
N ALA SA 152 20.91 -87.81 4.02
CA ALA SA 152 21.59 -89.10 4.16
C ALA SA 152 21.65 -89.83 2.83
N ASN SA 153 22.57 -90.80 2.74
CA ASN SA 153 22.74 -91.61 1.53
C ASN SA 153 23.05 -90.82 0.27
N PHE SA 154 23.96 -89.88 0.39
CA PHE SA 154 24.39 -89.13 -0.80
C PHE SA 154 25.89 -89.09 -0.91
N ILE SA 155 26.58 -89.08 0.23
CA ILE SA 155 28.04 -89.13 0.20
C ILE SA 155 28.44 -90.60 0.26
N ASP SA 156 28.45 -91.26 -0.89
CA ASP SA 156 28.78 -92.68 -0.95
C ASP SA 156 29.89 -93.01 -1.95
N GLN SA 157 30.32 -92.10 -2.79
CA GLN SA 157 31.35 -92.41 -3.78
C GLN SA 157 32.72 -92.30 -3.15
N TYR SA 158 33.52 -93.37 -3.26
CA TYR SA 158 34.90 -93.35 -2.82
C TYR SA 158 35.78 -93.77 -3.98
N SER SA 159 36.79 -92.96 -4.26
CA SER SA 159 37.67 -93.20 -5.40
C SER SA 159 38.67 -94.32 -5.17
N THR SA 160 39.12 -94.51 -3.93
CA THR SA 160 40.15 -95.50 -3.67
C THR SA 160 39.54 -96.76 -3.07
N PRO SA 161 39.44 -97.83 -3.84
CA PRO SA 161 38.82 -99.05 -3.31
C PRO SA 161 39.70 -99.71 -2.25
N LEU SA 162 39.05 -100.36 -1.30
CA LEU SA 162 39.70 -101.22 -0.33
C LEU SA 162 39.17 -102.64 -0.49
N THR SA 163 40.06 -103.61 -0.35
CA THR SA 163 39.65 -105.01 -0.43
C THR SA 163 38.69 -105.33 0.70
N TYR SA 164 37.67 -106.13 0.40
CA TYR SA 164 36.62 -106.60 1.29
C TYR SA 164 35.64 -105.49 1.66
N LEU SA 165 35.86 -104.26 1.20
CA LEU SA 165 34.96 -103.16 1.49
C LEU SA 165 33.84 -103.16 0.46
N GLN SA 166 32.60 -103.39 0.92
CA GLN SA 166 31.47 -103.47 0.02
C GLN SA 166 30.85 -102.10 -0.25
N TYR SA 167 30.58 -101.33 0.79
CA TYR SA 167 29.92 -100.03 0.59
C TYR SA 167 30.41 -99.03 1.62
N VAL SA 168 30.28 -97.75 1.25
CA VAL SA 168 30.49 -96.63 2.17
C VAL SA 168 29.32 -95.67 1.99
N THR SA 169 28.71 -95.26 3.10
CA THR SA 169 27.56 -94.35 3.00
C THR SA 169 27.58 -93.41 4.19
N ASN SA 170 26.66 -92.46 4.20
CA ASN SA 170 26.44 -91.60 5.36
C ASN SA 170 25.03 -91.85 5.88
N ILE SA 171 24.93 -92.55 7.01
CA ILE SA 171 23.63 -92.84 7.59
C ILE SA 171 22.94 -91.56 8.06
N ARG SA 172 23.69 -90.66 8.56
CA ARG SA 172 23.18 -89.39 9.04
C ARG SA 172 23.30 -88.32 7.96
N PRO SA 173 22.39 -87.36 7.93
CA PRO SA 173 22.58 -86.20 7.05
C PRO SA 173 23.65 -85.28 7.60
N ALA SA 174 24.51 -84.80 6.70
CA ALA SA 174 25.55 -83.86 7.12
C ALA SA 174 24.91 -82.56 7.60
N THR SA 175 25.36 -82.08 8.75
CA THR SA 175 24.76 -80.91 9.38
C THR SA 175 25.86 -80.02 9.95
N ASN SA 176 25.44 -78.91 10.54
CA ASN SA 176 26.32 -77.96 11.21
C ASN SA 176 27.30 -77.28 10.26
N GLY SA 177 26.93 -77.19 8.98
CA GLY SA 177 27.77 -76.51 8.02
C GLY SA 177 27.34 -75.07 7.81
N ARG SA 178 28.16 -74.13 8.26
CA ARG SA 178 27.84 -72.71 8.16
C ARG SA 178 29.02 -71.97 7.56
N SER SA 179 28.73 -70.90 6.84
CA SER SA 179 29.76 -70.11 6.17
C SER SA 179 30.28 -68.96 7.03
N GLY SA 180 29.67 -68.70 8.17
CA GLY SA 180 30.08 -67.59 9.01
C GLY SA 180 28.98 -67.20 9.96
N GLU SA 181 29.12 -65.98 10.48
CA GLU SA 181 28.16 -65.45 11.43
C GLU SA 181 28.21 -63.93 11.42
N THR SA 182 27.05 -63.30 11.35
CA THR SA 182 26.99 -61.85 11.45
C THR SA 182 27.25 -61.41 12.88
N ILE SA 183 27.57 -60.12 13.04
CA ILE SA 183 27.89 -59.61 14.37
C ILE SA 183 26.67 -59.63 15.27
N ASP SA 184 25.47 -59.41 14.73
CA ASP SA 184 24.27 -59.37 15.55
C ASP SA 184 24.00 -60.73 16.19
N ASN SA 185 24.19 -61.81 15.43
CA ASN SA 185 24.00 -63.15 15.99
C ASN SA 185 25.00 -63.42 17.11
N LEU SA 186 26.26 -63.03 16.92
CA LEU SA 186 27.25 -63.21 17.96
C LEU SA 186 26.89 -62.40 19.21
N ILE SA 187 26.37 -61.19 19.00
CA ILE SA 187 26.01 -60.34 20.14
C ILE SA 187 24.84 -60.95 20.92
N GLU SA 188 23.82 -61.44 20.20
CA GLU SA 188 22.70 -62.07 20.91
C GLU SA 188 23.15 -63.34 21.61
N ARG SA 189 24.09 -64.07 21.02
CA ARG SA 189 24.61 -65.27 21.67
C ARG SA 189 25.41 -64.92 22.92
N CYS SA 190 26.15 -63.82 22.89
CA CYS SA 190 26.84 -63.35 24.10
C CYS SA 190 25.84 -62.93 25.16
N ALA SA 191 24.79 -62.21 24.77
CA ALA SA 191 23.82 -61.72 25.74
C ALA SA 191 23.00 -62.85 26.34
N GLN SA 192 22.80 -63.95 25.59
CA GLN SA 192 22.09 -65.09 26.14
C GLN SA 192 22.83 -65.71 27.32
N ILE SA 193 24.15 -65.58 27.36
CA ILE SA 193 24.93 -66.14 28.45
C ILE SA 193 24.66 -65.38 29.74
N ILE SA 194 24.57 -64.04 29.65
CA ILE SA 194 24.33 -63.23 30.84
C ILE SA 194 22.95 -63.50 31.41
N ARG SA 195 22.01 -63.93 30.56
CA ARG SA 195 20.63 -64.11 30.99
C ARG SA 195 20.39 -65.43 31.72
N ILE SA 196 21.34 -66.36 31.73
CA ILE SA 196 21.10 -67.65 32.35
C ILE SA 196 20.85 -67.46 33.84
N ARG SA 197 19.79 -68.09 34.33
CA ARG SA 197 19.31 -67.88 35.69
C ARG SA 197 18.79 -69.19 36.26
N ASN SA 198 19.04 -69.42 37.55
CA ASN SA 198 18.53 -70.62 38.20
C ASN SA 198 17.10 -70.38 38.66
N PRO SA 199 16.25 -71.41 38.66
CA PRO SA 199 14.88 -71.23 39.15
C PRO SA 199 14.87 -70.95 40.65
N VAL SA 200 14.08 -69.98 41.06
CA VAL SA 200 14.08 -69.54 42.45
C VAL SA 200 12.66 -69.53 43.01
N SER SA 201 11.67 -69.44 42.13
CA SER SA 201 10.28 -69.40 42.56
C SER SA 201 9.56 -70.69 42.18
N ALA SA 202 8.26 -70.72 42.45
CA ALA SA 202 7.48 -71.90 42.10
C ALA SA 202 7.29 -72.01 40.60
N LEU SA 203 6.97 -70.90 39.94
CA LEU SA 203 6.62 -70.94 38.53
C LEU SA 203 7.79 -71.38 37.67
N ASP SA 204 8.97 -70.79 37.87
CA ASP SA 204 10.12 -71.17 37.06
C ASP SA 204 10.63 -72.56 37.42
N PHE SA 205 10.48 -72.99 38.68
CA PHE SA 205 10.77 -74.37 39.02
C PHE SA 205 9.89 -75.34 38.23
N GLU SA 206 8.59 -75.06 38.17
CA GLU SA 206 7.69 -75.91 37.40
C GLU SA 206 8.01 -75.86 35.92
N GLN SA 207 8.36 -74.69 35.40
CA GLN SA 207 8.69 -74.60 33.98
C GLN SA 207 9.95 -75.40 33.65
N LEU SA 208 10.97 -75.31 34.50
CA LEU SA 208 12.16 -76.11 34.30
C LEU SA 208 11.83 -77.60 34.34
N ALA SA 209 11.00 -78.02 35.30
CA ALA SA 209 10.61 -79.43 35.36
C ALA SA 209 9.85 -79.87 34.11
N GLU SA 210 8.91 -79.05 33.65
CA GLU SA 210 8.06 -79.45 32.53
C GLU SA 210 8.85 -79.47 31.22
N LEU SA 211 9.83 -78.57 31.09
CA LEU SA 211 10.66 -78.59 29.89
C LEU SA 211 11.42 -79.89 29.76
N THR SA 212 11.75 -80.53 30.88
CA THR SA 212 12.47 -81.80 30.83
C THR SA 212 11.58 -82.93 30.34
N MET SA 213 10.35 -83.01 30.85
CA MET SA 213 9.44 -84.09 30.50
C MET SA 213 8.61 -83.81 29.26
N GLY SA 214 9.07 -82.91 28.39
CA GLY SA 214 8.39 -82.69 27.13
C GLY SA 214 7.10 -81.91 27.29
N GLU SA 215 6.29 -81.93 26.22
CA GLU SA 215 5.04 -81.18 26.18
C GLU SA 215 3.87 -82.05 26.61
N GLY SA 216 2.87 -81.40 27.19
CA GLY SA 216 1.70 -82.09 27.70
C GLY SA 216 1.84 -82.57 29.12
N SER SA 217 2.98 -82.37 29.75
CA SER SA 217 3.23 -82.77 31.13
C SER SA 217 3.07 -81.55 32.02
N ARG SA 218 2.91 -81.78 33.32
CA ARG SA 218 2.72 -80.65 34.23
C ARG SA 218 3.51 -80.87 35.52
N CYS SA 219 3.75 -79.77 36.22
CA CYS SA 219 4.43 -79.81 37.51
C CYS SA 219 3.77 -78.82 38.46
N LYS SA 220 3.98 -79.06 39.74
CA LYS SA 220 3.50 -78.18 40.80
C LYS SA 220 4.56 -78.12 41.89
N ALA SA 221 4.98 -76.90 42.24
CA ALA SA 221 5.99 -76.71 43.26
C ALA SA 221 5.34 -76.15 44.52
N ILE SA 222 5.51 -76.85 45.64
CA ILE SA 222 4.96 -76.45 46.92
C ILE SA 222 6.10 -76.19 47.87
N GLY SA 223 6.07 -75.05 48.55
CA GLY SA 223 7.12 -74.70 49.49
C GLY SA 223 6.91 -75.31 50.86
N LEU SA 224 8.02 -75.72 51.47
CA LEU SA 224 8.07 -76.18 52.86
C LEU SA 224 7.25 -77.44 53.10
N LEU SA 225 6.92 -78.20 52.07
CA LEU SA 225 6.14 -79.42 52.20
C LEU SA 225 7.09 -80.61 52.31
N GLY SA 226 7.08 -81.27 53.47
CA GLY SA 226 8.03 -82.34 53.73
C GLY SA 226 7.71 -83.60 52.97
N ILE SA 227 8.54 -84.62 53.22
CA ILE SA 227 8.38 -85.92 52.57
C ILE SA 227 7.05 -86.57 52.96
N ASN SA 228 6.63 -86.41 54.22
CA ASN SA 228 5.37 -86.98 54.68
C ASN SA 228 4.16 -86.33 54.04
N LYS SA 229 4.35 -85.20 53.35
CA LYS SA 229 3.25 -84.48 52.70
C LYS SA 229 2.20 -84.05 53.72
N ILE SA 230 2.65 -83.50 54.84
CA ILE SA 230 1.78 -82.96 55.88
C ILE SA 230 1.86 -81.45 55.80
N VAL SA 231 0.72 -80.80 55.55
CA VAL SA 231 0.71 -79.36 55.34
C VAL SA 231 0.92 -78.62 56.65
N THR SA 232 0.40 -79.17 57.76
CA THR SA 232 0.49 -78.49 59.05
C THR SA 232 1.89 -78.54 59.65
N ASP SA 233 2.81 -79.31 59.07
CA ASP SA 233 4.16 -79.47 59.60
C ASP SA 233 5.17 -78.96 58.58
N PRO SA 234 5.48 -77.67 58.60
CA PRO SA 234 6.41 -77.12 57.60
C PRO SA 234 7.84 -77.53 57.87
N GLN SA 235 8.52 -77.97 56.81
CA GLN SA 235 9.92 -78.33 56.86
C GLN SA 235 10.73 -77.23 56.20
N PRO SA 236 11.58 -76.51 56.94
CA PRO SA 236 12.30 -75.38 56.33
C PRO SA 236 13.23 -75.82 55.23
N GLY SA 237 13.39 -74.97 54.23
CA GLY SA 237 14.31 -75.22 53.13
C GLY SA 237 13.94 -76.41 52.27
N VAL SA 238 12.66 -76.62 52.02
CA VAL SA 238 12.17 -77.75 51.25
C VAL SA 238 11.29 -77.25 50.12
N VAL SA 239 11.52 -77.78 48.91
CA VAL SA 239 10.69 -77.49 47.75
C VAL SA 239 10.20 -78.80 47.16
N HIS SA 240 8.92 -79.11 47.38
CA HIS SA 240 8.34 -80.35 46.88
C HIS SA 240 7.86 -80.14 45.45
N LEU SA 241 8.16 -81.10 44.59
CA LEU SA 241 7.72 -81.06 43.19
C LEU SA 241 6.79 -82.23 42.94
N PHE SA 242 5.66 -81.96 42.30
CA PHE SA 242 4.68 -82.99 41.95
C PHE SA 242 4.50 -82.96 40.44
N LEU SA 243 4.71 -84.10 39.80
CA LEU SA 243 4.80 -84.18 38.35
C LEU SA 243 3.69 -85.05 37.77
N LEU SA 244 3.11 -84.59 36.67
CA LEU SA 244 2.19 -85.35 35.85
C LEU SA 244 2.86 -85.62 34.52
N ASP SA 245 2.93 -86.89 34.14
CA ASP SA 245 3.75 -87.35 33.04
C ASP SA 245 3.27 -86.74 31.71
N VAL SA 246 4.07 -86.97 30.67
CA VAL SA 246 3.79 -86.47 29.33
C VAL SA 246 2.48 -86.98 28.77
N ASN SA 247 1.99 -88.14 29.22
CA ASN SA 247 0.75 -88.70 28.72
C ASN SA 247 -0.43 -88.48 29.67
N GLY SA 248 -0.25 -87.69 30.73
CA GLY SA 248 -1.32 -87.36 31.64
C GLY SA 248 -1.37 -88.18 32.91
N ASN SA 249 -0.61 -89.27 32.97
CA ASN SA 249 -0.57 -90.09 34.18
C ASN SA 249 0.40 -89.50 35.19
N PRO SA 250 0.27 -89.87 36.46
CA PRO SA 250 1.30 -89.50 37.43
C PRO SA 250 2.66 -90.05 37.02
N ALA SA 251 3.70 -89.28 37.29
CA ALA SA 251 5.01 -89.58 36.75
C ALA SA 251 5.57 -90.87 37.35
N ASP SA 252 6.14 -91.70 36.48
CA ASP SA 252 6.78 -92.94 36.89
C ASP SA 252 8.18 -92.66 37.42
N PRO SA 253 8.78 -93.62 38.15
CA PRO SA 253 10.08 -93.35 38.76
C PRO SA 253 11.17 -92.95 37.78
N VAL SA 254 11.11 -93.40 36.53
CA VAL SA 254 12.09 -92.98 35.54
C VAL SA 254 11.99 -91.47 35.31
N THR SA 255 10.77 -90.96 35.20
CA THR SA 255 10.58 -89.53 35.03
C THR SA 255 11.04 -88.76 36.26
N ILE SA 256 10.73 -89.28 37.45
CA ILE SA 256 11.18 -88.64 38.68
C ILE SA 256 12.71 -88.53 38.69
N SER SA 257 13.38 -89.62 38.33
CA SER SA 257 14.84 -89.62 38.34
C SER SA 257 15.41 -88.68 37.28
N THR SA 258 14.79 -88.63 36.09
CA THR SA 258 15.33 -87.77 35.05
C THR SA 258 15.10 -86.30 35.36
N VAL SA 259 14.03 -85.98 36.10
CA VAL SA 259 13.84 -84.60 36.53
C VAL SA 259 14.79 -84.25 37.68
N GLY SA 260 15.03 -85.20 38.59
CA GLY SA 260 15.98 -84.94 39.66
C GLY SA 260 17.39 -84.76 39.16
N ALA SA 261 17.83 -85.58 38.21
CA ALA SA 261 19.17 -85.45 37.66
C ALA SA 261 19.37 -84.13 36.94
N THR SA 262 18.29 -83.48 36.52
CA THR SA 262 18.37 -82.21 35.83
C THR SA 262 18.26 -81.03 36.78
N LEU SA 263 17.50 -81.17 37.86
CA LEU SA 263 17.30 -80.05 38.77
C LEU SA 263 18.21 -80.05 39.98
N GLN SA 264 18.87 -81.16 40.27
CA GLN SA 264 19.77 -81.20 41.44
C GLN SA 264 20.92 -80.22 41.33
N PRO SA 265 21.62 -80.08 40.20
CA PRO SA 265 22.70 -79.09 40.12
C PRO SA 265 22.20 -77.65 40.07
N ARG SA 266 20.90 -77.41 40.23
CA ARG SA 266 20.35 -76.06 40.15
C ARG SA 266 19.88 -75.51 41.48
N ILE SA 267 19.62 -76.38 42.47
CA ILE SA 267 19.20 -75.90 43.78
C ILE SA 267 20.37 -75.19 44.46
N MET SA 268 20.05 -74.19 45.28
CA MET SA 268 21.08 -73.43 45.97
C MET SA 268 21.36 -74.05 47.33
N LEU SA 269 22.26 -73.40 48.06
CA LEU SA 269 22.69 -73.91 49.36
C LEU SA 269 21.55 -73.85 50.36
N GLY SA 270 21.46 -74.87 51.20
CA GLY SA 270 20.44 -74.91 52.24
C GLY SA 270 19.05 -75.20 51.75
N THR SA 271 18.89 -75.79 50.57
CA THR SA 271 17.59 -76.12 50.01
C THR SA 271 17.51 -77.62 49.76
N ARG SA 272 16.39 -78.22 50.11
CA ARG SA 272 16.14 -79.64 49.89
C ARG SA 272 15.07 -79.77 48.82
N LEU SA 273 15.37 -80.51 47.77
CA LEU SA 273 14.46 -80.69 46.65
C LEU SA 273 13.81 -82.07 46.75
N LEU SA 274 12.48 -82.08 46.84
CA LEU SA 274 11.71 -83.32 46.87
C LEU SA 274 10.90 -83.41 45.59
N ILE SA 275 10.86 -84.60 45.00
CA ILE SA 275 10.10 -84.85 43.79
C ILE SA 275 9.20 -86.06 44.02
N SER SA 276 7.91 -85.88 43.76
CA SER SA 276 6.89 -86.90 44.00
C SER SA 276 5.92 -86.89 42.84
N PRO SA 277 5.26 -88.01 42.55
CA PRO SA 277 4.22 -88.00 41.51
C PRO SA 277 2.99 -87.24 41.97
N MET SA 278 2.34 -86.58 41.01
CA MET SA 278 1.13 -85.86 41.32
C MET SA 278 -0.07 -86.79 41.38
N GLU SA 279 -1.07 -86.41 42.16
CA GLU SA 279 -2.27 -87.21 42.35
C GLU SA 279 -3.31 -86.84 41.29
N VAL SA 280 -4.19 -87.79 41.00
CA VAL SA 280 -5.22 -87.61 39.98
C VAL SA 280 -6.58 -87.91 40.60
N LEU SA 281 -7.53 -87.00 40.39
CA LEU SA 281 -8.91 -87.19 40.79
C LEU SA 281 -9.76 -87.28 39.54
N ASN SA 282 -10.52 -88.36 39.41
CA ASN SA 282 -11.34 -88.58 38.24
C ASN SA 282 -12.63 -87.78 38.34
N ILE SA 283 -13.06 -87.19 37.23
CA ILE SA 283 -14.30 -86.44 37.15
C ILE SA 283 -15.24 -87.13 36.19
N GLU SA 284 -16.43 -87.48 36.68
CA GLU SA 284 -17.48 -88.08 35.87
C GLU SA 284 -18.62 -87.09 35.73
N LEU SA 285 -19.05 -86.85 34.51
CA LEU SA 285 -20.03 -85.83 34.20
C LEU SA 285 -21.27 -86.45 33.60
N GLU SA 286 -22.44 -86.05 34.11
CA GLU SA 286 -23.71 -86.34 33.45
C GLU SA 286 -24.33 -85.02 33.04
N LEU SA 287 -24.86 -84.97 31.83
CA LEU SA 287 -25.35 -83.74 31.23
C LEU SA 287 -26.72 -83.96 30.62
N ILE SA 288 -27.66 -83.07 30.93
CA ILE SA 288 -28.96 -83.01 30.30
C ILE SA 288 -29.13 -81.61 29.74
N ALA SA 289 -29.15 -81.50 28.43
CA ALA SA 289 -29.18 -80.20 27.77
C ALA SA 289 -30.18 -80.22 26.63
N LEU SA 290 -30.66 -79.03 26.28
CA LEU SA 290 -31.67 -78.86 25.24
C LEU SA 290 -31.01 -78.26 24.00
N SER SA 291 -31.06 -78.98 22.90
CA SER SA 291 -30.53 -78.48 21.64
C SER SA 291 -31.47 -77.44 21.04
N ASP SA 292 -30.93 -76.57 20.21
CA ASP SA 292 -31.73 -75.60 19.48
C ASP SA 292 -31.99 -76.04 18.04
N SER SA 293 -31.61 -77.27 17.67
CA SER SA 293 -31.77 -77.89 16.36
C SER SA 293 -30.94 -77.16 15.31
N SER SA 294 -30.08 -76.22 15.69
CA SER SA 294 -29.15 -75.62 14.75
C SER SA 294 -28.01 -76.56 14.38
N LYS SA 295 -27.91 -77.71 15.05
CA LYS SA 295 -26.87 -78.69 14.78
C LYS SA 295 -27.44 -80.08 15.04
N THR SA 296 -26.80 -81.08 14.45
CA THR SA 296 -27.21 -82.45 14.69
C THR SA 296 -26.75 -82.91 16.07
N PHE SA 297 -27.36 -84.01 16.53
CA PHE SA 297 -26.99 -84.55 17.84
C PHE SA 297 -25.55 -85.02 17.87
N GLN SA 298 -25.11 -85.70 16.80
CA GLN SA 298 -23.74 -86.21 16.78
C GLN SA 298 -22.74 -85.06 16.75
N GLN SA 299 -23.01 -84.03 15.97
CA GLN SA 299 -22.12 -82.86 15.94
C GLN SA 299 -22.04 -82.21 17.31
N LEU SA 300 -23.18 -82.06 17.99
CA LEU SA 300 -23.18 -81.48 19.32
C LEU SA 300 -22.38 -82.33 20.29
N ALA SA 301 -22.57 -83.65 20.25
CA ALA SA 301 -21.83 -84.51 21.16
C ALA SA 301 -20.33 -84.42 20.92
N ASP SA 302 -19.92 -84.42 19.65
CA ASP SA 302 -18.51 -84.32 19.33
C ASP SA 302 -17.93 -82.98 19.78
N ASP SA 303 -18.65 -81.89 19.51
CA ASP SA 303 -18.15 -80.58 19.90
C ASP SA 303 -18.03 -80.44 21.41
N ILE SA 304 -19.03 -80.94 22.16
CA ILE SA 304 -18.95 -80.90 23.61
C ILE SA 304 -17.79 -81.76 24.09
N LEU SA 305 -17.56 -82.91 23.45
CA LEU SA 305 -16.47 -83.77 23.86
C LEU SA 305 -15.13 -83.07 23.69
N GLU SA 306 -14.91 -82.44 22.53
CA GLU SA 306 -13.66 -81.73 22.30
C GLU SA 306 -13.52 -80.54 23.24
N ALA SA 307 -14.60 -79.82 23.49
CA ALA SA 307 -14.54 -78.69 24.41
C ALA SA 307 -14.14 -79.15 25.82
N LEU SA 308 -14.69 -80.26 26.28
CA LEU SA 308 -14.35 -80.76 27.60
C LEU SA 308 -12.95 -81.33 27.64
N LYS SA 309 -12.49 -81.95 26.54
CA LYS SA 309 -11.12 -82.43 26.49
C LYS SA 309 -10.13 -81.28 26.57
N VAL SA 310 -10.45 -80.16 25.93
CA VAL SA 310 -9.61 -78.97 26.07
C VAL SA 310 -9.69 -78.43 27.49
N PHE SA 311 -10.89 -78.39 28.07
CA PHE SA 311 -11.06 -77.80 29.40
C PHE SA 311 -10.29 -78.58 30.46
N PHE SA 312 -10.34 -79.91 30.40
CA PHE SA 312 -9.64 -80.74 31.36
C PHE SA 312 -8.25 -81.13 30.90
N ASN SA 313 -7.70 -80.40 29.93
CA ASN SA 313 -6.30 -80.60 29.57
C ASN SA 313 -5.42 -80.24 30.76
N PRO SA 314 -4.39 -81.03 31.05
CA PRO SA 314 -3.54 -80.73 32.22
C PRO SA 314 -2.97 -79.33 32.20
N ALA SA 315 -2.56 -78.84 31.02
CA ALA SA 315 -1.98 -77.50 30.95
C ALA SA 315 -2.99 -76.42 31.33
N ASN SA 316 -4.29 -76.67 31.12
CA ASN SA 316 -5.31 -75.69 31.46
C ASN SA 316 -5.81 -75.84 32.89
N LEU SA 317 -5.35 -76.83 33.63
CA LEU SA 317 -5.79 -77.08 34.99
C LEU SA 317 -4.68 -76.70 35.97
N THR SA 318 -5.04 -75.98 37.02
CA THR SA 318 -4.11 -75.67 38.09
C THR SA 318 -4.30 -76.69 39.21
N PRO SA 319 -3.28 -77.48 39.55
CA PRO SA 319 -3.47 -78.51 40.58
C PRO SA 319 -3.86 -77.90 41.92
N GLY SA 320 -4.69 -78.62 42.65
CA GLY SA 320 -5.14 -78.18 43.94
C GLY SA 320 -6.26 -77.16 43.93
N GLU SA 321 -6.72 -76.76 42.77
CA GLU SA 321 -7.84 -75.84 42.69
C GLU SA 321 -9.14 -76.60 42.48
N PRO SA 322 -10.22 -76.19 43.15
CA PRO SA 322 -11.49 -76.89 42.98
C PRO SA 322 -12.01 -76.76 41.56
N VAL SA 323 -12.69 -77.81 41.11
CA VAL SA 323 -13.30 -77.83 39.79
C VAL SA 323 -14.68 -77.21 39.92
N LEU SA 324 -14.83 -75.98 39.42
CA LEU SA 324 -16.08 -75.25 39.55
C LEU SA 324 -17.09 -75.78 38.53
N ILE SA 325 -18.29 -76.10 38.99
CA ILE SA 325 -19.33 -76.59 38.08
C ILE SA 325 -19.77 -75.48 37.14
N GLU SA 326 -19.66 -74.22 37.58
CA GLU SA 326 -19.97 -73.10 36.71
C GLU SA 326 -19.02 -73.05 35.53
N GLU SA 327 -17.74 -73.31 35.75
CA GLU SA 327 -16.77 -73.25 34.67
C GLU SA 327 -17.02 -74.36 33.66
N VAL SA 328 -17.37 -75.56 34.13
CA VAL SA 328 -17.68 -76.65 33.21
C VAL SA 328 -18.95 -76.34 32.43
N LYS SA 329 -19.95 -75.76 33.09
CA LYS SA 329 -21.16 -75.34 32.39
C LYS SA 329 -20.84 -74.32 31.31
N PHE SA 330 -19.98 -73.35 31.62
CA PHE SA 330 -19.60 -72.36 30.63
C PHE SA 330 -18.83 -72.99 29.48
N ALA SA 331 -17.93 -73.93 29.78
CA ALA SA 331 -17.16 -74.59 28.73
C ALA SA 331 -18.06 -75.38 27.79
N ILE SA 332 -19.06 -76.06 28.34
CA ILE SA 332 -19.99 -76.80 27.49
C ILE SA 332 -20.86 -75.84 26.68
N ARG SA 333 -21.41 -74.81 27.34
CA ARG SA 333 -22.29 -73.87 26.65
C ARG SA 333 -21.55 -73.09 25.57
N SER SA 334 -20.23 -72.94 25.71
CA SER SA 334 -19.47 -72.19 24.71
C SER SA 334 -19.47 -72.86 23.35
N VAL SA 335 -19.90 -74.12 23.27
CA VAL SA 335 -20.09 -74.77 21.98
C VAL SA 335 -21.10 -73.99 21.15
N GLY SA 336 -22.21 -73.59 21.77
CA GLY SA 336 -23.11 -72.63 21.15
C GLY SA 336 -24.48 -73.15 20.78
N GLY SA 337 -24.55 -74.39 20.29
CA GLY SA 337 -25.80 -74.91 19.78
C GLY SA 337 -26.74 -75.53 20.80
N LEU SA 338 -26.49 -75.35 22.09
CA LEU SA 338 -27.27 -76.03 23.11
C LEU SA 338 -27.62 -75.08 24.25
N SER SA 339 -28.38 -75.58 25.21
CA SER SA 339 -28.73 -74.84 26.42
C SER SA 339 -28.74 -75.83 27.57
N ILE SA 340 -27.79 -75.69 28.50
CA ILE SA 340 -27.63 -76.66 29.57
C ILE SA 340 -28.78 -76.51 30.56
N SER SA 341 -29.37 -77.63 30.95
CA SER SA 341 -30.40 -77.66 31.97
C SER SA 341 -29.94 -78.34 33.26
N TYR SA 342 -29.18 -79.42 33.17
CA TYR SA 342 -28.72 -80.13 34.34
C TYR SA 342 -27.31 -80.65 34.10
N LEU SA 343 -26.40 -80.38 35.03
CA LEU SA 343 -25.05 -80.91 34.97
C LEU SA 343 -24.69 -81.45 36.33
N GLN SA 344 -24.17 -82.67 36.38
CA GLN SA 344 -23.76 -83.28 37.64
C GLN SA 344 -22.33 -83.78 37.51
N MET SA 345 -21.49 -83.38 38.47
CA MET SA 345 -20.08 -83.75 38.51
C MET SA 345 -19.89 -84.72 39.66
N ASN SA 346 -19.45 -85.94 39.36
CA ASN SA 346 -19.25 -86.99 40.35
C ASN SA 346 -20.48 -87.16 41.24
N ASP SA 347 -21.64 -87.29 40.59
CA ASP SA 347 -22.90 -87.57 41.27
C ASP SA 347 -23.33 -86.42 42.18
N ASN SA 348 -22.95 -85.20 41.83
CA ASN SA 348 -23.31 -84.03 42.62
C ASN SA 348 -23.35 -82.82 41.71
N ALA SA 349 -24.08 -81.80 42.16
CA ALA SA 349 -24.26 -80.56 41.41
C ALA SA 349 -23.59 -79.40 42.13
N ILE SA 350 -22.45 -79.66 42.77
CA ILE SA 350 -21.70 -78.65 43.50
C ILE SA 350 -20.25 -78.70 43.03
N ASN SA 351 -19.48 -77.69 43.44
CA ASN SA 351 -18.06 -77.68 43.15
C ASN SA 351 -17.37 -78.83 43.87
N ILE SA 352 -16.38 -79.42 43.20
CA ILE SA 352 -15.67 -80.55 43.77
C ILE SA 352 -14.32 -80.06 44.26
N PRO SA 353 -14.17 -79.96 45.59
CA PRO SA 353 -12.90 -79.47 46.14
C PRO SA 353 -11.78 -80.47 45.93
N MET SA 354 -10.57 -79.96 45.78
CA MET SA 354 -9.44 -80.84 45.57
C MET SA 354 -8.99 -81.43 46.90
N PRO SA 355 -8.79 -82.75 46.94
CA PRO SA 355 -8.33 -83.41 48.17
C PRO SA 355 -7.14 -82.71 48.80
N ASN SA 356 -6.09 -82.46 48.02
CA ASN SA 356 -4.94 -81.74 48.54
C ASN SA 356 -4.55 -80.62 47.60
N GLN SA 357 -3.33 -80.11 47.73
CA GLN SA 357 -2.87 -79.03 46.87
C GLN SA 357 -2.10 -79.59 45.68
N TRP SA 358 -2.03 -80.91 45.59
CA TRP SA 358 -1.34 -81.53 44.47
C TRP SA 358 -2.27 -82.51 43.78
N THR SA 359 -3.53 -82.14 43.64
CA THR SA 359 -4.46 -83.00 42.93
C THR SA 359 -4.89 -82.35 41.63
N ILE SA 360 -4.55 -82.97 40.52
CA ILE SA 360 -4.98 -82.44 39.23
C ILE SA 360 -6.18 -83.27 38.77
N PRO SA 361 -7.28 -82.58 38.42
CA PRO SA 361 -8.48 -83.30 37.96
C PRO SA 361 -8.27 -84.01 36.63
N ARG SA 362 -9.05 -85.04 36.35
CA ARG SA 362 -8.92 -85.69 35.05
C ARG SA 362 -10.31 -86.05 34.53
N PHE SA 363 -10.56 -85.75 33.26
CA PHE SA 363 -11.81 -86.12 32.63
C PHE SA 363 -11.86 -87.61 32.37
N SER SA 364 -12.90 -88.27 32.87
CA SER SA 364 -12.98 -89.72 32.81
C SER SA 364 -14.21 -90.24 32.07
N TYR SA 365 -15.38 -89.62 32.26
CA TYR SA 365 -16.61 -90.18 31.71
C TYR SA 365 -17.62 -89.06 31.54
N ILE SA 366 -18.37 -89.10 30.44
CA ILE SA 366 -19.37 -88.09 30.14
C ILE SA 366 -20.65 -88.79 29.72
N GLY SA 367 -21.78 -88.40 30.32
CA GLY SA 367 -23.07 -88.94 29.93
C GLY SA 367 -23.95 -87.90 29.25
N PHE SA 368 -24.15 -88.05 27.94
CA PHE SA 368 -24.95 -87.13 27.17
C PHE SA 368 -26.41 -87.55 27.20
N GLU SA 369 -27.30 -86.61 27.54
CA GLU SA 369 -28.74 -86.75 27.40
C GLU SA 369 -29.22 -85.45 26.74
N LEU SA 370 -29.21 -85.42 25.42
CA LEU SA 370 -29.56 -84.22 24.67
C LEU SA 370 -30.97 -84.32 24.15
N THR SA 371 -31.65 -83.18 24.09
CA THR SA 371 -33.03 -83.10 23.65
C THR SA 371 -33.20 -81.90 22.72
N ASP SA 372 -34.10 -82.03 21.76
CA ASP SA 372 -34.44 -80.94 20.86
C ASP SA 372 -35.86 -80.47 21.16
N SER SA 373 -36.28 -79.41 20.47
CA SER SA 373 -37.64 -78.90 20.67
C SER SA 373 -38.69 -79.92 20.23
N GLU SA 374 -38.31 -80.87 19.39
CA GLU SA 374 -39.22 -81.91 18.95
C GLU SA 374 -39.38 -83.03 19.97
N GLY SA 375 -38.55 -83.06 21.01
CA GLY SA 375 -38.61 -84.10 22.01
C GLY SA 375 -37.74 -85.31 21.73
N THR SA 376 -37.04 -85.33 20.61
CA THR SA 376 -36.14 -86.44 20.32
C THR SA 376 -34.98 -86.42 21.31
N VAL SA 377 -34.67 -87.59 21.87
CA VAL SA 377 -33.66 -87.71 22.91
C VAL SA 377 -32.48 -88.50 22.33
N TYR SA 378 -31.29 -87.92 22.44
CA TYR SA 378 -30.05 -88.58 22.07
C TYR SA 378 -29.28 -88.89 23.35
N ARG SA 379 -29.04 -90.18 23.59
CA ARG SA 379 -28.42 -90.64 24.81
C ARG SA 379 -27.11 -91.34 24.48
N ASP SA 380 -26.06 -91.03 25.24
CA ASP SA 380 -24.75 -91.60 24.97
C ASP SA 380 -23.93 -91.55 26.26
N ASN SA 381 -22.86 -92.34 26.27
CA ASN SA 381 -21.95 -92.38 27.41
C ASN SA 381 -20.55 -92.66 26.90
N VAL SA 382 -19.68 -91.66 26.97
CA VAL SA 382 -18.33 -91.73 26.42
C VAL SA 382 -17.34 -91.83 27.57
N VAL SA 383 -16.48 -92.85 27.50
CA VAL SA 383 -15.39 -93.02 28.46
C VAL SA 383 -14.11 -92.53 27.79
N THR SA 384 -13.44 -91.58 28.45
CA THR SA 384 -12.32 -90.87 27.85
C THR SA 384 -10.97 -91.44 28.26
N VAL SA 385 -10.95 -92.55 29.00
CA VAL SA 385 -9.69 -93.09 29.51
C VAL SA 385 -8.88 -93.69 28.36
N THR SA 386 -7.56 -93.72 28.52
CA THR SA 386 -6.63 -94.24 27.53
C THR SA 386 -6.89 -93.69 26.13
#